data_8BH3
#
_entry.id   8BH3
#
_cell.length_a   1.00
_cell.length_b   1.00
_cell.length_c   1.00
_cell.angle_alpha   90.00
_cell.angle_beta   90.00
_cell.angle_gamma   90.00
#
_symmetry.space_group_name_H-M   'P 1'
#
loop_
_entity.id
_entity.type
_entity.pdbx_description
1 polymer 'DNA-dependent protein kinase catalytic subunit'
2 polymer 'X-ray repair cross-complementing protein 6'
3 polymer 'X-ray repair cross-complementing protein 5'
4 polymer 'Protein PAXX'
5 polymer 'DNA repair protein XRCC4'
6 polymer 'DNA ligase 4'
7 polymer 'DNA (25-MER)'
8 polymer 'DNA (27-MER)'
9 polymer 'DNA (26-MER)'
10 polymer 'DNA (28-MER)'
#
loop_
_entity_poly.entity_id
_entity_poly.type
_entity_poly.pdbx_seq_one_letter_code
_entity_poly.pdbx_strand_id
1 'polypeptide(L)'
;MAGSGAGVRCSLLRLQETLSAADRCGAALAGHQLIRGLGQECVLSSSPAVLALQTSLVFSRDFGLLVFVRKSLNSIEFRE
CREEILKFLCIFLEKMGQKIAPYSVEIKNTCTSVYTKDRAAKCKIPALDLLIKLLQTFRSSRLMDEFKIGELFSKFYGEL
ALKKKIPDTVLEKVYELLGLLGEVHPSEMINNAENLFRAFLGELKTQMTSAVREPKLPVLAGCLKGLSSLLCNFTKSMEE
DPQTSREIFNFVLKAIRPQIDLKRYAVPSAGLRLFALHASQFSTCLLDNYVSLFEVLLKWCAHTNVELKKAALSALESFL
KQVSNMVAKNAEMHKNKLQYFMEQFYGIIRNVDSNNKELSIAIRGYGLFAGPCKVINAKDVDFMYVELIQRCKQMFLTQT
DTGDDRVYQMPSFLQSVASVLLYLDTVPEVYTPVLEHLVVMQIDSFPQYSPKMQLVCCRAIVKVFLALAAKGPVLRNCIS
TVVHQGLIRICSKPVVLPKGPESESEDHRASGEVRTGKWKVPTYKDYVDLFRHLLSSDQMMDSILADEAFFSVNSSSESL
NHLLYDEFVKSVLKIVEKLDLTLEIQTVGEQENGDEAPGVWMIPTSDPAANLHPAKPKDFSAFINLVEFCREILPEKQAE
FFEPWVYSFSYELILQSTRLPLISGFYKLLSITVRNAKKIKYFEGVSPKSLKHSPEDPEKYSCFALFVKFGKEVAVKMKQ
YKDELLASCLTFLLSLPHNIIELDVRAYVPALQMAFKLGLSYTPLAEVGLNALEEWSIYIDRHVMQPYYKDILPCLDGYL
KTSALSDETKNNWEVSALSRAAQKGFNKVVLKHLKKTKNLSSNEAISLEEIRIRVVQMLGSLGGQINKNLLTVTSSDEMM
KSYVAWDREKRLSFAVPFREMKPVIFLDVFLPRVTELALTASDRQTKVAACELLHSMVMFMLGKATQMPEGGQGAPPMYQ
LYKRTFPVLLRLACDVDQVTRQLYEPLVMQLIHWFTNNKKFESQDTVALLEAILDGIVDPVDSTLRDFCGRCIREFLKWS
IKQITPQQQEKSPVNTKSLFKRLYSLALHPNAFKRLGASLAFNNIYREFREEESLVEQFVFEALVIYMESLALAHADEKS
LGTIQQCCDAIDHLCRIIEKKHVSLNKAKKRRLPRGFPPSASLCLLDLVKWLLAHCGRPQTECRHKSIELFYKFVPLLPG
NRSPNLWLKDVLKEEGVSFLINTFEGGGCGQPSGILAQPTLLYLRGPFSLQATLCWLDLLLAALECYNTFIGERTVGALQ
VLGTEAQSSLLKAVAFFLESIAMHDIIAAEKCFGTGAAGNRTSPQEGERYNYSKCTVVVRIMEFTTTLLNTSPEGWKLLK
KDLCNTHLMRVLVQTLCEPASIGFNIGDVQVMAHLPDVCVNLMKALKMSPYKDILETHLREKITAQSIEELCAVNLYGPD
AQVDRSRLAAVVSACKQLHRAGLLHNILPSQSTDLHHSVGTELLSLVYKGIAPGDERQCLPSLDLSCKQLASGLLELAFA
FGGLCERLVSLLLNPAVLSTASLGSSQGSVIHFSHGEYFYSLFSETINTELLKNLDLAVLELMQSSVDNTKMVSAVLNGM
LDQSFRERANQKHQGLKLATTILQHWKKCDSWWAKDSPLETKMAVLALLAKILQIDSSVSFNTSHGSFPEVFTTYISLLA
DTKLDLHLKGQAVTLLPFFTSLTGGSLEELRRVLEQLIVAHFPMQSREFPPGTPRFNNYVDCMKKFLDALELSQSPMLLE
LMTEVLCREQQHVMEELFQSSFRRIARRGSCVTQVGLLESVYEMFRKDDPRLSFTRQSFVDRSLLTLLWHCSLDALREFF
STIVVDAIDVLKSRFTKLNESTFDTQITKKMGYYKILDVMYSRLPKDDVHAKESKINQVFHGSCITEGNELTKTLIKLCY
DAFTENMAGENQLLERRRLYHCAAYNCAISVICCVFNELKFYQGFLFSEKPEKNLLIFENLIDLKRRYNFPVEVEVPMER
KKKYIEIRKEAREAANGDSDGPSYMSSLSYLADSTLSEEMSQFDFSTGVQSYSYSSQDPRPATGRFRRREQRDPTVHDDV
LELEMDELNRHECMAPLTALVKHMHRSLGPPQGEEDSVPRDLPSWMKFLHGKLGNPIVPLNIRLFLAKLVINTEEVFRPY
AKHWLSPLLQLAASENNGGEGIHYMVVEIVATILSWTGLATPTGVPKDEVLANRLLNFLMKHVFHPKRAVFRHNLEIIKT
LVECWKDCLSIPYRLIFEKFSGKDPNSKDNSVGIQLLGIVMANDLPPYDPQCGIQSSEYFQALVNNMSFVRYKEVYAAAA
EVLGLILRYVMERKNILEESLCELVAKQLKQHQNTMEDKFIVCLNKVTKSFPPLADRFMNAVFFLLPKFHGVLKTLCLEV
VLCRVEGMTELYFQLKSKDFVQVMRHRDDERQKVCLDIIYKMMPKLKPVELRELLNPVVEFVSHPSTTCREQMYNILMWI
HDNYRDPESETDNDSQEIFKLAKDVLIQGLIDENPGLQLIIRNFWSHETRLPSNTLDRLLALNSLYSPKIEVHFLSLATN
FLLEMTSMSPDYPNPMFEHPLSECEFQEYTIDSDWRFRSTVLTPMFVETQASQGTLQTRTQEGSLSARWPVAGQIRATQQ
QHDFTLTQTADGRSSFDWLTGSSTDPLVDHTSPSSDSLLFAHKRSERLQRAPLKSVGPDFGKKRLGLPGDEVDNKVKGAA
GRTDLLRLRRRFMRDQEKLSLMYARKGVAEQKREKEIKSELKMKQDAQVVLYRSYRHGDLPDIQIKHSSLITPLQAVAQR
DPIIAKQLFSSLFSGILKEMDKFKTLSEKNNITQKLLQDFNRFLNTTFSFFPPFVSCIQDISCQHAALLSLDPAAVSAGC
LASLQQPVGIRLLEEALLRLLPAELPAKRVRGKARLPPDVLRWVELAKLYRSIGEYDVLRGIFTSEIGTKQITQSALLAE
ARSDYSEAAKQYDEALNKQDWVDGEPTEAEKDFWELASLDCYNHLAEWKSLEYCSTASIDSENPPDLNKIWSEPFYQETY
LPYMIRSKLKLLLQGEADQSLLTFIDKAMHGELQKAILELHYSQELSLLYLLQDDVDRAKYYIQNGIQSFMQNYSSIDVL
LHQSRLTKLQSVQALTEIQEFISFISKQGNLSSQVPLKRLLNTWTNRYPDAKMDPMNIWDDIITNRCFFLSKIEEKLTPL
PEDNSMNVDQDGDPSDRMEVQEQEEDISSLIRSCKFSMKMKMIDSARKQNNFSLAMKLLKELHKESKTRDDWLVSWVQSY
CRLSHCRSRSQGCSEQVLTVLKTVSLLDENNVSSYLSKNILAFRDQNILLGTTYRIIANALSSEPACLAEIEEDKARRIL
ELSGSSSEDSEKVIAGLYQRAFQHLSEAVQAAEEEAQPPSWSCGPAAGVIDAYMTLADFCDQQLRKEEENASVIDSAELQ
AYPALVVEKMLKALKLNSNEARLKFPRLLQIIERYPEETLSLMTKEISSVPCWQFISWISHMVALLDKDQAVAVQHSVEE
ITDNYPQAIVYPFIISSESYSFKDTSTGHKNKEFVARIKSKLDQGGVIQDFINALDQLSNPELLFKDWSNDVRAELAKTP
VNKKNIEKMYERMYAALGDPKAPGLGAFRRKFIQTFGKEFDKHFGKGGSKLLRMKLSDFNDITNMLLLKMNKDSKPPGNL
KECSPWMSDFKVEFLRNELEIPGQYDGRGKPLPEYHVRIAGFDERVTVMASLRRPKRIIIRGHDEREHPFLVKGGEDLRQ
DQRVEQLFQVMNGILAQDSACSQRALQLRTYSVVPMTSRLGLIEWLENTVTLKDLLLNTMSQEEKAAYLSDPRAPPCEYK
DWLTKMSGKHDVGAYMLMYKGANRTETVTSFRKRESKVPADLLKRAFVRMSTSPEAFLALRSHFASSHALICISHWILGI
GDRHLNNFMVAMETGGVIGIDFGHAFGSATQFLPVPELMPFRLTRQFINLMLPMKETGLMYSIMVHALRAFRSDPGLLTN
TMDVFVKEPSFDWKNFEQKMLKKGGSWIQEINVAEKNWYPRQKICYAKRKLAGANPAVITCDELLLGHEKAPAFRDYVAV
ARGSKDHNIRAQEPESGLSEETQVKCLMDQATDPNILGRTWEGWEPWM
;
A,S
2 'polypeptide(L)'
;MSGWESYYKTEGDEEAEEEQEENLEASGDYKYSGRDSLIFLVDASKAMFESQSEDELTPFDMSIQCIQSVYISKIISSDR
DLLAVVFYGTEKDKNSVNFKNIYVLQELDNPGAKRILELDQFKGQQGQKRFQDMMGHGSDYSLSEVLWVCANLFSDVQFK
MSHKRIMLFTNEDNPHGNDSAKASRARTKAGDLRDTGIFLDLMHLKKPGGFDISLFYRDIISIAEDEDLRVHFEESSKLE
DLLRKVRAKETRKRALSRLKLKLNKDIVISVGIYNLVQKALKPPPIKLYRETNEPVKTKTRTFNTSTGGLLLPSDTKRSQ
IYGSRQIILEKEETEELKRFDDPGLMLMGFKPLVLLKKHHYLRPSLFVYPEESLVIGSSTLFSALLIKCLEKEVAALCRY
TPRRNIPPYFVALVPQEEELDDQKIQVTPPGFQLVFLPFADDKRKMPFTEKIMATPEQVGKMKAIVEKLRFTYRSDSFEN
PVLQQHFRNLEALALDLMEPEQAVDLTLPKVEAMNKRLGSLVDEFKELVYPPDYNPEGKVTKRKHDNEGSGSKRPKVEYS
EEELKTHISKGTLGKFTVPMLKEACRAYGLKSGLKKQELLEALTKHFQD
;
B,T
3 'polypeptide(L)'
;MVRSGNKAAVVLCMDVGFTMSNSIPGIESPFEQAKKVITMFVQRQVFAENKDEIALVLFGTDGTDNPLSGGDQYQNITVH
RHLMLPDFDLLEDIESKIQPGSQQADFLDALIVSMDVIQHETIGKKFEKRHIEIFTDLSSRFSKSQLDIIIHSLKKCDIS
LQFFLPFSLGKEDGSGDRGDGPFRLGGHGPSFPLKGITEQQKEGLEIVKMVMISLEGEDGLDEIYSFSESLRKLCVFKKI
ERHSIHWPCRLTIGSNLSIRIAAYKSILQERVKKTWTVVDAKTLKKEDIQKETVYCLNDDDETEVLKEDIIQGFRYGSDI
VPFSKVDEEQMKYKSEGKCFSVLGFCKSSQVQRRFFMGNQVLKVFAARDDEAAAVALSSLIHALDDLDMVAIVRYAYDKR
ANPQVGVAFPHIKHNYECLVYVQLPFMEDLRQYMFSSLKNSKKYAPTEAQLNAVDALIDSMSLAKKDEKTDTLEDLFPTT
KIPNPRFQRLFQCLLHRALHPREPLPPIQQHIWNMLNPPAEVTTKSQIPLSKIKTLFPLIEAKKKDQVTAQEIFQDNHED
GPTAKKLKTEQGGAHFSVSSLAEGSVTSVGSVNPAENFRVLVKQKKASFEEASNQLINHIEQFLDTNETPYFMKSIDCIR
AFREEAIKFSEEQRFNNFLKALQEKVEIKQLNHFWEIVVQDGITLITKEEASGSSVTAEEAKKFLAPKDKPSGDTAAVFE
EGGDVDDLLDMI
;
C,L
4 'polypeptide(L)'
;MDPLSPPLCTLPPGPEPPRFVCYCEGEESGEGDRGGFNLYVTDAAELWSTCFTPDSLAALKARFGLSAAEDITPRFRAAC
EQQAVALTLQEDRASLTLSGGPSALAFDLSKVPGPEAAPRLRALTLGLAKRVWSLERRLAAAEETAVSPRKSPRPAGPQL
FLPDPDPQRGGPGPGVRRRCPGESLINPGFKSKKPAGGVDFDET
;
D,M
5 'polypeptide(L)'
;MERKISRIHLVSEPSITHFLQVSWEKTLESGFVITLTDGHSAWTGTVSESEISQEADDMAMEKGKYVGELRKALLSGAGP
ADVYTFNFSKESCYFFFEKNLKDVSFRLGSFNLEKVENPAEVIRELICYCLDTIAENQAKNEHLQKENERLLRDWNDVQG
RFEKCVSAKEALETDLYKRFILVLNEKKTKIRSLHNKLLNAAQEREKDIKQEGETAICSEMTADRDPVYDESTDEESENQ
TDLSGLASAAVSKDDSIISSLDVTDIAPSRKRRQRMQRNLGTEPKMAPQENQLQEKENSRPDSSLPETSKKEHISAENMS
LETLRNSSPEDLFDEI
;
G,H,P,Q
6 'polypeptide(L)'
;MAASQTSQTVASHVPFADLCSTLERIQKSKGRAEKIRHFREFLDSWRKFHDALHKNHKDVTDSFYPAMRLILPQLERERM
AYGIKETMLAKLYIELLNLPRDGKDALKLLNYRTPTGTHGDAGDFAMIAYFVLKPRCLQKGSLTIQQVNDLLDSIASNNS
AKRKDLIKKSLLQLITQSSALEQKWLIRMIIKDLKLGVSQQTIFSVFHNDAAELHNVTTDLEKVCRQLHDPSVGLSDISI
TLFSAFKPMLAAIADIEHIEKDMKHQSFYIETKLDGERMQMHKDGDVYKYFSRNGYNYTDQFGASPTEGSLTPFIHNAFK
ADIQICILDGEMMAYNPNTQTFMQKGTKFDIKRMVEDSDLQTCYCVFDVLMVNNKKLGHETLRKRYEILSSIFTPIPGRI
EIVQKTQAHTKNEVIDALNEAIDKREEGIMVKQPLSIYKPDKRGEGWLKIKPEYVSGLMDELDILIVGGYWGKGSRGGMM
SHFLCAVAEKPPPGEKPSVFHTLSRVGSGCTMKELYDLGLKLAKYWKPFHRKAPPSSILCGTEKPEVYIEPCNSVIVQIK
AAEIVPSDMYKTGCTLRFPRIEKIRDDKEWHECMTLDDLEQLRGKASGKLASKHLYIGGDDEPQEKKRKAAPKMKKVIGI
IEHLKAPNLTNVNKISNIFEDVEFCVMSGTDSQPKPDLENRIAEFGGYIVQNPGPDTYCVIAGSENIRVKNIILSNKHDV
VKPAWLLECFKTKSFVPWQPRFMIHMCPSTKEHFAREYDCYGDSYFIDTDLNQLKEVFSGIKNSNEQTPEEMASLIADLE
YRYSWDCSPLSMFRRHTVYLDSYAVINDLSTKNEGTRLAIKALELRFHGAKVVSCLAEGVSHVIIGEDHSRVADFKAFRR
TFKRKFKILKESWVTDSIDKCELQEENQYLI
;
I,R
7 'polydeoxyribonucleotide'
;(DT)(DA)(DA)(DT)(DA)(DA)(DT)(DA)(DG)(DT)(DT)(DT)(DT)(DT)(DA)(DG)(DT)(DT)(DT)(DA)
(DT)(DT)(DG)(DG)(DG)
;
j
8 'polydeoxyribonucleotide'
;(DG)(DC)(DT)(DA)(DA)(DT)(DA)(DA)(DA)(DC)(DT)(DA)(DA)(DA)(DA)(DA)(DC)(DT)(DA)(DT)
(DT)(DA)(DT)(DT)(DA)(DT)(DG)
;
i
9 'polydeoxyribonucleotide'
;(DT)(DA)(DA)(DT)(DA)(DA)(DT)(DA)(DG)(DT)(DT)(DT)(DT)(DT)(DA)(DG)(DT)(DT)(DT)(DA)
(DT)(DT)(DG)(DG)(DG)(DC)
;
d
10 'polydeoxyribonucleotide'
;(DA)(DG)(DC)(DT)(DA)(DA)(DT)(DA)(DA)(DA)(DC)(DT)(DA)(DA)(DA)(DA)(DA)(DC)(DT)(DA)
(DT)(DT)(DA)(DT)(DT)(DA)(DT)(DG)
;
e
#
# COMPACT_ATOMS: atom_id res chain seq x y z
N CYS A 10 -59.21 28.39 -74.88
CA CYS A 10 -58.27 27.51 -74.19
C CYS A 10 -58.94 26.80 -73.01
N SER A 11 -58.15 26.03 -72.27
CA SER A 11 -58.67 25.36 -71.08
C SER A 11 -59.24 26.36 -70.08
N LEU A 12 -58.63 27.54 -69.99
CA LEU A 12 -59.18 28.58 -69.12
C LEU A 12 -60.59 28.95 -69.54
N LEU A 13 -60.81 29.08 -70.85
CA LEU A 13 -62.13 29.43 -71.36
C LEU A 13 -63.13 28.32 -71.09
N ARG A 14 -62.72 27.06 -71.30
CA ARG A 14 -63.59 25.94 -71.02
C ARG A 14 -63.99 25.92 -69.56
N LEU A 15 -63.03 26.14 -68.66
CA LEU A 15 -63.35 26.13 -67.24
C LEU A 15 -64.24 27.31 -66.88
N GLN A 16 -64.03 28.47 -67.51
CA GLN A 16 -64.92 29.60 -67.28
C GLN A 16 -66.34 29.27 -67.70
N GLU A 17 -66.50 28.62 -68.85
CA GLU A 17 -67.83 28.22 -69.29
C GLU A 17 -68.46 27.24 -68.32
N THR A 18 -67.68 26.26 -67.85
CA THR A 18 -68.21 25.30 -66.89
C THR A 18 -68.67 26.00 -65.62
N LEU A 19 -67.86 26.92 -65.10
CA LEU A 19 -68.22 27.63 -63.89
C LEU A 19 -69.48 28.46 -64.10
N SER A 20 -69.56 29.16 -65.24
CA SER A 20 -70.78 29.88 -65.57
C SER A 20 -71.97 28.96 -65.74
N ALA A 21 -71.73 27.67 -65.99
CA ALA A 21 -72.79 26.68 -66.04
C ALA A 21 -72.92 25.88 -64.76
N ALA A 22 -71.83 25.74 -64.00
CA ALA A 22 -71.87 24.94 -62.78
C ALA A 22 -72.83 25.52 -61.75
N ASP A 23 -73.00 26.84 -61.77
CA ASP A 23 -73.83 27.55 -60.78
C ASP A 23 -75.28 27.65 -61.22
N ARG A 24 -75.76 26.69 -62.02
CA ARG A 24 -77.14 26.75 -62.48
C ARG A 24 -78.13 26.59 -61.34
N CYS A 25 -77.77 25.87 -60.28
CA CYS A 25 -78.64 25.74 -59.11
C CYS A 25 -77.83 25.88 -57.84
N GLY A 26 -78.56 26.06 -56.73
CA GLY A 26 -77.99 26.35 -55.43
C GLY A 26 -77.38 25.18 -54.70
N ALA A 27 -77.32 24.00 -55.31
CA ALA A 27 -76.74 22.84 -54.66
C ALA A 27 -75.30 23.13 -54.27
N ALA A 28 -74.94 22.80 -53.03
CA ALA A 28 -73.61 23.12 -52.53
C ALA A 28 -72.53 22.42 -53.35
N LEU A 29 -72.85 21.27 -53.95
CA LEU A 29 -71.91 20.61 -54.83
C LEU A 29 -71.51 21.50 -55.99
N ALA A 30 -72.43 22.33 -56.47
CA ALA A 30 -72.08 23.31 -57.48
C ALA A 30 -71.01 24.25 -56.97
N GLY A 31 -71.15 24.73 -55.74
CA GLY A 31 -70.13 25.59 -55.15
C GLY A 31 -68.80 24.89 -55.00
N HIS A 32 -68.83 23.61 -54.62
CA HIS A 32 -67.58 22.86 -54.47
C HIS A 32 -66.87 22.71 -55.82
N GLN A 33 -67.62 22.34 -56.85
CA GLN A 33 -67.02 22.23 -58.17
C GLN A 33 -66.49 23.58 -58.64
N LEU A 34 -67.23 24.65 -58.34
CA LEU A 34 -66.79 25.99 -58.71
C LEU A 34 -65.48 26.34 -58.03
N ILE A 35 -65.38 26.08 -56.73
CA ILE A 35 -64.17 26.44 -56.01
C ILE A 35 -62.99 25.60 -56.48
N ARG A 36 -63.23 24.34 -56.84
CA ARG A 36 -62.14 23.50 -57.33
C ARG A 36 -61.65 24.00 -58.68
N GLY A 37 -62.56 24.24 -59.62
CA GLY A 37 -62.15 24.78 -60.91
C GLY A 37 -61.47 26.12 -60.76
N LEU A 38 -61.93 26.92 -59.79
CA LEU A 38 -61.32 28.21 -59.53
C LEU A 38 -59.88 28.06 -59.04
N GLY A 39 -59.66 27.15 -58.08
CA GLY A 39 -58.32 26.94 -57.59
C GLY A 39 -57.39 26.44 -58.68
N GLN A 40 -57.91 25.58 -59.56
CA GLN A 40 -57.10 25.13 -60.69
C GLN A 40 -56.78 26.29 -61.63
N GLU A 41 -57.75 27.17 -61.87
CA GLU A 41 -57.49 28.36 -62.66
C GLU A 41 -56.43 29.23 -62.01
N CYS A 42 -56.48 29.33 -60.69
CA CYS A 42 -55.51 30.15 -59.96
C CYS A 42 -54.11 29.58 -60.11
N VAL A 43 -53.96 28.29 -59.88
CA VAL A 43 -52.64 27.68 -60.00
C VAL A 43 -52.16 27.67 -61.45
N LEU A 44 -53.09 27.73 -62.41
CA LEU A 44 -52.69 27.78 -63.81
C LEU A 44 -52.19 29.17 -64.21
N SER A 45 -53.04 30.19 -64.02
CA SER A 45 -52.66 31.55 -64.38
C SER A 45 -51.58 32.13 -63.48
N SER A 46 -51.28 31.48 -62.36
CA SER A 46 -50.20 31.94 -61.50
C SER A 46 -48.86 31.90 -62.23
N SER A 47 -48.74 31.04 -63.24
CA SER A 47 -47.53 30.92 -64.05
C SER A 47 -47.94 31.12 -65.51
N PRO A 48 -48.20 32.37 -65.92
CA PRO A 48 -48.73 32.62 -67.25
C PRO A 48 -47.62 32.91 -68.26
N ALA A 49 -48.03 32.96 -69.53
CA ALA A 49 -47.17 33.36 -70.63
C ALA A 49 -47.45 34.82 -70.98
N VAL A 50 -46.45 35.45 -71.59
CA VAL A 50 -46.55 36.88 -71.91
C VAL A 50 -47.74 37.15 -72.81
N LEU A 51 -47.99 36.26 -73.76
CA LEU A 51 -49.11 36.43 -74.68
C LEU A 51 -50.41 35.83 -74.14
N ALA A 52 -50.32 34.76 -73.36
CA ALA A 52 -51.52 34.20 -72.75
C ALA A 52 -52.15 35.15 -71.73
N LEU A 53 -51.40 36.17 -71.31
CA LEU A 53 -51.95 37.14 -70.37
C LEU A 53 -53.17 37.84 -70.93
N GLN A 54 -53.21 38.08 -72.24
CA GLN A 54 -54.35 38.76 -72.84
C GLN A 54 -55.61 37.88 -72.78
N THR A 55 -55.45 36.60 -73.08
CA THR A 55 -56.55 35.66 -72.90
C THR A 55 -56.99 35.63 -71.45
N SER A 56 -56.02 35.62 -70.53
CA SER A 56 -56.36 35.66 -69.11
C SER A 56 -57.16 36.91 -68.79
N LEU A 57 -56.81 38.04 -69.41
CA LEU A 57 -57.53 39.29 -69.14
C LEU A 57 -58.97 39.22 -69.62
N VAL A 58 -59.18 38.72 -70.84
CA VAL A 58 -60.55 38.66 -71.35
C VAL A 58 -61.37 37.66 -70.54
N PHE A 59 -60.74 36.54 -70.14
CA PHE A 59 -61.44 35.58 -69.30
C PHE A 59 -61.72 36.16 -67.93
N SER A 60 -60.83 37.01 -67.43
CA SER A 60 -61.09 37.69 -66.16
C SER A 60 -62.26 38.65 -66.29
N ARG A 61 -62.35 39.34 -67.43
CA ARG A 61 -63.49 40.23 -67.65
C ARG A 61 -64.80 39.45 -67.59
N ASP A 62 -64.89 38.37 -68.37
CA ASP A 62 -66.11 37.56 -68.35
C ASP A 62 -66.33 36.93 -66.98
N PHE A 63 -65.23 36.39 -66.43
CA PHE A 63 -65.28 35.76 -65.10
C PHE A 63 -65.60 36.83 -64.06
N GLY A 64 -65.25 38.09 -64.32
CA GLY A 64 -65.65 39.15 -63.38
C GLY A 64 -67.16 39.17 -63.26
N LEU A 65 -67.84 39.66 -64.30
CA LEU A 65 -69.33 39.64 -64.29
C LEU A 65 -69.77 38.25 -63.84
N LEU A 66 -69.03 37.20 -64.22
CA LEU A 66 -69.45 35.81 -63.87
C LEU A 66 -69.64 35.75 -62.36
N VAL A 67 -68.54 35.69 -61.61
CA VAL A 67 -68.64 35.71 -60.12
C VAL A 67 -69.76 36.67 -59.75
N PHE A 68 -69.64 37.94 -60.16
CA PHE A 68 -70.67 38.94 -59.75
C PHE A 68 -72.05 38.28 -59.71
N VAL A 69 -72.69 38.12 -60.88
CA VAL A 69 -74.08 37.58 -60.92
C VAL A 69 -74.14 36.23 -60.16
N ARG A 70 -73.37 35.25 -60.61
CA ARG A 70 -73.42 33.89 -60.00
C ARG A 70 -73.71 34.03 -58.50
N LYS A 71 -72.88 34.82 -57.80
CA LYS A 71 -73.07 34.99 -56.34
C LYS A 71 -74.32 35.85 -56.12
N SER A 72 -74.16 37.17 -56.28
CA SER A 72 -75.30 38.08 -56.00
C SER A 72 -76.19 37.40 -54.96
N LEU A 73 -75.58 36.64 -54.04
CA LEU A 73 -76.38 35.90 -53.08
C LEU A 73 -75.57 35.66 -51.81
N ASN A 74 -76.28 35.28 -50.74
CA ASN A 74 -75.66 34.97 -49.45
C ASN A 74 -75.38 33.48 -49.27
N SER A 75 -75.78 32.63 -50.21
CA SER A 75 -75.44 31.22 -50.10
C SER A 75 -73.93 31.05 -50.20
N ILE A 76 -73.33 30.41 -49.20
CA ILE A 76 -71.88 30.36 -49.07
C ILE A 76 -71.24 29.81 -50.33
N GLU A 77 -71.89 28.83 -50.99
CA GLU A 77 -71.38 28.26 -52.24
C GLU A 77 -70.89 29.33 -53.19
N PHE A 78 -71.44 30.53 -53.08
CA PHE A 78 -70.91 31.70 -53.76
C PHE A 78 -69.83 32.39 -52.92
N ARG A 79 -69.91 32.30 -51.59
CA ARG A 79 -68.90 32.92 -50.73
C ARG A 79 -67.51 32.33 -50.97
N GLU A 80 -67.33 31.04 -50.63
CA GLU A 80 -65.99 30.45 -50.70
C GLU A 80 -65.37 30.66 -52.07
N CYS A 81 -66.20 30.70 -53.10
CA CYS A 81 -65.70 31.02 -54.43
C CYS A 81 -65.28 32.48 -54.53
N ARG A 82 -66.11 33.40 -54.01
CA ARG A 82 -65.84 34.82 -54.21
C ARG A 82 -64.58 35.27 -53.48
N GLU A 83 -64.37 34.78 -52.26
CA GLU A 83 -63.17 35.19 -51.54
C GLU A 83 -61.92 34.71 -52.26
N GLU A 84 -61.98 33.51 -52.84
CA GLU A 84 -60.87 33.02 -53.64
C GLU A 84 -60.72 33.82 -54.93
N ILE A 85 -61.83 34.27 -55.50
CA ILE A 85 -61.80 35.14 -56.67
C ILE A 85 -61.01 36.40 -56.36
N LEU A 86 -61.34 37.02 -55.23
CA LEU A 86 -60.63 38.23 -54.83
C LEU A 86 -59.17 37.93 -54.54
N LYS A 87 -58.87 36.78 -53.94
CA LYS A 87 -57.47 36.43 -53.69
C LYS A 87 -56.70 36.28 -55.00
N PHE A 88 -57.31 35.62 -55.98
CA PHE A 88 -56.66 35.48 -57.28
C PHE A 88 -56.46 36.84 -57.94
N LEU A 89 -57.46 37.71 -57.85
CA LEU A 89 -57.31 39.04 -58.40
C LEU A 89 -56.17 39.78 -57.71
N CYS A 90 -56.06 39.62 -56.39
CA CYS A 90 -55.00 40.29 -55.64
C CYS A 90 -53.63 39.81 -56.09
N ILE A 91 -53.42 38.49 -56.11
CA ILE A 91 -52.13 37.96 -56.51
C ILE A 91 -51.85 38.25 -57.98
N PHE A 92 -52.90 38.44 -58.78
CA PHE A 92 -52.71 38.81 -60.18
C PHE A 92 -52.21 40.24 -60.29
N LEU A 93 -52.96 41.18 -59.74
CA LEU A 93 -52.55 42.58 -59.81
C LEU A 93 -51.29 42.85 -59.02
N GLU A 94 -50.84 41.89 -58.19
CA GLU A 94 -49.65 42.08 -57.38
C GLU A 94 -48.50 42.58 -58.22
N LYS A 95 -48.02 41.75 -59.16
CA LYS A 95 -47.14 42.27 -60.21
C LYS A 95 -47.50 41.60 -61.55
N MET A 96 -48.54 42.09 -62.20
CA MET A 96 -48.81 41.77 -63.60
C MET A 96 -49.03 43.02 -64.44
N GLY A 97 -48.65 44.19 -63.93
CA GLY A 97 -48.70 45.41 -64.72
C GLY A 97 -50.03 46.12 -64.62
N GLN A 98 -50.05 47.33 -65.16
CA GLN A 98 -51.22 48.18 -65.16
C GLN A 98 -52.11 47.97 -66.38
N LYS A 99 -51.84 46.92 -67.16
CA LYS A 99 -52.61 46.66 -68.38
C LYS A 99 -54.07 46.37 -68.09
N ILE A 100 -54.41 46.08 -66.84
CA ILE A 100 -55.81 45.85 -66.46
C ILE A 100 -56.57 47.16 -66.32
N ALA A 101 -55.91 48.29 -66.58
CA ALA A 101 -56.54 49.60 -66.43
C ALA A 101 -57.89 49.72 -67.14
N PRO A 102 -58.07 49.25 -68.38
CA PRO A 102 -59.43 49.31 -68.96
C PRO A 102 -60.45 48.57 -68.12
N TYR A 103 -60.08 47.44 -67.53
CA TYR A 103 -60.99 46.72 -66.65
C TYR A 103 -61.09 47.38 -65.28
N SER A 104 -59.98 47.98 -64.82
CA SER A 104 -59.85 48.42 -63.43
C SER A 104 -61.06 49.22 -62.98
N VAL A 105 -61.26 50.39 -63.61
CA VAL A 105 -62.38 51.25 -63.20
C VAL A 105 -63.67 50.46 -63.22
N GLU A 106 -63.89 49.68 -64.30
CA GLU A 106 -65.04 48.79 -64.37
C GLU A 106 -65.12 47.94 -63.11
N ILE A 107 -64.11 47.11 -62.88
CA ILE A 107 -64.16 46.23 -61.72
C ILE A 107 -64.21 47.06 -60.46
N LYS A 108 -63.59 48.25 -60.48
CA LYS A 108 -63.68 49.16 -59.34
C LYS A 108 -65.12 49.32 -58.92
N ASN A 109 -65.97 49.76 -59.86
CA ASN A 109 -67.39 49.90 -59.57
C ASN A 109 -67.93 48.59 -59.00
N THR A 110 -67.65 47.49 -59.70
CA THR A 110 -68.11 46.18 -59.22
C THR A 110 -67.69 45.97 -57.78
N CYS A 111 -66.39 46.18 -57.50
CA CYS A 111 -65.89 45.96 -56.15
C CYS A 111 -66.74 46.72 -55.15
N THR A 112 -67.00 48.00 -55.42
CA THR A 112 -67.86 48.79 -54.56
C THR A 112 -69.17 48.05 -54.31
N SER A 113 -69.90 47.77 -55.38
CA SER A 113 -71.13 47.00 -55.25
C SER A 113 -70.86 45.67 -54.57
N VAL A 114 -69.83 44.95 -55.02
CA VAL A 114 -69.58 43.63 -54.48
C VAL A 114 -69.30 43.71 -53.00
N TYR A 115 -68.80 44.86 -52.54
CA TYR A 115 -68.74 45.07 -51.10
C TYR A 115 -70.09 45.50 -50.55
N THR A 116 -70.64 46.59 -51.10
CA THR A 116 -71.79 47.24 -50.49
C THR A 116 -73.06 46.39 -50.55
N LYS A 117 -73.12 45.43 -51.46
CA LYS A 117 -74.31 44.60 -51.60
C LYS A 117 -74.32 43.56 -50.48
N ASP A 118 -75.16 42.54 -50.65
CA ASP A 118 -75.38 41.53 -49.61
C ASP A 118 -74.09 41.00 -48.99
N ARG A 119 -72.96 41.09 -49.70
CA ARG A 119 -71.69 40.79 -49.06
C ARG A 119 -71.43 41.72 -47.88
N ALA A 120 -71.97 42.93 -47.91
CA ALA A 120 -71.91 43.78 -46.73
C ALA A 120 -72.74 43.19 -45.59
N ALA A 121 -73.89 42.58 -45.92
CA ALA A 121 -74.69 41.90 -44.91
C ALA A 121 -73.95 40.73 -44.30
N LYS A 122 -72.90 40.25 -44.95
CA LYS A 122 -71.99 39.24 -44.41
C LYS A 122 -70.56 39.77 -44.47
N CYS A 123 -70.37 40.99 -43.97
CA CYS A 123 -69.12 41.72 -44.13
C CYS A 123 -68.01 40.97 -43.43
N LYS A 124 -67.19 40.27 -44.21
CA LYS A 124 -66.22 39.30 -43.72
C LYS A 124 -65.04 39.29 -44.68
N ILE A 125 -64.29 38.20 -44.66
CA ILE A 125 -63.21 37.91 -45.61
C ILE A 125 -63.53 38.44 -47.01
N PRO A 126 -64.78 38.30 -47.53
CA PRO A 126 -65.10 38.98 -48.79
C PRO A 126 -64.72 40.45 -48.77
N ALA A 127 -65.21 41.17 -47.76
CA ALA A 127 -64.90 42.60 -47.67
C ALA A 127 -63.41 42.83 -47.50
N LEU A 128 -62.75 42.00 -46.70
CA LEU A 128 -61.32 42.15 -46.47
C LEU A 128 -60.55 42.07 -47.78
N ASP A 129 -60.79 41.00 -48.53
CA ASP A 129 -60.03 40.77 -49.76
C ASP A 129 -60.37 41.83 -50.81
N LEU A 130 -61.65 42.21 -50.91
CA LEU A 130 -62.04 43.25 -51.86
C LEU A 130 -61.36 44.57 -51.52
N LEU A 131 -61.33 44.92 -50.24
CA LEU A 131 -60.73 46.18 -49.83
C LEU A 131 -59.24 46.19 -50.12
N ILE A 132 -58.53 45.11 -49.79
CA ILE A 132 -57.10 45.10 -50.08
C ILE A 132 -56.86 45.15 -51.58
N LYS A 133 -57.72 44.46 -52.36
CA LYS A 133 -57.63 44.52 -53.81
C LYS A 133 -57.71 45.95 -54.32
N LEU A 134 -58.76 46.66 -53.93
CA LEU A 134 -58.93 48.03 -54.42
C LEU A 134 -57.85 48.96 -53.89
N LEU A 135 -57.36 48.73 -52.67
CA LEU A 135 -56.30 49.56 -52.12
C LEU A 135 -55.04 49.43 -52.97
N GLN A 136 -54.59 48.20 -53.18
CA GLN A 136 -53.41 48.02 -54.02
C GLN A 136 -53.69 48.47 -55.45
N THR A 137 -54.95 48.48 -55.86
CA THR A 137 -55.30 49.02 -57.17
C THR A 137 -54.96 50.50 -57.24
N PHE A 138 -55.38 51.28 -56.24
CA PHE A 138 -55.00 52.69 -56.22
C PHE A 138 -53.49 52.85 -56.13
N ARG A 139 -52.83 52.08 -55.27
CA ARG A 139 -51.38 52.14 -55.21
C ARG A 139 -50.74 51.82 -56.55
N SER A 140 -51.42 51.06 -57.41
CA SER A 140 -50.92 50.82 -58.76
C SER A 140 -51.48 51.87 -59.73
N SER A 141 -52.80 51.91 -59.86
CA SER A 141 -53.45 52.87 -60.74
C SER A 141 -53.41 54.26 -60.09
N ARG A 142 -52.58 55.14 -60.62
CA ARG A 142 -52.33 56.44 -60.01
C ARG A 142 -52.57 57.55 -61.04
N LEU A 143 -53.74 58.17 -60.98
CA LEU A 143 -54.08 59.36 -61.75
C LEU A 143 -54.09 59.11 -63.25
N MET A 144 -54.89 58.16 -63.72
CA MET A 144 -55.19 58.04 -65.14
C MET A 144 -56.66 58.31 -65.45
N ASP A 145 -57.58 57.57 -64.82
CA ASP A 145 -59.01 57.81 -65.01
C ASP A 145 -59.79 57.63 -63.71
N GLU A 146 -59.11 57.43 -62.58
CA GLU A 146 -59.75 57.06 -61.34
C GLU A 146 -60.28 58.30 -60.62
N PHE A 147 -61.08 59.07 -61.35
CA PHE A 147 -61.57 60.35 -60.88
C PHE A 147 -63.06 60.33 -60.60
N LYS A 148 -63.68 59.15 -60.60
CA LYS A 148 -65.07 58.98 -60.19
C LYS A 148 -65.19 58.49 -58.75
N ILE A 149 -64.27 58.92 -57.89
CA ILE A 149 -64.16 58.37 -56.54
C ILE A 149 -64.60 59.35 -55.46
N GLY A 150 -64.80 60.63 -55.79
CA GLY A 150 -65.25 61.57 -54.79
C GLY A 150 -66.57 61.17 -54.16
N GLU A 151 -67.52 60.75 -54.99
CA GLU A 151 -68.76 60.20 -54.47
C GLU A 151 -68.49 58.91 -53.69
N LEU A 152 -67.58 58.09 -54.19
CA LEU A 152 -67.21 56.88 -53.47
C LEU A 152 -66.59 57.22 -52.12
N PHE A 153 -65.71 58.20 -52.08
CA PHE A 153 -65.13 58.63 -50.81
C PHE A 153 -66.20 59.12 -49.85
N SER A 154 -67.15 59.90 -50.38
CA SER A 154 -68.24 60.40 -49.54
C SER A 154 -69.07 59.25 -48.97
N LYS A 155 -69.37 58.24 -49.80
CA LYS A 155 -70.18 57.14 -49.32
C LYS A 155 -69.42 56.28 -48.32
N PHE A 156 -68.10 56.12 -48.50
CA PHE A 156 -67.31 55.40 -47.51
C PHE A 156 -67.31 56.15 -46.18
N TYR A 157 -67.14 57.47 -46.24
CA TYR A 157 -67.18 58.27 -45.02
C TYR A 157 -68.55 58.14 -44.35
N GLY A 158 -69.62 58.15 -45.14
CA GLY A 158 -70.95 58.02 -44.56
C GLY A 158 -71.16 56.66 -43.90
N GLU A 159 -70.75 55.59 -44.58
CA GLU A 159 -70.92 54.26 -44.01
C GLU A 159 -70.02 54.05 -42.80
N LEU A 160 -68.93 54.82 -42.71
CA LEU A 160 -68.18 54.85 -41.45
C LEU A 160 -69.05 55.42 -40.34
N ALA A 161 -69.81 56.47 -40.64
CA ALA A 161 -70.68 57.10 -39.64
C ALA A 161 -71.84 56.21 -39.21
N LEU A 162 -71.91 54.98 -39.70
CA LEU A 162 -72.86 54.02 -39.15
C LEU A 162 -72.58 53.88 -37.66
N LYS A 163 -73.54 54.30 -36.83
CA LYS A 163 -73.30 54.34 -35.40
C LYS A 163 -73.06 52.96 -34.81
N LYS A 164 -73.38 51.91 -35.55
CA LYS A 164 -73.20 50.54 -35.08
C LYS A 164 -71.84 50.05 -35.59
N LYS A 165 -70.86 49.98 -34.68
CA LYS A 165 -69.52 49.53 -35.05
C LYS A 165 -69.48 48.01 -35.11
N ILE A 166 -70.40 47.42 -35.86
CA ILE A 166 -70.45 45.98 -36.04
C ILE A 166 -69.31 45.42 -36.91
N PRO A 167 -68.72 46.18 -37.85
CA PRO A 167 -67.57 45.62 -38.56
C PRO A 167 -66.43 45.28 -37.62
N ASP A 168 -65.73 44.20 -37.93
CA ASP A 168 -64.62 43.75 -37.11
C ASP A 168 -63.42 44.69 -37.25
N THR A 169 -62.50 44.60 -36.28
CA THR A 169 -61.28 45.37 -36.34
C THR A 169 -60.53 45.13 -37.65
N VAL A 170 -60.60 43.90 -38.16
CA VAL A 170 -59.97 43.63 -39.45
C VAL A 170 -60.67 44.43 -40.55
N LEU A 171 -61.98 44.62 -40.44
CA LEU A 171 -62.70 45.45 -41.39
C LEU A 171 -62.38 46.92 -41.23
N GLU A 172 -61.69 47.30 -40.16
CA GLU A 172 -61.35 48.69 -39.94
C GLU A 172 -60.17 49.16 -40.77
N LYS A 173 -59.60 48.28 -41.60
CA LYS A 173 -58.68 48.76 -42.62
C LYS A 173 -59.37 49.63 -43.66
N VAL A 174 -60.67 49.83 -43.51
CA VAL A 174 -61.41 50.86 -44.22
C VAL A 174 -60.77 52.21 -43.93
N TYR A 175 -60.07 52.30 -42.79
CA TYR A 175 -59.27 53.49 -42.51
C TYR A 175 -58.24 53.71 -43.61
N GLU A 176 -57.51 52.66 -43.99
CA GLU A 176 -56.58 52.80 -45.11
C GLU A 176 -57.31 53.20 -46.38
N LEU A 177 -58.60 52.89 -46.48
CA LEU A 177 -59.44 53.42 -47.54
C LEU A 177 -59.36 54.94 -47.61
N LEU A 178 -59.58 55.60 -46.47
CA LEU A 178 -59.59 57.06 -46.46
C LEU A 178 -58.26 57.63 -46.89
N GLY A 179 -57.17 56.89 -46.66
CA GLY A 179 -55.92 57.23 -47.29
C GLY A 179 -56.11 57.21 -48.79
N LEU A 180 -56.16 58.39 -49.40
CA LEU A 180 -56.49 58.51 -50.81
C LEU A 180 -55.55 59.49 -51.47
N LEU A 181 -54.88 59.04 -52.53
CA LEU A 181 -54.04 59.92 -53.34
C LEU A 181 -54.25 59.73 -54.82
N GLY A 182 -54.97 58.69 -55.25
CA GLY A 182 -55.17 58.43 -56.66
C GLY A 182 -55.91 59.53 -57.41
N GLU A 183 -56.54 60.44 -56.69
CA GLU A 183 -57.16 61.61 -57.29
C GLU A 183 -56.36 62.85 -56.90
N VAL A 184 -56.79 64.00 -57.42
CA VAL A 184 -56.13 65.27 -57.17
C VAL A 184 -56.36 65.69 -55.72
N HIS A 185 -57.10 64.88 -54.98
CA HIS A 185 -57.52 65.18 -53.62
C HIS A 185 -58.29 66.49 -53.61
N PRO A 186 -59.51 66.49 -54.15
CA PRO A 186 -60.29 67.74 -54.25
C PRO A 186 -60.57 68.34 -52.88
N SER A 187 -61.02 69.60 -52.91
CA SER A 187 -61.18 70.37 -51.68
C SER A 187 -62.22 69.77 -50.76
N GLU A 188 -63.20 69.03 -51.30
CA GLU A 188 -64.19 68.39 -50.44
C GLU A 188 -63.54 67.35 -49.55
N MET A 189 -62.53 66.64 -50.08
CA MET A 189 -61.76 65.74 -49.24
C MET A 189 -61.06 66.50 -48.13
N ILE A 190 -60.55 67.69 -48.44
CA ILE A 190 -59.95 68.53 -47.41
C ILE A 190 -60.98 68.88 -46.34
N ASN A 191 -62.19 69.24 -46.76
CA ASN A 191 -63.24 69.60 -45.82
C ASN A 191 -63.58 68.44 -44.89
N ASN A 192 -63.67 67.24 -45.46
CA ASN A 192 -63.99 66.07 -44.64
C ASN A 192 -62.79 65.58 -43.83
N ALA A 193 -61.59 66.03 -44.19
CA ALA A 193 -60.40 65.57 -43.49
C ALA A 193 -60.40 65.95 -42.02
N GLU A 194 -60.95 67.13 -41.70
CA GLU A 194 -61.02 67.53 -40.30
C GLU A 194 -61.96 66.62 -39.52
N ASN A 195 -63.10 66.28 -40.10
CA ASN A 195 -63.98 65.27 -39.51
C ASN A 195 -63.21 63.98 -39.27
N LEU A 196 -62.46 63.56 -40.28
CA LEU A 196 -61.68 62.33 -40.18
C LEU A 196 -60.71 62.40 -39.01
N PHE A 197 -59.96 63.50 -38.93
CA PHE A 197 -58.93 63.64 -37.90
C PHE A 197 -59.55 63.63 -36.51
N ARG A 198 -60.67 64.34 -36.35
CA ARG A 198 -61.35 64.33 -35.06
C ARG A 198 -61.82 62.92 -34.69
N ALA A 199 -62.34 62.18 -35.67
CA ALA A 199 -62.73 60.80 -35.41
C ALA A 199 -61.54 59.96 -34.96
N PHE A 200 -60.39 60.14 -35.63
CA PHE A 200 -59.22 59.35 -35.27
C PHE A 200 -58.74 59.70 -33.88
N LEU A 201 -58.74 60.99 -33.54
CA LEU A 201 -58.30 61.41 -32.21
C LEU A 201 -59.21 60.84 -31.14
N GLY A 202 -60.52 60.93 -31.34
CA GLY A 202 -61.44 60.35 -30.38
C GLY A 202 -61.25 58.85 -30.25
N GLU A 203 -61.10 58.15 -31.37
CA GLU A 203 -60.89 56.71 -31.34
C GLU A 203 -59.61 56.37 -30.57
N LEU A 204 -58.52 57.07 -30.86
CA LEU A 204 -57.24 56.76 -30.22
C LEU A 204 -57.28 57.05 -28.72
N LYS A 205 -57.86 58.18 -28.33
CA LYS A 205 -57.95 58.47 -26.90
C LYS A 205 -58.87 57.47 -26.21
N THR A 206 -59.87 56.95 -26.91
CA THR A 206 -60.66 55.86 -26.36
C THR A 206 -59.83 54.60 -26.21
N GLN A 207 -58.99 54.30 -27.20
CA GLN A 207 -58.28 53.02 -27.23
C GLN A 207 -57.17 52.97 -26.18
N MET A 208 -56.28 53.97 -26.19
CA MET A 208 -55.07 53.85 -25.39
C MET A 208 -55.35 53.92 -23.89
N THR A 209 -56.57 54.24 -23.49
CA THR A 209 -56.90 54.25 -22.07
C THR A 209 -56.98 52.82 -21.55
N SER A 210 -55.84 52.27 -21.14
CA SER A 210 -55.81 50.91 -20.60
C SER A 210 -56.56 50.80 -19.28
N ALA A 211 -56.93 51.92 -18.67
CA ALA A 211 -57.70 51.88 -17.43
C ALA A 211 -59.06 51.24 -17.65
N VAL A 212 -59.69 51.49 -18.80
CA VAL A 212 -60.96 50.84 -19.12
C VAL A 212 -60.77 49.40 -19.56
N ARG A 213 -59.53 48.90 -19.53
CA ARG A 213 -59.21 47.52 -19.92
C ARG A 213 -59.62 47.22 -21.35
N GLU A 214 -59.65 48.25 -22.20
CA GLU A 214 -59.94 48.09 -23.63
C GLU A 214 -58.87 48.81 -24.43
N PRO A 215 -57.62 48.33 -24.37
CA PRO A 215 -56.58 48.94 -25.22
C PRO A 215 -56.54 48.25 -26.57
N LYS A 216 -57.59 47.49 -26.88
CA LYS A 216 -57.61 46.62 -28.05
C LYS A 216 -57.92 47.46 -29.28
N LEU A 217 -56.87 47.81 -30.03
CA LEU A 217 -57.02 48.36 -31.37
C LEU A 217 -56.02 47.69 -32.31
N PRO A 218 -55.98 46.36 -32.35
CA PRO A 218 -54.87 45.69 -33.05
C PRO A 218 -54.76 46.09 -34.51
N VAL A 219 -55.84 45.95 -35.26
CA VAL A 219 -55.81 46.38 -36.66
C VAL A 219 -56.07 47.88 -36.78
N LEU A 220 -56.77 48.48 -35.82
CA LEU A 220 -57.13 49.89 -35.91
C LEU A 220 -55.90 50.77 -36.03
N ALA A 221 -54.91 50.53 -35.17
CA ALA A 221 -53.80 51.47 -35.03
C ALA A 221 -53.02 51.62 -36.32
N GLY A 222 -52.60 50.52 -36.92
CA GLY A 222 -51.83 50.61 -38.16
C GLY A 222 -52.62 51.18 -39.31
N CYS A 223 -53.92 50.88 -39.36
CA CYS A 223 -54.73 51.37 -40.46
C CYS A 223 -54.93 52.89 -40.36
N LEU A 224 -55.26 53.38 -39.17
CA LEU A 224 -55.32 54.82 -38.99
C LEU A 224 -53.94 55.45 -39.17
N LYS A 225 -52.88 54.71 -38.87
CA LYS A 225 -51.53 55.18 -39.15
C LYS A 225 -51.35 55.46 -40.63
N GLY A 226 -51.67 54.47 -41.46
CA GLY A 226 -51.53 54.67 -42.91
C GLY A 226 -52.45 55.76 -43.42
N LEU A 227 -53.64 55.86 -42.82
CA LEU A 227 -54.55 56.94 -43.18
C LEU A 227 -53.91 58.29 -42.93
N SER A 228 -53.42 58.51 -41.71
CA SER A 228 -52.76 59.76 -41.39
C SER A 228 -51.54 59.97 -42.27
N SER A 229 -50.84 58.89 -42.61
CA SER A 229 -49.68 58.99 -43.47
C SER A 229 -50.04 59.59 -44.82
N LEU A 230 -51.04 59.02 -45.48
CA LEU A 230 -51.38 59.51 -46.81
C LEU A 230 -52.25 60.77 -46.75
N LEU A 231 -52.74 61.15 -45.57
CA LEU A 231 -53.55 62.37 -45.47
C LEU A 231 -52.75 63.60 -45.09
N CYS A 232 -51.71 63.43 -44.25
CA CYS A 232 -50.95 64.57 -43.77
C CYS A 232 -50.10 65.21 -44.86
N ASN A 233 -49.99 64.57 -46.02
CA ASN A 233 -49.20 65.13 -47.11
C ASN A 233 -49.78 66.43 -47.64
N PHE A 234 -51.02 66.76 -47.28
CA PHE A 234 -51.69 67.94 -47.79
C PHE A 234 -51.94 69.01 -46.76
N THR A 235 -52.04 68.66 -45.48
CA THR A 235 -52.42 69.61 -44.45
C THR A 235 -51.58 69.35 -43.21
N LYS A 236 -51.99 69.93 -42.09
CA LYS A 236 -51.41 69.71 -40.77
C LYS A 236 -49.93 70.08 -40.74
N SER A 237 -49.67 71.37 -40.96
CA SER A 237 -48.37 71.95 -40.69
C SER A 237 -48.29 72.36 -39.23
N MET A 238 -47.05 72.55 -38.76
CA MET A 238 -46.81 72.87 -37.35
C MET A 238 -47.24 74.32 -37.10
N GLU A 239 -48.54 74.52 -36.99
CA GLU A 239 -49.08 75.85 -36.71
C GLU A 239 -50.27 75.80 -35.77
N GLU A 240 -50.47 74.70 -35.05
CA GLU A 240 -51.69 74.56 -34.25
C GLU A 240 -51.47 73.52 -33.15
N ASP A 241 -52.38 73.57 -32.17
CA ASP A 241 -52.35 72.59 -31.08
C ASP A 241 -52.54 71.15 -31.53
N PRO A 242 -53.44 70.81 -32.47
CA PRO A 242 -53.60 69.40 -32.85
C PRO A 242 -52.30 68.75 -33.29
N GLN A 243 -51.34 69.57 -33.70
CA GLN A 243 -50.01 69.05 -34.02
C GLN A 243 -49.40 68.37 -32.81
N THR A 244 -49.30 69.09 -31.69
CA THR A 244 -48.76 68.48 -30.48
C THR A 244 -49.72 67.45 -29.89
N SER A 245 -51.02 67.57 -30.18
CA SER A 245 -51.96 66.54 -29.78
C SER A 245 -51.56 65.20 -30.38
N ARG A 246 -51.54 65.12 -31.72
CA ARG A 246 -51.16 63.88 -32.38
C ARG A 246 -49.72 63.49 -32.07
N GLU A 247 -48.87 64.48 -31.78
CA GLU A 247 -47.55 64.18 -31.22
C GLU A 247 -47.69 63.26 -30.02
N ILE A 248 -48.43 63.74 -29.01
CA ILE A 248 -48.59 62.96 -27.78
C ILE A 248 -49.26 61.63 -28.10
N PHE A 249 -50.21 61.63 -29.03
CA PHE A 249 -50.88 60.39 -29.40
C PHE A 249 -49.90 59.34 -29.88
N ASN A 250 -48.97 59.74 -30.75
CA ASN A 250 -47.99 58.77 -31.24
C ASN A 250 -46.94 58.46 -30.19
N PHE A 251 -46.63 59.43 -29.33
CA PHE A 251 -45.51 59.29 -28.40
C PHE A 251 -45.73 58.17 -27.39
N VAL A 252 -46.99 57.76 -27.18
CA VAL A 252 -47.28 56.71 -26.23
C VAL A 252 -46.73 55.36 -26.68
N LEU A 253 -46.29 55.25 -27.93
CA LEU A 253 -45.71 54.04 -28.47
C LEU A 253 -44.51 53.57 -27.64
N GLN A 259 -46.73 49.75 -20.52
CA GLN A 259 -47.50 48.86 -21.38
C GLN A 259 -46.61 48.30 -22.48
N ILE A 260 -46.80 47.00 -22.77
CA ILE A 260 -46.00 46.30 -23.77
C ILE A 260 -46.93 45.57 -24.72
N ASP A 261 -46.38 45.22 -25.89
CA ASP A 261 -47.12 44.61 -26.98
C ASP A 261 -46.63 43.18 -27.21
N LEU A 262 -47.17 42.54 -28.24
CA LEU A 262 -46.76 41.21 -28.65
C LEU A 262 -47.16 41.02 -30.11
N LYS A 263 -47.12 39.77 -30.58
CA LYS A 263 -47.61 39.39 -31.91
C LYS A 263 -46.82 40.10 -33.02
N ARG A 264 -45.50 39.99 -32.94
CA ARG A 264 -44.55 40.54 -33.91
C ARG A 264 -44.65 42.06 -34.03
N TYR A 265 -45.43 42.71 -33.16
CA TYR A 265 -45.31 44.15 -32.91
C TYR A 265 -45.60 44.96 -34.18
N ALA A 266 -46.76 44.71 -34.78
CA ALA A 266 -47.12 45.41 -36.01
C ALA A 266 -47.39 46.89 -35.73
N VAL A 267 -48.16 47.18 -34.69
CA VAL A 267 -48.50 48.57 -34.39
C VAL A 267 -47.28 49.43 -34.14
N PRO A 268 -46.28 49.00 -33.35
CA PRO A 268 -45.07 49.85 -33.22
C PRO A 268 -44.41 50.15 -34.54
N SER A 269 -44.32 49.17 -35.43
CA SER A 269 -43.73 49.41 -36.74
C SER A 269 -44.55 50.42 -37.52
N ALA A 270 -45.88 50.31 -37.44
CA ALA A 270 -46.74 51.28 -38.11
C ALA A 270 -46.46 52.68 -37.60
N GLY A 271 -46.42 52.85 -36.27
CA GLY A 271 -46.15 54.15 -35.71
C GLY A 271 -44.81 54.70 -36.12
N LEU A 272 -43.79 53.84 -36.15
CA LEU A 272 -42.46 54.28 -36.55
C LEU A 272 -42.46 54.75 -38.00
N ARG A 273 -43.11 54.00 -38.89
CA ARG A 273 -43.17 54.42 -40.28
C ARG A 273 -43.91 55.75 -40.43
N LEU A 274 -45.02 55.91 -39.69
CA LEU A 274 -45.75 57.16 -39.75
C LEU A 274 -44.88 58.33 -39.33
N PHE A 275 -44.18 58.18 -38.21
CA PHE A 275 -43.31 59.25 -37.75
C PHE A 275 -42.20 59.54 -38.75
N ALA A 276 -41.62 58.48 -39.32
CA ALA A 276 -40.56 58.69 -40.29
C ALA A 276 -41.06 59.47 -41.50
N LEU A 277 -42.27 59.16 -41.96
CA LEU A 277 -42.80 59.88 -43.12
C LEU A 277 -43.21 61.30 -42.76
N HIS A 278 -43.57 61.57 -41.51
CA HIS A 278 -44.07 62.89 -41.15
C HIS A 278 -43.45 63.39 -39.87
N ALA A 279 -42.12 63.28 -39.78
CA ALA A 279 -41.42 63.94 -38.67
C ALA A 279 -41.39 65.45 -38.84
N SER A 280 -41.58 65.95 -40.06
CA SER A 280 -41.46 67.38 -40.31
C SER A 280 -42.54 68.16 -39.57
N GLN A 281 -43.77 67.65 -39.57
CA GLN A 281 -44.88 68.37 -38.95
C GLN A 281 -44.76 68.48 -37.44
N PHE A 282 -43.83 67.75 -36.82
CA PHE A 282 -43.69 67.73 -35.38
C PHE A 282 -42.64 68.71 -34.87
N SER A 283 -42.33 69.74 -35.65
CA SER A 283 -41.30 70.68 -35.27
C SER A 283 -41.73 71.48 -34.03
N THR A 284 -40.74 72.07 -33.37
CA THR A 284 -40.93 72.98 -32.24
C THR A 284 -41.55 72.29 -31.04
N CYS A 285 -41.90 71.02 -31.19
CA CYS A 285 -42.42 70.24 -30.08
C CYS A 285 -41.90 68.81 -30.07
N LEU A 286 -41.00 68.46 -30.99
CA LEU A 286 -40.35 67.17 -30.97
C LEU A 286 -39.05 67.17 -30.17
N LEU A 287 -38.48 68.36 -29.94
CA LEU A 287 -37.23 68.46 -29.20
C LEU A 287 -37.35 67.88 -27.80
N ASP A 288 -38.56 67.93 -27.23
CA ASP A 288 -38.77 67.34 -25.92
C ASP A 288 -38.67 65.82 -26.01
N ASN A 289 -38.56 65.18 -24.84
CA ASN A 289 -38.50 63.73 -24.73
C ASN A 289 -37.35 63.13 -25.53
N TYR A 290 -36.38 63.97 -25.89
CA TYR A 290 -35.36 63.56 -26.86
C TYR A 290 -34.57 62.36 -26.37
N VAL A 291 -34.22 62.33 -25.09
CA VAL A 291 -33.54 61.17 -24.54
C VAL A 291 -34.45 59.94 -24.60
N SER A 292 -35.71 60.10 -24.20
CA SER A 292 -36.63 58.98 -24.21
C SER A 292 -36.93 58.52 -25.64
N LEU A 293 -37.14 59.47 -26.54
CA LEU A 293 -37.34 59.11 -27.94
C LEU A 293 -36.14 58.36 -28.49
N PHE A 294 -34.94 58.86 -28.19
CA PHE A 294 -33.72 58.23 -28.70
C PHE A 294 -33.58 56.81 -28.18
N GLU A 295 -33.77 56.61 -26.87
CA GLU A 295 -33.58 55.27 -26.32
C GLU A 295 -34.67 54.32 -26.79
N VAL A 296 -35.91 54.80 -26.92
CA VAL A 296 -36.97 53.91 -27.38
C VAL A 296 -36.73 53.53 -28.84
N LEU A 297 -36.22 54.46 -29.65
CA LEU A 297 -35.87 54.12 -31.01
C LEU A 297 -34.72 53.12 -31.04
N LEU A 298 -33.74 53.29 -30.15
CA LEU A 298 -32.63 52.35 -30.09
C LEU A 298 -33.12 50.94 -29.78
N LYS A 299 -33.96 50.80 -28.76
CA LYS A 299 -34.45 49.47 -28.43
C LYS A 299 -35.33 48.91 -29.52
N TRP A 300 -36.15 49.77 -30.16
CA TRP A 300 -37.00 49.29 -31.24
C TRP A 300 -36.18 48.75 -32.39
N CYS A 301 -35.13 49.47 -32.79
CA CYS A 301 -34.26 48.97 -33.84
C CYS A 301 -33.37 47.83 -33.35
N ALA A 302 -33.28 47.61 -32.05
CA ALA A 302 -32.54 46.48 -31.51
C ALA A 302 -33.40 45.24 -31.31
N HIS A 303 -34.72 45.39 -31.29
CA HIS A 303 -35.61 44.25 -31.08
C HIS A 303 -35.60 43.35 -32.30
N THR A 304 -36.38 42.26 -32.21
CA THR A 304 -36.48 41.31 -33.30
C THR A 304 -37.38 41.88 -34.40
N ASN A 305 -37.76 41.03 -35.36
CA ASN A 305 -38.66 41.41 -36.46
C ASN A 305 -38.04 42.55 -37.29
N VAL A 306 -36.98 42.18 -38.00
CA VAL A 306 -36.08 43.11 -38.69
C VAL A 306 -36.82 44.17 -39.49
N GLU A 307 -38.06 43.88 -39.88
CA GLU A 307 -38.90 44.93 -40.45
C GLU A 307 -39.13 46.05 -39.44
N LEU A 308 -39.40 45.68 -38.18
CA LEU A 308 -39.45 46.67 -37.11
C LEU A 308 -38.11 47.36 -36.97
N LYS A 309 -37.02 46.62 -37.13
CA LYS A 309 -35.69 47.22 -37.06
C LYS A 309 -35.56 48.35 -38.06
N LYS A 310 -35.87 48.08 -39.33
CA LYS A 310 -35.66 49.10 -40.36
C LYS A 310 -36.67 50.23 -40.23
N ALA A 311 -37.89 49.95 -39.78
CA ALA A 311 -38.82 51.03 -39.51
C ALA A 311 -38.27 51.96 -38.43
N ALA A 312 -37.73 51.38 -37.36
CA ALA A 312 -37.11 52.19 -36.32
C ALA A 312 -35.91 52.96 -36.85
N LEU A 313 -35.15 52.34 -37.76
CA LEU A 313 -34.01 53.04 -38.35
C LEU A 313 -34.46 54.26 -39.13
N SER A 314 -35.51 54.09 -39.94
CA SER A 314 -36.05 55.21 -40.70
C SER A 314 -36.53 56.31 -39.75
N ALA A 315 -37.20 55.92 -38.67
CA ALA A 315 -37.59 56.90 -37.66
C ALA A 315 -36.36 57.61 -37.09
N LEU A 316 -35.28 56.87 -36.88
CA LEU A 316 -34.04 57.48 -36.41
C LEU A 316 -33.56 58.56 -37.36
N GLU A 317 -33.44 58.24 -38.65
CA GLU A 317 -32.91 59.23 -39.57
C GLU A 317 -33.82 60.44 -39.67
N SER A 318 -35.14 60.21 -39.73
CA SER A 318 -36.07 61.33 -39.83
C SER A 318 -35.99 62.21 -38.59
N PHE A 319 -35.97 61.59 -37.40
CA PHE A 319 -35.91 62.33 -36.16
C PHE A 319 -34.63 63.16 -36.07
N LEU A 320 -33.49 62.52 -36.39
CA LEU A 320 -32.23 63.23 -36.32
C LEU A 320 -32.19 64.38 -37.31
N LYS A 321 -32.67 64.15 -38.53
CA LYS A 321 -32.71 65.22 -39.52
C LYS A 321 -33.53 66.39 -39.02
N GLN A 322 -34.72 66.11 -38.51
CA GLN A 322 -35.60 67.20 -38.07
C GLN A 322 -35.00 67.95 -36.89
N VAL A 323 -34.43 67.23 -35.92
CA VAL A 323 -33.89 67.92 -34.75
C VAL A 323 -32.68 68.75 -35.13
N SER A 324 -31.84 68.25 -36.05
CA SER A 324 -30.72 69.04 -36.53
C SER A 324 -31.20 70.30 -37.22
N ASN A 325 -32.20 70.17 -38.10
CA ASN A 325 -32.69 71.32 -38.83
C ASN A 325 -33.24 72.38 -37.88
N MET A 326 -33.98 71.95 -36.87
CA MET A 326 -34.55 72.94 -35.96
C MET A 326 -33.51 73.52 -35.01
N VAL A 327 -32.51 72.72 -34.61
CA VAL A 327 -31.48 73.22 -33.71
C VAL A 327 -30.60 74.24 -34.42
N ALA A 328 -30.24 73.98 -35.69
CA ALA A 328 -29.28 74.80 -36.38
C ALA A 328 -29.69 76.27 -36.43
N LYS A 329 -30.99 76.53 -36.38
CA LYS A 329 -31.52 77.90 -36.38
C LYS A 329 -32.10 78.30 -35.03
N ASN A 330 -31.74 77.60 -33.97
CA ASN A 330 -32.25 77.91 -32.64
C ASN A 330 -31.50 79.08 -32.04
N ALA A 331 -31.74 79.35 -30.76
CA ALA A 331 -30.93 80.23 -29.95
C ALA A 331 -30.39 79.56 -28.71
N GLU A 332 -31.04 78.51 -28.22
CA GLU A 332 -30.60 77.73 -27.08
C GLU A 332 -29.82 76.49 -27.50
N MET A 333 -29.44 76.41 -28.78
CA MET A 333 -28.90 75.19 -29.36
C MET A 333 -27.83 74.53 -28.49
N HIS A 334 -27.08 75.33 -27.75
CA HIS A 334 -26.00 74.79 -26.92
C HIS A 334 -26.53 73.86 -25.84
N LYS A 335 -27.68 74.19 -25.27
CA LYS A 335 -28.26 73.35 -24.21
C LYS A 335 -28.50 71.94 -24.72
N ASN A 336 -29.36 71.80 -25.73
CA ASN A 336 -29.64 70.49 -26.30
C ASN A 336 -28.36 69.85 -26.81
N LYS A 337 -27.50 70.63 -27.44
CA LYS A 337 -26.20 70.18 -27.92
C LYS A 337 -25.48 69.38 -26.84
N LEU A 338 -25.12 70.07 -25.76
CA LEU A 338 -24.30 69.44 -24.72
C LEU A 338 -25.10 68.49 -23.86
N GLN A 339 -26.42 68.48 -23.97
CA GLN A 339 -27.26 67.65 -23.13
C GLN A 339 -27.84 66.45 -23.84
N TYR A 340 -27.53 66.26 -25.12
CA TYR A 340 -28.21 65.17 -25.82
C TYR A 340 -27.28 64.25 -26.60
N PHE A 341 -26.22 64.78 -27.20
CA PHE A 341 -25.64 64.12 -28.36
C PHE A 341 -24.24 63.55 -28.13
N MET A 342 -23.25 64.37 -27.74
CA MET A 342 -21.88 63.84 -27.72
C MET A 342 -21.74 62.71 -26.73
N GLU A 343 -22.47 62.75 -25.61
CA GLU A 343 -22.34 61.70 -24.61
C GLU A 343 -22.78 60.36 -25.16
N GLN A 344 -23.96 60.31 -25.78
CA GLN A 344 -24.42 59.07 -26.39
C GLN A 344 -23.51 58.64 -27.54
N PHE A 345 -23.08 59.60 -28.34
CA PHE A 345 -22.23 59.30 -29.48
C PHE A 345 -20.93 58.65 -29.03
N TYR A 346 -20.28 59.23 -28.03
CA TYR A 346 -19.08 58.62 -27.46
C TYR A 346 -19.39 57.25 -26.88
N GLY A 347 -20.52 57.13 -26.18
CA GLY A 347 -20.87 55.86 -25.58
C GLY A 347 -21.18 54.77 -26.57
N ILE A 348 -21.44 55.12 -27.83
CA ILE A 348 -21.67 54.10 -28.85
C ILE A 348 -20.44 53.20 -28.98
N ILE A 349 -19.26 53.81 -29.03
CA ILE A 349 -18.04 53.07 -29.22
C ILE A 349 -17.43 52.70 -27.88
N ASN A 356 -21.44 46.34 -35.31
CA ASN A 356 -22.88 46.24 -35.52
C ASN A 356 -23.35 47.38 -36.42
N LYS A 357 -24.50 47.17 -37.08
CA LYS A 357 -25.07 48.23 -37.92
C LYS A 357 -25.37 49.49 -37.12
N GLU A 358 -25.55 49.37 -35.81
CA GLU A 358 -25.76 50.55 -34.97
C GLU A 358 -24.64 51.56 -35.14
N LEU A 359 -23.44 51.09 -35.47
CA LEU A 359 -22.32 52.00 -35.70
C LEU A 359 -22.58 52.92 -36.88
N SER A 360 -23.24 52.41 -37.92
CA SER A 360 -23.60 53.26 -39.05
C SER A 360 -24.55 54.37 -38.62
N ILE A 361 -25.53 54.03 -37.79
CA ILE A 361 -26.43 55.05 -37.24
C ILE A 361 -25.63 56.06 -36.43
N ALA A 362 -24.66 55.58 -35.66
CA ALA A 362 -23.83 56.48 -34.88
C ALA A 362 -23.07 57.44 -35.77
N ILE A 363 -22.48 56.93 -36.86
CA ILE A 363 -21.70 57.78 -37.75
C ILE A 363 -22.59 58.82 -38.41
N ARG A 364 -23.78 58.40 -38.85
CA ARG A 364 -24.73 59.34 -39.42
C ARG A 364 -25.08 60.41 -38.39
N GLY A 365 -25.27 60.01 -37.13
CA GLY A 365 -25.56 60.97 -36.09
C GLY A 365 -24.42 61.93 -35.84
N TYR A 366 -23.18 61.44 -35.90
CA TYR A 366 -22.03 62.32 -35.74
C TYR A 366 -22.01 63.37 -36.85
N GLY A 367 -22.15 62.92 -38.10
CA GLY A 367 -22.14 63.84 -39.22
C GLY A 367 -23.30 64.82 -39.18
N LEU A 368 -24.45 64.38 -38.68
CA LEU A 368 -25.60 65.28 -38.56
C LEU A 368 -25.39 66.28 -37.45
N PHE A 369 -24.81 65.84 -36.32
CA PHE A 369 -24.47 66.72 -35.22
C PHE A 369 -23.40 67.73 -35.62
N ALA A 370 -22.66 67.45 -36.69
CA ALA A 370 -21.72 68.44 -37.19
C ALA A 370 -22.41 69.74 -37.58
N GLY A 371 -23.73 69.71 -37.81
CA GLY A 371 -24.48 70.89 -38.16
C GLY A 371 -24.40 72.01 -37.14
N PRO A 372 -24.94 71.78 -35.96
CA PRO A 372 -24.89 72.83 -34.92
C PRO A 372 -23.47 73.21 -34.53
N CYS A 373 -22.49 72.33 -34.74
CA CYS A 373 -21.12 72.65 -34.41
C CYS A 373 -20.58 73.82 -35.20
N LYS A 374 -21.18 74.13 -36.35
CA LYS A 374 -20.78 75.33 -37.09
C LYS A 374 -21.19 76.58 -36.33
N VAL A 375 -22.36 76.56 -35.69
CA VAL A 375 -22.84 77.75 -34.99
C VAL A 375 -21.94 78.08 -33.81
N ILE A 376 -21.62 77.09 -32.99
CA ILE A 376 -20.80 77.28 -31.80
C ILE A 376 -19.64 76.31 -31.85
N ASN A 377 -18.46 76.78 -31.44
CA ASN A 377 -17.21 76.02 -31.52
C ASN A 377 -16.91 75.65 -32.98
N ALA A 378 -16.70 76.69 -33.79
CA ALA A 378 -16.39 76.47 -35.20
C ALA A 378 -15.09 75.71 -35.39
N LYS A 379 -14.15 75.83 -34.45
CA LYS A 379 -12.92 75.05 -34.52
C LYS A 379 -13.20 73.57 -34.25
N ASP A 380 -14.19 73.28 -33.41
CA ASP A 380 -14.59 71.90 -33.20
C ASP A 380 -15.07 71.25 -34.49
N VAL A 381 -15.52 72.03 -35.46
CA VAL A 381 -15.89 71.47 -36.76
C VAL A 381 -14.70 70.78 -37.40
N ASP A 382 -13.58 71.50 -37.51
CA ASP A 382 -12.40 70.91 -38.12
C ASP A 382 -11.77 69.86 -37.22
N PHE A 383 -11.85 70.02 -35.91
CA PHE A 383 -11.42 68.98 -34.98
C PHE A 383 -12.17 67.67 -35.25
N MET A 384 -13.49 67.76 -35.30
CA MET A 384 -14.36 66.64 -35.66
C MET A 384 -13.95 66.03 -36.99
N TYR A 385 -13.79 66.87 -38.01
CA TYR A 385 -13.46 66.36 -39.34
C TYR A 385 -12.13 65.64 -39.35
N VAL A 386 -11.13 66.21 -38.68
CA VAL A 386 -9.81 65.59 -38.64
C VAL A 386 -9.86 64.24 -37.95
N GLU A 387 -10.54 64.16 -36.80
CA GLU A 387 -10.59 62.88 -36.11
C GLU A 387 -11.39 61.87 -36.90
N LEU A 388 -12.41 62.32 -37.64
CA LEU A 388 -13.13 61.40 -38.53
C LEU A 388 -12.22 60.90 -39.64
N ILE A 389 -11.36 61.77 -40.16
CA ILE A 389 -10.38 61.33 -41.17
C ILE A 389 -9.47 60.26 -40.59
N GLN A 390 -9.03 60.46 -39.35
CA GLN A 390 -8.23 59.44 -38.68
C GLN A 390 -9.00 58.14 -38.59
N ARG A 391 -10.27 58.21 -38.19
CA ARG A 391 -11.06 57.00 -38.04
C ARG A 391 -11.22 56.26 -39.36
N CYS A 392 -11.48 57.00 -40.44
CA CYS A 392 -11.69 56.33 -41.73
C CYS A 392 -10.39 55.77 -42.28
N LYS A 393 -9.27 56.45 -42.03
CA LYS A 393 -7.98 55.87 -42.39
C LYS A 393 -7.73 54.57 -41.63
N GLN A 394 -8.13 54.54 -40.36
CA GLN A 394 -8.05 53.31 -39.59
C GLN A 394 -8.93 52.23 -40.19
N MET A 395 -10.12 52.62 -40.66
CA MET A 395 -11.12 51.67 -41.09
C MET A 395 -10.68 50.89 -42.33
N PHE A 396 -10.23 51.60 -43.37
CA PHE A 396 -10.01 50.94 -44.65
C PHE A 396 -8.84 49.98 -44.63
N LEU A 397 -7.94 50.09 -43.67
CA LEU A 397 -6.80 49.18 -43.59
C LEU A 397 -7.14 47.87 -42.90
N THR A 398 -8.42 47.65 -42.57
CA THR A 398 -8.84 46.40 -41.97
C THR A 398 -8.79 45.28 -43.00
N GLN A 399 -7.70 44.54 -43.03
CA GLN A 399 -7.53 43.45 -43.99
C GLN A 399 -8.36 42.24 -43.59
N ASP A 405 -15.22 42.09 -44.65
CA ASP A 405 -15.41 41.76 -43.25
C ASP A 405 -16.01 42.95 -42.51
N ARG A 406 -15.43 44.12 -42.73
CA ARG A 406 -15.88 45.38 -42.14
C ARG A 406 -16.06 46.43 -43.23
N VAL A 407 -16.82 46.06 -44.26
CA VAL A 407 -17.03 46.92 -45.41
C VAL A 407 -18.51 47.31 -45.56
N TYR A 408 -19.30 47.17 -44.49
CA TYR A 408 -20.71 47.51 -44.54
C TYR A 408 -21.00 48.91 -44.03
N GLN A 409 -19.99 49.77 -43.94
CA GLN A 409 -20.13 51.01 -43.20
C GLN A 409 -19.52 52.24 -43.85
N MET A 410 -18.88 52.10 -45.00
CA MET A 410 -18.36 53.29 -45.68
C MET A 410 -19.40 54.34 -45.99
N PRO A 411 -20.60 54.02 -46.47
CA PRO A 411 -21.56 55.09 -46.79
C PRO A 411 -21.88 55.99 -45.61
N SER A 412 -21.85 55.47 -44.38
CA SER A 412 -22.05 56.33 -43.22
C SER A 412 -20.95 57.38 -43.12
N PHE A 413 -19.69 56.95 -43.27
CA PHE A 413 -18.59 57.90 -43.32
C PHE A 413 -18.78 58.90 -44.45
N LEU A 414 -19.25 58.42 -45.60
CA LEU A 414 -19.44 59.30 -46.74
C LEU A 414 -20.46 60.39 -46.43
N GLN A 415 -21.58 59.99 -45.83
CA GLN A 415 -22.61 60.97 -45.47
C GLN A 415 -22.06 61.97 -44.47
N SER A 416 -21.34 61.48 -43.45
CA SER A 416 -20.81 62.38 -42.43
C SER A 416 -19.84 63.39 -43.03
N VAL A 417 -18.91 62.90 -43.87
CA VAL A 417 -17.93 63.81 -44.44
C VAL A 417 -18.58 64.76 -45.43
N ALA A 418 -19.59 64.31 -46.17
CA ALA A 418 -20.31 65.20 -47.05
C ALA A 418 -20.96 66.33 -46.26
N SER A 419 -21.61 65.99 -45.15
CA SER A 419 -22.22 67.00 -44.32
C SER A 419 -21.19 67.99 -43.80
N VAL A 420 -20.06 67.48 -43.31
CA VAL A 420 -19.10 68.37 -42.67
C VAL A 420 -18.42 69.27 -43.70
N LEU A 421 -18.08 68.74 -44.87
CA LEU A 421 -17.49 69.58 -45.91
C LEU A 421 -18.50 70.61 -46.42
N LEU A 422 -19.78 70.24 -46.50
CA LEU A 422 -20.79 71.25 -46.78
C LEU A 422 -20.75 72.35 -45.73
N TYR A 423 -20.58 71.96 -44.47
CA TYR A 423 -20.45 72.94 -43.41
C TYR A 423 -19.05 73.55 -43.37
N LEU A 424 -18.02 72.77 -43.70
CA LEU A 424 -16.66 73.28 -43.63
C LEU A 424 -16.40 74.29 -44.74
N ASP A 425 -15.67 75.34 -44.40
CA ASP A 425 -15.28 76.36 -45.36
C ASP A 425 -13.80 76.29 -45.76
N THR A 426 -13.02 75.42 -45.12
CA THR A 426 -11.62 75.25 -45.46
C THR A 426 -11.33 73.79 -45.78
N VAL A 427 -10.06 73.43 -45.93
CA VAL A 427 -9.71 72.05 -46.23
C VAL A 427 -8.26 71.76 -45.86
N PRO A 428 -8.00 70.69 -45.12
CA PRO A 428 -6.61 70.20 -44.96
C PRO A 428 -6.18 69.46 -46.21
N GLU A 429 -5.28 70.08 -46.97
CA GLU A 429 -4.90 69.52 -48.27
C GLU A 429 -4.26 68.15 -48.13
N VAL A 430 -3.63 67.87 -47.00
CA VAL A 430 -3.01 66.56 -46.80
C VAL A 430 -4.06 65.46 -46.86
N TYR A 431 -5.28 65.76 -46.43
CA TYR A 431 -6.36 64.79 -46.50
C TYR A 431 -6.98 64.70 -47.88
N THR A 432 -6.71 65.67 -48.76
CA THR A 432 -7.32 65.66 -50.09
C THR A 432 -7.03 64.38 -50.86
N PRO A 433 -5.78 63.87 -50.92
CA PRO A 433 -5.60 62.56 -51.55
C PRO A 433 -6.29 61.45 -50.80
N VAL A 434 -6.12 61.41 -49.47
CA VAL A 434 -6.78 60.39 -48.65
C VAL A 434 -8.23 60.25 -49.04
N LEU A 435 -8.95 61.38 -49.07
CA LEU A 435 -10.35 61.40 -49.49
C LEU A 435 -10.55 60.59 -50.75
N GLU A 436 -9.90 61.00 -51.84
CA GLU A 436 -10.07 60.25 -53.08
C GLU A 436 -9.56 58.83 -52.92
N HIS A 437 -8.40 58.67 -52.27
CA HIS A 437 -7.84 57.34 -52.08
C HIS A 437 -8.77 56.46 -51.26
N LEU A 438 -9.71 57.06 -50.55
CA LEU A 438 -10.73 56.29 -49.85
C LEU A 438 -11.95 56.03 -50.70
N VAL A 439 -12.44 57.03 -51.44
CA VAL A 439 -13.72 56.88 -52.10
C VAL A 439 -13.65 55.84 -53.19
N VAL A 440 -12.54 55.81 -53.94
CA VAL A 440 -12.36 54.75 -54.93
C VAL A 440 -12.35 53.40 -54.25
N MET A 441 -11.76 53.32 -53.05
CA MET A 441 -11.83 52.09 -52.27
C MET A 441 -13.27 51.67 -52.08
N GLN A 442 -14.15 52.62 -51.75
CA GLN A 442 -15.58 52.32 -51.66
C GLN A 442 -16.07 51.74 -52.97
N ILE A 443 -15.72 52.37 -54.08
CA ILE A 443 -16.06 51.81 -55.39
C ILE A 443 -15.45 50.43 -55.54
N ASP A 444 -14.19 50.29 -55.10
CA ASP A 444 -13.52 48.99 -55.16
C ASP A 444 -14.24 47.95 -54.32
N SER A 445 -15.01 48.37 -53.32
CA SER A 445 -15.75 47.45 -52.47
C SER A 445 -17.20 47.30 -52.91
N PHE A 446 -17.58 47.89 -54.05
CA PHE A 446 -18.97 47.83 -54.48
C PHE A 446 -19.52 46.41 -54.60
N PRO A 447 -18.78 45.41 -55.09
CA PRO A 447 -19.31 44.03 -55.05
C PRO A 447 -19.42 43.50 -53.63
N GLN A 448 -19.82 42.24 -53.49
CA GLN A 448 -20.04 41.63 -52.18
C GLN A 448 -21.05 42.43 -51.37
N TYR A 449 -22.03 43.03 -52.05
CA TYR A 449 -22.95 43.97 -51.45
C TYR A 449 -24.40 43.59 -51.72
N SER A 450 -25.25 43.75 -50.71
CA SER A 450 -26.68 43.62 -50.92
C SER A 450 -27.20 44.86 -51.65
N PRO A 451 -28.13 44.68 -52.60
CA PRO A 451 -28.52 45.81 -53.47
C PRO A 451 -29.05 47.02 -52.72
N LYS A 452 -29.76 46.82 -51.61
CA LYS A 452 -30.28 47.95 -50.85
C LYS A 452 -29.15 48.84 -50.35
N MET A 453 -28.15 48.25 -49.72
CA MET A 453 -27.02 49.05 -49.27
C MET A 453 -26.13 49.49 -50.43
N GLN A 454 -26.21 48.84 -51.59
CA GLN A 454 -25.60 49.40 -52.79
C GLN A 454 -26.26 50.73 -53.15
N LEU A 455 -27.59 50.77 -53.09
CA LEU A 455 -28.30 52.03 -53.33
C LEU A 455 -27.93 53.05 -52.27
N VAL A 456 -27.75 52.60 -51.03
CA VAL A 456 -27.30 53.50 -49.97
C VAL A 456 -25.94 54.09 -50.33
N CYS A 457 -25.03 53.26 -50.81
CA CYS A 457 -23.71 53.74 -51.23
C CYS A 457 -23.83 54.71 -52.39
N CYS A 458 -24.77 54.46 -53.31
CA CYS A 458 -25.00 55.39 -54.41
C CYS A 458 -25.43 56.75 -53.87
N ARG A 459 -26.36 56.76 -52.92
CA ARG A 459 -26.77 58.02 -52.31
C ARG A 459 -25.58 58.71 -51.63
N ALA A 460 -24.76 57.93 -50.93
CA ALA A 460 -23.61 58.49 -50.24
C ALA A 460 -22.63 59.13 -51.22
N ILE A 461 -22.34 58.44 -52.32
CA ILE A 461 -21.35 58.98 -53.25
C ILE A 461 -21.91 60.21 -53.97
N VAL A 462 -23.20 60.18 -54.34
CA VAL A 462 -23.74 61.35 -55.01
C VAL A 462 -23.77 62.54 -54.06
N LYS A 463 -24.04 62.30 -52.77
CA LYS A 463 -24.06 63.42 -51.85
C LYS A 463 -22.66 63.95 -51.55
N VAL A 464 -21.65 63.08 -51.53
CA VAL A 464 -20.30 63.60 -51.34
C VAL A 464 -19.86 64.39 -52.56
N PHE A 465 -20.29 63.96 -53.76
CA PHE A 465 -19.99 64.76 -54.94
C PHE A 465 -20.70 66.10 -54.88
N LEU A 466 -21.95 66.12 -54.43
CA LEU A 466 -22.66 67.38 -54.26
C LEU A 466 -21.94 68.28 -53.27
N ALA A 467 -21.41 67.70 -52.20
CA ALA A 467 -20.69 68.49 -51.20
C ALA A 467 -19.42 69.09 -51.79
N LEU A 468 -18.62 68.27 -52.46
CA LEU A 468 -17.39 68.78 -53.04
C LEU A 468 -17.66 69.74 -54.20
N ALA A 469 -18.88 69.74 -54.73
CA ALA A 469 -19.23 70.66 -55.80
C ALA A 469 -19.11 72.12 -55.37
N ALA A 470 -19.12 72.39 -54.06
CA ALA A 470 -19.03 73.76 -53.59
C ALA A 470 -17.62 74.34 -53.74
N LYS A 471 -16.61 73.51 -53.98
CA LYS A 471 -15.21 73.94 -54.02
C LYS A 471 -14.66 73.66 -55.42
N GLY A 472 -14.57 74.70 -56.24
CA GLY A 472 -14.22 74.58 -57.64
C GLY A 472 -12.96 73.78 -57.94
N PRO A 473 -11.80 74.28 -57.50
CA PRO A 473 -10.57 73.52 -57.73
C PRO A 473 -10.61 72.12 -57.14
N VAL A 474 -11.12 72.00 -55.91
CA VAL A 474 -11.31 70.70 -55.30
C VAL A 474 -12.25 69.86 -56.15
N LEU A 475 -13.38 70.45 -56.56
CA LEU A 475 -14.30 69.78 -57.46
C LEU A 475 -13.56 69.12 -58.61
N ARG A 476 -12.89 69.93 -59.43
CA ARG A 476 -12.33 69.42 -60.67
C ARG A 476 -11.24 68.40 -60.42
N ASN A 477 -10.27 68.73 -59.55
CA ASN A 477 -9.16 67.80 -59.37
C ASN A 477 -9.62 66.49 -58.74
N CYS A 478 -10.48 66.56 -57.73
CA CYS A 478 -10.92 65.35 -57.07
C CYS A 478 -11.74 64.48 -58.01
N ILE A 479 -12.66 65.08 -58.76
CA ILE A 479 -13.48 64.26 -59.64
C ILE A 479 -12.63 63.61 -60.73
N SER A 480 -11.68 64.35 -61.28
CA SER A 480 -10.79 63.77 -62.28
C SER A 480 -10.05 62.57 -61.70
N THR A 481 -9.43 62.76 -60.53
CA THR A 481 -8.66 61.69 -59.93
C THR A 481 -9.53 60.47 -59.63
N VAL A 482 -10.71 60.70 -59.05
CA VAL A 482 -11.54 59.57 -58.63
C VAL A 482 -12.04 58.80 -59.83
N VAL A 483 -12.51 59.49 -60.88
CA VAL A 483 -13.02 58.75 -62.03
C VAL A 483 -11.88 58.00 -62.71
N HIS A 484 -10.71 58.62 -62.83
CA HIS A 484 -9.60 57.95 -63.49
C HIS A 484 -9.21 56.68 -62.73
N GLN A 485 -8.98 56.81 -61.42
CA GLN A 485 -8.57 55.65 -60.64
C GLN A 485 -9.66 54.59 -60.60
N GLY A 486 -10.93 55.01 -60.52
CA GLY A 486 -12.00 54.04 -60.49
C GLY A 486 -12.10 53.24 -61.76
N LEU A 487 -12.04 53.90 -62.91
CA LEU A 487 -12.09 53.15 -64.16
C LEU A 487 -10.84 52.29 -64.32
N ILE A 488 -9.69 52.76 -63.83
CA ILE A 488 -8.49 51.95 -63.87
C ILE A 488 -8.68 50.66 -63.09
N ARG A 489 -9.27 50.77 -61.90
CA ARG A 489 -9.56 49.57 -61.12
C ARG A 489 -10.60 48.70 -61.84
N ILE A 490 -11.57 49.33 -62.50
CA ILE A 490 -12.63 48.58 -63.15
C ILE A 490 -12.08 47.73 -64.28
N CYS A 491 -11.24 48.33 -65.13
CA CYS A 491 -10.73 47.58 -66.28
C CYS A 491 -9.74 46.49 -65.88
N SER A 492 -9.32 46.45 -64.61
CA SER A 492 -8.42 45.41 -64.15
C SER A 492 -9.08 44.05 -64.06
N LYS A 493 -10.41 43.97 -64.23
CA LYS A 493 -11.10 42.69 -64.14
C LYS A 493 -10.64 41.77 -65.27
N PRO A 494 -10.51 40.47 -65.00
CA PRO A 494 -10.04 39.54 -66.04
C PRO A 494 -11.09 39.23 -67.10
N VAL A 495 -10.76 38.31 -67.99
CA VAL A 495 -11.64 37.93 -69.09
C VAL A 495 -12.37 36.64 -68.71
N VAL A 496 -13.54 36.45 -69.31
CA VAL A 496 -14.37 35.28 -69.06
C VAL A 496 -14.20 34.29 -70.19
N LEU A 497 -14.30 33.00 -69.86
CA LEU A 497 -14.18 31.92 -70.84
C LEU A 497 -15.34 30.96 -70.63
N PRO A 498 -16.14 30.68 -71.68
CA PRO A 498 -17.28 29.76 -71.58
C PRO A 498 -16.88 28.29 -71.70
N TRP A 519 -11.30 38.21 -51.48
CA TRP A 519 -12.18 37.13 -51.06
C TRP A 519 -12.53 36.21 -52.23
N LYS A 520 -13.44 36.68 -53.09
CA LYS A 520 -13.85 35.94 -54.28
C LYS A 520 -13.60 36.81 -55.52
N VAL A 521 -13.76 36.19 -56.68
CA VAL A 521 -13.47 36.86 -57.95
C VAL A 521 -14.60 37.82 -58.30
N PRO A 522 -14.28 39.10 -58.50
CA PRO A 522 -15.30 40.04 -58.99
C PRO A 522 -15.25 40.17 -60.51
N THR A 523 -16.19 40.90 -61.09
CA THR A 523 -16.17 41.16 -62.52
C THR A 523 -16.28 42.65 -62.80
N TYR A 524 -16.47 43.01 -64.07
CA TYR A 524 -16.64 44.40 -64.46
C TYR A 524 -18.09 44.77 -64.72
N LYS A 525 -18.92 43.81 -65.17
CA LYS A 525 -20.30 44.12 -65.48
C LYS A 525 -21.09 44.51 -64.24
N ASP A 526 -20.78 43.91 -63.09
CA ASP A 526 -21.57 44.16 -61.89
C ASP A 526 -21.60 45.64 -61.54
N TYR A 527 -20.58 46.39 -61.93
CA TYR A 527 -20.50 47.80 -61.58
C TYR A 527 -21.43 48.68 -62.42
N VAL A 528 -21.87 48.20 -63.59
CA VAL A 528 -22.41 49.11 -64.61
C VAL A 528 -23.59 49.90 -64.05
N ASP A 529 -24.56 49.20 -63.46
CA ASP A 529 -25.73 49.87 -62.91
C ASP A 529 -25.32 50.95 -61.93
N LEU A 530 -24.38 50.65 -61.05
CA LEU A 530 -23.81 51.61 -60.13
C LEU A 530 -23.60 52.95 -60.82
N PHE A 531 -22.78 52.95 -61.88
CA PHE A 531 -22.44 54.21 -62.50
C PHE A 531 -23.64 54.85 -63.18
N ARG A 532 -24.54 54.04 -63.76
CA ARG A 532 -25.73 54.64 -64.34
C ARG A 532 -26.61 55.24 -63.26
N HIS A 533 -26.57 54.68 -62.05
CA HIS A 533 -27.21 55.35 -60.93
C HIS A 533 -26.59 56.71 -60.71
N LEU A 534 -25.25 56.78 -60.77
CA LEU A 534 -24.57 58.06 -60.75
C LEU A 534 -25.07 58.96 -61.88
N LEU A 535 -25.35 58.37 -63.03
CA LEU A 535 -25.90 59.14 -64.14
C LEU A 535 -27.41 59.32 -64.05
N SER A 536 -28.09 58.56 -63.18
CA SER A 536 -29.52 58.70 -62.97
C SER A 536 -29.82 59.02 -61.51
N SER A 537 -29.06 59.97 -60.96
CA SER A 537 -29.19 60.38 -59.58
C SER A 537 -29.93 61.70 -59.41
N ASP A 538 -30.61 62.17 -60.45
CA ASP A 538 -31.30 63.45 -60.36
C ASP A 538 -32.36 63.42 -59.28
N GLN A 539 -33.15 62.34 -59.23
CA GLN A 539 -34.17 62.17 -58.20
C GLN A 539 -33.56 62.06 -56.82
N MET A 540 -32.25 61.80 -56.71
CA MET A 540 -31.55 61.85 -55.44
C MET A 540 -30.88 63.18 -55.19
N MET A 541 -30.28 63.80 -56.22
CA MET A 541 -29.56 65.04 -56.01
C MET A 541 -30.51 66.17 -55.65
N ASP A 542 -31.72 66.18 -56.24
CA ASP A 542 -32.68 67.21 -55.86
C ASP A 542 -33.10 67.06 -54.41
N SER A 543 -33.34 65.83 -53.97
CA SER A 543 -33.73 65.58 -52.58
C SER A 543 -32.61 65.99 -51.62
N ILE A 544 -31.37 65.69 -51.97
CA ILE A 544 -30.25 66.11 -51.13
C ILE A 544 -30.11 67.63 -51.15
N LEU A 545 -30.39 68.27 -52.29
CA LEU A 545 -30.40 69.72 -52.35
C LEU A 545 -31.47 70.30 -51.42
N ALA A 546 -32.57 69.59 -51.24
CA ALA A 546 -33.61 70.06 -50.33
C ALA A 546 -33.08 70.17 -48.90
N ASP A 547 -32.29 69.20 -48.46
CA ASP A 547 -31.73 69.24 -47.12
C ASP A 547 -30.33 68.63 -47.08
N SER A 559 -27.39 69.20 -65.23
CA SER A 559 -26.32 70.05 -64.73
C SER A 559 -25.29 69.23 -63.96
N LEU A 560 -25.65 68.87 -62.73
CA LEU A 560 -24.72 68.14 -61.88
C LEU A 560 -24.38 66.77 -62.47
N ASN A 561 -25.40 65.94 -62.68
CA ASN A 561 -25.18 64.68 -63.39
C ASN A 561 -24.63 64.94 -64.79
N HIS A 562 -25.02 66.06 -65.40
CA HIS A 562 -24.42 66.45 -66.66
C HIS A 562 -22.93 66.72 -66.52
N LEU A 563 -22.54 67.37 -65.43
CA LEU A 563 -21.11 67.60 -65.18
C LEU A 563 -20.37 66.29 -65.00
N LEU A 564 -20.98 65.34 -64.28
CA LEU A 564 -20.37 64.02 -64.14
C LEU A 564 -20.22 63.35 -65.49
N TYR A 565 -21.25 63.44 -66.33
CA TYR A 565 -21.18 62.92 -67.68
C TYR A 565 -20.01 63.51 -68.45
N ASP A 566 -19.89 64.84 -68.41
CA ASP A 566 -18.82 65.52 -69.16
C ASP A 566 -17.45 65.07 -68.67
N GLU A 567 -17.28 65.01 -67.36
CA GLU A 567 -15.98 64.66 -66.81
C GLU A 567 -15.65 63.20 -67.06
N PHE A 568 -16.68 62.33 -67.08
CA PHE A 568 -16.46 60.95 -67.46
C PHE A 568 -16.00 60.84 -68.91
N VAL A 569 -16.60 61.65 -69.78
CA VAL A 569 -16.16 61.67 -71.18
C VAL A 569 -14.70 62.10 -71.27
N LYS A 570 -14.33 63.12 -70.48
CA LYS A 570 -12.94 63.57 -70.48
C LYS A 570 -12.01 62.45 -70.00
N SER A 571 -12.43 61.72 -68.96
CA SER A 571 -11.62 60.61 -68.47
C SER A 571 -11.48 59.53 -69.54
N VAL A 572 -12.57 59.23 -70.26
CA VAL A 572 -12.50 58.26 -71.33
C VAL A 572 -11.50 58.70 -72.38
N LEU A 573 -11.54 59.98 -72.76
CA LEU A 573 -10.59 60.51 -73.71
C LEU A 573 -9.15 60.30 -73.24
N LYS A 574 -8.86 60.72 -72.01
CA LYS A 574 -7.47 60.66 -71.56
C LYS A 574 -6.99 59.22 -71.46
N ILE A 575 -7.85 58.31 -71.00
CA ILE A 575 -7.41 56.92 -70.84
C ILE A 575 -7.22 56.26 -72.20
N VAL A 576 -8.13 56.51 -73.14
CA VAL A 576 -7.96 55.91 -74.46
C VAL A 576 -6.72 56.48 -75.13
N GLU A 577 -6.35 57.72 -74.81
CA GLU A 577 -5.08 58.24 -75.29
C GLU A 577 -3.91 57.51 -74.64
N LYS A 578 -4.02 57.21 -73.34
CA LYS A 578 -2.91 56.59 -72.63
C LYS A 578 -2.64 55.17 -73.09
N LEU A 579 -3.70 54.45 -73.48
CA LEU A 579 -3.59 53.01 -73.67
C LEU A 579 -2.61 52.65 -74.79
N ASP A 580 -1.96 51.51 -74.64
CA ASP A 580 -1.05 50.96 -75.62
C ASP A 580 -1.75 49.82 -76.37
N LEU A 581 -1.68 49.86 -77.70
CA LEU A 581 -2.48 48.94 -78.51
C LEU A 581 -1.66 48.17 -79.54
N THR A 582 -0.35 48.04 -79.35
CA THR A 582 0.49 47.38 -80.34
C THR A 582 0.47 45.86 -80.14
N LEU A 583 0.41 45.13 -81.25
CA LEU A 583 0.41 43.68 -81.24
C LEU A 583 1.24 43.19 -82.42
N GLU A 584 1.38 41.86 -82.52
CA GLU A 584 2.16 41.25 -83.59
C GLU A 584 1.38 40.13 -84.26
N ILE A 585 2.03 39.38 -85.15
CA ILE A 585 1.37 38.31 -85.89
C ILE A 585 2.12 37.00 -85.69
N GLN A 586 2.81 36.86 -84.56
CA GLN A 586 3.55 35.63 -84.29
C GLN A 586 2.75 34.69 -83.38
N ALA A 610 -5.25 37.49 -89.22
CA ALA A 610 -4.14 36.55 -89.20
C ALA A 610 -3.90 36.02 -87.79
N ASN A 611 -2.80 36.48 -87.18
CA ASN A 611 -2.43 36.06 -85.83
C ASN A 611 -2.44 37.27 -84.91
N LEU A 612 -3.08 37.11 -83.75
CA LEU A 612 -3.10 38.13 -82.72
C LEU A 612 -1.97 37.83 -81.72
N HIS A 613 -0.94 38.68 -81.72
CA HIS A 613 0.20 38.52 -80.83
C HIS A 613 0.38 39.84 -80.08
N PRO A 614 -0.40 40.06 -79.04
CA PRO A 614 -0.31 41.33 -78.30
C PRO A 614 1.07 41.54 -77.67
N ALA A 615 1.52 42.79 -77.69
CA ALA A 615 2.72 43.14 -76.93
C ALA A 615 2.42 43.21 -75.44
N LYS A 616 1.28 43.80 -75.07
CA LYS A 616 0.83 43.89 -73.68
C LYS A 616 -0.61 43.39 -73.63
N PRO A 617 -0.79 42.07 -73.61
CA PRO A 617 -2.16 41.52 -73.68
C PRO A 617 -3.04 41.95 -72.52
N LYS A 618 -2.48 42.18 -71.34
CA LYS A 618 -3.28 42.65 -70.22
C LYS A 618 -3.90 44.01 -70.52
N ASP A 619 -3.14 44.88 -71.19
CA ASP A 619 -3.69 46.16 -71.61
C ASP A 619 -4.83 45.95 -72.60
N PHE A 620 -4.71 44.98 -73.50
CA PHE A 620 -5.79 44.71 -74.44
C PHE A 620 -7.04 44.21 -73.72
N SER A 621 -6.85 43.34 -72.71
CA SER A 621 -7.98 42.86 -71.95
C SER A 621 -8.68 43.99 -71.21
N ALA A 622 -7.89 44.86 -70.58
CA ALA A 622 -8.48 46.03 -69.93
C ALA A 622 -9.21 46.89 -70.94
N PHE A 623 -8.62 47.06 -72.12
CA PHE A 623 -9.24 47.86 -73.17
C PHE A 623 -10.60 47.31 -73.57
N ILE A 624 -10.67 46.01 -73.84
CA ILE A 624 -11.92 45.43 -74.30
C ILE A 624 -12.96 45.45 -73.18
N ASN A 625 -12.52 45.22 -71.94
CA ASN A 625 -13.46 45.29 -70.82
C ASN A 625 -14.04 46.69 -70.69
N LEU A 626 -13.20 47.72 -70.76
CA LEU A 626 -13.71 49.08 -70.63
C LEU A 626 -14.52 49.49 -71.85
N VAL A 627 -14.21 48.94 -73.02
CA VAL A 627 -15.01 49.24 -74.20
C VAL A 627 -16.42 48.68 -74.03
N GLU A 628 -16.53 47.44 -73.56
CA GLU A 628 -17.85 46.88 -73.28
C GLU A 628 -18.56 47.71 -72.22
N PHE A 629 -17.82 48.09 -71.17
CA PHE A 629 -18.40 48.87 -70.09
C PHE A 629 -18.98 50.18 -70.61
N CYS A 630 -18.18 50.93 -71.36
CA CYS A 630 -18.61 52.24 -71.83
C CYS A 630 -19.72 52.12 -72.87
N ARG A 631 -19.67 51.09 -73.72
CA ARG A 631 -20.72 50.94 -74.71
C ARG A 631 -22.04 50.54 -74.06
N GLU A 632 -22.00 49.89 -72.90
CA GLU A 632 -23.25 49.59 -72.22
C GLU A 632 -23.67 50.69 -71.24
N ILE A 633 -22.79 51.63 -70.92
CA ILE A 633 -23.18 52.76 -70.07
C ILE A 633 -23.62 53.97 -70.88
N LEU A 634 -23.08 54.16 -72.08
CA LEU A 634 -23.33 55.39 -72.83
C LEU A 634 -24.78 55.56 -73.26
N PRO A 635 -25.42 54.59 -73.93
CA PRO A 635 -26.63 54.93 -74.71
C PRO A 635 -27.80 55.50 -73.90
N GLU A 636 -28.03 55.01 -72.68
CA GLU A 636 -29.29 55.30 -72.01
C GLU A 636 -29.42 56.78 -71.67
N LYS A 637 -28.33 57.42 -71.28
CA LYS A 637 -28.40 58.83 -70.92
C LYS A 637 -28.54 59.70 -72.16
N GLN A 638 -29.08 60.89 -71.96
CA GLN A 638 -29.27 61.82 -73.06
C GLN A 638 -27.93 62.22 -73.68
N ALA A 639 -27.86 62.18 -75.00
CA ALA A 639 -26.65 62.54 -75.72
C ALA A 639 -26.47 64.04 -75.84
N GLU A 640 -27.47 64.83 -75.44
CA GLU A 640 -27.25 66.27 -75.34
C GLU A 640 -26.15 66.58 -74.34
N PHE A 641 -25.98 65.72 -73.33
CA PHE A 641 -24.82 65.81 -72.47
C PHE A 641 -23.54 65.40 -73.17
N PHE A 642 -23.63 64.82 -74.38
CA PHE A 642 -22.48 64.40 -75.14
C PHE A 642 -22.24 65.23 -76.39
N GLU A 643 -23.21 66.03 -76.82
CA GLU A 643 -23.11 66.71 -78.11
C GLU A 643 -21.84 67.53 -78.32
N PRO A 644 -21.27 68.24 -77.33
CA PRO A 644 -20.03 68.99 -77.62
C PRO A 644 -18.90 68.11 -78.13
N TRP A 645 -18.79 66.88 -77.62
CA TRP A 645 -17.75 65.98 -78.09
C TRP A 645 -18.11 65.35 -79.43
N VAL A 646 -19.37 65.43 -79.83
CA VAL A 646 -19.93 64.73 -80.98
C VAL A 646 -18.99 64.82 -82.17
N TYR A 647 -18.38 65.99 -82.37
CA TYR A 647 -17.33 66.11 -83.38
C TYR A 647 -15.99 65.64 -82.84
N SER A 648 -15.45 66.37 -81.87
CA SER A 648 -14.04 66.24 -81.54
C SER A 648 -13.71 64.83 -81.09
N PHE A 649 -14.47 64.33 -80.10
CA PHE A 649 -14.35 62.94 -79.69
C PHE A 649 -14.33 62.03 -80.91
N SER A 650 -15.43 62.07 -81.68
CA SER A 650 -15.49 61.23 -82.87
C SER A 650 -14.26 61.43 -83.73
N TYR A 651 -13.86 62.69 -83.93
CA TYR A 651 -12.67 62.99 -84.71
C TYR A 651 -11.49 62.15 -84.26
N GLU A 652 -11.10 62.28 -82.99
CA GLU A 652 -9.92 61.56 -82.54
C GLU A 652 -10.14 60.06 -82.62
N LEU A 653 -11.38 59.61 -82.42
CA LEU A 653 -11.67 58.19 -82.57
C LEU A 653 -11.24 57.71 -83.94
N ILE A 654 -11.62 58.47 -84.97
CA ILE A 654 -11.24 58.12 -86.34
C ILE A 654 -9.73 57.97 -86.41
N LEU A 655 -9.01 58.95 -85.87
CA LEU A 655 -7.56 58.87 -85.85
C LEU A 655 -7.10 57.56 -85.23
N GLN A 656 -7.63 57.25 -84.05
CA GLN A 656 -7.26 56.00 -83.39
C GLN A 656 -7.55 54.81 -84.30
N SER A 657 -8.74 54.78 -84.90
CA SER A 657 -9.09 53.66 -85.76
C SER A 657 -8.20 53.61 -86.99
N THR A 658 -7.71 54.75 -87.45
CA THR A 658 -6.80 54.73 -88.58
C THR A 658 -5.46 54.13 -88.19
N ARG A 659 -5.06 54.28 -86.92
CA ARG A 659 -3.83 53.66 -86.47
C ARG A 659 -3.93 52.14 -86.52
N LEU A 660 -5.06 51.60 -86.07
CA LEU A 660 -5.26 50.15 -86.03
C LEU A 660 -6.70 49.85 -86.38
N PRO A 661 -6.99 49.72 -87.69
CA PRO A 661 -8.35 49.34 -88.10
C PRO A 661 -8.71 47.90 -87.80
N LEU A 662 -7.83 47.17 -87.11
CA LEU A 662 -8.03 45.78 -86.77
C LEU A 662 -8.61 45.59 -85.38
N ILE A 663 -9.26 46.61 -84.82
CA ILE A 663 -9.83 46.56 -83.48
C ILE A 663 -11.33 46.68 -83.59
N SER A 664 -12.04 45.67 -83.06
CA SER A 664 -13.49 45.70 -83.06
C SER A 664 -14.03 46.76 -82.10
N GLY A 665 -13.29 47.01 -81.01
CA GLY A 665 -13.75 47.99 -80.04
C GLY A 665 -13.88 49.37 -80.65
N PHE A 666 -12.99 49.72 -81.57
CA PHE A 666 -13.12 51.00 -82.27
C PHE A 666 -14.45 51.10 -82.98
N TYR A 667 -14.82 50.06 -83.74
CA TYR A 667 -16.09 50.11 -84.45
C TYR A 667 -17.26 50.12 -83.48
N LYS A 668 -17.15 49.40 -82.36
CA LYS A 668 -18.23 49.38 -81.39
C LYS A 668 -18.46 50.76 -80.79
N LEU A 669 -17.38 51.42 -80.37
CA LEU A 669 -17.52 52.74 -79.79
C LEU A 669 -17.99 53.75 -80.82
N LEU A 670 -17.55 53.61 -82.07
CA LEU A 670 -18.06 54.47 -83.13
C LEU A 670 -19.56 54.26 -83.32
N SER A 671 -19.99 53.01 -83.26
CA SER A 671 -21.40 52.71 -83.42
C SER A 671 -22.24 53.33 -82.32
N ILE A 672 -21.80 53.19 -81.06
CA ILE A 672 -22.57 53.77 -79.97
C ILE A 672 -22.54 55.30 -80.08
N THR A 673 -21.42 55.85 -80.51
CA THR A 673 -21.31 57.29 -80.67
C THR A 673 -22.30 57.81 -81.71
N VAL A 674 -22.35 57.14 -82.86
CA VAL A 674 -23.24 57.61 -83.92
C VAL A 674 -24.70 57.36 -83.55
N ARG A 675 -24.98 56.29 -82.80
CA ARG A 675 -26.33 56.09 -82.30
C ARG A 675 -26.76 57.24 -81.39
N ASN A 676 -25.87 57.63 -80.48
CA ASN A 676 -26.18 58.76 -79.61
C ASN A 676 -26.34 60.04 -80.40
N ALA A 677 -25.50 60.25 -81.41
CA ALA A 677 -25.62 61.44 -82.25
C ALA A 677 -26.95 61.47 -82.98
N LYS A 678 -27.37 60.33 -83.53
CA LYS A 678 -28.66 60.27 -84.20
C LYS A 678 -29.80 60.43 -83.21
N LYS A 679 -29.58 60.08 -81.94
CA LYS A 679 -30.61 60.27 -80.94
C LYS A 679 -30.98 61.74 -80.80
N ILE A 680 -29.98 62.63 -80.86
CA ILE A 680 -30.24 64.08 -80.85
C ILE A 680 -30.42 64.64 -82.25
N LYS A 681 -30.24 63.83 -83.29
CA LYS A 681 -30.32 64.28 -84.67
C LYS A 681 -29.35 65.42 -84.93
N TYR A 682 -28.08 65.14 -84.62
CA TYR A 682 -27.03 66.13 -84.85
C TYR A 682 -26.79 66.39 -86.33
N PHE A 683 -27.17 65.48 -87.20
CA PHE A 683 -26.85 65.56 -88.62
C PHE A 683 -27.97 66.24 -89.38
N GLU A 684 -27.60 67.20 -90.23
CA GLU A 684 -28.56 67.91 -91.08
C GLU A 684 -28.15 67.99 -92.54
N GLY A 685 -26.89 67.76 -92.89
CA GLY A 685 -26.46 67.80 -94.26
C GLY A 685 -26.26 69.20 -94.82
N ASP A 697 -23.85 74.06 -90.09
CA ASP A 697 -22.66 74.51 -89.38
C ASP A 697 -21.39 73.98 -90.01
N PRO A 698 -20.36 74.83 -90.09
CA PRO A 698 -19.07 74.34 -90.60
C PRO A 698 -18.52 73.16 -89.82
N GLU A 699 -18.68 73.17 -88.49
CA GLU A 699 -18.32 72.00 -87.71
C GLU A 699 -19.17 70.80 -88.10
N LYS A 700 -20.46 71.01 -88.31
CA LYS A 700 -21.34 69.93 -88.73
C LYS A 700 -20.93 69.40 -90.10
N TYR A 701 -20.63 70.30 -91.05
CA TYR A 701 -20.25 69.87 -92.38
C TYR A 701 -18.93 69.10 -92.36
N SER A 702 -17.96 69.58 -91.57
CA SER A 702 -16.72 68.84 -91.43
C SER A 702 -16.97 67.47 -90.80
N CYS A 703 -17.86 67.40 -89.82
CA CYS A 703 -18.22 66.12 -89.22
C CYS A 703 -18.80 65.18 -90.27
N PHE A 704 -19.68 65.70 -91.13
CA PHE A 704 -20.25 64.87 -92.19
C PHE A 704 -19.17 64.42 -93.17
N ALA A 705 -18.17 65.27 -93.42
CA ALA A 705 -17.08 64.87 -94.29
C ALA A 705 -16.29 63.72 -93.67
N LEU A 706 -15.99 63.83 -92.37
CA LEU A 706 -15.36 62.71 -91.68
C LEU A 706 -16.22 61.46 -91.80
N PHE A 707 -17.54 61.62 -91.65
CA PHE A 707 -18.44 60.48 -91.71
C PHE A 707 -18.40 59.82 -93.08
N VAL A 708 -18.48 60.61 -94.15
CA VAL A 708 -18.49 60.01 -95.49
C VAL A 708 -17.17 59.31 -95.76
N LYS A 709 -16.05 59.96 -95.42
CA LYS A 709 -14.75 59.35 -95.66
C LYS A 709 -14.62 58.04 -94.91
N PHE A 710 -14.88 58.07 -93.60
CA PHE A 710 -14.72 56.88 -92.79
C PHE A 710 -15.69 55.78 -93.21
N GLY A 711 -16.93 56.15 -93.51
CA GLY A 711 -17.91 55.16 -93.90
C GLY A 711 -17.53 54.45 -95.19
N LYS A 712 -17.12 55.21 -96.20
CA LYS A 712 -16.76 54.56 -97.45
C LYS A 712 -15.51 53.71 -97.28
N GLU A 713 -14.52 54.19 -96.50
CA GLU A 713 -13.31 53.39 -96.37
C GLU A 713 -13.56 52.11 -95.58
N VAL A 714 -14.40 52.17 -94.55
CA VAL A 714 -14.69 50.92 -93.84
C VAL A 714 -15.60 50.03 -94.70
N ALA A 715 -16.50 50.62 -95.48
CA ALA A 715 -17.36 49.81 -96.33
C ALA A 715 -16.56 49.06 -97.38
N VAL A 716 -15.44 49.62 -97.81
CA VAL A 716 -14.59 48.87 -98.74
C VAL A 716 -13.62 47.94 -98.01
N LYS A 717 -13.13 48.33 -96.83
CA LYS A 717 -12.15 47.51 -96.13
C LYS A 717 -12.78 46.36 -95.37
N MET A 718 -14.11 46.34 -95.21
CA MET A 718 -14.76 45.23 -94.53
C MET A 718 -14.54 43.92 -95.28
N LYS A 719 -14.32 44.00 -96.59
CA LYS A 719 -14.15 42.79 -97.39
C LYS A 719 -12.97 41.97 -96.91
N GLN A 720 -11.86 42.63 -96.60
CA GLN A 720 -10.67 41.95 -96.10
C GLN A 720 -10.79 41.61 -94.62
N TYR A 721 -11.84 42.05 -93.96
CA TYR A 721 -12.02 41.80 -92.54
C TYR A 721 -12.80 40.51 -92.32
N LYS A 722 -12.51 39.84 -91.22
CA LYS A 722 -13.06 38.54 -90.91
C LYS A 722 -13.95 38.63 -89.66
N ASP A 723 -14.68 37.55 -89.41
CA ASP A 723 -15.61 37.52 -88.30
C ASP A 723 -14.89 37.80 -86.98
N GLU A 724 -15.70 38.17 -85.97
CA GLU A 724 -15.34 38.63 -84.62
C GLU A 724 -14.54 39.93 -84.73
N LEU A 725 -14.26 40.34 -85.96
CA LEU A 725 -13.80 41.67 -86.31
C LEU A 725 -14.73 42.31 -87.31
N LEU A 726 -15.07 41.59 -88.38
CA LEU A 726 -16.06 42.08 -89.33
C LEU A 726 -17.42 42.23 -88.67
N ALA A 727 -17.71 41.46 -87.62
CA ALA A 727 -18.99 41.59 -86.94
C ALA A 727 -19.18 43.00 -86.41
N SER A 728 -18.21 43.48 -85.62
CA SER A 728 -18.31 44.84 -85.10
C SER A 728 -18.19 45.88 -86.20
N CYS A 729 -17.42 45.56 -87.26
CA CYS A 729 -17.29 46.49 -88.37
C CYS A 729 -18.64 46.73 -89.04
N LEU A 730 -19.34 45.66 -89.40
CA LEU A 730 -20.67 45.82 -89.98
C LEU A 730 -21.65 46.38 -88.97
N THR A 731 -21.44 46.10 -87.68
CA THR A 731 -22.27 46.71 -86.65
C THR A 731 -22.18 48.23 -86.72
N PHE A 732 -20.96 48.75 -86.84
CA PHE A 732 -20.78 50.17 -87.05
C PHE A 732 -21.39 50.61 -88.37
N LEU A 733 -21.19 49.79 -89.42
CA LEU A 733 -21.67 50.15 -90.75
C LEU A 733 -23.17 50.40 -90.76
N LEU A 734 -23.94 49.45 -90.24
CA LEU A 734 -25.39 49.62 -90.21
C LEU A 734 -25.81 50.76 -89.29
N SER A 735 -24.97 51.17 -88.35
CA SER A 735 -25.33 52.21 -87.41
C SER A 735 -25.36 53.59 -88.02
N LEU A 736 -24.97 53.74 -89.28
CA LEU A 736 -24.95 55.06 -89.89
C LEU A 736 -26.36 55.59 -90.10
N PRO A 737 -26.55 56.91 -90.00
CA PRO A 737 -27.89 57.49 -90.22
C PRO A 737 -28.17 57.68 -91.70
N HIS A 738 -29.44 57.49 -92.05
CA HIS A 738 -29.91 57.45 -93.44
C HIS A 738 -29.29 58.51 -94.34
N ASN A 739 -29.15 59.72 -93.82
CA ASN A 739 -28.66 60.82 -94.66
C ASN A 739 -27.24 60.57 -95.13
N ILE A 740 -26.46 59.79 -94.38
CA ILE A 740 -25.09 59.53 -94.80
C ILE A 740 -25.05 58.42 -95.85
N ILE A 741 -26.08 57.58 -95.91
CA ILE A 741 -26.15 56.53 -96.91
C ILE A 741 -26.58 57.06 -98.27
N GLU A 742 -27.28 58.21 -98.30
CA GLU A 742 -27.86 58.72 -99.54
C GLU A 742 -26.86 58.80 -100.69
N LEU A 743 -25.57 58.81 -100.40
CA LEU A 743 -24.53 58.79 -101.41
C LEU A 743 -23.90 57.40 -101.43
N ASP A 744 -23.89 56.77 -102.60
CA ASP A 744 -23.27 55.47 -102.81
C ASP A 744 -23.85 54.41 -101.86
N VAL A 745 -25.14 54.13 -102.06
CA VAL A 745 -25.75 53.03 -101.34
C VAL A 745 -25.14 51.69 -101.75
N ARG A 746 -24.49 51.64 -102.92
CA ARG A 746 -23.99 50.39 -103.47
C ARG A 746 -23.06 49.69 -102.48
N ALA A 747 -22.01 50.39 -102.03
CA ALA A 747 -21.07 49.79 -101.10
C ALA A 747 -21.73 49.41 -99.79
N TYR A 748 -22.84 50.06 -99.45
CA TYR A 748 -23.55 49.75 -98.23
C TYR A 748 -24.45 48.52 -98.36
N VAL A 749 -24.68 48.05 -99.58
CA VAL A 749 -25.58 46.92 -99.79
C VAL A 749 -24.95 45.62 -99.31
N PRO A 750 -23.82 45.15 -99.88
CA PRO A 750 -23.40 43.77 -99.61
C PRO A 750 -23.12 43.50 -98.14
N ALA A 751 -22.49 44.46 -97.46
CA ALA A 751 -22.23 44.30 -96.03
C ALA A 751 -23.53 44.00 -95.29
N LEU A 752 -24.55 44.83 -95.51
CA LEU A 752 -25.86 44.57 -94.95
C LEU A 752 -26.31 43.15 -95.28
N GLN A 753 -26.21 42.78 -96.55
CA GLN A 753 -26.53 41.40 -96.94
C GLN A 753 -25.69 40.42 -96.14
N MET A 754 -24.37 40.61 -96.14
CA MET A 754 -23.52 39.74 -95.35
C MET A 754 -23.93 39.78 -93.89
N ALA A 755 -24.33 40.96 -93.41
CA ALA A 755 -24.81 41.08 -92.03
C ALA A 755 -25.89 40.06 -91.74
N PHE A 756 -26.87 39.96 -92.64
CA PHE A 756 -27.95 39.00 -92.43
C PHE A 756 -27.41 37.58 -92.30
N LYS A 757 -26.45 37.23 -93.15
CA LYS A 757 -25.76 35.95 -92.99
C LYS A 757 -25.24 35.83 -91.57
N LEU A 758 -24.38 36.76 -91.16
CA LEU A 758 -23.93 36.79 -89.78
C LEU A 758 -25.10 36.94 -88.82
N GLY A 759 -26.12 37.70 -89.22
CA GLY A 759 -27.29 37.84 -88.39
C GLY A 759 -27.98 36.53 -88.12
N LEU A 760 -27.97 35.63 -89.10
CA LEU A 760 -28.51 34.30 -88.88
C LEU A 760 -27.65 33.49 -87.92
N SER A 761 -26.34 33.73 -87.92
CA SER A 761 -25.45 33.08 -86.98
C SER A 761 -25.32 33.85 -85.67
N TYR A 762 -25.78 35.10 -85.61
CA TYR A 762 -25.67 35.90 -84.39
C TYR A 762 -26.86 36.86 -84.37
N THR A 763 -27.84 36.55 -83.51
CA THR A 763 -29.11 37.26 -83.55
C THR A 763 -29.02 38.78 -83.34
N PRO A 764 -28.17 39.33 -82.46
CA PRO A 764 -28.17 40.80 -82.31
C PRO A 764 -27.84 41.51 -83.61
N LEU A 765 -26.95 40.93 -84.42
CA LEU A 765 -26.63 41.51 -85.71
C LEU A 765 -27.86 41.54 -86.60
N ALA A 766 -28.63 40.45 -86.63
CA ALA A 766 -29.85 40.44 -87.41
C ALA A 766 -30.82 41.52 -86.93
N GLU A 767 -30.97 41.65 -85.61
CA GLU A 767 -31.89 42.64 -85.07
C GLU A 767 -31.48 44.06 -85.48
N VAL A 768 -30.20 44.38 -85.31
CA VAL A 768 -29.75 45.73 -85.61
C VAL A 768 -29.83 46.01 -87.11
N GLY A 769 -29.55 44.99 -87.93
CA GLY A 769 -29.73 45.16 -89.36
C GLY A 769 -31.18 45.41 -89.72
N LEU A 770 -32.10 44.72 -89.05
CA LEU A 770 -33.51 44.97 -89.27
C LEU A 770 -33.88 46.40 -88.91
N ASN A 771 -33.37 46.89 -87.77
CA ASN A 771 -33.66 48.26 -87.39
C ASN A 771 -33.12 49.24 -88.42
N ALA A 772 -31.89 48.99 -88.91
CA ALA A 772 -31.29 49.89 -89.88
C ALA A 772 -32.08 49.91 -91.18
N LEU A 773 -32.51 48.74 -91.66
CA LEU A 773 -33.29 48.71 -92.88
C LEU A 773 -34.66 49.35 -92.68
N GLU A 774 -35.24 49.20 -91.49
CA GLU A 774 -36.48 49.90 -91.20
C GLU A 774 -36.29 51.40 -91.32
N GLU A 775 -35.19 51.90 -90.75
CA GLU A 775 -34.90 53.33 -90.82
C GLU A 775 -34.70 53.77 -92.27
N TRP A 776 -33.96 52.96 -93.05
CA TRP A 776 -33.72 53.30 -94.45
C TRP A 776 -35.02 53.39 -95.23
N SER A 777 -35.86 52.37 -95.10
CA SER A 777 -37.16 52.38 -95.76
C SER A 777 -38.01 53.55 -95.29
N ILE A 778 -37.87 53.94 -94.02
CA ILE A 778 -38.61 55.09 -93.51
C ILE A 778 -38.19 56.36 -94.23
N TYR A 779 -36.88 56.55 -94.41
CA TYR A 779 -36.39 57.86 -94.81
C TYR A 779 -36.25 58.02 -96.32
N ILE A 780 -35.43 57.17 -96.94
CA ILE A 780 -35.00 57.43 -98.32
C ILE A 780 -36.16 57.19 -99.28
N ASP A 781 -36.07 57.82 -100.45
CA ASP A 781 -37.08 57.65 -101.49
C ASP A 781 -36.93 56.29 -102.19
N ARG A 782 -38.05 55.79 -102.70
CA ARG A 782 -38.05 54.46 -103.30
C ARG A 782 -37.36 54.44 -104.65
N HIS A 783 -37.35 55.57 -105.37
CA HIS A 783 -36.80 55.58 -106.73
C HIS A 783 -35.35 55.13 -106.73
N VAL A 784 -34.56 55.63 -105.79
CA VAL A 784 -33.16 55.19 -105.71
C VAL A 784 -33.09 53.75 -105.19
N MET A 785 -33.92 53.40 -104.21
CA MET A 785 -33.74 52.12 -103.54
C MET A 785 -34.23 50.96 -104.39
N GLN A 786 -35.27 51.19 -105.19
CA GLN A 786 -35.98 50.13 -105.92
C GLN A 786 -35.07 49.16 -106.65
N PRO A 787 -34.17 49.63 -107.55
CA PRO A 787 -33.54 48.70 -108.51
C PRO A 787 -32.75 47.56 -107.90
N TYR A 788 -32.64 47.51 -106.57
CA TYR A 788 -31.85 46.45 -105.94
C TYR A 788 -32.58 45.78 -104.79
N TYR A 789 -33.91 45.94 -104.69
CA TYR A 789 -34.65 45.10 -103.76
C TYR A 789 -34.49 43.62 -104.11
N LYS A 790 -34.37 43.31 -105.40
CA LYS A 790 -34.08 41.95 -105.84
C LYS A 790 -32.77 41.44 -105.25
N ASP A 791 -31.86 42.34 -104.89
CA ASP A 791 -30.69 41.94 -104.13
C ASP A 791 -31.02 41.77 -102.65
N ILE A 792 -31.78 42.70 -102.09
CA ILE A 792 -32.00 42.73 -100.65
C ILE A 792 -32.84 41.53 -100.21
N LEU A 793 -33.95 41.28 -100.91
CA LEU A 793 -34.95 40.34 -100.39
C LEU A 793 -34.44 38.92 -100.22
N PRO A 794 -33.82 38.28 -101.22
CA PRO A 794 -33.52 36.85 -101.07
C PRO A 794 -32.62 36.52 -99.90
N CYS A 795 -31.68 37.41 -99.56
CA CYS A 795 -30.79 37.13 -98.44
C CYS A 795 -31.51 37.19 -97.09
N LEU A 796 -32.75 37.68 -97.06
CA LEU A 796 -33.55 37.66 -95.84
C LEU A 796 -34.29 36.35 -95.64
N ASP A 797 -34.14 35.39 -96.55
CA ASP A 797 -34.83 34.11 -96.42
C ASP A 797 -34.35 33.30 -95.22
N GLY A 798 -33.22 33.68 -94.62
CA GLY A 798 -32.76 32.99 -93.43
C GLY A 798 -33.75 33.16 -92.29
N TYR A 799 -33.84 32.13 -91.46
CA TYR A 799 -34.74 32.02 -90.30
C TYR A 799 -36.20 31.92 -90.70
N LEU A 800 -36.52 31.97 -91.99
CA LEU A 800 -37.91 31.82 -92.42
C LEU A 800 -38.31 30.36 -92.59
N LYS A 801 -37.37 29.50 -92.98
CA LYS A 801 -37.66 28.10 -93.20
C LYS A 801 -37.46 27.25 -91.95
N THR A 802 -37.00 27.84 -90.86
CA THR A 802 -36.79 27.11 -89.61
C THR A 802 -38.12 27.04 -88.87
N SER A 803 -38.79 25.89 -88.98
CA SER A 803 -40.08 25.70 -88.33
C SER A 803 -39.92 25.55 -86.83
N PHE A 826 -44.29 26.05 -53.37
CA PHE A 826 -43.57 26.74 -54.43
C PHE A 826 -44.50 27.68 -55.17
N ASN A 827 -45.48 27.12 -55.86
CA ASN A 827 -46.48 27.89 -56.60
C ASN A 827 -47.87 27.30 -56.38
N LYS A 828 -48.18 26.98 -55.13
CA LYS A 828 -49.43 26.31 -54.84
C LYS A 828 -50.58 27.31 -54.72
N VAL A 829 -51.80 26.77 -54.61
CA VAL A 829 -52.99 27.61 -54.48
C VAL A 829 -52.96 28.40 -53.19
N VAL A 830 -52.15 27.98 -52.22
CA VAL A 830 -52.04 28.70 -50.96
C VAL A 830 -51.53 30.12 -51.22
N LEU A 831 -52.00 31.06 -50.40
CA LEU A 831 -51.62 32.47 -50.53
C LEU A 831 -50.38 32.72 -49.69
N LYS A 832 -49.22 32.73 -50.35
CA LYS A 832 -47.95 33.03 -49.71
C LYS A 832 -47.51 34.47 -49.97
N HIS A 833 -48.47 35.36 -50.28
CA HIS A 833 -48.26 36.75 -50.63
C HIS A 833 -47.49 36.90 -51.94
N LEU A 834 -47.16 35.80 -52.62
CA LEU A 834 -46.46 35.83 -53.89
C LEU A 834 -45.16 36.63 -53.80
N LYS A 835 -44.41 36.38 -52.72
CA LYS A 835 -43.08 36.96 -52.61
C LYS A 835 -42.20 36.53 -53.76
N LYS A 836 -42.43 35.32 -54.28
CA LYS A 836 -41.78 34.91 -55.52
C LYS A 836 -42.15 35.84 -56.66
N THR A 837 -43.43 36.20 -56.76
CA THR A 837 -43.85 37.13 -57.81
C THR A 837 -43.32 38.52 -57.57
N LYS A 838 -43.02 38.87 -56.32
CA LYS A 838 -42.41 40.17 -56.02
C LYS A 838 -41.04 40.31 -56.68
N ASN A 839 -40.39 39.20 -57.01
CA ASN A 839 -39.11 39.23 -57.69
C ASN A 839 -39.33 39.32 -59.20
N LEU A 840 -38.68 40.27 -59.84
CA LEU A 840 -38.80 40.45 -61.28
C LEU A 840 -37.47 40.18 -61.96
N SER A 847 -33.32 36.54 -79.46
CA SER A 847 -33.86 35.20 -79.65
C SER A 847 -34.52 35.07 -81.02
N LEU A 848 -34.66 33.83 -81.48
CA LEU A 848 -35.18 33.59 -82.83
C LEU A 848 -36.61 34.10 -82.99
N GLU A 849 -37.46 33.84 -82.00
CA GLU A 849 -38.88 34.14 -82.14
C GLU A 849 -39.13 35.64 -82.31
N GLU A 850 -38.47 36.47 -81.50
CA GLU A 850 -38.62 37.90 -81.66
C GLU A 850 -38.05 38.37 -83.00
N ILE A 851 -36.98 37.72 -83.46
CA ILE A 851 -36.39 38.07 -84.75
C ILE A 851 -37.40 37.86 -85.86
N ARG A 852 -38.02 36.68 -85.91
CA ARG A 852 -38.98 36.42 -86.98
C ARG A 852 -40.24 37.25 -86.80
N ILE A 853 -40.61 37.58 -85.56
CA ILE A 853 -41.74 38.48 -85.34
C ILE A 853 -41.47 39.82 -86.00
N ARG A 854 -40.30 40.39 -85.75
CA ARG A 854 -39.98 41.66 -86.39
C ARG A 854 -39.72 41.49 -87.89
N VAL A 855 -39.34 40.29 -88.33
CA VAL A 855 -39.17 40.05 -89.76
C VAL A 855 -40.51 40.16 -90.47
N VAL A 856 -41.53 39.48 -89.94
CA VAL A 856 -42.85 39.61 -90.57
C VAL A 856 -43.39 41.01 -90.38
N GLN A 857 -43.06 41.67 -89.25
CA GLN A 857 -43.41 43.06 -89.04
C GLN A 857 -42.92 43.92 -90.20
N MET A 858 -41.62 43.90 -90.45
CA MET A 858 -41.04 44.70 -91.52
C MET A 858 -41.57 44.27 -92.88
N LEU A 859 -41.72 42.96 -93.11
CA LEU A 859 -42.22 42.50 -94.39
C LEU A 859 -43.58 43.10 -94.71
N GLY A 860 -44.50 43.03 -93.76
CA GLY A 860 -45.81 43.62 -94.00
C GLY A 860 -45.77 45.13 -94.08
N SER A 861 -44.94 45.77 -93.25
CA SER A 861 -44.83 47.22 -93.30
C SER A 861 -44.26 47.71 -94.63
N LEU A 862 -43.50 46.87 -95.31
CA LEU A 862 -42.90 47.26 -96.58
C LEU A 862 -43.95 47.42 -97.66
N GLY A 863 -44.74 46.38 -97.89
CA GLY A 863 -45.70 46.37 -98.97
C GLY A 863 -45.30 45.43 -100.09
N GLY A 864 -46.26 45.14 -100.96
CA GLY A 864 -46.06 44.13 -101.97
C GLY A 864 -44.99 44.45 -102.99
N GLN A 865 -44.84 45.73 -103.34
CA GLN A 865 -43.99 46.10 -104.46
C GLN A 865 -42.53 45.76 -104.23
N ILE A 866 -42.12 45.61 -102.96
CA ILE A 866 -40.78 45.18 -102.64
C ILE A 866 -40.74 43.72 -102.20
N ASN A 867 -41.78 43.24 -101.51
CA ASN A 867 -41.80 41.84 -101.09
C ASN A 867 -41.85 40.89 -102.27
N LYS A 868 -42.42 41.33 -103.40
CA LYS A 868 -42.44 40.48 -104.59
C LYS A 868 -41.04 40.12 -105.04
N ASN A 869 -40.06 40.97 -104.72
CA ASN A 869 -38.67 40.73 -105.10
C ASN A 869 -38.03 39.63 -104.29
N LEU A 870 -38.77 38.96 -103.40
CA LEU A 870 -38.22 37.83 -102.66
C LEU A 870 -37.90 36.66 -103.59
N LEU A 871 -38.69 36.48 -104.65
CA LEU A 871 -38.46 35.38 -105.57
C LEU A 871 -38.13 35.89 -106.97
N MET A 879 -36.68 33.96 -114.81
CA MET A 879 -35.33 33.40 -114.85
C MET A 879 -35.34 31.99 -115.42
N MET A 880 -34.23 31.27 -115.23
CA MET A 880 -34.12 29.89 -115.67
C MET A 880 -35.01 28.95 -114.87
N LYS A 881 -35.59 29.45 -113.77
CA LYS A 881 -36.41 28.75 -112.77
C LYS A 881 -35.55 28.01 -111.75
N SER A 882 -34.22 28.01 -111.90
CA SER A 882 -33.31 27.52 -110.87
C SER A 882 -33.64 26.09 -110.44
N TYR A 883 -34.15 25.29 -111.37
CA TYR A 883 -34.44 23.89 -111.10
C TYR A 883 -33.87 23.07 -112.24
N VAL A 884 -33.05 22.07 -111.91
CA VAL A 884 -32.30 21.33 -112.92
C VAL A 884 -32.51 19.84 -112.78
N ALA A 885 -33.03 19.40 -111.63
CA ALA A 885 -33.24 17.96 -111.37
C ALA A 885 -31.91 17.21 -111.50
N TRP A 886 -31.06 17.45 -110.51
CA TRP A 886 -29.61 17.26 -110.57
C TRP A 886 -29.14 16.13 -111.46
N ASP A 887 -29.66 14.92 -111.27
CA ASP A 887 -29.18 13.76 -112.01
C ASP A 887 -30.31 13.12 -112.80
N ARG A 888 -29.97 12.64 -114.00
CA ARG A 888 -30.89 11.90 -114.83
C ARG A 888 -31.01 10.43 -114.43
N GLU A 889 -30.14 9.95 -113.56
CA GLU A 889 -30.12 8.55 -113.15
C GLU A 889 -30.24 8.44 -111.64
N LYS A 890 -30.74 7.31 -111.18
CA LYS A 890 -30.68 6.95 -109.76
C LYS A 890 -29.45 6.12 -109.47
N ARG A 891 -28.29 6.62 -109.89
CA ARG A 891 -27.04 5.88 -109.75
C ARG A 891 -26.59 5.75 -108.30
N LEU A 892 -27.21 6.49 -107.39
CA LEU A 892 -26.99 6.30 -105.95
C LEU A 892 -28.18 5.55 -105.38
N SER A 893 -27.88 4.46 -104.68
CA SER A 893 -28.93 3.56 -104.21
C SER A 893 -28.47 2.92 -102.90
N PHE A 894 -29.43 2.37 -102.16
CA PHE A 894 -29.12 1.65 -100.93
C PHE A 894 -30.20 0.64 -100.66
N ALA A 895 -29.82 -0.63 -100.57
CA ALA A 895 -30.73 -1.70 -100.15
C ALA A 895 -30.74 -1.73 -98.64
N VAL A 896 -31.88 -1.38 -98.05
CA VAL A 896 -31.97 -1.31 -96.58
C VAL A 896 -31.84 -2.70 -95.98
N PRO A 897 -31.02 -2.87 -94.95
CA PRO A 897 -30.96 -4.18 -94.27
C PRO A 897 -32.24 -4.49 -93.53
N PHE A 898 -32.53 -5.78 -93.42
CA PHE A 898 -33.69 -6.27 -92.69
C PHE A 898 -33.46 -7.74 -92.34
N ARG A 899 -34.53 -8.42 -91.96
CA ARG A 899 -34.50 -9.85 -91.69
C ARG A 899 -35.17 -10.68 -92.77
N GLU A 900 -35.98 -10.06 -93.61
CA GLU A 900 -36.79 -10.79 -94.57
C GLU A 900 -36.60 -10.33 -96.01
N MET A 901 -36.43 -9.03 -96.22
CA MET A 901 -36.27 -8.49 -97.57
C MET A 901 -35.41 -7.24 -97.50
N LYS A 902 -34.81 -6.89 -98.64
CA LYS A 902 -33.89 -5.76 -98.72
C LYS A 902 -34.31 -4.85 -99.87
N PRO A 903 -35.36 -4.07 -99.69
CA PRO A 903 -35.73 -3.08 -100.71
C PRO A 903 -34.64 -2.04 -100.87
N VAL A 904 -34.45 -1.59 -102.11
CA VAL A 904 -33.37 -0.67 -102.47
C VAL A 904 -33.93 0.75 -102.51
N ILE A 905 -33.21 1.68 -101.90
CA ILE A 905 -33.64 3.07 -101.79
C ILE A 905 -32.60 3.95 -102.48
N PHE A 906 -33.08 4.81 -103.37
CA PHE A 906 -32.23 5.80 -104.03
C PHE A 906 -32.13 7.04 -103.15
N LEU A 907 -30.90 7.44 -102.84
CA LEU A 907 -30.66 8.55 -101.93
C LEU A 907 -30.44 9.86 -102.68
N ASP A 908 -30.60 9.86 -104.00
CA ASP A 908 -30.29 11.05 -104.79
C ASP A 908 -31.20 12.22 -104.42
N VAL A 909 -32.49 11.97 -104.29
CA VAL A 909 -33.45 13.06 -104.07
C VAL A 909 -33.17 13.80 -102.78
N PHE A 910 -32.59 13.10 -101.79
CA PHE A 910 -32.30 13.75 -100.51
C PHE A 910 -31.11 14.69 -100.61
N LEU A 911 -30.20 14.41 -101.56
CA LEU A 911 -28.95 15.15 -101.65
C LEU A 911 -29.11 16.66 -101.73
N PRO A 912 -30.00 17.22 -102.58
CA PRO A 912 -30.14 18.68 -102.60
C PRO A 912 -30.70 19.22 -101.29
N ARG A 913 -31.79 18.64 -100.82
CA ARG A 913 -32.49 19.16 -99.64
C ARG A 913 -31.54 19.29 -98.46
N VAL A 914 -30.96 18.17 -98.01
CA VAL A 914 -30.05 18.19 -96.87
C VAL A 914 -29.00 19.26 -97.06
N THR A 915 -28.58 19.49 -98.31
CA THR A 915 -27.60 20.54 -98.61
C THR A 915 -27.99 21.85 -97.94
N GLU A 916 -29.14 22.43 -98.33
CA GLU A 916 -29.55 23.67 -97.70
C GLU A 916 -29.82 23.46 -96.22
N LEU A 917 -30.32 22.27 -95.86
CA LEU A 917 -30.53 21.96 -94.46
C LEU A 917 -29.20 21.94 -93.71
N ALA A 918 -28.15 21.46 -94.38
CA ALA A 918 -26.82 21.53 -93.79
C ALA A 918 -26.26 22.95 -93.83
N LEU A 919 -26.78 23.80 -94.71
CA LEU A 919 -26.24 25.15 -94.89
C LEU A 919 -26.98 26.18 -94.07
N THR A 920 -28.28 26.30 -94.28
CA THR A 920 -29.10 27.34 -93.64
C THR A 920 -30.18 26.67 -92.81
N ALA A 921 -29.97 26.65 -91.48
CA ALA A 921 -30.96 26.13 -90.55
C ALA A 921 -30.60 26.53 -89.13
N SER A 922 -31.59 26.97 -88.36
CA SER A 922 -31.39 27.29 -86.96
C SER A 922 -31.37 26.00 -86.15
N ASP A 923 -31.42 26.12 -84.82
CA ASP A 923 -31.43 24.97 -83.92
C ASP A 923 -30.21 24.09 -84.16
N ARG A 924 -29.06 24.64 -83.75
CA ARG A 924 -27.73 24.07 -84.00
C ARG A 924 -27.71 22.55 -83.95
N GLN A 925 -28.49 21.94 -83.06
CA GLN A 925 -28.59 20.49 -83.05
C GLN A 925 -29.07 19.96 -84.40
N THR A 926 -30.13 20.58 -84.95
CA THR A 926 -30.61 20.18 -86.26
C THR A 926 -29.54 20.42 -87.33
N LYS A 927 -28.87 21.56 -87.26
CA LYS A 927 -27.84 21.88 -88.25
C LYS A 927 -26.74 20.82 -88.26
N VAL A 928 -26.24 20.48 -87.07
CA VAL A 928 -25.17 19.51 -86.97
C VAL A 928 -25.65 18.13 -87.35
N ALA A 929 -26.89 17.79 -87.01
CA ALA A 929 -27.44 16.49 -87.42
C ALA A 929 -27.52 16.39 -88.94
N ALA A 930 -27.97 17.47 -89.59
CA ALA A 930 -28.03 17.47 -91.05
C ALA A 930 -26.64 17.37 -91.65
N CYS A 931 -25.68 18.09 -91.08
CA CYS A 931 -24.30 18.00 -91.58
C CYS A 931 -23.74 16.59 -91.38
N GLU A 932 -24.06 15.96 -90.26
CA GLU A 932 -23.63 14.59 -90.01
C GLU A 932 -24.23 13.63 -91.01
N LEU A 933 -25.52 13.79 -91.32
CA LEU A 933 -26.16 12.92 -92.30
C LEU A 933 -25.57 13.14 -93.68
N LEU A 934 -25.27 14.40 -94.03
CA LEU A 934 -24.61 14.68 -95.30
C LEU A 934 -23.23 14.04 -95.34
N HIS A 935 -22.50 14.13 -94.24
CA HIS A 935 -21.23 13.43 -94.09
C HIS A 935 -21.40 11.95 -94.42
N SER A 936 -22.36 11.30 -93.77
CA SER A 936 -22.55 9.87 -93.96
C SER A 936 -22.92 9.54 -95.39
N MET A 937 -23.84 10.33 -95.98
CA MET A 937 -24.32 9.99 -97.32
C MET A 937 -23.22 10.18 -98.36
N VAL A 938 -22.47 11.28 -98.29
CA VAL A 938 -21.38 11.46 -99.25
C VAL A 938 -20.30 10.43 -99.01
N MET A 939 -20.08 10.08 -97.74
CA MET A 939 -19.02 9.15 -97.38
C MET A 939 -19.34 7.76 -97.95
N PHE A 940 -20.61 7.38 -97.95
CA PHE A 940 -21.02 6.12 -98.57
C PHE A 940 -20.96 6.21 -100.08
N MET A 941 -21.52 7.27 -100.67
CA MET A 941 -21.67 7.31 -102.12
C MET A 941 -20.32 7.37 -102.81
N LEU A 942 -19.32 8.04 -102.21
CA LEU A 942 -18.00 8.05 -102.83
C LEU A 942 -17.44 6.64 -102.95
N GLY A 943 -17.71 5.77 -101.97
CA GLY A 943 -17.25 4.40 -102.05
C GLY A 943 -18.03 3.52 -103.00
N LYS A 944 -19.28 3.90 -103.30
CA LYS A 944 -20.08 3.08 -104.22
C LYS A 944 -19.49 3.06 -105.62
N ALA A 945 -18.99 4.21 -106.08
CA ALA A 945 -18.38 4.27 -107.41
C ALA A 945 -17.15 3.38 -107.50
N THR A 946 -16.40 3.26 -106.39
CA THR A 946 -15.21 2.42 -106.40
C THR A 946 -15.54 0.96 -106.62
N GLN A 947 -16.72 0.52 -106.18
CA GLN A 947 -17.11 -0.87 -106.35
C GLN A 947 -17.19 -1.23 -107.83
N MET A 948 -18.14 -0.62 -108.53
CA MET A 948 -18.29 -0.84 -109.97
C MET A 948 -17.97 0.45 -110.69
N PRO A 949 -16.95 0.49 -111.54
CA PRO A 949 -16.60 1.73 -112.23
C PRO A 949 -17.66 2.14 -113.24
N GLU A 950 -18.37 3.24 -112.95
CA GLU A 950 -19.35 3.75 -113.89
C GLU A 950 -18.66 4.34 -115.12
N GLY A 951 -19.19 4.02 -116.29
CA GLY A 951 -18.59 4.43 -117.54
C GLY A 951 -18.80 5.90 -117.84
N GLY A 952 -18.18 6.33 -118.93
CA GLY A 952 -18.26 7.71 -119.37
C GLY A 952 -17.03 8.07 -120.18
N GLN A 953 -16.88 9.38 -120.43
CA GLN A 953 -15.72 9.84 -121.17
C GLN A 953 -14.43 9.58 -120.39
N GLY A 954 -14.41 9.92 -119.11
CA GLY A 954 -13.33 9.54 -118.22
C GLY A 954 -13.85 8.63 -117.14
N ALA A 955 -13.99 9.16 -115.93
CA ALA A 955 -14.69 8.50 -114.83
C ALA A 955 -15.68 9.49 -114.24
N PRO A 956 -16.82 9.70 -114.89
CA PRO A 956 -17.88 10.51 -114.30
C PRO A 956 -18.93 9.65 -113.60
N PRO A 957 -18.63 9.09 -112.42
CA PRO A 957 -19.65 8.26 -111.78
C PRO A 957 -20.77 9.09 -111.17
N MET A 958 -20.43 10.17 -110.48
CA MET A 958 -21.37 11.15 -109.97
C MET A 958 -20.91 12.55 -110.33
N TYR A 959 -20.49 12.73 -111.58
CA TYR A 959 -19.89 13.99 -112.03
C TYR A 959 -20.79 15.17 -111.71
N GLN A 960 -22.04 15.10 -112.13
CA GLN A 960 -22.98 16.19 -111.84
C GLN A 960 -23.18 16.33 -110.34
N LEU A 961 -23.29 15.20 -109.63
CA LEU A 961 -23.43 15.26 -108.19
C LEU A 961 -22.18 15.85 -107.54
N TYR A 962 -21.01 15.50 -108.06
CA TYR A 962 -19.78 16.09 -107.56
C TYR A 962 -19.81 17.61 -107.71
N LYS A 963 -20.21 18.07 -108.89
CA LYS A 963 -20.27 19.52 -109.14
C LYS A 963 -21.27 20.19 -108.21
N ARG A 964 -22.39 19.53 -107.93
CA ARG A 964 -23.38 20.12 -107.04
C ARG A 964 -22.88 20.15 -105.61
N THR A 965 -22.15 19.12 -105.18
CA THR A 965 -21.87 18.92 -103.76
C THR A 965 -20.56 19.54 -103.31
N PHE A 966 -19.46 19.21 -103.98
CA PHE A 966 -18.14 19.60 -103.50
C PHE A 966 -17.99 21.09 -103.22
N PRO A 967 -18.44 22.01 -104.09
CA PRO A 967 -18.25 23.44 -103.76
C PRO A 967 -18.92 23.85 -102.47
N VAL A 968 -20.20 23.51 -102.31
CA VAL A 968 -20.89 23.89 -101.08
C VAL A 968 -20.36 23.07 -99.91
N LEU A 969 -19.86 21.86 -100.17
CA LEU A 969 -19.19 21.10 -99.13
C LEU A 969 -18.03 21.88 -98.55
N LEU A 970 -17.18 22.42 -99.42
CA LEU A 970 -16.06 23.23 -98.94
C LEU A 970 -16.55 24.52 -98.29
N ARG A 971 -17.59 25.13 -98.87
CA ARG A 971 -18.16 26.34 -98.30
C ARG A 971 -18.55 26.12 -96.85
N LEU A 972 -19.15 24.97 -96.55
CA LEU A 972 -19.51 24.69 -95.18
C LEU A 972 -18.29 24.28 -94.37
N ALA A 973 -17.33 23.62 -95.02
CA ALA A 973 -16.09 23.27 -94.33
C ALA A 973 -15.37 24.51 -93.81
N CYS A 974 -15.62 25.66 -94.42
CA CYS A 974 -15.10 26.94 -93.95
C CYS A 974 -16.20 27.81 -93.36
N ASP A 975 -17.15 27.20 -92.64
CA ASP A 975 -18.27 27.92 -92.07
C ASP A 975 -17.94 28.36 -90.64
N VAL A 976 -18.95 28.77 -89.90
CA VAL A 976 -18.75 29.39 -88.60
C VAL A 976 -18.73 28.38 -87.46
N ASP A 977 -19.47 27.28 -87.57
CA ASP A 977 -19.58 26.34 -86.47
C ASP A 977 -18.27 25.60 -86.24
N GLN A 978 -18.00 25.28 -84.97
CA GLN A 978 -16.76 24.60 -84.61
C GLN A 978 -16.73 23.19 -85.19
N VAL A 979 -17.69 22.35 -84.78
CA VAL A 979 -17.58 20.92 -85.05
C VAL A 979 -17.62 20.65 -86.55
N THR A 980 -18.47 21.37 -87.28
CA THR A 980 -18.61 21.19 -88.72
C THR A 980 -17.25 21.32 -89.40
N ARG A 981 -16.61 22.47 -89.25
CA ARG A 981 -15.29 22.66 -89.84
C ARG A 981 -14.31 21.63 -89.31
N GLN A 982 -14.16 21.55 -87.98
CA GLN A 982 -13.07 20.76 -87.42
C GLN A 982 -13.16 19.29 -87.81
N LEU A 983 -14.34 18.81 -88.21
CA LEU A 983 -14.42 17.48 -88.79
C LEU A 983 -14.48 17.51 -90.32
N TYR A 984 -14.55 18.70 -90.92
CA TYR A 984 -14.49 18.75 -92.38
C TYR A 984 -13.08 18.91 -92.94
N GLU A 985 -12.20 19.67 -92.27
CA GLU A 985 -10.82 19.70 -92.75
C GLU A 985 -10.21 18.31 -92.86
N PRO A 986 -10.39 17.38 -91.90
CA PRO A 986 -9.96 16.00 -92.15
C PRO A 986 -10.61 15.42 -93.39
N LEU A 987 -11.89 15.72 -93.62
CA LEU A 987 -12.53 15.21 -94.82
C LEU A 987 -11.91 15.79 -96.09
N VAL A 988 -11.63 17.09 -96.09
CA VAL A 988 -11.10 17.69 -97.32
C VAL A 988 -9.69 17.18 -97.59
N MET A 989 -8.88 16.98 -96.55
CA MET A 989 -7.54 16.45 -96.78
C MET A 989 -7.61 14.98 -97.24
N GLN A 990 -8.53 14.20 -96.68
CA GLN A 990 -8.72 12.84 -97.17
C GLN A 990 -9.17 12.84 -98.62
N LEU A 991 -10.09 13.73 -98.97
CA LEU A 991 -10.55 13.84 -100.35
C LEU A 991 -9.41 14.20 -101.28
N ILE A 992 -8.55 15.13 -100.86
CA ILE A 992 -7.40 15.49 -101.67
C ILE A 992 -6.49 14.30 -101.88
N HIS A 993 -6.12 13.64 -100.78
CA HIS A 993 -5.15 12.54 -100.87
C HIS A 993 -5.71 11.35 -101.60
N TRP A 994 -7.04 11.20 -101.67
CA TRP A 994 -7.62 10.17 -102.52
C TRP A 994 -7.67 10.64 -103.97
N PHE A 995 -8.37 11.74 -104.24
CA PHE A 995 -8.45 12.29 -105.57
C PHE A 995 -7.22 13.14 -105.86
N THR A 996 -6.04 12.56 -105.62
CA THR A 996 -4.83 12.98 -106.30
C THR A 996 -4.02 11.76 -106.73
N ASN A 997 -4.63 10.59 -106.75
CA ASN A 997 -3.93 9.33 -106.95
C ASN A 997 -3.70 9.06 -108.43
N ASN A 998 -2.91 8.02 -108.70
CA ASN A 998 -2.67 7.60 -110.08
C ASN A 998 -3.94 7.02 -110.70
N LYS A 999 -4.84 6.47 -109.88
CA LYS A 999 -6.14 6.02 -110.36
C LYS A 999 -7.15 7.16 -110.35
N LYS A 1000 -7.36 7.77 -109.18
CA LYS A 1000 -8.14 9.00 -109.08
C LYS A 1000 -7.27 10.12 -109.63
N PHE A 1001 -7.19 10.18 -110.95
CA PHE A 1001 -6.14 10.92 -111.62
C PHE A 1001 -6.66 11.96 -112.60
N GLU A 1002 -7.72 11.66 -113.34
CA GLU A 1002 -8.27 12.59 -114.31
C GLU A 1002 -9.77 12.39 -114.41
N SER A 1003 -10.46 13.43 -114.91
CA SER A 1003 -11.89 13.43 -115.19
C SER A 1003 -12.72 13.48 -113.92
N GLN A 1004 -12.06 13.35 -112.77
CA GLN A 1004 -12.66 13.68 -111.49
C GLN A 1004 -11.83 14.66 -110.69
N ASP A 1005 -10.50 14.62 -110.82
CA ASP A 1005 -9.68 15.66 -110.23
C ASP A 1005 -9.94 17.00 -110.89
N THR A 1006 -10.42 16.97 -112.14
CA THR A 1006 -10.73 18.21 -112.85
C THR A 1006 -11.78 19.02 -112.10
N VAL A 1007 -12.84 18.35 -111.64
CA VAL A 1007 -13.88 19.05 -110.90
C VAL A 1007 -13.31 19.65 -109.62
N ALA A 1008 -12.52 18.86 -108.90
CA ALA A 1008 -11.96 19.35 -107.63
C ALA A 1008 -11.09 20.56 -107.85
N LEU A 1009 -10.20 20.50 -108.84
CA LEU A 1009 -9.30 21.63 -109.08
C LEU A 1009 -10.07 22.86 -109.56
N LEU A 1010 -11.01 22.68 -110.48
CA LEU A 1010 -11.74 23.84 -110.99
C LEU A 1010 -12.56 24.49 -109.89
N GLU A 1011 -13.21 23.70 -109.05
CA GLU A 1011 -14.01 24.28 -107.97
C GLU A 1011 -13.13 24.94 -106.93
N ALA A 1012 -12.00 24.33 -106.58
CA ALA A 1012 -11.09 24.94 -105.64
C ALA A 1012 -10.41 26.17 -106.22
N ILE A 1013 -10.48 26.33 -107.54
CA ILE A 1013 -10.05 27.58 -108.16
C ILE A 1013 -11.14 28.64 -108.06
N LEU A 1014 -12.36 28.30 -108.47
CA LEU A 1014 -13.41 29.30 -108.57
C LEU A 1014 -14.11 29.56 -107.26
N ASP A 1015 -13.75 28.88 -106.17
CA ASP A 1015 -14.50 29.03 -104.92
C ASP A 1015 -14.08 30.28 -104.16
N GLY A 1016 -12.82 30.33 -103.72
CA GLY A 1016 -12.37 31.44 -102.91
C GLY A 1016 -11.67 32.51 -103.71
N ILE A 1017 -11.08 32.11 -104.83
CA ILE A 1017 -10.51 33.11 -105.73
C ILE A 1017 -11.61 33.88 -106.42
N VAL A 1018 -12.67 33.19 -106.86
CA VAL A 1018 -13.76 33.84 -107.57
C VAL A 1018 -14.98 33.88 -106.68
N ASP A 1019 -15.16 34.96 -105.93
CA ASP A 1019 -16.29 35.09 -105.02
C ASP A 1019 -16.40 36.51 -104.51
N PRO A 1020 -17.62 36.99 -104.24
CA PRO A 1020 -17.79 38.28 -103.57
C PRO A 1020 -17.93 38.19 -102.06
N VAL A 1021 -17.79 36.99 -101.47
CA VAL A 1021 -18.01 36.78 -100.04
C VAL A 1021 -16.97 35.80 -99.51
N ASP A 1022 -16.94 35.66 -98.18
CA ASP A 1022 -16.26 34.58 -97.48
C ASP A 1022 -14.75 34.56 -97.80
N SER A 1023 -14.07 35.58 -97.28
CA SER A 1023 -12.61 35.56 -97.29
C SER A 1023 -12.07 34.30 -96.60
N THR A 1024 -12.82 33.77 -95.62
CA THR A 1024 -12.45 32.49 -95.03
C THR A 1024 -12.42 31.39 -96.09
N LEU A 1025 -13.38 31.40 -97.00
CA LEU A 1025 -13.34 30.47 -98.13
C LEU A 1025 -12.07 30.68 -98.95
N ARG A 1026 -11.66 31.93 -99.13
CA ARG A 1026 -10.45 32.20 -99.90
C ARG A 1026 -9.22 31.57 -99.25
N ASP A 1027 -9.00 31.84 -97.96
CA ASP A 1027 -7.81 31.29 -97.33
C ASP A 1027 -7.88 29.77 -97.23
N PHE A 1028 -9.08 29.24 -96.97
CA PHE A 1028 -9.21 27.79 -96.84
C PHE A 1028 -8.97 27.09 -98.17
N CYS A 1029 -9.50 27.65 -99.27
CA CYS A 1029 -9.24 27.02 -100.56
C CYS A 1029 -7.79 27.19 -100.97
N GLY A 1030 -7.14 28.29 -100.58
CA GLY A 1030 -5.73 28.44 -100.86
C GLY A 1030 -4.89 27.38 -100.16
N ARG A 1031 -5.15 27.17 -98.87
CA ARG A 1031 -4.40 26.15 -98.15
C ARG A 1031 -4.74 24.76 -98.67
N CYS A 1032 -5.99 24.54 -99.07
CA CYS A 1032 -6.37 23.26 -99.66
C CYS A 1032 -5.65 23.01 -100.98
N ILE A 1033 -5.51 24.05 -101.80
CA ILE A 1033 -4.76 23.93 -103.04
C ILE A 1033 -3.30 23.63 -102.76
N ARG A 1034 -2.73 24.30 -101.75
CA ARG A 1034 -1.35 24.03 -101.36
C ARG A 1034 -1.18 22.56 -101.00
N GLU A 1035 -2.06 22.04 -100.13
CA GLU A 1035 -2.01 20.63 -99.76
C GLU A 1035 -2.20 19.74 -100.97
N PHE A 1036 -3.13 20.10 -101.85
CA PHE A 1036 -3.43 19.29 -103.02
C PHE A 1036 -2.21 19.14 -103.92
N LEU A 1037 -1.59 20.26 -104.27
CA LEU A 1037 -0.42 20.18 -105.14
C LEU A 1037 0.74 19.48 -104.46
N LYS A 1038 0.95 19.74 -103.16
CA LYS A 1038 2.06 19.09 -102.48
C LYS A 1038 1.85 17.59 -102.42
N TRP A 1039 0.61 17.14 -102.19
CA TRP A 1039 0.36 15.70 -102.13
C TRP A 1039 0.41 15.07 -103.51
N SER A 1040 0.00 15.82 -104.54
CA SER A 1040 0.14 15.35 -105.91
C SER A 1040 1.59 15.11 -106.25
N ILE A 1041 2.47 16.03 -105.86
CA ILE A 1041 3.90 15.82 -106.06
C ILE A 1041 4.39 14.65 -105.22
N LYS A 1042 3.87 14.53 -103.99
CA LYS A 1042 4.37 13.51 -103.08
C LYS A 1042 4.06 12.10 -103.58
N GLN A 1043 2.81 11.82 -103.91
CA GLN A 1043 2.40 10.44 -104.19
C GLN A 1043 2.27 10.14 -105.68
N ILE A 1044 2.56 11.10 -106.55
CA ILE A 1044 2.58 10.87 -107.99
C ILE A 1044 3.95 11.25 -108.51
N THR A 1045 4.53 10.37 -109.33
CA THR A 1045 5.81 10.66 -109.94
C THR A 1045 5.68 11.87 -110.86
N PRO A 1046 6.71 12.71 -110.95
CA PRO A 1046 6.63 13.86 -111.85
C PRO A 1046 6.40 13.47 -113.29
N GLN A 1047 6.86 12.29 -113.71
CA GLN A 1047 6.64 11.82 -115.07
C GLN A 1047 5.15 11.68 -115.36
N GLN A 1048 4.41 11.10 -114.42
CA GLN A 1048 2.97 10.94 -114.61
C GLN A 1048 2.28 12.30 -114.66
N GLN A 1049 2.70 13.23 -113.81
CA GLN A 1049 2.09 14.56 -113.80
C GLN A 1049 2.33 15.29 -115.12
N GLU A 1050 3.58 15.29 -115.60
CA GLU A 1050 3.87 15.97 -116.85
C GLU A 1050 3.19 15.28 -118.04
N LYS A 1051 3.12 13.95 -118.01
CA LYS A 1051 2.40 13.23 -119.05
C LYS A 1051 0.92 13.56 -119.01
N SER A 1052 0.41 13.91 -117.84
CA SER A 1052 -1.00 14.25 -117.68
C SER A 1052 -1.26 15.72 -118.02
N PRO A 1053 -2.44 16.02 -118.56
CA PRO A 1053 -2.84 17.43 -118.66
C PRO A 1053 -2.95 18.12 -117.31
N VAL A 1054 -3.35 17.39 -116.27
CA VAL A 1054 -3.41 17.94 -114.93
C VAL A 1054 -2.00 17.90 -114.34
N ASN A 1055 -1.38 19.08 -114.22
CA ASN A 1055 0.00 19.17 -113.78
C ASN A 1055 0.24 20.56 -113.21
N THR A 1056 1.44 20.75 -112.66
CA THR A 1056 1.77 22.02 -112.02
C THR A 1056 1.75 23.17 -113.02
N LYS A 1057 2.31 22.97 -114.21
CA LYS A 1057 2.38 24.05 -115.18
C LYS A 1057 1.01 24.46 -115.68
N SER A 1058 0.08 23.51 -115.82
CA SER A 1058 -1.29 23.87 -116.16
C SER A 1058 -1.90 24.75 -115.07
N LEU A 1059 -1.66 24.40 -113.81
CA LEU A 1059 -2.15 25.22 -112.71
C LEU A 1059 -1.54 26.61 -112.76
N PHE A 1060 -0.24 26.69 -113.09
CA PHE A 1060 0.41 27.98 -113.20
C PHE A 1060 -0.20 28.82 -114.30
N LYS A 1061 -0.49 28.20 -115.45
CA LYS A 1061 -1.14 28.92 -116.55
C LYS A 1061 -2.52 29.42 -116.14
N ARG A 1062 -3.27 28.58 -115.42
CA ARG A 1062 -4.56 29.02 -114.89
C ARG A 1062 -4.37 30.22 -113.98
N LEU A 1063 -3.35 30.20 -113.12
CA LEU A 1063 -3.08 31.31 -112.23
C LEU A 1063 -2.74 32.57 -113.02
N TYR A 1064 -1.95 32.43 -114.09
CA TYR A 1064 -1.57 33.58 -114.89
C TYR A 1064 -2.77 34.21 -115.55
N SER A 1065 -3.60 33.40 -116.20
CA SER A 1065 -4.83 33.91 -116.79
C SER A 1065 -5.72 34.52 -115.72
N LEU A 1066 -5.74 33.92 -114.53
CA LEU A 1066 -6.54 34.40 -113.41
C LEU A 1066 -6.12 35.80 -113.02
N ALA A 1067 -4.82 36.03 -112.86
CA ALA A 1067 -4.31 37.35 -112.56
C ALA A 1067 -4.49 38.32 -113.72
N LEU A 1068 -4.59 37.80 -114.94
CA LEU A 1068 -4.85 38.65 -116.09
C LEU A 1068 -6.32 39.03 -116.23
N HIS A 1069 -7.20 38.40 -115.46
CA HIS A 1069 -8.62 38.67 -115.60
C HIS A 1069 -8.94 40.10 -115.18
N PRO A 1070 -9.75 40.82 -115.95
CA PRO A 1070 -10.02 42.23 -115.61
C PRO A 1070 -11.07 42.37 -114.53
N ASN A 1071 -10.94 41.59 -113.46
CA ASN A 1071 -11.70 41.78 -112.24
C ASN A 1071 -10.81 41.50 -111.04
N ALA A 1072 -11.08 42.21 -109.95
CA ALA A 1072 -10.17 42.18 -108.80
C ALA A 1072 -10.17 40.82 -108.12
N PHE A 1073 -11.33 40.15 -108.07
CA PHE A 1073 -11.44 38.90 -107.30
C PHE A 1073 -10.44 37.86 -107.80
N LYS A 1074 -10.38 37.67 -109.11
CA LYS A 1074 -9.49 36.64 -109.65
C LYS A 1074 -8.03 36.95 -109.34
N ARG A 1075 -7.63 38.21 -109.51
CA ARG A 1075 -6.24 38.59 -109.27
C ARG A 1075 -5.87 38.42 -107.81
N LEU A 1076 -6.72 38.90 -106.91
CA LEU A 1076 -6.42 38.77 -105.48
C LEU A 1076 -6.37 37.31 -105.07
N GLY A 1077 -7.28 36.50 -105.61
CA GLY A 1077 -7.28 35.09 -105.28
C GLY A 1077 -6.01 34.39 -105.75
N ALA A 1078 -5.58 34.68 -106.98
CA ALA A 1078 -4.34 34.09 -107.48
C ALA A 1078 -3.16 34.51 -106.63
N SER A 1079 -3.11 35.81 -106.29
CA SER A 1079 -1.99 36.31 -105.48
C SER A 1079 -1.95 35.63 -104.12
N LEU A 1080 -3.10 35.53 -103.46
CA LEU A 1080 -3.10 34.92 -102.13
C LEU A 1080 -2.84 33.43 -102.20
N ALA A 1081 -3.32 32.75 -103.25
CA ALA A 1081 -3.02 31.34 -103.40
C ALA A 1081 -1.52 31.12 -103.57
N PHE A 1082 -0.88 31.97 -104.37
CA PHE A 1082 0.58 31.88 -104.48
C PHE A 1082 1.25 32.19 -103.15
N ASN A 1083 0.71 33.15 -102.40
CA ASN A 1083 1.26 33.45 -101.09
C ASN A 1083 1.22 32.22 -100.18
N ASN A 1084 0.11 31.49 -100.20
CA ASN A 1084 0.01 30.28 -99.40
C ASN A 1084 1.00 29.21 -99.88
N ILE A 1085 1.00 28.94 -101.18
CA ILE A 1085 1.86 27.88 -101.71
C ILE A 1085 3.34 28.24 -101.68
N TYR A 1086 3.67 29.51 -101.41
CA TYR A 1086 5.06 29.93 -101.42
C TYR A 1086 5.89 29.20 -100.38
N ARG A 1087 5.30 28.80 -99.26
CA ARG A 1087 6.07 28.18 -98.19
C ARG A 1087 6.80 26.94 -98.67
N GLU A 1088 6.10 26.08 -99.42
CA GLU A 1088 6.72 24.92 -100.03
C GLU A 1088 7.31 25.22 -101.40
N PHE A 1089 6.83 26.26 -102.08
CA PHE A 1089 7.26 26.55 -103.45
C PHE A 1089 8.72 27.00 -103.51
N ARG A 1090 9.33 27.36 -102.38
CA ARG A 1090 10.74 27.73 -102.38
C ARG A 1090 11.62 26.57 -102.84
N GLU A 1091 11.13 25.34 -102.75
CA GLU A 1091 11.88 24.18 -103.21
C GLU A 1091 11.52 23.90 -104.67
N GLU A 1092 11.96 22.75 -105.19
CA GLU A 1092 11.74 22.35 -106.57
C GLU A 1092 12.29 23.41 -107.54
N GLU A 1093 13.62 23.50 -107.53
CA GLU A 1093 14.32 24.54 -108.26
C GLU A 1093 14.06 24.50 -109.76
N SER A 1094 13.57 23.38 -110.29
CA SER A 1094 13.30 23.32 -111.72
C SER A 1094 12.23 24.32 -112.15
N LEU A 1095 11.16 24.43 -111.36
CA LEU A 1095 10.08 25.34 -111.71
C LEU A 1095 10.56 26.78 -111.76
N VAL A 1096 11.21 27.24 -110.68
CA VAL A 1096 11.71 28.61 -110.66
C VAL A 1096 12.78 28.80 -111.73
N GLU A 1097 13.55 27.76 -112.01
CA GLU A 1097 14.48 27.80 -113.14
C GLU A 1097 13.72 28.10 -114.43
N GLN A 1098 12.52 27.56 -114.57
CA GLN A 1098 11.72 27.84 -115.76
C GLN A 1098 10.74 28.98 -115.55
N PHE A 1099 10.15 29.11 -114.37
CA PHE A 1099 9.04 30.03 -114.13
C PHE A 1099 9.38 30.98 -113.00
N VAL A 1100 10.09 32.07 -113.32
CA VAL A 1100 10.15 33.23 -112.42
C VAL A 1100 9.82 34.51 -113.17
N PHE A 1101 10.57 34.80 -114.24
CA PHE A 1101 10.43 36.09 -114.90
C PHE A 1101 9.01 36.31 -115.41
N GLU A 1102 8.40 35.26 -115.96
CA GLU A 1102 7.01 35.35 -116.35
C GLU A 1102 6.13 35.65 -115.16
N ALA A 1103 6.35 34.93 -114.05
CA ALA A 1103 5.58 35.19 -112.84
C ALA A 1103 5.84 36.59 -112.30
N LEU A 1104 7.11 37.02 -112.30
CA LEU A 1104 7.42 38.37 -111.83
C LEU A 1104 6.69 39.43 -112.62
N VAL A 1105 6.75 39.35 -113.95
CA VAL A 1105 6.09 40.37 -114.76
C VAL A 1105 4.57 40.28 -114.60
N ILE A 1106 4.04 39.08 -114.44
CA ILE A 1106 2.59 38.93 -114.25
C ILE A 1106 2.16 39.58 -112.95
N TYR A 1107 2.91 39.36 -111.87
CA TYR A 1107 2.54 40.00 -110.60
C TYR A 1107 2.75 41.51 -110.67
N MET A 1108 3.78 41.98 -111.38
CA MET A 1108 3.97 43.40 -111.55
C MET A 1108 2.77 44.03 -112.25
N GLU A 1109 2.34 43.43 -113.36
CA GLU A 1109 1.20 44.00 -114.08
C GLU A 1109 -0.10 43.84 -113.31
N SER A 1110 -0.21 42.79 -112.49
CA SER A 1110 -1.40 42.65 -111.65
C SER A 1110 -1.47 43.78 -110.62
N LEU A 1111 -0.34 44.08 -109.98
CA LEU A 1111 -0.35 45.20 -109.04
C LEU A 1111 -0.52 46.53 -109.76
N ALA A 1112 -0.03 46.62 -111.00
CA ALA A 1112 -0.28 47.83 -111.80
C ALA A 1112 -1.77 48.00 -112.05
N LEU A 1113 -2.46 46.91 -112.38
CA LEU A 1113 -3.90 46.98 -112.56
C LEU A 1113 -4.61 47.34 -111.26
N ALA A 1114 -4.12 46.80 -110.14
CA ALA A 1114 -4.69 47.14 -108.85
C ALA A 1114 -4.51 48.62 -108.54
N HIS A 1115 -3.36 49.17 -108.89
CA HIS A 1115 -3.16 50.62 -108.79
C HIS A 1115 -4.12 51.37 -109.70
N ALA A 1116 -4.33 50.86 -110.90
CA ALA A 1116 -5.18 51.55 -111.87
C ALA A 1116 -6.63 51.62 -111.40
N ASP A 1117 -7.15 50.52 -110.86
CA ASP A 1117 -8.59 50.45 -110.60
C ASP A 1117 -8.96 50.95 -109.21
N GLU A 1118 -8.32 50.43 -108.16
CA GLU A 1118 -8.68 50.82 -106.81
C GLU A 1118 -7.54 50.52 -105.85
N LYS A 1119 -7.10 51.53 -105.10
CA LYS A 1119 -6.05 51.40 -104.11
C LYS A 1119 -6.57 50.90 -102.76
N SER A 1120 -7.88 50.91 -102.55
CA SER A 1120 -8.47 50.62 -101.25
C SER A 1120 -8.88 49.17 -101.09
N LEU A 1121 -8.18 48.25 -101.73
CA LEU A 1121 -8.56 46.84 -101.72
C LEU A 1121 -7.34 45.99 -101.41
N GLY A 1122 -7.59 44.79 -100.88
CA GLY A 1122 -6.54 43.90 -100.44
C GLY A 1122 -5.65 43.39 -101.55
N THR A 1123 -6.02 43.60 -102.81
CA THR A 1123 -5.21 43.12 -103.93
C THR A 1123 -3.78 43.63 -103.83
N ILE A 1124 -3.60 44.90 -103.48
CA ILE A 1124 -2.27 45.48 -103.39
C ILE A 1124 -1.46 44.76 -102.32
N GLN A 1125 -2.07 44.47 -101.19
CA GLN A 1125 -1.36 43.80 -100.10
C GLN A 1125 -0.91 42.41 -100.53
N GLN A 1126 -1.81 41.64 -101.14
CA GLN A 1126 -1.45 40.30 -101.57
C GLN A 1126 -0.35 40.34 -102.62
N CYS A 1127 -0.45 41.28 -103.57
CA CYS A 1127 0.55 41.37 -104.63
C CYS A 1127 1.92 41.77 -104.06
N CYS A 1128 1.94 42.69 -103.09
CA CYS A 1128 3.23 43.10 -102.54
C CYS A 1128 3.83 42.00 -101.69
N ASP A 1129 2.99 41.23 -100.98
CA ASP A 1129 3.51 40.06 -100.29
C ASP A 1129 4.09 39.04 -101.27
N ALA A 1130 3.40 38.85 -102.40
CA ALA A 1130 3.87 37.90 -103.41
C ALA A 1130 5.21 38.34 -103.98
N ILE A 1131 5.35 39.62 -104.31
CA ILE A 1131 6.62 40.09 -104.85
C ILE A 1131 7.69 40.08 -103.77
N ASP A 1132 7.31 40.25 -102.50
CA ASP A 1132 8.27 40.07 -101.41
C ASP A 1132 8.82 38.66 -101.40
N HIS A 1133 7.94 37.67 -101.53
CA HIS A 1133 8.38 36.29 -101.60
C HIS A 1133 9.27 36.08 -102.83
N LEU A 1134 8.88 36.67 -103.95
CA LEU A 1134 9.63 36.52 -105.19
C LEU A 1134 11.05 37.07 -105.04
N CYS A 1135 11.18 38.30 -104.55
CA CYS A 1135 12.50 38.89 -104.39
C CYS A 1135 13.30 38.15 -103.33
N ARG A 1136 12.64 37.63 -102.30
CA ARG A 1136 13.35 36.87 -101.28
C ARG A 1136 13.96 35.60 -101.86
N ILE A 1137 13.20 34.86 -102.68
CA ILE A 1137 13.78 33.67 -103.28
C ILE A 1137 14.81 34.02 -104.34
N ILE A 1138 14.63 35.16 -105.04
CA ILE A 1138 15.60 35.57 -106.05
C ILE A 1138 16.94 35.88 -105.40
N GLU A 1139 16.92 36.62 -104.29
CA GLU A 1139 18.17 36.87 -103.58
C GLU A 1139 18.69 35.61 -102.90
N LYS A 1140 17.79 34.68 -102.57
CA LYS A 1140 18.22 33.40 -102.03
C LYS A 1140 19.02 32.61 -103.06
N LYS A 1141 18.56 32.60 -104.31
CA LYS A 1141 19.26 31.92 -105.40
C LYS A 1141 19.20 32.80 -106.63
N HIS A 1142 20.36 33.30 -107.06
CA HIS A 1142 20.43 34.23 -108.17
C HIS A 1142 21.47 33.87 -109.22
N VAL A 1143 22.41 32.96 -108.93
CA VAL A 1143 23.42 32.60 -109.92
C VAL A 1143 22.77 31.92 -111.12
N SER A 1144 21.71 31.14 -110.88
CA SER A 1144 20.96 30.56 -111.98
C SER A 1144 20.27 31.65 -112.81
N LEU A 1145 19.94 32.78 -112.18
CA LEU A 1145 19.45 33.92 -112.94
C LEU A 1145 20.60 34.75 -113.50
N ASN A 1146 21.76 34.72 -112.83
CA ASN A 1146 22.92 35.39 -113.39
C ASN A 1146 23.31 34.80 -114.73
N LYS A 1147 23.29 33.48 -114.84
CA LYS A 1147 23.50 32.84 -116.13
C LYS A 1147 22.27 33.02 -117.01
N ALA A 1148 22.50 33.23 -118.31
CA ALA A 1148 21.42 33.43 -119.25
C ALA A 1148 20.85 32.06 -119.63
N LYS A 1149 19.94 31.58 -118.79
CA LYS A 1149 19.27 30.31 -119.01
C LYS A 1149 18.06 30.51 -119.91
N LYS A 1150 17.94 29.66 -120.93
CA LYS A 1150 16.86 29.80 -121.89
C LYS A 1150 15.54 29.38 -121.25
N ARG A 1151 14.65 30.34 -121.03
CA ARG A 1151 13.34 30.11 -120.47
C ARG A 1151 12.28 30.45 -121.52
N ARG A 1152 11.02 30.23 -121.16
CA ARG A 1152 9.93 30.63 -122.03
C ARG A 1152 9.81 32.15 -122.03
N LEU A 1153 8.92 32.66 -122.88
CA LEU A 1153 8.85 34.09 -123.11
C LEU A 1153 7.68 34.69 -122.35
N PRO A 1154 7.91 35.54 -121.35
CA PRO A 1154 6.80 36.27 -120.73
C PRO A 1154 6.20 37.27 -121.72
N ARG A 1155 4.92 37.57 -121.50
CA ARG A 1155 4.23 38.52 -122.37
C ARG A 1155 4.87 39.90 -122.32
N GLY A 1156 5.32 40.31 -121.15
CA GLY A 1156 5.94 41.62 -120.99
C GLY A 1156 7.33 41.74 -121.58
N PHE A 1157 7.92 40.63 -122.03
CA PHE A 1157 9.27 40.62 -122.59
C PHE A 1157 9.18 40.16 -124.04
N PRO A 1158 9.02 41.10 -124.98
CA PRO A 1158 8.89 40.73 -126.40
C PRO A 1158 10.07 39.95 -126.96
N PRO A 1159 11.32 40.35 -126.71
CA PRO A 1159 12.43 39.66 -127.38
C PRO A 1159 12.66 38.28 -126.78
N SER A 1160 12.76 37.28 -127.66
CA SER A 1160 12.99 35.90 -127.24
C SER A 1160 14.47 35.61 -127.23
N ALA A 1161 14.99 35.17 -126.08
CA ALA A 1161 16.40 34.88 -125.92
C ALA A 1161 16.58 34.05 -124.65
N SER A 1162 17.82 33.67 -124.39
CA SER A 1162 18.17 32.96 -123.16
C SER A 1162 18.07 33.96 -122.01
N LEU A 1163 17.00 33.86 -121.23
CA LEU A 1163 16.69 34.88 -120.24
C LEU A 1163 17.73 34.90 -119.12
N CYS A 1164 18.02 36.10 -118.63
CA CYS A 1164 18.94 36.31 -117.53
C CYS A 1164 18.32 37.27 -116.53
N LEU A 1165 18.92 37.33 -115.34
CA LEU A 1165 18.47 38.29 -114.33
C LEU A 1165 18.55 39.71 -114.85
N LEU A 1166 19.71 40.10 -115.38
CA LEU A 1166 19.89 41.46 -115.85
C LEU A 1166 18.94 41.78 -117.01
N ASP A 1167 18.53 40.76 -117.77
CA ASP A 1167 17.58 40.98 -118.85
C ASP A 1167 16.31 41.64 -118.32
N LEU A 1168 15.59 40.96 -117.43
CA LEU A 1168 14.36 41.52 -116.90
C LEU A 1168 14.64 42.71 -115.99
N VAL A 1169 15.83 42.77 -115.38
CA VAL A 1169 16.17 43.93 -114.56
C VAL A 1169 16.16 45.20 -115.40
N LYS A 1170 16.88 45.18 -116.53
CA LYS A 1170 16.91 46.35 -117.39
C LYS A 1170 15.59 46.53 -118.12
N TRP A 1171 14.86 45.44 -118.36
CA TRP A 1171 13.52 45.55 -118.92
C TRP A 1171 12.61 46.35 -118.00
N LEU A 1172 12.70 46.11 -116.69
CA LEU A 1172 11.97 46.94 -115.74
C LEU A 1172 12.53 48.35 -115.72
N LEU A 1173 13.84 48.50 -115.76
CA LEU A 1173 14.45 49.82 -115.69
C LEU A 1173 13.96 50.72 -116.80
N ALA A 1174 13.89 50.20 -118.02
CA ALA A 1174 13.27 50.95 -119.11
C ALA A 1174 11.80 51.19 -118.83
N HIS A 1175 11.12 50.20 -118.24
CA HIS A 1175 9.72 50.35 -117.91
C HIS A 1175 9.49 51.37 -116.81
N CYS A 1176 10.47 51.54 -115.91
CA CYS A 1176 10.32 52.42 -114.77
C CYS A 1176 9.84 53.80 -115.22
N GLY A 1177 8.83 54.31 -114.53
CA GLY A 1177 8.18 55.56 -114.91
C GLY A 1177 6.74 55.37 -115.28
N ARG A 1178 6.11 54.31 -114.78
CA ARG A 1178 4.71 54.06 -115.06
C ARG A 1178 3.84 55.14 -114.41
N PRO A 1179 2.67 55.42 -114.98
CA PRO A 1179 1.69 56.24 -114.25
C PRO A 1179 1.23 55.60 -112.96
N GLN A 1180 1.39 54.28 -112.83
CA GLN A 1180 1.10 53.59 -111.59
C GLN A 1180 2.17 53.91 -110.56
N THR A 1181 1.90 54.91 -109.73
CA THR A 1181 2.93 55.42 -108.82
C THR A 1181 3.39 54.34 -107.85
N GLU A 1182 2.45 53.61 -107.24
CA GLU A 1182 2.84 52.58 -106.30
C GLU A 1182 3.60 51.45 -106.98
N CYS A 1183 3.12 51.01 -108.14
CA CYS A 1183 3.81 49.94 -108.86
C CYS A 1183 5.21 50.36 -109.25
N ARG A 1184 5.34 51.59 -109.78
CA ARG A 1184 6.65 52.08 -110.18
C ARG A 1184 7.58 52.20 -108.98
N HIS A 1185 7.06 52.72 -107.86
CA HIS A 1185 7.90 52.90 -106.67
C HIS A 1185 8.36 51.56 -106.11
N LYS A 1186 7.45 50.60 -106.02
CA LYS A 1186 7.84 49.29 -105.52
C LYS A 1186 8.84 48.62 -106.47
N SER A 1187 8.66 48.82 -107.78
CA SER A 1187 9.58 48.22 -108.73
C SER A 1187 10.98 48.81 -108.60
N ILE A 1188 11.07 50.14 -108.49
CA ILE A 1188 12.39 50.76 -108.37
C ILE A 1188 13.03 50.40 -107.04
N GLU A 1189 12.23 50.30 -105.96
CA GLU A 1189 12.78 49.88 -104.68
C GLU A 1189 13.33 48.45 -104.76
N LEU A 1190 12.55 47.55 -105.37
CA LEU A 1190 13.02 46.18 -105.53
C LEU A 1190 14.28 46.12 -106.35
N PHE A 1191 14.35 46.90 -107.44
CA PHE A 1191 15.58 46.97 -108.22
C PHE A 1191 16.74 47.48 -107.39
N TYR A 1192 16.49 48.48 -106.55
CA TYR A 1192 17.55 48.99 -105.67
C TYR A 1192 18.08 47.90 -104.77
N LYS A 1193 17.18 47.08 -104.21
CA LYS A 1193 17.66 45.90 -103.50
C LYS A 1193 18.22 44.82 -104.42
N PHE A 1194 18.06 44.96 -105.73
CA PHE A 1194 18.60 43.99 -106.68
C PHE A 1194 19.96 44.39 -107.24
N VAL A 1195 20.42 45.61 -106.98
CA VAL A 1195 21.71 46.05 -107.52
C VAL A 1195 22.85 45.13 -107.11
N PRO A 1196 23.00 44.74 -105.84
CA PRO A 1196 24.03 43.74 -105.51
C PRO A 1196 23.78 42.42 -106.21
N LEU A 1197 22.52 42.05 -106.44
CA LEU A 1197 22.21 40.79 -107.10
C LEU A 1197 22.63 40.79 -108.56
N LEU A 1198 22.79 41.96 -109.17
CA LEU A 1198 23.19 42.03 -110.57
C LEU A 1198 24.61 41.50 -110.73
N PRO A 1199 24.87 40.65 -111.73
CA PRO A 1199 26.23 40.14 -111.92
C PRO A 1199 27.21 41.25 -112.26
N GLY A 1200 28.44 41.09 -111.80
CA GLY A 1200 29.49 42.05 -112.09
C GLY A 1200 29.53 43.20 -111.10
N ASN A 1201 29.00 44.35 -111.50
CA ASN A 1201 29.03 45.52 -110.66
C ASN A 1201 28.00 45.41 -109.54
N ARG A 1202 28.43 45.77 -108.33
CA ARG A 1202 27.63 45.56 -107.13
C ARG A 1202 26.78 46.78 -106.81
N SER A 1203 26.25 46.81 -105.58
CA SER A 1203 25.37 47.84 -105.02
C SER A 1203 25.74 49.27 -105.36
N PRO A 1204 27.03 49.64 -105.42
CA PRO A 1204 27.37 51.00 -105.83
C PRO A 1204 26.72 51.38 -107.16
N ASN A 1205 26.30 52.63 -107.25
CA ASN A 1205 25.60 53.21 -108.39
C ASN A 1205 26.47 53.32 -109.61
N LEU A 1206 27.68 52.78 -109.56
CA LEU A 1206 28.58 52.81 -110.71
C LEU A 1206 27.94 52.16 -111.92
N TRP A 1207 27.06 51.18 -111.70
CA TRP A 1207 26.36 50.57 -112.82
C TRP A 1207 25.37 51.55 -113.44
N LEU A 1208 24.74 52.37 -112.61
CA LEU A 1208 23.89 53.44 -113.14
C LEU A 1208 24.73 54.43 -113.95
N LYS A 1209 25.95 54.70 -113.50
CA LYS A 1209 26.85 55.52 -114.30
C LYS A 1209 27.15 54.86 -115.64
N ASP A 1210 27.43 53.56 -115.62
CA ASP A 1210 27.77 52.85 -116.85
C ASP A 1210 26.63 52.88 -117.85
N VAL A 1211 25.41 52.62 -117.38
CA VAL A 1211 24.25 52.70 -118.27
C VAL A 1211 23.97 54.15 -118.65
N LEU A 1212 24.42 55.11 -117.83
CA LEU A 1212 24.26 56.52 -118.14
C LEU A 1212 25.24 56.97 -119.23
N LYS A 1213 26.36 56.26 -119.41
CA LYS A 1213 27.31 56.65 -120.44
C LYS A 1213 26.65 56.64 -121.81
N GLU A 1214 25.99 55.53 -122.16
CA GLU A 1214 25.28 55.47 -123.44
C GLU A 1214 24.03 56.34 -123.41
N GLU A 1215 23.24 56.22 -122.36
CA GLU A 1215 22.01 57.00 -122.22
C GLU A 1215 22.24 58.21 -121.31
N GLY A 1216 23.10 59.12 -121.77
CA GLY A 1216 23.33 60.35 -121.05
C GLY A 1216 22.09 61.22 -120.98
N VAL A 1217 21.36 61.32 -122.09
CA VAL A 1217 20.14 62.11 -122.15
C VAL A 1217 18.90 61.25 -122.37
N SER A 1218 19.05 59.99 -122.77
CA SER A 1218 17.90 59.15 -123.08
C SER A 1218 17.01 58.94 -121.87
N PHE A 1219 17.60 58.87 -120.68
CA PHE A 1219 16.83 58.59 -119.47
C PHE A 1219 15.86 59.70 -119.11
N LEU A 1220 15.97 60.88 -119.73
CA LEU A 1220 15.05 61.97 -119.43
C LEU A 1220 13.61 61.57 -119.73
N ILE A 1221 13.37 60.98 -120.90
CA ILE A 1221 12.06 60.48 -121.26
C ILE A 1221 11.97 58.97 -121.22
N ASN A 1222 13.11 58.27 -121.15
CA ASN A 1222 13.11 56.82 -121.03
C ASN A 1222 12.76 56.38 -119.62
N THR A 1223 13.56 56.82 -118.64
CA THR A 1223 13.23 56.54 -117.26
C THR A 1223 11.95 57.23 -116.81
N PHE A 1224 11.47 58.21 -117.59
CA PHE A 1224 10.22 58.91 -117.30
C PHE A 1224 9.46 59.04 -118.62
N GLU A 1225 8.68 58.00 -118.96
CA GLU A 1225 7.87 58.05 -120.16
C GLU A 1225 6.67 58.96 -119.93
N GLY A 1226 6.41 59.84 -120.89
CA GLY A 1226 5.40 60.86 -120.69
C GLY A 1226 5.81 61.79 -119.57
N GLY A 1227 5.15 61.66 -118.42
CA GLY A 1227 5.46 62.50 -117.27
C GLY A 1227 5.32 63.96 -117.62
N GLY A 1228 4.22 64.30 -118.29
CA GLY A 1228 4.06 65.58 -118.93
C GLY A 1228 4.44 65.59 -120.39
N CYS A 1229 5.09 64.53 -120.86
CA CYS A 1229 5.59 64.45 -122.24
C CYS A 1229 6.38 65.69 -122.61
N GLY A 1230 7.09 66.25 -121.63
CA GLY A 1230 7.73 67.54 -121.79
C GLY A 1230 6.73 68.66 -121.70
N GLN A 1231 5.81 68.73 -122.65
CA GLN A 1231 4.80 69.77 -122.70
C GLN A 1231 3.50 69.31 -123.36
N PRO A 1232 3.54 68.59 -124.51
CA PRO A 1232 2.29 68.20 -125.17
C PRO A 1232 1.25 67.60 -124.24
N SER A 1233 1.64 66.70 -123.34
CA SER A 1233 0.68 66.21 -122.36
C SER A 1233 0.20 67.33 -121.45
N GLY A 1234 1.11 68.20 -121.01
CA GLY A 1234 0.70 69.35 -120.23
C GLY A 1234 -0.08 70.36 -121.04
N ILE A 1235 0.32 70.57 -122.29
CA ILE A 1235 -0.35 71.55 -123.14
C ILE A 1235 -1.79 71.12 -123.40
N LEU A 1236 -2.00 69.85 -123.72
CA LEU A 1236 -3.35 69.36 -123.98
C LEU A 1236 -4.23 69.44 -122.74
N ALA A 1237 -3.64 69.31 -121.56
CA ALA A 1237 -4.40 69.43 -120.32
C ALA A 1237 -4.92 70.83 -120.07
N GLN A 1238 -4.41 71.84 -120.80
CA GLN A 1238 -4.85 73.21 -120.55
C GLN A 1238 -6.25 73.46 -121.06
N PRO A 1239 -6.59 73.22 -122.35
CA PRO A 1239 -7.97 73.47 -122.79
C PRO A 1239 -8.89 72.29 -122.52
N THR A 1240 -8.32 71.10 -122.36
CA THR A 1240 -9.10 69.90 -122.11
C THR A 1240 -8.48 69.08 -120.98
N SER A 1249 -12.62 64.70 -119.51
CA SER A 1249 -11.25 65.18 -119.60
C SER A 1249 -10.60 65.21 -118.22
N LEU A 1250 -11.45 65.25 -117.18
CA LEU A 1250 -10.94 65.31 -115.82
C LEU A 1250 -10.12 64.07 -115.49
N GLN A 1251 -10.62 62.89 -115.86
CA GLN A 1251 -9.90 61.66 -115.62
C GLN A 1251 -8.57 61.65 -116.37
N ALA A 1252 -8.55 62.17 -117.60
CA ALA A 1252 -7.30 62.26 -118.35
C ALA A 1252 -6.32 63.18 -117.64
N THR A 1253 -6.79 64.31 -117.12
CA THR A 1253 -5.92 65.20 -116.37
C THR A 1253 -5.38 64.52 -115.12
N LEU A 1254 -6.21 63.73 -114.45
CA LEU A 1254 -5.75 63.02 -113.25
C LEU A 1254 -4.72 61.97 -113.60
N CYS A 1255 -4.90 61.27 -114.72
CA CYS A 1255 -3.88 60.32 -115.17
C CYS A 1255 -2.57 61.02 -115.47
N TRP A 1256 -2.66 62.18 -116.13
CA TRP A 1256 -1.48 63.01 -116.36
C TRP A 1256 -0.81 63.37 -115.05
N LEU A 1257 -1.60 63.77 -114.06
CA LEU A 1257 -1.05 64.15 -112.76
C LEU A 1257 -0.35 62.98 -112.10
N ASP A 1258 -0.97 61.80 -112.10
CA ASP A 1258 -0.33 60.68 -111.41
C ASP A 1258 0.93 60.22 -112.14
N LEU A 1259 0.95 60.33 -113.47
CA LEU A 1259 2.20 60.08 -114.18
C LEU A 1259 3.28 61.07 -113.77
N LEU A 1260 2.91 62.36 -113.67
CA LEU A 1260 3.87 63.37 -113.25
C LEU A 1260 4.42 63.06 -111.87
N LEU A 1261 3.53 62.66 -110.95
CA LEU A 1261 3.94 62.42 -109.56
C LEU A 1261 4.73 61.14 -109.43
N ALA A 1262 4.44 60.13 -110.25
CA ALA A 1262 5.30 58.95 -110.27
C ALA A 1262 6.69 59.31 -110.74
N ALA A 1263 6.78 60.14 -111.78
CA ALA A 1263 8.10 60.60 -112.23
C ALA A 1263 8.80 61.39 -111.13
N LEU A 1264 8.07 62.26 -110.44
CA LEU A 1264 8.67 63.08 -109.40
C LEU A 1264 9.15 62.22 -108.24
N GLU A 1265 8.37 61.22 -107.84
CA GLU A 1265 8.79 60.32 -106.78
C GLU A 1265 10.00 59.50 -107.21
N CYS A 1266 10.09 59.15 -108.49
CA CYS A 1266 11.29 58.48 -108.98
C CYS A 1266 12.50 59.39 -108.88
N TYR A 1267 12.31 60.67 -109.23
CA TYR A 1267 13.37 61.67 -109.01
C TYR A 1267 13.79 61.70 -107.56
N ASN A 1268 12.80 61.69 -106.66
CA ASN A 1268 13.09 61.72 -105.23
C ASN A 1268 13.88 60.50 -104.81
N THR A 1269 13.51 59.32 -105.34
CA THR A 1269 14.27 58.11 -105.04
C THR A 1269 15.71 58.25 -105.45
N PHE A 1270 15.94 58.75 -106.67
CA PHE A 1270 17.32 58.95 -107.13
C PHE A 1270 18.07 59.90 -106.21
N ILE A 1271 17.51 61.08 -105.95
CA ILE A 1271 18.28 62.11 -105.27
C ILE A 1271 18.49 61.75 -103.80
N GLY A 1272 17.46 61.23 -103.13
CA GLY A 1272 17.63 60.82 -101.75
C GLY A 1272 18.57 59.64 -101.61
N GLU A 1273 18.50 58.68 -102.54
CA GLU A 1273 19.41 57.55 -102.50
C GLU A 1273 20.85 57.96 -102.76
N ARG A 1274 21.06 59.17 -103.28
CA ARG A 1274 22.36 59.66 -103.74
C ARG A 1274 22.93 58.80 -104.86
N THR A 1275 22.11 57.96 -105.48
CA THR A 1275 22.58 57.11 -106.57
C THR A 1275 22.96 57.92 -107.80
N VAL A 1276 22.42 59.13 -107.94
CA VAL A 1276 22.77 60.02 -109.04
C VAL A 1276 22.69 61.45 -108.55
N GLY A 1277 23.49 62.33 -109.16
CA GLY A 1277 23.49 63.72 -108.80
C GLY A 1277 22.45 64.52 -109.56
N ALA A 1278 21.91 65.54 -108.89
CA ALA A 1278 20.95 66.43 -109.56
C ALA A 1278 21.61 67.18 -110.70
N LEU A 1279 22.83 67.66 -110.49
CA LEU A 1279 23.53 68.36 -111.56
C LEU A 1279 23.76 67.46 -112.77
N GLN A 1280 23.81 66.14 -112.56
CA GLN A 1280 23.87 65.22 -113.69
C GLN A 1280 22.61 65.30 -114.54
N VAL A 1281 21.47 65.65 -113.94
CA VAL A 1281 20.20 65.72 -114.63
C VAL A 1281 19.64 67.14 -114.68
N LEU A 1282 20.31 68.10 -114.07
CA LEU A 1282 19.85 69.48 -114.05
C LEU A 1282 20.83 70.37 -114.80
N GLY A 1283 20.29 71.34 -115.55
CA GLY A 1283 21.08 72.31 -116.26
C GLY A 1283 21.40 71.95 -117.70
N THR A 1284 21.27 70.70 -118.07
CA THR A 1284 21.55 70.28 -119.45
C THR A 1284 20.40 69.54 -120.10
N GLU A 1285 19.66 68.74 -119.34
CA GLU A 1285 18.53 67.99 -119.88
C GLU A 1285 17.35 67.99 -118.92
N ALA A 1286 17.23 69.03 -118.08
CA ALA A 1286 16.12 69.11 -117.15
C ALA A 1286 14.79 69.10 -117.90
N GLN A 1287 13.86 68.27 -117.44
CA GLN A 1287 12.58 68.13 -118.12
C GLN A 1287 11.82 69.45 -118.11
N SER A 1288 11.33 69.85 -119.28
CA SER A 1288 10.45 71.01 -119.36
C SER A 1288 9.15 70.77 -118.61
N SER A 1289 8.77 69.50 -118.41
CA SER A 1289 7.56 69.20 -117.66
C SER A 1289 7.67 69.64 -116.21
N LEU A 1290 8.89 69.65 -115.66
CA LEU A 1290 9.08 70.13 -114.29
C LEU A 1290 8.60 71.57 -114.15
N LEU A 1291 9.21 72.48 -114.92
CA LEU A 1291 8.81 73.88 -114.86
C LEU A 1291 7.39 74.09 -115.38
N LYS A 1292 6.94 73.23 -116.29
CA LYS A 1292 5.56 73.31 -116.75
C LYS A 1292 4.60 73.08 -115.61
N ALA A 1293 4.85 72.04 -114.81
CA ALA A 1293 4.02 71.79 -113.63
C ALA A 1293 4.18 72.88 -112.59
N VAL A 1294 5.39 73.42 -112.46
CA VAL A 1294 5.61 74.53 -111.54
C VAL A 1294 4.70 75.70 -111.89
N ALA A 1295 4.68 76.08 -113.17
CA ALA A 1295 3.78 77.14 -113.61
C ALA A 1295 2.32 76.73 -113.48
N PHE A 1296 2.02 75.46 -113.73
CA PHE A 1296 0.64 74.99 -113.66
C PHE A 1296 0.09 75.09 -112.25
N PHE A 1297 0.95 74.93 -111.24
CA PHE A 1297 0.50 75.11 -109.87
C PHE A 1297 -0.09 76.49 -109.67
N LEU A 1298 0.47 77.50 -110.33
CA LEU A 1298 -0.10 78.84 -110.29
C LEU A 1298 -1.43 78.95 -111.03
N GLU A 1299 -1.81 77.93 -111.80
CA GLU A 1299 -3.10 77.93 -112.49
C GLU A 1299 -3.88 76.64 -112.26
N SER A 1300 -3.41 75.77 -111.37
CA SER A 1300 -4.14 74.55 -111.05
C SER A 1300 -4.16 74.20 -109.57
N ILE A 1301 -3.21 74.66 -108.77
CA ILE A 1301 -3.07 74.22 -107.38
C ILE A 1301 -3.17 75.43 -106.45
N ALA A 1302 -4.04 75.33 -105.46
CA ALA A 1302 -4.26 76.25 -104.35
C ALA A 1302 -5.04 77.51 -104.72
N MET A 1303 -5.37 77.74 -105.99
CA MET A 1303 -6.39 78.73 -106.32
C MET A 1303 -7.29 78.27 -107.46
N HIS A 1304 -7.06 77.10 -108.04
CA HIS A 1304 -7.94 76.51 -109.05
C HIS A 1304 -8.43 75.19 -108.48
N ASP A 1305 -9.50 75.24 -107.69
CA ASP A 1305 -10.07 74.07 -107.06
C ASP A 1305 -11.37 73.62 -107.69
N ILE A 1306 -11.93 74.41 -108.61
CA ILE A 1306 -13.15 74.02 -109.32
C ILE A 1306 -12.94 73.84 -110.81
N ILE A 1307 -11.79 74.25 -111.35
CA ILE A 1307 -11.50 74.13 -112.78
C ILE A 1307 -10.00 74.07 -112.94
N ALA A 1308 -9.57 73.49 -114.07
CA ALA A 1308 -8.15 73.37 -114.42
C ALA A 1308 -7.88 74.03 -115.76
N ALA A 1309 -8.51 75.19 -115.99
CA ALA A 1309 -8.41 76.00 -117.21
C ALA A 1309 -9.02 75.32 -118.42
N GLU A 1310 -9.53 74.09 -118.28
CA GLU A 1310 -10.18 73.44 -119.41
C GLU A 1310 -11.51 74.10 -119.75
N LYS A 1311 -12.23 74.58 -118.73
CA LYS A 1311 -13.49 75.29 -118.90
C LYS A 1311 -14.50 74.49 -119.70
N CYS A 1312 -14.43 73.17 -119.63
CA CYS A 1312 -15.36 72.29 -120.31
C CYS A 1312 -15.93 71.18 -119.43
N PHE A 1313 -15.28 70.82 -118.33
CA PHE A 1313 -15.78 69.82 -117.40
C PHE A 1313 -15.99 68.47 -118.07
N THR A 1322 -16.98 68.91 -105.85
CA THR A 1322 -18.14 68.22 -105.32
C THR A 1322 -18.34 66.87 -106.03
N SER A 1323 -19.08 65.98 -105.40
CA SER A 1323 -19.29 64.65 -105.96
C SER A 1323 -19.89 64.66 -107.36
N PRO A 1324 -20.88 65.50 -107.69
CA PRO A 1324 -21.34 65.55 -109.09
C PRO A 1324 -20.22 65.82 -110.08
N GLN A 1325 -19.27 66.69 -109.72
CA GLN A 1325 -18.05 66.87 -110.51
C GLN A 1325 -16.91 65.99 -110.01
N GLU A 1326 -17.12 65.27 -108.91
CA GLU A 1326 -16.11 64.39 -108.31
C GLU A 1326 -14.82 65.17 -108.06
N GLY A 1327 -14.95 66.32 -107.43
CA GLY A 1327 -13.80 67.10 -107.06
C GLY A 1327 -13.06 66.61 -105.84
N GLU A 1328 -13.58 65.58 -105.19
CA GLU A 1328 -12.91 65.01 -104.02
C GLU A 1328 -11.59 64.36 -104.43
N ARG A 1329 -11.62 63.50 -105.45
CA ARG A 1329 -10.39 62.95 -105.98
C ARG A 1329 -9.52 64.04 -106.59
N TYR A 1330 -10.13 65.11 -107.08
CA TYR A 1330 -9.37 66.24 -107.59
C TYR A 1330 -8.53 66.87 -106.48
N ASN A 1331 -9.14 67.13 -105.33
CA ASN A 1331 -8.39 67.69 -104.22
C ASN A 1331 -7.40 66.69 -103.65
N TYR A 1332 -7.74 65.40 -103.66
CA TYR A 1332 -6.79 64.38 -103.24
C TYR A 1332 -5.56 64.39 -104.12
N SER A 1333 -5.76 64.47 -105.43
CA SER A 1333 -4.64 64.58 -106.36
C SER A 1333 -3.86 65.85 -106.10
N LYS A 1334 -4.55 66.96 -105.83
CA LYS A 1334 -3.86 68.22 -105.57
C LYS A 1334 -2.96 68.12 -104.35
N CYS A 1335 -3.48 67.55 -103.26
CA CYS A 1335 -2.68 67.42 -102.05
C CYS A 1335 -1.54 66.43 -102.25
N THR A 1336 -1.75 65.38 -103.04
CA THR A 1336 -0.66 64.47 -103.35
C THR A 1336 0.42 65.19 -104.16
N VAL A 1337 0.00 66.05 -105.09
CA VAL A 1337 0.95 66.89 -105.81
C VAL A 1337 1.76 67.73 -104.83
N VAL A 1338 1.06 68.33 -103.86
CA VAL A 1338 1.72 69.19 -102.90
C VAL A 1338 2.76 68.43 -102.10
N VAL A 1339 2.39 67.24 -101.60
CA VAL A 1339 3.33 66.50 -100.77
C VAL A 1339 4.51 66.02 -101.61
N ARG A 1340 4.25 65.61 -102.86
CA ARG A 1340 5.34 65.17 -103.72
C ARG A 1340 6.33 66.30 -104.00
N ILE A 1341 5.82 67.48 -104.34
CA ILE A 1341 6.72 68.58 -104.66
C ILE A 1341 7.46 69.05 -103.42
N MET A 1342 6.79 69.05 -102.26
CA MET A 1342 7.47 69.44 -101.03
C MET A 1342 8.58 68.47 -100.67
N GLU A 1343 8.32 67.16 -100.79
CA GLU A 1343 9.37 66.21 -100.49
C GLU A 1343 10.50 66.30 -101.50
N PHE A 1344 10.19 66.59 -102.76
CA PHE A 1344 11.24 66.80 -103.77
C PHE A 1344 12.12 67.98 -103.39
N THR A 1345 11.49 69.09 -102.99
CA THR A 1345 12.26 70.27 -102.61
C THR A 1345 13.12 69.99 -101.38
N THR A 1346 12.57 69.29 -100.38
CA THR A 1346 13.33 68.98 -99.19
C THR A 1346 14.54 68.10 -99.52
N THR A 1347 14.32 67.06 -100.33
CA THR A 1347 15.41 66.18 -100.72
C THR A 1347 16.46 66.94 -101.52
N LEU A 1348 16.04 67.83 -102.41
CA LEU A 1348 16.99 68.61 -103.19
C LEU A 1348 17.82 69.52 -102.28
N LEU A 1349 17.17 70.16 -101.31
CA LEU A 1349 17.89 71.06 -100.42
C LEU A 1349 18.85 70.32 -99.51
N ASN A 1350 18.45 69.14 -99.03
CA ASN A 1350 19.28 68.41 -98.07
C ASN A 1350 20.36 67.60 -98.77
N THR A 1351 19.96 66.75 -99.73
CA THR A 1351 20.94 65.93 -100.43
C THR A 1351 21.92 66.80 -101.22
N SER A 1352 21.41 67.85 -101.87
CA SER A 1352 22.26 68.78 -102.59
C SER A 1352 22.39 70.06 -101.78
N PRO A 1353 23.58 70.39 -101.27
CA PRO A 1353 23.73 71.62 -100.47
C PRO A 1353 23.53 72.89 -101.28
N GLU A 1354 23.77 74.04 -100.64
CA GLU A 1354 23.49 75.32 -101.28
C GLU A 1354 24.34 75.56 -102.52
N GLY A 1355 25.40 74.78 -102.72
CA GLY A 1355 26.09 74.82 -104.00
C GLY A 1355 25.17 74.48 -105.15
N TRP A 1356 24.13 73.70 -104.89
CA TRP A 1356 23.10 73.38 -105.87
C TRP A 1356 21.85 74.22 -105.68
N LYS A 1357 21.86 75.20 -104.77
CA LYS A 1357 20.71 76.07 -104.61
C LYS A 1357 20.48 76.95 -105.83
N LEU A 1358 21.52 77.21 -106.62
CA LEU A 1358 21.33 77.84 -107.92
C LEU A 1358 20.55 76.91 -108.85
N LEU A 1359 20.81 75.60 -108.75
CA LEU A 1359 19.93 74.63 -109.38
C LEU A 1359 18.53 74.71 -108.79
N LYS A 1360 18.42 75.05 -107.51
CA LYS A 1360 17.12 75.40 -106.95
C LYS A 1360 16.57 76.66 -107.60
N LYS A 1361 17.45 77.63 -107.90
CA LYS A 1361 17.04 78.83 -108.59
C LYS A 1361 16.76 78.61 -110.07
N ASP A 1362 16.85 77.38 -110.56
CA ASP A 1362 16.27 77.07 -111.85
C ASP A 1362 14.77 77.30 -111.85
N LEU A 1363 14.17 77.37 -110.66
CA LEU A 1363 12.80 77.86 -110.52
C LEU A 1363 12.68 79.24 -111.14
N CYS A 1364 11.65 79.44 -111.96
CA CYS A 1364 11.46 80.72 -112.61
C CYS A 1364 11.26 81.84 -111.59
N ASN A 1365 10.41 81.60 -110.59
CA ASN A 1365 10.19 82.56 -109.53
C ASN A 1365 10.13 81.93 -108.15
N THR A 1366 10.20 80.60 -108.05
CA THR A 1366 10.04 79.90 -106.78
C THR A 1366 8.72 80.31 -106.12
N HIS A 1367 7.64 80.29 -106.91
CA HIS A 1367 6.35 80.80 -106.45
C HIS A 1367 5.80 80.02 -105.27
N LEU A 1368 6.36 78.83 -104.99
CA LEU A 1368 6.02 78.09 -103.78
C LEU A 1368 5.98 79.00 -102.55
N MET A 1369 6.90 79.97 -102.49
CA MET A 1369 6.98 80.90 -101.38
C MET A 1369 5.65 81.55 -101.03
N ARG A 1370 4.71 81.62 -101.96
CA ARG A 1370 3.45 82.31 -101.73
C ARG A 1370 2.24 81.38 -101.73
N VAL A 1371 2.44 80.06 -101.80
CA VAL A 1371 1.33 79.11 -101.80
C VAL A 1371 1.44 78.13 -100.64
N LEU A 1372 2.60 77.47 -100.48
CA LEU A 1372 2.73 76.47 -99.43
C LEU A 1372 2.56 77.09 -98.05
N VAL A 1373 2.93 78.36 -97.92
CA VAL A 1373 2.73 79.07 -96.66
C VAL A 1373 1.25 79.07 -96.28
N GLN A 1374 0.37 79.24 -97.27
CA GLN A 1374 -1.05 79.10 -97.01
C GLN A 1374 -1.36 77.71 -96.46
N THR A 1375 -0.76 76.68 -97.04
CA THR A 1375 -0.90 75.34 -96.51
C THR A 1375 -0.45 75.28 -95.06
N LEU A 1376 0.62 76.02 -94.73
CA LEU A 1376 1.12 76.03 -93.36
C LEU A 1376 0.13 76.68 -92.41
N CYS A 1377 -0.72 77.57 -92.91
CA CYS A 1377 -1.73 78.21 -92.07
C CYS A 1377 -3.14 77.71 -92.34
N GLU A 1378 -3.45 77.30 -93.56
CA GLU A 1378 -4.78 76.79 -93.91
C GLU A 1378 -4.62 75.66 -94.92
N PRO A 1379 -4.77 74.40 -94.48
CA PRO A 1379 -4.96 73.32 -95.47
C PRO A 1379 -6.18 73.55 -96.34
N ALA A 1380 -7.21 74.19 -95.80
CA ALA A 1380 -8.37 74.56 -96.61
C ALA A 1380 -8.03 75.57 -97.70
N SER A 1381 -6.75 75.95 -97.82
CA SER A 1381 -6.31 76.81 -98.91
C SER A 1381 -5.74 76.03 -100.09
N ILE A 1382 -5.59 74.71 -99.98
CA ILE A 1382 -5.21 73.89 -101.12
C ILE A 1382 -6.43 73.22 -101.75
N GLY A 1383 -7.62 73.78 -101.52
CA GLY A 1383 -8.85 73.10 -101.79
C GLY A 1383 -9.60 72.95 -100.49
N PHE A 1384 -9.75 71.71 -100.02
CA PHE A 1384 -10.30 71.44 -98.70
C PHE A 1384 -9.31 70.78 -97.77
N ASN A 1385 -8.60 69.75 -98.24
CA ASN A 1385 -7.80 68.88 -97.38
C ASN A 1385 -8.66 68.35 -96.23
N ILE A 1386 -9.92 68.05 -96.55
CA ILE A 1386 -10.90 67.61 -95.57
C ILE A 1386 -10.92 66.08 -95.58
N GLY A 1387 -11.49 65.51 -94.52
CA GLY A 1387 -11.35 64.11 -94.22
C GLY A 1387 -10.24 63.83 -93.23
N ASP A 1388 -9.15 64.61 -93.30
CA ASP A 1388 -8.10 64.62 -92.29
C ASP A 1388 -7.54 63.22 -92.04
N VAL A 1389 -7.30 62.50 -93.14
CA VAL A 1389 -6.67 61.18 -93.06
C VAL A 1389 -5.21 61.40 -92.68
N GLN A 1390 -4.51 60.30 -92.39
CA GLN A 1390 -3.18 60.36 -91.79
C GLN A 1390 -2.22 61.30 -92.53
N VAL A 1391 -2.46 61.54 -93.82
CA VAL A 1391 -1.49 62.31 -94.61
C VAL A 1391 -1.37 63.73 -94.07
N MET A 1392 -2.49 64.36 -93.73
CA MET A 1392 -2.42 65.72 -93.19
C MET A 1392 -1.79 65.73 -91.81
N ALA A 1393 -1.97 64.66 -91.03
CA ALA A 1393 -1.31 64.56 -89.74
C ALA A 1393 0.20 64.45 -89.91
N HIS A 1394 0.65 63.75 -90.95
CA HIS A 1394 2.06 63.65 -91.24
C HIS A 1394 2.62 64.91 -91.88
N LEU A 1395 1.76 65.72 -92.49
CA LEU A 1395 2.20 66.94 -93.18
C LEU A 1395 3.08 67.86 -92.33
N PRO A 1396 2.75 68.15 -91.07
CA PRO A 1396 3.64 69.05 -90.30
C PRO A 1396 5.06 68.55 -90.17
N ASP A 1397 5.28 67.23 -90.16
CA ASP A 1397 6.65 66.72 -90.06
C ASP A 1397 7.49 67.13 -91.26
N VAL A 1398 7.04 66.75 -92.46
CA VAL A 1398 7.76 67.13 -93.67
C VAL A 1398 7.78 68.65 -93.83
N CYS A 1399 6.77 69.34 -93.31
CA CYS A 1399 6.75 70.79 -93.38
C CYS A 1399 7.88 71.38 -92.54
N VAL A 1400 8.04 70.89 -91.31
CA VAL A 1400 9.12 71.35 -90.45
C VAL A 1400 10.46 71.03 -91.07
N ASN A 1401 10.56 69.85 -91.70
CA ASN A 1401 11.79 69.53 -92.45
C ASN A 1401 12.02 70.54 -93.55
N LEU A 1402 10.95 70.96 -94.24
CA LEU A 1402 11.08 71.95 -95.30
C LEU A 1402 11.56 73.29 -94.77
N MET A 1403 10.97 73.76 -93.66
CA MET A 1403 11.43 75.03 -93.12
C MET A 1403 12.84 74.95 -92.57
N LYS A 1404 13.27 73.79 -92.07
CA LYS A 1404 14.66 73.67 -91.64
C LYS A 1404 15.61 73.70 -92.84
N ALA A 1405 15.23 73.02 -93.92
CA ALA A 1405 16.03 73.08 -95.15
C ALA A 1405 16.04 74.49 -95.72
N LEU A 1406 14.97 75.25 -95.49
CA LEU A 1406 14.98 76.66 -95.87
C LEU A 1406 15.90 77.46 -94.95
N LYS A 1407 15.91 77.12 -93.66
CA LYS A 1407 16.75 77.83 -92.70
C LYS A 1407 18.23 77.66 -93.04
N MET A 1408 18.64 76.44 -93.40
CA MET A 1408 20.02 76.27 -93.85
C MET A 1408 20.28 76.97 -95.17
N SER A 1409 19.22 77.28 -95.93
CA SER A 1409 19.32 78.04 -97.16
C SER A 1409 19.22 79.53 -96.86
N PRO A 1410 19.67 80.38 -97.80
CA PRO A 1410 19.48 81.83 -97.59
C PRO A 1410 18.04 82.26 -97.80
N TYR A 1411 17.36 81.68 -98.80
CA TYR A 1411 16.03 82.11 -99.20
C TYR A 1411 15.02 82.09 -98.06
N LYS A 1412 15.37 81.47 -96.93
CA LYS A 1412 14.55 81.59 -95.73
C LYS A 1412 14.13 83.04 -95.51
N ASP A 1413 15.09 83.96 -95.62
CA ASP A 1413 14.79 85.37 -95.39
C ASP A 1413 13.71 85.84 -96.35
N ILE A 1414 13.84 85.51 -97.64
CA ILE A 1414 12.79 85.82 -98.58
C ILE A 1414 11.50 85.17 -98.13
N LEU A 1415 11.55 83.87 -97.83
CA LEU A 1415 10.39 83.20 -97.25
C LEU A 1415 9.94 83.92 -95.99
N GLU A 1416 10.91 84.28 -95.14
CA GLU A 1416 10.61 85.06 -93.95
C GLU A 1416 9.80 86.29 -94.30
N THR A 1417 10.27 87.04 -95.30
CA THR A 1417 9.51 88.19 -95.79
C THR A 1417 8.08 87.77 -96.09
N HIS A 1418 7.93 86.77 -96.97
CA HIS A 1418 6.59 86.26 -97.29
C HIS A 1418 5.90 85.78 -96.03
N LEU A 1419 6.62 85.07 -95.16
CA LEU A 1419 6.04 84.70 -93.88
C LEU A 1419 5.55 85.93 -93.14
N ARG A 1420 6.43 86.92 -92.97
CA ARG A 1420 6.01 88.16 -92.34
C ARG A 1420 5.00 88.89 -93.19
N GLU A 1421 5.06 88.70 -94.52
CA GLU A 1421 4.01 89.23 -95.38
C GLU A 1421 2.69 88.52 -95.12
N LYS A 1422 2.73 87.20 -94.91
CA LYS A 1422 1.51 86.46 -94.68
C LYS A 1422 0.90 86.81 -93.32
N ILE A 1423 1.73 86.84 -92.28
CA ILE A 1423 1.28 87.23 -90.95
C ILE A 1423 2.53 87.52 -90.12
N THR A 1424 2.36 88.34 -89.09
CA THR A 1424 3.46 88.62 -88.17
C THR A 1424 2.99 88.50 -86.72
N ALA A 1425 1.74 88.11 -86.50
CA ALA A 1425 1.10 87.71 -85.25
C ALA A 1425 0.75 88.87 -84.34
N GLN A 1426 1.12 90.11 -84.66
CA GLN A 1426 0.60 91.23 -83.89
C GLN A 1426 -0.84 91.55 -84.24
N SER A 1427 -1.23 91.30 -85.50
CA SER A 1427 -2.62 91.51 -85.90
C SER A 1427 -3.55 90.57 -85.16
N ILE A 1428 -3.12 89.31 -84.96
CA ILE A 1428 -3.96 88.34 -84.29
C ILE A 1428 -4.14 88.66 -82.82
N GLU A 1429 -3.29 89.52 -82.25
CA GLU A 1429 -3.40 89.84 -80.83
C GLU A 1429 -4.73 90.51 -80.51
N GLU A 1430 -5.15 91.47 -81.34
CA GLU A 1430 -6.49 92.01 -81.18
C GLU A 1430 -7.54 91.03 -81.68
N LEU A 1431 -7.19 90.20 -82.67
CA LEU A 1431 -8.11 89.19 -83.15
C LEU A 1431 -8.31 88.07 -82.14
N CYS A 1432 -7.33 87.83 -81.28
CA CYS A 1432 -7.50 86.88 -80.18
C CYS A 1432 -8.13 87.51 -78.95
N ALA A 1433 -8.29 88.84 -78.93
CA ALA A 1433 -8.95 89.53 -77.84
C ALA A 1433 -10.45 89.72 -78.08
N VAL A 1434 -11.06 88.83 -78.88
CA VAL A 1434 -12.47 88.98 -79.24
C VAL A 1434 -13.33 88.19 -78.28
N ASN A 1435 -12.76 87.79 -77.14
CA ASN A 1435 -13.50 87.11 -76.06
C ASN A 1435 -14.14 85.82 -76.57
N LEU A 1436 -13.26 84.86 -76.88
CA LEU A 1436 -13.69 83.50 -77.22
C LEU A 1436 -13.77 82.70 -75.93
N TYR A 1437 -14.99 82.47 -75.44
CA TYR A 1437 -15.18 81.76 -74.19
C TYR A 1437 -16.58 81.14 -74.18
N GLY A 1438 -16.66 79.85 -74.45
CA GLY A 1438 -17.91 79.13 -74.39
C GLY A 1438 -18.89 79.56 -75.49
N PRO A 1439 -20.02 80.13 -75.08
CA PRO A 1439 -21.03 80.53 -76.07
C PRO A 1439 -20.61 81.78 -76.84
N ASP A 1440 -19.50 81.68 -77.57
CA ASP A 1440 -18.98 82.80 -78.35
C ASP A 1440 -18.72 82.35 -79.78
N ALA A 1441 -18.03 83.17 -80.55
CA ALA A 1441 -17.71 82.82 -81.93
C ALA A 1441 -16.79 81.60 -81.96
N GLN A 1442 -16.81 80.90 -83.09
CA GLN A 1442 -15.99 79.73 -83.30
C GLN A 1442 -14.93 79.91 -84.39
N VAL A 1443 -15.20 80.77 -85.38
CA VAL A 1443 -14.22 81.00 -86.44
C VAL A 1443 -12.95 81.62 -85.86
N ASP A 1444 -13.10 82.48 -84.86
CA ASP A 1444 -11.94 83.01 -84.15
C ASP A 1444 -11.15 81.87 -83.51
N ARG A 1445 -11.85 80.92 -82.90
CA ARG A 1445 -11.17 79.77 -82.31
C ARG A 1445 -10.43 78.96 -83.37
N SER A 1446 -11.07 78.79 -84.53
CA SER A 1446 -10.43 78.03 -85.61
C SER A 1446 -9.17 78.72 -86.11
N ARG A 1447 -9.24 80.02 -86.36
CA ARG A 1447 -8.07 80.72 -86.86
C ARG A 1447 -6.97 80.78 -85.80
N LEU A 1448 -7.36 80.91 -84.53
CA LEU A 1448 -6.36 80.89 -83.47
C LEU A 1448 -5.68 79.54 -83.39
N ALA A 1449 -6.44 78.45 -83.54
CA ALA A 1449 -5.82 77.13 -83.58
C ALA A 1449 -4.88 77.01 -84.77
N ALA A 1450 -5.29 77.55 -85.92
CA ALA A 1450 -4.44 77.48 -87.11
C ALA A 1450 -3.13 78.21 -86.90
N VAL A 1451 -3.19 79.44 -86.36
CA VAL A 1451 -1.97 80.21 -86.15
C VAL A 1451 -1.11 79.57 -85.07
N VAL A 1452 -1.74 79.00 -84.04
CA VAL A 1452 -0.99 78.29 -83.00
C VAL A 1452 -0.23 77.13 -83.62
N SER A 1453 -0.92 76.33 -84.44
CA SER A 1453 -0.26 75.20 -85.08
C SER A 1453 0.89 75.66 -85.97
N ALA A 1454 0.65 76.70 -86.77
CA ALA A 1454 1.68 77.20 -87.67
C ALA A 1454 2.92 77.64 -86.90
N CYS A 1455 2.72 78.39 -85.81
CA CYS A 1455 3.85 78.75 -84.98
C CYS A 1455 4.48 77.54 -84.32
N LYS A 1456 3.73 76.46 -84.13
CA LYS A 1456 4.34 75.24 -83.59
C LYS A 1456 5.27 74.60 -84.60
N GLN A 1457 4.88 74.55 -85.88
CA GLN A 1457 5.86 74.10 -86.87
C GLN A 1457 7.06 75.04 -86.91
N LEU A 1458 6.81 76.34 -86.80
CA LEU A 1458 7.92 77.29 -86.79
C LEU A 1458 8.87 77.01 -85.64
N HIS A 1459 8.34 76.80 -84.45
CA HIS A 1459 9.17 76.50 -83.28
C HIS A 1459 9.92 75.19 -83.46
N ARG A 1460 9.22 74.16 -83.96
CA ARG A 1460 9.88 72.88 -84.19
C ARG A 1460 10.88 72.97 -85.34
N ALA A 1461 10.67 73.92 -86.26
CA ALA A 1461 11.65 74.22 -87.28
C ALA A 1461 12.69 75.23 -86.82
N GLY A 1462 12.60 75.71 -85.59
CA GLY A 1462 13.54 76.68 -85.08
C GLY A 1462 13.28 78.11 -85.52
N LEU A 1463 12.05 78.42 -85.91
CA LEU A 1463 11.69 79.77 -86.35
C LEU A 1463 10.94 80.43 -85.21
N LEU A 1464 11.63 81.26 -84.44
CA LEU A 1464 11.06 81.87 -83.25
C LEU A 1464 10.85 83.37 -83.41
N HIS A 1465 11.90 84.10 -83.76
CA HIS A 1465 11.82 85.55 -83.88
C HIS A 1465 12.02 86.02 -85.30
N ASN A 1466 12.31 85.11 -86.23
CA ASN A 1466 12.27 85.46 -87.64
C ASN A 1466 10.86 85.83 -88.07
N ILE A 1467 9.84 85.34 -87.36
CA ILE A 1467 8.47 85.72 -87.64
C ILE A 1467 7.89 86.63 -86.57
N LEU A 1468 8.30 86.48 -85.31
CA LEU A 1468 7.85 87.37 -84.24
C LEU A 1468 8.84 88.51 -84.06
N PRO A 1469 8.39 89.76 -84.12
CA PRO A 1469 9.29 90.87 -83.80
C PRO A 1469 9.81 90.75 -82.38
N SER A 1470 11.08 91.12 -82.19
CA SER A 1470 11.72 90.96 -80.89
C SER A 1470 11.08 91.88 -79.86
N GLN A 1471 10.83 91.32 -78.68
CA GLN A 1471 10.29 92.09 -77.57
C GLN A 1471 11.32 93.10 -77.07
N SER A 1472 10.84 94.19 -76.49
CA SER A 1472 11.74 95.20 -75.95
C SER A 1472 12.66 94.63 -74.89
N THR A 1473 12.13 93.75 -74.04
CA THR A 1473 12.93 93.04 -73.05
C THR A 1473 13.17 91.60 -73.50
N ASP A 1474 14.13 90.95 -72.84
CA ASP A 1474 14.42 89.57 -73.15
C ASP A 1474 13.22 88.68 -72.86
N LEU A 1475 12.48 88.97 -71.79
CA LEU A 1475 11.19 88.33 -71.55
C LEU A 1475 10.23 88.78 -72.63
N HIS A 1476 9.89 87.88 -73.54
CA HIS A 1476 9.03 88.22 -74.67
C HIS A 1476 7.60 88.33 -74.19
N HIS A 1477 7.26 89.51 -73.67
CA HIS A 1477 5.90 89.79 -73.23
C HIS A 1477 4.90 89.84 -74.38
N SER A 1478 5.38 89.87 -75.62
CA SER A 1478 4.49 89.92 -76.78
C SER A 1478 3.56 88.73 -76.82
N VAL A 1479 3.89 87.65 -76.12
CA VAL A 1479 2.96 86.56 -75.89
C VAL A 1479 2.57 86.44 -74.41
N GLY A 1480 3.48 86.76 -73.50
CA GLY A 1480 3.19 86.56 -72.08
C GLY A 1480 2.08 87.45 -71.56
N THR A 1481 2.06 88.72 -71.99
CA THR A 1481 1.01 89.62 -71.53
C THR A 1481 -0.36 89.11 -71.96
N GLU A 1482 -0.50 88.74 -73.23
CA GLU A 1482 -1.77 88.22 -73.72
C GLU A 1482 -2.14 86.94 -72.98
N LEU A 1483 -1.16 86.05 -72.78
CA LEU A 1483 -1.43 84.80 -72.07
C LEU A 1483 -1.97 85.07 -70.67
N LEU A 1484 -1.25 85.90 -69.90
CA LEU A 1484 -1.66 86.17 -68.53
C LEU A 1484 -2.99 86.90 -68.47
N SER A 1485 -3.20 87.89 -69.34
CA SER A 1485 -4.45 88.62 -69.34
C SER A 1485 -5.62 87.69 -69.63
N LEU A 1486 -5.48 86.84 -70.64
CA LEU A 1486 -6.56 85.93 -70.98
C LEU A 1486 -6.82 84.94 -69.85
N VAL A 1487 -5.76 84.32 -69.31
CA VAL A 1487 -5.97 83.30 -68.29
C VAL A 1487 -6.54 83.92 -67.03
N TYR A 1488 -6.26 85.20 -66.77
CA TYR A 1488 -6.75 85.83 -65.56
C TYR A 1488 -8.17 86.33 -65.73
N LYS A 1489 -8.51 86.84 -66.91
CA LYS A 1489 -9.79 87.50 -67.10
C LYS A 1489 -10.88 86.59 -67.66
N GLY A 1490 -10.51 85.45 -68.24
CA GLY A 1490 -11.54 84.57 -68.78
C GLY A 1490 -12.35 83.84 -67.75
N ILE A 1491 -12.06 84.07 -66.47
CA ILE A 1491 -12.82 83.45 -65.40
C ILE A 1491 -13.66 84.46 -64.61
N ALA A 1492 -13.25 85.72 -64.55
CA ALA A 1492 -14.01 86.74 -63.84
C ALA A 1492 -15.03 87.40 -64.74
N SER A 1502 -17.33 80.77 -68.64
CA SER A 1502 -16.01 81.20 -68.19
C SER A 1502 -14.95 80.14 -68.48
N LEU A 1503 -15.37 79.09 -69.19
CA LEU A 1503 -14.46 78.00 -69.53
C LEU A 1503 -15.01 77.25 -70.73
N ASP A 1504 -14.12 76.54 -71.41
CA ASP A 1504 -14.47 75.72 -72.57
C ASP A 1504 -13.29 74.81 -72.89
N LEU A 1505 -13.59 73.54 -73.16
CA LEU A 1505 -12.53 72.59 -73.48
C LEU A 1505 -11.75 73.02 -74.72
N SER A 1506 -12.45 73.50 -75.74
CA SER A 1506 -11.76 74.07 -76.89
C SER A 1506 -10.96 75.29 -76.49
N CYS A 1507 -11.56 76.18 -75.69
CA CYS A 1507 -10.81 77.31 -75.18
C CYS A 1507 -9.69 76.86 -74.25
N LYS A 1508 -9.89 75.77 -73.52
CA LYS A 1508 -8.84 75.26 -72.65
C LYS A 1508 -7.63 74.80 -73.45
N GLN A 1509 -7.86 74.04 -74.53
CA GLN A 1509 -6.74 73.59 -75.33
C GLN A 1509 -6.11 74.74 -76.12
N LEU A 1510 -6.91 75.73 -76.51
CA LEU A 1510 -6.34 76.93 -77.12
C LEU A 1510 -5.44 77.67 -76.14
N ALA A 1511 -5.88 77.79 -74.89
CA ALA A 1511 -5.06 78.41 -73.86
C ALA A 1511 -3.78 77.62 -73.64
N SER A 1512 -3.87 76.29 -73.67
CA SER A 1512 -2.67 75.47 -73.57
C SER A 1512 -1.73 75.74 -74.74
N GLY A 1513 -2.29 75.85 -75.95
CA GLY A 1513 -1.47 76.17 -77.11
C GLY A 1513 -0.74 77.49 -76.94
N LEU A 1514 -1.46 78.51 -76.46
CA LEU A 1514 -0.82 79.78 -76.17
C LEU A 1514 0.22 79.65 -75.06
N LEU A 1515 -0.02 78.73 -74.12
CA LEU A 1515 0.96 78.48 -73.07
C LEU A 1515 2.28 78.00 -73.65
N GLU A 1516 2.23 76.99 -74.50
CA GLU A 1516 3.50 76.56 -75.10
C GLU A 1516 4.03 77.58 -76.11
N LEU A 1517 3.16 78.43 -76.66
CA LEU A 1517 3.65 79.53 -77.48
C LEU A 1517 4.52 80.46 -76.67
N ALA A 1518 4.06 80.84 -75.48
CA ALA A 1518 4.87 81.66 -74.59
C ALA A 1518 6.11 80.90 -74.14
N PHE A 1519 5.97 79.60 -73.89
CA PHE A 1519 7.10 78.77 -73.48
C PHE A 1519 8.15 78.68 -74.57
N ALA A 1520 7.77 78.91 -75.83
CA ALA A 1520 8.74 78.90 -76.91
C ALA A 1520 9.78 80.01 -76.78
N PHE A 1521 9.51 81.02 -75.98
CA PHE A 1521 10.42 82.14 -75.76
C PHE A 1521 10.89 82.13 -74.31
N GLY A 1522 12.21 82.18 -74.12
CA GLY A 1522 12.78 82.09 -72.79
C GLY A 1522 12.57 83.34 -71.97
N GLY A 1523 12.94 83.24 -70.69
CA GLY A 1523 12.78 84.32 -69.76
C GLY A 1523 11.41 84.41 -69.12
N LEU A 1524 10.38 83.91 -69.80
CA LEU A 1524 9.02 83.99 -69.27
C LEU A 1524 8.82 83.13 -68.04
N CYS A 1525 9.77 82.25 -67.71
CA CYS A 1525 9.62 81.38 -66.54
C CYS A 1525 9.45 82.21 -65.27
N GLU A 1526 10.32 83.20 -65.08
CA GLU A 1526 10.23 84.04 -63.88
C GLU A 1526 8.95 84.86 -63.89
N ARG A 1527 8.56 85.38 -65.05
CA ARG A 1527 7.34 86.18 -65.12
C ARG A 1527 6.13 85.35 -64.75
N LEU A 1528 6.03 84.13 -65.28
CA LEU A 1528 4.90 83.27 -64.94
C LEU A 1528 4.96 82.80 -63.50
N VAL A 1529 6.16 82.60 -62.96
CA VAL A 1529 6.28 82.25 -61.54
C VAL A 1529 5.72 83.38 -60.69
N SER A 1530 6.08 84.62 -61.01
CA SER A 1530 5.54 85.76 -60.29
C SER A 1530 4.03 85.84 -60.45
N LEU A 1531 3.54 85.60 -61.67
CA LEU A 1531 2.10 85.62 -61.91
C LEU A 1531 1.38 84.56 -61.08
N LEU A 1532 2.02 83.41 -60.88
CA LEU A 1532 1.44 82.37 -60.03
C LEU A 1532 1.40 82.82 -58.58
N LEU A 1533 2.38 83.60 -58.16
CA LEU A 1533 2.37 84.14 -56.80
C LEU A 1533 1.47 85.37 -56.74
N ASN A 1534 0.23 85.22 -57.20
CA ASN A 1534 -0.72 86.32 -57.22
C ASN A 1534 -1.67 86.17 -56.05
N PRO A 1535 -1.57 87.04 -55.03
CA PRO A 1535 -2.51 86.94 -53.89
C PRO A 1535 -3.93 87.34 -54.26
N ALA A 1536 -4.16 87.84 -55.47
CA ALA A 1536 -5.51 88.20 -55.90
C ALA A 1536 -6.42 86.99 -55.79
N VAL A 1537 -7.55 87.17 -55.10
CA VAL A 1537 -8.45 86.07 -54.75
C VAL A 1537 -9.68 86.14 -55.64
N LEU A 1538 -10.08 84.99 -56.18
CA LEU A 1538 -11.33 84.92 -56.91
C LEU A 1538 -12.50 85.18 -55.96
N SER A 1539 -13.51 85.88 -56.47
CA SER A 1539 -14.63 86.33 -55.65
C SER A 1539 -15.92 85.81 -56.27
N HIS A 1552 -13.99 81.56 -52.12
CA HIS A 1552 -12.95 82.46 -52.57
C HIS A 1552 -11.63 81.70 -52.62
N PHE A 1553 -10.84 81.96 -53.66
CA PHE A 1553 -9.53 81.34 -53.79
C PHE A 1553 -8.66 82.23 -54.68
N SER A 1554 -7.35 82.02 -54.59
CA SER A 1554 -6.40 82.84 -55.32
C SER A 1554 -6.51 82.56 -56.82
N HIS A 1555 -5.69 83.26 -57.59
CA HIS A 1555 -5.71 83.14 -59.04
C HIS A 1555 -4.51 82.42 -59.62
N GLY A 1556 -3.32 82.62 -59.06
CA GLY A 1556 -2.17 81.86 -59.54
C GLY A 1556 -2.34 80.37 -59.34
N GLU A 1557 -2.83 79.97 -58.16
CA GLU A 1557 -3.15 78.57 -57.93
C GLU A 1557 -4.25 78.10 -58.87
N TYR A 1558 -5.20 78.99 -59.21
CA TYR A 1558 -6.23 78.61 -60.17
C TYR A 1558 -5.61 78.32 -61.53
N PHE A 1559 -4.69 79.17 -61.97
CA PHE A 1559 -4.00 78.92 -63.24
C PHE A 1559 -3.24 77.61 -63.19
N TYR A 1560 -2.57 77.35 -62.06
CA TYR A 1560 -1.85 76.09 -61.92
C TYR A 1560 -2.80 74.91 -62.05
N SER A 1561 -3.94 74.99 -61.37
CA SER A 1561 -4.92 73.92 -61.47
C SER A 1561 -5.43 73.75 -62.90
N LEU A 1562 -5.50 74.84 -63.65
CA LEU A 1562 -5.99 74.76 -65.02
C LEU A 1562 -5.05 73.94 -65.90
N PHE A 1563 -3.76 74.23 -65.85
CA PHE A 1563 -2.81 73.65 -66.79
C PHE A 1563 -1.55 73.20 -66.06
N SER A 1564 -1.73 72.43 -64.97
CA SER A 1564 -0.59 71.96 -64.20
C SER A 1564 0.37 71.15 -65.06
N GLU A 1565 -0.16 70.33 -65.96
CA GLU A 1565 0.70 69.48 -66.79
C GLU A 1565 1.58 70.32 -67.72
N THR A 1566 1.01 71.35 -68.33
CA THR A 1566 1.81 72.22 -69.19
C THR A 1566 2.87 72.95 -68.38
N ILE A 1567 2.52 73.38 -67.17
CA ILE A 1567 3.48 74.04 -66.30
C ILE A 1567 4.62 73.09 -65.95
N ASN A 1568 4.28 71.84 -65.63
CA ASN A 1568 5.32 70.86 -65.33
C ASN A 1568 6.22 70.65 -66.54
N THR A 1569 5.64 70.54 -67.73
CA THR A 1569 6.43 70.31 -68.93
C THR A 1569 7.38 71.47 -69.17
N GLU A 1570 6.90 72.71 -69.02
CA GLU A 1570 7.75 73.86 -69.22
C GLU A 1570 8.84 73.93 -68.16
N LEU A 1571 8.46 73.79 -66.89
CA LEU A 1571 9.38 74.02 -65.79
C LEU A 1571 10.37 72.89 -65.58
N LEU A 1572 10.15 71.72 -66.20
CA LEU A 1572 11.19 70.70 -66.18
C LEU A 1572 12.44 71.18 -66.91
N LYS A 1573 12.25 71.97 -67.97
CA LYS A 1573 13.40 72.54 -68.67
C LYS A 1573 14.19 73.46 -67.74
N ASN A 1574 13.50 74.28 -66.97
CA ASN A 1574 14.18 75.06 -65.95
C ASN A 1574 14.68 74.14 -64.85
N LEU A 1575 15.91 74.38 -64.39
CA LEU A 1575 16.52 73.50 -63.40
C LEU A 1575 16.28 74.01 -61.98
N ASP A 1576 16.74 75.21 -61.68
CA ASP A 1576 16.64 75.73 -60.33
C ASP A 1576 16.17 77.17 -60.24
N LEU A 1577 16.10 77.90 -61.35
CA LEU A 1577 15.72 79.30 -61.31
C LEU A 1577 14.33 79.46 -60.69
N ALA A 1578 13.35 78.73 -61.22
CA ALA A 1578 12.03 78.72 -60.62
C ALA A 1578 12.06 78.05 -59.25
N VAL A 1579 12.91 77.04 -59.08
CA VAL A 1579 13.07 76.44 -57.75
C VAL A 1579 13.56 77.49 -56.77
N LEU A 1580 14.55 78.28 -57.17
CA LEU A 1580 15.06 79.34 -56.30
C LEU A 1580 13.99 80.37 -56.00
N GLU A 1581 13.24 80.80 -57.03
CA GLU A 1581 12.19 81.77 -56.81
C GLU A 1581 11.14 81.24 -55.85
N LEU A 1582 10.74 79.97 -56.02
CA LEU A 1582 9.83 79.34 -55.09
C LEU A 1582 10.38 79.37 -53.68
N MET A 1583 11.66 79.03 -53.53
CA MET A 1583 12.22 78.91 -52.19
C MET A 1583 12.29 80.28 -51.53
N GLN A 1584 12.62 81.32 -52.29
CA GLN A 1584 12.52 82.68 -51.76
C GLN A 1584 11.07 83.04 -51.44
N SER A 1585 10.14 82.59 -52.28
CA SER A 1585 8.72 82.87 -52.07
C SER A 1585 8.05 81.85 -51.17
N SER A 1586 8.80 80.90 -50.63
CA SER A 1586 8.23 79.96 -49.67
C SER A 1586 8.05 80.57 -48.28
N VAL A 1587 8.64 81.74 -48.04
CA VAL A 1587 8.58 82.35 -46.71
C VAL A 1587 7.17 82.81 -46.40
N ASP A 1588 6.46 83.35 -47.39
CA ASP A 1588 5.11 83.87 -47.19
C ASP A 1588 4.03 82.91 -47.64
N ASN A 1589 4.19 82.28 -48.80
CA ASN A 1589 3.25 81.28 -49.29
C ASN A 1589 3.76 79.89 -48.96
N THR A 1590 2.84 78.98 -48.66
CA THR A 1590 3.20 77.62 -48.29
C THR A 1590 2.44 76.60 -49.13
N LYS A 1591 1.22 76.95 -49.54
CA LYS A 1591 0.35 75.97 -50.18
C LYS A 1591 0.72 75.74 -51.65
N MET A 1592 0.59 76.79 -52.46
CA MET A 1592 0.77 76.61 -53.91
C MET A 1592 2.20 76.30 -54.26
N VAL A 1593 3.16 76.76 -53.46
CA VAL A 1593 4.55 76.41 -53.70
C VAL A 1593 4.73 74.90 -53.54
N SER A 1594 4.18 74.34 -52.47
CA SER A 1594 4.22 72.89 -52.30
C SER A 1594 3.46 72.19 -53.41
N ALA A 1595 2.36 72.78 -53.86
CA ALA A 1595 1.59 72.18 -54.94
C ALA A 1595 2.41 72.05 -56.21
N VAL A 1596 3.05 73.14 -56.63
CA VAL A 1596 3.86 73.07 -57.83
C VAL A 1596 5.09 72.20 -57.61
N LEU A 1597 5.59 72.14 -56.38
CA LEU A 1597 6.70 71.24 -56.08
C LEU A 1597 6.32 69.79 -56.33
N ASN A 1598 5.21 69.34 -55.74
CA ASN A 1598 4.81 67.96 -55.94
C ASN A 1598 4.36 67.71 -57.37
N GLY A 1599 3.89 68.74 -58.06
CA GLY A 1599 3.62 68.59 -59.49
C GLY A 1599 4.89 68.31 -60.27
N MET A 1600 5.94 69.09 -60.00
CA MET A 1600 7.26 68.80 -60.56
C MET A 1600 7.63 67.35 -60.27
N LEU A 1601 7.47 66.95 -59.01
CA LEU A 1601 7.90 65.62 -58.58
C LEU A 1601 7.16 64.54 -59.35
N ASP A 1602 5.84 64.63 -59.41
CA ASP A 1602 5.05 63.59 -60.06
C ASP A 1602 5.31 63.56 -61.55
N GLN A 1603 5.43 64.72 -62.20
CA GLN A 1603 5.71 64.73 -63.62
C GLN A 1603 7.06 64.10 -63.92
N SER A 1604 8.08 64.45 -63.13
CA SER A 1604 9.41 63.89 -63.37
C SER A 1604 9.42 62.39 -63.09
N PHE A 1605 8.66 61.96 -62.10
CA PHE A 1605 8.56 60.52 -61.83
C PHE A 1605 7.88 59.81 -63.00
N ARG A 1606 6.87 60.45 -63.59
CA ARG A 1606 6.18 59.83 -64.72
C ARG A 1606 7.11 59.61 -65.89
N GLU A 1607 7.95 60.59 -66.20
CA GLU A 1607 8.85 60.49 -67.35
C GLU A 1607 10.01 59.57 -66.99
N ARG A 1608 10.09 58.42 -67.65
CA ARG A 1608 11.22 57.53 -67.50
C ARG A 1608 11.68 56.91 -68.80
N ALA A 1609 10.99 57.18 -69.91
CA ALA A 1609 11.43 56.65 -71.19
C ALA A 1609 12.81 57.18 -71.57
N ASN A 1610 12.97 58.50 -71.52
CA ASN A 1610 14.29 59.09 -71.73
C ASN A 1610 15.20 58.82 -70.54
N GLN A 1611 14.72 59.10 -69.34
CA GLN A 1611 15.50 59.00 -68.11
C GLN A 1611 14.59 59.41 -66.96
N LYS A 1612 15.11 59.27 -65.74
CA LYS A 1612 14.53 59.90 -64.57
C LYS A 1612 15.56 60.75 -63.83
N HIS A 1613 16.72 61.01 -64.44
CA HIS A 1613 17.72 61.84 -63.80
C HIS A 1613 17.23 63.26 -63.58
N GLN A 1614 16.19 63.68 -64.31
CA GLN A 1614 15.59 64.99 -64.06
C GLN A 1614 15.13 65.10 -62.62
N GLY A 1615 14.42 64.09 -62.13
CA GLY A 1615 13.98 64.11 -60.74
C GLY A 1615 15.15 64.13 -59.78
N LEU A 1616 16.21 63.40 -60.09
CA LEU A 1616 17.38 63.38 -59.23
C LEU A 1616 18.01 64.76 -59.14
N LYS A 1617 18.16 65.43 -60.29
CA LYS A 1617 18.76 66.76 -60.29
C LYS A 1617 17.87 67.77 -59.57
N LEU A 1618 16.55 67.70 -59.79
CA LEU A 1618 15.66 68.61 -59.09
C LEU A 1618 15.69 68.39 -57.58
N ALA A 1619 15.70 67.13 -57.15
CA ALA A 1619 15.78 66.84 -55.73
C ALA A 1619 17.09 67.35 -55.14
N THR A 1620 18.20 67.11 -55.83
CA THR A 1620 19.49 67.60 -55.33
C THR A 1620 19.48 69.11 -55.22
N THR A 1621 18.99 69.79 -56.26
CA THR A 1621 18.97 71.25 -56.26
C THR A 1621 18.11 71.80 -55.14
N ILE A 1622 16.92 71.24 -54.95
CA ILE A 1622 16.06 71.75 -53.89
C ILE A 1622 16.66 71.46 -52.52
N LEU A 1623 17.39 70.35 -52.39
CA LEU A 1623 18.15 70.12 -51.16
C LEU A 1623 19.21 71.20 -50.97
N GLN A 1624 19.84 71.64 -52.06
CA GLN A 1624 20.78 72.75 -51.95
C GLN A 1624 20.06 74.01 -51.48
N HIS A 1625 18.86 74.26 -52.00
CA HIS A 1625 18.07 75.41 -51.57
C HIS A 1625 17.36 75.18 -50.25
N TRP A 1626 17.29 73.93 -49.77
CA TRP A 1626 16.33 73.57 -48.73
C TRP A 1626 16.52 74.42 -47.47
N LYS A 1627 17.76 74.61 -47.04
CA LYS A 1627 18.02 75.32 -45.80
C LYS A 1627 17.65 76.80 -45.85
N LYS A 1628 17.38 77.35 -47.05
CA LYS A 1628 17.13 78.78 -47.17
C LYS A 1628 15.84 79.19 -46.49
N CYS A 1629 14.78 78.39 -46.58
CA CYS A 1629 13.58 78.61 -45.79
C CYS A 1629 13.29 77.35 -45.00
N ASP A 1630 13.26 77.49 -43.68
CA ASP A 1630 13.05 76.38 -42.77
C ASP A 1630 11.97 76.73 -41.75
N SER A 1631 10.94 77.43 -42.21
CA SER A 1631 9.81 77.86 -41.38
C SER A 1631 8.93 76.71 -40.98
N TRP A 1632 9.36 75.50 -41.30
CA TRP A 1632 8.63 74.27 -41.03
C TRP A 1632 9.48 73.38 -40.13
N TRP A 1633 9.03 72.12 -40.00
CA TRP A 1633 9.80 71.05 -39.34
C TRP A 1633 10.35 71.48 -37.99
N ALA A 1634 9.67 72.41 -37.34
CA ALA A 1634 10.01 72.88 -36.00
C ALA A 1634 8.75 73.54 -35.43
N LYS A 1635 8.91 74.19 -34.28
CA LYS A 1635 7.80 74.94 -33.69
C LYS A 1635 7.67 76.30 -34.38
N ASP A 1636 7.47 76.23 -35.68
CA ASP A 1636 7.45 77.43 -36.52
C ASP A 1636 6.38 77.38 -37.60
N SER A 1637 5.52 76.37 -37.60
CA SER A 1637 4.57 76.17 -38.68
C SER A 1637 3.35 75.45 -38.14
N PRO A 1638 2.21 75.55 -38.83
CA PRO A 1638 1.07 74.71 -38.47
C PRO A 1638 1.33 73.25 -38.78
N LEU A 1639 0.58 72.38 -38.09
CA LEU A 1639 0.75 70.94 -38.29
C LEU A 1639 0.41 70.53 -39.71
N GLU A 1640 -0.52 71.23 -40.37
CA GLU A 1640 -0.84 70.91 -41.75
C GLU A 1640 0.37 71.14 -42.65
N THR A 1641 1.09 72.24 -42.45
CA THR A 1641 2.30 72.49 -43.20
C THR A 1641 3.36 71.44 -42.92
N LYS A 1642 3.46 71.02 -41.65
CA LYS A 1642 4.41 69.96 -41.31
C LYS A 1642 4.06 68.66 -42.03
N MET A 1643 2.78 68.34 -42.11
CA MET A 1643 2.39 67.14 -42.84
C MET A 1643 2.67 67.29 -44.33
N ALA A 1644 2.49 68.50 -44.87
CA ALA A 1644 2.79 68.73 -46.27
C ALA A 1644 4.28 68.52 -46.56
N VAL A 1645 5.15 69.07 -45.71
CA VAL A 1645 6.57 68.87 -45.93
C VAL A 1645 6.93 67.41 -45.69
N LEU A 1646 6.24 66.74 -44.78
CA LEU A 1646 6.40 65.30 -44.61
C LEU A 1646 6.13 64.57 -45.91
N ALA A 1647 5.00 64.89 -46.55
CA ALA A 1647 4.61 64.22 -47.77
C ALA A 1647 5.60 64.48 -48.89
N LEU A 1648 6.07 65.72 -49.02
CA LEU A 1648 6.99 66.01 -50.11
C LEU A 1648 8.36 65.41 -49.86
N LEU A 1649 8.81 65.35 -48.60
CA LEU A 1649 10.00 64.57 -48.29
C LEU A 1649 9.82 63.11 -48.65
N ALA A 1650 8.65 62.55 -48.34
CA ALA A 1650 8.41 61.15 -48.70
C ALA A 1650 8.50 60.96 -50.20
N LYS A 1651 7.90 61.88 -50.96
CA LYS A 1651 7.93 61.76 -52.41
C LYS A 1651 9.34 61.87 -52.97
N ILE A 1652 10.13 62.81 -52.45
CA ILE A 1652 11.48 62.99 -52.98
C ILE A 1652 12.36 61.79 -52.60
N LEU A 1653 12.21 61.27 -51.39
CA LEU A 1653 12.97 60.08 -51.01
C LEU A 1653 12.58 58.88 -51.86
N GLN A 1654 11.28 58.77 -52.18
CA GLN A 1654 10.87 57.72 -53.10
C GLN A 1654 11.52 57.91 -54.47
N ILE A 1655 11.56 59.15 -54.95
CA ILE A 1655 12.19 59.44 -56.23
C ILE A 1655 13.69 59.24 -56.15
N ASP A 1656 14.32 59.78 -55.11
CA ASP A 1656 15.77 59.68 -54.97
C ASP A 1656 16.19 58.24 -54.71
N SER A 1657 17.35 57.87 -55.25
CA SER A 1657 17.90 56.55 -54.98
C SER A 1657 18.26 56.45 -53.50
N SER A 1658 17.98 55.27 -52.93
CA SER A 1658 18.19 55.08 -51.49
C SER A 1658 19.67 55.22 -51.13
N VAL A 1659 20.56 54.69 -51.96
CA VAL A 1659 21.99 54.77 -51.68
C VAL A 1659 22.43 56.22 -51.62
N SER A 1660 21.87 57.08 -52.47
CA SER A 1660 22.17 58.49 -52.40
C SER A 1660 21.50 59.11 -51.19
N PHE A 1661 22.26 59.91 -50.43
CA PHE A 1661 21.74 60.64 -49.28
C PHE A 1661 21.18 59.71 -48.22
N ASN A 1662 21.85 58.57 -48.02
CA ASN A 1662 21.59 57.70 -46.87
C ASN A 1662 22.68 57.80 -45.81
N THR A 1663 23.93 57.95 -46.22
CA THR A 1663 25.04 58.32 -45.37
C THR A 1663 25.56 59.66 -45.88
N SER A 1664 26.70 60.09 -45.33
CA SER A 1664 27.21 61.43 -45.62
C SER A 1664 27.37 61.66 -47.12
N HIS A 1665 26.51 62.50 -47.69
CA HIS A 1665 26.55 62.83 -49.11
C HIS A 1665 26.09 64.28 -49.25
N GLY A 1666 27.05 65.20 -49.27
CA GLY A 1666 26.75 66.61 -49.48
C GLY A 1666 25.72 67.18 -48.53
N SER A 1667 24.54 67.47 -49.04
CA SER A 1667 23.45 68.04 -48.25
C SER A 1667 22.66 66.99 -47.50
N PHE A 1668 23.11 65.74 -47.50
CA PHE A 1668 22.40 64.68 -46.77
C PHE A 1668 22.20 65.00 -45.29
N PRO A 1669 23.20 65.44 -44.53
CA PRO A 1669 22.98 65.56 -43.07
C PRO A 1669 21.90 66.55 -42.70
N GLU A 1670 21.91 67.74 -43.31
CA GLU A 1670 21.00 68.80 -42.90
C GLU A 1670 19.55 68.33 -42.97
N VAL A 1671 19.14 67.83 -44.14
CA VAL A 1671 17.79 67.29 -44.27
C VAL A 1671 17.60 66.13 -43.29
N PHE A 1672 18.62 65.27 -43.18
CA PHE A 1672 18.57 64.22 -42.17
C PHE A 1672 18.40 64.82 -40.78
N THR A 1673 19.17 65.88 -40.49
CA THR A 1673 18.94 66.59 -39.24
C THR A 1673 17.51 67.08 -39.15
N THR A 1674 17.00 67.68 -40.24
CA THR A 1674 15.60 68.04 -40.30
C THR A 1674 14.72 66.84 -40.02
N TYR A 1675 15.07 65.69 -40.59
CA TYR A 1675 14.32 64.46 -40.33
C TYR A 1675 14.24 64.20 -38.83
N ILE A 1676 15.39 64.31 -38.15
CA ILE A 1676 15.39 64.14 -36.69
C ILE A 1676 14.48 65.18 -36.06
N SER A 1677 14.61 66.43 -36.49
CA SER A 1677 13.71 67.47 -36.00
C SER A 1677 12.26 67.10 -36.28
N LEU A 1678 12.00 66.49 -37.44
CA LEU A 1678 10.66 66.02 -37.75
C LEU A 1678 10.12 65.13 -36.64
N LEU A 1679 10.92 64.15 -36.21
CA LEU A 1679 10.49 63.31 -35.12
C LEU A 1679 10.76 63.94 -33.75
N ALA A 1680 11.57 65.00 -33.70
CA ALA A 1680 11.84 65.64 -32.43
C ALA A 1680 10.66 66.43 -31.93
N ASP A 1681 9.74 66.82 -32.82
CA ASP A 1681 8.57 67.60 -32.44
C ASP A 1681 7.60 66.70 -31.69
N THR A 1682 7.60 66.80 -30.37
CA THR A 1682 6.73 65.95 -29.56
C THR A 1682 5.27 66.40 -29.62
N LYS A 1683 5.00 67.64 -30.06
CA LYS A 1683 3.64 68.13 -30.12
C LYS A 1683 2.81 67.42 -31.18
N LEU A 1684 3.46 66.77 -32.13
CA LEU A 1684 2.74 66.09 -33.20
C LEU A 1684 1.95 64.91 -32.66
N ASP A 1685 0.87 64.58 -33.36
CA ASP A 1685 0.16 63.34 -33.07
C ASP A 1685 1.07 62.16 -33.35
N LEU A 1686 1.04 61.19 -32.42
CA LEU A 1686 1.84 59.98 -32.61
C LEU A 1686 1.45 59.24 -33.88
N HIS A 1687 0.22 59.41 -34.34
CA HIS A 1687 -0.16 58.90 -35.65
C HIS A 1687 0.63 59.58 -36.75
N LEU A 1688 0.72 60.91 -36.69
CA LEU A 1688 1.56 61.63 -37.64
C LEU A 1688 3.02 61.29 -37.45
N LYS A 1689 3.43 61.00 -36.22
CA LYS A 1689 4.79 60.55 -35.98
C LYS A 1689 5.07 59.23 -36.69
N GLY A 1690 4.10 58.30 -36.66
CA GLY A 1690 4.25 57.06 -37.40
C GLY A 1690 4.28 57.30 -38.89
N GLN A 1691 3.44 58.20 -39.38
CA GLN A 1691 3.48 58.56 -40.80
C GLN A 1691 4.85 59.09 -41.18
N ALA A 1692 5.46 59.90 -40.31
CA ALA A 1692 6.80 60.42 -40.57
C ALA A 1692 7.83 59.30 -40.58
N VAL A 1693 7.83 58.47 -39.54
CA VAL A 1693 8.85 57.43 -39.43
C VAL A 1693 8.69 56.36 -40.48
N THR A 1694 7.55 56.31 -41.16
CA THR A 1694 7.37 55.42 -42.30
C THR A 1694 8.48 55.62 -43.33
N LEU A 1695 9.20 56.73 -43.23
CA LEU A 1695 10.31 57.06 -44.11
C LEU A 1695 11.63 56.47 -43.64
N LEU A 1696 11.59 55.47 -42.76
CA LEU A 1696 12.79 54.83 -42.24
C LEU A 1696 13.55 53.94 -43.21
N PRO A 1697 12.89 53.24 -44.18
CA PRO A 1697 13.63 52.20 -44.93
C PRO A 1697 14.77 52.73 -45.78
N PHE A 1698 15.02 54.03 -45.73
CA PHE A 1698 16.11 54.65 -46.46
C PHE A 1698 17.39 54.75 -45.65
N PHE A 1699 17.46 54.06 -44.52
CA PHE A 1699 18.63 54.12 -43.65
C PHE A 1699 18.97 52.75 -43.08
N LEU A 1707 24.65 57.30 -36.64
CA LEU A 1707 23.89 56.08 -36.92
C LEU A 1707 23.07 55.65 -35.71
N GLU A 1708 23.61 55.87 -34.53
CA GLU A 1708 22.91 55.46 -33.31
C GLU A 1708 21.87 56.49 -32.87
N GLU A 1709 22.07 57.76 -33.22
CA GLU A 1709 21.13 58.80 -32.81
C GLU A 1709 19.71 58.48 -33.29
N LEU A 1710 19.60 57.87 -34.47
CA LEU A 1710 18.29 57.45 -34.97
C LEU A 1710 17.62 56.49 -34.01
N ARG A 1711 18.33 55.43 -33.63
CA ARG A 1711 17.77 54.47 -32.69
C ARG A 1711 17.44 55.14 -31.36
N ARG A 1712 18.33 56.00 -30.88
CA ARG A 1712 18.14 56.66 -29.60
C ARG A 1712 16.84 57.45 -29.58
N VAL A 1713 16.66 58.30 -30.59
CA VAL A 1713 15.42 59.07 -30.65
C VAL A 1713 14.23 58.16 -30.89
N LEU A 1714 14.45 57.00 -31.51
CA LEU A 1714 13.38 56.02 -31.66
C LEU A 1714 12.87 55.57 -30.29
N GLU A 1715 13.77 55.17 -29.39
CA GLU A 1715 13.30 54.81 -28.05
C GLU A 1715 12.69 56.02 -27.37
N GLN A 1716 13.36 57.17 -27.46
CA GLN A 1716 12.88 58.37 -26.78
C GLN A 1716 11.44 58.70 -27.18
N LEU A 1717 11.07 58.39 -28.42
CA LEU A 1717 9.70 58.60 -28.84
C LEU A 1717 8.79 57.46 -28.37
N ILE A 1718 9.13 56.22 -28.72
CA ILE A 1718 8.23 55.11 -28.51
C ILE A 1718 7.95 54.84 -27.04
N VAL A 1719 8.82 55.28 -26.14
CA VAL A 1719 8.58 55.07 -24.71
C VAL A 1719 7.30 55.78 -24.29
N ALA A 1720 7.04 56.96 -24.85
CA ALA A 1720 5.89 57.76 -24.46
C ALA A 1720 4.59 57.28 -25.09
N HIS A 1721 4.55 56.08 -25.64
CA HIS A 1721 3.33 55.67 -26.35
C HIS A 1721 2.70 54.39 -25.81
N PHE A 1722 3.51 53.38 -25.47
CA PHE A 1722 2.99 52.06 -25.08
C PHE A 1722 3.48 51.74 -23.67
N PRO A 1723 2.75 52.15 -22.63
CA PRO A 1723 3.25 51.94 -21.27
C PRO A 1723 3.36 50.48 -20.87
N MET A 1724 2.25 49.74 -20.89
CA MET A 1724 2.31 48.34 -20.45
C MET A 1724 1.59 47.37 -21.39
N GLN A 1725 0.50 47.81 -22.00
CA GLN A 1725 -0.41 46.85 -22.61
C GLN A 1725 -1.10 47.50 -23.80
N SER A 1726 -2.17 46.85 -24.27
CA SER A 1726 -3.00 47.35 -25.36
C SER A 1726 -4.44 47.58 -24.94
N ARG A 1727 -4.99 46.71 -24.09
CA ARG A 1727 -6.34 46.92 -23.57
C ARG A 1727 -6.41 47.98 -22.47
N GLU A 1728 -5.26 48.47 -22.00
CA GLU A 1728 -5.29 49.66 -21.15
C GLU A 1728 -5.92 50.82 -21.88
N PHE A 1729 -5.88 50.82 -23.21
CA PHE A 1729 -6.69 51.68 -24.06
C PHE A 1729 -7.63 50.77 -24.83
N PRO A 1730 -8.88 50.64 -24.40
CA PRO A 1730 -9.75 49.58 -24.95
C PRO A 1730 -10.02 49.80 -26.42
N PRO A 1731 -10.33 48.72 -27.16
CA PRO A 1731 -10.58 48.87 -28.59
C PRO A 1731 -11.72 49.83 -28.87
N GLY A 1732 -11.55 50.62 -29.92
CA GLY A 1732 -12.47 51.69 -30.26
C GLY A 1732 -12.10 53.03 -29.68
N THR A 1733 -11.27 53.07 -28.65
CA THR A 1733 -10.75 54.33 -28.17
C THR A 1733 -9.75 54.87 -29.19
N PRO A 1734 -9.81 56.16 -29.53
CA PRO A 1734 -8.96 56.68 -30.60
C PRO A 1734 -7.48 56.44 -30.36
N ARG A 1735 -7.03 56.49 -29.11
CA ARG A 1735 -5.63 56.22 -28.81
C ARG A 1735 -5.26 54.78 -29.19
N PHE A 1736 -6.15 53.83 -28.92
CA PHE A 1736 -5.89 52.45 -29.30
C PHE A 1736 -5.75 52.31 -30.81
N ASN A 1737 -6.63 52.95 -31.56
CA ASN A 1737 -6.57 52.84 -33.01
C ASN A 1737 -5.33 53.53 -33.57
N ASN A 1738 -4.94 54.67 -32.98
CA ASN A 1738 -3.68 55.29 -33.37
C ASN A 1738 -2.51 54.36 -33.09
N TYR A 1739 -2.57 53.64 -31.97
CA TYR A 1739 -1.51 52.69 -31.64
C TYR A 1739 -1.44 51.57 -32.67
N VAL A 1740 -2.59 51.04 -33.08
CA VAL A 1740 -2.56 49.97 -34.07
C VAL A 1740 -2.06 50.51 -35.41
N ASP A 1741 -2.41 51.75 -35.74
CA ASP A 1741 -1.88 52.37 -36.96
C ASP A 1741 -0.37 52.45 -36.90
N CYS A 1742 0.17 52.94 -35.79
CA CYS A 1742 1.61 53.12 -35.66
C CYS A 1742 2.33 51.78 -35.69
N MET A 1743 1.76 50.75 -35.05
CA MET A 1743 2.43 49.46 -35.10
C MET A 1743 2.38 48.85 -36.50
N LYS A 1744 1.30 49.10 -37.25
CA LYS A 1744 1.28 48.65 -38.63
C LYS A 1744 2.33 49.37 -39.46
N LYS A 1745 2.48 50.67 -39.25
CA LYS A 1745 3.52 51.42 -39.95
C LYS A 1745 4.90 50.89 -39.60
N PHE A 1746 5.14 50.64 -38.32
CA PHE A 1746 6.41 50.05 -37.92
C PHE A 1746 6.62 48.70 -38.60
N LEU A 1747 5.59 47.86 -38.59
CA LEU A 1747 5.70 46.51 -39.11
C LEU A 1747 6.06 46.51 -40.58
N ASP A 1748 5.30 47.24 -41.41
CA ASP A 1748 5.57 47.18 -42.84
C ASP A 1748 6.83 47.97 -43.20
N ALA A 1749 7.15 49.03 -42.46
CA ALA A 1749 8.38 49.76 -42.71
C ALA A 1749 9.60 48.88 -42.45
N LEU A 1750 9.62 48.20 -41.31
CA LEU A 1750 10.70 47.25 -41.04
C LEU A 1750 10.64 46.06 -41.98
N GLU A 1751 9.45 45.73 -42.48
CA GLU A 1751 9.33 44.68 -43.47
C GLU A 1751 10.12 45.04 -44.72
N LEU A 1752 9.96 46.27 -45.20
CA LEU A 1752 10.68 46.67 -46.40
C LEU A 1752 12.17 46.87 -46.09
N SER A 1753 12.50 47.41 -44.91
CA SER A 1753 13.88 47.75 -44.61
C SER A 1753 14.66 46.59 -44.02
N GLN A 1754 14.01 45.71 -43.27
CA GLN A 1754 14.63 44.61 -42.52
C GLN A 1754 15.95 45.03 -41.88
N SER A 1755 15.84 46.02 -40.98
CA SER A 1755 16.98 46.54 -40.21
C SER A 1755 17.06 45.84 -38.86
N PRO A 1756 18.22 45.30 -38.48
CA PRO A 1756 18.30 44.55 -37.22
C PRO A 1756 17.93 45.37 -36.00
N MET A 1757 18.31 46.64 -35.95
CA MET A 1757 17.96 47.46 -34.80
C MET A 1757 16.45 47.61 -34.69
N LEU A 1758 15.77 47.84 -35.81
CA LEU A 1758 14.32 47.94 -35.80
C LEU A 1758 13.70 46.61 -35.39
N LEU A 1759 14.29 45.50 -35.85
CA LEU A 1759 13.79 44.18 -35.47
C LEU A 1759 13.87 43.99 -33.96
N GLU A 1760 15.00 44.37 -33.37
CA GLU A 1760 15.15 44.27 -31.93
C GLU A 1760 14.14 45.16 -31.20
N LEU A 1761 13.95 46.38 -31.69
CA LEU A 1761 13.02 47.30 -31.05
C LEU A 1761 11.60 46.74 -31.08
N MET A 1762 11.17 46.25 -32.23
CA MET A 1762 9.81 45.73 -32.34
C MET A 1762 9.65 44.45 -31.53
N THR A 1763 10.70 43.62 -31.48
CA THR A 1763 10.61 42.41 -30.67
C THR A 1763 10.49 42.74 -29.19
N GLU A 1764 11.26 43.71 -28.71
CA GLU A 1764 11.21 44.02 -27.28
C GLU A 1764 9.93 44.75 -26.90
N VAL A 1765 9.41 45.64 -27.76
CA VAL A 1765 8.10 46.21 -27.47
C VAL A 1765 7.00 45.16 -27.61
N LEU A 1766 7.24 44.12 -28.42
CA LEU A 1766 6.24 43.08 -28.62
C LEU A 1766 6.20 42.13 -27.42
N CYS A 1767 7.34 41.86 -26.82
CA CYS A 1767 7.43 40.87 -25.74
C CYS A 1767 7.04 41.52 -24.42
N ARG A 1768 5.77 41.88 -24.33
CA ARG A 1768 5.19 42.42 -23.11
C ARG A 1768 4.02 41.60 -22.61
N GLU A 1769 3.15 41.14 -23.49
CA GLU A 1769 2.08 40.22 -23.13
C GLU A 1769 1.82 39.28 -24.31
N GLN A 1770 1.43 38.06 -23.98
CA GLN A 1770 1.27 37.03 -25.00
C GLN A 1770 -0.01 37.28 -25.78
N GLN A 1771 0.13 37.50 -27.09
CA GLN A 1771 -0.98 37.76 -28.00
C GLN A 1771 -1.82 38.95 -27.50
N HIS A 1772 -1.16 40.12 -27.50
CA HIS A 1772 -1.78 41.32 -27.00
C HIS A 1772 -1.80 42.49 -27.99
N VAL A 1773 -0.94 42.47 -29.01
CA VAL A 1773 -0.93 43.55 -29.99
C VAL A 1773 -1.13 42.96 -31.38
N MET A 1774 -1.84 41.84 -31.44
CA MET A 1774 -2.12 41.14 -32.69
C MET A 1774 -0.82 40.74 -33.39
N GLU A 1775 -0.05 39.91 -32.69
CA GLU A 1775 1.29 39.53 -33.16
C GLU A 1775 1.27 38.51 -34.28
N GLU A 1776 0.09 38.02 -34.68
CA GLU A 1776 0.02 37.21 -35.89
C GLU A 1776 0.47 38.02 -37.10
N LEU A 1777 0.16 39.31 -37.11
CA LEU A 1777 0.72 40.20 -38.12
C LEU A 1777 2.24 40.22 -38.03
N PHE A 1778 2.77 40.24 -36.81
CA PHE A 1778 4.22 40.27 -36.64
C PHE A 1778 4.86 38.98 -37.18
N GLN A 1779 4.26 37.83 -36.92
CA GLN A 1779 4.85 36.59 -37.40
C GLN A 1779 4.70 36.45 -38.92
N SER A 1780 3.60 36.93 -39.48
CA SER A 1780 3.49 36.96 -40.93
C SER A 1780 4.56 37.87 -41.53
N SER A 1781 4.80 39.01 -40.88
CA SER A 1781 5.89 39.89 -41.32
C SER A 1781 7.23 39.18 -41.23
N PHE A 1782 7.44 38.40 -40.16
CA PHE A 1782 8.67 37.63 -40.04
C PHE A 1782 8.80 36.64 -41.18
N ARG A 1783 7.70 35.97 -41.54
CA ARG A 1783 7.71 35.08 -42.70
C ARG A 1783 8.14 35.81 -43.95
N ARG A 1784 7.53 36.97 -44.21
CA ARG A 1784 7.86 37.71 -45.42
C ARG A 1784 9.29 38.25 -45.38
N ILE A 1785 9.82 38.52 -44.18
CA ILE A 1785 11.19 39.00 -44.05
C ILE A 1785 12.17 37.88 -44.36
N ALA A 1786 11.91 36.67 -43.84
CA ALA A 1786 12.88 35.60 -43.93
C ALA A 1786 13.20 35.24 -45.37
N ARG A 1787 12.18 35.23 -46.24
CA ARG A 1787 12.42 34.96 -47.64
C ARG A 1787 13.25 36.04 -48.32
N ARG A 1788 13.27 37.25 -47.75
CA ARG A 1788 14.05 38.34 -48.32
C ARG A 1788 15.42 38.41 -47.64
N GLY A 1789 16.26 39.31 -48.13
CA GLY A 1789 17.56 39.54 -47.54
C GLY A 1789 18.59 38.48 -47.88
N SER A 1790 19.86 38.88 -47.93
CA SER A 1790 20.92 37.92 -48.18
C SER A 1790 21.11 37.00 -46.98
N CYS A 1791 21.74 35.86 -47.23
CA CYS A 1791 21.99 34.90 -46.16
C CYS A 1791 22.82 35.52 -45.05
N VAL A 1792 23.83 36.32 -45.41
CA VAL A 1792 24.64 36.99 -44.40
C VAL A 1792 23.81 37.99 -43.62
N THR A 1793 22.92 38.72 -44.30
CA THR A 1793 22.05 39.66 -43.61
C THR A 1793 21.14 38.93 -42.62
N GLN A 1794 20.55 37.84 -43.05
CA GLN A 1794 19.68 37.06 -42.16
C GLN A 1794 20.46 36.53 -40.97
N VAL A 1795 21.67 36.03 -41.20
CA VAL A 1795 22.49 35.53 -40.11
C VAL A 1795 22.80 36.65 -39.13
N GLY A 1796 23.11 37.84 -39.65
CA GLY A 1796 23.33 38.97 -38.76
C GLY A 1796 22.12 39.29 -37.91
N LEU A 1797 20.93 39.27 -38.52
CA LEU A 1797 19.71 39.53 -37.75
C LEU A 1797 19.52 38.48 -36.66
N LEU A 1798 19.74 37.20 -37.00
CA LEU A 1798 19.53 36.14 -36.02
C LEU A 1798 20.54 36.24 -34.89
N GLU A 1799 21.80 36.52 -35.21
CA GLU A 1799 22.80 36.69 -34.16
C GLU A 1799 22.46 37.88 -33.27
N SER A 1800 21.97 38.97 -33.87
CA SER A 1800 21.60 40.13 -33.08
C SER A 1800 20.48 39.80 -32.11
N VAL A 1801 19.44 39.12 -32.59
CA VAL A 1801 18.33 38.81 -31.71
C VAL A 1801 18.75 37.81 -30.64
N TYR A 1802 19.61 36.85 -31.00
CA TYR A 1802 20.09 35.89 -30.01
C TYR A 1802 20.92 36.56 -28.93
N GLU A 1803 21.78 37.50 -29.31
CA GLU A 1803 22.62 38.15 -28.30
C GLU A 1803 21.81 39.10 -27.43
N MET A 1804 20.80 39.78 -28.01
CA MET A 1804 19.95 40.59 -27.16
C MET A 1804 18.99 39.75 -26.33
N PHE A 1805 18.83 38.47 -26.67
CA PHE A 1805 18.03 37.58 -25.82
C PHE A 1805 18.61 37.50 -24.41
N ARG A 1806 19.92 37.54 -24.29
CA ARG A 1806 20.58 37.45 -22.98
C ARG A 1806 21.09 38.81 -22.52
N THR A 1815 7.72 37.18 -20.13
CA THR A 1815 8.96 37.19 -19.36
C THR A 1815 10.17 37.14 -20.27
N ARG A 1816 11.31 36.74 -19.70
CA ARG A 1816 12.53 36.62 -20.50
C ARG A 1816 12.39 35.55 -21.57
N GLN A 1817 11.59 34.51 -21.30
CA GLN A 1817 11.37 33.47 -22.30
C GLN A 1817 10.65 34.02 -23.52
N SER A 1818 9.70 34.95 -23.30
CA SER A 1818 8.88 35.46 -24.40
C SER A 1818 9.73 36.00 -25.54
N PHE A 1819 10.88 36.58 -25.23
CA PHE A 1819 11.80 37.11 -26.24
C PHE A 1819 12.02 36.10 -27.37
N VAL A 1820 12.58 34.94 -27.02
CA VAL A 1820 12.79 33.91 -28.03
C VAL A 1820 11.46 33.30 -28.47
N ASP A 1821 10.55 33.09 -27.52
CA ASP A 1821 9.35 32.29 -27.79
C ASP A 1821 8.53 32.91 -28.93
N ARG A 1822 8.20 34.19 -28.82
CA ARG A 1822 7.28 34.79 -29.78
C ARG A 1822 7.91 35.09 -31.13
N SER A 1823 9.24 35.08 -31.22
CA SER A 1823 9.92 35.57 -32.41
C SER A 1823 10.74 34.52 -33.14
N LEU A 1824 11.63 33.82 -32.43
CA LEU A 1824 12.68 33.06 -33.10
C LEU A 1824 12.13 31.88 -33.89
N LEU A 1825 11.06 31.25 -33.40
CA LEU A 1825 10.56 30.04 -34.06
C LEU A 1825 10.09 30.34 -35.48
N THR A 1826 9.46 31.48 -35.69
CA THR A 1826 8.97 31.84 -37.02
C THR A 1826 10.13 31.97 -38.01
N LEU A 1827 11.13 32.77 -37.65
CA LEU A 1827 12.27 32.97 -38.53
C LEU A 1827 13.02 31.66 -38.76
N LEU A 1828 13.14 30.83 -37.72
CA LEU A 1828 13.81 29.55 -37.88
C LEU A 1828 13.05 28.64 -38.83
N TRP A 1829 11.72 28.66 -38.74
CA TRP A 1829 10.93 27.88 -39.67
C TRP A 1829 11.09 28.38 -41.09
N HIS A 1830 11.24 29.68 -41.28
CA HIS A 1830 11.33 30.24 -42.63
C HIS A 1830 12.74 30.70 -42.99
N CYS A 1831 13.75 30.36 -42.18
CA CYS A 1831 15.11 30.79 -42.50
C CYS A 1831 15.62 30.09 -43.75
N SER A 1832 16.47 30.78 -44.49
CA SER A 1832 17.13 30.17 -45.63
C SER A 1832 18.10 29.09 -45.16
N LEU A 1833 18.10 27.95 -45.86
CA LEU A 1833 18.89 26.81 -45.41
C LEU A 1833 20.38 27.09 -45.43
N ASP A 1834 20.85 27.90 -46.39
CA ASP A 1834 22.27 28.22 -46.45
C ASP A 1834 22.70 29.02 -45.23
N ALA A 1835 21.97 30.08 -44.89
CA ALA A 1835 22.29 30.88 -43.72
C ALA A 1835 22.19 30.04 -42.45
N LEU A 1836 21.26 29.09 -42.43
CA LEU A 1836 21.16 28.15 -41.32
C LEU A 1836 22.49 27.47 -41.05
N ARG A 1837 23.22 27.10 -42.11
CA ARG A 1837 24.46 26.36 -41.93
C ARG A 1837 25.49 27.18 -41.17
N GLU A 1838 25.76 28.41 -41.62
CA GLU A 1838 26.79 29.19 -40.93
C GLU A 1838 26.31 29.68 -39.58
N PHE A 1839 25.02 29.94 -39.42
CA PHE A 1839 24.52 30.31 -38.09
C PHE A 1839 24.68 29.14 -37.11
N PHE A 1840 24.37 27.92 -37.56
CA PHE A 1840 24.64 26.73 -36.77
C PHE A 1840 26.11 26.62 -36.40
N SER A 1841 27.00 26.80 -37.39
CA SER A 1841 28.42 26.68 -37.09
C SER A 1841 28.84 27.74 -36.07
N THR A 1842 28.23 28.92 -36.14
CA THR A 1842 28.53 29.96 -35.16
C THR A 1842 28.08 29.55 -33.77
N ILE A 1843 26.91 28.93 -33.65
CA ILE A 1843 26.29 28.71 -32.35
C ILE A 1843 26.53 27.30 -31.80
N VAL A 1844 27.30 26.46 -32.50
CA VAL A 1844 27.55 25.09 -32.03
C VAL A 1844 28.07 25.09 -30.60
N VAL A 1845 29.25 25.67 -30.39
CA VAL A 1845 29.84 25.66 -29.06
C VAL A 1845 29.05 26.54 -28.11
N ASP A 1846 28.51 27.66 -28.62
CA ASP A 1846 27.75 28.57 -27.78
C ASP A 1846 26.54 27.90 -27.17
N ALA A 1847 26.00 26.88 -27.85
CA ALA A 1847 24.91 26.10 -27.29
C ALA A 1847 25.40 24.91 -26.49
N ILE A 1848 26.49 24.28 -26.94
CA ILE A 1848 27.00 23.09 -26.26
C ILE A 1848 27.41 23.43 -24.84
N ASP A 1849 28.18 24.51 -24.67
CA ASP A 1849 28.65 24.87 -23.34
C ASP A 1849 27.51 25.23 -22.42
N VAL A 1850 26.57 26.05 -22.91
CA VAL A 1850 25.47 26.53 -22.09
C VAL A 1850 24.42 25.45 -21.84
N LEU A 1851 24.48 24.34 -22.57
CA LEU A 1851 23.53 23.26 -22.36
C LEU A 1851 23.63 22.69 -20.94
N LYS A 1852 24.80 22.80 -20.33
CA LYS A 1852 24.99 22.26 -18.99
C LYS A 1852 24.67 23.31 -17.92
N THR A 1862 15.78 33.29 -10.20
CA THR A 1862 16.76 32.37 -9.65
C THR A 1862 16.91 31.15 -10.55
N PHE A 1863 16.17 30.08 -10.21
CA PHE A 1863 16.17 28.88 -11.04
C PHE A 1863 15.60 29.15 -12.43
N ASP A 1864 14.81 30.21 -12.57
CA ASP A 1864 14.09 30.47 -13.81
C ASP A 1864 15.04 30.74 -14.97
N THR A 1865 16.12 31.46 -14.72
CA THR A 1865 16.98 31.93 -15.81
C THR A 1865 17.52 30.77 -16.62
N GLN A 1866 18.15 29.80 -15.95
CA GLN A 1866 18.79 28.70 -16.66
C GLN A 1866 17.75 27.87 -17.41
N ILE A 1867 16.63 27.57 -16.76
CA ILE A 1867 15.64 26.69 -17.39
C ILE A 1867 15.00 27.39 -18.59
N THR A 1868 14.77 28.69 -18.49
CA THR A 1868 14.23 29.42 -19.64
C THR A 1868 15.22 29.50 -20.78
N LYS A 1869 16.50 29.72 -20.47
CA LYS A 1869 17.50 29.72 -21.53
C LYS A 1869 17.55 28.36 -22.22
N LYS A 1870 17.49 27.29 -21.44
CA LYS A 1870 17.49 25.95 -22.02
C LYS A 1870 16.21 25.68 -22.80
N MET A 1871 15.08 26.22 -22.33
CA MET A 1871 13.85 26.24 -23.12
C MET A 1871 14.15 26.73 -24.52
N GLY A 1872 14.70 27.95 -24.59
CA GLY A 1872 15.02 28.54 -25.88
C GLY A 1872 15.98 27.69 -26.69
N TYR A 1873 17.00 27.13 -26.03
CA TYR A 1873 18.00 26.36 -26.77
C TYR A 1873 17.37 25.13 -27.40
N TYR A 1874 16.54 24.41 -26.65
CA TYR A 1874 15.84 23.26 -27.23
C TYR A 1874 14.95 23.69 -28.38
N LYS A 1875 14.16 24.75 -28.17
CA LYS A 1875 13.18 25.15 -29.18
C LYS A 1875 13.82 25.78 -30.40
N ILE A 1876 15.11 26.13 -30.34
CA ILE A 1876 15.77 26.66 -31.53
C ILE A 1876 16.58 25.57 -32.21
N LEU A 1877 17.14 24.64 -31.44
CA LEU A 1877 17.91 23.58 -32.06
C LEU A 1877 17.03 22.56 -32.75
N ASP A 1878 15.86 22.26 -32.22
CA ASP A 1878 15.03 21.21 -32.82
C ASP A 1878 14.68 21.54 -34.27
N VAL A 1879 14.23 22.78 -34.52
CA VAL A 1879 13.81 23.16 -35.86
C VAL A 1879 14.97 23.06 -36.84
N MET A 1880 16.19 23.36 -36.38
CA MET A 1880 17.32 23.36 -37.30
C MET A 1880 17.88 21.96 -37.51
N TYR A 1881 17.78 21.08 -36.50
CA TYR A 1881 17.95 19.65 -36.79
C TYR A 1881 16.93 19.16 -37.82
N SER A 1882 15.75 19.77 -37.82
CA SER A 1882 14.74 19.36 -38.80
C SER A 1882 15.13 19.71 -40.24
N ARG A 1883 16.31 20.27 -40.48
CA ARG A 1883 16.70 20.67 -41.83
C ARG A 1883 17.53 19.61 -42.55
N LEU A 1884 18.70 19.28 -42.02
CA LEU A 1884 19.65 18.43 -42.72
C LEU A 1884 20.63 17.85 -41.70
N PRO A 1885 21.33 16.75 -42.06
CA PRO A 1885 22.37 16.21 -41.18
C PRO A 1885 23.75 16.83 -41.45
N ASN A 1909 29.17 14.97 -38.85
CA ASN A 1909 30.40 14.68 -38.13
C ASN A 1909 30.16 13.66 -37.02
N GLU A 1910 30.81 13.87 -35.87
CA GLU A 1910 30.70 12.95 -34.74
C GLU A 1910 30.19 13.59 -33.47
N LEU A 1911 30.50 14.87 -33.23
CA LEU A 1911 30.10 15.53 -31.99
C LEU A 1911 28.60 15.41 -31.75
N THR A 1912 27.82 15.54 -32.82
CA THR A 1912 26.36 15.49 -32.70
C THR A 1912 25.90 14.21 -32.00
N LYS A 1913 26.63 13.11 -32.22
CA LYS A 1913 26.25 11.84 -31.62
C LYS A 1913 26.10 11.95 -30.11
N THR A 1914 26.95 12.76 -29.47
CA THR A 1914 26.81 12.98 -28.04
C THR A 1914 25.61 13.86 -27.72
N LEU A 1915 25.46 14.95 -28.48
CA LEU A 1915 24.57 16.04 -28.09
C LEU A 1915 23.17 15.55 -27.77
N ILE A 1916 22.69 14.55 -28.52
CA ILE A 1916 21.32 14.08 -28.36
C ILE A 1916 21.08 13.66 -26.91
N LYS A 1917 21.97 12.83 -26.36
CA LYS A 1917 21.73 12.34 -25.01
C LYS A 1917 21.89 13.44 -23.99
N LEU A 1918 22.64 14.49 -24.33
CA LEU A 1918 22.75 15.64 -23.43
C LEU A 1918 21.39 16.26 -23.15
N CYS A 1919 20.41 16.02 -24.01
CA CYS A 1919 19.04 16.45 -23.73
C CYS A 1919 18.12 15.30 -23.34
N TYR A 1920 18.49 14.05 -23.62
CA TYR A 1920 17.59 12.94 -23.32
C TYR A 1920 17.32 12.86 -21.82
N ASP A 1921 18.37 12.84 -21.02
CA ASP A 1921 18.21 12.86 -19.57
C ASP A 1921 17.43 14.08 -19.13
N ALA A 1922 17.47 15.15 -19.93
CA ALA A 1922 16.75 16.37 -19.62
C ALA A 1922 15.24 16.15 -19.57
N PHE A 1923 14.75 15.03 -20.08
CA PHE A 1923 13.35 14.66 -19.91
C PHE A 1923 13.12 13.68 -18.76
N THR A 1924 14.11 12.85 -18.43
CA THR A 1924 13.89 11.69 -17.57
C THR A 1924 14.03 12.00 -16.09
N GLU A 1925 13.83 13.25 -15.70
CA GLU A 1925 13.93 13.61 -14.28
C GLU A 1925 12.74 13.04 -13.50
N ASN A 1926 12.96 12.90 -12.19
CA ASN A 1926 11.91 12.39 -11.31
C ASN A 1926 11.58 13.41 -10.22
N LEU A 1934 7.38 25.08 -11.07
CA LEU A 1934 7.53 23.65 -11.01
C LEU A 1934 7.04 23.00 -12.31
N GLU A 1935 5.95 23.54 -12.86
CA GLU A 1935 5.49 23.10 -14.18
C GLU A 1935 6.52 23.39 -15.25
N ARG A 1936 7.39 24.38 -15.02
CA ARG A 1936 8.48 24.64 -15.94
C ARG A 1936 9.35 23.42 -16.10
N ARG A 1937 9.41 22.55 -15.09
CA ARG A 1937 10.16 21.31 -15.21
C ARG A 1937 9.55 20.39 -16.27
N ARG A 1938 8.22 20.26 -16.27
CA ARG A 1938 7.57 19.45 -17.29
C ARG A 1938 7.69 20.10 -18.66
N LEU A 1939 7.61 21.44 -18.72
CA LEU A 1939 7.84 22.12 -19.99
C LEU A 1939 9.26 21.88 -20.48
N TYR A 1940 10.22 21.82 -19.57
CA TYR A 1940 11.59 21.52 -19.90
C TYR A 1940 11.73 20.11 -20.46
N HIS A 1941 11.06 19.15 -19.81
CA HIS A 1941 11.03 17.79 -20.32
C HIS A 1941 10.46 17.76 -21.73
N CYS A 1942 9.37 18.48 -21.95
CA CYS A 1942 8.74 18.50 -23.27
C CYS A 1942 9.68 19.11 -24.31
N ALA A 1943 10.35 20.22 -23.96
CA ALA A 1943 11.24 20.87 -24.91
C ALA A 1943 12.42 19.96 -25.28
N ALA A 1944 13.01 19.32 -24.28
CA ALA A 1944 14.09 18.39 -24.55
C ALA A 1944 13.60 17.22 -25.40
N TYR A 1945 12.38 16.75 -25.13
CA TYR A 1945 11.87 15.64 -25.90
C TYR A 1945 11.56 16.05 -27.33
N ASN A 1946 11.18 17.31 -27.54
CA ASN A 1946 11.01 17.80 -28.90
C ASN A 1946 12.35 17.91 -29.61
N CYS A 1947 13.40 18.29 -28.89
CA CYS A 1947 14.74 18.26 -29.48
C CYS A 1947 15.10 16.84 -29.90
N ALA A 1948 14.80 15.86 -29.04
CA ALA A 1948 15.02 14.47 -29.40
C ALA A 1948 14.17 14.07 -30.60
N ILE A 1949 12.93 14.56 -30.65
CA ILE A 1949 12.06 14.32 -31.79
C ILE A 1949 12.74 14.79 -33.07
N SER A 1950 13.31 15.99 -33.03
CA SER A 1950 13.96 16.54 -34.20
C SER A 1950 15.18 15.74 -34.60
N VAL A 1951 15.99 15.33 -33.62
CA VAL A 1951 17.20 14.59 -33.97
C VAL A 1951 16.86 13.21 -34.49
N ILE A 1952 15.73 12.65 -34.08
CA ILE A 1952 15.30 11.35 -34.61
C ILE A 1952 14.93 11.46 -36.08
N CYS A 1953 14.21 12.52 -36.46
CA CYS A 1953 13.71 12.60 -37.83
C CYS A 1953 14.83 12.81 -38.83
N CYS A 1954 15.91 13.50 -38.43
CA CYS A 1954 17.00 13.78 -39.36
C CYS A 1954 17.96 12.60 -39.49
N VAL A 1955 18.46 12.09 -38.35
CA VAL A 1955 19.37 10.96 -38.33
C VAL A 1955 18.75 9.87 -37.47
N PHE A 1956 19.14 8.63 -37.75
CA PHE A 1956 18.54 7.45 -37.12
C PHE A 1956 17.04 7.37 -37.43
N ASN A 1957 16.77 7.16 -38.72
CA ASN A 1957 15.40 6.98 -39.20
C ASN A 1957 14.78 5.64 -38.77
N GLU A 1958 15.51 4.83 -38.00
CA GLU A 1958 15.02 3.52 -37.59
C GLU A 1958 15.77 3.09 -36.33
N LEU A 1959 15.60 1.83 -35.95
CA LEU A 1959 16.47 1.17 -34.97
C LEU A 1959 16.39 1.83 -33.59
N LYS A 1960 15.21 1.70 -32.98
CA LYS A 1960 15.09 1.72 -31.52
C LYS A 1960 15.57 3.07 -30.94
N PHE A 1961 14.71 4.07 -31.12
CA PHE A 1961 15.05 5.47 -30.92
C PHE A 1961 15.22 5.85 -29.45
N TYR A 1962 15.41 4.86 -28.58
CA TYR A 1962 15.68 5.08 -27.16
C TYR A 1962 14.51 5.78 -26.48
N GLN A 1963 13.41 5.06 -26.40
CA GLN A 1963 12.21 5.47 -25.68
C GLN A 1963 12.52 5.99 -24.28
N ASP A 2033 5.46 45.75 -67.25
CA ASP A 2033 4.26 45.88 -66.45
C ASP A 2033 3.04 46.13 -67.34
N SER A 2034 2.13 46.98 -66.86
CA SER A 2034 0.93 47.33 -67.59
C SER A 2034 0.74 48.84 -67.59
N THR A 2035 0.17 49.34 -68.69
CA THR A 2035 -0.12 50.76 -68.77
C THR A 2035 -1.13 51.17 -67.69
N LEU A 2036 -2.17 50.35 -67.51
CA LEU A 2036 -3.13 50.63 -66.44
C LEU A 2036 -2.46 50.55 -65.07
N SER A 2037 -1.62 49.55 -64.87
CA SER A 2037 -0.91 49.44 -63.59
C SER A 2037 0.02 50.62 -63.38
N GLU A 2038 0.70 51.05 -64.44
CA GLU A 2038 1.58 52.22 -64.35
C GLU A 2038 0.79 53.46 -63.98
N GLU A 2039 -0.37 53.66 -64.63
CA GLU A 2039 -1.21 54.81 -64.31
C GLU A 2039 -1.71 54.74 -62.87
N MET A 2040 -2.12 53.55 -62.43
CA MET A 2040 -2.56 53.39 -61.05
C MET A 2040 -1.42 53.66 -60.08
N SER A 2041 -0.22 53.18 -60.39
CA SER A 2041 0.93 53.46 -59.53
C SER A 2041 1.24 54.95 -59.49
N GLN A 2042 1.15 55.62 -60.64
CA GLN A 2042 1.40 57.06 -60.67
C GLN A 2042 0.40 57.81 -59.81
N PHE A 2043 -0.89 57.44 -59.90
CA PHE A 2043 -1.89 58.07 -59.06
C PHE A 2043 -1.63 57.80 -57.59
N ASP A 2044 -1.25 56.57 -57.25
CA ASP A 2044 -0.95 56.23 -55.86
C ASP A 2044 0.25 57.03 -55.37
N PHE A 2045 1.29 57.16 -56.19
CA PHE A 2045 2.44 57.96 -55.81
C PHE A 2045 2.03 59.41 -55.60
N SER A 2046 1.21 59.94 -56.50
CA SER A 2046 0.69 61.29 -56.31
C SER A 2046 -0.15 61.36 -55.04
N THR A 2047 -0.97 60.34 -54.80
CA THR A 2047 -1.74 60.28 -53.56
C THR A 2047 -0.86 60.00 -52.36
N GLY A 2048 0.36 59.49 -52.57
CA GLY A 2048 1.22 59.13 -51.47
C GLY A 2048 0.63 58.08 -50.56
N VAL A 2049 0.00 57.06 -51.15
CA VAL A 2049 -0.62 56.00 -50.36
C VAL A 2049 -0.68 54.71 -51.16
N ARG A 2090 -8.70 21.87 -25.28
CA ARG A 2090 -7.72 21.75 -26.35
C ARG A 2090 -6.34 21.36 -25.83
N HIS A 2091 -5.71 20.42 -26.54
CA HIS A 2091 -4.37 19.95 -26.20
C HIS A 2091 -3.53 19.97 -27.47
N GLU A 2092 -2.44 20.71 -27.45
CA GLU A 2092 -1.60 20.91 -28.64
C GLU A 2092 -0.13 20.83 -28.28
N CYS A 2093 0.24 19.85 -27.45
CA CYS A 2093 1.64 19.61 -27.11
C CYS A 2093 2.14 18.29 -27.67
N MET A 2094 1.53 17.79 -28.75
CA MET A 2094 1.83 16.46 -29.23
C MET A 2094 1.93 16.37 -30.75
N ALA A 2095 1.87 17.49 -31.45
CA ALA A 2095 1.99 17.45 -32.92
C ALA A 2095 3.29 16.78 -33.39
N PRO A 2096 4.47 17.10 -32.83
CA PRO A 2096 5.68 16.37 -33.27
C PRO A 2096 5.61 14.88 -33.00
N LEU A 2097 4.83 14.46 -32.00
CA LEU A 2097 4.66 13.02 -31.78
C LEU A 2097 4.01 12.37 -32.99
N THR A 2098 2.91 12.97 -33.48
CA THR A 2098 2.28 12.47 -34.69
C THR A 2098 3.21 12.59 -35.88
N ALA A 2099 4.03 13.65 -35.91
CA ALA A 2099 4.99 13.82 -36.98
C ALA A 2099 5.96 12.64 -37.04
N LEU A 2100 6.51 12.26 -35.88
CA LEU A 2100 7.40 11.10 -35.85
C LEU A 2100 6.65 9.81 -36.11
N VAL A 2101 5.39 9.72 -35.70
CA VAL A 2101 4.61 8.52 -35.99
C VAL A 2101 4.53 8.31 -37.49
N LYS A 2102 4.18 9.37 -38.23
CA LYS A 2102 4.11 9.25 -39.68
C LYS A 2102 5.49 9.09 -40.29
N HIS A 2103 6.51 9.71 -39.69
CA HIS A 2103 7.89 9.56 -40.15
C HIS A 2103 8.31 8.10 -40.13
N MET A 2104 8.13 7.45 -38.98
CA MET A 2104 8.51 6.05 -38.87
C MET A 2104 7.57 5.14 -39.67
N HIS A 2105 6.32 5.56 -39.84
CA HIS A 2105 5.40 4.79 -40.67
C HIS A 2105 5.87 4.75 -42.12
N ARG A 2106 6.21 5.91 -42.68
CA ARG A 2106 6.68 5.93 -44.06
C ARG A 2106 8.06 5.31 -44.17
N SER A 2107 8.88 5.43 -43.13
CA SER A 2107 10.19 4.77 -43.15
C SER A 2107 10.04 3.25 -43.10
N LEU A 2108 8.93 2.76 -42.57
CA LEU A 2108 8.64 1.33 -42.58
C LEU A 2108 7.38 1.06 -43.40
N ARG A 2120 2.69 -7.86 -33.03
CA ARG A 2120 3.75 -7.31 -33.86
C ARG A 2120 3.93 -5.82 -33.60
N ASP A 2121 4.87 -5.47 -32.73
CA ASP A 2121 5.10 -4.08 -32.39
C ASP A 2121 6.13 -3.48 -33.34
N LEU A 2122 6.61 -2.29 -33.00
CA LEU A 2122 7.47 -1.49 -33.84
C LEU A 2122 8.62 -0.96 -32.99
N PRO A 2123 9.71 -0.52 -33.62
CA PRO A 2123 10.76 0.18 -32.86
C PRO A 2123 10.26 1.41 -32.14
N SER A 2124 9.03 1.85 -32.42
CA SER A 2124 8.27 2.80 -31.62
C SER A 2124 7.75 2.19 -30.35
N TRP A 2125 8.15 0.95 -30.04
CA TRP A 2125 7.78 0.27 -28.80
C TRP A 2125 6.26 0.22 -28.66
N MET A 2126 5.62 -0.30 -29.70
CA MET A 2126 4.16 -0.30 -29.74
C MET A 2126 3.57 -1.14 -28.63
N LYS A 2127 4.26 -2.23 -28.23
CA LYS A 2127 3.81 -2.99 -27.08
C LYS A 2127 3.87 -2.15 -25.81
N PHE A 2128 4.92 -1.33 -25.67
CA PHE A 2128 5.02 -0.44 -24.52
C PHE A 2128 3.81 0.50 -24.46
N LEU A 2129 3.49 1.13 -25.59
CA LEU A 2129 2.35 2.05 -25.61
C LEU A 2129 1.04 1.32 -25.37
N HIS A 2130 0.90 0.11 -25.94
CA HIS A 2130 -0.32 -0.67 -25.74
C HIS A 2130 -0.50 -1.03 -24.28
N GLY A 2131 0.57 -1.46 -23.62
CA GLY A 2131 0.47 -1.76 -22.19
C GLY A 2131 0.21 -0.53 -21.36
N LYS A 2132 0.83 0.60 -21.73
CA LYS A 2132 0.60 1.84 -21.01
C LYS A 2132 -0.87 2.25 -21.11
N LEU A 2133 -1.46 2.09 -22.29
CA LEU A 2133 -2.85 2.47 -22.48
C LEU A 2133 -3.80 1.50 -21.80
N GLY A 2134 -3.52 0.20 -21.90
CA GLY A 2134 -4.46 -0.81 -21.47
C GLY A 2134 -4.58 -0.96 -19.97
N ASN A 2135 -3.59 -0.52 -19.21
CA ASN A 2135 -3.62 -0.71 -17.77
C ASN A 2135 -4.75 0.10 -17.16
N PRO A 2136 -5.40 -0.42 -16.12
CA PRO A 2136 -6.44 0.34 -15.42
C PRO A 2136 -5.91 1.32 -14.39
N ILE A 2137 -4.59 1.45 -14.25
CA ILE A 2137 -3.98 2.34 -13.27
C ILE A 2137 -3.03 3.25 -14.03
N VAL A 2138 -3.52 4.44 -14.39
CA VAL A 2138 -2.71 5.49 -15.00
C VAL A 2138 -3.54 6.76 -14.91
N PRO A 2139 -2.95 7.92 -14.65
CA PRO A 2139 -3.76 9.13 -14.47
C PRO A 2139 -4.60 9.44 -15.70
N LEU A 2140 -5.80 9.97 -15.44
CA LEU A 2140 -6.71 10.32 -16.53
C LEU A 2140 -6.09 11.36 -17.45
N ASN A 2141 -5.18 12.19 -16.94
CA ASN A 2141 -4.43 13.09 -17.80
C ASN A 2141 -3.62 12.30 -18.82
N ILE A 2142 -2.91 11.27 -18.35
CA ILE A 2142 -2.14 10.43 -19.26
C ILE A 2142 -3.06 9.71 -20.22
N ARG A 2143 -4.24 9.28 -19.72
CA ARG A 2143 -5.20 8.62 -20.59
C ARG A 2143 -5.65 9.53 -21.71
N LEU A 2144 -5.93 10.79 -21.40
CA LEU A 2144 -6.39 11.71 -22.45
C LEU A 2144 -5.26 12.08 -23.40
N PHE A 2145 -4.02 12.18 -22.90
CA PHE A 2145 -2.90 12.37 -23.83
C PHE A 2145 -2.83 11.21 -24.80
N LEU A 2146 -2.88 9.98 -24.29
CA LEU A 2146 -2.79 8.81 -25.15
C LEU A 2146 -3.95 8.76 -26.13
N ALA A 2147 -5.15 9.11 -25.67
CA ALA A 2147 -6.30 9.14 -26.55
C ALA A 2147 -6.13 10.17 -27.66
N LYS A 2148 -5.66 11.37 -27.31
CA LYS A 2148 -5.45 12.40 -28.33
C LYS A 2148 -4.44 11.93 -29.37
N LEU A 2149 -3.37 11.27 -28.92
CA LEU A 2149 -2.40 10.74 -29.87
C LEU A 2149 -3.02 9.66 -30.76
N VAL A 2150 -3.80 8.75 -30.16
CA VAL A 2150 -4.29 7.61 -30.92
C VAL A 2150 -5.40 8.02 -31.89
N ILE A 2151 -6.10 9.12 -31.64
CA ILE A 2151 -7.14 9.56 -32.56
C ILE A 2151 -6.54 9.89 -33.92
N ASN A 2152 -5.42 10.60 -33.93
CA ASN A 2152 -4.83 11.08 -35.17
C ASN A 2152 -3.91 10.06 -35.82
N THR A 2153 -3.73 8.89 -35.22
CA THR A 2153 -2.73 7.93 -35.69
C THR A 2153 -3.30 6.53 -35.92
N GLU A 2154 -4.63 6.39 -35.96
CA GLU A 2154 -5.21 5.06 -36.11
C GLU A 2154 -4.79 4.39 -37.40
N GLU A 2155 -4.41 5.18 -38.41
CA GLU A 2155 -4.12 4.62 -39.73
C GLU A 2155 -2.89 3.72 -39.71
N VAL A 2156 -1.83 4.13 -39.00
CA VAL A 2156 -0.57 3.42 -39.09
C VAL A 2156 -0.68 2.02 -38.49
N PHE A 2157 -1.34 1.90 -37.33
CA PHE A 2157 -1.52 0.60 -36.69
C PHE A 2157 -2.91 0.02 -36.96
N ARG A 2158 -3.46 0.27 -38.15
CA ARG A 2158 -4.72 -0.36 -38.50
C ARG A 2158 -4.64 -1.88 -38.44
N PRO A 2159 -3.63 -2.56 -39.03
CA PRO A 2159 -3.58 -4.01 -38.87
C PRO A 2159 -3.02 -4.41 -37.52
N TYR A 2160 -3.44 -3.68 -36.49
CA TYR A 2160 -3.31 -4.11 -35.12
C TYR A 2160 -4.52 -3.71 -34.30
N ALA A 2161 -5.51 -3.03 -34.91
CA ALA A 2161 -6.62 -2.49 -34.16
C ALA A 2161 -7.42 -3.57 -33.43
N LYS A 2162 -7.33 -4.82 -33.89
CA LYS A 2162 -7.99 -5.90 -33.19
C LYS A 2162 -7.56 -5.96 -31.72
N HIS A 2163 -6.28 -5.74 -31.45
CA HIS A 2163 -5.82 -5.62 -30.08
C HIS A 2163 -6.18 -4.26 -29.51
N TRP A 2164 -6.10 -3.21 -30.34
CA TRP A 2164 -6.39 -1.86 -29.89
C TRP A 2164 -7.83 -1.68 -29.47
N LEU A 2165 -8.71 -2.61 -29.80
CA LEU A 2165 -10.07 -2.57 -29.27
C LEU A 2165 -10.05 -2.66 -27.76
N SER A 2166 -9.19 -3.53 -27.20
CA SER A 2166 -9.24 -3.81 -25.77
C SER A 2166 -8.97 -2.57 -24.90
N PRO A 2167 -7.93 -1.75 -25.14
CA PRO A 2167 -7.73 -0.59 -24.25
C PRO A 2167 -8.84 0.43 -24.40
N LEU A 2168 -9.17 0.77 -25.64
CA LEU A 2168 -10.15 1.81 -25.90
C LEU A 2168 -11.45 1.56 -25.14
N LEU A 2169 -11.91 0.31 -25.14
CA LEU A 2169 -13.13 -0.03 -24.43
C LEU A 2169 -13.02 0.35 -22.96
N GLN A 2170 -11.96 -0.10 -22.28
CA GLN A 2170 -11.80 0.28 -20.89
C GLN A 2170 -11.47 1.75 -20.75
N LEU A 2171 -10.94 2.38 -21.79
CA LEU A 2171 -10.86 3.84 -21.80
C LEU A 2171 -12.25 4.45 -21.81
N ALA A 2172 -13.15 3.90 -22.62
CA ALA A 2172 -14.53 4.37 -22.61
C ALA A 2172 -15.22 4.04 -21.29
N ALA A 2173 -14.88 2.89 -20.71
CA ALA A 2173 -15.50 2.43 -19.47
C ALA A 2173 -15.29 3.42 -18.34
N SER A 2174 -16.38 4.04 -17.89
CA SER A 2174 -16.35 5.01 -16.80
C SER A 2174 -15.33 6.10 -17.07
N GLU A 2175 -15.26 6.54 -18.33
CA GLU A 2175 -14.33 7.61 -18.68
C GLU A 2175 -14.75 8.91 -18.02
N ASN A 2176 -13.77 9.64 -17.49
CA ASN A 2176 -14.06 10.87 -16.78
C ASN A 2176 -13.19 12.02 -17.31
N GLY A 2179 -9.32 18.89 -17.78
CA GLY A 2179 -10.08 18.30 -18.86
C GLY A 2179 -10.83 19.32 -19.68
N GLU A 2180 -11.54 18.86 -20.71
CA GLU A 2180 -12.31 19.74 -21.58
C GLU A 2180 -13.74 19.30 -21.79
N GLY A 2181 -14.12 18.09 -21.37
CA GLY A 2181 -15.48 17.61 -21.55
C GLY A 2181 -15.52 16.14 -21.90
N ILE A 2182 -16.32 15.38 -21.15
CA ILE A 2182 -16.30 13.92 -21.27
C ILE A 2182 -16.76 13.48 -22.65
N HIS A 2183 -17.97 13.89 -23.04
CA HIS A 2183 -18.55 13.40 -24.28
C HIS A 2183 -17.72 13.80 -25.49
N TYR A 2184 -16.92 14.86 -25.40
CA TYR A 2184 -16.03 15.22 -26.50
C TYR A 2184 -15.15 14.02 -26.85
N MET A 2185 -14.30 13.63 -25.90
CA MET A 2185 -13.42 12.51 -26.14
C MET A 2185 -14.20 11.22 -26.33
N VAL A 2186 -15.36 11.08 -25.69
CA VAL A 2186 -16.15 9.86 -25.86
C VAL A 2186 -16.51 9.69 -27.33
N VAL A 2187 -17.11 10.72 -27.93
CA VAL A 2187 -17.54 10.62 -29.31
C VAL A 2187 -16.33 10.52 -30.24
N GLU A 2188 -15.25 11.23 -29.92
CA GLU A 2188 -14.07 11.16 -30.78
C GLU A 2188 -13.50 9.74 -30.81
N ILE A 2189 -13.33 9.13 -29.64
CA ILE A 2189 -12.74 7.80 -29.60
C ILE A 2189 -13.69 6.77 -30.20
N VAL A 2190 -14.99 6.92 -29.98
CA VAL A 2190 -15.90 5.94 -30.56
C VAL A 2190 -15.92 6.05 -32.07
N ALA A 2191 -15.81 7.28 -32.60
CA ALA A 2191 -15.70 7.44 -34.05
C ALA A 2191 -14.43 6.80 -34.57
N THR A 2192 -13.31 6.98 -33.87
CA THR A 2192 -12.08 6.35 -34.29
C THR A 2192 -12.21 4.83 -34.29
N ILE A 2193 -12.85 4.28 -33.25
CA ILE A 2193 -13.06 2.84 -33.18
C ILE A 2193 -13.90 2.36 -34.35
N LEU A 2194 -14.98 3.07 -34.63
CA LEU A 2194 -15.92 2.63 -35.65
C LEU A 2194 -15.48 2.97 -37.06
N SER A 2195 -14.36 3.69 -37.21
CA SER A 2195 -13.85 4.01 -38.54
C SER A 2195 -13.67 2.74 -39.37
N TRP A 2196 -13.13 1.69 -38.77
CA TRP A 2196 -13.10 0.38 -39.40
C TRP A 2196 -14.34 -0.40 -38.98
N THR A 2197 -14.84 -1.22 -39.90
CA THR A 2197 -16.05 -1.99 -39.67
C THR A 2197 -15.76 -3.49 -39.58
N GLY A 2198 -15.14 -4.07 -40.61
CA GLY A 2198 -14.82 -5.47 -40.59
C GLY A 2198 -13.37 -5.73 -40.25
N LEU A 2199 -12.58 -4.65 -40.16
CA LEU A 2199 -11.16 -4.80 -39.87
C LEU A 2199 -10.93 -5.28 -38.44
N ALA A 2200 -11.82 -4.91 -37.51
CA ALA A 2200 -11.72 -5.35 -36.14
C ALA A 2200 -13.12 -5.39 -35.54
N THR A 2201 -13.41 -6.45 -34.79
CA THR A 2201 -14.72 -6.65 -34.20
C THR A 2201 -14.56 -7.05 -32.74
N PRO A 2202 -15.29 -6.42 -31.82
CA PRO A 2202 -15.25 -6.82 -30.40
C PRO A 2202 -16.17 -8.00 -30.12
N THR A 2203 -15.85 -9.15 -30.73
CA THR A 2203 -16.63 -10.37 -30.55
C THR A 2203 -15.74 -11.54 -30.18
N GLY A 2204 -14.61 -11.26 -29.54
CA GLY A 2204 -13.69 -12.31 -29.14
C GLY A 2204 -13.90 -12.73 -27.70
N VAL A 2205 -13.01 -12.30 -26.82
CA VAL A 2205 -13.19 -12.60 -25.39
C VAL A 2205 -14.46 -11.91 -24.91
N PRO A 2206 -15.30 -12.58 -24.11
CA PRO A 2206 -16.57 -11.95 -23.71
C PRO A 2206 -16.41 -10.68 -22.90
N LYS A 2207 -15.24 -10.43 -22.31
CA LYS A 2207 -15.06 -9.21 -21.54
C LYS A 2207 -15.20 -7.96 -22.42
N ASP A 2208 -14.65 -8.01 -23.64
CA ASP A 2208 -14.79 -6.86 -24.52
C ASP A 2208 -16.24 -6.69 -24.95
N GLU A 2209 -16.95 -7.79 -25.18
CA GLU A 2209 -18.36 -7.71 -25.56
C GLU A 2209 -19.20 -7.07 -24.45
N VAL A 2210 -18.97 -7.50 -23.20
CA VAL A 2210 -19.73 -6.93 -22.10
C VAL A 2210 -19.33 -5.49 -21.87
N LEU A 2211 -18.06 -5.14 -22.09
CA LEU A 2211 -17.64 -3.75 -22.03
C LEU A 2211 -18.40 -2.92 -23.04
N ALA A 2212 -18.50 -3.42 -24.29
CA ALA A 2212 -19.19 -2.69 -25.34
C ALA A 2212 -20.66 -2.50 -24.98
N ASN A 2213 -21.32 -3.57 -24.50
CA ASN A 2213 -22.73 -3.47 -24.15
C ASN A 2213 -22.94 -2.49 -22.99
N ARG A 2214 -22.07 -2.54 -21.98
CA ARG A 2214 -22.20 -1.63 -20.86
C ARG A 2214 -22.01 -0.19 -21.30
N LEU A 2215 -21.03 0.07 -22.17
CA LEU A 2215 -20.84 1.42 -22.69
C LEU A 2215 -22.02 1.85 -23.54
N LEU A 2216 -22.66 0.91 -24.24
CA LEU A 2216 -23.91 1.24 -24.93
C LEU A 2216 -24.96 1.70 -23.93
N ASN A 2217 -25.05 1.00 -22.79
CA ASN A 2217 -25.98 1.42 -21.75
C ASN A 2217 -25.65 2.82 -21.26
N PHE A 2218 -24.37 3.10 -21.03
CA PHE A 2218 -23.96 4.44 -20.60
C PHE A 2218 -24.41 5.49 -21.60
N LEU A 2219 -24.09 5.29 -22.88
CA LEU A 2219 -24.39 6.31 -23.87
C LEU A 2219 -25.89 6.49 -24.07
N MET A 2220 -26.65 5.40 -24.07
CA MET A 2220 -28.10 5.53 -24.22
C MET A 2220 -28.72 6.16 -22.97
N LYS A 2221 -28.05 6.06 -21.83
CA LYS A 2221 -28.48 6.85 -20.67
C LYS A 2221 -28.14 8.32 -20.86
N HIS A 2222 -27.00 8.61 -21.50
CA HIS A 2222 -26.53 9.99 -21.66
C HIS A 2222 -27.09 10.68 -22.89
N VAL A 2223 -27.76 9.97 -23.78
CA VAL A 2223 -28.08 10.51 -25.10
C VAL A 2223 -29.25 11.49 -24.96
N PHE A 2224 -28.94 12.78 -25.07
CA PHE A 2224 -29.89 13.87 -25.18
C PHE A 2224 -29.12 15.16 -25.38
N HIS A 2225 -29.72 16.09 -26.12
CA HIS A 2225 -29.18 17.43 -26.25
C HIS A 2225 -30.33 18.40 -26.47
N PRO A 2226 -30.32 19.55 -25.80
CA PRO A 2226 -31.32 20.59 -26.13
C PRO A 2226 -31.21 21.05 -27.57
N LYS A 2227 -29.99 21.12 -28.10
CA LYS A 2227 -29.80 21.43 -29.51
C LYS A 2227 -30.35 20.34 -30.41
N ARG A 2228 -30.35 19.09 -29.92
CA ARG A 2228 -31.01 17.92 -30.50
C ARG A 2228 -30.54 17.62 -31.92
N ALA A 2229 -29.60 18.40 -32.43
CA ALA A 2229 -29.00 18.09 -33.72
C ALA A 2229 -27.83 17.12 -33.55
N VAL A 2230 -26.87 17.50 -32.72
CA VAL A 2230 -25.82 16.55 -32.33
C VAL A 2230 -26.41 15.40 -31.53
N PHE A 2231 -27.58 15.58 -30.93
CA PHE A 2231 -28.28 14.45 -30.32
C PHE A 2231 -28.78 13.49 -31.38
N ARG A 2232 -29.34 14.03 -32.47
CA ARG A 2232 -29.64 13.20 -33.63
C ARG A 2232 -28.36 12.56 -34.17
N HIS A 2233 -27.24 13.26 -34.08
CA HIS A 2233 -25.97 12.67 -34.46
C HIS A 2233 -25.63 11.49 -33.56
N ASN A 2234 -25.90 11.62 -32.26
CA ASN A 2234 -25.70 10.50 -31.36
C ASN A 2234 -26.59 9.32 -31.75
N LEU A 2235 -27.83 9.62 -32.13
CA LEU A 2235 -28.76 8.57 -32.55
C LEU A 2235 -28.21 7.83 -33.77
N GLU A 2236 -27.74 8.58 -34.77
CA GLU A 2236 -27.24 7.92 -35.97
C GLU A 2236 -25.92 7.19 -35.70
N ILE A 2237 -25.14 7.68 -34.74
CA ILE A 2237 -23.95 6.94 -34.32
C ILE A 2237 -24.35 5.61 -33.69
N ILE A 2238 -25.37 5.64 -32.83
CA ILE A 2238 -25.90 4.42 -32.25
C ILE A 2238 -26.36 3.48 -33.35
N LYS A 2239 -27.01 4.01 -34.38
CA LYS A 2239 -27.39 3.21 -35.53
C LYS A 2239 -26.15 2.55 -36.11
N THR A 2240 -25.24 3.36 -36.65
CA THR A 2240 -24.02 2.85 -37.27
C THR A 2240 -23.44 1.70 -36.47
N LEU A 2241 -23.31 1.87 -35.16
CA LEU A 2241 -22.66 0.84 -34.36
C LEU A 2241 -23.54 -0.40 -34.22
N VAL A 2242 -24.85 -0.23 -34.02
CA VAL A 2242 -25.69 -1.42 -33.81
C VAL A 2242 -25.78 -2.24 -35.09
N GLU A 2243 -25.99 -1.60 -36.23
CA GLU A 2243 -26.01 -2.38 -37.47
C GLU A 2243 -24.62 -2.89 -37.86
N CYS A 2244 -23.54 -2.21 -37.45
CA CYS A 2244 -22.24 -2.73 -37.85
C CYS A 2244 -21.82 -3.93 -37.01
N TRP A 2245 -22.20 -3.98 -35.73
CA TRP A 2245 -21.72 -5.07 -34.90
C TRP A 2245 -22.65 -6.28 -34.97
N LYS A 2246 -23.90 -6.14 -34.51
CA LYS A 2246 -24.91 -7.20 -34.59
C LYS A 2246 -24.39 -8.55 -34.13
N ASP A 2247 -23.40 -8.55 -33.22
CA ASP A 2247 -22.68 -9.76 -32.86
C ASP A 2247 -22.93 -10.20 -31.43
N CYS A 2248 -22.65 -9.34 -30.46
CA CYS A 2248 -22.85 -9.65 -29.04
C CYS A 2248 -23.61 -8.54 -28.35
N LEU A 2249 -24.34 -7.74 -29.11
CA LEU A 2249 -25.00 -6.57 -28.56
C LEU A 2249 -26.22 -6.98 -27.75
N SER A 2250 -26.46 -6.29 -26.64
CA SER A 2250 -27.57 -6.60 -25.75
C SER A 2250 -28.52 -5.41 -25.69
N ILE A 2251 -29.81 -5.67 -25.86
CA ILE A 2251 -30.84 -4.66 -25.77
C ILE A 2251 -31.48 -4.76 -24.39
N PRO A 2252 -31.38 -3.73 -23.55
CA PRO A 2252 -31.92 -3.84 -22.19
C PRO A 2252 -33.44 -3.97 -22.17
N TYR A 2253 -34.12 -3.07 -22.88
CA TYR A 2253 -35.57 -2.90 -22.84
C TYR A 2253 -36.02 -2.38 -21.48
N ARG A 2254 -35.08 -2.24 -20.54
CA ARG A 2254 -35.43 -1.84 -19.19
C ARG A 2254 -35.39 -0.33 -19.04
N LEU A 2255 -34.22 0.28 -19.24
CA LEU A 2255 -34.15 1.73 -19.30
C LEU A 2255 -34.97 2.25 -20.48
N ILE A 2256 -34.99 1.50 -21.57
CA ILE A 2256 -35.77 1.88 -22.75
C ILE A 2256 -37.23 2.05 -22.38
N PHE A 2257 -37.74 1.21 -21.47
CA PHE A 2257 -39.16 1.22 -21.15
C PHE A 2257 -39.61 2.60 -20.66
N GLU A 2258 -39.05 3.05 -19.54
CA GLU A 2258 -39.39 4.39 -19.06
C GLU A 2258 -38.85 5.47 -19.98
N LYS A 2259 -37.84 5.15 -20.81
CA LYS A 2259 -37.33 6.14 -21.75
C LYS A 2259 -38.40 6.50 -22.78
N PHE A 2260 -39.18 5.53 -23.24
CA PHE A 2260 -40.28 5.84 -24.14
C PHE A 2260 -41.59 6.10 -23.41
N SER A 2261 -41.71 5.70 -22.14
CA SER A 2261 -42.92 5.93 -21.37
C SER A 2261 -42.82 7.19 -20.51
N GLY A 2262 -41.79 7.27 -19.68
CA GLY A 2262 -41.61 8.43 -18.83
C GLY A 2262 -42.71 8.54 -17.79
N LYS A 2263 -42.86 9.77 -17.28
CA LYS A 2263 -43.89 10.09 -16.31
C LYS A 2263 -45.28 10.21 -16.96
N ASP A 2264 -45.39 9.91 -18.24
CA ASP A 2264 -46.62 10.07 -19.00
C ASP A 2264 -47.17 11.49 -18.88
N PRO A 2265 -46.40 12.50 -19.31
CA PRO A 2265 -46.91 13.87 -19.28
C PRO A 2265 -47.54 14.27 -20.60
N ASN A 2266 -48.03 15.51 -20.69
CA ASN A 2266 -48.36 16.07 -21.99
C ASN A 2266 -47.09 16.40 -22.77
N SER A 2267 -46.00 16.71 -22.08
CA SER A 2267 -44.77 17.13 -22.73
C SER A 2267 -44.18 15.99 -23.55
N LYS A 2268 -43.23 16.34 -24.42
CA LYS A 2268 -42.68 15.43 -25.42
C LYS A 2268 -41.36 14.80 -24.98
N ASP A 2269 -41.18 14.62 -23.67
CA ASP A 2269 -39.94 14.06 -23.15
C ASP A 2269 -39.70 12.63 -23.62
N ASN A 2270 -40.58 11.70 -23.19
CA ASN A 2270 -40.34 10.28 -23.42
C ASN A 2270 -40.24 9.94 -24.90
N SER A 2271 -40.68 10.85 -25.77
CA SER A 2271 -40.56 10.62 -27.20
C SER A 2271 -39.13 10.33 -27.61
N VAL A 2272 -38.15 10.86 -26.87
CA VAL A 2272 -36.75 10.56 -27.20
C VAL A 2272 -36.51 9.07 -27.13
N GLY A 2273 -36.98 8.43 -26.05
CA GLY A 2273 -36.85 6.99 -25.95
C GLY A 2273 -37.60 6.28 -27.06
N ILE A 2274 -38.68 6.88 -27.54
CA ILE A 2274 -39.41 6.34 -28.67
C ILE A 2274 -38.49 6.21 -29.87
N GLN A 2275 -37.66 7.23 -30.12
CA GLN A 2275 -36.72 7.15 -31.23
C GLN A 2275 -35.77 5.97 -31.06
N LEU A 2276 -35.45 5.62 -29.82
CA LEU A 2276 -34.61 4.46 -29.56
C LEU A 2276 -35.23 3.20 -30.16
N LEU A 2277 -36.55 3.08 -30.05
CA LEU A 2277 -37.24 1.93 -30.65
C LEU A 2277 -37.00 1.87 -32.14
N GLY A 2278 -36.96 3.04 -32.79
CA GLY A 2278 -36.65 3.07 -34.21
C GLY A 2278 -35.32 2.40 -34.51
N ILE A 2279 -34.34 2.61 -33.63
CA ILE A 2279 -33.05 1.96 -33.78
C ILE A 2279 -33.24 0.44 -33.89
N VAL A 2280 -34.08 -0.12 -33.00
CA VAL A 2280 -34.36 -1.54 -33.05
C VAL A 2280 -34.98 -1.92 -34.38
N MET A 2281 -35.90 -1.09 -34.88
CA MET A 2281 -36.44 -1.33 -36.20
C MET A 2281 -35.58 -0.76 -37.31
N ALA A 2282 -34.60 0.09 -36.97
CA ALA A 2282 -33.50 0.30 -37.89
C ALA A 2282 -32.71 -0.99 -38.06
N ASN A 2283 -32.71 -1.82 -37.03
CA ASN A 2283 -32.12 -3.15 -37.05
C ASN A 2283 -33.12 -4.16 -37.59
N ASP A 2284 -32.62 -5.35 -37.90
CA ASP A 2284 -33.44 -6.51 -38.16
C ASP A 2284 -33.71 -7.32 -36.89
N LEU A 2285 -33.35 -6.78 -35.74
CA LEU A 2285 -33.48 -7.48 -34.48
C LEU A 2285 -34.94 -7.67 -34.11
N PRO A 2286 -35.25 -8.66 -33.28
CA PRO A 2286 -36.62 -8.84 -32.82
C PRO A 2286 -37.10 -7.59 -32.12
N PRO A 2287 -38.39 -7.26 -32.25
CA PRO A 2287 -38.90 -6.02 -31.64
C PRO A 2287 -38.65 -5.93 -30.14
N TYR A 2288 -38.77 -7.04 -29.42
CA TYR A 2288 -38.56 -7.04 -27.99
C TYR A 2288 -38.30 -8.46 -27.53
N ASP A 2289 -37.25 -8.64 -26.73
CA ASP A 2289 -36.89 -9.95 -26.19
C ASP A 2289 -37.07 -9.96 -24.69
N PRO A 2290 -38.02 -10.71 -24.15
CA PRO A 2290 -38.09 -10.88 -22.69
C PRO A 2290 -37.07 -11.91 -22.21
N GLN A 2291 -35.79 -11.56 -22.34
CA GLN A 2291 -34.73 -12.39 -21.77
C GLN A 2291 -34.96 -12.58 -20.28
N CYS A 2292 -35.44 -11.54 -19.60
CA CYS A 2292 -36.20 -11.68 -18.37
C CYS A 2292 -37.44 -10.80 -18.35
N GLY A 2293 -37.50 -9.77 -19.18
CA GLY A 2293 -38.71 -8.98 -19.33
C GLY A 2293 -39.12 -8.20 -18.10
N ILE A 2294 -40.09 -7.30 -18.26
CA ILE A 2294 -40.65 -6.60 -17.12
C ILE A 2294 -42.02 -7.22 -16.89
N GLN A 2295 -42.92 -7.05 -17.85
CA GLN A 2295 -44.18 -7.77 -17.88
C GLN A 2295 -44.38 -8.41 -19.24
N SER A 2296 -43.80 -7.79 -20.27
CA SER A 2296 -43.89 -8.24 -21.66
C SER A 2296 -45.33 -8.21 -22.18
N SER A 2297 -46.28 -7.78 -21.36
CA SER A 2297 -47.68 -7.71 -21.75
C SER A 2297 -48.18 -6.28 -21.83
N GLU A 2298 -48.05 -5.50 -20.76
CA GLU A 2298 -48.28 -4.06 -20.82
C GLU A 2298 -46.97 -3.30 -21.02
N TYR A 2299 -45.89 -4.02 -21.31
CA TYR A 2299 -44.66 -3.38 -21.74
C TYR A 2299 -44.89 -2.56 -23.00
N PHE A 2300 -45.84 -2.99 -23.84
CA PHE A 2300 -46.25 -2.25 -25.01
C PHE A 2300 -47.42 -1.32 -24.73
N GLN A 2301 -48.01 -1.39 -23.53
CA GLN A 2301 -49.13 -0.52 -23.19
C GLN A 2301 -48.71 0.94 -23.16
N ALA A 2302 -47.48 1.23 -22.75
CA ALA A 2302 -47.01 2.61 -22.78
C ALA A 2302 -47.00 3.17 -24.19
N LEU A 2303 -46.83 2.31 -25.19
CA LEU A 2303 -46.81 2.77 -26.57
C LEU A 2303 -48.17 3.31 -27.00
N VAL A 2304 -49.23 2.54 -26.74
CA VAL A 2304 -50.57 3.04 -27.04
C VAL A 2304 -50.96 4.16 -26.09
N ASN A 2305 -50.34 4.23 -24.91
CA ASN A 2305 -50.53 5.41 -24.06
C ASN A 2305 -49.97 6.65 -24.74
N ASN A 2306 -48.77 6.55 -25.33
CA ASN A 2306 -48.22 7.65 -26.09
C ASN A 2306 -49.10 7.98 -27.30
N MET A 2307 -49.68 6.96 -27.92
CA MET A 2307 -50.75 7.18 -28.89
C MET A 2307 -51.83 8.07 -28.31
N SER A 2308 -52.30 7.75 -27.11
CA SER A 2308 -53.28 8.59 -26.45
C SER A 2308 -52.70 9.95 -26.10
N PHE A 2309 -51.39 10.05 -25.95
CA PHE A 2309 -50.74 11.30 -25.59
C PHE A 2309 -50.50 12.14 -26.84
N VAL A 2310 -51.32 13.16 -27.03
CA VAL A 2310 -51.25 14.02 -28.21
C VAL A 2310 -51.19 15.47 -27.72
N ARG A 2311 -49.99 16.00 -27.62
CA ARG A 2311 -49.75 17.41 -27.37
C ARG A 2311 -48.89 18.04 -28.46
N TYR A 2312 -47.88 17.32 -28.93
CA TYR A 2312 -47.16 17.70 -30.13
C TYR A 2312 -47.01 16.47 -31.01
N LYS A 2313 -46.91 16.72 -32.32
CA LYS A 2313 -47.10 15.66 -33.30
C LYS A 2313 -46.05 14.56 -33.17
N GLU A 2314 -44.79 14.93 -33.01
CA GLU A 2314 -43.69 13.99 -33.24
C GLU A 2314 -43.78 12.76 -32.34
N VAL A 2315 -44.29 12.92 -31.12
CA VAL A 2315 -44.28 11.84 -30.15
C VAL A 2315 -45.06 10.65 -30.72
N TYR A 2316 -46.36 10.83 -30.90
CA TYR A 2316 -47.18 9.76 -31.43
C TYR A 2316 -46.89 9.49 -32.89
N ALA A 2317 -46.36 10.47 -33.62
CA ALA A 2317 -45.96 10.21 -35.00
C ALA A 2317 -44.91 9.11 -35.06
N ALA A 2318 -43.77 9.34 -34.40
CA ALA A 2318 -42.70 8.35 -34.41
C ALA A 2318 -43.13 7.06 -33.72
N ALA A 2319 -43.89 7.17 -32.63
CA ALA A 2319 -44.30 5.95 -31.93
C ALA A 2319 -45.21 5.10 -32.81
N ALA A 2320 -46.12 5.72 -33.56
CA ALA A 2320 -47.01 4.96 -34.42
C ALA A 2320 -46.27 4.38 -35.60
N GLU A 2321 -45.32 5.14 -36.17
CA GLU A 2321 -44.57 4.58 -37.29
C GLU A 2321 -43.73 3.38 -36.83
N VAL A 2322 -43.09 3.49 -35.65
CA VAL A 2322 -42.31 2.36 -35.18
C VAL A 2322 -43.23 1.20 -34.80
N LEU A 2323 -44.43 1.48 -34.29
CA LEU A 2323 -45.39 0.41 -34.01
C LEU A 2323 -45.77 -0.33 -35.29
N GLY A 2324 -46.00 0.41 -36.37
CA GLY A 2324 -46.26 -0.23 -37.64
C GLY A 2324 -45.09 -1.07 -38.11
N LEU A 2325 -43.87 -0.58 -37.89
CA LEU A 2325 -42.70 -1.39 -38.18
C LEU A 2325 -42.68 -2.66 -37.35
N ILE A 2326 -43.12 -2.57 -36.09
CA ILE A 2326 -43.27 -3.76 -35.26
C ILE A 2326 -44.24 -4.73 -35.91
N LEU A 2327 -45.40 -4.21 -36.35
CA LEU A 2327 -46.43 -5.06 -36.93
C LEU A 2327 -45.93 -5.79 -38.17
N ARG A 2328 -45.25 -5.07 -39.08
CA ARG A 2328 -44.75 -5.71 -40.27
C ARG A 2328 -43.59 -6.65 -40.00
N TYR A 2329 -43.03 -6.63 -38.78
CA TYR A 2329 -41.91 -7.48 -38.43
C TYR A 2329 -42.09 -8.04 -37.03
N VAL A 2330 -43.29 -8.54 -36.75
CA VAL A 2330 -43.52 -9.22 -35.47
C VAL A 2330 -42.67 -10.49 -35.49
N MET A 2331 -41.59 -10.48 -34.70
CA MET A 2331 -40.48 -11.44 -34.82
C MET A 2331 -40.26 -11.85 -36.28
N GLU A 2332 -40.18 -10.84 -37.14
CA GLU A 2332 -39.83 -10.98 -38.55
C GLU A 2332 -40.81 -11.91 -39.29
N ARG A 2333 -42.07 -11.89 -38.87
CA ARG A 2333 -43.18 -12.56 -39.53
C ARG A 2333 -43.04 -14.07 -39.59
N LYS A 2334 -42.02 -14.64 -38.93
CA LYS A 2334 -41.96 -16.08 -38.81
C LYS A 2334 -43.07 -16.62 -37.93
N ASN A 2335 -43.70 -15.77 -37.12
CA ASN A 2335 -44.80 -16.16 -36.27
C ASN A 2335 -45.70 -14.95 -36.07
N ILE A 2336 -46.97 -15.23 -35.75
CA ILE A 2336 -47.96 -14.19 -35.45
C ILE A 2336 -48.59 -14.55 -34.11
N LEU A 2337 -48.03 -14.02 -33.02
CA LEU A 2337 -48.66 -14.13 -31.71
C LEU A 2337 -48.91 -12.76 -31.09
N GLU A 2338 -48.49 -11.69 -31.74
CA GLU A 2338 -48.76 -10.34 -31.27
C GLU A 2338 -50.14 -9.85 -31.67
N GLU A 2339 -51.04 -10.76 -32.04
CA GLU A 2339 -52.41 -10.37 -32.34
C GLU A 2339 -53.04 -9.64 -31.18
N SER A 2340 -52.69 -10.03 -29.94
CA SER A 2340 -53.14 -9.29 -28.78
C SER A 2340 -52.79 -7.81 -28.90
N LEU A 2341 -51.55 -7.53 -29.31
CA LEU A 2341 -51.16 -6.15 -29.56
C LEU A 2341 -51.98 -5.54 -30.70
N CYS A 2342 -52.39 -6.38 -31.66
CA CYS A 2342 -53.24 -5.88 -32.74
C CYS A 2342 -54.58 -5.39 -32.20
N GLU A 2343 -55.20 -6.15 -31.31
CA GLU A 2343 -56.44 -5.64 -30.71
C GLU A 2343 -56.17 -4.46 -29.80
N LEU A 2344 -55.04 -4.45 -29.11
CA LEU A 2344 -54.70 -3.29 -28.27
C LEU A 2344 -54.65 -2.02 -29.09
N VAL A 2345 -53.92 -2.05 -30.21
CA VAL A 2345 -53.80 -0.86 -31.04
C VAL A 2345 -55.11 -0.57 -31.74
N ALA A 2346 -55.90 -1.58 -32.07
CA ALA A 2346 -57.20 -1.33 -32.67
C ALA A 2346 -58.10 -0.57 -31.70
N LYS A 2347 -58.13 -0.99 -30.44
CA LYS A 2347 -58.86 -0.25 -29.43
C LYS A 2347 -58.31 1.17 -29.31
N GLN A 2348 -56.99 1.29 -29.15
CA GLN A 2348 -56.36 2.60 -29.03
C GLN A 2348 -56.79 3.52 -30.16
N LEU A 2349 -56.85 3.01 -31.38
CA LEU A 2349 -57.37 3.78 -32.50
C LEU A 2349 -58.83 4.16 -32.28
N LYS A 2350 -59.66 3.16 -31.96
CA LYS A 2350 -61.07 3.45 -31.73
C LYS A 2350 -61.27 4.27 -30.47
N GLN A 2351 -60.59 3.88 -29.38
CA GLN A 2351 -60.77 4.57 -28.11
C GLN A 2351 -60.27 6.00 -28.21
N HIS A 2352 -61.02 6.92 -27.61
CA HIS A 2352 -60.65 8.33 -27.40
C HIS A 2352 -60.19 9.00 -28.69
N GLN A 2353 -60.45 8.39 -29.83
CA GLN A 2353 -60.10 8.98 -31.11
C GLN A 2353 -61.20 8.88 -32.15
N ASN A 2354 -62.25 8.08 -31.92
CA ASN A 2354 -63.39 8.09 -32.80
C ASN A 2354 -64.26 9.33 -32.62
N THR A 2355 -64.09 10.03 -31.50
CA THR A 2355 -64.82 11.27 -31.26
C THR A 2355 -64.25 12.44 -32.06
N MET A 2356 -62.98 12.40 -32.43
CA MET A 2356 -62.34 13.48 -33.16
C MET A 2356 -61.76 13.05 -34.50
N GLU A 2357 -61.13 11.88 -34.57
CA GLU A 2357 -60.76 11.22 -35.83
C GLU A 2357 -59.85 12.06 -36.71
N ASP A 2358 -59.15 13.04 -36.14
CA ASP A 2358 -58.21 13.84 -36.94
C ASP A 2358 -56.80 13.27 -36.85
N LYS A 2359 -56.24 13.22 -35.65
CA LYS A 2359 -55.00 12.49 -35.44
C LYS A 2359 -55.20 11.00 -35.63
N PHE A 2360 -56.43 10.52 -35.47
CA PHE A 2360 -56.72 9.10 -35.62
C PHE A 2360 -56.37 8.62 -37.02
N ILE A 2361 -56.83 9.36 -38.05
CA ILE A 2361 -56.52 8.95 -39.40
C ILE A 2361 -55.03 9.10 -39.67
N VAL A 2362 -54.37 10.05 -39.03
CA VAL A 2362 -52.94 10.24 -39.27
C VAL A 2362 -52.15 9.05 -38.75
N CYS A 2363 -52.44 8.62 -37.53
CA CYS A 2363 -51.73 7.45 -37.00
C CYS A 2363 -52.15 6.19 -37.73
N LEU A 2364 -53.40 6.09 -38.17
CA LEU A 2364 -53.82 4.97 -38.99
C LEU A 2364 -53.03 4.92 -40.29
N ASN A 2365 -52.77 6.08 -40.87
CA ASN A 2365 -51.94 6.14 -42.07
C ASN A 2365 -50.50 5.71 -41.76
N LYS A 2366 -49.95 6.22 -40.66
CA LYS A 2366 -48.56 5.92 -40.34
C LYS A 2366 -48.35 4.43 -40.15
N VAL A 2367 -49.26 3.78 -39.42
CA VAL A 2367 -49.15 2.33 -39.29
C VAL A 2367 -49.48 1.64 -40.61
N THR A 2368 -50.39 2.24 -41.40
CA THR A 2368 -50.78 1.64 -42.67
C THR A 2368 -49.61 1.60 -43.65
N LYS A 2369 -48.85 2.69 -43.73
CA LYS A 2369 -47.65 2.70 -44.57
C LYS A 2369 -46.66 1.64 -44.11
N SER A 2370 -46.71 1.28 -42.83
CA SER A 2370 -45.82 0.29 -42.26
C SER A 2370 -46.49 -1.06 -42.01
N PHE A 2371 -47.82 -1.12 -42.08
CA PHE A 2371 -48.51 -2.40 -41.97
C PHE A 2371 -49.88 -2.33 -42.63
N PRO A 2372 -50.00 -2.78 -43.87
CA PRO A 2372 -51.29 -2.78 -44.56
C PRO A 2372 -52.35 -3.59 -43.83
N PRO A 2373 -52.09 -4.85 -43.46
CA PRO A 2373 -53.20 -5.74 -43.08
C PRO A 2373 -54.03 -5.28 -41.89
N LEU A 2374 -53.64 -4.23 -41.18
CA LEU A 2374 -54.49 -3.75 -40.09
C LEU A 2374 -55.71 -3.00 -40.62
N ALA A 2375 -55.55 -2.27 -41.73
CA ALA A 2375 -56.63 -1.46 -42.26
C ALA A 2375 -57.86 -2.28 -42.63
N ASP A 2376 -57.74 -3.61 -42.63
CA ASP A 2376 -58.91 -4.45 -42.86
C ASP A 2376 -59.98 -4.23 -41.80
N ARG A 2377 -59.62 -3.64 -40.66
CA ARG A 2377 -60.60 -3.35 -39.62
C ARG A 2377 -61.21 -1.97 -39.76
N PHE A 2378 -60.79 -1.15 -40.73
CA PHE A 2378 -61.15 0.25 -40.67
C PHE A 2378 -61.54 0.91 -42.00
N MET A 2379 -61.60 0.18 -43.12
CA MET A 2379 -61.88 0.86 -44.37
C MET A 2379 -63.26 1.53 -44.32
N ASN A 2380 -64.25 0.83 -43.78
CA ASN A 2380 -65.56 1.43 -43.56
C ASN A 2380 -65.42 2.75 -42.81
N ALA A 2381 -64.65 2.73 -41.72
CA ALA A 2381 -64.40 3.94 -40.96
C ALA A 2381 -63.86 5.04 -41.87
N VAL A 2382 -62.80 4.75 -42.62
CA VAL A 2382 -62.27 5.81 -43.48
C VAL A 2382 -63.26 6.10 -44.59
N PHE A 2383 -64.02 5.10 -45.04
CA PHE A 2383 -65.09 5.36 -45.98
C PHE A 2383 -66.08 6.36 -45.39
N PHE A 2384 -66.39 6.21 -44.10
CA PHE A 2384 -67.21 7.20 -43.44
C PHE A 2384 -66.53 8.56 -43.42
N LEU A 2385 -65.23 8.58 -43.18
CA LEU A 2385 -64.52 9.83 -42.91
C LEU A 2385 -64.03 10.53 -44.17
N LEU A 2386 -64.22 9.93 -45.35
CA LEU A 2386 -63.74 10.57 -46.58
C LEU A 2386 -64.34 11.95 -46.80
N PRO A 2387 -65.65 12.12 -46.96
CA PRO A 2387 -66.17 13.45 -47.33
C PRO A 2387 -65.95 14.50 -46.26
N LYS A 2388 -65.73 14.09 -45.02
CA LYS A 2388 -65.55 15.05 -43.94
C LYS A 2388 -64.23 15.81 -44.07
N PHE A 2389 -63.26 15.27 -44.78
CA PHE A 2389 -61.96 15.90 -44.91
C PHE A 2389 -61.88 16.71 -46.19
N HIS A 2390 -61.07 17.77 -46.16
CA HIS A 2390 -60.86 18.60 -47.33
C HIS A 2390 -59.40 18.96 -47.60
N GLY A 2391 -58.52 18.90 -46.60
CA GLY A 2391 -57.12 19.18 -46.78
C GLY A 2391 -56.34 17.94 -47.15
N VAL A 2392 -55.07 17.90 -46.70
CA VAL A 2392 -54.21 16.75 -46.96
C VAL A 2392 -54.76 15.48 -46.33
N LEU A 2393 -55.75 15.60 -45.43
CA LEU A 2393 -56.39 14.42 -44.88
C LEU A 2393 -56.96 13.53 -45.97
N LYS A 2394 -57.44 14.14 -47.06
CA LYS A 2394 -57.85 13.35 -48.21
C LYS A 2394 -56.68 12.53 -48.75
N THR A 2395 -55.50 13.13 -48.84
CA THR A 2395 -54.33 12.40 -49.29
C THR A 2395 -54.01 11.25 -48.34
N LEU A 2396 -54.11 11.50 -47.03
CA LEU A 2396 -53.84 10.46 -46.06
C LEU A 2396 -54.80 9.28 -46.24
N CYS A 2397 -56.08 9.58 -46.41
CA CYS A 2397 -57.05 8.51 -46.62
C CYS A 2397 -56.78 7.77 -47.91
N LEU A 2398 -56.42 8.50 -48.97
CA LEU A 2398 -56.15 7.86 -50.25
C LEU A 2398 -54.97 6.91 -50.15
N GLU A 2399 -53.90 7.33 -49.47
CA GLU A 2399 -52.76 6.44 -49.35
C GLU A 2399 -53.04 5.29 -48.38
N VAL A 2400 -53.96 5.50 -47.43
CA VAL A 2400 -54.38 4.40 -46.57
C VAL A 2400 -55.07 3.33 -47.40
N VAL A 2401 -56.06 3.74 -48.20
CA VAL A 2401 -56.80 2.78 -48.99
C VAL A 2401 -55.95 2.22 -50.13
N LEU A 2402 -54.89 2.93 -50.51
CA LEU A 2402 -53.98 2.41 -51.54
C LEU A 2402 -53.31 1.13 -51.08
N CYS A 2403 -53.09 0.99 -49.78
CA CYS A 2403 -52.50 -0.23 -49.25
C CYS A 2403 -53.44 -1.42 -49.33
N ARG A 2404 -54.71 -1.20 -49.63
CA ARG A 2404 -55.71 -2.27 -49.56
C ARG A 2404 -55.89 -2.96 -50.91
N VAL A 2405 -54.77 -3.46 -51.44
CA VAL A 2405 -54.83 -4.46 -52.49
C VAL A 2405 -55.50 -5.71 -51.96
N GLU A 2406 -55.17 -6.10 -50.73
CA GLU A 2406 -55.84 -7.20 -50.06
C GLU A 2406 -57.32 -6.90 -49.85
N GLY A 2407 -57.64 -5.69 -49.40
CA GLY A 2407 -59.01 -5.31 -49.18
C GLY A 2407 -59.74 -5.02 -50.47
N MET A 2408 -59.88 -6.03 -51.32
CA MET A 2408 -60.45 -5.88 -52.66
C MET A 2408 -61.53 -6.94 -52.84
N THR A 2409 -62.76 -6.61 -52.43
CA THR A 2409 -63.93 -7.42 -52.72
C THR A 2409 -64.92 -6.69 -53.59
N GLU A 2410 -65.28 -5.46 -53.21
CA GLU A 2410 -66.08 -4.57 -54.04
C GLU A 2410 -65.72 -3.16 -53.63
N LEU A 2411 -65.24 -2.36 -54.58
CA LEU A 2411 -64.80 -1.01 -54.25
C LEU A 2411 -65.40 0.01 -55.20
N TYR A 2412 -65.72 -0.42 -56.43
CA TYR A 2412 -66.27 0.52 -57.41
C TYR A 2412 -67.56 1.15 -56.91
N PHE A 2413 -68.46 0.34 -56.37
CA PHE A 2413 -69.66 0.90 -55.76
C PHE A 2413 -69.31 1.76 -54.57
N GLN A 2414 -68.31 1.35 -53.79
CA GLN A 2414 -67.92 2.11 -52.60
C GLN A 2414 -67.37 3.48 -53.00
N LEU A 2415 -66.41 3.49 -53.92
CA LEU A 2415 -65.82 4.76 -54.33
C LEU A 2415 -66.84 5.65 -55.03
N LYS A 2416 -67.73 5.04 -55.83
CA LYS A 2416 -68.78 5.80 -56.47
C LYS A 2416 -69.69 6.45 -55.43
N SER A 2417 -70.05 5.70 -54.39
CA SER A 2417 -70.81 6.28 -53.29
C SER A 2417 -70.02 7.38 -52.60
N LYS A 2418 -68.73 7.15 -52.39
CA LYS A 2418 -67.86 8.17 -51.82
C LYS A 2418 -67.53 9.26 -52.81
N ASP A 2419 -68.04 9.17 -54.04
CA ASP A 2419 -67.79 10.17 -55.08
C ASP A 2419 -66.29 10.34 -55.33
N PHE A 2420 -65.60 9.20 -55.47
CA PHE A 2420 -64.18 9.23 -55.79
C PHE A 2420 -63.90 9.98 -57.07
N VAL A 2421 -64.82 9.93 -58.03
CA VAL A 2421 -64.59 10.56 -59.32
C VAL A 2421 -64.43 12.07 -59.16
N GLN A 2422 -65.20 12.68 -58.25
CA GLN A 2422 -65.17 14.13 -58.14
C GLN A 2422 -63.85 14.62 -57.57
N VAL A 2423 -63.39 14.03 -56.47
CA VAL A 2423 -62.08 14.40 -55.94
C VAL A 2423 -61.00 14.02 -56.92
N MET A 2424 -61.25 12.98 -57.71
CA MET A 2424 -60.34 12.63 -58.79
C MET A 2424 -60.24 13.74 -59.83
N ARG A 2425 -61.33 14.46 -60.07
CA ARG A 2425 -61.26 15.64 -60.94
C ARG A 2425 -60.35 16.69 -60.35
N HIS A 2426 -60.43 16.90 -59.03
CA HIS A 2426 -59.62 17.93 -58.38
C HIS A 2426 -58.15 17.63 -58.59
N ARG A 2427 -57.48 18.47 -59.37
CA ARG A 2427 -56.10 18.22 -59.76
C ARG A 2427 -55.17 18.57 -58.62
N ASP A 2428 -54.68 17.55 -57.93
CA ASP A 2428 -53.58 17.68 -56.98
C ASP A 2428 -52.58 16.58 -57.31
N ASP A 2429 -51.32 16.97 -57.53
CA ASP A 2429 -50.35 16.04 -58.09
C ASP A 2429 -50.21 14.79 -57.22
N GLU A 2430 -50.11 14.96 -55.90
CA GLU A 2430 -50.08 13.80 -55.02
C GLU A 2430 -51.40 13.04 -55.08
N ARG A 2431 -52.53 13.76 -55.11
CA ARG A 2431 -53.82 13.11 -55.24
C ARG A 2431 -53.93 12.39 -56.56
N GLN A 2432 -53.47 13.02 -57.65
CA GLN A 2432 -53.51 12.37 -58.95
C GLN A 2432 -52.69 11.09 -58.94
N LYS A 2433 -51.50 11.15 -58.36
CA LYS A 2433 -50.63 9.98 -58.34
C LYS A 2433 -51.25 8.85 -57.54
N VAL A 2434 -51.79 9.17 -56.36
CA VAL A 2434 -52.34 8.10 -55.53
C VAL A 2434 -53.60 7.53 -56.15
N CYS A 2435 -54.43 8.38 -56.77
CA CYS A 2435 -55.63 7.88 -57.44
C CYS A 2435 -55.26 6.96 -58.59
N LEU A 2436 -54.26 7.35 -59.38
CA LEU A 2436 -53.86 6.52 -60.51
C LEU A 2436 -53.23 5.22 -60.03
N ASP A 2437 -52.49 5.25 -58.94
CA ASP A 2437 -51.97 4.01 -58.36
C ASP A 2437 -53.11 3.11 -57.91
N ILE A 2438 -54.15 3.71 -57.31
CA ILE A 2438 -55.33 2.94 -56.94
C ILE A 2438 -55.93 2.27 -58.16
N ILE A 2439 -56.08 3.02 -59.26
CA ILE A 2439 -56.65 2.46 -60.47
C ILE A 2439 -55.78 1.33 -60.99
N TYR A 2440 -54.47 1.52 -60.96
CA TYR A 2440 -53.56 0.49 -61.45
C TYR A 2440 -53.67 -0.79 -60.62
N LYS A 2441 -53.83 -0.64 -59.31
CA LYS A 2441 -53.95 -1.83 -58.49
C LYS A 2441 -55.34 -2.44 -58.56
N MET A 2442 -56.35 -1.71 -59.06
CA MET A 2442 -57.71 -2.23 -58.96
C MET A 2442 -58.35 -2.68 -60.27
N MET A 2443 -57.87 -2.24 -61.43
CA MET A 2443 -58.68 -2.46 -62.64
C MET A 2443 -59.11 -3.91 -62.89
N PRO A 2444 -58.28 -4.94 -62.68
CA PRO A 2444 -58.73 -6.28 -63.08
C PRO A 2444 -60.00 -6.73 -62.38
N LYS A 2445 -60.27 -6.21 -61.18
CA LYS A 2445 -61.50 -6.56 -60.49
C LYS A 2445 -62.71 -5.94 -61.18
N LEU A 2446 -62.53 -4.83 -61.88
CA LEU A 2446 -63.66 -4.13 -62.46
C LEU A 2446 -64.09 -4.77 -63.77
N LYS A 2447 -65.29 -4.40 -64.22
CA LYS A 2447 -65.97 -4.86 -65.42
C LYS A 2447 -66.07 -3.73 -66.44
N PRO A 2448 -66.15 -4.06 -67.73
CA PRO A 2448 -66.16 -3.01 -68.76
C PRO A 2448 -67.28 -2.01 -68.60
N VAL A 2449 -68.43 -2.44 -68.09
CA VAL A 2449 -69.56 -1.53 -67.94
C VAL A 2449 -69.20 -0.38 -66.99
N GLU A 2450 -68.57 -0.70 -65.86
CA GLU A 2450 -68.10 0.34 -64.96
C GLU A 2450 -66.83 1.01 -65.47
N LEU A 2451 -65.96 0.24 -66.13
CA LEU A 2451 -64.71 0.80 -66.62
C LEU A 2451 -64.93 1.89 -67.65
N ARG A 2452 -66.01 1.80 -68.43
CA ARG A 2452 -66.33 2.86 -69.38
C ARG A 2452 -66.47 4.20 -68.68
N GLU A 2453 -67.44 4.30 -67.76
CA GLU A 2453 -67.66 5.54 -67.04
C GLU A 2453 -66.46 5.92 -66.20
N LEU A 2454 -65.70 4.94 -65.73
CA LEU A 2454 -64.53 5.25 -64.91
C LEU A 2454 -63.46 5.94 -65.76
N LEU A 2455 -63.17 5.40 -66.94
CA LEU A 2455 -62.13 5.92 -67.80
C LEU A 2455 -62.54 7.20 -68.51
N ASN A 2456 -63.84 7.43 -68.68
CA ASN A 2456 -64.30 8.60 -69.41
C ASN A 2456 -63.69 9.92 -68.91
N PRO A 2457 -63.55 10.16 -67.59
CA PRO A 2457 -62.81 11.35 -67.15
C PRO A 2457 -61.33 11.13 -66.89
N VAL A 2458 -60.86 9.88 -66.86
CA VAL A 2458 -59.46 9.62 -66.57
C VAL A 2458 -58.57 10.20 -67.66
N VAL A 2459 -58.96 10.03 -68.91
CA VAL A 2459 -58.15 10.47 -70.04
C VAL A 2459 -57.93 11.97 -70.06
N GLU A 2460 -58.69 12.72 -69.26
CA GLU A 2460 -58.54 14.17 -69.24
C GLU A 2460 -57.14 14.59 -68.82
N PHE A 2461 -56.44 13.75 -68.07
CA PHE A 2461 -55.16 14.13 -67.49
C PHE A 2461 -54.00 14.01 -68.45
N VAL A 2462 -54.28 13.76 -69.73
CA VAL A 2462 -53.25 13.93 -70.74
C VAL A 2462 -52.84 15.40 -70.74
N SER A 2463 -51.56 15.65 -71.00
CA SER A 2463 -50.99 16.99 -70.99
C SER A 2463 -51.08 17.65 -69.62
N HIS A 2464 -51.30 16.86 -68.56
CA HIS A 2464 -51.29 17.42 -67.23
C HIS A 2464 -49.88 17.87 -66.87
N PRO A 2465 -49.74 18.96 -66.13
CA PRO A 2465 -48.40 19.45 -65.79
C PRO A 2465 -47.66 18.58 -64.78
N SER A 2466 -47.53 17.29 -65.06
CA SER A 2466 -46.69 16.40 -64.27
C SER A 2466 -46.45 15.13 -65.08
N THR A 2467 -45.17 14.82 -65.32
CA THR A 2467 -44.85 13.61 -66.06
C THR A 2467 -45.26 12.35 -65.30
N THR A 2468 -45.32 12.43 -63.97
CA THR A 2468 -45.65 11.26 -63.17
C THR A 2468 -47.07 10.78 -63.46
N CYS A 2469 -48.04 11.70 -63.40
CA CYS A 2469 -49.43 11.33 -63.63
C CYS A 2469 -49.64 10.83 -65.05
N ARG A 2470 -49.02 11.49 -66.02
CA ARG A 2470 -49.13 11.04 -67.40
C ARG A 2470 -48.55 9.65 -67.56
N GLU A 2471 -47.40 9.39 -66.93
CA GLU A 2471 -46.80 8.05 -67.01
C GLU A 2471 -47.72 7.01 -66.39
N GLN A 2472 -48.31 7.32 -65.24
CA GLN A 2472 -49.18 6.36 -64.58
C GLN A 2472 -50.41 6.06 -65.42
N MET A 2473 -51.03 7.10 -65.99
CA MET A 2473 -52.20 6.84 -66.82
C MET A 2473 -51.81 6.11 -68.10
N TYR A 2474 -50.58 6.31 -68.59
CA TYR A 2474 -50.12 5.52 -69.72
C TYR A 2474 -49.99 4.05 -69.33
N ASN A 2475 -49.48 3.78 -68.13
CA ASN A 2475 -49.43 2.40 -67.66
C ASN A 2475 -50.83 1.80 -67.63
N ILE A 2476 -51.80 2.60 -67.15
CA ILE A 2476 -53.20 2.18 -67.21
C ILE A 2476 -53.58 1.85 -68.65
N LEU A 2477 -53.19 2.70 -69.58
CA LEU A 2477 -53.60 2.56 -70.97
C LEU A 2477 -53.03 1.29 -71.59
N MET A 2478 -51.75 1.01 -71.37
CA MET A 2478 -51.21 -0.25 -71.90
C MET A 2478 -51.83 -1.46 -71.20
N TRP A 2479 -52.11 -1.37 -69.90
CA TRP A 2479 -52.80 -2.47 -69.25
C TRP A 2479 -54.12 -2.75 -69.94
N ILE A 2480 -54.91 -1.70 -70.17
CA ILE A 2480 -56.20 -1.88 -70.82
C ILE A 2480 -56.04 -2.42 -72.22
N HIS A 2481 -55.14 -1.81 -72.99
CA HIS A 2481 -54.98 -2.19 -74.39
C HIS A 2481 -54.57 -3.65 -74.53
N ASP A 2482 -53.59 -4.08 -73.73
CA ASP A 2482 -53.19 -5.48 -73.77
C ASP A 2482 -54.30 -6.39 -73.29
N ASN A 2483 -55.11 -5.93 -72.34
CA ASN A 2483 -56.23 -6.71 -71.85
C ASN A 2483 -57.50 -6.51 -72.66
N TYR A 2484 -57.47 -5.66 -73.70
CA TYR A 2484 -58.68 -5.39 -74.47
C TYR A 2484 -58.43 -5.37 -75.97
N ARG A 2485 -57.25 -5.78 -76.43
CA ARG A 2485 -57.00 -5.84 -77.86
C ARG A 2485 -57.58 -7.09 -78.51
N ASP A 2486 -58.31 -7.90 -77.76
CA ASP A 2486 -58.96 -9.08 -78.30
C ASP A 2486 -60.28 -8.72 -78.96
N THR A 2491 -67.54 -10.50 -78.90
CA THR A 2491 -66.95 -9.39 -78.15
C THR A 2491 -67.99 -8.30 -77.90
N ASP A 2492 -68.03 -7.81 -76.67
CA ASP A 2492 -69.00 -6.78 -76.30
C ASP A 2492 -68.69 -5.46 -76.98
N ASN A 2493 -69.74 -4.76 -77.41
CA ASN A 2493 -69.58 -3.48 -78.09
C ASN A 2493 -68.98 -2.43 -77.17
N ASP A 2494 -69.46 -2.36 -75.91
CA ASP A 2494 -68.99 -1.33 -75.01
C ASP A 2494 -67.52 -1.50 -74.68
N SER A 2495 -67.08 -2.74 -74.46
CA SER A 2495 -65.67 -3.00 -74.25
C SER A 2495 -64.85 -2.60 -75.47
N GLN A 2496 -65.38 -2.86 -76.66
CA GLN A 2496 -64.71 -2.41 -77.88
C GLN A 2496 -64.58 -0.89 -77.89
N GLU A 2497 -65.63 -0.19 -77.48
CA GLU A 2497 -65.57 1.27 -77.44
C GLU A 2497 -64.54 1.76 -76.43
N ILE A 2498 -64.47 1.12 -75.26
CA ILE A 2498 -63.47 1.49 -74.28
C ILE A 2498 -62.07 1.28 -74.83
N PHE A 2499 -61.86 0.14 -75.46
CA PHE A 2499 -60.54 -0.18 -76.00
C PHE A 2499 -60.17 0.76 -77.14
N LYS A 2500 -61.15 1.15 -77.94
CA LYS A 2500 -60.92 2.12 -78.99
C LYS A 2500 -60.54 3.48 -78.41
N LEU A 2501 -61.24 3.93 -77.37
CA LEU A 2501 -60.88 5.18 -76.74
C LEU A 2501 -59.48 5.10 -76.15
N ALA A 2502 -59.14 3.97 -75.54
CA ALA A 2502 -57.81 3.79 -74.95
C ALA A 2502 -56.74 3.89 -76.02
N LYS A 2503 -56.92 3.19 -77.15
CA LYS A 2503 -55.91 3.28 -78.20
C LYS A 2503 -55.87 4.67 -78.80
N ASP A 2504 -57.00 5.36 -78.87
CA ASP A 2504 -57.02 6.72 -79.40
C ASP A 2504 -56.19 7.65 -78.54
N VAL A 2505 -56.41 7.62 -77.23
CA VAL A 2505 -55.65 8.50 -76.35
C VAL A 2505 -54.19 8.06 -76.29
N LEU A 2506 -53.92 6.76 -76.46
CA LEU A 2506 -52.54 6.31 -76.56
C LEU A 2506 -51.86 6.92 -77.76
N ILE A 2507 -52.54 6.95 -78.91
CA ILE A 2507 -52.02 7.63 -80.08
C ILE A 2507 -51.81 9.11 -79.77
N GLN A 2508 -52.77 9.73 -79.07
CA GLN A 2508 -52.57 11.09 -78.59
C GLN A 2508 -51.38 11.17 -77.65
N GLY A 2509 -51.11 10.09 -76.91
CA GLY A 2509 -49.96 10.07 -76.04
C GLY A 2509 -48.63 9.88 -76.73
N LEU A 2510 -48.65 9.61 -78.04
CA LEU A 2510 -47.40 9.43 -78.77
C LEU A 2510 -46.55 10.68 -78.74
N ILE A 2511 -47.16 11.85 -78.61
CA ILE A 2511 -46.44 13.11 -78.50
C ILE A 2511 -46.26 13.42 -77.03
N ASP A 2512 -45.01 13.54 -76.60
CA ASP A 2512 -44.67 13.80 -75.21
C ASP A 2512 -43.64 14.91 -75.14
N GLU A 2513 -43.86 15.88 -74.26
CA GLU A 2513 -42.81 16.84 -73.96
C GLU A 2513 -41.62 16.17 -73.28
N ASN A 2514 -41.88 15.15 -72.48
CA ASN A 2514 -40.81 14.42 -71.80
C ASN A 2514 -40.17 13.46 -72.78
N PRO A 2515 -38.87 13.56 -73.03
CA PRO A 2515 -38.21 12.55 -73.87
C PRO A 2515 -38.28 11.16 -73.29
N GLY A 2516 -38.34 11.03 -71.96
CA GLY A 2516 -38.49 9.72 -71.36
C GLY A 2516 -39.83 9.08 -71.70
N LEU A 2517 -40.90 9.87 -71.68
CA LEU A 2517 -42.20 9.37 -72.11
C LEU A 2517 -42.16 8.96 -73.57
N GLN A 2518 -41.47 9.73 -74.40
CA GLN A 2518 -41.31 9.36 -75.80
C GLN A 2518 -40.60 8.03 -75.93
N LEU A 2519 -39.53 7.85 -75.17
CA LEU A 2519 -38.77 6.60 -75.24
C LEU A 2519 -39.63 5.43 -74.79
N ILE A 2520 -40.37 5.58 -73.70
CA ILE A 2520 -41.12 4.45 -73.18
C ILE A 2520 -42.29 4.12 -74.10
N ILE A 2521 -42.93 5.14 -74.70
CA ILE A 2521 -44.00 4.86 -75.63
C ILE A 2521 -43.47 4.22 -76.90
N ARG A 2522 -42.26 4.61 -77.33
CA ARG A 2522 -41.65 3.96 -78.47
C ARG A 2522 -41.33 2.51 -78.16
N ASN A 2523 -40.84 2.24 -76.96
CA ASN A 2523 -40.59 0.86 -76.55
C ASN A 2523 -41.88 0.05 -76.54
N PHE A 2524 -42.96 0.66 -76.04
CA PHE A 2524 -44.25 -0.03 -76.01
C PHE A 2524 -44.71 -0.36 -77.43
N TRP A 2525 -44.75 0.64 -78.30
CA TRP A 2525 -45.35 0.42 -79.63
C TRP A 2525 -44.46 -0.44 -80.52
N SER A 2526 -43.14 -0.33 -80.37
CA SER A 2526 -42.23 -1.12 -81.18
C SER A 2526 -42.27 -2.59 -80.84
N HIS A 2527 -42.94 -2.98 -79.77
CA HIS A 2527 -43.04 -4.38 -79.40
C HIS A 2527 -43.81 -5.16 -80.46
N GLU A 2528 -43.54 -6.47 -80.51
CA GLU A 2528 -44.14 -7.32 -81.54
C GLU A 2528 -45.65 -7.31 -81.45
N THR A 2529 -46.19 -7.44 -80.24
CA THR A 2529 -47.64 -7.44 -80.07
C THR A 2529 -48.25 -6.13 -80.53
N ARG A 2530 -47.60 -5.01 -80.18
CA ARG A 2530 -48.08 -3.71 -80.58
C ARG A 2530 -47.77 -3.41 -82.05
N LEU A 2531 -46.71 -4.00 -82.59
CA LEU A 2531 -46.36 -3.81 -83.98
C LEU A 2531 -45.73 -5.07 -84.55
N PRO A 2532 -46.28 -5.63 -85.63
CA PRO A 2532 -45.77 -6.90 -86.16
C PRO A 2532 -44.31 -6.77 -86.57
N SER A 2533 -43.56 -7.85 -86.33
CA SER A 2533 -42.14 -7.85 -86.65
C SER A 2533 -41.90 -7.68 -88.14
N ASN A 2534 -42.74 -8.31 -88.96
CA ASN A 2534 -42.60 -8.15 -90.41
C ASN A 2534 -42.79 -6.69 -90.78
N THR A 2535 -41.86 -6.18 -91.59
CA THR A 2535 -41.92 -4.78 -92.00
C THR A 2535 -43.19 -4.50 -92.79
N LEU A 2536 -43.55 -5.40 -93.70
CA LEU A 2536 -44.81 -5.26 -94.43
C LEU A 2536 -45.99 -5.28 -93.47
N ASP A 2537 -45.99 -6.25 -92.55
CA ASP A 2537 -47.09 -6.34 -91.58
C ASP A 2537 -47.08 -5.15 -90.63
N ARG A 2538 -45.89 -4.70 -90.24
CA ARG A 2538 -45.80 -3.50 -89.41
C ARG A 2538 -46.41 -2.30 -90.12
N LEU A 2539 -46.09 -2.13 -91.40
CA LEU A 2539 -46.65 -1.04 -92.19
C LEU A 2539 -48.17 -1.16 -92.28
N LEU A 2540 -48.66 -2.37 -92.54
CA LEU A 2540 -50.11 -2.56 -92.64
C LEU A 2540 -50.79 -2.23 -91.31
N ALA A 2541 -50.19 -2.63 -90.19
CA ALA A 2541 -50.79 -2.36 -88.90
C ALA A 2541 -50.81 -0.88 -88.59
N LEU A 2542 -49.69 -0.18 -88.82
CA LEU A 2542 -49.63 1.24 -88.49
C LEU A 2542 -50.53 2.08 -89.39
N ASN A 2543 -51.02 1.54 -90.49
CA ASN A 2543 -51.96 2.28 -91.33
C ASN A 2543 -53.21 2.64 -90.55
N SER A 2544 -53.73 1.68 -89.77
CA SER A 2544 -54.85 1.99 -88.89
C SER A 2544 -54.45 3.03 -87.86
N LEU A 2545 -53.26 2.91 -87.30
CA LEU A 2545 -52.76 3.89 -86.34
C LEU A 2545 -52.63 5.25 -87.00
N TYR A 2546 -53.47 6.20 -86.60
CA TYR A 2546 -53.40 7.56 -87.12
C TYR A 2546 -54.27 8.46 -86.28
N SER A 2547 -53.82 9.70 -86.10
CA SER A 2547 -54.65 10.73 -85.51
C SER A 2547 -54.52 12.00 -86.32
N PRO A 2548 -55.63 12.71 -86.56
CA PRO A 2548 -55.52 14.02 -87.22
C PRO A 2548 -54.75 15.02 -86.39
N LYS A 2549 -54.64 14.81 -85.08
CA LYS A 2549 -53.84 15.69 -84.24
C LYS A 2549 -52.35 15.44 -84.42
N ILE A 2550 -51.95 14.19 -84.60
CA ILE A 2550 -50.55 13.82 -84.71
C ILE A 2550 -50.10 13.95 -86.15
N GLU A 2551 -50.95 14.57 -86.98
CA GLU A 2551 -50.67 14.70 -88.41
C GLU A 2551 -49.31 15.35 -88.66
N VAL A 2552 -48.92 16.30 -87.79
CA VAL A 2552 -47.64 16.97 -87.97
C VAL A 2552 -46.49 15.98 -87.87
N HIS A 2553 -46.54 15.11 -86.89
CA HIS A 2553 -45.44 14.20 -86.61
C HIS A 2553 -45.70 12.77 -87.06
N PHE A 2554 -46.86 12.51 -87.66
CA PHE A 2554 -47.25 11.14 -87.98
C PHE A 2554 -46.20 10.45 -88.85
N LEU A 2555 -45.85 11.08 -89.97
CA LEU A 2555 -44.89 10.47 -90.88
C LEU A 2555 -43.52 10.31 -90.21
N SER A 2556 -43.11 11.30 -89.43
CA SER A 2556 -41.81 11.23 -88.76
C SER A 2556 -41.77 10.06 -87.79
N LEU A 2557 -42.82 9.92 -86.97
CA LEU A 2557 -42.86 8.84 -86.00
C LEU A 2557 -42.92 7.49 -86.69
N ALA A 2558 -43.68 7.39 -87.78
CA ALA A 2558 -43.74 6.13 -88.52
C ALA A 2558 -42.37 5.77 -89.07
N THR A 2559 -41.66 6.75 -89.65
CA THR A 2559 -40.34 6.49 -90.19
C THR A 2559 -39.37 6.06 -89.10
N ASN A 2560 -39.42 6.74 -87.94
CA ASN A 2560 -38.54 6.36 -86.84
C ASN A 2560 -38.85 4.95 -86.36
N PHE A 2561 -40.13 4.59 -86.29
CA PHE A 2561 -40.51 3.25 -85.89
C PHE A 2561 -39.97 2.22 -86.87
N LEU A 2562 -40.11 2.46 -88.17
CA LEU A 2562 -39.58 1.54 -89.15
C LEU A 2562 -38.06 1.51 -89.16
N LEU A 2563 -37.41 2.58 -88.70
CA LEU A 2563 -35.96 2.61 -88.71
C LEU A 2563 -35.37 1.87 -87.52
N GLU A 2564 -35.67 2.33 -86.31
CA GLU A 2564 -34.99 1.78 -85.14
C GLU A 2564 -35.41 0.34 -84.86
N MET A 2565 -36.48 -0.15 -85.48
CA MET A 2565 -36.79 -1.57 -85.39
C MET A 2565 -35.76 -2.40 -86.14
N THR A 2566 -35.08 -1.81 -87.13
CA THR A 2566 -34.08 -2.52 -87.93
C THR A 2566 -32.82 -2.66 -87.07
N SER A 2567 -32.83 -3.67 -86.22
CA SER A 2567 -31.71 -3.93 -85.34
C SER A 2567 -31.26 -5.39 -85.33
N MET A 2568 -32.13 -6.33 -85.68
CA MET A 2568 -31.78 -7.74 -85.69
C MET A 2568 -31.11 -8.18 -86.99
N SER A 2569 -31.01 -7.28 -87.97
CA SER A 2569 -30.42 -7.65 -89.24
C SER A 2569 -28.94 -7.93 -89.06
N PRO A 2570 -28.43 -9.08 -89.52
CA PRO A 2570 -27.00 -9.34 -89.34
C PRO A 2570 -26.11 -8.31 -89.99
N ASP A 2571 -26.48 -7.82 -91.18
CA ASP A 2571 -25.71 -6.80 -91.88
C ASP A 2571 -25.98 -5.40 -91.38
N TYR A 2572 -26.98 -5.22 -90.51
CA TYR A 2572 -27.25 -3.91 -89.92
C TYR A 2572 -26.03 -3.32 -89.22
N PRO A 2573 -25.27 -4.06 -88.41
CA PRO A 2573 -24.02 -3.50 -87.88
C PRO A 2573 -22.80 -3.74 -88.76
N ASN A 2574 -22.93 -4.49 -89.85
CA ASN A 2574 -21.80 -4.67 -90.75
C ASN A 2574 -21.57 -3.43 -91.59
N PRO A 2575 -20.35 -3.25 -92.11
CA PRO A 2575 -20.09 -2.14 -93.03
C PRO A 2575 -20.57 -2.44 -94.43
N MET A 2576 -20.79 -1.36 -95.19
CA MET A 2576 -21.22 -1.50 -96.58
C MET A 2576 -20.09 -1.98 -97.47
N PHE A 2577 -18.85 -1.58 -97.17
CA PHE A 2577 -17.70 -1.89 -98.00
C PHE A 2577 -16.60 -2.42 -97.09
N GLU A 2578 -16.40 -3.74 -97.10
CA GLU A 2578 -15.25 -4.33 -96.42
C GLU A 2578 -13.94 -3.84 -97.01
N HIS A 2579 -13.95 -3.41 -98.27
CA HIS A 2579 -12.75 -2.90 -98.91
C HIS A 2579 -12.49 -1.47 -98.46
N PRO A 2580 -11.34 -1.17 -97.87
CA PRO A 2580 -10.99 0.23 -97.62
C PRO A 2580 -10.77 0.96 -98.93
N LEU A 2581 -10.94 2.29 -98.87
CA LEU A 2581 -10.71 3.10 -100.06
C LEU A 2581 -9.30 2.92 -100.58
N SER A 2582 -8.32 2.87 -99.67
CA SER A 2582 -6.96 2.52 -100.02
C SER A 2582 -6.28 2.05 -98.74
N GLU A 2583 -5.03 1.64 -98.86
CA GLU A 2583 -4.28 1.24 -97.68
C GLU A 2583 -3.92 2.48 -96.87
N CYS A 2584 -4.78 2.82 -95.91
CA CYS A 2584 -4.60 4.01 -95.10
C CYS A 2584 -4.79 3.65 -93.63
N GLU A 2585 -4.16 4.43 -92.77
CA GLU A 2585 -4.22 4.22 -91.33
C GLU A 2585 -5.28 5.14 -90.74
N PHE A 2586 -6.25 4.56 -90.05
CA PHE A 2586 -7.38 5.30 -89.49
C PHE A 2586 -7.33 5.19 -87.97
N GLN A 2587 -7.39 6.33 -87.30
CA GLN A 2587 -7.38 6.36 -85.84
C GLN A 2587 -8.62 7.12 -85.35
N GLU A 2588 -9.06 6.76 -84.15
CA GLU A 2588 -10.31 7.30 -83.62
C GLU A 2588 -10.23 8.82 -83.51
N TYR A 2589 -11.33 9.47 -83.90
CA TYR A 2589 -11.43 10.92 -83.89
C TYR A 2589 -12.58 11.35 -82.99
N THR A 2590 -12.33 12.36 -82.18
CA THR A 2590 -13.32 12.90 -81.26
C THR A 2590 -13.74 14.30 -81.70
N ILE A 2591 -14.92 14.70 -81.25
CA ILE A 2591 -15.48 16.01 -81.56
C ILE A 2591 -16.00 16.63 -80.26
N ASP A 2592 -15.64 17.89 -80.03
CA ASP A 2592 -16.05 18.61 -78.84
C ASP A 2592 -16.80 19.88 -79.25
N SER A 2593 -17.82 20.21 -78.46
CA SER A 2593 -18.61 21.42 -78.65
C SER A 2593 -18.80 22.10 -77.30
N ASP A 2594 -19.24 23.35 -77.35
CA ASP A 2594 -19.46 24.13 -76.14
C ASP A 2594 -20.46 25.24 -76.47
N TRP A 2595 -20.64 26.14 -75.51
CA TRP A 2595 -21.45 27.35 -75.69
C TRP A 2595 -20.64 28.49 -76.29
N ARG A 2596 -19.52 28.19 -76.93
CA ARG A 2596 -18.59 29.18 -77.42
C ARG A 2596 -18.66 29.24 -78.95
N PHE A 2597 -18.75 30.44 -79.49
CA PHE A 2597 -18.82 30.65 -80.93
C PHE A 2597 -18.06 31.91 -81.30
N ARG A 2598 -17.75 32.03 -82.59
CA ARG A 2598 -16.82 33.05 -83.07
C ARG A 2598 -17.42 34.44 -82.86
N SER A 2599 -16.93 35.14 -81.83
CA SER A 2599 -17.38 36.48 -81.52
C SER A 2599 -16.43 37.16 -80.55
N THR A 2600 -15.91 38.34 -80.94
CA THR A 2600 -15.04 39.16 -80.09
C THR A 2600 -13.88 38.34 -79.52
N VAL A 2601 -13.04 37.85 -80.43
CA VAL A 2601 -11.95 36.95 -80.09
C VAL A 2601 -10.65 37.71 -80.03
N LEU A 2602 -9.88 37.49 -78.97
CA LEU A 2602 -8.54 38.06 -78.82
C LEU A 2602 -7.67 36.98 -78.21
N THR A 2603 -6.46 37.35 -77.78
CA THR A 2603 -5.53 36.42 -77.18
C THR A 2603 -6.11 35.80 -75.91
N GLY A 2721 -17.70 1.87 -43.23
CA GLY A 2721 -18.05 2.98 -42.35
C GLY A 2721 -16.84 3.78 -41.93
N ARG A 2722 -16.12 4.33 -42.89
CA ARG A 2722 -14.91 5.09 -42.61
C ARG A 2722 -15.17 6.57 -42.45
N THR A 2723 -16.27 7.09 -43.01
CA THR A 2723 -16.57 8.51 -42.94
C THR A 2723 -17.25 8.90 -41.63
N ASP A 2724 -17.51 7.94 -40.75
CA ASP A 2724 -18.19 8.23 -39.49
C ASP A 2724 -17.45 9.30 -38.70
N LEU A 2725 -16.13 9.23 -38.67
CA LEU A 2725 -15.35 10.27 -38.01
C LEU A 2725 -15.55 11.62 -38.69
N LEU A 2726 -15.60 11.62 -40.03
CA LEU A 2726 -15.87 12.86 -40.75
C LEU A 2726 -17.26 13.38 -40.42
N ARG A 2727 -18.25 12.49 -40.30
CA ARG A 2727 -19.58 12.92 -39.90
C ARG A 2727 -19.57 13.52 -38.50
N LEU A 2728 -18.80 12.94 -37.59
CA LEU A 2728 -18.73 13.47 -36.23
C LEU A 2728 -18.08 14.84 -36.21
N ARG A 2729 -16.95 15.00 -36.91
CA ARG A 2729 -16.23 16.26 -36.86
C ARG A 2729 -16.96 17.35 -37.62
N ARG A 2730 -17.72 16.99 -38.66
CA ARG A 2730 -18.54 17.98 -39.36
C ARG A 2730 -19.60 18.58 -38.42
N ARG A 2731 -20.21 17.72 -37.59
CA ARG A 2731 -21.25 18.16 -36.66
C ARG A 2731 -20.68 18.57 -35.31
N PHE A 2732 -19.40 18.91 -35.25
CA PHE A 2732 -18.77 19.47 -34.06
C PHE A 2732 -19.10 20.96 -33.97
N MET A 2733 -20.39 21.24 -33.78
CA MET A 2733 -20.92 22.59 -33.80
C MET A 2733 -21.32 23.06 -32.41
N ARG A 2734 -20.63 22.54 -31.38
CA ARG A 2734 -21.06 22.76 -30.00
C ARG A 2734 -20.97 24.22 -29.57
N ASP A 2735 -20.21 25.04 -30.29
CA ASP A 2735 -20.23 26.48 -30.03
C ASP A 2735 -21.51 27.09 -30.57
N GLN A 2736 -22.00 28.12 -29.87
CA GLN A 2736 -23.26 28.74 -30.24
C GLN A 2736 -23.13 29.47 -31.57
N GLU A 2737 -23.97 29.10 -32.54
CA GLU A 2737 -23.87 29.64 -33.88
C GLU A 2737 -25.21 29.90 -34.54
N LYS A 2738 -26.32 29.83 -33.80
CA LYS A 2738 -27.64 29.87 -34.43
C LYS A 2738 -27.83 31.17 -35.22
N LEU A 2739 -27.43 32.30 -34.64
CA LEU A 2739 -27.49 33.56 -35.38
C LEU A 2739 -26.57 33.51 -36.59
N SER A 2740 -25.35 33.00 -36.41
CA SER A 2740 -24.45 32.86 -37.55
C SER A 2740 -24.96 31.81 -38.52
N LEU A 2741 -25.70 30.82 -38.03
CA LEU A 2741 -26.25 29.81 -38.92
C LEU A 2741 -27.32 30.42 -39.83
N MET A 2742 -28.21 31.25 -39.27
CA MET A 2742 -29.18 31.97 -40.09
C MET A 2742 -28.48 32.94 -41.04
N TYR A 2743 -27.41 33.58 -40.57
CA TYR A 2743 -26.64 34.45 -41.45
C TYR A 2743 -26.09 33.69 -42.63
N ALA A 2744 -25.53 32.50 -42.37
CA ALA A 2744 -25.03 31.66 -43.46
C ALA A 2744 -26.16 31.21 -44.37
N ARG A 2745 -27.31 30.88 -43.79
CA ARG A 2745 -28.47 30.50 -44.59
C ARG A 2745 -28.81 31.60 -45.58
N LYS A 2746 -28.96 32.83 -45.10
CA LYS A 2746 -29.31 33.94 -45.97
C LYS A 2746 -28.20 34.21 -46.98
N GLY A 2747 -26.94 34.17 -46.54
CA GLY A 2747 -25.83 34.41 -47.45
C GLY A 2747 -25.81 33.42 -48.60
N VAL A 2748 -25.92 32.13 -48.28
CA VAL A 2748 -25.98 31.11 -49.31
C VAL A 2748 -27.20 31.33 -50.20
N ALA A 2749 -28.30 31.79 -49.61
CA ALA A 2749 -29.48 32.11 -50.43
C ALA A 2749 -29.13 33.15 -51.48
N GLU A 2750 -28.42 34.22 -51.09
CA GLU A 2750 -27.96 35.17 -52.09
C GLU A 2750 -27.10 34.49 -53.14
N GLN A 2751 -25.98 33.88 -52.72
CA GLN A 2751 -25.07 33.33 -53.72
C GLN A 2751 -25.79 32.39 -54.68
N LYS A 2752 -26.76 31.63 -54.17
CA LYS A 2752 -27.55 30.77 -55.05
C LYS A 2752 -28.38 31.58 -56.03
N ARG A 2753 -28.98 32.69 -55.59
CA ARG A 2753 -29.80 33.44 -56.55
C ARG A 2753 -28.95 34.15 -57.60
N GLU A 2754 -27.78 34.66 -57.20
CA GLU A 2754 -26.88 35.23 -58.21
C GLU A 2754 -26.41 34.15 -59.18
N LYS A 2755 -26.11 32.95 -58.68
CA LYS A 2755 -25.66 31.90 -59.60
C LYS A 2755 -26.80 31.41 -60.49
N GLU A 2756 -28.04 31.41 -59.99
CA GLU A 2756 -29.14 30.97 -60.82
C GLU A 2756 -29.52 32.00 -61.86
N ILE A 2757 -29.22 33.28 -61.63
CA ILE A 2757 -29.43 34.28 -62.68
C ILE A 2757 -28.60 33.93 -63.91
N LYS A 2758 -27.30 33.68 -63.71
CA LYS A 2758 -26.47 33.29 -64.83
C LYS A 2758 -26.78 31.88 -65.31
N SER A 2759 -27.32 31.02 -64.45
CA SER A 2759 -27.80 29.72 -64.92
C SER A 2759 -28.95 29.89 -65.90
N GLU A 2760 -29.88 30.80 -65.59
CA GLU A 2760 -30.96 31.11 -66.52
C GLU A 2760 -30.42 31.69 -67.81
N LEU A 2761 -29.44 32.58 -67.71
CA LEU A 2761 -28.83 33.14 -68.92
C LEU A 2761 -28.19 32.04 -69.77
N LYS A 2762 -27.52 31.08 -69.13
CA LYS A 2762 -26.87 30.00 -69.86
C LYS A 2762 -27.89 29.08 -70.52
N MET A 2763 -28.92 28.68 -69.78
CA MET A 2763 -29.93 27.79 -70.35
C MET A 2763 -30.75 28.50 -71.42
N LYS A 2764 -30.77 29.83 -71.42
CA LYS A 2764 -31.42 30.55 -72.52
C LYS A 2764 -30.78 30.18 -73.85
N GLN A 2765 -29.47 29.98 -73.86
CA GLN A 2765 -28.77 29.59 -75.08
C GLN A 2765 -29.19 28.18 -75.50
N ASP A 2766 -29.00 27.92 -76.79
CA ASP A 2766 -29.27 26.59 -77.33
C ASP A 2766 -28.40 25.55 -76.64
N ALA A 2767 -29.00 24.42 -76.30
CA ALA A 2767 -28.29 23.37 -75.59
C ALA A 2767 -27.24 22.72 -76.50
N GLN A 2768 -26.36 21.94 -75.88
CA GLN A 2768 -25.28 21.29 -76.61
C GLN A 2768 -25.83 20.25 -77.58
N VAL A 2769 -25.11 20.04 -78.66
CA VAL A 2769 -25.53 19.18 -79.75
C VAL A 2769 -25.08 17.74 -79.48
N VAL A 2770 -25.92 16.79 -79.86
CA VAL A 2770 -25.64 15.37 -79.69
C VAL A 2770 -25.56 14.72 -81.07
N LEU A 2771 -24.55 13.88 -81.26
CA LEU A 2771 -24.28 13.22 -82.52
C LEU A 2771 -24.48 11.70 -82.39
N TYR A 2772 -24.71 11.06 -83.53
CA TYR A 2772 -24.92 9.61 -83.60
C TYR A 2772 -23.92 8.91 -84.51
N ARG A 2773 -22.78 9.54 -84.81
CA ARG A 2773 -21.83 8.97 -85.75
C ARG A 2773 -20.46 8.83 -85.12
N SER A 2774 -19.84 7.67 -85.35
CA SER A 2774 -18.46 7.46 -84.96
C SER A 2774 -17.52 8.15 -85.93
N TYR A 2775 -16.27 8.35 -85.48
CA TYR A 2775 -15.28 9.05 -86.31
C TYR A 2775 -13.92 8.42 -86.05
N ARG A 2776 -13.41 7.70 -87.05
CA ARG A 2776 -12.07 7.13 -87.02
C ARG A 2776 -11.29 7.83 -88.12
N HIS A 2777 -10.68 8.97 -87.78
CA HIS A 2777 -9.98 9.78 -88.75
C HIS A 2777 -8.76 9.04 -89.29
N GLY A 2778 -8.46 9.28 -90.56
CA GLY A 2778 -7.29 8.73 -91.20
C GLY A 2778 -6.85 9.64 -92.32
N ASP A 2779 -5.73 9.29 -92.95
CA ASP A 2779 -5.26 10.05 -94.09
C ASP A 2779 -6.25 9.97 -95.25
N LEU A 2780 -7.05 8.91 -95.30
CA LEU A 2780 -8.03 8.69 -96.33
C LEU A 2780 -9.34 8.28 -95.68
N PRO A 2781 -10.47 8.37 -96.41
CA PRO A 2781 -11.72 7.85 -95.87
C PRO A 2781 -11.65 6.34 -95.69
N ASP A 2782 -12.37 5.85 -94.68
CA ASP A 2782 -12.46 4.44 -94.37
C ASP A 2782 -13.90 3.99 -94.57
N ILE A 2783 -14.14 3.20 -95.61
CA ILE A 2783 -15.50 2.95 -96.09
C ILE A 2783 -16.14 1.90 -95.20
N GLN A 2784 -15.45 1.54 -94.13
CA GLN A 2784 -15.88 0.55 -93.15
C GLN A 2784 -16.99 1.04 -92.25
N ILE A 2785 -17.58 2.19 -92.57
CA ILE A 2785 -18.75 2.66 -91.83
C ILE A 2785 -19.86 1.63 -91.95
N LYS A 2786 -20.63 1.48 -90.87
CA LYS A 2786 -21.66 0.45 -90.81
C LYS A 2786 -22.99 0.99 -91.32
N HIS A 2787 -23.89 0.06 -91.68
CA HIS A 2787 -25.23 0.46 -92.09
C HIS A 2787 -25.95 1.19 -90.97
N SER A 2788 -25.70 0.80 -89.72
CA SER A 2788 -26.29 1.51 -88.59
C SER A 2788 -25.86 2.96 -88.56
N SER A 2789 -24.58 3.22 -88.81
CA SER A 2789 -24.05 4.57 -88.80
C SER A 2789 -24.67 5.44 -89.87
N LEU A 2790 -25.21 4.84 -90.94
CA LEU A 2790 -25.91 5.63 -91.95
C LEU A 2790 -27.28 6.07 -91.46
N ILE A 2791 -28.00 5.18 -90.78
CA ILE A 2791 -29.42 5.40 -90.55
C ILE A 2791 -29.72 5.98 -89.18
N THR A 2792 -28.79 5.89 -88.22
CA THR A 2792 -29.02 6.60 -86.97
C THR A 2792 -29.13 8.11 -87.18
N PRO A 2793 -28.28 8.78 -87.97
CA PRO A 2793 -28.58 10.19 -88.28
C PRO A 2793 -29.85 10.34 -89.10
N LEU A 2794 -30.22 9.33 -89.89
CA LEU A 2794 -31.47 9.41 -90.65
C LEU A 2794 -32.65 9.59 -89.71
N GLN A 2795 -32.75 8.75 -88.68
CA GLN A 2795 -33.82 8.92 -87.70
C GLN A 2795 -33.59 10.14 -86.82
N ALA A 2796 -32.34 10.56 -86.64
CA ALA A 2796 -32.08 11.76 -85.87
C ALA A 2796 -32.54 13.03 -86.60
N VAL A 2797 -32.64 12.99 -87.92
CA VAL A 2797 -33.02 14.15 -88.69
C VAL A 2797 -34.46 14.08 -89.20
N ALA A 2798 -35.01 12.88 -89.40
CA ALA A 2798 -36.32 12.77 -90.04
C ALA A 2798 -37.38 13.49 -89.24
N GLN A 2799 -37.37 13.33 -87.91
CA GLN A 2799 -38.29 14.07 -87.07
C GLN A 2799 -38.02 15.57 -87.08
N ARG A 2800 -36.80 15.98 -87.43
CA ARG A 2800 -36.47 17.40 -87.38
C ARG A 2800 -37.08 18.16 -88.55
N ASP A 2801 -37.01 17.60 -89.76
CA ASP A 2801 -37.58 18.25 -90.92
C ASP A 2801 -38.69 17.41 -91.51
N PRO A 2802 -39.88 17.99 -91.74
CA PRO A 2802 -40.96 17.21 -92.35
C PRO A 2802 -40.69 16.84 -93.80
N ILE A 2803 -39.97 17.68 -94.55
CA ILE A 2803 -39.79 17.42 -95.98
C ILE A 2803 -38.95 16.17 -96.18
N ILE A 2804 -37.84 16.06 -95.46
CA ILE A 2804 -37.00 14.87 -95.58
C ILE A 2804 -37.75 13.66 -95.07
N ALA A 2805 -38.58 13.82 -94.03
CA ALA A 2805 -39.38 12.71 -93.56
C ALA A 2805 -40.32 12.22 -94.65
N LYS A 2806 -40.97 13.15 -95.36
CA LYS A 2806 -41.87 12.77 -96.44
C LYS A 2806 -41.11 12.06 -97.56
N GLN A 2807 -39.96 12.60 -97.93
CA GLN A 2807 -39.17 11.97 -99.00
C GLN A 2807 -38.76 10.56 -98.59
N LEU A 2808 -38.26 10.41 -97.36
CA LEU A 2808 -37.86 9.08 -96.88
C LEU A 2808 -39.03 8.13 -96.87
N PHE A 2809 -40.18 8.59 -96.38
CA PHE A 2809 -41.34 7.73 -96.25
C PHE A 2809 -41.82 7.26 -97.62
N SER A 2810 -41.93 8.19 -98.56
CA SER A 2810 -42.35 7.82 -99.91
C SER A 2810 -41.35 6.87 -100.57
N SER A 2811 -40.06 7.16 -100.42
CA SER A 2811 -39.05 6.31 -101.03
C SER A 2811 -39.10 4.90 -100.47
N LEU A 2812 -39.19 4.78 -99.15
CA LEU A 2812 -39.21 3.46 -98.53
C LEU A 2812 -40.50 2.72 -98.87
N PHE A 2813 -41.62 3.43 -98.96
CA PHE A 2813 -42.86 2.79 -99.38
C PHE A 2813 -42.74 2.23 -100.79
N SER A 2814 -42.23 3.04 -101.72
CA SER A 2814 -42.07 2.58 -103.09
C SER A 2814 -41.13 1.39 -103.16
N GLY A 2815 -40.01 1.45 -102.43
CA GLY A 2815 -39.06 0.35 -102.44
C GLY A 2815 -39.64 -0.93 -101.87
N ILE A 2816 -40.35 -0.83 -100.75
CA ILE A 2816 -40.90 -2.04 -100.15
C ILE A 2816 -42.02 -2.60 -101.01
N LEU A 2817 -42.77 -1.75 -101.71
CA LEU A 2817 -43.79 -2.26 -102.62
C LEU A 2817 -43.15 -2.97 -103.80
N LYS A 2818 -42.08 -2.39 -104.36
CA LYS A 2818 -41.38 -3.06 -105.45
C LYS A 2818 -40.64 -4.31 -104.98
N GLU A 2819 -40.42 -4.45 -103.67
CA GLU A 2819 -39.75 -5.61 -103.11
C GLU A 2819 -40.72 -6.74 -102.77
N MET A 2820 -41.91 -6.40 -102.28
CA MET A 2820 -42.84 -7.40 -101.77
C MET A 2820 -43.43 -8.25 -102.88
N ASP A 2821 -43.66 -7.67 -104.06
CA ASP A 2821 -44.30 -8.40 -105.14
C ASP A 2821 -43.48 -9.59 -105.62
N LYS A 2822 -42.18 -9.63 -105.28
CA LYS A 2822 -41.35 -10.74 -105.69
C LYS A 2822 -41.81 -12.05 -105.09
N PHE A 2823 -42.47 -12.00 -103.93
CA PHE A 2823 -42.93 -13.22 -103.25
C PHE A 2823 -44.42 -13.21 -102.92
N LYS A 2824 -45.15 -12.19 -103.35
CA LYS A 2824 -46.58 -12.10 -103.08
C LYS A 2824 -47.37 -12.28 -104.38
N THR A 2825 -48.52 -12.94 -104.26
CA THR A 2825 -49.38 -13.14 -105.41
C THR A 2825 -50.20 -11.89 -105.70
N LEU A 2826 -50.83 -11.87 -106.87
CA LEU A 2826 -51.60 -10.72 -107.29
C LEU A 2826 -52.81 -10.49 -106.41
N SER A 2827 -53.43 -11.56 -105.91
CA SER A 2827 -54.59 -11.39 -105.03
C SER A 2827 -54.20 -10.71 -103.74
N GLU A 2828 -53.08 -11.11 -103.15
CA GLU A 2828 -52.60 -10.46 -101.93
C GLU A 2828 -52.33 -8.98 -102.17
N LYS A 2829 -51.66 -8.68 -103.27
CA LYS A 2829 -51.35 -7.28 -103.58
C LYS A 2829 -52.62 -6.47 -103.81
N ASN A 2830 -53.60 -7.05 -104.49
CA ASN A 2830 -54.86 -6.35 -104.70
C ASN A 2830 -55.58 -6.10 -103.37
N ASN A 2831 -55.58 -7.09 -102.50
CA ASN A 2831 -56.22 -6.92 -101.19
C ASN A 2831 -55.53 -5.82 -100.40
N ILE A 2832 -54.20 -5.81 -100.39
CA ILE A 2832 -53.46 -4.77 -99.69
C ILE A 2832 -53.77 -3.41 -100.31
N THR A 2833 -53.89 -3.36 -101.63
CA THR A 2833 -54.22 -2.12 -102.30
C THR A 2833 -55.57 -1.59 -101.86
N GLN A 2834 -56.58 -2.48 -101.77
CA GLN A 2834 -57.89 -2.04 -101.30
C GLN A 2834 -57.82 -1.54 -99.87
N LYS A 2835 -57.10 -2.27 -99.01
CA LYS A 2835 -56.99 -1.85 -97.61
C LYS A 2835 -56.36 -0.48 -97.51
N LEU A 2836 -55.27 -0.25 -98.24
CA LEU A 2836 -54.59 1.04 -98.18
C LEU A 2836 -55.43 2.16 -98.81
N LEU A 2837 -56.18 1.85 -99.87
CA LEU A 2837 -57.08 2.87 -100.41
C LEU A 2837 -58.12 3.29 -99.39
N GLN A 2838 -58.68 2.31 -98.68
CA GLN A 2838 -59.59 2.65 -97.58
C GLN A 2838 -58.90 3.47 -96.51
N ASP A 2839 -57.65 3.11 -96.18
CA ASP A 2839 -56.91 3.84 -95.16
C ASP A 2839 -56.71 5.29 -95.56
N PHE A 2840 -56.33 5.53 -96.81
CA PHE A 2840 -56.07 6.90 -97.26
C PHE A 2840 -57.36 7.69 -97.38
N ASN A 2841 -58.44 7.04 -97.81
CA ASN A 2841 -59.74 7.71 -97.78
C ASN A 2841 -60.08 8.14 -96.36
N ARG A 2842 -59.85 7.26 -95.39
CA ARG A 2842 -60.07 7.65 -94.00
C ARG A 2842 -59.20 8.82 -93.60
N PHE A 2843 -57.91 8.76 -93.94
CA PHE A 2843 -56.98 9.82 -93.56
C PHE A 2843 -57.45 11.17 -94.09
N LEU A 2844 -57.77 11.23 -95.38
CA LEU A 2844 -58.18 12.50 -95.96
C LEU A 2844 -59.52 12.95 -95.42
N ASN A 2845 -60.46 12.02 -95.24
CA ASN A 2845 -61.79 12.38 -94.80
C ASN A 2845 -61.88 12.63 -93.30
N THR A 2846 -60.85 12.26 -92.53
CA THR A 2846 -60.88 12.47 -91.08
C THR A 2846 -59.97 13.60 -90.61
N THR A 2847 -59.00 14.02 -91.41
CA THR A 2847 -58.10 15.07 -90.97
C THR A 2847 -58.82 16.41 -90.91
N PHE A 2848 -58.57 17.14 -89.82
CA PHE A 2848 -59.01 18.53 -89.70
C PHE A 2848 -57.90 19.50 -90.05
N SER A 2849 -56.69 19.26 -89.59
CA SER A 2849 -55.54 20.05 -89.98
C SER A 2849 -55.08 19.64 -91.36
N PHE A 2850 -54.26 20.49 -91.97
CA PHE A 2850 -53.74 20.26 -93.32
C PHE A 2850 -52.25 20.55 -93.29
N PHE A 2851 -51.47 19.53 -92.97
CA PHE A 2851 -50.03 19.66 -92.98
C PHE A 2851 -49.51 19.47 -94.40
N PRO A 2852 -48.90 20.49 -95.00
CA PRO A 2852 -48.47 20.38 -96.40
C PRO A 2852 -47.54 19.19 -96.63
N PRO A 2853 -46.54 18.96 -95.78
CA PRO A 2853 -45.70 17.78 -96.00
C PRO A 2853 -46.48 16.47 -95.90
N PHE A 2854 -47.41 16.39 -94.95
CA PHE A 2854 -48.14 15.15 -94.73
C PHE A 2854 -49.03 14.82 -95.93
N VAL A 2855 -49.86 15.77 -96.34
CA VAL A 2855 -50.74 15.55 -97.48
C VAL A 2855 -49.94 15.40 -98.76
N SER A 2856 -48.83 16.11 -98.88
CA SER A 2856 -47.98 15.96 -100.07
C SER A 2856 -47.38 14.56 -100.14
N CYS A 2857 -46.94 14.03 -99.00
CA CYS A 2857 -46.43 12.66 -98.99
C CYS A 2857 -47.52 11.67 -99.33
N ILE A 2858 -48.73 11.89 -98.83
CA ILE A 2858 -49.84 11.01 -99.19
C ILE A 2858 -50.09 11.04 -100.69
N GLN A 2859 -50.12 12.24 -101.27
CA GLN A 2859 -50.34 12.39 -102.70
C GLN A 2859 -49.22 11.74 -103.49
N ASP A 2860 -47.98 11.88 -103.03
CA ASP A 2860 -46.85 11.26 -103.71
C ASP A 2860 -46.95 9.75 -103.67
N ILE A 2861 -47.29 9.18 -102.51
CA ILE A 2861 -47.47 7.74 -102.42
C ILE A 2861 -48.56 7.29 -103.36
N SER A 2862 -49.65 8.07 -103.45
CA SER A 2862 -50.71 7.75 -104.40
C SER A 2862 -50.19 7.77 -105.83
N CYS A 2863 -49.39 8.77 -106.17
CA CYS A 2863 -48.92 8.93 -107.54
C CYS A 2863 -47.82 7.94 -107.90
N GLN A 2864 -47.23 7.27 -106.91
CA GLN A 2864 -46.18 6.28 -107.20
C GLN A 2864 -46.74 5.14 -108.03
N HIS A 2865 -47.93 4.64 -107.69
CA HIS A 2865 -48.44 3.41 -108.28
C HIS A 2865 -49.85 3.63 -108.80
N ALA A 2866 -50.12 3.06 -109.98
CA ALA A 2866 -51.42 3.22 -110.61
C ALA A 2866 -52.52 2.55 -109.80
N ALA A 2867 -52.20 1.40 -109.20
CA ALA A 2867 -53.20 0.72 -108.37
C ALA A 2867 -53.65 1.61 -107.22
N LEU A 2868 -52.73 2.40 -106.66
CA LEU A 2868 -53.10 3.37 -105.65
C LEU A 2868 -53.82 4.57 -106.24
N LEU A 2869 -53.69 4.79 -107.55
CA LEU A 2869 -54.25 5.97 -108.18
C LEU A 2869 -55.74 5.82 -108.44
N SER A 2870 -56.49 5.46 -107.40
CA SER A 2870 -57.94 5.32 -107.51
C SER A 2870 -58.66 5.90 -106.28
N LEU A 2871 -58.00 6.77 -105.53
CA LEU A 2871 -58.58 7.30 -104.31
C LEU A 2871 -59.69 8.30 -104.64
N ASP A 2872 -60.46 8.65 -103.60
CA ASP A 2872 -61.54 9.61 -103.72
C ASP A 2872 -61.00 10.94 -104.21
N PRO A 2873 -61.40 11.37 -105.42
CA PRO A 2873 -60.95 12.68 -105.91
C PRO A 2873 -61.39 13.83 -105.03
N ALA A 2874 -62.58 13.74 -104.43
CA ALA A 2874 -63.11 14.88 -103.68
C ALA A 2874 -62.25 15.19 -102.47
N ALA A 2875 -61.87 14.15 -101.71
CA ALA A 2875 -61.04 14.37 -100.53
C ALA A 2875 -59.67 14.90 -100.92
N VAL A 2876 -59.09 14.37 -102.00
CA VAL A 2876 -57.79 14.85 -102.46
C VAL A 2876 -57.87 16.31 -102.83
N SER A 2877 -58.92 16.69 -103.56
CA SER A 2877 -59.09 18.07 -103.96
C SER A 2877 -59.23 18.98 -102.75
N ALA A 2878 -60.08 18.58 -101.80
CA ALA A 2878 -60.29 19.40 -100.61
C ALA A 2878 -58.99 19.58 -99.84
N GLY A 2879 -58.25 18.49 -99.65
CA GLY A 2879 -57.00 18.57 -98.90
C GLY A 2879 -55.97 19.44 -99.59
N CYS A 2880 -55.78 19.25 -100.90
CA CYS A 2880 -54.78 20.02 -101.62
C CYS A 2880 -55.14 21.50 -101.63
N LEU A 2881 -56.42 21.82 -101.84
CA LEU A 2881 -56.83 23.22 -101.81
C LEU A 2881 -56.63 23.82 -100.43
N ALA A 2882 -57.00 23.08 -99.38
CA ALA A 2882 -56.82 23.59 -98.02
C ALA A 2882 -55.35 23.73 -97.69
N SER A 2883 -54.52 22.78 -98.13
CA SER A 2883 -53.11 22.76 -97.77
C SER A 2883 -52.22 23.36 -98.85
N LEU A 2884 -52.80 24.00 -99.87
CA LEU A 2884 -52.04 24.69 -100.91
C LEU A 2884 -51.15 23.73 -101.70
N GLN A 2885 -51.60 22.49 -101.86
CA GLN A 2885 -50.87 21.46 -102.59
C GLN A 2885 -51.49 21.19 -103.95
N GLN A 2886 -51.92 22.26 -104.62
CA GLN A 2886 -52.60 22.15 -105.91
C GLN A 2886 -51.85 21.34 -106.96
N PRO A 2887 -50.55 21.59 -107.23
CA PRO A 2887 -49.94 20.94 -108.39
C PRO A 2887 -49.82 19.43 -108.28
N VAL A 2888 -49.45 18.92 -107.10
CA VAL A 2888 -49.34 17.47 -106.94
C VAL A 2888 -50.71 16.82 -107.09
N GLY A 2889 -51.75 17.47 -106.58
CA GLY A 2889 -53.09 16.98 -106.80
C GLY A 2889 -53.45 16.97 -108.28
N ILE A 2890 -53.06 18.03 -108.99
CA ILE A 2890 -53.30 18.09 -110.43
C ILE A 2890 -52.65 16.90 -111.11
N ARG A 2891 -51.38 16.64 -110.78
CA ARG A 2891 -50.64 15.57 -111.43
C ARG A 2891 -51.28 14.22 -111.15
N LEU A 2892 -51.58 13.94 -109.88
CA LEU A 2892 -52.17 12.65 -109.54
C LEU A 2892 -53.53 12.49 -110.20
N LEU A 2893 -54.34 13.55 -110.21
CA LEU A 2893 -55.67 13.46 -110.80
C LEU A 2893 -55.60 13.21 -112.30
N GLU A 2894 -54.72 13.93 -113.00
CA GLU A 2894 -54.63 13.74 -114.44
C GLU A 2894 -54.10 12.36 -114.78
N GLU A 2895 -53.12 11.86 -114.03
CA GLU A 2895 -52.60 10.54 -114.35
C GLU A 2895 -53.58 9.44 -113.97
N ALA A 2896 -54.39 9.65 -112.92
CA ALA A 2896 -55.46 8.71 -112.62
C ALA A 2896 -56.49 8.70 -113.74
N LEU A 2897 -56.84 9.88 -114.26
CA LEU A 2897 -57.71 9.94 -115.43
C LEU A 2897 -57.11 9.19 -116.60
N LEU A 2898 -55.81 9.35 -116.83
CA LEU A 2898 -55.16 8.72 -117.97
C LEU A 2898 -55.14 7.20 -117.83
N ARG A 2899 -54.74 6.70 -116.66
CA ARG A 2899 -54.70 5.26 -116.44
C ARG A 2899 -56.10 4.66 -116.45
N LEU A 2900 -57.11 5.41 -116.00
CA LEU A 2900 -58.48 4.95 -116.07
C LEU A 2900 -59.04 5.00 -117.48
N LEU A 2901 -58.31 5.57 -118.43
CA LEU A 2901 -58.70 5.63 -119.83
C LEU A 2901 -60.02 6.37 -120.03
N LEU A 2916 -70.22 7.98 -121.62
CA LEU A 2916 -68.86 8.09 -121.09
C LEU A 2916 -68.80 7.58 -119.65
N PRO A 2917 -67.61 7.15 -119.22
CA PRO A 2917 -67.38 7.01 -117.79
C PRO A 2917 -67.45 8.35 -117.11
N PRO A 2918 -67.92 8.41 -115.86
CA PRO A 2918 -68.08 9.71 -115.20
C PRO A 2918 -66.78 10.32 -114.72
N ASP A 2919 -65.74 10.22 -115.54
CA ASP A 2919 -64.48 10.87 -115.22
C ASP A 2919 -64.64 12.37 -115.13
N VAL A 2920 -65.71 12.92 -115.70
CA VAL A 2920 -66.06 14.32 -115.54
C VAL A 2920 -65.93 14.73 -114.08
N LEU A 2921 -66.26 13.82 -113.16
CA LEU A 2921 -66.10 14.09 -111.74
C LEU A 2921 -64.67 14.51 -111.45
N ARG A 2922 -63.71 13.61 -111.67
CA ARG A 2922 -62.32 13.96 -111.45
C ARG A 2922 -61.87 15.07 -112.39
N TRP A 2923 -62.64 15.33 -113.46
CA TRP A 2923 -62.37 16.50 -114.28
C TRP A 2923 -62.70 17.77 -113.53
N VAL A 2924 -63.95 17.90 -113.06
CA VAL A 2924 -64.41 19.20 -112.59
C VAL A 2924 -63.62 19.64 -111.35
N GLU A 2925 -63.38 18.71 -110.43
CA GLU A 2925 -62.57 19.02 -109.27
C GLU A 2925 -61.17 19.45 -109.68
N LEU A 2926 -60.61 18.79 -110.69
CA LEU A 2926 -59.35 19.25 -111.29
C LEU A 2926 -59.46 20.72 -111.65
N ALA A 2927 -60.52 21.08 -112.37
CA ALA A 2927 -60.73 22.47 -112.77
C ALA A 2927 -60.68 23.41 -111.58
N LYS A 2928 -61.15 22.95 -110.42
CA LYS A 2928 -61.12 23.80 -109.24
C LYS A 2928 -59.70 24.27 -108.94
N LEU A 2929 -58.76 23.33 -108.86
CA LEU A 2929 -57.39 23.74 -108.60
C LEU A 2929 -56.89 24.70 -109.66
N TYR A 2930 -57.40 24.56 -110.89
CA TYR A 2930 -56.96 25.43 -111.97
C TYR A 2930 -57.36 26.87 -111.74
N ARG A 2931 -58.55 27.13 -111.18
CA ARG A 2931 -58.80 28.52 -110.81
C ARG A 2931 -58.43 28.78 -109.35
N SER A 2932 -57.97 27.75 -108.64
CA SER A 2932 -57.20 28.00 -107.42
C SER A 2932 -55.86 28.62 -107.77
N ILE A 2933 -55.26 28.18 -108.89
CA ILE A 2933 -54.03 28.78 -109.39
C ILE A 2933 -54.29 29.85 -110.43
N GLY A 2934 -55.56 30.17 -110.70
CA GLY A 2934 -55.89 31.18 -111.68
C GLY A 2934 -55.54 30.83 -113.11
N GLU A 2935 -55.72 29.56 -113.49
CA GLU A 2935 -55.50 29.10 -114.84
C GLU A 2935 -56.85 28.80 -115.50
N TYR A 2936 -57.05 29.34 -116.71
CA TYR A 2936 -58.37 29.34 -117.32
C TYR A 2936 -58.44 28.73 -118.72
N ASP A 2937 -57.33 28.69 -119.47
CA ASP A 2937 -57.39 28.09 -120.80
C ASP A 2937 -57.60 26.58 -120.73
N VAL A 2938 -57.02 25.92 -119.72
CA VAL A 2938 -57.33 24.51 -119.52
C VAL A 2938 -58.79 24.33 -119.16
N LEU A 2939 -59.39 25.33 -118.52
CA LEU A 2939 -60.80 25.25 -118.17
C LEU A 2939 -61.68 25.20 -119.42
N ARG A 2940 -61.44 26.11 -120.37
CA ARG A 2940 -62.18 26.04 -121.61
C ARG A 2940 -61.84 24.77 -122.38
N GLY A 2941 -60.58 24.34 -122.33
CA GLY A 2941 -60.22 23.07 -122.96
C GLY A 2941 -60.99 21.90 -122.39
N ILE A 2942 -61.36 21.97 -121.12
CA ILE A 2942 -62.20 20.93 -120.54
C ILE A 2942 -63.61 21.02 -121.09
N PHE A 2943 -64.17 22.22 -121.17
CA PHE A 2943 -65.56 22.39 -121.57
C PHE A 2943 -65.76 22.34 -123.07
N THR A 2944 -64.70 22.52 -123.86
CA THR A 2944 -64.82 22.35 -125.31
C THR A 2944 -64.88 20.89 -125.74
N SER A 2945 -64.91 19.97 -124.78
CA SER A 2945 -65.07 18.56 -125.03
C SER A 2945 -66.48 18.13 -124.64
N GLU A 2946 -66.74 16.83 -124.77
CA GLU A 2946 -67.95 16.26 -124.20
C GLU A 2946 -67.94 16.27 -122.69
N ILE A 2947 -66.79 16.56 -122.08
CA ILE A 2947 -66.72 16.70 -120.62
C ILE A 2947 -67.64 17.81 -120.15
N GLY A 2948 -67.59 18.95 -120.82
CA GLY A 2948 -68.48 20.04 -120.47
C GLY A 2948 -69.93 19.70 -120.76
N THR A 2949 -70.70 19.45 -119.70
CA THR A 2949 -72.09 19.05 -119.88
C THR A 2949 -72.95 20.23 -120.29
N LYS A 2950 -72.73 21.39 -119.67
CA LYS A 2950 -73.49 22.59 -119.97
C LYS A 2950 -72.53 23.66 -120.48
N GLN A 2951 -72.71 24.06 -121.74
CA GLN A 2951 -71.87 25.09 -122.33
C GLN A 2951 -72.17 26.48 -121.78
N ILE A 2952 -73.24 26.64 -121.01
CA ILE A 2952 -73.46 27.88 -120.29
C ILE A 2952 -72.29 28.14 -119.34
N THR A 2953 -71.75 27.07 -118.74
CA THR A 2953 -70.52 27.21 -117.97
C THR A 2953 -69.37 27.64 -118.85
N GLN A 2954 -69.32 27.13 -120.09
CA GLN A 2954 -68.29 27.59 -121.02
C GLN A 2954 -68.47 29.06 -121.38
N SER A 2955 -69.71 29.49 -121.55
CA SER A 2955 -69.97 30.92 -121.81
C SER A 2955 -69.52 31.77 -120.64
N ALA A 2956 -69.81 31.35 -119.42
CA ALA A 2956 -69.34 32.08 -118.25
C ALA A 2956 -67.82 32.06 -118.15
N LEU A 2957 -67.20 30.96 -118.59
CA LEU A 2957 -65.74 30.87 -118.60
C LEU A 2957 -65.13 31.89 -119.55
N LEU A 2958 -65.67 31.97 -120.77
CA LEU A 2958 -65.15 32.95 -121.71
C LEU A 2958 -65.49 34.38 -121.27
N ALA A 2959 -66.57 34.54 -120.51
CA ALA A 2959 -66.88 35.85 -119.95
C ALA A 2959 -65.84 36.26 -118.91
N GLU A 2960 -65.56 35.38 -117.95
CA GLU A 2960 -64.56 35.70 -116.94
C GLU A 2960 -63.15 35.74 -117.52
N ALA A 2961 -62.96 35.18 -118.72
CA ALA A 2961 -61.66 35.27 -119.37
C ALA A 2961 -61.25 36.73 -119.57
N ARG A 2962 -62.22 37.58 -119.90
CA ARG A 2962 -62.01 39.02 -119.95
C ARG A 2962 -62.36 39.70 -118.63
N SER A 2963 -62.21 38.99 -117.51
CA SER A 2963 -62.40 39.53 -116.17
C SER A 2963 -63.83 40.04 -115.96
N ASP A 2964 -64.81 39.39 -116.56
CA ASP A 2964 -66.21 39.73 -116.33
C ASP A 2964 -66.73 38.90 -115.16
N TYR A 2965 -67.40 39.55 -114.24
CA TYR A 2965 -67.94 38.90 -113.05
C TYR A 2965 -69.45 39.03 -112.92
N SER A 2966 -70.01 40.20 -113.22
CA SER A 2966 -71.45 40.35 -113.20
C SER A 2966 -72.11 39.46 -114.24
N GLU A 2967 -71.59 39.48 -115.47
CA GLU A 2967 -72.12 38.59 -116.49
C GLU A 2967 -71.86 37.13 -116.16
N ALA A 2968 -70.67 36.82 -115.63
CA ALA A 2968 -70.39 35.46 -115.21
C ALA A 2968 -71.31 35.03 -114.08
N ALA A 2969 -71.58 35.93 -113.13
CA ALA A 2969 -72.54 35.62 -112.08
C ALA A 2969 -73.91 35.35 -112.66
N LYS A 2970 -74.34 36.14 -113.64
CA LYS A 2970 -75.63 35.93 -114.28
C LYS A 2970 -75.68 34.56 -114.95
N GLN A 2971 -74.63 34.21 -115.69
CA GLN A 2971 -74.59 32.94 -116.39
C GLN A 2971 -74.66 31.77 -115.41
N TYR A 2972 -73.85 31.82 -114.35
CA TYR A 2972 -73.84 30.73 -113.38
C TYR A 2972 -75.16 30.65 -112.63
N ASP A 2973 -75.75 31.80 -112.29
CA ASP A 2973 -77.02 31.80 -111.57
C ASP A 2973 -78.14 31.22 -112.42
N GLU A 2974 -78.23 31.63 -113.68
CA GLU A 2974 -79.23 31.06 -114.56
C GLU A 2974 -78.95 29.60 -114.89
N ALA A 2975 -77.68 29.17 -114.83
CA ALA A 2975 -77.37 27.76 -114.98
C ALA A 2975 -77.88 26.95 -113.78
N LEU A 2976 -77.65 27.46 -112.56
CA LEU A 2976 -78.07 26.73 -111.38
C LEU A 2976 -79.57 26.86 -111.14
N ASN A 2977 -80.15 28.03 -111.42
CA ASN A 2977 -81.57 28.23 -111.15
C ASN A 2977 -82.45 27.48 -112.14
N LYS A 2978 -81.95 27.23 -113.35
CA LYS A 2978 -82.67 26.47 -114.36
C LYS A 2978 -82.20 25.02 -114.33
N GLN A 2979 -83.15 24.09 -114.35
CA GLN A 2979 -82.84 22.67 -114.35
C GLN A 2979 -83.27 21.96 -115.61
N ASP A 2980 -84.03 22.61 -116.48
CA ASP A 2980 -84.48 22.04 -117.74
C ASP A 2980 -83.64 22.58 -118.89
N TRP A 2981 -83.08 21.68 -119.68
CA TRP A 2981 -82.22 22.04 -120.80
C TRP A 2981 -82.54 21.13 -121.97
N VAL A 2982 -81.69 21.16 -123.00
CA VAL A 2982 -81.83 20.22 -124.10
C VAL A 2982 -81.64 18.79 -123.59
N ASP A 2983 -80.67 18.59 -122.71
CA ASP A 2983 -80.54 17.35 -121.95
C ASP A 2983 -81.11 17.46 -120.55
N GLY A 2984 -81.00 18.63 -119.92
CA GLY A 2984 -81.54 18.86 -118.60
C GLY A 2984 -80.78 18.13 -117.51
N GLU A 2985 -81.01 18.54 -116.26
CA GLU A 2985 -80.51 17.86 -115.08
C GLU A 2985 -78.98 17.75 -115.11
N PRO A 2986 -78.25 18.84 -114.97
CA PRO A 2986 -76.79 18.75 -114.88
C PRO A 2986 -76.37 18.04 -113.59
N THR A 2987 -75.16 17.48 -113.63
CA THR A 2987 -74.64 16.78 -112.47
C THR A 2987 -74.44 17.74 -111.30
N GLU A 2988 -74.49 17.19 -110.09
CA GLU A 2988 -74.33 18.00 -108.89
C GLU A 2988 -72.98 18.72 -108.89
N ALA A 2989 -71.95 18.07 -109.42
CA ALA A 2989 -70.63 18.69 -109.47
C ALA A 2989 -70.63 19.95 -110.32
N GLU A 2990 -71.34 19.91 -111.45
CA GLU A 2990 -71.38 21.09 -112.34
C GLU A 2990 -72.03 22.27 -111.64
N LYS A 2991 -73.15 22.04 -110.96
CA LYS A 2991 -73.83 23.11 -110.25
C LYS A 2991 -73.01 23.62 -109.07
N ASP A 2992 -72.31 22.70 -108.38
CA ASP A 2992 -71.43 23.11 -107.30
C ASP A 2992 -70.30 24.00 -107.83
N PHE A 2993 -69.73 23.65 -108.98
CA PHE A 2993 -68.72 24.51 -109.58
C PHE A 2993 -69.31 25.85 -109.98
N TRP A 2994 -70.54 25.84 -110.50
CA TRP A 2994 -71.20 27.09 -110.87
C TRP A 2994 -71.32 28.01 -109.67
N GLU A 2995 -71.80 27.48 -108.54
CA GLU A 2995 -71.97 28.32 -107.37
C GLU A 2995 -70.64 28.72 -106.75
N LEU A 2996 -69.62 27.87 -106.85
CA LEU A 2996 -68.29 28.26 -106.39
C LEU A 2996 -67.76 29.43 -107.20
N ALA A 2997 -67.93 29.39 -108.51
CA ALA A 2997 -67.50 30.50 -109.35
C ALA A 2997 -68.34 31.75 -109.09
N SER A 2998 -69.64 31.58 -108.80
CA SER A 2998 -70.46 32.71 -108.41
C SER A 2998 -69.93 33.34 -107.12
N LEU A 2999 -69.53 32.50 -106.16
CA LEU A 2999 -68.91 33.02 -104.95
C LEU A 2999 -67.63 33.78 -105.27
N ASP A 3000 -66.81 33.22 -106.16
CA ASP A 3000 -65.56 33.86 -106.51
C ASP A 3000 -65.78 35.22 -107.15
N CYS A 3001 -66.76 35.33 -108.05
CA CYS A 3001 -67.01 36.61 -108.70
C CYS A 3001 -67.70 37.59 -107.77
N TYR A 3002 -68.52 37.10 -106.84
CA TYR A 3002 -69.07 37.97 -105.82
C TYR A 3002 -67.99 38.49 -104.88
N ASN A 3003 -66.91 37.73 -104.72
CA ASN A 3003 -65.74 38.27 -104.04
C ASN A 3003 -65.03 39.29 -104.91
N HIS A 3004 -64.94 39.02 -106.22
CA HIS A 3004 -64.31 39.96 -107.14
C HIS A 3004 -65.07 41.27 -107.16
N LEU A 3005 -66.40 41.20 -107.25
CA LEU A 3005 -67.26 42.37 -107.04
C LEU A 3005 -67.65 42.38 -105.57
N ALA A 3006 -66.74 42.90 -104.74
CA ALA A 3006 -66.82 42.74 -103.29
C ALA A 3006 -67.77 43.74 -102.64
N GLU A 3007 -68.70 44.31 -103.39
CA GLU A 3007 -69.67 45.22 -102.80
C GLU A 3007 -70.42 44.53 -101.67
N TRP A 3008 -70.83 45.33 -100.68
CA TRP A 3008 -71.43 44.76 -99.47
C TRP A 3008 -72.72 44.02 -99.79
N LYS A 3009 -73.53 44.55 -100.71
CA LYS A 3009 -74.70 43.80 -101.16
C LYS A 3009 -74.29 42.60 -102.02
N SER A 3010 -73.26 42.78 -102.85
CA SER A 3010 -72.73 41.63 -103.58
C SER A 3010 -72.12 40.62 -102.62
N LEU A 3011 -71.58 41.08 -101.49
CA LEU A 3011 -71.13 40.13 -100.48
C LEU A 3011 -72.31 39.50 -99.75
N GLU A 3012 -73.45 40.19 -99.65
CA GLU A 3012 -74.65 39.55 -99.13
C GLU A 3012 -75.11 38.45 -100.07
N TYR A 3013 -75.00 38.68 -101.38
CA TYR A 3013 -75.16 37.61 -102.35
C TYR A 3013 -74.16 36.49 -102.10
N CYS A 3014 -72.91 36.86 -101.80
CA CYS A 3014 -71.90 35.87 -101.46
C CYS A 3014 -72.29 35.07 -100.22
N SER A 3015 -73.10 35.66 -99.34
CA SER A 3015 -73.66 34.90 -98.23
C SER A 3015 -74.69 33.89 -98.71
N THR A 3016 -75.27 34.10 -99.89
CA THR A 3016 -76.14 33.13 -100.57
C THR A 3016 -77.38 32.81 -99.76
N ALA A 3017 -77.56 33.45 -98.60
CA ALA A 3017 -78.66 33.19 -97.68
C ALA A 3017 -78.73 31.71 -97.28
N SER A 3018 -77.65 30.95 -97.50
CA SER A 3018 -77.59 29.53 -97.20
C SER A 3018 -78.75 28.77 -97.88
N ILE A 3019 -78.67 28.75 -99.21
CA ILE A 3019 -79.73 28.24 -100.07
C ILE A 3019 -80.10 26.81 -99.67
N ASP A 3020 -81.35 26.42 -99.96
CA ASP A 3020 -81.95 25.16 -99.52
C ASP A 3020 -82.03 25.07 -98.00
N SER A 3021 -82.08 26.23 -97.32
CA SER A 3021 -82.23 26.31 -95.87
C SER A 3021 -81.14 25.52 -95.15
N GLU A 3022 -79.93 25.53 -95.70
CA GLU A 3022 -78.81 24.84 -95.09
C GLU A 3022 -78.31 25.62 -93.88
N LYS A 3029 -71.54 26.99 -85.09
CA LYS A 3029 -71.26 25.81 -85.88
C LYS A 3029 -72.54 25.16 -86.38
N ILE A 3030 -73.66 25.88 -86.28
CA ILE A 3030 -74.95 25.37 -86.72
C ILE A 3030 -74.91 25.08 -88.22
N TRP A 3031 -74.40 26.03 -88.99
CA TRP A 3031 -74.32 25.90 -90.44
C TRP A 3031 -72.95 25.41 -90.89
N SER A 3032 -72.07 25.05 -89.96
CA SER A 3032 -70.75 24.57 -90.29
C SER A 3032 -70.72 23.07 -90.59
N GLU A 3033 -71.86 22.39 -90.48
CA GLU A 3033 -71.90 20.94 -90.64
C GLU A 3033 -71.88 20.50 -92.10
N PRO A 3034 -72.70 21.08 -93.00
CA PRO A 3034 -72.64 20.66 -94.40
C PRO A 3034 -71.27 20.93 -95.01
N PHE A 3035 -70.76 19.95 -95.75
CA PHE A 3035 -69.45 20.08 -96.36
C PHE A 3035 -69.45 21.13 -97.46
N TYR A 3036 -70.56 21.24 -98.20
CA TYR A 3036 -70.73 22.38 -99.09
C TYR A 3036 -70.68 23.68 -98.30
N GLN A 3037 -71.39 23.71 -97.16
CA GLN A 3037 -71.30 24.89 -96.30
C GLN A 3037 -69.91 25.04 -95.71
N GLU A 3038 -69.19 23.93 -95.49
CA GLU A 3038 -67.79 24.04 -95.07
C GLU A 3038 -66.97 24.77 -96.11
N THR A 3039 -67.19 24.46 -97.38
CA THR A 3039 -66.51 25.19 -98.46
C THR A 3039 -66.95 26.64 -98.49
N TYR A 3040 -68.24 26.91 -98.27
CA TYR A 3040 -68.75 28.27 -98.30
C TYR A 3040 -68.27 29.11 -97.13
N LEU A 3041 -67.85 28.47 -96.04
CA LEU A 3041 -67.54 29.17 -94.80
C LEU A 3041 -66.58 30.35 -94.96
N PRO A 3042 -65.44 30.23 -95.66
CA PRO A 3042 -64.62 31.43 -95.87
C PRO A 3042 -65.37 32.54 -96.59
N TYR A 3043 -66.16 32.19 -97.60
CA TYR A 3043 -66.96 33.20 -98.29
C TYR A 3043 -67.92 33.87 -97.33
N MET A 3044 -68.61 33.04 -96.52
CA MET A 3044 -69.60 33.55 -95.59
C MET A 3044 -68.97 34.53 -94.61
N ILE A 3045 -67.83 34.14 -94.02
CA ILE A 3045 -67.22 34.96 -92.99
C ILE A 3045 -66.61 36.22 -93.59
N ARG A 3046 -66.03 36.13 -94.80
CA ARG A 3046 -65.52 37.34 -95.44
C ARG A 3046 -66.65 38.34 -95.70
N SER A 3047 -67.76 37.85 -96.25
CA SER A 3047 -68.91 38.73 -96.46
C SER A 3047 -69.36 39.36 -95.15
N LYS A 3048 -69.55 38.54 -94.13
CA LYS A 3048 -70.09 39.05 -92.86
C LYS A 3048 -69.14 40.06 -92.23
N LEU A 3049 -67.84 39.76 -92.22
CA LEU A 3049 -66.89 40.69 -91.60
C LEU A 3049 -66.80 41.99 -92.37
N LYS A 3050 -66.82 41.92 -93.71
CA LYS A 3050 -66.79 43.17 -94.48
C LYS A 3050 -68.02 44.00 -94.18
N LEU A 3051 -69.20 43.36 -94.11
CA LEU A 3051 -70.41 44.10 -93.78
C LEU A 3051 -70.33 44.73 -92.39
N LEU A 3052 -69.80 43.98 -91.43
CA LEU A 3052 -69.73 44.47 -90.05
C LEU A 3052 -68.75 45.63 -89.92
N LEU A 3053 -67.55 45.48 -90.47
CA LEU A 3053 -66.59 46.57 -90.44
C LEU A 3053 -67.09 47.77 -91.23
N GLN A 3054 -67.96 47.54 -92.22
CA GLN A 3054 -68.57 48.66 -92.92
C GLN A 3054 -69.47 49.47 -92.01
N GLY A 3055 -70.00 48.85 -90.95
CA GLY A 3055 -70.84 49.58 -90.02
C GLY A 3055 -72.01 48.79 -89.47
N GLU A 3056 -72.24 47.58 -89.99
CA GLU A 3056 -73.35 46.78 -89.53
C GLU A 3056 -73.12 46.31 -88.09
N ALA A 3057 -74.22 45.94 -87.43
CA ALA A 3057 -74.17 45.42 -86.07
C ALA A 3057 -75.13 44.26 -85.89
N ASP A 3058 -75.19 43.35 -86.86
CA ASP A 3058 -76.12 42.23 -86.79
C ASP A 3058 -75.75 41.26 -85.67
N GLN A 3059 -74.45 41.02 -85.48
CA GLN A 3059 -73.90 40.13 -84.47
C GLN A 3059 -74.30 38.68 -84.68
N SER A 3060 -74.99 38.36 -85.77
CA SER A 3060 -75.32 36.98 -86.05
C SER A 3060 -74.06 36.15 -86.27
N LEU A 3061 -73.10 36.68 -87.02
CA LEU A 3061 -71.82 36.02 -87.16
C LEU A 3061 -71.10 35.91 -85.83
N LEU A 3062 -71.25 36.92 -84.97
CA LEU A 3062 -70.66 36.85 -83.64
C LEU A 3062 -71.25 35.69 -82.84
N THR A 3063 -72.57 35.54 -82.91
CA THR A 3063 -73.21 34.41 -82.24
C THR A 3063 -72.75 33.08 -82.83
N PHE A 3064 -72.58 33.03 -84.15
CA PHE A 3064 -72.07 31.82 -84.78
C PHE A 3064 -70.67 31.50 -84.27
N ILE A 3065 -69.83 32.53 -84.14
CA ILE A 3065 -68.48 32.33 -83.62
C ILE A 3065 -68.54 31.84 -82.19
N ASP A 3066 -69.48 32.37 -81.40
CA ASP A 3066 -69.63 31.91 -80.02
C ASP A 3066 -70.02 30.44 -79.98
N LYS A 3067 -70.95 30.03 -80.85
CA LYS A 3067 -71.32 28.62 -80.91
C LYS A 3067 -70.13 27.76 -81.33
N ALA A 3068 -69.40 28.19 -82.36
CA ALA A 3068 -68.21 27.46 -82.78
C ALA A 3068 -67.14 27.45 -81.69
N MET A 3069 -67.21 28.39 -80.75
CA MET A 3069 -66.28 28.36 -79.62
C MET A 3069 -66.49 27.10 -78.79
N HIS A 3070 -67.75 26.69 -78.61
CA HIS A 3070 -68.04 25.38 -78.05
C HIS A 3070 -67.75 24.32 -79.11
N GLY A 3071 -66.91 23.35 -78.76
CA GLY A 3071 -66.40 22.41 -79.72
C GLY A 3071 -65.00 22.79 -80.14
N GLU A 3072 -64.00 22.10 -79.59
CA GLU A 3072 -62.62 22.54 -79.75
C GLU A 3072 -62.15 22.45 -81.20
N LEU A 3073 -62.70 21.52 -81.98
CA LEU A 3073 -62.22 21.34 -83.35
C LEU A 3073 -62.64 22.51 -84.23
N GLN A 3074 -63.88 22.99 -84.08
CA GLN A 3074 -64.36 24.08 -84.90
C GLN A 3074 -63.54 25.35 -84.66
N LYS A 3075 -63.40 25.74 -83.40
CA LYS A 3075 -62.61 26.94 -83.10
C LYS A 3075 -61.14 26.72 -83.44
N ALA A 3076 -60.63 25.50 -83.26
CA ALA A 3076 -59.24 25.22 -83.58
C ALA A 3076 -58.97 25.46 -85.06
N ILE A 3077 -59.87 24.96 -85.92
CA ILE A 3077 -59.78 25.29 -87.34
C ILE A 3077 -59.89 26.79 -87.54
N LEU A 3078 -60.72 27.45 -86.74
CA LEU A 3078 -60.89 28.89 -86.87
C LEU A 3078 -59.56 29.62 -86.71
N GLU A 3079 -58.81 29.33 -85.63
CA GLU A 3079 -57.52 30.02 -85.56
C GLU A 3079 -56.52 29.43 -86.56
N LEU A 3080 -56.72 28.19 -86.99
CA LEU A 3080 -55.83 27.61 -87.98
C LEU A 3080 -55.90 28.35 -89.31
N HIS A 3081 -57.06 28.93 -89.63
CA HIS A 3081 -57.23 29.58 -90.92
C HIS A 3081 -57.82 30.97 -90.87
N TYR A 3082 -58.30 31.45 -89.71
CA TYR A 3082 -59.11 32.65 -89.70
C TYR A 3082 -58.77 33.57 -88.54
N SER A 3083 -57.54 33.50 -88.01
CA SER A 3083 -57.20 34.26 -86.81
C SER A 3083 -57.19 35.76 -87.08
N GLN A 3084 -56.69 36.18 -88.24
CA GLN A 3084 -56.55 37.61 -88.52
C GLN A 3084 -57.89 38.30 -88.51
N GLU A 3085 -58.91 37.68 -89.10
CA GLU A 3085 -60.22 38.30 -89.10
C GLU A 3085 -60.90 38.21 -87.75
N LEU A 3086 -60.55 37.21 -86.94
CA LEU A 3086 -60.99 37.23 -85.54
C LEU A 3086 -60.43 38.44 -84.81
N SER A 3087 -59.15 38.75 -85.05
CA SER A 3087 -58.57 39.96 -84.50
C SER A 3087 -59.28 41.20 -85.03
N LEU A 3088 -59.62 41.18 -86.32
CA LEU A 3088 -60.37 42.28 -86.93
C LEU A 3088 -61.69 42.50 -86.19
N LEU A 3089 -62.45 41.42 -85.97
CA LEU A 3089 -63.72 41.54 -85.28
C LEU A 3089 -63.53 42.03 -83.85
N TYR A 3090 -62.53 41.50 -83.15
CA TYR A 3090 -62.28 41.92 -81.78
C TYR A 3090 -61.89 43.38 -81.70
N LEU A 3091 -61.17 43.88 -82.72
CA LEU A 3091 -60.95 45.33 -82.80
C LEU A 3091 -62.27 46.06 -83.01
N LEU A 3092 -63.12 45.54 -83.91
CA LEU A 3092 -64.47 46.07 -84.03
C LEU A 3092 -65.24 45.91 -82.73
N GLN A 3093 -64.89 44.89 -81.95
CA GLN A 3093 -65.42 44.72 -80.61
C GLN A 3093 -64.61 45.46 -79.56
N ASP A 3094 -63.50 46.10 -79.97
CA ASP A 3094 -62.59 46.78 -79.06
C ASP A 3094 -62.07 45.81 -78.00
N ASP A 3095 -61.45 44.74 -78.49
CA ASP A 3095 -60.96 43.65 -77.66
C ASP A 3095 -59.48 43.42 -77.93
N VAL A 3096 -58.71 44.51 -77.86
CA VAL A 3096 -57.32 44.53 -78.31
C VAL A 3096 -56.50 43.35 -77.75
N ASP A 3097 -56.82 42.90 -76.55
CA ASP A 3097 -56.08 41.79 -75.95
C ASP A 3097 -56.22 40.52 -76.79
N ARG A 3098 -57.46 40.05 -76.96
CA ARG A 3098 -57.69 38.85 -77.74
C ARG A 3098 -57.28 39.06 -79.20
N ALA A 3099 -57.48 40.27 -79.72
CA ALA A 3099 -57.08 40.55 -81.09
C ALA A 3099 -55.58 40.37 -81.27
N LYS A 3100 -54.78 40.90 -80.34
CA LYS A 3100 -53.34 40.72 -80.40
C LYS A 3100 -52.96 39.26 -80.26
N TYR A 3101 -53.59 38.55 -79.33
CA TYR A 3101 -53.30 37.13 -79.17
C TYR A 3101 -53.53 36.37 -80.47
N TYR A 3102 -54.71 36.55 -81.07
CA TYR A 3102 -55.02 35.82 -82.30
C TYR A 3102 -54.13 36.26 -83.45
N ILE A 3103 -53.76 37.54 -83.52
CA ILE A 3103 -52.95 37.97 -84.65
C ILE A 3103 -51.54 37.43 -84.54
N GLN A 3104 -50.98 37.36 -83.33
CA GLN A 3104 -49.66 36.74 -83.22
C GLN A 3104 -49.74 35.24 -83.43
N ASN A 3105 -50.85 34.61 -83.06
CA ASN A 3105 -51.05 33.21 -83.39
C ASN A 3105 -51.06 33.02 -84.90
N GLY A 3106 -51.73 33.91 -85.63
CA GLY A 3106 -51.73 33.84 -87.08
C GLY A 3106 -50.34 34.07 -87.66
N ILE A 3107 -49.59 34.99 -87.06
CA ILE A 3107 -48.20 35.19 -87.48
C ILE A 3107 -47.43 33.89 -87.38
N GLN A 3108 -47.52 33.23 -86.22
CA GLN A 3108 -46.83 31.97 -86.02
C GLN A 3108 -47.27 30.92 -87.04
N SER A 3109 -48.58 30.78 -87.22
CA SER A 3109 -49.11 29.74 -88.10
C SER A 3109 -48.69 29.96 -89.54
N PHE A 3110 -48.80 31.20 -90.02
CA PHE A 3110 -48.45 31.46 -91.42
C PHE A 3110 -46.94 31.42 -91.64
N MET A 3111 -46.15 31.79 -90.63
CA MET A 3111 -44.71 31.58 -90.74
C MET A 3111 -44.39 30.09 -90.87
N GLN A 3112 -45.04 29.26 -90.05
CA GLN A 3112 -44.81 27.82 -90.13
C GLN A 3112 -45.23 27.27 -91.48
N ASN A 3113 -46.39 27.71 -91.98
CA ASN A 3113 -46.86 27.24 -93.28
C ASN A 3113 -45.93 27.67 -94.40
N TYR A 3114 -45.42 28.90 -94.33
CA TYR A 3114 -44.44 29.36 -95.30
C TYR A 3114 -43.18 28.50 -95.25
N SER A 3115 -42.73 28.16 -94.04
CA SER A 3115 -41.59 27.25 -93.92
C SER A 3115 -41.90 25.89 -94.51
N SER A 3116 -43.16 25.45 -94.43
CA SER A 3116 -43.51 24.13 -94.94
C SER A 3116 -43.52 24.09 -96.46
N ILE A 3117 -44.11 25.11 -97.10
CA ILE A 3117 -44.29 25.07 -98.54
C ILE A 3117 -42.97 25.26 -99.25
N ASP A 3118 -42.88 24.75 -100.49
CA ASP A 3118 -41.65 24.76 -101.24
C ASP A 3118 -41.53 26.03 -102.07
N VAL A 3119 -40.28 26.41 -102.37
CA VAL A 3119 -40.00 27.72 -102.96
C VAL A 3119 -40.49 27.78 -104.40
N LEU A 3120 -40.28 26.72 -105.18
CA LEU A 3120 -40.63 26.76 -106.59
C LEU A 3120 -42.13 26.75 -106.81
N LEU A 3121 -42.93 26.56 -105.75
CA LEU A 3121 -44.37 26.84 -105.80
C LEU A 3121 -44.55 28.34 -105.57
N HIS A 3122 -44.12 29.11 -106.57
CA HIS A 3122 -43.97 30.55 -106.40
C HIS A 3122 -45.30 31.23 -106.11
N GLN A 3123 -46.36 30.81 -106.81
CA GLN A 3123 -47.68 31.38 -106.57
C GLN A 3123 -48.14 31.10 -105.13
N SER A 3124 -47.82 29.92 -104.60
CA SER A 3124 -48.12 29.64 -103.20
C SER A 3124 -47.38 30.61 -102.29
N ARG A 3125 -46.13 30.92 -102.62
CA ARG A 3125 -45.38 31.88 -101.84
C ARG A 3125 -46.00 33.27 -101.94
N LEU A 3126 -46.52 33.64 -103.11
CA LEU A 3126 -47.21 34.90 -103.25
C LEU A 3126 -48.43 34.95 -102.34
N THR A 3127 -49.21 33.87 -102.33
CA THR A 3127 -50.38 33.82 -101.46
C THR A 3127 -49.99 33.91 -99.99
N LYS A 3128 -48.90 33.23 -99.62
CA LYS A 3128 -48.42 33.33 -98.24
C LYS A 3128 -48.01 34.76 -97.91
N LEU A 3129 -47.42 35.45 -98.88
CA LEU A 3129 -47.07 36.85 -98.67
C LEU A 3129 -48.33 37.70 -98.46
N GLN A 3130 -49.38 37.42 -99.22
CA GLN A 3130 -50.66 38.10 -98.99
C GLN A 3130 -51.13 37.88 -97.57
N SER A 3131 -51.08 36.62 -97.11
CA SER A 3131 -51.55 36.29 -95.78
C SER A 3131 -50.73 37.03 -94.71
N VAL A 3132 -49.41 37.01 -94.85
CA VAL A 3132 -48.57 37.60 -93.81
C VAL A 3132 -48.71 39.11 -93.80
N GLN A 3133 -48.87 39.74 -94.97
CA GLN A 3133 -49.06 41.18 -94.96
C GLN A 3133 -50.43 41.56 -94.41
N ALA A 3134 -51.45 40.72 -94.64
CA ALA A 3134 -52.75 40.96 -94.02
C ALA A 3134 -52.65 40.88 -92.50
N LEU A 3135 -51.90 39.91 -92.00
CA LEU A 3135 -51.64 39.85 -90.56
C LEU A 3135 -50.90 41.09 -90.09
N THR A 3136 -49.91 41.53 -90.87
CA THR A 3136 -49.01 42.58 -90.42
C THR A 3136 -49.70 43.93 -90.37
N GLU A 3137 -50.61 44.21 -91.31
CA GLU A 3137 -51.28 45.50 -91.28
C GLU A 3137 -52.06 45.68 -89.97
N ILE A 3138 -52.85 44.66 -89.59
CA ILE A 3138 -53.63 44.77 -88.37
C ILE A 3138 -52.73 44.75 -87.15
N GLN A 3139 -51.66 43.95 -87.15
CA GLN A 3139 -50.81 43.93 -85.96
C GLN A 3139 -50.05 45.24 -85.81
N GLU A 3140 -49.62 45.85 -86.91
CA GLU A 3140 -48.94 47.14 -86.82
C GLU A 3140 -49.93 48.24 -86.46
N PHE A 3141 -51.20 48.08 -86.81
CA PHE A 3141 -52.21 49.02 -86.34
C PHE A 3141 -52.37 48.93 -84.83
N ILE A 3142 -52.49 47.70 -84.31
CA ILE A 3142 -52.69 47.55 -82.88
C ILE A 3142 -51.41 47.86 -82.11
N SER A 3143 -50.27 47.92 -82.79
CA SER A 3143 -49.01 48.21 -82.13
C SER A 3143 -48.93 49.63 -81.56
N PHE A 3144 -49.82 50.54 -81.96
CA PHE A 3144 -49.71 51.92 -81.52
C PHE A 3144 -51.04 52.47 -81.00
N ILE A 3145 -51.97 51.61 -80.60
CA ILE A 3145 -53.30 52.07 -80.22
C ILE A 3145 -53.23 53.00 -79.01
N SER A 3146 -52.54 52.57 -77.96
CA SER A 3146 -52.49 53.30 -76.69
C SER A 3146 -51.05 53.41 -76.21
N LYS A 3147 -50.15 53.81 -77.12
CA LYS A 3147 -48.73 53.82 -76.83
C LYS A 3147 -48.11 55.21 -76.85
N GLN A 3148 -48.80 56.22 -77.39
CA GLN A 3148 -48.31 57.59 -77.39
C GLN A 3148 -49.35 58.61 -76.99
N GLY A 3149 -50.61 58.24 -76.87
CA GLY A 3149 -51.66 59.20 -76.57
C GLY A 3149 -52.37 59.63 -77.85
N ASN A 3150 -53.59 59.14 -78.04
CA ASN A 3150 -54.37 59.41 -79.24
C ASN A 3150 -55.77 59.86 -78.88
N LEU A 3151 -55.87 60.79 -77.94
CA LEU A 3151 -57.13 61.45 -77.63
C LEU A 3151 -57.16 62.90 -78.09
N SER A 3152 -56.09 63.65 -77.87
CA SER A 3152 -55.92 64.97 -78.45
C SER A 3152 -54.48 65.24 -78.90
N SER A 3153 -53.59 64.25 -78.78
CA SER A 3153 -52.19 64.41 -79.19
C SER A 3153 -52.08 64.07 -80.66
N GLN A 3154 -52.02 65.09 -81.51
CA GLN A 3154 -51.97 64.90 -82.95
C GLN A 3154 -50.53 64.64 -83.37
N VAL A 3155 -50.05 63.44 -83.06
CA VAL A 3155 -48.69 63.06 -83.48
C VAL A 3155 -48.68 62.87 -84.99
N PRO A 3156 -47.77 63.50 -85.72
CA PRO A 3156 -47.77 63.37 -87.19
C PRO A 3156 -47.34 62.00 -87.69
N LEU A 3157 -47.00 61.08 -86.79
CA LEU A 3157 -46.61 59.74 -87.22
C LEU A 3157 -47.75 59.05 -87.95
N LYS A 3158 -48.98 59.21 -87.45
CA LYS A 3158 -50.13 58.68 -88.18
C LYS A 3158 -50.28 59.34 -89.54
N ARG A 3159 -50.02 60.65 -89.62
CA ARG A 3159 -49.95 61.32 -90.91
C ARG A 3159 -48.70 60.94 -91.69
N LEU A 3160 -47.77 60.22 -91.08
CA LEU A 3160 -46.56 59.75 -91.75
C LEU A 3160 -46.64 58.27 -92.11
N LEU A 3161 -47.12 57.42 -91.19
CA LEU A 3161 -47.17 56.00 -91.46
C LEU A 3161 -48.17 55.63 -92.55
N ASN A 3162 -49.15 56.50 -92.81
CA ASN A 3162 -50.14 56.24 -93.85
C ASN A 3162 -49.64 56.59 -95.24
N THR A 3163 -48.44 57.16 -95.35
CA THR A 3163 -47.98 57.73 -96.60
C THR A 3163 -47.52 56.63 -97.57
N TRP A 3164 -46.96 57.07 -98.69
CA TRP A 3164 -46.52 56.18 -99.76
C TRP A 3164 -47.67 55.27 -100.19
N THR A 3165 -48.88 55.83 -100.21
CA THR A 3165 -50.11 55.07 -100.39
C THR A 3165 -50.13 53.87 -99.45
N ASN A 3166 -49.83 54.15 -98.18
CA ASN A 3166 -49.67 53.13 -97.15
C ASN A 3166 -48.64 52.09 -97.55
N ARG A 3167 -47.48 52.58 -98.01
CA ARG A 3167 -46.28 51.74 -98.15
C ARG A 3167 -46.52 50.56 -99.09
N TYR A 3168 -46.65 50.88 -100.39
CA TYR A 3168 -46.77 49.88 -101.43
C TYR A 3168 -48.03 49.03 -101.28
N PRO A 3169 -49.20 49.56 -101.60
CA PRO A 3169 -50.42 48.76 -101.48
C PRO A 3169 -50.55 47.71 -102.58
N ASP A 3170 -49.46 46.98 -102.84
CA ASP A 3170 -49.48 45.79 -103.68
C ASP A 3170 -49.87 46.10 -105.13
N ALA A 3171 -49.09 46.99 -105.75
CA ALA A 3171 -49.45 47.50 -107.07
C ALA A 3171 -49.20 46.46 -108.16
N LYS A 3172 -50.20 46.30 -109.04
CA LYS A 3172 -50.16 45.52 -110.27
C LYS A 3172 -50.07 44.02 -110.01
N MET A 3173 -49.89 43.59 -108.77
CA MET A 3173 -49.84 42.18 -108.42
C MET A 3173 -50.71 42.06 -107.17
N ASP A 3174 -50.75 40.88 -106.55
CA ASP A 3174 -51.55 40.67 -105.35
C ASP A 3174 -53.00 41.04 -105.63
N PRO A 3175 -53.74 40.18 -106.33
CA PRO A 3175 -55.01 40.59 -106.95
C PRO A 3175 -56.07 41.12 -106.01
N MET A 3176 -57.20 41.51 -106.61
CA MET A 3176 -58.25 42.35 -106.05
C MET A 3176 -58.55 42.09 -104.57
N ASN A 3177 -58.54 40.81 -104.17
CA ASN A 3177 -58.84 40.47 -102.80
C ASN A 3177 -57.84 41.10 -101.84
N ILE A 3178 -56.55 40.99 -102.14
CA ILE A 3178 -55.53 41.61 -101.30
C ILE A 3178 -55.70 43.13 -101.33
N TRP A 3179 -55.97 43.69 -102.50
CA TRP A 3179 -56.16 45.13 -102.63
C TRP A 3179 -57.26 45.64 -101.70
N ASP A 3180 -58.48 45.18 -101.90
CA ASP A 3180 -59.57 45.71 -101.08
C ASP A 3180 -59.47 45.27 -99.63
N ASP A 3181 -58.76 44.17 -99.35
CA ASP A 3181 -58.50 43.82 -97.96
C ASP A 3181 -57.63 44.88 -97.29
N ILE A 3182 -56.52 45.25 -97.93
CA ILE A 3182 -55.69 46.31 -97.37
C ILE A 3182 -56.47 47.62 -97.28
N ILE A 3183 -57.32 47.87 -98.28
CA ILE A 3183 -58.10 49.12 -98.28
C ILE A 3183 -59.03 49.18 -97.09
N THR A 3184 -59.80 48.11 -96.87
CA THR A 3184 -60.75 48.12 -95.76
C THR A 3184 -60.02 48.12 -94.42
N ASN A 3185 -58.89 47.41 -94.35
CA ASN A 3185 -58.09 47.44 -93.13
C ASN A 3185 -57.66 48.86 -92.81
N ARG A 3186 -57.07 49.55 -93.78
CA ARG A 3186 -56.57 50.89 -93.54
C ARG A 3186 -57.70 51.85 -93.19
N CYS A 3187 -58.83 51.77 -93.89
CA CYS A 3187 -59.91 52.71 -93.60
C CYS A 3187 -60.49 52.45 -92.22
N PHE A 3188 -60.63 51.18 -91.83
CA PHE A 3188 -61.10 50.88 -90.48
C PHE A 3188 -60.12 51.38 -89.43
N PHE A 3189 -58.81 51.21 -89.69
CA PHE A 3189 -57.80 51.70 -88.76
C PHE A 3189 -57.91 53.21 -88.59
N LEU A 3190 -58.05 53.91 -89.71
CA LEU A 3190 -58.18 55.36 -89.68
C LEU A 3190 -59.42 55.80 -88.93
N SER A 3191 -60.54 55.12 -89.18
CA SER A 3191 -61.78 55.45 -88.50
C SER A 3191 -61.63 55.26 -86.99
N LYS A 3192 -61.03 54.14 -86.58
CA LYS A 3192 -60.83 53.90 -85.15
C LYS A 3192 -59.89 54.93 -84.55
N ILE A 3193 -58.86 55.32 -85.29
CA ILE A 3193 -57.90 56.30 -84.78
C ILE A 3193 -58.59 57.64 -84.55
N GLU A 3194 -59.43 58.07 -85.49
CA GLU A 3194 -60.19 59.29 -85.24
C GLU A 3194 -61.20 59.12 -84.11
N GLU A 3195 -61.80 57.93 -83.99
CA GLU A 3195 -62.78 57.69 -82.95
C GLU A 3195 -62.16 57.86 -81.57
N LYS A 3196 -60.99 57.25 -81.35
CA LYS A 3196 -60.31 57.43 -80.08
C LYS A 3196 -59.74 58.83 -79.94
N LEU A 3197 -59.53 59.55 -81.04
CA LEU A 3197 -59.05 60.92 -80.99
C LEU A 3197 -60.22 61.88 -80.86
N ASP A 3226 -58.72 69.99 -90.48
CA ASP A 3226 -57.29 69.81 -90.27
C ASP A 3226 -56.90 68.34 -90.37
N ILE A 3227 -56.88 67.66 -89.22
CA ILE A 3227 -56.53 66.25 -89.21
C ILE A 3227 -57.56 65.43 -89.97
N SER A 3228 -58.83 65.82 -89.87
CA SER A 3228 -59.87 65.13 -90.64
C SER A 3228 -59.61 65.27 -92.13
N SER A 3229 -59.14 66.43 -92.57
CA SER A 3229 -58.78 66.59 -93.98
C SER A 3229 -57.65 65.64 -94.38
N LEU A 3230 -56.64 65.51 -93.52
CA LEU A 3230 -55.52 64.62 -93.82
C LEU A 3230 -55.96 63.16 -93.90
N ILE A 3231 -56.80 62.74 -92.96
CA ILE A 3231 -57.24 61.34 -92.96
C ILE A 3231 -58.15 61.07 -94.15
N ARG A 3232 -59.01 62.03 -94.51
CA ARG A 3232 -59.84 61.87 -95.70
C ARG A 3232 -58.98 61.78 -96.95
N SER A 3233 -57.93 62.61 -97.03
CA SER A 3233 -57.03 62.55 -98.17
C SER A 3233 -56.31 61.20 -98.23
N CYS A 3234 -55.94 60.66 -97.07
CA CYS A 3234 -55.34 59.32 -97.04
C CYS A 3234 -56.32 58.28 -97.59
N LYS A 3235 -57.58 58.35 -97.16
CA LYS A 3235 -58.58 57.41 -97.69
C LYS A 3235 -58.75 57.58 -99.19
N PHE A 3236 -58.72 58.83 -99.66
CA PHE A 3236 -58.86 59.09 -101.09
C PHE A 3236 -57.69 58.51 -101.87
N SER A 3237 -56.48 58.64 -101.33
CA SER A 3237 -55.32 58.01 -101.95
C SER A 3237 -55.48 56.50 -101.98
N MET A 3238 -56.00 55.92 -100.90
CA MET A 3238 -56.26 54.49 -100.87
C MET A 3238 -57.18 54.08 -102.01
N LYS A 3239 -58.29 54.82 -102.17
CA LYS A 3239 -59.28 54.43 -103.16
C LYS A 3239 -58.83 54.75 -104.57
N MET A 3240 -57.95 55.75 -104.75
CA MET A 3240 -57.37 55.98 -106.06
C MET A 3240 -56.36 54.88 -106.43
N LYS A 3241 -55.62 54.38 -105.44
CA LYS A 3241 -54.84 53.18 -105.68
C LYS A 3241 -55.73 52.02 -106.07
N MET A 3242 -56.88 51.89 -105.40
CA MET A 3242 -57.87 50.89 -105.78
C MET A 3242 -58.24 51.02 -107.25
N ILE A 3243 -58.63 52.24 -107.66
CA ILE A 3243 -59.16 52.45 -109.00
C ILE A 3243 -58.08 52.23 -110.06
N ASP A 3244 -56.91 52.85 -109.86
CA ASP A 3244 -55.88 52.74 -110.89
C ASP A 3244 -55.30 51.34 -110.95
N SER A 3245 -55.27 50.62 -109.82
CA SER A 3245 -54.90 49.21 -109.86
C SER A 3245 -55.87 48.40 -110.69
N ALA A 3246 -57.17 48.59 -110.43
CA ALA A 3246 -58.17 47.87 -111.20
C ALA A 3246 -58.04 48.17 -112.69
N ARG A 3247 -57.75 49.43 -113.03
CA ARG A 3247 -57.54 49.78 -114.43
C ARG A 3247 -56.26 49.13 -114.97
N LYS A 3248 -55.23 49.04 -114.14
CA LYS A 3248 -53.99 48.38 -114.58
C LYS A 3248 -54.23 46.92 -114.92
N GLN A 3249 -55.01 46.22 -114.10
CA GLN A 3249 -55.42 44.86 -114.45
C GLN A 3249 -56.50 44.85 -115.51
N ASN A 3250 -56.85 46.01 -116.06
CA ASN A 3250 -57.90 46.15 -117.07
C ASN A 3250 -59.21 45.57 -116.58
N ASN A 3251 -59.47 45.73 -115.28
CA ASN A 3251 -60.72 45.27 -114.70
C ASN A 3251 -61.87 46.11 -115.25
N PHE A 3252 -63.03 45.46 -115.41
CA PHE A 3252 -64.21 46.15 -115.93
C PHE A 3252 -65.44 45.97 -115.06
N SER A 3253 -65.47 44.99 -114.16
CA SER A 3253 -66.57 44.86 -113.20
C SER A 3253 -66.33 45.79 -112.01
N LEU A 3254 -66.07 47.05 -112.29
CA LEU A 3254 -65.77 48.02 -111.25
C LEU A 3254 -67.04 48.48 -110.55
N ALA A 3255 -66.85 49.15 -109.42
CA ALA A 3255 -67.94 49.81 -108.71
C ALA A 3255 -68.02 51.24 -109.23
N MET A 3256 -68.60 51.38 -110.44
CA MET A 3256 -68.74 52.69 -111.05
C MET A 3256 -69.59 53.62 -110.19
N LYS A 3257 -70.57 53.07 -109.47
CA LYS A 3257 -71.36 53.90 -108.56
C LYS A 3257 -70.53 54.34 -107.36
N LEU A 3258 -69.65 53.47 -106.88
CA LEU A 3258 -68.69 53.90 -105.86
C LEU A 3258 -67.78 54.99 -106.39
N LEU A 3259 -67.40 54.89 -107.68
CA LEU A 3259 -66.62 55.95 -108.30
C LEU A 3259 -67.41 57.25 -108.35
N LYS A 3260 -68.71 57.17 -108.63
CA LYS A 3260 -69.55 58.36 -108.63
C LYS A 3260 -69.65 58.97 -107.24
N GLU A 3261 -69.74 58.12 -106.21
CA GLU A 3261 -69.70 58.60 -104.84
C GLU A 3261 -68.36 59.28 -104.54
N LEU A 3262 -67.27 58.72 -105.07
CA LEU A 3262 -65.97 59.36 -104.95
C LEU A 3262 -65.99 60.73 -105.60
N HIS A 3263 -66.64 60.86 -106.75
CA HIS A 3263 -66.82 62.17 -107.37
C HIS A 3263 -67.62 63.12 -106.48
N LYS A 3264 -68.68 62.59 -105.86
CA LYS A 3264 -69.53 63.42 -104.99
C LYS A 3264 -68.75 63.98 -103.82
N GLU A 3265 -67.90 63.16 -103.20
CA GLU A 3265 -67.05 63.67 -102.13
C GLU A 3265 -65.81 64.39 -102.67
N SER A 3266 -65.51 64.25 -103.95
CA SER A 3266 -64.34 64.87 -104.54
C SER A 3266 -64.59 66.31 -104.93
N LYS A 3267 -65.83 66.63 -105.32
CA LYS A 3267 -66.19 67.99 -105.70
C LYS A 3267 -66.06 68.95 -104.51
N THR A 3268 -65.68 68.42 -103.35
CA THR A 3268 -65.41 69.28 -102.19
C THR A 3268 -64.25 70.22 -102.47
N ARG A 3269 -63.21 69.73 -103.14
CA ARG A 3269 -62.07 70.56 -103.53
C ARG A 3269 -61.72 70.27 -104.98
N ASP A 3270 -61.21 71.30 -105.66
CA ASP A 3270 -61.00 71.22 -107.10
C ASP A 3270 -59.97 70.15 -107.45
N ASP A 3271 -58.85 70.10 -106.71
CA ASP A 3271 -57.78 69.17 -107.07
C ASP A 3271 -58.23 67.72 -106.93
N TRP A 3272 -58.86 67.40 -105.80
CA TRP A 3272 -59.33 66.03 -105.59
C TRP A 3272 -60.44 65.68 -106.58
N LEU A 3273 -61.33 66.63 -106.86
CA LEU A 3273 -62.36 66.41 -107.87
C LEU A 3273 -61.76 66.08 -109.23
N VAL A 3274 -60.82 66.91 -109.70
CA VAL A 3274 -60.28 66.69 -111.03
C VAL A 3274 -59.45 65.42 -111.06
N SER A 3275 -58.78 65.07 -109.96
CA SER A 3275 -58.05 63.81 -109.91
C SER A 3275 -58.99 62.63 -110.09
N TRP A 3276 -60.12 62.66 -109.39
CA TRP A 3276 -61.16 61.67 -109.67
C TRP A 3276 -61.57 61.70 -111.14
N VAL A 3277 -61.57 62.90 -111.74
CA VAL A 3277 -62.00 63.03 -113.13
C VAL A 3277 -61.06 62.25 -114.05
N GLN A 3278 -59.74 62.41 -113.88
CA GLN A 3278 -58.89 61.63 -114.78
C GLN A 3278 -58.92 60.15 -114.42
N SER A 3279 -59.16 59.81 -113.16
CA SER A 3279 -59.37 58.40 -112.82
C SER A 3279 -60.52 57.82 -113.63
N TYR A 3280 -61.65 58.52 -113.64
CA TYR A 3280 -62.82 58.03 -114.36
C TYR A 3280 -62.57 57.97 -115.87
N CYS A 3281 -61.91 58.99 -116.42
CA CYS A 3281 -61.71 58.97 -117.86
C CYS A 3281 -60.71 57.90 -118.27
N ARG A 3282 -59.71 57.63 -117.42
CA ARG A 3282 -58.81 56.52 -117.69
C ARG A 3282 -59.53 55.19 -117.63
N LEU A 3283 -60.46 55.05 -116.68
CA LEU A 3283 -61.30 53.85 -116.66
C LEU A 3283 -62.08 53.70 -117.95
N SER A 3284 -62.67 54.80 -118.44
CA SER A 3284 -63.42 54.73 -119.69
C SER A 3284 -62.50 54.39 -120.87
N HIS A 3285 -61.29 54.93 -120.86
CA HIS A 3285 -60.31 54.57 -121.89
C HIS A 3285 -60.04 53.07 -121.89
N CYS A 3286 -59.72 52.51 -120.72
CA CYS A 3286 -59.39 51.09 -120.65
C CYS A 3286 -60.61 50.24 -120.99
N ARG A 3287 -61.82 50.76 -120.76
CA ARG A 3287 -63.02 50.02 -121.13
C ARG A 3287 -63.17 49.87 -122.64
N SER A 3288 -62.60 50.77 -123.42
CA SER A 3288 -62.58 50.63 -124.88
C SER A 3288 -61.59 49.52 -125.22
N ARG A 3289 -62.10 48.31 -125.44
CA ARG A 3289 -61.27 47.12 -125.52
C ARG A 3289 -61.27 46.49 -126.91
N SER A 3290 -62.43 46.12 -127.44
CA SER A 3290 -62.61 45.64 -128.80
C SER A 3290 -63.76 46.34 -129.50
N GLN A 3291 -64.85 46.61 -128.79
CA GLN A 3291 -65.98 47.37 -129.31
C GLN A 3291 -65.85 48.86 -128.99
N GLY A 3292 -64.64 49.32 -128.69
CA GLY A 3292 -64.39 50.70 -128.32
C GLY A 3292 -64.88 51.69 -129.35
N CYS A 3293 -65.00 51.26 -130.61
CA CYS A 3293 -65.55 52.11 -131.64
C CYS A 3293 -66.99 52.54 -131.31
N SER A 3294 -67.91 51.57 -131.31
CA SER A 3294 -69.29 51.90 -131.02
C SER A 3294 -69.49 52.24 -129.55
N GLU A 3295 -68.68 51.65 -128.67
CA GLU A 3295 -68.75 51.99 -127.25
C GLU A 3295 -68.46 53.45 -127.02
N GLN A 3296 -67.44 53.99 -127.70
CA GLN A 3296 -67.06 55.38 -127.53
C GLN A 3296 -67.96 56.32 -128.31
N VAL A 3297 -68.48 55.88 -129.47
CA VAL A 3297 -69.44 56.72 -130.18
C VAL A 3297 -70.73 56.84 -129.37
N LEU A 3298 -71.12 55.77 -128.68
CA LEU A 3298 -72.26 55.86 -127.77
C LEU A 3298 -71.98 56.85 -126.65
N THR A 3299 -70.94 56.57 -125.85
CA THR A 3299 -70.54 57.44 -124.75
C THR A 3299 -69.08 57.84 -124.95
N VAL A 3300 -68.84 59.14 -125.09
CA VAL A 3300 -67.47 59.63 -125.34
C VAL A 3300 -66.86 59.85 -123.96
N LEU A 3301 -66.37 58.75 -123.38
CA LEU A 3301 -65.82 58.74 -122.03
C LEU A 3301 -66.78 59.37 -121.04
N LYS A 3302 -68.08 59.20 -121.28
CA LYS A 3302 -69.15 59.80 -120.47
C LYS A 3302 -68.95 61.32 -120.37
N THR A 3303 -69.11 61.99 -121.51
CA THR A 3303 -68.93 63.43 -121.61
C THR A 3303 -67.50 63.81 -121.19
N VAL A 3304 -66.58 63.46 -122.08
CA VAL A 3304 -65.14 63.34 -121.79
C VAL A 3304 -64.62 64.41 -120.84
N SER A 3305 -63.81 63.97 -119.89
CA SER A 3305 -63.28 64.82 -118.82
C SER A 3305 -64.40 65.40 -117.96
N LEU A 3306 -65.53 64.69 -117.91
CA LEU A 3306 -66.72 65.12 -117.16
C LEU A 3306 -67.15 66.53 -117.54
N LEU A 3307 -66.79 66.96 -118.76
CA LEU A 3307 -67.04 68.32 -119.23
C LEU A 3307 -66.50 69.35 -118.24
N ASP A 3308 -65.30 69.09 -117.72
CA ASP A 3308 -64.65 69.98 -116.77
C ASP A 3308 -63.87 71.08 -117.46
N GLU A 3309 -64.21 71.42 -118.71
CA GLU A 3309 -63.48 72.46 -119.42
C GLU A 3309 -63.98 73.83 -118.96
N ASN A 3310 -64.00 74.04 -117.65
CA ASN A 3310 -64.30 75.31 -117.03
C ASN A 3310 -63.22 75.60 -116.00
N ASN A 3311 -62.65 74.53 -115.45
CA ASN A 3311 -61.57 74.58 -114.49
C ASN A 3311 -60.43 73.68 -114.96
N VAL A 3312 -60.04 73.84 -116.23
CA VAL A 3312 -58.96 73.03 -116.78
C VAL A 3312 -57.69 73.24 -115.96
N SER A 3313 -57.11 72.12 -115.50
CA SER A 3313 -55.98 72.14 -114.57
C SER A 3313 -56.29 73.04 -113.38
N SER A 3314 -57.53 72.93 -112.89
CA SER A 3314 -58.04 73.81 -111.83
C SER A 3314 -57.80 75.28 -112.18
N TYR A 3315 -58.31 75.68 -113.34
CA TYR A 3315 -58.03 77.00 -113.92
C TYR A 3315 -56.54 77.19 -114.13
N LEU A 3316 -55.86 76.12 -114.56
CA LEU A 3316 -54.42 76.10 -114.78
C LEU A 3316 -53.62 76.38 -113.50
N SER A 3317 -54.24 76.20 -112.34
CA SER A 3317 -53.53 76.41 -111.08
C SER A 3317 -52.69 75.20 -110.68
N LYS A 3318 -52.91 74.04 -111.30
CA LYS A 3318 -52.09 72.87 -111.05
C LYS A 3318 -50.80 72.97 -111.85
N ASN A 3319 -50.04 71.88 -111.89
CA ASN A 3319 -48.78 71.89 -112.62
C ASN A 3319 -49.02 71.90 -114.13
N ILE A 3320 -47.93 72.05 -114.88
CA ILE A 3320 -48.00 71.91 -116.32
C ILE A 3320 -48.43 70.49 -116.68
N LEU A 3321 -48.10 69.52 -115.82
CA LEU A 3321 -48.44 68.13 -116.10
C LEU A 3321 -49.95 67.89 -116.09
N ALA A 3322 -50.69 68.65 -115.28
CA ALA A 3322 -52.14 68.48 -115.24
C ALA A 3322 -52.79 68.84 -116.57
N PHE A 3323 -52.47 70.03 -117.08
CA PHE A 3323 -53.00 70.42 -118.39
C PHE A 3323 -52.42 69.56 -119.50
N ARG A 3324 -51.18 69.08 -119.32
CA ARG A 3324 -50.60 68.16 -120.28
C ARG A 3324 -51.41 66.87 -120.38
N ASP A 3325 -51.81 66.32 -119.23
CA ASP A 3325 -52.63 65.11 -119.23
C ASP A 3325 -54.05 65.39 -119.72
N GLN A 3326 -54.56 66.59 -119.47
CA GLN A 3326 -55.85 66.97 -120.05
C GLN A 3326 -55.77 66.96 -121.57
N ASN A 3327 -54.70 67.53 -122.13
CA ASN A 3327 -54.51 67.49 -123.57
C ASN A 3327 -54.33 66.05 -124.05
N ILE A 3328 -53.62 65.23 -123.27
CA ILE A 3328 -53.45 63.82 -123.62
C ILE A 3328 -54.80 63.14 -123.75
N LEU A 3329 -55.66 63.29 -122.74
CA LEU A 3329 -56.94 62.59 -122.77
C LEU A 3329 -57.86 63.14 -123.85
N LEU A 3330 -57.85 64.46 -124.07
CA LEU A 3330 -58.70 65.04 -125.11
C LEU A 3330 -58.26 64.58 -126.49
N GLY A 3331 -56.95 64.62 -126.76
CA GLY A 3331 -56.45 64.11 -128.03
C GLY A 3331 -56.70 62.62 -128.19
N THR A 3332 -56.60 61.87 -127.08
CA THR A 3332 -56.84 60.44 -127.14
C THR A 3332 -58.28 60.12 -127.52
N THR A 3333 -59.23 60.82 -126.88
CA THR A 3333 -60.63 60.56 -127.22
C THR A 3333 -60.96 61.06 -128.62
N TYR A 3334 -60.35 62.18 -129.05
CA TYR A 3334 -60.56 62.63 -130.43
C TYR A 3334 -60.04 61.61 -131.43
N ARG A 3335 -58.85 61.08 -131.19
CA ARG A 3335 -58.30 60.05 -132.08
C ARG A 3335 -59.16 58.80 -132.07
N ILE A 3336 -59.64 58.39 -130.89
CA ILE A 3336 -60.48 57.21 -130.80
C ILE A 3336 -61.75 57.40 -131.62
N ILE A 3337 -62.40 58.56 -131.48
CA ILE A 3337 -63.63 58.81 -132.22
C ILE A 3337 -63.36 58.87 -133.72
N ALA A 3338 -62.29 59.56 -134.13
CA ALA A 3338 -62.00 59.68 -135.56
C ALA A 3338 -61.68 58.32 -136.18
N ASN A 3339 -60.87 57.51 -135.51
CA ASN A 3339 -60.57 56.18 -136.02
C ASN A 3339 -61.80 55.29 -136.01
N ALA A 3340 -62.67 55.44 -135.00
CA ALA A 3340 -63.91 54.68 -134.98
C ALA A 3340 -64.79 55.02 -136.17
N LEU A 3341 -64.91 56.31 -136.49
CA LEU A 3341 -65.74 56.70 -137.62
C LEU A 3341 -65.11 56.27 -138.94
N SER A 3342 -63.79 56.41 -139.07
CA SER A 3342 -63.14 56.03 -140.32
C SER A 3342 -63.20 54.52 -140.54
N SER A 3343 -62.97 53.72 -139.49
CA SER A 3343 -63.02 52.28 -139.62
C SER A 3343 -64.44 51.78 -139.85
N GLU A 3344 -65.41 52.42 -139.18
CA GLU A 3344 -66.82 52.03 -139.27
C GLU A 3344 -67.63 53.26 -139.65
N PRO A 3345 -67.68 53.60 -140.95
CA PRO A 3345 -68.52 54.72 -141.39
C PRO A 3345 -69.99 54.48 -141.18
N ALA A 3346 -70.41 53.23 -140.99
CA ALA A 3346 -71.80 52.86 -140.72
C ALA A 3346 -71.96 52.39 -139.28
N CYS A 3347 -71.31 53.07 -138.35
CA CYS A 3347 -71.35 52.68 -136.95
C CYS A 3347 -72.78 52.75 -136.41
N LEU A 3348 -73.11 51.82 -135.51
CA LEU A 3348 -74.47 51.72 -135.01
C LEU A 3348 -74.90 52.98 -134.26
N ALA A 3349 -73.99 53.54 -133.45
CA ALA A 3349 -74.32 54.75 -132.72
C ALA A 3349 -74.09 56.01 -133.54
N GLU A 3350 -73.31 55.91 -134.63
CA GLU A 3350 -73.17 57.05 -135.54
C GLU A 3350 -74.50 57.37 -136.21
N ILE A 3351 -75.24 56.34 -136.64
CA ILE A 3351 -76.57 56.57 -137.18
C ILE A 3351 -77.52 57.03 -136.09
N GLU A 3352 -77.29 56.60 -134.86
CA GLU A 3352 -78.12 57.02 -133.73
C GLU A 3352 -78.07 58.53 -133.57
N GLU A 3353 -79.24 59.14 -133.42
CA GLU A 3353 -79.36 60.59 -133.29
C GLU A 3353 -79.28 60.96 -131.82
N ASP A 3354 -78.22 61.64 -131.43
CA ASP A 3354 -77.98 61.99 -130.04
C ASP A 3354 -77.13 63.25 -129.98
N LYS A 3355 -77.09 63.87 -128.80
CA LYS A 3355 -76.23 65.03 -128.59
C LYS A 3355 -74.77 64.70 -128.82
N ALA A 3356 -74.39 63.44 -128.62
CA ALA A 3356 -73.01 63.02 -128.89
C ALA A 3356 -72.66 63.22 -130.35
N ARG A 3357 -73.56 62.84 -131.26
CA ARG A 3357 -73.31 63.03 -132.68
C ARG A 3357 -73.18 64.51 -133.02
N ARG A 3358 -74.05 65.35 -132.46
CA ARG A 3358 -73.98 66.78 -132.72
C ARG A 3358 -72.66 67.37 -132.21
N ILE A 3359 -72.24 66.99 -131.00
CA ILE A 3359 -71.01 67.56 -130.45
C ILE A 3359 -69.79 67.02 -131.21
N LEU A 3360 -69.88 65.79 -131.75
CA LEU A 3360 -68.79 65.29 -132.57
C LEU A 3360 -68.71 66.04 -133.89
N GLU A 3361 -69.87 66.38 -134.48
CA GLU A 3361 -69.87 67.23 -135.66
C GLU A 3361 -69.28 68.60 -135.36
N LEU A 3362 -69.63 69.17 -134.20
CA LEU A 3362 -69.07 70.46 -133.81
C LEU A 3362 -67.56 70.38 -133.64
N SER A 3363 -67.07 69.31 -133.01
CA SER A 3363 -65.62 69.12 -132.85
C SER A 3363 -64.93 68.80 -134.16
N GLY A 3364 -65.69 68.51 -135.21
CA GLY A 3364 -65.10 68.27 -136.53
C GLY A 3364 -65.28 69.44 -137.46
N GLU A 3368 -73.94 67.46 -141.58
CA GLU A 3368 -72.57 67.83 -141.87
C GLU A 3368 -71.82 66.67 -142.53
N ASP A 3369 -70.96 66.99 -143.48
CA ASP A 3369 -70.20 65.96 -144.18
C ASP A 3369 -69.29 65.22 -143.22
N SER A 3370 -69.24 63.89 -143.36
CA SER A 3370 -68.43 63.07 -142.47
C SER A 3370 -66.94 63.37 -142.61
N GLU A 3371 -66.50 63.63 -143.84
CA GLU A 3371 -65.08 63.92 -144.06
C GLU A 3371 -64.65 65.18 -143.31
N LYS A 3372 -65.50 66.21 -143.33
CA LYS A 3372 -65.17 67.41 -142.57
C LYS A 3372 -65.08 67.12 -141.08
N VAL A 3373 -66.01 66.30 -140.57
CA VAL A 3373 -66.01 65.98 -139.14
C VAL A 3373 -64.75 65.23 -138.76
N ILE A 3374 -64.37 64.24 -139.56
CA ILE A 3374 -63.18 63.46 -139.23
C ILE A 3374 -61.92 64.32 -139.37
N ALA A 3375 -61.88 65.20 -140.37
CA ALA A 3375 -60.74 66.09 -140.52
C ALA A 3375 -60.60 67.02 -139.32
N GLY A 3376 -61.71 67.59 -138.86
CA GLY A 3376 -61.66 68.45 -137.69
C GLY A 3376 -61.27 67.69 -136.43
N LEU A 3377 -61.80 66.48 -136.28
CA LEU A 3377 -61.45 65.65 -135.12
C LEU A 3377 -59.96 65.34 -135.11
N TYR A 3378 -59.42 64.94 -136.27
CA TYR A 3378 -57.99 64.64 -136.35
C TYR A 3378 -57.15 65.90 -136.10
N GLN A 3379 -57.60 67.04 -136.62
CA GLN A 3379 -56.86 68.28 -136.40
C GLN A 3379 -56.83 68.66 -134.93
N ARG A 3380 -57.98 68.56 -134.25
CA ARG A 3380 -58.01 68.88 -132.83
C ARG A 3380 -57.21 67.88 -132.01
N ALA A 3381 -57.25 66.60 -132.39
CA ALA A 3381 -56.43 65.61 -131.71
C ALA A 3381 -54.95 65.92 -131.86
N PHE A 3382 -54.52 66.29 -133.07
CA PHE A 3382 -53.13 66.65 -133.30
C PHE A 3382 -52.75 67.90 -132.51
N GLN A 3383 -53.66 68.88 -132.47
CA GLN A 3383 -53.38 70.12 -131.74
C GLN A 3383 -53.19 69.84 -130.26
N HIS A 3384 -54.07 69.02 -129.68
CA HIS A 3384 -53.96 68.73 -128.25
C HIS A 3384 -52.77 67.81 -127.96
N LEU A 3385 -52.43 66.91 -128.88
CA LEU A 3385 -51.21 66.13 -128.72
C LEU A 3385 -49.98 67.03 -128.71
N SER A 3386 -49.96 68.03 -129.61
CA SER A 3386 -48.86 68.98 -129.62
C SER A 3386 -48.81 69.77 -128.32
N GLU A 3387 -49.97 70.21 -127.82
CA GLU A 3387 -50.01 70.94 -126.56
C GLU A 3387 -49.46 70.09 -125.42
N ALA A 3388 -49.89 68.83 -125.35
CA ALA A 3388 -49.40 67.94 -124.31
C ALA A 3388 -47.90 67.70 -124.45
N VAL A 3389 -47.42 67.54 -125.69
CA VAL A 3389 -46.00 67.32 -125.91
C VAL A 3389 -45.19 68.51 -125.42
N GLN A 3390 -45.57 69.71 -125.84
CA GLN A 3390 -44.81 70.90 -125.44
C GLN A 3390 -44.91 71.14 -123.94
N ALA A 3391 -46.06 70.82 -123.33
CA ALA A 3391 -46.18 70.92 -121.88
C ALA A 3391 -45.27 69.92 -121.19
N ALA A 3392 -45.10 68.74 -121.77
CA ALA A 3392 -44.17 67.76 -121.23
C ALA A 3392 -42.73 68.22 -121.38
N GLU A 3393 -42.41 68.92 -122.46
CA GLU A 3393 -41.05 69.41 -122.64
C GLU A 3393 -40.66 70.43 -121.57
N GLU A 3394 -41.60 71.30 -121.20
CA GLU A 3394 -41.33 72.33 -120.20
C GLU A 3394 -41.52 71.75 -118.81
N GLU A 3395 -40.42 71.49 -118.12
CA GLU A 3395 -40.46 70.96 -116.75
C GLU A 3395 -39.45 71.70 -115.87
N ALA A 3407 -38.81 61.12 -119.43
CA ALA A 3407 -39.77 60.10 -119.01
C ALA A 3407 -41.14 60.37 -119.63
N GLY A 3408 -41.94 61.21 -118.96
CA GLY A 3408 -43.25 61.55 -119.47
C GLY A 3408 -43.20 62.28 -120.80
N VAL A 3409 -42.18 63.11 -121.00
CA VAL A 3409 -42.03 63.79 -122.29
C VAL A 3409 -41.76 62.78 -123.39
N ILE A 3410 -41.02 61.71 -123.08
CA ILE A 3410 -40.84 60.63 -124.05
C ILE A 3410 -42.18 59.98 -124.36
N ASP A 3411 -43.04 59.84 -123.35
CA ASP A 3411 -44.36 59.26 -123.57
C ASP A 3411 -45.21 60.14 -124.49
N ALA A 3412 -45.17 61.47 -124.26
CA ALA A 3412 -45.90 62.38 -125.13
C ALA A 3412 -45.37 62.32 -126.55
N TYR A 3413 -44.04 62.24 -126.70
CA TYR A 3413 -43.45 62.07 -128.02
C TYR A 3413 -43.93 60.79 -128.67
N MET A 3414 -44.00 59.70 -127.91
CA MET A 3414 -44.51 58.43 -128.45
C MET A 3414 -45.94 58.59 -128.94
N THR A 3415 -46.79 59.22 -128.13
CA THR A 3415 -48.19 59.37 -128.51
C THR A 3415 -48.32 60.19 -129.80
N LEU A 3416 -47.66 61.35 -129.84
CA LEU A 3416 -47.76 62.21 -131.02
C LEU A 3416 -47.19 61.51 -132.26
N ALA A 3417 -46.02 60.87 -132.12
CA ALA A 3417 -45.40 60.20 -133.25
C ALA A 3417 -46.24 59.06 -133.77
N ASP A 3418 -46.83 58.27 -132.86
CA ASP A 3418 -47.68 57.17 -133.29
C ASP A 3418 -48.94 57.69 -133.99
N PHE A 3419 -49.57 58.74 -133.45
CA PHE A 3419 -50.75 59.29 -134.10
C PHE A 3419 -50.42 59.80 -135.49
N CYS A 3420 -49.31 60.52 -135.63
CA CYS A 3420 -48.99 61.09 -136.94
C CYS A 3420 -48.48 60.04 -137.91
N ASP A 3421 -47.84 58.98 -137.41
CA ASP A 3421 -47.50 57.85 -138.27
C ASP A 3421 -48.77 57.16 -138.77
N GLN A 3422 -49.78 57.06 -137.92
CA GLN A 3422 -51.09 56.57 -138.36
C GLN A 3422 -51.68 57.49 -139.43
N GLN A 3423 -51.55 58.80 -139.23
CA GLN A 3423 -52.03 59.76 -140.23
C GLN A 3423 -51.34 59.54 -141.57
N LEU A 3424 -50.02 59.36 -141.56
CA LEU A 3424 -49.28 59.13 -142.79
C LEU A 3424 -49.66 57.80 -143.42
N ARG A 3425 -49.83 56.76 -142.61
CA ARG A 3425 -50.17 55.46 -143.14
C ARG A 3425 -51.55 55.46 -143.80
N LYS A 3426 -52.52 56.17 -143.19
CA LYS A 3426 -53.81 56.31 -143.86
C LYS A 3426 -53.74 57.29 -145.02
N GLU A 3427 -52.83 58.27 -144.96
CA GLU A 3427 -52.60 59.14 -146.10
C GLU A 3427 -51.95 58.37 -147.24
N GLU A 3428 -50.94 57.57 -146.94
CA GLU A 3428 -50.29 56.75 -147.95
C GLU A 3428 -51.20 55.61 -148.37
N GLU A 3429 -50.86 54.99 -149.49
CA GLU A 3429 -51.65 53.88 -150.02
C GLU A 3429 -50.75 52.70 -150.38
N ALA A 3441 -42.85 67.95 -145.20
CA ALA A 3441 -43.84 68.96 -144.84
C ALA A 3441 -44.48 68.63 -143.50
N TYR A 3442 -45.66 68.01 -143.54
CA TYR A 3442 -46.35 67.61 -142.32
C TYR A 3442 -45.54 66.63 -141.46
N PRO A 3443 -44.93 65.58 -142.00
CA PRO A 3443 -44.17 64.64 -141.13
C PRO A 3443 -42.93 65.26 -140.51
N ALA A 3444 -42.54 66.47 -140.92
CA ALA A 3444 -41.27 67.04 -140.49
C ALA A 3444 -41.19 67.17 -138.97
N LEU A 3445 -42.07 67.99 -138.40
CA LEU A 3445 -41.99 68.26 -136.96
C LEU A 3445 -42.29 67.02 -136.15
N VAL A 3446 -43.13 66.10 -136.65
CA VAL A 3446 -43.48 64.94 -135.86
C VAL A 3446 -42.31 63.95 -135.79
N VAL A 3447 -41.58 63.77 -136.91
CA VAL A 3447 -40.40 62.93 -136.83
C VAL A 3447 -39.29 63.65 -136.06
N GLU A 3448 -39.31 64.99 -136.03
CA GLU A 3448 -38.38 65.70 -135.17
C GLU A 3448 -38.68 65.44 -133.70
N LYS A 3449 -39.96 65.41 -133.32
CA LYS A 3449 -40.32 65.05 -131.95
C LYS A 3449 -39.95 63.61 -131.64
N MET A 3450 -40.10 62.72 -132.63
CA MET A 3450 -39.63 61.35 -132.46
C MET A 3450 -38.14 61.30 -132.20
N LEU A 3451 -37.35 62.09 -132.94
CA LEU A 3451 -35.92 62.14 -132.70
C LEU A 3451 -35.62 62.71 -131.32
N LYS A 3452 -36.42 63.69 -130.88
CA LYS A 3452 -36.24 64.25 -129.55
C LYS A 3452 -36.45 63.18 -128.48
N ALA A 3453 -37.46 62.34 -128.66
CA ALA A 3453 -37.63 61.19 -127.78
C ALA A 3453 -36.43 60.25 -127.87
N LEU A 3454 -35.94 60.02 -129.08
CA LEU A 3454 -34.78 59.16 -129.27
C LEU A 3454 -33.55 59.71 -128.57
N LYS A 3455 -33.51 61.02 -128.35
CA LYS A 3455 -32.37 61.64 -127.67
C LYS A 3455 -32.27 61.18 -126.23
N LEU A 3456 -33.32 60.59 -125.69
CA LEU A 3456 -33.29 59.91 -124.40
C LEU A 3456 -33.38 58.40 -124.65
N ASN A 3457 -32.44 57.66 -124.05
CA ASN A 3457 -32.36 56.22 -124.31
C ASN A 3457 -33.60 55.50 -123.79
N SER A 3458 -34.38 54.95 -124.71
CA SER A 3458 -35.60 54.22 -124.35
C SER A 3458 -35.91 53.25 -125.48
N ASN A 3459 -36.18 52.00 -125.13
CA ASN A 3459 -36.34 50.96 -126.14
C ASN A 3459 -37.56 51.21 -127.03
N GLU A 3460 -38.64 51.75 -126.47
CA GLU A 3460 -39.82 52.01 -127.29
C GLU A 3460 -39.54 53.04 -128.37
N ALA A 3461 -38.69 54.03 -128.08
CA ALA A 3461 -38.26 54.96 -129.10
C ALA A 3461 -37.24 54.34 -130.04
N ARG A 3462 -36.40 53.44 -129.52
CA ARG A 3462 -35.40 52.79 -130.34
C ARG A 3462 -36.03 51.93 -131.42
N LEU A 3463 -37.10 51.21 -131.07
CA LEU A 3463 -37.70 50.27 -132.01
C LEU A 3463 -38.29 50.95 -133.24
N LYS A 3464 -38.63 52.24 -133.14
CA LYS A 3464 -39.17 52.97 -134.28
C LYS A 3464 -38.08 53.45 -135.24
N PHE A 3465 -36.83 53.05 -135.02
CA PHE A 3465 -35.73 53.49 -135.88
C PHE A 3465 -35.93 53.10 -137.34
N PRO A 3466 -36.30 51.86 -137.68
CA PRO A 3466 -36.58 51.57 -139.11
C PRO A 3466 -37.71 52.42 -139.67
N ARG A 3467 -38.74 52.72 -138.86
CA ARG A 3467 -39.80 53.62 -139.31
C ARG A 3467 -39.23 55.01 -139.59
N LEU A 3468 -38.33 55.48 -138.74
CA LEU A 3468 -37.68 56.76 -138.98
C LEU A 3468 -36.89 56.74 -140.28
N LEU A 3469 -36.16 55.64 -140.54
CA LEU A 3469 -35.41 55.53 -141.79
C LEU A 3469 -36.35 55.57 -143.00
N GLN A 3470 -37.47 54.85 -142.92
CA GLN A 3470 -38.42 54.82 -144.03
C GLN A 3470 -39.03 56.21 -144.25
N ILE A 3471 -39.32 56.94 -143.18
CA ILE A 3471 -39.90 58.27 -143.36
C ILE A 3471 -38.83 59.25 -143.83
N ILE A 3472 -37.55 58.98 -143.53
CA ILE A 3472 -36.47 59.80 -144.07
C ILE A 3472 -36.40 59.63 -145.58
N GLU A 3473 -36.42 58.37 -146.04
CA GLU A 3473 -36.24 58.11 -147.46
C GLU A 3473 -37.49 58.40 -148.29
N ARG A 3474 -38.68 58.17 -147.73
CA ARG A 3474 -39.91 58.39 -148.48
C ARG A 3474 -40.17 59.86 -148.73
N TYR A 3475 -39.77 60.73 -147.80
CA TYR A 3475 -39.97 62.17 -147.92
C TYR A 3475 -38.67 62.89 -147.66
N PRO A 3476 -37.70 62.77 -148.58
CA PRO A 3476 -36.43 63.49 -148.39
C PRO A 3476 -36.58 65.00 -148.43
N GLU A 3477 -37.61 65.53 -149.09
CA GLU A 3477 -37.71 66.95 -149.35
C GLU A 3477 -37.67 67.78 -148.08
N GLU A 3478 -38.16 67.24 -146.97
CA GLU A 3478 -38.09 67.93 -145.69
C GLU A 3478 -37.12 67.29 -144.70
N THR A 3479 -36.91 65.98 -144.81
CA THR A 3479 -36.02 65.30 -143.87
C THR A 3479 -34.57 65.70 -144.10
N LEU A 3480 -34.18 65.90 -145.36
CA LEU A 3480 -32.81 66.32 -145.64
C LEU A 3480 -32.51 67.70 -145.09
N SER A 3481 -33.55 68.47 -144.78
CA SER A 3481 -33.41 69.78 -144.15
C SER A 3481 -33.49 69.67 -142.64
N LEU A 3482 -34.37 68.82 -142.13
CA LEU A 3482 -34.44 68.61 -140.68
C LEU A 3482 -33.14 68.01 -140.14
N MET A 3483 -32.48 67.16 -140.92
CA MET A 3483 -31.42 66.32 -140.40
C MET A 3483 -30.12 67.10 -140.12
N THR A 3484 -30.05 68.39 -140.47
CA THR A 3484 -28.84 69.17 -140.20
C THR A 3484 -28.47 69.12 -138.72
N LYS A 3485 -29.46 69.00 -137.83
CA LYS A 3485 -29.23 68.86 -136.40
C LYS A 3485 -29.11 67.41 -135.95
N GLU A 3486 -29.09 66.47 -136.89
CA GLU A 3486 -29.08 65.04 -136.58
C GLU A 3486 -27.71 64.40 -136.84
N ILE A 3487 -26.63 65.19 -136.77
CA ILE A 3487 -25.30 64.62 -136.98
C ILE A 3487 -24.97 63.63 -135.88
N SER A 3488 -25.28 63.97 -134.63
CA SER A 3488 -25.05 63.07 -133.49
C SER A 3488 -26.21 63.27 -132.51
N SER A 3489 -27.23 62.42 -132.65
CA SER A 3489 -28.41 62.49 -131.81
C SER A 3489 -28.59 61.23 -130.96
N VAL A 3490 -27.59 60.36 -130.90
CA VAL A 3490 -27.67 59.17 -130.05
C VAL A 3490 -27.72 59.61 -128.59
N PRO A 3491 -28.61 59.06 -127.76
CA PRO A 3491 -28.67 59.48 -126.36
C PRO A 3491 -27.36 59.24 -125.64
N CYS A 3492 -26.95 57.98 -125.51
CA CYS A 3492 -25.57 57.66 -125.14
C CYS A 3492 -24.88 56.79 -126.18
N TRP A 3493 -25.38 55.58 -126.43
CA TRP A 3493 -24.76 54.67 -127.38
C TRP A 3493 -25.78 53.61 -127.78
N GLN A 3494 -26.29 53.71 -129.00
CA GLN A 3494 -27.31 52.75 -129.46
C GLN A 3494 -27.29 52.73 -130.98
N PHE A 3495 -28.36 52.18 -131.57
CA PHE A 3495 -28.52 51.94 -133.00
C PHE A 3495 -27.61 50.83 -133.51
N ILE A 3496 -27.00 50.06 -132.61
CA ILE A 3496 -26.12 48.98 -133.04
C ILE A 3496 -26.92 47.89 -133.74
N SER A 3497 -28.10 47.55 -133.22
CA SER A 3497 -28.86 46.42 -133.74
C SER A 3497 -29.24 46.60 -135.20
N TRP A 3498 -29.21 47.82 -135.73
CA TRP A 3498 -29.56 48.08 -137.12
C TRP A 3498 -28.37 48.53 -137.96
N ILE A 3499 -27.14 48.43 -137.45
CA ILE A 3499 -26.00 48.99 -138.17
C ILE A 3499 -25.88 48.38 -139.56
N SER A 3500 -26.22 47.09 -139.70
CA SER A 3500 -26.18 46.45 -141.02
C SER A 3500 -26.98 47.26 -142.03
N HIS A 3501 -28.21 47.63 -141.67
CA HIS A 3501 -29.08 48.36 -142.58
C HIS A 3501 -28.46 49.69 -143.01
N MET A 3502 -27.53 50.23 -142.24
CA MET A 3502 -26.80 51.40 -142.67
C MET A 3502 -25.45 51.06 -143.29
N VAL A 3503 -24.79 49.99 -142.81
CA VAL A 3503 -23.40 49.76 -143.22
C VAL A 3503 -23.31 49.46 -144.70
N ALA A 3504 -24.39 48.94 -145.29
CA ALA A 3504 -24.47 48.77 -146.74
C ALA A 3504 -25.14 49.95 -147.41
N LEU A 3505 -26.04 50.64 -146.72
CA LEU A 3505 -26.68 51.82 -147.28
C LEU A 3505 -25.72 53.00 -147.38
N LEU A 3506 -24.57 52.92 -146.71
CA LEU A 3506 -23.59 53.99 -146.78
C LEU A 3506 -23.07 54.16 -148.20
N ASP A 3507 -22.85 53.05 -148.91
CA ASP A 3507 -22.42 53.12 -150.29
C ASP A 3507 -23.48 53.74 -151.18
N LYS A 3508 -24.75 53.50 -150.88
CA LYS A 3508 -25.83 54.18 -151.58
C LYS A 3508 -25.77 55.67 -151.30
N ASP A 3509 -26.30 56.47 -152.22
CA ASP A 3509 -26.35 57.91 -152.03
C ASP A 3509 -27.31 58.18 -150.89
N GLN A 3510 -26.76 58.37 -149.69
CA GLN A 3510 -27.52 58.36 -148.46
C GLN A 3510 -27.28 59.64 -147.69
N ALA A 3511 -28.31 60.10 -146.99
CA ALA A 3511 -28.27 61.35 -146.25
C ALA A 3511 -27.13 61.36 -145.23
N VAL A 3512 -26.34 62.44 -145.26
CA VAL A 3512 -24.98 62.41 -144.70
C VAL A 3512 -24.93 62.19 -143.18
N ALA A 3513 -25.88 62.75 -142.43
CA ALA A 3513 -25.70 62.74 -140.98
C ALA A 3513 -25.71 61.32 -140.41
N VAL A 3514 -26.38 60.38 -141.08
CA VAL A 3514 -26.35 59.00 -140.61
C VAL A 3514 -24.95 58.41 -140.80
N GLN A 3515 -24.26 58.79 -141.88
CA GLN A 3515 -22.85 58.43 -142.02
C GLN A 3515 -22.01 59.04 -140.92
N HIS A 3516 -22.27 60.30 -140.56
CA HIS A 3516 -21.50 60.90 -139.46
C HIS A 3516 -21.71 60.11 -138.17
N SER A 3517 -22.97 59.77 -137.87
CA SER A 3517 -23.27 59.01 -136.66
C SER A 3517 -22.60 57.64 -136.69
N VAL A 3518 -22.69 56.94 -137.82
CA VAL A 3518 -22.16 55.57 -137.88
C VAL A 3518 -20.64 55.58 -137.88
N GLU A 3519 -20.01 56.63 -138.45
CA GLU A 3519 -18.56 56.69 -138.40
C GLU A 3519 -18.09 57.01 -136.99
N GLU A 3520 -18.82 57.85 -136.26
CA GLU A 3520 -18.51 58.02 -134.85
C GLU A 3520 -18.66 56.71 -134.09
N ILE A 3521 -19.71 55.95 -134.41
CA ILE A 3521 -19.96 54.69 -133.72
C ILE A 3521 -18.82 53.71 -133.96
N THR A 3522 -18.45 53.52 -135.23
CA THR A 3522 -17.39 52.59 -135.57
C THR A 3522 -16.01 53.14 -135.23
N ASP A 3523 -15.89 54.43 -134.93
CA ASP A 3523 -14.62 54.99 -134.49
C ASP A 3523 -14.40 54.74 -133.02
N ASN A 3524 -15.40 55.05 -132.18
CA ASN A 3524 -15.27 54.73 -130.76
C ASN A 3524 -15.40 53.23 -130.54
N TYR A 3525 -16.11 52.52 -131.42
CA TYR A 3525 -16.28 51.07 -131.33
C TYR A 3525 -15.81 50.46 -132.64
N PRO A 3526 -14.49 50.28 -132.81
CA PRO A 3526 -14.00 49.64 -134.04
C PRO A 3526 -14.57 48.26 -134.25
N GLN A 3527 -14.68 47.46 -133.18
CA GLN A 3527 -15.26 46.14 -133.29
C GLN A 3527 -16.78 46.23 -133.35
N ALA A 3528 -17.42 45.07 -133.56
CA ALA A 3528 -18.85 44.89 -133.74
C ALA A 3528 -19.39 45.48 -135.03
N ILE A 3529 -18.55 46.12 -135.83
CA ILE A 3529 -18.95 46.63 -137.14
C ILE A 3529 -18.01 46.04 -138.17
N VAL A 3530 -16.90 45.45 -137.69
CA VAL A 3530 -15.87 44.94 -138.59
C VAL A 3530 -16.45 43.92 -139.55
N TYR A 3531 -17.24 42.98 -139.05
CA TYR A 3531 -17.82 41.96 -139.92
C TYR A 3531 -19.02 42.51 -140.70
N PRO A 3532 -19.88 43.35 -140.10
CA PRO A 3532 -20.85 44.06 -140.94
C PRO A 3532 -20.21 44.90 -142.03
N PHE A 3533 -19.09 45.58 -141.71
CA PHE A 3533 -18.42 46.35 -142.74
C PHE A 3533 -17.78 45.45 -143.79
N ILE A 3534 -17.32 44.27 -143.39
CA ILE A 3534 -16.79 43.32 -144.37
C ILE A 3534 -17.90 42.85 -145.30
N ILE A 3535 -19.07 42.52 -144.76
CA ILE A 3535 -20.17 42.04 -145.59
C ILE A 3535 -20.76 43.17 -146.43
N SER A 3536 -20.58 44.43 -146.03
CA SER A 3536 -21.05 45.54 -146.83
C SER A 3536 -19.97 46.13 -147.74
N SER A 3537 -18.73 45.66 -147.62
CA SER A 3537 -17.64 46.21 -148.43
C SER A 3537 -17.77 45.82 -149.90
N GLU A 3538 -18.61 44.84 -150.22
CA GLU A 3538 -18.84 44.42 -151.59
C GLU A 3538 -19.92 45.24 -152.29
N SER A 3539 -20.17 46.46 -151.79
CA SER A 3539 -21.17 47.37 -152.36
C SER A 3539 -22.56 46.75 -152.31
N THR A 3545 -19.34 59.06 -158.48
CA THR A 3545 -20.19 59.85 -159.37
C THR A 3545 -20.27 61.30 -158.90
N SER A 3546 -21.29 62.02 -159.36
CA SER A 3546 -21.49 63.39 -158.90
C SER A 3546 -21.78 63.43 -157.41
N THR A 3547 -22.59 62.51 -156.91
CA THR A 3547 -22.84 62.37 -155.49
C THR A 3547 -22.37 61.03 -154.92
N GLY A 3548 -22.20 60.00 -155.76
CA GLY A 3548 -21.69 58.74 -155.28
C GLY A 3548 -20.24 58.81 -154.83
N HIS A 3549 -19.48 59.76 -155.35
CA HIS A 3549 -18.12 59.96 -154.89
C HIS A 3549 -18.09 60.34 -153.41
N LYS A 3550 -19.16 60.96 -152.91
CA LYS A 3550 -19.27 61.18 -151.48
C LYS A 3550 -19.28 59.86 -150.72
N ASN A 3551 -20.07 58.90 -151.20
CA ASN A 3551 -20.08 57.58 -150.56
C ASN A 3551 -18.74 56.88 -150.73
N LYS A 3552 -18.08 57.07 -151.86
CA LYS A 3552 -16.77 56.46 -152.07
C LYS A 3552 -15.74 57.00 -151.07
N GLU A 3553 -15.73 58.32 -150.88
CA GLU A 3553 -14.80 58.89 -149.90
C GLU A 3553 -15.21 58.50 -148.48
N PHE A 3554 -16.50 58.34 -148.21
CA PHE A 3554 -16.93 57.90 -146.89
C PHE A 3554 -16.46 56.47 -146.61
N VAL A 3555 -16.64 55.56 -147.57
CA VAL A 3555 -16.19 54.18 -147.34
C VAL A 3555 -14.66 54.12 -147.26
N ALA A 3556 -13.98 54.96 -148.03
CA ALA A 3556 -12.52 55.02 -147.92
C ALA A 3556 -12.11 55.47 -146.53
N ARG A 3557 -12.78 56.49 -145.98
CA ARG A 3557 -12.48 56.95 -144.63
C ARG A 3557 -12.77 55.86 -143.61
N ILE A 3558 -13.87 55.13 -143.78
CA ILE A 3558 -14.22 54.08 -142.82
C ILE A 3558 -13.19 52.97 -142.85
N LYS A 3559 -12.79 52.53 -144.04
CA LYS A 3559 -11.82 51.45 -144.12
C LYS A 3559 -10.43 51.89 -143.69
N SER A 3560 -10.12 53.18 -143.83
CA SER A 3560 -8.89 53.70 -143.23
C SER A 3560 -8.97 53.66 -141.71
N LYS A 3561 -10.14 53.97 -141.16
CA LYS A 3561 -10.36 53.89 -139.73
C LYS A 3561 -10.30 52.47 -139.20
N LEU A 3562 -10.38 51.47 -140.08
CA LEU A 3562 -10.31 50.07 -139.67
C LEU A 3562 -8.93 49.77 -139.08
N ASP A 3563 -8.91 48.87 -138.09
CA ASP A 3563 -7.72 48.58 -137.31
C ASP A 3563 -7.21 47.18 -137.63
N GLN A 3564 -5.93 47.10 -138.02
CA GLN A 3564 -5.17 45.85 -138.18
C GLN A 3564 -6.02 44.74 -138.80
N GLY A 3565 -6.61 45.05 -139.96
CA GLY A 3565 -7.43 44.08 -140.66
C GLY A 3565 -6.66 42.87 -141.16
N GLY A 3566 -5.34 42.91 -141.12
CA GLY A 3566 -4.56 41.77 -141.59
C GLY A 3566 -4.80 40.51 -140.78
N VAL A 3567 -4.89 40.65 -139.46
CA VAL A 3567 -5.11 39.48 -138.61
C VAL A 3567 -6.49 38.89 -138.85
N ILE A 3568 -7.51 39.74 -138.99
CA ILE A 3568 -8.86 39.26 -139.27
C ILE A 3568 -8.90 38.58 -140.64
N GLN A 3569 -8.21 39.16 -141.61
CA GLN A 3569 -8.15 38.56 -142.94
C GLN A 3569 -7.46 37.20 -142.90
N ASP A 3570 -6.38 37.08 -142.12
CA ASP A 3570 -5.72 35.79 -141.94
C ASP A 3570 -6.66 34.79 -141.29
N PHE A 3571 -7.43 35.23 -140.30
CA PHE A 3571 -8.39 34.34 -139.65
C PHE A 3571 -9.44 33.85 -140.63
N ILE A 3572 -9.97 34.75 -141.46
CA ILE A 3572 -10.99 34.36 -142.44
C ILE A 3572 -10.38 33.43 -143.49
N ASN A 3573 -9.15 33.70 -143.90
CA ASN A 3573 -8.47 32.81 -144.84
C ASN A 3573 -8.28 31.42 -144.23
N ALA A 3574 -7.98 31.36 -142.94
CA ALA A 3574 -7.88 30.08 -142.26
C ALA A 3574 -9.23 29.36 -142.26
N LEU A 3575 -10.31 30.09 -141.98
CA LEU A 3575 -11.63 29.48 -142.00
C LEU A 3575 -11.96 28.93 -143.38
N ASP A 3576 -11.61 29.65 -144.43
CA ASP A 3576 -11.79 29.14 -145.79
C ASP A 3576 -10.91 27.92 -146.04
N GLN A 3577 -9.70 27.93 -145.47
CA GLN A 3577 -8.81 26.77 -145.59
C GLN A 3577 -9.45 25.54 -144.96
N LEU A 3578 -10.18 25.74 -143.87
CA LEU A 3578 -10.93 24.64 -143.28
C LEU A 3578 -12.06 24.18 -144.18
N SER A 3579 -12.65 25.10 -144.95
CA SER A 3579 -13.74 24.75 -145.85
C SER A 3579 -13.23 23.85 -146.98
N ASN A 3580 -14.12 23.02 -147.50
CA ASN A 3580 -13.74 22.05 -148.52
C ASN A 3580 -13.53 22.74 -149.86
N PRO A 3581 -12.36 22.58 -150.48
CA PRO A 3581 -12.17 23.14 -151.83
C PRO A 3581 -13.13 22.58 -152.86
N GLU A 3582 -13.57 21.33 -152.67
CA GLU A 3582 -14.53 20.75 -153.61
C GLU A 3582 -15.84 21.54 -153.63
N LEU A 3583 -16.34 21.91 -152.45
CA LEU A 3583 -17.57 22.67 -152.37
C LEU A 3583 -17.41 24.05 -153.02
N LEU A 3584 -16.28 24.70 -152.77
CA LEU A 3584 -16.03 26.00 -153.37
C LEU A 3584 -15.97 25.88 -154.89
N PHE A 3585 -15.32 24.83 -155.40
CA PHE A 3585 -15.27 24.63 -156.85
C PHE A 3585 -16.66 24.36 -157.42
N LYS A 3586 -17.48 23.58 -156.71
CA LYS A 3586 -18.84 23.35 -157.19
C LYS A 3586 -19.64 24.64 -157.23
N ASP A 3587 -19.51 25.47 -156.20
CA ASP A 3587 -20.19 26.77 -156.19
C ASP A 3587 -19.70 27.64 -157.34
N TRP A 3588 -18.39 27.62 -157.60
CA TRP A 3588 -17.86 28.40 -158.70
C TRP A 3588 -18.41 27.92 -160.04
N SER A 3589 -18.51 26.60 -160.21
CA SER A 3589 -19.05 26.05 -161.45
C SER A 3589 -20.51 26.44 -161.63
N ASN A 3590 -21.29 26.39 -160.55
CA ASN A 3590 -22.68 26.83 -160.63
C ASN A 3590 -22.77 28.31 -161.00
N ASP A 3591 -21.90 29.13 -160.39
CA ASP A 3591 -21.92 30.57 -160.68
C ASP A 3591 -21.53 30.84 -162.12
N VAL A 3592 -20.51 30.14 -162.64
CA VAL A 3592 -20.07 30.39 -164.00
C VAL A 3592 -21.13 29.91 -164.99
N ARG A 3593 -21.80 28.81 -164.69
CA ARG A 3593 -22.88 28.35 -165.56
C ARG A 3593 -24.04 29.34 -165.55
N ALA A 3594 -24.36 29.91 -164.38
CA ALA A 3594 -25.44 30.89 -164.30
C ALA A 3594 -25.08 32.17 -165.04
N GLU A 3595 -23.84 32.65 -164.89
CA GLU A 3595 -23.45 33.92 -165.48
C GLU A 3595 -23.25 33.80 -166.99
N LEU A 3596 -22.71 32.66 -167.45
CA LEU A 3596 -22.47 32.49 -168.88
C LEU A 3596 -23.77 32.52 -169.67
N ALA A 3597 -24.81 31.87 -169.15
CA ALA A 3597 -26.10 31.85 -169.83
C ALA A 3597 -26.74 33.23 -169.85
N VAL A 3601 -21.46 41.20 -168.09
CA VAL A 3601 -21.84 40.15 -169.03
C VAL A 3601 -20.83 39.01 -168.99
N ASN A 3602 -20.84 38.20 -170.05
CA ASN A 3602 -19.88 37.11 -170.15
C ASN A 3602 -18.48 37.66 -170.43
N LYS A 3603 -17.48 36.86 -170.04
CA LYS A 3603 -16.06 37.12 -170.23
C LYS A 3603 -15.55 38.31 -169.43
N LYS A 3604 -16.41 38.99 -168.66
CA LYS A 3604 -15.96 40.00 -167.70
C LYS A 3604 -16.32 39.62 -166.28
N ASN A 3605 -17.58 39.25 -166.03
CA ASN A 3605 -17.91 38.55 -164.79
C ASN A 3605 -17.34 37.15 -164.81
N ILE A 3606 -17.31 36.52 -165.98
CA ILE A 3606 -16.64 35.24 -166.14
C ILE A 3606 -15.15 35.41 -165.88
N GLU A 3607 -14.56 36.50 -166.39
CA GLU A 3607 -13.15 36.77 -166.13
C GLU A 3607 -12.88 37.01 -164.65
N LYS A 3608 -13.75 37.79 -163.99
CA LYS A 3608 -13.53 38.12 -162.59
C LYS A 3608 -13.60 36.87 -161.72
N MET A 3609 -14.63 36.04 -161.93
CA MET A 3609 -14.74 34.84 -161.10
C MET A 3609 -13.74 33.78 -161.51
N TYR A 3610 -13.29 33.77 -162.77
CA TYR A 3610 -12.18 32.92 -163.16
C TYR A 3610 -10.91 33.32 -162.42
N GLU A 3611 -10.67 34.62 -162.28
CA GLU A 3611 -9.55 35.09 -161.47
C GLU A 3611 -9.71 34.66 -160.01
N ARG A 3612 -10.94 34.76 -159.49
CA ARG A 3612 -11.20 34.30 -158.13
C ARG A 3612 -10.87 32.82 -157.97
N MET A 3613 -11.31 32.01 -158.94
CA MET A 3613 -11.07 30.57 -158.88
C MET A 3613 -9.58 30.24 -159.01
N TYR A 3614 -8.88 30.97 -159.87
CA TYR A 3614 -7.44 30.80 -160.00
C TYR A 3614 -6.73 31.14 -158.71
N ALA A 3615 -7.15 32.21 -158.04
CA ALA A 3615 -6.61 32.52 -156.72
C ALA A 3615 -7.04 31.51 -155.67
N ALA A 3616 -8.12 30.76 -155.92
CA ALA A 3616 -8.58 29.77 -154.96
C ALA A 3616 -7.82 28.46 -155.10
N LEU A 3617 -7.92 27.82 -156.27
CA LEU A 3617 -7.24 26.56 -156.51
C LEU A 3617 -6.07 26.67 -157.49
N GLY A 3618 -6.16 27.56 -158.48
CA GLY A 3618 -5.13 27.61 -159.52
C GLY A 3618 -3.75 27.88 -158.96
N ASP A 3619 -3.66 28.77 -157.98
CA ASP A 3619 -2.37 29.05 -157.37
C ASP A 3619 -1.88 27.84 -156.59
N PRO A 3620 -0.61 27.42 -156.75
CA PRO A 3620 -0.04 26.33 -155.96
C PRO A 3620 0.38 26.78 -154.56
N LYS A 3621 -0.50 27.53 -153.90
CA LYS A 3621 -0.21 28.13 -152.61
C LYS A 3621 -1.52 28.57 -151.97
N ALA A 3622 -1.44 28.85 -150.68
CA ALA A 3622 -2.59 29.35 -149.93
C ALA A 3622 -2.12 30.01 -148.65
N PRO A 3623 -2.57 31.24 -148.36
CA PRO A 3623 -2.23 31.85 -147.07
C PRO A 3623 -2.74 31.02 -145.92
N GLY A 3624 -1.83 30.43 -145.16
CA GLY A 3624 -2.20 29.43 -144.18
C GLY A 3624 -2.26 28.05 -144.79
N LEU A 3625 -1.75 27.05 -144.09
CA LEU A 3625 -1.58 25.71 -144.63
C LEU A 3625 -2.55 24.74 -143.95
N GLY A 3626 -3.32 24.02 -144.76
CA GLY A 3626 -4.15 22.95 -144.27
C GLY A 3626 -3.59 21.59 -144.68
N ALA A 3627 -4.45 20.60 -144.83
CA ALA A 3627 -4.01 19.32 -145.34
C ALA A 3627 -4.82 18.83 -146.53
N PHE A 3628 -6.13 19.08 -146.54
CA PHE A 3628 -6.97 18.67 -147.66
C PHE A 3628 -6.90 19.70 -148.79
N ARG A 3629 -7.30 20.93 -148.50
CA ARG A 3629 -7.24 21.98 -149.52
C ARG A 3629 -5.80 22.33 -149.88
N ARG A 3630 -4.87 22.20 -148.93
CA ARG A 3630 -3.48 22.54 -149.19
C ARG A 3630 -2.87 21.67 -150.28
N LYS A 3631 -3.34 20.43 -150.41
CA LYS A 3631 -2.93 19.59 -151.52
C LYS A 3631 -3.90 19.64 -152.69
N PHE A 3632 -5.18 19.94 -152.42
CA PHE A 3632 -6.16 20.05 -153.50
C PHE A 3632 -5.79 21.17 -154.46
N ILE A 3633 -5.32 22.30 -153.93
CA ILE A 3633 -4.89 23.41 -154.78
C ILE A 3633 -3.82 22.94 -155.74
N GLN A 3634 -2.70 22.46 -155.21
CA GLN A 3634 -1.56 22.07 -156.04
C GLN A 3634 -1.82 20.85 -156.90
N THR A 3635 -2.89 20.09 -156.62
CA THR A 3635 -3.19 18.92 -157.43
C THR A 3635 -4.29 19.15 -158.46
N PHE A 3636 -5.09 20.22 -158.35
CA PHE A 3636 -6.20 20.40 -159.27
C PHE A 3636 -6.34 21.79 -159.87
N GLY A 3637 -5.73 22.83 -159.29
CA GLY A 3637 -5.91 24.16 -159.84
C GLY A 3637 -5.30 24.33 -161.22
N LYS A 3638 -4.10 23.80 -161.42
CA LYS A 3638 -3.47 23.87 -162.74
C LYS A 3638 -4.26 23.06 -163.76
N GLU A 3639 -4.79 21.91 -163.36
CA GLU A 3639 -5.63 21.13 -164.27
C GLU A 3639 -6.87 21.92 -164.66
N PHE A 3640 -7.51 22.58 -163.69
CA PHE A 3640 -8.66 23.42 -163.99
C PHE A 3640 -8.30 24.56 -164.95
N ASP A 3641 -7.18 25.22 -164.69
CA ASP A 3641 -6.77 26.33 -165.54
C ASP A 3641 -6.48 25.85 -166.96
N LYS A 3642 -5.89 24.67 -167.09
CA LYS A 3642 -5.70 24.06 -168.40
C LYS A 3642 -7.05 23.79 -169.06
N HIS A 3643 -8.02 23.31 -168.29
CA HIS A 3643 -9.35 23.04 -168.85
C HIS A 3643 -9.99 24.32 -169.37
N PHE A 3644 -9.92 25.41 -168.61
CA PHE A 3644 -10.63 26.64 -168.93
C PHE A 3644 -9.65 27.81 -169.01
N GLY A 3645 -9.15 28.07 -170.22
CA GLY A 3645 -8.60 29.37 -170.50
C GLY A 3645 -9.64 30.42 -170.78
N LYS A 3646 -10.90 30.00 -170.92
CA LYS A 3646 -12.00 30.92 -171.16
C LYS A 3646 -12.26 31.78 -169.93
N GLY A 3647 -12.56 33.05 -170.16
CA GLY A 3647 -12.83 33.98 -169.09
C GLY A 3647 -11.74 35.03 -168.95
N SER A 3657 -20.11 25.02 -170.21
CA SER A 3657 -21.39 24.37 -169.96
C SER A 3657 -21.20 22.89 -169.69
N ASP A 3658 -21.31 22.06 -170.74
CA ASP A 3658 -21.13 20.63 -170.59
C ASP A 3658 -19.72 20.30 -170.13
N PHE A 3659 -18.72 20.98 -170.70
CA PHE A 3659 -17.33 20.78 -170.26
C PHE A 3659 -17.15 21.15 -168.80
N ASN A 3660 -17.84 22.21 -168.35
CA ASN A 3660 -17.81 22.57 -166.94
C ASN A 3660 -18.39 21.45 -166.09
N ASP A 3661 -19.48 20.84 -166.55
CA ASP A 3661 -20.05 19.71 -165.83
C ASP A 3661 -19.08 18.53 -165.77
N ILE A 3662 -18.40 18.26 -166.89
CA ILE A 3662 -17.45 17.14 -166.94
C ILE A 3662 -16.30 17.38 -165.96
N THR A 3663 -15.77 18.60 -165.95
CA THR A 3663 -14.71 18.93 -165.00
C THR A 3663 -15.21 18.82 -163.57
N ASN A 3664 -16.46 19.22 -163.32
CA ASN A 3664 -17.01 19.15 -161.96
C ASN A 3664 -17.13 17.70 -161.49
N MET A 3665 -17.66 16.82 -162.35
CA MET A 3665 -17.79 15.42 -161.94
C MET A 3665 -16.43 14.74 -161.84
N LEU A 3666 -15.45 15.18 -162.63
CA LEU A 3666 -14.12 14.61 -162.50
C LEU A 3666 -13.41 15.08 -161.23
N LEU A 3667 -13.67 16.32 -160.80
CA LEU A 3667 -13.05 16.80 -159.57
C LEU A 3667 -13.75 16.28 -158.33
N LEU A 3668 -15.08 16.11 -158.37
CA LEU A 3668 -15.78 15.64 -157.17
C LEU A 3668 -15.49 14.17 -156.89
N LYS A 3669 -15.26 13.37 -157.93
CA LYS A 3669 -14.95 11.96 -157.72
C LYS A 3669 -13.57 11.74 -157.12
N MET A 3670 -12.84 12.81 -156.83
CA MET A 3670 -11.54 12.72 -156.19
C MET A 3670 -11.74 12.52 -154.68
N ASN A 3671 -10.68 12.71 -153.90
CA ASN A 3671 -10.76 12.53 -152.46
C ASN A 3671 -11.78 13.49 -151.85
N LYS A 3672 -12.76 12.93 -151.14
CA LYS A 3672 -13.78 13.72 -150.47
C LYS A 3672 -13.41 14.11 -149.05
N ASP A 3673 -12.56 13.32 -148.40
CA ASP A 3673 -12.23 13.55 -147.00
C ASP A 3673 -11.54 14.90 -146.82
N SER A 3674 -11.99 15.65 -145.82
CA SER A 3674 -11.41 16.94 -145.47
C SER A 3674 -10.58 16.78 -144.21
N LYS A 3675 -9.30 17.13 -144.30
CA LYS A 3675 -8.38 16.98 -143.19
C LYS A 3675 -7.77 18.33 -142.82
N PRO A 3676 -8.07 18.89 -141.65
CA PRO A 3676 -7.32 20.05 -141.18
C PRO A 3676 -5.91 19.64 -140.77
N PRO A 3677 -4.98 20.59 -140.64
CA PRO A 3677 -3.63 20.22 -140.20
C PRO A 3677 -3.61 19.78 -138.75
N GLY A 3678 -4.23 18.64 -138.48
CA GLY A 3678 -4.45 18.20 -137.11
C GLY A 3678 -5.59 18.99 -136.48
N ASN A 3679 -5.79 18.74 -135.19
CA ASN A 3679 -6.77 19.53 -134.44
C ASN A 3679 -6.37 20.99 -134.39
N LEU A 3680 -5.08 21.26 -134.16
CA LEU A 3680 -4.58 22.63 -134.20
C LEU A 3680 -4.71 23.18 -135.61
N LYS A 3681 -5.02 24.48 -135.70
CA LYS A 3681 -5.26 25.13 -136.98
C LYS A 3681 -3.98 25.85 -137.41
N GLU A 3682 -3.17 25.16 -138.20
CA GLU A 3682 -2.07 25.82 -138.89
C GLU A 3682 -2.55 26.71 -140.01
N CYS A 3683 -3.84 26.62 -140.37
CA CYS A 3683 -4.41 27.51 -141.38
C CYS A 3683 -4.29 28.96 -140.98
N SER A 3684 -4.35 29.26 -139.68
CA SER A 3684 -4.02 30.58 -139.18
C SER A 3684 -2.80 30.50 -138.30
N PRO A 3685 -1.79 31.33 -138.53
CA PRO A 3685 -0.71 31.45 -137.54
C PRO A 3685 -1.23 31.84 -136.18
N TRP A 3686 -2.28 32.65 -136.12
CA TRP A 3686 -2.81 33.08 -134.82
C TRP A 3686 -3.39 31.91 -134.04
N MET A 3687 -4.00 30.94 -134.73
CA MET A 3687 -4.51 29.78 -134.00
C MET A 3687 -3.43 28.75 -133.73
N SER A 3688 -2.43 28.64 -134.61
CA SER A 3688 -1.32 27.74 -134.35
C SER A 3688 -0.44 28.26 -133.22
N ASP A 3689 -0.06 29.53 -133.27
CA ASP A 3689 0.81 30.16 -132.28
C ASP A 3689 0.44 31.63 -132.22
N PHE A 3690 1.34 32.47 -131.71
CA PHE A 3690 1.16 33.92 -131.68
C PHE A 3690 -0.07 34.28 -130.83
N LYS A 3691 0.07 34.02 -129.54
CA LYS A 3691 -0.93 34.36 -128.54
C LYS A 3691 -1.28 35.84 -128.60
N VAL A 3692 -2.46 36.20 -128.10
CA VAL A 3692 -2.91 37.59 -128.10
C VAL A 3692 -1.87 38.47 -127.42
N GLU A 3693 -1.58 39.61 -128.05
CA GLU A 3693 -0.67 40.59 -127.51
C GLU A 3693 -1.27 41.97 -127.68
N PHE A 3694 -0.81 42.92 -126.87
CA PHE A 3694 -1.35 44.27 -126.92
C PHE A 3694 -1.07 44.98 -128.23
N LEU A 3695 -0.03 44.55 -128.96
CA LEU A 3695 0.27 45.16 -130.26
C LEU A 3695 -0.86 44.90 -131.25
N ARG A 3696 -1.42 43.69 -131.25
CA ARG A 3696 -2.50 43.33 -132.16
C ARG A 3696 -3.83 43.55 -131.46
N ASN A 3697 -4.74 44.27 -132.12
CA ASN A 3697 -6.06 44.54 -131.56
C ASN A 3697 -6.81 43.23 -131.38
N GLU A 3698 -6.98 42.81 -130.12
CA GLU A 3698 -7.63 41.55 -129.83
C GLU A 3698 -9.08 41.57 -130.29
N LEU A 3699 -9.51 40.48 -130.92
CA LEU A 3699 -10.88 40.36 -131.36
C LEU A 3699 -11.79 40.00 -130.19
N GLU A 3700 -13.06 40.32 -130.33
CA GLU A 3700 -14.06 40.04 -129.30
C GLU A 3700 -15.00 38.94 -129.78
N ILE A 3701 -15.73 38.37 -128.83
CA ILE A 3701 -16.69 37.31 -129.15
C ILE A 3701 -17.83 37.90 -129.96
N PRO A 3702 -18.18 37.31 -131.11
CA PRO A 3702 -19.16 37.95 -131.99
C PRO A 3702 -20.54 38.05 -131.37
N GLY A 3703 -21.25 39.12 -131.74
CA GLY A 3703 -22.66 39.26 -131.43
C GLY A 3703 -23.01 39.50 -129.99
N GLN A 3704 -22.06 39.97 -129.17
CA GLN A 3704 -22.34 40.27 -127.77
C GLN A 3704 -21.69 41.59 -127.37
N TYR A 3705 -21.84 42.61 -128.21
CA TYR A 3705 -21.34 43.95 -127.93
C TYR A 3705 -22.41 44.98 -128.29
N ASP A 3706 -23.63 44.72 -127.84
CA ASP A 3706 -24.78 45.56 -128.16
C ASP A 3706 -24.94 46.69 -127.16
N GLY A 3707 -25.48 47.81 -127.65
CA GLY A 3707 -25.72 48.97 -126.81
C GLY A 3707 -27.06 49.64 -127.07
N ARG A 3708 -27.70 50.12 -126.01
CA ARG A 3708 -29.04 50.72 -126.07
C ARG A 3708 -29.05 52.06 -125.35
N GLY A 3709 -28.06 52.89 -125.65
CA GLY A 3709 -27.81 54.05 -124.83
C GLY A 3709 -26.90 53.74 -123.66
N LYS A 3710 -26.00 52.78 -123.82
CA LYS A 3710 -25.20 52.24 -122.74
C LYS A 3710 -23.73 52.18 -123.14
N PRO A 3711 -22.82 52.59 -122.24
CA PRO A 3711 -21.40 52.46 -122.53
C PRO A 3711 -20.97 51.01 -122.44
N LEU A 3712 -20.54 50.45 -123.56
CA LEU A 3712 -20.21 49.03 -123.62
C LEU A 3712 -19.00 48.73 -122.72
N PRO A 3713 -19.04 47.63 -121.97
CA PRO A 3713 -17.90 47.29 -121.12
C PRO A 3713 -16.70 46.86 -121.94
N GLU A 3714 -15.51 47.07 -121.37
CA GLU A 3714 -14.27 46.67 -122.00
C GLU A 3714 -13.55 45.57 -121.24
N TYR A 3715 -13.95 45.29 -120.00
CA TYR A 3715 -13.55 44.06 -119.33
C TYR A 3715 -14.35 42.85 -119.80
N HIS A 3716 -15.18 43.06 -120.83
CA HIS A 3716 -15.93 42.00 -121.47
C HIS A 3716 -15.00 40.89 -121.94
N VAL A 3717 -15.57 39.71 -122.21
CA VAL A 3717 -14.79 38.60 -122.72
C VAL A 3717 -14.42 38.86 -124.16
N ARG A 3718 -13.16 38.62 -124.50
CA ARG A 3718 -12.64 38.79 -125.85
C ARG A 3718 -12.00 37.48 -126.30
N ILE A 3719 -11.43 37.48 -127.50
CA ILE A 3719 -10.88 36.28 -128.10
C ILE A 3719 -9.41 36.17 -127.68
N ALA A 3720 -9.15 35.36 -126.66
CA ALA A 3720 -7.80 35.11 -126.21
C ALA A 3720 -7.69 33.66 -125.75
N GLY A 3721 -6.55 33.04 -126.03
CA GLY A 3721 -6.34 31.65 -125.69
C GLY A 3721 -6.85 30.70 -126.76
N PHE A 3722 -6.30 29.50 -126.74
CA PHE A 3722 -6.65 28.47 -127.73
C PHE A 3722 -7.25 27.28 -127.01
N ASP A 3723 -8.50 26.96 -127.34
CA ASP A 3723 -9.14 25.74 -126.88
C ASP A 3723 -9.45 24.91 -128.12
N GLU A 3724 -8.48 24.83 -129.01
CA GLU A 3724 -8.71 24.40 -130.39
C GLU A 3724 -8.95 22.90 -130.49
N ARG A 3725 -10.03 22.54 -131.20
CA ARG A 3725 -10.28 21.17 -131.61
C ARG A 3725 -11.29 21.22 -132.74
N VAL A 3726 -10.92 20.69 -133.90
CA VAL A 3726 -11.77 20.76 -135.09
C VAL A 3726 -12.87 19.71 -134.98
N THR A 3727 -14.10 20.16 -134.75
CA THR A 3727 -15.27 19.29 -134.71
C THR A 3727 -16.05 19.50 -136.00
N VAL A 3728 -16.06 18.48 -136.86
CA VAL A 3728 -16.65 18.57 -138.19
C VAL A 3728 -17.88 17.67 -138.22
N MET A 3729 -19.00 18.23 -138.68
CA MET A 3729 -20.22 17.47 -138.88
C MET A 3729 -20.35 17.07 -140.35
N ALA A 3730 -21.35 16.23 -140.62
CA ALA A 3730 -21.59 15.70 -141.96
C ALA A 3730 -22.97 16.12 -142.41
N SER A 3731 -23.04 16.96 -143.44
CA SER A 3731 -24.31 17.41 -144.01
C SER A 3731 -24.05 17.89 -145.43
N LEU A 3732 -25.03 18.57 -146.01
CA LEU A 3732 -24.84 19.15 -147.34
C LEU A 3732 -23.76 20.22 -147.33
N ARG A 3733 -23.58 20.89 -146.19
CA ARG A 3733 -22.52 21.88 -146.04
C ARG A 3733 -21.42 21.45 -145.09
N ARG A 3734 -21.63 20.38 -144.33
CA ARG A 3734 -20.66 19.87 -143.36
C ARG A 3734 -20.25 20.99 -142.41
N PRO A 3735 -21.12 21.41 -141.50
CA PRO A 3735 -20.79 22.53 -140.62
C PRO A 3735 -19.59 22.21 -139.74
N LYS A 3736 -18.80 23.24 -139.46
CA LYS A 3736 -17.56 23.11 -138.70
C LYS A 3736 -17.78 23.70 -137.31
N ARG A 3737 -18.00 22.82 -136.33
CA ARG A 3737 -18.05 23.25 -134.94
C ARG A 3737 -16.63 23.54 -134.46
N ILE A 3738 -16.33 24.80 -134.18
CA ILE A 3738 -15.00 25.22 -133.78
C ILE A 3738 -15.04 25.63 -132.32
N ILE A 3739 -14.01 25.24 -131.57
CA ILE A 3739 -13.96 25.43 -130.13
C ILE A 3739 -12.90 26.48 -129.84
N ILE A 3740 -13.30 27.55 -129.16
CA ILE A 3740 -12.44 28.70 -128.93
C ILE A 3740 -12.38 29.00 -127.45
N ARG A 3741 -11.26 29.55 -127.00
CA ARG A 3741 -11.08 30.00 -125.62
C ARG A 3741 -11.21 31.51 -125.56
N GLY A 3742 -11.73 32.00 -124.43
CA GLY A 3742 -12.02 33.41 -124.26
C GLY A 3742 -10.96 34.16 -123.47
N HIS A 3743 -11.11 35.49 -123.48
CA HIS A 3743 -10.16 36.36 -122.78
C HIS A 3743 -10.14 36.06 -121.28
N ASP A 3744 -11.32 35.89 -120.68
CA ASP A 3744 -11.43 35.49 -119.29
C ASP A 3744 -11.52 33.98 -119.12
N GLU A 3745 -10.96 33.22 -120.06
CA GLU A 3745 -10.89 31.77 -120.01
C GLU A 3745 -12.28 31.14 -120.00
N ARG A 3746 -13.05 31.46 -121.04
CA ARG A 3746 -14.35 30.85 -121.28
C ARG A 3746 -14.35 30.23 -122.67
N GLU A 3747 -14.95 29.05 -122.79
CA GLU A 3747 -15.00 28.36 -124.07
C GLU A 3747 -16.13 28.94 -124.92
N HIS A 3748 -15.81 29.30 -126.16
CA HIS A 3748 -16.78 29.95 -127.03
C HIS A 3748 -17.15 29.04 -128.19
N PRO A 3749 -18.35 28.47 -128.19
CA PRO A 3749 -18.74 27.52 -129.25
C PRO A 3749 -19.21 28.26 -130.48
N PHE A 3750 -18.61 27.93 -131.62
CA PHE A 3750 -18.97 28.55 -132.89
C PHE A 3750 -19.11 27.49 -133.97
N LEU A 3751 -20.08 27.69 -134.85
CA LEU A 3751 -20.31 26.82 -135.99
C LEU A 3751 -20.00 27.59 -137.27
N VAL A 3752 -19.38 26.92 -138.23
CA VAL A 3752 -18.96 27.52 -139.49
C VAL A 3752 -19.84 26.97 -140.60
N LYS A 3753 -20.41 27.86 -141.41
CA LYS A 3753 -21.25 27.48 -142.54
C LYS A 3753 -20.57 27.93 -143.83
N GLY A 3754 -20.94 27.26 -144.92
CA GLY A 3754 -20.34 27.53 -146.21
C GLY A 3754 -20.97 28.67 -146.97
N GLY A 3755 -21.38 28.40 -148.21
CA GLY A 3755 -21.84 29.44 -149.11
C GLY A 3755 -23.31 29.77 -149.03
N GLU A 3756 -23.64 30.85 -148.32
CA GLU A 3756 -24.98 31.41 -148.29
C GLU A 3756 -24.92 32.78 -147.62
N ASP A 3757 -25.69 33.73 -148.14
CA ASP A 3757 -25.74 35.06 -147.56
C ASP A 3757 -26.60 34.99 -146.30
N LEU A 3758 -25.95 35.00 -145.15
CA LEU A 3758 -26.62 34.83 -143.86
C LEU A 3758 -27.03 36.15 -143.23
N ARG A 3759 -26.88 37.28 -143.94
CA ARG A 3759 -27.37 38.54 -143.41
C ARG A 3759 -28.87 38.52 -143.23
N GLN A 3760 -29.57 37.70 -144.01
CA GLN A 3760 -30.99 37.47 -143.77
C GLN A 3760 -31.21 36.82 -142.40
N ASP A 3761 -30.30 35.93 -141.99
CA ASP A 3761 -30.38 35.38 -140.65
C ASP A 3761 -30.10 36.43 -139.59
N GLN A 3762 -29.21 37.38 -139.88
CA GLN A 3762 -29.02 38.50 -138.96
C GLN A 3762 -30.30 39.33 -138.83
N ARG A 3763 -30.98 39.56 -139.95
CA ARG A 3763 -32.29 40.20 -139.90
C ARG A 3763 -33.27 39.39 -139.06
N VAL A 3764 -33.23 38.07 -139.19
CA VAL A 3764 -34.12 37.20 -138.43
C VAL A 3764 -33.85 37.35 -136.94
N GLU A 3765 -32.58 37.37 -136.55
CA GLU A 3765 -32.25 37.52 -135.14
C GLU A 3765 -32.64 38.90 -134.61
N GLN A 3766 -32.45 39.94 -135.43
CA GLN A 3766 -32.86 41.27 -134.99
C GLN A 3766 -34.37 41.34 -134.82
N LEU A 3767 -35.12 40.75 -135.73
CA LEU A 3767 -36.57 40.68 -135.56
C LEU A 3767 -36.96 39.83 -134.38
N PHE A 3768 -36.16 38.81 -134.05
CA PHE A 3768 -36.38 38.05 -132.82
C PHE A 3768 -36.27 38.96 -131.60
N GLN A 3769 -35.24 39.81 -131.58
CA GLN A 3769 -35.10 40.78 -130.50
C GLN A 3769 -36.28 41.74 -130.48
N VAL A 3770 -36.71 42.19 -131.66
CA VAL A 3770 -37.81 43.15 -131.74
C VAL A 3770 -39.09 42.54 -131.20
N MET A 3771 -39.39 41.30 -131.59
CA MET A 3771 -40.61 40.66 -131.11
C MET A 3771 -40.52 40.32 -129.64
N ASN A 3772 -39.32 39.99 -129.14
CA ASN A 3772 -39.16 39.81 -127.70
C ASN A 3772 -39.47 41.09 -126.95
N GLY A 3773 -38.97 42.22 -127.47
CA GLY A 3773 -39.33 43.51 -126.89
C GLY A 3773 -40.82 43.76 -126.94
N ILE A 3774 -41.45 43.45 -128.07
CA ILE A 3774 -42.89 43.61 -128.20
C ILE A 3774 -43.61 42.80 -127.13
N LEU A 3775 -43.14 41.57 -126.89
CA LEU A 3775 -43.64 40.80 -125.76
C LEU A 3775 -43.44 41.55 -124.45
N ALA A 3776 -42.31 42.24 -124.31
CA ALA A 3776 -42.03 42.97 -123.08
C ALA A 3776 -43.01 44.13 -122.90
N GLN A 3777 -43.22 44.95 -123.94
CA GLN A 3777 -44.15 46.07 -123.79
C GLN A 3777 -45.59 45.61 -123.64
N ASP A 3778 -45.92 44.41 -124.11
CA ASP A 3778 -47.28 43.91 -123.95
C ASP A 3778 -47.55 43.57 -122.49
N SER A 3779 -48.66 44.09 -121.97
CA SER A 3779 -49.00 43.83 -120.57
C SER A 3779 -49.28 42.36 -120.33
N ALA A 3780 -50.07 41.74 -121.21
CA ALA A 3780 -50.43 40.33 -121.02
C ALA A 3780 -49.21 39.43 -121.14
N CYS A 3781 -48.42 39.61 -122.20
CA CYS A 3781 -47.27 38.75 -122.42
C CYS A 3781 -46.26 38.87 -121.29
N SER A 3782 -46.03 40.09 -120.81
CA SER A 3782 -45.17 40.28 -119.65
C SER A 3782 -45.76 39.61 -118.42
N GLN A 3783 -47.08 39.74 -118.22
CA GLN A 3783 -47.73 39.02 -117.13
C GLN A 3783 -47.64 37.52 -117.35
N ARG A 3784 -47.79 37.07 -118.59
CA ARG A 3784 -47.60 35.67 -118.92
C ARG A 3784 -46.14 35.27 -119.00
N ALA A 3785 -45.23 36.24 -118.91
CA ALA A 3785 -43.78 35.99 -118.93
C ALA A 3785 -43.37 35.25 -120.19
N LEU A 3786 -43.57 35.91 -121.33
CA LEU A 3786 -43.33 35.32 -122.64
C LEU A 3786 -42.08 35.94 -123.24
N GLN A 3787 -41.07 35.11 -123.50
CA GLN A 3787 -39.83 35.55 -124.11
C GLN A 3787 -39.29 34.42 -124.98
N LEU A 3788 -38.36 34.78 -125.87
CA LEU A 3788 -37.83 33.85 -126.85
C LEU A 3788 -36.32 33.73 -126.71
N ARG A 3789 -35.82 32.50 -126.84
CA ARG A 3789 -34.38 32.25 -126.85
C ARG A 3789 -33.83 32.50 -128.25
N THR A 3790 -32.72 33.23 -128.32
CA THR A 3790 -32.15 33.63 -129.60
C THR A 3790 -30.65 33.38 -129.61
N TYR A 3791 -30.14 33.05 -130.79
CA TYR A 3791 -28.71 32.87 -131.03
C TYR A 3791 -28.22 33.94 -131.98
N SER A 3792 -26.90 34.01 -132.14
CA SER A 3792 -26.26 35.02 -132.97
C SER A 3792 -25.61 34.37 -134.18
N VAL A 3793 -25.78 35.01 -135.34
CA VAL A 3793 -25.18 34.58 -136.60
C VAL A 3793 -24.33 35.72 -137.15
N VAL A 3794 -23.10 35.40 -137.53
CA VAL A 3794 -22.19 36.42 -138.06
C VAL A 3794 -21.59 35.91 -139.37
N PRO A 3795 -22.20 36.22 -140.51
CA PRO A 3795 -21.62 35.82 -141.81
C PRO A 3795 -20.45 36.72 -142.19
N MET A 3796 -19.27 36.13 -142.30
CA MET A 3796 -18.12 36.88 -142.81
C MET A 3796 -18.34 37.24 -144.28
N THR A 3797 -18.67 36.25 -145.10
CA THR A 3797 -18.96 36.44 -146.51
C THR A 3797 -20.21 35.62 -146.86
N SER A 3798 -20.73 35.87 -148.05
CA SER A 3798 -21.80 35.01 -148.56
C SER A 3798 -21.30 33.59 -148.77
N ARG A 3799 -20.01 33.44 -149.09
CA ARG A 3799 -19.43 32.12 -149.28
C ARG A 3799 -18.90 31.51 -147.98
N LEU A 3800 -18.91 32.26 -146.88
CA LEU A 3800 -18.38 31.75 -145.61
C LEU A 3800 -19.00 32.54 -144.48
N GLY A 3801 -19.74 31.86 -143.60
CA GLY A 3801 -20.36 32.51 -142.47
C GLY A 3801 -20.10 31.76 -141.19
N LEU A 3802 -20.36 32.42 -140.07
CA LEU A 3802 -20.14 31.86 -138.75
C LEU A 3802 -21.39 32.00 -137.90
N ILE A 3803 -21.70 30.95 -137.15
CA ILE A 3803 -22.86 30.91 -136.25
C ILE A 3803 -22.40 30.40 -134.90
N GLU A 3804 -22.95 30.97 -133.84
CA GLU A 3804 -22.63 30.51 -132.50
C GLU A 3804 -23.25 29.14 -132.23
N TRP A 3805 -22.66 28.43 -131.27
CA TRP A 3805 -23.17 27.16 -130.81
C TRP A 3805 -23.39 27.25 -129.30
N LEU A 3806 -24.34 26.46 -128.79
CA LEU A 3806 -24.87 26.68 -127.46
C LEU A 3806 -24.41 25.66 -126.43
N GLU A 3807 -24.19 24.40 -126.82
CA GLU A 3807 -23.55 23.38 -126.00
C GLU A 3807 -24.35 22.93 -124.77
N ASN A 3808 -25.49 23.56 -124.51
CA ASN A 3808 -26.39 23.08 -123.48
C ASN A 3808 -27.69 22.56 -124.06
N THR A 3809 -27.86 22.66 -125.37
CA THR A 3809 -29.06 22.24 -126.07
C THR A 3809 -28.79 20.93 -126.81
N VAL A 3810 -29.87 20.29 -127.24
CA VAL A 3810 -29.79 18.98 -127.86
C VAL A 3810 -31.00 18.78 -128.75
N THR A 3811 -30.85 17.96 -129.78
CA THR A 3811 -31.99 17.58 -130.60
C THR A 3811 -32.94 16.68 -129.81
N LEU A 3812 -34.13 16.49 -130.35
CA LEU A 3812 -35.10 15.63 -129.71
C LEU A 3812 -34.96 14.18 -130.11
N LYS A 3813 -34.33 13.90 -131.24
CA LYS A 3813 -34.26 12.53 -131.74
C LYS A 3813 -33.49 11.63 -130.79
N ASP A 3814 -32.27 12.03 -130.44
CA ASP A 3814 -31.52 11.26 -129.45
C ASP A 3814 -32.18 11.33 -128.08
N LEU A 3815 -32.73 12.50 -127.75
CA LEU A 3815 -33.35 12.72 -126.44
C LEU A 3815 -34.55 11.81 -126.23
N LEU A 3816 -35.16 11.31 -127.30
CA LEU A 3816 -36.23 10.34 -127.20
C LEU A 3816 -35.76 8.91 -127.45
N LEU A 3817 -34.74 8.74 -128.30
CA LEU A 3817 -34.25 7.41 -128.62
C LEU A 3817 -33.56 6.75 -127.45
N ASN A 3818 -32.97 7.54 -126.55
CA ASN A 3818 -32.34 6.96 -125.37
C ASN A 3818 -33.38 6.55 -124.34
N THR A 3819 -34.43 7.36 -124.17
CA THR A 3819 -35.48 7.03 -123.21
C THR A 3819 -36.16 5.73 -123.58
N MET A 3820 -36.60 5.63 -124.84
CA MET A 3820 -37.17 4.39 -125.35
C MET A 3820 -36.04 3.38 -125.59
N SER A 3821 -36.38 2.11 -125.43
CA SER A 3821 -35.36 1.06 -125.33
C SER A 3821 -34.47 1.04 -126.57
N GLN A 3822 -33.16 0.92 -126.34
CA GLN A 3822 -32.18 1.03 -127.43
C GLN A 3822 -32.30 -0.13 -128.42
N GLU A 3823 -32.62 -1.33 -127.93
CA GLU A 3823 -32.90 -2.44 -128.84
C GLU A 3823 -34.02 -2.07 -129.80
N GLU A 3824 -35.13 -1.56 -129.27
CA GLU A 3824 -36.21 -1.09 -130.11
C GLU A 3824 -35.78 0.14 -130.91
N LYS A 3825 -35.03 1.05 -130.27
CA LYS A 3825 -34.54 2.24 -130.97
C LYS A 3825 -33.80 1.87 -132.24
N ALA A 3826 -33.07 0.75 -132.21
CA ALA A 3826 -32.37 0.29 -133.40
C ALA A 3826 -33.31 -0.43 -134.35
N ALA A 3827 -33.95 -1.50 -133.88
CA ALA A 3827 -34.71 -2.37 -134.77
C ALA A 3827 -35.95 -1.67 -135.32
N TYR A 3828 -36.84 -1.25 -134.42
CA TYR A 3828 -38.15 -0.74 -134.83
C TYR A 3828 -38.04 0.56 -135.62
N LEU A 3829 -36.92 1.28 -135.50
CA LEU A 3829 -36.70 2.47 -136.28
C LEU A 3829 -35.84 2.23 -137.52
N SER A 3830 -35.17 1.09 -137.61
CA SER A 3830 -34.42 0.79 -138.82
C SER A 3830 -35.34 0.19 -139.89
N ASP A 3831 -35.86 -1.01 -139.64
CA ASP A 3831 -36.69 -1.66 -140.64
C ASP A 3831 -38.08 -1.03 -140.75
N PRO A 3832 -38.95 -1.11 -139.72
CA PRO A 3832 -40.35 -0.68 -139.87
C PRO A 3832 -40.62 0.76 -139.42
N ARG A 3833 -39.82 1.70 -139.91
CA ARG A 3833 -40.08 3.11 -139.62
C ARG A 3833 -40.35 3.92 -140.87
N ALA A 3834 -39.40 4.01 -141.80
CA ALA A 3834 -39.60 4.73 -143.04
C ALA A 3834 -40.31 3.89 -144.11
N PRO A 3835 -39.88 2.65 -144.36
CA PRO A 3835 -40.51 1.85 -145.44
C PRO A 3835 -42.01 1.66 -145.24
N PRO A 3836 -42.46 1.11 -144.11
CA PRO A 3836 -43.85 0.60 -144.07
C PRO A 3836 -44.91 1.68 -144.12
N CYS A 3837 -44.56 2.96 -144.13
CA CYS A 3837 -45.55 4.02 -144.09
C CYS A 3837 -45.35 5.13 -145.10
N GLU A 3838 -44.27 5.13 -145.86
CA GLU A 3838 -43.97 6.26 -146.73
C GLU A 3838 -43.56 5.89 -148.15
N TYR A 3839 -43.07 4.67 -148.39
CA TYR A 3839 -42.55 4.31 -149.70
C TYR A 3839 -43.54 3.47 -150.52
N LYS A 3840 -43.99 2.34 -149.98
CA LYS A 3840 -44.93 1.49 -150.71
C LYS A 3840 -46.24 2.22 -150.97
N ASP A 3841 -46.73 2.95 -149.97
CA ASP A 3841 -47.95 3.72 -150.16
C ASP A 3841 -47.76 4.81 -151.21
N TRP A 3842 -46.56 5.39 -151.28
CA TRP A 3842 -46.25 6.40 -152.28
C TRP A 3842 -45.66 5.80 -153.55
N LEU A 3843 -45.59 4.48 -153.65
CA LEU A 3843 -45.12 3.83 -154.87
C LEU A 3843 -46.30 3.20 -155.61
N ASP A 3851 -41.54 4.94 -154.58
CA ASP A 3851 -40.18 5.43 -154.50
C ASP A 3851 -40.09 6.90 -154.91
N VAL A 3852 -38.87 7.42 -155.01
CA VAL A 3852 -38.68 8.81 -155.41
C VAL A 3852 -39.24 9.02 -156.80
N GLY A 3853 -39.91 10.14 -156.99
CA GLY A 3853 -40.63 10.43 -158.23
C GLY A 3853 -42.06 9.95 -158.19
N ALA A 3854 -42.28 8.73 -157.70
CA ALA A 3854 -43.64 8.23 -157.52
C ALA A 3854 -44.39 9.01 -156.46
N TYR A 3855 -43.68 9.76 -155.61
CA TYR A 3855 -44.34 10.67 -154.69
C TYR A 3855 -45.15 11.71 -155.44
N MET A 3856 -44.61 12.22 -156.55
CA MET A 3856 -45.35 13.17 -157.36
C MET A 3856 -46.68 12.59 -157.84
N LEU A 3857 -46.62 11.40 -158.45
CA LEU A 3857 -47.84 10.82 -159.00
C LEU A 3857 -48.82 10.42 -157.91
N MET A 3858 -48.34 10.05 -156.73
CA MET A 3858 -49.27 9.80 -155.62
C MET A 3858 -49.84 11.09 -155.05
N TYR A 3859 -49.11 12.20 -155.15
CA TYR A 3859 -49.70 13.49 -154.83
C TYR A 3859 -50.82 13.85 -155.81
N LYS A 3860 -50.62 13.52 -157.09
CA LYS A 3860 -51.74 13.61 -158.02
C LYS A 3860 -52.87 12.68 -157.61
N GLY A 3861 -52.55 11.46 -157.18
CA GLY A 3861 -53.52 10.47 -156.81
C GLY A 3861 -53.96 10.47 -155.36
N ALA A 3862 -53.57 11.49 -154.59
CA ALA A 3862 -53.94 11.54 -153.18
C ALA A 3862 -55.44 11.77 -153.02
N ASN A 3863 -56.03 11.08 -152.04
CA ASN A 3863 -57.45 11.23 -151.74
C ASN A 3863 -57.63 11.15 -150.23
N ARG A 3864 -58.82 11.57 -149.77
CA ARG A 3864 -59.09 11.64 -148.34
C ARG A 3864 -59.04 10.26 -147.69
N THR A 3865 -59.55 9.25 -148.38
CA THR A 3865 -59.56 7.90 -147.81
C THR A 3865 -58.13 7.41 -147.59
N GLU A 3866 -57.29 7.47 -148.62
CA GLU A 3866 -55.91 7.05 -148.43
C GLU A 3866 -55.17 8.01 -147.51
N THR A 3867 -55.57 9.29 -147.50
CA THR A 3867 -55.04 10.24 -146.52
C THR A 3867 -55.18 9.69 -145.10
N VAL A 3868 -56.42 9.41 -144.70
CA VAL A 3868 -56.68 8.93 -143.35
C VAL A 3868 -56.00 7.59 -143.12
N THR A 3869 -56.08 6.69 -144.10
CA THR A 3869 -55.50 5.36 -143.93
C THR A 3869 -53.99 5.43 -143.72
N SER A 3870 -53.29 6.17 -144.58
CA SER A 3870 -51.85 6.30 -144.46
C SER A 3870 -51.46 6.99 -143.17
N PHE A 3871 -52.18 8.05 -142.79
CA PHE A 3871 -51.84 8.74 -141.54
C PHE A 3871 -52.02 7.80 -140.36
N ARG A 3872 -53.15 7.11 -140.31
CA ARG A 3872 -53.43 6.20 -139.20
C ARG A 3872 -52.38 5.11 -139.10
N LYS A 3873 -52.01 4.53 -140.25
CA LYS A 3873 -50.91 3.58 -140.27
C LYS A 3873 -49.63 4.20 -139.76
N ARG A 3874 -49.43 5.51 -140.03
CA ARG A 3874 -48.23 6.18 -139.56
C ARG A 3874 -48.19 6.25 -138.03
N GLU A 3875 -49.28 6.69 -137.39
CA GLU A 3875 -49.17 6.77 -135.93
C GLU A 3875 -49.22 5.39 -135.29
N SER A 3876 -49.95 4.44 -135.88
CA SER A 3876 -49.94 3.08 -135.35
C SER A 3876 -48.56 2.46 -135.48
N LYS A 3877 -47.78 2.91 -136.47
CA LYS A 3877 -46.44 2.39 -136.68
C LYS A 3877 -45.47 2.83 -135.59
N VAL A 3878 -45.80 3.86 -134.82
CA VAL A 3878 -44.84 4.42 -133.87
C VAL A 3878 -45.46 4.53 -132.48
N PRO A 3879 -44.74 4.18 -131.42
CA PRO A 3879 -45.25 4.41 -130.06
C PRO A 3879 -45.27 5.90 -129.72
N ALA A 3880 -45.76 6.24 -128.53
CA ALA A 3880 -45.92 7.64 -128.15
C ALA A 3880 -45.38 7.85 -126.73
N ASP A 3881 -45.56 9.08 -126.24
CA ASP A 3881 -45.24 9.47 -124.87
C ASP A 3881 -43.74 9.39 -124.56
N LEU A 3882 -42.91 9.29 -125.59
CA LEU A 3882 -41.47 9.43 -125.37
C LEU A 3882 -41.15 10.79 -124.78
N LEU A 3883 -41.91 11.83 -125.17
CA LEU A 3883 -41.77 13.13 -124.54
C LEU A 3883 -42.06 13.05 -123.05
N LYS A 3884 -43.07 12.28 -122.66
CA LYS A 3884 -43.35 12.11 -121.24
C LYS A 3884 -42.23 11.38 -120.52
N ARG A 3885 -41.67 10.33 -121.13
CA ARG A 3885 -40.56 9.62 -120.52
C ARG A 3885 -39.38 10.54 -120.32
N ALA A 3886 -39.06 11.35 -121.33
CA ALA A 3886 -37.99 12.33 -121.17
C ALA A 3886 -38.31 13.31 -120.06
N PHE A 3887 -39.48 13.95 -120.13
CA PHE A 3887 -39.83 14.99 -119.17
C PHE A 3887 -39.77 14.48 -117.74
N VAL A 3888 -40.19 13.24 -117.51
CA VAL A 3888 -40.06 12.66 -116.19
C VAL A 3888 -38.64 12.20 -115.91
N ARG A 3889 -37.80 12.05 -116.93
CA ARG A 3889 -36.42 11.62 -116.68
C ARG A 3889 -35.61 12.71 -116.00
N MET A 3890 -35.86 13.98 -116.34
CA MET A 3890 -35.31 15.08 -115.54
C MET A 3890 -36.38 15.72 -114.66
N SER A 3891 -37.27 14.92 -114.10
CA SER A 3891 -38.26 15.40 -113.14
C SER A 3891 -37.98 14.79 -111.78
N THR A 3892 -37.91 15.64 -110.76
CA THR A 3892 -37.71 15.19 -109.39
C THR A 3892 -38.97 15.26 -108.55
N SER A 3893 -39.81 16.28 -108.77
CA SER A 3893 -41.10 16.38 -108.12
C SER A 3893 -42.16 16.58 -109.19
N PRO A 3894 -43.38 16.12 -108.95
CA PRO A 3894 -44.43 16.27 -109.98
C PRO A 3894 -44.67 17.71 -110.37
N GLU A 3895 -44.66 18.64 -109.41
CA GLU A 3895 -44.89 20.04 -109.74
C GLU A 3895 -43.73 20.62 -110.54
N ALA A 3896 -42.50 20.15 -110.29
CA ALA A 3896 -41.39 20.56 -111.12
C ALA A 3896 -41.60 20.11 -112.57
N PHE A 3897 -42.08 18.89 -112.75
CA PHE A 3897 -42.38 18.42 -114.09
C PHE A 3897 -43.50 19.24 -114.73
N LEU A 3898 -44.50 19.62 -113.95
CA LEU A 3898 -45.58 20.44 -114.47
C LEU A 3898 -45.06 21.79 -114.96
N ALA A 3899 -44.23 22.44 -114.14
CA ALA A 3899 -43.65 23.72 -114.55
C ALA A 3899 -42.76 23.56 -115.76
N LEU A 3900 -41.98 22.48 -115.81
CA LEU A 3900 -41.14 22.20 -116.97
C LEU A 3900 -41.99 22.07 -118.24
N ARG A 3901 -43.07 21.31 -118.16
CA ARG A 3901 -43.94 21.13 -119.32
C ARG A 3901 -44.59 22.45 -119.72
N SER A 3902 -45.02 23.25 -118.76
CA SER A 3902 -45.64 24.53 -119.08
C SER A 3902 -44.66 25.44 -119.79
N HIS A 3903 -43.43 25.54 -119.27
CA HIS A 3903 -42.41 26.37 -119.91
C HIS A 3903 -42.08 25.86 -121.31
N PHE A 3904 -41.93 24.54 -121.45
CA PHE A 3904 -41.60 23.96 -122.74
C PHE A 3904 -42.69 24.22 -123.77
N ALA A 3905 -43.94 24.02 -123.37
CA ALA A 3905 -45.06 24.25 -124.28
C ALA A 3905 -45.18 25.72 -124.66
N SER A 3906 -44.97 26.62 -123.70
CA SER A 3906 -45.00 28.04 -124.01
C SER A 3906 -43.91 28.41 -125.00
N SER A 3907 -42.70 27.90 -124.79
CA SER A 3907 -41.60 28.18 -125.72
C SER A 3907 -41.90 27.63 -127.10
N HIS A 3908 -42.44 26.40 -127.17
CA HIS A 3908 -42.74 25.81 -128.46
C HIS A 3908 -43.82 26.59 -129.19
N ALA A 3909 -44.85 27.04 -128.47
CA ALA A 3909 -45.90 27.84 -129.10
C ALA A 3909 -45.34 29.15 -129.62
N LEU A 3910 -44.50 29.82 -128.82
CA LEU A 3910 -43.89 31.06 -129.27
C LEU A 3910 -43.06 30.82 -130.52
N ILE A 3911 -42.27 29.75 -130.54
CA ILE A 3911 -41.46 29.44 -131.71
C ILE A 3911 -42.34 29.21 -132.92
N CYS A 3912 -43.42 28.44 -132.75
CA CYS A 3912 -44.29 28.11 -133.87
C CYS A 3912 -44.91 29.36 -134.47
N ILE A 3913 -45.51 30.21 -133.63
CA ILE A 3913 -46.12 31.43 -134.16
C ILE A 3913 -45.06 32.32 -134.80
N SER A 3914 -43.86 32.37 -134.21
CA SER A 3914 -42.81 33.23 -134.75
C SER A 3914 -42.41 32.78 -136.15
N HIS A 3915 -42.07 31.50 -136.31
CA HIS A 3915 -41.56 31.10 -137.62
C HIS A 3915 -42.67 30.97 -138.65
N TRP A 3916 -43.91 30.68 -138.23
CA TRP A 3916 -45.00 30.70 -139.19
C TRP A 3916 -45.26 32.12 -139.69
N ILE A 3917 -45.25 33.10 -138.79
CA ILE A 3917 -45.36 34.49 -139.20
C ILE A 3917 -44.17 34.86 -140.10
N LEU A 3918 -42.98 34.40 -139.71
CA LEU A 3918 -41.80 34.57 -140.56
C LEU A 3918 -41.88 33.75 -141.84
N GLY A 3919 -42.83 32.81 -141.93
CA GLY A 3919 -42.91 31.97 -143.09
C GLY A 3919 -41.73 31.02 -143.24
N ILE A 3920 -41.08 30.68 -142.15
CA ILE A 3920 -39.91 29.80 -142.16
C ILE A 3920 -40.31 28.48 -141.55
N GLY A 3921 -40.21 27.40 -142.34
CA GLY A 3921 -40.47 26.08 -141.85
C GLY A 3921 -39.22 25.40 -141.32
N ASP A 3922 -39.40 24.20 -140.80
CA ASP A 3922 -38.30 23.38 -140.31
C ASP A 3922 -38.49 21.97 -140.87
N ARG A 3923 -37.54 21.53 -141.68
CA ARG A 3923 -37.75 20.35 -142.53
C ARG A 3923 -38.16 19.12 -141.72
N HIS A 3924 -37.65 18.99 -140.50
CA HIS A 3924 -37.88 17.77 -139.73
C HIS A 3924 -37.69 18.07 -138.25
N LEU A 3925 -37.61 17.01 -137.45
CA LEU A 3925 -37.46 17.16 -136.01
C LEU A 3925 -36.11 17.77 -135.64
N ASN A 3926 -35.03 17.31 -136.28
CA ASN A 3926 -33.69 17.74 -135.89
C ASN A 3926 -33.42 19.20 -136.19
N ASN A 3927 -34.38 19.94 -136.75
CA ASN A 3927 -34.28 21.38 -136.89
C ASN A 3927 -34.73 22.12 -135.63
N PHE A 3928 -34.79 21.43 -134.50
CA PHE A 3928 -35.19 22.02 -133.23
C PHE A 3928 -34.31 21.49 -132.13
N MET A 3929 -33.59 22.39 -131.46
CA MET A 3929 -32.77 22.02 -130.33
C MET A 3929 -33.49 22.39 -129.04
N VAL A 3930 -33.13 21.71 -127.95
CA VAL A 3930 -33.73 21.99 -126.64
C VAL A 3930 -32.65 21.83 -125.58
N ALA A 3931 -32.59 22.78 -124.65
CA ALA A 3931 -31.65 22.76 -123.55
C ALA A 3931 -32.32 22.21 -122.31
N MET A 3932 -31.66 21.29 -121.62
CA MET A 3932 -32.23 20.64 -120.46
C MET A 3932 -32.13 21.46 -119.18
N GLU A 3933 -31.40 22.58 -119.20
CA GLU A 3933 -31.30 23.41 -118.00
C GLU A 3933 -32.66 23.97 -117.59
N THR A 3934 -33.46 24.40 -118.57
CA THR A 3934 -34.78 24.96 -118.30
C THR A 3934 -35.83 24.42 -119.26
N GLY A 3935 -35.52 23.38 -120.01
CA GLY A 3935 -36.47 22.86 -120.99
C GLY A 3935 -36.80 23.85 -122.09
N GLY A 3936 -35.80 24.56 -122.58
CA GLY A 3936 -36.03 25.57 -123.59
C GLY A 3936 -35.74 25.10 -125.01
N VAL A 3937 -36.80 24.80 -125.75
CA VAL A 3937 -36.65 24.46 -127.16
C VAL A 3937 -36.29 25.73 -127.94
N ILE A 3938 -35.44 25.56 -128.94
CA ILE A 3938 -34.99 26.68 -129.79
C ILE A 3938 -35.09 26.27 -131.24
N GLY A 3939 -35.58 27.19 -132.08
CA GLY A 3939 -35.77 26.90 -133.49
C GLY A 3939 -34.47 26.96 -134.25
N ILE A 3940 -34.18 25.91 -135.02
CA ILE A 3940 -32.92 25.75 -135.73
C ILE A 3940 -33.22 25.52 -137.20
N ASP A 3941 -32.19 25.71 -138.03
CA ASP A 3941 -32.26 25.42 -139.45
C ASP A 3941 -33.33 26.27 -140.14
N PHE A 3942 -33.29 27.56 -139.86
CA PHE A 3942 -34.21 28.50 -140.50
C PHE A 3942 -33.65 29.02 -141.82
N GLY A 3943 -33.25 28.08 -142.68
CA GLY A 3943 -32.68 28.43 -143.98
C GLY A 3943 -33.69 28.73 -145.06
N HIS A 3944 -34.95 28.38 -144.84
CA HIS A 3944 -35.99 28.66 -145.82
C HIS A 3944 -36.25 30.16 -145.89
N ALA A 3945 -36.71 30.61 -147.06
CA ALA A 3945 -37.02 32.01 -147.25
C ALA A 3945 -38.38 32.35 -146.64
N PHE A 3946 -38.65 33.65 -146.52
CA PHE A 3946 -39.91 34.13 -145.96
C PHE A 3946 -41.08 33.59 -146.77
N GLY A 3947 -41.89 32.73 -146.16
CA GLY A 3947 -43.02 32.15 -146.86
C GLY A 3947 -42.65 31.33 -148.06
N SER A 3948 -41.46 30.74 -148.07
CA SER A 3948 -40.98 29.94 -149.19
C SER A 3948 -40.48 28.60 -148.66
N ALA A 3949 -41.40 27.65 -148.53
CA ALA A 3949 -41.07 26.26 -148.23
C ALA A 3949 -41.42 25.32 -149.37
N THR A 3950 -42.40 25.69 -150.19
CA THR A 3950 -42.68 25.04 -151.45
C THR A 3950 -42.67 26.03 -152.62
N GLN A 3951 -42.59 27.32 -152.31
CA GLN A 3951 -42.59 28.37 -153.34
C GLN A 3951 -41.49 28.13 -154.37
N PHE A 3952 -40.28 27.81 -153.91
CA PHE A 3952 -39.19 27.45 -154.79
C PHE A 3952 -38.66 26.04 -154.51
N LEU A 3953 -39.47 25.20 -153.86
CA LEU A 3953 -39.08 23.84 -153.54
C LEU A 3953 -40.03 22.87 -154.22
N PRO A 3954 -39.54 22.01 -155.12
CA PRO A 3954 -40.43 20.99 -155.71
C PRO A 3954 -41.01 20.04 -154.67
N VAL A 3955 -40.24 19.71 -153.64
CA VAL A 3955 -40.74 18.90 -152.54
C VAL A 3955 -41.70 19.75 -151.73
N PRO A 3956 -42.94 19.30 -151.51
CA PRO A 3956 -43.92 20.14 -150.81
C PRO A 3956 -43.59 20.24 -149.33
N GLU A 3957 -43.64 21.46 -148.81
CA GLU A 3957 -43.42 21.74 -147.39
C GLU A 3957 -44.48 22.73 -146.91
N LEU A 3958 -45.74 22.45 -147.23
CA LEU A 3958 -46.90 23.29 -146.97
C LEU A 3958 -47.34 23.31 -145.50
N MET A 3959 -46.54 22.79 -144.58
CA MET A 3959 -46.91 22.78 -143.18
C MET A 3959 -47.01 24.21 -142.65
N PRO A 3960 -47.81 24.43 -141.61
CA PRO A 3960 -47.79 25.74 -140.94
C PRO A 3960 -46.71 25.80 -139.88
N PHE A 3961 -46.38 24.65 -139.31
CA PHE A 3961 -45.38 24.52 -138.25
C PHE A 3961 -45.09 23.04 -138.06
N ARG A 3962 -44.00 22.76 -137.35
CA ARG A 3962 -43.62 21.38 -137.04
C ARG A 3962 -44.50 20.86 -135.93
N LEU A 3963 -45.39 19.93 -136.26
CA LEU A 3963 -46.25 19.28 -135.30
C LEU A 3963 -46.13 17.77 -135.43
N THR A 3964 -46.34 17.08 -134.32
CA THR A 3964 -46.34 15.63 -134.33
C THR A 3964 -47.31 15.13 -133.27
N ARG A 3965 -47.50 13.81 -133.25
CA ARG A 3965 -48.34 13.20 -132.22
C ARG A 3965 -47.75 13.42 -130.84
N GLN A 3966 -46.43 13.53 -130.73
CA GLN A 3966 -45.81 13.78 -129.43
C GLN A 3966 -46.10 15.19 -128.93
N PHE A 3967 -46.12 16.17 -129.84
CA PHE A 3967 -46.54 17.50 -129.46
C PHE A 3967 -47.98 17.51 -128.96
N ILE A 3968 -48.77 16.50 -129.30
CA ILE A 3968 -50.04 16.28 -128.64
C ILE A 3968 -49.83 15.53 -127.33
N ASN A 3969 -48.83 14.65 -127.28
CA ASN A 3969 -48.56 13.79 -126.14
C ASN A 3969 -47.90 14.53 -124.99
N LEU A 3970 -47.65 15.83 -125.13
CA LEU A 3970 -47.05 16.58 -124.03
C LEU A 3970 -47.85 16.39 -122.75
N MET A 3971 -49.18 16.43 -122.85
CA MET A 3971 -50.05 16.09 -121.73
C MET A 3971 -51.42 15.75 -122.32
N LEU A 3972 -51.73 14.45 -122.31
CA LEU A 3972 -52.85 13.94 -123.12
C LEU A 3972 -54.22 14.48 -122.73
N PRO A 3973 -54.60 14.57 -121.44
CA PRO A 3973 -55.98 14.99 -121.12
C PRO A 3973 -56.35 16.37 -121.66
N MET A 3974 -55.41 17.01 -122.36
CA MET A 3974 -55.61 18.31 -122.98
C MET A 3974 -55.59 18.14 -124.50
N LYS A 3975 -56.35 19.01 -125.19
CA LYS A 3975 -56.67 18.83 -126.59
C LYS A 3975 -56.18 19.98 -127.46
N GLU A 3976 -55.06 20.60 -127.09
CA GLU A 3976 -54.45 21.66 -127.88
C GLU A 3976 -55.38 22.85 -128.09
N THR A 3977 -56.23 23.12 -127.10
CA THR A 3977 -57.13 24.27 -127.14
C THR A 3977 -56.94 25.18 -125.94
N GLY A 3978 -55.86 25.00 -125.18
CA GLY A 3978 -55.69 25.73 -123.95
C GLY A 3978 -54.53 26.71 -123.94
N LEU A 3979 -53.45 26.34 -123.22
CA LEU A 3979 -52.37 27.29 -123.00
C LEU A 3979 -51.73 27.74 -124.30
N MET A 3980 -51.52 26.82 -125.23
CA MET A 3980 -50.97 27.22 -126.53
C MET A 3980 -51.95 28.10 -127.28
N TYR A 3981 -53.26 27.82 -127.14
CA TYR A 3981 -54.26 28.63 -127.80
C TYR A 3981 -54.28 30.05 -127.22
N SER A 3982 -54.23 30.17 -125.90
CA SER A 3982 -54.18 31.49 -125.28
C SER A 3982 -52.91 32.21 -125.66
N ILE A 3983 -51.80 31.49 -125.76
CA ILE A 3983 -50.54 32.08 -126.20
C ILE A 3983 -50.68 32.65 -127.60
N MET A 3984 -51.31 31.88 -128.49
CA MET A 3984 -51.53 32.37 -129.85
C MET A 3984 -52.41 33.62 -129.85
N VAL A 3985 -53.47 33.62 -129.05
CA VAL A 3985 -54.39 34.76 -129.02
C VAL A 3985 -53.67 36.00 -128.53
N HIS A 3986 -52.90 35.86 -127.43
CA HIS A 3986 -52.17 37.00 -126.90
C HIS A 3986 -51.11 37.48 -127.88
N ALA A 3987 -50.40 36.55 -128.52
CA ALA A 3987 -49.37 36.93 -129.48
C ALA A 3987 -49.95 37.73 -130.62
N LEU A 3988 -51.06 37.24 -131.20
CA LEU A 3988 -51.67 37.96 -132.31
C LEU A 3988 -52.24 39.30 -131.84
N ARG A 3989 -52.78 39.34 -130.62
CA ARG A 3989 -53.28 40.60 -130.08
C ARG A 3989 -52.16 41.64 -129.99
N ALA A 3990 -50.99 41.21 -129.54
CA ALA A 3990 -49.82 42.09 -129.54
C ALA A 3990 -49.44 42.47 -130.97
N PHE A 3991 -49.49 41.51 -131.89
CA PHE A 3991 -49.09 41.73 -133.27
C PHE A 3991 -50.06 42.62 -134.04
N ARG A 3992 -51.23 42.92 -133.47
CA ARG A 3992 -52.22 43.77 -134.13
C ARG A 3992 -51.74 45.20 -134.33
N SER A 3993 -50.51 45.52 -133.91
CA SER A 3993 -49.94 46.84 -134.13
C SER A 3993 -48.56 46.85 -134.75
N ASP A 3994 -47.93 45.68 -134.90
CA ASP A 3994 -46.60 45.63 -135.53
C ASP A 3994 -46.56 46.13 -136.98
N PRO A 3995 -47.53 45.80 -137.88
CA PRO A 3995 -47.39 46.16 -139.30
C PRO A 3995 -46.77 47.51 -139.60
N GLY A 3996 -47.07 48.51 -138.78
CA GLY A 3996 -46.42 49.80 -138.95
C GLY A 3996 -44.93 49.81 -138.67
N LEU A 3997 -44.41 48.72 -138.09
CA LEU A 3997 -42.99 48.63 -137.73
C LEU A 3997 -42.26 47.55 -138.51
N LEU A 3998 -42.83 46.35 -138.61
CA LEU A 3998 -42.13 45.23 -139.24
C LEU A 3998 -41.82 45.53 -140.70
N THR A 3999 -42.74 46.19 -141.40
CA THR A 3999 -42.50 46.54 -142.80
C THR A 3999 -41.30 47.46 -142.94
N ASN A 4000 -41.03 48.28 -141.93
CA ASN A 4000 -39.90 49.19 -141.99
C ASN A 4000 -38.56 48.50 -141.77
N THR A 4001 -38.55 47.30 -141.20
CA THR A 4001 -37.31 46.64 -140.84
C THR A 4001 -37.03 45.33 -141.58
N MET A 4002 -38.07 44.64 -142.05
CA MET A 4002 -37.84 43.36 -142.72
C MET A 4002 -37.17 43.54 -144.08
N ASP A 4003 -37.52 44.62 -144.79
CA ASP A 4003 -36.81 45.01 -146.01
C ASP A 4003 -36.45 46.47 -145.90
N VAL A 4004 -35.16 46.78 -146.00
CA VAL A 4004 -34.72 48.17 -145.96
C VAL A 4004 -33.88 48.49 -147.20
N PHE A 4005 -33.23 47.48 -147.78
CA PHE A 4005 -32.34 47.72 -148.91
C PHE A 4005 -32.82 47.03 -150.18
N VAL A 4006 -32.85 45.70 -150.23
CA VAL A 4006 -33.49 44.96 -151.31
C VAL A 4006 -34.23 43.78 -150.69
N LYS A 4007 -34.00 43.55 -149.39
CA LYS A 4007 -34.32 42.30 -148.72
C LYS A 4007 -33.56 41.15 -149.38
N GLU A 4008 -32.24 41.21 -149.22
CA GLU A 4008 -31.31 40.18 -149.68
C GLU A 4008 -31.55 39.85 -151.15
N PRO A 4009 -31.07 40.70 -152.06
CA PRO A 4009 -31.33 40.49 -153.49
C PRO A 4009 -30.80 39.15 -153.97
N SER A 4010 -31.50 38.60 -154.97
CA SER A 4010 -31.22 37.33 -155.63
C SER A 4010 -31.49 36.12 -154.76
N PHE A 4011 -31.96 36.30 -153.52
CA PHE A 4011 -32.24 35.17 -152.66
C PHE A 4011 -33.53 34.45 -153.06
N ASP A 4012 -34.46 35.17 -153.67
CA ASP A 4012 -35.73 34.60 -154.10
C ASP A 4012 -35.68 34.06 -155.52
N TRP A 4013 -34.50 34.05 -156.14
CA TRP A 4013 -34.35 33.50 -157.48
C TRP A 4013 -33.19 32.52 -157.60
N LYS A 4014 -32.35 32.37 -156.58
CA LYS A 4014 -31.21 31.46 -156.63
C LYS A 4014 -31.59 30.01 -156.40
N ASN A 4015 -32.79 29.74 -155.88
CA ASN A 4015 -33.21 28.36 -155.63
C ASN A 4015 -33.58 27.65 -156.93
N TRP A 4038 -39.47 37.51 -159.09
CA TRP A 4038 -39.50 37.71 -157.65
C TRP A 4038 -39.40 39.19 -157.29
N TYR A 4039 -40.11 39.61 -156.24
CA TYR A 4039 -40.10 40.99 -155.81
C TYR A 4039 -40.38 41.03 -154.31
N PRO A 4040 -39.59 41.78 -153.54
CA PRO A 4040 -39.88 41.91 -152.10
C PRO A 4040 -41.22 42.58 -151.82
N ARG A 4041 -41.76 43.33 -152.78
CA ARG A 4041 -43.06 43.95 -152.60
C ARG A 4041 -44.14 42.90 -152.37
N GLN A 4042 -44.07 41.78 -153.10
CA GLN A 4042 -45.01 40.70 -152.86
C GLN A 4042 -44.88 40.17 -151.44
N LYS A 4043 -43.64 40.01 -150.96
CA LYS A 4043 -43.42 39.49 -149.63
C LYS A 4043 -43.96 40.42 -148.56
N ILE A 4044 -43.74 41.74 -148.72
CA ILE A 4044 -44.26 42.67 -147.73
C ILE A 4044 -45.79 42.71 -147.79
N CYS A 4045 -46.36 42.56 -148.99
CA CYS A 4045 -47.82 42.49 -149.09
C CYS A 4045 -48.37 41.28 -148.35
N TYR A 4046 -47.73 40.12 -148.52
CA TYR A 4046 -48.16 38.92 -147.82
C TYR A 4046 -48.03 39.09 -146.31
N ALA A 4047 -46.93 39.69 -145.86
CA ALA A 4047 -46.74 39.92 -144.44
C ALA A 4047 -47.81 40.85 -143.88
N LYS A 4048 -48.12 41.92 -144.59
CA LYS A 4048 -49.16 42.84 -144.14
C LYS A 4048 -50.51 42.15 -144.09
N ARG A 4049 -50.83 41.35 -145.10
CA ARG A 4049 -52.11 40.63 -145.11
C ARG A 4049 -52.19 39.66 -143.94
N LYS A 4050 -51.12 38.92 -143.67
CA LYS A 4050 -51.13 37.98 -142.57
C LYS A 4050 -51.29 38.69 -141.23
N LEU A 4051 -50.56 39.79 -141.05
CA LEU A 4051 -50.59 40.48 -139.76
C LEU A 4051 -51.91 41.21 -139.55
N ALA A 4052 -52.54 41.67 -140.62
CA ALA A 4052 -53.84 42.34 -140.52
C ALA A 4052 -54.99 41.35 -140.44
N GLY A 4053 -54.71 40.07 -140.24
CA GLY A 4053 -55.74 39.06 -140.25
C GLY A 4053 -55.92 38.47 -141.63
N ALA A 4054 -55.70 37.16 -141.77
CA ALA A 4054 -55.77 36.52 -143.07
C ALA A 4054 -56.18 35.07 -142.89
N ASN A 4055 -56.73 34.50 -143.95
CA ASN A 4055 -57.07 33.09 -143.95
C ASN A 4055 -55.82 32.28 -144.26
N PRO A 4056 -55.35 31.41 -143.35
CA PRO A 4056 -54.12 30.66 -143.62
C PRO A 4056 -54.16 29.81 -144.86
N ALA A 4057 -55.32 29.20 -145.16
CA ALA A 4057 -55.44 28.44 -146.40
C ALA A 4057 -55.28 29.34 -147.61
N VAL A 4058 -55.84 30.54 -147.55
CA VAL A 4058 -55.65 31.50 -148.63
C VAL A 4058 -54.17 31.84 -148.79
N ILE A 4059 -53.46 31.98 -147.67
CA ILE A 4059 -52.03 32.27 -147.73
C ILE A 4059 -51.28 31.11 -148.37
N THR A 4060 -51.63 29.87 -148.01
CA THR A 4060 -50.98 28.71 -148.60
C THR A 4060 -51.24 28.64 -150.10
N CYS A 4061 -52.49 28.91 -150.53
CA CYS A 4061 -52.80 28.90 -151.95
C CYS A 4061 -52.05 29.99 -152.69
N ASP A 4062 -51.93 31.18 -152.07
CA ASP A 4062 -51.18 32.26 -152.67
C ASP A 4062 -49.71 31.89 -152.83
N GLU A 4063 -49.13 31.26 -151.80
CA GLU A 4063 -47.74 30.83 -151.89
C GLU A 4063 -47.56 29.77 -152.97
N LEU A 4064 -48.50 28.83 -153.07
CA LEU A 4064 -48.43 27.82 -154.11
C LEU A 4064 -48.57 28.42 -155.50
N LEU A 4065 -49.37 29.49 -155.63
CA LEU A 4065 -49.52 30.16 -156.91
C LEU A 4065 -48.20 30.77 -157.36
N LEU A 4066 -47.45 31.35 -156.43
CA LEU A 4066 -46.18 32.00 -156.74
C LEU A 4066 -45.07 30.97 -156.75
N GLY A 4067 -44.52 30.69 -157.94
CA GLY A 4067 -43.39 29.81 -158.08
C GLY A 4067 -43.70 28.33 -158.08
N HIS A 4068 -44.97 27.95 -157.92
CA HIS A 4068 -45.34 26.55 -157.90
C HIS A 4068 -46.63 26.29 -158.67
N GLU A 4069 -47.15 27.30 -159.38
CA GLU A 4069 -48.38 27.11 -160.15
C GLU A 4069 -48.18 26.14 -161.31
N LYS A 4070 -46.99 26.12 -161.91
CA LYS A 4070 -46.72 25.29 -163.07
C LYS A 4070 -46.60 23.81 -162.73
N ALA A 4071 -46.49 23.46 -161.45
CA ALA A 4071 -46.34 22.06 -161.07
C ALA A 4071 -47.63 21.29 -161.34
N PRO A 4072 -47.51 20.01 -161.69
CA PRO A 4072 -48.71 19.18 -161.88
C PRO A 4072 -49.48 19.04 -160.58
N ALA A 4073 -50.81 18.94 -160.71
CA ALA A 4073 -51.72 18.88 -159.57
C ALA A 4073 -51.60 20.10 -158.66
N PHE A 4074 -51.21 21.24 -159.24
CA PHE A 4074 -51.16 22.48 -158.48
C PHE A 4074 -52.55 22.84 -157.96
N ARG A 4075 -53.59 22.60 -158.77
CA ARG A 4075 -54.95 22.76 -158.29
C ARG A 4075 -55.25 21.77 -157.17
N ASP A 4076 -54.74 20.53 -157.29
CA ASP A 4076 -54.92 19.56 -156.22
C ASP A 4076 -54.22 20.01 -154.94
N TYR A 4077 -53.03 20.60 -155.08
CA TYR A 4077 -52.28 21.03 -153.90
C TYR A 4077 -52.95 22.22 -153.22
N VAL A 4078 -53.50 23.16 -154.00
CA VAL A 4078 -54.21 24.27 -153.37
C VAL A 4078 -55.55 23.81 -152.81
N ALA A 4079 -56.13 22.74 -153.38
CA ALA A 4079 -57.37 22.19 -152.82
C ALA A 4079 -57.12 21.53 -151.47
N VAL A 4080 -56.08 20.71 -151.39
CA VAL A 4080 -55.73 20.10 -150.11
C VAL A 4080 -55.17 21.13 -149.14
N ALA A 4081 -54.70 22.28 -149.66
CA ALA A 4081 -54.30 23.37 -148.78
C ALA A 4081 -55.49 23.89 -147.99
N ARG A 4082 -56.66 24.01 -148.64
CA ARG A 4082 -57.88 24.33 -147.92
C ARG A 4082 -58.23 23.25 -146.91
N GLY A 4083 -57.84 22.01 -147.18
CA GLY A 4083 -58.10 20.91 -146.27
C GLY A 4083 -58.79 19.75 -146.94
N SER A 4084 -58.35 18.53 -146.62
CA SER A 4084 -58.95 17.33 -147.18
C SER A 4084 -60.29 16.98 -146.55
N LYS A 4085 -60.66 17.63 -145.46
CA LYS A 4085 -61.90 17.36 -144.74
C LYS A 4085 -62.83 18.56 -144.82
N ASP A 4086 -64.14 18.28 -144.78
CA ASP A 4086 -65.12 19.36 -144.76
C ASP A 4086 -64.93 20.24 -143.53
N HIS A 4087 -64.69 19.63 -142.37
CA HIS A 4087 -64.30 20.35 -141.18
C HIS A 4087 -62.93 21.00 -141.29
N ASN A 4088 -62.28 20.88 -142.43
CA ASN A 4088 -61.13 21.71 -142.77
C ASN A 4088 -61.41 22.68 -143.91
N ILE A 4089 -62.26 22.31 -144.87
CA ILE A 4089 -62.58 23.24 -145.94
C ILE A 4089 -63.38 24.43 -145.41
N ARG A 4090 -64.21 24.22 -144.37
CA ARG A 4090 -65.13 25.26 -143.93
C ARG A 4090 -64.46 26.59 -143.59
N ALA A 4091 -63.12 26.65 -143.62
CA ALA A 4091 -62.38 27.86 -143.34
C ALA A 4091 -62.64 28.98 -144.33
N GLN A 4092 -63.49 28.75 -145.33
CA GLN A 4092 -63.89 29.86 -146.21
C GLN A 4092 -64.64 30.93 -145.42
N GLU A 4093 -65.55 30.50 -144.53
CA GLU A 4093 -66.35 31.44 -143.75
C GLU A 4093 -65.50 32.45 -142.99
N PRO A 4094 -64.43 32.05 -142.29
CA PRO A 4094 -63.48 33.06 -141.80
C PRO A 4094 -62.59 33.55 -142.94
N GLU A 4095 -62.40 34.86 -143.01
CA GLU A 4095 -61.64 35.47 -144.10
C GLU A 4095 -60.73 36.52 -143.49
N SER A 4096 -59.87 37.11 -144.33
CA SER A 4096 -58.92 38.12 -143.89
C SER A 4096 -59.61 39.19 -143.06
N GLY A 4097 -58.95 39.63 -142.00
CA GLY A 4097 -59.57 40.48 -141.01
C GLY A 4097 -60.35 39.76 -139.94
N LEU A 4098 -60.26 38.43 -139.90
CA LEU A 4098 -60.96 37.63 -138.92
C LEU A 4098 -60.37 37.82 -137.53
N SER A 4099 -61.10 37.33 -136.53
CA SER A 4099 -60.65 37.44 -135.15
C SER A 4099 -59.40 36.60 -134.93
N GLU A 4100 -58.68 36.94 -133.86
CA GLU A 4100 -57.45 36.23 -133.53
C GLU A 4100 -57.72 34.76 -133.26
N GLU A 4101 -58.75 34.48 -132.46
CA GLU A 4101 -59.07 33.11 -132.11
C GLU A 4101 -59.44 32.30 -133.33
N THR A 4102 -60.26 32.86 -134.21
CA THR A 4102 -60.64 32.17 -135.43
C THR A 4102 -59.42 31.85 -136.28
N GLN A 4103 -58.53 32.84 -136.44
CA GLN A 4103 -57.36 32.64 -137.28
C GLN A 4103 -56.46 31.55 -136.71
N VAL A 4104 -56.22 31.59 -135.40
CA VAL A 4104 -55.30 30.61 -134.82
C VAL A 4104 -55.93 29.21 -134.84
N LYS A 4105 -57.24 29.11 -134.59
CA LYS A 4105 -57.84 27.78 -134.56
C LYS A 4105 -57.93 27.19 -135.97
N CYS A 4106 -58.26 28.01 -136.97
CA CYS A 4106 -58.29 27.48 -138.32
C CYS A 4106 -56.91 27.13 -138.82
N LEU A 4107 -55.89 27.92 -138.42
CA LEU A 4107 -54.53 27.56 -138.75
C LEU A 4107 -54.14 26.23 -138.11
N MET A 4108 -54.57 26.02 -136.87
CA MET A 4108 -54.29 24.76 -136.18
C MET A 4108 -55.00 23.59 -136.85
N ASP A 4109 -56.21 23.82 -137.35
CA ASP A 4109 -57.07 22.70 -137.81
C ASP A 4109 -56.86 22.38 -139.29
N GLN A 4110 -57.16 23.35 -140.16
CA GLN A 4110 -57.22 23.06 -141.58
C GLN A 4110 -55.89 23.24 -142.30
N ALA A 4111 -54.91 23.88 -141.67
CA ALA A 4111 -53.60 24.04 -142.28
C ALA A 4111 -52.57 23.05 -141.77
N THR A 4112 -52.81 22.44 -140.61
CA THR A 4112 -51.84 21.56 -139.97
C THR A 4112 -52.14 20.09 -140.19
N ASP A 4113 -53.39 19.68 -140.03
CA ASP A 4113 -53.72 18.25 -140.06
C ASP A 4113 -53.72 17.65 -141.46
N PRO A 4114 -54.60 18.09 -142.38
CA PRO A 4114 -54.87 17.25 -143.57
C PRO A 4114 -53.64 16.95 -144.40
N ASN A 4115 -52.74 17.92 -144.56
CA ASN A 4115 -51.53 17.71 -145.36
C ASN A 4115 -50.65 16.64 -144.72
N ILE A 4116 -50.41 16.76 -143.41
CA ILE A 4116 -49.56 15.76 -142.74
C ILE A 4116 -50.26 14.41 -142.73
N LEU A 4117 -51.59 14.39 -142.77
CA LEU A 4117 -52.28 13.11 -142.86
C LEU A 4117 -52.06 12.48 -144.23
N GLY A 4118 -52.19 13.26 -145.31
CA GLY A 4118 -52.13 12.70 -146.64
C GLY A 4118 -50.83 12.85 -147.41
N ARG A 4119 -50.28 14.06 -147.45
CA ARG A 4119 -49.19 14.40 -148.37
C ARG A 4119 -47.99 14.89 -147.56
N THR A 4120 -46.93 14.09 -147.54
CA THR A 4120 -45.72 14.46 -146.81
C THR A 4120 -44.56 13.66 -147.38
N TRP A 4121 -43.35 14.19 -147.21
CA TRP A 4121 -42.12 13.53 -147.62
C TRP A 4121 -41.50 12.80 -146.44
N GLU A 4122 -40.77 11.72 -146.75
CA GLU A 4122 -40.13 10.94 -145.69
C GLU A 4122 -39.07 11.75 -144.96
N GLY A 4123 -38.45 12.71 -145.64
CA GLY A 4123 -37.51 13.59 -144.97
C GLY A 4123 -38.16 14.39 -143.86
N TRP A 4124 -39.42 14.79 -144.06
CA TRP A 4124 -40.16 15.46 -142.99
C TRP A 4124 -40.45 14.52 -141.83
N GLU A 4125 -40.35 13.20 -142.06
CA GLU A 4125 -40.80 12.13 -141.16
C GLU A 4125 -42.18 12.46 -140.61
N PRO A 4126 -43.24 12.30 -141.42
CA PRO A 4126 -44.59 12.65 -140.95
C PRO A 4126 -45.00 11.91 -139.69
N TRP A 4127 -44.48 10.70 -139.46
CA TRP A 4127 -44.69 10.05 -138.17
C TRP A 4127 -44.17 10.91 -137.03
N MET A 4128 -43.08 11.62 -137.25
CA MET A 4128 -42.59 12.61 -136.30
C MET A 4128 -43.07 14.00 -136.69
N TYR B 32 -71.47 22.09 -26.66
CA TYR B 32 -71.94 21.52 -27.91
C TYR B 32 -71.59 20.03 -27.98
N SER B 33 -70.34 19.75 -28.35
CA SER B 33 -69.81 18.39 -28.37
C SER B 33 -70.62 17.46 -29.27
N GLY B 34 -71.16 17.98 -30.36
CA GLY B 34 -71.84 17.17 -31.35
C GLY B 34 -73.28 17.61 -31.56
N ARG B 35 -73.89 17.04 -32.60
CA ARG B 35 -75.25 17.37 -32.98
C ARG B 35 -76.05 16.08 -33.15
N ASP B 36 -77.32 16.24 -33.51
CA ASP B 36 -78.27 15.14 -33.59
C ASP B 36 -78.86 15.07 -34.99
N SER B 37 -79.19 13.84 -35.40
CA SER B 37 -79.81 13.63 -36.71
C SER B 37 -80.50 12.28 -36.71
N LEU B 38 -81.65 12.21 -37.39
CA LEU B 38 -82.42 10.99 -37.52
C LEU B 38 -82.88 10.83 -38.96
N ILE B 39 -82.99 9.57 -39.38
CA ILE B 39 -83.49 9.22 -40.70
C ILE B 39 -84.56 8.16 -40.54
N PHE B 40 -85.68 8.36 -41.22
CA PHE B 40 -86.84 7.48 -41.08
C PHE B 40 -86.92 6.54 -42.27
N LEU B 41 -87.13 5.26 -42.00
CA LEU B 41 -87.21 4.23 -43.01
C LEU B 41 -88.59 3.58 -42.97
N VAL B 42 -89.23 3.51 -44.13
CA VAL B 42 -90.60 3.01 -44.23
C VAL B 42 -90.63 1.87 -45.24
N ASP B 43 -91.24 0.76 -44.86
CA ASP B 43 -91.40 -0.39 -45.74
C ASP B 43 -92.37 -0.02 -46.86
N ALA B 44 -91.87 0.11 -48.09
CA ALA B 44 -92.73 0.42 -49.24
C ALA B 44 -93.31 -0.90 -49.75
N SER B 45 -94.24 -1.44 -48.96
CA SER B 45 -94.86 -2.72 -49.30
C SER B 45 -96.37 -2.63 -49.14
N LYS B 46 -97.06 -3.76 -49.27
CA LYS B 46 -98.52 -3.78 -49.14
C LYS B 46 -98.96 -4.03 -47.71
N ALA B 47 -98.13 -4.72 -46.91
CA ALA B 47 -98.46 -4.91 -45.50
C ALA B 47 -98.55 -3.58 -44.79
N MET B 48 -97.85 -2.56 -45.27
CA MET B 48 -97.93 -1.23 -44.71
C MET B 48 -99.13 -0.45 -45.23
N PHE B 49 -99.92 -1.04 -46.13
CA PHE B 49 -101.05 -0.38 -46.77
C PHE B 49 -102.37 -1.06 -46.48
N GLU B 50 -102.48 -1.71 -45.32
CA GLU B 50 -103.72 -2.40 -44.94
C GLU B 50 -104.07 -2.03 -43.50
N SER B 51 -105.17 -2.59 -43.02
CA SER B 51 -105.61 -2.34 -41.65
C SER B 51 -106.50 -3.49 -41.20
N GLN B 52 -106.37 -3.88 -39.93
CA GLN B 52 -107.25 -4.89 -39.38
C GLN B 52 -108.70 -4.41 -39.40
N SER B 53 -108.92 -3.14 -39.05
CA SER B 53 -110.24 -2.53 -39.15
C SER B 53 -110.06 -1.08 -39.56
N GLU B 54 -111.12 -0.51 -40.15
CA GLU B 54 -111.04 0.84 -40.69
C GLU B 54 -110.82 1.89 -39.60
N ASP B 55 -111.15 1.59 -38.35
CA ASP B 55 -110.82 2.50 -37.26
C ASP B 55 -109.31 2.67 -37.13
N GLU B 56 -108.56 1.61 -37.45
CA GLU B 56 -107.12 1.65 -37.43
C GLU B 56 -106.62 2.16 -38.77
N LEU B 57 -105.69 3.11 -38.73
CA LEU B 57 -105.06 3.56 -39.95
C LEU B 57 -104.12 2.47 -40.47
N THR B 58 -103.70 2.61 -41.72
CA THR B 58 -102.64 1.76 -42.24
C THR B 58 -101.34 2.01 -41.48
N PRO B 59 -100.42 1.04 -41.46
CA PRO B 59 -99.12 1.30 -40.83
C PRO B 59 -98.43 2.52 -41.41
N PHE B 60 -98.49 2.67 -42.74
CA PHE B 60 -97.95 3.85 -43.38
C PHE B 60 -98.64 5.11 -42.90
N ASP B 61 -99.93 5.02 -42.58
CA ASP B 61 -100.67 6.20 -42.15
C ASP B 61 -100.17 6.71 -40.79
N MET B 62 -100.20 5.86 -39.75
CA MET B 62 -99.79 6.40 -38.46
C MET B 62 -98.29 6.66 -38.43
N SER B 63 -97.52 5.93 -39.25
CA SER B 63 -96.10 6.25 -39.36
C SER B 63 -95.88 7.65 -39.92
N ILE B 64 -96.59 8.00 -41.00
CA ILE B 64 -96.38 9.31 -41.59
C ILE B 64 -96.88 10.41 -40.69
N GLN B 65 -98.00 10.19 -39.99
CA GLN B 65 -98.49 11.27 -39.12
C GLN B 65 -97.57 11.45 -37.92
N CYS B 66 -97.02 10.35 -37.40
CA CYS B 66 -96.04 10.48 -36.33
C CYS B 66 -94.78 11.17 -36.84
N ILE B 67 -94.43 10.93 -38.11
CA ILE B 67 -93.32 11.66 -38.72
C ILE B 67 -93.61 13.14 -38.77
N GLN B 68 -94.84 13.51 -39.13
CA GLN B 68 -95.22 14.92 -39.15
C GLN B 68 -95.10 15.54 -37.77
N SER B 69 -95.59 14.84 -36.76
CA SER B 69 -95.49 15.33 -35.39
C SER B 69 -94.04 15.49 -34.97
N VAL B 70 -93.21 14.51 -35.30
CA VAL B 70 -91.79 14.56 -34.96
C VAL B 70 -91.14 15.76 -35.63
N TYR B 71 -91.46 16.00 -36.91
CA TYR B 71 -90.85 17.12 -37.61
C TYR B 71 -91.29 18.44 -37.03
N ILE B 72 -92.57 18.57 -36.67
CA ILE B 72 -93.03 19.81 -36.05
C ILE B 72 -92.28 20.05 -34.74
N SER B 73 -92.17 19.00 -33.92
CA SER B 73 -91.45 19.12 -32.66
C SER B 73 -90.00 19.53 -32.91
N LYS B 74 -89.35 18.92 -33.89
CA LYS B 74 -87.96 19.27 -34.17
C LYS B 74 -87.84 20.72 -34.62
N ILE B 75 -88.77 21.18 -35.47
CA ILE B 75 -88.74 22.56 -35.92
C ILE B 75 -88.82 23.51 -34.74
N ILE B 76 -89.81 23.31 -33.87
CA ILE B 76 -89.93 24.23 -32.74
C ILE B 76 -88.79 24.01 -31.76
N SER B 77 -88.38 22.76 -31.55
CA SER B 77 -87.38 22.49 -30.52
C SER B 77 -85.96 22.68 -31.02
N SER B 78 -85.55 21.88 -32.01
CA SER B 78 -84.15 21.79 -32.41
C SER B 78 -84.01 21.81 -33.92
N ASP B 79 -84.65 22.81 -34.56
CA ASP B 79 -84.67 22.89 -36.01
C ASP B 79 -83.30 22.82 -36.66
N ARG B 80 -82.24 23.08 -35.91
CA ARG B 80 -80.89 23.06 -36.44
C ARG B 80 -80.33 21.64 -36.60
N ASP B 81 -81.18 20.62 -36.53
CA ASP B 81 -80.75 19.24 -36.65
C ASP B 81 -80.92 18.76 -38.09
N LEU B 82 -80.57 17.50 -38.34
CA LEU B 82 -80.56 16.93 -39.68
C LEU B 82 -81.58 15.80 -39.74
N LEU B 83 -82.41 15.80 -40.77
CA LEU B 83 -83.47 14.81 -40.89
C LEU B 83 -83.60 14.40 -42.35
N ALA B 84 -83.86 13.12 -42.58
CA ALA B 84 -83.94 12.59 -43.95
C ALA B 84 -84.98 11.47 -44.00
N VAL B 85 -85.47 11.22 -45.21
CA VAL B 85 -86.48 10.20 -45.46
C VAL B 85 -86.03 9.33 -46.62
N VAL B 86 -86.02 8.01 -46.41
CA VAL B 86 -85.67 7.04 -47.43
C VAL B 86 -86.71 5.92 -47.41
N PHE B 87 -86.95 5.34 -48.58
CA PHE B 87 -87.92 4.27 -48.73
C PHE B 87 -87.27 3.03 -49.32
N TYR B 88 -87.80 1.88 -48.95
CA TYR B 88 -87.27 0.59 -49.39
C TYR B 88 -88.44 -0.35 -49.65
N GLY B 89 -88.25 -1.24 -50.64
CA GLY B 89 -89.29 -2.14 -51.05
C GLY B 89 -90.13 -1.66 -52.21
N THR B 90 -90.04 -0.38 -52.55
CA THR B 90 -90.78 0.15 -53.69
C THR B 90 -90.21 -0.40 -55.00
N GLU B 91 -90.99 -0.23 -56.07
CA GLU B 91 -90.52 -0.69 -57.37
C GLU B 91 -89.40 0.19 -57.91
N LYS B 92 -89.52 1.51 -57.77
CA LYS B 92 -88.49 2.41 -58.26
C LYS B 92 -87.41 2.60 -57.21
N ASP B 93 -86.47 3.51 -57.50
CA ASP B 93 -85.39 3.81 -56.57
C ASP B 93 -84.77 5.14 -56.95
N LYS B 94 -84.15 5.80 -55.97
CA LYS B 94 -83.55 7.10 -56.18
C LYS B 94 -82.16 7.25 -55.57
N ASN B 95 -81.65 6.24 -54.88
CA ASN B 95 -80.35 6.39 -54.24
C ASN B 95 -79.25 6.59 -55.28
N SER B 96 -78.19 7.29 -54.86
CA SER B 96 -77.11 7.63 -55.79
C SER B 96 -76.46 6.39 -56.37
N VAL B 97 -76.21 5.39 -55.52
CA VAL B 97 -75.64 4.14 -56.00
C VAL B 97 -76.64 3.39 -56.88
N ASN B 98 -77.91 3.76 -56.80
CA ASN B 98 -78.97 3.21 -57.65
C ASN B 98 -79.24 1.75 -57.35
N PHE B 99 -79.16 1.37 -56.08
CA PHE B 99 -79.67 0.08 -55.65
C PHE B 99 -81.17 0.02 -55.89
N LYS B 100 -81.62 -1.09 -56.49
CA LYS B 100 -83.02 -1.24 -56.82
C LYS B 100 -83.88 -1.30 -55.55
N ASN B 101 -85.09 -0.77 -55.66
CA ASN B 101 -86.10 -0.66 -54.60
C ASN B 101 -85.72 0.37 -53.53
N ILE B 102 -84.60 1.06 -53.67
CA ILE B 102 -84.14 1.98 -52.63
C ILE B 102 -84.36 3.41 -53.11
N TYR B 103 -85.51 3.99 -52.77
CA TYR B 103 -85.86 5.33 -53.20
C TYR B 103 -85.74 6.28 -52.01
N VAL B 104 -84.74 7.13 -52.05
CA VAL B 104 -84.60 8.20 -51.06
C VAL B 104 -85.62 9.29 -51.40
N LEU B 105 -86.29 9.79 -50.36
CA LEU B 105 -87.25 10.87 -50.54
C LEU B 105 -86.64 12.23 -50.21
N GLN B 106 -86.12 12.38 -48.99
CA GLN B 106 -85.52 13.63 -48.55
C GLN B 106 -84.16 13.35 -47.93
N GLU B 107 -83.27 14.31 -48.09
CA GLU B 107 -81.91 14.19 -47.59
C GLU B 107 -81.77 14.91 -46.25
N LEU B 108 -80.63 14.68 -45.60
CA LEU B 108 -80.37 15.24 -44.28
C LEU B 108 -80.35 16.77 -44.33
N ASP B 109 -81.34 17.40 -43.72
CA ASP B 109 -81.46 18.84 -43.78
C ASP B 109 -82.24 19.33 -42.56
N ASN B 110 -82.07 20.60 -42.23
CA ASN B 110 -82.93 21.22 -41.25
C ASN B 110 -84.37 21.15 -41.72
N PRO B 111 -85.30 20.71 -40.88
CA PRO B 111 -86.68 20.50 -41.36
C PRO B 111 -87.31 21.80 -41.84
N GLY B 112 -88.18 21.66 -42.84
CA GLY B 112 -88.88 22.80 -43.39
C GLY B 112 -90.32 22.45 -43.71
N ALA B 113 -91.16 23.48 -43.73
CA ALA B 113 -92.58 23.28 -43.99
C ALA B 113 -92.83 22.69 -45.37
N LYS B 114 -91.93 22.96 -46.32
CA LYS B 114 -92.04 22.33 -47.63
C LYS B 114 -91.99 20.82 -47.52
N ARG B 115 -91.08 20.30 -46.69
CA ARG B 115 -91.02 18.85 -46.47
C ARG B 115 -92.30 18.35 -45.85
N ILE B 116 -92.87 19.12 -44.93
CA ILE B 116 -94.13 18.73 -44.31
C ILE B 116 -95.23 18.62 -45.36
N LEU B 117 -95.27 19.58 -46.29
CA LEU B 117 -96.24 19.53 -47.37
C LEU B 117 -96.03 18.32 -48.26
N GLU B 118 -94.76 18.04 -48.59
CA GLU B 118 -94.45 16.87 -49.42
C GLU B 118 -94.90 15.59 -48.75
N LEU B 119 -94.76 15.51 -47.43
CA LEU B 119 -95.21 14.32 -46.71
C LEU B 119 -96.73 14.25 -46.67
N ASP B 120 -97.39 15.37 -46.37
CA ASP B 120 -98.82 15.35 -46.18
C ASP B 120 -99.59 15.19 -47.48
N GLN B 121 -98.95 15.46 -48.63
CA GLN B 121 -99.65 15.24 -49.89
C GLN B 121 -99.98 13.76 -50.09
N PHE B 122 -99.26 12.86 -49.43
CA PHE B 122 -99.58 11.45 -49.45
C PHE B 122 -100.12 10.94 -48.13
N LYS B 123 -100.17 11.78 -47.11
CA LYS B 123 -100.73 11.40 -45.81
C LYS B 123 -102.24 11.44 -45.89
N GLY B 124 -102.88 10.28 -45.78
CA GLY B 124 -104.32 10.21 -45.81
C GLY B 124 -104.80 8.95 -46.48
N GLN B 125 -106.11 8.73 -46.40
CA GLN B 125 -106.74 7.55 -46.98
C GLN B 125 -106.80 7.63 -48.50
N GLN B 126 -106.48 8.77 -49.10
CA GLN B 126 -106.37 8.89 -50.54
C GLN B 126 -104.99 9.35 -51.00
N GLY B 127 -104.29 10.14 -50.17
CA GLY B 127 -102.91 10.47 -50.49
C GLY B 127 -102.03 9.25 -50.55
N GLN B 128 -102.34 8.23 -49.76
CA GLN B 128 -101.65 6.95 -49.89
C GLN B 128 -101.85 6.36 -51.28
N LYS B 129 -103.08 6.45 -51.81
CA LYS B 129 -103.33 6.00 -53.17
C LYS B 129 -102.56 6.85 -54.16
N ARG B 130 -102.49 8.16 -53.93
CA ARG B 130 -101.71 9.02 -54.81
C ARG B 130 -100.25 8.60 -54.84
N PHE B 131 -99.69 8.30 -53.66
CA PHE B 131 -98.32 7.81 -53.58
C PHE B 131 -98.17 6.51 -54.34
N GLN B 132 -99.06 5.56 -54.10
CA GLN B 132 -98.97 4.26 -54.77
C GLN B 132 -99.12 4.41 -56.28
N ASP B 133 -99.79 5.47 -56.73
CA ASP B 133 -99.87 5.74 -58.16
C ASP B 133 -98.56 6.30 -58.69
N MET B 134 -98.13 7.46 -58.16
CA MET B 134 -96.92 8.09 -58.64
C MET B 134 -95.66 7.40 -58.17
N MET B 135 -95.76 6.51 -57.18
CA MET B 135 -94.59 5.81 -56.66
C MET B 135 -94.97 4.35 -56.43
N GLY B 136 -94.03 3.46 -56.71
CA GLY B 136 -94.29 2.05 -56.51
C GLY B 136 -94.24 1.65 -55.05
N HIS B 137 -94.60 0.39 -54.79
CA HIS B 137 -94.56 -0.14 -53.44
C HIS B 137 -94.64 -1.66 -53.51
N GLY B 138 -93.69 -2.34 -52.87
CA GLY B 138 -93.70 -3.78 -52.78
C GLY B 138 -92.78 -4.44 -53.77
N SER B 139 -91.59 -4.81 -53.33
CA SER B 139 -90.60 -5.48 -54.17
C SER B 139 -89.49 -6.00 -53.29
N ASP B 140 -88.75 -6.98 -53.80
CA ASP B 140 -87.65 -7.55 -53.05
C ASP B 140 -86.47 -6.57 -53.02
N TYR B 141 -85.64 -6.72 -51.99
CA TYR B 141 -84.48 -5.87 -51.79
C TYR B 141 -83.60 -6.52 -50.73
N SER B 142 -82.53 -5.84 -50.37
CA SER B 142 -81.64 -6.28 -49.31
C SER B 142 -81.50 -5.16 -48.29
N LEU B 143 -81.64 -5.51 -47.01
CA LEU B 143 -81.41 -4.52 -45.95
C LEU B 143 -79.98 -4.03 -45.96
N SER B 144 -79.03 -4.87 -46.40
CA SER B 144 -77.66 -4.43 -46.55
C SER B 144 -77.59 -3.21 -47.46
N GLU B 145 -78.40 -3.20 -48.52
CA GLU B 145 -78.36 -2.08 -49.47
C GLU B 145 -78.83 -0.79 -48.81
N VAL B 146 -79.94 -0.84 -48.06
CA VAL B 146 -80.41 0.37 -47.40
C VAL B 146 -79.41 0.82 -46.35
N LEU B 147 -78.70 -0.13 -45.73
CA LEU B 147 -77.66 0.25 -44.78
C LEU B 147 -76.49 0.95 -45.48
N TRP B 148 -76.09 0.45 -46.66
CA TRP B 148 -75.12 1.17 -47.47
C TRP B 148 -75.60 2.59 -47.74
N VAL B 149 -76.86 2.74 -48.14
CA VAL B 149 -77.37 4.05 -48.52
C VAL B 149 -77.35 4.99 -47.33
N CYS B 150 -77.81 4.52 -46.17
CA CYS B 150 -77.84 5.39 -44.99
C CYS B 150 -76.44 5.72 -44.51
N ALA B 151 -75.51 4.76 -44.61
CA ALA B 151 -74.13 5.05 -44.25
C ALA B 151 -73.54 6.12 -45.16
N ASN B 152 -73.80 6.02 -46.46
CA ASN B 152 -73.32 7.04 -47.38
C ASN B 152 -73.93 8.39 -47.06
N LEU B 153 -75.22 8.42 -46.73
CA LEU B 153 -75.86 9.66 -46.34
C LEU B 153 -75.20 10.25 -45.10
N PHE B 154 -74.86 9.39 -44.14
CA PHE B 154 -74.06 9.84 -43.00
C PHE B 154 -72.74 10.47 -43.45
N SER B 155 -72.06 9.84 -44.40
CA SER B 155 -70.79 10.38 -44.88
C SER B 155 -70.99 11.76 -45.49
N ASP B 156 -72.16 12.04 -46.04
CA ASP B 156 -72.38 13.31 -46.72
C ASP B 156 -72.29 14.49 -45.75
N VAL B 157 -72.87 14.37 -44.57
CA VAL B 157 -72.84 15.48 -43.62
C VAL B 157 -71.41 15.69 -43.13
N GLN B 158 -71.12 16.92 -42.73
CA GLN B 158 -69.76 17.30 -42.34
C GLN B 158 -69.66 18.01 -41.00
N PHE B 159 -70.75 18.52 -40.44
CA PHE B 159 -70.67 19.18 -39.16
C PHE B 159 -70.43 18.17 -38.05
N LYS B 160 -69.97 18.68 -36.90
CA LYS B 160 -69.70 17.80 -35.76
C LYS B 160 -70.98 17.10 -35.34
N MET B 161 -70.90 15.78 -35.19
CA MET B 161 -72.08 14.93 -35.07
C MET B 161 -71.94 14.00 -33.88
N SER B 162 -73.06 13.77 -33.18
CA SER B 162 -73.03 13.04 -31.92
C SER B 162 -74.02 11.89 -31.81
N HIS B 163 -75.10 11.87 -32.59
CA HIS B 163 -76.14 10.85 -32.41
C HIS B 163 -76.61 10.35 -33.78
N LYS B 164 -75.94 9.30 -34.28
CA LYS B 164 -76.31 8.70 -35.57
C LYS B 164 -77.53 7.81 -35.38
N ARG B 165 -78.64 8.41 -34.98
CA ARG B 165 -79.83 7.63 -34.70
C ARG B 165 -80.55 7.32 -36.01
N ILE B 166 -80.94 6.05 -36.16
CA ILE B 166 -81.63 5.56 -37.35
C ILE B 166 -82.97 5.00 -36.90
N MET B 167 -84.04 5.41 -37.58
CA MET B 167 -85.39 4.98 -37.24
C MET B 167 -86.02 4.31 -38.45
N LEU B 168 -86.71 3.19 -38.18
CA LEU B 168 -87.41 2.46 -39.24
C LEU B 168 -88.72 1.92 -38.69
N PHE B 169 -89.60 1.55 -39.61
CA PHE B 169 -90.98 1.22 -39.25
C PHE B 169 -91.43 0.01 -40.05
N THR B 170 -91.85 -1.05 -39.34
CA THR B 170 -92.42 -2.24 -39.94
C THR B 170 -93.00 -3.10 -38.83
N ASN B 171 -93.64 -4.20 -39.22
CA ASN B 171 -94.21 -5.14 -38.28
C ASN B 171 -93.69 -6.56 -38.48
N GLU B 172 -92.74 -6.77 -39.39
CA GLU B 172 -92.23 -8.10 -39.67
C GLU B 172 -90.71 -8.05 -39.78
N ASP B 173 -90.08 -9.19 -39.56
CA ASP B 173 -88.63 -9.28 -39.58
C ASP B 173 -88.12 -10.38 -40.51
N ASN B 174 -88.82 -11.49 -40.60
CA ASN B 174 -88.37 -12.72 -41.27
C ASN B 174 -88.19 -12.65 -42.78
N PRO B 175 -88.84 -11.72 -43.53
CA PRO B 175 -88.64 -11.70 -44.98
C PRO B 175 -87.17 -11.71 -45.42
N HIS B 176 -86.29 -10.99 -44.73
CA HIS B 176 -84.89 -11.09 -45.05
C HIS B 176 -84.20 -12.28 -44.39
N GLY B 177 -84.87 -12.93 -43.43
CA GLY B 177 -84.43 -14.22 -42.98
C GLY B 177 -84.82 -15.36 -43.89
N ASN B 178 -85.70 -15.10 -44.86
CA ASN B 178 -86.05 -16.11 -45.85
C ASN B 178 -84.83 -16.54 -46.65
N ASP B 179 -84.02 -15.57 -47.08
CA ASP B 179 -82.74 -15.86 -47.71
C ASP B 179 -81.66 -15.86 -46.64
N SER B 180 -81.06 -17.03 -46.40
CA SER B 180 -80.03 -17.13 -45.38
C SER B 180 -78.82 -16.27 -45.73
N ALA B 181 -78.48 -16.20 -47.02
CA ALA B 181 -77.40 -15.31 -47.44
C ALA B 181 -77.74 -13.85 -47.19
N LYS B 182 -78.99 -13.46 -47.48
CA LYS B 182 -79.42 -12.10 -47.19
C LYS B 182 -79.38 -11.81 -45.70
N ALA B 183 -79.81 -12.77 -44.89
CA ALA B 183 -79.76 -12.59 -43.44
C ALA B 183 -78.31 -12.43 -42.97
N SER B 184 -77.40 -13.25 -43.50
CA SER B 184 -76.01 -13.19 -43.09
C SER B 184 -75.38 -11.86 -43.47
N ARG B 185 -75.61 -11.40 -44.70
CA ARG B 185 -75.03 -10.13 -45.12
C ARG B 185 -75.65 -8.97 -44.37
N ALA B 186 -76.96 -9.03 -44.11
CA ALA B 186 -77.61 -7.97 -43.35
C ALA B 186 -77.06 -7.89 -41.93
N ARG B 187 -76.88 -9.04 -41.27
CA ARG B 187 -76.35 -9.01 -39.91
C ARG B 187 -74.88 -8.60 -39.90
N THR B 188 -74.12 -8.97 -40.93
CA THR B 188 -72.74 -8.53 -41.03
C THR B 188 -72.66 -7.01 -41.15
N LYS B 189 -73.48 -6.44 -42.03
CA LYS B 189 -73.49 -4.99 -42.18
C LYS B 189 -74.02 -4.30 -40.93
N ALA B 190 -74.98 -4.92 -40.24
CA ALA B 190 -75.48 -4.36 -38.99
C ALA B 190 -74.38 -4.31 -37.94
N GLY B 191 -73.62 -5.39 -37.80
CA GLY B 191 -72.48 -5.38 -36.90
C GLY B 191 -71.46 -4.33 -37.31
N ASP B 192 -71.23 -4.19 -38.61
CA ASP B 192 -70.29 -3.19 -39.10
C ASP B 192 -70.72 -1.79 -38.69
N LEU B 193 -71.99 -1.46 -38.92
CA LEU B 193 -72.46 -0.11 -38.59
C LEU B 193 -72.50 0.11 -37.08
N ARG B 194 -72.77 -0.95 -36.31
CA ARG B 194 -72.65 -0.83 -34.86
C ARG B 194 -71.22 -0.51 -34.46
N ASP B 195 -70.24 -1.15 -35.11
CA ASP B 195 -68.85 -0.83 -34.85
C ASP B 195 -68.54 0.61 -35.21
N THR B 196 -69.12 1.11 -36.30
CA THR B 196 -68.92 2.50 -36.69
C THR B 196 -69.67 3.48 -35.80
N GLY B 197 -70.31 3.02 -34.74
CA GLY B 197 -71.00 3.89 -33.81
C GLY B 197 -72.42 4.24 -34.18
N ILE B 198 -72.96 3.66 -35.26
CA ILE B 198 -74.32 3.95 -35.66
C ILE B 198 -75.29 3.27 -34.70
N PHE B 199 -76.31 4.00 -34.27
CA PHE B 199 -77.35 3.47 -33.41
C PHE B 199 -78.69 3.52 -34.15
N LEU B 200 -79.47 2.46 -34.04
CA LEU B 200 -80.74 2.36 -34.75
C LEU B 200 -81.84 1.93 -33.79
N ASP B 201 -83.07 2.29 -34.15
CA ASP B 201 -84.24 1.92 -33.36
C ASP B 201 -85.40 1.59 -34.30
N LEU B 202 -86.15 0.54 -33.94
CA LEU B 202 -87.29 0.09 -34.70
C LEU B 202 -88.57 0.28 -33.90
N MET B 203 -89.65 0.62 -34.60
CA MET B 203 -90.98 0.73 -34.00
C MET B 203 -91.76 -0.55 -34.24
N HIS B 204 -92.33 -1.10 -33.18
CA HIS B 204 -93.26 -2.21 -33.32
C HIS B 204 -94.52 -1.72 -34.02
N LEU B 205 -94.91 -2.44 -35.06
CA LEU B 205 -96.16 -2.15 -35.76
C LEU B 205 -97.10 -3.33 -35.61
N LYS B 206 -98.39 -3.05 -35.75
CA LYS B 206 -99.42 -4.06 -35.49
C LYS B 206 -99.40 -5.13 -36.57
N LYS B 207 -98.78 -6.27 -36.28
CA LYS B 207 -98.87 -7.43 -37.12
C LYS B 207 -99.77 -8.46 -36.45
N PRO B 208 -100.90 -8.82 -37.06
CA PRO B 208 -101.88 -9.66 -36.35
C PRO B 208 -101.30 -10.98 -35.86
N GLY B 209 -100.34 -11.54 -36.57
CA GLY B 209 -99.65 -12.73 -36.13
C GLY B 209 -98.46 -12.49 -35.22
N GLY B 210 -98.25 -11.25 -34.80
CA GLY B 210 -97.12 -10.92 -33.94
C GLY B 210 -95.94 -10.40 -34.74
N PHE B 211 -95.27 -9.37 -34.23
CA PHE B 211 -94.10 -8.83 -34.92
C PHE B 211 -92.97 -9.85 -34.99
N ASP B 212 -93.02 -10.90 -34.17
CA ASP B 212 -91.96 -11.89 -34.06
C ASP B 212 -90.66 -11.26 -33.53
N ILE B 213 -90.77 -10.75 -32.31
CA ILE B 213 -89.57 -10.30 -31.59
C ILE B 213 -88.63 -11.50 -31.41
N SER B 214 -87.34 -11.19 -31.27
CA SER B 214 -86.28 -12.15 -30.99
C SER B 214 -86.06 -13.14 -32.12
N LEU B 215 -86.84 -13.09 -33.19
CA LEU B 215 -86.64 -14.00 -34.30
C LEU B 215 -85.51 -13.51 -35.21
N PHE B 216 -85.54 -12.24 -35.58
CA PHE B 216 -84.61 -11.77 -36.59
C PHE B 216 -83.94 -10.42 -36.30
N TYR B 217 -84.41 -9.63 -35.35
CA TYR B 217 -83.91 -8.27 -35.21
C TYR B 217 -83.13 -8.01 -33.93
N ARG B 218 -83.71 -8.25 -32.75
CA ARG B 218 -83.01 -7.87 -31.53
C ARG B 218 -81.67 -8.60 -31.40
N ASP B 219 -81.53 -9.75 -32.03
CA ASP B 219 -80.24 -10.40 -32.16
C ASP B 219 -79.33 -9.73 -33.19
N ILE B 220 -79.89 -8.89 -34.05
CA ILE B 220 -79.14 -8.27 -35.12
C ILE B 220 -79.15 -6.75 -34.99
N ILE B 221 -80.21 -6.20 -34.39
CA ILE B 221 -80.27 -4.76 -34.21
C ILE B 221 -79.47 -4.38 -32.97
N SER B 222 -79.19 -3.09 -32.81
CA SER B 222 -78.39 -2.59 -31.70
C SER B 222 -79.31 -2.22 -30.54
N ILE B 223 -79.09 -2.86 -29.39
CA ILE B 223 -79.84 -2.56 -28.17
C ILE B 223 -78.87 -2.51 -26.99
N ALA B 224 -79.03 -1.50 -26.14
CA ALA B 224 -78.28 -1.43 -24.90
C ALA B 224 -78.99 -2.14 -23.75
N GLU B 225 -80.22 -2.62 -23.99
CA GLU B 225 -80.99 -3.32 -22.98
C GLU B 225 -81.97 -4.24 -23.68
N ASP B 226 -82.44 -5.25 -22.96
CA ASP B 226 -83.35 -6.25 -23.50
C ASP B 226 -84.66 -6.23 -22.73
N GLU B 227 -85.76 -5.97 -23.44
CA GLU B 227 -87.10 -6.11 -22.90
C GLU B 227 -87.99 -6.95 -23.80
N ASP B 228 -87.40 -7.67 -24.75
CA ASP B 228 -88.16 -8.47 -25.70
C ASP B 228 -88.77 -9.68 -24.98
N LEU B 229 -90.07 -9.63 -24.73
CA LEU B 229 -90.76 -10.73 -24.07
C LEU B 229 -92.00 -11.16 -24.84
N ARG B 230 -92.63 -10.22 -25.54
CA ARG B 230 -93.87 -10.47 -26.27
C ARG B 230 -93.65 -10.16 -27.74
N VAL B 231 -94.08 -11.06 -28.61
CA VAL B 231 -93.84 -10.92 -30.05
C VAL B 231 -94.66 -9.77 -30.61
N HIS B 232 -95.47 -9.14 -29.75
CA HIS B 232 -96.09 -7.84 -30.03
C HIS B 232 -97.00 -7.92 -31.26
N PHE B 233 -98.08 -8.68 -31.11
CA PHE B 233 -99.13 -8.73 -32.13
C PHE B 233 -99.64 -7.34 -32.49
N GLU B 234 -99.36 -6.34 -31.66
CA GLU B 234 -99.82 -4.98 -31.86
C GLU B 234 -98.61 -4.07 -32.05
N GLU B 235 -98.87 -2.77 -32.11
CA GLU B 235 -97.84 -1.75 -32.28
C GLU B 235 -97.32 -1.21 -30.95
N SER B 236 -97.35 -2.01 -29.88
CA SER B 236 -97.06 -1.49 -28.55
C SER B 236 -95.59 -1.14 -28.38
N SER B 237 -95.26 0.11 -28.64
CA SER B 237 -93.96 0.72 -28.34
C SER B 237 -94.18 2.23 -28.30
N LYS B 238 -93.13 3.01 -28.48
CA LYS B 238 -93.10 4.39 -28.01
C LYS B 238 -93.65 5.43 -28.98
N LEU B 239 -94.56 5.06 -29.89
CA LEU B 239 -95.20 6.09 -30.71
C LEU B 239 -95.95 7.11 -29.87
N GLU B 240 -96.53 6.71 -28.73
CA GLU B 240 -97.32 7.64 -27.95
C GLU B 240 -96.48 8.84 -27.51
N ASP B 241 -95.20 8.62 -27.24
CA ASP B 241 -94.31 9.74 -26.91
C ASP B 241 -93.98 10.55 -28.14
N LEU B 242 -93.73 9.89 -29.27
CA LEU B 242 -93.26 10.59 -30.46
C LEU B 242 -94.35 11.45 -31.07
N LEU B 243 -95.57 10.92 -31.16
CA LEU B 243 -96.66 11.69 -31.75
C LEU B 243 -97.02 12.89 -30.88
N ARG B 244 -96.72 12.83 -29.58
CA ARG B 244 -96.96 13.98 -28.72
C ARG B 244 -96.08 15.14 -29.16
N LYS B 245 -96.68 16.31 -29.31
CA LYS B 245 -95.97 17.50 -29.75
C LYS B 245 -95.37 18.22 -28.55
N VAL B 246 -94.09 18.56 -28.65
CA VAL B 246 -93.40 19.33 -27.63
C VAL B 246 -93.18 20.73 -28.17
N ARG B 247 -93.07 21.70 -27.26
CA ARG B 247 -92.93 23.11 -27.63
C ARG B 247 -91.95 23.74 -26.65
N ALA B 248 -90.68 23.78 -27.04
CA ALA B 248 -89.63 24.32 -26.19
C ALA B 248 -88.41 24.63 -27.05
N LYS B 249 -87.34 25.07 -26.40
CA LYS B 249 -86.08 25.38 -27.05
C LYS B 249 -84.93 24.52 -26.57
N GLU B 250 -84.96 24.08 -25.32
CA GLU B 250 -83.99 23.13 -24.74
C GLU B 250 -82.55 23.53 -25.04
N THR B 251 -82.21 24.75 -24.61
CA THR B 251 -80.86 25.26 -24.84
C THR B 251 -79.82 24.32 -24.24
N ARG B 252 -78.73 24.14 -24.98
CA ARG B 252 -77.71 23.19 -24.59
C ARG B 252 -76.98 23.66 -23.33
N LYS B 253 -76.23 22.74 -22.73
CA LYS B 253 -75.46 23.05 -21.52
C LYS B 253 -74.32 23.97 -21.89
N ARG B 254 -74.52 25.27 -21.66
CA ARG B 254 -73.50 26.28 -21.92
C ARG B 254 -73.16 26.98 -20.62
N ALA B 255 -71.87 27.02 -20.30
CA ALA B 255 -71.44 27.64 -19.05
C ALA B 255 -71.65 29.14 -19.12
N LEU B 256 -72.33 29.68 -18.10
CA LEU B 256 -72.56 31.12 -18.06
C LEU B 256 -71.24 31.88 -17.91
N SER B 257 -70.33 31.35 -17.10
CA SER B 257 -68.99 31.90 -16.93
C SER B 257 -68.17 30.95 -16.09
N ARG B 258 -66.87 30.93 -16.34
CA ARG B 258 -65.94 30.25 -15.44
C ARG B 258 -65.42 31.22 -14.38
N LEU B 259 -66.35 31.92 -13.74
CA LEU B 259 -65.97 32.97 -12.81
C LEU B 259 -65.35 32.36 -11.55
N LYS B 260 -64.64 33.20 -10.81
CA LYS B 260 -63.73 32.72 -9.79
C LYS B 260 -64.07 33.30 -8.42
N LEU B 261 -63.80 32.51 -7.39
CA LEU B 261 -64.02 32.91 -6.00
C LEU B 261 -62.69 33.34 -5.40
N LYS B 262 -62.60 34.62 -5.05
CA LYS B 262 -61.43 35.16 -4.36
C LYS B 262 -61.67 35.01 -2.87
N LEU B 263 -61.02 34.02 -2.25
CA LEU B 263 -61.23 33.74 -0.85
C LEU B 263 -60.81 34.93 0.00
N ASN B 264 -59.52 35.25 0.02
CA ASN B 264 -59.05 36.44 0.72
C ASN B 264 -58.45 37.47 -0.23
N LYS B 265 -57.35 37.16 -0.90
CA LYS B 265 -56.91 37.97 -2.02
C LYS B 265 -56.27 37.11 -3.10
N ASP B 266 -55.86 35.90 -2.75
CA ASP B 266 -55.04 35.08 -3.64
C ASP B 266 -55.58 33.66 -3.75
N ILE B 267 -56.27 33.19 -2.70
CA ILE B 267 -56.87 31.87 -2.73
C ILE B 267 -58.07 31.94 -3.65
N VAL B 268 -57.91 31.42 -4.87
CA VAL B 268 -58.91 31.55 -5.92
C VAL B 268 -59.16 30.19 -6.54
N ILE B 269 -60.45 29.91 -6.81
CA ILE B 269 -60.85 28.65 -7.43
C ILE B 269 -61.71 28.96 -8.65
N SER B 270 -61.77 28.00 -9.56
CA SER B 270 -62.55 28.12 -10.78
C SER B 270 -63.83 27.31 -10.65
N VAL B 271 -64.97 27.97 -10.89
CA VAL B 271 -66.28 27.33 -10.79
C VAL B 271 -67.14 27.78 -11.97
N GLY B 272 -67.94 26.86 -12.50
CA GLY B 272 -68.85 27.20 -13.56
C GLY B 272 -70.16 27.75 -13.04
N ILE B 273 -70.77 28.62 -13.84
CA ILE B 273 -72.02 29.28 -13.50
C ILE B 273 -73.11 28.75 -14.41
N TYR B 274 -74.28 28.47 -13.82
CA TYR B 274 -75.38 27.90 -14.58
C TYR B 274 -76.69 28.38 -14.00
N ASN B 275 -77.72 28.38 -14.86
CA ASN B 275 -79.09 28.66 -14.47
C ASN B 275 -79.99 27.50 -14.88
N LEU B 276 -80.27 26.62 -13.93
CA LEU B 276 -81.13 25.46 -14.22
C LEU B 276 -82.54 25.88 -14.60
N VAL B 277 -82.91 27.12 -14.35
CA VAL B 277 -84.12 27.71 -14.89
C VAL B 277 -83.74 29.01 -15.60
N GLN B 278 -84.28 29.19 -16.80
CA GLN B 278 -84.00 30.38 -17.60
C GLN B 278 -85.28 30.77 -18.32
N LYS B 279 -85.82 31.94 -17.98
CA LYS B 279 -87.08 32.40 -18.54
C LYS B 279 -86.98 32.49 -20.05
N ALA B 280 -87.75 31.64 -20.74
CA ALA B 280 -87.85 31.70 -22.18
C ALA B 280 -88.85 32.77 -22.60
N LEU B 281 -88.77 33.17 -23.86
CA LEU B 281 -89.65 34.20 -24.38
C LEU B 281 -89.80 34.03 -25.88
N LYS B 282 -90.80 34.70 -26.44
CA LYS B 282 -91.12 34.56 -27.84
C LYS B 282 -89.96 35.07 -28.69
N PRO B 283 -89.54 34.32 -29.71
CA PRO B 283 -88.37 34.74 -30.49
C PRO B 283 -88.62 36.07 -31.16
N PRO B 284 -87.59 36.90 -31.30
CA PRO B 284 -87.80 38.23 -31.86
C PRO B 284 -88.24 38.13 -33.31
N PRO B 285 -89.08 39.06 -33.77
CA PRO B 285 -89.50 39.04 -35.16
C PRO B 285 -88.38 39.48 -36.09
N ILE B 286 -88.56 39.20 -37.37
CA ILE B 286 -87.61 39.57 -38.41
C ILE B 286 -88.33 40.48 -39.40
N LYS B 287 -87.86 41.72 -39.51
CA LYS B 287 -88.52 42.69 -40.36
C LYS B 287 -88.22 42.41 -41.82
N LEU B 288 -89.26 42.15 -42.61
CA LEU B 288 -89.08 41.75 -44.00
C LEU B 288 -90.08 42.48 -44.90
N TYR B 289 -89.86 42.38 -46.19
CA TYR B 289 -90.58 43.17 -47.18
C TYR B 289 -91.98 42.61 -47.42
N ARG B 290 -92.73 43.27 -48.29
CA ARG B 290 -94.10 42.87 -48.61
C ARG B 290 -94.18 41.99 -49.85
N GLU B 291 -93.75 42.51 -51.00
CA GLU B 291 -93.83 41.75 -52.24
C GLU B 291 -92.61 40.88 -52.49
N THR B 292 -91.45 41.25 -51.95
CA THR B 292 -90.29 40.39 -52.01
C THR B 292 -90.07 39.61 -50.72
N ASN B 293 -90.68 40.05 -49.62
CA ASN B 293 -90.59 39.40 -48.32
C ASN B 293 -89.14 39.30 -47.82
N GLU B 294 -88.25 40.08 -48.42
CA GLU B 294 -86.84 40.01 -48.07
C GLU B 294 -86.60 40.75 -46.77
N PRO B 295 -85.82 40.19 -45.85
CA PRO B 295 -85.51 40.93 -44.61
C PRO B 295 -84.59 42.10 -44.92
N VAL B 296 -85.15 43.29 -44.94
CA VAL B 296 -84.42 44.46 -45.42
C VAL B 296 -83.49 44.96 -44.31
N LYS B 297 -82.21 45.10 -44.64
CA LYS B 297 -81.27 45.65 -43.68
C LYS B 297 -81.61 47.10 -43.39
N THR B 298 -81.46 47.49 -42.14
CA THR B 298 -81.84 48.81 -41.66
C THR B 298 -80.61 49.49 -41.08
N LYS B 299 -79.96 50.35 -41.86
CA LYS B 299 -78.88 51.14 -41.29
C LYS B 299 -79.46 52.34 -40.56
N THR B 300 -78.92 52.61 -39.37
CA THR B 300 -79.38 53.70 -38.54
C THR B 300 -78.18 54.51 -38.09
N ARG B 301 -78.27 55.83 -38.21
CA ARG B 301 -77.21 56.72 -37.78
C ARG B 301 -77.83 58.05 -37.37
N THR B 302 -76.98 59.02 -37.06
CA THR B 302 -77.45 60.33 -36.62
C THR B 302 -76.72 61.41 -37.42
N PHE B 303 -77.47 62.44 -37.81
CA PHE B 303 -76.94 63.53 -38.61
C PHE B 303 -77.31 64.84 -37.96
N ASN B 304 -76.58 65.89 -38.34
CA ASN B 304 -76.79 67.21 -37.75
C ASN B 304 -78.19 67.73 -38.11
N THR B 305 -79.09 67.72 -37.13
CA THR B 305 -80.46 68.15 -37.38
C THR B 305 -80.52 69.63 -37.75
N SER B 306 -79.75 70.46 -37.04
CA SER B 306 -79.74 71.89 -37.32
C SER B 306 -79.07 72.22 -38.65
N THR B 307 -78.30 71.29 -39.22
CA THR B 307 -77.59 71.53 -40.47
C THR B 307 -78.06 70.65 -41.61
N GLY B 308 -78.52 69.43 -41.32
CA GLY B 308 -78.80 68.48 -42.38
C GLY B 308 -77.58 67.72 -42.86
N GLY B 309 -76.48 67.79 -42.13
CA GLY B 309 -75.26 67.14 -42.54
C GLY B 309 -75.12 65.73 -42.00
N LEU B 310 -74.15 65.52 -41.11
CA LEU B 310 -73.88 64.19 -40.58
C LEU B 310 -73.13 64.33 -39.27
N LEU B 311 -73.45 63.46 -38.31
CA LEU B 311 -72.81 63.44 -37.01
C LEU B 311 -71.98 62.18 -36.85
N LEU B 312 -71.14 62.18 -35.82
CA LEU B 312 -70.20 61.10 -35.58
C LEU B 312 -70.36 60.54 -34.17
N PRO B 313 -70.06 59.26 -33.98
CA PRO B 313 -70.07 58.71 -32.62
C PRO B 313 -69.10 59.41 -31.70
N SER B 314 -67.96 59.87 -32.22
CA SER B 314 -67.08 60.71 -31.42
C SER B 314 -67.74 62.04 -31.07
N ASP B 315 -68.58 62.56 -31.98
CA ASP B 315 -69.26 63.82 -31.75
C ASP B 315 -70.52 63.59 -30.92
N THR B 316 -70.38 62.92 -29.78
CA THR B 316 -71.52 62.58 -28.94
C THR B 316 -71.21 62.98 -27.50
N LYS B 317 -72.23 63.50 -26.83
CA LYS B 317 -72.10 63.92 -25.44
C LYS B 317 -73.45 63.75 -24.77
N ARG B 318 -73.52 62.91 -23.75
CA ARG B 318 -74.77 62.70 -23.04
C ARG B 318 -74.93 63.73 -21.93
N SER B 319 -76.18 64.13 -21.70
CA SER B 319 -76.50 65.18 -20.74
C SER B 319 -77.63 64.74 -19.82
N GLN B 320 -77.56 65.20 -18.58
CA GLN B 320 -78.66 65.08 -17.63
C GLN B 320 -78.79 66.41 -16.89
N ILE B 321 -79.95 67.03 -17.01
CA ILE B 321 -80.21 68.34 -16.41
C ILE B 321 -81.08 68.13 -15.18
N TYR B 322 -80.51 68.38 -14.00
CA TYR B 322 -81.26 68.38 -12.76
C TYR B 322 -81.62 69.83 -12.48
N GLY B 323 -82.88 70.17 -12.73
CA GLY B 323 -83.30 71.56 -12.62
C GLY B 323 -82.76 72.39 -13.76
N SER B 324 -81.79 73.25 -13.46
CA SER B 324 -81.19 74.13 -14.47
C SER B 324 -79.84 73.65 -14.97
N ARG B 325 -78.97 73.20 -14.08
CA ARG B 325 -77.62 72.85 -14.47
C ARG B 325 -77.62 71.59 -15.36
N GLN B 326 -76.84 71.64 -16.42
CA GLN B 326 -76.68 70.52 -17.33
C GLN B 326 -75.30 69.90 -17.13
N ILE B 327 -75.27 68.58 -16.99
CA ILE B 327 -74.04 67.84 -16.70
C ILE B 327 -73.76 66.90 -17.87
N ILE B 328 -72.52 66.91 -18.34
CA ILE B 328 -72.12 66.18 -19.55
C ILE B 328 -71.23 65.01 -19.14
N LEU B 329 -71.51 63.84 -19.69
CA LEU B 329 -70.75 62.64 -19.39
C LEU B 329 -70.47 61.89 -20.69
N GLU B 330 -69.39 61.12 -20.69
CA GLU B 330 -68.94 60.43 -21.89
C GLU B 330 -68.95 58.91 -21.67
N LYS B 331 -68.46 58.18 -22.66
CA LYS B 331 -68.57 56.72 -22.70
C LYS B 331 -67.85 56.07 -21.52
N GLU B 332 -66.52 56.18 -21.48
CA GLU B 332 -65.79 55.61 -20.36
C GLU B 332 -66.07 56.34 -19.06
N GLU B 333 -66.54 57.58 -19.13
CA GLU B 333 -67.01 58.26 -17.94
C GLU B 333 -68.21 57.52 -17.33
N THR B 334 -69.16 57.13 -18.17
CA THR B 334 -70.28 56.32 -17.69
C THR B 334 -69.86 54.89 -17.41
N GLU B 335 -68.71 54.46 -17.93
CA GLU B 335 -68.23 53.11 -17.68
C GLU B 335 -67.60 52.99 -16.29
N GLU B 336 -66.73 53.94 -15.93
CA GLU B 336 -65.95 53.79 -14.71
C GLU B 336 -66.80 53.96 -13.46
N LEU B 337 -67.91 54.69 -13.56
CA LEU B 337 -68.83 54.75 -12.42
C LEU B 337 -69.41 53.37 -12.12
N LYS B 338 -69.54 52.52 -13.13
CA LYS B 338 -69.94 51.14 -12.93
C LYS B 338 -68.77 50.26 -12.48
N ARG B 339 -67.54 50.77 -12.53
CA ARG B 339 -66.37 50.00 -12.17
C ARG B 339 -66.19 50.03 -10.65
N PHE B 340 -66.18 48.86 -10.03
CA PHE B 340 -65.90 48.75 -8.62
C PHE B 340 -64.82 47.74 -8.29
N ASP B 341 -64.77 46.63 -9.02
CA ASP B 341 -63.79 45.57 -8.77
C ASP B 341 -63.77 44.64 -9.98
N ASP B 342 -62.82 43.71 -9.96
CA ASP B 342 -62.72 42.74 -11.03
C ASP B 342 -63.89 41.77 -10.99
N PRO B 343 -64.41 41.36 -12.15
CA PRO B 343 -65.48 40.35 -12.17
C PRO B 343 -65.05 39.08 -11.46
N GLY B 344 -65.75 38.73 -10.40
CA GLY B 344 -65.40 37.54 -9.65
C GLY B 344 -66.27 37.40 -8.41
N LEU B 345 -65.91 36.41 -7.59
CA LEU B 345 -66.60 36.13 -6.35
C LEU B 345 -65.67 36.46 -5.19
N MET B 346 -66.16 37.27 -4.25
CA MET B 346 -65.37 37.70 -3.09
C MET B 346 -66.10 37.24 -1.83
N LEU B 347 -65.54 36.23 -1.17
CA LEU B 347 -66.18 35.65 0.01
C LEU B 347 -66.29 36.68 1.13
N MET B 348 -67.47 36.75 1.74
CA MET B 348 -67.71 37.61 2.90
C MET B 348 -67.66 36.83 4.21
N GLY B 349 -68.32 35.68 4.28
CA GLY B 349 -68.33 34.90 5.50
C GLY B 349 -69.43 33.85 5.44
N PHE B 350 -69.75 33.32 6.62
CA PHE B 350 -70.71 32.24 6.74
C PHE B 350 -71.79 32.59 7.76
N LYS B 351 -73.01 32.13 7.47
CA LYS B 351 -74.18 32.44 8.26
C LYS B 351 -75.13 31.26 8.14
N PRO B 352 -75.81 30.89 9.22
CA PRO B 352 -76.74 29.76 9.14
C PRO B 352 -77.83 29.99 8.11
N LEU B 353 -78.23 28.90 7.45
CA LEU B 353 -79.24 28.99 6.40
C LEU B 353 -80.53 29.58 6.91
N VAL B 354 -80.88 29.31 8.17
CA VAL B 354 -82.13 29.79 8.73
C VAL B 354 -82.19 31.31 8.82
N LEU B 355 -81.04 31.97 8.85
CA LEU B 355 -81.01 33.42 8.97
C LEU B 355 -81.34 34.14 7.66
N LEU B 356 -81.88 33.43 6.68
CA LEU B 356 -82.36 34.02 5.44
C LEU B 356 -83.88 34.00 5.44
N LYS B 357 -84.49 35.16 5.24
CA LYS B 357 -85.95 35.23 5.17
C LYS B 357 -86.43 34.71 3.82
N LYS B 358 -87.39 33.79 3.86
CA LYS B 358 -87.89 33.18 2.63
C LYS B 358 -88.54 34.21 1.73
N HIS B 359 -89.35 35.11 2.31
CA HIS B 359 -90.02 36.13 1.51
C HIS B 359 -89.05 37.13 0.92
N HIS B 360 -87.81 37.18 1.40
CA HIS B 360 -86.79 38.03 0.79
C HIS B 360 -86.35 37.41 -0.52
N TYR B 361 -86.83 37.97 -1.63
CA TYR B 361 -86.47 37.49 -2.96
C TYR B 361 -86.14 38.69 -3.84
N LEU B 362 -85.19 38.47 -4.75
CA LEU B 362 -84.72 39.52 -5.64
C LEU B 362 -85.03 39.22 -7.10
N ARG B 363 -84.67 38.04 -7.57
CA ARG B 363 -84.77 37.65 -8.97
C ARG B 363 -84.53 36.15 -9.08
N PRO B 364 -84.66 35.53 -10.25
CA PRO B 364 -84.39 34.10 -10.36
C PRO B 364 -82.99 33.75 -9.88
N SER B 365 -82.90 32.64 -9.15
CA SER B 365 -81.65 32.19 -8.56
C SER B 365 -80.74 31.59 -9.62
N LEU B 366 -79.48 31.37 -9.23
CA LEU B 366 -78.47 30.80 -10.11
C LEU B 366 -77.90 29.53 -9.48
N PHE B 367 -76.99 28.89 -10.20
CA PHE B 367 -76.33 27.68 -9.72
C PHE B 367 -74.84 27.78 -10.01
N VAL B 368 -74.03 27.23 -9.11
CA VAL B 368 -72.58 27.25 -9.23
C VAL B 368 -72.07 25.82 -9.24
N TYR B 369 -71.27 25.50 -10.25
CA TYR B 369 -70.66 24.19 -10.36
C TYR B 369 -69.14 24.31 -10.42
N PRO B 370 -68.42 23.47 -9.68
CA PRO B 370 -66.95 23.55 -9.71
C PRO B 370 -66.39 23.12 -11.06
N GLU B 371 -65.10 23.36 -11.22
CA GLU B 371 -64.41 22.97 -12.44
C GLU B 371 -62.91 22.94 -12.17
N GLU B 372 -62.22 22.05 -12.87
CA GLU B 372 -60.77 21.98 -12.84
C GLU B 372 -60.15 22.53 -14.11
N SER B 373 -60.94 23.19 -14.95
CA SER B 373 -60.43 23.71 -16.21
C SER B 373 -59.34 24.75 -15.99
N LEU B 374 -59.53 25.62 -15.01
CA LEU B 374 -58.57 26.69 -14.74
C LEU B 374 -57.82 26.46 -13.44
N VAL B 375 -58.53 26.32 -12.33
CA VAL B 375 -57.92 26.07 -11.02
C VAL B 375 -57.98 24.57 -10.77
N ILE B 376 -56.84 23.92 -10.78
CA ILE B 376 -56.75 22.49 -10.58
C ILE B 376 -56.75 22.19 -9.09
N GLY B 377 -57.56 21.22 -8.68
CA GLY B 377 -57.83 20.97 -7.28
C GLY B 377 -59.01 21.72 -6.73
N SER B 378 -59.56 22.67 -7.48
CA SER B 378 -60.70 23.45 -7.01
C SER B 378 -61.92 22.57 -6.76
N SER B 379 -62.03 21.46 -7.49
CA SER B 379 -63.13 20.52 -7.24
C SER B 379 -63.03 19.91 -5.86
N THR B 380 -61.81 19.57 -5.42
CA THR B 380 -61.63 19.06 -4.08
C THR B 380 -62.07 20.07 -3.03
N LEU B 381 -61.68 21.33 -3.22
CA LEU B 381 -62.10 22.38 -2.30
C LEU B 381 -63.60 22.54 -2.31
N PHE B 382 -64.22 22.49 -3.49
CA PHE B 382 -65.66 22.62 -3.60
C PHE B 382 -66.37 21.50 -2.84
N SER B 383 -65.91 20.27 -3.01
CA SER B 383 -66.51 19.14 -2.31
C SER B 383 -66.34 19.29 -0.81
N ALA B 384 -65.14 19.67 -0.36
CA ALA B 384 -64.90 19.86 1.07
C ALA B 384 -65.82 20.93 1.64
N LEU B 385 -65.94 22.06 0.93
CA LEU B 385 -66.80 23.14 1.38
C LEU B 385 -68.26 22.71 1.44
N LEU B 386 -68.72 22.00 0.40
CA LEU B 386 -70.10 21.52 0.39
C LEU B 386 -70.38 20.64 1.58
N ILE B 387 -69.52 19.63 1.80
CA ILE B 387 -69.74 18.70 2.91
C ILE B 387 -69.70 19.45 4.24
N LYS B 388 -68.70 20.32 4.42
CA LYS B 388 -68.54 21.01 5.70
C LYS B 388 -69.72 21.91 6.00
N CYS B 389 -70.11 22.76 5.04
CA CYS B 389 -71.21 23.68 5.28
C CYS B 389 -72.54 22.94 5.40
N LEU B 390 -72.69 21.80 4.72
CA LEU B 390 -73.87 20.97 4.93
C LEU B 390 -73.92 20.47 6.37
N GLU B 391 -72.77 20.06 6.91
CA GLU B 391 -72.72 19.68 8.32
C GLU B 391 -73.07 20.86 9.22
N LYS B 392 -72.55 22.04 8.91
CA LYS B 392 -72.76 23.21 9.74
C LYS B 392 -74.11 23.86 9.52
N GLU B 393 -74.80 23.54 8.43
CA GLU B 393 -76.08 24.17 8.10
C GLU B 393 -75.92 25.69 8.04
N VAL B 394 -74.96 26.13 7.24
CA VAL B 394 -74.65 27.56 7.11
C VAL B 394 -74.63 27.93 5.64
N ALA B 395 -74.82 29.22 5.39
CA ALA B 395 -74.80 29.79 4.05
C ALA B 395 -73.50 30.53 3.82
N ALA B 396 -73.10 30.64 2.56
CA ALA B 396 -71.87 31.32 2.17
C ALA B 396 -72.21 32.73 1.70
N LEU B 397 -71.71 33.73 2.43
CA LEU B 397 -71.88 35.11 2.04
C LEU B 397 -70.70 35.54 1.18
N CYS B 398 -70.99 36.13 0.03
CA CYS B 398 -69.94 36.44 -0.93
C CYS B 398 -70.31 37.68 -1.72
N ARG B 399 -69.29 38.37 -2.22
CA ARG B 399 -69.45 39.52 -3.08
C ARG B 399 -69.30 39.07 -4.52
N TYR B 400 -70.33 39.27 -5.33
CA TYR B 400 -70.40 38.75 -6.68
C TYR B 400 -70.32 39.87 -7.71
N THR B 401 -69.36 39.76 -8.62
CA THR B 401 -69.24 40.69 -9.75
C THR B 401 -69.39 39.90 -11.04
N PRO B 402 -70.53 39.99 -11.72
CA PRO B 402 -70.73 39.17 -12.92
C PRO B 402 -69.70 39.40 -14.01
N ARG B 403 -69.58 40.64 -14.48
CA ARG B 403 -68.64 40.96 -15.53
C ARG B 403 -68.04 42.33 -15.26
N ARG B 404 -67.29 42.84 -16.22
CA ARG B 404 -66.58 44.10 -16.05
C ARG B 404 -67.55 45.26 -15.89
N ASN B 405 -67.20 46.18 -14.99
CA ASN B 405 -67.95 47.42 -14.76
C ASN B 405 -69.40 47.13 -14.38
N ILE B 406 -69.55 46.44 -13.25
CA ILE B 406 -70.86 46.18 -12.66
C ILE B 406 -70.72 46.24 -11.14
N PRO B 407 -71.63 46.91 -10.44
CA PRO B 407 -71.55 46.95 -8.98
C PRO B 407 -71.68 45.56 -8.40
N PRO B 408 -70.75 45.15 -7.53
CA PRO B 408 -70.81 43.82 -6.96
C PRO B 408 -71.87 43.73 -5.88
N TYR B 409 -72.62 42.64 -5.90
CA TYR B 409 -73.73 42.44 -4.98
C TYR B 409 -73.50 41.21 -4.13
N PHE B 410 -73.98 41.26 -2.89
CA PHE B 410 -73.85 40.14 -1.97
C PHE B 410 -74.86 39.06 -2.30
N VAL B 411 -74.42 37.80 -2.23
CA VAL B 411 -75.25 36.65 -2.55
C VAL B 411 -74.98 35.56 -1.53
N ALA B 412 -75.90 34.60 -1.48
CA ALA B 412 -75.81 33.46 -0.58
C ALA B 412 -75.75 32.17 -1.39
N LEU B 413 -74.89 31.26 -0.96
CA LEU B 413 -74.68 29.99 -1.66
C LEU B 413 -75.20 28.87 -0.76
N VAL B 414 -76.44 28.46 -0.97
CA VAL B 414 -77.00 27.34 -0.22
C VAL B 414 -76.53 26.04 -0.87
N PRO B 415 -75.96 25.12 -0.10
CA PRO B 415 -75.49 23.84 -0.66
C PRO B 415 -76.67 22.93 -0.96
N GLN B 416 -76.91 22.67 -2.24
CA GLN B 416 -77.90 21.70 -2.66
C GLN B 416 -77.19 20.38 -2.95
N GLU B 417 -77.49 19.37 -2.15
CA GLU B 417 -76.90 18.05 -2.35
C GLU B 417 -77.55 17.39 -3.57
N GLU B 418 -76.76 16.58 -4.27
CA GLU B 418 -77.30 15.80 -5.37
C GLU B 418 -78.25 14.74 -4.82
N GLU B 419 -79.50 14.79 -5.29
CA GLU B 419 -80.49 13.78 -4.93
C GLU B 419 -80.81 12.92 -6.16
N LEU B 420 -80.85 11.61 -5.95
CA LEU B 420 -81.23 10.66 -6.97
C LEU B 420 -82.63 10.15 -6.71
N ASP B 421 -83.13 9.36 -7.65
CA ASP B 421 -84.47 8.79 -7.57
C ASP B 421 -84.36 7.26 -7.55
N ASP B 422 -85.50 6.59 -7.68
CA ASP B 422 -85.51 5.15 -7.85
C ASP B 422 -84.69 4.73 -9.05
N GLN B 423 -84.66 5.57 -10.08
CA GLN B 423 -83.81 5.33 -11.25
C GLN B 423 -82.39 5.84 -11.06
N LYS B 424 -82.08 6.41 -9.89
CA LYS B 424 -80.76 6.95 -9.58
C LYS B 424 -80.40 8.08 -10.55
N ILE B 425 -81.40 8.80 -11.03
CA ILE B 425 -81.21 9.95 -11.91
C ILE B 425 -81.26 11.21 -11.05
N GLN B 426 -80.47 12.21 -11.43
CA GLN B 426 -80.35 13.42 -10.64
C GLN B 426 -81.62 14.25 -10.70
N VAL B 427 -82.51 14.06 -9.72
CA VAL B 427 -83.64 14.98 -9.58
C VAL B 427 -83.16 16.34 -9.13
N THR B 428 -81.95 16.43 -8.60
CA THR B 428 -81.32 17.65 -8.18
C THR B 428 -79.82 17.43 -8.31
N PRO B 429 -79.10 18.28 -9.05
CA PRO B 429 -77.66 18.12 -9.19
C PRO B 429 -76.94 18.61 -7.96
N PRO B 430 -75.69 18.22 -7.77
CA PRO B 430 -74.90 18.73 -6.64
C PRO B 430 -74.35 20.12 -6.94
N GLY B 431 -74.08 20.85 -5.87
CA GLY B 431 -73.48 22.15 -5.98
C GLY B 431 -74.14 23.12 -5.02
N PHE B 432 -73.95 24.42 -5.30
CA PHE B 432 -74.48 25.49 -4.46
C PHE B 432 -75.50 26.27 -5.27
N GLN B 433 -76.76 26.22 -4.84
CA GLN B 433 -77.77 27.07 -5.42
C GLN B 433 -77.49 28.51 -5.04
N LEU B 434 -77.47 29.40 -6.04
CA LEU B 434 -77.05 30.78 -5.86
C LEU B 434 -78.29 31.66 -5.71
N VAL B 435 -78.57 32.08 -4.48
CA VAL B 435 -79.66 32.98 -4.19
C VAL B 435 -79.08 34.36 -3.90
N PHE B 436 -79.82 35.40 -4.30
CA PHE B 436 -79.33 36.77 -4.25
C PHE B 436 -79.87 37.48 -3.03
N LEU B 437 -79.07 38.42 -2.51
CA LEU B 437 -79.45 39.18 -1.32
C LEU B 437 -79.86 40.58 -1.72
N PRO B 438 -81.12 40.95 -1.54
CA PRO B 438 -81.54 42.32 -1.90
C PRO B 438 -80.95 43.35 -0.95
N PHE B 439 -80.97 44.60 -1.42
CA PHE B 439 -80.40 45.72 -0.68
C PHE B 439 -81.51 46.49 0.04
N ALA B 440 -81.11 47.54 0.75
CA ALA B 440 -82.07 48.34 1.50
C ALA B 440 -83.07 49.03 0.58
N ASP B 441 -82.59 49.56 -0.55
CA ASP B 441 -83.49 50.21 -1.50
C ASP B 441 -84.54 49.25 -2.03
N ASP B 442 -84.20 47.96 -2.10
CA ASP B 442 -85.16 46.96 -2.58
C ASP B 442 -86.40 46.92 -1.70
N LYS B 443 -86.22 47.08 -0.38
CA LYS B 443 -87.35 47.06 0.53
C LYS B 443 -88.28 48.23 0.25
N ARG B 444 -89.55 47.94 -0.02
CA ARG B 444 -90.56 48.96 -0.27
C ARG B 444 -91.65 48.82 0.78
N LYS B 445 -91.68 49.73 1.75
CA LYS B 445 -92.72 49.70 2.76
C LYS B 445 -94.04 50.21 2.19
N MET B 446 -95.12 49.72 2.77
CA MET B 446 -96.48 49.99 2.32
C MET B 446 -97.34 50.42 3.51
N PRO B 447 -98.45 51.13 3.26
CA PRO B 447 -99.35 51.46 4.36
C PRO B 447 -99.94 50.21 4.98
N PHE B 448 -99.54 49.90 6.21
CA PHE B 448 -99.91 48.67 6.88
C PHE B 448 -101.11 48.89 7.79
N THR B 449 -101.64 47.77 8.30
CA THR B 449 -102.79 47.78 9.18
C THR B 449 -102.48 46.97 10.43
N GLU B 450 -103.44 46.96 11.36
CA GLU B 450 -103.27 46.22 12.60
C GLU B 450 -103.37 44.72 12.35
N LYS B 451 -103.13 43.95 13.42
CA LYS B 451 -103.26 42.51 13.36
C LYS B 451 -104.70 42.12 13.67
N ILE B 452 -105.30 41.33 12.78
CA ILE B 452 -106.67 40.85 12.93
C ILE B 452 -106.63 39.34 13.01
N MET B 453 -107.32 38.77 13.99
CA MET B 453 -107.39 37.33 14.18
C MET B 453 -108.72 36.80 13.66
N ALA B 454 -108.84 35.47 13.66
CA ALA B 454 -110.04 34.80 13.22
C ALA B 454 -110.39 33.69 14.21
N THR B 455 -111.68 33.37 14.27
CA THR B 455 -112.14 32.36 15.20
C THR B 455 -111.59 30.99 14.81
N PRO B 456 -111.19 30.16 15.78
CA PRO B 456 -110.60 28.86 15.44
C PRO B 456 -111.52 27.94 14.66
N GLU B 457 -112.83 28.01 14.86
CA GLU B 457 -113.74 27.16 14.10
C GLU B 457 -113.73 27.54 12.63
N GLN B 458 -113.62 28.83 12.32
CA GLN B 458 -113.45 29.25 10.93
C GLN B 458 -112.12 28.77 10.37
N VAL B 459 -111.09 28.70 11.21
CA VAL B 459 -109.81 28.14 10.77
C VAL B 459 -109.96 26.67 10.44
N GLY B 460 -110.72 25.93 11.25
CA GLY B 460 -110.97 24.53 10.93
C GLY B 460 -111.79 24.37 9.66
N LYS B 461 -112.75 25.28 9.43
CA LYS B 461 -113.49 25.27 8.19
C LYS B 461 -112.57 25.50 7.00
N MET B 462 -111.62 26.43 7.14
CA MET B 462 -110.60 26.63 6.11
C MET B 462 -109.74 25.40 5.91
N LYS B 463 -109.37 24.72 7.00
CA LYS B 463 -108.58 23.50 6.86
C LYS B 463 -109.34 22.45 6.07
N ALA B 464 -110.62 22.27 6.38
CA ALA B 464 -111.44 21.30 5.66
C ALA B 464 -111.59 21.71 4.20
N ILE B 465 -111.83 22.99 3.94
CA ILE B 465 -112.02 23.48 2.58
C ILE B 465 -110.73 23.30 1.76
N VAL B 466 -109.58 23.56 2.37
CA VAL B 466 -108.31 23.32 1.70
C VAL B 466 -108.15 21.84 1.40
N GLU B 467 -108.43 20.99 2.39
CA GLU B 467 -108.32 19.55 2.19
C GLU B 467 -109.25 19.08 1.09
N LYS B 468 -110.37 19.78 0.88
CA LYS B 468 -111.26 19.44 -0.22
C LYS B 468 -110.53 19.52 -1.56
N LEU B 469 -109.82 20.62 -1.80
CA LEU B 469 -109.21 20.89 -3.10
C LEU B 469 -107.69 20.72 -3.06
N ARG B 470 -107.17 19.98 -2.09
CA ARG B 470 -105.74 19.76 -2.04
C ARG B 470 -105.27 18.86 -3.18
N PHE B 471 -104.00 18.98 -3.51
CA PHE B 471 -103.38 18.16 -4.53
C PHE B 471 -101.87 18.23 -4.36
N THR B 472 -101.16 17.40 -5.11
CA THR B 472 -99.71 17.37 -5.10
C THR B 472 -99.18 18.11 -6.32
N TYR B 473 -98.43 19.18 -6.08
CA TYR B 473 -97.88 19.97 -7.17
C TYR B 473 -96.72 19.26 -7.84
N ARG B 474 -96.62 19.44 -9.15
CA ARG B 474 -95.48 18.95 -9.92
C ARG B 474 -95.08 20.04 -10.89
N SER B 475 -93.76 20.25 -11.04
CA SER B 475 -93.27 21.39 -11.79
C SER B 475 -93.68 21.33 -13.25
N ASP B 476 -93.60 20.16 -13.87
CA ASP B 476 -93.89 20.01 -15.29
C ASP B 476 -95.38 19.93 -15.59
N SER B 477 -96.24 20.23 -14.62
CA SER B 477 -97.68 20.12 -14.80
C SER B 477 -98.31 21.43 -15.26
N PHE B 478 -97.51 22.47 -15.49
CA PHE B 478 -98.06 23.76 -15.86
C PHE B 478 -97.15 24.42 -16.88
N GLU B 479 -97.75 25.31 -17.68
CA GLU B 479 -97.06 25.90 -18.81
C GLU B 479 -97.81 27.15 -19.25
N ASN B 480 -97.11 28.07 -19.87
CA ASN B 480 -97.70 29.31 -20.35
C ASN B 480 -98.58 29.07 -21.57
N PRO B 481 -99.90 29.21 -21.47
CA PRO B 481 -100.74 29.01 -22.65
C PRO B 481 -100.55 30.06 -23.73
N VAL B 482 -100.02 31.24 -23.39
CA VAL B 482 -99.89 32.30 -24.37
C VAL B 482 -98.85 31.91 -25.43
N LEU B 483 -97.69 31.44 -24.99
CA LEU B 483 -96.70 30.95 -25.95
C LEU B 483 -97.21 29.74 -26.72
N GLN B 484 -98.00 28.89 -26.07
CA GLN B 484 -98.57 27.76 -26.78
C GLN B 484 -99.47 28.23 -27.91
N GLN B 485 -100.34 29.22 -27.64
CA GLN B 485 -101.19 29.74 -28.69
C GLN B 485 -100.37 30.41 -29.78
N HIS B 486 -99.31 31.12 -29.39
CA HIS B 486 -98.40 31.68 -30.37
C HIS B 486 -97.88 30.61 -31.31
N PHE B 487 -97.40 29.50 -30.75
CA PHE B 487 -96.93 28.40 -31.58
C PHE B 487 -98.06 27.89 -32.47
N ARG B 488 -99.19 27.54 -31.87
CA ARG B 488 -100.36 27.10 -32.62
C ARG B 488 -100.58 27.94 -33.86
N ASN B 489 -100.62 29.27 -33.68
CA ASN B 489 -100.75 30.16 -34.83
C ASN B 489 -99.58 30.00 -35.79
N LEU B 490 -98.37 29.88 -35.26
CA LEU B 490 -97.18 29.84 -36.11
C LEU B 490 -97.19 28.63 -37.03
N GLU B 491 -97.34 27.45 -36.47
CA GLU B 491 -97.42 26.26 -37.31
C GLU B 491 -98.71 26.21 -38.12
N ALA B 492 -99.78 26.85 -37.65
CA ALA B 492 -101.03 26.87 -38.41
C ALA B 492 -100.87 27.66 -39.71
N LEU B 493 -100.31 28.87 -39.61
CA LEU B 493 -100.01 29.62 -40.82
C LEU B 493 -98.92 28.95 -41.63
N ALA B 494 -98.00 28.26 -40.97
CA ALA B 494 -97.05 27.41 -41.69
C ALA B 494 -97.78 26.30 -42.41
N LEU B 495 -98.76 25.68 -41.76
CA LEU B 495 -99.54 24.61 -42.38
C LEU B 495 -100.76 25.13 -43.12
N ASP B 496 -101.01 26.45 -43.06
CA ASP B 496 -102.02 27.13 -43.88
C ASP B 496 -103.33 26.35 -43.98
N LEU B 497 -103.80 25.87 -42.83
CA LEU B 497 -105.04 25.12 -42.75
C LEU B 497 -106.24 26.06 -42.87
N MET B 498 -107.44 25.51 -42.72
CA MET B 498 -108.62 26.35 -42.59
C MET B 498 -108.59 27.12 -41.27
N GLU B 499 -108.17 26.45 -40.21
CA GLU B 499 -108.27 26.92 -38.84
C GLU B 499 -106.97 26.65 -38.10
N PRO B 500 -106.67 27.44 -37.08
CA PRO B 500 -105.50 27.17 -36.25
C PRO B 500 -105.82 26.27 -35.07
N GLU B 501 -104.83 25.46 -34.70
CA GLU B 501 -104.96 24.61 -33.54
C GLU B 501 -105.23 25.46 -32.30
N GLN B 502 -106.03 24.92 -31.39
CA GLN B 502 -106.44 25.64 -30.18
C GLN B 502 -105.70 25.06 -29.00
N ALA B 503 -104.82 25.85 -28.40
CA ALA B 503 -104.12 25.42 -27.20
C ALA B 503 -105.09 25.38 -26.02
N VAL B 504 -104.74 24.56 -25.03
CA VAL B 504 -105.56 24.37 -23.84
C VAL B 504 -104.85 24.97 -22.65
N ASP B 505 -105.52 25.87 -21.94
CA ASP B 505 -104.95 26.51 -20.77
C ASP B 505 -105.02 25.56 -19.59
N LEU B 506 -103.85 25.18 -19.07
CA LEU B 506 -103.77 24.36 -17.87
C LEU B 506 -103.78 25.19 -16.59
N THR B 507 -103.85 26.51 -16.72
CA THR B 507 -103.85 27.40 -15.57
C THR B 507 -105.24 27.92 -15.22
N LEU B 508 -106.28 27.38 -15.85
CA LEU B 508 -107.65 27.76 -15.51
C LEU B 508 -108.17 26.85 -14.42
N PRO B 509 -108.64 27.38 -13.28
CA PRO B 509 -109.15 26.52 -12.22
C PRO B 509 -110.42 25.80 -12.64
N LYS B 510 -110.58 24.58 -12.12
CA LYS B 510 -111.76 23.77 -12.40
C LYS B 510 -112.88 24.26 -11.49
N VAL B 511 -113.47 25.40 -11.87
CA VAL B 511 -114.38 26.12 -10.98
C VAL B 511 -115.59 25.25 -10.62
N GLU B 512 -116.18 24.59 -11.62
CA GLU B 512 -117.31 23.72 -11.35
C GLU B 512 -116.89 22.50 -10.53
N ALA B 513 -115.74 21.91 -10.88
CA ALA B 513 -115.26 20.74 -10.14
C ALA B 513 -114.90 21.11 -8.71
N MET B 514 -114.21 22.24 -8.52
CA MET B 514 -113.87 22.66 -7.17
C MET B 514 -115.12 22.98 -6.37
N ASN B 515 -116.10 23.63 -7.00
CA ASN B 515 -117.33 23.99 -6.29
C ASN B 515 -118.09 22.75 -5.85
N LYS B 516 -118.24 21.77 -6.75
CA LYS B 516 -118.92 20.54 -6.36
C LYS B 516 -118.11 19.74 -5.35
N ARG B 517 -116.78 19.90 -5.37
CA ARG B 517 -115.93 19.21 -4.41
C ARG B 517 -116.02 19.82 -3.02
N LEU B 518 -116.27 21.13 -2.94
CA LEU B 518 -116.36 21.79 -1.64
C LEU B 518 -117.70 21.54 -0.97
N GLY B 519 -118.79 21.79 -1.69
CA GLY B 519 -120.11 21.67 -1.12
C GLY B 519 -120.62 22.98 -0.56
N SER B 520 -121.33 22.92 0.56
CA SER B 520 -121.91 24.11 1.18
C SER B 520 -120.96 24.78 2.17
N LEU B 521 -119.74 24.26 2.34
CA LEU B 521 -118.79 24.88 3.25
C LEU B 521 -118.45 26.30 2.82
N VAL B 522 -118.53 26.57 1.52
CA VAL B 522 -118.22 27.91 1.01
C VAL B 522 -119.19 28.94 1.61
N ASP B 523 -120.49 28.73 1.41
CA ASP B 523 -121.47 29.66 1.96
C ASP B 523 -121.52 29.59 3.47
N GLU B 524 -121.20 28.42 4.05
CA GLU B 524 -121.13 28.32 5.50
C GLU B 524 -120.10 29.28 6.06
N PHE B 525 -118.88 29.26 5.51
CA PHE B 525 -117.88 30.21 5.97
C PHE B 525 -118.21 31.63 5.56
N LYS B 526 -118.91 31.80 4.43
CA LYS B 526 -119.31 33.14 4.01
C LYS B 526 -120.19 33.80 5.06
N GLU B 527 -121.19 33.08 5.56
CA GLU B 527 -122.00 33.60 6.65
C GLU B 527 -121.25 33.56 7.98
N LEU B 528 -120.23 32.70 8.11
CA LEU B 528 -119.42 32.69 9.32
C LEU B 528 -118.68 34.01 9.51
N VAL B 529 -118.07 34.52 8.45
CA VAL B 529 -117.24 35.72 8.51
C VAL B 529 -117.94 36.92 7.86
N TYR B 530 -118.20 36.83 6.56
CA TYR B 530 -118.79 37.95 5.86
C TYR B 530 -120.21 38.20 6.36
N PRO B 531 -120.64 39.46 6.43
CA PRO B 531 -121.99 39.77 6.91
C PRO B 531 -123.03 39.09 6.04
N PRO B 532 -124.10 38.58 6.63
CA PRO B 532 -125.17 37.98 5.82
C PRO B 532 -125.82 38.97 4.87
N ASP B 533 -125.90 40.24 5.25
CA ASP B 533 -126.48 41.27 4.40
C ASP B 533 -125.49 41.85 3.41
N TYR B 534 -124.21 41.88 3.76
CA TYR B 534 -123.18 42.48 2.90
C TYR B 534 -122.38 41.38 2.22
N ASN B 535 -122.51 41.30 0.90
CA ASN B 535 -121.63 40.46 0.11
C ASN B 535 -120.23 41.07 0.06
N PRO B 536 -119.22 40.27 -0.26
CA PRO B 536 -117.87 40.85 -0.45
C PRO B 536 -117.82 41.87 -1.57
N GLU B 537 -118.74 41.81 -2.53
CA GLU B 537 -118.81 42.82 -3.57
C GLU B 537 -119.22 44.16 -2.97
N GLY B 538 -118.53 45.22 -3.37
CA GLY B 538 -118.83 46.55 -2.88
C GLY B 538 -120.16 47.08 -3.39
N ASN C 6 -98.50 64.40 -1.73
CA ASN C 6 -98.27 65.81 -1.44
C ASN C 6 -96.78 66.10 -1.38
N LYS C 7 -96.30 66.48 -0.19
CA LYS C 7 -94.90 66.84 0.00
C LYS C 7 -94.60 66.91 1.48
N ALA C 8 -93.45 66.37 1.88
CA ALA C 8 -93.05 66.41 3.28
C ALA C 8 -92.38 67.74 3.61
N ALA C 9 -92.18 67.97 4.90
CA ALA C 9 -91.49 69.15 5.40
C ALA C 9 -90.28 68.70 6.20
N VAL C 10 -89.08 69.01 5.70
CA VAL C 10 -87.84 68.63 6.36
C VAL C 10 -87.00 69.88 6.58
N VAL C 11 -86.34 69.93 7.73
CA VAL C 11 -85.49 71.06 8.10
C VAL C 11 -84.31 70.54 8.90
N LEU C 12 -83.14 71.14 8.67
CA LEU C 12 -81.90 70.67 9.25
C LEU C 12 -81.34 71.72 10.21
N CYS C 13 -81.00 71.28 11.42
CA CYS C 13 -80.29 72.08 12.39
C CYS C 13 -79.01 71.35 12.78
N MET C 14 -77.88 72.06 12.76
CA MET C 14 -76.60 71.43 13.00
C MET C 14 -75.73 72.35 13.83
N ASP C 15 -75.03 71.78 14.81
CA ASP C 15 -74.18 72.55 15.71
C ASP C 15 -72.85 72.84 15.04
N VAL C 16 -72.63 74.11 14.70
CA VAL C 16 -71.45 74.53 13.95
C VAL C 16 -70.37 74.93 14.97
N GLY C 17 -70.57 74.52 16.22
CA GLY C 17 -69.66 74.90 17.27
C GLY C 17 -68.27 74.31 17.10
N PHE C 18 -67.33 74.92 17.82
CA PHE C 18 -65.93 74.51 17.75
C PHE C 18 -65.73 73.09 18.25
N THR C 19 -66.63 72.57 19.09
CA THR C 19 -66.43 71.28 19.71
C THR C 19 -66.36 70.15 18.69
N MET C 20 -67.19 70.21 17.65
CA MET C 20 -67.09 69.21 16.59
C MET C 20 -65.79 69.34 15.82
N SER C 21 -65.26 70.56 15.70
CA SER C 21 -63.99 70.74 15.02
C SER C 21 -62.86 70.01 15.73
N ASN C 22 -63.05 69.63 16.99
CA ASN C 22 -62.10 68.80 17.70
C ASN C 22 -62.09 67.41 17.07
N SER C 23 -60.98 67.04 16.44
CA SER C 23 -60.87 65.76 15.77
C SER C 23 -60.02 64.81 16.60
N ILE C 24 -60.56 63.64 16.89
CA ILE C 24 -59.80 62.62 17.62
C ILE C 24 -58.63 62.15 16.75
N PRO C 25 -57.44 61.95 17.31
CA PRO C 25 -56.34 61.40 16.51
C PRO C 25 -56.68 60.04 15.93
N GLY C 26 -56.78 59.97 14.59
CA GLY C 26 -57.17 58.76 13.90
C GLY C 26 -58.66 58.61 13.66
N ILE C 27 -59.49 59.47 14.23
CA ILE C 27 -60.94 59.44 14.03
C ILE C 27 -61.37 60.82 13.57
N GLU C 28 -62.01 60.91 12.41
CA GLU C 28 -62.30 62.20 11.82
C GLU C 28 -63.31 62.97 12.67
N SER C 29 -63.21 64.29 12.61
CA SER C 29 -64.00 65.15 13.47
C SER C 29 -65.50 64.96 13.22
N PRO C 30 -66.33 65.10 14.25
CA PRO C 30 -67.78 64.95 14.04
C PRO C 30 -68.36 65.93 13.04
N PHE C 31 -67.77 67.12 12.91
CA PHE C 31 -68.34 68.13 12.02
C PHE C 31 -68.36 67.64 10.59
N GLU C 32 -67.22 67.16 10.08
CA GLU C 32 -67.18 66.70 8.70
C GLU C 32 -67.87 65.35 8.51
N GLN C 33 -67.98 64.54 9.57
CA GLN C 33 -68.78 63.32 9.47
C GLN C 33 -70.26 63.67 9.24
N ALA C 34 -70.79 64.58 10.05
CA ALA C 34 -72.15 65.06 9.83
C ALA C 34 -72.27 65.75 8.47
N LYS C 35 -71.22 66.46 8.05
CA LYS C 35 -71.24 67.08 6.73
C LYS C 35 -71.36 66.05 5.63
N LYS C 36 -70.63 64.93 5.75
CA LYS C 36 -70.74 63.86 4.77
C LYS C 36 -72.15 63.27 4.78
N VAL C 37 -72.72 63.06 5.96
CA VAL C 37 -74.07 62.49 6.04
C VAL C 37 -75.07 63.42 5.39
N ILE C 38 -75.00 64.71 5.69
CA ILE C 38 -75.98 65.65 5.15
C ILE C 38 -75.76 65.86 3.66
N THR C 39 -74.51 65.80 3.19
CA THR C 39 -74.27 65.88 1.76
C THR C 39 -74.87 64.68 1.04
N MET C 40 -74.74 63.49 1.63
CA MET C 40 -75.39 62.30 1.07
C MET C 40 -76.90 62.52 1.00
N PHE C 41 -77.49 63.00 2.09
CA PHE C 41 -78.94 63.20 2.13
C PHE C 41 -79.38 64.21 1.08
N VAL C 42 -78.70 65.36 1.00
CA VAL C 42 -79.10 66.40 0.07
C VAL C 42 -78.83 65.98 -1.37
N GLN C 43 -77.81 65.14 -1.59
CA GLN C 43 -77.61 64.56 -2.90
C GLN C 43 -78.80 63.70 -3.30
N ARG C 44 -79.29 62.89 -2.36
CA ARG C 44 -80.50 62.11 -2.65
C ARG C 44 -81.68 63.02 -2.93
N GLN C 45 -81.82 64.11 -2.17
CA GLN C 45 -82.94 65.02 -2.37
C GLN C 45 -82.87 65.66 -3.75
N VAL C 46 -81.70 66.18 -4.13
CA VAL C 46 -81.56 66.89 -5.39
C VAL C 46 -81.70 65.94 -6.57
N PHE C 47 -81.00 64.81 -6.52
CA PHE C 47 -80.98 63.92 -7.67
C PHE C 47 -82.27 63.13 -7.81
N ALA C 48 -82.97 62.89 -6.71
CA ALA C 48 -84.33 62.39 -6.81
C ALA C 48 -85.33 63.50 -7.10
N GLU C 49 -84.91 64.76 -7.00
CA GLU C 49 -85.74 65.91 -7.29
C GLU C 49 -87.04 65.87 -6.47
N ASN C 50 -86.88 65.66 -5.17
CA ASN C 50 -88.03 65.60 -4.27
C ASN C 50 -88.71 66.95 -4.18
N LYS C 51 -90.02 66.91 -3.92
CA LYS C 51 -90.83 68.12 -3.83
C LYS C 51 -90.84 68.71 -2.43
N ASP C 52 -90.13 68.12 -1.49
CA ASP C 52 -90.13 68.59 -0.11
C ASP C 52 -89.20 69.79 0.03
N GLU C 53 -89.70 70.87 0.62
CA GLU C 53 -88.88 72.03 0.90
C GLU C 53 -87.87 71.71 2.00
N ILE C 54 -86.68 72.30 1.88
CA ILE C 54 -85.60 72.04 2.82
C ILE C 54 -85.12 73.38 3.37
N ALA C 55 -85.00 73.45 4.69
CA ALA C 55 -84.47 74.63 5.37
C ALA C 55 -83.28 74.22 6.22
N LEU C 56 -82.29 75.11 6.30
CA LEU C 56 -81.08 74.85 7.06
C LEU C 56 -80.85 75.98 8.06
N VAL C 57 -80.59 75.60 9.31
CA VAL C 57 -80.24 76.54 10.35
C VAL C 57 -79.07 75.96 11.14
N LEU C 58 -78.25 76.84 11.70
CA LEU C 58 -77.08 76.44 12.47
C LEU C 58 -77.09 77.16 13.80
N PHE C 59 -76.73 76.44 14.87
CA PHE C 59 -76.59 77.04 16.18
C PHE C 59 -75.17 76.81 16.70
N GLY C 60 -74.75 77.67 17.61
CA GLY C 60 -73.35 77.76 17.95
C GLY C 60 -72.56 78.59 16.97
N THR C 61 -73.23 79.40 16.15
CA THR C 61 -72.56 80.23 15.18
C THR C 61 -71.87 81.41 15.85
N ASP C 62 -70.78 81.86 15.24
CA ASP C 62 -70.09 83.04 15.75
C ASP C 62 -71.00 84.27 15.73
N GLY C 63 -71.77 84.42 14.66
CA GLY C 63 -72.82 85.42 14.59
C GLY C 63 -74.15 84.85 15.05
N THR C 64 -75.22 85.55 14.67
CA THR C 64 -76.57 85.10 14.99
C THR C 64 -77.52 85.66 13.94
N ASP C 65 -78.33 84.78 13.35
CA ASP C 65 -79.29 85.20 12.34
C ASP C 65 -80.55 84.37 12.51
N ASN C 66 -81.61 85.00 12.99
CA ASN C 66 -82.90 84.36 13.18
C ASN C 66 -83.96 85.42 13.46
N PRO C 67 -85.17 85.27 12.94
CA PRO C 67 -86.25 86.20 13.30
C PRO C 67 -86.64 86.12 14.77
N LEU C 68 -86.22 85.08 15.47
CA LEU C 68 -86.50 84.92 16.89
C LEU C 68 -85.39 85.48 17.78
N SER C 69 -84.23 85.79 17.22
CA SER C 69 -83.09 86.25 18.01
C SER C 69 -83.41 87.60 18.63
N GLY C 70 -83.63 87.61 19.95
CA GLY C 70 -83.88 88.84 20.67
C GLY C 70 -82.80 89.17 21.67
N GLY C 71 -83.19 89.39 22.92
CA GLY C 71 -82.23 89.67 23.97
C GLY C 71 -81.72 88.41 24.63
N ASP C 72 -80.53 87.97 24.23
CA ASP C 72 -79.92 86.72 24.67
C ASP C 72 -80.75 85.49 24.30
N GLN C 73 -81.75 85.65 23.45
CA GLN C 73 -82.61 84.56 23.03
C GLN C 73 -82.13 84.04 21.68
N TYR C 74 -81.84 82.75 21.61
CA TYR C 74 -81.47 82.08 20.36
C TYR C 74 -80.23 82.71 19.73
N GLN C 75 -79.30 83.14 20.57
CA GLN C 75 -78.05 83.68 20.07
C GLN C 75 -77.15 82.54 19.60
N ASN C 76 -76.10 82.92 18.86
CA ASN C 76 -75.20 81.97 18.19
C ASN C 76 -75.95 81.08 17.21
N ILE C 77 -77.13 81.50 16.78
CA ILE C 77 -77.96 80.74 15.86
C ILE C 77 -78.12 81.55 14.59
N THR C 78 -77.64 81.00 13.47
CA THR C 78 -77.71 81.66 12.17
C THR C 78 -78.53 80.80 11.22
N VAL C 79 -79.55 81.40 10.61
CA VAL C 79 -80.37 80.69 9.64
C VAL C 79 -79.65 80.72 8.30
N HIS C 80 -79.27 79.55 7.80
CA HIS C 80 -78.56 79.50 6.53
C HIS C 80 -79.51 79.42 5.34
N ARG C 81 -80.64 78.72 5.50
CA ARG C 81 -81.58 78.56 4.40
C ARG C 81 -82.98 78.36 4.97
N HIS C 82 -83.95 79.01 4.34
CA HIS C 82 -85.35 78.80 4.69
C HIS C 82 -85.90 77.62 3.89
N LEU C 83 -87.19 77.34 4.05
CA LEU C 83 -87.77 76.17 3.42
C LEU C 83 -87.91 76.37 1.92
N MET C 84 -86.88 75.97 1.17
CA MET C 84 -86.90 76.02 -0.28
C MET C 84 -86.41 74.68 -0.81
N LEU C 85 -86.75 74.41 -2.07
CA LEU C 85 -86.26 73.21 -2.71
C LEU C 85 -84.74 73.27 -2.86
N PRO C 86 -84.05 72.15 -2.67
CA PRO C 86 -82.58 72.19 -2.72
C PRO C 86 -82.08 72.45 -4.13
N ASP C 87 -80.82 72.92 -4.19
CA ASP C 87 -80.20 73.27 -5.45
C ASP C 87 -78.69 73.06 -5.35
N PHE C 88 -78.01 73.25 -6.47
CA PHE C 88 -76.55 73.18 -6.47
C PHE C 88 -75.95 74.26 -5.59
N ASP C 89 -76.66 75.39 -5.43
CA ASP C 89 -76.19 76.42 -4.53
C ASP C 89 -76.11 75.92 -3.09
N LEU C 90 -77.11 75.16 -2.66
CA LEU C 90 -77.07 74.55 -1.35
C LEU C 90 -75.89 73.59 -1.23
N LEU C 91 -75.63 72.82 -2.29
CA LEU C 91 -74.51 71.89 -2.28
C LEU C 91 -73.19 72.62 -2.09
N GLU C 92 -72.96 73.67 -2.87
CA GLU C 92 -71.72 74.42 -2.76
C GLU C 92 -71.63 75.15 -1.43
N ASP C 93 -72.77 75.54 -0.85
CA ASP C 93 -72.75 76.16 0.46
C ASP C 93 -72.31 75.16 1.52
N ILE C 94 -72.89 73.96 1.50
CA ILE C 94 -72.47 72.91 2.43
C ILE C 94 -71.00 72.60 2.26
N GLU C 95 -70.53 72.58 1.01
CA GLU C 95 -69.12 72.33 0.76
C GLU C 95 -68.24 73.42 1.34
N SER C 96 -68.62 74.69 1.15
CA SER C 96 -67.72 75.81 1.43
C SER C 96 -68.23 76.72 2.55
N LYS C 97 -69.46 77.24 2.43
CA LYS C 97 -69.88 78.32 3.31
C LYS C 97 -69.93 77.87 4.77
N ILE C 98 -70.47 76.69 5.03
CA ILE C 98 -70.59 76.20 6.41
C ILE C 98 -69.23 75.71 6.88
N GLN C 99 -68.63 76.45 7.80
CA GLN C 99 -67.36 76.12 8.42
C GLN C 99 -67.53 76.20 9.94
N PRO C 100 -66.81 75.36 10.69
CA PRO C 100 -67.07 75.26 12.14
C PRO C 100 -66.81 76.57 12.86
N GLY C 101 -67.88 77.14 13.42
CA GLY C 101 -67.77 78.31 14.26
C GLY C 101 -67.25 77.95 15.63
N SER C 102 -67.04 78.99 16.45
CA SER C 102 -66.48 78.79 17.78
C SER C 102 -67.51 78.83 18.90
N GLN C 103 -68.69 79.37 18.64
CA GLN C 103 -69.68 79.53 19.69
C GLN C 103 -70.41 78.22 19.97
N GLN C 104 -71.03 78.14 21.13
CA GLN C 104 -71.89 77.03 21.50
C GLN C 104 -73.24 77.59 21.93
N ALA C 105 -74.25 76.73 21.91
CA ALA C 105 -75.60 77.17 22.25
C ALA C 105 -76.42 75.98 22.72
N ASP C 106 -77.54 76.29 23.38
CA ASP C 106 -78.48 75.26 23.81
C ASP C 106 -79.24 74.75 22.60
N PHE C 107 -79.16 73.44 22.35
CA PHE C 107 -79.85 72.86 21.20
C PHE C 107 -81.37 72.92 21.34
N LEU C 108 -81.88 73.07 22.56
CA LEU C 108 -83.32 73.26 22.73
C LEU C 108 -83.79 74.56 22.09
N ASP C 109 -83.04 75.64 22.26
CA ASP C 109 -83.39 76.90 21.64
C ASP C 109 -83.33 76.78 20.12
N ALA C 110 -82.32 76.09 19.60
CA ALA C 110 -82.23 75.88 18.16
C ALA C 110 -83.40 75.07 17.64
N LEU C 111 -83.80 74.04 18.38
CA LEU C 111 -84.97 73.25 17.98
C LEU C 111 -86.24 74.10 17.99
N ILE C 112 -86.39 74.95 18.99
CA ILE C 112 -87.55 75.83 19.05
C ILE C 112 -87.56 76.77 17.86
N VAL C 113 -86.39 77.33 17.52
CA VAL C 113 -86.30 78.21 16.35
C VAL C 113 -86.67 77.44 15.09
N SER C 114 -86.16 76.22 14.94
CA SER C 114 -86.42 75.43 13.75
C SER C 114 -87.91 75.13 13.61
N MET C 115 -88.56 74.73 14.71
CA MET C 115 -89.98 74.40 14.63
C MET C 115 -90.83 75.64 14.44
N ASP C 116 -90.40 76.79 15.00
CA ASP C 116 -91.12 78.03 14.74
C ASP C 116 -91.01 78.43 13.28
N VAL C 117 -89.83 78.26 12.68
CA VAL C 117 -89.69 78.50 11.25
C VAL C 117 -90.57 77.54 10.45
N ILE C 118 -90.65 76.29 10.92
CA ILE C 118 -91.52 75.32 10.27
C ILE C 118 -92.98 75.79 10.30
N GLN C 119 -93.42 76.30 11.45
CA GLN C 119 -94.77 76.84 11.55
C GLN C 119 -94.96 78.05 10.63
N HIS C 120 -93.97 78.94 10.58
CA HIS C 120 -94.09 80.14 9.77
C HIS C 120 -94.16 79.81 8.29
N GLU C 121 -93.45 78.78 7.84
CA GLU C 121 -93.40 78.44 6.43
C GLU C 121 -94.41 77.37 6.03
N THR C 122 -95.02 76.69 6.99
CA THR C 122 -96.01 75.65 6.68
C THR C 122 -97.40 76.22 6.45
N ILE C 123 -97.63 77.49 6.80
CA ILE C 123 -98.93 78.10 6.54
C ILE C 123 -99.08 78.49 5.08
N GLY C 124 -97.97 78.67 4.36
CA GLY C 124 -98.03 79.04 2.96
C GLY C 124 -98.18 77.89 1.99
N LYS C 125 -98.05 76.65 2.46
CA LYS C 125 -98.16 75.50 1.58
C LYS C 125 -98.51 74.27 2.40
N LYS C 126 -99.32 73.38 1.83
CA LYS C 126 -99.66 72.13 2.47
C LYS C 126 -98.43 71.23 2.56
N PHE C 127 -98.39 70.40 3.59
CA PHE C 127 -97.28 69.48 3.80
C PHE C 127 -97.81 68.11 4.17
N GLU C 128 -97.39 67.09 3.40
CA GLU C 128 -97.76 65.72 3.72
C GLU C 128 -97.17 65.28 5.05
N LYS C 129 -95.89 65.57 5.28
CA LYS C 129 -95.19 65.16 6.48
C LYS C 129 -94.31 66.30 6.97
N ARG C 130 -93.92 66.21 8.24
CA ARG C 130 -93.02 67.16 8.86
C ARG C 130 -91.91 66.40 9.56
N HIS C 131 -90.66 66.77 9.28
CA HIS C 131 -89.52 66.10 9.89
C HIS C 131 -88.49 67.11 10.37
N ILE C 132 -87.82 66.74 11.46
CA ILE C 132 -86.69 67.47 12.00
C ILE C 132 -85.59 66.47 12.32
N GLU C 133 -84.34 66.84 12.04
CA GLU C 133 -83.20 65.98 12.32
C GLU C 133 -82.10 66.82 12.94
N ILE C 134 -81.27 66.18 13.75
CA ILE C 134 -80.23 66.87 14.50
C ILE C 134 -78.89 66.18 14.30
N PHE C 135 -77.83 66.98 14.39
CA PHE C 135 -76.47 66.48 14.40
C PHE C 135 -75.73 67.24 15.50
N THR C 136 -75.48 66.57 16.62
CA THR C 136 -74.84 67.22 17.75
C THR C 136 -73.89 66.24 18.43
N ASP C 137 -72.85 66.81 19.05
CA ASP C 137 -71.94 66.04 19.88
C ASP C 137 -72.28 66.13 21.37
N LEU C 138 -73.26 66.96 21.72
CA LEU C 138 -73.81 67.11 23.07
C LEU C 138 -72.82 67.65 24.08
N SER C 139 -71.61 68.02 23.66
CA SER C 139 -70.67 68.68 24.56
C SER C 139 -70.96 70.16 24.73
N SER C 140 -71.81 70.73 23.87
CA SER C 140 -72.19 72.14 24.00
C SER C 140 -73.06 72.35 25.21
N ARG C 141 -73.14 73.60 25.65
CA ARG C 141 -73.99 73.95 26.78
C ARG C 141 -75.46 73.82 26.39
N PHE C 142 -76.29 73.51 27.39
CA PHE C 142 -77.72 73.40 27.18
C PHE C 142 -78.44 73.57 28.51
N SER C 143 -79.60 74.22 28.47
CA SER C 143 -80.42 74.45 29.65
C SER C 143 -81.76 73.77 29.45
N LYS C 144 -82.09 72.81 30.31
CA LYS C 144 -83.34 72.07 30.23
C LYS C 144 -84.44 72.93 30.82
N SER C 145 -85.11 73.71 29.96
CA SER C 145 -86.16 74.62 30.40
C SER C 145 -87.46 74.48 29.62
N GLN C 146 -87.43 73.94 28.41
CA GLN C 146 -88.63 73.83 27.58
C GLN C 146 -88.95 72.39 27.20
N LEU C 147 -88.39 71.41 27.93
CA LEU C 147 -88.55 70.01 27.55
C LEU C 147 -90.02 69.63 27.44
N ASP C 148 -90.79 69.92 28.50
CA ASP C 148 -92.23 69.65 28.44
C ASP C 148 -92.90 70.48 27.36
N ILE C 149 -92.54 71.77 27.26
CA ILE C 149 -93.12 72.63 26.24
C ILE C 149 -92.74 72.13 24.85
N ILE C 150 -91.47 71.77 24.65
CA ILE C 150 -91.03 71.28 23.35
C ILE C 150 -91.76 70.01 22.97
N ILE C 151 -91.90 69.07 23.91
CA ILE C 151 -92.56 67.80 23.62
C ILE C 151 -94.03 68.03 23.30
N HIS C 152 -94.72 68.85 24.11
CA HIS C 152 -96.13 69.11 23.85
C HIS C 152 -96.35 69.80 22.52
N SER C 153 -95.51 70.80 22.21
CA SER C 153 -95.63 71.50 20.94
C SER C 153 -95.30 70.59 19.76
N LEU C 154 -94.35 69.67 19.94
CA LEU C 154 -94.05 68.71 18.88
C LEU C 154 -95.22 67.78 18.64
N LYS C 155 -95.86 67.30 19.71
CA LYS C 155 -97.01 66.42 19.56
C LYS C 155 -98.20 67.16 18.96
N LYS C 156 -98.33 68.46 19.25
CA LYS C 156 -99.39 69.26 18.62
C LYS C 156 -99.03 69.71 17.22
N CYS C 157 -97.77 69.58 16.81
CA CYS C 157 -97.34 69.93 15.46
C CYS C 157 -96.95 68.73 14.61
N ASP C 158 -96.64 67.58 15.23
CA ASP C 158 -96.40 66.32 14.52
C ASP C 158 -95.25 66.45 13.51
N ILE C 159 -94.05 66.70 14.04
CA ILE C 159 -92.83 66.77 13.25
C ILE C 159 -91.92 65.65 13.70
N SER C 160 -91.59 64.74 12.79
CA SER C 160 -90.78 63.58 13.14
C SER C 160 -89.34 64.01 13.43
N LEU C 161 -88.75 63.40 14.46
CA LEU C 161 -87.43 63.76 14.92
C LEU C 161 -86.51 62.55 14.92
N GLN C 162 -85.25 62.77 14.52
CA GLN C 162 -84.23 61.74 14.55
C GLN C 162 -82.95 62.34 15.12
N PHE C 163 -82.14 61.48 15.74
CA PHE C 163 -80.93 61.91 16.44
C PHE C 163 -79.72 61.21 15.88
N PHE C 164 -78.65 61.99 15.62
CA PHE C 164 -77.42 61.49 15.02
C PHE C 164 -76.24 61.98 15.83
N LEU C 165 -75.30 61.07 16.09
CA LEU C 165 -74.16 61.32 16.96
C LEU C 165 -72.88 60.88 16.26
N PRO C 166 -71.74 61.41 16.69
CA PRO C 166 -70.44 60.88 16.22
C PRO C 166 -70.01 59.60 16.90
N PHE C 167 -70.89 58.97 17.68
CA PHE C 167 -70.53 57.77 18.42
C PHE C 167 -71.73 56.84 18.49
N SER C 168 -71.45 55.56 18.74
CA SER C 168 -72.49 54.55 18.77
C SER C 168 -73.44 54.78 19.95
N LEU C 169 -74.66 54.24 19.81
CA LEU C 169 -75.65 54.39 20.86
C LEU C 169 -75.19 53.73 22.16
N GLY C 170 -74.60 52.54 22.06
CA GLY C 170 -74.12 51.83 23.23
C GLY C 170 -73.40 50.54 22.88
N GLY C 181 -63.85 50.11 20.54
CA GLY C 181 -62.43 49.99 20.30
C GLY C 181 -61.99 50.61 18.98
N PRO C 182 -61.43 49.80 18.09
CA PRO C 182 -61.03 50.31 16.77
C PRO C 182 -62.22 50.87 16.02
N PHE C 183 -61.98 51.94 15.27
CA PHE C 183 -63.04 52.66 14.57
C PHE C 183 -62.74 52.68 13.07
N ARG C 184 -63.75 52.34 12.27
CA ARG C 184 -63.74 52.54 10.84
C ARG C 184 -64.94 53.39 10.46
N LEU C 185 -64.73 54.42 9.66
CA LEU C 185 -65.79 55.34 9.31
C LEU C 185 -66.67 54.72 8.23
N GLY C 186 -67.97 54.62 8.51
CA GLY C 186 -68.89 54.03 7.54
C GLY C 186 -68.62 52.57 7.25
N GLY C 187 -68.31 51.79 8.28
CA GLY C 187 -68.06 50.37 8.10
C GLY C 187 -68.48 49.58 9.31
N HIS C 188 -68.63 48.27 9.11
CA HIS C 188 -69.01 47.35 10.16
C HIS C 188 -67.75 46.84 10.87
N GLY C 189 -67.79 46.86 12.20
CA GLY C 189 -66.67 46.42 12.99
C GLY C 189 -66.81 46.77 14.45
N PRO C 190 -65.69 46.90 15.15
CA PRO C 190 -65.74 47.29 16.56
C PRO C 190 -66.39 48.65 16.75
N SER C 191 -67.12 48.78 17.86
CA SER C 191 -67.87 50.00 18.12
C SER C 191 -66.94 51.13 18.51
N PHE C 192 -67.47 52.35 18.45
CA PHE C 192 -66.72 53.52 18.87
C PHE C 192 -66.44 53.45 20.37
N PRO C 193 -65.25 53.89 20.81
CA PRO C 193 -64.95 53.85 22.25
C PRO C 193 -65.82 54.82 23.02
N LEU C 194 -66.75 54.30 23.81
CA LEU C 194 -67.67 55.12 24.58
C LEU C 194 -67.04 55.69 25.84
N LYS C 195 -65.81 55.27 26.18
CA LYS C 195 -65.15 55.82 27.36
C LYS C 195 -64.82 57.29 27.19
N GLY C 196 -64.62 57.75 25.96
CA GLY C 196 -64.25 59.12 25.70
C GLY C 196 -65.37 60.12 25.71
N ILE C 197 -66.62 59.69 25.92
CA ILE C 197 -67.73 60.62 25.93
C ILE C 197 -67.69 61.46 27.21
N THR C 198 -68.14 62.71 27.09
CA THR C 198 -68.12 63.65 28.20
C THR C 198 -69.37 63.50 29.05
N GLU C 199 -69.22 63.76 30.35
CA GLU C 199 -70.38 63.72 31.25
C GLU C 199 -71.44 64.73 30.84
N GLN C 200 -71.02 65.86 30.26
CA GLN C 200 -71.99 66.77 29.64
C GLN C 200 -72.71 66.07 28.49
N GLN C 201 -71.96 65.36 27.65
CA GLN C 201 -72.59 64.56 26.60
C GLN C 201 -73.44 63.44 27.20
N LYS C 202 -73.01 62.87 28.33
CA LYS C 202 -73.80 61.83 28.98
C LYS C 202 -75.16 62.35 29.42
N GLU C 203 -75.17 63.50 30.10
CA GLU C 203 -76.44 64.04 30.59
C GLU C 203 -77.30 64.53 29.44
N GLY C 204 -76.69 65.10 28.39
CA GLY C 204 -77.46 65.45 27.21
C GLY C 204 -78.07 64.22 26.55
N LEU C 205 -77.32 63.11 26.52
CA LEU C 205 -77.84 61.87 25.97
C LEU C 205 -79.01 61.37 26.78
N GLU C 206 -78.91 61.44 28.11
CA GLU C 206 -80.04 61.03 28.95
C GLU C 206 -81.26 61.92 28.69
N ILE C 207 -81.04 63.23 28.54
CA ILE C 207 -82.14 64.16 28.30
C ILE C 207 -82.83 63.84 26.99
N VAL C 208 -82.05 63.65 25.92
CA VAL C 208 -82.65 63.35 24.63
C VAL C 208 -83.31 61.97 24.64
N LYS C 209 -82.72 61.01 25.37
CA LYS C 209 -83.34 59.70 25.51
C LYS C 209 -84.72 59.81 26.12
N MET C 210 -84.84 60.52 27.25
CA MET C 210 -86.14 60.63 27.90
C MET C 210 -87.11 61.46 27.07
N VAL C 211 -86.62 62.48 26.36
CA VAL C 211 -87.50 63.27 25.51
C VAL C 211 -88.09 62.41 24.41
N MET C 212 -87.26 61.60 23.75
CA MET C 212 -87.76 60.70 22.71
C MET C 212 -88.65 59.61 23.29
N ILE C 213 -88.34 59.12 24.48
CA ILE C 213 -89.20 58.12 25.11
C ILE C 213 -90.59 58.69 25.35
N SER C 214 -90.65 59.93 25.84
CA SER C 214 -91.94 60.60 26.02
C SER C 214 -92.63 60.84 24.69
N LEU C 215 -91.88 61.25 23.66
CA LEU C 215 -92.48 61.64 22.39
C LEU C 215 -93.04 60.43 21.65
N GLU C 216 -92.17 59.50 21.29
CA GLU C 216 -92.57 58.35 20.48
C GLU C 216 -93.12 57.22 21.34
N GLY C 217 -92.31 56.75 22.29
CA GLY C 217 -92.69 55.63 23.12
C GLY C 217 -91.50 54.84 23.63
N GLU C 218 -91.53 53.53 23.47
CA GLU C 218 -90.45 52.69 23.98
C GLU C 218 -89.20 52.75 23.11
N ASP C 219 -89.36 53.03 21.81
CA ASP C 219 -88.25 53.00 20.87
C ASP C 219 -87.53 54.33 20.75
N GLY C 220 -87.59 55.16 21.80
CA GLY C 220 -86.86 56.41 21.77
C GLY C 220 -85.36 56.22 21.60
N LEU C 221 -84.82 55.18 22.23
CA LEU C 221 -83.41 54.84 22.00
C LEU C 221 -83.16 54.41 20.56
N ASP C 222 -84.18 53.88 19.90
CA ASP C 222 -84.04 53.43 18.51
C ASP C 222 -84.14 54.57 17.51
N GLU C 223 -84.46 55.79 17.95
CA GLU C 223 -84.46 56.95 17.08
C GLU C 223 -83.13 57.69 17.11
N ILE C 224 -82.16 57.21 17.88
CA ILE C 224 -80.85 57.83 18.01
C ILE C 224 -79.83 56.94 17.32
N TYR C 225 -79.00 57.53 16.46
CA TYR C 225 -78.06 56.77 15.65
C TYR C 225 -76.70 57.46 15.69
N SER C 226 -75.75 56.86 14.98
CA SER C 226 -74.42 57.41 14.81
C SER C 226 -74.18 57.78 13.36
N PHE C 227 -73.19 58.65 13.13
CA PHE C 227 -72.91 59.10 11.78
C PHE C 227 -72.47 57.95 10.88
N SER C 228 -71.48 57.18 11.33
CA SER C 228 -70.95 56.08 10.52
C SER C 228 -72.03 55.07 10.20
N GLU C 229 -72.84 54.70 11.19
CA GLU C 229 -73.95 53.80 10.94
C GLU C 229 -74.93 54.39 9.93
N SER C 230 -75.15 55.71 10.00
CA SER C 230 -76.03 56.36 9.03
C SER C 230 -75.43 56.33 7.63
N LEU C 231 -74.12 56.15 7.52
CA LEU C 231 -73.50 56.09 6.19
C LEU C 231 -73.88 54.81 5.46
N ARG C 232 -74.13 53.72 6.19
CA ARG C 232 -74.44 52.44 5.58
C ARG C 232 -75.91 52.04 5.71
N LYS C 233 -76.78 52.97 6.12
CA LYS C 233 -78.19 52.67 6.24
C LYS C 233 -79.00 53.90 5.83
N LEU C 234 -80.26 53.64 5.49
CA LEU C 234 -81.17 54.67 4.97
C LEU C 234 -82.08 55.22 6.06
N CYS C 235 -81.56 55.37 7.28
CA CYS C 235 -82.36 55.88 8.39
C CYS C 235 -82.89 57.27 8.10
N VAL C 236 -82.12 58.10 7.41
CA VAL C 236 -82.54 59.48 7.13
C VAL C 236 -83.77 59.50 6.23
N PHE C 237 -83.93 58.50 5.38
CA PHE C 237 -85.04 58.44 4.45
C PHE C 237 -86.24 57.69 4.99
N LYS C 238 -86.15 57.14 6.20
CA LYS C 238 -87.26 56.38 6.75
C LYS C 238 -88.48 57.25 6.97
N LYS C 239 -88.28 58.47 7.48
CA LYS C 239 -89.39 59.37 7.77
C LYS C 239 -89.92 60.08 6.53
N ILE C 240 -89.19 60.04 5.42
CA ILE C 240 -89.59 60.72 4.20
C ILE C 240 -89.97 59.73 3.11
N GLU C 241 -90.22 58.47 3.48
CA GLU C 241 -90.51 57.44 2.50
C GLU C 241 -91.86 57.70 1.81
N ARG C 242 -91.97 57.22 0.58
CA ARG C 242 -93.19 57.32 -0.21
C ARG C 242 -93.85 55.95 -0.25
N HIS C 243 -95.13 55.90 0.09
CA HIS C 243 -95.85 54.63 0.11
C HIS C 243 -96.04 54.11 -1.31
N SER C 244 -95.82 52.81 -1.49
CA SER C 244 -96.03 52.19 -2.78
C SER C 244 -97.52 52.10 -3.11
N ILE C 245 -97.82 52.14 -4.40
CA ILE C 245 -99.21 52.08 -4.86
C ILE C 245 -99.70 50.65 -4.81
N HIS C 246 -100.96 50.47 -4.43
CA HIS C 246 -101.56 49.15 -4.33
C HIS C 246 -102.05 48.67 -5.69
N TRP C 247 -102.35 47.38 -5.76
CA TRP C 247 -102.97 46.77 -6.93
C TRP C 247 -104.39 46.39 -6.57
N PRO C 248 -105.37 47.25 -6.84
CA PRO C 248 -106.75 46.96 -6.41
C PRO C 248 -107.40 45.90 -7.28
N CYS C 249 -107.52 44.68 -6.76
CA CYS C 249 -108.09 43.57 -7.50
C CYS C 249 -109.00 42.77 -6.58
N ARG C 250 -109.51 41.66 -7.10
CA ARG C 250 -110.39 40.77 -6.35
C ARG C 250 -109.95 39.34 -6.57
N LEU C 251 -109.40 38.71 -5.54
CA LEU C 251 -109.04 37.30 -5.63
C LEU C 251 -110.28 36.44 -5.79
N THR C 252 -110.29 35.61 -6.82
CA THR C 252 -111.43 34.78 -7.16
C THR C 252 -111.15 33.33 -6.84
N ILE C 253 -112.08 32.67 -6.15
CA ILE C 253 -111.97 31.26 -5.81
C ILE C 253 -113.23 30.57 -6.32
N GLY C 254 -113.04 29.61 -7.22
CA GLY C 254 -114.19 28.94 -7.82
C GLY C 254 -115.04 29.92 -8.58
N SER C 255 -116.36 29.85 -8.37
CA SER C 255 -117.30 30.76 -9.01
C SER C 255 -118.21 31.44 -8.00
N ASN C 256 -117.89 31.38 -6.70
CA ASN C 256 -118.74 31.97 -5.68
C ASN C 256 -117.97 32.72 -4.61
N LEU C 257 -116.65 32.83 -4.71
CA LEU C 257 -115.83 33.52 -3.71
C LEU C 257 -115.01 34.59 -4.38
N SER C 258 -115.04 35.79 -3.81
CA SER C 258 -114.22 36.90 -4.29
C SER C 258 -113.88 37.79 -3.12
N ILE C 259 -112.61 38.17 -3.01
CA ILE C 259 -112.12 39.01 -1.93
C ILE C 259 -111.38 40.19 -2.55
N ARG C 260 -111.86 41.40 -2.28
CA ARG C 260 -111.18 42.60 -2.76
C ARG C 260 -109.81 42.70 -2.10
N ILE C 261 -108.76 42.83 -2.92
CA ILE C 261 -107.39 42.77 -2.44
C ILE C 261 -106.60 43.96 -3.00
N ALA C 262 -105.53 44.29 -2.28
CA ALA C 262 -104.60 45.33 -2.70
C ALA C 262 -103.19 44.77 -2.56
N ALA C 263 -102.44 44.80 -3.65
CA ALA C 263 -101.10 44.21 -3.71
C ALA C 263 -100.05 45.31 -3.75
N TYR C 264 -99.02 45.16 -2.92
CA TYR C 264 -97.92 46.11 -2.86
C TYR C 264 -96.63 45.39 -3.24
N LYS C 265 -95.86 46.00 -4.15
CA LYS C 265 -94.57 45.44 -4.56
C LYS C 265 -93.57 45.71 -3.45
N SER C 266 -93.51 44.77 -2.50
CA SER C 266 -92.65 44.96 -1.32
C SER C 266 -91.18 45.04 -1.70
N ILE C 267 -90.76 44.31 -2.73
CA ILE C 267 -89.38 44.33 -3.20
C ILE C 267 -89.38 44.84 -4.63
N LEU C 268 -88.57 45.87 -4.88
CA LEU C 268 -88.39 46.41 -6.22
C LEU C 268 -86.92 46.66 -6.45
N GLN C 269 -86.40 46.17 -7.56
CA GLN C 269 -84.98 46.37 -7.87
C GLN C 269 -84.70 47.85 -8.11
N GLU C 270 -83.59 48.33 -7.55
CA GLU C 270 -83.21 49.71 -7.75
C GLU C 270 -82.78 49.95 -9.20
N ARG C 271 -83.22 51.07 -9.76
CA ARG C 271 -82.90 51.41 -11.14
C ARG C 271 -83.08 52.91 -11.32
N VAL C 272 -82.13 53.54 -12.00
CA VAL C 272 -82.17 54.98 -12.19
C VAL C 272 -83.32 55.34 -13.12
N LYS C 273 -84.00 56.45 -12.81
CA LYS C 273 -85.08 56.97 -13.63
C LYS C 273 -84.63 58.14 -14.51
N LYS C 274 -83.37 58.54 -14.42
CA LYS C 274 -82.85 59.68 -15.18
C LYS C 274 -82.00 59.13 -16.32
N THR C 275 -82.55 59.16 -17.53
CA THR C 275 -81.83 58.68 -18.70
C THR C 275 -80.78 59.71 -19.14
N TRP C 276 -79.89 59.26 -20.00
CA TRP C 276 -78.84 60.12 -20.55
C TRP C 276 -79.27 60.66 -21.91
N THR C 277 -79.16 61.97 -22.08
CA THR C 277 -79.60 62.65 -23.29
C THR C 277 -78.38 63.07 -24.08
N VAL C 278 -78.21 62.50 -25.28
CA VAL C 278 -77.09 62.86 -26.13
C VAL C 278 -77.31 64.26 -26.65
N VAL C 279 -76.37 65.16 -26.36
CA VAL C 279 -76.40 66.51 -26.89
C VAL C 279 -75.19 66.70 -27.80
N ASP C 280 -75.12 67.84 -28.46
CA ASP C 280 -74.04 68.11 -29.41
C ASP C 280 -72.69 68.17 -28.69
N ALA C 281 -71.64 67.79 -29.41
CA ALA C 281 -70.28 67.93 -28.90
C ALA C 281 -69.78 69.37 -28.96
N LYS C 282 -70.46 70.25 -29.70
CA LYS C 282 -70.05 71.63 -29.85
C LYS C 282 -71.04 72.60 -29.22
N THR C 283 -72.31 72.54 -29.63
CA THR C 283 -73.33 73.40 -29.03
C THR C 283 -73.89 72.84 -27.74
N LEU C 284 -73.58 71.58 -27.41
CA LEU C 284 -74.08 70.92 -26.21
C LEU C 284 -75.60 70.94 -26.19
N LYS C 285 -76.21 70.74 -27.35
CA LYS C 285 -77.65 70.76 -27.50
C LYS C 285 -78.11 69.46 -28.13
N LYS C 286 -79.31 69.01 -27.74
CA LYS C 286 -79.94 67.87 -28.36
C LYS C 286 -80.78 68.26 -29.57
N GLU C 287 -80.97 69.56 -29.81
CA GLU C 287 -81.81 70.00 -30.91
C GLU C 287 -81.22 69.57 -32.26
N ASP C 288 -79.91 69.72 -32.42
CA ASP C 288 -79.24 69.29 -33.63
C ASP C 288 -78.91 67.80 -33.64
N ILE C 289 -79.52 67.04 -32.73
CA ILE C 289 -79.22 65.61 -32.57
C ILE C 289 -80.53 64.86 -32.69
N GLN C 290 -80.67 64.04 -33.72
CA GLN C 290 -81.75 63.06 -33.78
C GLN C 290 -81.42 62.02 -34.85
N LYS C 291 -81.92 60.81 -34.63
CA LYS C 291 -81.51 59.66 -35.42
C LYS C 291 -81.99 59.75 -36.86
N GLU C 292 -81.24 59.12 -37.75
CA GLU C 292 -81.69 58.88 -39.13
C GLU C 292 -81.56 57.38 -39.40
N THR C 293 -82.69 56.68 -39.41
CA THR C 293 -82.73 55.26 -39.72
C THR C 293 -83.24 55.04 -41.13
N VAL C 294 -82.60 54.14 -41.87
CA VAL C 294 -82.91 53.92 -43.27
C VAL C 294 -83.04 52.42 -43.51
N TYR C 295 -84.14 52.02 -44.14
CA TYR C 295 -84.38 50.62 -44.49
C TYR C 295 -83.96 50.36 -45.94
N CYS C 296 -82.68 50.59 -46.19
CA CYS C 296 -82.13 50.40 -47.53
C CYS C 296 -82.23 48.93 -47.94
N LEU C 297 -82.50 48.72 -49.23
CA LEU C 297 -82.75 47.38 -49.75
C LEU C 297 -81.62 46.42 -49.42
N ASN C 298 -81.97 45.31 -48.75
CA ASN C 298 -80.98 44.31 -48.36
C ASN C 298 -80.38 43.60 -49.57
N ASP C 299 -81.09 43.60 -50.70
CA ASP C 299 -80.63 42.92 -51.91
C ASP C 299 -79.56 43.77 -52.60
N ASP C 300 -79.27 43.44 -53.85
CA ASP C 300 -78.26 44.18 -54.60
C ASP C 300 -78.79 45.56 -54.97
N ASP C 301 -79.02 46.38 -53.95
CA ASP C 301 -79.58 47.72 -54.11
C ASP C 301 -79.42 48.44 -52.79
N GLU C 302 -79.81 49.71 -52.76
CA GLU C 302 -79.68 50.52 -51.56
C GLU C 302 -80.91 51.39 -51.32
N THR C 303 -82.03 51.08 -51.97
CA THR C 303 -83.23 51.91 -51.84
C THR C 303 -83.86 51.71 -50.47
N GLU C 304 -84.15 52.82 -49.80
CA GLU C 304 -84.84 52.75 -48.52
C GLU C 304 -86.24 52.18 -48.71
N VAL C 305 -86.69 51.42 -47.71
CA VAL C 305 -88.02 50.82 -47.72
C VAL C 305 -88.87 51.55 -46.70
N LEU C 306 -90.05 52.02 -47.12
CA LEU C 306 -90.91 52.80 -46.25
C LEU C 306 -91.45 51.95 -45.10
N LYS C 307 -91.87 52.63 -44.03
CA LYS C 307 -92.36 51.94 -42.85
C LYS C 307 -93.52 51.01 -43.17
N GLU C 308 -94.50 51.51 -43.93
CA GLU C 308 -95.61 50.66 -44.35
C GLU C 308 -95.15 49.62 -45.37
N ASP C 309 -94.14 49.95 -46.17
CA ASP C 309 -93.65 49.02 -47.18
C ASP C 309 -92.94 47.81 -46.57
N ILE C 310 -92.65 47.84 -45.28
CA ILE C 310 -91.90 46.80 -44.61
C ILE C 310 -92.73 46.23 -43.48
N ILE C 311 -92.68 44.91 -43.31
CA ILE C 311 -93.44 44.20 -42.29
C ILE C 311 -92.47 43.31 -41.51
N GLN C 312 -93.01 42.62 -40.51
CA GLN C 312 -92.20 41.74 -39.69
C GLN C 312 -92.22 40.32 -40.27
N GLY C 313 -91.68 39.38 -39.52
CA GLY C 313 -91.66 37.99 -39.92
C GLY C 313 -90.98 37.20 -38.83
N PHE C 314 -91.02 35.88 -38.98
CA PHE C 314 -90.49 35.01 -37.94
C PHE C 314 -89.76 33.83 -38.56
N ARG C 315 -88.57 33.55 -38.06
CA ARG C 315 -87.83 32.37 -38.50
C ARG C 315 -88.62 31.11 -38.20
N TYR C 316 -88.74 30.24 -39.20
CA TYR C 316 -89.44 28.97 -39.05
C TYR C 316 -88.53 27.87 -39.58
N GLY C 317 -87.77 27.24 -38.69
CA GLY C 317 -86.86 26.19 -39.08
C GLY C 317 -85.81 26.66 -40.05
N SER C 318 -85.94 26.22 -41.30
CA SER C 318 -84.99 26.61 -42.35
C SER C 318 -85.47 27.80 -43.15
N ASP C 319 -86.59 28.41 -42.78
CA ASP C 319 -87.16 29.51 -43.54
C ASP C 319 -87.74 30.54 -42.57
N ILE C 320 -88.30 31.61 -43.14
CA ILE C 320 -88.92 32.68 -42.38
C ILE C 320 -90.31 32.92 -42.94
N VAL C 321 -91.31 32.94 -42.06
CA VAL C 321 -92.69 33.16 -42.47
C VAL C 321 -92.98 34.65 -42.51
N PRO C 322 -93.49 35.18 -43.61
CA PRO C 322 -93.93 36.58 -43.62
C PRO C 322 -95.03 36.79 -42.59
N PHE C 323 -94.99 37.95 -41.95
CA PHE C 323 -95.90 38.18 -40.83
C PHE C 323 -96.24 39.67 -40.72
N SER C 324 -97.52 39.94 -40.51
CA SER C 324 -98.00 41.28 -40.21
C SER C 324 -98.09 41.45 -38.70
N LYS C 325 -98.78 42.50 -38.26
CA LYS C 325 -99.12 42.69 -36.86
C LYS C 325 -100.60 42.58 -36.59
N VAL C 326 -101.45 42.99 -37.53
CA VAL C 326 -102.88 42.80 -37.38
C VAL C 326 -103.20 41.32 -37.25
N ASP C 327 -102.50 40.48 -38.02
CA ASP C 327 -102.73 39.04 -37.98
C ASP C 327 -102.53 38.48 -36.58
N GLU C 328 -101.38 38.77 -35.97
CA GLU C 328 -101.14 38.26 -34.62
C GLU C 328 -102.07 38.88 -33.61
N GLU C 329 -102.32 40.19 -33.71
CA GLU C 329 -103.16 40.82 -32.70
C GLU C 329 -104.60 40.32 -32.77
N GLN C 330 -105.05 39.81 -33.92
CA GLN C 330 -106.35 39.16 -33.96
C GLN C 330 -106.27 37.65 -33.78
N MET C 331 -105.07 37.07 -33.75
CA MET C 331 -104.90 35.66 -33.42
C MET C 331 -103.96 35.45 -32.24
N LYS C 332 -103.71 36.48 -31.43
CA LYS C 332 -102.97 36.31 -30.20
C LYS C 332 -103.87 35.70 -29.12
N TYR C 333 -103.24 35.27 -28.03
CA TYR C 333 -104.00 34.85 -26.87
C TYR C 333 -104.63 36.07 -26.20
N LYS C 334 -105.92 36.00 -25.91
CA LYS C 334 -106.65 37.09 -25.31
C LYS C 334 -106.78 36.84 -23.81
N SER C 335 -106.01 37.58 -23.02
CA SER C 335 -106.14 37.50 -21.57
C SER C 335 -107.42 38.19 -21.12
N GLU C 336 -107.99 37.68 -20.03
CA GLU C 336 -109.27 38.19 -19.54
C GLU C 336 -109.06 39.42 -18.66
N GLY C 337 -108.32 40.40 -19.17
CA GLY C 337 -108.14 41.65 -18.46
C GLY C 337 -107.33 41.48 -17.18
N LYS C 338 -107.60 42.36 -16.23
CA LYS C 338 -106.92 42.34 -14.93
C LYS C 338 -107.64 41.36 -14.00
N CYS C 339 -106.94 40.32 -13.58
CA CYS C 339 -107.54 39.31 -12.72
C CYS C 339 -106.43 38.57 -11.98
N PHE C 340 -106.83 37.85 -10.93
CA PHE C 340 -105.89 37.08 -10.13
C PHE C 340 -106.68 36.00 -9.40
N SER C 341 -106.36 34.74 -9.67
CA SER C 341 -107.12 33.62 -9.12
C SER C 341 -106.19 32.57 -8.55
N VAL C 342 -106.73 31.78 -7.62
CA VAL C 342 -106.02 30.65 -7.04
C VAL C 342 -106.30 29.41 -7.87
N LEU C 343 -105.36 28.49 -7.88
CA LEU C 343 -105.48 27.28 -8.68
C LEU C 343 -105.44 26.00 -7.87
N GLY C 344 -104.59 25.93 -6.85
CA GLY C 344 -104.51 24.71 -6.07
C GLY C 344 -103.71 24.93 -4.81
N PHE C 345 -103.55 23.85 -4.04
CA PHE C 345 -102.83 23.89 -2.78
C PHE C 345 -101.91 22.68 -2.69
N CYS C 346 -100.71 22.90 -2.18
CA CYS C 346 -99.73 21.83 -2.04
C CYS C 346 -98.83 22.16 -0.85
N LYS C 347 -98.10 21.16 -0.40
CA LYS C 347 -97.19 21.33 0.73
C LYS C 347 -96.10 22.33 0.38
N SER C 348 -95.67 23.09 1.40
CA SER C 348 -94.63 24.09 1.20
C SER C 348 -93.34 23.45 0.70
N SER C 349 -92.98 22.30 1.27
CA SER C 349 -91.75 21.63 0.86
C SER C 349 -91.79 21.11 -0.58
N GLN C 350 -92.96 21.08 -1.20
CA GLN C 350 -93.06 20.67 -2.59
C GLN C 350 -92.35 21.62 -3.54
N VAL C 351 -92.02 22.83 -3.09
CA VAL C 351 -91.35 23.82 -3.91
C VAL C 351 -90.11 24.31 -3.19
N GLN C 352 -89.19 24.89 -3.96
CA GLN C 352 -87.93 25.39 -3.44
C GLN C 352 -87.70 26.81 -3.92
N ARG C 353 -86.78 27.51 -3.24
CA ARG C 353 -86.49 28.89 -3.58
C ARG C 353 -85.91 29.02 -4.98
N ARG C 354 -85.27 27.97 -5.48
CA ARG C 354 -84.65 28.00 -6.80
C ARG C 354 -85.66 28.01 -7.93
N PHE C 355 -86.96 28.09 -7.64
CA PHE C 355 -87.97 28.18 -8.67
C PHE C 355 -88.79 29.47 -8.51
N PHE C 356 -88.13 30.52 -8.04
CA PHE C 356 -88.77 31.81 -7.80
C PHE C 356 -88.45 32.73 -8.96
N MET C 357 -89.47 33.04 -9.76
CA MET C 357 -89.27 33.85 -10.95
C MET C 357 -89.62 35.30 -10.67
N GLY C 358 -89.54 36.12 -11.70
CA GLY C 358 -89.81 37.53 -11.56
C GLY C 358 -88.67 38.27 -10.88
N ASN C 359 -88.84 39.58 -10.76
CA ASN C 359 -87.82 40.44 -10.15
C ASN C 359 -88.39 41.27 -9.01
N GLN C 360 -89.54 40.89 -8.48
CA GLN C 360 -90.19 41.67 -7.44
C GLN C 360 -90.93 40.74 -6.49
N VAL C 361 -91.19 41.24 -5.29
CA VAL C 361 -91.94 40.53 -4.26
C VAL C 361 -93.18 41.34 -3.94
N LEU C 362 -94.34 40.67 -3.97
CA LEU C 362 -95.63 41.33 -3.79
C LEU C 362 -96.19 40.97 -2.43
N LYS C 363 -96.28 41.97 -1.55
CA LYS C 363 -96.97 41.82 -0.27
C LYS C 363 -98.40 42.31 -0.45
N VAL C 364 -99.37 41.42 -0.26
CA VAL C 364 -100.75 41.68 -0.63
C VAL C 364 -101.62 41.61 0.61
N PHE C 365 -102.49 42.60 0.77
CA PHE C 365 -103.56 42.61 1.75
C PHE C 365 -104.89 42.74 1.02
N ALA C 366 -105.97 42.78 1.80
CA ALA C 366 -107.27 43.05 1.22
C ALA C 366 -107.40 44.53 0.87
N ALA C 367 -108.41 44.84 0.07
CA ALA C 367 -108.68 46.23 -0.26
C ALA C 367 -109.15 46.99 0.98
N ARG C 368 -108.99 48.30 0.94
CA ARG C 368 -109.33 49.14 2.08
C ARG C 368 -110.84 49.12 2.31
N ASP C 369 -111.23 49.26 3.58
CA ASP C 369 -112.62 49.33 4.01
C ASP C 369 -113.36 48.01 3.84
N ASP C 370 -112.66 46.89 3.99
CA ASP C 370 -113.31 45.58 4.04
C ASP C 370 -112.67 44.80 5.18
N GLU C 371 -113.22 44.96 6.38
CA GLU C 371 -112.71 44.26 7.55
C GLU C 371 -113.12 42.79 7.55
N ALA C 372 -114.26 42.47 6.94
CA ALA C 372 -114.62 41.07 6.75
C ALA C 372 -113.59 40.37 5.86
N ALA C 373 -113.12 41.05 4.82
CA ALA C 373 -112.02 40.52 4.03
C ALA C 373 -110.76 40.38 4.86
N ALA C 374 -110.53 41.31 5.80
CA ALA C 374 -109.37 41.19 6.69
C ALA C 374 -109.46 39.93 7.54
N VAL C 375 -110.65 39.65 8.10
CA VAL C 375 -110.83 38.44 8.89
C VAL C 375 -110.66 37.21 8.02
N ALA C 376 -111.19 37.26 6.80
CA ALA C 376 -111.07 36.12 5.89
C ALA C 376 -109.61 35.83 5.56
N LEU C 377 -108.84 36.88 5.25
CA LEU C 377 -107.44 36.66 4.93
C LEU C 377 -106.65 36.22 6.16
N SER C 378 -107.01 36.71 7.34
CA SER C 378 -106.36 36.25 8.56
C SER C 378 -106.61 34.77 8.78
N SER C 379 -107.85 34.33 8.58
CA SER C 379 -108.16 32.91 8.70
C SER C 379 -107.39 32.10 7.65
N LEU C 380 -107.28 32.64 6.43
CA LEU C 380 -106.51 31.97 5.40
C LEU C 380 -105.05 31.81 5.83
N ILE C 381 -104.47 32.88 6.38
CA ILE C 381 -103.08 32.84 6.82
C ILE C 381 -102.90 31.80 7.92
N HIS C 382 -103.80 31.81 8.90
CA HIS C 382 -103.68 30.88 10.01
C HIS C 382 -103.81 29.44 9.53
N ALA C 383 -104.81 29.17 8.67
CA ALA C 383 -104.99 27.81 8.17
C ALA C 383 -103.82 27.35 7.33
N LEU C 384 -103.30 28.23 6.48
CA LEU C 384 -102.15 27.87 5.66
C LEU C 384 -100.92 27.59 6.52
N ASP C 385 -100.72 28.40 7.57
CA ASP C 385 -99.62 28.16 8.48
C ASP C 385 -99.77 26.84 9.20
N ASP C 386 -100.98 26.54 9.68
CA ASP C 386 -101.20 25.29 10.41
C ASP C 386 -100.99 24.08 9.51
N LEU C 387 -101.56 24.11 8.31
CA LEU C 387 -101.43 23.00 7.38
C LEU C 387 -100.11 23.01 6.63
N ASP C 388 -99.36 24.11 6.70
CA ASP C 388 -98.07 24.26 6.00
C ASP C 388 -98.23 24.10 4.48
N MET C 389 -99.42 24.33 3.97
CA MET C 389 -99.64 24.32 2.53
C MET C 389 -99.14 25.62 1.90
N VAL C 390 -99.05 25.62 0.59
CA VAL C 390 -98.80 26.84 -0.19
C VAL C 390 -99.81 26.90 -1.33
N ALA C 391 -100.36 28.09 -1.55
CA ALA C 391 -101.42 28.27 -2.53
C ALA C 391 -100.83 28.52 -3.91
N ILE C 392 -101.31 27.78 -4.90
CA ILE C 392 -100.93 27.98 -6.28
C ILE C 392 -101.94 28.94 -6.90
N VAL C 393 -101.44 30.06 -7.42
CA VAL C 393 -102.30 31.13 -7.89
C VAL C 393 -101.92 31.53 -9.31
N ARG C 394 -102.88 32.06 -10.04
CA ARG C 394 -102.70 32.55 -11.40
C ARG C 394 -102.84 34.06 -11.41
N TYR C 395 -101.87 34.74 -11.99
CA TYR C 395 -101.85 36.19 -12.02
C TYR C 395 -102.08 36.71 -13.44
N ALA C 396 -102.68 37.90 -13.53
CA ALA C 396 -102.87 38.58 -14.80
C ALA C 396 -102.94 40.08 -14.51
N TYR C 397 -101.93 40.83 -14.94
CA TYR C 397 -101.88 42.25 -14.62
C TYR C 397 -103.04 43.01 -15.25
N ASP C 398 -103.23 42.84 -16.55
CA ASP C 398 -104.36 43.45 -17.25
C ASP C 398 -104.51 42.75 -18.60
N LYS C 399 -105.33 43.34 -19.47
CA LYS C 399 -105.58 42.74 -20.77
C LYS C 399 -104.32 42.67 -21.62
N ARG C 400 -103.52 43.74 -21.63
CA ARG C 400 -102.38 43.84 -22.51
C ARG C 400 -101.11 43.22 -21.91
N ALA C 401 -101.18 42.72 -20.68
CA ALA C 401 -100.04 42.05 -20.09
C ALA C 401 -100.13 40.54 -20.32
N ASN C 402 -99.10 39.82 -19.88
CA ASN C 402 -99.06 38.37 -20.04
C ASN C 402 -99.54 37.70 -18.77
N PRO C 403 -100.61 36.92 -18.81
CA PRO C 403 -101.00 36.14 -17.63
C PRO C 403 -99.91 35.12 -17.30
N GLN C 404 -99.79 34.83 -16.01
CA GLN C 404 -98.75 33.93 -15.54
C GLN C 404 -99.22 33.28 -14.25
N VAL C 405 -98.34 32.47 -13.67
CA VAL C 405 -98.65 31.72 -12.45
C VAL C 405 -97.70 32.17 -11.35
N GLY C 406 -98.10 31.92 -10.11
CA GLY C 406 -97.29 32.28 -8.97
C GLY C 406 -97.67 31.45 -7.76
N VAL C 407 -96.93 31.68 -6.68
CA VAL C 407 -97.16 31.01 -5.41
C VAL C 407 -97.48 32.06 -4.35
N ALA C 408 -98.47 31.76 -3.52
CA ALA C 408 -98.86 32.62 -2.42
C ALA C 408 -98.59 31.90 -1.11
N PHE C 409 -97.78 32.51 -0.25
CA PHE C 409 -97.51 31.94 1.06
C PHE C 409 -97.60 33.02 2.12
N PRO C 410 -97.98 32.64 3.34
CA PRO C 410 -98.19 33.66 4.38
C PRO C 410 -96.88 34.24 4.89
N HIS C 411 -96.99 35.44 5.46
CA HIS C 411 -95.88 36.12 6.12
C HIS C 411 -96.46 36.84 7.34
N ILE C 412 -96.13 36.35 8.53
CA ILE C 412 -96.74 36.82 9.77
C ILE C 412 -95.73 37.67 10.53
N LYS C 413 -96.18 38.85 10.93
CA LYS C 413 -95.41 39.73 11.80
C LYS C 413 -96.17 39.95 13.10
N HIS C 414 -95.52 40.63 14.03
CA HIS C 414 -96.15 40.92 15.32
C HIS C 414 -97.37 41.80 15.15
N ASN C 415 -97.29 42.77 14.24
CA ASN C 415 -98.36 43.75 14.06
C ASN C 415 -99.30 43.43 12.90
N TYR C 416 -98.91 42.54 11.99
CA TYR C 416 -99.74 42.23 10.85
C TYR C 416 -99.30 40.90 10.25
N GLU C 417 -100.16 40.35 9.40
CA GLU C 417 -99.84 39.18 8.60
C GLU C 417 -100.31 39.39 7.17
N CYS C 418 -99.58 38.84 6.23
CA CYS C 418 -99.89 39.01 4.82
C CYS C 418 -99.34 37.84 4.02
N LEU C 419 -99.86 37.71 2.80
CA LEU C 419 -99.40 36.69 1.86
C LEU C 419 -98.40 37.30 0.89
N VAL C 420 -97.55 36.44 0.33
CA VAL C 420 -96.48 36.84 -0.56
C VAL C 420 -96.64 36.12 -1.88
N TYR C 421 -96.66 36.87 -2.98
CA TYR C 421 -96.76 36.32 -4.32
C TYR C 421 -95.37 36.23 -4.93
N VAL C 422 -95.02 35.05 -5.46
CA VAL C 422 -93.78 34.83 -6.17
C VAL C 422 -94.11 34.12 -7.48
N GLN C 423 -93.74 34.74 -8.60
CA GLN C 423 -94.06 34.18 -9.91
C GLN C 423 -93.31 32.87 -10.11
N LEU C 424 -93.99 31.88 -10.67
CA LEU C 424 -93.42 30.54 -10.82
C LEU C 424 -93.16 30.23 -12.29
N PRO C 425 -92.10 29.49 -12.59
CA PRO C 425 -91.76 29.20 -13.98
C PRO C 425 -92.64 28.11 -14.58
N PHE C 426 -92.66 28.10 -15.91
CA PHE C 426 -93.32 27.04 -16.66
C PHE C 426 -92.30 25.97 -17.01
N MET C 427 -92.70 24.99 -17.81
CA MET C 427 -91.77 23.93 -18.19
C MET C 427 -90.65 24.46 -19.09
N GLU C 428 -90.95 25.45 -19.93
CA GLU C 428 -89.94 25.97 -20.85
C GLU C 428 -88.79 26.63 -20.09
N ASP C 429 -89.09 27.38 -19.04
CA ASP C 429 -88.05 28.10 -18.31
C ASP C 429 -87.04 27.14 -17.68
N LEU C 430 -87.48 25.94 -17.32
CA LEU C 430 -86.61 24.97 -16.69
C LEU C 430 -85.64 24.37 -17.71
N ARG C 431 -84.50 23.93 -17.22
CA ARG C 431 -83.52 23.22 -18.04
C ARG C 431 -82.72 22.29 -17.13
N GLN C 432 -82.41 21.10 -17.63
CA GLN C 432 -81.71 20.09 -16.85
C GLN C 432 -80.42 19.70 -17.55
N TYR C 433 -79.33 19.69 -16.79
CA TYR C 433 -78.03 19.27 -17.29
C TYR C 433 -77.39 18.29 -16.31
N MET C 434 -76.46 17.50 -16.83
CA MET C 434 -75.75 16.52 -16.02
C MET C 434 -74.70 17.21 -15.16
N PHE C 435 -74.56 16.74 -13.92
CA PHE C 435 -73.56 17.29 -13.00
C PHE C 435 -73.07 16.16 -12.12
N SER C 436 -71.85 15.70 -12.38
CA SER C 436 -71.31 14.57 -11.63
C SER C 436 -71.03 14.94 -10.18
N SER C 437 -71.32 14.01 -9.28
CA SER C 437 -71.04 14.22 -7.87
C SER C 437 -69.54 14.07 -7.61
N LEU C 438 -68.99 15.00 -6.83
CA LEU C 438 -67.55 14.99 -6.59
C LEU C 438 -67.14 13.92 -5.59
N LYS C 439 -68.00 13.63 -4.61
CA LYS C 439 -67.67 12.60 -3.63
C LYS C 439 -67.49 11.24 -4.32
N ASN C 440 -68.29 10.98 -5.36
CA ASN C 440 -68.11 9.76 -6.13
C ASN C 440 -66.81 9.76 -6.92
N SER C 441 -66.26 10.93 -7.21
CA SER C 441 -64.95 11.05 -7.85
C SER C 441 -63.91 11.10 -6.75
N LYS C 442 -63.39 9.92 -6.39
CA LYS C 442 -62.46 9.80 -5.28
C LYS C 442 -61.13 10.50 -5.55
N LYS C 443 -60.84 10.84 -6.80
CA LYS C 443 -59.62 11.60 -7.10
C LYS C 443 -59.67 13.00 -6.51
N TYR C 444 -60.86 13.48 -6.13
CA TYR C 444 -61.02 14.81 -5.55
C TYR C 444 -61.63 14.73 -4.15
N ALA C 445 -61.31 13.69 -3.40
CA ALA C 445 -61.79 13.56 -2.03
C ALA C 445 -60.84 14.30 -1.10
N PRO C 446 -61.30 15.31 -0.38
CA PRO C 446 -60.40 16.06 0.51
C PRO C 446 -59.90 15.22 1.66
N THR C 447 -58.68 15.52 2.09
CA THR C 447 -58.13 14.86 3.27
C THR C 447 -58.81 15.38 4.53
N GLU C 448 -58.75 14.57 5.59
CA GLU C 448 -59.44 14.94 6.83
C GLU C 448 -58.84 16.20 7.45
N ALA C 449 -57.51 16.33 7.42
CA ALA C 449 -56.89 17.54 7.95
C ALA C 449 -57.32 18.77 7.16
N GLN C 450 -57.45 18.61 5.84
CA GLN C 450 -57.98 19.70 5.03
C GLN C 450 -59.40 20.05 5.45
N LEU C 451 -60.23 19.04 5.73
CA LEU C 451 -61.58 19.30 6.19
C LEU C 451 -61.60 20.04 7.52
N ASN C 452 -60.70 19.65 8.43
CA ASN C 452 -60.63 20.33 9.72
C ASN C 452 -60.20 21.78 9.56
N ALA C 453 -59.23 22.04 8.68
CA ALA C 453 -58.83 23.42 8.41
C ALA C 453 -59.98 24.21 7.81
N VAL C 454 -60.74 23.58 6.91
CA VAL C 454 -61.91 24.23 6.33
C VAL C 454 -62.92 24.57 7.42
N ASP C 455 -63.16 23.64 8.35
CA ASP C 455 -64.11 23.90 9.43
C ASP C 455 -63.62 25.02 10.34
N ALA C 456 -62.31 25.06 10.61
CA ALA C 456 -61.76 26.15 11.41
C ALA C 456 -61.96 27.49 10.72
N LEU C 457 -61.73 27.54 9.40
CA LEU C 457 -62.00 28.77 8.66
C LEU C 457 -63.47 29.12 8.70
N ILE C 458 -64.35 28.11 8.61
CA ILE C 458 -65.79 28.35 8.70
C ILE C 458 -66.13 29.02 10.02
N ASP C 459 -65.58 28.49 11.11
CA ASP C 459 -65.76 29.13 12.41
C ASP C 459 -65.24 30.56 12.39
N SER C 460 -64.11 30.78 11.71
CA SER C 460 -63.61 32.14 11.53
C SER C 460 -64.49 32.96 10.60
N MET C 461 -65.26 32.32 9.73
CA MET C 461 -66.16 33.01 8.81
C MET C 461 -67.59 33.09 9.32
N SER C 462 -67.83 32.69 10.56
CA SER C 462 -69.19 32.77 11.11
C SER C 462 -69.59 34.22 11.25
N LEU C 463 -70.46 34.69 10.35
CA LEU C 463 -70.96 36.05 10.39
C LEU C 463 -72.20 36.19 11.28
N ALA C 464 -72.38 35.26 12.21
CA ALA C 464 -73.45 35.34 13.19
C ALA C 464 -72.89 34.94 14.54
N LYS C 465 -73.46 35.51 15.60
CA LYS C 465 -73.02 35.24 16.96
C LYS C 465 -74.19 34.67 17.77
N LYS C 466 -73.95 33.53 18.41
CA LYS C 466 -74.95 32.92 19.29
C LYS C 466 -75.06 33.78 20.55
N ASP C 467 -76.13 34.55 20.65
CA ASP C 467 -76.26 35.51 21.74
C ASP C 467 -76.48 34.79 23.06
N GLU C 468 -75.78 35.25 24.09
CA GLU C 468 -75.98 34.77 25.45
C GLU C 468 -77.15 35.50 26.09
N LYS C 469 -77.75 34.85 27.10
CA LYS C 469 -78.88 35.32 27.91
C LYS C 469 -80.13 35.51 27.05
N THR C 470 -79.98 35.30 25.74
CA THR C 470 -81.11 35.22 24.83
C THR C 470 -80.61 34.47 23.59
N ASP C 471 -80.97 33.19 23.49
CA ASP C 471 -80.34 32.33 22.50
C ASP C 471 -80.79 32.69 21.09
N THR C 472 -80.04 33.57 20.44
CA THR C 472 -80.34 34.03 19.10
C THR C 472 -79.02 34.23 18.35
N LEU C 473 -79.12 34.26 17.02
CA LEU C 473 -77.96 34.46 16.16
C LEU C 473 -78.05 35.86 15.56
N GLU C 474 -77.38 36.82 16.21
CA GLU C 474 -77.34 38.18 15.68
C GLU C 474 -76.50 38.24 14.42
N ASP C 475 -76.90 39.10 13.49
CA ASP C 475 -76.18 39.26 12.24
C ASP C 475 -75.02 40.23 12.40
N LEU C 476 -73.84 39.81 11.96
CA LEU C 476 -72.66 40.65 11.98
C LEU C 476 -72.53 41.51 10.73
N PHE C 477 -73.40 41.32 9.74
CA PHE C 477 -73.34 42.10 8.51
C PHE C 477 -74.68 42.07 7.79
N PRO C 478 -75.65 42.86 8.23
CA PRO C 478 -76.97 42.86 7.58
C PRO C 478 -76.94 43.65 6.28
N THR C 479 -76.96 42.94 5.16
CA THR C 479 -76.92 43.59 3.86
C THR C 479 -78.30 43.97 3.33
N THR C 480 -79.35 43.32 3.81
CA THR C 480 -80.70 43.66 3.37
C THR C 480 -81.10 45.07 3.77
N LYS C 481 -80.43 45.64 4.77
CA LYS C 481 -80.66 47.02 5.18
C LYS C 481 -79.50 47.91 4.79
N ILE C 482 -78.85 47.60 3.66
CA ILE C 482 -77.72 48.35 3.14
C ILE C 482 -78.08 48.84 1.75
N PRO C 483 -77.90 50.12 1.42
CA PRO C 483 -78.26 50.60 0.09
C PRO C 483 -77.28 50.16 -0.99
N ASN C 484 -77.60 50.48 -2.24
CA ASN C 484 -76.74 50.13 -3.37
C ASN C 484 -75.75 51.26 -3.60
N PRO C 485 -74.45 51.03 -3.41
CA PRO C 485 -73.48 52.13 -3.50
C PRO C 485 -73.31 52.72 -4.89
N ARG C 486 -73.90 52.10 -5.92
CA ARG C 486 -73.76 52.62 -7.27
C ARG C 486 -74.30 54.03 -7.38
N PHE C 487 -75.46 54.29 -6.76
CA PHE C 487 -76.07 55.61 -6.85
C PHE C 487 -75.26 56.64 -6.09
N GLN C 488 -74.73 56.26 -4.92
CA GLN C 488 -73.88 57.16 -4.17
C GLN C 488 -72.63 57.55 -4.97
N ARG C 489 -71.99 56.56 -5.60
CA ARG C 489 -70.82 56.86 -6.41
C ARG C 489 -71.19 57.75 -7.59
N LEU C 490 -72.29 57.44 -8.27
CA LEU C 490 -72.74 58.25 -9.39
C LEU C 490 -72.99 59.69 -8.97
N PHE C 491 -73.64 59.88 -7.83
CA PHE C 491 -73.97 61.23 -7.39
C PHE C 491 -72.75 61.97 -6.88
N GLN C 492 -71.79 61.26 -6.27
CA GLN C 492 -70.52 61.88 -5.92
C GLN C 492 -69.82 62.43 -7.15
N CYS C 493 -69.71 61.60 -8.19
CA CYS C 493 -69.10 62.06 -9.43
C CYS C 493 -69.92 63.20 -10.05
N LEU C 494 -71.25 63.12 -9.95
CA LEU C 494 -72.11 64.15 -10.50
C LEU C 494 -71.86 65.50 -9.83
N LEU C 495 -71.78 65.49 -8.50
CA LEU C 495 -71.52 66.72 -7.77
C LEU C 495 -70.13 67.26 -8.09
N HIS C 496 -69.14 66.37 -8.18
CA HIS C 496 -67.80 66.81 -8.53
C HIS C 496 -67.79 67.47 -9.91
N ARG C 497 -68.50 66.87 -10.87
CA ARG C 497 -68.58 67.45 -12.20
C ARG C 497 -69.29 68.79 -12.17
N ALA C 498 -70.39 68.88 -11.40
CA ALA C 498 -71.14 70.13 -11.34
C ALA C 498 -70.30 71.25 -10.75
N LEU C 499 -69.57 70.96 -9.67
CA LEU C 499 -68.73 71.99 -9.06
C LEU C 499 -67.43 72.18 -9.81
N HIS C 500 -66.91 71.12 -10.44
CA HIS C 500 -65.63 71.16 -11.13
C HIS C 500 -65.80 70.53 -12.50
N PRO C 501 -66.44 71.24 -13.44
CA PRO C 501 -66.57 70.67 -14.79
C PRO C 501 -65.32 70.88 -15.63
N ARG C 502 -64.17 70.66 -15.01
CA ARG C 502 -62.89 70.62 -15.71
C ARG C 502 -61.97 69.54 -15.18
N GLU C 503 -62.38 68.80 -14.16
CA GLU C 503 -61.50 67.90 -13.44
C GLU C 503 -61.99 66.46 -13.57
N PRO C 504 -61.08 65.49 -13.54
CA PRO C 504 -61.50 64.08 -13.59
C PRO C 504 -62.33 63.71 -12.37
N LEU C 505 -63.19 62.71 -12.56
CA LEU C 505 -64.10 62.30 -11.50
C LEU C 505 -63.30 61.77 -10.31
N PRO C 506 -63.76 62.04 -9.08
CA PRO C 506 -62.98 61.65 -7.91
C PRO C 506 -62.99 60.15 -7.72
N PRO C 507 -62.03 59.61 -6.98
CA PRO C 507 -62.05 58.18 -6.67
C PRO C 507 -63.16 57.85 -5.67
N ILE C 508 -63.31 56.55 -5.43
CA ILE C 508 -64.33 56.08 -4.50
C ILE C 508 -63.93 56.40 -3.07
N GLN C 509 -64.87 56.95 -2.29
CA GLN C 509 -64.60 57.29 -0.91
C GLN C 509 -64.32 56.04 -0.09
N GLN C 510 -63.45 56.19 0.92
CA GLN C 510 -63.01 55.05 1.70
C GLN C 510 -64.16 54.44 2.49
N HIS C 511 -65.07 55.28 3.01
CA HIS C 511 -66.20 54.75 3.77
C HIS C 511 -67.06 53.84 2.91
N ILE C 512 -67.08 54.07 1.60
CA ILE C 512 -67.82 53.17 0.70
C ILE C 512 -67.19 51.78 0.72
N TRP C 513 -65.86 51.71 0.73
CA TRP C 513 -65.22 50.42 0.90
C TRP C 513 -65.50 49.83 2.28
N ASN C 514 -65.49 50.69 3.31
CA ASN C 514 -65.69 50.22 4.67
C ASN C 514 -67.04 49.55 4.83
N MET C 515 -68.10 50.18 4.31
CA MET C 515 -69.41 49.57 4.32
C MET C 515 -69.49 48.32 3.45
N LEU C 516 -68.60 48.22 2.45
CA LEU C 516 -68.53 46.99 1.66
C LEU C 516 -67.80 45.88 2.40
N ASN C 517 -66.82 46.21 3.20
CA ASN C 517 -65.99 45.17 3.78
C ASN C 517 -66.56 44.70 5.12
N PRO C 518 -66.36 43.42 5.43
CA PRO C 518 -66.81 42.89 6.73
C PRO C 518 -65.94 43.41 7.85
N PRO C 519 -66.34 43.18 9.10
CA PRO C 519 -65.48 43.59 10.23
C PRO C 519 -64.11 42.96 10.15
N ALA C 520 -63.09 43.76 10.48
CA ALA C 520 -61.71 43.29 10.43
C ALA C 520 -61.44 42.18 11.45
N GLU C 521 -62.31 42.03 12.45
CA GLU C 521 -62.16 40.94 13.40
C GLU C 521 -62.31 39.59 12.69
N VAL C 522 -63.25 39.51 11.75
CA VAL C 522 -63.41 38.29 10.96
C VAL C 522 -62.15 38.02 10.15
N THR C 523 -61.55 39.07 9.60
CA THR C 523 -60.31 38.92 8.85
C THR C 523 -59.18 38.39 9.75
N THR C 524 -59.10 38.93 10.98
CA THR C 524 -58.10 38.46 11.93
C THR C 524 -58.33 36.99 12.28
N LYS C 525 -59.60 36.61 12.47
CA LYS C 525 -59.91 35.21 12.72
C LYS C 525 -59.52 34.34 11.54
N SER C 526 -59.65 34.85 10.33
CA SER C 526 -59.27 34.10 9.14
C SER C 526 -57.76 33.94 9.03
N GLN C 527 -57.00 34.93 9.51
CA GLN C 527 -55.55 35.01 9.27
C GLN C 527 -54.85 33.67 9.34
N ILE C 528 -55.00 32.94 10.43
CA ILE C 528 -54.30 31.67 10.60
C ILE C 528 -55.00 30.57 9.80
N PRO C 529 -56.34 30.44 9.87
CA PRO C 529 -57.00 29.49 8.96
C PRO C 529 -56.71 29.76 7.50
N LEU C 530 -56.50 31.02 7.10
CA LEU C 530 -56.09 31.29 5.73
C LEU C 530 -54.74 30.62 5.43
N SER C 531 -53.81 30.70 6.37
CA SER C 531 -52.52 30.03 6.20
C SER C 531 -52.70 28.52 6.10
N LYS C 532 -53.57 27.96 6.96
CA LYS C 532 -53.82 26.52 6.89
C LYS C 532 -54.38 26.12 5.54
N ILE C 533 -55.33 26.90 5.01
CA ILE C 533 -55.95 26.57 3.74
C ILE C 533 -54.92 26.67 2.62
N LYS C 534 -54.16 27.75 2.58
CA LYS C 534 -53.20 27.93 1.49
C LYS C 534 -52.09 26.89 1.55
N THR C 535 -51.72 26.44 2.75
CA THR C 535 -50.70 25.39 2.85
C THR C 535 -51.25 24.04 2.45
N LEU C 536 -52.46 23.72 2.88
CA LEU C 536 -53.00 22.38 2.66
C LEU C 536 -53.48 22.18 1.23
N PHE C 537 -54.09 23.21 0.63
CA PHE C 537 -54.72 23.05 -0.68
C PHE C 537 -53.80 23.61 -1.76
N PRO C 538 -53.26 22.77 -2.65
CA PRO C 538 -52.49 23.30 -3.78
C PRO C 538 -53.37 23.67 -4.96
N LEU C 539 -53.25 24.91 -5.45
CA LEU C 539 -54.05 25.38 -6.58
C LEU C 539 -53.12 25.99 -7.62
N ILE C 540 -53.32 25.61 -8.88
CA ILE C 540 -52.54 26.15 -9.99
C ILE C 540 -53.49 26.52 -11.12
N GLU C 541 -53.01 27.41 -11.98
CA GLU C 541 -53.82 27.91 -13.10
C GLU C 541 -52.90 28.45 -14.18
N ALA C 542 -53.31 28.26 -15.43
CA ALA C 542 -52.61 28.84 -16.56
C ALA C 542 -52.90 30.33 -16.67
N LYS C 543 -52.09 31.01 -17.48
CA LYS C 543 -52.23 32.46 -17.64
C LYS C 543 -53.54 32.80 -18.36
N LYS C 544 -54.18 33.87 -17.89
CA LYS C 544 -55.41 34.36 -18.50
C LYS C 544 -55.20 34.75 -19.97
N ASN C 593 2.26 57.01 -19.85
CA ASN C 593 0.98 57.52 -20.32
C ASN C 593 -0.11 57.50 -19.22
N PRO C 594 -0.29 56.38 -18.52
CA PRO C 594 -1.20 56.41 -17.35
C PRO C 594 -0.69 57.31 -16.24
N ALA C 595 0.60 57.65 -16.27
CA ALA C 595 1.14 58.66 -15.36
C ALA C 595 0.23 59.89 -15.34
N GLU C 596 0.06 60.51 -16.51
CA GLU C 596 -0.85 61.65 -16.61
C GLU C 596 -2.28 61.27 -16.27
N ASN C 597 -2.67 60.03 -16.54
CA ASN C 597 -4.02 59.59 -16.21
C ASN C 597 -4.31 59.79 -14.73
N PHE C 598 -3.56 59.12 -13.86
CA PHE C 598 -3.84 59.29 -12.43
C PHE C 598 -3.44 60.67 -11.95
N ARG C 599 -2.46 61.30 -12.61
CA ARG C 599 -2.06 62.65 -12.24
C ARG C 599 -3.24 63.61 -12.33
N VAL C 600 -3.95 63.59 -13.46
CA VAL C 600 -5.12 64.44 -13.60
C VAL C 600 -6.30 63.87 -12.81
N LEU C 601 -6.33 62.56 -12.58
CA LEU C 601 -7.44 61.96 -11.84
C LEU C 601 -7.49 62.47 -10.40
N VAL C 602 -6.33 62.52 -9.74
CA VAL C 602 -6.32 62.88 -8.32
C VAL C 602 -6.80 64.29 -8.09
N LYS C 603 -6.51 65.21 -9.02
CA LYS C 603 -6.96 66.59 -8.91
C LYS C 603 -8.25 66.86 -9.67
N GLN C 604 -8.78 65.87 -10.39
CA GLN C 604 -10.06 66.03 -11.04
C GLN C 604 -11.22 65.45 -10.26
N LYS C 605 -10.96 64.47 -9.38
CA LYS C 605 -11.99 64.00 -8.46
C LYS C 605 -11.66 64.26 -7.01
N LYS C 606 -10.46 64.74 -6.70
CA LYS C 606 -10.09 65.15 -5.34
C LYS C 606 -10.26 64.01 -4.34
N ALA C 607 -9.51 62.94 -4.57
CA ALA C 607 -9.51 61.79 -3.67
C ALA C 607 -8.13 61.17 -3.65
N SER C 608 -7.85 60.45 -2.56
CA SER C 608 -6.57 59.76 -2.44
C SER C 608 -6.40 58.72 -3.52
N PHE C 609 -7.45 57.94 -3.79
CA PHE C 609 -7.51 57.00 -4.90
C PHE C 609 -6.37 55.98 -4.82
N GLU C 610 -6.45 55.13 -3.79
CA GLU C 610 -5.50 54.03 -3.68
C GLU C 610 -5.53 53.14 -4.91
N GLU C 611 -6.65 53.11 -5.64
CA GLU C 611 -6.68 52.44 -6.92
C GLU C 611 -5.67 53.03 -7.89
N ALA C 612 -5.58 54.37 -7.93
CA ALA C 612 -4.55 55.00 -8.73
C ALA C 612 -3.15 54.66 -8.23
N SER C 613 -3.01 54.52 -6.90
CA SER C 613 -1.72 54.10 -6.35
C SER C 613 -1.34 52.71 -6.87
N ASN C 614 -2.30 51.78 -6.89
CA ASN C 614 -2.02 50.45 -7.43
C ASN C 614 -1.71 50.53 -8.92
N GLN C 615 -2.43 51.37 -9.65
CA GLN C 615 -2.17 51.51 -11.09
C GLN C 615 -0.76 52.01 -11.34
N LEU C 616 -0.32 53.02 -10.59
CA LEU C 616 1.03 53.54 -10.78
C LEU C 616 2.08 52.55 -10.30
N ILE C 617 1.78 51.78 -9.25
CA ILE C 617 2.70 50.73 -8.81
C ILE C 617 2.90 49.72 -9.92
N ASN C 618 1.79 49.31 -10.56
CA ASN C 618 1.89 48.39 -11.69
C ASN C 618 2.67 49.02 -12.84
N HIS C 619 2.46 50.31 -13.09
CA HIS C 619 3.15 50.99 -14.17
C HIS C 619 4.66 51.02 -13.93
N ILE C 620 5.07 51.25 -12.68
CA ILE C 620 6.49 51.43 -12.41
C ILE C 620 7.21 50.10 -12.20
N GLU C 621 6.49 49.07 -11.72
CA GLU C 621 7.16 47.82 -11.36
C GLU C 621 7.70 47.08 -12.57
N GLN C 622 7.24 47.40 -13.77
CA GLN C 622 7.63 46.67 -14.98
C GLN C 622 9.07 47.03 -15.33
N PHE C 623 9.99 46.44 -14.58
CA PHE C 623 11.41 46.66 -14.84
C PHE C 623 12.23 45.39 -14.60
N LEU C 624 11.60 44.22 -14.61
CA LEU C 624 12.30 43.00 -14.21
C LEU C 624 13.14 42.43 -15.37
N ASP C 625 12.56 42.38 -16.57
CA ASP C 625 13.31 41.97 -17.74
C ASP C 625 13.75 43.14 -18.61
N THR C 626 13.07 44.27 -18.50
CA THR C 626 13.48 45.49 -19.19
C THR C 626 14.35 46.33 -18.25
N ASN C 627 15.50 46.77 -18.76
CA ASN C 627 16.44 47.56 -17.98
C ASN C 627 16.63 48.94 -18.57
N GLU C 628 15.70 49.40 -19.41
CA GLU C 628 15.84 50.69 -20.08
C GLU C 628 15.74 51.81 -19.05
N THR C 629 16.81 52.61 -18.95
CA THR C 629 16.79 53.75 -18.05
C THR C 629 15.69 54.77 -18.37
N PRO C 630 15.22 54.96 -19.60
CA PRO C 630 14.05 55.82 -19.80
C PRO C 630 12.84 55.39 -18.99
N TYR C 631 12.56 54.09 -18.93
CA TYR C 631 11.44 53.63 -18.12
C TYR C 631 11.67 53.93 -16.65
N PHE C 632 12.91 53.72 -16.18
CA PHE C 632 13.22 53.97 -14.78
C PHE C 632 13.04 55.45 -14.43
N MET C 633 13.52 56.34 -15.30
CA MET C 633 13.40 57.76 -15.02
C MET C 633 11.95 58.22 -15.14
N LYS C 634 11.20 57.66 -16.07
CA LYS C 634 9.78 57.95 -16.14
C LYS C 634 9.08 57.53 -14.85
N SER C 635 9.44 56.35 -14.34
CA SER C 635 8.84 55.87 -13.10
C SER C 635 9.19 56.78 -11.93
N ILE C 636 10.44 57.21 -11.83
CA ILE C 636 10.82 58.06 -10.70
C ILE C 636 10.16 59.43 -10.82
N ASP C 637 10.03 59.96 -12.04
CA ASP C 637 9.35 61.24 -12.22
C ASP C 637 7.89 61.14 -11.84
N CYS C 638 7.20 60.07 -12.26
CA CYS C 638 5.80 59.92 -11.90
C CYS C 638 5.64 59.67 -10.41
N ILE C 639 6.60 58.98 -9.78
CA ILE C 639 6.55 58.77 -8.34
C ILE C 639 6.71 60.10 -7.60
N ARG C 640 7.62 60.95 -8.08
CA ARG C 640 7.74 62.29 -7.49
C ARG C 640 6.46 63.08 -7.66
N ALA C 641 5.86 63.03 -8.85
CA ALA C 641 4.62 63.74 -9.08
C ALA C 641 3.51 63.26 -8.16
N PHE C 642 3.40 61.93 -7.98
CA PHE C 642 2.36 61.41 -7.11
C PHE C 642 2.69 61.64 -5.64
N ARG C 643 3.96 61.75 -5.29
CA ARG C 643 4.34 62.15 -3.94
C ARG C 643 3.83 63.55 -3.65
N GLU C 644 4.03 64.47 -4.59
CA GLU C 644 3.47 65.81 -4.44
C GLU C 644 1.95 65.75 -4.37
N GLU C 645 1.33 64.97 -5.24
CA GLU C 645 -0.13 64.87 -5.28
C GLU C 645 -0.68 64.33 -3.97
N ALA C 646 0.04 63.40 -3.34
CA ALA C 646 -0.39 62.83 -2.08
C ALA C 646 -0.18 63.79 -0.92
N ILE C 647 0.93 64.53 -0.95
CA ILE C 647 1.15 65.58 0.04
C ILE C 647 0.10 66.67 -0.08
N LYS C 648 -0.50 66.82 -1.26
CA LYS C 648 -1.41 67.93 -1.52
C LYS C 648 -2.49 68.05 -0.45
N PHE C 649 -3.36 67.04 -0.32
CA PHE C 649 -4.57 67.23 0.47
C PHE C 649 -4.63 66.38 1.73
N SER C 650 -4.65 65.05 1.62
CA SER C 650 -4.88 64.24 2.82
C SER C 650 -4.07 62.95 2.90
N GLU C 651 -3.48 62.45 1.81
CA GLU C 651 -2.83 61.15 1.82
C GLU C 651 -1.32 61.29 1.93
N GLU C 652 -0.84 62.26 2.72
CA GLU C 652 0.58 62.37 2.99
C GLU C 652 1.11 61.10 3.63
N GLN C 653 0.61 60.78 4.82
CA GLN C 653 1.09 59.58 5.53
C GLN C 653 0.80 58.30 4.76
N ARG C 654 -0.27 58.29 3.97
CA ARG C 654 -0.54 57.12 3.15
C ARG C 654 0.57 56.89 2.14
N PHE C 655 0.98 57.95 1.43
CA PHE C 655 2.11 57.80 0.54
C PHE C 655 3.42 57.64 1.30
N ASN C 656 3.47 58.03 2.57
CA ASN C 656 4.67 57.77 3.37
C ASN C 656 4.86 56.27 3.59
N ASN C 657 3.80 55.60 4.06
CA ASN C 657 3.90 54.15 4.20
C ASN C 657 4.01 53.47 2.85
N PHE C 658 3.45 54.07 1.80
CA PHE C 658 3.68 53.55 0.45
C PHE C 658 5.15 53.65 0.07
N LEU C 659 5.80 54.76 0.43
CA LEU C 659 7.22 54.91 0.17
C LEU C 659 8.02 53.87 0.92
N LYS C 660 7.67 53.62 2.17
CA LYS C 660 8.34 52.55 2.93
C LYS C 660 8.18 51.21 2.23
N ALA C 661 6.94 50.90 1.81
CA ALA C 661 6.68 49.61 1.17
C ALA C 661 7.45 49.47 -0.14
N LEU C 662 7.44 50.52 -0.97
CA LEU C 662 8.12 50.43 -2.25
C LEU C 662 9.62 50.39 -2.07
N GLN C 663 10.15 51.11 -1.08
CA GLN C 663 11.58 51.08 -0.83
C GLN C 663 12.03 49.70 -0.37
N GLU C 664 11.31 49.10 0.57
CA GLU C 664 11.68 47.75 0.99
C GLU C 664 11.48 46.75 -0.14
N LYS C 665 10.46 46.95 -0.97
CA LYS C 665 10.22 46.03 -2.08
C LYS C 665 11.33 46.09 -3.12
N VAL C 666 11.80 47.30 -3.43
CA VAL C 666 12.92 47.40 -4.38
C VAL C 666 14.20 46.91 -3.72
N GLU C 667 14.34 47.10 -2.41
CA GLU C 667 15.53 46.60 -1.72
C GLU C 667 15.62 45.08 -1.80
N ILE C 668 14.52 44.39 -1.43
CA ILE C 668 14.53 42.93 -1.52
C ILE C 668 14.63 42.49 -2.96
N LYS C 669 14.20 43.32 -3.91
CA LYS C 669 14.46 43.06 -5.31
C LYS C 669 15.93 43.32 -5.62
N GLN C 670 16.50 42.51 -6.50
CA GLN C 670 17.90 42.62 -6.89
C GLN C 670 17.97 42.93 -8.38
N LEU C 671 18.46 44.11 -8.71
CA LEU C 671 18.52 44.57 -10.09
C LEU C 671 19.90 45.16 -10.37
N ASN C 672 20.26 45.19 -11.65
CA ASN C 672 21.50 45.85 -12.06
C ASN C 672 21.35 47.36 -11.98
N HIS C 673 20.39 47.92 -12.70
CA HIS C 673 20.02 49.33 -12.57
C HIS C 673 18.97 49.49 -11.48
N PHE C 674 19.36 49.11 -10.27
CA PHE C 674 18.42 49.02 -9.15
C PHE C 674 18.14 50.40 -8.59
N TRP C 675 17.55 50.45 -7.40
CA TRP C 675 17.12 51.70 -6.78
C TRP C 675 18.24 52.72 -6.62
N GLU C 676 19.49 52.33 -6.89
CA GLU C 676 20.59 53.28 -6.85
C GLU C 676 20.28 54.51 -7.71
N ILE C 677 19.82 54.28 -8.94
CA ILE C 677 19.37 55.39 -9.77
C ILE C 677 18.17 56.08 -9.12
N VAL C 678 17.25 55.28 -8.57
CA VAL C 678 16.08 55.84 -7.91
C VAL C 678 16.52 56.67 -6.71
N VAL C 679 17.44 56.15 -5.90
CA VAL C 679 17.85 56.84 -4.69
C VAL C 679 18.58 58.14 -5.02
N GLN C 680 19.52 58.08 -5.97
CA GLN C 680 20.25 59.30 -6.32
C GLN C 680 19.34 60.35 -6.93
N ASP C 681 18.22 59.95 -7.51
CA ASP C 681 17.14 60.89 -7.81
C ASP C 681 16.10 60.97 -6.71
N GLY C 682 16.07 59.98 -5.81
CA GLY C 682 15.16 60.01 -4.67
C GLY C 682 15.71 60.85 -3.55
N ILE C 683 16.55 61.82 -3.89
CA ILE C 683 17.04 62.79 -2.93
C ILE C 683 15.95 63.74 -2.47
N THR C 684 14.75 63.65 -3.05
CA THR C 684 13.64 64.54 -2.74
C THR C 684 12.45 63.71 -2.26
N LEU C 685 12.30 63.62 -0.93
CA LEU C 685 11.08 63.11 -0.30
C LEU C 685 10.77 61.68 -0.71
N ILE C 686 11.67 60.76 -0.34
CA ILE C 686 11.40 59.33 -0.44
C ILE C 686 10.87 58.77 0.86
N THR C 687 10.56 59.62 1.84
CA THR C 687 10.25 59.18 3.18
C THR C 687 9.11 60.06 3.70
N LYS C 688 8.65 59.78 4.91
CA LYS C 688 7.49 60.47 5.46
C LYS C 688 7.75 61.96 5.64
N GLU C 689 6.72 62.76 5.37
CA GLU C 689 6.71 64.15 5.81
C GLU C 689 5.24 64.53 6.05
N GLU C 690 4.79 64.33 7.27
CA GLU C 690 3.54 64.87 7.78
C GLU C 690 3.72 65.58 9.11
N ALA C 691 4.61 65.06 9.96
CA ALA C 691 5.04 65.72 11.18
C ALA C 691 6.56 65.74 11.17
N SER C 692 7.14 66.93 11.27
CA SER C 692 8.59 67.06 11.21
C SER C 692 9.24 66.42 12.42
N GLY C 693 10.57 66.40 12.41
CA GLY C 693 11.33 65.73 13.45
C GLY C 693 11.56 64.27 13.13
N SER C 694 10.50 63.45 13.21
CA SER C 694 10.59 62.08 12.74
C SER C 694 10.77 62.03 11.23
N SER C 695 10.18 62.97 10.52
CA SER C 695 10.27 63.00 9.06
C SER C 695 11.72 63.11 8.60
N VAL C 696 12.47 64.06 9.17
CA VAL C 696 13.82 64.32 8.69
C VAL C 696 14.76 63.17 9.04
N THR C 697 14.68 62.66 10.27
CA THR C 697 15.56 61.55 10.66
C THR C 697 15.22 60.29 9.88
N ALA C 698 13.93 60.05 9.62
CA ALA C 698 13.56 58.91 8.79
C ALA C 698 14.05 59.09 7.36
N GLU C 699 14.03 60.33 6.85
CA GLU C 699 14.59 60.62 5.54
C GLU C 699 16.08 60.31 5.51
N GLU C 700 16.80 60.72 6.55
CA GLU C 700 18.23 60.43 6.60
C GLU C 700 18.50 58.93 6.65
N ALA C 701 17.71 58.20 7.45
CA ALA C 701 17.88 56.76 7.54
C ALA C 701 17.60 56.08 6.20
N LYS C 702 16.52 56.49 5.53
CA LYS C 702 16.13 55.87 4.27
C LYS C 702 17.01 56.28 3.10
N LYS C 703 17.68 57.43 3.19
CA LYS C 703 18.50 57.88 2.07
C LYS C 703 19.68 56.94 1.84
N PHE C 704 20.37 56.55 2.90
CA PHE C 704 21.50 55.63 2.81
C PHE C 704 21.07 54.18 2.95
N LEU C 705 19.77 53.91 2.81
CA LEU C 705 19.20 52.57 2.82
C LEU C 705 19.37 51.86 4.17
N ALA C 706 19.79 52.60 5.20
CA ALA C 706 20.00 52.03 6.52
C ALA C 706 19.97 53.13 7.58
N LYS C 708 26.13 49.09 5.80
CA LYS C 708 26.35 47.76 6.36
C LYS C 708 26.51 46.72 5.25
N ASP C 709 27.54 45.88 5.37
CA ASP C 709 27.76 44.80 4.41
C ASP C 709 28.63 43.71 5.03
N LYS C 710 28.19 42.46 4.92
CA LYS C 710 28.97 41.31 5.38
C LYS C 710 28.39 40.02 4.79
N PRO C 711 29.22 39.20 4.15
CA PRO C 711 28.73 37.94 3.60
C PRO C 711 28.83 36.77 4.58
N SER C 712 27.78 35.96 4.61
CA SER C 712 27.74 34.79 5.48
C SER C 712 26.70 33.82 4.96
N GLY C 713 26.77 32.58 5.44
CA GLY C 713 25.81 31.56 5.06
C GLY C 713 26.36 30.54 4.08
N ASP C 714 26.25 29.27 4.42
CA ASP C 714 26.71 28.18 3.57
C ASP C 714 25.54 27.53 2.84
N THR C 715 25.83 27.03 1.64
CA THR C 715 24.83 26.37 0.79
C THR C 715 23.61 27.28 0.61
N ALA C 716 23.83 28.40 -0.08
CA ALA C 716 22.77 29.38 -0.32
C ALA C 716 22.73 29.82 -1.78
N ALA C 717 23.34 29.07 -2.68
CA ALA C 717 23.42 29.43 -4.09
C ALA C 717 22.33 28.71 -4.88
N VAL C 718 22.40 28.83 -6.21
CA VAL C 718 21.47 28.12 -7.08
C VAL C 718 21.81 26.65 -7.12
N PHE C 719 20.78 25.80 -7.02
CA PHE C 719 20.92 24.36 -7.21
C PHE C 719 21.92 23.76 -6.21
N GLU C 720 21.48 23.72 -4.94
CA GLU C 720 22.27 23.32 -3.79
C GLU C 720 23.25 22.18 -4.06
N GLU C 721 22.86 21.22 -4.90
CA GLU C 721 23.80 20.19 -5.32
C GLU C 721 25.00 20.77 -6.05
N GLY C 722 25.01 22.08 -6.30
CA GLY C 722 26.21 22.78 -6.74
C GLY C 722 26.75 23.67 -5.63
N GLY C 723 25.94 23.87 -4.59
CA GLY C 723 26.42 24.61 -3.43
C GLY C 723 27.54 23.89 -2.73
N ASP C 724 27.42 22.56 -2.60
CA ASP C 724 28.54 21.76 -2.14
C ASP C 724 29.72 21.86 -3.10
N VAL C 725 29.43 21.90 -4.40
CA VAL C 725 30.48 22.15 -5.38
C VAL C 725 31.10 23.53 -5.15
N ASP C 726 30.27 24.53 -4.84
CA ASP C 726 30.80 25.82 -4.43
C ASP C 726 31.65 25.67 -3.18
N ASP C 727 31.17 24.90 -2.21
CA ASP C 727 31.98 24.56 -1.07
C ASP C 727 33.19 23.72 -1.47
N LEU C 728 33.04 22.90 -2.52
CA LEU C 728 34.14 22.06 -2.98
C LEU C 728 35.29 22.88 -3.53
N LEU C 729 35.00 24.05 -4.10
CA LEU C 729 36.02 24.88 -4.73
C LEU C 729 36.79 25.75 -3.74
N ASP C 730 36.78 25.40 -2.45
CA ASP C 730 37.38 26.23 -1.42
C ASP C 730 38.67 25.64 -0.85
N MET C 731 39.33 24.75 -1.58
CA MET C 731 40.56 24.17 -1.04
C MET C 731 41.75 24.30 -1.97
N ILE C 732 41.55 24.17 -3.28
CA ILE C 732 42.62 24.21 -4.28
C ILE C 732 43.69 23.15 -4.01
N SER D 5 -39.44 -30.08 30.34
CA SER D 5 -39.69 -28.68 30.05
C SER D 5 -38.74 -27.78 30.85
N PRO D 6 -38.04 -26.89 30.16
CA PRO D 6 -37.12 -25.97 30.83
C PRO D 6 -37.87 -24.96 31.68
N PRO D 7 -37.66 -24.95 32.99
CA PRO D 7 -38.37 -24.01 33.85
C PRO D 7 -37.91 -22.58 33.59
N LEU D 8 -38.83 -21.64 33.78
CA LEU D 8 -38.54 -20.24 33.57
C LEU D 8 -39.58 -19.39 34.29
N CYS D 9 -39.25 -18.11 34.47
CA CYS D 9 -40.15 -17.16 35.11
C CYS D 9 -39.88 -15.78 34.56
N THR D 10 -40.86 -14.89 34.70
CA THR D 10 -40.76 -13.53 34.23
C THR D 10 -40.93 -12.57 35.40
N LEU D 11 -40.14 -11.50 35.41
CA LEU D 11 -40.18 -10.51 36.47
C LEU D 11 -40.36 -9.13 35.88
N PRO D 12 -41.08 -8.24 36.57
CA PRO D 12 -41.73 -8.39 37.88
C PRO D 12 -42.97 -9.28 37.84
N PRO D 13 -43.30 -9.93 38.96
CA PRO D 13 -44.44 -10.85 38.97
C PRO D 13 -45.80 -10.17 38.90
N GLY D 14 -45.86 -8.84 38.98
CA GLY D 14 -47.12 -8.14 38.97
C GLY D 14 -47.73 -8.06 37.59
N PRO D 15 -48.87 -7.37 37.51
CA PRO D 15 -49.56 -7.22 36.22
C PRO D 15 -48.82 -6.36 35.22
N GLU D 16 -47.76 -5.67 35.65
CA GLU D 16 -46.99 -4.85 34.73
C GLU D 16 -46.28 -5.74 33.69
N PRO D 17 -45.97 -5.19 32.52
CA PRO D 17 -45.27 -5.97 31.49
C PRO D 17 -43.93 -6.47 32.00
N PRO D 18 -43.54 -7.68 31.60
CA PRO D 18 -42.28 -8.25 32.12
C PRO D 18 -41.07 -7.48 31.63
N ARG D 19 -40.03 -7.47 32.47
CA ARG D 19 -38.78 -6.80 32.17
C ARG D 19 -37.57 -7.74 32.16
N PHE D 20 -37.62 -8.84 32.91
CA PHE D 20 -36.50 -9.78 32.98
C PHE D 20 -37.04 -11.21 32.94
N VAL D 21 -36.25 -12.10 32.35
CA VAL D 21 -36.59 -13.51 32.24
C VAL D 21 -35.44 -14.33 32.80
N CYS D 22 -35.75 -15.27 33.68
CA CYS D 22 -34.77 -16.15 34.30
C CYS D 22 -35.05 -17.58 33.87
N TYR D 23 -34.01 -18.29 33.41
CA TYR D 23 -34.17 -19.65 32.95
C TYR D 23 -32.84 -20.39 33.08
N CYS D 24 -32.93 -21.72 33.00
CA CYS D 24 -31.77 -22.59 33.09
C CYS D 24 -31.73 -23.52 31.88
N GLU D 25 -30.52 -23.92 31.50
CA GLU D 25 -30.34 -24.76 30.32
C GLU D 25 -29.34 -25.87 30.60
N GLY D 26 -29.69 -27.08 30.19
CA GLY D 26 -28.78 -28.21 30.19
C GLY D 26 -28.16 -28.58 31.52
N GLU D 27 -28.98 -29.05 32.46
CA GLU D 27 -28.46 -29.50 33.75
C GLU D 27 -27.64 -30.78 33.60
N GLY D 36 -23.10 -28.02 29.80
CA GLY D 36 -22.83 -26.98 30.78
C GLY D 36 -24.09 -26.34 31.32
N PHE D 37 -24.36 -26.55 32.61
CA PHE D 37 -25.53 -25.99 33.25
C PHE D 37 -25.23 -24.57 33.73
N ASN D 38 -26.16 -23.65 33.44
CA ASN D 38 -26.00 -22.26 33.85
C ASN D 38 -27.38 -21.66 34.06
N LEU D 39 -27.40 -20.60 34.86
CA LEU D 39 -28.62 -19.82 35.11
C LEU D 39 -28.52 -18.52 34.31
N TYR D 40 -29.50 -18.28 33.45
CA TYR D 40 -29.49 -17.14 32.54
C TYR D 40 -30.60 -16.17 32.93
N VAL D 41 -30.21 -14.91 33.14
CA VAL D 41 -31.15 -13.82 33.40
C VAL D 41 -30.91 -12.76 32.34
N THR D 42 -31.96 -12.40 31.61
CA THR D 42 -31.82 -11.47 30.50
C THR D 42 -33.04 -10.55 30.44
N ASP D 43 -32.81 -9.34 29.93
CA ASP D 43 -33.87 -8.38 29.64
C ASP D 43 -34.13 -8.27 28.15
N ALA D 44 -33.78 -9.31 27.38
CA ALA D 44 -33.87 -9.40 25.93
C ALA D 44 -32.91 -8.46 25.22
N ALA D 45 -32.11 -7.69 25.93
CA ALA D 45 -31.07 -6.84 25.35
C ALA D 45 -29.67 -7.24 25.80
N GLU D 46 -29.49 -7.56 27.08
CA GLU D 46 -28.24 -8.05 27.61
C GLU D 46 -28.49 -9.34 28.38
N LEU D 47 -27.49 -10.22 28.37
CA LEU D 47 -27.60 -11.53 28.99
C LEU D 47 -26.62 -11.63 30.16
N TRP D 48 -27.12 -12.09 31.30
CA TRP D 48 -26.32 -12.34 32.49
C TRP D 48 -26.32 -13.83 32.78
N SER D 49 -25.13 -14.40 32.98
CA SER D 49 -24.98 -15.83 33.22
C SER D 49 -24.01 -16.06 34.37
N THR D 50 -24.17 -17.20 35.03
CA THR D 50 -23.29 -17.57 36.14
C THR D 50 -21.91 -18.02 35.68
N CYS D 51 -21.77 -18.35 34.38
CA CYS D 51 -20.50 -18.84 33.83
C CYS D 51 -20.00 -20.05 34.59
N PHE D 52 -20.91 -20.98 34.88
CA PHE D 52 -20.55 -22.17 35.65
C PHE D 52 -19.64 -23.09 34.85
N THR D 53 -18.72 -23.73 35.56
CA THR D 53 -17.80 -24.72 35.01
C THR D 53 -17.93 -25.99 35.82
N PRO D 54 -17.55 -27.15 35.25
CA PRO D 54 -17.66 -28.40 36.01
C PRO D 54 -16.91 -28.37 37.33
N ASP D 55 -15.77 -27.69 37.40
CA ASP D 55 -15.05 -27.57 38.67
C ASP D 55 -15.77 -26.61 39.62
N SER D 56 -16.30 -25.50 39.10
CA SER D 56 -16.98 -24.54 39.95
C SER D 56 -18.39 -25.00 40.34
N LEU D 57 -19.07 -25.75 39.46
CA LEU D 57 -20.42 -26.20 39.77
C LEU D 57 -20.43 -27.13 40.98
N ALA D 58 -19.46 -28.05 41.04
CA ALA D 58 -19.37 -28.94 42.20
C ALA D 58 -19.04 -28.18 43.48
N ALA D 59 -18.17 -27.17 43.38
CA ALA D 59 -17.79 -26.39 44.56
C ALA D 59 -18.99 -25.65 45.14
N LEU D 60 -19.82 -25.04 44.30
CA LEU D 60 -20.98 -24.33 44.79
C LEU D 60 -21.98 -25.28 45.45
N LYS D 61 -22.16 -26.48 44.87
CA LYS D 61 -23.06 -27.46 45.47
C LYS D 61 -22.55 -27.90 46.84
N ALA D 62 -21.24 -28.07 46.98
CA ALA D 62 -20.66 -28.45 48.27
C ALA D 62 -20.88 -27.35 49.31
N ARG D 63 -20.74 -26.09 48.90
CA ARG D 63 -20.94 -24.99 49.83
C ARG D 63 -22.37 -24.93 50.35
N PHE D 64 -23.35 -25.14 49.47
CA PHE D 64 -24.74 -25.15 49.88
C PHE D 64 -25.17 -26.54 50.35
N ASP D 71 -29.57 -31.94 42.34
CA ASP D 71 -29.62 -31.08 41.16
C ASP D 71 -30.21 -29.72 41.49
N ILE D 72 -29.75 -28.70 40.78
CA ILE D 72 -30.23 -27.34 41.02
C ILE D 72 -31.49 -27.02 40.24
N THR D 73 -31.69 -27.67 39.10
CA THR D 73 -32.88 -27.40 38.28
C THR D 73 -34.19 -27.65 39.03
N PRO D 74 -34.38 -28.75 39.76
CA PRO D 74 -35.63 -28.88 40.53
C PRO D 74 -35.83 -27.75 41.53
N ARG D 75 -34.75 -27.27 42.16
CA ARG D 75 -34.88 -26.13 43.05
C ARG D 75 -35.23 -24.87 42.27
N PHE D 76 -34.58 -24.65 41.13
CA PHE D 76 -34.89 -23.50 40.29
C PHE D 76 -36.31 -23.59 39.74
N ARG D 77 -36.73 -24.81 39.35
CA ARG D 77 -38.09 -24.98 38.84
C ARG D 77 -39.12 -24.68 39.91
N ALA D 78 -38.87 -25.10 41.16
CA ALA D 78 -39.79 -24.81 42.24
C ALA D 78 -39.89 -23.33 42.51
N ALA D 79 -38.76 -22.61 42.47
CA ALA D 79 -38.77 -21.17 42.68
C ALA D 79 -39.55 -20.45 41.60
N CYS D 80 -39.40 -20.90 40.34
CA CYS D 80 -40.13 -20.27 39.24
C CYS D 80 -41.63 -20.47 39.40
N GLU D 81 -42.06 -21.65 39.83
CA GLU D 81 -43.48 -21.90 40.02
C GLU D 81 -44.04 -21.08 41.19
N GLN D 82 -43.24 -20.85 42.22
CA GLN D 82 -43.68 -20.08 43.38
C GLN D 82 -43.41 -18.58 43.24
N GLN D 83 -42.74 -18.16 42.17
CA GLN D 83 -42.39 -16.75 41.96
C GLN D 83 -41.62 -16.18 43.14
N ALA D 84 -40.73 -16.98 43.70
CA ALA D 84 -39.89 -16.59 44.82
C ALA D 84 -38.47 -16.24 44.39
N VAL D 85 -38.32 -15.68 43.18
CA VAL D 85 -37.01 -15.34 42.64
C VAL D 85 -36.79 -13.85 42.81
N ALA D 86 -35.71 -13.48 43.49
CA ALA D 86 -35.34 -12.09 43.71
C ALA D 86 -34.13 -11.74 42.85
N LEU D 87 -34.20 -10.61 42.17
CA LEU D 87 -33.13 -10.17 41.27
C LEU D 87 -32.62 -8.81 41.71
N THR D 88 -31.30 -8.65 41.67
CA THR D 88 -30.64 -7.37 41.93
C THR D 88 -29.63 -7.12 40.83
N LEU D 89 -29.85 -6.08 40.04
CA LEU D 89 -29.00 -5.76 38.90
C LEU D 89 -28.24 -4.47 39.18
N GLN D 90 -26.92 -4.51 38.99
CA GLN D 90 -26.08 -3.33 39.22
C GLN D 90 -24.88 -3.44 38.27
N GLU D 91 -24.95 -2.69 37.17
CA GLU D 91 -23.90 -2.65 36.15
C GLU D 91 -23.69 -4.06 35.62
N ASP D 92 -22.47 -4.60 35.63
CA ASP D 92 -22.19 -5.92 35.10
C ASP D 92 -22.39 -7.03 36.12
N ARG D 93 -22.74 -6.69 37.36
CA ARG D 93 -22.91 -7.67 38.43
C ARG D 93 -24.40 -7.92 38.66
N ALA D 94 -24.80 -9.19 38.61
CA ALA D 94 -26.18 -9.59 38.82
C ALA D 94 -26.21 -10.74 39.81
N SER D 95 -27.24 -10.77 40.66
CA SER D 95 -27.41 -11.82 41.65
C SER D 95 -28.84 -12.34 41.61
N LEU D 96 -28.98 -13.66 41.69
CA LEU D 96 -30.27 -14.33 41.68
C LEU D 96 -30.47 -15.05 43.00
N THR D 97 -31.60 -14.80 43.66
CA THR D 97 -31.94 -15.39 44.94
C THR D 97 -33.15 -16.31 44.76
N LEU D 98 -33.02 -17.56 45.18
CA LEU D 98 -34.09 -18.54 45.10
C LEU D 98 -34.60 -18.85 46.50
N SER D 99 -35.91 -18.79 46.68
CA SER D 99 -36.55 -19.02 47.96
C SER D 99 -37.53 -20.18 47.85
N GLY D 100 -37.64 -20.96 48.93
CA GLY D 100 -38.54 -22.09 48.96
C GLY D 100 -37.94 -23.32 49.62
N GLY D 101 -36.62 -23.46 49.53
CA GLY D 101 -35.93 -24.58 50.12
C GLY D 101 -35.55 -24.34 51.56
N PRO D 102 -34.86 -25.31 52.18
CA PRO D 102 -34.42 -25.12 53.56
C PRO D 102 -33.48 -23.94 53.74
N SER D 103 -32.65 -23.65 52.74
CA SER D 103 -31.73 -22.52 52.78
C SER D 103 -31.80 -21.76 51.47
N ALA D 104 -31.77 -20.44 51.56
CA ALA D 104 -31.83 -19.60 50.37
C ALA D 104 -30.55 -19.76 49.55
N LEU D 105 -30.72 -19.84 48.23
CA LEU D 105 -29.60 -20.00 47.31
C LEU D 105 -29.33 -18.67 46.62
N ALA D 106 -28.09 -18.21 46.70
CA ALA D 106 -27.66 -16.98 46.06
C ALA D 106 -26.66 -17.32 44.96
N PHE D 107 -26.93 -16.83 43.74
CA PHE D 107 -26.09 -17.11 42.59
C PHE D 107 -25.55 -15.80 42.04
N ASP D 108 -24.26 -15.79 41.70
CA ASP D 108 -23.59 -14.62 41.13
C ASP D 108 -23.58 -14.74 39.62
N LEU D 109 -24.04 -13.68 38.95
CA LEU D 109 -24.15 -13.66 37.50
C LEU D 109 -23.30 -12.52 36.92
N SER D 110 -22.73 -12.77 35.76
CA SER D 110 -21.92 -11.79 35.05
C SER D 110 -22.47 -11.57 33.65
N LYS D 111 -22.30 -10.35 33.15
CA LYS D 111 -22.83 -10.00 31.83
C LYS D 111 -22.09 -10.77 30.74
N VAL D 112 -22.86 -11.43 29.88
CA VAL D 112 -22.33 -12.19 28.76
C VAL D 112 -21.91 -11.21 27.67
N PRO D 113 -20.73 -11.37 27.06
CA PRO D 113 -20.33 -10.45 25.98
C PRO D 113 -21.30 -10.49 24.81
N GLY D 114 -21.43 -9.33 24.15
CA GLY D 114 -22.34 -9.16 23.05
C GLY D 114 -22.26 -10.23 21.99
N PRO D 115 -21.08 -10.43 21.40
CA PRO D 115 -20.93 -11.52 20.42
C PRO D 115 -21.24 -12.89 20.99
N GLU D 116 -20.93 -13.13 22.26
CA GLU D 116 -21.26 -14.42 22.87
C GLU D 116 -22.75 -14.50 23.22
N ALA D 117 -23.34 -13.39 23.67
CA ALA D 117 -24.73 -13.40 24.09
C ALA D 117 -25.71 -13.42 22.91
N ALA D 118 -25.28 -12.99 21.73
CA ALA D 118 -26.19 -12.94 20.59
C ALA D 118 -26.72 -14.32 20.20
N PRO D 119 -25.91 -15.37 20.02
CA PRO D 119 -26.49 -16.68 19.70
C PRO D 119 -27.40 -17.23 20.77
N ARG D 120 -27.14 -16.92 22.05
CA ARG D 120 -27.98 -17.43 23.12
C ARG D 120 -29.35 -16.75 23.12
N LEU D 121 -29.37 -15.44 22.95
CA LEU D 121 -30.65 -14.76 22.73
C LEU D 121 -31.27 -15.15 21.39
N ARG D 122 -30.42 -15.54 20.43
CA ARG D 122 -30.93 -16.00 19.14
C ARG D 122 -31.76 -17.27 19.29
N ALA D 123 -31.23 -18.27 19.99
CA ALA D 123 -31.94 -19.52 20.20
C ALA D 123 -33.04 -19.41 21.24
N LEU D 124 -32.96 -18.42 22.13
CA LEU D 124 -33.97 -18.27 23.17
C LEU D 124 -35.34 -17.94 22.58
N THR D 125 -35.37 -17.06 21.58
CA THR D 125 -36.64 -16.69 20.96
C THR D 125 -37.29 -17.87 20.24
N LEU D 126 -36.49 -18.68 19.56
CA LEU D 126 -37.03 -19.84 18.84
C LEU D 126 -37.63 -20.86 19.80
N GLY D 127 -36.91 -21.18 20.87
CA GLY D 127 -37.40 -22.17 21.81
C GLY D 127 -38.68 -21.75 22.51
N LEU D 128 -38.75 -20.47 22.91
CA LEU D 128 -39.95 -19.96 23.55
C LEU D 128 -41.15 -19.97 22.61
N ALA D 129 -40.93 -19.59 21.34
CA ALA D 129 -42.04 -19.49 20.39
C ALA D 129 -42.65 -20.86 20.13
N LYS D 130 -41.83 -21.88 19.94
CA LYS D 130 -42.37 -23.24 19.74
C LYS D 130 -43.11 -23.72 20.98
N ARG D 131 -42.58 -23.41 22.17
CA ARG D 131 -43.25 -23.80 23.40
C ARG D 131 -44.61 -23.13 23.53
N VAL D 132 -44.74 -21.90 23.03
CA VAL D 132 -46.04 -21.23 23.05
C VAL D 132 -47.03 -21.99 22.18
N TRP D 133 -46.62 -22.31 20.94
CA TRP D 133 -47.50 -23.02 20.03
C TRP D 133 -47.78 -24.43 20.51
N SER D 134 -46.75 -25.12 21.03
CA SER D 134 -46.94 -26.49 21.49
C SER D 134 -47.88 -26.56 22.69
N LEU D 135 -47.72 -25.64 23.64
CA LEU D 135 -48.61 -25.62 24.80
C LEU D 135 -50.04 -25.30 24.38
N GLU D 136 -50.21 -24.32 23.48
CA GLU D 136 -51.55 -24.00 22.99
C GLU D 136 -52.15 -25.17 22.24
N ARG D 137 -51.34 -25.89 21.46
CA ARG D 137 -51.83 -27.06 20.75
C ARG D 137 -52.33 -28.12 21.72
N ARG D 138 -51.58 -28.36 22.80
CA ARG D 138 -52.01 -29.30 23.82
C ARG D 138 -53.12 -28.72 24.70
N LEU D 139 -53.11 -27.40 24.93
CA LEU D 139 -54.15 -26.78 25.73
C LEU D 139 -55.51 -26.87 25.04
N ALA D 140 -55.55 -26.66 23.72
CA ALA D 140 -56.81 -26.73 23.00
C ALA D 140 -57.44 -28.11 23.09
N ALA D 141 -56.62 -29.16 23.18
CA ALA D 141 -57.10 -30.52 23.36
C ALA D 141 -57.24 -30.86 24.84
N ALA D 142 -58.04 -30.06 25.53
CA ALA D 142 -58.27 -30.25 26.96
C ALA D 142 -59.60 -29.64 27.38
N CYS D 180 -81.03 5.31 -22.44
CA CYS D 180 -81.00 5.71 -21.03
C CYS D 180 -82.41 5.91 -20.50
N PRO D 181 -82.70 5.31 -19.34
CA PRO D 181 -84.03 5.46 -18.74
C PRO D 181 -84.28 6.89 -18.29
N GLY D 182 -85.55 7.26 -18.28
CA GLY D 182 -85.92 8.62 -17.90
C GLY D 182 -85.38 9.67 -18.84
N GLU D 183 -85.33 9.38 -20.13
CA GLU D 183 -84.78 10.27 -21.13
C GLU D 183 -85.74 10.38 -22.30
N SER D 184 -85.87 11.60 -22.85
CA SER D 184 -86.76 11.85 -23.98
C SER D 184 -86.10 11.33 -25.25
N LEU D 185 -86.71 10.29 -25.84
CA LEU D 185 -86.16 9.73 -27.07
C LEU D 185 -86.20 10.74 -28.22
N ILE D 186 -87.29 11.50 -28.31
CA ILE D 186 -87.43 12.49 -29.36
C ILE D 186 -86.34 13.56 -29.26
N ASN D 187 -85.92 13.87 -28.04
CA ASN D 187 -84.96 14.94 -27.79
C ASN D 187 -83.83 14.39 -26.94
N PRO D 188 -82.71 14.00 -27.56
CA PRO D 188 -81.68 13.26 -26.82
C PRO D 188 -81.08 14.07 -25.68
N GLY D 189 -80.73 13.34 -24.62
CA GLY D 189 -80.10 13.96 -23.47
C GLY D 189 -81.01 14.73 -22.55
N PHE D 190 -82.33 14.57 -22.69
CA PHE D 190 -83.28 15.39 -21.94
C PHE D 190 -84.38 14.50 -21.37
N LYS D 191 -85.00 15.00 -20.31
CA LYS D 191 -86.04 14.25 -19.62
C LYS D 191 -87.27 14.10 -20.51
N SER D 192 -87.87 12.92 -20.47
CA SER D 192 -89.13 12.66 -21.17
C SER D 192 -90.27 13.20 -20.32
N LYS D 193 -90.85 14.32 -20.74
CA LYS D 193 -91.86 15.00 -19.92
C LYS D 193 -93.08 14.13 -19.73
N LYS D 194 -93.67 14.21 -18.55
CA LYS D 194 -94.95 13.58 -18.34
C LYS D 194 -96.05 14.45 -18.94
N PRO D 195 -97.05 13.85 -19.61
CA PRO D 195 -98.14 14.66 -20.18
C PRO D 195 -98.98 15.35 -19.11
N ALA D 196 -99.97 16.13 -19.54
CA ALA D 196 -100.82 16.84 -18.59
C ALA D 196 -101.61 15.86 -17.73
N GLY D 197 -101.69 16.16 -16.44
CA GLY D 197 -102.38 15.29 -15.50
C GLY D 197 -103.51 15.96 -14.76
N GLY D 198 -103.43 17.27 -14.59
CA GLY D 198 -104.49 17.99 -13.89
C GLY D 198 -104.53 17.61 -12.42
N VAL D 199 -105.71 17.27 -11.93
CA VAL D 199 -105.91 16.92 -10.52
C VAL D 199 -106.91 15.79 -10.43
N ASP D 200 -106.71 14.90 -9.47
CA ASP D 200 -107.62 13.80 -9.20
C ASP D 200 -108.36 14.03 -7.89
N PHE D 201 -109.36 13.20 -7.64
CA PHE D 201 -110.18 13.28 -6.43
C PHE D 201 -110.06 11.98 -5.65
N ASP D 202 -109.71 12.09 -4.37
CA ASP D 202 -109.57 10.92 -3.52
C ASP D 202 -110.26 11.15 -2.18
N MET E 1 -162.90 -25.99 -32.05
CA MET E 1 -163.40 -24.67 -32.41
C MET E 1 -164.11 -24.71 -33.77
N GLU E 2 -163.34 -24.66 -34.84
CA GLU E 2 -163.87 -24.74 -36.19
C GLU E 2 -163.97 -26.20 -36.63
N ARG E 3 -164.84 -26.44 -37.61
CA ARG E 3 -165.08 -27.78 -38.13
C ARG E 3 -164.56 -27.88 -39.55
N LYS E 4 -163.79 -28.93 -39.83
CA LYS E 4 -163.36 -29.28 -41.17
C LYS E 4 -163.89 -30.67 -41.50
N ILE E 5 -164.32 -30.86 -42.74
CA ILE E 5 -164.91 -32.12 -43.20
C ILE E 5 -163.91 -32.82 -44.11
N SER E 6 -163.68 -34.10 -43.86
CA SER E 6 -162.80 -34.92 -44.68
C SER E 6 -163.51 -36.21 -45.05
N ARG E 7 -163.21 -36.72 -46.24
CA ARG E 7 -163.81 -37.93 -46.78
C ARG E 7 -162.71 -38.96 -46.99
N ILE E 8 -162.48 -39.80 -45.98
CA ILE E 8 -161.51 -40.89 -46.10
C ILE E 8 -162.22 -42.06 -46.79
N HIS E 9 -161.99 -42.21 -48.08
CA HIS E 9 -162.63 -43.27 -48.84
C HIS E 9 -162.10 -44.63 -48.42
N LEU E 10 -163.00 -45.60 -48.33
CA LEU E 10 -162.65 -46.96 -47.92
C LEU E 10 -162.52 -47.83 -49.17
N VAL E 11 -161.33 -48.38 -49.38
CA VAL E 11 -161.12 -49.30 -50.49
C VAL E 11 -161.93 -50.58 -50.29
N SER E 12 -162.05 -51.02 -49.04
CA SER E 12 -162.83 -52.22 -48.76
C SER E 12 -164.29 -52.03 -49.11
N GLU E 13 -164.87 -50.87 -48.78
CA GLU E 13 -166.26 -50.60 -49.09
C GLU E 13 -166.45 -49.14 -49.49
N PRO E 14 -166.66 -48.87 -50.79
CA PRO E 14 -166.94 -47.48 -51.21
C PRO E 14 -168.28 -46.95 -50.73
N SER E 15 -169.15 -47.80 -50.21
CA SER E 15 -170.48 -47.36 -49.79
C SER E 15 -170.49 -46.72 -48.41
N ILE E 16 -169.52 -47.08 -47.56
CA ILE E 16 -169.46 -46.57 -46.19
C ILE E 16 -168.12 -45.88 -46.00
N THR E 17 -168.17 -44.61 -45.62
CA THR E 17 -166.98 -43.81 -45.36
C THR E 17 -167.18 -42.98 -44.11
N HIS E 18 -166.08 -42.53 -43.53
CA HIS E 18 -166.09 -41.72 -42.31
C HIS E 18 -165.94 -40.25 -42.67
N PHE E 19 -166.79 -39.41 -42.09
CA PHE E 19 -166.71 -37.96 -42.23
C PHE E 19 -166.21 -37.37 -40.91
N LEU E 20 -165.18 -36.53 -40.99
CA LEU E 20 -164.52 -36.03 -39.80
C LEU E 20 -165.09 -34.68 -39.38
N GLN E 21 -165.31 -34.53 -38.07
CA GLN E 21 -165.61 -33.24 -37.45
C GLN E 21 -164.96 -33.24 -36.06
N VAL E 22 -163.73 -32.74 -36.01
CA VAL E 22 -162.88 -32.85 -34.82
C VAL E 22 -163.00 -31.56 -34.02
N SER E 23 -163.22 -31.69 -32.72
CA SER E 23 -163.37 -30.56 -31.82
C SER E 23 -162.21 -30.54 -30.83
N TRP E 24 -161.70 -29.35 -30.55
CA TRP E 24 -160.60 -29.18 -29.59
C TRP E 24 -160.69 -27.79 -28.99
N GLU E 25 -160.05 -27.63 -27.83
CA GLU E 25 -159.99 -26.35 -27.15
C GLU E 25 -158.58 -25.76 -27.10
N LYS E 26 -157.57 -26.57 -26.78
CA LYS E 26 -156.17 -26.13 -26.88
C LYS E 26 -155.23 -27.17 -27.47
N THR E 27 -155.62 -28.45 -27.53
CA THR E 27 -154.78 -29.51 -28.08
C THR E 27 -155.68 -30.71 -28.30
N LEU E 28 -155.13 -31.72 -28.98
CA LEU E 28 -155.85 -32.97 -29.24
C LEU E 28 -155.59 -33.91 -28.07
N GLU E 29 -156.31 -33.66 -26.98
CA GLU E 29 -156.29 -34.56 -25.83
C GLU E 29 -157.67 -34.71 -25.19
N SER E 30 -158.71 -34.11 -25.76
CA SER E 30 -160.07 -34.20 -25.25
C SER E 30 -160.92 -34.98 -26.24
N GLY E 31 -162.24 -35.00 -26.00
CA GLY E 31 -163.14 -35.76 -26.84
C GLY E 31 -163.45 -35.03 -28.14
N PHE E 32 -163.52 -35.82 -29.22
CA PHE E 32 -163.95 -35.33 -30.52
C PHE E 32 -164.98 -36.30 -31.09
N VAL E 33 -165.94 -35.74 -31.83
CA VAL E 33 -167.09 -36.50 -32.32
C VAL E 33 -166.80 -36.98 -33.74
N ILE E 34 -167.07 -38.25 -34.01
CA ILE E 34 -166.88 -38.85 -35.32
C ILE E 34 -168.19 -39.47 -35.77
N THR E 35 -168.57 -39.22 -37.01
CA THR E 35 -169.80 -39.75 -37.58
C THR E 35 -169.47 -40.86 -38.57
N LEU E 36 -170.38 -41.83 -38.69
CA LEU E 36 -170.18 -42.96 -39.57
C LEU E 36 -171.56 -43.45 -40.00
N THR E 37 -171.88 -43.30 -41.28
CA THR E 37 -173.20 -43.61 -41.78
C THR E 37 -173.12 -44.21 -43.17
N ASP E 38 -174.15 -44.98 -43.52
CA ASP E 38 -174.34 -45.50 -44.87
C ASP E 38 -175.31 -44.65 -45.68
N GLY E 39 -175.76 -43.52 -45.14
CA GLY E 39 -176.73 -42.67 -45.78
C GLY E 39 -178.12 -42.74 -45.19
N HIS E 40 -178.42 -43.79 -44.42
CA HIS E 40 -179.73 -43.92 -43.80
C HIS E 40 -179.61 -44.18 -42.30
N SER E 41 -178.54 -44.87 -41.90
CA SER E 41 -178.29 -45.17 -40.49
C SER E 41 -176.92 -44.63 -40.11
N ALA E 42 -176.88 -43.85 -39.03
CA ALA E 42 -175.67 -43.18 -38.59
C ALA E 42 -175.26 -43.67 -37.20
N TRP E 43 -173.94 -43.70 -36.97
CA TRP E 43 -173.37 -44.09 -35.70
C TRP E 43 -172.31 -43.06 -35.32
N THR E 44 -172.61 -42.24 -34.31
CA THR E 44 -171.66 -41.25 -33.83
C THR E 44 -170.64 -41.92 -32.90
N GLY E 45 -169.74 -41.10 -32.35
CA GLY E 45 -168.73 -41.60 -31.44
C GLY E 45 -168.01 -40.48 -30.74
N THR E 46 -167.30 -40.84 -29.68
CA THR E 46 -166.55 -39.88 -28.90
C THR E 46 -165.45 -40.61 -28.14
N VAL E 47 -164.51 -39.84 -27.60
CA VAL E 47 -163.38 -40.38 -26.85
C VAL E 47 -163.23 -39.57 -25.57
N SER E 48 -162.52 -40.14 -24.60
CA SER E 48 -162.25 -39.48 -23.33
C SER E 48 -160.84 -39.80 -22.90
N GLU E 49 -160.44 -39.27 -21.74
CA GLU E 49 -159.11 -39.52 -21.21
C GLU E 49 -159.04 -40.84 -20.47
N SER E 50 -159.48 -41.91 -21.13
CA SER E 50 -159.37 -43.26 -20.59
C SER E 50 -158.81 -44.28 -21.57
N GLU E 51 -158.89 -44.02 -22.88
CA GLU E 51 -158.32 -44.89 -23.90
C GLU E 51 -157.28 -44.18 -24.75
N ILE E 52 -156.91 -42.96 -24.39
CA ILE E 52 -155.92 -42.18 -25.13
C ILE E 52 -154.54 -42.29 -24.50
N SER E 53 -154.47 -42.24 -23.16
CA SER E 53 -153.20 -42.25 -22.46
C SER E 53 -152.42 -43.55 -22.63
N GLN E 54 -153.06 -44.62 -23.10
CA GLN E 54 -152.36 -45.89 -23.27
C GLN E 54 -151.21 -45.74 -24.27
N GLU E 55 -151.42 -44.98 -25.35
CA GLU E 55 -150.36 -44.74 -26.31
C GLU E 55 -149.17 -44.04 -25.67
N ALA E 56 -149.38 -43.35 -24.55
CA ALA E 56 -148.31 -42.67 -23.84
C ALA E 56 -147.63 -43.55 -22.80
N ASP E 57 -148.10 -44.78 -22.59
CA ASP E 57 -147.47 -45.66 -21.62
C ASP E 57 -147.04 -47.00 -22.18
N ASP E 58 -147.78 -47.56 -23.16
CA ASP E 58 -147.35 -48.82 -23.76
C ASP E 58 -146.01 -48.68 -24.47
N MET E 59 -145.87 -47.62 -25.27
CA MET E 59 -144.62 -47.33 -25.96
C MET E 59 -143.66 -46.50 -25.10
N ALA E 60 -144.17 -45.90 -24.02
CA ALA E 60 -143.39 -44.99 -23.18
C ALA E 60 -142.80 -43.84 -24.02
N MET E 61 -143.60 -43.36 -24.96
CA MET E 61 -143.21 -42.29 -25.87
C MET E 61 -143.67 -40.94 -25.33
N GLU E 62 -142.87 -39.91 -25.60
CA GLU E 62 -143.20 -38.58 -25.12
C GLU E 62 -144.51 -38.09 -25.74
N LYS E 63 -145.37 -37.51 -24.89
CA LYS E 63 -146.67 -37.05 -25.34
C LYS E 63 -146.54 -35.88 -26.28
N GLY E 64 -147.42 -35.81 -27.27
CA GLY E 64 -147.41 -34.72 -28.23
C GLY E 64 -147.45 -35.20 -29.67
N LYS E 65 -146.76 -36.31 -29.96
CA LYS E 65 -146.75 -36.85 -31.32
C LYS E 65 -148.04 -37.61 -31.64
N TYR E 66 -148.82 -37.99 -30.63
CA TYR E 66 -150.13 -38.56 -30.89
C TYR E 66 -151.03 -37.56 -31.60
N VAL E 67 -150.95 -36.29 -31.20
CA VAL E 67 -151.72 -35.25 -31.86
C VAL E 67 -151.35 -35.16 -33.33
N GLY E 68 -150.06 -35.18 -33.64
CA GLY E 68 -149.63 -35.12 -35.03
C GLY E 68 -150.03 -36.35 -35.82
N GLU E 69 -149.94 -37.53 -35.20
CA GLU E 69 -150.35 -38.76 -35.89
C GLU E 69 -151.83 -38.74 -36.23
N LEU E 70 -152.67 -38.33 -35.27
CA LEU E 70 -154.10 -38.24 -35.54
C LEU E 70 -154.40 -37.14 -36.56
N ARG E 71 -153.65 -36.04 -36.54
CA ARG E 71 -153.84 -34.99 -37.53
C ARG E 71 -153.52 -35.49 -38.94
N LYS E 72 -152.43 -36.24 -39.09
CA LYS E 72 -152.07 -36.75 -40.40
C LYS E 72 -152.90 -37.98 -40.80
N ALA E 73 -153.64 -38.57 -39.86
CA ALA E 73 -154.50 -39.70 -40.20
C ALA E 73 -155.94 -39.28 -40.54
N LEU E 74 -156.52 -38.35 -39.79
CA LEU E 74 -157.96 -38.09 -39.90
C LEU E 74 -158.33 -37.38 -41.20
N LEU E 75 -157.43 -36.61 -41.79
CA LEU E 75 -157.76 -35.89 -43.01
C LEU E 75 -158.00 -36.86 -44.17
N SER E 76 -158.69 -36.36 -45.19
CA SER E 76 -159.16 -37.20 -46.29
C SER E 76 -158.00 -37.80 -47.06
N GLY E 77 -158.18 -39.05 -47.49
CA GLY E 77 -157.17 -39.73 -48.28
C GLY E 77 -155.97 -40.13 -47.43
N ALA E 78 -154.93 -40.56 -48.14
CA ALA E 78 -153.68 -40.95 -47.51
C ALA E 78 -152.55 -40.79 -48.51
N GLY E 79 -151.33 -40.69 -47.99
CA GLY E 79 -150.16 -40.55 -48.82
C GLY E 79 -149.84 -41.81 -49.59
N PRO E 80 -149.14 -41.67 -50.71
CA PRO E 80 -148.77 -42.86 -51.51
C PRO E 80 -147.80 -43.76 -50.77
N ALA E 81 -146.76 -43.16 -50.19
CA ALA E 81 -145.80 -43.90 -49.37
C ALA E 81 -146.13 -43.87 -47.88
N ASP E 82 -147.22 -43.19 -47.51
CA ASP E 82 -147.64 -43.05 -46.12
C ASP E 82 -149.10 -43.48 -45.97
N VAL E 83 -149.42 -44.66 -46.51
CA VAL E 83 -150.80 -45.14 -46.46
C VAL E 83 -151.23 -45.37 -45.02
N TYR E 84 -152.42 -44.87 -44.69
CA TYR E 84 -153.01 -45.06 -43.37
C TYR E 84 -154.27 -45.90 -43.54
N THR E 85 -154.33 -47.03 -42.83
CA THR E 85 -155.47 -47.93 -42.97
C THR E 85 -156.68 -47.36 -42.24
N PHE E 86 -157.83 -47.38 -42.92
CA PHE E 86 -159.10 -46.92 -42.34
C PHE E 86 -160.18 -47.86 -42.86
N ASN E 87 -160.57 -48.82 -42.03
CA ASN E 87 -161.56 -49.82 -42.40
C ASN E 87 -162.61 -49.93 -41.31
N PHE E 88 -163.86 -50.11 -41.72
CA PHE E 88 -164.97 -50.29 -40.80
C PHE E 88 -165.23 -51.79 -40.61
N SER E 89 -165.31 -52.22 -39.36
CA SER E 89 -165.47 -53.63 -39.02
C SER E 89 -166.95 -53.95 -38.78
N LYS E 90 -167.43 -55.02 -39.40
CA LYS E 90 -168.80 -55.49 -39.22
C LYS E 90 -168.94 -56.44 -38.03
N GLU E 91 -167.99 -56.42 -37.10
CA GLU E 91 -168.00 -57.39 -36.01
C GLU E 91 -169.06 -57.05 -34.96
N SER E 92 -168.99 -55.84 -34.40
CA SER E 92 -169.96 -55.41 -33.39
C SER E 92 -170.22 -53.91 -33.48
N CYS E 93 -170.18 -53.35 -34.69
CA CYS E 93 -170.25 -51.91 -34.90
C CYS E 93 -169.14 -51.20 -34.10
N TYR E 94 -167.92 -51.68 -34.30
CA TYR E 94 -166.75 -51.20 -33.58
C TYR E 94 -165.85 -50.40 -34.53
N PHE E 95 -165.49 -49.19 -34.11
CA PHE E 95 -164.64 -48.31 -34.90
C PHE E 95 -163.25 -48.29 -34.26
N PHE E 96 -162.33 -49.08 -34.83
CA PHE E 96 -160.96 -49.13 -34.34
C PHE E 96 -160.05 -49.36 -35.54
N PHE E 97 -159.33 -48.31 -35.95
CA PHE E 97 -158.45 -48.36 -37.11
C PHE E 97 -157.01 -48.39 -36.66
N GLU E 98 -156.20 -49.20 -37.34
CA GLU E 98 -154.78 -49.27 -37.04
C GLU E 98 -154.05 -48.04 -37.62
N LYS E 99 -152.84 -47.82 -37.14
CA LYS E 99 -152.00 -46.73 -37.61
C LYS E 99 -150.71 -47.30 -38.16
N ASN E 100 -150.34 -46.90 -39.38
CA ASN E 100 -149.19 -47.45 -40.10
C ASN E 100 -148.09 -46.40 -40.16
N LEU E 101 -147.00 -46.64 -39.43
CA LEU E 101 -145.80 -45.82 -39.50
C LEU E 101 -144.60 -46.73 -39.74
N LYS E 102 -143.80 -46.38 -40.75
CA LYS E 102 -142.61 -47.15 -41.12
C LYS E 102 -142.95 -48.61 -41.37
N ASP E 103 -143.98 -48.82 -42.21
CA ASP E 103 -144.49 -50.15 -42.57
C ASP E 103 -144.70 -51.06 -41.35
N VAL E 104 -145.00 -50.46 -40.20
CA VAL E 104 -145.30 -51.18 -38.98
C VAL E 104 -146.65 -50.69 -38.45
N SER E 105 -147.56 -51.62 -38.17
CA SER E 105 -148.87 -51.25 -37.66
C SER E 105 -148.78 -50.85 -36.20
N PHE E 106 -149.40 -49.72 -35.85
CA PHE E 106 -149.44 -49.22 -34.49
C PHE E 106 -150.88 -48.91 -34.11
N ARG E 107 -151.07 -48.60 -32.83
CA ARG E 107 -152.38 -48.25 -32.29
C ARG E 107 -152.51 -46.73 -32.18
N LEU E 108 -153.66 -46.21 -32.59
CA LEU E 108 -153.92 -44.78 -32.58
C LEU E 108 -155.13 -44.45 -31.73
N GLY E 109 -155.24 -45.10 -30.57
CA GLY E 109 -156.32 -44.80 -29.65
C GLY E 109 -157.59 -45.59 -29.93
N SER E 110 -158.11 -46.27 -28.91
CA SER E 110 -159.34 -47.03 -29.06
C SER E 110 -160.54 -46.11 -28.90
N PHE E 111 -161.48 -46.21 -29.83
CA PHE E 111 -162.69 -45.41 -29.83
C PHE E 111 -163.91 -46.34 -29.72
N ASN E 112 -165.10 -45.75 -29.84
CA ASN E 112 -166.33 -46.53 -29.83
C ASN E 112 -167.37 -45.78 -30.66
N LEU E 113 -168.38 -46.54 -31.12
CA LEU E 113 -169.45 -46.00 -31.92
C LEU E 113 -170.71 -45.87 -31.07
N GLU E 114 -171.25 -44.66 -30.99
CA GLU E 114 -172.45 -44.38 -30.22
C GLU E 114 -173.58 -44.05 -31.19
N LYS E 115 -174.61 -44.90 -31.21
CA LYS E 115 -175.74 -44.69 -32.10
C LYS E 115 -176.51 -43.44 -31.68
N VAL E 116 -176.61 -42.47 -32.60
CA VAL E 116 -177.33 -41.25 -32.32
C VAL E 116 -178.82 -41.54 -32.22
N GLU E 117 -179.53 -40.71 -31.44
CA GLU E 117 -180.96 -40.93 -31.25
C GLU E 117 -181.75 -40.69 -32.53
N ASN E 118 -181.23 -39.86 -33.44
CA ASN E 118 -181.90 -39.59 -34.70
C ASN E 118 -180.89 -39.29 -35.78
N PRO E 119 -180.66 -40.19 -36.74
CA PRO E 119 -179.67 -39.92 -37.79
C PRO E 119 -180.14 -38.89 -38.80
N ALA E 120 -181.45 -38.74 -39.00
CA ALA E 120 -181.96 -37.82 -40.01
C ALA E 120 -181.58 -36.38 -39.69
N GLU E 121 -181.74 -35.97 -38.43
CA GLU E 121 -181.37 -34.61 -38.05
C GLU E 121 -179.88 -34.38 -38.17
N VAL E 122 -179.08 -35.40 -37.84
CA VAL E 122 -177.63 -35.28 -37.97
C VAL E 122 -177.25 -35.07 -39.43
N ILE E 123 -177.81 -35.89 -40.32
CA ILE E 123 -177.49 -35.76 -41.74
C ILE E 123 -177.93 -34.40 -42.29
N ARG E 124 -179.13 -33.96 -41.91
CA ARG E 124 -179.62 -32.68 -42.41
C ARG E 124 -178.79 -31.52 -41.87
N GLU E 125 -178.35 -31.59 -40.61
CA GLU E 125 -177.52 -30.52 -40.08
C GLU E 125 -176.14 -30.52 -40.74
N LEU E 126 -175.60 -31.70 -41.06
CA LEU E 126 -174.31 -31.76 -41.75
C LEU E 126 -174.42 -31.14 -43.15
N ILE E 127 -175.48 -31.49 -43.89
CA ILE E 127 -175.62 -30.95 -45.24
C ILE E 127 -175.90 -29.45 -45.19
N CYS E 128 -176.66 -29.00 -44.19
CA CYS E 128 -176.91 -27.57 -44.03
C CYS E 128 -175.63 -26.82 -43.70
N TYR E 129 -174.78 -27.40 -42.84
CA TYR E 129 -173.50 -26.78 -42.53
C TYR E 129 -172.61 -26.71 -43.77
N CYS E 130 -172.60 -27.77 -44.58
CA CYS E 130 -171.81 -27.76 -45.80
C CYS E 130 -172.28 -26.66 -46.75
N LEU E 131 -173.61 -26.55 -46.94
CA LEU E 131 -174.14 -25.52 -47.82
C LEU E 131 -173.85 -24.12 -47.29
N ASP E 132 -173.95 -23.94 -45.97
CA ASP E 132 -173.66 -22.64 -45.38
C ASP E 132 -172.19 -22.27 -45.57
N THR E 133 -171.29 -23.24 -45.40
CA THR E 133 -169.87 -22.97 -45.63
C THR E 133 -169.61 -22.60 -47.08
N ILE E 134 -170.27 -23.30 -48.02
CA ILE E 134 -170.12 -22.97 -49.43
C ILE E 134 -170.60 -21.54 -49.69
N ALA E 135 -171.75 -21.17 -49.13
CA ALA E 135 -172.29 -19.82 -49.33
C ALA E 135 -171.36 -18.76 -48.76
N GLU E 136 -170.82 -19.01 -47.56
CA GLU E 136 -169.88 -18.06 -46.96
C GLU E 136 -168.62 -17.92 -47.81
N ASN E 137 -168.12 -19.04 -48.35
CA ASN E 137 -166.96 -18.98 -49.24
C ASN E 137 -167.27 -18.15 -50.48
N GLN E 138 -168.46 -18.34 -51.06
CA GLN E 138 -168.84 -17.58 -52.24
C GLN E 138 -168.93 -16.09 -51.93
N ALA E 139 -169.52 -15.73 -50.79
CA ALA E 139 -169.62 -14.32 -50.41
C ALA E 139 -168.25 -13.69 -50.19
N LYS E 140 -167.35 -14.42 -49.53
CA LYS E 140 -166.00 -13.92 -49.33
C LYS E 140 -165.29 -13.75 -50.66
N ASN E 141 -165.48 -14.69 -51.59
CA ASN E 141 -164.91 -14.57 -52.91
C ASN E 141 -165.41 -13.32 -53.62
N GLU E 142 -166.72 -13.08 -53.55
CA GLU E 142 -167.27 -11.89 -54.22
C GLU E 142 -166.70 -10.60 -53.64
N HIS E 143 -166.64 -10.53 -52.31
CA HIS E 143 -166.10 -9.33 -51.67
C HIS E 143 -164.64 -9.11 -52.06
N LEU E 144 -163.84 -10.18 -52.02
CA LEU E 144 -162.42 -10.06 -52.35
C LEU E 144 -162.23 -9.67 -53.81
N GLN E 145 -163.04 -10.23 -54.72
CA GLN E 145 -162.92 -9.88 -56.13
C GLN E 145 -163.28 -8.43 -56.38
N LYS E 146 -164.35 -7.95 -55.76
CA LYS E 146 -164.73 -6.54 -55.92
C LYS E 146 -163.64 -5.61 -55.39
N GLU E 147 -163.10 -5.93 -54.21
CA GLU E 147 -162.08 -5.07 -53.61
C GLU E 147 -160.79 -5.11 -54.43
N ASN E 148 -160.45 -6.28 -54.98
CA ASN E 148 -159.30 -6.41 -55.86
C ASN E 148 -159.47 -5.57 -57.13
N GLU E 149 -160.66 -5.61 -57.74
CA GLU E 149 -160.89 -4.81 -58.93
C GLU E 149 -160.80 -3.32 -58.63
N ARG E 150 -161.35 -2.90 -57.49
CA ARG E 150 -161.27 -1.50 -57.09
C ARG E 150 -159.81 -1.07 -56.94
N LEU E 151 -159.00 -1.88 -56.25
CA LEU E 151 -157.59 -1.51 -56.12
C LEU E 151 -156.84 -1.65 -57.43
N LEU E 152 -157.29 -2.49 -58.36
CA LEU E 152 -156.67 -2.54 -59.68
C LEU E 152 -156.85 -1.22 -60.41
N ARG E 153 -158.09 -0.72 -60.46
CA ARG E 153 -158.31 0.56 -61.12
C ARG E 153 -157.58 1.69 -60.40
N ASP E 154 -157.56 1.65 -59.06
CA ASP E 154 -156.86 2.67 -58.30
C ASP E 154 -155.36 2.62 -58.57
N TRP E 155 -154.78 1.41 -58.64
CA TRP E 155 -153.36 1.28 -58.92
C TRP E 155 -153.02 1.79 -60.30
N ASN E 156 -153.85 1.48 -61.30
CA ASN E 156 -153.59 1.99 -62.65
C ASN E 156 -153.62 3.52 -62.66
N ASP E 157 -154.65 4.11 -62.05
CA ASP E 157 -154.77 5.56 -62.04
C ASP E 157 -153.59 6.20 -61.31
N VAL E 158 -153.20 5.64 -60.16
CA VAL E 158 -152.15 6.24 -59.36
C VAL E 158 -150.78 6.06 -60.01
N GLN E 159 -150.57 4.91 -60.67
CA GLN E 159 -149.32 4.73 -61.41
C GLN E 159 -149.20 5.73 -62.53
N GLY E 160 -150.26 5.92 -63.32
CA GLY E 160 -150.22 6.94 -64.35
C GLY E 160 -150.02 8.33 -63.78
N ARG E 161 -150.70 8.63 -62.68
CA ARG E 161 -150.59 9.94 -62.04
C ARG E 161 -149.19 10.21 -61.53
N PHE E 162 -148.57 9.20 -60.91
CA PHE E 162 -147.21 9.35 -60.38
C PHE E 162 -146.19 9.47 -61.52
N GLU E 163 -146.40 8.73 -62.62
CA GLU E 163 -145.53 8.88 -63.77
C GLU E 163 -145.65 10.30 -64.36
N LYS E 164 -146.87 10.82 -64.44
CA LYS E 164 -147.06 12.19 -64.89
C LYS E 164 -146.33 13.18 -63.99
N CYS E 165 -146.45 12.99 -62.68
CA CYS E 165 -145.78 13.89 -61.74
C CYS E 165 -144.27 13.84 -61.89
N VAL E 166 -143.71 12.62 -62.00
CA VAL E 166 -142.26 12.48 -62.13
C VAL E 166 -141.78 13.11 -63.43
N SER E 167 -142.50 12.88 -64.54
CA SER E 167 -142.07 13.42 -65.82
C SER E 167 -142.37 14.91 -65.96
N ALA E 168 -143.22 15.48 -65.11
CA ALA E 168 -143.64 16.87 -65.26
C ALA E 168 -143.08 17.81 -64.20
N LYS E 169 -142.48 17.30 -63.13
CA LYS E 169 -141.95 18.21 -62.10
C LYS E 169 -140.85 19.09 -62.66
N GLU E 170 -139.89 18.49 -63.39
CA GLU E 170 -138.80 19.26 -63.96
C GLU E 170 -139.31 20.21 -65.06
N ALA E 171 -140.28 19.76 -65.85
CA ALA E 171 -140.86 20.62 -66.87
C ALA E 171 -141.54 21.83 -66.24
N LEU E 172 -142.28 21.60 -65.15
CA LEU E 172 -142.92 22.72 -64.44
C LEU E 172 -141.86 23.66 -63.88
N GLU E 173 -140.78 23.12 -63.31
CA GLU E 173 -139.74 23.96 -62.76
C GLU E 173 -139.08 24.82 -63.83
N THR E 174 -138.77 24.24 -64.98
CA THR E 174 -138.11 25.02 -66.03
C THR E 174 -139.08 26.01 -66.68
N ASP E 175 -140.37 25.66 -66.75
CA ASP E 175 -141.35 26.64 -67.22
C ASP E 175 -141.47 27.81 -66.25
N LEU E 176 -141.44 27.53 -64.94
CA LEU E 176 -141.41 28.60 -63.96
C LEU E 176 -140.19 29.48 -64.16
N TYR E 177 -139.03 28.86 -64.34
CA TYR E 177 -137.80 29.63 -64.55
C TYR E 177 -137.92 30.51 -65.79
N LYS E 178 -138.43 29.96 -66.89
CA LYS E 178 -138.54 30.72 -68.13
C LYS E 178 -139.51 31.89 -67.98
N ARG E 179 -140.64 31.67 -67.31
CA ARG E 179 -141.61 32.76 -67.17
C ARG E 179 -141.10 33.82 -66.20
N PHE E 180 -140.36 33.43 -65.15
CA PHE E 180 -139.72 34.43 -64.30
C PHE E 180 -138.69 35.23 -65.10
N ILE E 181 -137.94 34.56 -65.97
CA ILE E 181 -136.95 35.24 -66.80
C ILE E 181 -137.63 36.25 -67.72
N LEU E 182 -138.74 35.85 -68.34
CA LEU E 182 -139.48 36.77 -69.21
C LEU E 182 -140.02 37.95 -68.41
N VAL E 183 -140.54 37.70 -67.22
CA VAL E 183 -141.08 38.79 -66.38
C VAL E 183 -139.97 39.76 -66.01
N LEU E 184 -138.82 39.24 -65.61
CA LEU E 184 -137.70 40.12 -65.27
C LEU E 184 -137.18 40.84 -66.51
N ASN E 185 -137.25 40.21 -67.67
CA ASN E 185 -136.81 40.86 -68.91
C ASN E 185 -137.70 42.06 -69.22
N GLU E 186 -139.02 41.87 -69.13
CA GLU E 186 -139.92 43.00 -69.40
C GLU E 186 -139.81 44.08 -68.32
N LYS E 187 -139.59 43.67 -67.06
CA LYS E 187 -139.34 44.66 -66.01
C LYS E 187 -138.09 45.46 -66.30
N LYS E 188 -137.04 44.81 -66.79
CA LYS E 188 -135.80 45.50 -67.10
C LYS E 188 -135.95 46.40 -68.31
N THR E 189 -136.75 45.99 -69.30
CA THR E 189 -137.05 46.90 -70.41
C THR E 189 -137.81 48.12 -69.92
N LYS E 190 -138.76 47.93 -69.00
CA LYS E 190 -139.45 49.06 -68.40
C LYS E 190 -138.48 49.98 -67.67
N ILE E 191 -137.55 49.40 -66.92
CA ILE E 191 -136.57 50.19 -66.18
C ILE E 191 -135.67 50.95 -67.16
N ARG E 192 -135.26 50.30 -68.24
CA ARG E 192 -134.43 50.97 -69.24
C ARG E 192 -135.17 52.14 -69.88
N SER E 193 -136.45 51.95 -70.20
CA SER E 193 -137.23 53.04 -70.76
C SER E 193 -137.37 54.19 -69.76
N LEU E 194 -137.58 53.85 -68.48
CA LEU E 194 -137.67 54.87 -67.44
C LEU E 194 -136.39 55.68 -67.38
N HIS E 195 -135.24 55.00 -67.39
CA HIS E 195 -133.96 55.71 -67.30
C HIS E 195 -133.67 56.50 -68.57
N ASN E 196 -134.06 55.99 -69.73
CA ASN E 196 -133.86 56.73 -70.97
C ASN E 196 -134.68 58.00 -70.99
N LYS E 197 -135.93 57.94 -70.54
CA LYS E 197 -136.74 59.17 -70.51
C LYS E 197 -136.32 60.09 -69.37
N LEU E 198 -135.76 59.54 -68.29
CA LEU E 198 -135.31 60.35 -67.17
C LEU E 198 -133.97 61.03 -67.45
N LEU E 199 -133.16 60.48 -68.35
CA LEU E 199 -131.87 61.08 -68.67
C LEU E 199 -132.04 62.49 -69.23
N ASN E 200 -133.02 62.67 -70.11
CA ASN E 200 -133.31 63.98 -70.68
C ASN E 200 -134.45 64.64 -69.92
N ALA E 201 -134.38 65.97 -69.82
CA ALA E 201 -135.39 66.74 -69.11
C ALA E 201 -136.70 66.73 -69.89
N MET F 1 -170.28 -29.83 -73.66
CA MET F 1 -171.10 -29.97 -72.47
C MET F 1 -171.33 -28.61 -71.80
N GLU F 2 -172.58 -28.35 -71.42
CA GLU F 2 -172.94 -27.12 -70.73
C GLU F 2 -173.77 -27.47 -69.49
N ARG F 3 -173.59 -26.66 -68.44
CA ARG F 3 -174.22 -26.89 -67.16
C ARG F 3 -174.82 -25.60 -66.63
N LYS F 4 -175.96 -25.72 -65.95
CA LYS F 4 -176.61 -24.57 -65.31
C LYS F 4 -177.36 -25.05 -64.08
N ILE F 5 -177.21 -24.32 -62.98
CA ILE F 5 -177.85 -24.66 -61.71
C ILE F 5 -179.24 -24.04 -61.70
N SER F 6 -180.25 -24.87 -61.43
CA SER F 6 -181.64 -24.42 -61.36
C SER F 6 -182.31 -25.11 -60.20
N ARG F 7 -183.49 -24.60 -59.83
CA ARG F 7 -184.28 -25.14 -58.73
C ARG F 7 -185.56 -25.75 -59.27
N ILE F 8 -185.93 -26.92 -58.75
CA ILE F 8 -187.14 -27.61 -59.14
C ILE F 8 -187.97 -27.87 -57.89
N HIS F 9 -189.30 -27.88 -58.07
CA HIS F 9 -190.23 -28.12 -56.98
C HIS F 9 -191.16 -29.25 -57.36
N LEU F 10 -191.32 -30.21 -56.46
CA LEU F 10 -192.19 -31.36 -56.69
C LEU F 10 -193.58 -31.07 -56.14
N VAL F 11 -194.60 -31.45 -56.91
CA VAL F 11 -195.99 -31.23 -56.47
C VAL F 11 -196.30 -32.07 -55.25
N SER F 12 -195.73 -33.27 -55.17
CA SER F 12 -195.96 -34.13 -54.01
C SER F 12 -195.42 -33.49 -52.73
N GLU F 13 -194.24 -32.86 -52.81
CA GLU F 13 -193.61 -32.22 -51.65
C GLU F 13 -193.22 -30.80 -52.05
N PRO F 14 -194.18 -29.88 -52.14
CA PRO F 14 -193.86 -28.50 -52.54
C PRO F 14 -193.32 -27.65 -51.41
N SER F 15 -193.34 -28.13 -50.17
CA SER F 15 -192.85 -27.34 -49.04
C SER F 15 -191.34 -27.14 -49.10
N ILE F 16 -190.62 -27.96 -49.86
CA ILE F 16 -189.17 -27.84 -49.98
C ILE F 16 -188.83 -27.82 -51.47
N THR F 17 -187.67 -27.25 -51.77
CA THR F 17 -187.19 -27.09 -53.14
C THR F 17 -185.93 -27.91 -53.33
N HIS F 18 -185.92 -28.73 -54.39
CA HIS F 18 -184.76 -29.57 -54.71
C HIS F 18 -183.84 -28.82 -55.67
N PHE F 19 -182.55 -28.80 -55.36
CA PHE F 19 -181.56 -28.13 -56.17
C PHE F 19 -180.85 -29.15 -57.07
N LEU F 20 -180.71 -28.82 -58.34
CA LEU F 20 -180.08 -29.70 -59.32
C LEU F 20 -179.44 -28.85 -60.41
N GLN F 21 -178.24 -29.25 -60.82
CA GLN F 21 -177.53 -28.58 -61.92
C GLN F 21 -177.79 -29.38 -63.19
N VAL F 22 -178.76 -28.93 -63.99
CA VAL F 22 -179.12 -29.63 -65.20
C VAL F 22 -178.04 -29.41 -66.26
N SER F 23 -177.58 -30.51 -66.86
CA SER F 23 -176.54 -30.47 -67.88
C SER F 23 -177.12 -30.96 -69.20
N TRP F 24 -176.88 -30.20 -70.27
CA TRP F 24 -177.34 -30.53 -71.61
C TRP F 24 -176.15 -30.65 -72.54
N GLU F 25 -176.26 -31.57 -73.51
CA GLU F 25 -175.16 -31.87 -74.41
C GLU F 25 -175.16 -30.95 -75.64
N LYS F 26 -176.25 -30.95 -76.39
CA LYS F 26 -176.34 -30.17 -77.61
C LYS F 26 -176.77 -28.74 -77.32
N THR F 27 -176.60 -27.87 -78.31
CA THR F 27 -176.99 -26.47 -78.16
C THR F 27 -178.50 -26.33 -78.07
N LEU F 28 -178.94 -25.34 -77.31
CA LEU F 28 -180.36 -25.18 -77.02
C LEU F 28 -181.17 -24.87 -78.27
N GLU F 29 -180.56 -24.24 -79.28
CA GLU F 29 -181.30 -23.90 -80.49
C GLU F 29 -181.72 -25.12 -81.29
N SER F 30 -181.07 -26.27 -81.09
CA SER F 30 -181.36 -27.50 -81.82
C SER F 30 -181.47 -28.67 -80.85
N GLY F 31 -182.31 -28.52 -79.82
CA GLY F 31 -182.58 -29.60 -78.90
C GLY F 31 -181.63 -29.67 -77.73
N PHE F 32 -182.15 -30.02 -76.55
CA PHE F 32 -181.36 -30.05 -75.33
C PHE F 32 -181.62 -31.35 -74.58
N VAL F 33 -180.86 -31.53 -73.49
CA VAL F 33 -180.96 -32.70 -72.63
C VAL F 33 -181.22 -32.22 -71.21
N ILE F 34 -182.06 -32.95 -70.48
CA ILE F 34 -182.45 -32.58 -69.13
C ILE F 34 -182.05 -33.68 -68.16
N THR F 35 -181.89 -33.29 -66.90
CA THR F 35 -181.56 -34.20 -65.81
C THR F 35 -182.64 -34.11 -64.74
N LEU F 36 -183.00 -35.26 -64.19
CA LEU F 36 -184.06 -35.35 -63.18
C LEU F 36 -183.49 -35.85 -61.86
N THR F 37 -183.98 -35.27 -60.77
CA THR F 37 -183.57 -35.67 -59.42
C THR F 37 -184.78 -35.58 -58.50
N ASP F 38 -185.01 -36.66 -57.75
CA ASP F 38 -186.12 -36.72 -56.80
C ASP F 38 -185.69 -36.40 -55.38
N GLY F 39 -184.48 -35.85 -55.20
CA GLY F 39 -183.94 -35.56 -53.89
C GLY F 39 -182.99 -36.62 -53.37
N HIS F 40 -183.03 -37.83 -53.92
CA HIS F 40 -182.13 -38.91 -53.53
C HIS F 40 -181.23 -39.36 -54.66
N SER F 41 -181.78 -39.65 -55.84
CA SER F 41 -181.02 -40.13 -56.97
C SER F 41 -181.20 -39.20 -58.16
N ALA F 42 -180.13 -39.01 -58.93
CA ALA F 42 -180.15 -38.17 -60.12
C ALA F 42 -180.09 -39.05 -61.35
N TRP F 43 -180.92 -38.71 -62.35
CA TRP F 43 -181.01 -39.47 -63.59
C TRP F 43 -180.90 -38.51 -64.77
N THR F 44 -179.96 -38.79 -65.67
CA THR F 44 -179.83 -38.08 -66.93
C THR F 44 -179.92 -39.08 -68.07
N GLY F 45 -180.70 -38.73 -69.09
CA GLY F 45 -180.91 -39.63 -70.22
C GLY F 45 -180.78 -38.89 -71.54
N THR F 46 -180.13 -39.54 -72.49
CA THR F 46 -179.91 -38.96 -73.81
C THR F 46 -181.23 -38.94 -74.57
N VAL F 47 -181.92 -37.82 -74.52
CA VAL F 47 -183.20 -37.67 -75.21
C VAL F 47 -182.94 -37.42 -76.69
N SER F 48 -183.81 -37.95 -77.53
CA SER F 48 -183.68 -37.81 -78.97
C SER F 48 -183.98 -36.37 -79.39
N GLU F 49 -183.58 -36.04 -80.62
CA GLU F 49 -183.74 -34.69 -81.14
C GLU F 49 -185.06 -34.47 -81.84
N SER F 50 -185.93 -35.47 -81.91
CA SER F 50 -187.24 -35.34 -82.52
C SER F 50 -188.30 -34.88 -81.53
N GLU F 51 -187.92 -34.58 -80.29
CA GLU F 51 -188.87 -34.19 -79.25
C GLU F 51 -189.16 -32.69 -79.25
N ILE F 52 -188.57 -31.93 -80.16
CA ILE F 52 -188.77 -30.48 -80.20
C ILE F 52 -189.63 -30.04 -81.39
N SER F 53 -189.86 -30.90 -82.36
CA SER F 53 -190.60 -30.54 -83.56
C SER F 53 -192.09 -30.85 -83.48
N GLN F 54 -192.55 -31.45 -82.37
CA GLN F 54 -193.98 -31.75 -82.25
C GLN F 54 -194.81 -30.48 -82.19
N GLU F 55 -194.36 -29.48 -81.43
CA GLU F 55 -195.03 -28.19 -81.35
C GLU F 55 -194.09 -27.13 -81.91
N ALA F 56 -194.58 -26.40 -82.92
CA ALA F 56 -193.82 -25.33 -83.56
C ALA F 56 -194.72 -24.14 -83.85
N ASP F 57 -195.56 -23.78 -82.87
CA ASP F 57 -196.53 -22.70 -83.00
C ASP F 57 -197.47 -22.96 -84.18
N ASP F 58 -198.21 -24.06 -84.07
CA ASP F 58 -199.14 -24.46 -85.12
C ASP F 58 -200.31 -23.50 -85.24
N MET F 59 -200.60 -22.72 -84.21
CA MET F 59 -201.70 -21.75 -84.22
C MET F 59 -201.27 -20.39 -84.76
N ALA F 60 -200.21 -20.35 -85.58
CA ALA F 60 -199.63 -19.11 -86.08
C ALA F 60 -199.19 -18.20 -84.93
N MET F 61 -198.66 -18.82 -83.88
CA MET F 61 -198.14 -18.07 -82.74
C MET F 61 -196.73 -17.57 -83.05
N GLU F 62 -196.38 -16.42 -82.46
CA GLU F 62 -195.05 -15.86 -82.67
C GLU F 62 -193.98 -16.79 -82.13
N LYS F 63 -192.87 -16.87 -82.88
CA LYS F 63 -191.79 -17.77 -82.50
C LYS F 63 -191.09 -17.34 -81.21
N GLY F 64 -191.06 -16.03 -80.94
CA GLY F 64 -190.34 -15.55 -79.77
C GLY F 64 -190.91 -16.08 -78.46
N LYS F 65 -192.25 -16.07 -78.34
CA LYS F 65 -192.88 -16.52 -77.10
C LYS F 65 -192.69 -18.01 -76.84
N TYR F 66 -192.26 -18.78 -77.84
CA TYR F 66 -191.99 -20.20 -77.66
C TYR F 66 -190.56 -20.44 -77.18
N VAL F 67 -189.58 -19.95 -77.95
CA VAL F 67 -188.19 -20.18 -77.60
C VAL F 67 -187.82 -19.45 -76.32
N GLY F 68 -188.41 -18.26 -76.09
CA GLY F 68 -188.10 -17.52 -74.88
C GLY F 68 -188.56 -18.26 -73.63
N GLU F 69 -189.73 -18.88 -73.68
CA GLU F 69 -190.20 -19.65 -72.54
C GLU F 69 -189.47 -20.98 -72.41
N LEU F 70 -189.09 -21.59 -73.53
CA LEU F 70 -188.39 -22.87 -73.48
C LEU F 70 -186.97 -22.70 -72.93
N ARG F 71 -186.31 -21.58 -73.25
CA ARG F 71 -184.94 -21.38 -72.83
C ARG F 71 -184.84 -21.14 -71.32
N LYS F 72 -185.85 -20.48 -70.73
CA LYS F 72 -185.82 -20.18 -69.31
C LYS F 72 -185.86 -21.46 -68.47
N ALA F 73 -186.46 -22.53 -68.99
CA ALA F 73 -186.58 -23.78 -68.23
C ALA F 73 -185.23 -24.38 -67.86
N LEU F 74 -184.17 -24.05 -68.59
CA LEU F 74 -182.83 -24.56 -68.29
C LEU F 74 -181.93 -23.52 -67.63
N LEU F 75 -182.00 -22.27 -68.07
CA LEU F 75 -181.14 -21.22 -67.53
C LEU F 75 -181.76 -20.59 -66.29
N VAL F 83 -193.31 -17.39 -66.49
CA VAL F 83 -192.66 -18.28 -65.54
C VAL F 83 -192.72 -19.72 -66.04
N TYR F 84 -191.89 -20.58 -65.47
CA TYR F 84 -191.84 -21.99 -65.83
C TYR F 84 -192.23 -22.83 -64.62
N THR F 85 -193.06 -23.84 -64.86
CA THR F 85 -193.56 -24.72 -63.81
C THR F 85 -193.02 -26.12 -64.03
N PHE F 86 -192.38 -26.67 -63.00
CA PHE F 86 -191.85 -28.03 -63.03
C PHE F 86 -192.83 -28.92 -62.27
N ASN F 87 -193.52 -29.81 -62.99
CA ASN F 87 -194.55 -30.67 -62.42
C ASN F 87 -193.99 -32.09 -62.33
N PHE F 88 -193.81 -32.57 -61.10
CA PHE F 88 -193.36 -33.94 -60.86
C PHE F 88 -193.83 -34.35 -59.47
N SER F 89 -194.41 -35.54 -59.37
CA SER F 89 -194.96 -36.03 -58.11
C SER F 89 -194.48 -37.44 -57.86
N LYS F 90 -194.29 -37.77 -56.57
CA LYS F 90 -193.94 -39.12 -56.18
C LYS F 90 -195.12 -40.08 -56.31
N GLU F 91 -196.35 -39.54 -56.37
CA GLU F 91 -197.54 -40.38 -56.53
C GLU F 91 -197.83 -40.72 -57.98
N SER F 92 -197.14 -40.10 -58.94
CA SER F 92 -197.35 -40.37 -60.35
C SER F 92 -196.15 -41.03 -61.03
N CYS F 93 -194.95 -40.88 -60.46
CA CYS F 93 -193.71 -41.49 -60.96
C CYS F 93 -193.60 -41.41 -62.48
N TYR F 94 -193.87 -40.21 -63.02
CA TYR F 94 -193.70 -39.96 -64.43
C TYR F 94 -193.45 -38.47 -64.64
N PHE F 95 -192.72 -38.15 -65.71
CA PHE F 95 -192.30 -36.77 -65.98
C PHE F 95 -193.23 -36.16 -67.03
N PHE F 96 -194.03 -35.19 -66.59
CA PHE F 96 -194.89 -34.43 -67.48
C PHE F 96 -195.29 -33.15 -66.77
N PHE F 97 -195.07 -32.01 -67.42
CA PHE F 97 -195.27 -30.71 -66.78
C PHE F 97 -196.10 -29.80 -67.67
N GLU F 98 -196.91 -28.96 -67.03
CA GLU F 98 -197.74 -27.97 -67.69
C GLU F 98 -197.28 -26.57 -67.29
N LYS F 99 -197.72 -25.59 -68.07
CA LYS F 99 -197.33 -24.20 -67.83
C LYS F 99 -198.37 -23.48 -66.99
N ASN F 100 -197.91 -22.52 -66.20
CA ASN F 100 -198.76 -21.68 -65.35
C ASN F 100 -198.52 -20.21 -65.65
N LEU F 101 -198.43 -19.87 -66.93
CA LEU F 101 -198.18 -18.49 -67.33
C LEU F 101 -199.35 -17.59 -66.95
N LYS F 102 -199.05 -16.31 -66.74
CA LYS F 102 -200.05 -15.34 -66.33
C LYS F 102 -201.07 -15.16 -67.45
N ASP F 103 -202.28 -15.66 -67.24
CA ASP F 103 -203.39 -15.57 -68.19
C ASP F 103 -203.08 -16.27 -69.52
N VAL F 104 -202.08 -17.14 -69.53
CA VAL F 104 -201.70 -17.89 -70.73
C VAL F 104 -201.54 -19.35 -70.34
N SER F 105 -202.16 -20.24 -71.12
CA SER F 105 -202.07 -21.68 -70.88
C SER F 105 -201.82 -22.38 -72.20
N PHE F 106 -200.67 -23.04 -72.31
CA PHE F 106 -200.30 -23.76 -73.53
C PHE F 106 -199.36 -24.89 -73.18
N ARG F 107 -199.23 -25.85 -74.09
CA ARG F 107 -198.41 -27.03 -73.90
C ARG F 107 -197.08 -26.86 -74.61
N LEU F 108 -195.99 -27.01 -73.86
CA LEU F 108 -194.64 -26.85 -74.39
C LEU F 108 -193.80 -28.07 -74.02
N GLY F 109 -193.10 -28.62 -75.02
CA GLY F 109 -192.18 -29.71 -74.78
C GLY F 109 -192.83 -31.08 -74.74
N SER F 110 -192.09 -32.10 -75.19
CA SER F 110 -192.56 -33.49 -75.18
C SER F 110 -191.39 -34.34 -74.68
N PHE F 111 -191.34 -34.55 -73.36
CA PHE F 111 -190.27 -35.29 -72.72
C PHE F 111 -190.84 -36.56 -72.06
N ASN F 112 -189.99 -37.26 -71.34
CA ASN F 112 -190.37 -38.49 -70.66
C ASN F 112 -189.43 -38.69 -69.48
N LEU F 113 -189.82 -39.61 -68.59
CA LEU F 113 -189.00 -39.94 -67.43
C LEU F 113 -187.67 -40.51 -67.87
N GLU F 114 -186.59 -40.02 -67.27
CA GLU F 114 -185.24 -40.48 -67.57
C GLU F 114 -184.79 -41.46 -66.50
N LYS F 115 -184.26 -42.62 -66.94
CA LYS F 115 -183.80 -43.66 -66.04
C LYS F 115 -182.49 -44.23 -66.56
N VAL F 116 -181.50 -44.35 -65.68
CA VAL F 116 -180.21 -44.91 -66.04
C VAL F 116 -179.95 -46.13 -65.18
N GLU F 117 -179.16 -47.07 -65.71
CA GLU F 117 -178.87 -48.31 -65.01
C GLU F 117 -178.10 -48.08 -63.71
N ASN F 118 -177.38 -46.96 -63.61
CA ASN F 118 -176.55 -46.65 -62.45
C ASN F 118 -176.89 -45.27 -61.88
N PRO F 119 -177.94 -45.21 -61.05
CA PRO F 119 -178.36 -43.90 -60.50
C PRO F 119 -177.29 -43.21 -59.68
N ALA F 120 -176.42 -43.97 -59.01
CA ALA F 120 -175.37 -43.34 -58.20
C ALA F 120 -174.29 -42.69 -59.04
N GLU F 121 -174.14 -43.10 -60.31
CA GLU F 121 -173.10 -42.53 -61.16
C GLU F 121 -173.33 -41.05 -61.40
N VAL F 122 -174.59 -40.66 -61.64
CA VAL F 122 -174.89 -39.25 -61.86
C VAL F 122 -174.61 -38.44 -60.60
N ILE F 123 -174.94 -38.99 -59.44
CA ILE F 123 -174.67 -38.30 -58.19
C ILE F 123 -173.16 -38.13 -57.97
N ARG F 124 -172.39 -39.18 -58.25
CA ARG F 124 -170.94 -39.09 -58.11
C ARG F 124 -170.36 -38.06 -59.09
N GLU F 125 -170.88 -38.03 -60.32
CA GLU F 125 -170.42 -37.05 -61.28
C GLU F 125 -170.75 -35.63 -60.82
N LEU F 126 -171.95 -35.43 -60.25
CA LEU F 126 -172.33 -34.13 -59.74
C LEU F 126 -171.42 -33.69 -58.60
N ILE F 127 -171.11 -34.61 -57.68
CA ILE F 127 -170.23 -34.28 -56.56
C ILE F 127 -168.84 -33.96 -57.06
N CYS F 128 -168.33 -34.73 -58.03
CA CYS F 128 -167.01 -34.46 -58.59
C CYS F 128 -166.97 -33.11 -59.29
N TYR F 129 -168.02 -32.77 -60.03
CA TYR F 129 -168.08 -31.47 -60.69
C TYR F 129 -168.10 -30.34 -59.67
N CYS F 130 -168.86 -30.50 -58.58
CA CYS F 130 -168.88 -29.48 -57.54
C CYS F 130 -167.51 -29.33 -56.89
N LEU F 131 -166.83 -30.44 -56.64
CA LEU F 131 -165.50 -30.38 -56.04
C LEU F 131 -164.51 -29.69 -56.97
N ASP F 132 -164.56 -30.00 -58.27
CA ASP F 132 -163.68 -29.34 -59.23
C ASP F 132 -163.96 -27.84 -59.30
N THR F 133 -165.24 -27.46 -59.30
CA THR F 133 -165.59 -26.05 -59.37
C THR F 133 -165.11 -25.29 -58.13
N ILE F 134 -165.30 -25.88 -56.93
CA ILE F 134 -164.86 -25.18 -55.73
C ILE F 134 -163.34 -25.12 -55.66
N ALA F 135 -162.64 -26.16 -56.15
CA ALA F 135 -161.18 -26.10 -56.19
C ALA F 135 -160.69 -25.00 -57.13
N GLU F 136 -161.30 -24.89 -58.32
CA GLU F 136 -160.94 -23.82 -59.23
C GLU F 136 -161.24 -22.46 -58.61
N ASN F 137 -162.39 -22.34 -57.93
CA ASN F 137 -162.76 -21.08 -57.30
C ASN F 137 -161.75 -20.68 -56.24
N GLN F 138 -161.33 -21.62 -55.39
CA GLN F 138 -160.37 -21.28 -54.34
C GLN F 138 -158.99 -20.98 -54.90
N ALA F 139 -158.59 -21.67 -55.98
CA ALA F 139 -157.33 -21.32 -56.62
C ALA F 139 -157.36 -19.90 -57.18
N LYS F 140 -158.46 -19.54 -57.85
CA LYS F 140 -158.61 -18.18 -58.35
C LYS F 140 -158.64 -17.17 -57.21
N ASN F 141 -159.26 -17.53 -56.09
CA ASN F 141 -159.30 -16.65 -54.93
C ASN F 141 -157.90 -16.39 -54.38
N GLU F 142 -157.09 -17.44 -54.27
CA GLU F 142 -155.72 -17.26 -53.79
C GLU F 142 -154.92 -16.41 -54.75
N HIS F 143 -155.07 -16.64 -56.06
CA HIS F 143 -154.36 -15.84 -57.05
C HIS F 143 -154.74 -14.36 -56.93
N LEU F 144 -156.04 -14.07 -56.92
CA LEU F 144 -156.48 -12.68 -56.84
C LEU F 144 -156.09 -12.05 -55.52
N GLN F 145 -156.08 -12.83 -54.43
CA GLN F 145 -155.72 -12.27 -53.13
C GLN F 145 -154.24 -11.91 -53.05
N LYS F 146 -153.36 -12.78 -53.55
CA LYS F 146 -151.94 -12.43 -53.55
C LYS F 146 -151.67 -11.25 -54.48
N GLU F 147 -152.32 -11.23 -55.65
CA GLU F 147 -152.16 -10.08 -56.54
C GLU F 147 -152.66 -8.80 -55.88
N ASN F 148 -153.79 -8.88 -55.16
CA ASN F 148 -154.33 -7.71 -54.49
C ASN F 148 -153.42 -7.22 -53.39
N GLU F 149 -152.82 -8.15 -52.63
CA GLU F 149 -151.93 -7.74 -51.54
C GLU F 149 -150.68 -7.06 -52.07
N ARG F 150 -150.03 -7.66 -53.06
CA ARG F 150 -148.85 -7.01 -53.64
C ARG F 150 -149.23 -5.68 -54.31
N LEU F 151 -150.42 -5.62 -54.92
CA LEU F 151 -150.88 -4.39 -55.53
C LEU F 151 -151.06 -3.28 -54.50
N LEU F 152 -151.66 -3.62 -53.35
CA LEU F 152 -151.86 -2.63 -52.30
C LEU F 152 -150.52 -2.16 -51.72
N ARG F 153 -149.57 -3.09 -51.55
CA ARG F 153 -148.25 -2.68 -51.07
C ARG F 153 -147.59 -1.72 -52.05
N ASP F 154 -147.66 -2.03 -53.35
CA ASP F 154 -147.09 -1.15 -54.36
C ASP F 154 -147.79 0.21 -54.35
N TRP F 155 -149.12 0.21 -54.24
CA TRP F 155 -149.86 1.46 -54.19
C TRP F 155 -149.44 2.31 -52.99
N ASN F 156 -149.29 1.68 -51.82
CA ASN F 156 -148.90 2.43 -50.63
C ASN F 156 -147.51 3.02 -50.79
N ASP F 157 -146.57 2.25 -51.33
CA ASP F 157 -145.21 2.77 -51.51
C ASP F 157 -145.21 3.94 -52.51
N VAL F 158 -145.92 3.78 -53.62
CA VAL F 158 -145.96 4.83 -54.64
C VAL F 158 -146.64 6.08 -54.08
N GLN F 159 -147.72 5.89 -53.32
CA GLN F 159 -148.41 7.02 -52.70
C GLN F 159 -147.48 7.77 -51.74
N GLY F 160 -146.74 7.02 -50.92
CA GLY F 160 -145.83 7.68 -49.99
C GLY F 160 -144.75 8.47 -50.70
N ARG F 161 -144.11 7.86 -51.70
CA ARG F 161 -143.03 8.57 -52.40
C ARG F 161 -143.57 9.76 -53.19
N PHE F 162 -144.77 9.62 -53.78
CA PHE F 162 -145.40 10.74 -54.48
C PHE F 162 -145.69 11.89 -53.53
N GLU F 163 -146.23 11.58 -52.34
CA GLU F 163 -146.51 12.63 -51.36
C GLU F 163 -145.22 13.32 -50.93
N LYS F 164 -144.15 12.55 -50.70
CA LYS F 164 -142.88 13.15 -50.31
C LYS F 164 -142.34 14.05 -51.42
N CYS F 165 -142.43 13.60 -52.67
CA CYS F 165 -141.95 14.42 -53.79
C CYS F 165 -142.75 15.71 -53.92
N VAL F 166 -144.08 15.62 -53.79
CA VAL F 166 -144.91 16.82 -53.88
C VAL F 166 -144.58 17.78 -52.75
N SER F 167 -144.41 17.26 -51.54
CA SER F 167 -144.06 18.12 -50.41
C SER F 167 -142.72 18.80 -50.63
N ALA F 168 -141.73 18.07 -51.14
CA ALA F 168 -140.41 18.66 -51.38
C ALA F 168 -140.48 19.74 -52.45
N LYS F 169 -141.22 19.47 -53.54
CA LYS F 169 -141.35 20.47 -54.60
C LYS F 169 -142.05 21.72 -54.09
N GLU F 170 -143.11 21.54 -53.29
CA GLU F 170 -143.81 22.69 -52.73
C GLU F 170 -142.90 23.46 -51.79
N ALA F 171 -142.08 22.77 -51.00
CA ALA F 171 -141.16 23.45 -50.10
C ALA F 171 -140.15 24.29 -50.88
N LEU F 172 -139.57 23.71 -51.93
CA LEU F 172 -138.62 24.47 -52.75
C LEU F 172 -139.30 25.66 -53.41
N GLU F 173 -140.52 25.48 -53.90
CA GLU F 173 -141.26 26.58 -54.51
C GLU F 173 -141.54 27.69 -53.51
N THR F 174 -141.89 27.31 -52.27
CA THR F 174 -142.10 28.32 -51.22
C THR F 174 -140.82 29.07 -50.95
N ASP F 175 -139.68 28.38 -50.89
CA ASP F 175 -138.41 29.06 -50.68
C ASP F 175 -138.15 30.07 -51.79
N LEU F 176 -138.27 29.64 -53.04
CA LEU F 176 -137.99 30.52 -54.16
C LEU F 176 -138.91 31.73 -54.17
N TYR F 177 -140.21 31.51 -53.93
CA TYR F 177 -141.14 32.63 -53.94
C TYR F 177 -140.93 33.56 -52.76
N LYS F 178 -140.55 33.04 -51.59
CA LYS F 178 -140.27 33.92 -50.46
C LYS F 178 -139.06 34.80 -50.75
N ARG F 179 -137.99 34.21 -51.29
CA ARG F 179 -136.83 35.02 -51.66
C ARG F 179 -137.19 36.06 -52.72
N PHE F 180 -137.96 35.65 -53.73
CA PHE F 180 -138.34 36.58 -54.79
C PHE F 180 -139.22 37.71 -54.27
N ILE F 181 -140.12 37.39 -53.33
CA ILE F 181 -140.98 38.42 -52.74
C ILE F 181 -140.16 39.40 -51.93
N LEU F 182 -139.19 38.92 -51.15
CA LEU F 182 -138.33 39.83 -50.41
C LEU F 182 -137.53 40.72 -51.36
N VAL F 183 -136.98 40.14 -52.43
CA VAL F 183 -136.21 40.93 -53.39
C VAL F 183 -137.10 41.97 -54.05
N LEU F 184 -138.33 41.58 -54.41
CA LEU F 184 -139.24 42.51 -55.07
C LEU F 184 -139.72 43.60 -54.12
N ASN F 185 -139.87 43.28 -52.83
CA ASN F 185 -140.16 44.32 -51.85
C ASN F 185 -139.02 45.32 -51.78
N GLU F 186 -137.78 44.82 -51.81
CA GLU F 186 -136.64 45.73 -51.89
C GLU F 186 -136.70 46.59 -53.15
N LYS F 187 -137.05 45.98 -54.29
CA LYS F 187 -137.14 46.71 -55.54
C LYS F 187 -138.20 47.81 -55.49
N LYS F 188 -139.37 47.49 -54.95
CA LYS F 188 -140.45 48.47 -54.91
C LYS F 188 -140.15 49.58 -53.92
N THR F 189 -139.51 49.26 -52.80
CA THR F 189 -139.07 50.32 -51.89
C THR F 189 -138.03 51.21 -52.54
N LYS F 190 -137.12 50.62 -53.32
CA LYS F 190 -136.14 51.41 -54.06
C LYS F 190 -136.81 52.33 -55.06
N ILE F 191 -137.81 51.82 -55.78
CA ILE F 191 -138.51 52.65 -56.76
C ILE F 191 -139.30 53.75 -56.06
N ARG F 192 -139.90 53.44 -54.92
CA ARG F 192 -140.60 54.46 -54.14
C ARG F 192 -139.66 55.57 -53.69
N SER F 193 -138.47 55.19 -53.20
CA SER F 193 -137.49 56.18 -52.80
C SER F 193 -137.01 57.01 -54.00
N LEU F 194 -136.85 56.35 -55.15
CA LEU F 194 -136.45 57.06 -56.37
C LEU F 194 -137.49 58.11 -56.74
N HIS F 195 -138.76 57.73 -56.70
CA HIS F 195 -139.82 58.69 -57.02
C HIS F 195 -139.88 59.81 -56.00
N ASN F 196 -139.72 59.48 -54.71
CA ASN F 196 -139.78 60.51 -53.67
C ASN F 196 -138.66 61.52 -53.83
N LYS F 197 -137.44 61.06 -54.14
CA LYS F 197 -136.35 61.99 -54.36
C LYS F 197 -136.50 62.73 -55.69
N LEU F 198 -137.16 62.10 -56.67
CA LEU F 198 -137.43 62.77 -57.94
C LEU F 198 -138.45 63.90 -57.77
N LEU F 199 -139.33 63.79 -56.77
CA LEU F 199 -140.25 64.88 -56.48
C LEU F 199 -139.51 66.14 -56.10
N ASN F 200 -138.46 66.01 -55.29
CA ASN F 200 -137.64 67.16 -54.90
C ASN F 200 -136.61 67.53 -55.96
N ALA F 201 -136.42 66.70 -56.98
CA ALA F 201 -135.44 66.98 -58.03
C ALA F 201 -136.00 68.00 -59.02
N LYS G 654 -98.59 42.09 -71.15
CA LYS G 654 -97.95 41.90 -72.46
C LYS G 654 -98.97 41.48 -73.49
N ILE G 655 -99.62 40.34 -73.26
CA ILE G 655 -100.67 39.88 -74.15
C ILE G 655 -101.83 40.87 -74.16
N SER G 656 -102.22 41.34 -72.98
CA SER G 656 -103.24 42.37 -72.84
C SER G 656 -102.76 43.39 -71.83
N ASN G 657 -102.53 44.62 -72.29
CA ASN G 657 -102.02 45.67 -71.42
C ASN G 657 -103.02 46.10 -70.36
N ILE G 658 -104.30 45.73 -70.50
CA ILE G 658 -105.30 46.10 -69.50
C ILE G 658 -104.99 45.43 -68.17
N PHE G 659 -104.60 44.16 -68.20
CA PHE G 659 -104.23 43.48 -66.97
C PHE G 659 -102.98 44.07 -66.35
N GLU G 660 -102.17 44.78 -67.13
CA GLU G 660 -101.04 45.51 -66.58
C GLU G 660 -101.53 46.80 -65.92
N ASP G 661 -100.58 47.49 -65.27
CA ASP G 661 -100.79 48.74 -64.55
C ASP G 661 -101.70 48.58 -63.34
N VAL G 662 -102.15 47.37 -63.03
CA VAL G 662 -103.06 47.12 -61.92
C VAL G 662 -102.43 46.04 -61.04
N GLU G 663 -102.21 46.38 -59.77
CA GLU G 663 -101.55 45.45 -58.86
C GLU G 663 -102.49 44.36 -58.40
N PHE G 664 -101.99 43.13 -58.37
CA PHE G 664 -102.76 41.96 -57.97
C PHE G 664 -102.02 41.23 -56.86
N CYS G 665 -102.73 40.94 -55.77
CA CYS G 665 -102.14 40.22 -54.65
C CYS G 665 -102.29 38.72 -54.91
N VAL G 666 -101.34 38.19 -55.67
CA VAL G 666 -101.31 36.76 -55.97
C VAL G 666 -100.69 36.04 -54.79
N MET G 667 -101.53 35.63 -53.85
CA MET G 667 -101.06 34.95 -52.64
C MET G 667 -101.56 33.53 -52.49
N SER G 668 -102.67 33.16 -53.14
CA SER G 668 -103.17 31.78 -53.13
C SER G 668 -103.49 31.38 -54.56
N GLY G 669 -102.49 30.88 -55.27
CA GLY G 669 -102.69 30.23 -56.55
C GLY G 669 -102.82 28.73 -56.46
N THR G 670 -102.92 28.19 -55.24
CA THR G 670 -102.97 26.75 -55.03
C THR G 670 -104.35 26.25 -55.44
N ASP G 671 -104.47 25.92 -56.72
CA ASP G 671 -105.69 25.36 -57.28
C ASP G 671 -105.36 24.08 -58.02
N SER G 672 -106.31 23.55 -58.79
CA SER G 672 -105.97 22.48 -59.72
C SER G 672 -104.79 22.89 -60.59
N GLN G 673 -104.83 24.11 -61.10
CA GLN G 673 -103.63 24.75 -61.62
C GLN G 673 -102.83 25.30 -60.45
N PRO G 674 -101.56 24.93 -60.30
CA PRO G 674 -100.77 25.41 -59.15
C PRO G 674 -100.56 26.91 -59.24
N LYS G 675 -99.96 27.45 -58.18
CA LYS G 675 -99.64 28.88 -58.16
C LYS G 675 -98.64 29.29 -59.24
N PRO G 676 -97.49 28.61 -59.40
CA PRO G 676 -96.46 29.15 -60.31
C PRO G 676 -96.93 29.34 -61.75
N ASP G 677 -97.67 28.40 -62.32
CA ASP G 677 -98.09 28.56 -63.71
C ASP G 677 -99.10 29.69 -63.86
N LEU G 678 -99.98 29.84 -62.87
CA LEU G 678 -100.92 30.96 -62.90
C LEU G 678 -100.19 32.28 -62.83
N GLU G 679 -99.15 32.36 -61.98
CA GLU G 679 -98.37 33.59 -61.91
C GLU G 679 -97.62 33.85 -63.22
N ASN G 680 -97.13 32.79 -63.85
CA ASN G 680 -96.48 32.94 -65.15
C ASN G 680 -97.45 33.46 -66.19
N ARG G 681 -98.69 32.95 -66.19
CA ARG G 681 -99.70 33.46 -67.12
C ARG G 681 -100.03 34.92 -66.82
N ILE G 682 -100.08 35.28 -65.53
CA ILE G 682 -100.34 36.67 -65.15
C ILE G 682 -99.24 37.57 -65.69
N ALA G 683 -97.97 37.13 -65.56
CA ALA G 683 -96.87 37.89 -66.13
C ALA G 683 -96.99 37.96 -67.65
N GLU G 684 -97.46 36.87 -68.28
CA GLU G 684 -97.66 36.87 -69.72
C GLU G 684 -98.67 37.92 -70.15
N PHE G 685 -99.70 38.15 -69.34
CA PHE G 685 -100.62 39.24 -69.57
C PHE G 685 -100.14 40.54 -68.95
N GLY G 686 -98.98 40.54 -68.32
CA GLY G 686 -98.43 41.72 -67.70
C GLY G 686 -99.09 42.11 -66.40
N GLY G 687 -99.91 41.24 -65.82
CA GLY G 687 -100.55 41.56 -64.55
C GLY G 687 -99.53 41.80 -63.46
N TYR G 688 -99.76 42.84 -62.67
CA TYR G 688 -98.81 43.24 -61.63
C TYR G 688 -98.99 42.36 -60.41
N ILE G 689 -97.92 41.69 -60.00
CA ILE G 689 -97.95 40.68 -58.95
C ILE G 689 -97.33 41.25 -57.69
N VAL G 690 -98.04 41.14 -56.57
CA VAL G 690 -97.54 41.53 -55.26
C VAL G 690 -97.86 40.41 -54.27
N GLN G 691 -96.90 40.09 -53.41
CA GLN G 691 -97.11 38.99 -52.47
C GLN G 691 -98.00 39.40 -51.30
N ASN G 692 -97.89 40.65 -50.85
CA ASN G 692 -98.70 41.07 -49.73
C ASN G 692 -99.69 42.16 -50.14
N PRO G 693 -100.89 42.15 -49.59
CA PRO G 693 -101.93 43.09 -50.07
C PRO G 693 -101.65 44.53 -49.69
N GLY G 694 -101.34 45.35 -50.68
CA GLY G 694 -101.11 46.75 -50.46
C GLY G 694 -102.32 47.60 -50.80
N PRO G 695 -102.30 48.87 -50.39
CA PRO G 695 -103.42 49.76 -50.75
C PRO G 695 -103.60 49.93 -52.25
N ASP G 696 -102.51 49.94 -53.00
CA ASP G 696 -102.58 50.07 -54.44
C ASP G 696 -103.07 48.79 -55.12
N THR G 697 -103.05 47.67 -54.41
CA THR G 697 -103.48 46.41 -55.00
C THR G 697 -105.00 46.42 -55.16
N TYR G 698 -105.46 46.20 -56.39
CA TYR G 698 -106.89 46.24 -56.66
C TYR G 698 -107.61 45.10 -55.97
N CYS G 699 -107.11 43.88 -56.13
CA CYS G 699 -107.76 42.71 -55.56
C CYS G 699 -106.71 41.69 -55.15
N VAL G 700 -107.10 40.80 -54.25
CA VAL G 700 -106.23 39.74 -53.76
C VAL G 700 -106.62 38.43 -54.43
N ILE G 701 -105.64 37.72 -54.98
CA ILE G 701 -105.86 36.47 -55.67
C ILE G 701 -105.89 35.36 -54.62
N ALA G 702 -107.05 34.70 -54.49
CA ALA G 702 -107.23 33.61 -53.55
C ALA G 702 -107.73 32.38 -54.29
N GLY G 703 -106.99 31.28 -54.17
CA GLY G 703 -107.41 30.01 -54.73
C GLY G 703 -108.00 29.13 -53.66
N SER G 704 -107.21 28.19 -53.17
CA SER G 704 -107.64 27.45 -51.99
C SER G 704 -107.70 28.38 -50.78
N GLU G 705 -108.33 27.89 -49.72
CA GLU G 705 -108.52 28.69 -48.51
C GLU G 705 -107.34 28.50 -47.57
N ASN G 706 -106.89 29.60 -46.97
CA ASN G 706 -105.81 29.59 -46.00
C ASN G 706 -106.22 30.42 -44.79
N ILE G 707 -105.51 30.20 -43.68
CA ILE G 707 -105.69 31.04 -42.51
C ILE G 707 -105.33 32.49 -42.84
N ARG G 708 -104.30 32.66 -43.68
CA ARG G 708 -104.01 33.99 -44.22
C ARG G 708 -105.22 34.55 -44.96
N VAL G 709 -105.87 33.70 -45.76
CA VAL G 709 -107.09 34.12 -46.44
C VAL G 709 -108.18 34.43 -45.42
N LYS G 710 -108.23 33.69 -44.31
CA LYS G 710 -109.21 34.01 -43.28
C LYS G 710 -108.98 35.41 -42.71
N ASN G 711 -107.72 35.75 -42.44
CA ASN G 711 -107.42 37.10 -41.96
C ASN G 711 -107.75 38.13 -43.04
N ILE G 712 -107.53 37.79 -44.31
CA ILE G 712 -107.93 38.68 -45.39
C ILE G 712 -109.43 38.93 -45.34
N ILE G 713 -110.21 37.88 -45.06
CA ILE G 713 -111.64 38.06 -44.85
C ILE G 713 -111.88 39.02 -43.70
N LEU G 714 -111.13 38.85 -42.60
CA LEU G 714 -111.25 39.76 -41.46
C LEU G 714 -110.82 41.17 -41.85
N SER G 715 -109.75 41.30 -42.62
CA SER G 715 -109.24 42.60 -43.04
C SER G 715 -110.15 43.15 -44.13
N ASN G 716 -111.10 44.01 -43.74
CA ASN G 716 -112.02 44.62 -44.69
C ASN G 716 -111.29 45.72 -45.48
N LYS G 717 -110.35 45.27 -46.30
CA LYS G 717 -109.50 46.19 -47.06
C LYS G 717 -109.41 45.83 -48.53
N HIS G 718 -109.55 44.54 -48.84
CA HIS G 718 -109.33 44.05 -50.19
C HIS G 718 -110.47 43.13 -50.60
N ASP G 719 -110.47 42.77 -51.88
CA ASP G 719 -111.53 41.97 -52.49
C ASP G 719 -111.00 40.58 -52.79
N VAL G 720 -111.61 39.57 -52.18
CA VAL G 720 -111.18 38.18 -52.36
C VAL G 720 -111.68 37.70 -53.71
N VAL G 721 -110.75 37.22 -54.55
CA VAL G 721 -111.05 36.84 -55.92
C VAL G 721 -110.67 35.38 -56.11
N LYS G 722 -111.61 34.59 -56.63
CA LYS G 722 -111.37 33.19 -56.94
C LYS G 722 -110.67 33.05 -58.28
N PRO G 723 -109.95 31.95 -58.49
CA PRO G 723 -109.22 31.78 -59.76
C PRO G 723 -110.12 31.68 -60.98
N ALA G 724 -111.41 31.39 -60.81
CA ALA G 724 -112.29 31.26 -61.97
C ALA G 724 -112.39 32.56 -62.75
N TRP G 725 -112.52 33.69 -62.04
CA TRP G 725 -112.67 34.98 -62.71
C TRP G 725 -111.43 35.31 -63.54
N LEU G 726 -110.23 35.11 -62.96
CA LEU G 726 -109.01 35.41 -63.69
C LEU G 726 -108.78 34.42 -64.83
N LEU G 727 -109.16 33.16 -64.63
CA LEU G 727 -109.03 32.19 -65.71
C LEU G 727 -109.91 32.57 -66.89
N GLU G 728 -111.15 32.97 -66.62
CA GLU G 728 -112.03 33.43 -67.69
C GLU G 728 -111.52 34.72 -68.32
N CYS G 729 -110.92 35.60 -67.51
CA CYS G 729 -110.31 36.80 -68.06
C CYS G 729 -109.20 36.46 -69.04
N PHE G 730 -108.35 35.50 -68.67
CA PHE G 730 -107.23 35.12 -69.54
C PHE G 730 -107.73 34.42 -70.79
N LYS G 731 -108.78 33.59 -70.67
CA LYS G 731 -109.36 32.97 -71.84
C LYS G 731 -109.94 34.02 -72.78
N THR G 732 -110.63 35.03 -72.22
CA THR G 732 -111.18 36.11 -73.01
C THR G 732 -110.17 37.22 -73.31
N LYS G 733 -108.97 37.13 -72.74
CA LYS G 733 -107.92 38.14 -72.90
C LYS G 733 -108.38 39.52 -72.42
N SER G 734 -109.41 39.58 -71.60
CA SER G 734 -109.99 40.85 -71.16
C SER G 734 -110.65 40.66 -69.81
N PHE G 735 -110.85 41.79 -69.12
CA PHE G 735 -111.47 41.73 -67.79
C PHE G 735 -112.88 41.17 -67.87
N VAL G 736 -113.16 40.21 -66.99
CA VAL G 736 -114.51 39.63 -66.87
C VAL G 736 -115.27 40.49 -65.85
N PRO G 737 -116.54 40.80 -66.10
CA PRO G 737 -117.29 41.61 -65.13
C PRO G 737 -117.37 40.94 -63.77
N TRP G 738 -117.42 41.77 -62.74
CA TRP G 738 -117.31 41.30 -61.36
C TRP G 738 -118.68 40.98 -60.77
N GLN G 739 -119.40 40.10 -61.45
CA GLN G 739 -120.59 39.54 -60.85
C GLN G 739 -120.19 38.57 -59.74
N PRO G 740 -120.95 38.50 -58.65
CA PRO G 740 -120.53 37.61 -57.56
C PRO G 740 -120.74 36.15 -57.90
N ARG G 741 -119.68 35.49 -58.35
CA ARG G 741 -119.56 34.04 -58.36
C ARG G 741 -118.16 33.60 -58.02
N PHE G 742 -117.18 34.51 -58.06
CA PHE G 742 -115.83 34.32 -57.56
C PHE G 742 -115.62 35.08 -56.26
N MET G 743 -116.70 35.58 -55.64
CA MET G 743 -116.55 36.54 -54.57
C MET G 743 -116.69 35.89 -53.21
N ILE G 744 -115.84 36.32 -52.27
CA ILE G 744 -115.92 35.87 -50.88
C ILE G 744 -116.03 37.05 -49.93
N HIS G 745 -115.04 37.94 -49.95
CA HIS G 745 -115.05 39.11 -49.07
C HIS G 745 -114.49 40.29 -49.86
N MET G 746 -115.06 41.46 -49.64
CA MET G 746 -114.76 42.62 -50.48
C MET G 746 -114.84 43.91 -49.67
N CYS G 747 -114.24 44.95 -50.25
CA CYS G 747 -114.21 46.27 -49.64
C CYS G 747 -115.62 46.88 -49.59
N PRO G 748 -115.89 47.73 -48.59
CA PRO G 748 -117.19 48.43 -48.58
C PRO G 748 -117.44 49.22 -49.85
N SER G 749 -116.39 49.77 -50.47
CA SER G 749 -116.56 50.39 -51.79
C SER G 749 -117.03 49.36 -52.81
N THR G 750 -116.45 48.15 -52.76
CA THR G 750 -116.94 47.09 -53.63
C THR G 750 -118.35 46.67 -53.24
N LYS G 751 -118.68 46.72 -51.94
CA LYS G 751 -120.03 46.41 -51.51
C LYS G 751 -121.04 47.35 -52.15
N GLU G 752 -120.75 48.65 -52.10
CA GLU G 752 -121.62 49.63 -52.73
C GLU G 752 -121.65 49.43 -54.25
N HIS G 753 -120.50 49.10 -54.84
CA HIS G 753 -120.45 48.87 -56.29
C HIS G 753 -121.37 47.74 -56.70
N PHE G 754 -121.32 46.62 -55.97
CA PHE G 754 -122.17 45.48 -56.30
C PHE G 754 -123.64 45.77 -56.00
N ALA G 755 -123.92 46.49 -54.91
CA ALA G 755 -125.30 46.89 -54.63
C ALA G 755 -125.82 47.84 -55.69
N ARG G 756 -124.94 48.54 -56.40
CA ARG G 756 -125.38 49.41 -57.49
C ARG G 756 -125.60 48.60 -58.78
N GLU G 757 -124.56 47.91 -59.24
CA GLU G 757 -124.67 47.18 -60.52
C GLU G 757 -125.53 45.93 -60.41
N TYR G 758 -125.69 45.38 -59.21
CA TYR G 758 -126.53 44.22 -58.99
C TYR G 758 -127.43 44.45 -57.80
N ASP G 759 -128.44 43.61 -57.66
CA ASP G 759 -129.33 43.64 -56.51
C ASP G 759 -128.66 42.91 -55.34
N CYS G 760 -129.44 42.58 -54.32
CA CYS G 760 -128.92 41.87 -53.15
C CYS G 760 -128.47 40.45 -53.51
N TYR G 761 -128.58 40.08 -54.78
CA TYR G 761 -128.14 38.77 -55.25
C TYR G 761 -127.45 38.97 -56.59
N GLY G 762 -127.26 37.89 -57.34
CA GLY G 762 -126.59 37.97 -58.62
C GLY G 762 -127.42 38.59 -59.73
N ASP G 763 -128.69 38.89 -59.47
CA ASP G 763 -129.53 39.54 -60.48
C ASP G 763 -129.00 40.92 -60.80
N SER G 764 -129.06 41.28 -62.08
CA SER G 764 -128.59 42.56 -62.55
C SER G 764 -129.75 43.55 -62.63
N TYR G 765 -129.42 44.81 -62.92
CA TYR G 765 -130.42 45.85 -63.09
C TYR G 765 -130.54 46.35 -64.52
N PHE G 766 -129.56 46.08 -65.37
CA PHE G 766 -129.59 46.51 -66.76
C PHE G 766 -129.28 45.39 -67.74
N ILE G 767 -128.99 44.19 -67.25
CA ILE G 767 -128.71 43.03 -68.10
C ILE G 767 -129.82 42.02 -67.87
N ASP G 768 -130.45 41.58 -68.96
CA ASP G 768 -131.58 40.67 -68.87
C ASP G 768 -131.14 39.34 -68.28
N THR G 769 -131.98 38.79 -67.40
CA THR G 769 -131.66 37.52 -66.76
C THR G 769 -131.75 36.37 -67.76
N ASP G 770 -130.98 35.32 -67.49
CA ASP G 770 -131.00 34.10 -68.29
C ASP G 770 -131.17 32.92 -67.35
N LEU G 771 -131.14 31.71 -67.93
CA LEU G 771 -131.30 30.50 -67.13
C LEU G 771 -130.18 30.35 -66.12
N ASN G 772 -128.95 30.59 -66.55
CA ASN G 772 -127.79 30.30 -65.69
C ASN G 772 -127.76 31.19 -64.46
N GLN G 773 -127.90 32.50 -64.64
CA GLN G 773 -127.80 33.41 -63.50
C GLN G 773 -128.98 33.22 -62.55
N LEU G 774 -130.19 32.98 -63.09
CA LEU G 774 -131.34 32.76 -62.22
C LEU G 774 -131.18 31.48 -61.43
N LYS G 775 -130.74 30.41 -62.09
CA LYS G 775 -130.51 29.15 -61.37
C LYS G 775 -129.44 29.29 -60.31
N GLU G 776 -128.36 30.00 -60.62
CA GLU G 776 -127.30 30.20 -59.64
C GLU G 776 -127.80 31.00 -58.44
N VAL G 777 -128.57 32.06 -58.70
CA VAL G 777 -129.11 32.86 -57.60
C VAL G 777 -130.05 32.00 -56.74
N PHE G 778 -130.91 31.22 -57.38
CA PHE G 778 -131.86 30.39 -56.62
C PHE G 778 -131.14 29.33 -55.81
N SER G 779 -130.12 28.69 -56.38
CA SER G 779 -129.43 27.63 -55.67
C SER G 779 -128.51 28.18 -54.58
N GLY G 780 -128.06 29.42 -54.71
CA GLY G 780 -127.20 29.99 -53.70
C GLY G 780 -127.91 30.16 -52.37
N ILE G 781 -129.20 30.50 -52.41
CA ILE G 781 -129.96 30.74 -51.19
C ILE G 781 -130.45 29.42 -50.63
N LYS G 782 -130.40 29.30 -49.31
CA LYS G 782 -130.79 28.08 -48.62
C LYS G 782 -132.31 27.94 -48.56
N ASN G 783 -132.76 26.78 -48.11
CA ASN G 783 -134.19 26.53 -47.96
C ASN G 783 -134.79 27.48 -46.94
N SER G 784 -135.93 28.08 -47.28
CA SER G 784 -136.58 29.10 -46.47
C SER G 784 -138.07 28.82 -46.36
N ASN G 785 -138.44 27.57 -46.07
CA ASN G 785 -139.84 27.18 -45.87
C ASN G 785 -140.15 27.24 -44.39
N GLU G 786 -140.69 28.37 -43.94
CA GLU G 786 -141.15 28.51 -42.56
C GLU G 786 -142.50 29.20 -42.44
N GLN G 787 -143.11 29.61 -43.55
CA GLN G 787 -144.38 30.31 -43.52
C GLN G 787 -145.55 29.34 -43.63
N THR G 788 -146.74 29.85 -43.33
CA THR G 788 -147.94 29.03 -43.36
C THR G 788 -148.32 28.68 -44.79
N PRO G 789 -148.93 27.51 -45.00
CA PRO G 789 -149.41 27.17 -46.36
C PRO G 789 -150.43 28.15 -46.90
N GLU G 790 -151.23 28.78 -46.04
CA GLU G 790 -152.18 29.78 -46.52
C GLU G 790 -151.45 31.00 -47.07
N GLU G 791 -150.34 31.39 -46.45
CA GLU G 791 -149.53 32.47 -47.01
C GLU G 791 -148.98 32.08 -48.38
N MET G 792 -148.53 30.84 -48.52
CA MET G 792 -148.12 30.32 -49.82
C MET G 792 -149.25 30.46 -50.84
N ALA G 793 -150.46 30.03 -50.47
CA ALA G 793 -151.58 30.09 -51.39
C ALA G 793 -151.87 31.53 -51.80
N SER G 794 -151.90 32.45 -50.84
CA SER G 794 -152.20 33.84 -51.14
C SER G 794 -151.13 34.45 -52.03
N LEU G 795 -149.84 34.20 -51.74
CA LEU G 795 -148.79 34.82 -52.52
C LEU G 795 -148.75 34.26 -53.94
N ILE G 796 -148.94 32.95 -54.10
CA ILE G 796 -148.94 32.39 -55.45
C ILE G 796 -150.17 32.86 -56.22
N ALA G 797 -151.31 33.01 -55.55
CA ALA G 797 -152.49 33.55 -56.21
C ALA G 797 -152.25 34.98 -56.67
N ASP G 798 -151.58 35.79 -55.84
CA ASP G 798 -151.22 37.14 -56.24
C ASP G 798 -150.29 37.12 -57.44
N LEU G 799 -149.32 36.20 -57.45
CA LEU G 799 -148.41 36.09 -58.59
C LEU G 799 -149.17 35.71 -59.85
N GLU G 800 -150.13 34.78 -59.75
CA GLU G 800 -150.87 34.35 -60.91
C GLU G 800 -151.75 35.47 -61.46
N TYR G 801 -152.53 36.11 -60.59
CA TYR G 801 -153.51 37.10 -61.05
C TYR G 801 -152.85 38.41 -61.46
N ARG G 802 -151.89 38.91 -60.68
CA ARG G 802 -151.30 40.21 -60.94
C ARG G 802 -150.48 40.20 -62.23
N TYR G 803 -149.72 39.14 -62.45
CA TYR G 803 -148.79 39.07 -63.58
C TYR G 803 -149.39 38.39 -64.81
N SER G 804 -150.71 38.23 -64.86
CA SER G 804 -151.38 37.53 -65.95
C SER G 804 -150.80 36.13 -66.12
N TRP G 805 -150.49 35.49 -65.00
CA TRP G 805 -149.86 34.17 -64.99
C TRP G 805 -150.87 33.04 -64.97
N ASP G 806 -152.14 33.32 -65.27
CA ASP G 806 -153.19 32.31 -65.22
C ASP G 806 -153.11 31.38 -66.44
N CYS G 807 -151.97 30.69 -66.53
CA CYS G 807 -151.72 29.76 -67.63
C CYS G 807 -151.06 28.49 -67.13
N SER G 808 -151.30 28.12 -65.88
CA SER G 808 -150.70 26.91 -65.32
C SER G 808 -151.40 25.68 -65.86
N PRO G 809 -150.70 24.75 -66.52
CA PRO G 809 -151.37 23.55 -67.03
C PRO G 809 -152.02 22.70 -65.95
N LEU G 810 -151.50 22.74 -64.73
CA LEU G 810 -151.93 21.85 -63.66
C LEU G 810 -152.54 22.67 -62.54
N SER G 811 -153.80 22.36 -62.19
CA SER G 811 -154.46 23.03 -61.07
C SER G 811 -155.54 22.10 -60.52
N MET G 812 -155.24 21.38 -59.43
CA MET G 812 -156.25 20.55 -58.77
C MET G 812 -156.52 21.00 -57.35
N PHE G 813 -155.56 20.88 -56.43
CA PHE G 813 -155.76 21.46 -55.10
C PHE G 813 -154.41 21.65 -54.38
N ARG G 814 -153.80 22.82 -54.58
CA ARG G 814 -152.76 23.31 -53.68
C ARG G 814 -152.74 24.84 -53.57
N ARG G 815 -153.35 25.55 -54.53
CA ARG G 815 -152.92 26.91 -54.82
C ARG G 815 -153.95 27.99 -54.52
N HIS G 816 -155.13 27.98 -55.16
CA HIS G 816 -156.08 29.05 -54.90
C HIS G 816 -157.50 28.65 -55.30
N THR G 817 -158.46 29.09 -54.49
CA THR G 817 -159.89 29.27 -54.82
C THR G 817 -160.51 28.07 -55.53
N VAL G 818 -160.63 26.96 -54.79
CA VAL G 818 -161.57 25.91 -55.13
C VAL G 818 -162.05 25.27 -53.82
N TYR G 819 -163.19 24.57 -53.90
CA TYR G 819 -163.73 23.84 -52.76
C TYR G 819 -164.10 22.43 -53.20
N LEU G 820 -163.88 21.46 -52.32
CA LEU G 820 -164.26 20.07 -52.58
C LEU G 820 -164.22 19.25 -51.29
N ASP G 821 -165.32 18.54 -51.01
CA ASP G 821 -165.36 17.66 -49.85
C ASP G 821 -164.53 16.41 -50.12
N SER G 822 -163.76 15.99 -49.11
CA SER G 822 -162.88 14.83 -49.24
C SER G 822 -163.10 13.81 -48.13
N TYR G 823 -164.17 13.96 -47.35
CA TYR G 823 -164.45 13.05 -46.24
C TYR G 823 -165.93 12.69 -46.25
N ALA G 824 -166.23 11.41 -46.05
CA ALA G 824 -167.62 10.98 -45.95
C ALA G 824 -168.30 11.59 -44.74
N VAL G 825 -167.61 11.64 -43.61
CA VAL G 825 -168.12 12.26 -42.40
C VAL G 825 -167.76 13.74 -42.42
N ILE G 826 -168.71 14.59 -42.10
CA ILE G 826 -168.54 16.04 -42.17
C ILE G 826 -168.48 16.59 -40.76
N ASN G 827 -167.72 17.68 -40.60
CA ASN G 827 -167.44 18.37 -39.35
C ASN G 827 -166.60 17.52 -38.40
N ASP G 828 -166.20 16.31 -38.79
CA ASP G 828 -165.31 15.45 -38.02
C ASP G 828 -164.27 14.92 -38.99
N LEU G 829 -163.17 15.67 -39.14
CA LEU G 829 -162.14 15.35 -40.12
C LEU G 829 -160.95 14.63 -39.49
N SER G 830 -161.07 14.19 -38.24
CA SER G 830 -159.99 13.49 -37.56
C SER G 830 -159.89 12.02 -37.95
N THR G 831 -160.85 11.50 -38.72
CA THR G 831 -160.86 10.11 -39.14
C THR G 831 -161.00 10.03 -40.65
N LYS G 832 -160.44 8.98 -41.23
CA LYS G 832 -160.48 8.75 -42.67
C LYS G 832 -161.28 7.49 -42.96
N ASN G 833 -162.17 7.58 -43.94
CA ASN G 833 -163.02 6.45 -44.34
C ASN G 833 -162.38 5.74 -45.52
N GLU G 834 -162.16 4.44 -45.37
CA GLU G 834 -161.53 3.63 -46.40
C GLU G 834 -162.61 2.93 -47.24
N GLY G 835 -162.16 2.16 -48.23
CA GLY G 835 -163.07 1.44 -49.10
C GLY G 835 -163.96 2.35 -49.93
N THR G 836 -163.40 3.44 -50.44
CA THR G 836 -164.16 4.42 -51.20
C THR G 836 -163.18 5.27 -52.01
N ARG G 837 -163.70 6.33 -52.64
CA ARG G 837 -162.90 7.20 -53.49
C ARG G 837 -162.35 8.41 -52.75
N LEU G 838 -162.51 8.47 -51.42
CA LEU G 838 -161.98 9.59 -50.66
C LEU G 838 -160.46 9.64 -50.70
N ALA G 839 -159.81 8.48 -50.73
CA ALA G 839 -158.35 8.44 -50.79
C ALA G 839 -157.83 9.03 -52.10
N ILE G 840 -158.52 8.74 -53.21
CA ILE G 840 -158.12 9.28 -54.50
C ILE G 840 -158.21 10.81 -54.48
N LYS G 841 -159.30 11.35 -53.94
CA LYS G 841 -159.44 12.79 -53.84
C LYS G 841 -158.37 13.38 -52.93
N ALA G 842 -158.09 12.72 -51.81
CA ALA G 842 -157.05 13.20 -50.90
C ALA G 842 -155.69 13.25 -51.61
N LEU G 843 -155.41 12.26 -52.45
CA LEU G 843 -154.19 12.29 -53.26
C LEU G 843 -154.21 13.45 -54.25
N GLU G 844 -155.36 13.68 -54.89
CA GLU G 844 -155.46 14.76 -55.87
C GLU G 844 -155.37 16.14 -55.24
N LEU G 845 -155.60 16.24 -53.93
CA LEU G 845 -155.56 17.53 -53.23
C LEU G 845 -154.16 17.93 -52.79
N ARG G 846 -153.12 17.53 -53.53
CA ARG G 846 -151.76 17.89 -53.14
C ARG G 846 -150.96 18.63 -54.20
N PHE G 847 -151.05 18.24 -55.47
CA PHE G 847 -150.00 18.55 -56.44
C PHE G 847 -150.32 19.74 -57.36
N HIS G 848 -151.39 19.65 -58.15
CA HIS G 848 -151.53 20.55 -59.30
C HIS G 848 -151.79 21.99 -58.88
N GLY G 849 -152.72 22.20 -57.95
CA GLY G 849 -152.88 23.52 -57.35
C GLY G 849 -154.18 24.29 -57.53
N ALA G 850 -155.04 24.19 -56.51
CA ALA G 850 -156.18 25.10 -56.30
C ALA G 850 -156.62 24.91 -54.86
N LYS G 851 -156.45 25.94 -54.01
CA LYS G 851 -156.40 25.81 -52.56
C LYS G 851 -157.44 24.85 -52.00
N VAL G 852 -156.99 24.02 -51.05
CA VAL G 852 -157.83 23.00 -50.44
C VAL G 852 -158.75 23.63 -49.40
N VAL G 853 -160.02 23.24 -49.42
CA VAL G 853 -160.99 23.63 -48.41
C VAL G 853 -161.85 22.41 -48.11
N SER G 854 -161.78 21.91 -46.87
CA SER G 854 -162.56 20.75 -46.46
C SER G 854 -163.47 21.03 -45.28
N CYS G 855 -163.63 22.30 -44.90
CA CYS G 855 -164.49 22.69 -43.80
C CYS G 855 -165.67 23.51 -44.32
N LEU G 856 -166.84 23.29 -43.73
CA LEU G 856 -168.05 23.98 -44.14
C LEU G 856 -168.17 25.30 -43.40
N ALA G 857 -168.31 26.39 -44.16
CA ALA G 857 -168.42 27.72 -43.58
C ALA G 857 -169.20 28.60 -44.56
N GLU G 858 -169.35 29.88 -44.18
CA GLU G 858 -170.08 30.83 -44.99
C GLU G 858 -169.23 31.43 -46.12
N GLY G 859 -167.94 31.13 -46.16
CA GLY G 859 -167.04 31.67 -47.15
C GLY G 859 -166.85 30.85 -48.40
N VAL G 860 -167.68 29.84 -48.62
CA VAL G 860 -167.59 28.98 -49.79
C VAL G 860 -168.72 29.33 -50.74
N SER G 861 -168.37 29.52 -52.03
CA SER G 861 -169.36 29.85 -53.04
C SER G 861 -169.23 28.98 -54.28
N HIS G 862 -168.43 27.91 -54.24
CA HIS G 862 -168.24 27.01 -55.36
C HIS G 862 -168.98 25.71 -55.09
N VAL G 863 -169.76 25.26 -56.07
CA VAL G 863 -170.58 24.07 -55.95
C VAL G 863 -169.88 22.93 -56.69
N ILE G 864 -169.35 21.97 -55.93
CA ILE G 864 -168.58 20.86 -56.49
C ILE G 864 -169.09 19.56 -55.89
N ILE G 865 -169.23 18.54 -56.73
CA ILE G 865 -169.60 17.19 -56.29
C ILE G 865 -168.38 16.30 -56.48
N GLY G 866 -168.03 15.56 -55.42
CA GLY G 866 -166.86 14.72 -55.44
C GLY G 866 -167.08 13.42 -56.19
N GLU G 867 -166.09 12.53 -56.09
CA GLU G 867 -166.15 11.25 -56.76
C GLU G 867 -167.22 10.32 -56.19
N ASP G 868 -167.75 10.62 -55.01
CA ASP G 868 -168.80 9.83 -54.38
C ASP G 868 -170.15 10.49 -54.65
N HIS G 869 -171.06 9.73 -55.25
CA HIS G 869 -172.39 10.24 -55.56
C HIS G 869 -173.35 10.16 -54.38
N SER G 870 -172.98 9.46 -53.32
CA SER G 870 -173.83 9.37 -52.13
C SER G 870 -173.71 10.57 -51.22
N ARG G 871 -172.71 11.45 -51.44
CA ARG G 871 -172.55 12.63 -50.62
C ARG G 871 -173.47 13.77 -51.02
N VAL G 872 -174.22 13.62 -52.12
CA VAL G 872 -175.13 14.67 -52.56
C VAL G 872 -176.21 14.92 -51.51
N ALA G 873 -176.60 13.89 -50.77
CA ALA G 873 -177.57 14.08 -49.69
C ALA G 873 -177.01 15.01 -48.62
N ASP G 874 -175.76 14.78 -48.22
CA ASP G 874 -175.12 15.69 -47.26
C ASP G 874 -174.96 17.09 -47.84
N PHE G 875 -174.62 17.17 -49.13
CA PHE G 875 -174.48 18.47 -49.77
C PHE G 875 -175.79 19.26 -49.74
N LYS G 876 -176.91 18.60 -50.05
CA LYS G 876 -178.20 19.27 -50.00
C LYS G 876 -178.61 19.60 -48.57
N ALA G 877 -178.23 18.75 -47.61
CA ALA G 877 -178.51 19.05 -46.21
C ALA G 877 -177.76 20.30 -45.76
N PHE G 878 -176.53 20.47 -46.23
CA PHE G 878 -175.75 21.67 -45.90
C PHE G 878 -176.14 22.86 -46.75
N ARG G 879 -176.85 22.64 -47.86
CA ARG G 879 -177.21 23.76 -48.74
C ARG G 879 -178.15 24.74 -48.05
N ARG G 880 -179.11 24.23 -47.28
CA ARG G 880 -180.04 25.11 -46.58
C ARG G 880 -179.36 25.93 -45.50
N THR G 881 -178.24 25.44 -44.97
CA THR G 881 -177.52 26.18 -43.94
C THR G 881 -176.91 27.48 -44.47
N PHE G 882 -176.63 27.55 -45.77
CA PHE G 882 -176.05 28.73 -46.38
C PHE G 882 -177.03 29.31 -47.41
N LYS G 883 -176.73 30.53 -47.86
CA LYS G 883 -177.55 31.18 -48.86
C LYS G 883 -177.33 30.58 -50.24
N ARG G 884 -176.15 30.01 -50.49
CA ARG G 884 -175.84 29.48 -51.80
C ARG G 884 -176.68 28.23 -52.11
N LYS G 885 -177.00 28.06 -53.39
CA LYS G 885 -177.77 26.93 -53.87
C LYS G 885 -176.84 26.00 -54.65
N PHE G 886 -176.89 24.71 -54.34
CA PHE G 886 -176.00 23.75 -55.00
C PHE G 886 -176.56 23.37 -56.37
N LYS G 887 -175.72 23.49 -57.38
CA LYS G 887 -176.09 23.21 -58.76
C LYS G 887 -175.39 21.95 -59.26
N ILE G 888 -176.09 21.19 -60.10
CA ILE G 888 -175.53 19.96 -60.65
C ILE G 888 -174.40 20.31 -61.60
N LEU G 889 -173.25 19.66 -61.41
CA LEU G 889 -172.08 19.90 -62.23
C LEU G 889 -172.37 19.52 -63.69
N LYS G 890 -171.77 20.27 -64.62
CA LYS G 890 -171.97 20.00 -66.04
C LYS G 890 -171.39 18.63 -66.43
N ASP G 899 -156.54 20.79 -67.17
CA ASP G 899 -157.96 20.69 -66.89
C ASP G 899 -158.22 20.24 -65.46
N LYS G 900 -159.43 19.75 -65.20
CA LYS G 900 -159.81 19.29 -63.88
C LYS G 900 -160.01 17.79 -63.78
N CYS G 901 -160.27 17.12 -64.92
CA CYS G 901 -160.38 15.64 -65.02
C CYS G 901 -161.32 15.05 -63.98
N GLU G 902 -162.15 15.88 -63.36
CA GLU G 902 -163.20 15.42 -62.47
C GLU G 902 -164.56 16.02 -62.84
N LEU G 903 -164.63 16.80 -63.92
CA LEU G 903 -165.88 17.34 -64.44
C LEU G 903 -166.56 18.25 -63.42
N GLN G 904 -165.81 19.25 -62.96
CA GLN G 904 -166.29 20.20 -61.97
C GLN G 904 -166.52 21.57 -62.60
N GLU G 905 -167.48 22.31 -62.05
CA GLU G 905 -167.74 23.68 -62.45
C GLU G 905 -167.82 24.58 -61.23
N GLU G 906 -167.27 25.78 -61.35
CA GLU G 906 -167.28 26.74 -60.24
C GLU G 906 -168.61 27.47 -60.10
N ASN G 907 -169.49 27.38 -61.09
CA ASN G 907 -170.78 28.05 -61.03
C ASN G 907 -171.89 27.09 -60.60
N ASN H 6 13.63 -103.54 49.30
CA ASN H 6 14.63 -104.60 49.23
C ASN H 6 15.38 -104.52 47.90
N LYS H 7 15.09 -105.44 46.98
CA LYS H 7 15.73 -105.51 45.68
C LYS H 7 14.67 -105.68 44.61
N ALA H 8 14.85 -104.98 43.49
CA ALA H 8 13.92 -105.03 42.37
C ALA H 8 14.59 -105.68 41.18
N ALA H 9 13.95 -106.71 40.63
CA ALA H 9 14.45 -107.38 39.43
C ALA H 9 13.84 -106.69 38.22
N VAL H 10 14.52 -105.64 37.74
CA VAL H 10 14.04 -104.81 36.65
C VAL H 10 14.91 -105.08 35.42
N VAL H 11 14.25 -105.23 34.27
CA VAL H 11 14.91 -105.46 33.00
C VAL H 11 14.28 -104.55 31.95
N LEU H 12 15.09 -104.04 31.04
CA LEU H 12 14.61 -103.16 29.98
C LEU H 12 14.75 -103.86 28.63
N CYS H 13 13.68 -103.84 27.85
CA CYS H 13 13.63 -104.46 26.54
C CYS H 13 13.44 -103.35 25.51
N MET H 14 14.52 -102.96 24.85
CA MET H 14 14.51 -101.88 23.89
C MET H 14 14.58 -102.44 22.48
N ASP H 15 13.72 -101.93 21.60
CA ASP H 15 13.70 -102.37 20.21
C ASP H 15 14.83 -101.67 19.45
N VAL H 16 15.62 -102.45 18.74
CA VAL H 16 16.72 -101.93 17.94
C VAL H 16 16.24 -101.93 16.49
N GLY H 17 14.92 -101.84 16.32
CA GLY H 17 14.36 -101.81 14.99
C GLY H 17 14.76 -100.56 14.23
N PHE H 18 14.67 -100.66 12.90
CA PHE H 18 14.95 -99.50 12.06
C PHE H 18 13.76 -98.55 11.96
N THR H 19 12.54 -99.06 12.18
CA THR H 19 11.34 -98.25 11.96
C THR H 19 11.32 -97.02 12.88
N MET H 20 11.59 -97.21 14.16
CA MET H 20 11.67 -96.05 15.04
C MET H 20 13.02 -95.36 14.98
N SER H 21 13.97 -95.91 14.22
CA SER H 21 15.21 -95.20 13.94
C SER H 21 14.96 -93.99 13.04
N ASN H 22 13.80 -93.92 12.40
CA ASN H 22 13.40 -92.80 11.56
C ASN H 22 12.30 -92.01 12.27
N SER H 23 12.14 -90.76 11.84
CA SER H 23 11.11 -89.91 12.42
C SER H 23 10.79 -88.79 11.45
N ILE H 24 9.69 -88.09 11.73
CA ILE H 24 9.31 -86.92 10.95
C ILE H 24 10.32 -85.80 11.20
N PRO H 25 10.74 -85.07 10.17
CA PRO H 25 11.64 -83.93 10.40
C PRO H 25 11.01 -82.92 11.35
N GLY H 26 11.84 -82.36 12.23
CA GLY H 26 11.36 -81.52 13.31
C GLY H 26 10.95 -82.28 14.55
N ILE H 27 10.92 -83.60 14.49
CA ILE H 27 10.61 -84.45 15.64
C ILE H 27 11.76 -85.43 15.81
N GLU H 28 12.29 -85.52 17.03
CA GLU H 28 13.40 -86.42 17.29
C GLU H 28 12.98 -87.86 17.09
N SER H 29 13.95 -88.70 16.73
CA SER H 29 13.65 -90.09 16.45
C SER H 29 13.11 -90.78 17.70
N PRO H 30 12.10 -91.64 17.56
CA PRO H 30 11.65 -92.42 18.71
C PRO H 30 12.76 -93.24 19.33
N PHE H 31 13.71 -93.72 18.52
CA PHE H 31 14.91 -94.35 19.07
C PHE H 31 15.70 -93.36 19.91
N GLU H 32 15.85 -92.13 19.43
CA GLU H 32 16.64 -91.14 20.16
C GLU H 32 15.94 -90.71 21.44
N GLN H 33 14.64 -90.45 21.38
CA GLN H 33 13.91 -90.08 22.58
C GLN H 33 13.88 -91.22 23.59
N ALA H 34 13.74 -92.45 23.09
CA ALA H 34 13.82 -93.62 23.96
C ALA H 34 15.19 -93.72 24.62
N LYS H 35 16.25 -93.43 23.86
CA LYS H 35 17.58 -93.43 24.43
C LYS H 35 17.71 -92.37 25.51
N LYS H 36 17.11 -91.20 25.30
CA LYS H 36 17.13 -90.16 26.32
C LYS H 36 16.44 -90.63 27.59
N VAL H 37 15.27 -91.25 27.44
CA VAL H 37 14.52 -91.71 28.61
C VAL H 37 15.29 -92.80 29.34
N ILE H 38 15.89 -93.75 28.60
CA ILE H 38 16.62 -94.81 29.28
C ILE H 38 17.89 -94.26 29.92
N THR H 39 18.52 -93.26 29.30
CA THR H 39 19.71 -92.66 29.92
C THR H 39 19.34 -91.97 31.23
N MET H 40 18.24 -91.22 31.26
CA MET H 40 17.86 -90.58 32.51
C MET H 40 17.45 -91.62 33.55
N PHE H 41 16.77 -92.69 33.13
CA PHE H 41 16.40 -93.75 34.04
C PHE H 41 17.63 -94.38 34.67
N VAL H 42 18.62 -94.73 33.84
CA VAL H 42 19.81 -95.41 34.34
C VAL H 42 20.68 -94.45 35.14
N GLN H 43 20.69 -93.16 34.79
CA GLN H 43 21.45 -92.21 35.59
C GLN H 43 20.82 -92.03 36.98
N ARG H 44 19.48 -92.06 37.05
CA ARG H 44 18.83 -92.06 38.35
C ARG H 44 19.16 -93.34 39.11
N GLN H 45 19.17 -94.47 38.41
CA GLN H 45 19.46 -95.75 39.05
C GLN H 45 20.86 -95.75 39.67
N VAL H 46 21.86 -95.36 38.88
CA VAL H 46 23.24 -95.38 39.35
C VAL H 46 23.46 -94.31 40.42
N PHE H 47 23.00 -93.09 40.16
CA PHE H 47 23.29 -91.98 41.07
C PHE H 47 22.47 -92.05 42.35
N ALA H 48 21.39 -92.84 42.36
CA ALA H 48 20.74 -93.18 43.62
C ALA H 48 21.34 -94.43 44.25
N GLU H 49 22.24 -95.11 43.54
CA GLU H 49 22.93 -96.29 44.05
C GLU H 49 21.94 -97.35 44.54
N ASN H 50 20.88 -97.54 43.78
CA ASN H 50 19.88 -98.53 44.14
C ASN H 50 20.45 -99.94 44.08
N LYS H 51 20.01 -100.78 45.01
CA LYS H 51 20.44 -102.17 45.08
C LYS H 51 19.59 -103.10 44.22
N ASP H 52 18.95 -102.56 43.18
CA ASP H 52 18.09 -103.33 42.30
C ASP H 52 18.88 -103.73 41.06
N GLU H 53 18.93 -105.03 40.80
CA GLU H 53 19.67 -105.53 39.64
C GLU H 53 18.96 -105.12 38.36
N ILE H 54 19.75 -104.75 37.35
CA ILE H 54 19.24 -104.31 36.07
C ILE H 54 19.82 -105.18 34.96
N ALA H 55 18.97 -105.56 34.02
CA ALA H 55 19.39 -106.32 32.85
C ALA H 55 18.90 -105.61 31.60
N LEU H 56 19.63 -105.79 30.49
CA LEU H 56 19.30 -105.16 29.23
C LEU H 56 19.16 -106.23 28.16
N VAL H 57 18.00 -106.25 27.50
CA VAL H 57 17.74 -107.14 26.38
C VAL H 57 17.30 -106.28 25.21
N LEU H 58 17.87 -106.53 24.04
CA LEU H 58 17.60 -105.76 22.83
C LEU H 58 17.07 -106.68 21.75
N PHE H 59 15.90 -106.36 21.21
CA PHE H 59 15.33 -107.11 20.10
C PHE H 59 15.21 -106.19 18.89
N GLY H 60 15.03 -106.79 17.73
CA GLY H 60 15.14 -106.04 16.49
C GLY H 60 16.56 -105.73 16.09
N THR H 61 17.54 -106.33 16.74
CA THR H 61 18.94 -106.10 16.42
C THR H 61 19.30 -106.78 15.10
N ASP H 62 20.41 -106.31 14.50
CA ASP H 62 20.90 -106.93 13.28
C ASP H 62 21.30 -108.39 13.53
N GLY H 63 21.97 -108.65 14.64
CA GLY H 63 22.27 -110.00 15.06
C GLY H 63 21.21 -110.56 16.00
N THR H 64 21.55 -111.69 16.60
CA THR H 64 20.68 -112.34 17.57
C THR H 64 21.54 -112.97 18.65
N ASP H 65 21.24 -112.64 19.92
CA ASP H 65 22.03 -113.15 21.03
C ASP H 65 21.10 -113.30 22.23
N ASN H 66 20.63 -114.52 22.46
CA ASN H 66 19.85 -114.86 23.65
C ASN H 66 19.86 -116.37 23.81
N PRO H 67 19.67 -116.88 25.02
CA PRO H 67 19.69 -118.34 25.21
C PRO H 67 18.58 -119.05 24.47
N LEU H 68 17.53 -118.36 24.06
CA LEU H 68 16.38 -118.96 23.40
C LEU H 68 16.53 -119.00 21.88
N SER H 69 17.69 -118.59 21.35
CA SER H 69 17.93 -118.63 19.91
C SER H 69 18.21 -120.08 19.50
N GLY H 70 17.15 -120.81 19.19
CA GLY H 70 17.29 -122.19 18.74
C GLY H 70 17.14 -122.32 17.24
N GLY H 71 17.20 -121.20 16.53
CA GLY H 71 16.98 -121.20 15.10
C GLY H 71 15.57 -120.79 14.74
N ASP H 72 15.41 -119.63 14.12
CA ASP H 72 14.13 -119.04 13.76
C ASP H 72 13.24 -118.75 14.97
N GLN H 73 13.80 -118.85 16.18
CA GLN H 73 13.06 -118.58 17.41
C GLN H 73 13.69 -117.36 18.09
N TYR H 74 12.86 -116.36 18.38
CA TYR H 74 13.30 -115.15 19.09
C TYR H 74 14.49 -114.50 18.39
N GLN H 75 14.39 -114.39 17.07
CA GLN H 75 15.48 -113.83 16.28
C GLN H 75 15.50 -112.31 16.39
N ASN H 76 16.60 -111.72 15.92
CA ASN H 76 16.86 -110.29 16.00
C ASN H 76 16.93 -109.79 17.44
N ILE H 77 17.10 -110.71 18.39
CA ILE H 77 17.13 -110.38 19.82
C ILE H 77 18.55 -110.59 20.31
N THR H 78 19.19 -109.50 20.72
CA THR H 78 20.55 -109.54 21.25
C THR H 78 20.52 -109.04 22.69
N VAL H 79 20.82 -109.92 23.63
CA VAL H 79 20.85 -109.55 25.04
C VAL H 79 22.15 -108.82 25.32
N HIS H 80 22.05 -107.57 25.76
CA HIS H 80 23.24 -106.75 25.98
C HIS H 80 23.79 -106.89 27.39
N ARG H 81 22.93 -106.84 28.41
CA ARG H 81 23.37 -106.89 29.79
C ARG H 81 22.48 -107.83 30.57
N HIS H 82 23.10 -108.66 31.43
CA HIS H 82 22.37 -109.54 32.31
C HIS H 82 22.01 -108.78 33.60
N LEU H 83 21.48 -109.50 34.59
CA LEU H 83 20.95 -108.88 35.81
C LEU H 83 22.09 -108.66 36.79
N MET H 84 22.53 -107.41 36.92
CA MET H 84 23.45 -107.01 37.98
C MET H 84 23.28 -105.52 38.20
N LEU H 85 24.01 -104.99 39.17
CA LEU H 85 23.91 -103.57 39.46
C LEU H 85 24.51 -102.74 38.33
N PRO H 86 23.93 -101.59 38.03
CA PRO H 86 24.41 -100.77 36.92
C PRO H 86 25.72 -100.08 37.27
N ASP H 87 26.33 -99.49 36.24
CA ASP H 87 27.61 -98.82 36.40
C ASP H 87 27.76 -97.77 35.31
N PHE H 88 28.81 -96.96 35.43
CA PHE H 88 29.11 -95.97 34.40
C PHE H 88 29.40 -96.64 33.06
N ASP H 89 29.89 -97.88 33.09
CA ASP H 89 30.08 -98.63 31.85
C ASP H 89 28.73 -98.85 31.15
N LEU H 90 27.69 -99.14 31.93
CA LEU H 90 26.36 -99.25 31.33
C LEU H 90 25.93 -97.93 30.69
N LEU H 91 26.21 -96.81 31.36
CA LEU H 91 25.85 -95.52 30.80
C LEU H 91 26.57 -95.27 29.47
N GLU H 92 27.87 -95.56 29.42
CA GLU H 92 28.62 -95.31 28.19
C GLU H 92 28.21 -96.27 27.09
N ASP H 93 27.82 -97.50 27.44
CA ASP H 93 27.32 -98.42 26.43
C ASP H 93 25.98 -97.96 25.88
N ILE H 94 25.10 -97.44 26.74
CA ILE H 94 23.84 -96.89 26.28
C ILE H 94 24.09 -95.70 25.36
N GLU H 95 25.02 -94.82 25.75
CA GLU H 95 25.30 -93.63 24.95
C GLU H 95 25.90 -93.99 23.59
N SER H 96 26.87 -94.90 23.58
CA SER H 96 27.66 -95.17 22.38
C SER H 96 27.40 -96.54 21.78
N LYS H 97 27.49 -97.61 22.56
CA LYS H 97 27.38 -98.95 22.02
C LYS H 97 25.98 -99.25 21.47
N ILE H 98 24.97 -98.51 21.92
CA ILE H 98 23.61 -98.69 21.42
C ILE H 98 23.46 -97.91 20.12
N GLN H 99 23.15 -98.59 19.04
CA GLN H 99 23.02 -97.97 17.74
C GLN H 99 21.72 -98.41 17.07
N PRO H 100 21.15 -97.57 16.22
CA PRO H 100 19.93 -97.95 15.49
C PRO H 100 20.21 -99.09 14.52
N GLY H 101 19.48 -100.19 14.68
CA GLY H 101 19.64 -101.35 13.84
C GLY H 101 18.78 -101.29 12.60
N SER H 102 18.68 -102.43 11.92
CA SER H 102 17.92 -102.54 10.68
C SER H 102 16.87 -103.63 10.69
N GLN H 103 16.90 -104.54 11.65
CA GLN H 103 15.97 -105.66 11.68
C GLN H 103 14.78 -105.35 12.58
N GLN H 104 13.71 -106.13 12.41
CA GLN H 104 12.53 -106.04 13.25
C GLN H 104 12.17 -107.44 13.75
N ALA H 105 11.52 -107.49 14.91
CA ALA H 105 11.13 -108.76 15.50
C ALA H 105 9.86 -108.57 16.32
N ASP H 106 9.17 -109.69 16.55
CA ASP H 106 7.99 -109.67 17.40
C ASP H 106 8.37 -109.33 18.82
N PHE H 107 7.65 -108.41 19.44
CA PHE H 107 7.94 -108.03 20.82
C PHE H 107 7.50 -109.10 21.81
N LEU H 108 6.58 -109.98 21.43
CA LEU H 108 6.22 -111.10 22.32
C LEU H 108 7.40 -112.05 22.50
N ASP H 109 8.17 -112.27 21.44
CA ASP H 109 9.38 -113.09 21.57
C ASP H 109 10.36 -112.46 22.54
N ALA H 110 10.54 -111.14 22.44
CA ALA H 110 11.42 -110.44 23.36
C ALA H 110 10.90 -110.52 24.79
N LEU H 111 9.58 -110.42 24.96
CA LEU H 111 8.99 -110.58 26.30
C LEU H 111 9.28 -111.96 26.86
N ILE H 112 9.12 -113.01 26.05
CA ILE H 112 9.39 -114.37 26.52
C ILE H 112 10.85 -114.52 26.89
N VAL H 113 11.75 -113.99 26.06
CA VAL H 113 13.18 -114.08 26.35
C VAL H 113 13.52 -113.35 27.63
N SER H 114 12.96 -112.16 27.81
CA SER H 114 13.24 -111.37 29.00
C SER H 114 12.73 -112.07 30.27
N MET H 115 11.53 -112.65 30.20
CA MET H 115 11.00 -113.33 31.36
C MET H 115 11.79 -114.60 31.67
N ASP H 116 12.23 -115.31 30.63
CA ASP H 116 13.09 -116.47 30.84
C ASP H 116 14.40 -116.06 31.49
N VAL H 117 14.97 -114.93 31.06
CA VAL H 117 16.19 -114.42 31.67
C VAL H 117 15.95 -114.07 33.12
N ILE H 118 14.79 -113.44 33.42
CA ILE H 118 14.45 -113.11 34.79
C ILE H 118 14.40 -114.37 35.65
N GLN H 119 13.70 -115.39 35.16
CA GLN H 119 13.59 -116.64 35.92
C GLN H 119 14.97 -117.28 36.12
N HIS H 120 15.81 -117.25 35.08
CA HIS H 120 17.15 -117.83 35.19
C HIS H 120 18.05 -117.01 36.09
N GLU H 121 17.72 -115.75 36.36
CA GLU H 121 18.57 -114.87 37.15
C GLU H 121 17.95 -114.38 38.44
N THR H 122 16.63 -114.49 38.62
CA THR H 122 16.04 -114.21 39.92
C THR H 122 16.43 -115.27 40.95
N ILE H 123 16.94 -116.41 40.51
CA ILE H 123 17.38 -117.44 41.43
C ILE H 123 18.71 -117.02 42.09
N GLY H 124 19.00 -117.65 43.21
CA GLY H 124 20.18 -117.34 43.98
C GLY H 124 20.06 -116.13 44.87
N LYS H 125 18.89 -115.48 44.91
CA LYS H 125 18.67 -114.29 45.72
C LYS H 125 17.16 -114.06 45.81
N LYS H 126 16.77 -112.94 46.39
CA LYS H 126 15.37 -112.54 46.50
C LYS H 126 15.18 -111.18 45.86
N PHE H 127 13.92 -110.87 45.55
CA PHE H 127 13.60 -109.60 44.91
C PHE H 127 12.28 -109.08 45.45
N GLU H 128 12.26 -107.81 45.84
CA GLU H 128 11.02 -107.16 46.27
C GLU H 128 10.05 -107.02 45.11
N LYS H 129 10.55 -106.88 43.89
CA LYS H 129 9.69 -106.68 42.74
C LYS H 129 10.40 -107.17 41.48
N ARG H 130 9.60 -107.70 40.54
CA ARG H 130 10.05 -108.04 39.20
C ARG H 130 9.32 -107.12 38.23
N HIS H 131 10.09 -106.42 37.40
CA HIS H 131 9.50 -105.38 36.56
C HIS H 131 10.23 -105.31 35.23
N ILE H 132 9.56 -104.74 34.23
CA ILE H 132 10.10 -104.59 32.90
C ILE H 132 9.36 -103.47 32.18
N GLU H 133 10.11 -102.67 31.42
CA GLU H 133 9.54 -101.66 30.54
C GLU H 133 10.04 -101.88 29.13
N ILE H 134 9.20 -101.57 28.16
CA ILE H 134 9.53 -101.73 26.74
C ILE H 134 9.18 -100.44 26.02
N PHE H 135 10.12 -99.95 25.21
CA PHE H 135 9.90 -98.79 24.37
C PHE H 135 9.70 -99.26 22.93
N THR H 136 8.60 -98.85 22.32
CA THR H 136 8.30 -99.26 20.96
C THR H 136 7.36 -98.24 20.32
N ASP H 137 7.33 -98.24 18.99
CA ASP H 137 6.43 -97.41 18.21
C ASP H 137 5.31 -98.21 17.56
N LEU H 138 5.26 -99.52 17.79
CA LEU H 138 4.21 -100.41 17.31
C LEU H 138 4.14 -100.50 15.79
N SER H 139 5.13 -99.99 15.07
CA SER H 139 5.14 -100.07 13.62
C SER H 139 5.79 -101.35 13.11
N SER H 140 6.23 -102.23 14.00
CA SER H 140 6.81 -103.51 13.62
C SER H 140 5.77 -104.61 13.69
N ARG H 141 5.77 -105.49 12.70
CA ARG H 141 4.80 -106.57 12.66
C ARG H 141 5.02 -107.53 13.82
N PHE H 142 3.93 -108.02 14.38
CA PHE H 142 3.97 -108.92 15.52
C PHE H 142 2.98 -110.05 15.33
N SER H 143 3.32 -111.21 15.89
CA SER H 143 2.48 -112.40 15.82
C SER H 143 1.75 -112.55 17.16
N LYS H 144 0.45 -112.29 17.15
CA LYS H 144 -0.38 -112.37 18.36
C LYS H 144 -0.72 -113.83 18.65
N SER H 145 0.30 -114.57 19.06
CA SER H 145 0.18 -116.00 19.34
C SER H 145 0.42 -116.36 20.79
N GLN H 146 1.44 -115.79 21.42
CA GLN H 146 1.78 -116.12 22.79
C GLN H 146 1.14 -115.18 23.80
N LEU H 147 0.13 -114.40 23.40
CA LEU H 147 -0.46 -113.41 24.31
C LEU H 147 -1.08 -114.09 25.53
N ASP H 148 -1.81 -115.20 25.32
CA ASP H 148 -2.41 -115.89 26.45
C ASP H 148 -1.34 -116.51 27.35
N ILE H 149 -0.33 -117.16 26.75
CA ILE H 149 0.74 -117.76 27.54
C ILE H 149 1.51 -116.69 28.30
N ILE H 150 1.80 -115.55 27.64
CA ILE H 150 2.54 -114.48 28.30
C ILE H 150 1.72 -113.90 29.45
N ILE H 151 0.42 -113.70 29.23
CA ILE H 151 -0.44 -113.15 30.29
C ILE H 151 -0.49 -114.10 31.48
N HIS H 152 -0.67 -115.40 31.21
CA HIS H 152 -0.71 -116.38 32.29
C HIS H 152 0.61 -116.43 33.05
N SER H 153 1.72 -116.38 32.33
CA SER H 153 3.03 -116.42 32.97
C SER H 153 3.25 -115.18 33.84
N LEU H 154 2.85 -114.01 33.34
CA LEU H 154 2.98 -112.79 34.13
C LEU H 154 2.12 -112.85 35.37
N LYS H 155 0.89 -113.37 35.25
CA LYS H 155 0.03 -113.50 36.43
C LYS H 155 0.59 -114.49 37.44
N LYS H 156 1.15 -115.60 36.96
CA LYS H 156 1.68 -116.61 37.86
C LYS H 156 3.03 -116.23 38.45
N CYS H 157 3.72 -115.25 37.87
CA CYS H 157 5.01 -114.80 38.40
C CYS H 157 5.00 -113.35 38.87
N ASP H 158 3.91 -112.60 38.62
CA ASP H 158 3.74 -111.26 39.18
C ASP H 158 4.87 -110.31 38.77
N ILE H 159 4.96 -110.07 37.47
CA ILE H 159 5.91 -109.12 36.91
C ILE H 159 5.12 -107.92 36.41
N SER H 160 5.48 -106.73 36.91
CA SER H 160 4.79 -105.50 36.52
C SER H 160 5.40 -104.93 35.24
N LEU H 161 4.56 -104.27 34.47
CA LEU H 161 4.95 -103.73 33.17
C LEU H 161 4.47 -102.29 33.03
N GLN H 162 5.23 -101.51 32.26
CA GLN H 162 4.81 -100.17 31.87
C GLN H 162 5.34 -99.89 30.47
N PHE H 163 4.49 -99.33 29.62
CA PHE H 163 4.82 -99.11 28.23
C PHE H 163 4.77 -97.63 27.90
N PHE H 164 5.60 -97.24 26.93
CA PHE H 164 5.71 -95.84 26.53
C PHE H 164 5.89 -95.76 25.03
N LEU H 165 5.35 -94.69 24.44
CA LEU H 165 5.23 -94.58 22.99
C LEU H 165 5.84 -93.27 22.51
N PRO H 166 6.30 -93.22 21.27
CA PRO H 166 6.73 -91.93 20.71
C PRO H 166 5.60 -90.92 20.61
N PHE H 167 4.38 -91.39 20.37
CA PHE H 167 3.22 -90.52 20.25
C PHE H 167 2.41 -90.53 21.54
N SER H 168 1.54 -89.54 21.68
CA SER H 168 0.72 -89.42 22.87
C SER H 168 -0.26 -90.59 22.96
N LEU H 169 -0.51 -91.04 24.18
CA LEU H 169 -1.45 -92.13 24.40
C LEU H 169 -2.86 -91.74 23.99
N GLY H 170 -3.39 -90.69 24.62
CA GLY H 170 -4.75 -90.24 24.33
C GLY H 170 -4.82 -89.29 23.16
N GLY H 181 0.16 -80.05 15.82
CA GLY H 181 0.69 -78.70 15.69
C GLY H 181 1.98 -78.49 16.44
N PRO H 182 1.91 -77.82 17.58
CA PRO H 182 3.12 -77.61 18.39
C PRO H 182 3.68 -78.93 18.91
N PHE H 183 5.00 -78.99 19.02
CA PHE H 183 5.68 -80.20 19.48
C PHE H 183 6.74 -79.79 20.49
N ARG H 184 6.66 -80.35 21.70
CA ARG H 184 7.60 -80.04 22.76
C ARG H 184 7.99 -81.35 23.45
N LEU H 185 9.23 -81.80 23.22
CA LEU H 185 9.71 -83.00 23.89
C LEU H 185 9.94 -82.71 25.36
N GLY H 186 9.38 -83.56 26.22
CA GLY H 186 9.48 -83.32 27.65
C GLY H 186 8.71 -82.12 28.15
N GLY H 187 7.70 -81.68 27.40
CA GLY H 187 6.92 -80.53 27.78
C GLY H 187 5.50 -80.65 27.28
N HIS H 188 4.68 -79.66 27.64
CA HIS H 188 3.28 -79.67 27.26
C HIS H 188 3.12 -79.37 25.77
N GLY H 189 1.96 -79.74 25.23
CA GLY H 189 1.71 -79.65 23.82
C GLY H 189 1.69 -81.03 23.19
N PRO H 190 1.09 -81.14 22.00
CA PRO H 190 1.02 -82.44 21.33
C PRO H 190 2.41 -82.98 21.04
N SER H 191 2.57 -84.29 21.20
CA SER H 191 3.83 -84.96 20.91
C SER H 191 3.86 -85.49 19.47
N PHE H 192 2.74 -86.01 18.98
CA PHE H 192 2.63 -86.49 17.61
C PHE H 192 1.15 -86.57 17.27
N PRO H 193 0.73 -86.14 16.08
CA PRO H 193 -0.67 -86.26 15.71
C PRO H 193 -1.11 -87.72 15.68
N LEU H 194 -2.35 -87.96 16.08
CA LEU H 194 -2.89 -89.31 16.17
C LEU H 194 -3.41 -89.84 14.84
N LYS H 195 -3.41 -89.03 13.79
CA LYS H 195 -3.88 -89.45 12.48
C LYS H 195 -2.79 -90.04 11.62
N GLY H 196 -1.54 -90.06 12.09
CA GLY H 196 -0.43 -90.60 11.35
C GLY H 196 0.02 -91.99 11.76
N ILE H 197 -0.68 -92.63 12.68
CA ILE H 197 -0.32 -93.98 13.12
C ILE H 197 -0.73 -94.98 12.05
N THR H 198 0.20 -95.87 11.70
CA THR H 198 -0.09 -96.89 10.70
C THR H 198 -1.05 -97.93 11.27
N GLU H 199 -1.69 -98.67 10.36
CA GLU H 199 -2.63 -99.71 10.79
C GLU H 199 -1.91 -100.80 11.59
N GLN H 200 -0.62 -101.03 11.32
CA GLN H 200 0.16 -101.89 12.19
C GLN H 200 0.23 -101.33 13.59
N GLN H 201 0.46 -100.02 13.71
CA GLN H 201 0.47 -99.38 15.03
C GLN H 201 -0.89 -99.47 15.69
N LYS H 202 -1.97 -99.29 14.92
CA LYS H 202 -3.31 -99.37 15.50
C LYS H 202 -3.61 -100.77 16.02
N GLU H 203 -3.28 -101.80 15.23
CA GLU H 203 -3.55 -103.17 15.68
C GLU H 203 -2.69 -103.53 16.88
N GLY H 204 -1.41 -103.11 16.90
CA GLY H 204 -0.60 -103.33 18.07
C GLY H 204 -1.13 -102.61 19.30
N LEU H 205 -1.65 -101.40 19.10
CA LEU H 205 -2.23 -100.65 20.20
C LEU H 205 -3.43 -101.38 20.79
N GLU H 206 -4.32 -101.86 19.92
CA GLU H 206 -5.47 -102.61 20.40
C GLU H 206 -5.04 -103.89 21.12
N ILE H 207 -4.06 -104.59 20.56
CA ILE H 207 -3.63 -105.86 21.14
C ILE H 207 -3.03 -105.63 22.53
N VAL H 208 -2.16 -104.64 22.66
CA VAL H 208 -1.56 -104.36 23.96
C VAL H 208 -2.60 -103.84 24.94
N LYS H 209 -3.56 -103.04 24.44
CA LYS H 209 -4.64 -102.57 25.29
C LYS H 209 -5.40 -103.73 25.91
N MET H 210 -5.83 -104.68 25.07
CA MET H 210 -6.58 -105.81 25.62
C MET H 210 -5.70 -106.70 26.49
N VAL H 211 -4.42 -106.87 26.12
CA VAL H 211 -3.52 -107.71 26.92
C VAL H 211 -3.39 -107.17 28.33
N MET H 212 -3.08 -105.88 28.49
CA MET H 212 -2.86 -105.39 29.84
C MET H 212 -4.17 -105.02 30.53
N ILE H 213 -5.26 -104.80 29.79
CA ILE H 213 -6.56 -104.72 30.44
C ILE H 213 -6.90 -106.04 31.11
N SER H 214 -6.67 -107.15 30.41
CA SER H 214 -6.87 -108.46 31.03
C SER H 214 -5.87 -108.70 32.16
N LEU H 215 -4.62 -108.29 31.97
CA LEU H 215 -3.58 -108.55 32.96
C LEU H 215 -3.85 -107.81 34.27
N GLU H 216 -4.24 -106.54 34.19
CA GLU H 216 -4.40 -105.71 35.37
C GLU H 216 -5.84 -105.43 35.73
N GLY H 217 -6.70 -105.13 34.74
CA GLY H 217 -8.07 -104.76 35.02
C GLY H 217 -8.50 -103.55 34.23
N GLU H 218 -8.90 -102.49 34.93
CA GLU H 218 -9.27 -101.24 34.28
C GLU H 218 -8.13 -100.22 34.25
N ASP H 219 -7.19 -100.31 35.17
CA ASP H 219 -6.06 -99.40 35.23
C ASP H 219 -4.96 -99.74 34.23
N GLY H 220 -5.25 -100.58 33.24
CA GLY H 220 -4.25 -100.93 32.25
C GLY H 220 -3.80 -99.75 31.41
N LEU H 221 -4.75 -98.89 31.02
CA LEU H 221 -4.42 -97.73 30.20
C LEU H 221 -3.56 -96.71 30.95
N ASP H 222 -3.44 -96.83 32.27
CA ASP H 222 -2.66 -95.89 33.06
C ASP H 222 -1.17 -96.18 33.03
N GLU H 223 -0.74 -97.33 32.52
CA GLU H 223 0.67 -97.68 32.45
C GLU H 223 1.26 -97.51 31.07
N ILE H 224 0.44 -97.38 30.04
CA ILE H 224 0.91 -97.02 28.70
C ILE H 224 0.91 -95.50 28.60
N TYR H 225 2.04 -94.93 28.21
CA TYR H 225 2.20 -93.49 28.17
C TYR H 225 3.04 -93.12 26.95
N SER H 226 3.53 -91.88 26.93
CA SER H 226 4.39 -91.39 25.88
C SER H 226 5.75 -91.00 26.48
N PHE H 227 6.76 -90.91 25.62
CA PHE H 227 8.09 -90.55 26.08
C PHE H 227 8.11 -89.13 26.65
N SER H 228 7.60 -88.17 25.88
CA SER H 228 7.71 -86.76 26.28
C SER H 228 7.01 -86.51 27.61
N GLU H 229 5.82 -87.09 27.80
CA GLU H 229 5.12 -86.90 29.07
C GLU H 229 5.82 -87.63 30.20
N SER H 230 6.52 -88.73 29.91
CA SER H 230 7.24 -89.45 30.96
C SER H 230 8.51 -88.72 31.39
N LEU H 231 9.01 -87.80 30.56
CA LEU H 231 10.20 -87.05 30.91
C LEU H 231 9.96 -86.08 32.06
N ARG H 232 8.69 -85.70 32.30
CA ARG H 232 8.35 -84.81 33.39
C ARG H 232 7.54 -85.51 34.48
N LYS H 233 7.56 -86.84 34.51
CA LYS H 233 6.74 -87.59 35.45
C LYS H 233 7.54 -88.77 35.99
N LEU H 234 7.14 -89.22 37.18
CA LEU H 234 7.76 -90.36 37.85
C LEU H 234 7.10 -91.69 37.48
N CYS H 235 6.30 -91.70 36.41
CA CYS H 235 5.65 -92.93 35.99
C CYS H 235 6.65 -94.02 35.64
N VAL H 236 7.82 -93.64 35.13
CA VAL H 236 8.86 -94.62 34.82
C VAL H 236 9.40 -95.25 36.10
N PHE H 237 9.53 -94.47 37.17
CA PHE H 237 9.97 -94.98 38.46
C PHE H 237 8.81 -95.34 39.37
N LYS H 238 7.57 -95.27 38.87
CA LYS H 238 6.39 -95.41 39.72
C LYS H 238 6.23 -96.83 40.27
N LYS H 239 6.89 -97.81 39.67
CA LYS H 239 6.75 -99.21 40.09
C LYS H 239 8.03 -99.78 40.69
N ILE H 240 9.05 -98.95 40.91
CA ILE H 240 10.33 -99.44 41.42
C ILE H 240 10.76 -98.62 42.63
N GLU H 241 9.80 -97.99 43.31
CA GLU H 241 10.08 -97.11 44.43
C GLU H 241 10.09 -97.89 45.74
N ARG H 242 10.30 -97.17 46.84
CA ARG H 242 10.34 -97.75 48.18
C ARG H 242 9.32 -97.04 49.07
N HIS H 243 8.63 -97.83 49.88
CA HIS H 243 7.62 -97.29 50.79
C HIS H 243 8.29 -96.47 51.90
N SER H 244 7.52 -95.53 52.45
CA SER H 244 7.98 -94.74 53.58
C SER H 244 7.79 -95.51 54.88
N ILE H 245 8.81 -95.46 55.75
CA ILE H 245 8.74 -96.17 57.01
C ILE H 245 7.72 -95.51 57.92
N HIS H 246 7.07 -96.32 58.75
CA HIS H 246 6.03 -95.84 59.64
C HIS H 246 6.64 -95.30 60.94
N TRP H 247 5.82 -94.59 61.70
CA TRP H 247 6.19 -94.15 63.05
C TRP H 247 5.36 -94.91 64.06
N PRO H 248 5.89 -95.97 64.67
CA PRO H 248 5.11 -96.78 65.62
C PRO H 248 4.98 -96.06 66.96
N CYS H 249 3.80 -95.53 67.24
CA CYS H 249 3.54 -94.79 68.47
C CYS H 249 2.08 -95.01 68.84
N ARG H 250 1.59 -94.18 69.77
CA ARG H 250 0.23 -94.31 70.28
C ARG H 250 -0.36 -92.93 70.50
N LEU H 251 -1.45 -92.61 69.80
CA LEU H 251 -2.22 -91.43 70.14
C LEU H 251 -2.91 -91.63 71.48
N THR H 252 -3.13 -90.54 72.20
CA THR H 252 -3.72 -90.61 73.52
C THR H 252 -4.78 -89.53 73.70
N ILE H 253 -5.88 -89.89 74.33
CA ILE H 253 -6.93 -88.96 74.71
C ILE H 253 -7.15 -89.11 76.21
N GLY H 254 -6.85 -88.05 76.96
CA GLY H 254 -6.96 -88.10 78.41
C GLY H 254 -6.04 -89.16 78.99
N SER H 255 -6.50 -89.77 80.08
CA SER H 255 -5.77 -90.86 80.73
C SER H 255 -6.52 -92.19 80.63
N ASN H 256 -7.48 -92.29 79.71
CA ASN H 256 -8.30 -93.49 79.60
C ASN H 256 -8.55 -93.92 78.18
N LEU H 257 -7.82 -93.38 77.20
CA LEU H 257 -8.00 -93.77 75.81
C LEU H 257 -6.69 -93.61 75.07
N SER H 258 -6.30 -94.64 74.32
CA SER H 258 -5.07 -94.59 73.54
C SER H 258 -5.19 -95.57 72.38
N ILE H 259 -4.66 -95.18 71.22
CA ILE H 259 -4.71 -96.00 70.02
C ILE H 259 -3.32 -96.00 69.38
N ARG H 260 -2.81 -97.19 69.06
CA ARG H 260 -1.52 -97.29 68.38
C ARG H 260 -1.60 -96.67 67.00
N ILE H 261 -0.52 -96.00 66.59
CA ILE H 261 -0.49 -95.26 65.34
C ILE H 261 0.73 -95.65 64.53
N ALA H 262 0.67 -95.36 63.23
CA ALA H 262 1.78 -95.56 62.30
C ALA H 262 1.78 -94.36 61.35
N ALA H 263 2.55 -93.34 61.71
CA ALA H 263 2.59 -92.10 60.94
C ALA H 263 3.55 -92.22 59.76
N TYR H 264 3.28 -91.44 58.73
CA TYR H 264 4.10 -91.43 57.53
C TYR H 264 4.30 -89.99 57.05
N LYS H 265 5.52 -89.68 56.62
CA LYS H 265 5.82 -88.37 56.03
C LYS H 265 5.41 -88.42 54.57
N SER H 266 4.14 -88.08 54.31
CA SER H 266 3.65 -88.11 52.93
C SER H 266 4.40 -87.11 52.06
N ILE H 267 4.52 -85.88 52.52
CA ILE H 267 5.27 -84.83 51.83
C ILE H 267 6.55 -84.60 52.60
N LEU H 268 7.69 -84.70 51.92
CA LEU H 268 8.98 -84.54 52.56
C LEU H 268 9.95 -83.91 51.58
N GLN H 269 10.62 -82.85 52.03
CA GLN H 269 11.61 -82.20 51.18
C GLN H 269 12.78 -83.15 50.92
N GLU H 270 13.28 -83.12 49.69
CA GLU H 270 14.34 -84.01 49.26
C GLU H 270 15.69 -83.31 49.31
N ARG H 271 16.73 -84.09 49.62
CA ARG H 271 18.09 -83.59 49.67
C ARG H 271 19.03 -84.59 49.00
N VAL H 272 20.15 -84.08 48.51
CA VAL H 272 21.16 -84.95 47.91
C VAL H 272 21.78 -85.80 48.99
N LYS H 273 21.86 -87.11 48.75
CA LYS H 273 22.39 -88.05 49.72
C LYS H 273 23.88 -88.27 49.58
N LYS H 274 24.53 -87.57 48.65
CA LYS H 274 25.97 -87.70 48.42
C LYS H 274 26.61 -86.34 48.60
N THR H 275 27.39 -86.18 49.67
CA THR H 275 28.08 -84.93 49.94
C THR H 275 29.30 -84.80 49.04
N TRP H 276 29.80 -83.56 48.95
CA TRP H 276 30.96 -83.26 48.10
C TRP H 276 32.23 -83.45 48.92
N THR H 277 32.86 -84.61 48.76
CA THR H 277 34.11 -84.89 49.45
C THR H 277 35.23 -84.06 48.86
N VAL H 278 36.15 -83.61 49.72
CA VAL H 278 37.28 -82.80 49.31
C VAL H 278 38.52 -83.68 49.23
N VAL H 279 39.28 -83.54 48.14
CA VAL H 279 40.50 -84.31 47.95
C VAL H 279 41.61 -83.34 47.54
N ASP H 280 42.80 -83.89 47.34
CA ASP H 280 43.95 -83.09 46.96
C ASP H 280 43.80 -82.58 45.53
N ALA H 281 44.52 -81.50 45.23
CA ALA H 281 44.58 -80.99 43.88
C ALA H 281 45.58 -81.74 43.01
N LYS H 282 46.48 -82.51 43.62
CA LYS H 282 47.49 -83.26 42.88
C LYS H 282 47.28 -84.76 42.99
N THR H 283 47.22 -85.29 44.21
CA THR H 283 46.98 -86.71 44.41
C THR H 283 45.50 -87.06 44.37
N LEU H 284 44.61 -86.08 44.43
CA LEU H 284 43.16 -86.31 44.45
C LEU H 284 42.78 -87.28 45.56
N LYS H 285 43.35 -87.06 46.75
CA LYS H 285 43.09 -87.91 47.90
C LYS H 285 42.59 -87.07 49.07
N LYS H 286 41.53 -87.54 49.72
CA LYS H 286 41.11 -86.94 50.98
C LYS H 286 42.07 -87.28 52.09
N GLU H 287 42.72 -88.45 52.01
CA GLU H 287 43.64 -88.87 53.06
C GLU H 287 44.79 -87.90 53.21
N ASP H 288 45.36 -87.43 52.10
CA ASP H 288 46.46 -86.48 52.15
C ASP H 288 46.01 -85.09 52.59
N ILE H 289 44.71 -84.81 52.61
CA ILE H 289 44.19 -83.49 52.94
C ILE H 289 43.20 -83.68 54.08
N GLN H 290 43.67 -83.57 55.32
CA GLN H 290 42.80 -83.68 56.48
C GLN H 290 42.70 -82.33 57.18
N LYS H 291 41.92 -82.30 58.26
CA LYS H 291 41.34 -81.08 58.78
C LYS H 291 41.64 -80.92 60.27
N GLU H 292 41.72 -79.68 60.71
CA GLU H 292 41.77 -79.37 62.14
C GLU H 292 41.27 -77.95 62.35
N THR H 293 40.95 -77.65 63.61
CA THR H 293 40.57 -76.30 64.02
C THR H 293 41.39 -75.91 65.24
N VAL H 294 41.57 -74.60 65.42
CA VAL H 294 42.47 -74.07 66.43
C VAL H 294 41.74 -73.03 67.25
N TYR H 295 41.78 -73.18 68.57
CA TYR H 295 41.18 -72.23 69.52
C TYR H 295 42.33 -71.50 70.21
N CYS H 296 42.77 -70.40 69.62
CA CYS H 296 43.84 -69.58 70.19
C CYS H 296 43.26 -68.30 70.77
N LEU H 297 43.94 -67.78 71.80
CA LEU H 297 43.48 -66.56 72.45
C LEU H 297 43.42 -65.41 71.46
N ASN H 298 42.38 -64.58 71.59
CA ASN H 298 42.27 -63.39 70.77
C ASN H 298 43.38 -62.39 71.04
N ASP H 299 44.05 -62.51 72.18
CA ASP H 299 45.17 -61.63 72.53
C ASP H 299 46.40 -62.46 72.89
N ASP H 300 47.41 -61.80 73.45
CA ASP H 300 48.60 -62.47 73.97
C ASP H 300 49.30 -63.29 72.88
N ASP H 301 49.46 -62.68 71.71
CA ASP H 301 50.16 -63.29 70.58
C ASP H 301 49.50 -64.60 70.16
N GLU H 302 48.17 -64.64 70.23
CA GLU H 302 47.38 -65.80 69.81
C GLU H 302 47.82 -67.07 70.55
N THR H 303 47.95 -66.95 71.87
CA THR H 303 48.26 -68.11 72.69
C THR H 303 47.14 -69.14 72.58
N GLU H 304 47.52 -70.41 72.46
CA GLU H 304 46.56 -71.45 72.14
C GLU H 304 45.80 -71.88 73.40
N VAL H 305 44.49 -71.70 73.37
CA VAL H 305 43.62 -72.26 74.39
C VAL H 305 43.43 -73.75 74.10
N LEU H 306 43.60 -74.59 75.11
CA LEU H 306 43.49 -76.02 74.91
C LEU H 306 42.08 -76.38 74.46
N LYS H 307 41.98 -77.46 73.69
CA LYS H 307 40.75 -77.76 72.95
C LYS H 307 39.55 -77.90 73.88
N GLU H 308 39.71 -78.62 74.98
CA GLU H 308 38.61 -78.74 75.92
C GLU H 308 38.52 -77.56 76.89
N ASP H 309 39.56 -76.73 77.00
CA ASP H 309 39.50 -75.59 77.89
C ASP H 309 38.44 -74.59 77.48
N ILE H 310 38.02 -74.60 76.21
CA ILE H 310 36.93 -73.74 75.79
C ILE H 310 35.62 -74.23 76.39
N ILE H 311 34.80 -73.29 76.85
CA ILE H 311 33.47 -73.60 77.36
C ILE H 311 32.50 -72.60 76.76
N GLN H 312 31.33 -73.09 76.35
CA GLN H 312 30.36 -72.21 75.72
C GLN H 312 29.75 -71.26 76.74
N GLY H 313 29.38 -70.08 76.26
CA GLY H 313 28.64 -69.11 77.06
C GLY H 313 27.41 -68.68 76.31
N PHE H 314 26.72 -67.63 76.78
CA PHE H 314 25.52 -67.19 76.10
C PHE H 314 25.35 -65.69 76.29
N ARG H 315 24.85 -65.03 75.24
CA ARG H 315 24.55 -63.61 75.32
C ARG H 315 23.32 -63.39 76.20
N TYR H 316 23.43 -62.48 77.15
CA TYR H 316 22.35 -62.15 78.09
C TYR H 316 22.24 -60.62 78.12
N GLY H 317 21.40 -60.08 77.24
CA GLY H 317 21.24 -58.64 77.17
C GLY H 317 22.56 -57.98 76.82
N SER H 318 23.05 -57.13 77.71
CA SER H 318 24.34 -56.48 77.54
C SER H 318 25.49 -57.29 78.15
N ASP H 319 25.21 -58.48 78.66
CA ASP H 319 26.22 -59.29 79.32
C ASP H 319 26.29 -60.67 78.68
N ILE H 320 27.41 -61.34 78.91
CA ILE H 320 27.62 -62.71 78.48
C ILE H 320 28.01 -63.53 79.70
N VAL H 321 27.30 -64.62 79.93
CA VAL H 321 27.52 -65.48 81.09
C VAL H 321 28.13 -66.80 80.62
N PRO H 322 29.19 -67.29 81.25
CA PRO H 322 29.65 -68.65 80.96
C PRO H 322 28.59 -69.67 81.36
N PHE H 323 28.35 -70.64 80.49
CA PHE H 323 27.27 -71.58 80.73
C PHE H 323 27.54 -72.86 79.94
N SER H 324 27.93 -73.91 80.64
CA SER H 324 28.28 -75.17 80.00
C SER H 324 27.03 -75.91 79.52
N LYS H 325 27.25 -76.89 78.63
CA LYS H 325 26.15 -77.70 78.12
C LYS H 325 25.61 -78.66 79.17
N VAL H 326 26.48 -79.11 80.08
CA VAL H 326 26.04 -80.02 81.13
C VAL H 326 24.97 -79.35 82.00
N ASP H 327 25.17 -78.08 82.31
CA ASP H 327 24.18 -77.35 83.09
C ASP H 327 22.82 -77.37 82.43
N GLU H 328 22.76 -77.01 81.14
CA GLU H 328 21.47 -76.99 80.46
C GLU H 328 20.86 -78.37 80.36
N GLU H 329 21.68 -79.39 80.06
CA GLU H 329 21.12 -80.73 79.93
C GLU H 329 20.59 -81.25 81.26
N GLN H 330 21.13 -80.78 82.38
CA GLN H 330 20.54 -81.13 83.66
C GLN H 330 19.43 -80.18 84.09
N MET H 331 19.24 -79.06 83.38
CA MET H 331 18.10 -78.19 83.64
C MET H 331 17.17 -78.08 82.43
N LYS H 332 17.35 -78.93 81.42
CA LYS H 332 16.52 -78.89 80.22
C LYS H 332 15.09 -79.32 80.54
N TYR H 333 14.14 -78.76 79.80
CA TYR H 333 12.74 -79.16 79.91
C TYR H 333 12.57 -80.44 79.10
N LYS H 334 12.67 -81.58 79.78
CA LYS H 334 12.71 -82.86 79.11
C LYS H 334 11.36 -83.20 78.48
N SER H 335 11.41 -83.85 77.32
CA SER H 335 10.23 -84.41 76.68
C SER H 335 10.16 -85.89 77.02
N GLU H 336 9.00 -86.34 77.50
CA GLU H 336 8.84 -87.69 78.04
C GLU H 336 8.54 -88.66 76.91
N GLY H 337 9.59 -89.15 76.26
CA GLY H 337 9.44 -90.18 75.25
C GLY H 337 8.73 -89.71 74.00
N LYS H 338 8.35 -90.69 73.19
CA LYS H 338 7.57 -90.43 71.99
C LYS H 338 6.09 -90.51 72.34
N CYS H 339 5.37 -89.42 72.10
CA CYS H 339 3.96 -89.35 72.45
C CYS H 339 3.24 -88.47 71.45
N PHE H 340 1.95 -88.75 71.27
CA PHE H 340 1.07 -87.96 70.40
C PHE H 340 -0.22 -87.72 71.18
N SER H 341 -0.24 -86.64 71.97
CA SER H 341 -1.35 -86.33 72.85
C SER H 341 -2.21 -85.25 72.21
N VAL H 342 -3.50 -85.53 72.05
CA VAL H 342 -4.42 -84.51 71.56
C VAL H 342 -4.62 -83.46 72.64
N LEU H 343 -4.58 -82.19 72.25
CA LEU H 343 -4.73 -81.10 73.19
C LEU H 343 -6.11 -80.45 73.14
N GLY H 344 -6.85 -80.63 72.06
CA GLY H 344 -8.18 -80.08 71.99
C GLY H 344 -8.70 -80.10 70.56
N PHE H 345 -9.85 -79.45 70.40
CA PHE H 345 -10.54 -79.38 69.12
C PHE H 345 -10.98 -77.95 68.85
N CYS H 346 -10.86 -77.53 67.60
CA CYS H 346 -11.30 -76.20 67.17
C CYS H 346 -11.94 -76.32 65.80
N LYS H 347 -12.59 -75.23 65.38
CA LYS H 347 -13.20 -75.21 64.06
C LYS H 347 -12.14 -75.11 62.98
N SER H 348 -12.41 -75.75 61.85
CA SER H 348 -11.46 -75.70 60.73
C SER H 348 -11.33 -74.30 60.16
N SER H 349 -12.38 -73.48 60.29
CA SER H 349 -12.32 -72.11 59.80
C SER H 349 -11.38 -71.25 60.63
N GLN H 350 -11.05 -71.67 61.85
CA GLN H 350 -10.15 -70.91 62.72
C GLN H 350 -8.70 -70.97 62.25
N VAL H 351 -8.38 -71.82 61.28
CA VAL H 351 -7.01 -72.04 60.82
C VAL H 351 -6.90 -71.63 59.37
N GLN H 352 -5.82 -70.93 59.03
CA GLN H 352 -5.52 -70.55 57.67
C GLN H 352 -4.24 -71.24 57.21
N ARG H 353 -4.07 -71.29 55.88
CA ARG H 353 -2.93 -72.01 55.30
C ARG H 353 -1.60 -71.38 55.67
N ARG H 354 -1.59 -70.13 56.11
CA ARG H 354 -0.35 -69.45 56.48
C ARG H 354 0.20 -69.94 57.81
N PHE H 355 -0.54 -70.76 58.56
CA PHE H 355 -0.10 -71.24 59.85
C PHE H 355 0.37 -72.69 59.81
N PHE H 356 0.42 -73.30 58.63
CA PHE H 356 0.88 -74.67 58.49
C PHE H 356 2.41 -74.66 58.48
N MET H 357 3.00 -75.06 59.60
CA MET H 357 4.43 -74.98 59.77
C MET H 357 5.08 -76.32 59.47
N GLY H 358 6.36 -76.45 59.75
CA GLY H 358 7.09 -77.66 59.49
C GLY H 358 7.49 -77.81 58.03
N ASN H 359 8.48 -78.67 57.81
CA ASN H 359 9.01 -78.90 56.47
C ASN H 359 8.51 -80.21 55.88
N GLN H 360 7.59 -80.89 56.55
CA GLN H 360 7.05 -82.14 56.05
C GLN H 360 5.61 -82.30 56.54
N VAL H 361 4.88 -83.17 55.86
CA VAL H 361 3.48 -83.44 56.17
C VAL H 361 3.35 -84.88 56.62
N LEU H 362 2.78 -85.09 57.80
CA LEU H 362 2.59 -86.42 58.36
C LEU H 362 1.17 -86.89 58.03
N LYS H 363 1.06 -87.78 57.07
CA LYS H 363 -0.21 -88.42 56.72
C LYS H 363 -0.38 -89.64 57.63
N VAL H 364 -0.87 -89.37 58.85
CA VAL H 364 -0.78 -90.37 59.90
C VAL H 364 -1.79 -91.50 59.67
N PHE H 365 -1.50 -92.64 60.29
CA PHE H 365 -2.37 -93.80 60.26
C PHE H 365 -2.26 -94.51 61.60
N ALA H 366 -3.28 -95.30 61.91
CA ALA H 366 -3.23 -96.13 63.11
C ALA H 366 -2.40 -97.38 62.86
N ALA H 367 -2.35 -98.26 63.85
CA ALA H 367 -1.62 -99.51 63.71
C ALA H 367 -2.28 -100.39 62.66
N ARG H 368 -1.45 -101.01 61.82
CA ARG H 368 -1.96 -101.90 60.78
C ARG H 368 -2.59 -103.14 61.41
N ASP H 369 -3.60 -103.67 60.71
CA ASP H 369 -4.34 -104.86 61.12
C ASP H 369 -5.03 -104.70 62.47
N ASP H 370 -5.27 -103.46 62.88
CA ASP H 370 -6.04 -103.14 64.08
C ASP H 370 -7.39 -102.61 63.61
N GLU H 371 -8.33 -103.54 63.38
CA GLU H 371 -9.63 -103.16 62.83
C GLU H 371 -10.41 -102.27 63.81
N ALA H 372 -10.24 -102.48 65.11
CA ALA H 372 -10.86 -101.59 66.08
C ALA H 372 -10.31 -100.17 65.94
N ALA H 373 -8.99 -100.04 65.77
CA ALA H 373 -8.40 -98.72 65.54
C ALA H 373 -8.91 -98.11 64.24
N ALA H 374 -9.07 -98.94 63.20
CA ALA H 374 -9.61 -98.44 61.94
C ALA H 374 -11.03 -97.93 62.11
N VAL H 375 -11.87 -98.66 62.84
CA VAL H 375 -13.24 -98.23 63.09
C VAL H 375 -13.24 -96.93 63.88
N ALA H 376 -12.40 -96.84 64.91
CA ALA H 376 -12.35 -95.62 65.72
C ALA H 376 -11.90 -94.42 64.90
N LEU H 377 -10.87 -94.60 64.05
CA LEU H 377 -10.39 -93.49 63.26
C LEU H 377 -11.40 -93.08 62.20
N SER H 378 -12.11 -94.05 61.62
CA SER H 378 -13.15 -93.71 60.66
C SER H 378 -14.28 -92.94 61.32
N SER H 379 -14.68 -93.35 62.52
CA SER H 379 -15.69 -92.62 63.27
C SER H 379 -15.23 -91.20 63.56
N LEU H 380 -13.96 -91.05 63.96
CA LEU H 380 -13.41 -89.72 64.20
C LEU H 380 -13.41 -88.89 62.94
N ILE H 381 -13.04 -89.49 61.80
CA ILE H 381 -13.02 -88.75 60.54
C ILE H 381 -14.42 -88.28 60.18
N HIS H 382 -15.41 -89.16 60.33
CA HIS H 382 -16.79 -88.76 60.02
C HIS H 382 -17.25 -87.65 60.93
N ALA H 383 -16.99 -87.77 62.23
CA ALA H 383 -17.44 -86.76 63.18
C ALA H 383 -16.77 -85.41 62.91
N LEU H 384 -15.48 -85.42 62.60
CA LEU H 384 -14.76 -84.18 62.35
C LEU H 384 -15.16 -83.57 61.01
N ASP H 385 -15.45 -84.41 60.01
CA ASP H 385 -15.82 -83.89 58.69
C ASP H 385 -17.22 -83.30 58.70
N ASP H 386 -18.18 -84.00 59.32
CA ASP H 386 -19.55 -83.51 59.33
C ASP H 386 -19.67 -82.20 60.09
N LEU H 387 -18.83 -81.98 61.09
CA LEU H 387 -18.88 -80.78 61.90
C LEU H 387 -17.97 -79.67 61.40
N ASP H 388 -17.29 -79.87 60.27
CA ASP H 388 -16.32 -78.91 59.76
C ASP H 388 -15.31 -78.53 60.85
N MET H 389 -14.70 -79.57 61.42
CA MET H 389 -14.11 -79.50 62.74
C MET H 389 -12.69 -80.06 62.64
N VAL H 390 -11.78 -79.52 63.45
CA VAL H 390 -10.40 -80.00 63.46
C VAL H 390 -9.92 -80.17 64.90
N ALA H 391 -8.80 -80.88 65.03
CA ALA H 391 -8.25 -81.25 66.33
C ALA H 391 -6.88 -80.59 66.53
N ILE H 392 -6.53 -80.40 67.80
CA ILE H 392 -5.23 -79.87 68.20
C ILE H 392 -4.50 -80.98 68.94
N VAL H 393 -3.31 -81.34 68.45
CA VAL H 393 -2.55 -82.47 68.98
C VAL H 393 -1.13 -82.03 69.25
N ARG H 394 -0.49 -82.70 70.22
CA ARG H 394 0.90 -82.47 70.57
C ARG H 394 1.74 -83.63 70.11
N TYR H 395 2.91 -83.34 69.53
CA TYR H 395 3.79 -84.34 68.98
C TYR H 395 5.10 -84.39 69.74
N ALA H 396 5.66 -85.59 69.84
CA ALA H 396 6.98 -85.79 70.43
C ALA H 396 7.62 -86.99 69.75
N TYR H 397 8.73 -86.76 69.02
CA TYR H 397 9.35 -87.85 68.28
C TYR H 397 9.98 -88.88 69.21
N ASP H 398 10.64 -88.43 70.27
CA ASP H 398 11.25 -89.31 71.26
C ASP H 398 11.64 -88.46 72.47
N LYS H 399 12.43 -89.04 73.38
CA LYS H 399 12.83 -88.33 74.59
C LYS H 399 13.64 -87.08 74.25
N ARG H 400 14.60 -87.21 73.34
CA ARG H 400 15.47 -86.08 72.99
C ARG H 400 14.82 -85.13 72.00
N ALA H 401 13.63 -85.45 71.49
CA ALA H 401 12.98 -84.58 70.53
C ALA H 401 12.46 -83.32 71.20
N ASN H 402 12.05 -82.36 70.37
CA ASN H 402 11.46 -81.12 70.85
C ASN H 402 9.95 -81.21 70.69
N PRO H 403 9.18 -81.16 71.78
CA PRO H 403 7.72 -81.24 71.65
C PRO H 403 7.19 -80.08 70.82
N GLN H 404 6.17 -80.38 70.03
CA GLN H 404 5.62 -79.42 69.08
C GLN H 404 4.11 -79.57 69.03
N VAL H 405 3.44 -78.50 68.60
CA VAL H 405 2.00 -78.51 68.42
C VAL H 405 1.70 -78.54 66.93
N GLY H 406 0.58 -79.20 66.59
CA GLY H 406 0.21 -79.34 65.20
C GLY H 406 -1.29 -79.50 65.05
N VAL H 407 -1.71 -79.52 63.78
CA VAL H 407 -3.13 -79.60 63.43
C VAL H 407 -3.37 -80.93 62.74
N ALA H 408 -4.48 -81.58 63.12
CA ALA H 408 -4.91 -82.83 62.50
C ALA H 408 -6.26 -82.60 61.83
N PHE H 409 -6.29 -82.75 60.51
CA PHE H 409 -7.51 -82.55 59.75
C PHE H 409 -7.77 -83.74 58.84
N PRO H 410 -9.03 -84.09 58.61
CA PRO H 410 -9.35 -85.30 57.85
C PRO H 410 -8.97 -85.17 56.39
N HIS H 411 -8.72 -86.31 55.76
CA HIS H 411 -8.49 -86.38 54.32
C HIS H 411 -8.98 -87.75 53.86
N ILE H 412 -10.02 -87.76 53.03
CA ILE H 412 -10.68 -88.99 52.61
C ILE H 412 -10.41 -89.21 51.13
N LYS H 413 -9.88 -90.38 50.80
CA LYS H 413 -9.71 -90.81 49.41
C LYS H 413 -10.87 -91.71 49.01
N HIS H 414 -10.93 -92.01 47.72
CA HIS H 414 -11.97 -92.89 47.20
C HIS H 414 -11.87 -94.31 47.76
N ASN H 415 -10.69 -94.69 48.24
CA ASN H 415 -10.46 -96.03 48.76
C ASN H 415 -10.14 -96.09 50.24
N TYR H 416 -9.88 -94.95 50.89
CA TYR H 416 -9.61 -94.94 52.32
C TYR H 416 -9.73 -93.53 52.84
N GLU H 417 -10.07 -93.42 54.12
CA GLU H 417 -10.04 -92.16 54.86
C GLU H 417 -8.71 -92.05 55.60
N CYS H 418 -8.35 -90.81 55.94
CA CYS H 418 -7.07 -90.59 56.59
C CYS H 418 -7.09 -89.27 57.35
N LEU H 419 -6.08 -89.11 58.21
CA LEU H 419 -5.86 -87.90 58.99
C LEU H 419 -4.47 -87.35 58.64
N VAL H 420 -4.39 -86.03 58.52
CA VAL H 420 -3.16 -85.35 58.10
C VAL H 420 -2.70 -84.45 59.23
N TYR H 421 -1.42 -84.57 59.59
CA TYR H 421 -0.82 -83.79 60.66
C TYR H 421 0.20 -82.82 60.08
N VAL H 422 0.06 -81.54 60.45
CA VAL H 422 1.03 -80.51 60.09
C VAL H 422 1.30 -79.68 61.34
N GLN H 423 2.59 -79.44 61.62
CA GLN H 423 2.99 -78.77 62.84
C GLN H 423 2.54 -77.31 62.84
N LEU H 424 2.23 -76.79 64.02
CA LEU H 424 1.70 -75.44 64.17
C LEU H 424 2.64 -74.56 64.97
N PRO H 425 2.60 -73.25 64.76
CA PRO H 425 3.57 -72.36 65.41
C PRO H 425 3.11 -71.91 66.80
N PHE H 426 4.07 -71.35 67.52
CA PHE H 426 3.83 -70.74 68.83
C PHE H 426 3.78 -69.23 68.67
N MET H 427 3.68 -68.51 69.80
CA MET H 427 3.75 -67.05 69.73
C MET H 427 5.14 -66.58 69.36
N GLU H 428 6.17 -67.33 69.77
CA GLU H 428 7.54 -66.94 69.44
C GLU H 428 7.76 -66.92 67.93
N ASP H 429 7.17 -67.88 67.22
CA ASP H 429 7.30 -67.91 65.77
C ASP H 429 6.56 -66.79 65.08
N LEU H 430 5.64 -66.12 65.78
CA LEU H 430 4.82 -65.09 65.16
C LEU H 430 5.58 -63.78 65.06
N ARG H 431 5.34 -63.06 63.96
CA ARG H 431 5.87 -61.72 63.77
C ARG H 431 4.74 -60.84 63.25
N GLN H 432 4.87 -59.54 63.48
CA GLN H 432 3.87 -58.57 63.03
C GLN H 432 4.54 -57.47 62.25
N TYR H 433 4.09 -57.26 61.02
CA TYR H 433 4.54 -56.16 60.18
C TYR H 433 3.32 -55.40 59.69
N MET H 434 3.19 -54.14 60.11
CA MET H 434 2.06 -53.34 59.69
C MET H 434 2.19 -52.95 58.22
N PHE H 435 1.03 -52.69 57.60
CA PHE H 435 0.99 -52.35 56.18
C PHE H 435 0.01 -51.20 55.99
N SER H 436 -0.22 -50.86 54.72
CA SER H 436 -1.16 -49.82 54.34
C SER H 436 -2.31 -50.43 53.55
N SER H 437 -3.50 -49.87 53.73
CA SER H 437 -4.69 -50.37 53.05
C SER H 437 -4.60 -49.96 51.58
N LEU H 438 -4.14 -50.89 50.74
CA LEU H 438 -4.08 -50.61 49.31
C LEU H 438 -5.46 -50.40 48.72
N LYS H 439 -6.45 -51.15 49.20
CA LYS H 439 -7.82 -50.94 48.76
C LYS H 439 -8.32 -49.53 49.08
N ASN H 440 -7.76 -48.89 50.10
CA ASN H 440 -8.08 -47.51 50.43
C ASN H 440 -7.09 -46.51 49.86
N SER H 441 -6.12 -46.97 49.07
CA SER H 441 -5.12 -46.07 48.50
C SER H 441 -5.73 -45.27 47.37
N LYS H 442 -5.99 -43.98 47.63
CA LYS H 442 -6.57 -43.13 46.60
C LYS H 442 -5.60 -42.89 45.45
N LYS H 443 -4.30 -42.93 45.72
CA LYS H 443 -3.28 -42.67 44.72
C LYS H 443 -2.95 -43.89 43.87
N TYR H 444 -3.56 -45.04 44.15
CA TYR H 444 -3.30 -46.26 43.40
C TYR H 444 -4.61 -46.96 43.05
N ALA H 445 -5.62 -46.20 42.69
CA ALA H 445 -6.89 -46.78 42.25
C ALA H 445 -6.77 -47.22 40.79
N PRO H 446 -7.00 -48.49 40.47
CA PRO H 446 -6.88 -48.93 39.08
C PRO H 446 -7.97 -48.35 38.20
N THR H 447 -7.59 -47.98 36.98
CA THR H 447 -8.56 -47.50 36.02
C THR H 447 -9.37 -48.67 35.46
N GLU H 448 -10.57 -48.35 34.95
CA GLU H 448 -11.47 -49.39 34.46
C GLU H 448 -10.88 -50.10 33.25
N ALA H 449 -10.25 -49.36 32.33
CA ALA H 449 -9.61 -50.00 31.19
C ALA H 449 -8.49 -50.93 31.61
N GLN H 450 -7.69 -50.49 32.59
CA GLN H 450 -6.64 -51.35 33.12
C GLN H 450 -7.22 -52.60 33.77
N LEU H 451 -8.32 -52.44 34.51
CA LEU H 451 -8.96 -53.60 35.13
C LEU H 451 -9.47 -54.58 34.09
N ASN H 452 -10.09 -54.08 33.02
CA ASN H 452 -10.57 -54.96 31.96
C ASN H 452 -9.42 -55.66 31.26
N ALA H 453 -8.32 -54.95 31.01
CA ALA H 453 -7.16 -55.58 30.40
C ALA H 453 -6.57 -56.65 31.31
N VAL H 454 -6.54 -56.39 32.62
CA VAL H 454 -6.08 -57.39 33.58
C VAL H 454 -6.97 -58.62 33.55
N ASP H 455 -8.28 -58.40 33.51
CA ASP H 455 -9.23 -59.51 33.44
C ASP H 455 -9.01 -60.33 32.17
N ALA H 456 -8.82 -59.65 31.03
CA ALA H 456 -8.58 -60.36 29.78
C ALA H 456 -7.30 -61.16 29.84
N LEU H 457 -6.25 -60.59 30.43
CA LEU H 457 -5.00 -61.30 30.58
C LEU H 457 -5.16 -62.53 31.47
N ILE H 458 -5.93 -62.39 32.55
CA ILE H 458 -6.17 -63.52 33.44
C ILE H 458 -6.91 -64.63 32.70
N ASP H 459 -7.91 -64.27 31.91
CA ASP H 459 -8.61 -65.27 31.10
C ASP H 459 -7.66 -65.93 30.12
N SER H 460 -6.77 -65.15 29.50
CA SER H 460 -5.81 -65.69 28.55
C SER H 460 -4.65 -66.41 29.21
N MET H 461 -4.55 -66.35 30.55
CA MET H 461 -3.41 -66.93 31.25
C MET H 461 -3.79 -68.13 32.11
N SER H 462 -5.06 -68.30 32.46
CA SER H 462 -5.46 -69.34 33.39
C SER H 462 -5.16 -70.73 32.83
N LEU H 463 -4.69 -71.61 33.71
CA LEU H 463 -4.36 -72.99 33.35
C LEU H 463 -5.46 -73.97 33.73
N ALA H 464 -6.70 -73.50 33.85
CA ALA H 464 -7.82 -74.36 34.19
C ALA H 464 -8.92 -74.18 33.14
N LYS H 465 -9.42 -75.29 32.62
CA LYS H 465 -10.50 -75.30 31.64
C LYS H 465 -11.65 -76.14 32.17
N LYS H 466 -12.86 -75.57 32.12
CA LYS H 466 -14.04 -76.32 32.52
C LYS H 466 -14.29 -77.45 31.52
N ASP H 467 -14.20 -78.69 31.99
CA ASP H 467 -14.32 -79.83 31.10
C ASP H 467 -15.71 -79.88 30.48
N GLU H 468 -15.75 -80.37 29.23
CA GLU H 468 -17.01 -80.45 28.51
C GLU H 468 -17.96 -81.44 29.19
N LYS H 469 -19.25 -81.15 29.11
CA LYS H 469 -20.37 -81.97 29.58
C LYS H 469 -20.20 -82.44 31.02
N THR H 470 -19.27 -81.81 31.75
CA THR H 470 -19.02 -82.15 33.15
C THR H 470 -18.69 -80.88 33.92
N ASP H 471 -18.82 -80.96 35.24
CA ASP H 471 -18.40 -79.88 36.12
C ASP H 471 -16.95 -80.03 36.57
N THR H 472 -16.25 -81.04 36.09
CA THR H 472 -14.86 -81.24 36.47
C THR H 472 -13.97 -80.17 35.85
N LEU H 473 -12.83 -79.95 36.48
CA LEU H 473 -11.86 -78.94 36.06
C LEU H 473 -10.51 -79.60 35.80
N GLU H 474 -9.93 -79.28 34.66
CA GLU H 474 -8.64 -79.84 34.27
C GLU H 474 -7.52 -78.84 34.55
N ASP H 475 -6.30 -79.37 34.61
CA ASP H 475 -5.10 -78.57 34.82
C ASP H 475 -4.21 -78.69 33.60
N LEU H 476 -3.75 -77.55 33.09
CA LEU H 476 -2.84 -77.51 31.97
C LEU H 476 -1.37 -77.59 32.39
N PHE H 477 -1.11 -77.76 33.69
CA PHE H 477 0.26 -77.81 34.18
C PHE H 477 0.30 -78.59 35.49
N PRO H 478 0.31 -79.93 35.45
CA PRO H 478 0.31 -80.71 36.69
C PRO H 478 1.65 -80.67 37.40
N THR H 479 1.88 -79.61 38.17
CA THR H 479 3.18 -79.39 38.79
C THR H 479 3.51 -80.49 39.79
N THR H 480 2.54 -80.91 40.60
CA THR H 480 2.80 -81.85 41.69
C THR H 480 3.24 -83.22 41.19
N LYS H 481 3.08 -83.50 39.90
CA LYS H 481 3.51 -84.76 39.32
C LYS H 481 4.83 -84.62 38.55
N ILE H 482 5.57 -83.55 38.79
CA ILE H 482 6.82 -83.28 38.11
C ILE H 482 7.92 -83.21 39.17
N PRO H 483 9.05 -83.90 38.99
CA PRO H 483 10.12 -83.86 39.98
C PRO H 483 10.92 -82.56 39.89
N ASN H 484 11.82 -82.39 40.85
CA ASN H 484 12.68 -81.21 40.89
C ASN H 484 13.86 -81.40 39.94
N PRO H 485 14.12 -80.44 39.05
CA PRO H 485 15.11 -80.65 37.99
C PRO H 485 16.56 -80.40 38.38
N ARG H 486 16.89 -80.25 39.66
CA ARG H 486 18.30 -80.16 40.03
C ARG H 486 19.03 -81.45 39.68
N PHE H 487 18.42 -82.60 40.00
CA PHE H 487 19.10 -83.87 39.83
C PHE H 487 19.34 -84.19 38.37
N GLN H 488 18.43 -83.81 37.48
CA GLN H 488 18.59 -84.14 36.06
C GLN H 488 19.84 -83.50 35.49
N ARG H 489 19.97 -82.18 35.64
CA ARG H 489 21.16 -81.49 35.16
C ARG H 489 22.39 -81.91 35.94
N LEU H 490 22.23 -82.15 37.24
CA LEU H 490 23.35 -82.64 38.06
C LEU H 490 23.93 -83.92 37.48
N PHE H 491 23.07 -84.89 37.19
CA PHE H 491 23.52 -86.17 36.67
C PHE H 491 24.04 -86.04 35.25
N GLN H 492 23.41 -85.17 34.45
CA GLN H 492 23.90 -84.92 33.10
C GLN H 492 25.35 -84.42 33.13
N CYS H 493 25.62 -83.40 33.95
CA CYS H 493 26.98 -82.89 34.05
C CYS H 493 27.91 -83.90 34.71
N LEU H 494 27.41 -84.70 35.66
CA LEU H 494 28.24 -85.70 36.30
C LEU H 494 28.71 -86.74 35.30
N LEU H 495 27.79 -87.24 34.47
CA LEU H 495 28.16 -88.23 33.47
C LEU H 495 29.05 -87.61 32.38
N HIS H 496 28.80 -86.34 32.03
CA HIS H 496 29.67 -85.68 31.08
C HIS H 496 31.10 -85.59 31.61
N ARG H 497 31.25 -85.23 32.88
CA ARG H 497 32.57 -85.15 33.49
C ARG H 497 33.21 -86.54 33.59
N ALA H 498 32.42 -87.54 33.97
CA ALA H 498 32.96 -88.89 34.10
C ALA H 498 33.45 -89.41 32.76
N LEU H 499 32.70 -89.15 31.69
CA LEU H 499 33.11 -89.60 30.37
C LEU H 499 34.09 -88.65 29.72
N HIS H 500 33.96 -87.35 29.98
CA HIS H 500 34.80 -86.32 29.36
C HIS H 500 35.33 -85.41 30.45
N PRO H 501 36.32 -85.86 31.22
CA PRO H 501 36.90 -84.98 32.23
C PRO H 501 37.93 -84.03 31.65
N ARG H 502 37.61 -83.47 30.48
CA ARG H 502 38.43 -82.43 29.86
C ARG H 502 37.60 -81.35 29.21
N GLU H 503 36.29 -81.44 29.23
CA GLU H 503 35.40 -80.60 28.44
C GLU H 503 34.48 -79.81 29.34
N PRO H 504 33.99 -78.66 28.87
CA PRO H 504 33.06 -77.87 29.68
C PRO H 504 31.73 -78.59 29.90
N LEU H 505 31.05 -78.18 30.96
CA LEU H 505 29.79 -78.82 31.32
C LEU H 505 28.76 -78.61 30.21
N PRO H 506 27.91 -79.60 29.95
CA PRO H 506 26.85 -79.43 28.96
C PRO H 506 25.74 -78.55 29.50
N PRO H 507 25.25 -77.60 28.70
CA PRO H 507 24.20 -76.70 29.19
C PRO H 507 22.90 -77.43 29.49
N ILE H 508 21.93 -76.70 30.03
CA ILE H 508 20.64 -77.30 30.37
C ILE H 508 19.94 -77.76 29.10
N GLN H 509 19.48 -79.01 29.10
CA GLN H 509 18.87 -79.58 27.91
C GLN H 509 17.51 -78.94 27.64
N GLN H 510 17.09 -79.01 26.37
CA GLN H 510 15.90 -78.29 25.94
C GLN H 510 14.64 -78.84 26.61
N HIS H 511 14.55 -80.16 26.78
CA HIS H 511 13.37 -80.73 27.42
C HIS H 511 13.23 -80.25 28.85
N ILE H 512 14.35 -79.94 29.50
CA ILE H 512 14.28 -79.35 30.84
C ILE H 512 13.59 -78.00 30.80
N TRP H 513 13.80 -77.24 29.73
CA TRP H 513 13.04 -76.01 29.56
C TRP H 513 11.59 -76.29 29.19
N ASN H 514 11.35 -77.34 28.41
CA ASN H 514 9.98 -77.68 28.01
C ASN H 514 9.12 -78.00 29.22
N MET H 515 9.66 -78.80 30.15
CA MET H 515 8.95 -79.02 31.42
C MET H 515 8.93 -77.74 32.26
N LEU H 516 9.94 -76.89 32.09
CA LEU H 516 9.99 -75.63 32.83
C LEU H 516 8.97 -74.62 32.28
N ASN H 517 8.63 -74.72 31.00
CA ASN H 517 7.77 -73.68 30.48
C ASN H 517 6.32 -74.14 30.41
N PRO H 518 5.38 -73.21 30.58
CA PRO H 518 3.95 -73.54 30.43
C PRO H 518 3.61 -73.75 28.97
N PRO H 519 2.41 -74.26 28.67
CA PRO H 519 2.01 -74.43 27.27
C PRO H 519 2.07 -73.12 26.52
N ALA H 520 2.57 -73.19 25.28
CA ALA H 520 2.71 -71.98 24.47
C ALA H 520 1.37 -71.42 24.03
N GLU H 521 0.31 -72.22 24.07
CA GLU H 521 -1.00 -71.73 23.68
C GLU H 521 -1.48 -70.63 24.62
N VAL H 522 -1.26 -70.81 25.93
CA VAL H 522 -1.61 -69.77 26.89
C VAL H 522 -0.82 -68.50 26.61
N THR H 523 0.45 -68.65 26.24
CA THR H 523 1.27 -67.49 25.87
C THR H 523 0.70 -66.78 24.65
N THR H 524 0.26 -67.55 23.65
CA THR H 524 -0.34 -66.94 22.47
C THR H 524 -1.62 -66.18 22.81
N LYS H 525 -2.44 -66.76 23.69
CA LYS H 525 -3.63 -66.04 24.14
C LYS H 525 -3.26 -64.75 24.85
N SER H 526 -2.26 -64.81 25.72
CA SER H 526 -1.86 -63.65 26.50
C SER H 526 -1.07 -62.62 25.70
N GLN H 527 -0.68 -62.96 24.47
CA GLN H 527 0.11 -62.04 23.64
C GLN H 527 -0.52 -60.64 23.57
N ILE H 528 -1.81 -60.58 23.29
CA ILE H 528 -2.50 -59.29 23.10
C ILE H 528 -2.78 -58.63 24.44
N PRO H 529 -3.39 -59.30 25.42
CA PRO H 529 -3.61 -58.63 26.71
C PRO H 529 -2.33 -58.20 27.41
N LEU H 530 -1.23 -58.90 27.18
CA LEU H 530 0.06 -58.43 27.71
C LEU H 530 0.44 -57.10 27.09
N SER H 531 0.21 -56.94 25.79
CA SER H 531 0.43 -55.64 25.15
C SER H 531 -0.49 -54.58 25.73
N LYS H 532 -1.75 -54.95 25.99
CA LYS H 532 -2.67 -54.01 26.62
C LYS H 532 -2.13 -53.56 27.97
N ILE H 533 -1.65 -54.50 28.79
CA ILE H 533 -1.17 -54.18 30.12
C ILE H 533 0.06 -53.27 30.03
N LYS H 534 1.01 -53.63 29.17
CA LYS H 534 2.23 -52.83 29.09
C LYS H 534 1.96 -51.45 28.51
N THR H 535 0.91 -51.30 27.68
CA THR H 535 0.56 -49.98 27.18
C THR H 535 -0.21 -49.16 28.19
N LEU H 536 -1.03 -49.80 29.03
CA LEU H 536 -1.89 -49.08 29.96
C LEU H 536 -1.24 -48.79 31.31
N PHE H 537 -0.06 -49.34 31.58
CA PHE H 537 0.60 -49.13 32.86
C PHE H 537 1.94 -48.44 32.66
N PRO H 538 2.13 -47.24 33.20
CA PRO H 538 3.43 -46.54 33.09
C PRO H 538 4.44 -46.95 34.19
N LEU H 539 5.05 -48.11 33.98
CA LEU H 539 5.99 -48.66 34.95
C LEU H 539 7.40 -48.18 34.61
N ILE H 540 8.05 -47.53 35.57
CA ILE H 540 9.41 -47.06 35.40
C ILE H 540 10.34 -47.94 36.25
N GLU H 541 11.60 -47.99 35.84
CA GLU H 541 12.59 -48.89 36.41
C GLU H 541 13.71 -48.10 37.07
N ALA H 542 14.74 -48.82 37.51
CA ALA H 542 15.90 -48.22 38.13
C ALA H 542 17.14 -49.02 37.75
N LYS H 543 18.30 -48.40 37.95
CA LYS H 543 19.56 -49.06 37.60
C LYS H 543 19.78 -50.30 38.46
N LYS H 544 20.22 -51.37 37.83
CA LYS H 544 20.50 -52.62 38.54
C LYS H 544 21.82 -52.53 39.29
N ASN H 593 50.79 -31.34 -10.88
CA ASN H 593 51.01 -32.22 -9.73
C ASN H 593 49.87 -33.24 -9.53
N PRO H 594 48.59 -32.82 -9.64
CA PRO H 594 47.51 -33.81 -9.68
C PRO H 594 47.50 -34.61 -10.97
N ALA H 595 48.25 -34.19 -11.99
CA ALA H 595 48.32 -34.93 -13.25
C ALA H 595 48.81 -36.35 -13.00
N GLU H 596 50.04 -36.49 -12.49
CA GLU H 596 50.55 -37.80 -12.14
C GLU H 596 49.67 -38.48 -11.11
N ASN H 597 48.99 -37.71 -10.25
CA ASN H 597 48.10 -38.29 -9.26
C ASN H 597 47.00 -39.11 -9.94
N PHE H 598 46.28 -38.52 -10.88
CA PHE H 598 45.23 -39.32 -11.52
C PHE H 598 45.80 -40.33 -12.51
N ARG H 599 46.97 -40.04 -13.09
CA ARG H 599 47.61 -41.01 -13.97
C ARG H 599 47.89 -42.30 -13.23
N VAL H 600 48.42 -42.20 -12.02
CA VAL H 600 48.68 -43.39 -11.24
C VAL H 600 47.40 -43.92 -10.61
N LEU H 601 46.42 -43.06 -10.35
CA LEU H 601 45.17 -43.50 -9.74
C LEU H 601 44.42 -44.46 -10.65
N VAL H 602 44.27 -44.08 -11.92
CA VAL H 602 43.47 -44.87 -12.85
C VAL H 602 44.07 -46.25 -13.06
N LYS H 603 45.40 -46.35 -13.01
CA LYS H 603 46.07 -47.63 -13.20
C LYS H 603 46.36 -48.35 -11.88
N GLN H 604 46.12 -47.71 -10.74
CA GLN H 604 46.35 -48.34 -9.45
C GLN H 604 45.08 -48.87 -8.81
N LYS H 605 43.92 -48.28 -9.09
CA LYS H 605 42.66 -48.81 -8.59
C LYS H 605 41.67 -49.18 -9.66
N LYS H 606 41.93 -48.83 -10.93
CA LYS H 606 41.19 -49.32 -12.08
C LYS H 606 39.69 -49.03 -11.97
N ALA H 607 39.37 -47.74 -12.00
CA ALA H 607 37.99 -47.29 -11.99
C ALA H 607 37.79 -46.20 -13.04
N SER H 608 36.53 -45.94 -13.37
CA SER H 608 36.22 -44.84 -14.27
C SER H 608 36.72 -43.52 -13.70
N PHE H 609 36.67 -43.38 -12.37
CA PHE H 609 37.30 -42.28 -11.66
C PHE H 609 36.78 -40.92 -12.13
N GLU H 610 35.48 -40.70 -11.89
CA GLU H 610 34.92 -39.37 -12.03
C GLU H 610 35.57 -38.38 -11.08
N GLU H 611 36.13 -38.87 -9.96
CA GLU H 611 36.94 -38.02 -9.10
C GLU H 611 38.19 -37.53 -9.84
N ALA H 612 38.83 -38.42 -10.60
CA ALA H 612 39.96 -38.01 -11.43
C ALA H 612 39.51 -37.02 -12.50
N SER H 613 38.32 -37.23 -13.06
CA SER H 613 37.78 -36.29 -14.02
C SER H 613 37.61 -34.90 -13.39
N ASN H 614 37.06 -34.85 -12.18
CA ASN H 614 36.91 -33.57 -11.50
C ASN H 614 38.26 -32.95 -11.17
N GLN H 615 39.23 -33.78 -10.80
CA GLN H 615 40.58 -33.29 -10.51
C GLN H 615 41.17 -32.62 -11.74
N LEU H 616 41.06 -33.27 -12.90
CA LEU H 616 41.61 -32.67 -14.11
C LEU H 616 40.81 -31.46 -14.56
N ILE H 617 39.50 -31.45 -14.31
CA ILE H 617 38.70 -30.26 -14.61
C ILE H 617 39.19 -29.08 -13.79
N ASN H 618 39.42 -29.29 -12.50
CA ASN H 618 39.99 -28.24 -11.66
C ASN H 618 41.38 -27.86 -12.15
N HIS H 619 42.16 -28.84 -12.61
CA HIS H 619 43.50 -28.57 -13.11
C HIS H 619 43.47 -27.62 -14.31
N ILE H 620 42.54 -27.85 -15.23
CA ILE H 620 42.51 -27.05 -16.46
C ILE H 620 41.82 -25.72 -16.22
N GLU H 621 40.74 -25.72 -15.42
CA GLU H 621 39.83 -24.58 -15.39
C GLU H 621 40.46 -23.34 -14.76
N GLN H 622 41.41 -23.51 -13.84
CA GLN H 622 41.94 -22.37 -13.10
C GLN H 622 42.98 -21.63 -13.93
N PHE H 623 42.61 -21.32 -15.17
CA PHE H 623 43.49 -20.63 -16.10
C PHE H 623 42.89 -19.31 -16.60
N LEU H 624 41.74 -18.90 -16.03
CA LEU H 624 41.02 -17.75 -16.59
C LEU H 624 41.75 -16.44 -16.32
N ASP H 625 42.21 -16.22 -15.09
CA ASP H 625 42.84 -14.96 -14.72
C ASP H 625 44.36 -15.04 -14.79
N THR H 626 44.92 -16.14 -15.24
CA THR H 626 46.36 -16.32 -15.34
C THR H 626 46.76 -16.63 -16.77
N ASN H 627 47.95 -16.16 -17.15
CA ASN H 627 48.51 -16.36 -18.48
C ASN H 627 49.74 -17.26 -18.43
N GLU H 628 49.78 -18.18 -17.46
CA GLU H 628 50.91 -19.07 -17.25
C GLU H 628 50.93 -20.14 -18.35
N THR H 629 51.53 -19.79 -19.48
CA THR H 629 51.50 -20.63 -20.67
C THR H 629 52.15 -22.00 -20.46
N PRO H 630 53.33 -22.13 -19.84
CA PRO H 630 53.86 -23.49 -19.61
C PRO H 630 52.95 -24.35 -18.76
N TYR H 631 52.23 -23.75 -17.81
CA TYR H 631 51.21 -24.50 -17.08
C TYR H 631 50.14 -25.00 -18.02
N PHE H 632 49.73 -24.17 -18.99
CA PHE H 632 48.79 -24.63 -20.00
C PHE H 632 49.37 -25.76 -20.83
N MET H 633 50.68 -25.71 -21.10
CA MET H 633 51.34 -26.77 -21.86
C MET H 633 51.24 -28.10 -21.11
N LYS H 634 51.64 -28.11 -19.85
CA LYS H 634 51.57 -29.35 -19.09
C LYS H 634 50.13 -29.76 -18.82
N SER H 635 49.21 -28.80 -18.76
CA SER H 635 47.80 -29.12 -18.59
C SER H 635 47.26 -29.85 -19.80
N ILE H 636 47.54 -29.35 -21.00
CA ILE H 636 47.07 -30.05 -22.19
C ILE H 636 47.80 -31.37 -22.36
N ASP H 637 49.05 -31.45 -21.89
CA ASP H 637 49.78 -32.72 -21.96
C ASP H 637 49.12 -33.77 -21.07
N CYS H 638 48.76 -33.40 -19.84
CA CYS H 638 48.06 -34.36 -18.99
C CYS H 638 46.65 -34.62 -19.51
N ILE H 639 46.08 -33.67 -20.26
CA ILE H 639 44.81 -33.92 -20.93
C ILE H 639 44.99 -35.03 -21.97
N ARG H 640 46.06 -34.98 -22.75
CA ARG H 640 46.33 -36.05 -23.71
C ARG H 640 46.55 -37.38 -22.99
N ALA H 641 47.28 -37.34 -21.87
CA ALA H 641 47.55 -38.56 -21.12
C ALA H 641 46.26 -39.19 -20.62
N PHE H 642 45.38 -38.38 -20.03
CA PHE H 642 44.11 -38.90 -19.54
C PHE H 642 43.20 -39.32 -20.68
N ARG H 643 43.29 -38.64 -21.83
CA ARG H 643 42.52 -39.05 -23.00
C ARG H 643 42.94 -40.44 -23.45
N GLU H 644 44.25 -40.69 -23.51
CA GLU H 644 44.73 -42.01 -23.87
C GLU H 644 44.32 -43.05 -22.84
N GLU H 645 44.43 -42.71 -21.56
CA GLU H 645 44.05 -43.65 -20.50
C GLU H 645 42.57 -43.99 -20.57
N ALA H 646 41.73 -43.00 -20.84
CA ALA H 646 40.31 -43.25 -21.00
C ALA H 646 40.02 -44.10 -22.23
N ILE H 647 40.75 -43.86 -23.32
CA ILE H 647 40.62 -44.69 -24.51
C ILE H 647 41.02 -46.13 -24.21
N LYS H 648 41.93 -46.32 -23.25
CA LYS H 648 42.51 -47.63 -23.00
C LYS H 648 41.49 -48.72 -22.70
N PHE H 649 40.77 -48.61 -21.58
CA PHE H 649 40.03 -49.77 -21.08
C PHE H 649 38.54 -49.74 -21.39
N SER H 650 37.79 -48.77 -20.84
CA SER H 650 36.34 -48.80 -20.99
C SER H 650 35.68 -47.45 -21.25
N GLU H 651 36.28 -46.33 -20.85
CA GLU H 651 35.60 -45.04 -20.85
C GLU H 651 35.98 -44.20 -22.07
N GLU H 652 36.14 -44.85 -23.22
CA GLU H 652 36.43 -44.13 -24.46
C GLU H 652 35.32 -43.14 -24.78
N GLN H 653 34.06 -43.60 -24.80
CA GLN H 653 32.95 -42.74 -25.17
C GLN H 653 32.61 -41.75 -24.06
N ARG H 654 32.77 -42.16 -22.80
CA ARG H 654 32.56 -41.24 -21.69
C ARG H 654 33.47 -40.03 -21.82
N PHE H 655 34.78 -40.27 -21.98
CA PHE H 655 35.68 -39.16 -22.21
C PHE H 655 35.47 -38.51 -23.58
N ASN H 656 34.88 -39.23 -24.53
CA ASN H 656 34.53 -38.62 -25.80
C ASN H 656 33.56 -37.46 -25.60
N ASN H 657 32.45 -37.74 -24.94
CA ASN H 657 31.45 -36.69 -24.70
C ASN H 657 31.98 -35.67 -23.70
N PHE H 658 32.78 -36.12 -22.73
CA PHE H 658 33.42 -35.17 -21.80
C PHE H 658 34.29 -34.18 -22.56
N LEU H 659 35.12 -34.67 -23.48
CA LEU H 659 36.04 -33.82 -24.22
C LEU H 659 35.29 -32.91 -25.18
N LYS H 660 34.21 -33.41 -25.79
CA LYS H 660 33.40 -32.54 -26.63
C LYS H 660 32.77 -31.42 -25.82
N ALA H 661 32.25 -31.74 -24.64
CA ALA H 661 31.68 -30.70 -23.77
C ALA H 661 32.73 -29.70 -23.34
N LEU H 662 33.94 -30.18 -23.03
CA LEU H 662 35.00 -29.27 -22.61
C LEU H 662 35.48 -28.40 -23.76
N GLN H 663 35.53 -28.95 -24.97
CA GLN H 663 35.87 -28.13 -26.13
C GLN H 663 34.83 -27.04 -26.35
N GLU H 664 33.55 -27.38 -26.22
CA GLU H 664 32.51 -26.37 -26.29
C GLU H 664 32.67 -25.33 -25.20
N LYS H 665 32.96 -25.78 -23.97
CA LYS H 665 33.09 -24.85 -22.85
C LYS H 665 34.25 -23.89 -23.04
N VAL H 666 35.40 -24.38 -23.49
CA VAL H 666 36.52 -23.49 -23.73
C VAL H 666 36.21 -22.58 -24.92
N GLU H 667 35.44 -23.08 -25.89
CA GLU H 667 35.01 -22.23 -27.00
C GLU H 667 34.19 -21.05 -26.51
N ILE H 668 33.26 -21.29 -25.59
CA ILE H 668 32.46 -20.18 -25.05
C ILE H 668 33.24 -19.34 -24.04
N LYS H 669 34.50 -19.67 -23.78
CA LYS H 669 35.38 -18.85 -22.95
C LYS H 669 36.25 -18.02 -23.87
N GLN H 670 35.82 -16.78 -24.12
CA GLN H 670 36.61 -15.85 -24.93
C GLN H 670 37.75 -15.32 -24.08
N LEU H 671 38.98 -15.58 -24.51
CA LEU H 671 40.17 -15.22 -23.75
C LEU H 671 41.18 -14.60 -24.70
N ASN H 672 42.30 -14.14 -24.13
CA ASN H 672 43.47 -13.79 -24.91
C ASN H 672 44.42 -14.95 -25.11
N HIS H 673 44.18 -16.07 -24.42
CA HIS H 673 44.95 -17.31 -24.54
C HIS H 673 44.01 -18.50 -24.61
N PHE H 674 43.00 -18.38 -25.47
CA PHE H 674 41.90 -19.34 -25.50
C PHE H 674 42.34 -20.61 -26.22
N TRP H 675 41.36 -21.46 -26.56
CA TRP H 675 41.61 -22.79 -27.08
C TRP H 675 42.41 -22.79 -28.39
N GLU H 676 42.69 -21.60 -28.93
CA GLU H 676 43.60 -21.51 -30.07
C GLU H 676 44.93 -22.17 -29.76
N ILE H 677 45.46 -21.93 -28.55
CA ILE H 677 46.66 -22.65 -28.12
C ILE H 677 46.34 -24.12 -27.91
N VAL H 678 45.15 -24.41 -27.39
CA VAL H 678 44.75 -25.80 -27.22
C VAL H 678 44.61 -26.50 -28.56
N VAL H 679 43.97 -25.83 -29.53
CA VAL H 679 43.72 -26.45 -30.82
C VAL H 679 45.01 -26.61 -31.61
N GLN H 680 45.88 -25.60 -31.58
CA GLN H 680 47.14 -25.68 -32.32
C GLN H 680 47.97 -26.88 -31.89
N ASP H 681 47.86 -27.26 -30.62
CA ASP H 681 48.41 -28.52 -30.14
C ASP H 681 47.34 -29.62 -30.10
N GLY H 682 46.07 -29.26 -30.25
CA GLY H 682 44.98 -30.20 -30.34
C GLY H 682 44.80 -30.81 -31.70
N ILE H 683 45.76 -30.61 -32.59
CA ILE H 683 45.79 -31.33 -33.86
C ILE H 683 45.86 -32.83 -33.64
N THR H 684 46.29 -33.27 -32.45
CA THR H 684 46.31 -34.70 -32.15
C THR H 684 44.90 -35.23 -31.90
N LEU H 685 44.23 -34.73 -30.87
CA LEU H 685 42.93 -35.26 -30.49
C LEU H 685 42.17 -34.21 -29.68
N ILE H 686 41.05 -33.73 -30.21
CA ILE H 686 40.19 -32.80 -29.47
C ILE H 686 38.72 -33.18 -29.53
N THR H 687 38.35 -34.29 -30.18
CA THR H 687 36.94 -34.67 -30.28
C THR H 687 36.73 -36.13 -29.87
N LYS H 688 35.53 -36.63 -30.14
CA LYS H 688 35.19 -38.00 -29.77
C LYS H 688 35.96 -39.00 -30.63
N GLU H 689 36.32 -40.12 -30.01
CA GLU H 689 37.00 -41.21 -30.70
C GLU H 689 36.61 -42.52 -30.01
N GLU H 690 35.80 -43.34 -30.69
CA GLU H 690 35.45 -44.65 -30.17
C GLU H 690 36.08 -45.78 -30.97
N ALA H 691 35.77 -45.89 -32.25
CA ALA H 691 36.60 -46.69 -33.14
C ALA H 691 36.89 -45.99 -34.46
N SER H 692 35.87 -45.35 -35.06
CA SER H 692 35.98 -44.73 -36.37
C SER H 692 34.69 -43.99 -36.71
N GLY H 693 34.61 -43.45 -37.93
CA GLY H 693 33.37 -42.88 -38.43
C GLY H 693 33.00 -41.56 -37.80
N SER H 694 31.85 -41.51 -37.14
CA SER H 694 31.42 -40.29 -36.48
C SER H 694 32.45 -39.82 -35.47
N SER H 695 33.27 -40.72 -34.97
CA SER H 695 34.43 -40.35 -34.17
C SER H 695 35.39 -39.49 -35.00
N VAL H 696 35.97 -40.10 -36.05
CA VAL H 696 37.01 -39.39 -36.81
C VAL H 696 36.42 -38.19 -37.52
N THR H 697 35.18 -38.31 -38.02
CA THR H 697 34.50 -37.16 -38.60
C THR H 697 34.44 -36.01 -37.61
N ALA H 698 34.13 -36.31 -36.34
CA ALA H 698 34.10 -35.28 -35.32
C ALA H 698 35.40 -34.50 -35.28
N GLU H 699 36.53 -35.19 -35.48
CA GLU H 699 37.82 -34.51 -35.60
C GLU H 699 37.73 -33.39 -36.62
N GLU H 700 37.41 -33.74 -37.87
CA GLU H 700 37.31 -32.74 -38.92
C GLU H 700 36.21 -31.73 -38.65
N ALA H 701 35.28 -32.05 -37.75
CA ALA H 701 34.25 -31.09 -37.38
C ALA H 701 34.80 -29.97 -36.51
N LYS H 702 35.82 -30.26 -35.69
CA LYS H 702 36.35 -29.28 -34.75
C LYS H 702 37.82 -28.97 -34.96
N LYS H 703 38.61 -29.92 -35.49
CA LYS H 703 40.02 -29.64 -35.76
C LYS H 703 40.20 -28.49 -36.73
N PHE H 704 39.23 -28.30 -37.64
CA PHE H 704 39.27 -27.19 -38.59
C PHE H 704 38.42 -26.00 -38.14
N GLY H 722 20.22 1.69 -22.25
CA GLY H 722 20.50 3.09 -22.59
C GLY H 722 21.98 3.37 -22.63
N GLY H 723 22.73 2.83 -21.67
CA GLY H 723 24.17 2.87 -21.76
C GLY H 723 24.70 2.12 -22.96
N ASP H 724 24.10 0.96 -23.26
CA ASP H 724 24.40 0.28 -24.52
C ASP H 724 24.01 1.14 -25.70
N VAL H 725 22.84 1.76 -25.65
CA VAL H 725 22.47 2.74 -26.66
C VAL H 725 23.44 3.91 -26.63
N ASP H 726 23.87 4.32 -25.43
CA ASP H 726 24.93 5.32 -25.33
C ASP H 726 26.18 4.83 -26.02
N ASP H 727 26.52 3.55 -25.84
CA ASP H 727 27.60 2.97 -26.63
C ASP H 727 27.23 2.92 -28.11
N LEU H 728 25.98 2.60 -28.42
CA LEU H 728 25.57 2.38 -29.80
C LEU H 728 25.20 3.65 -30.54
N LEU H 729 24.91 4.73 -29.85
CA LEU H 729 24.46 5.96 -30.50
C LEU H 729 25.40 7.14 -30.30
N ASP H 730 26.42 7.01 -29.47
CA ASP H 730 27.43 8.07 -29.32
C ASP H 730 28.75 7.72 -29.98
N MET H 731 29.15 6.45 -29.96
CA MET H 731 30.26 6.00 -30.78
C MET H 731 29.95 4.66 -31.47
N ILE H 732 28.69 4.24 -31.49
CA ILE H 732 28.28 2.99 -32.15
C ILE H 732 28.97 1.76 -31.56
N SER I 5 -55.51 -14.08 22.62
CA SER I 5 -54.31 -14.88 22.35
C SER I 5 -53.85 -14.70 20.90
N PRO I 6 -52.79 -13.93 20.70
CA PRO I 6 -52.26 -13.70 19.35
C PRO I 6 -51.81 -15.01 18.72
N PRO I 7 -52.01 -15.17 17.42
CA PRO I 7 -51.65 -16.43 16.76
C PRO I 7 -50.16 -16.53 16.46
N LEU I 8 -49.69 -17.77 16.41
CA LEU I 8 -48.31 -18.07 16.01
C LEU I 8 -48.19 -19.57 15.78
N CYS I 9 -47.23 -19.94 14.94
CA CYS I 9 -46.98 -21.34 14.62
C CYS I 9 -45.50 -21.50 14.26
N THR I 10 -45.05 -22.75 14.29
CA THR I 10 -43.64 -23.07 14.06
C THR I 10 -43.51 -24.18 13.03
N LEU I 11 -42.40 -24.16 12.31
CA LEU I 11 -42.06 -25.14 11.29
C LEU I 11 -40.63 -25.61 11.50
N PRO I 12 -40.30 -26.84 11.08
CA PRO I 12 -41.14 -27.84 10.40
C PRO I 12 -42.09 -28.57 11.35
N PRO I 13 -43.21 -29.06 10.83
CA PRO I 13 -44.16 -29.77 11.69
C PRO I 13 -43.59 -31.09 12.19
N GLY I 14 -44.06 -31.50 13.36
CA GLY I 14 -43.65 -32.75 13.96
C GLY I 14 -42.73 -32.55 15.16
N PRO I 15 -42.10 -33.63 15.62
CA PRO I 15 -41.18 -33.55 16.75
C PRO I 15 -39.82 -32.96 16.42
N GLU I 16 -39.63 -32.41 15.23
CA GLU I 16 -38.36 -31.83 14.86
C GLU I 16 -38.08 -30.57 15.67
N PRO I 17 -36.82 -30.24 15.91
CA PRO I 17 -36.49 -29.02 16.64
C PRO I 17 -36.97 -27.80 15.89
N PRO I 18 -37.33 -26.73 16.60
CA PRO I 18 -37.84 -25.54 15.91
C PRO I 18 -36.81 -24.93 14.97
N ARG I 19 -37.29 -24.45 13.83
CA ARG I 19 -36.44 -23.80 12.84
C ARG I 19 -36.93 -22.42 12.46
N PHE I 20 -38.24 -22.22 12.31
CA PHE I 20 -38.81 -20.95 11.91
C PHE I 20 -40.14 -20.75 12.63
N VAL I 21 -40.50 -19.49 12.83
CA VAL I 21 -41.71 -19.12 13.57
C VAL I 21 -42.52 -18.14 12.72
N CYS I 22 -43.81 -18.39 12.59
CA CYS I 22 -44.72 -17.54 11.85
C CYS I 22 -45.75 -16.96 12.81
N TYR I 23 -45.91 -15.64 12.79
CA TYR I 23 -46.86 -14.97 13.65
C TYR I 23 -47.29 -13.66 13.00
N CYS I 24 -48.40 -13.12 13.49
CA CYS I 24 -48.96 -11.88 12.95
C CYS I 24 -49.44 -11.00 14.09
N GLU I 25 -49.55 -9.70 13.78
CA GLU I 25 -50.06 -8.73 14.74
C GLU I 25 -51.21 -7.93 14.12
N GLY I 26 -51.66 -6.90 14.83
CA GLY I 26 -52.76 -6.10 14.32
C GLY I 26 -54.11 -6.74 14.58
N GLU I 27 -55.13 -6.15 13.97
CA GLU I 27 -56.52 -6.60 14.06
C GLU I 27 -57.02 -6.56 15.51
N GLU I 28 -56.43 -5.70 16.34
CA GLU I 28 -56.83 -5.61 17.73
C GLU I 28 -58.23 -5.02 17.84
N SER I 29 -59.07 -5.64 18.66
CA SER I 29 -60.45 -5.20 18.82
C SER I 29 -60.51 -3.98 19.74
N GLY I 30 -61.71 -3.43 19.89
CA GLY I 30 -61.93 -2.28 20.74
C GLY I 30 -61.71 -0.96 20.02
N GLU I 31 -61.86 0.11 20.80
CA GLU I 31 -61.71 1.47 20.30
C GLU I 31 -60.28 1.99 20.44
N GLY I 32 -59.36 1.17 20.96
CA GLY I 32 -58.00 1.59 21.16
C GLY I 32 -57.22 1.67 19.86
N ASP I 33 -55.90 1.74 20.00
CA ASP I 33 -55.02 1.86 18.84
C ASP I 33 -55.12 0.63 17.96
N ARG I 34 -55.26 0.84 16.65
CA ARG I 34 -55.40 -0.23 15.68
C ARG I 34 -54.31 -0.08 14.63
N GLY I 35 -53.56 -1.14 14.40
CA GLY I 35 -52.52 -1.14 13.39
C GLY I 35 -52.82 -2.06 12.23
N GLY I 36 -52.13 -1.85 11.11
CA GLY I 36 -52.37 -2.68 9.94
C GLY I 36 -51.95 -4.12 10.15
N PHE I 37 -52.65 -5.03 9.47
CA PHE I 37 -52.33 -6.45 9.57
C PHE I 37 -51.01 -6.75 8.86
N ASN I 38 -50.19 -7.59 9.49
CA ASN I 38 -48.90 -7.97 8.93
C ASN I 38 -48.52 -9.34 9.43
N LEU I 39 -47.99 -10.17 8.53
CA LEU I 39 -47.52 -11.50 8.86
C LEU I 39 -46.01 -11.47 9.03
N TYR I 40 -45.53 -12.05 10.13
CA TYR I 40 -44.12 -12.03 10.48
C TYR I 40 -43.57 -13.45 10.53
N VAL I 41 -42.51 -13.70 9.76
CA VAL I 41 -41.83 -14.98 9.72
C VAL I 41 -40.38 -14.75 10.11
N THR I 42 -39.87 -15.53 11.06
CA THR I 42 -38.51 -15.34 11.51
C THR I 42 -37.95 -16.65 12.06
N ASP I 43 -36.63 -16.80 11.94
CA ASP I 43 -35.87 -17.84 12.62
C ASP I 43 -35.15 -17.29 13.84
N ALA I 44 -35.66 -16.19 14.41
CA ALA I 44 -35.04 -15.44 15.50
C ALA I 44 -33.67 -14.90 15.14
N ALA I 45 -33.29 -14.96 13.86
CA ALA I 45 -32.05 -14.38 13.37
C ALA I 45 -32.33 -13.18 12.46
N GLU I 46 -33.13 -13.39 11.41
CA GLU I 46 -33.57 -12.32 10.54
C GLU I 46 -35.10 -12.33 10.48
N LEU I 47 -35.70 -11.16 10.62
CA LEU I 47 -37.15 -11.04 10.64
C LEU I 47 -37.66 -10.78 9.23
N TRP I 48 -38.64 -11.59 8.80
CA TRP I 48 -39.31 -11.41 7.52
C TRP I 48 -40.74 -10.99 7.77
N SER I 49 -41.16 -9.91 7.14
CA SER I 49 -42.53 -9.42 7.29
C SER I 49 -43.08 -9.04 5.91
N THR I 50 -44.41 -9.10 5.79
CA THR I 50 -45.05 -8.75 4.55
C THR I 50 -44.93 -7.26 4.23
N CYS I 51 -44.72 -6.42 5.25
CA CYS I 51 -44.61 -4.97 5.08
C CYS I 51 -45.82 -4.42 4.34
N PHE I 52 -47.00 -4.84 4.79
CA PHE I 52 -48.24 -4.52 4.07
C PHE I 52 -48.53 -3.02 4.15
N THR I 53 -48.94 -2.46 3.03
CA THR I 53 -49.42 -1.09 2.93
C THR I 53 -50.92 -1.09 2.67
N PRO I 54 -51.62 0.01 2.97
CA PRO I 54 -53.07 0.03 2.71
C PRO I 54 -53.44 -0.28 1.28
N ASP I 55 -52.63 0.18 0.31
CA ASP I 55 -52.88 -0.17 -1.09
C ASP I 55 -52.49 -1.61 -1.37
N SER I 56 -51.36 -2.07 -0.81
CA SER I 56 -50.91 -3.43 -1.07
C SER I 56 -51.82 -4.45 -0.40
N LEU I 57 -52.31 -4.15 0.81
CA LEU I 57 -53.18 -5.08 1.52
C LEU I 57 -54.48 -5.32 0.76
N ALA I 58 -55.06 -4.25 0.19
CA ALA I 58 -56.28 -4.40 -0.59
C ALA I 58 -56.02 -5.18 -1.87
N ALA I 59 -54.85 -5.00 -2.48
CA ALA I 59 -54.55 -5.71 -3.72
C ALA I 59 -54.51 -7.22 -3.50
N LEU I 60 -53.88 -7.66 -2.41
CA LEU I 60 -53.84 -9.09 -2.11
C LEU I 60 -55.24 -9.61 -1.79
N LYS I 61 -56.04 -8.81 -1.09
CA LYS I 61 -57.43 -9.20 -0.84
C LYS I 61 -58.21 -9.35 -2.14
N ALA I 62 -58.02 -8.41 -3.07
CA ALA I 62 -58.68 -8.52 -4.37
C ALA I 62 -58.10 -9.66 -5.20
N ARG I 63 -56.84 -10.00 -4.97
CA ARG I 63 -56.22 -11.12 -5.68
C ARG I 63 -56.92 -12.43 -5.35
N PHE I 64 -57.27 -12.63 -4.08
CA PHE I 64 -57.92 -13.86 -3.61
C PHE I 64 -59.41 -13.66 -3.35
N GLY I 65 -60.00 -12.58 -3.85
CA GLY I 65 -61.42 -12.33 -3.64
C GLY I 65 -61.82 -12.07 -2.20
N LEU I 66 -61.06 -11.25 -1.49
CA LEU I 66 -61.34 -10.89 -0.12
C LEU I 66 -61.74 -9.43 -0.03
N SER I 67 -62.72 -9.14 0.81
CA SER I 67 -63.20 -7.77 0.95
C SER I 67 -62.20 -6.93 1.74
N ALA I 68 -62.33 -5.60 1.61
CA ALA I 68 -61.43 -4.70 2.33
C ALA I 68 -61.70 -4.73 3.83
N ALA I 69 -62.96 -4.93 4.23
CA ALA I 69 -63.32 -4.94 5.65
C ALA I 69 -63.07 -6.28 6.31
N GLU I 70 -62.81 -7.34 5.54
CA GLU I 70 -62.58 -8.65 6.14
C GLU I 70 -61.24 -8.68 6.87
N ASP I 71 -61.23 -9.37 8.01
CA ASP I 71 -60.03 -9.50 8.84
C ASP I 71 -59.29 -10.78 8.46
N ILE I 72 -57.99 -10.66 8.21
CA ILE I 72 -57.19 -11.82 7.82
C ILE I 72 -56.68 -12.59 9.03
N THR I 73 -56.65 -11.97 10.21
CA THR I 73 -56.16 -12.65 11.40
C THR I 73 -56.96 -13.91 11.75
N PRO I 74 -58.31 -13.89 11.75
CA PRO I 74 -59.03 -15.14 12.07
C PRO I 74 -58.73 -16.29 11.14
N ARG I 75 -58.44 -16.02 9.86
CA ARG I 75 -58.10 -17.10 8.95
C ARG I 75 -56.71 -17.66 9.22
N PHE I 76 -55.80 -16.83 9.74
CA PHE I 76 -54.49 -17.31 10.16
C PHE I 76 -54.58 -18.25 11.37
N ARG I 77 -55.67 -18.15 12.15
CA ARG I 77 -55.93 -19.14 13.19
C ARG I 77 -56.12 -20.54 12.61
N ALA I 78 -56.84 -20.64 11.49
CA ALA I 78 -57.08 -21.93 10.88
C ALA I 78 -55.78 -22.59 10.44
N ALA I 79 -54.87 -21.82 9.84
CA ALA I 79 -53.62 -22.40 9.35
C ALA I 79 -52.71 -22.83 10.49
N CYS I 80 -52.67 -22.04 11.57
CA CYS I 80 -51.75 -22.34 12.66
C CYS I 80 -52.12 -23.64 13.37
N GLU I 81 -53.38 -23.79 13.76
CA GLU I 81 -53.80 -24.98 14.50
C GLU I 81 -53.73 -26.22 13.62
N GLN I 82 -54.15 -26.10 12.36
CA GLN I 82 -54.14 -27.24 11.44
C GLN I 82 -52.76 -27.50 10.84
N GLN I 83 -51.77 -26.65 11.14
CA GLN I 83 -50.42 -26.80 10.61
C GLN I 83 -50.40 -26.83 9.09
N ALA I 84 -51.18 -25.93 8.48
CA ALA I 84 -51.25 -25.80 7.02
C ALA I 84 -50.44 -24.61 6.52
N VAL I 85 -49.32 -24.33 7.17
CA VAL I 85 -48.46 -23.20 6.82
C VAL I 85 -47.26 -23.71 6.05
N ALA I 86 -47.09 -23.25 4.82
CA ALA I 86 -45.97 -23.62 3.98
C ALA I 86 -45.08 -22.40 3.75
N LEU I 87 -43.80 -22.54 4.06
CA LEU I 87 -42.84 -21.45 3.93
C LEU I 87 -41.73 -21.85 2.97
N THR I 88 -41.50 -21.01 1.97
CA THR I 88 -40.40 -21.17 1.03
C THR I 88 -39.42 -20.02 1.23
N LEU I 89 -38.15 -20.35 1.47
CA LEU I 89 -37.14 -19.36 1.81
C LEU I 89 -36.17 -19.18 0.65
N GLN I 90 -35.87 -17.94 0.32
CA GLN I 90 -34.89 -17.57 -0.68
C GLN I 90 -33.86 -16.64 -0.06
N GLU I 91 -32.96 -16.11 -0.90
CA GLU I 91 -31.88 -15.27 -0.40
C GLU I 91 -32.41 -13.97 0.20
N ASP I 92 -33.42 -13.36 -0.42
CA ASP I 92 -33.92 -12.07 0.02
C ASP I 92 -35.41 -12.04 0.34
N ARG I 93 -36.23 -12.81 -0.37
CA ARG I 93 -37.67 -12.76 -0.19
C ARG I 93 -38.19 -14.13 0.27
N ALA I 94 -39.25 -14.10 1.08
CA ALA I 94 -39.85 -15.29 1.64
C ALA I 94 -41.33 -15.32 1.30
N SER I 95 -41.85 -16.53 1.09
CA SER I 95 -43.25 -16.74 0.73
C SER I 95 -43.90 -17.62 1.77
N LEU I 96 -45.08 -17.22 2.23
CA LEU I 96 -45.87 -17.98 3.19
C LEU I 96 -47.18 -18.38 2.55
N THR I 97 -47.52 -19.66 2.65
CA THR I 97 -48.75 -20.20 2.09
C THR I 97 -49.63 -20.71 3.23
N LEU I 98 -50.86 -20.23 3.28
CA LEU I 98 -51.83 -20.64 4.29
C LEU I 98 -52.90 -21.48 3.62
N SER I 99 -53.08 -22.72 4.11
CA SER I 99 -54.06 -23.65 3.57
C SER I 99 -55.09 -24.08 4.61
N GLY I 100 -55.27 -23.29 5.67
CA GLY I 100 -56.22 -23.64 6.70
C GLY I 100 -57.67 -23.45 6.29
N GLY I 101 -57.93 -22.62 5.27
CA GLY I 101 -59.26 -22.38 4.79
C GLY I 101 -59.54 -23.13 3.50
N PRO I 102 -60.72 -22.89 2.92
CA PRO I 102 -61.05 -23.56 1.65
C PRO I 102 -60.15 -23.15 0.50
N SER I 103 -59.51 -21.99 0.57
CA SER I 103 -58.61 -21.53 -0.47
C SER I 103 -57.25 -21.20 0.14
N ALA I 104 -56.21 -21.28 -0.70
CA ALA I 104 -54.85 -21.04 -0.25
C ALA I 104 -54.39 -19.63 -0.64
N LEU I 105 -53.75 -18.96 0.29
CA LEU I 105 -53.20 -17.63 0.09
C LEU I 105 -51.68 -17.70 0.02
N ALA I 106 -51.09 -16.87 -0.83
CA ALA I 106 -49.64 -16.73 -0.90
C ALA I 106 -49.27 -15.33 -0.42
N PHE I 107 -48.42 -15.26 0.59
CA PHE I 107 -47.96 -13.99 1.16
C PHE I 107 -46.49 -13.80 0.85
N ASP I 108 -46.16 -12.64 0.29
CA ASP I 108 -44.78 -12.29 -0.02
C ASP I 108 -44.19 -11.49 1.13
N LEU I 109 -43.02 -11.91 1.61
CA LEU I 109 -42.37 -11.29 2.75
C LEU I 109 -41.02 -10.72 2.33
N SER I 110 -40.61 -9.66 3.00
CA SER I 110 -39.36 -8.98 2.71
C SER I 110 -38.54 -8.86 3.99
N LYS I 111 -37.23 -8.70 3.82
CA LYS I 111 -36.32 -8.63 4.95
C LYS I 111 -36.56 -7.37 5.75
N VAL I 112 -36.68 -7.53 7.07
CA VAL I 112 -36.89 -6.40 7.99
C VAL I 112 -35.53 -5.83 8.37
N PRO I 113 -35.35 -4.51 8.37
CA PRO I 113 -34.06 -3.93 8.75
C PRO I 113 -33.68 -4.29 10.18
N GLY I 114 -32.37 -4.42 10.39
CA GLY I 114 -31.81 -4.80 11.67
C GLY I 114 -32.19 -3.90 12.82
N PRO I 115 -32.09 -2.58 12.66
CA PRO I 115 -32.49 -1.66 13.74
C PRO I 115 -33.96 -1.79 14.13
N GLU I 116 -34.81 -2.34 13.27
CA GLU I 116 -36.20 -2.58 13.61
C GLU I 116 -36.50 -4.05 13.92
N ALA I 117 -35.78 -4.98 13.29
CA ALA I 117 -36.00 -6.40 13.56
C ALA I 117 -35.60 -6.77 14.99
N ALA I 118 -34.48 -6.23 15.47
CA ALA I 118 -34.00 -6.59 16.80
C ALA I 118 -34.96 -6.20 17.92
N PRO I 119 -35.49 -4.96 17.99
CA PRO I 119 -36.47 -4.67 19.05
C PRO I 119 -37.71 -5.52 18.97
N ARG I 120 -38.16 -5.88 17.76
CA ARG I 120 -39.32 -6.76 17.65
C ARG I 120 -38.99 -8.17 18.13
N LEU I 121 -37.80 -8.66 17.80
CA LEU I 121 -37.39 -9.97 18.29
C LEU I 121 -37.19 -9.96 19.81
N ARG I 122 -36.65 -8.88 20.35
CA ARG I 122 -36.46 -8.80 21.80
C ARG I 122 -37.79 -8.63 22.53
N ALA I 123 -38.74 -7.91 21.94
CA ALA I 123 -40.06 -7.79 22.55
C ALA I 123 -40.84 -9.10 22.47
N LEU I 124 -40.70 -9.82 21.35
CA LEU I 124 -41.35 -11.12 21.22
C LEU I 124 -40.81 -12.11 22.24
N THR I 125 -39.49 -12.10 22.45
CA THR I 125 -38.88 -13.06 23.38
C THR I 125 -39.43 -12.89 24.79
N LEU I 126 -39.58 -11.65 25.24
CA LEU I 126 -40.16 -11.40 26.56
C LEU I 126 -41.63 -11.83 26.60
N GLY I 127 -42.37 -11.58 25.53
CA GLY I 127 -43.77 -11.97 25.50
C GLY I 127 -43.98 -13.47 25.52
N LEU I 128 -43.17 -14.21 24.76
CA LEU I 128 -43.32 -15.66 24.71
C LEU I 128 -43.03 -16.29 26.07
N ALA I 129 -41.98 -15.84 26.75
CA ALA I 129 -41.65 -16.37 28.06
C ALA I 129 -42.77 -16.10 29.06
N LYS I 130 -43.36 -14.90 29.00
CA LYS I 130 -44.52 -14.61 29.83
C LYS I 130 -45.71 -15.48 29.44
N ARG I 131 -45.86 -15.75 28.13
CA ARG I 131 -47.00 -16.52 27.67
C ARG I 131 -46.84 -18.00 28.03
N VAL I 132 -45.62 -18.54 27.91
CA VAL I 132 -45.35 -19.89 28.38
C VAL I 132 -45.62 -19.98 29.88
N TRP I 133 -45.18 -18.98 30.64
CA TRP I 133 -45.44 -18.93 32.07
C TRP I 133 -46.94 -18.88 32.35
N SER I 134 -47.69 -18.11 31.57
CA SER I 134 -49.12 -17.96 31.81
C SER I 134 -49.88 -19.23 31.49
N LEU I 135 -49.49 -19.93 30.41
CA LEU I 135 -50.23 -21.12 29.98
C LEU I 135 -50.12 -22.24 31.01
N GLU I 136 -48.94 -22.43 31.58
CA GLU I 136 -48.72 -23.59 32.44
C GLU I 136 -49.58 -23.55 33.70
N ARG I 137 -49.72 -22.37 34.31
CA ARG I 137 -50.59 -22.27 35.48
C ARG I 137 -52.05 -22.50 35.10
N ARG I 138 -52.50 -21.96 33.97
CA ARG I 138 -53.86 -22.22 33.53
C ARG I 138 -54.07 -23.69 33.19
N LEU I 139 -53.07 -24.31 32.56
CA LEU I 139 -53.15 -25.73 32.26
C LEU I 139 -53.12 -26.57 33.54
N ALA I 140 -52.27 -26.21 34.50
CA ALA I 140 -52.17 -26.98 35.72
C ALA I 140 -53.47 -26.95 36.52
N ALA I 141 -54.11 -25.79 36.59
CA ALA I 141 -55.35 -25.67 37.36
C ALA I 141 -56.51 -26.37 36.64
N ALA I 142 -56.59 -26.22 35.32
CA ALA I 142 -57.73 -26.78 34.59
C ALA I 142 -57.62 -28.30 34.47
N GLU I 143 -56.42 -28.81 34.22
CA GLU I 143 -56.26 -30.25 33.99
C GLU I 143 -56.54 -31.05 35.25
N GLU I 144 -56.07 -30.56 36.41
CA GLU I 144 -56.16 -31.31 37.66
C GLU I 144 -57.15 -30.69 38.63
N THR I 145 -56.99 -29.42 38.96
CA THR I 145 -57.85 -28.77 39.95
C THR I 145 -59.19 -28.37 39.34
N CYS I 180 -2.77 -44.96 72.87
CA CYS I 180 -3.59 -45.55 71.83
C CYS I 180 -4.14 -46.91 72.29
N PRO I 181 -5.44 -47.14 72.08
CA PRO I 181 -6.03 -48.42 72.48
C PRO I 181 -5.45 -49.59 71.72
N GLY I 182 -5.39 -50.73 72.39
CA GLY I 182 -4.85 -51.93 71.78
C GLY I 182 -3.37 -51.87 71.49
N GLU I 183 -2.62 -51.13 72.29
CA GLU I 183 -1.17 -51.00 72.11
C GLU I 183 -0.48 -51.21 73.45
N SER I 184 0.71 -51.81 73.40
CA SER I 184 1.46 -52.14 74.60
C SER I 184 2.17 -50.90 75.12
N LEU I 185 1.83 -50.49 76.34
CA LEU I 185 2.56 -49.39 76.98
C LEU I 185 4.00 -49.78 77.28
N ILE I 186 4.26 -51.07 77.45
CA ILE I 186 5.63 -51.53 77.67
C ILE I 186 6.48 -51.23 76.45
N ASN I 187 6.00 -51.61 75.27
CA ASN I 187 6.73 -51.40 74.02
C ASN I 187 5.86 -50.60 73.06
N PRO I 188 6.14 -49.31 72.86
CA PRO I 188 5.37 -48.54 71.89
C PRO I 188 5.50 -49.12 70.49
N GLY I 189 4.41 -49.06 69.74
CA GLY I 189 4.37 -49.66 68.42
C GLY I 189 3.98 -51.12 68.43
N PHE I 190 3.57 -51.67 69.56
CA PHE I 190 3.19 -53.07 69.67
C PHE I 190 1.87 -53.18 70.44
N LYS I 191 1.09 -54.19 70.08
CA LYS I 191 -0.22 -54.39 70.68
C LYS I 191 -0.07 -54.79 72.15
N SER I 192 -1.04 -54.35 72.95
CA SER I 192 -1.07 -54.72 74.36
C SER I 192 -1.22 -56.23 74.50
N LYS I 193 -0.41 -56.82 75.36
CA LYS I 193 -0.39 -58.27 75.54
C LYS I 193 -1.27 -58.62 76.73
N LYS I 194 -2.10 -59.64 76.55
CA LYS I 194 -2.95 -60.18 77.60
C LYS I 194 -2.44 -61.55 78.04
N PRO I 195 -2.64 -61.91 79.30
CA PRO I 195 -2.15 -63.22 79.77
C PRO I 195 -2.83 -64.36 79.02
N ALA I 196 -2.08 -65.44 78.83
CA ALA I 196 -2.59 -66.59 78.09
C ALA I 196 -3.89 -67.09 78.72
N GLY I 197 -4.92 -67.23 77.89
CA GLY I 197 -6.25 -67.56 78.37
C GLY I 197 -6.48 -69.02 78.68
N GLY I 198 -5.55 -69.90 78.31
CA GLY I 198 -5.74 -71.32 78.55
C GLY I 198 -6.87 -71.91 77.75
N VAL I 199 -7.86 -72.49 78.43
CA VAL I 199 -9.00 -73.10 77.76
C VAL I 199 -10.19 -73.07 78.71
N ASP I 200 -11.37 -72.84 78.15
CA ASP I 200 -12.64 -72.86 78.89
C ASP I 200 -13.53 -73.98 78.34
N PHE I 201 -14.76 -74.05 78.84
CA PHE I 201 -15.69 -75.10 78.47
C PHE I 201 -17.07 -74.51 78.27
N ASP I 202 -17.75 -74.95 77.21
CA ASP I 202 -19.06 -74.43 76.86
C ASP I 202 -20.11 -75.54 76.94
N MET J 1 -35.99 -80.71 151.09
CA MET J 1 -36.40 -79.36 150.71
C MET J 1 -35.48 -78.32 151.33
N GLU J 2 -35.04 -77.36 150.53
CA GLU J 2 -34.16 -76.31 151.01
C GLU J 2 -34.96 -75.18 151.64
N ARG J 3 -34.35 -74.55 152.66
CA ARG J 3 -34.98 -73.44 153.37
C ARG J 3 -33.90 -72.45 153.78
N LYS J 4 -34.20 -71.16 153.58
CA LYS J 4 -33.29 -70.08 153.94
C LYS J 4 -33.91 -69.34 155.13
N ILE J 5 -33.27 -69.44 156.29
CA ILE J 5 -33.74 -68.79 157.50
C ILE J 5 -33.02 -67.47 157.68
N SER J 6 -33.78 -66.44 158.06
CA SER J 6 -33.21 -65.12 158.30
C SER J 6 -34.02 -64.43 159.39
N ARG J 7 -33.36 -63.48 160.07
CA ARG J 7 -33.98 -62.76 161.18
C ARG J 7 -33.64 -61.28 161.02
N ILE J 8 -34.63 -60.48 160.63
CA ILE J 8 -34.46 -59.04 160.50
C ILE J 8 -34.88 -58.38 161.80
N HIS J 9 -34.05 -57.45 162.29
CA HIS J 9 -34.30 -56.83 163.58
C HIS J 9 -35.27 -55.66 163.43
N LEU J 10 -36.35 -55.70 164.20
CA LEU J 10 -37.35 -54.64 164.16
C LEU J 10 -36.91 -53.46 165.01
N VAL J 11 -37.24 -52.26 164.54
CA VAL J 11 -36.93 -51.05 165.30
C VAL J 11 -38.07 -50.71 166.28
N SER J 12 -39.30 -51.10 165.96
CA SER J 12 -40.42 -50.84 166.87
C SER J 12 -40.27 -51.61 168.17
N GLU J 13 -39.86 -52.87 168.10
CA GLU J 13 -39.72 -53.70 169.29
C GLU J 13 -38.76 -54.85 169.01
N PRO J 14 -37.77 -55.08 169.88
CA PRO J 14 -36.79 -56.15 169.65
C PRO J 14 -37.18 -57.53 170.17
N SER J 15 -38.43 -57.73 170.59
CA SER J 15 -38.86 -59.01 171.11
C SER J 15 -39.44 -59.94 170.06
N ILE J 16 -39.85 -59.40 168.90
CA ILE J 16 -40.46 -60.17 167.83
C ILE J 16 -39.58 -60.06 166.60
N THR J 17 -39.21 -61.20 166.01
CA THR J 17 -38.35 -61.24 164.85
C THR J 17 -39.00 -62.11 163.77
N HIS J 18 -38.53 -61.94 162.54
CA HIS J 18 -39.09 -62.64 161.39
C HIS J 18 -38.38 -63.97 161.17
N PHE J 19 -39.10 -64.91 160.55
CA PHE J 19 -38.58 -66.21 160.19
C PHE J 19 -38.94 -66.48 158.73
N LEU J 20 -37.94 -66.45 157.87
CA LEU J 20 -38.16 -66.60 156.43
C LEU J 20 -38.13 -68.07 156.04
N GLN J 21 -39.06 -68.46 155.16
CA GLN J 21 -39.14 -69.82 154.64
C GLN J 21 -39.36 -69.77 153.14
N VAL J 22 -38.58 -68.95 152.44
CA VAL J 22 -38.78 -68.73 151.02
C VAL J 22 -38.44 -70.00 150.23
N SER J 23 -39.09 -70.16 149.09
CA SER J 23 -38.82 -71.25 148.14
C SER J 23 -38.48 -70.62 146.80
N TRP J 24 -37.21 -70.69 146.41
CA TRP J 24 -36.77 -70.05 145.18
C TRP J 24 -35.67 -70.89 144.55
N GLU J 25 -35.62 -70.87 143.22
CA GLU J 25 -34.56 -71.52 142.46
C GLU J 25 -33.70 -70.53 141.69
N LYS J 26 -34.32 -69.69 140.86
CA LYS J 26 -33.60 -68.65 140.13
C LYS J 26 -34.26 -67.28 140.21
N THR J 27 -35.51 -67.19 140.64
CA THR J 27 -36.22 -65.92 140.71
C THR J 27 -37.26 -66.00 141.82
N LEU J 28 -37.45 -64.90 142.54
CA LEU J 28 -38.35 -64.86 143.69
C LEU J 28 -39.73 -64.32 143.30
N GLU J 29 -40.17 -64.55 142.07
CA GLU J 29 -41.51 -64.18 141.64
C GLU J 29 -42.54 -65.27 141.91
N SER J 30 -42.12 -66.42 142.42
CA SER J 30 -43.03 -67.49 142.76
C SER J 30 -43.47 -67.39 144.22
N GLY J 31 -44.51 -68.13 144.57
CA GLY J 31 -45.05 -68.11 145.92
C GLY J 31 -44.07 -68.58 146.98
N PHE J 32 -43.90 -67.78 148.02
CA PHE J 32 -43.05 -68.13 149.15
C PHE J 32 -43.78 -67.82 150.44
N VAL J 33 -43.43 -68.54 151.50
CA VAL J 33 -44.10 -68.44 152.79
C VAL J 33 -43.16 -67.80 153.79
N ILE J 34 -43.68 -66.88 154.59
CA ILE J 34 -42.94 -66.24 155.67
C ILE J 34 -43.67 -66.51 156.98
N THR J 35 -42.91 -66.55 158.06
CA THR J 35 -43.46 -66.86 159.38
C THR J 35 -42.99 -65.83 160.39
N LEU J 36 -43.92 -65.32 161.20
CA LEU J 36 -43.61 -64.44 162.30
C LEU J 36 -44.30 -64.96 163.55
N THR J 37 -43.61 -64.86 164.69
CA THR J 37 -44.16 -65.40 165.92
C THR J 37 -43.66 -64.57 167.10
N ASP J 38 -44.44 -64.60 168.18
CA ASP J 38 -44.09 -63.95 169.43
C ASP J 38 -43.53 -64.94 170.46
N GLY J 39 -43.22 -66.16 170.03
CA GLY J 39 -42.76 -67.20 170.93
C GLY J 39 -43.84 -68.11 171.45
N HIS J 40 -45.11 -67.83 171.17
CA HIS J 40 -46.21 -68.67 171.63
C HIS J 40 -47.15 -69.04 170.49
N SER J 41 -47.27 -68.15 169.50
CA SER J 41 -48.14 -68.39 168.35
C SER J 41 -47.47 -67.83 167.10
N ALA J 42 -47.58 -68.57 166.00
CA ALA J 42 -47.00 -68.19 164.73
C ALA J 42 -48.09 -67.98 163.69
N TRP J 43 -47.75 -67.22 162.65
CA TRP J 43 -48.66 -66.93 161.55
C TRP J 43 -47.91 -67.06 160.24
N THR J 44 -48.49 -67.81 159.30
CA THR J 44 -47.88 -68.05 157.99
C THR J 44 -48.75 -67.45 156.89
N GLY J 45 -48.36 -67.70 155.65
CA GLY J 45 -49.10 -67.22 154.50
C GLY J 45 -48.22 -67.11 153.29
N THR J 46 -48.85 -67.17 152.13
CA THR J 46 -48.16 -67.10 150.84
C THR J 46 -48.69 -65.91 150.03
N VAL J 47 -47.99 -65.62 148.94
CA VAL J 47 -48.34 -64.53 148.05
C VAL J 47 -48.65 -65.10 146.68
N SER J 48 -49.81 -64.73 146.14
CA SER J 48 -50.24 -65.24 144.84
C SER J 48 -49.59 -64.48 143.70
N GLU J 49 -49.74 -65.02 142.49
CA GLU J 49 -49.17 -64.37 141.31
C GLU J 49 -49.80 -63.01 141.05
N SER J 50 -51.11 -62.90 141.28
CA SER J 50 -51.80 -61.63 141.12
C SER J 50 -51.52 -60.66 142.26
N GLU J 51 -50.87 -61.12 143.34
CA GLU J 51 -50.56 -60.29 144.49
C GLU J 51 -49.16 -59.72 144.44
N ILE J 52 -48.44 -59.91 143.34
CA ILE J 52 -47.11 -59.34 143.15
C ILE J 52 -47.05 -58.36 141.99
N SER J 53 -48.17 -58.15 141.29
CA SER J 53 -48.19 -57.28 140.12
C SER J 53 -48.69 -55.87 140.42
N GLN J 54 -49.31 -55.64 141.58
CA GLN J 54 -49.82 -54.32 141.90
C GLN J 54 -48.69 -53.30 142.08
N GLU J 55 -47.47 -53.75 142.37
CA GLU J 55 -46.32 -52.86 142.43
C GLU J 55 -45.55 -52.79 141.13
N ALA J 56 -45.84 -53.68 140.17
CA ALA J 56 -45.17 -53.69 138.88
C ALA J 56 -45.91 -52.91 137.81
N ASP J 57 -47.10 -52.40 138.12
CA ASP J 57 -47.87 -51.62 137.16
C ASP J 57 -48.14 -50.18 137.60
N ASP J 58 -48.17 -49.91 138.91
CA ASP J 58 -48.33 -48.53 139.36
C ASP J 58 -47.16 -47.67 138.92
N MET J 59 -45.94 -48.19 139.04
CA MET J 59 -44.76 -47.52 138.54
C MET J 59 -44.42 -47.94 137.11
N ALA J 60 -45.15 -48.91 136.55
CA ALA J 60 -44.92 -49.40 135.20
C ALA J 60 -43.47 -49.87 135.01
N MET J 61 -42.93 -50.52 136.04
CA MET J 61 -41.56 -51.02 135.99
C MET J 61 -41.53 -52.48 135.56
N GLU J 62 -40.46 -52.86 134.88
CA GLU J 62 -40.30 -54.22 134.40
C GLU J 62 -39.83 -55.14 135.52
N LYS J 63 -39.96 -56.45 135.28
CA LYS J 63 -39.53 -57.44 136.25
C LYS J 63 -38.00 -57.44 136.37
N GLY J 64 -37.53 -57.86 137.55
CA GLY J 64 -36.11 -57.95 137.80
C GLY J 64 -35.65 -57.05 138.94
N LYS J 65 -36.16 -55.82 138.97
CA LYS J 65 -35.86 -54.92 140.09
C LYS J 65 -36.65 -55.29 141.33
N TYR J 66 -37.89 -55.77 141.16
CA TYR J 66 -38.65 -56.24 142.31
C TYR J 66 -38.00 -57.48 142.93
N VAL J 67 -37.39 -58.33 142.11
CA VAL J 67 -36.66 -59.47 142.62
C VAL J 67 -35.48 -59.01 143.47
N GLY J 68 -34.75 -58.00 142.99
CA GLY J 68 -33.65 -57.46 143.77
C GLY J 68 -34.11 -56.83 145.07
N GLU J 69 -35.26 -56.13 145.03
CA GLU J 69 -35.82 -55.56 146.25
C GLU J 69 -36.18 -56.64 147.25
N LEU J 70 -36.80 -57.73 146.77
CA LEU J 70 -37.12 -58.85 147.66
C LEU J 70 -35.86 -59.45 148.26
N ARG J 71 -34.83 -59.64 147.44
CA ARG J 71 -33.58 -60.20 147.94
C ARG J 71 -32.94 -59.30 148.98
N LYS J 72 -32.97 -57.98 148.75
CA LYS J 72 -32.33 -57.04 149.67
C LYS J 72 -33.09 -56.95 150.98
N ALA J 73 -34.43 -56.97 150.94
CA ALA J 73 -35.21 -56.73 152.13
C ALA J 73 -35.47 -58.00 152.95
N LEU J 74 -35.69 -59.13 152.28
CA LEU J 74 -36.06 -60.35 153.01
C LEU J 74 -34.89 -60.92 153.81
N LEU J 75 -33.66 -60.80 153.28
CA LEU J 75 -32.50 -61.37 153.96
C LEU J 75 -32.22 -60.63 155.26
N SER J 76 -31.63 -61.36 156.21
CA SER J 76 -31.30 -60.79 157.51
C SER J 76 -30.14 -59.80 157.39
N GLY J 77 -30.06 -58.90 158.36
CA GLY J 77 -29.03 -57.89 158.44
C GLY J 77 -29.63 -56.51 158.62
N ALA J 78 -28.81 -55.50 158.40
CA ALA J 78 -29.25 -54.11 158.54
C ALA J 78 -28.31 -53.24 157.73
N GLY J 79 -28.82 -52.65 156.64
CA GLY J 79 -28.02 -51.78 155.81
C GLY J 79 -27.89 -50.40 156.39
N PRO J 80 -26.74 -49.76 156.17
CA PRO J 80 -26.54 -48.40 156.70
C PRO J 80 -27.53 -47.39 156.17
N ALA J 81 -27.97 -47.53 154.92
CA ALA J 81 -28.90 -46.59 154.30
C ALA J 81 -30.33 -47.10 154.26
N ASP J 82 -30.57 -48.34 154.68
CA ASP J 82 -31.92 -48.90 154.67
C ASP J 82 -32.01 -49.99 155.71
N VAL J 83 -33.04 -49.92 156.56
CA VAL J 83 -33.27 -50.91 157.61
C VAL J 83 -34.37 -51.85 157.15
N TYR J 84 -34.16 -53.15 157.36
CA TYR J 84 -35.13 -54.17 156.97
C TYR J 84 -36.19 -54.29 158.08
N THR J 85 -37.05 -53.30 158.13
CA THR J 85 -38.13 -53.24 159.12
C THR J 85 -39.45 -53.57 158.44
N PHE J 86 -40.19 -54.51 159.04
CA PHE J 86 -41.50 -54.93 158.54
C PHE J 86 -42.53 -54.55 159.60
N ASN J 87 -43.20 -53.42 159.40
CA ASN J 87 -44.19 -52.96 160.37
C ASN J 87 -45.35 -53.96 160.45
N PHE J 88 -45.76 -54.27 161.67
CA PHE J 88 -46.82 -55.24 161.92
C PHE J 88 -47.96 -54.56 162.67
N SER J 89 -49.18 -54.90 162.27
CA SER J 89 -50.40 -54.34 162.88
C SER J 89 -51.03 -55.44 163.74
N LYS J 90 -50.75 -55.38 165.05
CA LYS J 90 -51.32 -56.36 165.97
C LYS J 90 -52.83 -56.19 166.10
N GLU J 91 -53.33 -54.96 165.99
CA GLU J 91 -54.75 -54.69 166.22
C GLU J 91 -55.61 -55.16 165.06
N SER J 92 -55.03 -55.43 163.89
CA SER J 92 -55.79 -55.82 162.71
C SER J 92 -55.46 -57.22 162.21
N CYS J 93 -54.54 -57.93 162.86
CA CYS J 93 -54.14 -59.29 162.49
C CYS J 93 -53.85 -59.44 160.99
N TYR J 94 -53.42 -58.34 160.36
CA TYR J 94 -53.08 -58.32 158.95
C TYR J 94 -51.68 -57.76 158.80
N PHE J 95 -50.86 -58.43 158.00
CA PHE J 95 -49.47 -58.04 157.79
C PHE J 95 -49.38 -57.09 156.60
N PHE J 96 -48.97 -55.85 156.87
CA PHE J 96 -48.82 -54.84 155.82
C PHE J 96 -47.81 -53.81 156.29
N PHE J 97 -46.84 -53.50 155.42
CA PHE J 97 -45.79 -52.57 155.77
C PHE J 97 -45.42 -51.73 154.55
N GLU J 98 -44.84 -50.57 154.81
CA GLU J 98 -44.40 -49.65 153.76
C GLU J 98 -42.92 -49.34 153.96
N LYS J 99 -42.19 -49.22 152.87
CA LYS J 99 -40.77 -48.90 152.90
C LYS J 99 -40.54 -47.59 152.16
N ASN J 100 -39.88 -46.64 152.83
CA ASN J 100 -39.58 -45.34 152.25
C ASN J 100 -38.14 -45.37 151.76
N LEU J 101 -37.97 -45.47 150.44
CA LEU J 101 -36.66 -45.50 149.81
C LEU J 101 -36.54 -44.34 148.83
N LYS J 102 -35.28 -43.94 148.57
CA LYS J 102 -34.92 -42.86 147.67
C LYS J 102 -35.86 -41.66 147.78
N ASP J 103 -36.23 -41.31 149.02
CA ASP J 103 -37.09 -40.16 149.31
C ASP J 103 -38.44 -40.28 148.61
N VAL J 104 -38.97 -41.50 148.54
CA VAL J 104 -40.31 -41.74 148.01
C VAL J 104 -40.93 -42.90 148.79
N SER J 105 -42.25 -42.86 148.92
CA SER J 105 -42.99 -43.83 149.72
C SER J 105 -43.59 -44.89 148.80
N PHE J 106 -43.26 -46.15 149.05
CA PHE J 106 -43.81 -47.27 148.31
C PHE J 106 -43.98 -48.45 149.26
N ARG J 107 -44.47 -49.55 148.73
CA ARG J 107 -44.70 -50.77 149.49
C ARG J 107 -43.90 -51.92 148.90
N LEU J 108 -43.96 -53.07 149.56
CA LEU J 108 -43.27 -54.29 149.13
C LEU J 108 -44.32 -55.40 149.06
N GLY J 109 -44.97 -55.52 147.91
CA GLY J 109 -45.93 -56.57 147.68
C GLY J 109 -47.16 -56.46 148.59
N SER J 110 -47.84 -57.58 148.73
CA SER J 110 -48.98 -57.69 149.63
C SER J 110 -49.00 -59.10 150.21
N PHE J 111 -49.35 -59.21 151.48
CA PHE J 111 -49.29 -60.47 152.21
C PHE J 111 -50.66 -60.81 152.77
N ASN J 112 -51.02 -62.09 152.68
CA ASN J 112 -52.25 -62.60 153.25
C ASN J 112 -51.92 -63.60 154.36
N LEU J 113 -52.76 -63.64 155.39
CA LEU J 113 -52.50 -64.42 156.58
C LEU J 113 -53.18 -65.78 156.47
N GLU J 114 -52.38 -66.84 156.64
CA GLU J 114 -52.89 -68.21 156.69
C GLU J 114 -52.52 -68.81 158.04
N LYS J 115 -53.52 -69.36 158.74
CA LYS J 115 -53.30 -69.88 160.08
C LYS J 115 -52.40 -71.12 160.03
N VAL J 116 -51.47 -71.19 160.97
CA VAL J 116 -50.56 -72.34 161.06
C VAL J 116 -51.28 -73.49 161.74
N GLU J 117 -51.11 -74.69 161.18
CA GLU J 117 -51.69 -75.89 161.79
C GLU J 117 -51.08 -76.14 163.17
N ASN J 118 -49.77 -75.97 163.29
CA ASN J 118 -49.07 -76.12 164.56
C ASN J 118 -47.70 -75.46 164.50
N PRO J 119 -47.39 -74.56 165.44
CA PRO J 119 -46.09 -73.88 165.41
C PRO J 119 -44.95 -74.73 165.94
N ALA J 120 -45.26 -75.63 166.87
CA ALA J 120 -44.22 -76.48 167.45
C ALA J 120 -43.60 -77.38 166.40
N GLU J 121 -44.43 -78.01 165.55
CA GLU J 121 -43.90 -78.91 164.53
C GLU J 121 -43.05 -78.17 163.51
N VAL J 122 -43.52 -77.01 163.05
CA VAL J 122 -42.76 -76.29 162.04
C VAL J 122 -41.45 -75.73 162.62
N ILE J 123 -41.48 -75.28 163.87
CA ILE J 123 -40.24 -74.78 164.48
C ILE J 123 -39.28 -75.93 164.74
N ARG J 124 -39.79 -77.12 165.10
CA ARG J 124 -38.91 -78.27 165.25
C ARG J 124 -38.28 -78.67 163.92
N GLU J 125 -39.07 -78.63 162.85
CA GLU J 125 -38.51 -78.92 161.52
C GLU J 125 -37.47 -77.87 161.14
N LEU J 126 -37.72 -76.61 161.46
CA LEU J 126 -36.78 -75.55 161.15
C LEU J 126 -35.45 -75.75 161.89
N ILE J 127 -35.52 -76.04 163.19
CA ILE J 127 -34.29 -76.23 163.95
C ILE J 127 -33.57 -77.51 163.50
N CYS J 128 -34.32 -78.55 163.14
CA CYS J 128 -33.68 -79.77 162.62
C CYS J 128 -32.96 -79.49 161.31
N TYR J 129 -33.58 -78.73 160.41
CA TYR J 129 -32.93 -78.38 159.16
C TYR J 129 -31.72 -77.48 159.40
N CYS J 130 -31.81 -76.59 160.40
CA CYS J 130 -30.65 -75.77 160.74
C CYS J 130 -29.49 -76.63 161.24
N LEU J 131 -29.78 -77.62 162.08
CA LEU J 131 -28.72 -78.52 162.54
C LEU J 131 -28.15 -79.32 161.37
N ASP J 132 -29.00 -79.79 160.46
CA ASP J 132 -28.53 -80.55 159.31
C ASP J 132 -27.62 -79.70 158.42
N THR J 133 -28.01 -78.45 158.15
CA THR J 133 -27.19 -77.61 157.29
C THR J 133 -25.92 -77.17 157.99
N ILE J 134 -25.95 -77.01 159.32
CA ILE J 134 -24.71 -76.73 160.05
C ILE J 134 -23.76 -77.92 159.96
N ALA J 135 -24.30 -79.14 160.09
CA ALA J 135 -23.46 -80.33 159.95
C ALA J 135 -22.88 -80.44 158.56
N GLU J 136 -23.69 -80.16 157.53
CA GLU J 136 -23.19 -80.19 156.16
C GLU J 136 -22.10 -79.13 155.95
N ASN J 137 -22.31 -77.93 156.49
CA ASN J 137 -21.33 -76.87 156.34
C ASN J 137 -20.02 -77.22 157.05
N GLN J 138 -20.09 -77.80 158.24
CA GLN J 138 -18.86 -78.16 158.94
C GLN J 138 -18.15 -79.33 158.27
N ALA J 139 -18.89 -80.29 157.71
CA ALA J 139 -18.27 -81.35 156.94
C ALA J 139 -17.57 -80.80 155.70
N LYS J 140 -18.22 -79.87 155.00
CA LYS J 140 -17.58 -79.24 153.85
C LYS J 140 -16.35 -78.44 154.26
N ASN J 141 -16.42 -77.77 155.41
CA ASN J 141 -15.28 -77.02 155.90
C ASN J 141 -14.11 -77.95 156.23
N GLU J 142 -14.40 -79.09 156.85
CA GLU J 142 -13.34 -80.06 157.14
C GLU J 142 -12.71 -80.60 155.85
N HIS J 143 -13.55 -80.93 154.87
CA HIS J 143 -13.02 -81.42 153.59
C HIS J 143 -12.17 -80.35 152.90
N LEU J 144 -12.64 -79.10 152.92
CA LEU J 144 -11.87 -78.03 152.30
C LEU J 144 -10.56 -77.79 153.03
N GLN J 145 -10.57 -77.87 154.37
CA GLN J 145 -9.34 -77.71 155.13
C GLN J 145 -8.35 -78.81 154.82
N LYS J 146 -8.82 -80.06 154.75
CA LYS J 146 -7.92 -81.15 154.41
C LYS J 146 -7.36 -81.01 153.01
N GLU J 147 -8.21 -80.64 152.04
CA GLU J 147 -7.75 -80.45 150.68
C GLU J 147 -6.75 -79.30 150.58
N ASN J 148 -7.01 -78.21 151.30
CA ASN J 148 -6.09 -77.07 151.29
C ASN J 148 -4.76 -77.43 151.93
N GLU J 149 -4.78 -78.17 153.04
CA GLU J 149 -3.53 -78.59 153.66
C GLU J 149 -2.74 -79.50 152.75
N ARG J 150 -3.42 -80.45 152.09
CA ARG J 150 -2.72 -81.33 151.15
C ARG J 150 -2.15 -80.54 149.98
N LEU J 151 -2.92 -79.60 149.45
CA LEU J 151 -2.44 -78.79 148.33
C LEU J 151 -1.25 -77.93 148.75
N LEU J 152 -1.30 -77.35 149.95
CA LEU J 152 -0.19 -76.53 150.43
C LEU J 152 1.07 -77.36 150.64
N ARG J 153 0.93 -78.55 151.23
CA ARG J 153 2.10 -79.38 151.46
C ARG J 153 2.68 -79.91 150.15
N ASP J 154 1.81 -80.24 149.19
CA ASP J 154 2.30 -80.64 147.87
C ASP J 154 2.98 -79.47 147.16
N TRP J 155 2.42 -78.27 147.30
CA TRP J 155 3.06 -77.09 146.72
C TRP J 155 4.44 -76.85 147.33
N ASN J 156 4.54 -76.99 148.65
CA ASN J 156 5.84 -76.80 149.30
C ASN J 156 6.84 -77.86 148.86
N ASP J 157 6.40 -79.11 148.75
CA ASP J 157 7.30 -80.19 148.32
C ASP J 157 7.76 -79.97 146.88
N VAL J 158 6.83 -79.60 146.00
CA VAL J 158 7.20 -79.36 144.60
C VAL J 158 8.09 -78.13 144.49
N GLN J 159 7.84 -77.11 145.29
CA GLN J 159 8.69 -75.92 145.28
C GLN J 159 10.10 -76.25 145.75
N GLY J 160 10.23 -77.05 146.81
CA GLY J 160 11.55 -77.47 147.25
C GLY J 160 12.27 -78.30 146.22
N ARG J 161 11.55 -79.24 145.58
CA ARG J 161 12.15 -80.05 144.53
C ARG J 161 12.58 -79.18 143.35
N PHE J 162 11.76 -78.19 142.99
CA PHE J 162 12.08 -77.32 141.88
C PHE J 162 13.30 -76.44 142.19
N GLU J 163 13.38 -75.90 143.41
CA GLU J 163 14.55 -75.13 143.79
C GLU J 163 15.79 -76.00 143.77
N LYS J 164 15.69 -77.23 144.27
CA LYS J 164 16.83 -78.14 144.26
C LYS J 164 17.26 -78.46 142.83
N CYS J 165 16.31 -78.71 141.93
CA CYS J 165 16.69 -79.08 140.57
C CYS J 165 17.27 -77.89 139.81
N VAL J 166 16.71 -76.69 140.01
CA VAL J 166 17.28 -75.54 139.33
C VAL J 166 18.61 -75.11 139.94
N SER J 167 18.88 -75.51 141.18
CA SER J 167 20.18 -75.22 141.78
C SER J 167 21.22 -76.29 141.48
N ALA J 168 20.79 -77.51 141.11
CA ALA J 168 21.72 -78.60 140.88
C ALA J 168 21.82 -79.03 139.42
N LYS J 169 21.00 -78.48 138.52
CA LYS J 169 21.06 -78.92 137.13
C LYS J 169 22.34 -78.47 136.46
N GLU J 170 22.76 -77.22 136.69
CA GLU J 170 24.02 -76.77 136.11
C GLU J 170 25.20 -77.47 136.77
N ALA J 171 25.09 -77.81 138.05
CA ALA J 171 26.14 -78.60 138.70
C ALA J 171 26.24 -79.99 138.07
N LEU J 172 25.10 -80.61 137.76
CA LEU J 172 25.11 -81.91 137.10
C LEU J 172 25.62 -81.80 135.67
N GLU J 173 25.32 -80.69 134.99
CA GLU J 173 25.86 -80.47 133.65
C GLU J 173 27.37 -80.34 133.70
N THR J 174 27.90 -79.60 134.68
CA THR J 174 29.34 -79.50 134.86
C THR J 174 29.94 -80.87 135.20
N ASP J 175 29.24 -81.66 136.01
CA ASP J 175 29.70 -83.01 136.31
C ASP J 175 29.78 -83.85 135.04
N LEU J 176 28.74 -83.81 134.21
CA LEU J 176 28.77 -84.48 132.91
C LEU J 176 29.97 -84.04 132.10
N TYR J 177 30.15 -82.72 131.98
CA TYR J 177 31.24 -82.16 131.18
C TYR J 177 32.59 -82.68 131.64
N LYS J 178 32.92 -82.46 132.93
CA LYS J 178 34.23 -82.82 133.43
C LYS J 178 34.44 -84.32 133.49
N ARG J 179 33.38 -85.10 133.71
CA ARG J 179 33.55 -86.54 133.77
C ARG J 179 33.80 -87.11 132.38
N PHE J 180 33.08 -86.62 131.37
CA PHE J 180 33.42 -86.97 130.00
C PHE J 180 34.83 -86.51 129.65
N ILE J 181 35.23 -85.34 130.15
CA ILE J 181 36.57 -84.82 129.88
C ILE J 181 37.62 -85.75 130.43
N LEU J 182 37.45 -86.21 131.68
CA LEU J 182 38.46 -87.08 132.28
C LEU J 182 38.45 -88.46 131.64
N VAL J 183 37.27 -88.98 131.28
CA VAL J 183 37.20 -90.27 130.60
C VAL J 183 37.92 -90.21 129.27
N LEU J 184 37.67 -89.15 128.48
CA LEU J 184 38.33 -89.01 127.20
C LEU J 184 39.82 -88.70 127.37
N ASN J 185 40.19 -88.05 128.48
CA ASN J 185 41.61 -87.83 128.77
C ASN J 185 42.31 -89.15 129.02
N GLU J 186 41.70 -90.04 129.78
CA GLU J 186 42.26 -91.38 129.97
C GLU J 186 42.32 -92.14 128.65
N LYS J 187 41.25 -92.02 127.83
CA LYS J 187 41.22 -92.69 126.55
C LYS J 187 42.36 -92.23 125.64
N LYS J 188 42.58 -90.92 125.58
CA LYS J 188 43.65 -90.41 124.73
C LYS J 188 45.03 -90.56 125.37
N THR J 189 45.12 -90.74 126.68
CA THR J 189 46.38 -91.17 127.27
C THR J 189 46.72 -92.59 126.82
N LYS J 190 45.73 -93.47 126.81
CA LYS J 190 45.93 -94.80 126.22
C LYS J 190 46.30 -94.69 124.75
N ILE J 191 45.65 -93.78 124.02
CA ILE J 191 45.95 -93.57 122.61
C ILE J 191 47.41 -93.13 122.44
N ARG J 192 47.86 -92.18 123.27
CA ARG J 192 49.23 -91.71 123.20
C ARG J 192 50.22 -92.82 123.51
N SER J 193 49.92 -93.63 124.53
CA SER J 193 50.82 -94.73 124.88
C SER J 193 50.92 -95.75 123.75
N LEU J 194 49.78 -96.11 123.15
CA LEU J 194 49.81 -97.10 122.09
C LEU J 194 50.44 -96.54 120.82
N HIS J 195 50.28 -95.23 120.56
CA HIS J 195 50.98 -94.62 119.44
C HIS J 195 52.49 -94.58 119.67
N ASN J 196 52.92 -94.29 120.91
CA ASN J 196 54.34 -94.34 121.22
C ASN J 196 54.90 -95.74 121.05
N LYS J 197 54.12 -96.76 121.41
CA LYS J 197 54.51 -98.13 121.12
C LYS J 197 54.58 -98.37 119.61
N LEU J 198 53.65 -97.79 118.86
CA LEU J 198 53.61 -97.96 117.41
C LEU J 198 54.72 -97.19 116.70
N LEU J 199 55.37 -96.25 117.38
CA LEU J 199 56.36 -95.40 116.71
C LEU J 199 57.54 -96.21 116.17
N ASN J 200 58.05 -97.14 116.96
CA ASN J 200 59.25 -97.85 116.57
C ASN J 200 58.96 -98.83 115.43
N ALA J 201 60.03 -99.26 114.75
CA ALA J 201 59.91 -100.20 113.65
C ALA J 201 60.72 -101.46 113.93
N MET K 1 -15.50 -59.58 176.82
CA MET K 1 -16.03 -60.75 177.53
C MET K 1 -15.97 -61.99 176.66
N GLU K 2 -14.89 -62.75 176.79
CA GLU K 2 -14.74 -63.98 176.03
C GLU K 2 -15.71 -65.05 176.52
N ARG K 3 -16.10 -65.94 175.62
CA ARG K 3 -17.08 -66.98 175.91
C ARG K 3 -16.56 -68.33 175.43
N LYS K 4 -16.97 -69.38 176.13
CA LYS K 4 -16.64 -70.75 175.78
C LYS K 4 -17.91 -71.59 175.78
N ILE K 5 -18.04 -72.45 174.77
CA ILE K 5 -19.23 -73.28 174.63
C ILE K 5 -19.10 -74.49 175.57
N SER K 6 -20.13 -74.71 176.39
CA SER K 6 -20.15 -75.82 177.35
C SER K 6 -21.54 -76.43 177.29
N ARG K 7 -21.68 -77.51 176.52
CA ARG K 7 -22.96 -78.19 176.40
C ARG K 7 -23.34 -78.85 177.72
N ILE K 8 -24.61 -78.68 178.11
CA ILE K 8 -25.13 -79.24 179.34
C ILE K 8 -26.45 -79.94 179.04
N HIS K 9 -26.81 -80.87 179.91
CA HIS K 9 -28.07 -81.59 179.82
C HIS K 9 -28.88 -81.38 181.09
N LEU K 10 -30.21 -81.36 180.93
CA LEU K 10 -31.13 -81.11 182.02
C LEU K 10 -31.92 -82.38 182.33
N VAL K 11 -32.00 -82.72 183.61
CA VAL K 11 -32.72 -83.94 184.01
C VAL K 11 -34.21 -83.79 183.74
N SER K 12 -34.73 -82.57 183.73
CA SER K 12 -36.15 -82.37 183.48
C SER K 12 -36.54 -82.79 182.07
N GLU K 13 -35.74 -82.42 181.08
CA GLU K 13 -36.01 -82.73 179.68
C GLU K 13 -34.76 -83.33 179.06
N PRO K 14 -34.56 -84.64 179.20
CA PRO K 14 -33.35 -85.27 178.68
C PRO K 14 -33.37 -85.53 177.19
N SER K 15 -34.47 -85.23 176.48
CA SER K 15 -34.57 -85.52 175.06
C SER K 15 -34.00 -84.40 174.20
N ILE K 16 -34.06 -83.15 174.65
CA ILE K 16 -33.55 -82.01 173.93
C ILE K 16 -32.49 -81.33 174.78
N THR K 17 -31.31 -81.10 174.21
CA THR K 17 -30.20 -80.53 174.95
C THR K 17 -30.33 -79.02 175.03
N HIS K 18 -29.89 -78.47 176.16
CA HIS K 18 -29.88 -77.03 176.40
C HIS K 18 -28.46 -76.49 176.22
N PHE K 19 -28.30 -75.50 175.36
CA PHE K 19 -27.00 -74.93 175.05
C PHE K 19 -26.81 -73.64 175.83
N LEU K 20 -25.66 -73.53 176.50
CA LEU K 20 -25.34 -72.37 177.32
C LEU K 20 -23.88 -72.00 177.11
N GLN K 21 -23.65 -70.79 176.60
CA GLN K 21 -22.30 -70.29 176.39
C GLN K 21 -21.89 -69.47 177.61
N VAL K 22 -21.00 -70.01 178.42
CA VAL K 22 -20.59 -69.37 179.66
C VAL K 22 -19.54 -68.30 179.36
N SER K 23 -19.77 -67.10 179.85
CA SER K 23 -18.85 -65.98 179.69
C SER K 23 -18.00 -65.86 180.95
N TRP K 24 -16.70 -66.09 180.82
CA TRP K 24 -15.78 -66.05 181.95
C TRP K 24 -14.56 -65.22 181.57
N GLU K 25 -14.14 -64.34 182.46
CA GLU K 25 -12.96 -63.53 182.24
C GLU K 25 -11.95 -63.61 183.38
N LYS K 26 -12.41 -63.76 184.62
CA LYS K 26 -11.52 -63.92 185.75
C LYS K 26 -11.22 -65.40 185.99
N THR K 27 -10.17 -65.66 186.77
CA THR K 27 -9.78 -67.01 187.10
C THR K 27 -10.84 -67.67 187.98
N LEU K 28 -11.05 -68.97 187.78
CA LEU K 28 -12.06 -69.70 188.55
C LEU K 28 -11.71 -69.81 190.03
N GLU K 29 -10.43 -69.67 190.38
CA GLU K 29 -10.02 -69.87 191.76
C GLU K 29 -10.37 -68.68 192.66
N SER K 30 -10.44 -67.48 192.11
CA SER K 30 -10.65 -66.26 192.88
C SER K 30 -11.86 -65.50 192.35
N GLY K 31 -12.96 -66.19 192.12
CA GLY K 31 -14.17 -65.57 191.63
C GLY K 31 -14.17 -65.38 190.13
N PHE K 32 -15.30 -65.68 189.49
CA PHE K 32 -15.37 -65.66 188.04
C PHE K 32 -16.80 -65.30 187.62
N VAL K 33 -16.94 -64.96 186.34
CA VAL K 33 -18.24 -64.61 185.77
C VAL K 33 -18.86 -65.88 185.20
N ILE K 34 -20.16 -66.07 185.48
CA ILE K 34 -20.90 -67.23 184.98
C ILE K 34 -22.27 -66.76 184.51
N THR K 35 -22.75 -67.36 183.43
CA THR K 35 -24.02 -67.03 182.82
C THR K 35 -24.93 -68.24 182.82
N LEU K 36 -26.21 -68.04 183.15
CA LEU K 36 -27.20 -69.10 183.17
C LEU K 36 -28.38 -68.73 182.28
N THR K 37 -29.02 -69.76 181.72
CA THR K 37 -30.19 -69.60 180.88
C THR K 37 -31.25 -70.62 181.27
N ASP K 38 -32.52 -70.30 180.98
CA ASP K 38 -33.63 -71.19 181.27
C ASP K 38 -34.60 -71.28 180.09
N GLY K 39 -34.19 -70.83 178.91
CA GLY K 39 -35.03 -70.85 177.74
C GLY K 39 -35.92 -69.65 177.55
N HIS K 40 -35.95 -68.72 178.51
CA HIS K 40 -36.74 -67.51 178.39
C HIS K 40 -35.98 -66.24 178.71
N SER K 41 -34.90 -66.29 179.48
CA SER K 41 -34.09 -65.12 179.78
C SER K 41 -32.68 -65.58 180.11
N ALA K 42 -31.74 -64.64 180.01
CA ALA K 42 -30.34 -64.91 180.27
C ALA K 42 -29.78 -63.85 181.21
N TRP K 43 -29.02 -64.30 182.21
CA TRP K 43 -28.39 -63.40 183.17
C TRP K 43 -26.94 -63.80 183.35
N THR K 44 -26.05 -62.81 183.32
CA THR K 44 -24.63 -63.01 183.59
C THR K 44 -24.33 -62.48 184.99
N GLY K 45 -23.66 -63.30 185.80
CA GLY K 45 -23.39 -62.94 187.17
C GLY K 45 -21.99 -63.34 187.58
N THR K 46 -21.51 -62.69 188.65
CA THR K 46 -20.18 -62.91 189.18
C THR K 46 -20.29 -63.50 190.58
N VAL K 47 -19.64 -64.65 190.79
CA VAL K 47 -19.55 -65.20 192.14
C VAL K 47 -18.61 -64.34 192.98
N SER K 48 -18.77 -64.42 194.30
CA SER K 48 -17.96 -63.61 195.19
C SER K 48 -16.48 -64.00 195.07
N GLU K 49 -15.62 -62.98 195.10
CA GLU K 49 -14.21 -63.19 194.83
C GLU K 49 -13.52 -63.93 195.99
N SER K 50 -12.60 -64.82 195.63
CA SER K 50 -11.69 -65.48 196.58
C SER K 50 -12.45 -66.23 197.67
N GLU K 51 -13.37 -67.09 197.25
CA GLU K 51 -14.00 -68.04 198.17
C GLU K 51 -13.98 -69.48 197.66
N ILE K 52 -13.80 -69.71 196.36
CA ILE K 52 -13.66 -71.06 195.85
C ILE K 52 -12.34 -71.67 196.31
N SER K 53 -11.28 -70.85 196.36
CA SER K 53 -9.96 -71.34 196.72
C SER K 53 -9.94 -71.87 198.15
N GLN K 54 -10.60 -71.17 199.08
CA GLN K 54 -10.62 -71.62 200.46
C GLN K 54 -11.46 -72.88 200.68
N GLU K 55 -12.29 -73.25 199.70
CA GLU K 55 -13.02 -74.52 199.78
C GLU K 55 -12.07 -75.70 199.76
N ALA K 56 -10.97 -75.60 199.02
CA ALA K 56 -9.95 -76.64 198.99
C ALA K 56 -8.87 -76.41 200.05
N ASP K 57 -9.00 -75.38 200.87
CA ASP K 57 -8.02 -75.08 201.92
C ASP K 57 -8.52 -75.40 203.31
N ASP K 58 -9.83 -75.64 203.50
CA ASP K 58 -10.37 -75.92 204.81
C ASP K 58 -10.14 -77.35 205.27
N MET K 59 -9.73 -78.25 204.38
CA MET K 59 -9.51 -79.64 204.74
C MET K 59 -8.14 -80.16 204.32
N ALA K 60 -7.27 -79.32 203.76
CA ALA K 60 -5.90 -79.67 203.40
C ALA K 60 -5.87 -80.84 202.41
N MET K 61 -6.51 -80.64 201.27
CA MET K 61 -6.52 -81.59 200.17
C MET K 61 -5.70 -81.04 199.00
N GLU K 62 -5.45 -81.91 198.02
CA GLU K 62 -4.64 -81.53 196.87
C GLU K 62 -5.33 -80.44 196.06
N LYS K 63 -4.56 -79.42 195.69
CA LYS K 63 -5.13 -78.30 194.93
C LYS K 63 -5.51 -78.73 193.52
N GLY K 64 -4.64 -79.49 192.86
CA GLY K 64 -4.93 -79.90 191.49
C GLY K 64 -6.16 -80.77 191.38
N LYS K 65 -6.36 -81.66 192.37
CA LYS K 65 -7.51 -82.55 192.37
C LYS K 65 -8.83 -81.78 192.36
N TYR K 66 -8.83 -80.53 192.80
CA TYR K 66 -10.01 -79.69 192.75
C TYR K 66 -10.00 -78.73 191.56
N VAL K 67 -8.84 -78.16 191.24
CA VAL K 67 -8.76 -77.18 190.16
C VAL K 67 -9.05 -77.84 188.81
N GLY K 68 -8.54 -79.05 188.60
CA GLY K 68 -8.79 -79.73 187.34
C GLY K 68 -10.26 -79.98 187.08
N GLU K 69 -10.97 -80.47 188.11
CA GLU K 69 -12.40 -80.70 187.98
C GLU K 69 -13.18 -79.40 187.89
N LEU K 70 -12.72 -78.34 188.58
CA LEU K 70 -13.38 -77.04 188.46
C LEU K 70 -13.29 -76.51 187.03
N ARG K 71 -12.11 -76.60 186.41
CA ARG K 71 -11.98 -76.18 185.02
C ARG K 71 -12.76 -77.08 184.09
N LYS K 72 -12.77 -78.39 184.35
CA LYS K 72 -13.53 -79.30 183.52
C LYS K 72 -15.04 -79.06 183.63
N ALA K 73 -15.50 -78.64 184.81
CA ALA K 73 -16.94 -78.44 185.01
C ALA K 73 -17.50 -77.32 184.15
N LEU K 74 -16.68 -76.30 183.85
CA LEU K 74 -17.15 -75.15 183.09
C LEU K 74 -16.59 -75.07 181.68
N LEU K 75 -15.51 -75.80 181.38
CA LEU K 75 -14.91 -75.74 180.05
C LEU K 75 -15.04 -77.08 179.33
N VAL K 83 -19.18 -87.29 179.11
CA VAL K 83 -19.75 -85.96 179.30
C VAL K 83 -19.85 -85.64 180.79
N TYR K 84 -19.46 -84.43 181.17
CA TYR K 84 -19.55 -84.01 182.56
C TYR K 84 -21.00 -83.97 183.02
N THR K 85 -21.23 -84.36 184.27
CA THR K 85 -22.59 -84.44 184.79
C THR K 85 -23.18 -83.04 184.96
N PHE K 86 -24.45 -82.91 184.61
CA PHE K 86 -25.19 -81.65 184.79
C PHE K 86 -26.63 -81.98 185.13
N ASN K 87 -27.11 -81.46 186.27
CA ASN K 87 -28.49 -81.67 186.70
C ASN K 87 -29.24 -80.35 186.80
N PHE K 88 -28.91 -79.39 185.94
CA PHE K 88 -29.57 -78.09 185.96
C PHE K 88 -31.04 -78.23 185.61
N SER K 89 -31.89 -77.52 186.35
CA SER K 89 -33.32 -77.54 186.13
C SER K 89 -33.83 -76.11 185.97
N LYS K 90 -34.77 -75.91 185.06
CA LYS K 90 -35.28 -74.56 184.81
C LYS K 90 -36.10 -74.03 185.98
N GLU K 91 -36.82 -74.90 186.70
CA GLU K 91 -37.64 -74.42 187.80
C GLU K 91 -36.79 -73.85 188.94
N SER K 92 -35.63 -74.46 189.18
CA SER K 92 -34.74 -73.96 190.23
C SER K 92 -34.20 -72.58 189.91
N CYS K 93 -33.86 -72.34 188.64
CA CYS K 93 -33.26 -71.08 188.19
C CYS K 93 -31.97 -70.76 188.95
N TYR K 94 -31.24 -71.79 189.36
CA TYR K 94 -29.99 -71.63 190.09
C TYR K 94 -29.06 -72.78 189.71
N PHE K 95 -27.78 -72.48 189.60
CA PHE K 95 -26.79 -73.48 189.16
C PHE K 95 -26.54 -74.47 190.29
N PHE K 96 -27.01 -75.71 190.11
CA PHE K 96 -26.81 -76.76 191.08
C PHE K 96 -26.98 -78.10 190.39
N PHE K 97 -26.16 -79.08 190.78
CA PHE K 97 -26.21 -80.40 190.18
C PHE K 97 -25.84 -81.44 191.24
N GLU K 98 -26.53 -82.58 191.21
CA GLU K 98 -26.23 -83.68 192.11
C GLU K 98 -25.02 -84.45 191.61
N LYS K 99 -24.23 -84.95 192.56
CA LYS K 99 -22.99 -85.66 192.24
C LYS K 99 -23.32 -87.12 191.94
N ASN K 100 -23.26 -87.51 190.66
CA ASN K 100 -23.46 -88.88 190.25
C ASN K 100 -22.21 -89.49 189.63
N LEU K 101 -21.05 -88.86 189.81
CA LEU K 101 -19.79 -89.33 189.26
C LEU K 101 -18.88 -89.81 190.39
N LYS K 102 -17.71 -90.32 190.01
CA LYS K 102 -16.74 -90.84 190.95
C LYS K 102 -15.59 -89.85 191.13
N ASP K 103 -14.66 -90.21 192.01
CA ASP K 103 -13.48 -89.40 192.31
C ASP K 103 -13.85 -88.01 192.84
N VAL K 104 -14.97 -87.92 193.55
CA VAL K 104 -15.41 -86.67 194.16
C VAL K 104 -15.81 -86.94 195.61
N SER K 105 -15.29 -86.12 196.52
CA SER K 105 -15.65 -86.20 197.94
C SER K 105 -15.78 -84.81 198.55
N PHE K 106 -16.07 -83.81 197.73
CA PHE K 106 -16.09 -82.43 198.20
C PHE K 106 -17.04 -81.62 197.33
N ARG K 107 -17.45 -80.47 197.85
CA ARG K 107 -18.28 -79.55 197.08
C ARG K 107 -17.44 -78.88 196.01
N LEU K 108 -17.96 -78.84 194.78
CA LEU K 108 -17.26 -78.27 193.64
C LEU K 108 -17.88 -76.93 193.29
N GLY K 109 -17.14 -75.85 193.50
CA GLY K 109 -17.59 -74.53 193.13
C GLY K 109 -18.63 -73.93 194.04
N SER K 110 -18.60 -72.61 194.18
CA SER K 110 -19.59 -71.86 194.93
C SER K 110 -20.23 -70.85 193.99
N PHE K 111 -21.56 -70.80 193.99
CA PHE K 111 -22.30 -69.99 193.04
C PHE K 111 -23.36 -69.17 193.75
N ASN K 112 -23.71 -68.04 193.16
CA ASN K 112 -24.70 -67.12 193.69
C ASN K 112 -25.81 -66.92 192.66
N LEU K 113 -26.73 -66.00 192.96
CA LEU K 113 -27.82 -65.68 192.05
C LEU K 113 -27.29 -64.78 190.95
N GLU K 114 -27.23 -65.30 189.73
CA GLU K 114 -26.73 -64.53 188.60
C GLU K 114 -27.78 -63.50 188.18
N LYS K 115 -27.37 -62.23 188.14
CA LYS K 115 -28.27 -61.14 187.80
C LYS K 115 -27.57 -60.15 186.88
N VAL K 116 -28.31 -59.65 185.90
CA VAL K 116 -27.81 -58.65 184.96
C VAL K 116 -28.82 -57.51 184.91
N GLU K 117 -28.34 -56.32 184.57
CA GLU K 117 -29.21 -55.15 184.56
C GLU K 117 -30.20 -55.16 183.41
N ASN K 118 -30.05 -56.08 182.45
CA ASN K 118 -31.01 -56.23 181.35
C ASN K 118 -31.06 -57.69 180.92
N PRO K 119 -32.18 -58.39 181.16
CA PRO K 119 -32.23 -59.83 180.84
C PRO K 119 -32.02 -60.13 179.36
N ALA K 120 -32.51 -59.28 178.47
CA ALA K 120 -32.32 -59.50 177.03
C ALA K 120 -30.92 -59.12 176.57
N GLU K 121 -30.18 -58.35 177.37
CA GLU K 121 -28.85 -57.92 176.97
C GLU K 121 -27.92 -59.10 176.77
N VAL K 122 -27.98 -60.08 177.68
CA VAL K 122 -27.06 -61.22 177.60
C VAL K 122 -27.26 -61.98 176.30
N ILE K 123 -28.51 -62.26 175.94
CA ILE K 123 -28.77 -62.97 174.70
C ILE K 123 -28.45 -62.09 173.49
N ARG K 124 -28.60 -60.77 173.63
CA ARG K 124 -28.26 -59.87 172.53
C ARG K 124 -26.77 -59.93 172.20
N GLU K 125 -25.91 -59.75 173.20
CA GLU K 125 -24.48 -59.93 172.92
C GLU K 125 -24.13 -61.39 172.63
N LEU K 126 -24.92 -62.35 173.08
CA LEU K 126 -24.67 -63.74 172.70
C LEU K 126 -24.79 -63.92 171.19
N ILE K 127 -25.93 -63.47 170.62
CA ILE K 127 -26.10 -63.58 169.17
C ILE K 127 -25.13 -62.67 168.45
N CYS K 128 -24.74 -61.55 169.06
CA CYS K 128 -23.75 -60.67 168.45
C CYS K 128 -22.40 -61.38 168.32
N TYR K 129 -21.96 -62.06 169.38
CA TYR K 129 -20.72 -62.82 169.32
C TYR K 129 -20.81 -63.96 168.32
N CYS K 130 -21.97 -64.63 168.27
CA CYS K 130 -22.15 -65.70 167.30
C CYS K 130 -22.00 -65.20 165.87
N LEU K 131 -22.68 -64.09 165.53
CA LEU K 131 -22.55 -63.56 164.19
C LEU K 131 -21.15 -63.04 163.91
N ASP K 132 -20.49 -62.48 164.94
CA ASP K 132 -19.12 -62.00 164.76
C ASP K 132 -18.18 -63.14 164.42
N THR K 133 -18.24 -64.23 165.17
CA THR K 133 -17.34 -65.35 164.89
C THR K 133 -17.70 -66.04 163.58
N ILE K 134 -18.98 -66.08 163.21
CA ILE K 134 -19.35 -66.63 161.92
C ILE K 134 -18.77 -65.78 160.79
N ALA K 135 -18.84 -64.46 160.91
CA ALA K 135 -18.28 -63.57 159.90
C ALA K 135 -16.77 -63.72 159.81
N GLU K 136 -16.09 -63.83 160.95
CA GLU K 136 -14.65 -64.05 160.94
C GLU K 136 -14.28 -65.35 160.26
N ASN K 137 -15.03 -66.43 160.55
CA ASN K 137 -14.78 -67.70 159.89
C ASN K 137 -14.98 -67.60 158.39
N GLN K 138 -16.05 -66.92 157.96
CA GLN K 138 -16.30 -66.77 156.53
C GLN K 138 -15.18 -65.99 155.84
N ALA K 139 -14.72 -64.90 156.47
CA ALA K 139 -13.63 -64.12 155.89
C ALA K 139 -12.35 -64.93 155.78
N LYS K 140 -12.01 -65.66 156.85
CA LYS K 140 -10.80 -66.49 156.81
C LYS K 140 -10.90 -67.56 155.74
N ASN K 141 -12.06 -68.21 155.63
CA ASN K 141 -12.25 -69.23 154.61
C ASN K 141 -12.11 -68.65 153.21
N GLU K 142 -12.70 -67.47 152.98
CA GLU K 142 -12.61 -66.84 151.66
C GLU K 142 -11.17 -66.51 151.31
N HIS K 143 -10.43 -65.93 152.26
CA HIS K 143 -9.03 -65.59 152.00
C HIS K 143 -8.20 -66.85 151.73
N LEU K 144 -8.42 -67.91 152.51
CA LEU K 144 -7.69 -69.15 152.32
C LEU K 144 -8.01 -69.77 150.97
N GLN K 145 -9.28 -69.74 150.56
CA GLN K 145 -9.66 -70.29 149.26
C GLN K 145 -9.02 -69.50 148.13
N LYS K 146 -9.01 -68.17 148.22
CA LYS K 146 -8.38 -67.35 147.19
C LYS K 146 -6.90 -67.66 147.07
N GLU K 147 -6.21 -67.75 148.21
CA GLU K 147 -4.79 -68.08 148.19
C GLU K 147 -4.55 -69.46 147.58
N ASN K 148 -5.37 -70.44 147.97
CA ASN K 148 -5.22 -71.78 147.44
C ASN K 148 -5.42 -71.81 145.93
N GLU K 149 -6.43 -71.10 145.43
CA GLU K 149 -6.69 -71.11 143.99
C GLU K 149 -5.56 -70.44 143.22
N ARG K 150 -5.08 -69.28 143.70
CA ARG K 150 -4.01 -68.61 142.96
C ARG K 150 -2.72 -69.44 142.97
N LEU K 151 -2.37 -70.03 144.12
CA LEU K 151 -1.20 -70.89 144.15
C LEU K 151 -1.38 -72.14 143.31
N LEU K 152 -2.60 -72.67 143.23
CA LEU K 152 -2.86 -73.82 142.36
C LEU K 152 -2.65 -73.47 140.90
N ARG K 153 -3.11 -72.29 140.47
CA ARG K 153 -2.89 -71.87 139.10
C ARG K 153 -1.40 -71.69 138.81
N ASP K 154 -0.68 -71.07 139.75
CA ASP K 154 0.77 -70.93 139.58
C ASP K 154 1.45 -72.28 139.46
N TRP K 155 1.07 -73.22 140.33
CA TRP K 155 1.63 -74.57 140.25
C TRP K 155 1.31 -75.24 138.93
N ASN K 156 0.10 -75.02 138.41
CA ASN K 156 -0.28 -75.64 137.14
C ASN K 156 0.61 -75.13 136.00
N ASP K 157 0.78 -73.81 135.90
CA ASP K 157 1.59 -73.30 134.80
C ASP K 157 3.05 -73.70 134.95
N VAL K 158 3.59 -73.65 136.18
CA VAL K 158 4.97 -74.07 136.41
C VAL K 158 5.14 -75.54 136.05
N GLN K 159 4.18 -76.38 136.43
CA GLN K 159 4.21 -77.80 136.10
C GLN K 159 4.24 -78.00 134.60
N GLY K 160 3.38 -77.30 133.86
CA GLY K 160 3.35 -77.46 132.42
C GLY K 160 4.69 -77.09 131.77
N ARG K 161 5.23 -75.93 132.15
CA ARG K 161 6.49 -75.50 131.55
C ARG K 161 7.63 -76.44 131.93
N PHE K 162 7.64 -76.93 133.18
CA PHE K 162 8.70 -77.82 133.61
C PHE K 162 8.61 -79.17 132.89
N GLU K 163 7.40 -79.68 132.70
CA GLU K 163 7.25 -80.94 131.98
C GLU K 163 7.69 -80.81 130.53
N LYS K 164 7.32 -79.72 129.86
CA LYS K 164 7.74 -79.57 128.47
C LYS K 164 9.26 -79.41 128.35
N CYS K 165 9.87 -78.64 129.27
CA CYS K 165 11.32 -78.48 129.21
C CYS K 165 12.03 -79.78 129.53
N VAL K 166 11.50 -80.56 130.47
CA VAL K 166 12.11 -81.85 130.80
C VAL K 166 12.01 -82.80 129.60
N SER K 167 10.87 -82.79 128.91
CA SER K 167 10.75 -83.62 127.71
C SER K 167 11.77 -83.22 126.66
N ALA K 168 11.95 -81.91 126.44
CA ALA K 168 12.93 -81.47 125.46
C ALA K 168 14.35 -81.87 125.86
N LYS K 169 14.69 -81.72 127.14
CA LYS K 169 16.02 -82.08 127.62
C LYS K 169 16.27 -83.59 127.49
N GLU K 170 15.26 -84.39 127.81
CA GLU K 170 15.36 -85.84 127.62
C GLU K 170 15.59 -86.18 126.16
N ALA K 171 14.87 -85.51 125.26
CA ALA K 171 15.07 -85.76 123.83
C ALA K 171 16.49 -85.42 123.39
N LEU K 172 17.02 -84.29 123.86
CA LEU K 172 18.38 -83.92 123.49
C LEU K 172 19.41 -84.91 124.02
N GLU K 173 19.23 -85.34 125.27
CA GLU K 173 20.13 -86.34 125.85
C GLU K 173 20.05 -87.66 125.09
N THR K 174 18.84 -88.04 124.67
CA THR K 174 18.65 -89.19 123.80
C THR K 174 19.44 -89.05 122.50
N ASP K 175 19.39 -87.87 121.89
CA ASP K 175 20.13 -87.64 120.65
C ASP K 175 21.62 -87.84 120.87
N LEU K 176 22.18 -87.17 121.89
CA LEU K 176 23.61 -87.26 122.14
C LEU K 176 24.02 -88.70 122.43
N TYR K 177 23.26 -89.39 123.28
CA TYR K 177 23.56 -90.78 123.57
C TYR K 177 23.57 -91.61 122.29
N LYS K 178 22.42 -91.69 121.61
CA LYS K 178 22.32 -92.54 120.42
C LYS K 178 23.45 -92.28 119.43
N ARG K 179 23.81 -91.01 119.24
CA ARG K 179 24.95 -90.71 118.38
C ARG K 179 26.22 -91.35 118.92
N PHE K 180 26.44 -91.27 120.24
CA PHE K 180 27.66 -91.84 120.79
C PHE K 180 27.68 -93.37 120.72
N ILE K 181 26.53 -94.02 120.90
CA ILE K 181 26.48 -95.47 120.71
C ILE K 181 26.76 -95.85 119.26
N LEU K 182 26.25 -95.07 118.30
CA LEU K 182 26.55 -95.36 116.91
C LEU K 182 28.04 -95.23 116.63
N VAL K 183 28.66 -94.15 117.13
CA VAL K 183 30.09 -93.99 116.89
C VAL K 183 30.90 -95.06 117.62
N LEU K 184 30.46 -95.48 118.80
CA LEU K 184 31.14 -96.56 119.50
C LEU K 184 31.05 -97.86 118.73
N ASN K 185 29.89 -98.14 118.12
CA ASN K 185 29.73 -99.33 117.30
C ASN K 185 30.70 -99.30 116.11
N GLU K 186 30.81 -98.15 115.44
CA GLU K 186 31.73 -98.10 114.31
C GLU K 186 33.19 -98.22 114.77
N LYS K 187 33.51 -97.63 115.93
CA LYS K 187 34.85 -97.81 116.50
C LYS K 187 35.15 -99.28 116.75
N LYS K 188 34.21 -99.98 117.38
CA LYS K 188 34.43 -101.39 117.71
C LYS K 188 34.60 -102.23 116.45
N THR K 189 33.75 -102.00 115.44
CA THR K 189 33.85 -102.77 114.21
C THR K 189 35.19 -102.51 113.52
N LYS K 190 35.61 -101.24 113.45
CA LYS K 190 36.88 -100.94 112.81
C LYS K 190 38.04 -101.55 113.58
N ILE K 191 37.99 -101.51 114.93
CA ILE K 191 39.06 -102.09 115.73
C ILE K 191 39.14 -103.59 115.51
N ARG K 192 37.99 -104.27 115.47
CA ARG K 192 37.99 -105.71 115.22
C ARG K 192 38.57 -106.03 113.85
N SER K 193 38.18 -105.27 112.83
CA SER K 193 38.71 -105.52 111.49
C SER K 193 40.22 -105.29 111.43
N LEU K 194 40.69 -104.21 112.07
CA LEU K 194 42.12 -103.93 112.07
C LEU K 194 42.90 -105.01 112.81
N HIS K 195 42.37 -105.48 113.95
CA HIS K 195 43.06 -106.54 114.69
C HIS K 195 43.08 -107.84 113.91
N ASN K 196 41.98 -108.17 113.21
CA ASN K 196 41.99 -109.37 112.37
C ASN K 196 43.03 -109.24 111.26
N LYS K 197 43.11 -108.07 110.62
CA LYS K 197 44.11 -107.88 109.56
C LYS K 197 45.53 -107.98 110.12
N LEU K 198 45.76 -107.39 111.29
CA LEU K 198 47.09 -107.46 111.90
C LEU K 198 47.47 -108.88 112.26
N LEU K 199 46.50 -109.68 112.75
CA LEU K 199 46.76 -111.08 113.01
C LEU K 199 47.07 -111.83 111.72
N ASN K 200 46.37 -111.50 110.63
CA ASN K 200 46.67 -112.11 109.35
C ASN K 200 47.98 -111.63 108.75
N ALA K 201 48.59 -110.58 109.30
CA ALA K 201 49.84 -110.06 108.78
C ALA K 201 50.94 -110.10 109.84
N LYS L 654 53.38 -65.07 98.81
CA LYS L 654 53.36 -63.66 99.16
C LYS L 654 53.52 -63.48 100.67
N ILE L 655 52.47 -62.98 101.31
CA ILE L 655 52.48 -62.88 102.76
C ILE L 655 52.54 -64.27 103.38
N SER L 656 51.91 -65.25 102.75
CA SER L 656 52.02 -66.64 103.17
C SER L 656 51.86 -67.49 101.91
N ASN L 657 52.99 -67.91 101.34
CA ASN L 657 53.00 -68.59 100.05
C ASN L 657 52.40 -69.99 100.10
N ILE L 658 51.98 -70.48 101.28
CA ILE L 658 51.31 -71.77 101.34
C ILE L 658 49.97 -71.71 100.63
N PHE L 659 49.34 -70.54 100.58
CA PHE L 659 48.16 -70.38 99.74
C PHE L 659 48.49 -70.54 98.26
N GLU L 660 49.70 -70.17 97.88
CA GLU L 660 50.17 -70.45 96.53
C GLU L 660 50.44 -71.95 96.38
N ASP L 661 50.76 -72.34 95.14
CA ASP L 661 51.01 -73.74 94.78
C ASP L 661 49.75 -74.57 94.96
N VAL L 662 48.63 -73.92 95.30
CA VAL L 662 47.34 -74.57 95.49
C VAL L 662 46.31 -73.78 94.69
N GLU L 663 45.56 -74.48 93.84
CA GLU L 663 44.56 -73.84 93.01
C GLU L 663 43.25 -73.66 93.77
N PHE L 664 42.63 -72.50 93.60
CA PHE L 664 41.36 -72.17 94.24
C PHE L 664 40.35 -71.76 93.18
N CYS L 665 39.15 -72.33 93.26
CA CYS L 665 38.05 -71.95 92.38
C CYS L 665 37.17 -70.94 93.14
N VAL L 666 37.44 -69.66 92.93
CA VAL L 666 36.68 -68.60 93.57
C VAL L 666 35.51 -68.27 92.64
N MET L 667 34.35 -68.87 92.93
CA MET L 667 33.15 -68.65 92.14
C MET L 667 32.10 -67.80 92.85
N SER L 668 32.03 -67.87 94.18
CA SER L 668 31.12 -67.01 94.93
C SER L 668 31.61 -66.91 96.36
N GLY L 669 31.72 -65.68 96.85
CA GLY L 669 32.05 -65.45 98.25
C GLY L 669 31.13 -64.43 98.87
N THR L 670 30.12 -64.01 98.11
CA THR L 670 29.21 -62.96 98.55
C THR L 670 28.23 -63.48 99.60
N ASP L 671 28.75 -63.83 100.78
CA ASP L 671 27.93 -64.24 101.91
C ASP L 671 27.97 -63.23 103.05
N SER L 672 29.17 -62.77 103.41
CA SER L 672 29.33 -61.76 104.44
C SER L 672 30.22 -60.63 103.93
N GLN L 673 31.08 -60.95 102.97
CA GLN L 673 32.00 -60.01 102.36
C GLN L 673 31.84 -60.06 100.85
N PRO L 674 31.96 -58.93 100.16
CA PRO L 674 31.94 -58.97 98.69
C PRO L 674 33.00 -59.91 98.14
N LYS L 675 32.60 -60.69 97.14
CA LYS L 675 33.51 -61.68 96.56
C LYS L 675 34.79 -61.07 95.99
N PRO L 676 34.76 -59.96 95.25
CA PRO L 676 36.04 -59.38 94.77
C PRO L 676 37.00 -59.03 95.89
N ASP L 677 36.50 -58.56 97.03
CA ASP L 677 37.39 -58.30 98.16
C ASP L 677 38.06 -59.56 98.65
N LEU L 678 37.31 -60.67 98.70
CA LEU L 678 37.89 -61.94 99.09
C LEU L 678 38.93 -62.41 98.07
N GLU L 679 38.66 -62.17 96.78
CA GLU L 679 39.65 -62.49 95.76
C GLU L 679 40.92 -61.68 95.95
N ASN L 680 40.77 -60.40 96.29
CA ASN L 680 41.93 -59.56 96.57
C ASN L 680 42.72 -60.09 97.77
N ARG L 681 42.00 -60.52 98.81
CA ARG L 681 42.68 -61.10 99.97
C ARG L 681 43.43 -62.38 99.59
N ILE L 682 42.82 -63.23 98.78
CA ILE L 682 43.47 -64.46 98.34
C ILE L 682 44.72 -64.14 97.54
N ALA L 683 44.64 -63.14 96.65
CA ALA L 683 45.81 -62.70 95.91
C ALA L 683 46.89 -62.16 96.83
N GLU L 684 46.48 -61.44 97.88
CA GLU L 684 47.44 -60.98 98.88
C GLU L 684 48.14 -62.16 99.55
N PHE L 685 47.38 -63.23 99.80
CA PHE L 685 47.98 -64.47 100.28
C PHE L 685 48.64 -65.28 99.17
N GLY L 686 48.49 -64.85 97.92
CA GLY L 686 49.14 -65.49 96.80
C GLY L 686 48.38 -66.64 96.18
N GLY L 687 47.25 -67.04 96.76
CA GLY L 687 46.46 -68.13 96.22
C GLY L 687 45.95 -67.86 94.81
N TYR L 688 46.10 -68.83 93.92
CA TYR L 688 45.61 -68.68 92.55
C TYR L 688 44.10 -68.68 92.52
N ILE L 689 43.54 -67.94 91.57
CA ILE L 689 42.11 -67.72 91.47
C ILE L 689 41.65 -68.15 90.08
N VAL L 690 40.61 -68.98 90.03
CA VAL L 690 39.98 -69.40 88.79
C VAL L 690 38.48 -69.41 88.99
N GLN L 691 37.74 -69.04 87.94
CA GLN L 691 36.29 -69.00 88.04
C GLN L 691 35.66 -70.38 87.90
N ASN L 692 36.21 -71.22 87.03
CA ASN L 692 35.68 -72.55 86.86
C ASN L 692 36.69 -73.59 87.33
N PRO L 693 36.23 -74.68 87.96
CA PRO L 693 37.17 -75.63 88.56
C PRO L 693 37.89 -76.44 87.50
N GLY L 694 39.22 -76.50 87.60
CA GLY L 694 40.05 -77.22 86.67
C GLY L 694 40.59 -78.50 87.24
N PRO L 695 41.45 -79.18 86.47
CA PRO L 695 42.03 -80.45 86.97
C PRO L 695 42.83 -80.28 88.24
N ASP L 696 43.56 -79.18 88.39
CA ASP L 696 44.39 -78.94 89.56
C ASP L 696 43.67 -78.16 90.65
N THR L 697 42.41 -77.82 90.46
CA THR L 697 41.66 -77.06 91.45
C THR L 697 41.47 -77.90 92.70
N TYR L 698 42.18 -77.54 93.77
CA TYR L 698 42.09 -78.30 95.01
C TYR L 698 40.73 -78.12 95.68
N CYS L 699 40.22 -76.90 95.72
CA CYS L 699 38.94 -76.62 96.36
C CYS L 699 38.25 -75.49 95.63
N VAL L 700 36.94 -75.39 95.83
CA VAL L 700 36.10 -74.37 95.21
C VAL L 700 35.57 -73.45 96.30
N ILE L 701 35.76 -72.15 96.11
CA ILE L 701 35.27 -71.14 97.04
C ILE L 701 33.78 -70.96 96.77
N ALA L 702 32.94 -71.60 97.58
CA ALA L 702 31.50 -71.58 97.40
C ALA L 702 30.87 -70.62 98.40
N GLY L 703 30.06 -69.69 97.91
CA GLY L 703 29.36 -68.76 98.76
C GLY L 703 27.88 -69.08 98.89
N SER L 704 27.03 -68.23 98.31
CA SER L 704 25.60 -68.47 98.34
C SER L 704 25.25 -69.66 97.43
N GLU L 705 24.10 -70.27 97.72
CA GLU L 705 23.65 -71.40 96.93
C GLU L 705 23.16 -70.94 95.57
N ASN L 706 23.64 -71.60 94.52
CA ASN L 706 23.26 -71.28 93.15
C ASN L 706 23.17 -72.57 92.36
N ILE L 707 22.51 -72.50 91.21
CA ILE L 707 22.36 -73.68 90.36
C ILE L 707 23.73 -74.23 89.98
N ARG L 708 24.69 -73.34 89.74
CA ARG L 708 26.06 -73.77 89.50
C ARG L 708 26.62 -74.53 90.71
N VAL L 709 26.27 -74.08 91.92
CA VAL L 709 26.69 -74.81 93.12
C VAL L 709 26.04 -76.18 93.16
N LYS L 710 24.76 -76.26 92.78
CA LYS L 710 24.10 -77.57 92.75
C LYS L 710 24.77 -78.51 91.78
N ASN L 711 25.14 -78.02 90.60
CA ASN L 711 25.81 -78.87 89.63
C ASN L 711 27.21 -79.25 90.09
N ILE L 712 27.90 -78.33 90.78
CA ILE L 712 29.18 -78.68 91.38
C ILE L 712 29.02 -79.81 92.38
N ILE L 713 27.93 -79.77 93.15
CA ILE L 713 27.63 -80.88 94.05
C ILE L 713 27.37 -82.16 93.26
N LEU L 714 26.65 -82.04 92.13
CA LEU L 714 26.36 -83.22 91.31
C LEU L 714 27.64 -83.88 90.83
N SER L 715 28.55 -83.12 90.24
CA SER L 715 29.85 -83.65 89.86
C SER L 715 30.66 -83.97 91.11
N ASN L 716 31.42 -85.05 91.05
CA ASN L 716 32.30 -85.43 92.15
C ASN L 716 33.74 -85.26 91.68
N LYS L 717 34.22 -84.02 91.74
CA LYS L 717 35.60 -83.71 91.39
C LYS L 717 36.21 -82.63 92.26
N HIS L 718 35.46 -81.97 93.14
CA HIS L 718 35.94 -80.79 93.82
C HIS L 718 35.27 -80.68 95.19
N ASP L 719 35.63 -79.64 95.92
CA ASP L 719 35.19 -79.45 97.29
C ASP L 719 34.40 -78.16 97.41
N VAL L 720 33.23 -78.24 98.03
CA VAL L 720 32.40 -77.07 98.29
C VAL L 720 32.85 -76.46 99.62
N VAL L 721 33.51 -75.31 99.54
CA VAL L 721 34.10 -74.65 100.70
C VAL L 721 33.35 -73.35 100.94
N LYS L 722 32.83 -73.19 102.17
CA LYS L 722 32.16 -71.96 102.56
C LYS L 722 33.19 -70.87 102.86
N PRO L 723 32.76 -69.60 102.82
CA PRO L 723 33.70 -68.51 103.15
C PRO L 723 34.23 -68.57 104.57
N ALA L 724 33.59 -69.31 105.47
CA ALA L 724 34.05 -69.37 106.84
C ALA L 724 35.45 -69.95 106.95
N TRP L 725 35.73 -71.03 106.20
CA TRP L 725 37.04 -71.67 106.29
C TRP L 725 38.14 -70.75 105.78
N LEU L 726 37.93 -70.09 104.65
CA LEU L 726 38.93 -69.16 104.15
C LEU L 726 39.08 -67.95 105.06
N LEU L 727 38.00 -67.52 105.70
CA LEU L 727 38.11 -66.47 106.69
C LEU L 727 38.98 -66.90 107.86
N GLU L 728 38.81 -68.15 108.32
CA GLU L 728 39.67 -68.68 109.38
C GLU L 728 41.11 -68.73 108.92
N CYS L 729 41.35 -69.15 107.68
CA CYS L 729 42.70 -69.13 107.14
C CYS L 729 43.29 -67.73 107.16
N PHE L 730 42.47 -66.74 106.78
CA PHE L 730 42.94 -65.35 106.80
C PHE L 730 43.29 -64.90 108.21
N LYS L 731 42.44 -65.24 109.19
CA LYS L 731 42.72 -64.86 110.57
C LYS L 731 44.00 -65.52 111.06
N THR L 732 44.19 -66.80 110.75
CA THR L 732 45.40 -67.50 111.12
C THR L 732 46.60 -67.11 110.27
N LYS L 733 46.38 -66.34 109.19
CA LYS L 733 47.42 -65.98 108.24
C LYS L 733 48.09 -67.21 107.63
N SER L 734 47.39 -68.34 107.63
CA SER L 734 47.96 -69.60 107.17
C SER L 734 46.81 -70.55 106.85
N PHE L 735 47.16 -71.67 106.23
CA PHE L 735 46.18 -72.67 105.85
C PHE L 735 45.53 -73.28 107.09
N VAL L 736 44.21 -73.42 107.03
CA VAL L 736 43.43 -74.08 108.07
C VAL L 736 42.97 -75.42 107.54
N PRO L 737 43.11 -76.51 108.29
CA PRO L 737 42.70 -77.83 107.77
C PRO L 737 41.21 -77.87 107.46
N TRP L 738 40.84 -78.84 106.64
CA TRP L 738 39.46 -78.99 106.20
C TRP L 738 38.63 -79.59 107.32
N GLN L 739 37.67 -78.83 107.83
CA GLN L 739 36.75 -79.28 108.86
C GLN L 739 35.39 -79.60 108.26
N PRO L 740 34.71 -80.64 108.75
CA PRO L 740 33.45 -81.09 108.15
C PRO L 740 32.22 -80.35 108.72
N ARG L 741 32.28 -79.02 108.75
CA ARG L 741 31.11 -78.23 109.10
C ARG L 741 30.88 -77.03 108.19
N PHE L 742 31.88 -76.63 107.40
CA PHE L 742 31.68 -75.70 106.30
C PHE L 742 31.54 -76.42 104.96
N MET L 743 31.32 -77.73 105.00
CA MET L 743 31.56 -78.60 103.87
C MET L 743 30.24 -79.15 103.36
N ILE L 744 30.08 -79.23 102.03
CA ILE L 744 28.85 -79.74 101.45
C ILE L 744 29.14 -80.96 100.58
N HIS L 745 29.90 -80.76 99.50
CA HIS L 745 30.19 -81.83 98.56
C HIS L 745 31.69 -81.93 98.35
N MET L 746 32.24 -83.13 98.61
CA MET L 746 33.68 -83.34 98.60
C MET L 746 34.02 -84.50 97.67
N CYS L 747 35.30 -84.55 97.29
CA CYS L 747 35.79 -85.60 96.42
C CYS L 747 35.78 -86.94 97.16
N PRO L 748 35.74 -88.06 96.43
CA PRO L 748 35.92 -89.35 97.09
C PRO L 748 37.23 -89.45 97.85
N SER L 749 38.29 -88.87 97.31
CA SER L 749 39.52 -88.71 98.07
C SER L 749 39.29 -87.84 99.29
N THR L 750 38.55 -86.73 99.12
CA THR L 750 38.20 -85.91 100.26
C THR L 750 37.20 -86.63 101.17
N LYS L 751 36.34 -87.48 100.60
CA LYS L 751 35.44 -88.29 101.43
C LYS L 751 36.23 -89.18 102.37
N GLU L 752 37.20 -89.94 101.84
CA GLU L 752 37.99 -90.81 102.69
C GLU L 752 38.90 -90.03 103.62
N HIS L 753 39.38 -88.85 103.18
CA HIS L 753 40.16 -88.00 104.08
C HIS L 753 39.32 -87.56 105.27
N PHE L 754 38.08 -87.14 105.02
CA PHE L 754 37.20 -86.75 106.11
C PHE L 754 36.87 -87.94 107.01
N ALA L 755 36.67 -89.11 106.42
CA ALA L 755 36.46 -90.31 107.23
C ALA L 755 37.67 -90.60 108.10
N ARG L 756 38.87 -90.35 107.59
CA ARG L 756 40.08 -90.57 108.37
C ARG L 756 40.25 -89.53 109.48
N GLU L 757 39.76 -88.31 109.26
CA GLU L 757 39.91 -87.25 110.25
C GLU L 757 38.64 -86.97 111.05
N TYR L 758 37.47 -87.35 110.54
CA TYR L 758 36.20 -87.20 111.25
C TYR L 758 35.52 -88.56 111.33
N ASP L 759 34.95 -88.87 112.49
CA ASP L 759 34.33 -90.17 112.69
C ASP L 759 33.18 -90.38 111.72
N CYS L 760 32.08 -89.65 111.92
CA CYS L 760 31.02 -89.60 110.92
C CYS L 760 30.44 -88.20 110.67
N TYR L 761 30.49 -87.28 111.63
CA TYR L 761 30.07 -85.91 111.37
C TYR L 761 31.19 -84.89 111.56
N GLY L 762 31.72 -84.76 112.78
CA GLY L 762 32.74 -83.74 113.02
C GLY L 762 33.79 -84.06 114.06
N ASP L 763 33.81 -85.27 114.60
CA ASP L 763 34.68 -85.58 115.73
C ASP L 763 36.03 -86.08 115.24
N SER L 764 37.09 -85.46 115.76
CA SER L 764 38.45 -85.80 115.35
C SER L 764 38.88 -87.12 115.97
N TYR L 765 40.04 -87.60 115.52
CA TYR L 765 40.62 -88.84 116.01
C TYR L 765 41.85 -88.63 116.88
N PHE L 766 42.42 -87.43 116.89
CA PHE L 766 43.69 -87.17 117.56
C PHE L 766 43.67 -85.97 118.50
N ILE L 767 42.58 -85.22 118.55
CA ILE L 767 42.53 -83.95 119.28
C ILE L 767 41.54 -84.07 120.42
N ASP L 768 41.94 -83.62 121.61
CA ASP L 768 41.05 -83.60 122.76
C ASP L 768 39.80 -82.78 122.45
N THR L 769 38.64 -83.34 122.78
CA THR L 769 37.38 -82.66 122.54
C THR L 769 37.11 -81.66 123.66
N ASP L 770 36.40 -80.60 123.32
CA ASP L 770 35.97 -79.61 124.29
C ASP L 770 34.49 -79.33 124.06
N LEU L 771 33.96 -78.34 124.79
CA LEU L 771 32.52 -78.08 124.74
C LEU L 771 32.12 -77.43 123.41
N ASN L 772 32.97 -76.56 122.86
CA ASN L 772 32.57 -75.75 121.73
C ASN L 772 32.33 -76.60 120.48
N GLN L 773 33.37 -77.28 120.01
CA GLN L 773 33.23 -78.05 118.77
C GLN L 773 32.27 -79.21 118.94
N LEU L 774 32.22 -79.81 120.14
CA LEU L 774 31.25 -80.88 120.39
C LEU L 774 29.84 -80.36 120.31
N LYS L 775 29.58 -79.17 120.88
CA LYS L 775 28.25 -78.57 120.78
C LYS L 775 27.91 -78.27 119.34
N GLU L 776 28.86 -77.73 118.57
CA GLU L 776 28.60 -77.45 117.16
C GLU L 776 28.28 -78.73 116.39
N VAL L 777 29.03 -79.80 116.64
CA VAL L 777 28.81 -81.05 115.93
C VAL L 777 27.44 -81.62 116.28
N PHE L 778 27.10 -81.68 117.56
CA PHE L 778 25.83 -82.25 117.96
C PHE L 778 24.65 -81.36 117.58
N SER L 779 24.87 -80.06 117.39
CA SER L 779 23.83 -79.21 116.83
C SER L 779 23.68 -79.45 115.33
N GLY L 780 24.77 -79.76 114.64
CA GLY L 780 24.67 -80.10 113.23
C GLY L 780 23.90 -81.38 112.99
N ILE L 781 24.09 -82.38 113.85
CA ILE L 781 23.38 -83.64 113.70
C ILE L 781 21.91 -83.46 114.06
N LYS L 782 21.04 -84.16 113.33
CA LYS L 782 19.61 -84.02 113.51
C LYS L 782 19.14 -84.64 114.82
N ASN L 783 17.92 -84.30 115.21
CA ASN L 783 17.30 -84.84 116.41
C ASN L 783 17.04 -86.33 116.21
N SER L 784 17.83 -87.17 116.86
CA SER L 784 17.72 -88.62 116.73
C SER L 784 16.92 -89.15 117.90
N ASN L 785 15.60 -88.97 117.82
CA ASN L 785 14.68 -89.49 118.84
C ASN L 785 13.47 -90.16 118.21
N GLU L 786 13.58 -90.59 116.95
CA GLU L 786 12.50 -91.25 116.23
C GLU L 786 12.48 -92.76 116.46
N GLN L 787 13.38 -93.27 117.29
CA GLN L 787 13.48 -94.70 117.54
C GLN L 787 12.63 -95.12 118.73
N THR L 788 12.51 -96.44 118.91
CA THR L 788 11.62 -96.97 119.94
C THR L 788 12.19 -96.68 121.33
N PRO L 789 11.33 -96.44 122.32
CA PRO L 789 11.82 -96.17 123.68
C PRO L 789 12.55 -97.34 124.32
N GLU L 790 12.21 -98.59 123.97
CA GLU L 790 12.74 -99.73 124.71
C GLU L 790 14.26 -99.85 124.56
N GLU L 791 14.75 -99.86 123.32
CA GLU L 791 16.19 -100.03 123.12
C GLU L 791 16.94 -98.81 123.64
N MET L 792 16.31 -97.63 123.60
CA MET L 792 16.97 -96.43 124.10
C MET L 792 17.09 -96.45 125.62
N ALA L 793 16.04 -96.89 126.32
CA ALA L 793 16.13 -97.04 127.76
C ALA L 793 17.17 -98.09 128.14
N SER L 794 17.22 -99.19 127.38
CA SER L 794 18.27 -100.18 127.62
C SER L 794 19.65 -99.59 127.42
N LEU L 795 19.83 -98.79 126.35
CA LEU L 795 21.14 -98.18 126.10
C LEU L 795 21.52 -97.21 127.21
N ILE L 796 20.56 -96.40 127.66
CA ILE L 796 20.84 -95.47 128.76
C ILE L 796 21.25 -96.23 130.01
N ALA L 797 20.51 -97.30 130.33
CA ALA L 797 20.83 -98.09 131.51
C ALA L 797 22.22 -98.71 131.40
N ASP L 798 22.54 -99.29 130.24
CA ASP L 798 23.84 -99.94 130.07
C ASP L 798 24.98 -98.94 130.13
N LEU L 799 24.80 -97.77 129.51
CA LEU L 799 25.83 -96.74 129.57
C LEU L 799 26.00 -96.23 131.00
N GLU L 800 24.91 -96.16 131.76
CA GLU L 800 25.02 -95.76 133.16
C GLU L 800 25.75 -96.81 133.99
N TYR L 801 25.48 -98.10 133.74
CA TYR L 801 26.11 -99.15 134.54
C TYR L 801 27.60 -99.27 134.21
N ARG L 802 27.94 -99.31 132.91
CA ARG L 802 29.31 -99.57 132.52
C ARG L 802 30.24 -98.43 132.92
N TYR L 803 29.83 -97.18 132.69
CA TYR L 803 30.64 -96.03 133.02
C TYR L 803 30.33 -95.44 134.39
N SER L 804 29.45 -96.10 135.16
CA SER L 804 29.09 -95.68 136.51
C SER L 804 28.48 -94.26 136.50
N TRP L 805 27.41 -94.11 135.72
CA TRP L 805 26.65 -92.87 135.69
C TRP L 805 25.48 -92.87 136.66
N ASP L 806 25.28 -93.96 137.40
CA ASP L 806 24.17 -94.03 138.37
C ASP L 806 24.56 -93.35 139.68
N CYS L 807 25.04 -92.11 139.60
CA CYS L 807 25.43 -91.35 140.78
C CYS L 807 24.96 -89.90 140.71
N SER L 808 24.04 -89.58 139.79
CA SER L 808 23.55 -88.23 139.68
C SER L 808 22.78 -87.82 140.94
N PRO L 809 22.89 -86.55 141.34
CA PRO L 809 22.16 -86.11 142.56
C PRO L 809 20.66 -86.26 142.45
N LEU L 810 20.12 -86.16 141.23
CA LEU L 810 18.67 -86.27 141.00
C LEU L 810 18.41 -87.51 140.15
N SER L 811 18.21 -88.65 140.80
CA SER L 811 17.84 -89.90 140.14
C SER L 811 16.89 -90.66 141.07
N MET L 812 15.60 -90.39 140.95
CA MET L 812 14.63 -91.00 141.86
C MET L 812 13.51 -91.72 141.13
N PHE L 813 13.06 -91.22 139.97
CA PHE L 813 12.18 -92.01 139.10
C PHE L 813 12.19 -91.44 137.68
N ARG L 814 12.97 -92.05 136.79
CA ARG L 814 12.62 -92.04 135.37
C ARG L 814 12.87 -93.37 134.64
N ARG L 815 14.06 -93.99 134.82
CA ARG L 815 14.40 -95.13 133.96
C ARG L 815 15.28 -96.23 134.57
N HIS L 816 15.66 -96.17 135.84
CA HIS L 816 16.76 -96.99 136.38
C HIS L 816 16.34 -97.83 137.60
N THR L 817 15.86 -99.04 137.34
CA THR L 817 15.84 -100.16 138.30
C THR L 817 15.21 -99.78 139.65
N VAL L 818 13.89 -99.57 139.64
CA VAL L 818 13.12 -99.46 140.87
C VAL L 818 11.68 -99.84 140.57
N TYR L 819 10.93 -100.20 141.62
CA TYR L 819 9.51 -100.48 141.53
C TYR L 819 8.75 -99.68 142.58
N LEU L 820 7.60 -99.15 142.18
CA LEU L 820 6.73 -98.40 143.09
C LEU L 820 5.33 -98.38 142.51
N ASP L 821 4.37 -98.93 143.26
CA ASP L 821 2.98 -98.94 142.82
C ASP L 821 2.37 -97.55 142.98
N SER L 822 1.68 -97.08 141.95
CA SER L 822 1.00 -95.79 141.97
C SER L 822 -0.47 -95.90 141.65
N TYR L 823 -1.05 -97.10 141.69
CA TYR L 823 -2.45 -97.31 141.40
C TYR L 823 -3.22 -97.59 142.69
N ALA L 824 -4.55 -97.57 142.57
CA ALA L 824 -5.40 -97.86 143.72
C ALA L 824 -5.44 -99.36 144.03
N VAL L 825 -5.35 -100.21 143.00
CA VAL L 825 -5.43 -101.65 143.19
C VAL L 825 -4.66 -102.33 142.06
N ILE L 826 -3.91 -103.38 142.42
CA ILE L 826 -3.20 -104.17 141.42
C ILE L 826 -4.19 -105.05 140.67
N ASN L 827 -3.83 -105.42 139.43
CA ASN L 827 -4.61 -106.22 138.48
C ASN L 827 -5.67 -105.38 137.78
N ASP L 828 -5.66 -104.06 137.95
CA ASP L 828 -6.57 -103.16 137.25
C ASP L 828 -5.74 -101.95 136.80
N LEU L 829 -5.40 -101.91 135.51
CA LEU L 829 -4.59 -100.82 134.99
C LEU L 829 -5.38 -99.52 134.86
N SER L 830 -6.71 -99.60 134.78
CA SER L 830 -7.55 -98.44 134.56
C SER L 830 -8.01 -97.78 135.85
N THR L 831 -7.61 -98.30 137.01
CA THR L 831 -8.04 -97.71 138.28
C THR L 831 -7.36 -96.37 138.51
N LYS L 832 -8.08 -95.46 139.15
CA LYS L 832 -7.57 -94.13 139.45
C LYS L 832 -8.50 -93.47 140.46
N ASN L 833 -7.92 -92.74 141.41
CA ASN L 833 -8.67 -92.01 142.41
C ASN L 833 -7.96 -90.71 142.73
N GLU L 834 -8.74 -89.71 143.14
CA GLU L 834 -8.23 -88.40 143.48
C GLU L 834 -8.22 -88.22 144.99
N GLY L 835 -7.81 -87.03 145.43
CA GLY L 835 -7.71 -86.73 146.84
C GLY L 835 -6.49 -87.28 147.53
N THR L 836 -5.56 -87.90 146.80
CA THR L 836 -4.35 -88.48 147.35
C THR L 836 -3.14 -87.87 146.64
N ARG L 837 -1.96 -88.42 146.93
CA ARG L 837 -0.72 -87.98 146.32
C ARG L 837 -0.24 -88.92 145.22
N LEU L 838 -1.15 -89.74 144.67
CA LEU L 838 -0.78 -90.60 143.54
C LEU L 838 -0.41 -89.78 142.32
N ALA L 839 -1.08 -88.65 142.12
CA ALA L 839 -0.75 -87.78 140.99
C ALA L 839 0.67 -87.24 141.12
N ILE L 840 1.09 -86.90 142.35
CA ILE L 840 2.45 -86.40 142.55
C ILE L 840 3.46 -87.47 142.18
N LYS L 841 3.22 -88.72 142.59
CA LYS L 841 4.13 -89.81 142.24
C LYS L 841 4.14 -90.05 140.74
N ALA L 842 2.97 -89.96 140.09
CA ALA L 842 2.92 -90.11 138.64
C ALA L 842 3.67 -88.99 137.93
N LEU L 843 3.71 -87.80 138.52
CA LEU L 843 4.49 -86.70 137.95
C LEU L 843 5.98 -86.89 138.18
N GLU L 844 6.36 -87.49 139.31
CA GLU L 844 7.75 -87.63 139.69
C GLU L 844 8.51 -88.67 138.86
N LEU L 845 7.82 -89.45 138.03
CA LEU L 845 8.44 -90.58 137.33
C LEU L 845 8.91 -90.21 135.92
N ARG L 846 9.33 -88.96 135.70
CA ARG L 846 9.64 -88.50 134.35
C ARG L 846 11.09 -88.10 134.12
N PHE L 847 11.78 -87.54 135.12
CA PHE L 847 13.03 -86.84 134.87
C PHE L 847 14.24 -87.46 135.53
N HIS L 848 14.20 -87.71 136.84
CA HIS L 848 15.43 -87.89 137.61
C HIS L 848 16.17 -89.17 137.24
N GLY L 849 15.45 -90.29 137.13
CA GLY L 849 16.06 -91.55 136.76
C GLY L 849 16.00 -92.66 137.80
N ALA L 850 14.97 -93.50 137.65
CA ALA L 850 14.74 -94.76 138.35
C ALA L 850 13.50 -95.39 137.72
N LYS L 851 13.48 -96.72 137.58
CA LYS L 851 12.59 -97.37 136.62
C LYS L 851 11.12 -97.09 136.91
N VAL L 852 10.35 -96.91 135.84
CA VAL L 852 8.92 -96.63 135.93
C VAL L 852 8.18 -97.97 135.76
N VAL L 853 7.99 -98.67 136.87
CA VAL L 853 7.20 -99.89 136.90
C VAL L 853 6.33 -99.86 138.15
N SER L 854 5.04 -100.13 137.99
CA SER L 854 4.08 -100.02 139.08
C SER L 854 3.13 -101.19 139.22
N CYS L 855 2.91 -101.99 138.18
CA CYS L 855 1.90 -103.03 138.21
C CYS L 855 2.43 -104.29 137.54
N LEU L 856 2.16 -105.44 138.17
CA LEU L 856 2.60 -106.76 137.68
C LEU L 856 4.11 -106.78 137.47
N ALA L 857 4.83 -106.64 138.58
CA ALA L 857 6.29 -106.75 138.60
C ALA L 857 6.68 -107.88 139.52
N GLU L 858 7.41 -108.86 138.99
CA GLU L 858 7.89 -110.00 139.77
C GLU L 858 9.37 -110.31 139.59
N GLY L 859 9.97 -109.97 138.45
CA GLY L 859 11.38 -110.22 138.25
C GLY L 859 12.27 -109.41 139.16
N VAL L 860 11.76 -108.32 139.71
CA VAL L 860 12.51 -107.43 140.59
C VAL L 860 11.89 -107.49 141.98
N SER L 861 12.73 -107.60 143.00
CA SER L 861 12.28 -107.73 144.38
C SER L 861 12.08 -106.39 145.06
N HIS L 862 12.27 -105.28 144.35
CA HIS L 862 12.10 -103.96 144.96
C HIS L 862 10.66 -103.74 145.35
N VAL L 863 10.44 -103.29 146.59
CA VAL L 863 9.11 -103.01 147.11
C VAL L 863 9.15 -101.64 147.78
N ILE L 864 8.26 -100.74 147.36
CA ILE L 864 8.16 -99.41 147.95
C ILE L 864 6.70 -99.09 148.22
N ILE L 865 6.44 -98.55 149.41
CA ILE L 865 5.15 -97.96 149.73
C ILE L 865 5.16 -96.51 149.27
N GLY L 866 4.15 -96.12 148.52
CA GLY L 866 4.08 -94.78 147.97
C GLY L 866 3.86 -93.74 149.05
N GLU L 867 3.59 -92.52 148.59
CA GLU L 867 3.29 -91.42 149.51
C GLU L 867 2.04 -91.71 150.34
N ASP L 868 1.14 -92.52 149.81
CA ASP L 868 -0.03 -92.95 150.56
C ASP L 868 0.35 -94.03 151.57
N HIS L 869 -0.37 -94.05 152.69
CA HIS L 869 -0.15 -95.04 153.74
C HIS L 869 -1.30 -96.02 153.90
N SER L 870 -2.45 -95.75 153.29
CA SER L 870 -3.59 -96.65 153.38
C SER L 870 -3.52 -97.81 152.39
N ARG L 871 -2.57 -97.78 151.46
CA ARG L 871 -2.45 -98.84 150.47
C ARG L 871 -1.67 -100.04 150.97
N VAL L 872 -1.10 -99.98 152.19
CA VAL L 872 -0.33 -101.09 152.71
C VAL L 872 -1.20 -102.34 152.88
N ALA L 873 -2.48 -102.15 153.20
CA ALA L 873 -3.38 -103.30 153.29
C ALA L 873 -3.51 -104.00 151.95
N ASP L 874 -3.62 -103.23 150.87
CA ASP L 874 -3.64 -103.83 149.54
C ASP L 874 -2.33 -104.55 149.25
N PHE L 875 -1.20 -103.95 149.63
CA PHE L 875 0.10 -104.58 149.38
C PHE L 875 0.20 -105.92 150.10
N LYS L 876 -0.29 -105.99 151.34
CA LYS L 876 -0.35 -107.27 152.03
C LYS L 876 -1.33 -108.23 151.38
N ALA L 877 -2.44 -107.71 150.85
CA ALA L 877 -3.37 -108.56 150.11
C ALA L 877 -2.73 -109.13 148.85
N PHE L 878 -1.94 -108.32 148.15
CA PHE L 878 -1.24 -108.79 146.95
C PHE L 878 0.04 -109.54 147.28
N ARG L 879 0.45 -109.58 148.55
CA ARG L 879 1.65 -110.33 148.92
C ARG L 879 1.47 -111.82 148.68
N ARG L 880 0.29 -112.36 149.02
CA ARG L 880 0.04 -113.77 148.80
C ARG L 880 -0.17 -114.08 147.33
N THR L 881 -0.68 -113.11 146.56
CA THR L 881 -0.86 -113.32 145.12
C THR L 881 0.47 -113.53 144.42
N PHE L 882 1.50 -112.77 144.80
CA PHE L 882 2.81 -112.86 144.20
C PHE L 882 3.74 -113.70 145.07
N LYS L 883 4.96 -113.90 144.59
CA LYS L 883 5.99 -114.61 145.33
C LYS L 883 7.04 -113.68 145.93
N ARG L 884 6.81 -112.36 145.89
CA ARG L 884 7.75 -111.37 146.38
C ARG L 884 7.23 -110.77 147.67
N LYS L 885 8.07 -110.76 148.70
CA LYS L 885 7.69 -110.20 149.99
C LYS L 885 7.63 -108.67 149.92
N PHE L 886 6.74 -108.09 150.70
CA PHE L 886 6.56 -106.65 150.77
C PHE L 886 7.12 -106.13 152.09
N LYS L 887 7.83 -105.00 152.02
CA LYS L 887 8.49 -104.43 153.19
C LYS L 887 8.08 -102.98 153.36
N ILE L 888 8.10 -102.53 154.62
CA ILE L 888 7.79 -101.14 154.95
C ILE L 888 9.09 -100.34 154.94
N LEU L 889 9.01 -99.11 154.44
CA LEU L 889 10.18 -98.25 154.30
C LEU L 889 10.05 -97.02 155.18
N LYS L 890 11.20 -96.45 155.52
CA LYS L 890 11.25 -95.22 156.30
C LYS L 890 10.72 -94.05 155.47
N ASP L 899 19.36 -90.88 150.04
CA ASP L 899 18.01 -91.40 149.89
C ASP L 899 17.24 -90.66 148.80
N LYS L 900 15.91 -90.71 148.86
CA LYS L 900 15.06 -90.03 147.91
C LYS L 900 14.11 -89.06 148.60
N CYS L 901 14.47 -88.59 149.79
CA CYS L 901 13.73 -87.61 150.60
C CYS L 901 12.23 -87.89 150.64
N GLU L 902 11.85 -89.15 150.59
CA GLU L 902 10.45 -89.57 150.65
C GLU L 902 10.40 -90.94 151.32
N LEU L 903 9.26 -91.61 151.19
CA LEU L 903 9.08 -92.95 151.72
C LEU L 903 9.63 -94.04 150.79
N GLN L 904 10.49 -93.67 149.84
CA GLN L 904 10.99 -94.59 148.82
C GLN L 904 12.48 -94.82 149.05
N GLU L 905 12.82 -95.98 149.61
CA GLU L 905 14.21 -96.37 149.81
C GLU L 905 14.26 -97.88 150.03
N GLU L 906 15.12 -98.54 149.26
CA GLU L 906 15.23 -99.99 149.36
C GLU L 906 15.87 -100.40 150.68
N ASN L 907 15.31 -101.44 151.29
CA ASN L 907 15.86 -102.00 152.52
C ASN L 907 16.44 -103.39 152.27
N CYS M 10 56.50 -30.08 77.40
CA CYS M 10 55.97 -29.17 76.39
C CYS M 10 54.52 -29.52 76.06
N SER M 11 53.94 -28.77 75.12
CA SER M 11 52.56 -29.02 74.71
C SER M 11 52.38 -30.46 74.25
N LEU M 12 53.30 -30.94 73.41
CA LEU M 12 53.28 -32.34 73.00
C LEU M 12 53.41 -33.26 74.21
N LEU M 13 54.34 -32.95 75.11
CA LEU M 13 54.58 -33.82 76.26
C LEU M 13 53.40 -33.81 77.21
N ARG M 14 52.86 -32.62 77.52
CA ARG M 14 51.72 -32.56 78.43
C ARG M 14 50.50 -33.23 77.82
N LEU M 15 50.29 -33.07 76.52
CA LEU M 15 49.18 -33.74 75.88
C LEU M 15 49.37 -35.26 75.90
N GLN M 16 50.59 -35.73 75.69
CA GLN M 16 50.87 -37.16 75.79
C GLN M 16 50.55 -37.67 77.19
N GLU M 17 50.96 -36.92 78.22
CA GLU M 17 50.69 -37.34 79.59
C GLU M 17 49.19 -37.36 79.86
N THR M 18 48.47 -36.33 79.42
CA THR M 18 47.03 -36.28 79.64
C THR M 18 46.32 -37.44 78.97
N LEU M 19 46.69 -37.73 77.71
CA LEU M 19 46.07 -38.86 77.02
C LEU M 19 46.44 -40.19 77.67
N SER M 20 47.68 -40.31 78.14
CA SER M 20 48.06 -41.49 78.93
C SER M 20 47.22 -41.58 80.19
N ALA M 21 46.74 -40.45 80.69
CA ALA M 21 45.77 -40.46 81.77
C ALA M 21 44.35 -40.60 81.24
N ALA M 22 44.01 -39.80 80.23
CA ALA M 22 42.61 -39.64 79.79
C ALA M 22 41.90 -40.96 79.54
N ASP M 23 42.63 -42.05 79.33
CA ASP M 23 42.04 -43.36 79.12
C ASP M 23 41.88 -44.14 80.42
N ARG M 24 42.08 -43.50 81.58
CA ARG M 24 42.01 -44.22 82.84
C ARG M 24 40.60 -44.73 83.12
N CYS M 25 39.58 -44.02 82.66
CA CYS M 25 38.19 -44.37 82.94
C CYS M 25 37.57 -45.06 81.73
N GLY M 26 36.68 -46.01 82.00
CA GLY M 26 36.00 -46.71 80.93
C GLY M 26 34.72 -46.00 80.53
N ALA M 27 34.80 -45.21 79.46
CA ALA M 27 33.66 -44.46 78.96
C ALA M 27 33.99 -43.96 77.57
N ALA M 28 32.98 -43.89 76.71
CA ALA M 28 33.17 -43.38 75.36
C ALA M 28 33.66 -41.93 75.38
N LEU M 29 33.30 -41.19 76.43
CA LEU M 29 33.79 -39.81 76.56
C LEU M 29 35.31 -39.78 76.66
N ALA M 30 35.89 -40.76 77.33
CA ALA M 30 37.34 -40.84 77.40
C ALA M 30 37.93 -40.94 76.00
N GLY M 31 37.37 -41.82 75.18
CA GLY M 31 37.84 -41.94 73.80
C GLY M 31 37.61 -40.66 73.00
N HIS M 32 36.50 -39.97 73.25
CA HIS M 32 36.25 -38.71 72.55
C HIS M 32 37.34 -37.69 72.87
N GLN M 33 37.62 -37.48 74.15
CA GLN M 33 38.66 -36.52 74.50
C GLN M 33 40.02 -36.98 74.01
N LEU M 34 40.29 -38.28 74.04
CA LEU M 34 41.54 -38.80 73.54
C LEU M 34 41.72 -38.48 72.05
N ILE M 35 40.70 -38.75 71.25
CA ILE M 35 40.82 -38.50 69.82
C ILE M 35 40.87 -37.01 69.53
N ARG M 36 40.20 -36.19 70.35
CA ARG M 36 40.32 -34.74 70.17
C ARG M 36 41.74 -34.27 70.43
N GLY M 37 42.34 -34.73 71.53
CA GLY M 37 43.73 -34.39 71.79
C GLY M 37 44.65 -34.89 70.71
N LEU M 38 44.35 -36.08 70.17
CA LEU M 38 45.15 -36.62 69.07
C LEU M 38 45.03 -35.76 67.82
N GLY M 39 43.82 -35.27 67.52
CA GLY M 39 43.66 -34.38 66.38
C GLY M 39 44.43 -33.09 66.55
N GLN M 40 44.40 -32.52 67.75
CA GLN M 40 45.22 -31.33 68.02
C GLN M 40 46.70 -31.62 67.88
N GLU M 41 47.16 -32.76 68.39
CA GLU M 41 48.57 -33.12 68.22
C GLU M 41 48.92 -33.29 66.75
N CYS M 42 48.01 -33.89 65.98
CA CYS M 42 48.24 -34.06 64.55
C CYS M 42 48.39 -32.71 63.86
N VAL M 43 47.44 -31.80 64.08
CA VAL M 43 47.52 -30.51 63.43
C VAL M 43 48.68 -29.67 63.96
N LEU M 44 49.19 -30.00 65.15
CA LEU M 44 50.30 -29.24 65.72
C LEU M 44 51.63 -29.70 65.14
N SER M 45 51.99 -30.96 65.39
CA SER M 45 53.30 -31.45 65.00
C SER M 45 53.40 -31.79 63.53
N SER M 46 52.32 -31.62 62.76
CA SER M 46 52.41 -31.77 61.32
C SER M 46 53.31 -30.72 60.68
N SER M 47 53.52 -29.61 61.36
CA SER M 47 54.34 -28.51 60.83
C SER M 47 55.37 -28.07 61.86
N PRO M 48 56.40 -28.88 62.09
CA PRO M 48 57.54 -28.43 62.89
C PRO M 48 58.53 -27.68 62.00
N ALA M 49 59.51 -27.04 62.64
CA ALA M 49 60.49 -26.29 61.87
C ALA M 49 61.73 -27.14 61.57
N VAL M 50 62.52 -27.45 62.59
CA VAL M 50 63.58 -28.45 62.44
C VAL M 50 63.69 -29.30 63.70
N LEU M 51 63.10 -28.83 64.80
CA LEU M 51 63.41 -29.35 66.12
C LEU M 51 62.27 -30.13 66.76
N ALA M 52 61.06 -29.58 66.74
CA ALA M 52 59.95 -30.23 67.43
C ALA M 52 59.67 -31.63 66.90
N LEU M 53 60.09 -31.92 65.67
CA LEU M 53 59.95 -33.26 65.14
C LEU M 53 60.75 -34.27 65.97
N GLN M 54 61.95 -33.89 66.38
CA GLN M 54 62.78 -34.82 67.15
C GLN M 54 62.17 -35.11 68.51
N THR M 55 61.62 -34.09 69.16
CA THR M 55 60.89 -34.32 70.40
C THR M 55 59.70 -35.22 70.16
N SER M 56 58.97 -34.96 69.07
CA SER M 56 57.83 -35.80 68.71
C SER M 56 58.24 -37.23 68.45
N LEU M 57 59.50 -37.48 68.08
CA LEU M 57 59.94 -38.86 67.87
C LEU M 57 59.85 -39.66 69.17
N VAL M 58 60.45 -39.15 70.25
CA VAL M 58 60.39 -39.88 71.52
C VAL M 58 58.99 -39.81 72.10
N PHE M 59 58.26 -38.71 71.87
CA PHE M 59 56.88 -38.65 72.31
C PHE M 59 56.04 -39.73 71.64
N SER M 60 56.24 -39.92 70.33
CA SER M 60 55.55 -40.98 69.61
C SER M 60 55.99 -42.35 70.11
N ARG M 61 57.28 -42.52 70.40
CA ARG M 61 57.75 -43.75 71.02
C ARG M 61 56.91 -44.09 72.25
N ASP M 62 56.92 -43.19 73.23
CA ASP M 62 56.23 -43.46 74.49
C ASP M 62 54.73 -43.64 74.27
N PHE M 63 54.14 -42.72 73.50
CA PHE M 63 52.66 -42.76 73.28
C PHE M 63 52.32 -43.95 72.37
N GLY M 64 53.15 -44.23 71.37
CA GLY M 64 52.90 -45.42 70.55
C GLY M 64 52.83 -46.64 71.45
N LEU M 65 53.97 -47.03 72.02
CA LEU M 65 53.99 -48.17 72.97
C LEU M 65 53.00 -47.91 74.10
N LEU M 66 52.80 -46.63 74.47
CA LEU M 66 51.82 -46.29 75.53
C LEU M 66 50.52 -47.01 75.20
N VAL M 67 49.83 -46.60 74.13
CA VAL M 67 48.51 -47.20 73.76
C VAL M 67 48.71 -48.69 73.45
N PHE M 68 49.83 -49.04 72.82
CA PHE M 68 50.12 -50.47 72.47
C PHE M 68 49.87 -51.36 73.69
N VAL M 69 50.33 -50.94 74.87
CA VAL M 69 50.20 -51.82 76.08
C VAL M 69 49.02 -51.40 76.95
N ARG M 70 48.53 -50.17 76.82
CA ARG M 70 47.47 -49.65 77.72
C ARG M 70 46.09 -49.85 77.10
N LYS M 71 45.85 -49.23 75.93
CA LYS M 71 44.51 -49.36 75.36
C LYS M 71 44.12 -50.83 75.27
N SER M 72 44.78 -51.58 74.39
CA SER M 72 44.74 -53.05 74.36
C SER M 72 43.34 -53.63 74.54
N LEU M 73 42.32 -52.89 74.12
CA LEU M 73 40.94 -53.27 74.33
C LEU M 73 40.14 -53.04 73.06
N ASN M 74 39.16 -53.92 72.83
CA ASN M 74 38.32 -53.82 71.64
C ASN M 74 37.33 -52.66 71.70
N SER M 75 37.27 -51.95 72.81
CA SER M 75 36.35 -50.82 72.93
C SER M 75 36.59 -49.83 71.81
N ILE M 76 35.50 -49.42 71.15
CA ILE M 76 35.61 -48.53 70.01
C ILE M 76 36.28 -47.22 70.42
N GLU M 77 35.94 -46.72 71.62
CA GLU M 77 36.57 -45.51 72.13
C GLU M 77 38.08 -45.56 71.99
N PHE M 78 38.67 -46.75 72.11
CA PHE M 78 40.07 -46.91 71.76
C PHE M 78 40.26 -47.03 70.25
N ARG M 79 39.28 -47.57 69.53
CA ARG M 79 39.47 -47.87 68.11
C ARG M 79 39.63 -46.61 67.28
N GLU M 80 38.75 -45.62 67.48
CA GLU M 80 38.88 -44.39 66.71
C GLU M 80 40.18 -43.66 67.03
N CYS M 81 40.58 -43.66 68.30
CA CYS M 81 41.85 -43.04 68.67
C CYS M 81 43.01 -43.76 67.99
N ARG M 82 42.99 -45.09 67.99
CA ARG M 82 44.07 -45.84 67.37
C ARG M 82 44.14 -45.57 65.88
N GLU M 83 42.99 -45.55 65.20
CA GLU M 83 43.02 -45.32 63.76
C GLU M 83 43.49 -43.90 63.44
N GLU M 84 43.09 -42.92 64.25
CA GLU M 84 43.60 -41.57 64.02
C GLU M 84 45.10 -41.50 64.27
N ILE M 85 45.58 -42.22 65.30
CA ILE M 85 47.02 -42.29 65.56
C ILE M 85 47.73 -42.86 64.35
N LEU M 86 47.18 -43.94 63.79
CA LEU M 86 47.80 -44.57 62.63
C LEU M 86 47.82 -43.63 61.44
N LYS M 87 46.71 -42.91 61.21
CA LYS M 87 46.67 -41.98 60.09
C LYS M 87 47.70 -40.87 60.27
N PHE M 88 47.83 -40.36 61.49
CA PHE M 88 48.84 -39.33 61.75
C PHE M 88 50.24 -39.88 61.54
N LEU M 89 50.50 -41.11 62.00
CA LEU M 89 51.81 -41.70 61.80
C LEU M 89 52.11 -41.87 60.33
N CYS M 90 51.11 -42.27 59.55
CA CYS M 90 51.31 -42.43 58.12
C CYS M 90 51.62 -41.10 57.45
N ILE M 91 50.80 -40.09 57.70
CA ILE M 91 51.06 -38.78 57.09
C ILE M 91 52.34 -38.16 57.62
N PHE M 92 52.80 -38.59 58.78
CA PHE M 92 54.07 -38.13 59.30
C PHE M 92 55.23 -38.77 58.55
N LEU M 93 55.28 -40.10 58.55
CA LEU M 93 56.35 -40.82 57.88
C LEU M 93 56.34 -40.58 56.37
N GLU M 94 55.23 -40.09 55.82
CA GLU M 94 55.19 -39.76 54.40
C GLU M 94 56.29 -38.78 54.05
N LYS M 95 56.44 -37.72 54.85
CA LYS M 95 57.58 -36.80 54.75
C LYS M 95 58.15 -36.64 56.16
N MET M 96 59.04 -37.56 56.53
CA MET M 96 59.70 -37.51 57.83
C MET M 96 61.16 -37.87 57.80
N GLY M 97 61.65 -38.56 56.77
CA GLY M 97 63.03 -38.98 56.71
C GLY M 97 63.24 -40.35 57.31
N GLN M 98 64.47 -40.83 57.17
CA GLN M 98 64.85 -42.14 57.69
C GLN M 98 65.29 -42.09 59.14
N LYS M 99 65.27 -40.91 59.77
CA LYS M 99 65.66 -40.78 61.16
C LYS M 99 64.76 -41.60 62.09
N ILE M 100 63.56 -41.96 61.62
CA ILE M 100 62.63 -42.76 62.42
C ILE M 100 62.99 -44.23 62.39
N ALA M 101 64.00 -44.61 61.61
CA ALA M 101 64.37 -46.02 61.47
C ALA M 101 64.61 -46.74 62.79
N PRO M 102 65.26 -46.15 63.81
CA PRO M 102 65.38 -46.85 65.10
C PRO M 102 64.03 -47.29 65.66
N TYR M 103 63.01 -46.45 65.54
CA TYR M 103 61.69 -46.82 66.04
C TYR M 103 61.01 -47.84 65.13
N SER M 104 61.32 -47.78 63.82
CA SER M 104 60.50 -48.46 62.82
C SER M 104 60.40 -49.96 63.12
N VAL M 105 61.53 -50.64 63.28
CA VAL M 105 61.49 -52.07 63.58
C VAL M 105 60.73 -52.30 64.89
N GLU M 106 60.99 -51.47 65.90
CA GLU M 106 60.17 -51.50 67.10
C GLU M 106 58.71 -51.33 66.75
N ILE M 107 58.40 -50.29 65.98
CA ILE M 107 57.04 -50.10 65.49
C ILE M 107 56.59 -51.32 64.72
N LYS M 108 57.48 -51.88 63.89
CA LYS M 108 57.16 -53.13 63.22
C LYS M 108 56.81 -54.20 64.24
N ASN M 109 57.69 -54.41 65.22
CA ASN M 109 57.41 -55.36 66.29
C ASN M 109 56.12 -55.02 67.02
N THR M 110 55.73 -53.74 66.99
CA THR M 110 54.43 -53.35 67.52
C THR M 110 53.33 -53.56 66.48
N CYS M 111 53.55 -53.10 65.25
CA CYS M 111 52.45 -52.95 64.31
C CYS M 111 51.76 -54.28 64.04
N THR M 112 52.52 -55.30 63.66
CA THR M 112 51.92 -56.62 63.49
C THR M 112 51.30 -57.10 64.79
N SER M 113 52.02 -56.93 65.91
CA SER M 113 51.45 -57.23 67.21
C SER M 113 50.21 -56.40 67.47
N VAL M 114 50.16 -55.17 66.95
CA VAL M 114 48.93 -54.40 67.00
C VAL M 114 47.85 -55.09 66.19
N TYR M 115 48.16 -55.43 64.94
CA TYR M 115 47.13 -55.96 64.05
C TYR M 115 46.72 -57.37 64.46
N THR M 116 47.68 -58.24 64.71
CA THR M 116 47.38 -59.63 65.05
C THR M 116 46.61 -59.75 66.35
N LYS M 117 46.69 -58.74 67.21
CA LYS M 117 45.92 -58.72 68.45
C LYS M 117 44.50 -58.31 68.12
N ASP M 118 43.74 -57.89 69.14
CA ASP M 118 42.31 -57.58 69.03
C ASP M 118 41.96 -56.81 67.76
N ARG M 119 42.91 -56.03 67.24
CA ARG M 119 42.73 -55.41 65.93
C ARG M 119 42.37 -56.45 64.88
N ALA M 120 42.93 -57.66 64.99
CA ALA M 120 42.48 -58.76 64.13
C ALA M 120 41.02 -59.10 64.40
N ALA M 121 40.61 -59.10 65.66
CA ALA M 121 39.21 -59.35 65.99
C ALA M 121 38.29 -58.24 65.51
N LYS M 122 38.81 -57.04 65.30
CA LYS M 122 38.04 -55.90 64.82
C LYS M 122 38.71 -55.29 63.59
N CYS M 123 39.08 -56.15 62.63
CA CYS M 123 39.70 -55.67 61.40
C CYS M 123 38.81 -54.62 60.73
N LYS M 124 39.30 -53.39 60.70
CA LYS M 124 38.55 -52.25 60.19
C LYS M 124 39.54 -51.31 59.52
N ILE M 125 39.13 -50.06 59.33
CA ILE M 125 39.97 -49.00 58.79
C ILE M 125 41.31 -48.94 59.53
N PRO M 126 41.35 -49.11 60.86
CA PRO M 126 42.66 -49.21 61.52
C PRO M 126 43.56 -50.29 60.94
N ALA M 127 43.00 -51.46 60.60
CA ALA M 127 43.82 -52.47 59.95
C ALA M 127 44.32 -51.99 58.59
N LEU M 128 43.44 -51.35 57.82
CA LEU M 128 43.84 -50.77 56.54
C LEU M 128 45.05 -49.87 56.71
N ASP M 129 44.96 -48.95 57.67
CA ASP M 129 45.99 -47.94 57.83
C ASP M 129 47.27 -48.55 58.37
N LEU M 130 47.16 -49.53 59.27
CA LEU M 130 48.36 -50.18 59.76
C LEU M 130 49.08 -50.92 58.65
N LEU M 131 48.34 -51.60 57.78
CA LEU M 131 48.98 -52.32 56.69
C LEU M 131 49.65 -51.36 55.72
N ILE M 132 48.99 -50.25 55.39
CA ILE M 132 49.64 -49.30 54.49
C ILE M 132 50.84 -48.65 55.17
N LYS M 133 50.78 -48.47 56.49
CA LYS M 133 51.93 -47.98 57.24
C LYS M 133 53.10 -48.95 57.12
N LEU M 134 52.82 -50.24 57.26
CA LEU M 134 53.87 -51.23 57.08
C LEU M 134 54.45 -51.16 55.67
N LEU M 135 53.57 -51.06 54.67
CA LEU M 135 54.04 -50.93 53.28
C LEU M 135 55.01 -49.77 53.15
N GLN M 136 54.54 -48.56 53.43
CA GLN M 136 55.37 -47.38 53.25
C GLN M 136 56.63 -47.46 54.12
N THR M 137 56.56 -48.19 55.23
CA THR M 137 57.76 -48.39 56.04
C THR M 137 58.80 -49.19 55.28
N PHE M 138 58.38 -50.29 54.65
CA PHE M 138 59.33 -51.07 53.85
C PHE M 138 59.86 -50.27 52.66
N ARG M 139 59.00 -49.48 52.01
CA ARG M 139 59.50 -48.63 50.93
C ARG M 139 60.54 -47.63 51.45
N SER M 140 60.28 -47.04 52.62
CA SER M 140 61.23 -46.07 53.18
C SER M 140 62.42 -46.79 53.80
N SER M 141 62.18 -47.61 54.82
CA SER M 141 63.23 -48.35 55.49
C SER M 141 63.43 -49.69 54.79
N ARG M 142 64.61 -49.90 54.24
CA ARG M 142 64.91 -51.13 53.52
C ARG M 142 66.41 -51.33 53.47
N LEU M 143 66.84 -52.56 53.75
CA LEU M 143 68.21 -53.08 53.65
C LEU M 143 69.11 -52.69 54.82
N MET M 144 68.63 -51.92 55.80
CA MET M 144 69.48 -51.60 56.95
C MET M 144 69.47 -52.72 57.98
N ASP M 145 68.29 -53.02 58.55
CA ASP M 145 68.18 -54.08 59.55
C ASP M 145 66.85 -54.81 59.49
N GLU M 146 66.03 -54.54 58.48
CA GLU M 146 64.68 -55.10 58.40
C GLU M 146 64.78 -56.55 57.94
N PHE M 147 65.41 -57.36 58.79
CA PHE M 147 65.69 -58.75 58.47
C PHE M 147 64.97 -59.70 59.41
N LYS M 148 64.08 -59.19 60.27
CA LYS M 148 63.24 -60.02 61.11
C LYS M 148 61.87 -60.27 60.48
N ILE M 149 61.81 -60.34 59.16
CA ILE M 149 60.55 -60.37 58.44
C ILE M 149 60.29 -61.68 57.72
N GLY M 150 61.31 -62.51 57.51
CA GLY M 150 61.07 -63.79 56.84
C GLY M 150 60.11 -64.66 57.62
N GLU M 151 60.32 -64.76 58.93
CA GLU M 151 59.35 -65.44 59.79
C GLU M 151 58.02 -64.70 59.77
N LEU M 152 58.06 -63.37 59.75
CA LEU M 152 56.84 -62.60 59.61
C LEU M 152 56.20 -62.86 58.25
N PHE M 153 57.02 -63.02 57.21
CA PHE M 153 56.49 -63.36 55.89
C PHE M 153 55.73 -64.68 55.94
N SER M 154 56.33 -65.69 56.57
CA SER M 154 55.67 -67.00 56.66
C SER M 154 54.40 -66.91 57.47
N LYS M 155 54.42 -66.15 58.57
CA LYS M 155 53.23 -65.98 59.38
C LYS M 155 52.12 -65.29 58.59
N PHE M 156 52.48 -64.31 57.76
CA PHE M 156 51.51 -63.64 56.91
C PHE M 156 50.94 -64.61 55.88
N TYR M 157 51.81 -65.45 55.31
CA TYR M 157 51.34 -66.45 54.36
C TYR M 157 50.33 -67.39 55.01
N GLY M 158 50.62 -67.84 56.23
CA GLY M 158 49.68 -68.68 56.94
C GLY M 158 48.39 -67.96 57.25
N GLU M 159 48.47 -66.70 57.69
CA GLU M 159 47.27 -65.97 58.09
C GLU M 159 46.38 -65.67 56.90
N LEU M 160 46.97 -65.41 55.72
CA LEU M 160 46.14 -65.24 54.54
C LEU M 160 45.60 -66.58 54.05
N ALA M 161 46.37 -67.65 54.23
CA ALA M 161 45.90 -68.97 53.84
C ALA M 161 44.80 -69.48 54.76
N LEU M 162 44.51 -68.79 55.86
CA LEU M 162 43.40 -69.18 56.72
C LEU M 162 42.10 -69.21 55.94
N LYS M 163 41.34 -70.29 56.12
CA LYS M 163 40.12 -70.48 55.34
C LYS M 163 39.09 -69.40 55.62
N LYS M 164 39.15 -68.78 56.79
CA LYS M 164 38.19 -67.76 57.18
C LYS M 164 38.45 -66.50 56.37
N LYS M 165 37.70 -66.31 55.29
CA LYS M 165 37.88 -65.16 54.41
C LYS M 165 36.98 -63.99 54.81
N ILE M 166 37.01 -63.64 56.09
CA ILE M 166 36.39 -62.40 56.58
C ILE M 166 37.09 -61.19 55.98
N PRO M 167 38.46 -61.15 55.93
CA PRO M 167 39.14 -59.98 55.34
C PRO M 167 38.51 -59.49 54.04
N ASP M 168 38.11 -58.21 54.05
CA ASP M 168 37.38 -57.63 52.94
C ASP M 168 38.30 -57.45 51.74
N THR M 169 37.70 -57.04 50.62
CA THR M 169 38.51 -56.71 49.45
C THR M 169 39.51 -55.60 49.78
N VAL M 170 39.08 -54.61 50.57
CA VAL M 170 39.99 -53.57 51.02
C VAL M 170 41.12 -54.16 51.85
N LEU M 171 40.85 -55.26 52.56
CA LEU M 171 41.86 -55.95 53.35
C LEU M 171 42.75 -56.83 52.50
N GLU M 172 42.62 -56.79 51.18
CA GLU M 172 43.44 -57.62 50.32
C GLU M 172 44.83 -57.05 50.09
N LYS M 173 45.11 -55.85 50.57
CA LYS M 173 46.41 -55.23 50.39
C LYS M 173 47.50 -56.06 51.05
N VAL M 174 47.07 -57.13 51.75
CA VAL M 174 48.01 -58.12 52.25
C VAL M 174 48.91 -58.63 51.14
N TYR M 175 48.40 -58.70 49.91
CA TYR M 175 49.25 -59.08 48.79
C TYR M 175 50.39 -58.08 48.62
N GLU M 176 50.07 -56.79 48.68
CA GLU M 176 51.12 -55.78 48.71
C GLU M 176 52.04 -56.00 49.90
N LEU M 177 51.47 -56.40 51.04
CA LEU M 177 52.29 -56.86 52.15
C LEU M 177 53.21 -57.99 51.71
N LEU M 178 52.64 -59.02 51.09
CA LEU M 178 53.44 -60.17 50.70
C LEU M 178 54.35 -59.82 49.52
N GLY M 179 53.96 -58.84 48.71
CA GLY M 179 54.87 -58.30 47.73
C GLY M 179 56.03 -57.64 48.41
N LEU M 180 57.23 -58.20 48.26
CA LEU M 180 58.36 -57.81 49.07
C LEU M 180 59.58 -57.54 48.19
N LEU M 181 60.29 -56.45 48.50
CA LEU M 181 61.56 -56.16 47.88
C LEU M 181 62.61 -55.66 48.86
N GLY M 182 62.25 -55.50 50.14
CA GLY M 182 63.19 -54.95 51.11
C GLY M 182 64.27 -55.91 51.55
N GLU M 183 64.07 -57.21 51.34
CA GLU M 183 65.03 -58.23 51.74
C GLU M 183 65.65 -58.88 50.51
N VAL M 184 66.72 -59.63 50.75
CA VAL M 184 67.35 -60.40 49.67
C VAL M 184 66.50 -61.58 49.23
N HIS M 185 65.39 -61.82 49.91
CA HIS M 185 64.47 -62.92 49.62
C HIS M 185 65.19 -64.26 49.57
N PRO M 186 65.62 -64.81 50.71
CA PRO M 186 66.18 -66.17 50.69
C PRO M 186 65.19 -67.21 50.21
N SER M 187 65.64 -68.47 50.15
CA SER M 187 64.91 -69.51 49.45
C SER M 187 63.53 -69.77 50.03
N GLU M 188 63.27 -69.34 51.28
CA GLU M 188 61.95 -69.56 51.86
C GLU M 188 60.87 -68.84 51.06
N MET M 189 61.06 -67.55 50.82
CA MET M 189 60.14 -66.81 49.96
C MET M 189 60.15 -67.35 48.55
N ILE M 190 61.27 -67.91 48.09
CA ILE M 190 61.31 -68.51 46.76
C ILE M 190 60.34 -69.69 46.68
N ASN M 191 60.36 -70.55 47.70
CA ASN M 191 59.43 -71.68 47.74
C ASN M 191 58.00 -71.21 47.88
N ASN M 192 57.76 -70.17 48.68
CA ASN M 192 56.40 -69.65 48.80
C ASN M 192 55.93 -68.95 47.53
N ALA M 193 56.86 -68.54 46.67
CA ALA M 193 56.50 -67.72 45.51
C ALA M 193 55.58 -68.49 44.56
N GLU M 194 55.92 -69.75 44.27
CA GLU M 194 55.10 -70.53 43.35
C GLU M 194 53.70 -70.76 43.89
N ASN M 195 53.61 -71.06 45.19
CA ASN M 195 52.30 -71.18 45.82
C ASN M 195 51.51 -69.90 45.69
N LEU M 196 52.17 -68.77 45.94
CA LEU M 196 51.52 -67.47 45.78
C LEU M 196 51.04 -67.28 44.35
N PHE M 197 51.87 -67.65 43.38
CA PHE M 197 51.54 -67.42 41.98
C PHE M 197 50.33 -68.24 41.55
N ARG M 198 50.28 -69.51 41.94
CA ARG M 198 49.11 -70.30 41.59
C ARG M 198 47.87 -69.79 42.32
N ALA M 199 48.04 -69.29 43.55
CA ALA M 199 46.93 -68.66 44.24
C ALA M 199 46.42 -67.45 43.46
N PHE M 200 47.34 -66.66 42.91
CA PHE M 200 46.93 -65.50 42.12
C PHE M 200 46.21 -65.92 40.86
N LEU M 201 46.69 -66.97 40.20
CA LEU M 201 46.03 -67.48 39.00
C LEU M 201 44.60 -67.89 39.33
N GLY M 202 44.42 -68.63 40.42
CA GLY M 202 43.08 -69.03 40.82
C GLY M 202 42.20 -67.84 41.18
N GLU M 203 42.75 -66.88 41.92
CA GLU M 203 41.98 -65.71 42.30
C GLU M 203 41.56 -64.91 41.08
N LEU M 204 42.46 -64.73 40.13
CA LEU M 204 42.13 -64.02 38.90
C LEU M 204 41.07 -64.76 38.10
N LYS M 205 41.20 -66.08 37.99
CA LYS M 205 40.20 -66.85 37.26
C LYS M 205 38.83 -66.71 37.92
N THR M 206 38.80 -66.73 39.25
CA THR M 206 37.55 -66.55 39.96
C THR M 206 36.98 -65.15 39.74
N GLN M 207 37.82 -64.13 39.84
CA GLN M 207 37.34 -62.75 39.84
C GLN M 207 36.88 -62.32 38.46
N MET M 208 37.67 -62.63 37.42
CA MET M 208 37.37 -62.09 36.09
C MET M 208 36.07 -62.66 35.54
N THR M 209 35.89 -63.98 35.65
CA THR M 209 34.77 -64.67 35.01
C THR M 209 33.43 -64.04 35.39
N SER M 210 32.75 -63.45 34.41
CA SER M 210 31.40 -62.95 34.60
C SER M 210 30.36 -64.05 34.46
N ALA M 211 30.78 -65.28 34.13
CA ALA M 211 29.85 -66.40 34.07
C ALA M 211 29.25 -66.69 35.43
N VAL M 212 30.05 -66.57 36.50
CA VAL M 212 29.53 -66.69 37.85
C VAL M 212 28.81 -65.43 38.31
N ARG M 213 28.66 -64.44 37.41
CA ARG M 213 28.04 -63.14 37.73
C ARG M 213 28.75 -62.46 38.88
N GLU M 214 30.04 -62.75 39.05
CA GLU M 214 30.86 -62.15 40.10
C GLU M 214 32.13 -61.59 39.50
N PRO M 215 32.05 -60.50 38.74
CA PRO M 215 33.25 -59.79 38.31
C PRO M 215 33.84 -58.88 39.38
N LYS M 216 33.39 -59.01 40.62
CA LYS M 216 33.81 -58.11 41.69
C LYS M 216 35.28 -58.32 42.01
N LEU M 217 36.09 -57.31 41.72
CA LEU M 217 37.50 -57.28 42.06
C LEU M 217 37.91 -55.88 42.52
N PRO M 218 37.15 -55.27 43.45
CA PRO M 218 37.35 -53.83 43.71
C PRO M 218 38.76 -53.51 44.13
N VAL M 219 39.39 -54.38 44.91
CA VAL M 219 40.77 -54.18 45.34
C VAL M 219 41.66 -55.38 45.06
N LEU M 220 41.10 -56.58 44.88
CA LEU M 220 41.90 -57.80 44.82
C LEU M 220 42.88 -57.76 43.65
N ALA M 221 42.40 -57.39 42.47
CA ALA M 221 43.24 -57.46 41.27
C ALA M 221 44.43 -56.52 41.39
N GLY M 222 44.22 -55.32 41.93
CA GLY M 222 45.33 -54.41 42.13
C GLY M 222 46.35 -54.97 43.11
N CYS M 223 45.87 -55.67 44.14
CA CYS M 223 46.79 -56.30 45.09
C CYS M 223 47.62 -57.38 44.42
N LEU M 224 46.99 -58.20 43.59
CA LEU M 224 47.75 -59.20 42.84
C LEU M 224 48.74 -58.54 41.89
N LYS M 225 48.34 -57.44 41.27
CA LYS M 225 49.28 -56.63 40.49
C LYS M 225 50.49 -56.24 41.34
N GLY M 226 50.25 -55.67 42.51
CA GLY M 226 51.35 -55.19 43.31
C GLY M 226 52.29 -56.31 43.72
N LEU M 227 51.74 -57.44 44.15
CA LEU M 227 52.59 -58.55 44.56
C LEU M 227 53.38 -59.10 43.37
N SER M 228 52.72 -59.25 42.22
CA SER M 228 53.43 -59.73 41.04
C SER M 228 54.54 -58.77 40.64
N SER M 229 54.27 -57.47 40.73
CA SER M 229 55.28 -56.47 40.39
C SER M 229 56.47 -56.58 41.33
N LEU M 230 56.21 -56.73 42.63
CA LEU M 230 57.29 -56.79 43.60
C LEU M 230 58.02 -58.13 43.61
N LEU M 231 57.43 -59.16 43.01
CA LEU M 231 58.05 -60.48 43.02
C LEU M 231 58.73 -60.86 41.72
N CYS M 232 58.16 -60.49 40.57
CA CYS M 232 58.71 -60.89 39.29
C CYS M 232 60.02 -60.17 38.96
N ASN M 233 60.43 -59.20 39.77
CA ASN M 233 61.69 -58.51 39.54
C ASN M 233 62.87 -59.47 39.52
N PHE M 234 62.74 -60.61 40.18
CA PHE M 234 63.83 -61.57 40.29
C PHE M 234 63.40 -62.99 39.93
N THR M 235 62.23 -63.17 39.33
CA THR M 235 61.69 -64.49 39.09
C THR M 235 60.96 -64.56 37.76
N LYS M 236 60.91 -65.76 37.19
CA LYS M 236 59.98 -66.14 36.14
C LYS M 236 60.13 -65.26 34.90
N SER M 237 61.29 -65.39 34.27
CA SER M 237 61.51 -64.79 32.96
C SER M 237 60.86 -65.65 31.88
N MET M 238 61.00 -65.23 30.63
CA MET M 238 60.43 -65.96 29.49
C MET M 238 61.25 -67.22 29.24
N GLU M 239 60.95 -68.27 29.99
CA GLU M 239 61.62 -69.54 29.82
C GLU M 239 60.72 -70.75 29.95
N GLU M 240 59.41 -70.57 30.10
CA GLU M 240 58.53 -71.71 30.34
C GLU M 240 57.13 -71.36 29.88
N ASP M 241 56.20 -72.32 30.05
CA ASP M 241 54.83 -72.13 29.58
C ASP M 241 54.05 -71.15 30.44
N PRO M 242 53.93 -71.32 31.76
CA PRO M 242 53.03 -70.46 32.54
C PRO M 242 53.32 -68.97 32.39
N GLN M 243 54.47 -68.61 31.84
CA GLN M 243 54.77 -67.21 31.55
C GLN M 243 53.66 -66.59 30.71
N THR M 244 53.25 -67.27 29.65
CA THR M 244 52.15 -66.77 28.86
C THR M 244 50.82 -66.89 29.59
N SER M 245 50.70 -67.89 30.48
CA SER M 245 49.44 -68.12 31.19
C SER M 245 49.02 -66.87 31.95
N ARG M 246 49.85 -66.43 32.88
CA ARG M 246 49.60 -65.17 33.57
C ARG M 246 49.51 -64.02 32.57
N GLU M 247 50.29 -64.07 31.50
CA GLU M 247 50.19 -63.05 30.46
C GLU M 247 48.78 -62.99 29.90
N ILE M 248 48.13 -64.15 29.76
CA ILE M 248 46.75 -64.18 29.30
C ILE M 248 45.87 -63.36 30.23
N PHE M 249 46.09 -63.49 31.54
CA PHE M 249 45.30 -62.73 32.50
C PHE M 249 45.45 -61.23 32.29
N ASN M 250 46.55 -60.79 31.68
CA ASN M 250 46.73 -59.38 31.40
C ASN M 250 45.90 -58.94 30.20
N PHE M 251 45.68 -59.83 29.23
CA PHE M 251 44.99 -59.44 28.00
C PHE M 251 43.55 -59.02 28.27
N VAL M 252 42.89 -59.66 29.23
CA VAL M 252 41.48 -59.41 29.47
C VAL M 252 41.21 -58.00 29.99
N LEU M 253 42.26 -57.28 30.38
CA LEU M 253 42.13 -55.90 30.81
C LEU M 253 41.42 -55.05 29.77
N GLN M 259 36.80 -52.33 30.78
CA GLN M 259 35.68 -51.71 30.09
C GLN M 259 35.22 -50.46 30.81
N ILE M 260 35.06 -50.55 32.12
CA ILE M 260 34.71 -49.41 32.96
C ILE M 260 35.09 -49.75 34.40
N ASP M 261 35.67 -48.77 35.10
CA ASP M 261 36.17 -48.97 36.45
C ASP M 261 35.73 -47.83 37.37
N LEU M 262 34.53 -47.32 37.15
CA LEU M 262 33.86 -46.40 38.08
C LEU M 262 34.73 -45.17 38.39
N LYS M 263 35.07 -44.45 37.32
CA LYS M 263 35.60 -43.09 37.42
C LYS M 263 36.96 -43.05 38.13
N ARG M 264 37.46 -44.21 38.55
CA ARG M 264 38.75 -44.30 39.23
C ARG M 264 39.78 -45.06 38.43
N TYR M 265 39.42 -46.20 37.85
CA TYR M 265 40.28 -46.95 36.93
C TYR M 265 41.57 -47.40 37.62
N ALA M 266 41.40 -48.06 38.76
CA ALA M 266 42.56 -48.50 39.53
C ALA M 266 43.26 -49.68 38.84
N VAL M 267 42.54 -50.77 38.65
CA VAL M 267 43.12 -52.00 38.12
C VAL M 267 43.58 -51.90 36.67
N PRO M 268 42.97 -51.09 35.78
CA PRO M 268 43.54 -51.00 34.43
C PRO M 268 44.92 -50.38 34.45
N SER M 269 45.05 -49.25 35.16
CA SER M 269 46.35 -48.64 35.35
C SER M 269 47.31 -49.59 36.06
N ALA M 270 46.80 -50.38 36.99
CA ALA M 270 47.64 -51.38 37.66
C ALA M 270 48.21 -52.36 36.65
N GLY M 271 47.35 -52.93 35.80
CA GLY M 271 47.85 -53.85 34.79
C GLY M 271 48.85 -53.19 33.86
N LEU M 272 48.59 -51.93 33.50
CA LEU M 272 49.53 -51.19 32.65
C LEU M 272 50.90 -51.09 33.32
N ARG M 273 50.93 -50.70 34.59
CA ARG M 273 52.19 -50.57 35.29
C ARG M 273 52.88 -51.92 35.41
N LEU M 274 52.13 -52.96 35.72
CA LEU M 274 52.71 -54.30 35.85
C LEU M 274 53.35 -54.75 34.56
N PHE M 275 52.66 -54.53 33.43
CA PHE M 275 53.25 -54.87 32.14
C PHE M 275 54.49 -54.02 31.88
N ALA M 276 54.44 -52.75 32.21
CA ALA M 276 55.58 -51.88 31.98
C ALA M 276 56.80 -52.35 32.77
N LEU M 277 56.57 -52.89 33.97
CA LEU M 277 57.69 -53.32 34.79
C LEU M 277 58.35 -54.59 34.25
N HIS M 278 57.56 -55.54 33.79
CA HIS M 278 58.07 -56.84 33.35
C HIS M 278 57.59 -57.17 31.95
N ALA M 279 57.67 -56.19 31.05
CA ALA M 279 57.36 -56.45 29.65
C ALA M 279 58.33 -57.46 29.05
N SER M 280 59.57 -57.48 29.53
CA SER M 280 60.54 -58.46 29.06
C SER M 280 60.16 -59.88 29.48
N GLN M 281 59.32 -60.02 30.49
CA GLN M 281 58.91 -61.34 30.97
C GLN M 281 57.77 -61.93 30.16
N PHE M 282 57.26 -61.21 29.16
CA PHE M 282 56.14 -61.67 28.35
C PHE M 282 56.48 -61.79 26.88
N SER M 283 57.77 -61.76 26.53
CA SER M 283 58.18 -61.78 25.14
C SER M 283 57.83 -63.12 24.50
N THR M 284 57.86 -63.14 23.16
CA THR M 284 57.60 -64.31 22.33
C THR M 284 56.17 -64.82 22.49
N CYS M 285 55.38 -64.14 23.31
CA CYS M 285 53.96 -64.43 23.47
C CYS M 285 53.09 -63.20 23.38
N LEU M 286 53.67 -62.01 23.42
CA LEU M 286 52.97 -60.77 23.15
C LEU M 286 53.00 -60.36 21.69
N LEU M 287 53.72 -61.11 20.85
CA LEU M 287 53.82 -60.77 19.44
C LEU M 287 52.46 -60.85 18.76
N ASP M 288 51.64 -61.82 19.16
CA ASP M 288 50.29 -61.91 18.63
C ASP M 288 49.45 -60.76 19.17
N ASN M 289 48.29 -60.54 18.55
CA ASN M 289 47.36 -59.50 18.94
C ASN M 289 48.00 -58.11 18.93
N TYR M 290 49.06 -57.96 18.12
CA TYR M 290 49.88 -56.75 18.17
C TYR M 290 49.05 -55.51 17.91
N VAL M 291 48.22 -55.54 16.86
CA VAL M 291 47.42 -54.38 16.52
C VAL M 291 46.39 -54.09 17.62
N SER M 292 45.78 -55.14 18.18
CA SER M 292 44.82 -54.93 19.26
C SER M 292 45.49 -54.36 20.49
N LEU M 293 46.67 -54.87 20.86
CA LEU M 293 47.39 -54.31 21.99
C LEU M 293 47.76 -52.86 21.73
N PHE M 294 48.20 -52.56 20.51
CA PHE M 294 48.58 -51.20 20.16
C PHE M 294 47.39 -50.25 20.31
N GLU M 295 46.24 -50.63 19.76
CA GLU M 295 45.08 -49.74 19.82
C GLU M 295 44.52 -49.63 21.23
N VAL M 296 44.56 -50.71 22.02
CA VAL M 296 44.07 -50.61 23.38
C VAL M 296 44.99 -49.73 24.21
N LEU M 297 46.30 -49.81 23.97
CA LEU M 297 47.22 -48.88 24.63
C LEU M 297 46.93 -47.44 24.22
N LEU M 298 46.64 -47.23 22.94
CA LEU M 298 46.31 -45.89 22.46
C LEU M 298 45.08 -45.35 23.16
N LYS M 299 44.03 -46.16 23.25
CA LYS M 299 42.81 -45.69 23.90
C LYS M 299 43.03 -45.46 25.39
N TRP M 300 43.80 -46.35 26.04
CA TRP M 300 44.05 -46.19 27.46
C TRP M 300 44.83 -44.91 27.75
N CYS M 301 45.82 -44.60 26.92
CA CYS M 301 46.53 -43.34 27.07
C CYS M 301 45.74 -42.18 26.50
N ALA M 302 44.60 -42.43 25.87
CA ALA M 302 43.72 -41.40 25.34
C ALA M 302 42.40 -41.35 26.10
N HIS M 303 42.48 -41.49 27.42
CA HIS M 303 41.30 -41.46 28.29
C HIS M 303 41.46 -40.32 29.30
N THR M 304 40.56 -40.29 30.27
CA THR M 304 40.68 -39.36 31.39
C THR M 304 41.65 -39.96 32.42
N ASN M 305 41.71 -39.36 33.61
CA ASN M 305 42.53 -39.87 34.71
C ASN M 305 44.00 -39.96 34.28
N VAL M 306 44.59 -38.78 34.09
CA VAL M 306 45.92 -38.60 33.49
C VAL M 306 46.94 -39.58 34.05
N GLU M 307 46.73 -40.04 35.29
CA GLU M 307 47.55 -41.11 35.83
C GLU M 307 47.42 -42.37 34.98
N LEU M 308 46.19 -42.71 34.59
CA LEU M 308 45.99 -43.83 33.67
C LEU M 308 46.69 -43.57 32.35
N LYS M 309 46.63 -42.33 31.86
CA LYS M 309 47.27 -42.00 30.59
C LYS M 309 48.78 -42.23 30.66
N LYS M 310 49.42 -41.75 31.72
CA LYS M 310 50.87 -41.90 31.82
C LYS M 310 51.26 -43.35 32.08
N ALA M 311 50.47 -44.09 32.85
CA ALA M 311 50.75 -45.51 33.02
C ALA M 311 50.63 -46.24 31.68
N ALA M 312 49.62 -45.89 30.90
CA ALA M 312 49.48 -46.48 29.57
C ALA M 312 50.65 -46.11 28.68
N LEU M 313 51.13 -44.88 28.78
CA LEU M 313 52.29 -44.48 27.99
C LEU M 313 53.52 -45.29 28.37
N SER M 314 53.73 -45.50 29.67
CA SER M 314 54.86 -46.30 30.12
C SER M 314 54.76 -47.74 29.62
N ALA M 315 53.57 -48.33 29.75
CA ALA M 315 53.37 -49.69 29.26
C ALA M 315 53.57 -49.75 27.75
N LEU M 316 53.10 -48.73 27.04
CA LEU M 316 53.22 -48.69 25.59
C LEU M 316 54.67 -48.61 25.16
N GLU M 317 55.46 -47.76 25.81
CA GLU M 317 56.86 -47.66 25.42
C GLU M 317 57.63 -48.92 25.78
N SER M 318 57.30 -49.55 26.91
CA SER M 318 57.94 -50.83 27.24
C SER M 318 57.59 -51.89 26.21
N PHE M 319 56.33 -51.94 25.80
CA PHE M 319 55.90 -52.89 24.78
C PHE M 319 56.63 -52.62 23.46
N LEU M 320 56.76 -51.34 23.10
CA LEU M 320 57.45 -51.00 21.87
C LEU M 320 58.92 -51.41 21.93
N LYS M 321 59.57 -51.18 23.07
CA LYS M 321 60.96 -51.60 23.22
C LYS M 321 61.07 -53.12 23.05
N GLN M 322 60.17 -53.86 23.70
CA GLN M 322 60.24 -55.32 23.62
C GLN M 322 60.03 -55.80 22.18
N VAL M 323 59.02 -55.27 21.50
CA VAL M 323 58.73 -55.73 20.15
C VAL M 323 59.86 -55.33 19.21
N SER M 324 60.43 -54.15 19.41
CA SER M 324 61.56 -53.73 18.59
C SER M 324 62.74 -54.66 18.76
N ASN M 325 63.05 -55.02 20.01
CA ASN M 325 64.14 -55.96 20.25
C ASN M 325 63.85 -57.31 19.61
N MET M 326 62.62 -57.80 19.73
CA MET M 326 62.26 -59.09 19.16
C MET M 326 62.42 -59.09 17.65
N VAL M 327 61.82 -58.10 16.98
CA VAL M 327 61.90 -58.06 15.53
C VAL M 327 63.33 -57.82 15.08
N ALA M 328 64.14 -57.11 15.89
CA ALA M 328 65.56 -56.98 15.58
C ALA M 328 66.24 -58.35 15.60
N LYS M 329 65.92 -59.17 16.59
CA LYS M 329 66.46 -60.51 16.64
C LYS M 329 65.63 -61.53 15.87
N ASN M 330 64.44 -61.16 15.40
CA ASN M 330 63.64 -62.06 14.57
C ASN M 330 64.19 -62.11 13.16
N ALA M 331 64.33 -63.31 12.63
CA ALA M 331 64.63 -63.48 11.21
C ALA M 331 63.41 -63.21 10.34
N GLU M 332 62.22 -63.22 10.93
CA GLU M 332 60.98 -62.91 10.23
C GLU M 332 60.55 -61.46 10.43
N MET M 333 61.53 -60.56 10.61
CA MET M 333 61.20 -59.16 10.87
C MET M 333 60.39 -58.54 9.73
N HIS M 334 60.58 -59.05 8.51
CA HIS M 334 59.80 -58.54 7.37
C HIS M 334 58.32 -58.81 7.55
N LYS M 335 57.97 -59.97 8.10
CA LYS M 335 56.58 -60.33 8.31
C LYS M 335 55.86 -59.28 9.15
N ASN M 336 56.32 -59.11 10.39
CA ASN M 336 55.71 -58.12 11.28
C ASN M 336 55.86 -56.71 10.74
N LYS M 337 56.95 -56.43 10.02
CA LYS M 337 57.15 -55.10 9.44
C LYS M 337 56.03 -54.76 8.49
N LEU M 338 55.77 -55.63 7.51
CA LEU M 338 54.71 -55.38 6.54
C LEU M 338 53.32 -55.58 7.14
N GLN M 339 53.22 -56.31 8.24
CA GLN M 339 51.92 -56.62 8.83
C GLN M 339 51.50 -55.61 9.88
N TYR M 340 52.43 -55.02 10.61
CA TYR M 340 52.03 -54.26 11.78
C TYR M 340 52.60 -52.85 11.85
N PHE M 341 53.86 -52.66 11.41
CA PHE M 341 54.57 -51.43 11.73
C PHE M 341 54.35 -50.33 10.70
N MET M 342 54.67 -50.61 9.43
CA MET M 342 54.56 -49.59 8.40
C MET M 342 53.14 -49.04 8.31
N GLU M 343 52.15 -49.90 8.53
CA GLU M 343 50.76 -49.47 8.49
C GLU M 343 50.51 -48.32 9.47
N GLN M 344 50.73 -48.57 10.76
CA GLN M 344 50.50 -47.53 11.76
C GLN M 344 51.42 -46.34 11.55
N PHE M 345 52.68 -46.60 11.19
CA PHE M 345 53.66 -45.52 11.03
C PHE M 345 53.21 -44.55 9.96
N TYR M 346 52.76 -45.04 8.81
CA TYR M 346 52.26 -44.15 7.77
C TYR M 346 50.89 -43.59 8.14
N GLY M 347 50.10 -44.33 8.94
CA GLY M 347 48.75 -43.92 9.22
C GLY M 347 48.58 -42.90 10.32
N ILE M 348 49.60 -42.67 11.13
CA ILE M 348 49.50 -41.64 12.17
C ILE M 348 49.30 -40.27 11.52
N ILE M 349 50.10 -39.96 10.52
CA ILE M 349 50.00 -38.68 9.82
C ILE M 349 49.97 -38.89 8.32
N ASN M 356 48.74 -33.12 19.94
CA ASN M 356 48.74 -34.08 21.04
C ASN M 356 50.01 -34.91 21.01
N LYS M 357 50.32 -35.58 22.11
CA LYS M 357 51.51 -36.43 22.19
C LYS M 357 51.43 -37.64 21.28
N GLU M 358 50.27 -37.93 20.71
CA GLU M 358 50.13 -39.08 19.81
C GLU M 358 51.14 -39.02 18.68
N LEU M 359 51.32 -37.83 18.09
CA LEU M 359 52.33 -37.66 17.06
C LEU M 359 53.72 -37.95 17.62
N SER M 360 53.99 -37.49 18.83
CA SER M 360 55.26 -37.80 19.46
C SER M 360 55.38 -39.27 19.78
N ILE M 361 54.27 -39.93 20.10
CA ILE M 361 54.29 -41.39 20.26
C ILE M 361 54.72 -42.05 18.97
N ALA M 362 54.17 -41.59 17.85
CA ALA M 362 54.61 -42.11 16.56
C ALA M 362 56.06 -41.79 16.28
N ILE M 363 56.55 -40.67 16.81
CA ILE M 363 57.97 -40.34 16.65
C ILE M 363 58.83 -41.38 17.37
N ARG M 364 58.47 -41.72 18.61
CA ARG M 364 59.09 -42.87 19.25
C ARG M 364 58.99 -44.12 18.39
N GLY M 365 57.81 -44.40 17.85
CA GLY M 365 57.64 -45.63 17.08
C GLY M 365 58.58 -45.71 15.91
N TYR M 366 58.67 -44.61 15.13
CA TYR M 366 59.57 -44.57 13.99
C TYR M 366 61.02 -44.67 14.43
N GLY M 367 61.39 -43.94 15.49
CA GLY M 367 62.77 -43.98 15.94
C GLY M 367 63.21 -45.36 16.38
N LEU M 368 62.33 -46.08 17.07
CA LEU M 368 62.69 -47.42 17.52
C LEU M 368 62.63 -48.44 16.39
N PHE M 369 61.70 -48.28 15.44
CA PHE M 369 61.61 -49.26 14.35
C PHE M 369 62.61 -48.97 13.23
N ALA M 370 63.31 -47.85 13.28
CA ALA M 370 64.39 -47.63 12.33
C ALA M 370 65.49 -48.67 12.48
N GLY M 371 65.59 -49.31 13.64
CA GLY M 371 66.58 -50.34 13.87
C GLY M 371 66.43 -51.54 12.95
N PRO M 372 65.29 -52.22 13.02
CA PRO M 372 65.10 -53.43 12.18
C PRO M 372 65.25 -53.17 10.69
N CYS M 373 64.98 -51.95 10.24
CA CYS M 373 65.17 -51.62 8.84
C CYS M 373 66.64 -51.68 8.43
N LYS M 374 67.57 -51.70 9.37
CA LYS M 374 68.96 -51.92 9.01
C LYS M 374 69.19 -53.36 8.59
N VAL M 375 68.42 -54.30 9.14
CA VAL M 375 68.56 -55.69 8.76
C VAL M 375 68.08 -55.91 7.33
N ILE M 376 66.91 -55.37 7.00
CA ILE M 376 66.34 -55.50 5.66
C ILE M 376 66.07 -54.11 5.10
N ASN M 377 66.57 -53.87 3.89
CA ASN M 377 66.49 -52.56 3.25
C ASN M 377 67.21 -51.49 4.10
N ALA M 378 68.48 -51.78 4.39
CA ALA M 378 69.27 -50.86 5.19
C ALA M 378 69.43 -49.51 4.49
N LYS M 379 69.43 -49.50 3.16
CA LYS M 379 69.58 -48.27 2.41
C LYS M 379 68.46 -47.29 2.68
N ASP M 380 67.30 -47.77 3.11
CA ASP M 380 66.19 -46.89 3.46
C ASP M 380 66.40 -46.21 4.81
N VAL M 381 67.23 -46.79 5.69
CA VAL M 381 67.32 -46.36 7.08
C VAL M 381 67.67 -44.88 7.16
N ASP M 382 68.86 -44.52 6.67
CA ASP M 382 69.24 -43.12 6.65
C ASP M 382 68.23 -42.29 5.87
N PHE M 383 67.59 -42.90 4.87
CA PHE M 383 66.51 -42.26 4.14
C PHE M 383 65.46 -41.72 5.09
N MET M 384 64.93 -42.57 5.98
CA MET M 384 64.02 -42.06 6.99
C MET M 384 64.70 -41.01 7.84
N TYR M 385 65.95 -41.28 8.25
CA TYR M 385 66.73 -40.25 8.92
C TYR M 385 66.71 -38.95 8.15
N VAL M 386 66.89 -39.03 6.83
CA VAL M 386 66.86 -37.84 6.00
C VAL M 386 65.55 -37.09 6.18
N GLU M 387 64.42 -37.80 6.05
CA GLU M 387 63.16 -37.09 6.19
C GLU M 387 62.94 -36.67 7.64
N LEU M 388 63.55 -37.37 8.59
CA LEU M 388 63.53 -36.89 9.97
C LEU M 388 64.12 -35.49 10.05
N ILE M 389 65.22 -35.26 9.33
CA ILE M 389 65.77 -33.92 9.23
C ILE M 389 64.70 -32.96 8.72
N GLN M 390 64.01 -33.36 7.65
CA GLN M 390 62.95 -32.53 7.11
C GLN M 390 61.94 -32.19 8.18
N ARG M 391 61.62 -33.16 9.05
CA ARG M 391 60.64 -32.90 10.11
C ARG M 391 61.11 -31.78 11.01
N CYS M 392 62.37 -31.84 11.46
CA CYS M 392 62.83 -30.77 12.33
C CYS M 392 63.06 -29.47 11.58
N LYS M 393 62.99 -29.50 10.24
CA LYS M 393 62.89 -28.25 9.50
C LYS M 393 61.55 -27.56 9.78
N GLN M 394 60.46 -28.32 9.78
CA GLN M 394 59.18 -27.76 10.20
C GLN M 394 59.23 -27.37 11.68
N MET M 395 59.89 -28.19 12.50
CA MET M 395 60.05 -27.88 13.90
C MET M 395 60.88 -26.63 14.13
N PHE M 396 61.86 -26.38 13.26
CA PHE M 396 62.80 -25.28 13.50
C PHE M 396 62.09 -23.94 13.56
N LEU M 397 61.15 -23.70 12.64
CA LEU M 397 60.44 -22.43 12.61
C LEU M 397 58.94 -22.63 12.53
N VAL M 407 55.82 -27.94 21.11
CA VAL M 407 57.18 -27.63 21.53
C VAL M 407 57.66 -28.64 22.57
N TYR M 408 57.05 -29.82 22.57
CA TYR M 408 57.48 -30.92 23.42
C TYR M 408 57.95 -32.12 22.61
N GLN M 409 57.90 -32.06 21.29
CA GLN M 409 58.29 -33.18 20.45
C GLN M 409 59.79 -33.28 20.24
N MET M 410 60.55 -32.24 20.58
CA MET M 410 61.98 -32.28 20.36
C MET M 410 62.68 -33.41 21.10
N PRO M 411 62.39 -33.72 22.37
CA PRO M 411 63.03 -34.90 22.98
C PRO M 411 62.75 -36.18 22.25
N SER M 412 61.53 -36.34 21.72
CA SER M 412 61.23 -37.49 20.88
C SER M 412 62.10 -37.49 19.63
N PHE M 413 62.28 -36.32 19.02
CA PHE M 413 63.19 -36.20 17.89
C PHE M 413 64.59 -36.67 18.26
N LEU M 414 65.07 -36.23 19.42
CA LEU M 414 66.43 -36.52 19.83
C LEU M 414 66.62 -38.01 20.08
N GLN M 415 65.69 -38.63 20.81
CA GLN M 415 65.79 -40.07 21.06
C GLN M 415 65.70 -40.85 19.75
N SER M 416 64.83 -40.43 18.84
CA SER M 416 64.68 -41.15 17.57
C SER M 416 65.95 -41.06 16.74
N VAL M 417 66.52 -39.85 16.64
CA VAL M 417 67.74 -39.70 15.86
C VAL M 417 68.90 -40.41 16.55
N ALA M 418 68.91 -40.45 17.87
CA ALA M 418 69.94 -41.22 18.57
C ALA M 418 69.85 -42.69 18.23
N SER M 419 68.63 -43.24 18.23
CA SER M 419 68.46 -44.65 17.87
C SER M 419 68.91 -44.91 16.45
N VAL M 420 68.49 -44.05 15.51
CA VAL M 420 68.81 -44.30 14.12
C VAL M 420 70.31 -44.16 13.88
N LEU M 421 70.96 -43.21 14.57
CA LEU M 421 72.40 -43.06 14.44
C LEU M 421 73.15 -44.22 15.08
N LEU M 422 72.61 -44.78 16.17
CA LEU M 422 73.15 -46.01 16.70
C LEU M 422 73.09 -47.11 15.64
N TYR M 423 71.99 -47.17 14.89
CA TYR M 423 71.93 -48.12 13.80
C TYR M 423 72.63 -47.60 12.55
N LEU M 424 72.72 -46.28 12.38
CA LEU M 424 73.39 -45.74 11.21
C LEU M 424 74.90 -45.91 11.31
N ASP M 425 75.55 -46.01 10.16
CA ASP M 425 77.00 -46.09 10.07
C ASP M 425 77.60 -44.95 9.28
N THR M 426 76.98 -44.55 8.16
CA THR M 426 77.43 -43.43 7.36
C THR M 426 76.41 -42.30 7.49
N VAL M 427 76.89 -41.11 7.84
CA VAL M 427 76.01 -39.98 8.11
C VAL M 427 76.21 -38.90 7.05
N PRO M 428 75.14 -38.29 6.54
CA PRO M 428 75.30 -37.13 5.66
C PRO M 428 75.93 -35.96 6.40
N GLU M 429 77.16 -35.61 6.01
CA GLU M 429 77.90 -34.57 6.71
C GLU M 429 77.24 -33.20 6.58
N VAL M 430 76.39 -33.00 5.57
CA VAL M 430 75.66 -31.75 5.46
C VAL M 430 74.71 -31.58 6.62
N TYR M 431 74.28 -32.68 7.23
CA TYR M 431 73.36 -32.61 8.36
C TYR M 431 74.05 -32.31 9.67
N THR M 432 75.38 -32.49 9.74
CA THR M 432 76.09 -32.26 10.99
C THR M 432 75.93 -30.83 11.51
N PRO M 433 76.15 -29.77 10.71
CA PRO M 433 75.81 -28.43 11.23
C PRO M 433 74.33 -28.25 11.45
N VAL M 434 73.50 -28.93 10.66
CA VAL M 434 72.06 -28.83 10.82
C VAL M 434 71.64 -29.39 12.16
N LEU M 435 72.08 -30.61 12.47
CA LEU M 435 71.74 -31.20 13.76
C LEU M 435 72.40 -30.43 14.91
N GLU M 436 73.58 -29.87 14.66
CA GLU M 436 74.20 -28.97 15.64
C GLU M 436 73.25 -27.83 16.00
N HIS M 437 72.75 -27.14 14.97
CA HIS M 437 71.84 -26.02 15.20
C HIS M 437 70.58 -26.48 15.91
N LEU M 438 70.04 -27.64 15.51
CA LEU M 438 68.82 -28.12 16.12
C LEU M 438 69.01 -28.45 17.60
N VAL M 439 70.10 -29.14 17.94
CA VAL M 439 70.30 -29.53 19.34
C VAL M 439 70.61 -28.31 20.19
N VAL M 440 71.36 -27.34 19.67
CA VAL M 440 71.61 -26.16 20.48
C VAL M 440 70.33 -25.33 20.63
N MET M 441 69.46 -25.32 19.62
CA MET M 441 68.17 -24.66 19.78
C MET M 441 67.32 -25.38 20.81
N GLN M 442 67.41 -26.72 20.86
CA GLN M 442 66.73 -27.46 21.91
C GLN M 442 67.24 -27.07 23.29
N ILE M 443 68.56 -26.95 23.44
CA ILE M 443 69.14 -26.53 24.71
C ILE M 443 68.64 -25.14 25.07
N ASP M 444 68.53 -24.26 24.07
CA ASP M 444 67.97 -22.93 24.29
C ASP M 444 66.52 -23.02 24.73
N SER M 445 65.78 -23.98 24.21
CA SER M 445 64.37 -24.18 24.53
C SER M 445 64.16 -25.03 25.78
N PHE M 446 65.24 -25.40 26.45
CA PHE M 446 65.11 -26.12 27.73
C PHE M 446 64.18 -25.45 28.73
N PRO M 447 64.17 -24.12 28.90
CA PRO M 447 63.16 -23.52 29.79
C PRO M 447 61.77 -23.59 29.19
N GLN M 448 60.79 -22.94 29.84
CA GLN M 448 59.39 -23.04 29.49
C GLN M 448 58.85 -24.45 29.72
N TYR M 449 59.55 -25.23 30.53
CA TYR M 449 59.28 -26.65 30.68
C TYR M 449 58.92 -26.99 32.12
N SER M 450 58.02 -27.95 32.27
CA SER M 450 57.80 -28.59 33.55
C SER M 450 58.95 -29.55 33.83
N PRO M 451 59.15 -29.93 35.10
CA PRO M 451 60.26 -30.86 35.40
C PRO M 451 60.20 -32.16 34.61
N LYS M 452 59.00 -32.67 34.32
CA LYS M 452 58.89 -33.99 33.72
C LYS M 452 59.55 -34.04 32.34
N MET M 453 59.17 -33.14 31.44
CA MET M 453 59.85 -33.21 30.15
C MET M 453 61.21 -32.53 30.16
N GLN M 454 61.57 -31.81 31.22
CA GLN M 454 62.98 -31.48 31.43
C GLN M 454 63.80 -32.76 31.60
N LEU M 455 63.30 -33.67 32.43
CA LEU M 455 63.95 -34.97 32.58
C LEU M 455 63.94 -35.73 31.27
N VAL M 456 62.81 -35.69 30.54
CA VAL M 456 62.72 -36.39 29.26
C VAL M 456 63.77 -35.85 28.30
N CYS M 457 63.91 -34.52 28.22
CA CYS M 457 64.83 -33.92 27.27
C CYS M 457 66.27 -34.17 27.66
N CYS M 458 66.58 -34.15 28.96
CA CYS M 458 67.95 -34.46 29.37
C CYS M 458 68.29 -35.92 29.06
N ARG M 459 67.33 -36.82 29.26
CA ARG M 459 67.54 -38.21 28.86
C ARG M 459 67.82 -38.31 27.37
N ALA M 460 67.02 -37.60 26.56
CA ALA M 460 67.22 -37.63 25.12
C ALA M 460 68.59 -37.07 24.74
N ILE M 461 69.04 -36.03 25.45
CA ILE M 461 70.35 -35.45 25.20
C ILE M 461 71.44 -36.47 25.50
N VAL M 462 71.31 -37.18 26.62
CA VAL M 462 72.26 -38.24 26.93
C VAL M 462 72.26 -39.28 25.82
N LYS M 463 71.08 -39.63 25.33
CA LYS M 463 70.98 -40.64 24.28
C LYS M 463 71.66 -40.20 23.00
N VAL M 464 71.48 -38.93 22.61
CA VAL M 464 72.12 -38.45 21.39
C VAL M 464 73.63 -38.38 21.59
N PHE M 465 74.09 -38.04 22.79
CA PHE M 465 75.53 -38.09 23.04
C PHE M 465 76.07 -39.50 22.91
N LEU M 466 75.34 -40.49 23.44
CA LEU M 466 75.75 -41.88 23.29
C LEU M 466 75.78 -42.28 21.81
N ALA M 467 74.81 -41.80 21.04
CA ALA M 467 74.77 -42.12 19.61
C ALA M 467 75.98 -41.53 18.89
N LEU M 468 76.25 -40.24 19.11
CA LEU M 468 77.39 -39.62 18.45
C LEU M 468 78.72 -40.13 18.97
N ALA M 469 78.73 -40.82 20.11
CA ALA M 469 79.97 -41.39 20.63
C ALA M 469 80.59 -42.41 19.69
N ALA M 470 79.83 -42.96 18.75
CA ALA M 470 80.35 -44.00 17.88
C ALA M 470 81.28 -43.46 16.80
N LYS M 471 81.27 -42.15 16.55
CA LYS M 471 82.03 -41.55 15.45
C LYS M 471 83.02 -40.55 16.05
N GLY M 472 84.29 -40.94 16.10
CA GLY M 472 85.33 -40.19 16.78
C GLY M 472 85.42 -38.71 16.41
N PRO M 473 85.79 -38.43 15.16
CA PRO M 473 85.83 -37.00 14.75
C PRO M 473 84.50 -36.31 14.89
N VAL M 474 83.42 -37.01 14.55
CA VAL M 474 82.08 -36.45 14.76
C VAL M 474 81.85 -36.21 16.24
N LEU M 475 82.21 -37.19 17.06
CA LEU M 475 82.15 -37.03 18.51
C LEU M 475 82.76 -35.70 18.94
N ARG M 476 84.06 -35.54 18.66
CA ARG M 476 84.78 -34.41 19.22
C ARG M 476 84.27 -33.09 18.66
N ASN M 477 84.11 -32.99 17.33
CA ASN M 477 83.71 -31.71 16.77
C ASN M 477 82.29 -31.33 17.19
N CYS M 478 81.37 -32.31 17.18
CA CYS M 478 80.00 -32.00 17.57
C CYS M 478 79.92 -31.59 19.03
N ILE M 479 80.62 -32.30 19.92
CA ILE M 479 80.53 -31.94 21.34
C ILE M 479 81.13 -30.57 21.59
N SER M 480 82.27 -30.28 20.95
CA SER M 480 82.86 -28.95 21.10
C SER M 480 81.88 -27.87 20.63
N THR M 481 81.29 -28.08 19.46
CA THR M 481 80.38 -27.06 18.92
C THR M 481 79.13 -26.91 19.76
N VAL M 482 78.56 -28.02 20.24
CA VAL M 482 77.34 -27.91 21.02
C VAL M 482 77.61 -27.22 22.35
N VAL M 483 78.71 -27.56 23.03
CA VAL M 483 78.97 -26.89 24.29
C VAL M 483 79.26 -25.41 24.06
N HIS M 484 79.99 -25.09 22.99
CA HIS M 484 80.27 -23.70 22.69
C HIS M 484 78.98 -22.91 22.47
N GLN M 485 78.12 -23.40 21.57
CA GLN M 485 76.90 -22.68 21.25
C GLN M 485 75.98 -22.61 22.46
N GLY M 486 75.91 -23.70 23.23
CA GLY M 486 75.05 -23.70 24.40
C GLY M 486 75.47 -22.67 25.42
N LEU M 487 76.77 -22.63 25.75
CA LEU M 487 77.23 -21.65 26.72
C LEU M 487 77.11 -20.23 26.17
N ILE M 488 77.28 -20.05 24.86
CA ILE M 488 77.09 -18.73 24.27
C ILE M 488 75.65 -18.27 24.45
N ARG M 489 74.70 -19.17 24.19
CA ARG M 489 73.30 -18.84 24.45
C ARG M 489 73.07 -18.59 25.94
N ILE M 490 73.79 -19.30 26.80
CA ILE M 490 73.64 -19.12 28.24
C ILE M 490 74.05 -17.69 28.63
N CYS M 491 75.22 -17.27 28.18
CA CYS M 491 75.73 -15.95 28.56
C CYS M 491 74.99 -14.82 27.84
N SER M 492 74.26 -15.12 26.76
CA SER M 492 73.57 -14.07 26.02
C SER M 492 72.46 -13.44 26.85
N LYS M 493 71.81 -14.22 27.69
CA LYS M 493 70.68 -13.72 28.46
C LYS M 493 71.16 -12.66 29.45
N PRO M 494 70.43 -11.55 29.59
CA PRO M 494 70.87 -10.46 30.49
C PRO M 494 70.90 -10.88 31.96
N VAL M 495 71.33 -9.96 32.81
CA VAL M 495 71.49 -10.21 34.23
C VAL M 495 70.35 -9.51 34.98
N VAL M 496 69.77 -10.22 35.94
CA VAL M 496 68.70 -9.67 36.75
C VAL M 496 69.26 -8.73 37.79
N LEU M 497 68.55 -7.64 38.05
CA LEU M 497 68.97 -6.68 39.07
C LEU M 497 67.79 -6.36 39.98
N PRO M 498 68.05 -6.16 41.27
CA PRO M 498 67.02 -5.79 42.25
C PRO M 498 66.83 -4.28 42.38
N TRP M 519 54.20 -11.45 28.03
CA TRP M 519 55.09 -12.54 27.66
C TRP M 519 56.07 -12.85 28.79
N LYS M 520 56.41 -14.12 28.93
CA LYS M 520 57.30 -14.58 29.98
C LYS M 520 58.73 -14.68 29.47
N VAL M 521 59.67 -14.22 30.28
CA VAL M 521 61.08 -14.18 29.92
C VAL M 521 61.78 -15.36 30.59
N PRO M 522 62.31 -16.32 29.84
CA PRO M 522 63.03 -17.43 30.47
C PRO M 522 64.29 -16.94 31.16
N THR M 523 64.66 -17.62 32.25
CA THR M 523 65.81 -17.25 33.06
C THR M 523 67.03 -18.05 32.65
N TYR M 524 68.20 -17.49 32.96
CA TYR M 524 69.45 -18.21 32.76
C TYR M 524 69.71 -19.19 33.89
N LYS M 525 69.34 -18.82 35.11
CA LYS M 525 69.78 -19.56 36.30
C LYS M 525 69.29 -21.00 36.31
N ASP M 526 68.19 -21.30 35.61
CA ASP M 526 67.62 -22.63 35.68
C ASP M 526 68.56 -23.70 35.14
N TYR M 527 69.22 -23.42 34.01
CA TYR M 527 69.92 -24.45 33.25
C TYR M 527 70.86 -25.31 34.08
N VAL M 528 71.31 -24.81 35.24
CA VAL M 528 72.26 -25.57 36.04
C VAL M 528 71.69 -26.93 36.39
N ASP M 529 70.40 -26.99 36.74
CA ASP M 529 69.78 -28.27 37.07
C ASP M 529 69.98 -29.26 35.93
N LEU M 530 69.77 -28.81 34.69
CA LEU M 530 70.11 -29.62 33.53
C LEU M 530 71.51 -30.19 33.66
N PHE M 531 72.51 -29.30 33.76
CA PHE M 531 73.88 -29.74 33.93
C PHE M 531 74.04 -30.57 35.19
N ARG M 532 73.25 -30.27 36.22
CA ARG M 532 73.30 -31.07 37.44
C ARG M 532 73.06 -32.53 37.14
N HIS M 533 72.11 -32.82 36.25
CA HIS M 533 71.98 -34.20 35.79
C HIS M 533 72.93 -34.52 34.64
N LEU M 534 73.25 -33.51 33.82
CA LEU M 534 74.04 -33.78 32.62
C LEU M 534 75.40 -34.38 32.98
N LEU M 535 76.04 -33.85 34.01
CA LEU M 535 77.32 -34.40 34.45
C LEU M 535 77.16 -35.57 35.39
N SER M 536 75.95 -35.85 35.86
CA SER M 536 75.73 -36.95 36.79
C SER M 536 74.78 -37.98 36.21
N SER M 537 75.01 -38.35 34.94
CA SER M 537 74.10 -39.22 34.21
C SER M 537 74.69 -40.62 34.00
N ASP M 538 75.46 -41.10 34.96
CA ASP M 538 75.99 -42.46 34.87
C ASP M 538 74.85 -43.49 34.87
N GLN M 539 73.90 -43.29 35.79
CA GLN M 539 72.79 -44.21 36.01
C GLN M 539 71.82 -44.24 34.84
N MET M 540 71.95 -43.32 33.89
CA MET M 540 71.16 -43.38 32.67
C MET M 540 71.93 -43.95 31.50
N MET M 541 73.21 -43.58 31.33
CA MET M 541 73.92 -44.13 30.18
C MET M 541 74.18 -45.62 30.36
N ASP M 542 74.36 -46.10 31.59
CA ASP M 542 74.50 -47.55 31.76
C ASP M 542 73.24 -48.27 31.30
N SER M 543 72.07 -47.74 31.66
CA SER M 543 70.80 -48.35 31.24
C SER M 543 70.65 -48.31 29.73
N ILE M 544 71.00 -47.18 29.10
CA ILE M 544 70.89 -47.10 27.65
C ILE M 544 71.94 -47.99 26.97
N LEU M 545 73.08 -48.20 27.62
CA LEU M 545 74.10 -49.10 27.09
C LEU M 545 73.72 -50.56 27.24
N ALA M 546 72.80 -50.87 28.17
CA ALA M 546 72.30 -52.24 28.27
C ALA M 546 71.65 -52.67 26.97
N ASP M 547 70.87 -51.79 26.34
CA ASP M 547 70.29 -52.08 25.04
C ASP M 547 71.02 -51.31 23.95
N SER M 559 83.18 -42.31 33.00
CA SER M 559 83.88 -42.41 31.73
C SER M 559 83.36 -41.38 30.74
N LEU M 560 82.17 -41.62 30.22
CA LEU M 560 81.58 -40.69 29.26
C LEU M 560 81.24 -39.37 29.91
N ASN M 561 80.70 -39.40 31.15
CA ASN M 561 80.52 -38.15 31.88
C ASN M 561 81.86 -37.44 32.09
N HIS M 562 82.93 -38.21 32.25
CA HIS M 562 84.26 -37.60 32.32
C HIS M 562 84.61 -36.92 30.99
N LEU M 563 84.20 -37.52 29.88
CA LEU M 563 84.42 -36.88 28.58
C LEU M 563 83.64 -35.57 28.48
N LEU M 564 82.40 -35.56 28.97
CA LEU M 564 81.64 -34.31 28.99
C LEU M 564 82.32 -33.28 29.89
N TYR M 565 82.85 -33.73 31.03
CA TYR M 565 83.62 -32.85 31.91
C TYR M 565 84.78 -32.22 31.16
N ASP M 566 85.53 -33.05 30.42
CA ASP M 566 86.69 -32.55 29.68
C ASP M 566 86.26 -31.55 28.61
N GLU M 567 85.18 -31.86 27.90
CA GLU M 567 84.70 -30.95 26.86
C GLU M 567 84.27 -29.62 27.46
N PHE M 568 83.58 -29.66 28.61
CA PHE M 568 83.18 -28.43 29.26
C PHE M 568 84.38 -27.62 29.71
N VAL M 569 85.41 -28.29 30.23
CA VAL M 569 86.62 -27.59 30.64
C VAL M 569 87.29 -26.93 29.44
N LYS M 570 87.37 -27.64 28.32
CA LYS M 570 87.96 -27.06 27.12
C LYS M 570 87.16 -25.85 26.66
N SER M 571 85.82 -25.94 26.71
CA SER M 571 84.99 -24.83 26.29
C SER M 571 85.20 -23.61 27.19
N VAL M 572 85.23 -23.82 28.50
CA VAL M 572 85.43 -22.68 29.39
C VAL M 572 86.82 -22.10 29.23
N LEU M 573 87.82 -22.94 28.94
CA LEU M 573 89.15 -22.44 28.62
C LEU M 573 89.12 -21.52 27.41
N LYS M 574 88.50 -21.99 26.32
CA LYS M 574 88.45 -21.21 25.09
C LYS M 574 87.67 -19.92 25.29
N ILE M 575 86.65 -19.94 26.15
CA ILE M 575 85.90 -18.71 26.42
C ILE M 575 86.74 -17.74 27.25
N VAL M 576 87.43 -18.24 28.27
CA VAL M 576 88.24 -17.38 29.11
C VAL M 576 89.32 -16.71 28.28
N GLU M 577 89.99 -17.47 27.42
CA GLU M 577 91.01 -16.87 26.57
C GLU M 577 90.39 -15.95 25.52
N LYS M 578 89.20 -16.30 25.02
CA LYS M 578 88.62 -15.52 23.94
C LYS M 578 88.08 -14.17 24.43
N LEU M 579 87.39 -14.18 25.57
CA LEU M 579 86.64 -13.00 25.98
C LEU M 579 87.59 -11.86 26.37
N ASP M 580 87.21 -10.65 25.99
CA ASP M 580 87.97 -9.44 26.30
C ASP M 580 87.21 -8.61 27.32
N LEU M 581 87.92 -8.17 28.36
CA LEU M 581 87.31 -7.48 29.49
C LEU M 581 87.89 -6.09 29.70
N THR M 582 88.23 -5.40 28.62
CA THR M 582 88.80 -4.07 28.74
C THR M 582 87.77 -3.09 29.30
N LEU M 583 88.28 -2.05 29.96
CA LEU M 583 87.41 -1.10 30.65
C LEU M 583 88.08 0.26 30.67
N GLU M 584 87.35 1.25 31.15
CA GLU M 584 87.82 2.63 31.22
C GLU M 584 87.57 3.20 32.61
N ILE M 585 88.18 4.34 32.87
CA ILE M 585 87.98 5.07 34.12
C ILE M 585 87.00 6.23 33.92
N GLN M 586 86.18 6.18 32.88
CA GLN M 586 85.23 7.25 32.60
C GLN M 586 84.09 6.74 31.72
N ALA M 610 88.15 3.59 41.51
CA ALA M 610 87.91 4.90 40.91
C ALA M 610 86.59 4.90 40.15
N ASN M 611 86.65 4.63 38.85
CA ASN M 611 85.47 4.59 37.99
C ASN M 611 85.54 3.32 37.14
N LEU M 612 84.62 2.40 37.38
CA LEU M 612 84.56 1.14 36.65
C LEU M 612 83.67 1.34 35.43
N HIS M 613 84.28 1.60 34.28
CA HIS M 613 83.56 1.83 33.03
C HIS M 613 83.99 0.78 32.03
N PRO M 614 83.27 -0.35 31.94
CA PRO M 614 83.60 -1.36 30.93
C PRO M 614 83.45 -0.81 29.51
N ALA M 615 84.37 -1.20 28.64
CA ALA M 615 84.23 -0.88 27.23
C ALA M 615 83.22 -1.80 26.55
N LYS M 616 83.05 -3.01 27.07
CA LYS M 616 82.09 -3.99 26.54
C LYS M 616 81.23 -4.49 27.69
N PRO M 617 80.33 -3.64 28.21
CA PRO M 617 79.53 -4.05 29.37
C PRO M 617 78.70 -5.30 29.12
N LYS M 618 78.25 -5.51 27.89
CA LYS M 618 77.57 -6.76 27.56
C LYS M 618 78.52 -7.94 27.72
N ASP M 619 79.78 -7.79 27.29
CA ASP M 619 80.75 -8.84 27.51
C ASP M 619 81.02 -9.04 28.99
N PHE M 620 81.01 -7.96 29.77
CA PHE M 620 81.18 -8.09 31.22
C PHE M 620 80.04 -8.90 31.83
N SER M 621 78.81 -8.62 31.41
CA SER M 621 77.66 -9.36 31.91
C SER M 621 77.74 -10.83 31.51
N ALA M 622 78.12 -11.09 30.26
CA ALA M 622 78.30 -12.47 29.83
C ALA M 622 79.38 -13.16 30.66
N PHE M 623 80.46 -12.44 30.95
CA PHE M 623 81.53 -12.99 31.77
C PHE M 623 81.03 -13.37 33.15
N ILE M 624 80.33 -12.45 33.82
CA ILE M 624 79.89 -12.74 35.17
C ILE M 624 78.86 -13.86 35.18
N ASN M 625 78.01 -13.93 34.15
CA ASN M 625 77.07 -15.04 34.03
C ASN M 625 77.82 -16.35 33.92
N LEU M 626 78.81 -16.42 33.03
CA LEU M 626 79.54 -17.66 32.85
C LEU M 626 80.31 -18.02 34.11
N VAL M 627 80.83 -17.02 34.83
CA VAL M 627 81.55 -17.30 36.07
C VAL M 627 80.62 -17.90 37.10
N GLU M 628 79.45 -17.29 37.29
CA GLU M 628 78.52 -17.81 38.28
C GLU M 628 78.09 -19.23 37.92
N PHE M 629 77.81 -19.48 36.64
CA PHE M 629 77.43 -20.80 36.22
C PHE M 629 78.56 -21.81 36.46
N CYS M 630 79.79 -21.42 36.13
CA CYS M 630 80.89 -22.37 36.23
C CYS M 630 81.17 -22.72 37.68
N ARG M 631 81.13 -21.75 38.60
CA ARG M 631 81.45 -22.13 39.97
C ARG M 631 80.24 -22.67 40.72
N GLU M 632 79.02 -22.55 40.18
CA GLU M 632 77.92 -23.26 40.79
C GLU M 632 77.73 -24.65 40.22
N ILE M 633 78.32 -24.95 39.07
CA ILE M 633 78.24 -26.26 38.46
C ILE M 633 79.45 -27.13 38.78
N LEU M 634 80.63 -26.51 38.81
CA LEU M 634 81.87 -27.27 38.93
C LEU M 634 81.94 -28.16 40.16
N PRO M 635 81.64 -27.70 41.41
CA PRO M 635 81.89 -28.52 42.59
C PRO M 635 80.86 -29.63 42.81
N GLU M 636 80.58 -30.38 41.75
CA GLU M 636 79.67 -31.53 41.83
C GLU M 636 80.38 -32.84 41.51
N LYS M 637 81.00 -32.93 40.33
CA LYS M 637 81.60 -34.18 39.88
C LYS M 637 83.04 -34.26 40.37
N GLN M 638 83.77 -35.25 39.87
CA GLN M 638 85.13 -35.49 40.30
C GLN M 638 86.08 -34.48 39.68
N ALA M 639 86.83 -33.78 40.54
CA ALA M 639 87.97 -33.01 40.05
C ALA M 639 89.10 -33.93 39.61
N GLU M 640 89.00 -35.23 39.89
CA GLU M 640 89.87 -36.19 39.24
C GLU M 640 89.79 -36.05 37.73
N PHE M 641 88.60 -35.75 37.22
CA PHE M 641 88.45 -35.43 35.80
C PHE M 641 89.20 -34.15 35.46
N PHE M 642 89.31 -33.23 36.41
CA PHE M 642 89.99 -31.95 36.22
C PHE M 642 91.50 -32.06 36.42
N GLU M 643 91.99 -33.21 36.89
CA GLU M 643 93.40 -33.37 37.20
C GLU M 643 94.35 -32.94 36.08
N PRO M 644 94.11 -33.25 34.80
CA PRO M 644 95.04 -32.77 33.77
C PRO M 644 95.16 -31.25 33.72
N TRP M 645 94.11 -30.53 34.10
CA TRP M 645 94.09 -29.08 33.97
C TRP M 645 94.62 -28.35 35.19
N VAL M 646 94.98 -29.06 36.26
CA VAL M 646 95.34 -28.41 37.51
C VAL M 646 96.52 -27.46 37.32
N TYR M 647 97.41 -27.77 36.38
CA TYR M 647 98.57 -26.91 36.16
C TYR M 647 98.32 -25.86 35.08
N SER M 648 98.04 -26.30 33.86
CA SER M 648 97.90 -25.36 32.75
C SER M 648 96.70 -24.44 32.94
N PHE M 649 95.57 -25.00 33.38
CA PHE M 649 94.39 -24.20 33.63
C PHE M 649 94.66 -23.12 34.67
N SER M 650 95.25 -23.51 35.80
CA SER M 650 95.57 -22.55 36.84
C SER M 650 96.58 -21.52 36.35
N TYR M 651 97.55 -21.95 35.54
CA TYR M 651 98.57 -21.02 35.05
C TYR M 651 97.98 -19.95 34.16
N GLU M 652 97.24 -20.37 33.13
CA GLU M 652 96.61 -19.39 32.24
C GLU M 652 95.60 -18.55 33.01
N LEU M 653 94.99 -19.13 34.04
CA LEU M 653 93.99 -18.41 34.81
C LEU M 653 94.64 -17.32 35.66
N ILE M 654 95.78 -17.62 36.25
CA ILE M 654 96.56 -16.61 36.97
C ILE M 654 97.01 -15.53 36.01
N LEU M 655 97.40 -15.91 34.80
CA LEU M 655 97.76 -14.91 33.79
C LEU M 655 96.59 -13.98 33.51
N GLN M 656 95.40 -14.55 33.32
CA GLN M 656 94.21 -13.74 33.05
C GLN M 656 93.91 -12.83 34.22
N SER M 657 94.04 -13.34 35.45
CA SER M 657 93.81 -12.50 36.62
C SER M 657 94.81 -11.34 36.66
N THR M 658 96.08 -11.61 36.36
CA THR M 658 97.07 -10.56 36.32
C THR M 658 96.82 -9.56 35.20
N ARG M 659 96.10 -9.97 34.15
CA ARG M 659 95.75 -9.03 33.10
C ARG M 659 94.94 -7.88 33.65
N LEU M 660 93.96 -8.17 34.50
CA LEU M 660 93.14 -7.16 35.17
C LEU M 660 92.84 -7.65 36.57
N PRO M 661 93.73 -7.38 37.53
CA PRO M 661 93.51 -7.87 38.90
C PRO M 661 92.44 -7.09 39.64
N LEU M 662 91.28 -6.93 39.01
CA LEU M 662 90.15 -6.23 39.62
C LEU M 662 88.81 -6.87 39.30
N ILE M 663 88.77 -7.98 38.58
CA ILE M 663 87.53 -8.59 38.13
C ILE M 663 87.23 -9.76 39.06
N SER M 664 86.19 -9.63 39.86
CA SER M 664 85.91 -10.59 40.92
C SER M 664 85.51 -11.96 40.38
N GLY M 665 85.07 -12.04 39.13
CA GLY M 665 84.75 -13.32 38.55
C GLY M 665 85.96 -14.25 38.51
N PHE M 666 87.11 -13.70 38.11
CA PHE M 666 88.37 -14.43 38.22
C PHE M 666 88.53 -15.01 39.61
N TYR M 667 88.26 -14.18 40.62
CA TYR M 667 88.48 -14.60 41.99
C TYR M 667 87.57 -15.76 42.38
N LYS M 668 86.28 -15.66 42.06
CA LYS M 668 85.36 -16.74 42.41
C LYS M 668 85.74 -18.03 41.69
N LEU M 669 86.04 -17.95 40.40
CA LEU M 669 86.32 -19.16 39.64
C LEU M 669 87.62 -19.81 40.07
N LEU M 670 88.66 -19.02 40.35
CA LEU M 670 89.88 -19.62 40.88
C LEU M 670 89.68 -20.16 42.29
N SER M 671 88.81 -19.54 43.07
CA SER M 671 88.53 -20.07 44.41
C SER M 671 87.86 -21.43 44.32
N ILE M 672 86.89 -21.58 43.42
CA ILE M 672 86.28 -22.90 43.28
C ILE M 672 87.27 -23.89 42.70
N THR M 673 88.18 -23.41 41.83
CA THR M 673 89.22 -24.27 41.30
C THR M 673 90.09 -24.85 42.42
N VAL M 674 90.59 -23.97 43.29
CA VAL M 674 91.45 -24.44 44.38
C VAL M 674 90.64 -25.27 45.38
N ARG M 675 89.34 -24.96 45.54
CA ARG M 675 88.50 -25.78 46.39
C ARG M 675 88.42 -27.21 45.88
N ASN M 676 88.21 -27.36 44.58
CA ASN M 676 88.19 -28.71 43.99
C ASN M 676 89.57 -29.35 44.08
N ALA M 677 90.63 -28.57 43.91
CA ALA M 677 91.98 -29.10 43.97
C ALA M 677 92.26 -29.70 45.35
N LYS M 678 91.87 -29.00 46.42
CA LYS M 678 92.04 -29.57 47.74
C LYS M 678 91.00 -30.63 48.04
N LYS M 679 89.87 -30.63 47.32
CA LYS M 679 88.92 -31.73 47.44
C LYS M 679 89.57 -33.03 46.98
N ILE M 680 90.30 -32.99 45.87
CA ILE M 680 91.06 -34.16 45.45
C ILE M 680 92.44 -34.22 46.07
N LYS M 681 92.88 -33.15 46.75
CA LYS M 681 94.15 -33.11 47.46
C LYS M 681 95.32 -33.38 46.51
N TYR M 682 95.49 -32.47 45.55
CA TYR M 682 96.66 -32.51 44.68
C TYR M 682 97.93 -32.09 45.42
N PHE M 683 97.80 -31.55 46.63
CA PHE M 683 98.93 -31.02 47.38
C PHE M 683 99.55 -32.12 48.23
N GLU M 684 100.86 -32.31 48.09
CA GLU M 684 101.63 -33.23 48.93
C GLU M 684 102.97 -32.55 49.24
N GLY M 685 103.03 -31.86 50.38
CA GLY M 685 104.22 -31.15 50.77
C GLY M 685 104.38 -29.82 50.05
N ASP M 697 106.81 -33.91 42.86
CA ASP M 697 106.87 -33.82 41.41
C ASP M 697 107.15 -32.40 40.97
N PRO M 698 107.95 -32.24 39.90
CA PRO M 698 108.27 -30.89 39.42
C PRO M 698 107.04 -30.08 39.06
N GLU M 699 106.04 -30.70 38.45
CA GLU M 699 104.80 -29.99 38.18
C GLU M 699 104.12 -29.58 39.48
N LYS M 700 104.13 -30.46 40.48
CA LYS M 700 103.53 -30.12 41.77
C LYS M 700 104.27 -28.97 42.44
N TYR M 701 105.60 -29.00 42.41
CA TYR M 701 106.38 -27.92 43.02
C TYR M 701 106.16 -26.60 42.29
N SER M 702 106.08 -26.64 40.96
CA SER M 702 105.76 -25.44 40.20
C SER M 702 104.39 -24.91 40.58
N CYS M 703 103.41 -25.82 40.72
CA CYS M 703 102.08 -25.43 41.16
C CYS M 703 102.16 -24.73 42.50
N PHE M 704 102.88 -25.31 43.45
CA PHE M 704 102.98 -24.72 44.79
C PHE M 704 103.62 -23.35 44.73
N ALA M 705 104.65 -23.19 43.92
CA ALA M 705 105.31 -21.89 43.80
C ALA M 705 104.34 -20.84 43.25
N LEU M 706 103.60 -21.21 42.19
CA LEU M 706 102.61 -20.28 41.65
C LEU M 706 101.57 -19.92 42.70
N PHE M 707 101.08 -20.92 43.44
CA PHE M 707 100.05 -20.65 44.43
C PHE M 707 100.56 -19.74 45.53
N VAL M 708 101.78 -19.99 46.03
CA VAL M 708 102.26 -19.19 47.15
C VAL M 708 102.56 -17.77 46.71
N LYS M 709 103.15 -17.58 45.53
CA LYS M 709 103.42 -16.22 45.08
C LYS M 709 102.12 -15.47 44.79
N PHE M 710 101.15 -16.16 44.20
CA PHE M 710 99.86 -15.53 43.92
C PHE M 710 99.16 -15.16 45.22
N GLY M 711 99.22 -16.03 46.22
CA GLY M 711 98.62 -15.72 47.50
C GLY M 711 99.29 -14.54 48.18
N LYS M 712 100.62 -14.48 48.11
CA LYS M 712 101.34 -13.36 48.71
C LYS M 712 100.94 -12.06 48.03
N GLU M 713 100.88 -12.05 46.69
CA GLU M 713 100.58 -10.81 46.00
C GLU M 713 99.13 -10.38 46.21
N VAL M 714 98.19 -11.34 46.25
CA VAL M 714 96.82 -10.96 46.53
C VAL M 714 96.69 -10.47 47.96
N ALA M 715 97.40 -11.09 48.90
CA ALA M 715 97.30 -10.67 50.29
C ALA M 715 97.94 -9.30 50.51
N VAL M 716 98.89 -8.92 49.66
CA VAL M 716 99.50 -7.61 49.83
C VAL M 716 98.72 -6.52 49.08
N LYS M 717 98.07 -6.84 47.96
CA LYS M 717 97.32 -5.84 47.21
C LYS M 717 95.83 -5.85 47.53
N MET M 718 95.39 -6.72 48.44
CA MET M 718 93.99 -6.77 48.83
C MET M 718 93.56 -5.57 49.67
N LYS M 719 94.50 -4.93 50.38
CA LYS M 719 94.13 -3.79 51.22
C LYS M 719 93.64 -2.61 50.38
N GLN M 720 93.86 -2.63 49.07
CA GLN M 720 93.47 -1.54 48.19
C GLN M 720 92.10 -1.76 47.55
N TYR M 721 91.39 -2.81 47.95
CA TYR M 721 90.17 -3.22 47.26
C TYR M 721 88.95 -2.95 48.12
N LYS M 722 87.78 -3.00 47.48
CA LYS M 722 86.51 -2.63 48.09
C LYS M 722 85.54 -3.81 48.03
N ASP M 723 84.30 -3.56 48.42
CA ASP M 723 83.29 -4.61 48.50
C ASP M 723 82.98 -5.16 47.11
N GLU M 724 82.53 -6.41 47.09
CA GLU M 724 82.19 -7.17 45.89
C GLU M 724 83.46 -7.55 45.13
N LEU M 725 84.60 -7.03 45.57
CA LEU M 725 85.90 -7.42 45.06
C LEU M 725 86.81 -7.94 46.16
N LEU M 726 87.01 -7.16 47.22
CA LEU M 726 87.80 -7.61 48.36
C LEU M 726 87.13 -8.78 49.06
N ALA M 727 85.80 -8.88 48.95
CA ALA M 727 85.12 -10.06 49.45
C ALA M 727 85.62 -11.32 48.77
N SER M 728 85.78 -11.27 47.45
CA SER M 728 86.32 -12.41 46.73
C SER M 728 87.79 -12.63 47.07
N CYS M 729 88.53 -11.56 47.37
CA CYS M 729 89.92 -11.71 47.75
C CYS M 729 90.05 -12.46 49.07
N LEU M 730 89.25 -12.07 50.07
CA LEU M 730 89.27 -12.81 51.33
C LEU M 730 88.68 -14.20 51.15
N THR M 731 87.79 -14.37 50.17
CA THR M 731 87.31 -15.71 49.81
C THR M 731 88.47 -16.58 49.37
N PHE M 732 89.37 -16.03 48.54
CA PHE M 732 90.63 -16.70 48.28
C PHE M 732 91.36 -17.01 49.57
N LEU M 733 91.70 -15.96 50.32
CA LEU M 733 92.62 -16.08 51.44
C LEU M 733 92.13 -17.08 52.48
N LEU M 734 90.82 -17.35 52.52
CA LEU M 734 90.31 -18.45 53.31
C LEU M 734 90.30 -19.77 52.54
N SER M 735 90.02 -19.72 51.23
CA SER M 735 89.86 -20.93 50.44
C SER M 735 91.17 -21.62 50.12
N LEU M 736 92.28 -21.09 50.58
CA LEU M 736 93.56 -21.71 50.30
C LEU M 736 93.77 -22.93 51.19
N PRO M 737 94.42 -23.97 50.68
CA PRO M 737 94.74 -25.13 51.52
C PRO M 737 95.81 -24.80 52.55
N HIS M 738 95.87 -25.63 53.59
CA HIS M 738 96.84 -25.39 54.66
C HIS M 738 98.26 -25.58 54.18
N ASN M 739 98.47 -26.48 53.22
CA ASN M 739 99.83 -26.84 52.81
C ASN M 739 100.57 -25.63 52.26
N ILE M 740 99.92 -24.84 51.40
CA ILE M 740 100.61 -23.75 50.74
C ILE M 740 100.94 -22.63 51.73
N ILE M 741 100.02 -22.33 52.65
CA ILE M 741 100.18 -21.16 53.49
C ILE M 741 101.01 -21.51 54.71
N GLU M 742 101.58 -22.72 54.75
CA GLU M 742 102.47 -23.09 55.84
C GLU M 742 103.66 -22.15 55.95
N LEU M 743 104.00 -21.46 54.86
CA LEU M 743 104.99 -20.39 54.89
C LEU M 743 104.28 -19.05 54.97
N ASP M 744 104.73 -18.21 55.90
CA ASP M 744 104.19 -16.85 56.09
C ASP M 744 102.69 -16.90 56.40
N VAL M 745 102.36 -17.51 57.53
CA VAL M 745 101.00 -17.45 58.04
C VAL M 745 100.66 -16.05 58.53
N ARG M 746 101.68 -15.24 58.85
CA ARG M 746 101.45 -13.94 59.46
C ARG M 746 100.66 -13.01 58.54
N ALA M 747 100.99 -13.00 57.25
CA ALA M 747 100.34 -12.10 56.32
C ALA M 747 98.84 -12.37 56.22
N TYR M 748 98.43 -13.62 56.44
CA TYR M 748 97.03 -13.97 56.33
C TYR M 748 96.24 -13.61 57.57
N VAL M 749 96.91 -13.32 58.69
CA VAL M 749 96.20 -13.05 59.94
C VAL M 749 95.34 -11.80 59.85
N PRO M 750 95.87 -10.62 59.48
CA PRO M 750 94.97 -9.45 59.35
C PRO M 750 93.92 -9.64 58.29
N ALA M 751 94.27 -10.34 57.20
CA ALA M 751 93.29 -10.67 56.18
C ALA M 751 92.17 -11.54 56.76
N LEU M 752 92.54 -12.52 57.58
CA LEU M 752 91.54 -13.37 58.21
C LEU M 752 90.65 -12.57 59.16
N GLN M 753 91.25 -11.66 59.94
CA GLN M 753 90.46 -10.82 60.85
C GLN M 753 89.46 -9.98 60.07
N MET M 754 89.92 -9.32 59.01
CA MET M 754 88.99 -8.51 58.22
C MET M 754 87.94 -9.38 57.55
N ALA M 755 88.32 -10.59 57.14
CA ALA M 755 87.37 -11.49 56.51
C ALA M 755 86.23 -11.82 57.45
N PHE M 756 86.54 -12.13 58.70
CA PHE M 756 85.46 -12.38 59.67
C PHE M 756 84.67 -11.12 59.97
N LYS M 757 85.34 -9.98 60.17
CA LYS M 757 84.59 -8.79 60.52
C LYS M 757 83.73 -8.28 59.36
N LEU M 758 84.03 -8.71 58.13
CA LEU M 758 83.18 -8.37 57.00
C LEU M 758 82.12 -9.43 56.74
N GLY M 759 82.42 -10.71 57.02
CA GLY M 759 81.40 -11.74 56.98
C GLY M 759 80.34 -11.55 58.04
N LEU M 760 80.65 -10.80 59.09
CA LEU M 760 79.58 -10.29 59.97
C LEU M 760 78.53 -9.54 59.16
N SER M 761 78.95 -8.76 58.17
CA SER M 761 78.02 -8.04 57.32
C SER M 761 77.42 -8.91 56.22
N TYR M 762 77.98 -10.09 55.96
CA TYR M 762 77.45 -10.97 54.92
C TYR M 762 77.83 -12.39 55.32
N THR M 763 76.84 -13.16 55.78
CA THR M 763 77.11 -14.38 56.52
C THR M 763 77.94 -15.42 55.77
N PRO M 764 77.72 -15.71 54.47
CA PRO M 764 78.48 -16.82 53.84
C PRO M 764 79.99 -16.64 53.92
N LEU M 765 80.48 -15.40 53.80
CA LEU M 765 81.91 -15.16 53.92
C LEU M 765 82.40 -15.54 55.31
N ALA M 766 81.66 -15.15 56.35
CA ALA M 766 82.03 -15.54 57.70
C ALA M 766 82.02 -17.06 57.85
N GLU M 767 81.02 -17.71 57.28
CA GLU M 767 80.92 -19.16 57.38
C GLU M 767 82.13 -19.85 56.77
N VAL M 768 82.47 -19.49 55.54
CA VAL M 768 83.58 -20.15 54.85
C VAL M 768 84.90 -19.82 55.53
N GLY M 769 85.05 -18.58 56.02
CA GLY M 769 86.24 -18.25 56.78
C GLY M 769 86.35 -19.08 58.04
N LEU M 770 85.22 -19.31 58.72
CA LEU M 770 85.22 -20.21 59.86
C LEU M 770 85.73 -21.58 59.47
N ASN M 771 85.16 -22.15 58.40
CA ASN M 771 85.54 -23.48 57.96
C ASN M 771 87.04 -23.57 57.73
N ALA M 772 87.58 -22.60 56.98
CA ALA M 772 89.01 -22.55 56.76
C ALA M 772 89.76 -22.45 58.07
N LEU M 773 89.20 -21.73 59.04
CA LEU M 773 89.88 -21.55 60.31
C LEU M 773 90.02 -22.87 61.06
N GLU M 774 88.94 -23.65 61.16
CA GLU M 774 89.13 -24.92 61.87
C GLU M 774 89.97 -25.87 61.04
N GLU M 775 89.93 -25.76 59.71
CA GLU M 775 90.82 -26.56 58.88
C GLU M 775 92.28 -26.30 59.24
N TRP M 776 92.66 -25.02 59.29
CA TRP M 776 94.05 -24.69 59.58
C TRP M 776 94.41 -25.07 61.01
N SER M 777 93.46 -24.91 61.94
CA SER M 777 93.71 -25.34 63.31
C SER M 777 93.98 -26.83 63.37
N ILE M 778 93.21 -27.62 62.61
CA ILE M 778 93.39 -29.06 62.61
C ILE M 778 94.74 -29.44 62.02
N TYR M 779 95.10 -28.85 60.88
CA TYR M 779 96.25 -29.36 60.14
C TYR M 779 97.58 -28.80 60.61
N ILE M 780 97.63 -27.55 61.06
CA ILE M 780 98.90 -26.89 61.35
C ILE M 780 99.12 -26.86 62.86
N ASP M 781 100.37 -26.99 63.27
CA ASP M 781 100.71 -27.01 64.69
C ASP M 781 100.50 -25.64 65.32
N ARG M 782 99.94 -25.63 66.53
CA ARG M 782 99.53 -24.40 67.18
C ARG M 782 100.71 -23.45 67.42
N HIS M 783 101.92 -24.00 67.52
CA HIS M 783 103.06 -23.22 68.01
C HIS M 783 103.30 -21.97 67.18
N VAL M 784 102.87 -21.96 65.92
CA VAL M 784 103.08 -20.80 65.08
C VAL M 784 101.83 -19.91 65.08
N MET M 785 100.65 -20.51 65.25
CA MET M 785 99.45 -19.69 65.31
C MET M 785 99.23 -19.03 66.67
N GLN M 786 99.99 -19.43 67.69
CA GLN M 786 99.72 -18.94 69.04
C GLN M 786 99.75 -17.41 69.15
N PRO M 787 100.79 -16.70 68.68
CA PRO M 787 100.91 -15.29 69.07
C PRO M 787 99.72 -14.42 68.69
N TYR M 788 99.10 -14.67 67.53
CA TYR M 788 97.99 -13.85 67.08
C TYR M 788 96.64 -14.44 67.42
N TYR M 789 96.60 -15.41 68.35
CA TYR M 789 95.31 -15.86 68.86
C TYR M 789 94.58 -14.72 69.57
N LYS M 790 95.31 -13.92 70.34
CA LYS M 790 94.74 -12.72 70.92
C LYS M 790 94.28 -11.74 69.85
N ASP M 791 94.78 -11.89 68.61
CA ASP M 791 94.23 -11.14 67.49
C ASP M 791 93.01 -11.84 66.90
N ILE M 792 93.03 -13.17 66.87
CA ILE M 792 91.97 -13.91 66.18
C ILE M 792 90.64 -13.77 66.92
N LEU M 793 90.66 -13.91 68.25
CA LEU M 793 89.42 -13.94 69.01
C LEU M 793 88.58 -12.68 68.89
N PRO M 794 89.13 -11.46 69.02
CA PRO M 794 88.26 -10.27 69.04
C PRO M 794 87.43 -10.09 67.77
N CYS M 795 87.95 -10.50 66.61
CA CYS M 795 87.15 -10.37 65.39
C CYS M 795 85.98 -11.34 65.38
N LEU M 796 85.92 -12.29 66.30
CA LEU M 796 84.82 -13.25 66.40
C LEU M 796 83.76 -12.81 67.40
N ASP M 797 83.88 -11.61 67.97
CA ASP M 797 82.90 -11.13 68.93
C ASP M 797 81.51 -11.00 68.32
N GLY M 798 81.43 -10.79 67.01
CA GLY M 798 80.15 -10.70 66.35
C GLY M 798 79.43 -12.04 66.34
N TYR M 799 78.14 -11.97 66.02
CA TYR M 799 77.18 -13.08 66.09
C TYR M 799 76.96 -13.54 67.53
N LEU M 800 77.62 -12.92 68.51
CA LEU M 800 77.49 -13.31 69.90
C LEU M 800 76.88 -12.23 70.78
N LYS M 801 76.79 -10.99 70.29
CA LYS M 801 76.28 -9.87 71.08
C LYS M 801 74.99 -9.33 70.51
N THR M 802 74.17 -10.19 69.93
CA THR M 802 72.87 -9.80 69.40
C THR M 802 71.83 -10.83 69.81
N SER M 803 70.57 -10.38 69.87
CA SER M 803 69.47 -11.24 70.26
C SER M 803 68.50 -11.49 69.11
N PHE M 826 43.81 -27.27 53.79
CA PHE M 826 45.12 -26.67 53.61
C PHE M 826 46.12 -27.31 54.56
N ASN M 827 46.04 -26.91 55.84
CA ASN M 827 46.86 -27.48 56.89
C ASN M 827 46.00 -27.87 58.07
N LYS M 828 44.84 -28.48 57.78
CA LYS M 828 43.87 -28.82 58.81
C LYS M 828 43.94 -30.31 59.14
N VAL M 829 43.04 -30.75 60.02
CA VAL M 829 42.99 -32.15 60.40
C VAL M 829 42.56 -33.02 59.25
N VAL M 830 41.99 -32.43 58.19
CA VAL M 830 41.56 -33.19 57.03
C VAL M 830 42.75 -33.92 56.40
N LEU M 831 42.47 -35.09 55.83
CA LEU M 831 43.50 -35.95 55.26
C LEU M 831 43.52 -35.78 53.75
N LYS M 832 44.47 -34.99 53.26
CA LYS M 832 44.71 -34.84 51.83
C LYS M 832 45.92 -35.65 51.38
N HIS M 833 46.47 -36.50 52.25
CA HIS M 833 47.69 -37.25 52.00
C HIS M 833 48.88 -36.31 51.87
N LEU M 834 48.63 -35.02 52.09
CA LEU M 834 49.65 -34.00 52.23
C LEU M 834 50.58 -33.95 51.02
N LYS M 835 49.99 -33.60 49.88
CA LYS M 835 50.81 -33.33 48.70
C LYS M 835 51.73 -32.15 48.93
N LYS M 836 51.36 -31.25 49.86
CA LYS M 836 52.25 -30.17 50.26
C LYS M 836 53.57 -30.73 50.79
N THR M 837 53.48 -31.73 51.67
CA THR M 837 54.68 -32.38 52.18
C THR M 837 55.40 -33.14 51.07
N LYS M 838 54.67 -33.67 50.10
CA LYS M 838 55.31 -34.33 48.97
C LYS M 838 56.19 -33.35 48.18
N ASN M 839 55.91 -32.07 48.28
CA ASN M 839 56.77 -31.05 47.69
C ASN M 839 57.85 -30.64 48.70
N LEU M 840 59.04 -30.36 48.17
CA LEU M 840 60.17 -30.01 49.02
C LEU M 840 61.24 -29.26 48.23
N SER M 847 71.47 -18.80 56.47
CA SER M 847 70.87 -17.76 57.30
C SER M 847 71.92 -17.09 58.18
N LEU M 848 71.54 -16.76 59.41
CA LEU M 848 72.46 -16.15 60.35
C LEU M 848 72.49 -16.93 61.65
N GLU M 849 71.34 -17.51 62.03
CA GLU M 849 71.29 -18.31 63.24
C GLU M 849 72.18 -19.54 63.11
N GLU M 850 72.16 -20.18 61.94
CA GLU M 850 73.10 -21.26 61.67
C GLU M 850 74.53 -20.77 61.83
N ILE M 851 74.80 -19.54 61.42
CA ILE M 851 76.13 -18.96 61.59
C ILE M 851 76.47 -18.85 63.06
N ARG M 852 75.52 -18.36 63.87
CA ARG M 852 75.80 -18.21 65.30
C ARG M 852 76.06 -19.55 65.96
N ILE M 853 75.25 -20.56 65.64
CA ILE M 853 75.43 -21.85 66.30
C ILE M 853 76.72 -22.51 65.85
N ARG M 854 77.09 -22.37 64.57
CA ARG M 854 78.35 -22.93 64.15
C ARG M 854 79.54 -22.17 64.73
N VAL M 855 79.39 -20.85 64.94
CA VAL M 855 80.45 -20.09 65.59
C VAL M 855 80.66 -20.58 67.01
N VAL M 856 79.58 -20.72 67.77
CA VAL M 856 79.73 -21.17 69.15
C VAL M 856 80.25 -22.61 69.18
N GLN M 857 79.83 -23.44 68.22
CA GLN M 857 80.30 -24.80 68.14
C GLN M 857 81.82 -24.84 67.92
N MET M 858 82.30 -24.09 66.94
CA MET M 858 83.73 -24.10 66.66
C MET M 858 84.52 -23.47 67.79
N LEU M 859 83.99 -22.41 68.40
CA LEU M 859 84.67 -21.79 69.53
C LEU M 859 84.84 -22.78 70.68
N GLY M 860 83.78 -23.54 70.98
CA GLY M 860 83.93 -24.59 71.97
C GLY M 860 84.91 -25.66 71.55
N SER M 861 84.90 -26.02 70.27
CA SER M 861 85.79 -27.06 69.78
C SER M 861 87.25 -26.63 69.83
N LEU M 862 87.53 -25.32 69.84
CA LEU M 862 88.91 -24.86 69.85
C LEU M 862 89.59 -25.18 71.17
N GLY M 863 89.07 -24.64 72.27
CA GLY M 863 89.62 -24.88 73.58
C GLY M 863 89.74 -23.59 74.38
N GLY M 864 89.77 -23.73 75.70
CA GLY M 864 89.78 -22.57 76.57
C GLY M 864 91.02 -21.72 76.42
N GLN M 865 92.17 -22.34 76.15
CA GLN M 865 93.40 -21.58 75.95
C GLN M 865 93.29 -20.66 74.74
N ILE M 866 92.36 -20.94 73.84
CA ILE M 866 92.08 -20.03 72.73
C ILE M 866 91.02 -19.01 73.13
N ASN M 867 89.98 -19.46 73.84
CA ASN M 867 88.89 -18.58 74.21
C ASN M 867 89.34 -17.45 75.13
N LYS M 868 90.31 -17.73 76.00
CA LYS M 868 90.82 -16.70 76.91
C LYS M 868 91.43 -15.54 76.16
N ASN M 869 91.86 -15.75 74.92
CA ASN M 869 92.44 -14.69 74.10
C ASN M 869 91.42 -13.66 73.64
N LEU M 870 90.16 -13.80 74.06
CA LEU M 870 89.13 -12.85 73.66
C LEU M 870 89.13 -11.60 74.52
N LEU M 871 89.58 -11.70 75.77
CA LEU M 871 89.53 -10.57 76.68
C LEU M 871 90.94 -10.14 77.10
N MET M 879 95.87 -4.92 82.16
CA MET M 879 96.26 -3.76 81.37
C MET M 879 95.41 -2.55 81.76
N MET M 880 95.26 -1.59 80.84
CA MET M 880 94.55 -0.35 81.14
C MET M 880 93.06 -0.59 81.39
N LYS M 881 92.56 -1.78 81.07
CA LYS M 881 91.17 -2.21 81.22
C LYS M 881 90.25 -1.55 80.20
N SER M 882 90.79 -0.80 79.25
CA SER M 882 90.09 -0.19 78.13
C SER M 882 89.08 0.88 78.54
N TYR M 883 88.92 1.16 79.84
CA TYR M 883 87.92 2.11 80.28
C TYR M 883 88.17 2.48 81.73
N VAL M 884 87.99 3.76 82.05
CA VAL M 884 87.71 4.19 83.41
C VAL M 884 86.47 5.07 83.35
N ALA M 885 86.28 5.73 82.21
CA ALA M 885 85.18 6.66 81.97
C ALA M 885 85.21 7.15 80.53
N TRP M 886 84.26 7.99 80.15
CA TRP M 886 84.30 8.70 78.89
C TRP M 886 84.39 10.21 79.05
N ASP M 887 83.80 10.78 80.09
CA ASP M 887 83.94 12.19 80.40
C ASP M 887 84.14 12.34 81.90
N ARG M 888 85.07 13.22 82.28
CA ARG M 888 85.30 13.46 83.70
C ARG M 888 84.07 14.04 84.39
N GLU M 889 83.25 14.78 83.64
CA GLU M 889 82.02 15.35 84.15
C GLU M 889 80.83 14.76 83.40
N LYS M 890 79.64 15.13 83.84
CA LYS M 890 78.39 14.72 83.20
C LYS M 890 77.77 15.99 82.64
N ARG M 891 78.16 16.33 81.41
CA ARG M 891 77.84 17.63 80.82
C ARG M 891 76.65 17.58 79.87
N LEU M 892 75.92 16.47 79.84
CA LEU M 892 74.73 16.36 79.02
C LEU M 892 73.56 15.91 79.87
N SER M 893 72.40 16.55 79.64
CA SER M 893 71.21 16.27 80.42
C SER M 893 70.00 16.68 79.60
N PHE M 894 68.81 16.38 80.14
CA PHE M 894 67.58 16.79 79.50
C PHE M 894 66.44 16.69 80.50
N ALA M 895 65.70 17.78 80.66
CA ALA M 895 64.47 17.77 81.45
C ALA M 895 63.35 17.26 80.54
N VAL M 896 62.87 16.05 80.82
CA VAL M 896 61.90 15.43 79.93
C VAL M 896 60.59 16.20 79.98
N PRO M 897 59.91 16.40 78.86
CA PRO M 897 58.62 17.09 78.88
C PRO M 897 57.54 16.24 79.52
N PHE M 898 56.57 16.92 80.13
CA PHE M 898 55.40 16.29 80.73
C PHE M 898 54.33 17.36 80.89
N ARG M 899 53.28 17.01 81.62
CA ARG M 899 52.22 17.96 81.93
C ARG M 899 52.26 18.41 83.38
N GLU M 900 53.06 17.77 84.23
CA GLU M 900 53.08 18.12 85.65
C GLU M 900 54.50 18.38 86.16
N MET M 901 55.50 17.72 85.59
CA MET M 901 56.86 17.87 86.08
C MET M 901 57.84 17.77 84.90
N LYS M 902 59.03 18.31 85.11
CA LYS M 902 60.11 18.24 84.12
C LYS M 902 61.38 17.78 84.79
N PRO M 903 61.49 16.49 85.12
CA PRO M 903 62.71 15.99 85.74
C PRO M 903 63.85 15.93 84.73
N VAL M 904 65.02 16.41 85.15
CA VAL M 904 66.18 16.43 84.27
C VAL M 904 66.81 15.05 84.24
N ILE M 905 67.16 14.60 83.04
CA ILE M 905 67.73 13.27 82.82
C ILE M 905 69.07 13.44 82.12
N PHE M 906 70.13 12.92 82.75
CA PHE M 906 71.45 12.98 82.16
C PHE M 906 71.58 11.99 81.02
N LEU M 907 72.06 12.46 79.87
CA LEU M 907 72.17 11.64 78.68
C LEU M 907 73.60 11.17 78.42
N ASP M 908 74.52 11.45 79.33
CA ASP M 908 75.92 11.07 79.13
C ASP M 908 76.08 9.56 79.09
N VAL M 909 75.52 8.87 80.09
CA VAL M 909 75.77 7.44 80.25
C VAL M 909 75.26 6.65 79.05
N PHE M 910 74.28 7.18 78.33
CA PHE M 910 73.73 6.46 77.18
C PHE M 910 74.69 6.49 76.01
N LEU M 911 75.57 7.50 75.94
CA LEU M 911 76.37 7.76 74.75
C LEU M 911 77.20 6.57 74.26
N PRO M 912 77.99 5.88 75.10
CA PRO M 912 78.89 4.86 74.55
C PRO M 912 78.18 3.69 73.89
N ARG M 913 77.29 3.04 74.62
CA ARG M 913 76.72 1.78 74.14
C ARG M 913 75.99 1.97 72.83
N VAL M 914 75.08 2.94 72.77
CA VAL M 914 74.34 3.17 71.53
C VAL M 914 75.30 3.40 70.38
N THR M 915 76.42 4.08 70.66
CA THR M 915 77.45 4.26 69.66
C THR M 915 77.83 2.93 69.03
N GLU M 916 78.35 2.00 69.84
CA GLU M 916 78.71 0.71 69.29
C GLU M 916 77.49 -0.06 68.81
N LEU M 917 76.31 0.25 69.36
CA LEU M 917 75.09 -0.36 68.84
C LEU M 917 74.87 0.03 67.39
N ALA M 918 75.11 1.30 67.07
CA ALA M 918 75.10 1.70 65.67
C ALA M 918 76.34 1.24 64.94
N LEU M 919 77.42 0.95 65.66
CA LEU M 919 78.66 0.52 65.02
C LEU M 919 78.65 -0.97 64.74
N THR M 920 78.27 -1.77 65.73
CA THR M 920 78.25 -3.23 65.60
C THR M 920 76.91 -3.75 66.09
N ALA M 921 76.13 -4.31 65.17
CA ALA M 921 74.83 -4.89 65.50
C ALA M 921 74.30 -5.63 64.28
N SER M 922 73.48 -6.64 64.55
CA SER M 922 72.66 -7.24 63.51
C SER M 922 71.35 -6.47 63.44
N ASP M 923 70.35 -7.02 62.73
CA ASP M 923 69.02 -6.42 62.66
C ASP M 923 69.11 -4.98 62.13
N ARG M 924 69.47 -4.91 60.84
CA ARG M 924 69.67 -3.64 60.14
C ARG M 924 68.63 -2.59 60.53
N GLN M 925 67.37 -3.01 60.74
CA GLN M 925 66.37 -2.10 61.28
C GLN M 925 66.82 -1.52 62.61
N THR M 926 67.24 -2.38 63.54
CA THR M 926 67.68 -1.91 64.85
C THR M 926 68.92 -1.04 64.73
N LYS M 927 69.87 -1.44 63.87
CA LYS M 927 71.09 -0.66 63.71
C LYS M 927 70.80 0.73 63.16
N VAL M 928 69.90 0.82 62.17
CA VAL M 928 69.55 2.12 61.62
C VAL M 928 68.79 2.95 62.65
N ALA M 929 67.96 2.30 63.46
CA ALA M 929 67.31 3.03 64.55
C ALA M 929 68.33 3.60 65.52
N ALA M 930 69.37 2.81 65.83
CA ALA M 930 70.44 3.30 66.69
C ALA M 930 71.17 4.47 66.05
N CYS M 931 71.40 4.39 64.73
CA CYS M 931 72.03 5.50 64.03
C CYS M 931 71.17 6.75 64.08
N GLU M 932 69.86 6.59 63.91
CA GLU M 932 68.95 7.74 63.97
C GLU M 932 68.96 8.36 65.37
N LEU M 933 68.95 7.51 66.40
CA LEU M 933 69.01 8.03 67.77
C LEU M 933 70.33 8.74 68.03
N LEU M 934 71.43 8.19 67.52
CA LEU M 934 72.72 8.87 67.64
C LEU M 934 72.68 10.23 66.96
N HIS M 935 72.10 10.29 65.76
CA HIS M 935 71.90 11.57 65.10
C HIS M 935 71.16 12.54 66.01
N SER M 936 70.04 12.10 66.56
CA SER M 936 69.22 12.99 67.37
C SER M 936 69.98 13.48 68.59
N MET M 937 70.68 12.58 69.27
CA MET M 937 71.34 12.97 70.52
C MET M 937 72.56 13.85 70.25
N VAL M 938 73.32 13.55 69.19
CA VAL M 938 74.44 14.43 68.86
C VAL M 938 73.90 15.79 68.43
N MET M 939 72.76 15.81 67.74
CA MET M 939 72.18 17.07 67.31
C MET M 939 71.80 17.90 68.53
N PHE M 940 71.15 17.26 69.50
CA PHE M 940 70.74 17.95 70.72
C PHE M 940 71.93 18.43 71.54
N MET M 941 72.98 17.61 71.67
CA MET M 941 74.13 18.02 72.47
C MET M 941 74.87 19.19 71.82
N LEU M 942 75.04 19.14 70.48
CA LEU M 942 75.68 20.28 69.83
C LEU M 942 74.81 21.53 69.90
N GLY M 943 73.49 21.37 69.92
CA GLY M 943 72.62 22.52 70.17
C GLY M 943 72.77 23.06 71.59
N LYS M 944 72.91 22.16 72.56
CA LYS M 944 73.06 22.58 73.95
C LYS M 944 74.35 23.35 74.16
N ALA M 945 75.43 22.91 73.51
CA ALA M 945 76.70 23.60 73.64
C ALA M 945 76.60 25.05 73.20
N THR M 946 75.69 25.36 72.27
CA THR M 946 75.58 26.72 71.76
C THR M 946 74.90 27.63 72.77
N GLN M 947 73.87 27.13 73.47
CA GLN M 947 73.13 27.97 74.41
C GLN M 947 74.02 28.44 75.54
N MET M 948 74.71 27.51 76.19
CA MET M 948 75.63 27.84 77.30
C MET M 948 77.02 27.38 76.89
N PRO M 949 77.87 28.27 76.41
CA PRO M 949 79.26 27.89 76.11
C PRO M 949 79.99 27.47 77.37
N GLU M 950 80.36 26.20 77.46
CA GLU M 950 81.02 25.69 78.65
C GLU M 950 82.39 26.33 78.83
N GLY M 951 82.69 26.75 80.05
CA GLY M 951 83.95 27.42 80.35
C GLY M 951 85.08 26.45 80.57
N GLY M 952 86.23 27.01 80.95
CA GLY M 952 87.43 26.22 81.17
C GLY M 952 88.44 26.38 80.05
N GLN M 953 88.57 25.35 79.21
CA GLN M 953 89.43 25.42 78.05
C GLN M 953 88.82 26.34 76.99
N GLY M 954 89.47 26.42 75.84
CA GLY M 954 88.94 27.25 74.76
C GLY M 954 87.53 26.85 74.36
N ALA M 955 87.28 25.54 74.28
CA ALA M 955 85.94 25.01 74.07
C ALA M 955 85.89 23.56 74.50
N PRO M 956 85.81 23.26 75.79
CA PRO M 956 85.57 21.89 76.24
C PRO M 956 84.11 21.62 76.58
N PRO M 957 83.15 21.84 75.66
CA PRO M 957 81.75 21.60 76.05
C PRO M 957 81.51 20.11 76.23
N MET M 958 81.85 19.33 75.21
CA MET M 958 81.85 17.87 75.21
C MET M 958 83.16 17.36 74.64
N TYR M 959 84.26 17.95 75.12
CA TYR M 959 85.58 17.76 74.51
C TYR M 959 85.97 16.29 74.49
N GLN M 960 86.09 15.67 75.67
CA GLN M 960 86.38 14.24 75.73
C GLN M 960 85.31 13.44 75.01
N LEU M 961 84.05 13.88 75.13
CA LEU M 961 82.98 13.25 74.37
C LEU M 961 83.17 13.46 72.87
N TYR M 962 83.69 14.61 72.45
CA TYR M 962 84.02 14.79 71.05
C TYR M 962 85.05 13.77 70.60
N LYS M 963 86.09 13.56 71.41
CA LYS M 963 87.11 12.58 71.08
C LYS M 963 86.52 11.18 70.99
N ARG M 964 85.61 10.85 71.91
CA ARG M 964 84.97 9.54 71.88
C ARG M 964 84.10 9.36 70.63
N THR M 965 83.34 10.39 70.27
CA THR M 965 82.27 10.26 69.29
C THR M 965 82.73 10.47 67.86
N PHE M 966 83.44 11.56 67.59
CA PHE M 966 83.75 11.95 66.22
C PHE M 966 84.39 10.85 65.39
N PRO M 967 85.39 10.09 65.88
CA PRO M 967 85.89 8.97 65.07
C PRO M 967 84.81 7.96 64.75
N VAL M 968 83.93 7.67 65.71
CA VAL M 968 82.83 6.76 65.44
C VAL M 968 81.86 7.37 64.44
N LEU M 969 81.63 8.68 64.55
CA LEU M 969 80.73 9.35 63.62
C LEU M 969 81.24 9.22 62.18
N LEU M 970 82.52 9.53 61.97
CA LEU M 970 83.07 9.44 60.62
C LEU M 970 83.17 7.98 60.17
N ARG M 971 83.42 7.05 61.09
CA ARG M 971 83.49 5.64 60.72
C ARG M 971 82.13 5.15 60.24
N LEU M 972 81.07 5.53 60.93
CA LEU M 972 79.72 5.19 60.49
C LEU M 972 79.34 5.97 59.23
N ALA M 973 79.97 7.11 58.99
CA ALA M 973 79.78 7.80 57.73
C ALA M 973 80.33 6.99 56.56
N CYS M 974 81.23 6.04 56.83
CA CYS M 974 81.77 5.13 55.81
C CYS M 974 81.45 3.71 56.24
N ASP M 975 80.24 3.25 55.92
CA ASP M 975 79.83 1.90 56.27
C ASP M 975 79.14 1.25 55.07
N VAL M 976 79.08 -0.06 55.09
CA VAL M 976 78.52 -0.84 53.97
C VAL M 976 77.01 -0.91 54.19
N ASP M 977 76.33 0.15 53.77
CA ASP M 977 74.89 0.25 53.93
C ASP M 977 74.39 1.45 53.14
N GLN M 978 73.11 1.38 52.75
CA GLN M 978 72.51 2.47 51.97
C GLN M 978 72.08 3.62 52.87
N VAL M 979 71.12 3.35 53.77
CA VAL M 979 70.43 4.43 54.47
C VAL M 979 71.37 5.12 55.46
N THR M 980 72.15 4.34 56.20
CA THR M 980 73.02 4.91 57.23
C THR M 980 74.00 5.89 56.63
N ARG M 981 74.88 5.41 55.74
CA ARG M 981 75.84 6.29 55.10
C ARG M 981 75.14 7.40 54.33
N GLN M 982 74.01 7.07 53.69
CA GLN M 982 73.29 8.05 52.88
C GLN M 982 72.83 9.24 53.70
N LEU M 983 72.39 9.01 54.93
CA LEU M 983 72.08 10.11 55.82
C LEU M 983 73.32 10.67 56.51
N TYR M 984 74.40 9.90 56.59
CA TYR M 984 75.60 10.36 57.29
C TYR M 984 76.35 11.42 56.49
N GLU M 985 76.53 11.20 55.18
CA GLU M 985 77.36 12.16 54.44
C GLU M 985 76.80 13.58 54.48
N PRO M 986 75.48 13.83 54.38
CA PRO M 986 75.01 15.21 54.60
C PRO M 986 75.37 15.73 55.97
N LEU M 987 75.31 14.88 57.00
CA LEU M 987 75.68 15.31 58.33
C LEU M 987 77.14 15.71 58.41
N VAL M 988 78.02 14.90 57.83
CA VAL M 988 79.45 15.20 57.94
C VAL M 988 79.80 16.44 57.14
N MET M 989 79.23 16.59 55.93
CA MET M 989 79.50 17.82 55.18
C MET M 989 78.92 19.04 55.85
N GLN M 990 77.76 18.90 56.51
CA GLN M 990 77.13 20.01 57.20
C GLN M 990 77.99 20.46 58.40
N LEU M 991 78.44 19.49 59.20
CA LEU M 991 79.30 19.85 60.33
C LEU M 991 80.66 20.36 59.87
N ILE M 992 81.16 19.86 58.74
CA ILE M 992 82.39 20.38 58.17
C ILE M 992 82.23 21.84 57.79
N HIS M 993 81.11 22.18 57.14
CA HIS M 993 80.85 23.57 56.82
C HIS M 993 80.75 24.42 58.08
N TRP M 994 80.08 23.91 59.11
CA TRP M 994 79.89 24.74 60.30
C TRP M 994 81.19 24.96 61.06
N PHE M 995 81.94 23.89 61.31
CA PHE M 995 83.07 23.99 62.23
C PHE M 995 84.31 24.58 61.57
N THR M 996 84.13 25.72 60.91
CA THR M 996 85.25 26.53 60.49
C THR M 996 84.97 28.02 60.58
N ASN M 997 83.81 28.43 61.08
CA ASN M 997 83.45 29.83 61.16
C ASN M 997 84.29 30.53 62.23
N ASN M 998 84.18 31.86 62.26
CA ASN M 998 84.86 32.63 63.30
C ASN M 998 84.35 32.25 64.68
N LYS M 999 83.11 31.80 64.78
CA LYS M 999 82.56 31.34 66.06
C LYS M 999 83.12 29.97 66.43
N LYS M 1000 82.84 28.97 65.60
CA LYS M 1000 83.46 27.65 65.74
C LYS M 1000 84.78 27.69 64.98
N PHE M 1001 85.80 28.22 65.65
CA PHE M 1001 87.06 28.57 65.00
C PHE M 1001 88.24 27.80 65.56
N GLU M 1002 88.45 27.82 66.87
CA GLU M 1002 89.60 27.17 67.48
C GLU M 1002 89.18 26.49 68.78
N SER M 1003 89.91 25.43 69.12
CA SER M 1003 89.81 24.62 70.35
C SER M 1003 88.66 23.62 70.33
N GLN M 1004 87.85 23.57 69.28
CA GLN M 1004 86.93 22.45 69.11
C GLN M 1004 87.02 21.90 67.70
N ASP M 1005 87.41 22.76 66.75
CA ASP M 1005 87.77 22.27 65.43
C ASP M 1005 89.05 21.46 65.46
N THR M 1006 89.88 21.67 66.48
CA THR M 1006 91.17 20.97 66.56
C THR M 1006 90.96 19.46 66.62
N VAL M 1007 90.02 19.01 67.46
CA VAL M 1007 89.77 17.58 67.58
C VAL M 1007 89.28 17.02 66.25
N ALA M 1008 88.35 17.74 65.61
CA ALA M 1008 87.79 17.27 64.34
C ALA M 1008 88.88 17.14 63.28
N LEU M 1009 89.75 18.14 63.18
CA LEU M 1009 90.78 18.10 62.14
C LEU M 1009 91.83 17.04 62.45
N LEU M 1010 92.26 16.93 63.71
CA LEU M 1010 93.28 15.94 64.02
C LEU M 1010 92.75 14.53 63.83
N GLU M 1011 91.47 14.31 64.13
CA GLU M 1011 90.90 12.98 63.94
C GLU M 1011 90.66 12.69 62.46
N ALA M 1012 90.23 13.70 61.69
CA ALA M 1012 90.17 13.55 60.24
C ALA M 1012 91.55 13.33 59.64
N ILE M 1013 92.59 13.69 60.38
CA ILE M 1013 93.96 13.34 59.99
C ILE M 1013 94.27 11.89 60.34
N LEU M 1014 93.89 11.45 61.52
CA LEU M 1014 94.27 10.12 61.98
C LEU M 1014 93.22 9.05 61.66
N ASP M 1015 92.15 9.39 60.94
CA ASP M 1015 91.09 8.41 60.70
C ASP M 1015 91.47 7.44 59.59
N GLY M 1016 91.64 7.95 58.37
CA GLY M 1016 91.91 7.10 57.23
C GLY M 1016 93.34 7.18 56.76
N ILE M 1017 93.99 8.31 57.02
CA ILE M 1017 95.39 8.46 56.65
C ILE M 1017 96.24 7.41 57.37
N VAL M 1018 95.90 7.10 58.62
CA VAL M 1018 96.54 6.00 59.34
C VAL M 1018 95.46 4.99 59.70
N ASP M 1019 95.54 3.81 59.08
CA ASP M 1019 94.69 2.65 59.35
C ASP M 1019 95.16 1.48 58.49
N PRO M 1020 94.86 0.25 58.86
CA PRO M 1020 95.27 -0.89 58.03
C PRO M 1020 94.25 -1.22 56.96
N VAL M 1021 93.02 -0.72 57.13
CA VAL M 1021 91.89 -1.18 56.31
C VAL M 1021 91.07 0.01 55.84
N ASP M 1022 89.93 -0.28 55.20
CA ASP M 1022 88.91 0.70 54.86
C ASP M 1022 89.45 1.76 53.88
N SER M 1023 89.73 1.30 52.67
CA SER M 1023 90.01 2.22 51.57
C SER M 1023 88.90 3.25 51.42
N THR M 1024 87.65 2.83 51.68
CA THR M 1024 86.54 3.77 51.68
C THR M 1024 86.77 4.89 52.69
N LEU M 1025 87.24 4.54 53.89
CA LEU M 1025 87.57 5.55 54.87
C LEU M 1025 88.68 6.47 54.37
N ARG M 1026 89.69 5.90 53.69
CA ARG M 1026 90.75 6.73 53.15
C ARG M 1026 90.22 7.76 52.16
N ASP M 1027 89.45 7.33 51.16
CA ASP M 1027 88.96 8.30 50.18
C ASP M 1027 87.99 9.29 50.82
N PHE M 1028 87.15 8.83 51.73
CA PHE M 1028 86.20 9.72 52.38
C PHE M 1028 86.91 10.79 53.21
N CYS M 1029 87.90 10.38 54.02
CA CYS M 1029 88.63 11.37 54.81
C CYS M 1029 89.37 12.33 53.91
N GLY M 1030 89.95 11.82 52.81
CA GLY M 1030 90.59 12.68 51.85
C GLY M 1030 89.70 13.78 51.32
N ARG M 1031 88.56 13.42 50.71
CA ARG M 1031 87.79 14.50 50.10
C ARG M 1031 87.01 15.30 51.14
N CYS M 1032 86.77 14.76 52.34
CA CYS M 1032 86.09 15.59 53.34
C CYS M 1032 87.05 16.64 53.89
N ILE M 1033 88.32 16.29 54.10
CA ILE M 1033 89.26 17.34 54.51
C ILE M 1033 89.51 18.30 53.36
N ARG M 1034 89.46 17.82 52.11
CA ARG M 1034 89.51 18.73 50.97
C ARG M 1034 88.40 19.76 51.05
N GLU M 1035 87.16 19.31 51.21
CA GLU M 1035 86.03 20.23 51.29
C GLU M 1035 86.13 21.09 52.54
N PHE M 1036 86.70 20.56 53.63
CA PHE M 1036 86.87 21.34 54.84
C PHE M 1036 87.78 22.53 54.60
N LEU M 1037 88.93 22.30 53.98
CA LEU M 1037 89.83 23.40 53.67
C LEU M 1037 89.17 24.36 52.68
N LYS M 1038 88.46 23.83 51.69
CA LYS M 1038 87.80 24.68 50.71
C LYS M 1038 86.80 25.61 51.37
N TRP M 1039 85.92 25.06 52.22
CA TRP M 1039 84.92 25.87 52.89
C TRP M 1039 85.56 26.82 53.89
N SER M 1040 86.64 26.40 54.55
CA SER M 1040 87.35 27.26 55.48
C SER M 1040 87.88 28.50 54.76
N ILE M 1041 88.50 28.29 53.59
CA ILE M 1041 88.97 29.44 52.81
C ILE M 1041 87.78 30.26 52.32
N LYS M 1042 86.67 29.59 52.00
CA LYS M 1042 85.51 30.29 51.43
C LYS M 1042 84.89 31.26 52.43
N GLN M 1043 84.66 30.81 53.66
CA GLN M 1043 83.88 31.59 54.61
C GLN M 1043 84.73 32.26 55.69
N ILE M 1044 86.06 32.18 55.59
CA ILE M 1044 86.93 32.81 56.57
C ILE M 1044 88.05 33.53 55.86
N THR M 1045 88.26 34.80 56.21
CA THR M 1045 89.21 35.66 55.51
C THR M 1045 90.65 35.16 55.69
N PRO M 1046 91.52 35.42 54.71
CA PRO M 1046 92.89 34.87 54.77
C PRO M 1046 93.66 35.29 56.01
N GLN M 1047 93.47 36.52 56.47
CA GLN M 1047 94.11 36.96 57.70
C GLN M 1047 93.73 36.05 58.86
N GLN M 1048 92.50 35.52 58.84
CA GLN M 1048 92.04 34.70 59.95
C GLN M 1048 92.72 33.34 59.97
N GLN M 1049 92.85 32.67 58.81
CA GLN M 1049 93.70 31.48 58.78
C GLN M 1049 95.13 31.82 59.19
N GLU M 1050 95.68 32.93 58.67
CA GLU M 1050 97.08 33.22 58.93
C GLU M 1050 97.35 33.43 60.42
N LYS M 1051 96.47 34.16 61.10
CA LYS M 1051 96.67 34.41 62.53
C LYS M 1051 96.31 33.19 63.37
N SER M 1052 95.40 32.35 62.89
CA SER M 1052 94.97 31.21 63.68
C SER M 1052 95.93 30.03 63.52
N PRO M 1053 95.98 29.13 64.51
CA PRO M 1053 96.70 27.87 64.31
C PRO M 1053 96.12 27.02 63.21
N VAL M 1054 94.84 27.18 62.90
CA VAL M 1054 94.20 26.44 61.82
C VAL M 1054 94.48 27.15 60.50
N ASN M 1055 95.59 26.80 59.86
CA ASN M 1055 96.01 27.42 58.62
C ASN M 1055 96.42 26.35 57.62
N THR M 1056 96.37 26.72 56.34
CA THR M 1056 96.74 25.78 55.28
C THR M 1056 98.20 25.35 55.40
N LYS M 1057 99.08 26.30 55.77
CA LYS M 1057 100.50 25.97 55.91
C LYS M 1057 100.72 24.92 57.00
N SER M 1058 100.00 25.03 58.11
CA SER M 1058 100.10 24.02 59.15
C SER M 1058 99.68 22.66 58.63
N LEU M 1059 98.61 22.62 57.84
CA LEU M 1059 98.16 21.36 57.24
C LEU M 1059 99.22 20.79 56.32
N PHE M 1060 99.85 21.63 55.51
CA PHE M 1060 100.89 21.17 54.61
C PHE M 1060 102.08 20.61 55.38
N LYS M 1061 102.47 21.31 56.46
CA LYS M 1061 103.57 20.81 57.29
C LYS M 1061 103.23 19.48 57.93
N ARG M 1062 101.98 19.34 58.40
CA ARG M 1062 101.54 18.06 58.95
C ARG M 1062 101.64 16.96 57.90
N LEU M 1063 101.20 17.25 56.67
CA LEU M 1063 101.27 16.26 55.60
C LEU M 1063 102.71 15.87 55.31
N TYR M 1064 103.60 16.86 55.22
CA TYR M 1064 105.00 16.57 54.94
C TYR M 1064 105.61 15.72 56.04
N SER M 1065 105.34 16.06 57.30
CA SER M 1065 105.89 15.29 58.40
C SER M 1065 105.36 13.85 58.38
N LEU M 1066 104.06 13.68 58.14
CA LEU M 1066 103.48 12.35 58.10
C LEU M 1066 104.09 11.53 56.98
N ALA M 1067 104.27 12.13 55.81
CA ALA M 1067 104.94 11.42 54.72
C ALA M 1067 106.39 11.09 55.10
N LEU M 1068 107.03 11.93 55.90
CA LEU M 1068 108.41 11.68 56.30
C LEU M 1068 108.50 10.50 57.26
N HIS M 1069 107.51 10.33 58.11
CA HIS M 1069 107.60 9.33 59.17
C HIS M 1069 107.66 7.93 58.57
N PRO M 1070 108.46 7.02 59.14
CA PRO M 1070 108.72 5.71 58.51
C PRO M 1070 107.66 4.67 58.82
N ASN M 1071 106.46 4.89 58.30
CA ASN M 1071 105.42 3.88 58.29
C ASN M 1071 104.61 4.03 57.02
N ALA M 1072 104.18 2.91 56.45
CA ALA M 1072 103.50 2.93 55.16
C ALA M 1072 102.20 3.73 55.23
N PHE M 1073 101.44 3.55 56.31
CA PHE M 1073 100.11 4.15 56.40
C PHE M 1073 100.19 5.67 56.30
N LYS M 1074 101.11 6.28 57.05
CA LYS M 1074 101.20 7.74 57.06
C LYS M 1074 101.50 8.28 55.68
N ARG M 1075 102.49 7.71 55.00
CA ARG M 1075 102.88 8.21 53.69
C ARG M 1075 101.76 8.01 52.68
N LEU M 1076 101.15 6.81 52.66
CA LEU M 1076 100.10 6.55 51.69
C LEU M 1076 98.90 7.46 51.93
N GLY M 1077 98.54 7.66 53.20
CA GLY M 1077 97.41 8.52 53.50
C GLY M 1077 97.67 9.97 53.12
N ALA M 1078 98.88 10.46 53.41
CA ALA M 1078 99.21 11.82 53.02
C ALA M 1078 99.17 11.99 51.51
N SER M 1079 99.74 11.03 50.78
CA SER M 1079 99.76 11.13 49.33
C SER M 1079 98.36 11.08 48.74
N LEU M 1080 97.50 10.17 49.24
CA LEU M 1080 96.14 10.10 48.70
C LEU M 1080 95.32 11.32 49.09
N ALA M 1081 95.55 11.85 50.29
CA ALA M 1081 94.87 13.08 50.70
C ALA M 1081 95.26 14.23 49.79
N PHE M 1082 96.54 14.34 49.44
CA PHE M 1082 96.94 15.35 48.48
C PHE M 1082 96.29 15.10 47.13
N ASN M 1083 96.23 13.84 46.71
CA ASN M 1083 95.57 13.51 45.45
C ASN M 1083 94.14 14.03 45.43
N ASN M 1084 93.42 13.82 46.53
CA ASN M 1084 92.04 14.29 46.61
C ASN M 1084 91.97 15.81 46.61
N ILE M 1085 92.78 16.47 47.45
CA ILE M 1085 92.68 17.92 47.58
C ILE M 1085 93.22 18.64 46.37
N TYR M 1086 93.97 17.96 45.51
CA TYR M 1086 94.71 18.63 44.44
C TYR M 1086 93.80 19.41 43.51
N ARG M 1087 92.58 18.92 43.28
CA ARG M 1087 91.69 19.57 42.30
C ARG M 1087 91.42 21.02 42.69
N GLU M 1088 91.17 21.28 43.96
CA GLU M 1088 91.00 22.64 44.44
C GLU M 1088 92.31 23.30 44.86
N PHE M 1089 93.31 22.51 45.23
CA PHE M 1089 94.59 23.08 45.66
C PHE M 1089 95.32 23.73 44.50
N ARG M 1090 95.21 23.16 43.31
CA ARG M 1090 95.91 23.71 42.14
C ARG M 1090 95.38 25.07 41.74
N GLU M 1091 94.20 25.45 42.23
CA GLU M 1091 93.60 26.74 41.88
C GLU M 1091 94.10 27.88 42.76
N GLU M 1092 94.95 27.60 43.73
CA GLU M 1092 95.51 28.62 44.60
C GLU M 1092 96.92 28.95 44.15
N GLU M 1093 97.22 30.25 44.02
CA GLU M 1093 98.49 30.71 43.49
C GLU M 1093 99.50 31.07 44.57
N SER M 1094 99.07 31.75 45.65
CA SER M 1094 100.03 32.15 46.69
C SER M 1094 100.66 30.94 47.36
N LEU M 1095 99.86 29.92 47.66
CA LEU M 1095 100.38 28.75 48.36
C LEU M 1095 101.39 28.00 47.49
N VAL M 1096 101.05 27.77 46.22
CA VAL M 1096 101.97 27.06 45.34
C VAL M 1096 103.21 27.90 45.08
N GLU M 1097 103.06 29.23 45.00
CA GLU M 1097 104.24 30.09 44.88
C GLU M 1097 105.14 29.93 46.09
N GLN M 1098 104.55 29.77 47.28
CA GLN M 1098 105.32 29.56 48.48
C GLN M 1098 105.61 28.09 48.75
N PHE M 1099 104.75 27.17 48.30
CA PHE M 1099 104.89 25.74 48.63
C PHE M 1099 104.64 24.89 47.39
N VAL M 1100 105.71 24.60 46.64
CA VAL M 1100 105.73 23.48 45.70
C VAL M 1100 106.97 22.63 45.94
N PHE M 1101 108.13 23.27 46.05
CA PHE M 1101 109.39 22.54 46.15
C PHE M 1101 109.41 21.61 47.36
N GLU M 1102 108.87 22.08 48.48
CA GLU M 1102 108.78 21.23 49.67
C GLU M 1102 107.93 20.01 49.39
N ALA M 1103 106.75 20.20 48.78
CA ALA M 1103 105.91 19.06 48.42
C ALA M 1103 106.61 18.17 47.42
N LEU M 1104 107.33 18.76 46.46
CA LEU M 1104 108.06 17.97 45.47
C LEU M 1104 109.07 17.05 46.13
N VAL M 1105 109.92 17.60 47.00
CA VAL M 1105 110.97 16.79 47.62
C VAL M 1105 110.36 15.79 48.60
N ILE M 1106 109.30 16.17 49.30
CA ILE M 1106 108.64 15.24 50.20
C ILE M 1106 108.09 14.05 49.43
N TYR M 1107 107.48 14.30 48.28
CA TYR M 1107 106.91 13.20 47.51
C TYR M 1107 108.02 12.36 46.88
N MET M 1108 109.12 13.00 46.47
CA MET M 1108 110.27 12.23 46.00
C MET M 1108 110.78 11.27 47.07
N GLU M 1109 110.99 11.78 48.28
CA GLU M 1109 111.55 10.92 49.33
C GLU M 1109 110.54 9.87 49.78
N SER M 1110 109.25 10.21 49.80
CA SER M 1110 108.24 9.23 50.18
C SER M 1110 108.14 8.12 49.14
N LEU M 1111 108.22 8.46 47.86
CA LEU M 1111 108.18 7.45 46.82
C LEU M 1111 109.45 6.61 46.83
N ALA M 1112 110.59 7.22 47.15
CA ALA M 1112 111.82 6.45 47.33
C ALA M 1112 111.69 5.47 48.49
N LEU M 1113 111.07 5.91 49.60
CA LEU M 1113 110.85 5.00 50.73
C LEU M 1113 109.88 3.88 50.35
N ALA M 1114 108.87 4.20 49.54
CA ALA M 1114 107.96 3.17 49.05
C ALA M 1114 108.67 2.17 48.16
N HIS M 1115 109.67 2.63 47.41
CA HIS M 1115 110.56 1.69 46.74
C HIS M 1115 111.34 0.86 47.75
N ALA M 1116 111.81 1.50 48.82
CA ALA M 1116 112.70 0.83 49.77
C ALA M 1116 111.99 -0.31 50.48
N ASP M 1117 110.76 -0.08 50.95
CA ASP M 1117 110.10 -1.11 51.76
C ASP M 1117 109.51 -2.20 50.88
N GLU M 1118 108.59 -1.85 49.99
CA GLU M 1118 108.01 -2.82 49.07
C GLU M 1118 107.34 -2.08 47.91
N LYS M 1119 107.62 -2.54 46.68
CA LYS M 1119 107.00 -1.93 45.51
C LYS M 1119 105.51 -2.23 45.44
N SER M 1120 105.09 -3.39 45.96
CA SER M 1120 103.68 -3.76 45.95
C SER M 1120 102.83 -2.88 46.86
N LEU M 1121 103.47 -2.06 47.68
CA LEU M 1121 102.75 -1.15 48.57
C LEU M 1121 101.82 -0.24 47.76
N GLY M 1122 100.61 -0.04 48.29
CA GLY M 1122 99.68 0.89 47.67
C GLY M 1122 100.13 2.34 47.69
N THR M 1123 101.14 2.65 48.49
CA THR M 1123 101.65 4.02 48.55
C THR M 1123 102.21 4.47 47.20
N ILE M 1124 102.72 3.53 46.41
CA ILE M 1124 103.37 3.90 45.15
C ILE M 1124 102.38 4.52 44.18
N GLN M 1125 101.15 4.00 44.13
CA GLN M 1125 100.15 4.57 43.24
C GLN M 1125 99.76 5.99 43.67
N GLN M 1126 99.57 6.19 44.98
CA GLN M 1126 99.25 7.53 45.45
C GLN M 1126 100.39 8.50 45.18
N CYS M 1127 101.63 8.05 45.37
CA CYS M 1127 102.78 8.91 45.11
C CYS M 1127 102.90 9.26 43.63
N CYS M 1128 102.68 8.29 42.74
CA CYS M 1128 102.80 8.60 41.32
C CYS M 1128 101.67 9.50 40.86
N ASP M 1129 100.47 9.33 41.40
CA ASP M 1129 99.38 10.27 41.11
C ASP M 1129 99.72 11.66 41.62
N ALA M 1130 100.30 11.75 42.82
CA ALA M 1130 100.65 13.05 43.39
C ALA M 1130 101.69 13.76 42.52
N ILE M 1131 102.72 13.03 42.09
CA ILE M 1131 103.73 13.66 41.26
C ILE M 1131 103.23 13.93 39.86
N ASP M 1132 102.23 13.16 39.40
CA ASP M 1132 101.53 13.53 38.16
C ASP M 1132 100.83 14.87 38.32
N HIS M 1133 100.16 15.08 39.46
CA HIS M 1133 99.56 16.38 39.72
C HIS M 1133 100.63 17.47 39.77
N LEU M 1134 101.78 17.17 40.38
CA LEU M 1134 102.86 18.14 40.48
C LEU M 1134 103.37 18.55 39.10
N CYS M 1135 103.62 17.57 38.23
CA CYS M 1135 104.08 17.90 36.90
C CYS M 1135 102.99 18.61 36.09
N ARG M 1136 101.73 18.24 36.32
CA ARG M 1136 100.62 18.90 35.64
C ARG M 1136 100.58 20.39 36.00
N ILE M 1137 100.75 20.71 37.28
CA ILE M 1137 100.71 22.12 37.65
C ILE M 1137 102.00 22.84 37.26
N ILE M 1138 103.14 22.15 37.28
CA ILE M 1138 104.39 22.82 36.90
C ILE M 1138 104.39 23.15 35.42
N GLU M 1139 103.81 22.29 34.58
CA GLU M 1139 103.68 22.65 33.16
C GLU M 1139 102.53 23.64 32.94
N LYS M 1140 101.46 23.53 33.73
CA LYS M 1140 100.37 24.49 33.63
C LYS M 1140 100.83 25.89 34.04
N LYS M 1141 101.60 25.99 35.12
CA LYS M 1141 102.10 27.26 35.63
C LYS M 1141 103.59 27.13 35.87
N HIS M 1142 104.38 27.87 35.11
CA HIS M 1142 105.84 27.82 35.24
C HIS M 1142 106.51 29.18 35.23
N VAL M 1143 105.82 30.25 34.83
CA VAL M 1143 106.47 31.55 34.69
C VAL M 1143 107.02 32.04 36.03
N SER M 1144 106.24 31.86 37.10
CA SER M 1144 106.74 32.23 38.42
C SER M 1144 107.91 31.33 38.83
N LEU M 1145 107.82 30.04 38.54
CA LEU M 1145 108.92 29.13 38.85
C LEU M 1145 110.11 29.36 37.94
N ASN M 1146 109.87 29.77 36.70
CA ASN M 1146 110.97 30.01 35.76
C ASN M 1146 111.91 31.08 36.27
N LYS M 1147 111.35 32.17 36.79
CA LYS M 1147 112.17 33.20 37.42
C LYS M 1147 112.52 32.80 38.85
N ALA M 1148 113.71 33.19 39.28
CA ALA M 1148 114.17 32.88 40.63
C ALA M 1148 113.37 33.70 41.63
N LYS M 1149 112.54 33.03 42.42
CA LYS M 1149 111.70 33.68 43.41
C LYS M 1149 112.01 33.12 44.79
N LYS M 1150 112.13 34.01 45.78
CA LYS M 1150 112.50 33.61 47.13
C LYS M 1150 111.31 32.93 47.79
N ARG M 1151 111.11 31.66 47.42
CA ARG M 1151 110.10 30.83 48.04
C ARG M 1151 110.70 30.09 49.24
N ARG M 1152 109.84 29.46 50.01
CA ARG M 1152 110.30 28.71 51.17
C ARG M 1152 111.20 27.57 50.74
N LEU M 1153 112.34 27.44 51.40
CA LEU M 1153 113.32 26.43 51.03
C LEU M 1153 112.85 25.06 51.50
N PRO M 1154 112.80 24.06 50.63
CA PRO M 1154 112.46 22.70 51.07
C PRO M 1154 113.62 22.05 51.81
N ARG M 1155 113.44 20.78 52.20
CA ARG M 1155 114.58 20.03 52.73
C ARG M 1155 115.67 19.89 51.69
N GLY M 1156 115.28 19.63 50.44
CA GLY M 1156 116.24 19.61 49.36
C GLY M 1156 116.79 21.00 49.07
N PHE M 1157 117.90 21.02 48.34
CA PHE M 1157 118.66 22.23 48.09
C PHE M 1157 118.99 22.91 49.42
N PRO M 1158 119.91 22.36 50.21
CA PRO M 1158 120.20 22.92 51.54
C PRO M 1158 120.61 24.38 51.49
N PRO M 1159 121.37 24.83 50.48
CA PRO M 1159 121.60 26.27 50.36
C PRO M 1159 120.29 27.02 50.14
N SER M 1160 120.19 28.20 50.75
CA SER M 1160 118.99 29.02 50.69
C SER M 1160 119.27 30.24 49.81
N ALA M 1161 118.41 30.45 48.82
CA ALA M 1161 118.52 31.57 47.90
C ALA M 1161 117.17 31.78 47.24
N SER M 1162 117.12 32.67 46.26
CA SER M 1162 115.90 32.91 45.50
C SER M 1162 115.63 31.68 44.65
N LEU M 1163 114.66 30.88 45.07
CA LEU M 1163 114.42 29.59 44.43
C LEU M 1163 113.93 29.77 42.99
N CYS M 1164 114.49 28.97 42.09
CA CYS M 1164 114.11 28.98 40.69
C CYS M 1164 113.74 27.57 40.26
N LEU M 1165 113.10 27.47 39.09
CA LEU M 1165 112.80 26.17 38.53
C LEU M 1165 114.07 25.37 38.30
N LEU M 1166 115.03 25.97 37.59
CA LEU M 1166 116.27 25.26 37.26
C LEU M 1166 117.03 24.86 38.51
N ASP M 1167 116.86 25.59 39.61
CA ASP M 1167 117.50 25.21 40.86
C ASP M 1167 117.13 23.80 41.26
N LEU M 1168 115.83 23.56 41.46
CA LEU M 1168 115.40 22.21 41.87
C LEU M 1168 115.53 21.22 40.73
N VAL M 1169 115.45 21.67 39.48
CA VAL M 1169 115.65 20.77 38.34
C VAL M 1169 117.05 20.17 38.39
N LYS M 1170 118.06 21.01 38.53
CA LYS M 1170 119.43 20.50 38.60
C LYS M 1170 119.70 19.82 39.93
N TRP M 1171 118.99 20.20 40.99
CA TRP M 1171 119.11 19.47 42.25
C TRP M 1171 118.65 18.03 42.09
N LEU M 1172 117.52 17.83 41.41
CA LEU M 1172 117.07 16.47 41.10
C LEU M 1172 118.04 15.77 40.17
N LEU M 1173 118.56 16.49 39.18
CA LEU M 1173 119.49 15.88 38.24
C LEU M 1173 120.74 15.37 38.96
N ALA M 1174 121.28 16.15 39.88
CA ALA M 1174 122.47 15.73 40.63
C ALA M 1174 122.18 14.52 41.50
N HIS M 1175 120.94 14.37 41.95
CA HIS M 1175 120.56 13.26 42.82
C HIS M 1175 120.26 11.98 42.03
N CYS M 1176 120.27 12.04 40.71
CA CYS M 1176 120.03 10.84 39.92
C CYS M 1176 121.09 9.79 40.18
N GLY M 1177 120.67 8.52 40.17
CA GLY M 1177 121.55 7.44 40.51
C GLY M 1177 121.27 6.90 41.90
N ARG M 1178 119.98 6.80 42.23
CA ARG M 1178 119.43 6.34 43.49
C ARG M 1178 119.16 4.84 43.43
N PRO M 1179 119.28 4.14 44.57
CA PRO M 1179 118.98 2.70 44.57
C PRO M 1179 117.56 2.39 44.14
N GLN M 1180 116.64 3.32 44.35
CA GLN M 1180 115.26 3.17 43.89
C GLN M 1180 115.21 3.38 42.38
N THR M 1181 115.36 2.30 41.62
CA THR M 1181 115.58 2.43 40.18
C THR M 1181 114.41 3.08 39.46
N GLU M 1182 113.17 2.69 39.79
CA GLU M 1182 112.03 3.28 39.10
C GLU M 1182 111.72 4.67 39.62
N CYS M 1183 112.00 4.95 40.90
CA CYS M 1183 111.92 6.31 41.40
C CYS M 1183 112.84 7.22 40.60
N ARG M 1184 114.09 6.79 40.41
CA ARG M 1184 115.03 7.55 39.59
C ARG M 1184 114.54 7.67 38.15
N HIS M 1185 113.95 6.60 37.61
CA HIS M 1185 113.48 6.64 36.23
C HIS M 1185 112.37 7.68 36.06
N LYS M 1186 111.41 7.69 36.99
CA LYS M 1186 110.37 8.70 36.97
C LYS M 1186 110.96 10.10 37.15
N SER M 1187 111.96 10.22 38.03
CA SER M 1187 112.60 11.51 38.25
C SER M 1187 113.26 12.02 36.98
N ILE M 1188 113.97 11.14 36.25
CA ILE M 1188 114.67 11.59 35.05
C ILE M 1188 113.68 11.84 33.91
N GLU M 1189 112.59 11.07 33.84
CA GLU M 1189 111.56 11.36 32.84
C GLU M 1189 110.94 12.73 33.09
N LEU M 1190 110.63 13.03 34.35
CA LEU M 1190 110.11 14.35 34.70
C LEU M 1190 111.15 15.42 34.41
N PHE M 1191 112.42 15.15 34.73
CA PHE M 1191 113.50 16.06 34.37
C PHE M 1191 113.49 16.38 32.89
N TYR M 1192 113.45 15.34 32.04
CA TYR M 1192 113.49 15.53 30.60
C TYR M 1192 112.30 16.33 30.12
N LYS M 1193 111.11 16.05 30.67
CA LYS M 1193 109.93 16.81 30.24
C LYS M 1193 109.91 18.22 30.81
N PHE M 1194 110.68 18.50 31.87
CA PHE M 1194 110.79 19.85 32.40
C PHE M 1194 111.94 20.65 31.80
N VAL M 1195 112.83 20.01 31.04
CA VAL M 1195 113.86 20.79 30.32
C VAL M 1195 113.25 21.90 29.47
N PRO M 1196 112.20 21.66 28.67
CA PRO M 1196 111.61 22.79 27.93
C PRO M 1196 110.95 23.82 28.82
N LEU M 1197 110.58 23.45 30.04
CA LEU M 1197 109.96 24.40 30.96
C LEU M 1197 110.92 25.49 31.42
N LEU M 1198 112.21 25.32 31.18
CA LEU M 1198 113.18 26.32 31.61
C LEU M 1198 112.94 27.63 30.86
N PRO M 1199 113.06 28.78 31.54
CA PRO M 1199 112.83 30.06 30.85
C PRO M 1199 113.82 30.34 29.74
N GLY M 1200 114.99 29.71 29.76
CA GLY M 1200 116.01 29.97 28.76
C GLY M 1200 116.08 28.92 27.68
N ASN M 1201 117.02 27.99 27.83
CA ASN M 1201 117.22 26.97 26.81
C ASN M 1201 116.00 26.08 26.65
N ARG M 1202 115.78 25.63 25.43
CA ARG M 1202 114.76 24.64 25.12
C ARG M 1202 115.27 23.25 25.48
N SER M 1203 114.62 22.20 24.98
CA SER M 1203 115.04 20.86 25.36
C SER M 1203 115.60 20.03 24.20
N PRO M 1204 116.77 20.38 23.67
CA PRO M 1204 117.52 19.42 22.86
C PRO M 1204 118.57 18.72 23.71
N ASN M 1205 119.22 17.74 23.08
CA ASN M 1205 120.45 17.21 23.68
C ASN M 1205 121.58 18.23 23.68
N LEU M 1206 121.44 19.30 22.90
CA LEU M 1206 122.47 20.33 22.84
C LEU M 1206 122.64 21.02 24.18
N TRP M 1207 121.53 21.32 24.87
CA TRP M 1207 121.63 21.87 26.21
C TRP M 1207 122.24 20.86 27.17
N LEU M 1208 121.93 19.58 26.98
CA LEU M 1208 122.60 18.54 27.74
C LEU M 1208 124.09 18.52 27.46
N LYS M 1209 124.48 18.81 26.22
CA LYS M 1209 125.90 18.94 25.89
C LYS M 1209 126.51 20.15 26.60
N ASP M 1210 125.78 21.26 26.67
CA ASP M 1210 126.26 22.43 27.38
C ASP M 1210 126.50 22.11 28.84
N VAL M 1211 125.59 21.35 29.45
CA VAL M 1211 125.81 20.85 30.81
C VAL M 1211 127.02 19.92 30.82
N LEU M 1212 127.23 19.17 29.75
CA LEU M 1212 128.32 18.20 29.65
C LEU M 1212 129.67 18.84 29.40
N LYS M 1213 129.72 20.03 28.81
CA LYS M 1213 130.99 20.66 28.47
C LYS M 1213 131.89 20.79 29.69
N GLU M 1214 131.46 21.58 30.68
CA GLU M 1214 132.24 21.71 31.89
C GLU M 1214 132.27 20.40 32.68
N GLU M 1215 131.15 19.70 32.72
CA GLU M 1215 131.03 18.44 33.46
C GLU M 1215 131.24 17.24 32.54
N GLY M 1216 132.42 17.22 31.91
CA GLY M 1216 132.72 16.14 30.98
C GLY M 1216 132.86 14.79 31.67
N VAL M 1217 133.43 14.77 32.86
CA VAL M 1217 133.68 13.53 33.58
C VAL M 1217 132.94 13.45 34.91
N SER M 1218 132.40 14.56 35.41
CA SER M 1218 131.77 14.54 36.73
C SER M 1218 130.51 13.69 36.74
N PHE M 1219 129.85 13.52 35.59
CA PHE M 1219 128.64 12.72 35.53
C PHE M 1219 128.89 11.26 35.89
N LEU M 1220 130.14 10.81 35.87
CA LEU M 1220 130.44 9.42 36.19
C LEU M 1220 129.95 9.06 37.59
N ILE M 1221 130.09 9.98 38.55
CA ILE M 1221 129.61 9.77 39.90
C ILE M 1221 128.43 10.67 40.24
N ASN M 1222 128.34 11.86 39.65
CA ASN M 1222 127.24 12.77 39.94
C ASN M 1222 125.91 12.17 39.47
N THR M 1223 125.76 11.97 38.16
CA THR M 1223 124.53 11.40 37.63
C THR M 1223 124.43 9.91 37.92
N PHE M 1224 125.55 9.25 38.22
CA PHE M 1224 125.56 7.83 38.54
C PHE M 1224 126.34 7.66 39.84
N GLU M 1225 125.64 7.85 40.96
CA GLU M 1225 126.22 7.64 42.28
C GLU M 1225 126.45 6.17 42.57
N GLY M 1226 125.96 5.27 41.72
CA GLY M 1226 125.96 3.85 41.97
C GLY M 1226 127.13 3.13 41.36
N GLY M 1227 126.89 1.88 40.96
CA GLY M 1227 127.96 1.00 40.58
C GLY M 1227 128.80 0.50 41.75
N GLY M 1228 128.31 0.67 42.97
CA GLY M 1228 129.13 0.43 44.14
C GLY M 1228 129.61 1.72 44.76
N CYS M 1229 128.72 2.70 44.91
CA CYS M 1229 129.06 4.02 45.42
C CYS M 1229 130.22 4.59 44.62
N GLY M 1230 130.00 4.71 43.31
CA GLY M 1230 131.08 4.85 42.38
C GLY M 1230 131.58 3.47 42.02
N GLN M 1231 132.89 3.28 41.95
CA GLN M 1231 133.43 1.94 41.73
C GLN M 1231 133.55 1.10 43.00
N PRO M 1232 134.08 1.62 44.12
CA PRO M 1232 134.68 0.72 45.12
C PRO M 1232 133.72 -0.28 45.76
N SER M 1233 132.56 0.17 46.25
CA SER M 1233 131.70 -0.74 47.02
C SER M 1233 131.25 -1.94 46.21
N GLY M 1234 131.23 -1.84 44.88
CA GLY M 1234 130.97 -3.02 44.07
C GLY M 1234 132.05 -4.07 44.21
N ILE M 1235 133.32 -3.64 44.23
CA ILE M 1235 134.41 -4.57 44.50
C ILE M 1235 134.34 -5.05 45.94
N LEU M 1236 133.92 -4.19 46.86
CA LEU M 1236 133.87 -4.55 48.27
C LEU M 1236 132.90 -5.69 48.53
N ALA M 1237 131.76 -5.69 47.83
CA ALA M 1237 130.75 -6.71 48.06
C ALA M 1237 131.20 -8.10 47.61
N GLN M 1238 132.14 -8.18 46.66
CA GLN M 1238 132.52 -9.49 46.12
C GLN M 1238 133.14 -10.41 47.15
N PRO M 1239 134.14 -9.99 47.96
CA PRO M 1239 134.65 -10.90 48.99
C PRO M 1239 133.82 -10.85 50.27
N THR M 1240 133.14 -9.73 50.49
CA THR M 1240 132.29 -9.56 51.67
C THR M 1240 131.02 -8.82 51.30
N SER M 1249 125.45 -9.52 54.38
CA SER M 1249 125.96 -8.78 53.24
C SER M 1249 125.21 -9.14 51.97
N LEU M 1250 124.44 -10.24 52.04
CA LEU M 1250 123.62 -10.61 50.90
C LEU M 1250 122.59 -9.53 50.59
N GLN M 1251 121.98 -8.97 51.64
CA GLN M 1251 121.10 -7.81 51.44
C GLN M 1251 121.89 -6.61 50.92
N ALA M 1252 123.11 -6.42 51.41
CA ALA M 1252 123.98 -5.38 50.87
C ALA M 1252 124.34 -5.68 49.42
N THR M 1253 124.55 -6.95 49.10
CA THR M 1253 124.78 -7.33 47.71
C THR M 1253 123.60 -6.98 46.84
N LEU M 1254 122.38 -7.22 47.34
CA LEU M 1254 121.19 -6.86 46.57
C LEU M 1254 121.05 -5.35 46.44
N CYS M 1255 121.44 -4.60 47.47
CA CYS M 1255 121.46 -3.15 47.36
C CYS M 1255 122.41 -2.70 46.27
N TRP M 1256 123.60 -3.29 46.24
CA TRP M 1256 124.54 -3.00 45.15
C TRP M 1256 123.94 -3.35 43.80
N LEU M 1257 123.28 -4.50 43.70
CA LEU M 1257 122.71 -4.92 42.42
C LEU M 1257 121.62 -3.95 41.96
N ASP M 1258 120.73 -3.54 42.87
CA ASP M 1258 119.63 -2.66 42.45
C ASP M 1258 120.14 -1.27 42.12
N LEU M 1259 121.12 -0.77 42.87
CA LEU M 1259 121.71 0.52 42.53
C LEU M 1259 122.44 0.46 41.20
N LEU M 1260 123.13 -0.65 40.94
CA LEU M 1260 123.78 -0.85 39.65
C LEU M 1260 122.76 -0.91 38.52
N LEU M 1261 121.62 -1.57 38.75
CA LEU M 1261 120.56 -1.60 37.75
C LEU M 1261 119.96 -0.22 37.54
N ALA M 1262 119.86 0.58 38.60
CA ALA M 1262 119.41 1.96 38.43
C ALA M 1262 120.36 2.73 37.53
N ALA M 1263 121.66 2.60 37.77
CA ALA M 1263 122.63 3.24 36.90
C ALA M 1263 122.51 2.74 35.47
N LEU M 1264 122.34 1.42 35.31
CA LEU M 1264 122.25 0.82 33.98
C LEU M 1264 121.02 1.32 33.23
N GLU M 1265 119.87 1.38 33.91
CA GLU M 1265 118.67 1.88 33.27
C GLU M 1265 118.76 3.37 32.98
N CYS M 1266 119.48 4.13 33.82
CA CYS M 1266 119.73 5.53 33.49
C CYS M 1266 120.55 5.64 32.21
N TYR M 1267 121.57 4.79 32.07
CA TYR M 1267 122.34 4.74 30.83
C TYR M 1267 121.44 4.41 29.65
N ASN M 1268 120.56 3.41 29.83
CA ASN M 1268 119.69 2.99 28.74
C ASN M 1268 118.73 4.10 28.33
N THR M 1269 118.17 4.82 29.30
CA THR M 1269 117.30 5.94 28.99
C THR M 1269 118.06 7.03 28.26
N PHE M 1270 119.27 7.34 28.71
CA PHE M 1270 120.06 8.38 28.08
C PHE M 1270 120.37 8.02 26.63
N ILE M 1271 120.71 6.76 26.37
CA ILE M 1271 121.09 6.37 25.01
C ILE M 1271 119.88 6.08 24.12
N GLY M 1272 118.72 5.75 24.70
CA GLY M 1272 117.53 5.56 23.91
C GLY M 1272 116.83 6.86 23.57
N GLU M 1273 116.92 7.87 24.45
CA GLU M 1273 116.40 9.18 24.14
C GLU M 1273 117.22 9.90 23.08
N ARG M 1274 118.37 9.34 22.70
CA ARG M 1274 119.32 9.97 21.77
C ARG M 1274 119.81 11.31 22.29
N THR M 1275 119.75 11.52 23.61
CA THR M 1275 120.22 12.74 24.23
C THR M 1275 121.72 12.70 24.51
N VAL M 1276 122.38 11.57 24.30
CA VAL M 1276 123.81 11.44 24.55
C VAL M 1276 124.32 10.28 23.71
N GLY M 1277 125.60 10.34 23.36
CA GLY M 1277 126.22 9.29 22.60
C GLY M 1277 126.79 8.19 23.48
N ALA M 1278 126.92 6.99 22.89
CA ALA M 1278 127.51 5.87 23.62
C ALA M 1278 128.97 6.14 23.97
N LEU M 1279 129.72 6.74 23.04
CA LEU M 1279 131.11 7.06 23.28
C LEU M 1279 131.30 8.10 24.38
N GLN M 1280 130.25 8.85 24.72
CA GLN M 1280 130.36 9.83 25.79
C GLN M 1280 130.65 9.17 27.13
N VAL M 1281 130.06 8.00 27.36
CA VAL M 1281 130.38 7.20 28.54
C VAL M 1281 131.42 6.13 28.22
N LEU M 1282 132.00 6.17 27.02
CA LEU M 1282 132.93 5.15 26.53
C LEU M 1282 134.16 5.81 25.91
N GLY M 1283 134.80 6.69 26.68
CA GLY M 1283 135.97 7.41 26.19
C GLY M 1283 136.11 8.81 26.74
N THR M 1284 135.01 9.39 27.25
CA THR M 1284 135.08 10.64 28.00
C THR M 1284 135.09 10.39 29.50
N GLU M 1285 134.07 9.71 30.02
CA GLU M 1285 134.07 9.19 31.37
C GLU M 1285 133.76 7.70 31.30
N ALA M 1286 134.65 6.88 31.84
CA ALA M 1286 134.53 5.43 31.73
C ALA M 1286 134.15 4.86 33.09
N GLN M 1287 132.95 4.28 33.17
CA GLN M 1287 132.48 3.64 34.40
C GLN M 1287 133.01 2.21 34.41
N SER M 1288 134.03 1.97 35.24
CA SER M 1288 134.55 0.63 35.39
C SER M 1288 133.56 -0.31 36.06
N SER M 1289 132.49 0.24 36.66
CA SER M 1289 131.47 -0.62 37.25
C SER M 1289 130.78 -1.48 36.20
N LEU M 1290 130.77 -1.05 34.94
CA LEU M 1290 130.20 -1.87 33.89
C LEU M 1290 131.01 -3.15 33.70
N LEU M 1291 132.33 -3.02 33.59
CA LEU M 1291 133.17 -4.22 33.46
C LEU M 1291 133.20 -5.02 34.75
N LYS M 1292 133.10 -4.35 35.90
CA LYS M 1292 132.96 -5.06 37.16
C LYS M 1292 131.69 -5.91 37.17
N ALA M 1293 130.59 -5.36 36.67
CA ALA M 1293 129.35 -6.12 36.56
C ALA M 1293 129.49 -7.27 35.57
N VAL M 1294 130.21 -7.05 34.47
CA VAL M 1294 130.43 -8.12 33.50
C VAL M 1294 131.20 -9.27 34.15
N ALA M 1295 132.25 -8.94 34.90
CA ALA M 1295 132.99 -9.96 35.64
C ALA M 1295 132.10 -10.62 36.69
N PHE M 1296 131.21 -9.86 37.30
CA PHE M 1296 130.29 -10.43 38.29
C PHE M 1296 129.33 -11.42 37.63
N PHE M 1297 128.86 -11.11 36.41
CA PHE M 1297 128.06 -12.06 35.66
C PHE M 1297 128.86 -13.31 35.35
N LEU M 1298 130.13 -13.14 34.99
CA LEU M 1298 131.03 -14.28 34.86
C LEU M 1298 131.28 -14.96 36.19
N GLU M 1299 130.89 -14.33 37.30
CA GLU M 1299 131.10 -14.86 38.63
C GLU M 1299 129.82 -15.24 39.36
N SER M 1300 128.67 -14.71 38.96
CA SER M 1300 127.43 -14.89 39.70
C SER M 1300 126.24 -15.33 38.87
N ILE M 1301 126.25 -15.15 37.56
CA ILE M 1301 125.07 -15.39 36.72
C ILE M 1301 125.19 -16.76 36.09
N ALA M 1302 124.20 -17.61 36.34
CA ALA M 1302 124.04 -18.97 35.82
C ALA M 1302 124.97 -19.99 36.46
N MET M 1303 125.90 -19.56 37.32
CA MET M 1303 126.76 -20.49 38.04
C MET M 1303 126.84 -20.26 39.54
N HIS M 1304 126.55 -19.06 40.03
CA HIS M 1304 126.49 -18.79 41.46
C HIS M 1304 125.06 -18.39 41.79
N ASP M 1305 124.21 -19.39 41.99
CA ASP M 1305 122.81 -19.17 42.31
C ASP M 1305 122.49 -19.35 43.78
N ILE M 1306 123.50 -19.66 44.60
CA ILE M 1306 123.30 -19.81 46.03
C ILE M 1306 124.22 -18.91 46.85
N ILE M 1307 125.34 -18.47 46.32
CA ILE M 1307 126.28 -17.62 47.05
C ILE M 1307 127.12 -16.87 46.03
N ALA M 1308 127.43 -15.61 46.36
CA ALA M 1308 128.24 -14.75 45.49
C ALA M 1308 129.73 -14.83 45.80
N ALA M 1309 130.18 -15.96 46.34
CA ALA M 1309 131.57 -16.24 46.73
C ALA M 1309 132.07 -15.35 47.86
N GLU M 1310 131.24 -14.47 48.41
CA GLU M 1310 131.63 -13.69 49.56
C GLU M 1310 131.74 -14.55 50.82
N LYS M 1311 131.01 -15.67 50.86
CA LYS M 1311 131.06 -16.62 51.98
C LYS M 1311 130.72 -15.95 53.30
N CYS M 1312 129.81 -14.97 53.25
CA CYS M 1312 129.34 -14.31 54.46
C CYS M 1312 127.83 -14.09 54.50
N PHE M 1313 127.11 -14.47 53.44
CA PHE M 1313 125.65 -14.35 53.38
C PHE M 1313 125.17 -12.93 53.65
N THR M 1322 116.35 -20.31 48.39
CA THR M 1322 115.31 -20.80 49.27
C THR M 1322 115.00 -19.78 50.36
N SER M 1323 113.80 -19.88 50.93
CA SER M 1323 113.34 -18.87 51.89
C SER M 1323 114.25 -18.71 53.11
N PRO M 1324 114.78 -19.77 53.74
CA PRO M 1324 115.68 -19.52 54.88
C PRO M 1324 116.87 -18.64 54.53
N GLN M 1325 117.43 -18.79 53.33
CA GLN M 1325 118.40 -17.85 52.81
C GLN M 1325 117.76 -16.80 51.90
N GLU M 1326 116.44 -16.86 51.72
CA GLU M 1326 115.69 -15.92 50.89
C GLU M 1326 116.27 -15.87 49.48
N GLY M 1327 116.37 -17.04 48.85
CA GLY M 1327 116.79 -17.10 47.47
C GLY M 1327 115.73 -16.66 46.49
N GLU M 1328 114.51 -16.42 46.96
CA GLU M 1328 113.42 -16.02 46.07
C GLU M 1328 113.66 -14.65 45.48
N ARG M 1329 113.74 -13.62 46.34
CA ARG M 1329 114.04 -12.30 45.82
C ARG M 1329 115.48 -12.19 45.33
N TYR M 1330 116.36 -13.10 45.75
CA TYR M 1330 117.69 -13.16 45.15
C TYR M 1330 117.59 -13.52 43.67
N ASN M 1331 116.81 -14.56 43.35
CA ASN M 1331 116.59 -14.91 41.96
C ASN M 1331 115.81 -13.83 41.22
N TYR M 1332 114.89 -13.15 41.91
CA TYR M 1332 114.16 -12.06 41.28
C TYR M 1332 115.10 -10.93 40.90
N SER M 1333 116.03 -10.58 41.79
CA SER M 1333 117.04 -9.58 41.49
C SER M 1333 117.95 -10.04 40.38
N LYS M 1334 118.31 -11.33 40.36
CA LYS M 1334 119.13 -11.85 39.27
C LYS M 1334 118.43 -11.71 37.93
N CYS M 1335 117.14 -12.07 37.89
CA CYS M 1335 116.36 -11.92 36.67
C CYS M 1335 116.23 -10.46 36.27
N THR M 1336 116.10 -9.57 37.25
CA THR M 1336 116.04 -8.14 36.95
C THR M 1336 117.36 -7.67 36.35
N VAL M 1337 118.49 -8.13 36.89
CA VAL M 1337 119.79 -7.81 36.31
C VAL M 1337 119.87 -8.32 34.89
N VAL M 1338 119.40 -9.54 34.66
CA VAL M 1338 119.46 -10.14 33.33
C VAL M 1338 118.66 -9.30 32.35
N VAL M 1339 117.43 -8.93 32.74
CA VAL M 1339 116.59 -8.16 31.82
C VAL M 1339 117.20 -6.77 31.59
N ARG M 1340 117.74 -6.15 32.64
CA ARG M 1340 118.34 -4.83 32.49
C ARG M 1340 119.52 -4.87 31.51
N ILE M 1341 120.39 -5.87 31.65
CA ILE M 1341 121.48 -5.97 30.69
C ILE M 1341 120.92 -6.34 29.31
N MET M 1342 119.73 -6.96 29.25
CA MET M 1342 119.11 -7.19 27.96
C MET M 1342 118.73 -5.88 27.27
N GLU M 1343 118.06 -4.97 27.99
CA GLU M 1343 117.77 -3.68 27.33
C GLU M 1343 119.05 -2.92 27.02
N PHE M 1344 120.06 -3.04 27.88
CA PHE M 1344 121.31 -2.35 27.60
C PHE M 1344 121.92 -2.84 26.28
N THR M 1345 121.96 -4.17 26.10
CA THR M 1345 122.52 -4.70 24.86
C THR M 1345 121.69 -4.29 23.65
N THR M 1346 120.36 -4.35 23.78
CA THR M 1346 119.50 -3.99 22.65
C THR M 1346 119.67 -2.53 22.28
N THR M 1347 119.71 -1.64 23.28
CA THR M 1347 119.87 -0.21 22.99
C THR M 1347 121.26 0.07 22.43
N LEU M 1348 122.28 -0.61 22.95
CA LEU M 1348 123.63 -0.42 22.42
C LEU M 1348 123.71 -0.83 20.96
N LEU M 1349 123.05 -1.93 20.60
CA LEU M 1349 123.10 -2.38 19.21
C LEU M 1349 122.21 -1.54 18.30
N ASN M 1350 121.07 -1.05 18.80
CA ASN M 1350 120.12 -0.34 17.97
C ASN M 1350 120.35 1.17 18.00
N THR M 1351 120.30 1.78 19.19
CA THR M 1351 120.49 3.23 19.29
C THR M 1351 121.89 3.62 18.82
N SER M 1352 122.86 2.75 19.00
CA SER M 1352 124.21 2.97 18.49
C SER M 1352 124.47 2.00 17.35
N PRO M 1353 124.71 2.49 16.13
CA PRO M 1353 124.95 1.59 15.00
C PRO M 1353 126.22 0.78 15.13
N GLU M 1354 126.54 -0.02 14.11
CA GLU M 1354 127.72 -0.88 14.16
C GLU M 1354 129.00 -0.07 14.29
N GLY M 1355 128.98 1.22 13.98
CA GLY M 1355 130.14 2.06 14.27
C GLY M 1355 130.50 2.09 15.73
N TRP M 1356 129.56 1.82 16.62
CA TRP M 1356 129.81 1.70 18.04
C TRP M 1356 129.92 0.25 18.51
N LYS M 1357 129.88 -0.72 17.59
CA LYS M 1357 130.08 -2.11 17.99
C LYS M 1357 131.51 -2.36 18.44
N LEU M 1358 132.44 -1.48 18.10
CA LEU M 1358 133.76 -1.54 18.69
C LEU M 1358 133.69 -1.31 20.19
N LEU M 1359 132.73 -0.50 20.64
CA LEU M 1359 132.46 -0.36 22.06
C LEU M 1359 131.78 -1.61 22.62
N LYS M 1360 131.16 -2.42 21.78
CA LYS M 1360 130.71 -3.74 22.20
C LYS M 1360 131.87 -4.69 22.38
N LYS M 1361 133.00 -4.43 21.72
CA LYS M 1361 134.22 -5.19 21.95
C LYS M 1361 134.85 -4.91 23.29
N ASP M 1362 134.37 -3.91 24.03
CA ASP M 1362 134.94 -3.59 25.33
C ASP M 1362 134.85 -4.77 26.30
N LEU M 1363 133.80 -5.59 26.17
CA LEU M 1363 133.75 -6.83 26.93
C LEU M 1363 134.87 -7.78 26.53
N CYS M 1364 135.27 -7.74 25.25
CA CYS M 1364 136.39 -8.48 24.68
C CYS M 1364 136.07 -9.96 24.54
N ASN M 1365 134.99 -10.40 25.18
CA ASN M 1365 134.46 -11.74 24.93
C ASN M 1365 132.95 -11.78 24.76
N THR M 1366 132.21 -10.81 25.29
CA THR M 1366 130.76 -10.86 25.40
C THR M 1366 130.32 -12.28 25.78
N HIS M 1367 130.77 -12.68 26.98
CA HIS M 1367 130.46 -14.02 27.48
C HIS M 1367 128.97 -14.28 27.54
N LEU M 1368 128.15 -13.23 27.53
CA LEU M 1368 126.71 -13.38 27.57
C LEU M 1368 126.19 -14.28 26.47
N MET M 1369 126.81 -14.23 25.28
CA MET M 1369 126.35 -15.08 24.18
C MET M 1369 126.42 -16.55 24.52
N ARG M 1370 127.26 -16.94 25.48
CA ARG M 1370 127.32 -18.33 25.91
C ARG M 1370 126.23 -18.67 26.90
N VAL M 1371 125.77 -17.69 27.69
CA VAL M 1371 124.81 -17.94 28.75
C VAL M 1371 123.41 -17.47 28.39
N LEU M 1372 123.27 -16.32 27.71
CA LEU M 1372 121.94 -15.81 27.43
C LEU M 1372 121.18 -16.71 26.48
N VAL M 1373 121.90 -17.45 25.63
CA VAL M 1373 121.25 -18.44 24.77
C VAL M 1373 120.62 -19.53 25.63
N GLN M 1374 121.28 -19.91 26.72
CA GLN M 1374 120.64 -20.78 27.70
C GLN M 1374 119.38 -20.13 28.24
N THR M 1375 119.45 -18.81 28.48
CA THR M 1375 118.27 -18.04 28.85
C THR M 1375 117.15 -18.29 27.84
N LEU M 1376 117.49 -18.33 26.56
CA LEU M 1376 116.49 -18.57 25.53
C LEU M 1376 115.95 -20.00 25.58
N CYS M 1377 116.79 -20.97 25.93
CA CYS M 1377 116.38 -22.37 25.93
C CYS M 1377 115.90 -22.86 27.28
N GLU M 1378 116.35 -22.23 28.37
CA GLU M 1378 115.94 -22.64 29.69
C GLU M 1378 115.99 -21.46 30.65
N PRO M 1379 114.82 -20.91 31.02
CA PRO M 1379 114.83 -19.86 32.06
C PRO M 1379 115.44 -20.32 33.37
N ALA M 1380 115.24 -21.59 33.74
CA ALA M 1380 115.86 -22.14 34.93
C ALA M 1380 117.38 -22.14 34.86
N SER M 1381 117.95 -21.64 33.76
CA SER M 1381 119.39 -21.53 33.61
C SER M 1381 119.91 -20.12 33.86
N ILE M 1382 119.06 -19.20 34.31
CA ILE M 1382 119.51 -17.89 34.76
C ILE M 1382 119.55 -17.82 36.28
N GLY M 1383 119.68 -18.97 36.94
CA GLY M 1383 119.35 -19.08 38.35
C GLY M 1383 118.20 -20.04 38.48
N PHE M 1384 117.02 -19.53 38.80
CA PHE M 1384 115.82 -20.36 38.84
C PHE M 1384 114.71 -19.85 37.93
N ASN M 1385 114.47 -18.53 37.90
CA ASN M 1385 113.39 -17.93 37.12
C ASN M 1385 112.04 -18.59 37.42
N ILE M 1386 111.83 -18.90 38.70
CA ILE M 1386 110.57 -19.51 39.13
C ILE M 1386 109.55 -18.42 39.37
N GLY M 1387 108.28 -18.74 39.11
CA GLY M 1387 107.21 -17.78 39.24
C GLY M 1387 106.39 -17.69 37.98
N ASP M 1388 107.05 -17.74 36.83
CA ASP M 1388 106.41 -17.83 35.52
C ASP M 1388 105.31 -16.78 35.37
N VAL M 1389 105.73 -15.52 35.39
CA VAL M 1389 104.79 -14.40 35.40
C VAL M 1389 105.10 -13.45 34.25
N GLN M 1390 104.42 -12.30 34.25
CA GLN M 1390 104.48 -11.39 33.12
C GLN M 1390 105.89 -10.91 32.81
N VAL M 1391 106.82 -10.95 33.76
CA VAL M 1391 108.19 -10.57 33.46
C VAL M 1391 108.84 -11.59 32.52
N MET M 1392 108.73 -12.87 32.85
CA MET M 1392 109.32 -13.89 31.98
C MET M 1392 108.48 -14.10 30.73
N ALA M 1393 107.17 -13.84 30.81
CA ALA M 1393 106.34 -13.89 29.61
C ALA M 1393 106.63 -12.73 28.68
N HIS M 1394 107.09 -11.61 29.23
CA HIS M 1394 107.52 -10.47 28.43
C HIS M 1394 108.95 -10.61 27.93
N LEU M 1395 109.75 -11.44 28.60
CA LEU M 1395 111.12 -11.68 28.14
C LEU M 1395 111.24 -12.07 26.66
N PRO M 1396 110.40 -12.95 26.09
CA PRO M 1396 110.65 -13.39 24.71
C PRO M 1396 110.70 -12.27 23.68
N ASP M 1397 109.90 -11.21 23.84
CA ASP M 1397 109.89 -10.16 22.82
C ASP M 1397 111.22 -9.41 22.81
N VAL M 1398 111.72 -9.03 24.00
CA VAL M 1398 113.02 -8.36 24.06
C VAL M 1398 114.13 -9.33 23.68
N CYS M 1399 113.95 -10.63 23.93
CA CYS M 1399 114.93 -11.60 23.49
C CYS M 1399 115.01 -11.63 21.96
N VAL M 1400 113.86 -11.62 21.29
CA VAL M 1400 113.83 -11.58 19.83
C VAL M 1400 114.43 -10.28 19.31
N ASN M 1401 114.14 -9.17 20.00
CA ASN M 1401 114.73 -7.89 19.62
C ASN M 1401 116.25 -7.94 19.71
N LEU M 1402 116.78 -8.51 20.78
CA LEU M 1402 118.22 -8.66 20.92
C LEU M 1402 118.78 -9.60 19.87
N MET M 1403 118.05 -10.66 19.54
CA MET M 1403 118.51 -11.57 18.49
C MET M 1403 118.62 -10.87 17.15
N LYS M 1404 117.62 -10.05 16.80
CA LYS M 1404 117.70 -9.30 15.55
C LYS M 1404 118.83 -8.27 15.59
N ALA M 1405 118.98 -7.58 16.72
CA ALA M 1405 120.03 -6.57 16.83
C ALA M 1405 121.41 -7.20 16.70
N LEU M 1406 121.60 -8.39 17.26
CA LEU M 1406 122.85 -9.10 17.09
C LEU M 1406 122.97 -9.68 15.68
N LYS M 1407 121.85 -10.01 15.05
CA LYS M 1407 121.88 -10.52 13.68
C LYS M 1407 122.42 -9.48 12.72
N MET M 1408 121.99 -8.22 12.87
CA MET M 1408 122.61 -7.17 12.07
C MET M 1408 124.05 -6.91 12.49
N SER M 1409 124.41 -7.29 13.71
CA SER M 1409 125.79 -7.27 14.18
C SER M 1409 126.54 -8.49 13.66
N PRO M 1410 127.87 -8.42 13.54
CA PRO M 1410 128.62 -9.63 13.16
C PRO M 1410 128.52 -10.75 14.15
N TYR M 1411 128.58 -10.45 15.46
CA TYR M 1411 128.70 -11.47 16.49
C TYR M 1411 127.64 -12.56 16.40
N LYS M 1412 126.54 -12.30 15.70
CA LYS M 1412 125.51 -13.32 15.53
C LYS M 1412 126.09 -14.63 15.04
N ASP M 1413 127.06 -14.55 14.12
CA ASP M 1413 127.69 -15.76 13.61
C ASP M 1413 128.24 -16.60 14.76
N ILE M 1414 129.01 -15.97 15.65
CA ILE M 1414 129.49 -16.67 16.84
C ILE M 1414 128.31 -17.17 17.65
N LEU M 1415 127.32 -16.31 17.86
CA LEU M 1415 126.10 -16.75 18.51
C LEU M 1415 125.45 -17.88 17.73
N GLU M 1416 125.42 -17.76 16.40
CA GLU M 1416 124.96 -18.88 15.57
C GLU M 1416 125.76 -20.12 15.88
N THR M 1417 127.09 -20.00 15.93
CA THR M 1417 127.92 -21.11 16.40
C THR M 1417 127.48 -21.53 17.80
N HIS M 1418 127.37 -20.56 18.71
CA HIS M 1418 126.81 -20.84 20.03
C HIS M 1418 125.47 -21.53 19.90
N LEU M 1419 124.62 -21.05 18.99
CA LEU M 1419 123.35 -21.71 18.73
C LEU M 1419 123.57 -23.17 18.37
N ARG M 1420 124.42 -23.43 17.38
CA ARG M 1420 124.74 -24.80 17.02
C ARG M 1420 125.51 -25.50 18.12
N GLU M 1421 126.19 -24.74 18.98
CA GLU M 1421 126.79 -25.34 20.18
C GLU M 1421 125.70 -25.82 21.12
N LYS M 1422 124.62 -25.05 21.27
CA LYS M 1422 123.63 -25.36 22.29
C LYS M 1422 122.71 -26.50 21.86
N ILE M 1423 122.44 -26.61 20.56
CA ILE M 1423 121.56 -27.66 20.04
C ILE M 1423 122.00 -28.00 18.63
N THR M 1424 121.79 -29.25 18.24
CA THR M 1424 122.08 -29.69 16.89
C THR M 1424 120.89 -29.56 15.95
N ALA M 1425 119.72 -29.18 16.48
CA ALA M 1425 118.43 -29.11 15.80
C ALA M 1425 117.90 -30.48 15.42
N GLN M 1426 118.65 -31.56 15.66
CA GLN M 1426 118.19 -32.91 15.42
C GLN M 1426 118.48 -33.87 16.54
N SER M 1427 119.32 -33.50 17.52
CA SER M 1427 119.54 -34.36 18.67
C SER M 1427 118.28 -34.52 19.49
N ILE M 1428 117.27 -33.68 19.27
CA ILE M 1428 116.03 -33.76 20.03
C ILE M 1428 114.94 -34.57 19.30
N GLU M 1429 115.04 -34.71 17.98
CA GLU M 1429 113.98 -35.37 17.23
C GLU M 1429 113.88 -36.86 17.54
N GLU M 1430 115.00 -37.50 17.88
CA GLU M 1430 114.94 -38.87 18.35
C GLU M 1430 114.43 -38.97 19.78
N LEU M 1431 114.73 -37.96 20.61
CA LEU M 1431 114.30 -37.98 21.99
C LEU M 1431 112.81 -37.67 22.15
N CYS M 1432 112.19 -37.07 21.13
CA CYS M 1432 110.75 -36.86 21.14
C CYS M 1432 109.99 -38.06 20.60
N ALA M 1433 110.71 -39.12 20.20
CA ALA M 1433 110.10 -40.37 19.76
C ALA M 1433 109.95 -41.36 20.90
N VAL M 1434 109.79 -40.89 22.13
CA VAL M 1434 109.71 -41.74 23.31
C VAL M 1434 108.25 -42.04 23.67
N ASN M 1435 107.33 -41.87 22.72
CA ASN M 1435 105.92 -42.18 22.90
C ASN M 1435 105.31 -41.34 24.04
N LEU M 1436 105.42 -40.02 23.89
CA LEU M 1436 104.80 -39.12 24.84
C LEU M 1436 103.28 -39.10 24.60
N TYR M 1437 102.59 -40.05 25.23
CA TYR M 1437 101.15 -40.21 25.02
C TYR M 1437 100.55 -40.70 26.33
N GLY M 1438 99.79 -39.83 26.99
CA GLY M 1438 99.21 -40.17 28.28
C GLY M 1438 100.29 -40.42 29.31
N PRO M 1439 100.26 -41.61 29.93
CA PRO M 1439 101.32 -41.97 30.86
C PRO M 1439 102.67 -42.09 30.17
N ASP M 1440 103.57 -41.17 30.49
CA ASP M 1440 104.89 -41.12 29.86
C ASP M 1440 105.73 -40.12 30.66
N ALA M 1441 106.94 -39.87 30.19
CA ALA M 1441 107.77 -38.83 30.77
C ALA M 1441 107.13 -37.47 30.54
N GLN M 1442 107.46 -36.53 31.41
CA GLN M 1442 107.00 -35.15 31.28
C GLN M 1442 108.12 -34.16 31.05
N VAL M 1443 109.34 -34.47 31.45
CA VAL M 1443 110.48 -33.61 31.14
C VAL M 1443 110.72 -33.58 29.63
N ASP M 1444 110.42 -34.68 28.95
CA ASP M 1444 110.51 -34.72 27.49
C ASP M 1444 109.63 -33.64 26.88
N ARG M 1445 108.38 -33.56 27.33
CA ARG M 1445 107.51 -32.47 26.90
C ARG M 1445 108.05 -31.12 27.34
N SER M 1446 108.72 -31.07 28.49
CA SER M 1446 109.24 -29.81 28.99
C SER M 1446 110.26 -29.22 28.03
N ARG M 1447 111.29 -29.99 27.66
CA ARG M 1447 112.27 -29.41 26.76
C ARG M 1447 111.79 -29.43 25.31
N LEU M 1448 110.78 -30.22 24.97
CA LEU M 1448 110.11 -30.04 23.68
C LEU M 1448 109.50 -28.65 23.60
N ALA M 1449 108.78 -28.24 24.64
CA ALA M 1449 108.22 -26.90 24.68
C ALA M 1449 109.31 -25.84 24.71
N ALA M 1450 110.40 -26.12 25.43
CA ALA M 1450 111.51 -25.18 25.49
C ALA M 1450 112.11 -24.93 24.11
N VAL M 1451 112.40 -26.00 23.37
CA VAL M 1451 112.98 -25.85 22.05
C VAL M 1451 111.96 -25.26 21.08
N VAL M 1452 110.67 -25.56 21.27
CA VAL M 1452 109.65 -24.95 20.43
C VAL M 1452 109.64 -23.44 20.63
N SER M 1453 109.69 -23.00 21.89
CA SER M 1453 109.71 -21.57 22.18
C SER M 1453 110.98 -20.92 21.63
N ALA M 1454 112.11 -21.60 21.78
CA ALA M 1454 113.37 -21.04 21.27
C ALA M 1454 113.32 -20.89 19.75
N CYS M 1455 112.80 -21.90 19.05
CA CYS M 1455 112.70 -21.82 17.61
C CYS M 1455 111.69 -20.77 17.17
N LYS M 1456 110.61 -20.60 17.93
CA LYS M 1456 109.67 -19.52 17.63
C LYS M 1456 110.32 -18.17 17.80
N GLN M 1457 111.13 -18.01 18.85
CA GLN M 1457 111.87 -16.77 19.04
C GLN M 1457 112.83 -16.52 17.88
N LEU M 1458 113.51 -17.57 17.44
CA LEU M 1458 114.42 -17.43 16.30
C LEU M 1458 113.67 -17.06 15.03
N HIS M 1459 112.50 -17.67 14.81
CA HIS M 1459 111.68 -17.33 13.65
C HIS M 1459 111.22 -15.89 13.72
N ARG M 1460 110.82 -15.42 14.90
CA ARG M 1460 110.49 -14.01 15.07
C ARG M 1460 111.70 -13.12 14.83
N ALA M 1461 112.91 -13.65 15.02
CA ALA M 1461 114.12 -12.93 14.72
C ALA M 1461 114.54 -13.03 13.25
N GLY M 1462 113.72 -13.65 12.41
CA GLY M 1462 114.04 -13.80 11.02
C GLY M 1462 115.22 -14.72 10.75
N LEU M 1463 115.32 -15.82 11.49
CA LEU M 1463 116.43 -16.76 11.33
C LEU M 1463 115.90 -18.16 11.59
N LEU M 1464 116.05 -19.05 10.60
CA LEU M 1464 115.66 -20.43 10.77
C LEU M 1464 116.78 -21.38 10.36
N HIS M 1465 117.59 -20.95 9.39
CA HIS M 1465 118.67 -21.78 8.87
C HIS M 1465 119.99 -21.56 9.60
N ASN M 1466 120.04 -20.62 10.55
CA ASN M 1466 121.23 -20.47 11.37
C ASN M 1466 121.47 -21.67 12.26
N ILE M 1467 120.44 -22.50 12.48
CA ILE M 1467 120.57 -23.73 13.25
C ILE M 1467 120.34 -24.96 12.40
N LEU M 1468 119.42 -24.91 11.46
CA LEU M 1468 119.13 -26.03 10.56
C LEU M 1468 119.01 -25.51 9.14
N PRO M 1469 120.00 -25.75 8.29
CA PRO M 1469 119.88 -25.37 6.88
C PRO M 1469 119.03 -26.37 6.11
N SER M 1470 118.95 -26.21 4.79
CA SER M 1470 118.24 -27.16 3.96
C SER M 1470 118.88 -28.55 4.06
N GLN M 1471 118.05 -29.57 4.26
CA GLN M 1471 118.55 -30.94 4.27
C GLN M 1471 118.94 -31.37 2.87
N SER M 1472 117.97 -31.44 1.96
CA SER M 1472 118.24 -31.71 0.56
C SER M 1472 117.59 -30.65 -0.31
N THR M 1473 116.46 -30.12 0.15
CA THR M 1473 115.73 -29.07 -0.53
C THR M 1473 115.23 -28.06 0.50
N ASP M 1474 114.49 -27.06 0.02
CA ASP M 1474 113.86 -26.11 0.94
C ASP M 1474 112.88 -26.81 1.87
N LEU M 1475 112.22 -27.87 1.38
CA LEU M 1475 111.35 -28.68 2.22
C LEU M 1475 112.16 -29.35 3.32
N HIS M 1476 111.96 -28.92 4.55
CA HIS M 1476 112.64 -29.53 5.71
C HIS M 1476 111.76 -30.67 6.21
N HIS M 1477 111.96 -31.85 5.64
CA HIS M 1477 111.16 -33.02 6.00
C HIS M 1477 111.46 -33.52 7.40
N SER M 1478 112.53 -33.03 8.04
CA SER M 1478 112.88 -33.50 9.38
C SER M 1478 111.75 -33.26 10.37
N VAL M 1479 110.97 -32.20 10.17
CA VAL M 1479 109.85 -31.91 11.06
C VAL M 1479 108.55 -32.51 10.52
N GLY M 1480 108.31 -32.42 9.22
CA GLY M 1480 107.07 -32.92 8.66
C GLY M 1480 106.92 -34.43 8.78
N THR M 1481 108.02 -35.16 8.59
CA THR M 1481 107.99 -36.60 8.77
C THR M 1481 107.62 -36.97 10.20
N GLU M 1482 108.22 -36.28 11.17
CA GLU M 1482 107.85 -36.50 12.57
C GLU M 1482 106.39 -36.19 12.80
N LEU M 1483 105.90 -35.08 12.23
CA LEU M 1483 104.50 -34.72 12.36
C LEU M 1483 103.59 -35.83 11.87
N LEU M 1484 103.82 -36.30 10.64
CA LEU M 1484 102.96 -37.32 10.06
C LEU M 1484 103.03 -38.62 10.85
N SER M 1485 104.25 -39.05 11.20
CA SER M 1485 104.42 -40.29 11.92
C SER M 1485 103.71 -40.24 13.28
N LEU M 1486 103.90 -39.16 14.02
CA LEU M 1486 103.28 -39.04 15.33
C LEU M 1486 101.77 -38.98 15.21
N VAL M 1487 101.26 -38.15 14.28
CA VAL M 1487 99.82 -37.97 14.19
C VAL M 1487 99.14 -39.23 13.67
N TYR M 1488 99.86 -40.08 12.95
CA TYR M 1488 99.26 -41.34 12.52
C TYR M 1488 99.34 -42.40 13.61
N LYS M 1489 100.50 -42.53 14.25
CA LYS M 1489 100.72 -43.61 15.20
C LYS M 1489 100.22 -43.27 16.61
N GLY M 1490 99.67 -42.08 16.83
CA GLY M 1490 99.09 -41.77 18.12
C GLY M 1490 97.98 -42.73 18.50
N ILE M 1491 97.22 -43.21 17.52
CA ILE M 1491 96.17 -44.19 17.77
C ILE M 1491 96.37 -45.48 17.01
N ALA M 1492 97.11 -45.49 15.90
CA ALA M 1492 97.39 -46.71 15.16
C ALA M 1492 98.30 -47.62 15.96
N SER M 1502 96.16 -43.06 21.30
CA SER M 1502 95.72 -42.23 22.42
C SER M 1502 95.85 -40.76 22.09
N LEU M 1503 95.58 -39.91 23.08
CA LEU M 1503 95.61 -38.46 22.87
C LEU M 1503 95.81 -37.77 24.21
N ASP M 1504 96.18 -36.49 24.13
CA ASP M 1504 96.33 -35.65 25.30
C ASP M 1504 96.35 -34.19 24.84
N LEU M 1505 95.78 -33.30 25.65
CA LEU M 1505 95.78 -31.89 25.31
C LEU M 1505 97.20 -31.33 25.31
N SER M 1506 98.04 -31.81 26.23
CA SER M 1506 99.43 -31.36 26.28
C SER M 1506 100.17 -31.76 25.01
N CYS M 1507 100.08 -33.03 24.63
CA CYS M 1507 100.71 -33.45 23.39
C CYS M 1507 100.02 -32.81 22.19
N LYS M 1508 98.74 -32.46 22.34
CA LYS M 1508 98.04 -31.76 21.25
C LYS M 1508 98.67 -30.39 20.99
N GLN M 1509 98.85 -29.59 22.04
CA GLN M 1509 99.46 -28.28 21.84
C GLN M 1509 100.94 -28.40 21.48
N LEU M 1510 101.62 -29.44 21.96
CA LEU M 1510 102.99 -29.68 21.52
C LEU M 1510 103.04 -29.96 20.04
N ALA M 1511 102.12 -30.79 19.54
CA ALA M 1511 102.06 -31.08 18.11
C ALA M 1511 101.70 -29.83 17.33
N SER M 1512 100.85 -28.96 17.89
CA SER M 1512 100.55 -27.70 17.23
C SER M 1512 101.79 -26.82 17.12
N GLY M 1513 102.58 -26.76 18.18
CA GLY M 1513 103.84 -26.02 18.11
C GLY M 1513 104.78 -26.61 17.07
N LEU M 1514 104.86 -27.94 17.01
CA LEU M 1514 105.66 -28.57 15.98
C LEU M 1514 105.13 -28.25 14.58
N LEU M 1515 103.81 -28.19 14.44
CA LEU M 1515 103.21 -27.83 13.16
C LEU M 1515 103.63 -26.43 12.73
N GLU M 1516 103.58 -25.47 13.66
CA GLU M 1516 103.97 -24.12 13.29
C GLU M 1516 105.48 -24.02 13.05
N LEU M 1517 106.28 -24.83 13.75
CA LEU M 1517 107.71 -24.89 13.46
C LEU M 1517 107.95 -25.39 12.05
N ALA M 1518 107.21 -26.43 11.63
CA ALA M 1518 107.31 -26.90 10.26
C ALA M 1518 106.83 -25.84 9.28
N PHE M 1519 105.78 -25.11 9.64
CA PHE M 1519 105.29 -24.02 8.80
C PHE M 1519 106.35 -22.94 8.62
N ALA M 1520 107.21 -22.75 9.63
CA ALA M 1520 108.33 -21.82 9.48
C ALA M 1520 109.22 -22.25 8.32
N PHE M 1521 109.39 -23.57 8.13
CA PHE M 1521 110.12 -24.08 6.98
C PHE M 1521 109.27 -23.99 5.72
N GLY M 1522 109.83 -23.40 4.67
CA GLY M 1522 109.08 -23.23 3.44
C GLY M 1522 109.02 -24.50 2.61
N GLY M 1523 108.02 -24.54 1.73
CA GLY M 1523 107.86 -25.65 0.82
C GLY M 1523 107.08 -26.83 1.35
N LEU M 1524 106.86 -26.90 2.66
CA LEU M 1524 106.15 -28.03 3.24
C LEU M 1524 104.67 -28.05 2.90
N CYS M 1525 104.15 -26.98 2.30
CA CYS M 1525 102.71 -26.88 2.06
C CYS M 1525 102.23 -28.00 1.14
N GLU M 1526 102.93 -28.23 0.04
CA GLU M 1526 102.50 -29.24 -0.93
C GLU M 1526 102.62 -30.65 -0.36
N ARG M 1527 103.69 -30.91 0.38
CA ARG M 1527 103.83 -32.21 1.02
C ARG M 1527 102.71 -32.43 2.03
N LEU M 1528 102.34 -31.39 2.78
CA LEU M 1528 101.20 -31.50 3.68
C LEU M 1528 99.92 -31.77 2.91
N VAL M 1529 99.74 -31.09 1.78
CA VAL M 1529 98.58 -31.34 0.93
C VAL M 1529 98.51 -32.83 0.55
N SER M 1530 99.65 -33.39 0.16
CA SER M 1530 99.71 -34.82 -0.15
C SER M 1530 99.34 -35.65 1.07
N LEU M 1531 99.84 -35.28 2.25
CA LEU M 1531 99.57 -36.05 3.46
C LEU M 1531 98.08 -36.04 3.80
N LEU M 1532 97.41 -34.89 3.62
CA LEU M 1532 95.99 -34.83 3.86
C LEU M 1532 95.23 -35.78 2.95
N LEU M 1533 95.66 -35.91 1.70
CA LEU M 1533 95.06 -36.87 0.77
C LEU M 1533 95.59 -38.27 1.10
N ASN M 1534 95.22 -38.73 2.30
CA ASN M 1534 95.63 -40.05 2.79
C ASN M 1534 94.41 -40.95 2.84
N PRO M 1535 94.22 -41.84 1.87
CA PRO M 1535 93.07 -42.76 1.91
C PRO M 1535 93.17 -43.83 2.98
N ALA M 1536 94.27 -43.86 3.74
CA ALA M 1536 94.44 -44.85 4.80
C ALA M 1536 93.31 -44.74 5.83
N VAL M 1537 92.47 -45.76 5.89
CA VAL M 1537 91.29 -45.75 6.74
C VAL M 1537 91.69 -46.18 8.15
N LEU M 1538 91.01 -45.62 9.15
CA LEU M 1538 91.25 -46.01 10.52
C LEU M 1538 90.69 -47.41 10.77
N PHE M 1553 87.60 -44.54 9.26
CA PHE M 1553 87.64 -43.31 8.48
C PHE M 1553 89.07 -43.03 8.06
N SER M 1554 89.20 -42.19 7.03
CA SER M 1554 90.51 -41.88 6.49
C SER M 1554 91.36 -41.16 7.53
N HIS M 1555 92.68 -41.20 7.31
CA HIS M 1555 93.62 -40.66 8.29
C HIS M 1555 93.98 -39.20 8.00
N GLY M 1556 94.08 -38.81 6.73
CA GLY M 1556 94.37 -37.42 6.42
C GLY M 1556 93.31 -36.47 6.92
N GLU M 1557 92.04 -36.81 6.67
CA GLU M 1557 90.95 -36.00 7.19
C GLU M 1557 90.94 -36.01 8.71
N TYR M 1558 91.35 -37.12 9.32
CA TYR M 1558 91.49 -37.17 10.78
C TYR M 1558 92.54 -36.17 11.26
N PHE M 1559 93.68 -36.14 10.58
CA PHE M 1559 94.73 -35.20 10.95
C PHE M 1559 94.23 -33.76 10.80
N TYR M 1560 93.49 -33.49 9.73
CA TYR M 1560 92.89 -32.17 9.56
C TYR M 1560 91.94 -31.86 10.72
N SER M 1561 91.13 -32.84 11.11
CA SER M 1561 90.18 -32.63 12.20
C SER M 1561 90.90 -32.27 13.49
N LEU M 1562 92.03 -32.93 13.76
CA LEU M 1562 92.75 -32.64 14.99
C LEU M 1562 93.26 -31.21 15.04
N PHE M 1563 93.75 -30.69 13.92
CA PHE M 1563 94.40 -29.38 13.87
C PHE M 1563 93.89 -28.57 12.69
N SER M 1564 92.56 -28.48 12.57
CA SER M 1564 91.98 -27.73 11.47
C SER M 1564 92.35 -26.26 11.54
N GLU M 1565 92.32 -25.67 12.74
CA GLU M 1565 92.63 -24.24 12.87
C GLU M 1565 94.07 -23.93 12.48
N THR M 1566 95.00 -24.79 12.89
CA THR M 1566 96.40 -24.58 12.53
C THR M 1566 96.59 -24.68 11.02
N ILE M 1567 95.92 -25.65 10.39
CA ILE M 1567 96.01 -25.80 8.95
C ILE M 1567 95.40 -24.61 8.24
N ASN M 1568 94.30 -24.07 8.77
CA ASN M 1568 93.72 -22.87 8.19
C ASN M 1568 94.70 -21.70 8.29
N THR M 1569 95.34 -21.54 9.45
CA THR M 1569 96.30 -20.46 9.63
C THR M 1569 97.46 -20.61 8.65
N GLU M 1570 97.95 -21.84 8.48
CA GLU M 1570 99.05 -22.07 7.54
C GLU M 1570 98.64 -21.76 6.11
N LEU M 1571 97.46 -22.24 5.71
CA LEU M 1571 97.02 -22.11 4.34
C LEU M 1571 96.52 -20.71 4.00
N LEU M 1572 96.28 -19.86 5.00
CA LEU M 1572 95.99 -18.46 4.70
C LEU M 1572 97.17 -17.81 3.99
N LYS M 1573 98.39 -18.17 4.39
CA LYS M 1573 99.58 -17.63 3.73
C LYS M 1573 99.64 -18.04 2.26
N ASN M 1574 99.33 -19.30 1.97
CA ASN M 1574 99.29 -19.74 0.59
C ASN M 1574 98.05 -19.19 -0.10
N LEU M 1575 98.25 -18.53 -1.24
CA LEU M 1575 97.14 -17.87 -1.91
C LEU M 1575 96.28 -18.86 -2.68
N ASP M 1576 96.88 -19.57 -3.63
CA ASP M 1576 96.14 -20.49 -4.47
C ASP M 1576 96.88 -21.76 -4.83
N LEU M 1577 98.17 -21.87 -4.51
CA LEU M 1577 98.95 -23.04 -4.93
C LEU M 1577 98.34 -24.32 -4.41
N ALA M 1578 98.26 -24.46 -3.08
CA ALA M 1578 97.55 -25.60 -2.51
C ALA M 1578 96.08 -25.56 -2.86
N VAL M 1579 95.51 -24.37 -3.01
CA VAL M 1579 94.12 -24.26 -3.44
C VAL M 1579 93.95 -24.87 -4.82
N LEU M 1580 94.86 -24.53 -5.75
CA LEU M 1580 94.80 -25.10 -7.08
C LEU M 1580 95.02 -26.62 -7.03
N GLU M 1581 95.94 -27.08 -6.20
CA GLU M 1581 96.20 -28.51 -6.11
C GLU M 1581 94.98 -29.27 -5.59
N LEU M 1582 94.33 -28.72 -4.56
CA LEU M 1582 93.09 -29.32 -4.07
C LEU M 1582 92.01 -29.30 -5.15
N MET M 1583 91.96 -28.22 -5.92
CA MET M 1583 91.00 -28.13 -7.01
C MET M 1583 91.24 -29.23 -8.04
N GLN M 1584 92.50 -29.48 -8.38
CA GLN M 1584 92.82 -30.58 -9.29
C GLN M 1584 92.57 -31.92 -8.62
N SER M 1585 92.84 -32.03 -7.32
CA SER M 1585 92.56 -33.25 -6.59
C SER M 1585 91.12 -33.35 -6.13
N SER M 1586 90.30 -32.35 -6.41
CA SER M 1586 88.88 -32.44 -6.07
C SER M 1586 88.13 -33.35 -7.04
N VAL M 1587 88.72 -33.68 -8.18
CA VAL M 1587 88.03 -34.51 -9.16
C VAL M 1587 87.78 -35.91 -8.60
N ASP M 1588 88.63 -36.38 -7.69
CA ASP M 1588 88.45 -37.67 -7.06
C ASP M 1588 88.28 -37.61 -5.55
N ASN M 1589 88.57 -36.46 -4.92
CA ASN M 1589 88.38 -36.27 -3.50
C ASN M 1589 87.31 -35.22 -3.28
N THR M 1590 86.31 -35.54 -2.46
CA THR M 1590 85.18 -34.65 -2.24
C THR M 1590 85.01 -34.23 -0.80
N LYS M 1591 85.06 -35.19 0.14
CA LYS M 1591 84.73 -34.88 1.53
C LYS M 1591 85.76 -33.98 2.17
N MET M 1592 87.01 -34.45 2.24
CA MET M 1592 88.05 -33.70 2.92
C MET M 1592 88.34 -32.37 2.21
N VAL M 1593 88.24 -32.34 0.88
CA VAL M 1593 88.47 -31.08 0.18
C VAL M 1593 87.39 -30.07 0.53
N SER M 1594 86.13 -30.53 0.61
CA SER M 1594 85.06 -29.64 1.04
C SER M 1594 85.29 -29.16 2.46
N ALA M 1595 85.72 -30.07 3.35
CA ALA M 1595 85.95 -29.69 4.74
C ALA M 1595 87.05 -28.64 4.85
N VAL M 1596 88.15 -28.82 4.12
CA VAL M 1596 89.23 -27.86 4.22
C VAL M 1596 88.86 -26.54 3.56
N LEU M 1597 88.05 -26.57 2.49
CA LEU M 1597 87.56 -25.34 1.91
C LEU M 1597 86.66 -24.59 2.89
N ASN M 1598 85.80 -25.33 3.60
CA ASN M 1598 84.98 -24.70 4.63
C ASN M 1598 85.84 -24.11 5.74
N GLY M 1599 86.89 -24.82 6.14
CA GLY M 1599 87.81 -24.26 7.12
C GLY M 1599 88.46 -22.98 6.64
N MET M 1600 88.88 -22.97 5.37
CA MET M 1600 89.43 -21.75 4.76
C MET M 1600 88.43 -20.61 4.88
N LEU M 1601 87.19 -20.86 4.47
CA LEU M 1601 86.18 -19.80 4.46
C LEU M 1601 85.89 -19.32 5.87
N ASP M 1602 85.76 -20.24 6.82
CA ASP M 1602 85.44 -19.85 8.19
C ASP M 1602 86.57 -19.04 8.81
N GLN M 1603 87.82 -19.45 8.57
CA GLN M 1603 88.94 -18.69 9.13
C GLN M 1603 89.05 -17.32 8.49
N SER M 1604 88.86 -17.24 7.18
CA SER M 1604 88.92 -15.94 6.50
C SER M 1604 87.81 -15.03 7.00
N PHE M 1605 86.59 -15.55 7.13
CA PHE M 1605 85.47 -14.76 7.62
C PHE M 1605 85.71 -14.33 9.06
N ARG M 1606 86.29 -15.21 9.87
CA ARG M 1606 86.64 -14.84 11.24
C ARG M 1606 87.64 -13.70 11.26
N GLU M 1607 88.63 -13.76 10.37
CA GLU M 1607 89.66 -12.72 10.30
C GLU M 1607 89.05 -11.47 9.69
N ARG M 1608 88.63 -10.53 10.55
CA ARG M 1608 88.17 -9.25 10.08
C ARG M 1608 88.66 -8.09 10.93
N ALA M 1609 89.39 -8.35 12.02
CA ALA M 1609 89.95 -7.26 12.82
C ALA M 1609 90.91 -6.42 11.99
N ASN M 1610 91.76 -7.08 11.20
CA ASN M 1610 92.63 -6.39 10.27
C ASN M 1610 91.97 -6.20 8.91
N GLN M 1611 91.52 -7.28 8.30
CA GLN M 1611 90.88 -7.23 6.99
C GLN M 1611 90.31 -8.60 6.66
N LYS M 1612 89.28 -8.59 5.80
CA LYS M 1612 88.80 -9.79 5.14
C LYS M 1612 89.31 -9.90 3.72
N HIS M 1613 90.21 -9.00 3.31
CA HIS M 1613 90.66 -8.98 1.92
C HIS M 1613 91.40 -10.25 1.55
N GLN M 1614 92.03 -10.91 2.53
CA GLN M 1614 92.56 -12.24 2.27
C GLN M 1614 91.46 -13.20 1.85
N GLY M 1615 90.32 -13.14 2.54
CA GLY M 1615 89.18 -13.95 2.13
C GLY M 1615 88.68 -13.58 0.76
N LEU M 1616 88.68 -12.29 0.43
CA LEU M 1616 88.23 -11.86 -0.90
C LEU M 1616 89.15 -12.41 -1.98
N LYS M 1617 90.47 -12.33 -1.76
CA LYS M 1617 91.41 -12.88 -2.74
C LYS M 1617 91.26 -14.39 -2.84
N LEU M 1618 91.04 -15.07 -1.72
CA LEU M 1618 90.84 -16.51 -1.77
C LEU M 1618 89.59 -16.86 -2.56
N ALA M 1619 88.52 -16.08 -2.38
CA ALA M 1619 87.31 -16.29 -3.16
C ALA M 1619 87.57 -16.07 -4.64
N THR M 1620 88.35 -15.05 -4.99
CA THR M 1620 88.68 -14.84 -6.39
C THR M 1620 89.45 -16.03 -6.96
N THR M 1621 90.46 -16.51 -6.23
CA THR M 1621 91.27 -17.61 -6.73
C THR M 1621 90.44 -18.86 -6.90
N ILE M 1622 89.57 -19.17 -5.93
CA ILE M 1622 88.70 -20.33 -6.12
C ILE M 1622 87.69 -20.05 -7.23
N LEU M 1623 87.42 -18.78 -7.53
CA LEU M 1623 86.57 -18.49 -8.68
C LEU M 1623 87.24 -18.90 -9.98
N GLN M 1624 88.51 -18.55 -10.18
CA GLN M 1624 89.18 -19.10 -11.36
C GLN M 1624 89.28 -20.63 -11.31
N HIS M 1625 89.63 -21.18 -10.15
CA HIS M 1625 89.77 -22.63 -10.04
C HIS M 1625 88.46 -23.37 -10.21
N TRP M 1626 87.32 -22.66 -10.14
CA TRP M 1626 86.01 -23.30 -10.13
C TRP M 1626 85.82 -24.29 -11.28
N LYS M 1627 86.20 -23.90 -12.49
CA LYS M 1627 85.93 -24.73 -13.66
C LYS M 1627 86.88 -25.91 -13.79
N LYS M 1628 87.68 -26.20 -12.77
CA LYS M 1628 88.58 -27.35 -12.80
C LYS M 1628 88.06 -28.54 -12.01
N CYS M 1629 86.89 -28.42 -11.38
CA CYS M 1629 86.20 -29.55 -10.76
C CYS M 1629 84.79 -29.59 -11.36
N ASP M 1630 84.68 -30.21 -12.53
CA ASP M 1630 83.41 -30.27 -13.24
C ASP M 1630 82.63 -31.54 -12.97
N SER M 1631 83.19 -32.46 -12.17
CA SER M 1631 82.49 -33.68 -11.80
C SER M 1631 81.31 -33.42 -10.88
N TRP M 1632 81.19 -32.21 -10.35
CA TRP M 1632 80.13 -31.84 -9.43
C TRP M 1632 79.18 -30.86 -10.10
N TRP M 1633 78.23 -30.34 -9.32
CA TRP M 1633 77.30 -29.28 -9.71
C TRP M 1633 76.67 -29.53 -11.07
N ALA M 1634 76.24 -30.77 -11.28
CA ALA M 1634 75.49 -31.18 -12.47
C ALA M 1634 74.90 -32.56 -12.16
N LYS M 1635 74.32 -33.19 -13.19
CA LYS M 1635 73.84 -34.55 -13.02
C LYS M 1635 75.04 -35.49 -13.19
N ASP M 1636 76.06 -35.27 -12.37
CA ASP M 1636 77.30 -36.03 -12.43
C ASP M 1636 77.85 -36.39 -11.05
N SER M 1637 77.31 -35.84 -9.99
CA SER M 1637 77.77 -36.04 -8.63
C SER M 1637 76.59 -36.42 -7.75
N PRO M 1638 76.84 -37.06 -6.61
CA PRO M 1638 75.73 -37.39 -5.70
C PRO M 1638 75.06 -36.13 -5.18
N LEU M 1639 73.79 -36.27 -4.81
CA LEU M 1639 73.03 -35.14 -4.28
C LEU M 1639 73.72 -34.53 -3.07
N GLU M 1640 74.40 -35.37 -2.27
CA GLU M 1640 75.17 -34.83 -1.15
C GLU M 1640 76.28 -33.91 -1.63
N THR M 1641 76.96 -34.29 -2.71
CA THR M 1641 78.00 -33.44 -3.27
C THR M 1641 77.43 -32.12 -3.76
N LYS M 1642 76.27 -32.16 -4.41
CA LYS M 1642 75.63 -30.94 -4.88
C LYS M 1642 75.24 -30.05 -3.72
N MET M 1643 74.71 -30.64 -2.65
CA MET M 1643 74.37 -29.85 -1.46
C MET M 1643 75.62 -29.23 -0.85
N ALA M 1644 76.71 -29.99 -0.81
CA ALA M 1644 77.96 -29.47 -0.24
C ALA M 1644 78.47 -28.29 -1.06
N VAL M 1645 78.46 -28.41 -2.39
CA VAL M 1645 78.95 -27.30 -3.20
C VAL M 1645 78.01 -26.10 -3.10
N LEU M 1646 76.71 -26.34 -2.95
CA LEU M 1646 75.78 -25.24 -2.73
C LEU M 1646 76.10 -24.52 -1.43
N ALA M 1647 76.37 -25.27 -0.36
CA ALA M 1647 76.74 -24.65 0.90
C ALA M 1647 78.04 -23.88 0.77
N LEU M 1648 79.01 -24.43 0.06
CA LEU M 1648 80.28 -23.76 -0.14
C LEU M 1648 80.10 -22.43 -0.87
N LEU M 1649 79.32 -22.44 -1.96
CA LEU M 1649 79.11 -21.21 -2.70
C LEU M 1649 78.27 -20.22 -1.92
N ALA M 1650 77.34 -20.70 -1.08
CA ALA M 1650 76.61 -19.80 -0.21
C ALA M 1650 77.53 -19.12 0.78
N LYS M 1651 78.47 -19.88 1.35
CA LYS M 1651 79.47 -19.29 2.23
C LYS M 1651 80.29 -18.24 1.47
N ILE M 1652 80.66 -18.56 0.23
CA ILE M 1652 81.41 -17.61 -0.58
C ILE M 1652 80.61 -16.33 -0.78
N LEU M 1653 79.33 -16.48 -1.12
CA LEU M 1653 78.49 -15.31 -1.40
C LEU M 1653 78.30 -14.45 -0.17
N GLN M 1654 78.10 -15.07 1.00
CA GLN M 1654 77.96 -14.27 2.20
C GLN M 1654 79.30 -13.65 2.60
N ILE M 1655 80.41 -14.23 2.17
CA ILE M 1655 81.72 -13.66 2.48
C ILE M 1655 82.00 -12.46 1.57
N ASP M 1656 81.93 -12.66 0.26
CA ASP M 1656 82.30 -11.59 -0.65
C ASP M 1656 81.19 -10.55 -0.73
N SER M 1657 81.58 -9.36 -1.20
CA SER M 1657 80.63 -8.27 -1.38
C SER M 1657 79.77 -8.51 -2.61
N SER M 1658 78.50 -8.12 -2.51
CA SER M 1658 77.57 -8.28 -3.63
C SER M 1658 77.61 -7.08 -4.58
N VAL M 1659 78.83 -6.70 -4.97
CA VAL M 1659 79.03 -5.73 -6.05
C VAL M 1659 79.97 -6.24 -7.12
N SER M 1660 80.84 -7.19 -6.82
CA SER M 1660 81.61 -7.92 -7.81
C SER M 1660 81.08 -9.35 -7.86
N PHE M 1661 80.97 -9.89 -9.07
CA PHE M 1661 80.36 -11.19 -9.31
C PHE M 1661 78.89 -11.22 -8.88
N ASN M 1662 78.25 -10.06 -8.82
CA ASN M 1662 76.80 -9.96 -8.74
C ASN M 1662 76.19 -9.60 -10.08
N THR M 1663 76.91 -8.86 -10.89
CA THR M 1663 76.62 -8.63 -12.31
C THR M 1663 77.79 -9.24 -13.09
N SER M 1664 77.80 -9.03 -14.41
CA SER M 1664 78.84 -9.62 -15.24
C SER M 1664 80.22 -9.17 -14.77
N HIS M 1665 80.99 -10.10 -14.21
CA HIS M 1665 82.34 -9.79 -13.70
C HIS M 1665 83.19 -11.05 -13.89
N GLY M 1666 83.90 -11.10 -15.01
CA GLY M 1666 84.82 -12.19 -15.28
C GLY M 1666 84.20 -13.57 -15.18
N SER M 1667 84.59 -14.31 -14.15
CA SER M 1667 84.09 -15.67 -13.92
C SER M 1667 82.69 -15.69 -13.32
N PHE M 1668 82.02 -14.54 -13.25
CA PHE M 1668 80.66 -14.53 -12.69
C PHE M 1668 79.68 -15.40 -13.47
N PRO M 1669 79.56 -15.29 -14.80
CA PRO M 1669 78.57 -16.14 -15.49
C PRO M 1669 78.84 -17.63 -15.34
N GLU M 1670 80.12 -18.03 -15.35
CA GLU M 1670 80.45 -19.46 -15.38
C GLU M 1670 79.88 -20.19 -14.18
N VAL M 1671 79.73 -19.51 -13.05
CA VAL M 1671 79.03 -20.09 -11.92
C VAL M 1671 77.55 -19.72 -11.95
N PHE M 1672 77.24 -18.48 -12.33
CA PHE M 1672 75.86 -18.03 -12.37
C PHE M 1672 75.03 -18.91 -13.29
N THR M 1673 75.50 -19.10 -14.53
CA THR M 1673 74.86 -20.06 -15.42
C THR M 1673 74.82 -21.44 -14.77
N THR M 1674 75.93 -21.86 -14.17
CA THR M 1674 75.94 -23.09 -13.41
C THR M 1674 74.85 -23.07 -12.35
N TYR M 1675 74.77 -21.96 -11.61
CA TYR M 1675 73.69 -21.77 -10.65
C TYR M 1675 72.34 -22.01 -11.30
N ILE M 1676 72.11 -21.38 -12.46
CA ILE M 1676 70.87 -21.61 -13.20
C ILE M 1676 70.75 -23.08 -13.56
N SER M 1677 71.83 -23.67 -14.06
CA SER M 1677 71.84 -25.11 -14.30
C SER M 1677 71.55 -25.87 -13.03
N LEU M 1678 72.13 -25.42 -11.92
CA LEU M 1678 71.81 -26.03 -10.62
C LEU M 1678 70.33 -25.87 -10.32
N LEU M 1679 69.76 -24.71 -10.62
CA LEU M 1679 68.32 -24.55 -10.49
C LEU M 1679 67.58 -25.40 -11.51
N ALA M 1680 68.18 -25.61 -12.68
CA ALA M 1680 67.55 -26.41 -13.73
C ALA M 1680 67.51 -27.88 -13.39
N ASP M 1681 68.27 -28.33 -12.40
CA ASP M 1681 68.30 -29.75 -12.02
C ASP M 1681 66.99 -30.11 -11.33
N THR M 1682 66.06 -30.69 -12.09
CA THR M 1682 64.78 -31.06 -11.53
C THR M 1682 64.87 -32.26 -10.59
N LYS M 1683 65.95 -33.04 -10.68
CA LYS M 1683 66.12 -34.19 -9.79
C LYS M 1683 66.32 -33.77 -8.34
N LEU M 1684 66.69 -32.51 -8.11
CA LEU M 1684 66.88 -32.02 -6.76
C LEU M 1684 65.55 -31.98 -6.00
N ASP M 1685 65.64 -32.10 -4.68
CA ASP M 1685 64.46 -31.92 -3.85
C ASP M 1685 64.01 -30.47 -3.90
N LEU M 1686 62.68 -30.28 -3.97
CA LEU M 1686 62.14 -28.93 -3.98
C LEU M 1686 62.50 -28.17 -2.71
N HIS M 1687 62.60 -28.87 -1.58
CA HIS M 1687 63.14 -28.24 -0.37
C HIS M 1687 64.59 -27.80 -0.59
N LEU M 1688 65.40 -28.68 -1.16
CA LEU M 1688 66.78 -28.31 -1.45
C LEU M 1688 66.86 -27.23 -2.52
N LYS M 1689 65.92 -27.26 -3.48
CA LYS M 1689 65.86 -26.18 -4.45
C LYS M 1689 65.58 -24.84 -3.78
N GLY M 1690 64.65 -24.82 -2.82
CA GLY M 1690 64.39 -23.59 -2.09
C GLY M 1690 65.58 -23.16 -1.24
N GLN M 1691 66.28 -24.12 -0.66
CA GLN M 1691 67.49 -23.80 0.09
C GLN M 1691 68.52 -23.13 -0.81
N ALA M 1692 68.68 -23.65 -2.02
CA ALA M 1692 69.57 -23.00 -3.00
C ALA M 1692 69.05 -21.64 -3.42
N VAL M 1693 67.73 -21.50 -3.52
CA VAL M 1693 67.12 -20.22 -3.90
C VAL M 1693 67.40 -19.15 -2.86
N THR M 1694 67.45 -19.55 -1.58
CA THR M 1694 67.58 -18.61 -0.48
C THR M 1694 68.68 -17.57 -0.67
N LEU M 1695 69.65 -17.83 -1.56
CA LEU M 1695 70.73 -16.89 -1.83
C LEU M 1695 70.43 -15.94 -2.99
N LEU M 1696 69.24 -16.02 -3.57
CA LEU M 1696 68.89 -15.11 -4.65
C LEU M 1696 68.92 -13.63 -4.25
N PRO M 1697 68.70 -13.22 -2.99
CA PRO M 1697 68.91 -11.81 -2.62
C PRO M 1697 70.23 -11.23 -3.09
N PHE M 1698 71.21 -12.08 -3.38
CA PHE M 1698 72.48 -11.62 -3.91
C PHE M 1698 72.39 -11.17 -5.36
N PHE M 1699 71.20 -11.13 -5.96
CA PHE M 1699 71.05 -10.68 -7.33
C PHE M 1699 69.89 -9.70 -7.46
N LEU M 1707 69.40 -11.61 -17.63
CA LEU M 1707 68.64 -11.49 -16.40
C LEU M 1707 67.28 -12.16 -16.53
N GLU M 1708 66.74 -12.14 -17.76
CA GLU M 1708 65.44 -12.76 -18.00
C GLU M 1708 65.50 -14.27 -17.78
N GLU M 1709 66.63 -14.90 -18.08
CA GLU M 1709 66.77 -16.33 -17.87
C GLU M 1709 66.50 -16.70 -16.42
N LEU M 1710 66.97 -15.87 -15.49
CA LEU M 1710 66.75 -16.14 -14.07
C LEU M 1710 65.27 -16.24 -13.75
N ARG M 1711 64.49 -15.22 -14.11
CA ARG M 1711 63.08 -15.23 -13.77
C ARG M 1711 62.33 -16.32 -14.53
N ARG M 1712 62.71 -16.56 -15.79
CA ARG M 1712 61.99 -17.57 -16.57
C ARG M 1712 62.22 -18.96 -15.99
N VAL M 1713 63.45 -19.28 -15.57
CA VAL M 1713 63.65 -20.56 -14.91
C VAL M 1713 62.96 -20.57 -13.55
N LEU M 1714 62.86 -19.42 -12.88
CA LEU M 1714 62.10 -19.36 -11.65
C LEU M 1714 60.66 -19.80 -11.86
N GLU M 1715 60.00 -19.25 -12.89
CA GLU M 1715 58.62 -19.67 -13.15
C GLU M 1715 58.57 -21.13 -13.56
N GLN M 1716 59.46 -21.56 -14.45
CA GLN M 1716 59.41 -22.94 -14.92
C GLN M 1716 59.65 -23.93 -13.80
N LEU M 1717 60.31 -23.50 -12.72
CA LEU M 1717 60.42 -24.36 -11.54
C LEU M 1717 59.16 -24.29 -10.68
N ILE M 1718 58.74 -23.08 -10.31
CA ILE M 1718 57.65 -22.93 -9.35
C ILE M 1718 56.32 -23.44 -9.90
N VAL M 1719 56.18 -23.56 -11.22
CA VAL M 1719 54.95 -24.11 -11.78
C VAL M 1719 54.74 -25.55 -11.31
N ALA M 1720 55.81 -26.33 -11.28
CA ALA M 1720 55.72 -27.74 -10.90
C ALA M 1720 55.59 -27.95 -9.40
N HIS M 1721 55.26 -26.90 -8.64
CA HIS M 1721 55.20 -26.98 -7.19
C HIS M 1721 53.78 -26.81 -6.66
N PHE M 1722 53.10 -25.72 -7.04
CA PHE M 1722 51.79 -25.37 -6.50
C PHE M 1722 50.80 -25.34 -7.66
N PRO M 1723 50.12 -26.45 -7.96
CA PRO M 1723 49.26 -26.47 -9.15
C PRO M 1723 48.08 -25.51 -9.08
N MET M 1724 47.20 -25.68 -8.08
CA MET M 1724 46.11 -24.73 -7.90
C MET M 1724 45.82 -24.38 -6.44
N GLN M 1725 46.20 -25.20 -5.47
CA GLN M 1725 45.71 -25.03 -4.11
C GLN M 1725 46.81 -25.36 -3.12
N SER M 1726 46.66 -24.83 -1.91
CA SER M 1726 47.53 -25.20 -0.79
C SER M 1726 46.89 -26.22 0.14
N ARG M 1727 45.56 -26.25 0.22
CA ARG M 1727 44.87 -27.21 1.07
C ARG M 1727 44.69 -28.57 0.41
N GLU M 1728 45.00 -28.69 -0.89
CA GLU M 1728 44.98 -30.01 -1.52
C GLU M 1728 45.96 -30.96 -0.85
N PHE M 1729 47.03 -30.42 -0.29
CA PHE M 1729 47.96 -31.22 0.49
C PHE M 1729 47.59 -31.14 1.96
N PRO M 1730 47.27 -32.25 2.61
CA PRO M 1730 46.80 -32.18 3.98
C PRO M 1730 47.88 -31.63 4.90
N PRO M 1731 47.49 -30.91 5.95
CA PRO M 1731 48.49 -30.46 6.92
C PRO M 1731 49.22 -31.64 7.55
N GLY M 1732 50.53 -31.46 7.75
CA GLY M 1732 51.36 -32.52 8.26
C GLY M 1732 51.88 -33.48 7.22
N THR M 1733 51.36 -33.44 6.01
CA THR M 1733 51.89 -34.27 4.94
C THR M 1733 53.32 -33.85 4.65
N PRO M 1734 54.25 -34.79 4.51
CA PRO M 1734 55.66 -34.40 4.29
C PRO M 1734 55.84 -33.50 3.09
N ARG M 1735 55.11 -33.76 2.01
CA ARG M 1735 55.13 -32.84 0.89
C ARG M 1735 54.58 -31.47 1.29
N PHE M 1736 53.52 -31.45 2.10
CA PHE M 1736 52.94 -30.19 2.55
C PHE M 1736 53.93 -29.39 3.39
N ASN M 1737 54.65 -30.06 4.28
CA ASN M 1737 55.66 -29.37 5.07
C ASN M 1737 56.80 -28.89 4.19
N ASN M 1738 57.16 -29.68 3.17
CA ASN M 1738 58.15 -29.23 2.19
C ASN M 1738 57.68 -27.94 1.53
N TYR M 1739 56.40 -27.88 1.16
CA TYR M 1739 55.87 -26.71 0.49
C TYR M 1739 55.90 -25.49 1.40
N VAL M 1740 55.51 -25.66 2.66
CA VAL M 1740 55.49 -24.51 3.57
C VAL M 1740 56.92 -24.04 3.83
N ASP M 1741 57.86 -24.97 3.93
CA ASP M 1741 59.26 -24.57 4.09
C ASP M 1741 59.75 -23.79 2.88
N CYS M 1742 59.41 -24.27 1.67
CA CYS M 1742 59.85 -23.57 0.47
C CYS M 1742 59.24 -22.17 0.39
N MET M 1743 57.94 -22.06 0.70
CA MET M 1743 57.31 -20.75 0.59
C MET M 1743 57.85 -19.78 1.64
N LYS M 1744 58.17 -20.28 2.84
CA LYS M 1744 58.79 -19.38 3.81
C LYS M 1744 60.20 -18.99 3.39
N LYS M 1745 60.93 -19.91 2.74
CA LYS M 1745 62.23 -19.53 2.18
C LYS M 1745 62.08 -18.41 1.16
N PHE M 1746 61.11 -18.55 0.26
CA PHE M 1746 60.87 -17.50 -0.72
C PHE M 1746 60.51 -16.19 -0.03
N LEU M 1747 59.66 -16.25 0.99
CA LEU M 1747 59.24 -15.04 1.68
C LEU M 1747 60.42 -14.33 2.32
N ASP M 1748 61.27 -15.07 3.05
CA ASP M 1748 62.40 -14.41 3.71
C ASP M 1748 63.41 -13.90 2.71
N ALA M 1749 63.68 -14.67 1.65
CA ALA M 1749 64.64 -14.22 0.65
C ALA M 1749 64.15 -12.95 -0.03
N LEU M 1750 62.87 -12.90 -0.39
CA LEU M 1750 62.32 -11.71 -1.02
C LEU M 1750 62.31 -10.54 -0.06
N GLU M 1751 62.01 -10.80 1.22
CA GLU M 1751 62.07 -9.74 2.22
C GLU M 1751 63.48 -9.17 2.33
N LEU M 1752 64.49 -10.02 2.16
CA LEU M 1752 65.86 -9.53 2.15
C LEU M 1752 66.19 -8.79 0.86
N SER M 1753 65.60 -9.20 -0.26
CA SER M 1753 65.99 -8.68 -1.57
C SER M 1753 65.15 -7.49 -2.01
N GLN M 1754 63.84 -7.54 -1.80
CA GLN M 1754 62.91 -6.52 -2.31
C GLN M 1754 63.01 -6.38 -3.83
N SER M 1755 63.18 -7.51 -4.51
CA SER M 1755 63.23 -7.51 -5.96
C SER M 1755 61.82 -7.54 -6.54
N PRO M 1756 61.44 -6.59 -7.39
CA PRO M 1756 60.03 -6.49 -7.79
C PRO M 1756 59.48 -7.73 -8.50
N MET M 1757 60.28 -8.38 -9.34
CA MET M 1757 59.75 -9.51 -10.10
C MET M 1757 59.39 -10.67 -9.16
N LEU M 1758 60.22 -10.91 -8.14
CA LEU M 1758 59.88 -11.91 -7.15
C LEU M 1758 58.66 -11.50 -6.34
N LEU M 1759 58.50 -10.21 -6.07
CA LEU M 1759 57.27 -9.72 -5.44
C LEU M 1759 56.05 -10.11 -6.26
N GLU M 1760 56.11 -9.84 -7.57
CA GLU M 1760 54.97 -10.16 -8.43
C GLU M 1760 54.72 -11.66 -8.46
N LEU M 1761 55.80 -12.45 -8.54
CA LEU M 1761 55.65 -13.90 -8.56
C LEU M 1761 54.98 -14.41 -7.30
N MET M 1762 55.44 -13.93 -6.14
CA MET M 1762 54.87 -14.38 -4.88
C MET M 1762 53.41 -13.95 -4.75
N THR M 1763 53.10 -12.71 -5.16
CA THR M 1763 51.71 -12.27 -5.10
C THR M 1763 50.82 -13.13 -5.98
N GLU M 1764 51.27 -13.44 -7.19
CA GLU M 1764 50.41 -14.19 -8.11
C GLU M 1764 50.29 -15.65 -7.71
N VAL M 1765 51.34 -16.25 -7.16
CA VAL M 1765 51.20 -17.63 -6.67
C VAL M 1765 50.36 -17.67 -5.41
N LEU M 1766 50.36 -16.58 -4.64
CA LEU M 1766 49.59 -16.57 -3.40
C LEU M 1766 48.17 -16.09 -3.59
N CYS M 1767 47.97 -15.04 -4.38
CA CYS M 1767 46.63 -14.48 -4.53
C CYS M 1767 45.79 -15.37 -5.43
N ARG M 1768 45.51 -16.58 -4.97
CA ARG M 1768 44.63 -17.52 -5.68
C ARG M 1768 43.38 -17.84 -4.87
N GLU M 1769 43.54 -18.13 -3.58
CA GLU M 1769 42.43 -18.29 -2.67
C GLU M 1769 42.72 -17.52 -1.40
N GLN M 1770 41.68 -17.02 -0.76
CA GLN M 1770 41.85 -16.16 0.40
C GLN M 1770 42.34 -16.96 1.60
N GLN M 1771 43.56 -16.65 2.05
CA GLN M 1771 44.16 -17.25 3.24
C GLN M 1771 44.25 -18.77 3.12
N HIS M 1772 45.08 -19.20 2.17
CA HIS M 1772 45.45 -20.60 2.06
C HIS M 1772 46.95 -20.84 2.02
N VAL M 1773 47.76 -19.86 1.63
CA VAL M 1773 49.20 -20.01 1.58
C VAL M 1773 49.83 -19.43 2.86
N MET M 1774 49.05 -19.27 3.92
CA MET M 1774 49.48 -18.64 5.16
C MET M 1774 49.97 -17.21 4.85
N GLU M 1775 48.98 -16.39 4.47
CA GLU M 1775 49.24 -15.06 3.98
C GLU M 1775 49.56 -14.05 5.07
N GLU M 1776 49.47 -14.45 6.34
CA GLU M 1776 49.81 -13.54 7.42
C GLU M 1776 51.27 -13.12 7.34
N LEU M 1777 52.17 -14.09 7.17
CA LEU M 1777 53.58 -13.76 7.00
C LEU M 1777 53.79 -12.98 5.71
N PHE M 1778 53.02 -13.31 4.67
CA PHE M 1778 53.07 -12.58 3.42
C PHE M 1778 52.88 -11.08 3.66
N GLN M 1779 51.72 -10.71 4.21
CA GLN M 1779 51.42 -9.31 4.42
C GLN M 1779 52.35 -8.67 5.45
N SER M 1780 52.76 -9.42 6.47
CA SER M 1780 53.63 -8.86 7.49
C SER M 1780 55.03 -8.58 6.94
N SER M 1781 55.53 -9.47 6.09
CA SER M 1781 56.79 -9.22 5.40
C SER M 1781 56.66 -8.01 4.50
N PHE M 1782 55.49 -7.84 3.88
CA PHE M 1782 55.25 -6.59 3.15
C PHE M 1782 55.32 -5.39 4.09
N ARG M 1783 54.80 -5.55 5.31
CA ARG M 1783 54.83 -4.44 6.26
C ARG M 1783 56.26 -4.03 6.59
N ARG M 1784 57.14 -5.01 6.82
CA ARG M 1784 58.56 -4.66 6.99
C ARG M 1784 59.14 -4.03 5.72
N ILE M 1785 58.99 -4.70 4.57
CA ILE M 1785 59.71 -4.21 3.39
C ILE M 1785 59.18 -2.87 2.91
N ALA M 1786 57.99 -2.46 3.38
CA ALA M 1786 57.50 -1.12 3.04
C ALA M 1786 58.41 -0.04 3.61
N ARG M 1787 58.89 -0.22 4.85
CA ARG M 1787 59.81 0.74 5.44
C ARG M 1787 61.22 0.58 4.90
N ARG M 1788 61.55 -0.57 4.30
CA ARG M 1788 62.87 -0.81 3.75
C ARG M 1788 62.93 -0.37 2.30
N GLY M 1789 64.16 -0.25 1.80
CA GLY M 1789 64.38 0.11 0.41
C GLY M 1789 64.32 1.60 0.17
N SER M 1790 64.92 2.01 -0.95
CA SER M 1790 64.91 3.42 -1.33
C SER M 1790 63.50 3.83 -1.77
N CYS M 1791 63.21 5.12 -1.62
CA CYS M 1791 61.90 5.63 -2.00
C CYS M 1791 61.63 5.41 -3.48
N VAL M 1792 62.64 5.62 -4.32
CA VAL M 1792 62.49 5.37 -5.75
C VAL M 1792 62.26 3.88 -6.01
N THR M 1793 62.95 3.02 -5.25
CA THR M 1793 62.72 1.58 -5.38
C THR M 1793 61.28 1.22 -5.02
N GLN M 1794 60.78 1.80 -3.93
CA GLN M 1794 59.41 1.55 -3.53
C GLN M 1794 58.43 2.05 -4.59
N VAL M 1795 58.71 3.22 -5.18
CA VAL M 1795 57.85 3.76 -6.22
C VAL M 1795 57.81 2.81 -7.42
N GLY M 1796 58.98 2.34 -7.84
CA GLY M 1796 59.02 1.41 -8.96
C GLY M 1796 58.30 0.12 -8.65
N LEU M 1797 58.44 -0.38 -7.43
CA LEU M 1797 57.76 -1.60 -7.03
C LEU M 1797 56.24 -1.42 -7.07
N LEU M 1798 55.76 -0.29 -6.55
CA LEU M 1798 54.33 -0.01 -6.56
C LEU M 1798 53.81 0.12 -7.99
N GLU M 1799 54.59 0.78 -8.86
CA GLU M 1799 54.16 0.90 -10.24
C GLU M 1799 54.13 -0.46 -10.92
N SER M 1800 55.09 -1.32 -10.62
CA SER M 1800 55.11 -2.66 -11.19
C SER M 1800 53.88 -3.46 -10.78
N VAL M 1801 53.53 -3.41 -9.49
CA VAL M 1801 52.37 -4.16 -9.03
C VAL M 1801 51.08 -3.56 -9.59
N TYR M 1802 51.02 -2.24 -9.70
CA TYR M 1802 49.86 -1.60 -10.30
C TYR M 1802 49.70 -2.02 -11.75
N GLU M 1803 50.81 -2.10 -12.49
CA GLU M 1803 50.74 -2.51 -13.88
C GLU M 1803 50.31 -3.97 -14.01
N MET M 1804 50.89 -4.86 -13.20
CA MET M 1804 50.48 -6.25 -13.30
C MET M 1804 49.03 -6.44 -12.85
N PHE M 1805 48.50 -5.51 -12.06
CA PHE M 1805 47.05 -5.49 -11.84
C PHE M 1805 46.29 -5.37 -13.15
N ARG M 1806 46.74 -4.48 -14.03
CA ARG M 1806 46.04 -4.26 -15.30
C ARG M 1806 46.51 -5.25 -16.37
N THR M 1815 40.87 -14.48 -7.64
CA THR M 1815 40.21 -13.58 -8.58
C THR M 1815 41.16 -12.46 -9.00
N ARG M 1816 40.77 -11.73 -10.06
CA ARG M 1816 41.61 -10.65 -10.55
C ARG M 1816 41.77 -9.55 -9.52
N GLN M 1817 40.70 -9.27 -8.76
CA GLN M 1817 40.78 -8.24 -7.73
C GLN M 1817 41.53 -8.73 -6.49
N SER M 1818 41.57 -10.05 -6.29
CA SER M 1818 42.25 -10.59 -5.11
C SER M 1818 43.70 -10.14 -5.02
N PHE M 1819 44.37 -10.01 -6.17
CA PHE M 1819 45.75 -9.56 -6.19
C PHE M 1819 45.91 -8.23 -5.48
N VAL M 1820 45.25 -7.19 -6.00
CA VAL M 1820 45.35 -5.86 -5.41
C VAL M 1820 44.86 -5.88 -3.97
N ASP M 1821 43.77 -6.60 -3.71
CA ASP M 1821 43.16 -6.60 -2.39
C ASP M 1821 44.13 -7.13 -1.34
N ARG M 1822 44.85 -8.21 -1.65
CA ARG M 1822 45.78 -8.76 -0.69
C ARG M 1822 47.12 -8.03 -0.67
N SER M 1823 47.50 -7.37 -1.77
CA SER M 1823 48.86 -6.85 -1.90
C SER M 1823 48.96 -5.36 -1.60
N LEU M 1824 48.21 -4.53 -2.32
CA LEU M 1824 48.51 -3.10 -2.36
C LEU M 1824 48.37 -2.43 -1.00
N LEU M 1825 47.23 -2.64 -0.34
CA LEU M 1825 46.97 -1.93 0.90
C LEU M 1825 48.03 -2.22 1.96
N THR M 1826 48.68 -3.39 1.87
CA THR M 1826 49.77 -3.70 2.79
C THR M 1826 50.90 -2.69 2.64
N LEU M 1827 51.35 -2.47 1.40
CA LEU M 1827 52.41 -1.49 1.17
C LEU M 1827 51.92 -0.09 1.46
N LEU M 1828 50.72 0.25 0.97
CA LEU M 1828 50.23 1.61 1.05
C LEU M 1828 50.09 2.07 2.49
N TRP M 1829 49.58 1.21 3.36
CA TRP M 1829 49.43 1.59 4.76
C TRP M 1829 50.77 1.81 5.44
N HIS M 1830 51.85 1.26 4.91
CA HIS M 1830 53.15 1.33 5.55
C HIS M 1830 54.24 1.90 4.66
N CYS M 1831 53.93 2.28 3.43
CA CYS M 1831 54.94 2.85 2.55
C CYS M 1831 55.44 4.18 3.09
N SER M 1832 56.69 4.50 2.77
CA SER M 1832 57.27 5.78 3.17
C SER M 1832 56.45 6.92 2.59
N LEU M 1833 56.16 7.92 3.41
CA LEU M 1833 55.29 9.03 3.00
C LEU M 1833 55.95 9.94 1.98
N ASP M 1834 57.16 9.64 1.54
CA ASP M 1834 57.78 10.36 0.43
C ASP M 1834 57.62 9.60 -0.88
N ALA M 1835 57.93 8.29 -0.88
CA ALA M 1835 57.68 7.48 -2.06
C ALA M 1835 56.19 7.42 -2.37
N LEU M 1836 55.34 7.54 -1.35
CA LEU M 1836 53.90 7.62 -1.60
C LEU M 1836 53.58 8.79 -2.52
N ARG M 1837 54.10 9.97 -2.19
CA ARG M 1837 53.82 11.16 -3.00
C ARG M 1837 54.32 10.98 -4.42
N GLU M 1838 55.55 10.47 -4.58
CA GLU M 1838 56.11 10.29 -5.91
C GLU M 1838 55.27 9.32 -6.72
N PHE M 1839 55.00 8.14 -6.15
CA PHE M 1839 54.29 7.10 -6.89
C PHE M 1839 52.89 7.55 -7.27
N PHE M 1840 52.18 8.21 -6.34
CA PHE M 1840 50.84 8.66 -6.66
C PHE M 1840 50.85 9.78 -7.68
N SER M 1841 51.70 10.80 -7.47
CA SER M 1841 51.78 11.90 -8.42
C SER M 1841 52.16 11.40 -9.81
N THR M 1842 52.82 10.25 -9.88
CA THR M 1842 53.04 9.61 -11.17
C THR M 1842 51.73 9.16 -11.79
N ILE M 1843 50.75 8.76 -10.97
CA ILE M 1843 49.55 8.13 -11.49
C ILE M 1843 48.28 8.85 -11.07
N VAL M 1844 48.36 10.18 -10.89
CA VAL M 1844 47.16 10.94 -10.55
C VAL M 1844 46.14 10.87 -11.68
N VAL M 1845 46.50 11.37 -12.86
CA VAL M 1845 45.58 11.31 -14.00
C VAL M 1845 45.38 9.87 -14.44
N ASP M 1846 46.40 9.02 -14.26
CA ASP M 1846 46.27 7.61 -14.57
C ASP M 1846 45.16 6.93 -13.78
N ALA M 1847 44.79 7.50 -12.63
CA ALA M 1847 43.63 7.04 -11.89
C ALA M 1847 42.38 7.85 -12.18
N ILE M 1848 42.52 9.15 -12.43
CA ILE M 1848 41.37 10.00 -12.70
C ILE M 1848 40.64 9.51 -13.95
N ASP M 1849 41.40 9.22 -15.01
CA ASP M 1849 40.78 8.81 -16.28
C ASP M 1849 40.06 7.48 -16.13
N VAL M 1850 40.74 6.49 -15.54
CA VAL M 1850 40.16 5.17 -15.39
C VAL M 1850 39.04 5.16 -14.37
N LEU M 1851 38.95 6.22 -13.54
CA LEU M 1851 37.84 6.32 -12.61
C LEU M 1851 36.50 6.37 -13.33
N LYS M 1852 36.49 6.88 -14.56
CA LYS M 1852 35.27 6.93 -15.34
C LYS M 1852 35.28 5.88 -16.45
N THR M 1862 31.79 -9.67 -17.36
CA THR M 1862 31.59 -8.61 -18.34
C THR M 1862 31.92 -7.26 -17.72
N PHE M 1863 30.93 -6.65 -17.07
CA PHE M 1863 31.16 -5.40 -16.33
C PHE M 1863 31.91 -5.63 -15.04
N ASP M 1864 32.14 -6.88 -14.66
CA ASP M 1864 32.85 -7.20 -13.42
C ASP M 1864 34.23 -6.57 -13.39
N THR M 1865 34.90 -6.53 -14.55
CA THR M 1865 36.22 -5.93 -14.59
C THR M 1865 36.19 -4.47 -14.17
N GLN M 1866 35.20 -3.72 -14.66
CA GLN M 1866 35.08 -2.31 -14.32
C GLN M 1866 34.91 -2.13 -12.82
N ILE M 1867 33.99 -2.89 -12.22
CA ILE M 1867 33.69 -2.70 -10.81
C ILE M 1867 34.87 -3.13 -9.96
N THR M 1868 35.58 -4.19 -10.36
CA THR M 1868 36.76 -4.62 -9.60
C THR M 1868 37.87 -3.58 -9.67
N LYS M 1869 38.10 -3.01 -10.86
CA LYS M 1869 39.11 -1.97 -10.97
C LYS M 1869 38.75 -0.77 -10.10
N LYS M 1870 37.48 -0.36 -10.12
CA LYS M 1870 37.06 0.75 -9.28
C LYS M 1870 37.16 0.41 -7.79
N MET M 1871 36.88 -0.85 -7.44
CA MET M 1871 37.16 -1.34 -6.09
C MET M 1871 38.57 -0.95 -5.68
N GLY M 1872 39.54 -1.44 -6.48
CA GLY M 1872 40.93 -1.18 -6.18
C GLY M 1872 41.24 0.31 -6.15
N TYR M 1873 40.65 1.08 -7.06
CA TYR M 1873 40.95 2.50 -7.14
C TYR M 1873 40.49 3.21 -5.87
N TYR M 1874 39.28 2.91 -5.39
CA TYR M 1874 38.85 3.50 -4.13
C TYR M 1874 39.76 3.06 -2.99
N LYS M 1875 40.07 1.77 -2.95
CA LYS M 1875 40.86 1.24 -1.84
C LYS M 1875 42.31 1.70 -1.85
N ILE M 1876 42.78 2.30 -2.94
CA ILE M 1876 44.11 2.89 -2.97
C ILE M 1876 44.05 4.40 -2.79
N LEU M 1877 43.05 5.07 -3.36
CA LEU M 1877 42.94 6.52 -3.19
C LEU M 1877 42.62 6.91 -1.76
N ASP M 1878 41.84 6.11 -1.04
CA ASP M 1878 41.57 6.44 0.36
C ASP M 1878 42.86 6.45 1.16
N VAL M 1879 43.69 5.42 1.00
CA VAL M 1879 44.96 5.36 1.69
C VAL M 1879 45.88 6.48 1.22
N MET M 1880 45.82 6.82 -0.06
CA MET M 1880 46.55 7.98 -0.56
C MET M 1880 46.19 9.22 0.23
N TYR M 1881 44.90 9.51 0.31
CA TYR M 1881 44.46 10.76 0.92
C TYR M 1881 44.76 10.77 2.41
N SER M 1882 44.79 9.58 3.04
CA SER M 1882 45.04 9.47 4.47
C SER M 1882 46.30 10.18 4.92
N ARG M 1883 47.20 10.51 4.00
CA ARG M 1883 48.50 11.08 4.39
C ARG M 1883 48.41 12.59 4.66
N LEU M 1884 48.13 13.37 3.62
CA LEU M 1884 48.17 14.83 3.71
C LEU M 1884 47.57 15.40 2.43
N PRO M 1885 47.20 16.69 2.43
CA PRO M 1885 46.76 17.36 1.20
C PRO M 1885 47.92 17.89 0.37
N ASN M 1909 48.71 19.64 -6.48
CA ASN M 1909 48.25 20.60 -7.47
C ASN M 1909 46.92 21.22 -7.06
N GLU M 1910 46.03 21.39 -8.04
CA GLU M 1910 44.72 21.99 -7.80
C GLU M 1910 43.57 21.23 -8.44
N LEU M 1911 43.84 20.21 -9.26
CA LEU M 1911 42.77 19.42 -9.86
C LEU M 1911 42.01 18.61 -8.81
N THR M 1912 42.65 18.35 -7.67
CA THR M 1912 42.12 17.43 -6.67
C THR M 1912 40.69 17.78 -6.26
N LYS M 1913 40.35 19.07 -6.29
CA LYS M 1913 39.01 19.50 -5.88
C LYS M 1913 37.94 18.71 -6.60
N THR M 1914 38.12 18.47 -7.90
CA THR M 1914 37.11 17.75 -8.67
C THR M 1914 36.90 16.35 -8.12
N LEU M 1915 38.00 15.66 -7.77
CA LEU M 1915 37.94 14.23 -7.50
C LEU M 1915 36.90 13.89 -6.45
N ILE M 1916 36.70 14.79 -5.49
CA ILE M 1916 35.71 14.56 -4.43
C ILE M 1916 34.37 14.15 -5.03
N LYS M 1917 33.81 15.01 -5.90
CA LYS M 1917 32.52 14.67 -6.49
C LYS M 1917 32.61 13.36 -7.25
N LEU M 1918 33.74 13.14 -7.93
CA LEU M 1918 33.89 11.94 -8.74
C LEU M 1918 33.75 10.67 -7.93
N CYS M 1919 33.94 10.74 -6.61
CA CYS M 1919 33.69 9.60 -5.76
C CYS M 1919 32.34 9.64 -5.07
N TYR M 1920 31.84 10.83 -4.75
CA TYR M 1920 30.62 10.95 -3.95
C TYR M 1920 29.45 10.28 -4.66
N ASP M 1921 29.21 10.65 -5.91
CA ASP M 1921 28.14 10.03 -6.68
C ASP M 1921 28.30 8.52 -6.74
N ALA M 1922 29.55 8.04 -6.70
CA ALA M 1922 29.81 6.61 -6.78
C ALA M 1922 29.06 5.85 -5.70
N PHE M 1923 28.82 6.47 -4.55
CA PHE M 1923 28.01 5.82 -3.54
C PHE M 1923 26.53 6.14 -3.66
N THR M 1924 26.19 7.36 -4.11
CA THR M 1924 24.82 7.84 -4.00
C THR M 1924 23.86 7.09 -4.92
N GLU M 1925 24.36 6.27 -5.85
CA GLU M 1925 23.48 5.50 -6.70
C GLU M 1925 22.64 4.54 -5.87
N ASN M 1926 21.37 4.41 -6.24
CA ASN M 1926 20.45 3.52 -5.55
C ASN M 1926 19.53 2.80 -6.53
N LEU M 1934 25.76 -9.11 -8.01
CA LEU M 1934 24.89 -8.01 -7.60
C LEU M 1934 25.35 -7.41 -6.27
N GLU M 1935 25.84 -8.29 -5.39
CA GLU M 1935 26.43 -7.82 -4.14
C GLU M 1935 27.65 -6.95 -4.40
N ARG M 1936 28.31 -7.14 -5.55
CA ARG M 1936 29.44 -6.30 -5.92
C ARG M 1936 29.04 -4.83 -5.94
N ARG M 1937 27.77 -4.55 -6.24
CA ARG M 1937 27.30 -3.16 -6.19
C ARG M 1937 27.37 -2.62 -4.77
N ARG M 1938 26.94 -3.42 -3.78
CA ARG M 1938 27.03 -2.98 -2.39
C ARG M 1938 28.49 -2.83 -1.96
N LEU M 1939 29.35 -3.76 -2.37
CA LEU M 1939 30.77 -3.61 -2.05
C LEU M 1939 31.34 -2.36 -2.69
N TYR M 1940 30.89 -2.03 -3.91
CA TYR M 1940 31.31 -0.82 -4.59
C TYR M 1940 30.88 0.41 -3.81
N HIS M 1941 29.63 0.42 -3.34
CA HIS M 1941 29.16 1.53 -2.53
C HIS M 1941 29.98 1.67 -1.25
N CYS M 1942 30.29 0.54 -0.62
CA CYS M 1942 31.10 0.58 0.60
C CYS M 1942 32.48 1.14 0.33
N ALA M 1943 33.12 0.70 -0.75
CA ALA M 1943 34.45 1.20 -1.09
C ALA M 1943 34.43 2.68 -1.40
N ALA M 1944 33.42 3.11 -2.17
CA ALA M 1944 33.31 4.53 -2.50
C ALA M 1944 33.09 5.36 -1.24
N TYR M 1945 32.25 4.88 -0.33
CA TYR M 1945 32.00 5.63 0.89
C TYR M 1945 33.22 5.65 1.80
N ASN M 1946 34.01 4.58 1.81
CA ASN M 1946 35.25 4.59 2.57
C ASN M 1946 36.22 5.61 2.00
N CYS M 1947 36.33 5.67 0.68
CA CYS M 1947 37.19 6.67 0.05
C CYS M 1947 36.68 8.08 0.35
N ALA M 1948 35.36 8.26 0.35
CA ALA M 1948 34.78 9.55 0.70
C ALA M 1948 35.09 9.92 2.15
N ILE M 1949 35.03 8.94 3.05
CA ILE M 1949 35.42 9.18 4.44
C ILE M 1949 36.86 9.66 4.49
N SER M 1950 37.74 8.97 3.76
CA SER M 1950 39.14 9.36 3.73
C SER M 1950 39.29 10.80 3.28
N VAL M 1951 38.68 11.16 2.14
CA VAL M 1951 38.82 12.52 1.64
C VAL M 1951 38.14 13.52 2.58
N ILE M 1952 37.20 13.07 3.41
CA ILE M 1952 36.60 13.93 4.41
C ILE M 1952 37.54 14.12 5.60
N CYS M 1953 38.49 13.21 5.80
CA CYS M 1953 39.37 13.29 6.96
C CYS M 1953 40.11 14.63 7.03
N CYS M 1954 40.39 15.27 5.89
CA CYS M 1954 41.08 16.54 5.88
C CYS M 1954 40.18 17.70 5.45
N VAL M 1955 39.57 17.60 4.27
CA VAL M 1955 38.63 18.62 3.83
C VAL M 1955 37.28 18.35 4.49
N PHE M 1956 36.53 19.43 4.74
CA PHE M 1956 35.32 19.39 5.57
C PHE M 1956 35.66 18.96 7.00
N ASN M 1957 36.78 19.47 7.51
CA ASN M 1957 37.12 19.26 8.91
C ASN M 1957 36.07 19.85 9.85
N GLU M 1958 35.32 20.84 9.37
CA GLU M 1958 34.24 21.45 10.14
C GLU M 1958 32.97 20.62 9.94
N LEU M 1959 31.85 21.13 10.45
CA LEU M 1959 30.56 20.49 10.27
C LEU M 1959 30.14 20.60 8.81
N LYS M 1960 28.91 20.18 8.51
CA LYS M 1960 28.35 20.26 7.16
C LYS M 1960 29.22 19.45 6.18
N PHE M 1961 29.19 18.15 6.41
CA PHE M 1961 30.01 17.18 5.70
C PHE M 1961 29.42 16.76 4.36
N TYR M 1962 28.42 17.48 3.85
CA TYR M 1962 27.80 17.20 2.56
C TYR M 1962 27.22 15.78 2.54
N GLN M 1963 26.14 15.60 3.30
CA GLN M 1963 25.43 14.33 3.30
C GLN M 1963 24.78 14.07 1.95
N SER M 2034 78.85 -7.74 20.12
CA SER M 2034 79.61 -8.23 21.25
C SER M 2034 80.52 -9.39 20.86
N THR M 2035 81.53 -9.66 21.68
CA THR M 2035 82.42 -10.78 21.41
C THR M 2035 81.65 -12.09 21.42
N LEU M 2036 80.77 -12.28 22.40
CA LEU M 2036 79.90 -13.45 22.39
C LEU M 2036 78.97 -13.43 21.20
N SER M 2037 78.41 -12.26 20.88
CA SER M 2037 77.55 -12.15 19.70
C SER M 2037 78.33 -12.44 18.43
N GLU M 2038 79.56 -11.93 18.34
CA GLU M 2038 80.40 -12.24 17.18
C GLU M 2038 80.68 -13.74 17.11
N GLU M 2039 80.99 -14.36 18.25
CA GLU M 2039 81.24 -15.80 18.26
C GLU M 2039 80.00 -16.57 17.84
N MET M 2040 78.82 -16.16 18.32
CA MET M 2040 77.59 -16.82 17.92
C MET M 2040 77.34 -16.67 16.43
N SER M 2041 77.58 -15.46 15.89
CA SER M 2041 77.39 -15.25 14.46
C SER M 2041 78.35 -16.10 13.64
N GLN M 2042 79.60 -16.20 14.08
CA GLN M 2042 80.56 -17.04 13.37
C GLN M 2042 80.14 -18.50 13.41
N PHE M 2043 79.66 -18.96 14.57
CA PHE M 2043 79.17 -20.34 14.66
C PHE M 2043 77.97 -20.55 13.74
N ASP M 2044 77.05 -19.59 13.72
CA ASP M 2044 75.90 -19.70 12.83
C ASP M 2044 76.33 -19.70 11.37
N PHE M 2045 77.27 -18.83 11.01
CA PHE M 2045 77.76 -18.80 9.63
C PHE M 2045 78.42 -20.12 9.26
N SER M 2046 79.27 -20.65 10.15
CA SER M 2046 79.87 -21.95 9.89
C SER M 2046 78.81 -23.04 9.77
N THR M 2047 77.80 -22.99 10.63
CA THR M 2047 76.68 -23.92 10.53
C THR M 2047 75.74 -23.58 9.39
N GLY M 2048 75.80 -22.36 8.85
CA GLY M 2048 74.90 -21.97 7.78
C GLY M 2048 73.44 -22.06 8.15
N VAL M 2049 73.10 -21.68 9.39
CA VAL M 2049 71.72 -21.70 9.87
C VAL M 2049 71.52 -20.44 10.71
N GLN M 2050 70.61 -19.57 10.28
CA GLN M 2050 70.33 -18.35 11.03
C GLN M 2050 69.47 -18.63 12.25
N ARG M 2090 30.09 -10.15 14.70
CA ARG M 2090 31.44 -9.84 14.23
C ARG M 2090 31.42 -9.41 12.78
N HIS M 2091 31.34 -8.10 12.56
CA HIS M 2091 31.30 -7.53 11.23
C HIS M 2091 32.33 -6.42 11.13
N GLU M 2092 32.85 -6.22 9.91
CA GLU M 2092 34.04 -5.39 9.73
C GLU M 2092 33.91 -4.32 8.66
N CYS M 2093 32.83 -4.29 7.89
CA CYS M 2093 32.71 -3.31 6.82
C CYS M 2093 32.55 -1.89 7.33
N MET M 2094 32.29 -1.70 8.62
CA MET M 2094 32.03 -0.40 9.19
C MET M 2094 33.21 0.17 9.99
N ALA M 2095 34.38 -0.47 9.89
CA ALA M 2095 35.52 -0.02 10.69
C ALA M 2095 35.90 1.43 10.46
N PRO M 2096 36.05 1.92 9.23
CA PRO M 2096 36.42 3.34 9.06
C PRO M 2096 35.36 4.30 9.58
N LEU M 2097 34.12 3.84 9.71
CA LEU M 2097 33.07 4.72 10.23
C LEU M 2097 33.38 5.16 11.65
N THR M 2098 33.81 4.22 12.49
CA THR M 2098 34.17 4.58 13.86
C THR M 2098 35.34 5.55 13.90
N ALA M 2099 36.33 5.33 13.03
CA ALA M 2099 37.47 6.24 12.97
C ALA M 2099 37.03 7.64 12.56
N LEU M 2100 36.13 7.73 11.58
CA LEU M 2100 35.63 9.03 11.16
C LEU M 2100 34.85 9.71 12.28
N VAL M 2101 34.05 8.94 13.02
CA VAL M 2101 33.32 9.50 14.15
C VAL M 2101 34.30 10.05 15.18
N LYS M 2102 35.35 9.29 15.48
CA LYS M 2102 36.35 9.76 16.43
C LYS M 2102 37.02 11.03 15.94
N HIS M 2103 37.37 11.07 14.64
CA HIS M 2103 38.03 12.26 14.11
C HIS M 2103 37.14 13.48 14.17
N MET M 2104 35.86 13.34 13.79
CA MET M 2104 34.97 14.49 13.83
C MET M 2104 34.68 14.91 15.25
N HIS M 2105 34.69 13.97 16.20
CA HIS M 2105 34.59 14.34 17.61
C HIS M 2105 35.82 15.13 18.04
N ARG M 2106 36.99 14.73 17.55
CA ARG M 2106 38.20 15.48 17.87
C ARG M 2106 38.15 16.88 17.28
N SER M 2107 37.58 17.02 16.08
CA SER M 2107 37.42 18.35 15.49
C SER M 2107 36.53 19.23 16.36
N LEU M 2108 35.44 18.68 16.87
CA LEU M 2108 34.54 19.44 17.73
C LEU M 2108 34.48 18.82 19.13
N ARG M 2120 20.62 17.49 23.26
CA ARG M 2120 21.43 18.28 22.35
C ARG M 2120 21.01 18.10 20.90
N ASP M 2121 21.80 18.66 19.99
CA ASP M 2121 21.52 18.58 18.57
C ASP M 2121 22.73 19.12 17.80
N LEU M 2122 22.99 18.52 16.64
CA LEU M 2122 24.02 19.00 15.73
C LEU M 2122 23.67 18.52 14.33
N PRO M 2123 24.00 19.30 13.29
CA PRO M 2123 23.93 18.77 11.93
C PRO M 2123 25.14 17.91 11.63
N SER M 2124 25.49 17.06 12.58
CA SER M 2124 26.50 16.02 12.42
C SER M 2124 25.89 14.72 11.96
N TRP M 2125 24.63 14.75 11.53
CA TRP M 2125 23.81 13.65 11.05
C TRP M 2125 23.35 12.74 12.17
N MET M 2126 23.72 12.99 13.43
CA MET M 2126 23.21 12.11 14.48
C MET M 2126 21.74 12.36 14.72
N LYS M 2127 21.23 13.54 14.37
CA LYS M 2127 19.79 13.72 14.28
C LYS M 2127 19.22 12.89 13.14
N PHE M 2128 19.92 12.90 11.99
CA PHE M 2128 19.53 12.03 10.88
C PHE M 2128 19.58 10.57 11.28
N LEU M 2129 20.65 10.15 11.98
CA LEU M 2129 20.74 8.76 12.41
C LEU M 2129 19.70 8.45 13.47
N HIS M 2130 19.38 9.41 14.32
CA HIS M 2130 18.33 9.23 15.32
C HIS M 2130 16.99 8.95 14.65
N GLY M 2131 16.67 9.73 13.62
CA GLY M 2131 15.47 9.45 12.86
C GLY M 2131 15.55 8.14 12.10
N LYS M 2132 16.74 7.81 11.58
CA LYS M 2132 16.93 6.61 10.78
C LYS M 2132 16.80 5.36 11.63
N LEU M 2133 17.09 5.45 12.92
CA LEU M 2133 17.10 4.27 13.79
C LEU M 2133 15.89 4.19 14.70
N GLY M 2134 15.31 5.33 15.10
CA GLY M 2134 14.20 5.29 16.03
C GLY M 2134 12.94 4.69 15.44
N ASN M 2135 12.78 4.77 14.13
CA ASN M 2135 11.59 4.22 13.49
C ASN M 2135 11.61 2.70 13.60
N PRO M 2136 10.52 2.07 14.04
CA PRO M 2136 10.48 0.61 14.01
C PRO M 2136 10.61 0.03 12.61
N ILE M 2137 10.09 0.73 11.60
CA ILE M 2137 10.15 0.27 10.22
C ILE M 2137 11.50 0.67 9.63
N VAL M 2138 12.43 -0.27 9.59
CA VAL M 2138 13.77 -0.08 9.06
C VAL M 2138 14.41 -1.46 8.98
N PRO M 2139 15.14 -1.77 7.91
CA PRO M 2139 15.70 -3.12 7.77
C PRO M 2139 16.59 -3.50 8.95
N LEU M 2140 16.45 -4.75 9.39
CA LEU M 2140 17.10 -5.20 10.62
C LEU M 2140 18.62 -5.10 10.51
N ASN M 2141 19.16 -5.36 9.32
CA ASN M 2141 20.60 -5.28 9.14
C ASN M 2141 21.10 -3.85 9.37
N ILE M 2142 20.34 -2.86 8.91
CA ILE M 2142 20.70 -1.47 9.15
C ILE M 2142 20.68 -1.15 10.63
N ARG M 2143 19.67 -1.66 11.35
CA ARG M 2143 19.61 -1.45 12.78
C ARG M 2143 20.81 -2.06 13.48
N LEU M 2144 21.20 -3.26 13.05
CA LEU M 2144 22.38 -3.91 13.63
C LEU M 2144 23.63 -3.09 13.35
N PHE M 2145 23.77 -2.58 12.14
CA PHE M 2145 24.92 -1.75 11.80
C PHE M 2145 24.99 -0.52 12.70
N LEU M 2146 23.89 0.21 12.78
CA LEU M 2146 23.87 1.43 13.58
C LEU M 2146 24.11 1.13 15.06
N ALA M 2147 23.55 0.01 15.55
CA ALA M 2147 23.78 -0.37 16.93
C ALA M 2147 25.25 -0.67 17.19
N LYS M 2148 25.89 -1.38 16.27
CA LYS M 2148 27.32 -1.67 16.44
C LYS M 2148 28.11 -0.37 16.45
N LEU M 2149 27.79 0.56 15.56
CA LEU M 2149 28.50 1.84 15.53
C LEU M 2149 28.32 2.59 16.85
N VAL M 2150 27.08 2.69 17.33
CA VAL M 2150 26.86 3.47 18.55
C VAL M 2150 27.50 2.77 19.75
N ILE M 2151 27.59 1.44 19.71
CA ILE M 2151 28.32 0.73 20.75
C ILE M 2151 29.79 1.14 20.72
N ASN M 2152 30.39 1.12 19.52
CA ASN M 2152 31.78 1.52 19.41
C ASN M 2152 31.97 3.02 19.58
N THR M 2153 30.89 3.80 19.59
CA THR M 2153 30.99 5.26 19.63
C THR M 2153 30.08 5.85 20.69
N GLU M 2154 29.81 5.11 21.76
CA GLU M 2154 28.92 5.63 22.80
C GLU M 2154 29.50 6.87 23.46
N GLU M 2155 30.82 6.99 23.49
CA GLU M 2155 31.48 8.03 24.26
C GLU M 2155 31.21 9.42 23.69
N VAL M 2156 31.19 9.55 22.36
CA VAL M 2156 31.11 10.87 21.75
C VAL M 2156 29.78 11.54 22.08
N PHE M 2157 28.67 10.81 21.98
CA PHE M 2157 27.35 11.38 22.20
C PHE M 2157 26.82 11.10 23.59
N ARG M 2158 27.71 10.96 24.58
CA ARG M 2158 27.23 10.85 25.95
C ARG M 2158 26.38 12.03 26.37
N PRO M 2159 26.78 13.29 26.14
CA PRO M 2159 25.83 14.39 26.41
C PRO M 2159 24.84 14.55 25.27
N TYR M 2160 24.40 13.42 24.75
CA TYR M 2160 23.20 13.32 23.93
C TYR M 2160 22.44 12.04 24.24
N ALA M 2161 22.95 11.20 25.15
CA ALA M 2161 22.23 9.99 25.53
C ALA M 2161 20.89 10.31 26.16
N LYS M 2162 20.71 11.53 26.67
CA LYS M 2162 19.40 11.97 27.15
C LYS M 2162 18.32 11.80 26.10
N HIS M 2163 18.69 11.58 24.84
CA HIS M 2163 17.77 11.15 23.80
C HIS M 2163 18.04 9.74 23.32
N TRP M 2164 19.30 9.31 23.34
CA TRP M 2164 19.66 8.03 22.75
C TRP M 2164 19.05 6.84 23.48
N LEU M 2165 18.56 7.04 24.70
CA LEU M 2165 17.87 5.95 25.38
C LEU M 2165 16.56 5.61 24.69
N SER M 2166 15.92 6.60 24.06
CA SER M 2166 14.62 6.36 23.46
C SER M 2166 14.65 5.36 22.31
N PRO M 2167 15.53 5.48 21.30
CA PRO M 2167 15.50 4.48 20.21
C PRO M 2167 15.98 3.12 20.67
N LEU M 2168 17.17 3.09 21.29
CA LEU M 2168 17.81 1.83 21.65
C LEU M 2168 16.85 0.94 22.42
N LEU M 2169 16.17 1.51 23.41
CA LEU M 2169 15.15 0.79 24.17
C LEU M 2169 14.20 0.06 23.24
N GLN M 2170 13.48 0.80 22.40
CA GLN M 2170 12.55 0.13 21.48
C GLN M 2170 13.29 -0.70 20.45
N LEU M 2171 14.55 -0.35 20.15
CA LEU M 2171 15.36 -1.23 19.34
C LEU M 2171 15.68 -2.52 20.08
N ALA M 2172 15.99 -2.41 21.36
CA ALA M 2172 16.17 -3.60 22.18
C ALA M 2172 14.85 -4.33 22.37
N ALA M 2173 13.76 -3.59 22.53
CA ALA M 2173 12.46 -4.21 22.73
C ALA M 2173 12.06 -5.00 21.49
N SER M 2174 11.69 -6.26 21.69
CA SER M 2174 11.31 -7.17 20.61
C SER M 2174 12.40 -7.28 19.56
N GLU M 2175 13.66 -7.14 19.98
CA GLU M 2175 14.77 -7.23 19.04
C GLU M 2175 14.90 -8.66 18.53
N ASN M 2176 15.14 -8.80 17.23
CA ASN M 2176 15.24 -10.11 16.61
C ASN M 2176 16.46 -10.21 15.73
N GLY M 2179 23.38 -12.39 10.71
CA GLY M 2179 23.20 -12.28 12.14
C GLY M 2179 24.00 -13.29 12.93
N GLU M 2180 24.90 -12.80 13.79
CA GLU M 2180 25.74 -13.67 14.60
C GLU M 2180 24.99 -14.28 15.78
N GLY M 2181 23.84 -13.72 16.15
CA GLY M 2181 23.10 -14.21 17.29
C GLY M 2181 22.46 -13.10 18.08
N ILE M 2182 21.18 -13.28 18.42
CA ILE M 2182 20.39 -12.20 19.03
C ILE M 2182 21.00 -11.77 20.36
N HIS M 2183 21.27 -12.74 21.24
CA HIS M 2183 21.69 -12.41 22.60
C HIS M 2183 23.03 -11.70 22.63
N TYR M 2184 23.91 -11.95 21.66
CA TYR M 2184 25.16 -11.21 21.58
C TYR M 2184 24.90 -9.70 21.59
N MET M 2185 24.22 -9.22 20.56
CA MET M 2185 23.94 -7.80 20.47
C MET M 2185 23.01 -7.34 21.59
N VAL M 2186 22.11 -8.20 22.06
CA VAL M 2186 21.22 -7.80 23.15
C VAL M 2186 22.04 -7.44 24.39
N VAL M 2187 22.93 -8.32 24.80
CA VAL M 2187 23.70 -8.06 26.00
C VAL M 2187 24.66 -6.90 25.76
N GLU M 2188 25.22 -6.80 24.55
CA GLU M 2188 26.14 -5.70 24.26
C GLU M 2188 25.43 -4.36 24.38
N ILE M 2189 24.25 -4.24 23.78
CA ILE M 2189 23.55 -2.96 23.79
C ILE M 2189 23.04 -2.62 25.19
N VAL M 2190 22.57 -3.62 25.93
CA VAL M 2190 22.08 -3.30 27.28
C VAL M 2190 23.25 -2.87 28.17
N ALA M 2191 24.40 -3.51 28.02
CA ALA M 2191 25.58 -3.09 28.78
C ALA M 2191 25.98 -1.67 28.42
N THR M 2192 25.99 -1.35 27.12
CA THR M 2192 26.35 0.00 26.71
C THR M 2192 25.37 1.03 27.27
N ILE M 2193 24.08 0.73 27.21
CA ILE M 2193 23.08 1.65 27.72
C ILE M 2193 23.25 1.86 29.21
N LEU M 2194 23.46 0.78 29.94
CA LEU M 2194 23.53 0.85 31.39
C LEU M 2194 24.92 1.25 31.88
N SER M 2195 25.86 1.49 30.97
CA SER M 2195 27.15 2.02 31.38
C SER M 2195 27.00 3.34 32.14
N TRP M 2196 25.94 4.09 31.85
CA TRP M 2196 25.60 5.29 32.58
C TRP M 2196 24.21 5.14 33.20
N THR M 2197 24.05 5.72 34.37
CA THR M 2197 22.74 5.75 34.99
C THR M 2197 22.30 7.16 35.36
N GLY M 2198 23.22 7.98 35.88
CA GLY M 2198 22.87 9.35 36.22
C GLY M 2198 22.67 10.24 35.01
N LEU M 2199 23.17 9.83 33.85
CA LEU M 2199 22.97 10.62 32.64
C LEU M 2199 21.50 10.72 32.27
N ALA M 2200 20.78 9.61 32.34
CA ALA M 2200 19.37 9.60 32.02
C ALA M 2200 18.73 8.36 32.62
N THR M 2201 17.42 8.42 32.83
CA THR M 2201 16.64 7.31 33.33
C THR M 2201 15.35 7.21 32.53
N PRO M 2202 14.86 6.00 32.27
CA PRO M 2202 13.61 5.84 31.49
C PRO M 2202 12.36 6.03 32.34
N THR M 2203 12.05 7.29 32.65
CA THR M 2203 10.83 7.60 33.37
C THR M 2203 10.12 8.85 32.85
N GLY M 2204 10.68 9.55 31.86
CA GLY M 2204 10.09 10.80 31.42
C GLY M 2204 8.80 10.63 30.64
N VAL M 2205 8.64 9.50 29.97
CA VAL M 2205 7.46 9.24 29.14
C VAL M 2205 6.97 7.84 29.46
N PRO M 2206 5.66 7.58 29.50
CA PRO M 2206 5.20 6.22 29.83
C PRO M 2206 5.77 5.14 28.92
N LYS M 2207 6.00 5.48 27.65
CA LYS M 2207 6.50 4.46 26.71
C LYS M 2207 7.86 3.93 27.14
N ASP M 2208 8.72 4.80 27.68
CA ASP M 2208 10.07 4.33 28.02
C ASP M 2208 10.02 3.28 29.13
N GLU M 2209 9.23 3.52 30.17
CA GLU M 2209 9.20 2.54 31.24
C GLU M 2209 8.39 1.31 30.87
N VAL M 2210 7.35 1.44 30.05
CA VAL M 2210 6.62 0.24 29.65
C VAL M 2210 7.51 -0.65 28.78
N LEU M 2211 8.29 -0.04 27.88
CA LEU M 2211 9.22 -0.84 27.09
C LEU M 2211 10.35 -1.39 27.95
N ALA M 2212 10.77 -0.66 28.97
CA ALA M 2212 11.78 -1.19 29.88
C ALA M 2212 11.25 -2.42 30.62
N ASN M 2213 10.01 -2.37 31.08
CA ASN M 2213 9.41 -3.53 31.73
C ASN M 2213 9.24 -4.69 30.75
N ARG M 2214 8.87 -4.38 29.51
CA ARG M 2214 8.76 -5.43 28.50
C ARG M 2214 10.11 -6.10 28.25
N LEU M 2215 11.17 -5.31 28.16
CA LEU M 2215 12.50 -5.88 27.98
C LEU M 2215 12.93 -6.69 29.20
N LEU M 2216 12.54 -6.23 30.39
CA LEU M 2216 12.74 -7.00 31.60
C LEU M 2216 12.07 -8.36 31.47
N ASN M 2217 10.83 -8.39 30.99
CA ASN M 2217 10.14 -9.66 30.80
C ASN M 2217 10.85 -10.53 29.79
N PHE M 2218 11.31 -9.95 28.68
CA PHE M 2218 11.98 -10.74 27.65
C PHE M 2218 13.26 -11.37 28.22
N LEU M 2219 14.05 -10.58 28.93
CA LEU M 2219 15.30 -11.11 29.48
C LEU M 2219 15.03 -12.16 30.55
N MET M 2220 14.04 -11.94 31.43
CA MET M 2220 13.79 -12.91 32.47
C MET M 2220 13.15 -14.18 31.91
N LYS M 2221 12.56 -14.09 30.72
CA LYS M 2221 12.20 -15.31 30.00
C LYS M 2221 13.41 -15.97 29.37
N HIS M 2222 14.39 -15.18 28.94
CA HIS M 2222 15.55 -15.71 28.23
C HIS M 2222 16.73 -16.00 29.15
N VAL M 2223 16.62 -15.77 30.45
CA VAL M 2223 17.79 -15.84 31.34
C VAL M 2223 17.99 -17.30 31.75
N PHE M 2224 18.97 -17.95 31.14
CA PHE M 2224 19.45 -19.27 31.54
C PHE M 2224 20.70 -19.61 30.75
N HIS M 2225 21.60 -20.34 31.39
CA HIS M 2225 22.75 -20.91 30.71
C HIS M 2225 23.16 -22.19 31.41
N PRO M 2226 23.47 -23.24 30.66
CA PRO M 2226 24.09 -24.42 31.28
C PRO M 2226 25.48 -24.12 31.82
N LYS M 2227 26.12 -23.05 31.35
CA LYS M 2227 27.46 -22.70 31.83
C LYS M 2227 27.46 -22.34 33.30
N ARG M 2228 26.34 -21.82 33.80
CA ARG M 2228 26.16 -21.47 35.21
C ARG M 2228 27.10 -20.35 35.64
N ALA M 2229 27.87 -19.81 34.70
CA ALA M 2229 28.74 -18.67 34.96
C ALA M 2229 28.27 -17.43 34.20
N VAL M 2230 28.13 -17.54 32.88
CA VAL M 2230 27.49 -16.47 32.13
C VAL M 2230 26.04 -16.33 32.56
N PHE M 2231 25.41 -17.42 32.95
CA PHE M 2231 24.10 -17.35 33.57
C PHE M 2231 24.16 -16.51 34.85
N ARG M 2232 25.10 -16.83 35.73
CA ARG M 2232 25.29 -16.01 36.92
C ARG M 2232 25.63 -14.58 36.55
N HIS M 2233 26.44 -14.40 35.49
CA HIS M 2233 26.79 -13.06 35.04
C HIS M 2233 25.55 -12.27 34.67
N ASN M 2234 24.62 -12.89 33.95
CA ASN M 2234 23.34 -12.24 33.66
C ASN M 2234 22.59 -11.95 34.95
N LEU M 2235 22.71 -12.82 35.94
CA LEU M 2235 22.06 -12.56 37.22
C LEU M 2235 22.57 -11.27 37.84
N GLU M 2236 23.89 -11.08 37.87
CA GLU M 2236 24.39 -9.81 38.42
C GLU M 2236 24.05 -8.64 37.49
N ILE M 2237 23.93 -8.89 36.18
CA ILE M 2237 23.50 -7.82 35.28
C ILE M 2237 22.11 -7.34 35.69
N ILE M 2238 21.21 -8.28 35.95
CA ILE M 2238 19.86 -7.93 36.37
C ILE M 2238 19.92 -7.22 37.71
N LYS M 2239 20.74 -7.74 38.63
CA LYS M 2239 20.89 -7.10 39.94
C LYS M 2239 21.33 -5.64 39.80
N THR M 2240 22.24 -5.37 38.87
CA THR M 2240 22.68 -3.99 38.66
C THR M 2240 21.58 -3.14 38.06
N LEU M 2241 20.90 -3.65 37.03
CA LEU M 2241 19.94 -2.81 36.32
C LEU M 2241 18.69 -2.54 37.14
N VAL M 2242 18.31 -3.46 38.02
CA VAL M 2242 17.12 -3.21 38.84
C VAL M 2242 17.43 -2.12 39.88
N GLU M 2243 18.62 -2.15 40.47
CA GLU M 2243 18.95 -1.19 41.51
C GLU M 2243 19.37 0.16 40.96
N CYS M 2244 19.67 0.25 39.65
CA CYS M 2244 20.11 1.52 39.10
C CYS M 2244 18.94 2.50 38.95
N TRP M 2245 17.72 1.99 38.81
CA TRP M 2245 16.56 2.85 38.59
C TRP M 2245 15.58 2.83 39.76
N LYS M 2246 15.05 1.67 40.10
CA LYS M 2246 14.12 1.50 41.24
C LYS M 2246 13.00 2.54 41.23
N ASP M 2247 12.64 3.04 40.04
CA ASP M 2247 11.65 4.11 39.96
C ASP M 2247 10.54 3.77 38.97
N CYS M 2248 10.88 3.00 37.94
CA CYS M 2248 9.95 2.73 36.84
C CYS M 2248 9.83 1.24 36.56
N LEU M 2249 10.24 0.39 37.49
CA LEU M 2249 10.31 -1.04 37.28
C LEU M 2249 9.10 -1.73 37.90
N SER M 2250 8.71 -2.85 37.31
CA SER M 2250 7.56 -3.62 37.75
C SER M 2250 7.95 -5.09 37.87
N ILE M 2251 7.38 -5.74 38.88
CA ILE M 2251 7.61 -7.16 39.15
C ILE M 2251 6.33 -7.90 38.78
N PRO M 2252 6.33 -8.74 37.74
CA PRO M 2252 5.11 -9.49 37.41
C PRO M 2252 4.62 -10.39 38.53
N TYR M 2253 5.53 -11.04 39.26
CA TYR M 2253 5.22 -11.92 40.38
C TYR M 2253 4.47 -13.18 39.93
N ARG M 2254 4.14 -13.27 38.64
CA ARG M 2254 3.44 -14.43 38.11
C ARG M 2254 4.40 -15.40 37.43
N LEU M 2255 5.14 -14.89 36.44
CA LEU M 2255 6.22 -15.69 35.86
C LEU M 2255 7.26 -16.00 36.92
N ILE M 2256 7.54 -15.05 37.80
CA ILE M 2256 8.41 -15.32 38.94
C ILE M 2256 7.82 -16.44 39.80
N PHE M 2257 6.50 -16.41 40.01
CA PHE M 2257 5.86 -17.44 40.81
C PHE M 2257 6.09 -18.82 40.20
N GLU M 2258 5.82 -18.96 38.90
CA GLU M 2258 5.99 -20.28 38.30
C GLU M 2258 7.45 -20.66 38.18
N LYS M 2259 8.36 -19.68 38.14
CA LYS M 2259 9.78 -20.01 38.07
C LYS M 2259 10.31 -20.50 39.41
N PHE M 2260 9.86 -19.92 40.52
CA PHE M 2260 10.31 -20.49 41.79
C PHE M 2260 9.47 -21.68 42.22
N SER M 2261 8.32 -21.90 41.58
CA SER M 2261 7.51 -23.07 41.86
C SER M 2261 7.85 -24.22 40.90
N GLY M 2262 7.68 -23.97 39.61
CA GLY M 2262 7.98 -25.00 38.63
C GLY M 2262 7.06 -26.20 38.76
N LYS M 2263 7.55 -27.34 38.28
CA LYS M 2263 6.82 -28.58 38.37
C LYS M 2263 6.92 -29.23 39.73
N ASP M 2264 7.72 -28.66 40.64
CA ASP M 2264 7.96 -29.20 41.97
C ASP M 2264 8.50 -30.63 41.88
N PRO M 2265 9.67 -30.84 41.27
CA PRO M 2265 10.21 -32.20 41.17
C PRO M 2265 11.13 -32.53 42.33
N ASN M 2266 11.65 -33.75 42.34
CA ASN M 2266 12.75 -34.07 43.25
C ASN M 2266 14.00 -33.29 42.85
N SER M 2267 14.27 -33.18 41.55
CA SER M 2267 15.49 -32.58 41.06
C SER M 2267 15.38 -31.05 41.14
N LYS M 2268 16.40 -30.35 40.65
CA LYS M 2268 16.50 -28.90 40.75
C LYS M 2268 16.30 -28.29 39.36
N ASP M 2269 15.14 -27.70 39.15
CA ASP M 2269 14.87 -26.94 37.94
C ASP M 2269 14.36 -25.54 38.24
N ASN M 2270 13.55 -25.38 39.29
CA ASN M 2270 12.94 -24.10 39.62
C ASN M 2270 13.80 -23.26 40.56
N SER M 2271 14.93 -23.79 41.05
CA SER M 2271 15.77 -23.04 41.96
C SER M 2271 16.27 -21.74 41.32
N VAL M 2272 16.35 -21.72 39.99
CA VAL M 2272 16.73 -20.49 39.30
C VAL M 2272 15.80 -19.36 39.67
N GLY M 2273 14.49 -19.63 39.68
CA GLY M 2273 13.54 -18.62 40.12
C GLY M 2273 13.81 -18.16 41.52
N ILE M 2274 14.24 -19.09 42.39
CA ILE M 2274 14.65 -18.72 43.74
C ILE M 2274 15.73 -17.66 43.68
N GLN M 2275 16.76 -17.89 42.86
CA GLN M 2275 17.82 -16.91 42.73
C GLN M 2275 17.28 -15.57 42.24
N LEU M 2276 16.21 -15.60 41.44
CA LEU M 2276 15.60 -14.36 41.01
C LEU M 2276 15.14 -13.54 42.20
N LEU M 2277 14.53 -14.19 43.20
CA LEU M 2277 14.11 -13.48 44.40
C LEU M 2277 15.30 -12.82 45.08
N GLY M 2278 16.49 -13.41 44.96
CA GLY M 2278 17.67 -12.76 45.49
C GLY M 2278 17.86 -11.37 44.92
N ILE M 2279 17.75 -11.26 43.60
CA ILE M 2279 17.78 -9.93 42.97
C ILE M 2279 16.67 -9.08 43.57
N VAL M 2280 15.47 -9.65 43.72
CA VAL M 2280 14.35 -8.92 44.30
C VAL M 2280 14.72 -8.46 45.70
N MET M 2281 15.46 -9.28 46.44
CA MET M 2281 15.89 -8.87 47.77
C MET M 2281 17.35 -8.39 47.78
N ALA M 2282 18.02 -8.37 46.63
CA ALA M 2282 19.15 -7.47 46.51
C ALA M 2282 18.66 -6.03 46.56
N ASN M 2283 17.43 -5.81 46.08
CA ASN M 2283 16.73 -4.55 46.18
C ASN M 2283 16.17 -4.36 47.58
N ASP M 2284 15.92 -3.11 47.93
CA ASP M 2284 15.19 -2.74 49.13
C ASP M 2284 13.69 -2.69 48.90
N LEU M 2285 13.23 -3.15 47.75
CA LEU M 2285 11.82 -3.10 47.40
C LEU M 2285 11.03 -4.05 48.30
N PRO M 2286 9.73 -3.83 48.43
CA PRO M 2286 8.90 -4.73 49.23
C PRO M 2286 9.03 -6.16 48.75
N PRO M 2287 9.04 -7.13 49.68
CA PRO M 2287 9.26 -8.52 49.28
C PRO M 2287 8.26 -9.03 48.25
N TYR M 2288 6.99 -8.65 48.38
CA TYR M 2288 5.99 -9.11 47.43
C TYR M 2288 4.84 -8.10 47.43
N ASP M 2289 4.34 -7.81 46.23
CA ASP M 2289 3.19 -6.94 46.07
C ASP M 2289 2.15 -7.64 45.22
N PRO M 2290 0.91 -7.75 45.68
CA PRO M 2290 -0.14 -8.28 44.82
C PRO M 2290 -0.52 -7.29 43.75
N GLN M 2291 0.27 -7.24 42.67
CA GLN M 2291 -0.03 -6.34 41.56
C GLN M 2291 -1.46 -6.53 41.08
N CYS M 2292 -1.92 -7.77 41.04
CA CYS M 2292 -3.33 -8.11 41.02
C CYS M 2292 -3.65 -9.22 41.99
N GLY M 2293 -2.65 -9.94 42.48
CA GLY M 2293 -2.84 -11.01 43.44
C GLY M 2293 -2.82 -12.36 42.76
N ILE M 2294 -1.70 -13.08 42.84
CA ILE M 2294 -1.66 -14.44 42.33
C ILE M 2294 -2.52 -15.24 43.28
N GLN M 2295 -2.09 -15.32 44.53
CA GLN M 2295 -2.96 -15.64 45.66
C GLN M 2295 -2.66 -14.82 46.90
N SER M 2296 -1.43 -14.32 47.07
CA SER M 2296 -0.96 -13.49 48.17
C SER M 2296 -0.95 -14.21 49.52
N SER M 2297 -1.43 -15.45 49.58
CA SER M 2297 -1.38 -16.22 50.82
C SER M 2297 -0.48 -17.44 50.70
N GLU M 2298 -0.72 -18.30 49.71
CA GLU M 2298 0.16 -19.42 49.45
C GLU M 2298 1.10 -19.16 48.27
N TYR M 2299 1.20 -17.90 47.85
CA TYR M 2299 2.22 -17.51 46.89
C TYR M 2299 3.61 -17.89 47.38
N PHE M 2300 3.81 -17.87 48.70
CA PHE M 2300 5.05 -18.29 49.31
C PHE M 2300 5.05 -19.76 49.72
N GLN M 2301 3.90 -20.44 49.59
CA GLN M 2301 3.87 -21.87 49.85
C GLN M 2301 4.76 -22.64 48.89
N ALA M 2302 4.88 -22.16 47.66
CA ALA M 2302 5.82 -22.78 46.72
C ALA M 2302 7.25 -22.66 47.23
N LEU M 2303 7.57 -21.57 47.93
CA LEU M 2303 8.91 -21.41 48.48
C LEU M 2303 9.23 -22.51 49.49
N VAL M 2304 8.35 -22.72 50.47
CA VAL M 2304 8.60 -23.75 51.47
C VAL M 2304 8.51 -25.14 50.85
N ASN M 2305 7.67 -25.29 49.82
CA ASN M 2305 7.61 -26.56 49.10
C ASN M 2305 8.95 -26.89 48.45
N ASN M 2306 9.56 -25.89 47.81
CA ASN M 2306 10.86 -26.09 47.19
C ASN M 2306 11.93 -26.29 48.25
N MET M 2307 11.80 -25.60 49.38
CA MET M 2307 12.73 -25.82 50.49
C MET M 2307 12.65 -27.24 51.01
N SER M 2308 11.45 -27.82 51.00
CA SER M 2308 11.29 -29.21 51.41
C SER M 2308 11.96 -30.17 50.45
N PHE M 2309 12.25 -29.74 49.22
CA PHE M 2309 12.91 -30.60 48.25
C PHE M 2309 14.38 -30.78 48.59
N VAL M 2310 14.71 -31.82 49.35
CA VAL M 2310 16.09 -32.10 49.70
C VAL M 2310 16.66 -33.12 48.73
N ARG M 2311 17.19 -32.64 47.62
CA ARG M 2311 17.96 -33.45 46.69
C ARG M 2311 19.34 -32.88 46.43
N TYR M 2312 19.44 -31.57 46.25
CA TYR M 2312 20.71 -30.89 46.11
C TYR M 2312 20.69 -29.67 47.02
N LYS M 2313 21.87 -29.35 47.59
CA LYS M 2313 21.90 -28.38 48.66
C LYS M 2313 21.54 -26.98 48.20
N GLU M 2314 21.81 -26.65 46.94
CA GLU M 2314 21.53 -25.28 46.48
C GLU M 2314 20.05 -24.97 46.55
N VAL M 2315 19.20 -25.96 46.29
CA VAL M 2315 17.76 -25.73 46.20
C VAL M 2315 17.24 -25.18 47.52
N TYR M 2316 17.32 -25.99 48.57
CA TYR M 2316 16.80 -25.54 49.86
C TYR M 2316 17.70 -24.51 50.51
N ALA M 2317 19.00 -24.49 50.18
CA ALA M 2317 19.87 -23.45 50.69
C ALA M 2317 19.41 -22.08 50.22
N ALA M 2318 19.18 -21.94 48.91
CA ALA M 2318 18.71 -20.67 48.37
C ALA M 2318 17.27 -20.39 48.78
N ALA M 2319 16.46 -21.43 48.95
CA ALA M 2319 15.11 -21.22 49.48
C ALA M 2319 15.18 -20.60 50.87
N ALA M 2320 16.02 -21.16 51.74
CA ALA M 2320 16.22 -20.59 53.06
C ALA M 2320 16.78 -19.18 52.96
N GLU M 2321 17.70 -18.95 52.03
CA GLU M 2321 18.26 -17.61 51.84
C GLU M 2321 17.17 -16.60 51.56
N VAL M 2322 16.36 -16.86 50.54
CA VAL M 2322 15.36 -15.89 50.13
C VAL M 2322 14.32 -15.73 51.23
N LEU M 2323 13.87 -16.82 51.84
CA LEU M 2323 12.80 -16.70 52.82
C LEU M 2323 13.27 -16.01 54.09
N GLY M 2324 14.50 -16.28 54.53
CA GLY M 2324 15.04 -15.55 55.67
C GLY M 2324 15.23 -14.09 55.38
N LEU M 2325 15.67 -13.76 54.16
CA LEU M 2325 15.75 -12.35 53.79
C LEU M 2325 14.36 -11.72 53.81
N ILE M 2326 13.36 -12.44 53.31
CA ILE M 2326 11.99 -11.92 53.35
C ILE M 2326 11.57 -11.64 54.78
N LEU M 2327 11.78 -12.60 55.67
CA LEU M 2327 11.36 -12.44 57.05
C LEU M 2327 12.12 -11.31 57.73
N ARG M 2328 13.38 -11.10 57.37
CA ARG M 2328 14.08 -9.92 57.89
C ARG M 2328 13.52 -8.64 57.29
N TYR M 2329 13.25 -8.63 55.99
CA TYR M 2329 12.82 -7.40 55.31
C TYR M 2329 11.35 -7.45 54.89
N VAL M 2330 10.54 -8.28 55.53
CA VAL M 2330 9.11 -8.21 55.28
C VAL M 2330 8.60 -6.85 55.76
N MET M 2331 7.94 -6.12 54.85
CA MET M 2331 7.48 -4.77 55.13
C MET M 2331 8.58 -3.92 55.73
N GLU M 2332 9.83 -4.29 55.44
CA GLU M 2332 11.01 -3.57 55.89
C GLU M 2332 10.96 -3.29 57.39
N ARG M 2333 10.46 -4.26 58.15
CA ARG M 2333 10.37 -4.17 59.60
C ARG M 2333 9.57 -2.95 60.04
N LYS M 2334 8.51 -2.62 59.30
CA LYS M 2334 7.63 -1.54 59.69
C LYS M 2334 6.22 -2.00 60.01
N ASN M 2335 5.87 -3.26 59.73
CA ASN M 2335 4.54 -3.76 60.01
C ASN M 2335 4.64 -5.27 60.19
N ILE M 2336 3.66 -5.84 60.89
CA ILE M 2336 3.61 -7.28 61.13
C ILE M 2336 2.19 -7.81 60.91
N LEU M 2337 1.93 -8.37 59.74
CA LEU M 2337 0.79 -9.26 59.58
C LEU M 2337 1.15 -10.51 58.77
N GLU M 2338 2.38 -10.60 58.28
CA GLU M 2338 2.84 -11.81 57.60
C GLU M 2338 3.42 -12.82 58.57
N GLU M 2339 3.12 -12.68 59.87
CA GLU M 2339 3.52 -13.68 60.85
C GLU M 2339 2.92 -15.04 60.53
N SER M 2340 1.81 -15.07 59.79
CA SER M 2340 1.26 -16.34 59.31
C SER M 2340 2.28 -17.06 58.44
N LEU M 2341 3.01 -16.33 57.60
CA LEU M 2341 4.06 -16.95 56.80
C LEU M 2341 5.20 -17.45 57.68
N CYS M 2342 5.48 -16.75 58.78
CA CYS M 2342 6.45 -17.26 59.73
C CYS M 2342 5.99 -18.58 60.33
N GLU M 2343 4.71 -18.68 60.65
CA GLU M 2343 4.17 -19.95 61.12
C GLU M 2343 4.27 -21.02 60.04
N LEU M 2344 4.04 -20.64 58.79
CA LEU M 2344 4.14 -21.60 57.70
C LEU M 2344 5.55 -22.16 57.58
N VAL M 2345 6.55 -21.28 57.62
CA VAL M 2345 7.93 -21.74 57.48
C VAL M 2345 8.34 -22.54 58.71
N ALA M 2346 7.85 -22.14 59.90
CA ALA M 2346 8.14 -22.92 61.09
C ALA M 2346 7.55 -24.31 61.00
N LYS M 2347 6.33 -24.42 60.47
CA LYS M 2347 5.72 -25.74 60.28
C LYS M 2347 6.50 -26.55 59.27
N GLN M 2348 6.88 -25.95 58.15
CA GLN M 2348 7.71 -26.64 57.17
C GLN M 2348 8.98 -27.17 57.81
N LEU M 2349 9.57 -26.38 58.71
CA LEU M 2349 10.68 -26.88 59.52
C LEU M 2349 10.26 -28.08 60.35
N LYS M 2350 9.09 -27.99 60.99
CA LYS M 2350 8.60 -29.10 61.79
C LYS M 2350 8.18 -30.27 60.92
N GLN M 2351 7.64 -29.98 59.75
CA GLN M 2351 7.13 -31.02 58.85
C GLN M 2351 8.30 -31.67 58.13
N HIS M 2352 8.54 -32.94 58.44
CA HIS M 2352 9.48 -33.80 57.71
C HIS M 2352 10.92 -33.30 57.77
N GLN M 2353 11.24 -32.44 58.73
CA GLN M 2353 12.63 -31.99 58.86
C GLN M 2353 13.16 -32.26 60.26
N ASN M 2354 12.30 -32.17 61.28
CA ASN M 2354 12.72 -32.63 62.60
C ASN M 2354 12.86 -34.14 62.68
N THR M 2355 12.31 -34.88 61.72
CA THR M 2355 12.54 -36.31 61.63
C THR M 2355 13.85 -36.65 60.94
N MET M 2356 14.48 -35.68 60.28
CA MET M 2356 15.74 -35.86 59.56
C MET M 2356 16.85 -34.96 60.07
N GLU M 2357 16.56 -33.69 60.33
CA GLU M 2357 17.36 -32.83 61.20
C GLU M 2357 18.81 -32.66 60.72
N ASP M 2358 19.06 -32.75 59.42
CA ASP M 2358 20.37 -32.41 58.90
C ASP M 2358 20.33 -31.21 57.96
N LYS M 2359 19.40 -31.19 57.00
CA LYS M 2359 19.12 -29.96 56.28
C LYS M 2359 18.33 -29.00 57.13
N PHE M 2360 17.57 -29.52 58.10
CA PHE M 2360 16.83 -28.68 59.04
C PHE M 2360 17.77 -27.71 59.74
N ILE M 2361 18.88 -28.22 60.26
CA ILE M 2361 19.79 -27.34 60.99
C ILE M 2361 20.43 -26.33 60.04
N VAL M 2362 20.68 -26.71 58.79
CA VAL M 2362 21.29 -25.79 57.84
C VAL M 2362 20.34 -24.63 57.55
N CYS M 2363 19.09 -24.94 57.21
CA CYS M 2363 18.15 -23.87 56.88
C CYS M 2363 17.85 -23.03 58.11
N LEU M 2364 17.74 -23.67 59.28
CA LEU M 2364 17.55 -22.92 60.52
C LEU M 2364 18.71 -21.98 60.77
N ASN M 2365 19.93 -22.46 60.55
CA ASN M 2365 21.11 -21.61 60.72
C ASN M 2365 21.04 -20.41 59.80
N LYS M 2366 20.73 -20.64 58.53
CA LYS M 2366 20.71 -19.49 57.62
C LYS M 2366 19.62 -18.51 58.02
N VAL M 2367 18.43 -19.00 58.34
CA VAL M 2367 17.32 -18.10 58.60
C VAL M 2367 17.54 -17.34 59.90
N THR M 2368 18.23 -17.95 60.87
CA THR M 2368 18.56 -17.19 62.07
C THR M 2368 19.68 -16.20 61.81
N LYS M 2369 20.59 -16.52 60.88
CA LYS M 2369 21.55 -15.53 60.42
C LYS M 2369 20.86 -14.35 59.77
N SER M 2370 19.71 -14.60 59.15
CA SER M 2370 18.89 -13.53 58.60
C SER M 2370 17.77 -13.08 59.52
N PHE M 2371 17.40 -13.89 60.51
CA PHE M 2371 16.34 -13.48 61.43
C PHE M 2371 16.47 -14.20 62.75
N PRO M 2372 17.06 -13.55 63.76
CA PRO M 2372 17.19 -14.17 65.08
C PRO M 2372 15.85 -14.56 65.69
N PRO M 2373 14.85 -13.65 65.75
CA PRO M 2373 13.68 -13.92 66.61
C PRO M 2373 12.89 -15.17 66.26
N LEU M 2374 13.15 -15.83 65.14
CA LEU M 2374 12.43 -17.06 64.85
C LEU M 2374 12.96 -18.24 65.67
N ALA M 2375 14.26 -18.23 65.98
CA ALA M 2375 14.90 -19.40 66.56
C ALA M 2375 14.32 -19.79 67.92
N ASP M 2376 13.60 -18.87 68.57
CA ASP M 2376 12.96 -19.21 69.83
C ASP M 2376 11.96 -20.35 69.69
N ARG M 2377 11.44 -20.56 68.47
CA ARG M 2377 10.53 -21.67 68.25
C ARG M 2377 11.23 -23.03 68.30
N PHE M 2378 12.57 -23.04 68.36
CA PHE M 2378 13.29 -24.30 68.30
C PHE M 2378 14.42 -24.39 69.32
N MET M 2379 14.42 -23.51 70.33
CA MET M 2379 15.48 -23.49 71.34
C MET M 2379 15.75 -24.87 71.92
N ASN M 2380 14.76 -25.44 72.60
CA ASN M 2380 14.91 -26.80 73.09
C ASN M 2380 15.31 -27.71 71.94
N ALA M 2381 14.62 -27.59 70.80
CA ALA M 2381 14.97 -28.37 69.63
C ALA M 2381 16.43 -28.19 69.27
N VAL M 2382 16.87 -26.94 69.12
CA VAL M 2382 18.25 -26.73 68.71
C VAL M 2382 19.19 -27.20 69.81
N PHE M 2383 18.73 -27.19 71.06
CA PHE M 2383 19.53 -27.78 72.12
C PHE M 2383 19.54 -29.29 72.02
N PHE M 2384 18.37 -29.89 71.76
CA PHE M 2384 18.24 -31.33 71.72
C PHE M 2384 19.19 -31.94 70.70
N LEU M 2385 19.31 -31.31 69.54
CA LEU M 2385 20.15 -31.81 68.46
C LEU M 2385 21.62 -31.48 68.63
N LEU M 2386 21.99 -30.75 69.69
CA LEU M 2386 23.38 -30.30 69.82
C LEU M 2386 24.38 -31.46 69.87
N PRO M 2387 24.37 -32.32 70.89
CA PRO M 2387 25.45 -33.31 71.01
C PRO M 2387 25.44 -34.35 69.90
N LYS M 2388 24.34 -34.49 69.18
CA LYS M 2388 24.24 -35.56 68.18
C LYS M 2388 25.26 -35.37 67.07
N PHE M 2389 25.42 -34.14 66.59
CA PHE M 2389 26.37 -33.87 65.52
C PHE M 2389 27.79 -33.88 66.05
N HIS M 2390 28.75 -34.00 65.13
CA HIS M 2390 30.16 -33.93 65.50
C HIS M 2390 31.03 -33.13 64.55
N GLY M 2391 30.57 -32.80 63.35
CA GLY M 2391 31.35 -32.07 62.39
C GLY M 2391 31.05 -30.59 62.37
N VAL M 2392 31.11 -30.00 61.18
CA VAL M 2392 30.77 -28.59 61.01
C VAL M 2392 29.32 -28.33 61.40
N LEU M 2393 28.48 -29.36 61.37
CA LEU M 2393 27.08 -29.22 61.78
C LEU M 2393 27.01 -28.60 63.17
N LYS M 2394 27.76 -29.16 64.12
CA LYS M 2394 27.95 -28.55 65.42
C LYS M 2394 28.24 -27.06 65.28
N THR M 2395 29.34 -26.77 64.58
CA THR M 2395 29.69 -25.39 64.24
C THR M 2395 28.48 -24.60 63.81
N LEU M 2396 27.73 -25.11 62.83
CA LEU M 2396 26.55 -24.43 62.34
C LEU M 2396 25.61 -24.07 63.49
N CYS M 2397 25.20 -25.08 64.26
CA CYS M 2397 24.28 -24.84 65.36
C CYS M 2397 24.82 -23.79 66.31
N LEU M 2398 26.14 -23.71 66.44
CA LEU M 2398 26.75 -22.73 67.32
C LEU M 2398 26.28 -21.32 66.99
N GLU M 2399 26.37 -20.92 65.71
CA GLU M 2399 25.97 -19.55 65.44
C GLU M 2399 24.47 -19.36 65.51
N VAL M 2400 23.69 -20.44 65.52
CA VAL M 2400 22.27 -20.32 65.83
C VAL M 2400 22.11 -19.70 67.21
N VAL M 2401 22.97 -20.09 68.15
CA VAL M 2401 22.97 -19.47 69.46
C VAL M 2401 23.40 -18.02 69.37
N LEU M 2402 24.34 -17.71 68.46
CA LEU M 2402 24.88 -16.36 68.40
C LEU M 2402 23.79 -15.33 68.12
N CYS M 2403 22.83 -15.67 67.27
CA CYS M 2403 21.76 -14.74 66.96
C CYS M 2403 20.83 -14.49 68.14
N ARG M 2404 20.90 -15.32 69.18
CA ARG M 2404 19.95 -15.23 70.29
C ARG M 2404 20.53 -14.43 71.45
N VAL M 2405 20.81 -13.15 71.18
CA VAL M 2405 21.02 -12.19 72.26
C VAL M 2405 19.74 -12.03 73.05
N GLU M 2406 18.59 -12.10 72.36
CA GLU M 2406 17.31 -12.17 73.02
C GLU M 2406 17.15 -13.43 73.86
N GLY M 2407 17.99 -14.44 73.63
CA GLY M 2407 17.96 -15.68 74.37
C GLY M 2407 18.68 -15.65 75.71
N MET M 2408 19.00 -14.46 76.21
CA MET M 2408 19.72 -14.32 77.48
C MET M 2408 18.88 -14.70 78.69
N THR M 2409 17.68 -15.26 78.51
CA THR M 2409 16.89 -15.75 79.64
C THR M 2409 17.74 -16.66 80.52
N GLU M 2410 18.24 -17.74 79.96
CA GLU M 2410 19.19 -18.62 80.64
C GLU M 2410 19.83 -19.51 79.59
N LEU M 2411 21.16 -19.48 79.50
CA LEU M 2411 21.87 -20.31 78.55
C LEU M 2411 23.03 -21.02 79.23
N TYR M 2412 23.54 -20.46 80.33
CA TYR M 2412 24.67 -21.05 81.03
C TYR M 2412 24.40 -22.49 81.41
N PHE M 2413 23.28 -22.73 82.08
CA PHE M 2413 22.95 -24.10 82.48
C PHE M 2413 22.72 -24.98 81.25
N GLN M 2414 22.14 -24.42 80.20
CA GLN M 2414 21.98 -25.17 78.96
C GLN M 2414 23.33 -25.59 78.40
N LEU M 2415 24.24 -24.63 78.23
CA LEU M 2415 25.51 -24.93 77.58
C LEU M 2415 26.36 -25.88 78.42
N LYS M 2416 26.36 -25.71 79.75
CA LYS M 2416 27.13 -26.64 80.57
C LYS M 2416 26.48 -28.01 80.59
N SER M 2417 25.15 -28.07 80.55
CA SER M 2417 24.48 -29.36 80.40
C SER M 2417 24.68 -29.91 79.00
N LYS M 2418 24.76 -29.04 77.99
CA LYS M 2418 25.17 -29.46 76.66
C LYS M 2418 26.65 -29.78 76.58
N ASP M 2419 27.39 -29.61 77.68
CA ASP M 2419 28.80 -29.95 77.77
C ASP M 2419 29.62 -29.13 76.77
N PHE M 2420 29.55 -27.81 76.92
CA PHE M 2420 30.29 -26.90 76.07
C PHE M 2420 31.78 -27.15 76.14
N VAL M 2421 32.28 -27.58 77.31
CA VAL M 2421 33.71 -27.52 77.59
C VAL M 2421 34.51 -28.34 76.60
N GLN M 2422 33.95 -29.45 76.12
CA GLN M 2422 34.68 -30.26 75.14
C GLN M 2422 34.78 -29.55 73.79
N VAL M 2423 33.66 -29.04 73.29
CA VAL M 2423 33.68 -28.44 71.95
C VAL M 2423 34.49 -27.15 71.95
N MET M 2424 34.40 -26.37 73.03
CA MET M 2424 35.25 -25.18 73.12
C MET M 2424 36.71 -25.57 73.31
N ARG M 2425 36.97 -26.61 74.10
CA ARG M 2425 38.34 -27.06 74.29
C ARG M 2425 38.93 -27.58 72.98
N HIS M 2426 38.12 -28.26 72.17
CA HIS M 2426 38.59 -28.73 70.88
C HIS M 2426 38.96 -27.54 69.99
N ARG M 2427 40.00 -27.72 69.19
CA ARG M 2427 40.56 -26.62 68.40
C ARG M 2427 39.84 -26.55 67.06
N ASP M 2428 38.71 -25.84 67.06
CA ASP M 2428 37.99 -25.48 65.84
C ASP M 2428 37.93 -23.96 65.83
N ASP M 2429 38.89 -23.33 65.14
CA ASP M 2429 39.08 -21.89 65.26
C ASP M 2429 37.78 -21.12 65.05
N GLU M 2430 36.98 -21.54 64.07
CA GLU M 2430 35.69 -20.88 63.87
C GLU M 2430 34.75 -21.15 65.05
N ARG M 2431 34.77 -22.38 65.58
CA ARG M 2431 33.96 -22.68 66.75
C ARG M 2431 34.46 -21.92 67.97
N GLN M 2432 35.79 -21.79 68.09
CA GLN M 2432 36.33 -20.99 69.18
C GLN M 2432 35.88 -19.55 69.07
N LYS M 2433 35.89 -19.00 67.86
CA LYS M 2433 35.47 -17.62 67.66
C LYS M 2433 34.01 -17.44 68.01
N VAL M 2434 33.14 -18.36 67.56
CA VAL M 2434 31.72 -18.19 67.85
C VAL M 2434 31.45 -18.39 69.33
N CYS M 2435 32.18 -19.29 69.99
CA CYS M 2435 32.03 -19.45 71.44
C CYS M 2435 32.46 -18.19 72.17
N LEU M 2436 33.55 -17.57 71.73
CA LEU M 2436 34.01 -16.35 72.38
C LEU M 2436 33.02 -15.21 72.17
N ASP M 2437 32.41 -15.14 70.98
CA ASP M 2437 31.36 -14.15 70.76
C ASP M 2437 30.13 -14.46 71.61
N ILE M 2438 29.84 -15.73 71.84
CA ILE M 2438 28.80 -16.10 72.80
C ILE M 2438 29.13 -15.52 74.16
N ILE M 2439 30.37 -15.71 74.61
CA ILE M 2439 30.79 -15.17 75.90
C ILE M 2439 30.61 -13.65 75.90
N TYR M 2440 30.99 -13.00 74.81
CA TYR M 2440 30.87 -11.55 74.72
C TYR M 2440 29.42 -11.11 74.85
N LYS M 2441 28.50 -11.82 74.21
CA LYS M 2441 27.10 -11.45 74.31
C LYS M 2441 26.47 -11.87 75.63
N MET M 2442 27.11 -12.76 76.42
CA MET M 2442 26.41 -13.29 77.58
C MET M 2442 26.94 -12.86 78.94
N MET M 2443 28.20 -12.42 79.06
CA MET M 2443 28.74 -12.24 80.41
C MET M 2443 27.96 -11.26 81.29
N PRO M 2444 27.29 -10.22 80.78
CA PRO M 2444 26.59 -9.31 81.71
C PRO M 2444 25.53 -10.00 82.54
N LYS M 2445 24.99 -11.12 82.08
CA LYS M 2445 23.99 -11.88 82.82
C LYS M 2445 24.60 -13.01 83.63
N LEU M 2446 25.92 -13.04 83.77
CA LEU M 2446 26.61 -14.12 84.44
C LEU M 2446 26.86 -13.78 85.91
N LYS M 2447 27.05 -14.83 86.72
CA LYS M 2447 27.27 -14.69 88.15
C LYS M 2447 28.71 -14.98 88.51
N PRO M 2448 29.25 -14.38 89.58
CA PRO M 2448 30.70 -14.47 89.82
C PRO M 2448 31.23 -15.89 89.92
N VAL M 2449 30.55 -16.79 90.62
CA VAL M 2449 31.08 -18.14 90.78
C VAL M 2449 31.02 -18.91 89.47
N GLU M 2450 29.88 -18.84 88.78
CA GLU M 2450 29.76 -19.51 87.49
C GLU M 2450 30.65 -18.83 86.45
N LEU M 2451 30.83 -17.52 86.55
CA LEU M 2451 31.76 -16.82 85.66
C LEU M 2451 33.18 -17.31 85.87
N ARG M 2452 33.58 -17.50 87.13
CA ARG M 2452 34.92 -18.01 87.42
C ARG M 2452 35.09 -19.41 86.85
N GLU M 2453 34.13 -20.30 87.14
CA GLU M 2453 34.21 -21.66 86.64
C GLU M 2453 34.18 -21.71 85.12
N LEU M 2454 33.52 -20.74 84.48
CA LEU M 2454 33.46 -20.69 83.03
C LEU M 2454 34.75 -20.18 82.42
N LEU M 2455 35.37 -19.17 83.04
CA LEU M 2455 36.60 -18.61 82.50
C LEU M 2455 37.81 -19.50 82.78
N ASN M 2456 37.71 -20.38 83.77
CA ASN M 2456 38.84 -21.26 84.07
C ASN M 2456 39.37 -22.02 82.85
N PRO M 2457 38.54 -22.64 82.01
CA PRO M 2457 39.06 -23.26 80.80
C PRO M 2457 39.14 -22.35 79.58
N VAL M 2458 38.87 -21.05 79.72
CA VAL M 2458 38.90 -20.15 78.57
C VAL M 2458 40.28 -19.54 78.38
N VAL M 2459 40.94 -19.17 79.48
CA VAL M 2459 42.21 -18.46 79.40
C VAL M 2459 43.29 -19.28 78.73
N GLU M 2460 43.09 -20.60 78.60
CA GLU M 2460 44.11 -21.46 78.00
C GLU M 2460 44.38 -21.12 76.55
N PHE M 2461 43.45 -20.44 75.88
CA PHE M 2461 43.64 -20.09 74.48
C PHE M 2461 44.60 -18.92 74.29
N VAL M 2462 45.33 -18.53 75.33
CA VAL M 2462 46.47 -17.65 75.13
C VAL M 2462 47.49 -18.39 74.26
N SER M 2463 48.15 -17.64 73.37
CA SER M 2463 49.07 -18.19 72.39
C SER M 2463 48.39 -19.17 71.44
N HIS M 2464 47.08 -19.03 71.26
CA HIS M 2464 46.38 -19.83 70.26
C HIS M 2464 46.87 -19.45 68.87
N PRO M 2465 46.98 -20.42 67.96
CA PRO M 2465 47.55 -20.11 66.64
C PRO M 2465 46.78 -19.06 65.85
N SER M 2466 45.52 -18.80 66.19
CA SER M 2466 44.73 -17.79 65.50
C SER M 2466 44.72 -16.50 66.31
N THR M 2467 45.08 -15.40 65.67
CA THR M 2467 45.04 -14.10 66.35
C THR M 2467 43.62 -13.68 66.67
N THR M 2468 42.64 -14.14 65.89
CA THR M 2468 41.26 -13.72 66.09
C THR M 2468 40.74 -14.17 67.46
N CYS M 2469 40.95 -15.44 67.80
CA CYS M 2469 40.51 -15.92 69.11
C CYS M 2469 41.24 -15.17 70.22
N ARG M 2470 42.52 -14.88 70.02
CA ARG M 2470 43.28 -14.15 71.02
C ARG M 2470 42.69 -12.77 71.26
N GLU M 2471 42.42 -12.01 70.19
CA GLU M 2471 41.87 -10.68 70.38
C GLU M 2471 40.46 -10.75 70.96
N GLN M 2472 39.68 -11.76 70.59
CA GLN M 2472 38.33 -11.88 71.16
C GLN M 2472 38.40 -12.14 72.67
N MET M 2473 39.26 -13.08 73.08
CA MET M 2473 39.38 -13.30 74.52
C MET M 2473 39.98 -12.10 75.23
N TYR M 2474 40.78 -11.30 74.53
CA TYR M 2474 41.28 -10.08 75.15
C TYR M 2474 40.18 -9.05 75.31
N ASN M 2475 39.23 -9.01 74.38
CA ASN M 2475 38.03 -8.20 74.59
C ASN M 2475 37.25 -8.69 75.81
N ILE M 2476 37.12 -10.01 75.95
CA ILE M 2476 36.50 -10.58 77.14
C ILE M 2476 37.25 -10.11 78.39
N LEU M 2477 38.57 -10.19 78.34
CA LEU M 2477 39.40 -9.87 79.50
C LEU M 2477 39.27 -8.40 79.88
N MET M 2478 39.28 -7.50 78.89
CA MET M 2478 39.14 -6.09 79.20
C MET M 2478 37.75 -5.78 79.74
N TRP M 2479 36.72 -6.44 79.20
CA TRP M 2479 35.38 -6.29 79.76
C TRP M 2479 35.36 -6.68 81.23
N ILE M 2480 35.90 -7.86 81.54
CA ILE M 2480 35.84 -8.35 82.92
C ILE M 2480 36.74 -7.52 83.81
N HIS M 2481 37.83 -6.97 83.26
CA HIS M 2481 38.67 -6.05 84.01
C HIS M 2481 37.91 -4.79 84.38
N ASP M 2482 37.15 -4.25 83.44
CA ASP M 2482 36.39 -3.03 83.69
C ASP M 2482 35.17 -3.26 84.55
N ASN M 2483 34.67 -4.48 84.62
CA ASN M 2483 33.46 -4.79 85.37
C ASN M 2483 33.73 -5.45 86.71
N TYR M 2484 34.99 -5.53 87.13
CA TYR M 2484 35.38 -6.19 88.38
C TYR M 2484 36.37 -5.30 89.13
N ARG M 2485 35.84 -4.42 89.99
CA ARG M 2485 36.68 -3.53 90.80
C ARG M 2485 36.30 -3.51 92.27
N ASP M 2486 35.44 -4.42 92.71
CA ASP M 2486 35.04 -4.45 94.12
C ASP M 2486 36.20 -4.88 95.01
N THR M 2491 32.63 -7.83 98.77
CA THR M 2491 33.53 -8.27 97.71
C THR M 2491 33.70 -9.78 97.74
N ASP M 2492 33.17 -10.45 96.73
CA ASP M 2492 33.31 -11.90 96.65
C ASP M 2492 34.76 -12.27 96.41
N ASN M 2493 35.28 -13.19 97.23
CA ASN M 2493 36.65 -13.64 97.06
C ASN M 2493 36.83 -14.33 95.71
N ASP M 2494 35.80 -15.04 95.25
CA ASP M 2494 35.85 -15.62 93.91
C ASP M 2494 35.89 -14.52 92.85
N SER M 2495 35.12 -13.45 93.05
CA SER M 2495 35.14 -12.33 92.11
C SER M 2495 36.51 -11.65 92.09
N GLN M 2496 37.09 -11.44 93.28
CA GLN M 2496 38.41 -10.83 93.35
C GLN M 2496 39.46 -11.74 92.72
N GLU M 2497 39.33 -13.04 92.90
CA GLU M 2497 40.23 -13.99 92.24
C GLU M 2497 40.06 -13.93 90.73
N ILE M 2498 38.82 -13.77 90.26
CA ILE M 2498 38.58 -13.55 88.84
C ILE M 2498 39.36 -12.34 88.36
N PHE M 2499 39.26 -11.24 89.10
CA PHE M 2499 39.95 -10.02 88.72
C PHE M 2499 41.47 -10.24 88.68
N LYS M 2500 41.99 -10.93 89.70
CA LYS M 2500 43.42 -11.19 89.75
C LYS M 2500 43.89 -12.03 88.57
N LEU M 2501 43.16 -13.11 88.28
CA LEU M 2501 43.55 -13.97 87.17
C LEU M 2501 43.43 -13.24 85.84
N ALA M 2502 42.40 -12.40 85.69
CA ALA M 2502 42.21 -11.64 84.46
C ALA M 2502 43.36 -10.67 84.25
N LYS M 2503 43.72 -9.91 85.28
CA LYS M 2503 44.83 -8.98 85.12
C LYS M 2503 46.14 -9.71 84.91
N ASP M 2504 46.30 -10.88 85.54
CA ASP M 2504 47.52 -11.66 85.33
C ASP M 2504 47.65 -12.10 83.89
N VAL M 2505 46.59 -12.69 83.33
CA VAL M 2505 46.66 -13.16 81.95
C VAL M 2505 46.76 -11.98 80.99
N LEU M 2506 46.17 -10.83 81.34
CA LEU M 2506 46.36 -9.63 80.53
C LEU M 2506 47.82 -9.21 80.54
N ILE M 2507 48.49 -9.33 81.69
CA ILE M 2507 49.92 -9.09 81.75
C ILE M 2507 50.66 -10.06 80.84
N GLN M 2508 50.28 -11.34 80.90
CA GLN M 2508 50.87 -12.30 79.99
C GLN M 2508 50.44 -12.04 78.55
N GLY M 2509 49.24 -11.49 78.37
CA GLY M 2509 48.78 -11.12 77.04
C GLY M 2509 49.43 -9.86 76.49
N LEU M 2510 50.23 -9.16 77.30
CA LEU M 2510 50.89 -7.96 76.82
C LEU M 2510 51.84 -8.28 75.67
N ILE M 2511 52.58 -9.38 75.78
CA ILE M 2511 53.49 -9.80 74.71
C ILE M 2511 52.67 -10.49 73.63
N ASP M 2512 52.77 -10.00 72.41
CA ASP M 2512 52.03 -10.54 71.28
C ASP M 2512 52.93 -10.66 70.08
N GLU M 2513 52.87 -11.80 69.39
CA GLU M 2513 53.53 -11.92 68.11
C GLU M 2513 52.88 -11.00 67.08
N ASN M 2514 51.61 -10.69 67.26
CA ASN M 2514 50.90 -9.80 66.35
C ASN M 2514 51.11 -8.36 66.77
N PRO M 2515 51.72 -7.51 65.94
CA PRO M 2515 51.86 -6.10 66.31
C PRO M 2515 50.54 -5.39 66.53
N GLY M 2516 49.48 -5.79 65.80
CA GLY M 2516 48.18 -5.19 66.04
C GLY M 2516 47.65 -5.47 67.44
N LEU M 2517 47.85 -6.71 67.91
CA LEU M 2517 47.51 -7.03 69.29
C LEU M 2517 48.32 -6.19 70.27
N GLN M 2518 49.60 -5.99 69.97
CA GLN M 2518 50.43 -5.13 70.79
C GLN M 2518 49.84 -3.72 70.86
N LEU M 2519 49.47 -3.17 69.70
CA LEU M 2519 48.93 -1.82 69.65
C LEU M 2519 47.62 -1.71 70.43
N ILE M 2520 46.72 -2.68 70.25
CA ILE M 2520 45.42 -2.57 70.91
C ILE M 2520 45.56 -2.77 72.41
N ILE M 2521 46.43 -3.69 72.84
CA ILE M 2521 46.63 -3.88 74.27
C ILE M 2521 47.32 -2.67 74.87
N ARG M 2522 48.20 -2.01 74.11
CA ARG M 2522 48.79 -0.76 74.60
C ARG M 2522 47.73 0.30 74.77
N ASN M 2523 46.85 0.44 73.77
CA ASN M 2523 45.79 1.44 73.84
C ASN M 2523 44.89 1.19 75.05
N PHE M 2524 44.55 -0.08 75.29
CA PHE M 2524 43.76 -0.41 76.48
C PHE M 2524 44.52 -0.07 77.76
N TRP M 2525 45.79 -0.46 77.83
CA TRP M 2525 46.54 -0.25 79.06
C TRP M 2525 47.00 1.19 79.21
N SER M 2526 47.46 1.82 78.12
CA SER M 2526 47.86 3.22 78.21
C SER M 2526 46.69 4.15 78.48
N HIS M 2527 45.46 3.65 78.38
CA HIS M 2527 44.31 4.46 78.73
C HIS M 2527 44.36 4.84 80.21
N GLU M 2528 43.78 6.00 80.52
CA GLU M 2528 43.94 6.58 81.85
C GLU M 2528 43.42 5.67 82.95
N THR M 2529 42.36 4.91 82.68
CA THR M 2529 41.82 4.01 83.69
C THR M 2529 42.86 2.99 84.13
N ARG M 2530 43.53 2.35 83.16
CA ARG M 2530 44.57 1.39 83.50
C ARG M 2530 45.85 2.07 83.95
N LEU M 2531 46.22 3.17 83.30
CA LEU M 2531 47.43 3.90 83.64
C LEU M 2531 47.07 5.28 84.17
N PRO M 2532 47.22 5.53 85.47
CA PRO M 2532 46.82 6.83 86.02
C PRO M 2532 47.58 7.97 85.36
N SER M 2533 46.87 9.08 85.17
CA SER M 2533 47.40 10.19 84.37
C SER M 2533 48.71 10.72 84.94
N ASN M 2534 48.80 10.84 86.26
CA ASN M 2534 50.05 11.25 86.88
C ASN M 2534 51.12 10.23 86.58
N THR M 2535 52.30 10.73 86.17
CA THR M 2535 53.41 9.84 85.85
C THR M 2535 53.83 9.04 87.08
N LEU M 2536 53.91 9.68 88.24
CA LEU M 2536 54.24 8.96 89.46
C LEU M 2536 53.15 7.95 89.81
N ASP M 2537 51.89 8.34 89.70
CA ASP M 2537 50.80 7.40 89.94
C ASP M 2537 50.79 6.29 88.92
N ARG M 2538 51.11 6.62 87.66
CA ARG M 2538 51.22 5.60 86.63
C ARG M 2538 52.29 4.58 86.99
N LEU M 2539 53.46 5.06 87.43
CA LEU M 2539 54.54 4.17 87.83
C LEU M 2539 54.13 3.30 89.02
N LEU M 2540 53.49 3.91 90.02
CA LEU M 2540 53.07 3.16 91.19
C LEU M 2540 52.07 2.07 90.80
N ALA M 2541 51.15 2.39 89.89
CA ALA M 2541 50.19 1.40 89.44
C ALA M 2541 50.88 0.27 88.69
N LEU M 2542 51.75 0.60 87.73
CA LEU M 2542 52.37 -0.44 86.92
C LEU M 2542 53.41 -1.24 87.69
N ASN M 2543 53.84 -0.78 88.86
CA ASN M 2543 54.74 -1.59 89.67
C ASN M 2543 54.13 -2.95 89.96
N SER M 2544 52.84 -3.00 90.29
CA SER M 2544 52.16 -4.26 90.46
C SER M 2544 52.00 -5.02 89.14
N LEU M 2545 52.06 -4.31 88.01
CA LEU M 2545 51.84 -4.92 86.70
C LEU M 2545 53.13 -5.63 86.24
N TYR M 2546 53.47 -6.69 86.97
CA TYR M 2546 54.68 -7.46 86.71
C TYR M 2546 54.35 -8.94 86.71
N SER M 2547 55.06 -9.68 85.86
CA SER M 2547 55.02 -11.13 85.84
C SER M 2547 56.44 -11.65 85.71
N PRO M 2548 56.76 -12.78 86.36
CA PRO M 2548 58.10 -13.36 86.20
C PRO M 2548 58.39 -13.80 84.78
N LYS M 2549 57.36 -14.03 83.96
CA LYS M 2549 57.57 -14.40 82.57
C LYS M 2549 57.75 -13.20 81.65
N ILE M 2550 57.16 -12.05 82.01
CA ILE M 2550 57.32 -10.83 81.25
C ILE M 2550 58.57 -10.11 81.73
N GLU M 2551 59.35 -10.80 82.55
CA GLU M 2551 60.56 -10.22 83.14
C GLU M 2551 61.49 -9.64 82.08
N VAL M 2552 61.61 -10.31 80.93
CA VAL M 2552 62.56 -9.88 79.91
C VAL M 2552 62.14 -8.53 79.34
N HIS M 2553 60.88 -8.38 78.99
CA HIS M 2553 60.39 -7.17 78.32
C HIS M 2553 59.73 -6.20 79.29
N PHE M 2554 59.81 -6.46 80.59
CA PHE M 2554 59.15 -5.61 81.58
C PHE M 2554 59.61 -4.16 81.47
N LEU M 2555 60.92 -3.94 81.51
CA LEU M 2555 61.47 -2.59 81.54
C LEU M 2555 61.18 -1.86 80.24
N SER M 2556 61.36 -2.54 79.10
CA SER M 2556 61.13 -1.90 77.81
C SER M 2556 59.68 -1.48 77.66
N LEU M 2557 58.76 -2.38 78.02
CA LEU M 2557 57.34 -2.04 77.92
C LEU M 2557 56.97 -0.90 78.85
N ALA M 2558 57.51 -0.90 80.07
CA ALA M 2558 57.23 0.19 80.99
C ALA M 2558 57.73 1.51 80.44
N THR M 2559 58.94 1.52 79.88
CA THR M 2559 59.50 2.74 79.31
C THR M 2559 58.66 3.23 78.13
N ASN M 2560 58.24 2.30 77.27
CA ASN M 2560 57.40 2.69 76.13
C ASN M 2560 56.07 3.26 76.60
N PHE M 2561 55.49 2.66 77.64
CA PHE M 2561 54.24 3.20 78.17
C PHE M 2561 54.43 4.60 78.73
N LEU M 2562 55.53 4.81 79.46
CA LEU M 2562 55.80 6.13 80.02
C LEU M 2562 56.15 7.14 78.94
N LEU M 2563 56.60 6.68 77.77
CA LEU M 2563 56.97 7.59 76.70
C LEU M 2563 55.76 7.99 75.85
N GLU M 2564 54.97 7.01 75.41
CA GLU M 2564 53.84 7.32 74.54
C GLU M 2564 52.78 8.13 75.26
N MET M 2565 52.63 7.93 76.58
CA MET M 2565 51.69 8.75 77.33
C MET M 2565 52.08 10.22 77.30
N THR M 2566 53.37 10.51 77.12
CA THR M 2566 53.85 11.88 77.02
C THR M 2566 53.43 12.43 75.66
N SER M 2567 52.17 12.87 75.58
CA SER M 2567 51.64 13.39 74.33
C SER M 2567 50.99 14.75 74.54
N MET M 2568 50.43 14.96 75.73
CA MET M 2568 49.77 16.22 76.06
C MET M 2568 50.73 17.27 76.61
N SER M 2569 52.02 16.94 76.72
CA SER M 2569 52.99 17.91 77.21
C SER M 2569 53.10 19.07 76.22
N PRO M 2570 53.01 20.31 76.69
CA PRO M 2570 53.08 21.44 75.74
C PRO M 2570 54.38 21.48 74.95
N ASP M 2571 55.51 21.17 75.58
CA ASP M 2571 56.80 21.18 74.89
C ASP M 2571 57.08 19.89 74.15
N TYR M 2572 56.28 18.84 74.38
CA TYR M 2572 56.48 17.58 73.69
C TYR M 2572 56.49 17.72 72.16
N PRO M 2573 55.62 18.50 71.53
CA PRO M 2573 55.80 18.81 70.11
C PRO M 2573 56.68 20.02 69.82
N ASN M 2574 57.17 20.71 70.85
CA ASN M 2574 57.96 21.90 70.63
C ASN M 2574 59.40 21.56 70.29
N PRO M 2575 60.04 22.36 69.45
CA PRO M 2575 61.44 22.08 69.07
C PRO M 2575 62.40 22.31 70.24
N MET M 2576 63.61 21.78 70.06
CA MET M 2576 64.65 21.99 71.07
C MET M 2576 64.98 23.47 71.23
N PHE M 2577 65.14 24.18 70.13
CA PHE M 2577 65.65 25.54 70.18
C PHE M 2577 64.86 26.44 69.24
N GLU M 2578 64.56 27.64 69.72
CA GLU M 2578 64.04 28.69 68.86
C GLU M 2578 65.12 29.26 67.97
N HIS M 2579 66.38 29.19 68.41
CA HIS M 2579 67.50 29.68 67.62
C HIS M 2579 68.19 28.52 66.94
N PRO M 2580 68.25 28.50 65.60
CA PRO M 2580 69.13 27.54 64.93
C PRO M 2580 70.57 27.86 65.22
N LEU M 2581 71.44 26.92 64.86
CA LEU M 2581 72.88 27.13 65.06
C LEU M 2581 73.35 28.36 64.31
N SER M 2582 72.87 28.54 63.08
CA SER M 2582 73.14 29.74 62.30
C SER M 2582 72.10 29.81 61.18
N GLU M 2583 72.22 30.84 60.34
CA GLU M 2583 71.30 31.01 59.23
C GLU M 2583 71.53 29.92 58.20
N CYS M 2584 70.60 28.97 58.12
CA CYS M 2584 70.70 27.86 57.18
C CYS M 2584 69.33 27.53 56.62
N GLU M 2585 69.27 27.24 55.33
CA GLU M 2585 68.06 26.79 54.67
C GLU M 2585 68.14 25.29 54.48
N PHE M 2586 67.09 24.59 54.90
CA PHE M 2586 67.07 23.13 54.90
C PHE M 2586 66.02 22.63 53.91
N GLN M 2587 66.47 22.05 52.82
CA GLN M 2587 65.58 21.29 51.96
C GLN M 2587 65.21 19.98 52.64
N GLU M 2588 64.06 19.44 52.25
CA GLU M 2588 63.62 18.17 52.82
C GLU M 2588 64.56 17.06 52.38
N TYR M 2589 65.09 16.33 53.34
CA TYR M 2589 66.02 15.23 53.07
C TYR M 2589 65.26 13.92 53.09
N THR M 2590 65.20 13.24 51.96
CA THR M 2590 64.54 11.95 51.84
C THR M 2590 65.57 10.84 51.87
N ILE M 2591 65.16 9.69 52.40
CA ILE M 2591 66.02 8.53 52.54
C ILE M 2591 65.28 7.32 51.98
N ASP M 2592 65.94 6.58 51.09
CA ASP M 2592 65.33 5.46 50.39
C ASP M 2592 65.85 4.14 50.97
N SER M 2593 64.93 3.24 51.32
CA SER M 2593 65.27 1.91 51.78
C SER M 2593 64.72 0.90 50.79
N ASP M 2594 65.60 0.04 50.27
CA ASP M 2594 65.21 -0.99 49.33
C ASP M 2594 65.88 -2.30 49.72
N TRP M 2595 65.26 -3.41 49.32
CA TRP M 2595 65.83 -4.72 49.61
C TRP M 2595 67.19 -4.91 48.98
N ARG M 2596 67.48 -4.18 47.90
CA ARG M 2596 68.81 -4.19 47.29
C ARG M 2596 69.80 -3.54 48.26
N PHE M 2597 70.72 -4.32 48.78
CA PHE M 2597 71.69 -3.85 49.74
C PHE M 2597 73.07 -3.72 49.10
N ARG M 2598 74.00 -3.16 49.86
CA ARG M 2598 75.36 -2.95 49.38
C ARG M 2598 76.10 -4.29 49.31
N SER M 2599 77.27 -4.27 48.67
CA SER M 2599 78.08 -5.47 48.44
C SER M 2599 77.29 -6.50 47.65
N THR M 2600 76.61 -6.05 46.60
CA THR M 2600 75.81 -6.92 45.75
C THR M 2600 76.02 -6.71 44.26
N VAL M 2601 76.65 -5.61 43.86
CA VAL M 2601 76.86 -5.28 42.45
C VAL M 2601 78.34 -4.99 42.24
N LEU M 2602 78.93 -5.58 41.20
CA LEU M 2602 80.31 -5.31 40.86
C LEU M 2602 80.44 -4.20 39.83
N THR M 2603 79.72 -4.31 38.72
CA THR M 2603 79.78 -3.30 37.66
C THR M 2603 78.39 -2.92 37.18
N GLY M 2721 28.49 1.99 37.10
CA GLY M 2721 28.73 0.72 36.46
C GLY M 2721 29.15 0.85 35.00
N ARG M 2722 30.35 1.38 34.78
CA ARG M 2722 30.85 1.58 33.43
C ARG M 2722 31.59 0.38 32.89
N THR M 2723 32.00 -0.55 33.74
CA THR M 2723 32.70 -1.76 33.33
C THR M 2723 31.74 -2.90 32.99
N ASP M 2724 30.44 -2.62 32.94
CA ASP M 2724 29.47 -3.66 32.64
C ASP M 2724 29.72 -4.28 31.27
N LEU M 2725 29.98 -3.45 30.26
CA LEU M 2725 30.39 -3.98 28.96
C LEU M 2725 31.74 -4.67 29.05
N LEU M 2726 32.65 -4.11 29.84
CA LEU M 2726 33.97 -4.71 30.01
C LEU M 2726 33.86 -6.09 30.65
N ARG M 2727 33.05 -6.19 31.71
CA ARG M 2727 32.86 -7.49 32.36
C ARG M 2727 32.05 -8.43 31.48
N LEU M 2728 31.21 -7.87 30.61
CA LEU M 2728 30.47 -8.70 29.66
C LEU M 2728 31.41 -9.36 28.66
N ARG M 2729 32.30 -8.57 28.06
CA ARG M 2729 33.20 -9.11 27.04
C ARG M 2729 34.31 -9.96 27.65
N ARG M 2730 34.81 -9.60 28.84
CA ARG M 2730 35.83 -10.42 29.48
C ARG M 2730 35.26 -11.79 29.85
N ARG M 2731 34.03 -11.83 30.32
CA ARG M 2731 33.36 -13.08 30.66
C ARG M 2731 32.54 -13.63 29.51
N PHE M 2732 32.82 -13.18 28.28
CA PHE M 2732 32.14 -13.70 27.09
C PHE M 2732 32.89 -14.94 26.64
N MET M 2733 32.40 -16.11 27.07
CA MET M 2733 32.98 -17.39 26.67
C MET M 2733 31.88 -18.39 26.33
N ARG M 2734 30.88 -17.94 25.56
CA ARG M 2734 29.83 -18.86 25.16
C ARG M 2734 30.34 -19.90 24.17
N ASP M 2735 31.39 -19.60 23.42
CA ASP M 2735 32.15 -20.65 22.76
C ASP M 2735 32.89 -21.48 23.80
N GLN M 2736 33.04 -22.77 23.52
CA GLN M 2736 33.54 -23.70 24.53
C GLN M 2736 35.05 -23.59 24.65
N GLU M 2737 35.53 -23.28 25.85
CA GLU M 2737 36.94 -23.41 26.20
C GLU M 2737 37.11 -24.00 27.59
N LYS M 2738 36.17 -24.86 28.02
CA LYS M 2738 36.22 -25.40 29.36
C LYS M 2738 37.49 -26.19 29.60
N LEU M 2739 37.89 -27.01 28.63
CA LEU M 2739 39.19 -27.67 28.70
C LEU M 2739 40.32 -26.64 28.68
N SER M 2740 40.19 -25.61 27.83
CA SER M 2740 41.19 -24.55 27.80
C SER M 2740 41.18 -23.75 29.09
N LEU M 2741 40.00 -23.54 29.67
CA LEU M 2741 39.93 -22.86 30.97
C LEU M 2741 40.63 -23.66 32.05
N MET M 2742 40.40 -24.98 32.07
CA MET M 2742 41.07 -25.82 33.04
C MET M 2742 42.58 -25.81 32.84
N TYR M 2743 43.02 -25.86 31.58
CA TYR M 2743 44.45 -25.82 31.29
C TYR M 2743 45.07 -24.50 31.71
N ALA M 2744 44.38 -23.39 31.44
CA ALA M 2744 44.88 -22.09 31.86
C ALA M 2744 44.94 -22.00 33.37
N ARG M 2745 43.90 -22.50 34.06
CA ARG M 2745 43.92 -22.52 35.51
C ARG M 2745 45.16 -23.26 36.02
N LYS M 2746 45.38 -24.46 35.50
CA LYS M 2746 46.51 -25.27 35.96
C LYS M 2746 47.83 -24.59 35.66
N GLY M 2747 48.01 -24.10 34.43
CA GLY M 2747 49.26 -23.46 34.06
C GLY M 2747 49.55 -22.24 34.91
N VAL M 2748 48.55 -21.37 35.06
CA VAL M 2748 48.69 -20.22 35.95
C VAL M 2748 49.02 -20.68 37.36
N ALA M 2749 48.49 -21.84 37.76
CA ALA M 2749 48.86 -22.38 39.06
C ALA M 2749 50.35 -22.65 39.15
N GLU M 2750 50.93 -23.32 38.15
CA GLU M 2750 52.37 -23.57 38.25
C GLU M 2750 53.18 -22.28 38.19
N GLN M 2751 52.74 -21.30 37.40
CA GLN M 2751 53.45 -20.02 37.44
C GLN M 2751 53.36 -19.38 38.81
N LYS M 2752 52.21 -19.53 39.48
CA LYS M 2752 52.10 -19.02 40.84
C LYS M 2752 52.99 -19.79 41.80
N ARG M 2753 53.18 -21.09 41.57
CA ARG M 2753 54.16 -21.85 42.35
C ARG M 2753 55.56 -21.26 42.17
N GLU M 2754 55.93 -20.92 40.94
CA GLU M 2754 57.23 -20.29 40.71
C GLU M 2754 57.31 -18.94 41.44
N LYS M 2755 56.23 -18.15 41.36
CA LYS M 2755 56.22 -16.85 42.01
C LYS M 2755 56.40 -16.99 43.52
N GLU M 2756 55.68 -17.93 44.14
CA GLU M 2756 55.83 -18.10 45.58
C GLU M 2756 57.18 -18.69 45.95
N ILE M 2757 57.77 -19.50 45.04
CA ILE M 2757 59.12 -19.98 45.26
C ILE M 2757 60.10 -18.81 45.35
N LYS M 2758 59.95 -17.85 44.45
CA LYS M 2758 60.72 -16.61 44.59
C LYS M 2758 60.34 -15.86 45.87
N SER M 2759 59.07 -15.94 46.25
CA SER M 2759 58.56 -15.13 47.36
C SER M 2759 59.17 -15.56 48.70
N GLU M 2760 59.28 -16.86 48.94
CA GLU M 2760 59.83 -17.26 50.24
C GLU M 2760 61.28 -16.81 50.39
N LEU M 2761 62.04 -16.78 49.29
CA LEU M 2761 63.39 -16.25 49.34
C LEU M 2761 63.39 -14.75 49.53
N LYS M 2762 62.44 -14.05 48.90
CA LYS M 2762 62.37 -12.60 49.06
C LYS M 2762 62.05 -12.22 50.49
N MET M 2763 61.10 -12.91 51.12
CA MET M 2763 60.75 -12.59 52.49
C MET M 2763 61.83 -13.03 53.47
N LYS M 2764 62.63 -14.03 53.09
CA LYS M 2764 63.78 -14.41 53.89
C LYS M 2764 64.74 -13.24 54.05
N GLN M 2765 64.83 -12.38 53.03
CA GLN M 2765 65.62 -11.17 53.14
C GLN M 2765 65.05 -10.26 54.23
N ASP M 2766 65.93 -9.46 54.82
CA ASP M 2766 65.53 -8.63 55.95
C ASP M 2766 64.47 -7.61 55.54
N ALA M 2767 63.50 -7.41 56.43
CA ALA M 2767 62.44 -6.44 56.17
C ALA M 2767 63.01 -5.02 56.10
N GLN M 2768 62.34 -4.18 55.33
CA GLN M 2768 62.83 -2.83 55.10
C GLN M 2768 62.76 -2.00 56.38
N VAL M 2769 63.76 -1.16 56.58
CA VAL M 2769 63.89 -0.35 57.78
C VAL M 2769 62.91 0.81 57.72
N VAL M 2770 62.52 1.31 58.90
CA VAL M 2770 61.64 2.47 59.00
C VAL M 2770 62.33 3.51 59.88
N LEU M 2771 61.91 4.77 59.70
CA LEU M 2771 62.46 5.89 60.43
C LEU M 2771 61.39 6.52 61.31
N TYR M 2772 61.82 7.10 62.42
CA TYR M 2772 60.92 7.69 63.40
C TYR M 2772 61.25 9.16 63.66
N ARG M 2773 61.83 9.84 62.69
CA ARG M 2773 62.10 11.27 62.82
C ARG M 2773 62.27 11.88 61.44
N SER M 2774 61.73 13.09 61.26
CA SER M 2774 61.88 13.80 60.00
C SER M 2774 63.34 14.18 59.78
N TYR M 2775 63.66 14.46 58.52
CA TYR M 2775 65.04 14.77 58.12
C TYR M 2775 65.03 15.84 57.05
N ARG M 2776 65.73 16.94 57.33
CA ARG M 2776 65.92 18.02 56.37
C ARG M 2776 67.40 18.08 55.99
N HIS M 2777 67.74 19.01 55.10
CA HIS M 2777 69.09 19.04 54.54
C HIS M 2777 69.50 20.49 54.28
N GLY M 2778 70.46 20.99 55.05
CA GLY M 2778 71.06 22.28 54.84
C GLY M 2778 72.57 22.18 54.88
N ASP M 2779 73.21 23.29 55.26
CA ASP M 2779 74.66 23.32 55.40
C ASP M 2779 75.13 23.68 56.80
N LEU M 2780 74.24 24.19 57.65
CA LEU M 2780 74.55 24.43 59.06
C LEU M 2780 73.39 23.85 59.88
N PRO M 2781 73.63 22.84 60.71
CA PRO M 2781 72.51 22.12 61.34
C PRO M 2781 71.64 23.01 62.21
N ASP M 2782 70.35 22.70 62.23
CA ASP M 2782 69.37 23.40 63.05
C ASP M 2782 69.05 22.61 64.30
N ILE M 2783 68.48 23.30 65.29
CA ILE M 2783 68.15 22.67 66.57
C ILE M 2783 66.64 22.81 66.73
N GLN M 2784 65.93 22.87 65.60
CA GLN M 2784 64.48 23.04 65.58
C GLN M 2784 63.73 21.71 65.61
N ILE M 2785 64.31 20.69 66.21
CA ILE M 2785 63.72 19.36 66.26
C ILE M 2785 62.88 19.22 67.52
N LYS M 2786 61.67 18.70 67.36
CA LYS M 2786 60.73 18.62 68.46
C LYS M 2786 61.15 17.54 69.47
N HIS M 2787 60.55 17.63 70.66
CA HIS M 2787 60.80 16.61 71.68
C HIS M 2787 60.31 15.24 71.22
N SER M 2788 59.23 15.21 70.43
CA SER M 2788 58.71 13.95 69.92
C SER M 2788 59.76 13.23 69.08
N SER M 2789 60.40 13.98 68.18
CA SER M 2789 61.34 13.40 67.22
C SER M 2789 62.54 12.77 67.90
N LEU M 2790 62.82 13.14 69.14
CA LEU M 2790 63.96 12.58 69.86
C LEU M 2790 63.58 11.46 70.80
N ILE M 2791 62.33 11.45 71.28
CA ILE M 2791 61.92 10.39 72.18
C ILE M 2791 61.39 9.17 71.44
N THR M 2792 60.84 9.35 70.23
CA THR M 2792 60.41 8.19 69.46
C THR M 2792 61.56 7.22 69.16
N PRO M 2793 62.75 7.66 68.73
CA PRO M 2793 63.84 6.69 68.59
C PRO M 2793 64.26 6.09 69.91
N LEU M 2794 64.08 6.82 71.02
CA LEU M 2794 64.44 6.29 72.33
C LEU M 2794 63.62 5.03 72.63
N GLN M 2795 62.29 5.12 72.53
CA GLN M 2795 61.48 3.94 72.75
C GLN M 2795 61.70 2.90 71.66
N ALA M 2796 61.97 3.35 70.43
CA ALA M 2796 62.20 2.41 69.33
C ALA M 2796 63.38 1.52 69.63
N VAL M 2797 64.47 2.09 70.13
CA VAL M 2797 65.64 1.28 70.43
C VAL M 2797 65.46 0.54 71.76
N ALA M 2798 64.75 1.15 72.72
CA ALA M 2798 64.57 0.50 74.01
C ALA M 2798 63.79 -0.80 73.85
N GLN M 2799 62.83 -0.83 72.93
CA GLN M 2799 62.11 -2.08 72.71
C GLN M 2799 62.94 -3.09 71.93
N ARG M 2800 64.13 -2.72 71.46
CA ARG M 2800 65.06 -3.71 70.90
C ARG M 2800 66.00 -4.26 71.96
N ASP M 2801 66.79 -3.38 72.58
CA ASP M 2801 67.79 -3.86 73.52
C ASP M 2801 67.37 -3.60 74.96
N PRO M 2802 67.60 -4.57 75.84
CA PRO M 2802 67.19 -4.41 77.24
C PRO M 2802 68.12 -3.53 78.05
N ILE M 2803 69.39 -3.43 77.66
CA ILE M 2803 70.35 -2.66 78.44
C ILE M 2803 70.06 -1.16 78.31
N ILE M 2804 69.82 -0.69 77.08
CA ILE M 2804 69.49 0.72 76.91
C ILE M 2804 68.16 1.04 77.58
N ALA M 2805 67.21 0.11 77.50
CA ALA M 2805 65.93 0.32 78.18
C ALA M 2805 66.12 0.40 79.68
N LYS M 2806 66.98 -0.45 80.25
CA LYS M 2806 67.17 -0.46 81.69
C LYS M 2806 67.90 0.78 82.17
N GLN M 2807 68.89 1.25 81.40
CA GLN M 2807 69.57 2.48 81.82
C GLN M 2807 68.64 3.69 81.68
N LEU M 2808 67.82 3.70 80.63
CA LEU M 2808 66.79 4.73 80.52
C LEU M 2808 65.84 4.70 81.70
N PHE M 2809 65.40 3.50 82.10
CA PHE M 2809 64.49 3.37 83.21
C PHE M 2809 65.12 3.85 84.51
N SER M 2810 66.38 3.48 84.74
CA SER M 2810 67.07 3.93 85.96
C SER M 2810 67.20 5.45 85.97
N SER M 2811 67.58 6.04 84.83
CA SER M 2811 67.74 7.49 84.76
C SER M 2811 66.42 8.19 85.02
N LEU M 2812 65.34 7.73 84.38
CA LEU M 2812 64.05 8.38 84.57
C LEU M 2812 63.52 8.15 85.99
N PHE M 2813 63.81 6.99 86.58
CA PHE M 2813 63.40 6.75 87.95
C PHE M 2813 64.11 7.70 88.92
N SER M 2814 65.42 7.89 88.73
CA SER M 2814 66.14 8.83 89.56
C SER M 2814 65.61 10.25 89.36
N GLY M 2815 65.36 10.63 88.11
CA GLY M 2815 64.82 11.96 87.85
C GLY M 2815 63.47 12.17 88.48
N ILE M 2816 62.58 11.18 88.37
CA ILE M 2816 61.25 11.33 88.96
C ILE M 2816 61.33 11.34 90.48
N LEU M 2817 62.26 10.58 91.07
CA LEU M 2817 62.40 10.63 92.52
C LEU M 2817 62.89 12.00 92.98
N LYS M 2818 63.89 12.56 92.30
CA LYS M 2818 64.36 13.88 92.65
C LYS M 2818 63.38 14.98 92.25
N GLU M 2819 62.38 14.66 91.43
CA GLU M 2819 61.41 15.64 90.97
C GLU M 2819 60.16 15.69 91.83
N MET M 2820 59.67 14.53 92.30
CA MET M 2820 58.43 14.50 93.05
C MET M 2820 58.58 15.13 94.42
N ASP M 2821 59.77 15.08 95.01
CA ASP M 2821 59.94 15.46 96.41
C ASP M 2821 59.60 16.93 96.67
N LYS M 2822 59.58 17.76 95.62
CA LYS M 2822 59.33 19.18 95.83
C LYS M 2822 57.92 19.42 96.38
N PHE M 2823 56.93 18.69 95.88
CA PHE M 2823 55.56 18.83 96.36
C PHE M 2823 55.08 17.64 97.17
N LYS M 2824 55.98 16.75 97.56
CA LYS M 2824 55.64 15.59 98.37
C LYS M 2824 56.33 15.72 99.72
N THR M 2825 55.55 15.56 100.80
CA THR M 2825 56.10 15.61 102.14
C THR M 2825 56.85 14.32 102.45
N LEU M 2826 57.60 14.35 103.56
CA LEU M 2826 58.44 13.21 103.91
C LEU M 2826 57.61 11.96 104.15
N SER M 2827 56.43 12.11 104.73
CA SER M 2827 55.57 10.94 104.97
C SER M 2827 55.14 10.30 103.66
N GLU M 2828 54.75 11.13 102.67
CA GLU M 2828 54.33 10.59 101.39
C GLU M 2828 55.49 9.86 100.69
N LYS M 2829 56.66 10.48 100.67
CA LYS M 2829 57.81 9.85 100.03
C LYS M 2829 58.18 8.56 100.74
N ASN M 2830 58.15 8.56 102.08
CA ASN M 2830 58.47 7.35 102.83
C ASN M 2830 57.46 6.25 102.53
N ASN M 2831 56.17 6.59 102.49
CA ASN M 2831 55.15 5.59 102.20
C ASN M 2831 55.34 5.00 100.81
N ILE M 2832 55.60 5.85 99.82
CA ILE M 2832 55.88 5.36 98.48
C ILE M 2832 57.12 4.48 98.49
N THR M 2833 58.10 4.83 99.33
CA THR M 2833 59.31 4.02 99.44
C THR M 2833 58.99 2.62 99.96
N GLN M 2834 58.14 2.52 100.99
CA GLN M 2834 57.77 1.19 101.47
C GLN M 2834 56.98 0.43 100.41
N LYS M 2835 56.09 1.12 99.69
CA LYS M 2835 55.35 0.44 98.62
C LYS M 2835 56.30 -0.14 97.59
N LEU M 2836 57.28 0.66 97.16
CA LEU M 2836 58.25 0.18 96.17
C LEU M 2836 59.10 -0.94 96.73
N LEU M 2837 59.48 -0.86 98.00
CA LEU M 2837 60.26 -1.94 98.61
C LEU M 2837 59.48 -3.24 98.62
N GLN M 2838 58.20 -3.18 98.96
CA GLN M 2838 57.35 -4.37 98.89
C GLN M 2838 57.24 -4.87 97.46
N ASP M 2839 57.13 -3.95 96.50
CA ASP M 2839 57.09 -4.36 95.10
C ASP M 2839 58.36 -5.11 94.70
N PHE M 2840 59.51 -4.61 95.13
CA PHE M 2840 60.77 -5.27 94.79
C PHE M 2840 60.89 -6.62 95.49
N ASN M 2841 60.42 -6.71 96.74
CA ASN M 2841 60.38 -8.01 97.41
C ASN M 2841 59.55 -9.00 96.63
N ARG M 2842 58.38 -8.56 96.14
CA ARG M 2842 57.57 -9.43 95.30
C ARG M 2842 58.30 -9.81 94.03
N PHE M 2843 58.95 -8.83 93.38
CA PHE M 2843 59.66 -9.10 92.14
C PHE M 2843 60.70 -10.19 92.33
N LEU M 2844 61.57 -10.02 93.33
CA LEU M 2844 62.65 -10.97 93.54
C LEU M 2844 62.12 -12.31 94.03
N ASN M 2845 61.07 -12.30 94.84
CA ASN M 2845 60.52 -13.55 95.34
C ASN M 2845 59.77 -14.31 94.24
N THR M 2846 58.95 -13.60 93.47
CA THR M 2846 58.11 -14.26 92.48
C THR M 2846 58.85 -14.63 91.21
N THR M 2847 59.99 -14.03 90.92
CA THR M 2847 60.68 -14.31 89.68
C THR M 2847 61.28 -15.72 89.70
N PHE M 2848 61.17 -16.41 88.57
CA PHE M 2848 61.86 -17.67 88.34
C PHE M 2848 62.98 -17.54 87.33
N SER M 2849 62.75 -16.79 86.25
CA SER M 2849 63.83 -16.45 85.34
C SER M 2849 64.74 -15.41 86.00
N PHE M 2850 65.96 -15.32 85.48
CA PHE M 2850 66.97 -14.42 86.02
C PHE M 2850 67.52 -13.61 84.86
N PHE M 2851 66.86 -12.50 84.56
CA PHE M 2851 67.27 -11.61 83.49
C PHE M 2851 68.31 -10.64 84.02
N PRO M 2852 69.56 -10.74 83.58
CA PRO M 2852 70.61 -9.86 84.11
C PRO M 2852 70.26 -8.39 83.93
N PRO M 2853 69.68 -7.97 82.79
CA PRO M 2853 69.26 -6.56 82.71
C PRO M 2853 68.21 -6.21 83.75
N PHE M 2854 67.20 -7.06 83.93
CA PHE M 2854 66.12 -6.74 84.86
C PHE M 2854 66.65 -6.64 86.29
N VAL M 2855 67.38 -7.66 86.74
CA VAL M 2855 67.85 -7.67 88.12
C VAL M 2855 68.89 -6.59 88.34
N SER M 2856 69.76 -6.36 87.35
CA SER M 2856 70.79 -5.34 87.52
C SER M 2856 70.18 -3.94 87.53
N CYS M 2857 69.13 -3.71 86.74
CA CYS M 2857 68.46 -2.41 86.79
C CYS M 2857 67.73 -2.22 88.12
N ILE M 2858 67.15 -3.30 88.67
CA ILE M 2858 66.56 -3.21 90.00
C ILE M 2858 67.64 -2.83 91.01
N GLN M 2859 68.80 -3.48 90.92
CA GLN M 2859 69.89 -3.16 91.83
C GLN M 2859 70.36 -1.73 91.65
N ASP M 2860 70.37 -1.23 90.42
CA ASP M 2860 70.80 0.14 90.18
C ASP M 2860 69.82 1.14 90.75
N ILE M 2861 68.52 0.96 90.48
CA ILE M 2861 67.53 1.89 90.99
C ILE M 2861 67.44 1.80 92.50
N SER M 2862 67.85 0.69 93.10
CA SER M 2862 67.93 0.62 94.55
C SER M 2862 69.21 1.25 95.09
N CYS M 2863 70.32 1.20 94.34
CA CYS M 2863 71.57 1.75 94.84
C CYS M 2863 71.58 3.27 94.75
N GLN M 2864 70.91 3.83 93.75
CA GLN M 2864 70.95 5.28 93.57
C GLN M 2864 70.25 6.03 94.69
N HIS M 2865 69.48 5.34 95.54
CA HIS M 2865 68.84 5.98 96.68
C HIS M 2865 69.07 5.13 97.93
N ALA M 2866 69.41 5.80 99.04
CA ALA M 2866 69.65 5.09 100.28
C ALA M 2866 68.36 4.53 100.86
N ALA M 2867 67.21 5.16 100.56
CA ALA M 2867 65.94 4.70 101.09
C ALA M 2867 65.59 3.30 100.59
N LEU M 2868 66.15 2.88 99.46
CA LEU M 2868 65.87 1.55 98.92
C LEU M 2868 66.87 0.50 99.39
N LEU M 2869 67.92 0.91 100.11
CA LEU M 2869 68.90 -0.05 100.61
C LEU M 2869 68.34 -0.94 101.71
N SER M 2870 67.19 -0.59 102.28
CA SER M 2870 66.53 -1.43 103.26
C SER M 2870 65.81 -2.61 102.63
N LEU M 2871 66.03 -2.85 101.33
CA LEU M 2871 65.40 -3.96 100.64
C LEU M 2871 65.93 -5.29 101.17
N ASP M 2872 65.12 -6.34 101.01
CA ASP M 2872 65.47 -7.68 101.43
C ASP M 2872 66.80 -8.09 100.79
N PRO M 2873 67.85 -8.28 101.59
CA PRO M 2873 69.15 -8.61 100.98
C PRO M 2873 69.22 -10.03 100.44
N ALA M 2874 68.56 -10.98 101.09
CA ALA M 2874 68.69 -12.38 100.69
C ALA M 2874 68.15 -12.60 99.28
N ALA M 2875 67.00 -12.01 98.97
CA ALA M 2875 66.45 -12.14 97.62
C ALA M 2875 67.38 -11.51 96.58
N VAL M 2876 67.95 -10.35 96.91
CA VAL M 2876 68.89 -9.70 95.99
C VAL M 2876 70.09 -10.59 95.74
N SER M 2877 70.63 -11.18 96.80
CA SER M 2877 71.80 -12.05 96.67
C SER M 2877 71.47 -13.27 95.81
N ALA M 2878 70.32 -13.89 96.07
CA ALA M 2878 69.92 -15.06 95.29
C ALA M 2878 69.76 -14.69 93.81
N GLY M 2879 69.11 -13.56 93.53
CA GLY M 2879 68.92 -13.15 92.16
C GLY M 2879 70.23 -12.85 91.45
N CYS M 2880 71.14 -12.13 92.13
CA CYS M 2880 72.38 -11.74 91.48
C CYS M 2880 73.28 -12.95 91.25
N LEU M 2881 73.34 -13.87 92.22
CA LEU M 2881 74.11 -15.09 91.99
C LEU M 2881 73.50 -15.94 90.89
N ALA M 2882 72.17 -15.98 90.82
CA ALA M 2882 71.52 -16.74 89.76
C ALA M 2882 71.67 -16.05 88.42
N SER M 2883 71.50 -14.73 88.38
CA SER M 2883 71.60 -13.97 87.13
C SER M 2883 73.02 -13.49 86.85
N LEU M 2884 74.01 -14.02 87.56
CA LEU M 2884 75.41 -13.67 87.34
C LEU M 2884 75.64 -12.17 87.51
N GLN M 2885 74.99 -11.59 88.51
CA GLN M 2885 75.11 -10.18 88.83
C GLN M 2885 75.79 -9.97 90.17
N GLN M 2886 76.80 -10.79 90.46
CA GLN M 2886 77.43 -10.77 91.79
C GLN M 2886 77.99 -9.41 92.19
N PRO M 2887 78.78 -8.70 91.37
CA PRO M 2887 79.44 -7.50 91.90
C PRO M 2887 78.50 -6.33 92.12
N VAL M 2888 77.46 -6.17 91.31
CA VAL M 2888 76.52 -5.10 91.58
C VAL M 2888 75.75 -5.37 92.86
N GLY M 2889 75.41 -6.64 93.13
CA GLY M 2889 74.82 -6.97 94.42
C GLY M 2889 75.78 -6.73 95.57
N ILE M 2890 77.07 -7.00 95.35
CA ILE M 2890 78.08 -6.69 96.36
C ILE M 2890 78.09 -5.19 96.65
N ARG M 2891 78.00 -4.37 95.59
CA ARG M 2891 77.94 -2.93 95.78
C ARG M 2891 76.70 -2.54 96.57
N LEU M 2892 75.55 -3.13 96.22
CA LEU M 2892 74.31 -2.84 96.93
C LEU M 2892 74.44 -3.15 98.41
N LEU M 2893 74.99 -4.31 98.73
CA LEU M 2893 75.08 -4.70 100.14
C LEU M 2893 76.11 -3.85 100.87
N GLU M 2894 77.22 -3.51 100.20
CA GLU M 2894 78.23 -2.66 100.81
C GLU M 2894 77.66 -1.30 101.16
N GLU M 2895 76.96 -0.68 100.22
CA GLU M 2895 76.39 0.64 100.49
C GLU M 2895 75.28 0.58 101.52
N ALA M 2896 74.49 -0.51 101.53
CA ALA M 2896 73.49 -0.67 102.58
C ALA M 2896 74.15 -0.77 103.95
N LEU M 2897 75.24 -1.53 104.04
CA LEU M 2897 75.99 -1.63 105.28
C LEU M 2897 76.54 -0.27 105.70
N LEU M 2898 77.08 0.49 104.74
CA LEU M 2898 77.63 1.81 105.05
C LEU M 2898 76.55 2.75 105.55
N ARG M 2899 75.38 2.74 104.91
CA ARG M 2899 74.30 3.63 105.31
C ARG M 2899 73.69 3.23 106.64
N LEU M 2900 73.64 1.92 106.92
CA LEU M 2900 73.13 1.46 108.21
C LEU M 2900 74.05 1.77 109.36
N LEU M 2901 75.29 2.20 109.09
CA LEU M 2901 76.25 2.58 110.12
C LEU M 2901 76.53 1.44 111.10
N LEU M 2916 73.78 -4.55 119.36
CA LEU M 2916 74.57 -5.39 118.46
C LEU M 2916 74.19 -5.12 117.01
N PRO M 2917 75.16 -5.21 116.11
CA PRO M 2917 74.87 -5.02 114.69
C PRO M 2917 74.24 -6.26 114.09
N PRO M 2918 72.98 -6.17 113.63
CA PRO M 2918 72.32 -7.32 113.01
C PRO M 2918 72.71 -7.55 111.56
N ASP M 2919 73.77 -6.90 111.08
CA ASP M 2919 74.22 -7.04 109.71
C ASP M 2919 74.90 -8.37 109.43
N VAL M 2920 74.94 -9.29 110.41
CA VAL M 2920 75.57 -10.59 110.18
C VAL M 2920 74.90 -11.33 109.03
N LEU M 2921 73.59 -11.11 108.86
CA LEU M 2921 72.90 -11.66 107.70
C LEU M 2921 73.52 -11.14 106.40
N ARG M 2922 73.53 -9.82 106.23
CA ARG M 2922 74.12 -9.26 105.01
C ARG M 2922 75.62 -9.49 104.97
N TRP M 2923 76.26 -9.64 106.12
CA TRP M 2923 77.69 -9.97 106.13
C TRP M 2923 77.92 -11.33 105.49
N VAL M 2924 77.17 -12.35 105.91
CA VAL M 2924 77.35 -13.67 105.33
C VAL M 2924 76.86 -13.70 103.89
N GLU M 2925 75.92 -12.82 103.55
CA GLU M 2925 75.53 -12.69 102.14
C GLU M 2925 76.69 -12.17 101.30
N LEU M 2926 77.41 -11.16 101.80
CA LEU M 2926 78.62 -10.72 101.12
C LEU M 2926 79.64 -11.83 101.03
N ALA M 2927 79.78 -12.61 102.10
CA ALA M 2927 80.72 -13.73 102.06
C ALA M 2927 80.35 -14.71 100.94
N LYS M 2928 79.06 -15.02 100.82
CA LYS M 2928 78.60 -15.90 99.75
C LYS M 2928 78.89 -15.30 98.38
N LEU M 2929 78.65 -13.99 98.22
CA LEU M 2929 78.90 -13.35 96.94
C LEU M 2929 80.38 -13.38 96.58
N TYR M 2930 81.24 -13.12 97.56
CA TYR M 2930 82.68 -13.08 97.29
C TYR M 2930 83.24 -14.46 97.00
N ARG M 2931 82.79 -15.49 97.73
CA ARG M 2931 83.23 -16.83 97.36
C ARG M 2931 82.63 -17.26 96.03
N SER M 2932 81.48 -16.70 95.65
CA SER M 2932 80.91 -16.96 94.33
C SER M 2932 81.81 -16.38 93.23
N ILE M 2933 82.31 -15.16 93.43
CA ILE M 2933 83.23 -14.58 92.45
C ILE M 2933 84.62 -15.21 92.55
N GLY M 2934 84.86 -16.02 93.57
CA GLY M 2934 86.04 -16.84 93.65
C GLY M 2934 87.14 -16.32 94.56
N GLU M 2935 87.12 -15.03 94.90
CA GLU M 2935 88.20 -14.54 95.75
C GLU M 2935 87.91 -14.87 97.21
N TYR M 2936 88.97 -14.85 98.00
CA TYR M 2936 88.88 -15.16 99.42
C TYR M 2936 89.54 -14.11 100.31
N ASP M 2937 90.43 -13.28 99.78
CA ASP M 2937 91.26 -12.42 100.61
C ASP M 2937 90.42 -11.54 101.53
N VAL M 2938 89.33 -10.97 101.01
CA VAL M 2938 88.48 -10.11 101.82
C VAL M 2938 87.85 -10.90 102.96
N LEU M 2939 87.51 -12.17 102.70
CA LEU M 2939 86.69 -12.94 103.63
C LEU M 2939 87.37 -13.10 104.98
N ARG M 2940 88.63 -13.52 104.98
CA ARG M 2940 89.31 -13.76 106.25
C ARG M 2940 89.42 -12.49 107.08
N GLY M 2941 89.71 -11.36 106.42
CA GLY M 2941 89.71 -10.09 107.13
C GLY M 2941 88.33 -9.73 107.66
N ILE M 2942 87.29 -10.09 106.93
CA ILE M 2942 85.93 -9.84 107.40
C ILE M 2942 85.63 -10.66 108.65
N PHE M 2943 86.00 -11.95 108.63
CA PHE M 2943 85.68 -12.85 109.74
C PHE M 2943 86.65 -12.76 110.89
N THR M 2944 87.69 -11.91 110.80
CA THR M 2944 88.52 -11.65 111.96
C THR M 2944 87.73 -10.97 113.07
N SER M 2945 86.83 -10.06 112.70
CA SER M 2945 86.00 -9.35 113.66
C SER M 2945 84.85 -10.26 114.10
N GLU M 2946 83.83 -9.67 114.75
CA GLU M 2946 82.69 -10.44 115.23
C GLU M 2946 81.92 -11.12 114.12
N ILE M 2947 82.24 -10.85 112.85
CA ILE M 2947 81.61 -11.56 111.75
C ILE M 2947 81.96 -13.05 111.84
N GLY M 2948 83.22 -13.36 112.10
CA GLY M 2948 83.62 -14.72 112.42
C GLY M 2948 83.29 -15.04 113.86
N THR M 2949 82.00 -15.10 114.17
CA THR M 2949 81.58 -15.35 115.54
C THR M 2949 82.09 -16.69 116.03
N LYS M 2950 82.07 -17.70 115.16
CA LYS M 2950 82.71 -18.98 115.43
C LYS M 2950 84.08 -18.99 114.77
N GLN M 2951 85.13 -19.18 115.58
CA GLN M 2951 86.48 -19.21 115.03
C GLN M 2951 86.72 -20.44 114.17
N ILE M 2952 85.88 -21.47 114.29
CA ILE M 2952 85.98 -22.61 113.39
C ILE M 2952 85.69 -22.18 111.96
N THR M 2953 84.85 -21.17 111.77
CA THR M 2953 84.62 -20.62 110.44
C THR M 2953 85.92 -20.06 109.86
N GLN M 2954 86.65 -19.28 110.65
CA GLN M 2954 87.92 -18.73 110.17
C GLN M 2954 88.96 -19.83 109.96
N SER M 2955 88.95 -20.86 110.80
CA SER M 2955 89.87 -21.98 110.60
C SER M 2955 89.60 -22.67 109.27
N ALA M 2956 88.33 -22.91 108.97
CA ALA M 2956 87.98 -23.50 107.67
C ALA M 2956 88.34 -22.55 106.52
N LEU M 2957 88.16 -21.25 106.75
CA LEU M 2957 88.51 -20.25 105.73
C LEU M 2957 90.00 -20.32 105.39
N LEU M 2958 90.85 -20.34 106.41
CA LEU M 2958 92.28 -20.43 106.16
C LEU M 2958 92.69 -21.81 105.66
N ALA M 2959 91.90 -22.85 105.98
CA ALA M 2959 92.15 -24.17 105.40
C ALA M 2959 91.94 -24.14 103.89
N GLU M 2960 90.78 -23.64 103.45
CA GLU M 2960 90.53 -23.55 102.01
C GLU M 2960 91.30 -22.41 101.35
N ALA M 2961 91.97 -21.57 102.13
CA ALA M 2961 92.83 -20.54 101.54
C ALA M 2961 93.94 -21.18 100.72
N ARG M 2962 94.56 -22.23 101.24
CA ARG M 2962 95.57 -22.99 100.53
C ARG M 2962 94.97 -24.09 99.66
N SER M 2963 93.70 -23.95 99.26
CA SER M 2963 93.00 -24.90 98.41
C SER M 2963 92.87 -26.28 99.07
N ASP M 2964 92.75 -26.30 100.40
CA ASP M 2964 92.48 -27.53 101.11
C ASP M 2964 90.98 -27.67 101.30
N TYR M 2965 90.42 -28.77 100.80
CA TYR M 2965 88.99 -29.01 100.87
C TYR M 2965 88.62 -30.13 101.84
N SER M 2966 89.51 -31.10 102.05
CA SER M 2966 89.26 -32.12 103.06
C SER M 2966 89.23 -31.52 104.45
N GLU M 2967 90.23 -30.69 104.79
CA GLU M 2967 90.24 -30.02 106.07
C GLU M 2967 89.09 -29.01 106.17
N ALA M 2968 88.82 -28.30 105.07
CA ALA M 2968 87.69 -27.38 105.07
C ALA M 2968 86.38 -28.13 105.30
N ALA M 2969 86.21 -29.27 104.63
CA ALA M 2969 85.01 -30.09 104.83
C ALA M 2969 84.92 -30.56 106.28
N LYS M 2970 86.03 -31.01 106.85
CA LYS M 2970 86.02 -31.46 108.24
C LYS M 2970 85.59 -30.33 109.17
N GLN M 2971 86.20 -29.15 109.00
CA GLN M 2971 85.86 -28.02 109.87
C GLN M 2971 84.41 -27.61 109.72
N TYR M 2972 83.91 -27.55 108.47
CA TYR M 2972 82.55 -27.11 108.26
C TYR M 2972 81.54 -28.11 108.80
N ASP M 2973 81.77 -29.42 108.56
CA ASP M 2973 80.88 -30.43 109.11
C ASP M 2973 80.92 -30.44 110.62
N GLU M 2974 82.10 -30.23 111.20
CA GLU M 2974 82.20 -30.10 112.65
C GLU M 2974 81.40 -28.92 113.15
N ALA M 2975 81.52 -27.77 112.47
CA ALA M 2975 80.83 -26.57 112.91
C ALA M 2975 79.31 -26.71 112.83
N LEU M 2976 78.81 -27.29 111.74
CA LEU M 2976 77.36 -27.42 111.59
C LEU M 2976 76.79 -28.48 112.53
N ASN M 2977 77.54 -29.55 112.77
CA ASN M 2977 77.05 -30.65 113.62
C ASN M 2977 77.29 -30.43 115.10
N LYS M 2978 78.01 -29.37 115.49
CA LYS M 2978 78.29 -29.08 116.89
C LYS M 2978 77.39 -27.95 117.36
N GLN M 2979 76.73 -28.16 118.50
CA GLN M 2979 75.92 -27.14 119.14
C GLN M 2979 76.55 -26.62 120.42
N ASP M 2980 77.66 -27.21 120.85
CA ASP M 2980 78.37 -26.77 122.05
C ASP M 2980 79.42 -25.73 121.70
N TRP M 2981 79.25 -24.52 122.23
CA TRP M 2981 80.18 -23.43 121.97
C TRP M 2981 80.24 -22.54 123.20
N VAL M 2982 81.33 -21.77 123.28
CA VAL M 2982 81.49 -20.83 124.40
C VAL M 2982 80.44 -19.73 124.33
N ASP M 2983 80.09 -19.31 123.12
CA ASP M 2983 79.06 -18.30 122.90
C ASP M 2983 77.69 -18.89 122.64
N GLY M 2984 77.55 -20.20 122.73
CA GLY M 2984 76.28 -20.84 122.47
C GLY M 2984 76.09 -21.20 121.01
N GLU M 2985 74.86 -21.56 120.68
CA GLU M 2985 74.54 -21.99 119.33
C GLU M 2985 74.78 -20.84 118.34
N PRO M 2986 75.38 -21.12 117.18
CA PRO M 2986 75.59 -20.06 116.19
C PRO M 2986 74.31 -19.79 115.39
N THR M 2987 74.25 -18.59 114.82
CA THR M 2987 73.07 -18.19 114.08
C THR M 2987 72.89 -19.08 112.84
N GLU M 2988 71.63 -19.16 112.39
CA GLU M 2988 71.30 -20.03 111.27
C GLU M 2988 72.08 -19.68 110.01
N ALA M 2989 72.36 -18.38 109.81
CA ALA M 2989 73.09 -17.96 108.62
C ALA M 2989 74.48 -18.57 108.60
N GLU M 2990 75.17 -18.58 109.74
CA GLU M 2990 76.52 -19.15 109.78
C GLU M 2990 76.51 -20.64 109.49
N LYS M 2991 75.55 -21.38 110.06
CA LYS M 2991 75.49 -22.82 109.82
C LYS M 2991 75.15 -23.11 108.36
N ASP M 2992 74.22 -22.34 107.78
CA ASP M 2992 73.90 -22.53 106.37
C ASP M 2992 75.12 -22.23 105.50
N PHE M 2993 75.86 -21.18 105.84
CA PHE M 2993 77.07 -20.86 105.09
C PHE M 2993 78.11 -21.96 105.20
N TRP M 2994 78.28 -22.52 106.41
CA TRP M 2994 79.21 -23.63 106.59
C TRP M 2994 78.81 -24.82 105.74
N GLU M 2995 77.51 -25.15 105.73
CA GLU M 2995 77.04 -26.26 104.93
C GLU M 2995 77.26 -26.00 103.44
N LEU M 2996 76.98 -24.78 102.98
CA LEU M 2996 77.18 -24.44 101.57
C LEU M 2996 78.66 -24.51 101.19
N ALA M 2997 79.55 -24.00 102.05
CA ALA M 2997 80.97 -24.03 101.74
C ALA M 2997 81.52 -25.45 101.80
N SER M 2998 81.02 -26.26 102.72
CA SER M 2998 81.40 -27.67 102.73
C SER M 2998 80.95 -28.37 101.45
N LEU M 2999 79.76 -28.04 100.95
CA LEU M 2999 79.32 -28.63 99.70
C LEU M 2999 80.21 -28.18 98.55
N ASP M 3000 80.58 -26.90 98.54
CA ASP M 3000 81.43 -26.39 97.47
C ASP M 3000 82.78 -27.08 97.49
N CYS M 3001 83.35 -27.28 98.68
CA CYS M 3001 84.66 -27.93 98.76
C CYS M 3001 84.56 -29.42 98.46
N TYR M 3002 83.42 -30.05 98.78
CA TYR M 3002 83.17 -31.40 98.33
C TYR M 3002 83.15 -31.46 96.81
N ASN M 3003 82.51 -30.49 96.16
CA ASN M 3003 82.56 -30.40 94.71
C ASN M 3003 83.99 -30.23 94.22
N HIS M 3004 84.77 -29.40 94.93
CA HIS M 3004 86.17 -29.24 94.58
C HIS M 3004 86.94 -30.54 94.73
N LEU M 3005 86.50 -31.41 95.64
CA LEU M 3005 87.05 -32.76 95.73
C LEU M 3005 86.50 -33.57 94.57
N ALA M 3006 87.38 -33.99 93.66
CA ALA M 3006 86.95 -34.62 92.42
C ALA M 3006 86.22 -35.94 92.64
N GLU M 3007 86.33 -36.52 93.82
CA GLU M 3007 85.67 -37.81 94.08
C GLU M 3007 84.16 -37.66 93.96
N TRP M 3008 83.53 -38.62 93.27
CA TRP M 3008 82.08 -38.66 93.24
C TRP M 3008 81.50 -39.04 94.60
N LYS M 3009 82.31 -39.64 95.47
CA LYS M 3009 81.88 -39.82 96.86
C LYS M 3009 81.70 -38.48 97.55
N SER M 3010 82.59 -37.53 97.26
CA SER M 3010 82.38 -36.17 97.74
C SER M 3010 81.12 -35.56 97.13
N LEU M 3011 80.77 -35.97 95.92
CA LEU M 3011 79.50 -35.50 95.34
C LEU M 3011 78.31 -36.11 96.05
N GLU M 3012 78.39 -37.39 96.41
CA GLU M 3012 77.36 -38.00 97.23
C GLU M 3012 77.27 -37.31 98.59
N TYR M 3013 78.41 -36.84 99.09
CA TYR M 3013 78.38 -35.97 100.27
C TYR M 3013 77.64 -34.68 99.97
N CYS M 3014 77.85 -34.12 98.76
CA CYS M 3014 77.08 -32.95 98.35
C CYS M 3014 75.58 -33.25 98.38
N SER M 3015 75.20 -34.48 98.07
CA SER M 3015 73.78 -34.84 98.15
C SER M 3015 73.25 -34.71 99.57
N THR M 3016 74.08 -34.99 100.58
CA THR M 3016 73.74 -34.93 101.99
C THR M 3016 72.59 -35.86 102.37
N ALA M 3017 72.16 -36.72 101.46
CA ALA M 3017 71.01 -37.60 101.68
C ALA M 3017 69.78 -36.81 102.10
N SER M 3018 69.67 -35.57 101.63
CA SER M 3018 68.56 -34.67 101.96
C SER M 3018 68.46 -34.49 103.47
N ILE M 3019 69.49 -33.85 104.02
CA ILE M 3019 69.64 -33.62 105.46
C ILE M 3019 68.35 -33.08 106.06
N ASP M 3020 68.08 -33.44 107.31
CA ASP M 3020 66.81 -33.14 107.99
C ASP M 3020 65.61 -33.74 107.26
N SER M 3021 65.84 -34.90 106.62
CA SER M 3021 64.78 -35.63 105.92
C SER M 3021 64.07 -34.75 104.89
N GLU M 3022 64.85 -33.94 104.18
CA GLU M 3022 64.30 -33.03 103.18
C GLU M 3022 64.02 -33.75 101.88
N LYS M 3029 60.48 -34.00 92.56
CA LYS M 3029 60.08 -32.61 92.76
C LYS M 3029 59.88 -32.32 94.25
N ILE M 3030 59.70 -33.38 95.04
CA ILE M 3030 59.53 -33.23 96.48
C ILE M 3030 60.78 -32.59 97.09
N TRP M 3031 61.96 -33.08 96.69
CA TRP M 3031 63.20 -32.53 97.19
C TRP M 3031 63.53 -31.17 96.61
N SER M 3032 62.78 -30.72 95.60
CA SER M 3032 63.00 -29.43 94.97
C SER M 3032 62.20 -28.30 95.61
N GLU M 3033 61.41 -28.60 96.65
CA GLU M 3033 60.59 -27.58 97.30
C GLU M 3033 61.38 -26.72 98.28
N PRO M 3034 62.18 -27.29 99.18
CA PRO M 3034 62.90 -26.43 100.14
C PRO M 3034 63.90 -25.52 99.43
N PHE M 3035 63.91 -24.25 99.83
CA PHE M 3035 64.79 -23.28 99.19
C PHE M 3035 66.25 -23.59 99.47
N TYR M 3036 66.55 -24.11 100.66
CA TYR M 3036 67.88 -24.65 100.90
C TYR M 3036 68.19 -25.75 99.89
N GLN M 3037 67.28 -26.72 99.78
CA GLN M 3037 67.47 -27.78 98.79
C GLN M 3037 67.35 -27.24 97.37
N GLU M 3038 66.61 -26.15 97.17
CA GLU M 3038 66.61 -25.49 95.86
C GLU M 3038 68.02 -25.03 95.49
N THR M 3039 68.73 -24.43 96.44
CA THR M 3039 70.12 -24.05 96.21
C THR M 3039 71.00 -25.29 96.04
N TYR M 3040 70.70 -26.36 96.78
CA TYR M 3040 71.55 -27.55 96.72
C TYR M 3040 71.32 -28.39 95.48
N LEU M 3041 70.24 -28.13 94.73
CA LEU M 3041 69.89 -28.98 93.59
C LEU M 3041 71.03 -29.22 92.61
N PRO M 3042 71.84 -28.23 92.22
CA PRO M 3042 73.00 -28.55 91.36
C PRO M 3042 73.90 -29.61 91.95
N TYR M 3043 74.10 -29.59 93.27
CA TYR M 3043 74.97 -30.59 93.90
C TYR M 3043 74.43 -31.99 93.69
N MET M 3044 73.16 -32.23 94.02
CA MET M 3044 72.61 -33.57 93.88
C MET M 3044 72.55 -34.00 92.42
N ILE M 3045 72.13 -33.09 91.53
CA ILE M 3045 71.97 -33.50 90.13
C ILE M 3045 73.33 -33.82 89.52
N ARG M 3046 74.35 -33.00 89.80
CA ARG M 3046 75.69 -33.29 89.30
C ARG M 3046 76.22 -34.59 89.89
N SER M 3047 75.99 -34.80 91.19
CA SER M 3047 76.46 -36.03 91.84
C SER M 3047 75.88 -37.26 91.16
N LYS M 3048 74.55 -37.30 91.02
CA LYS M 3048 73.92 -38.49 90.48
C LYS M 3048 74.17 -38.63 88.98
N LEU M 3049 74.35 -37.51 88.27
CA LEU M 3049 74.76 -37.58 86.87
C LEU M 3049 76.14 -38.22 86.74
N LYS M 3050 77.08 -37.82 87.60
CA LYS M 3050 78.41 -38.45 87.58
C LYS M 3050 78.32 -39.92 87.93
N LEU M 3051 77.47 -40.27 88.91
CA LEU M 3051 77.28 -41.66 89.26
C LEU M 3051 76.79 -42.47 88.08
N LEU M 3052 75.79 -41.94 87.36
CA LEU M 3052 75.28 -42.64 86.19
C LEU M 3052 76.34 -42.76 85.10
N LEU M 3053 77.08 -41.68 84.87
CA LEU M 3053 78.13 -41.69 83.84
C LEU M 3053 79.28 -42.62 84.21
N GLN M 3054 79.43 -42.95 85.49
CA GLN M 3054 80.45 -43.87 85.95
C GLN M 3054 80.00 -45.32 85.91
N GLY M 3055 78.81 -45.58 85.38
CA GLY M 3055 78.29 -46.93 85.27
C GLY M 3055 77.25 -47.29 86.31
N GLU M 3056 77.11 -46.49 87.37
CA GLU M 3056 76.12 -46.79 88.39
C GLU M 3056 74.72 -46.49 87.86
N ALA M 3057 73.72 -47.08 88.55
CA ALA M 3057 72.33 -46.91 88.15
C ALA M 3057 71.46 -46.93 89.39
N ASP M 3058 70.80 -45.81 89.67
CA ASP M 3058 69.87 -45.72 90.78
C ASP M 3058 68.51 -45.20 90.30
N GLN M 3059 68.56 -44.35 89.27
CA GLN M 3059 67.38 -43.73 88.66
C GLN M 3059 66.59 -42.86 89.63
N SER M 3060 67.12 -42.63 90.84
CA SER M 3060 66.45 -41.73 91.76
C SER M 3060 66.38 -40.32 91.19
N LEU M 3061 67.49 -39.84 90.62
CA LEU M 3061 67.45 -38.58 89.89
C LEU M 3061 66.56 -38.70 88.67
N LEU M 3062 66.55 -39.86 88.02
CA LEU M 3062 65.69 -40.05 86.86
C LEU M 3062 64.22 -39.92 87.25
N THR M 3063 63.83 -40.58 88.35
CA THR M 3063 62.45 -40.46 88.83
C THR M 3063 62.14 -39.04 89.27
N PHE M 3064 63.12 -38.38 89.88
CA PHE M 3064 62.95 -36.98 90.26
C PHE M 3064 62.66 -36.11 89.04
N ILE M 3065 63.38 -36.35 87.95
CA ILE M 3065 63.13 -35.63 86.72
C ILE M 3065 61.75 -35.98 86.18
N ASP M 3066 61.39 -37.26 86.20
CA ASP M 3066 60.09 -37.69 85.69
C ASP M 3066 58.96 -36.97 86.40
N LYS M 3067 59.03 -36.88 87.72
CA LYS M 3067 58.04 -36.10 88.46
C LYS M 3067 58.32 -34.59 88.39
N ALA M 3068 59.43 -34.19 87.78
CA ALA M 3068 59.77 -32.78 87.65
C ALA M 3068 59.14 -32.13 86.42
N MET M 3069 59.01 -32.85 85.30
CA MET M 3069 58.24 -32.31 84.19
C MET M 3069 56.79 -32.06 84.59
N HIS M 3070 56.24 -32.91 85.45
CA HIS M 3070 54.92 -32.66 86.02
C HIS M 3070 55.00 -31.41 86.87
N GLY M 3071 54.40 -30.32 86.38
CA GLY M 3071 54.63 -29.01 86.96
C GLY M 3071 55.46 -28.16 86.02
N GLU M 3072 54.83 -27.14 85.44
CA GLU M 3072 55.47 -26.39 84.37
C GLU M 3072 56.71 -25.64 84.86
N LEU M 3073 56.65 -25.08 86.07
CA LEU M 3073 57.74 -24.21 86.52
C LEU M 3073 59.01 -24.99 86.79
N GLN M 3074 58.89 -26.17 87.41
CA GLN M 3074 60.06 -26.98 87.70
C GLN M 3074 60.76 -27.41 86.42
N LYS M 3075 59.99 -27.89 85.44
CA LYS M 3075 60.56 -28.28 84.16
C LYS M 3075 61.18 -27.08 83.46
N ALA M 3076 60.51 -25.94 83.50
CA ALA M 3076 61.01 -24.74 82.85
C ALA M 3076 62.36 -24.33 83.43
N ILE M 3077 62.47 -24.27 84.76
CA ILE M 3077 63.73 -23.84 85.36
C ILE M 3077 64.82 -24.88 85.14
N LEU M 3078 64.46 -26.17 85.19
CA LEU M 3078 65.44 -27.22 84.95
C LEU M 3078 66.03 -27.14 83.55
N GLU M 3079 65.16 -26.92 82.54
CA GLU M 3079 65.67 -26.80 81.19
C GLU M 3079 66.39 -25.47 80.98
N LEU M 3080 66.03 -24.44 81.76
CA LEU M 3080 66.74 -23.18 81.67
C LEU M 3080 68.17 -23.31 82.17
N HIS M 3081 68.38 -24.06 83.26
CA HIS M 3081 69.67 -24.06 83.92
C HIS M 3081 70.43 -25.39 83.85
N TYR M 3082 69.75 -26.48 83.51
CA TYR M 3082 70.41 -27.79 83.50
C TYR M 3082 70.06 -28.57 82.22
N SER M 3083 69.85 -27.86 81.11
CA SER M 3083 69.58 -28.54 79.85
C SER M 3083 70.77 -29.39 79.42
N GLN M 3084 71.99 -28.95 79.71
CA GLN M 3084 73.17 -29.74 79.39
C GLN M 3084 73.15 -31.08 80.12
N GLU M 3085 72.82 -31.04 81.42
CA GLU M 3085 72.77 -32.27 82.20
C GLU M 3085 71.64 -33.17 81.72
N LEU M 3086 70.50 -32.59 81.35
CA LEU M 3086 69.40 -33.38 80.81
C LEU M 3086 69.81 -34.07 79.52
N SER M 3087 70.52 -33.36 78.64
CA SER M 3087 71.01 -33.95 77.41
C SER M 3087 72.00 -35.07 77.72
N LEU M 3088 72.87 -34.87 78.70
CA LEU M 3088 73.82 -35.91 79.10
C LEU M 3088 73.07 -37.16 79.54
N LEU M 3089 72.08 -37.00 80.42
CA LEU M 3089 71.30 -38.13 80.91
C LEU M 3089 70.61 -38.84 79.76
N TYR M 3090 69.97 -38.08 78.88
CA TYR M 3090 69.23 -38.68 77.78
C TYR M 3090 70.15 -39.40 76.80
N LEU M 3091 71.35 -38.87 76.57
CA LEU M 3091 72.34 -39.59 75.79
C LEU M 3091 72.72 -40.89 76.47
N LEU M 3092 72.92 -40.85 77.80
CA LEU M 3092 73.14 -42.08 78.54
C LEU M 3092 71.92 -42.98 78.48
N GLN M 3093 70.73 -42.39 78.55
CA GLN M 3093 69.49 -43.15 78.36
C GLN M 3093 69.22 -43.44 76.90
N ASP M 3094 70.09 -43.00 75.99
CA ASP M 3094 69.92 -43.23 74.55
C ASP M 3094 68.65 -42.57 74.04
N ASP M 3095 68.53 -41.27 74.31
CA ASP M 3095 67.38 -40.46 73.89
C ASP M 3095 67.86 -39.36 72.97
N VAL M 3096 68.66 -39.72 71.96
CA VAL M 3096 69.46 -38.77 71.19
C VAL M 3096 68.61 -37.62 70.67
N ASP M 3097 67.36 -37.89 70.28
CA ASP M 3097 66.53 -36.83 69.73
C ASP M 3097 66.25 -35.74 70.76
N ARG M 3098 65.59 -36.10 71.87
CA ARG M 3098 65.32 -35.12 72.90
C ARG M 3098 66.60 -34.64 73.57
N ALA M 3099 67.62 -35.49 73.62
CA ALA M 3099 68.91 -35.07 74.17
C ALA M 3099 69.48 -33.91 73.38
N LYS M 3100 69.54 -34.05 72.05
CA LYS M 3100 70.09 -32.98 71.24
C LYS M 3100 69.15 -31.77 71.21
N TYR M 3101 67.85 -32.00 71.34
CA TYR M 3101 66.92 -30.88 71.48
C TYR M 3101 67.26 -30.06 72.73
N TYR M 3102 67.44 -30.74 73.86
CA TYR M 3102 67.80 -30.05 75.08
C TYR M 3102 69.15 -29.36 74.95
N ILE M 3103 70.10 -30.00 74.27
CA ILE M 3103 71.44 -29.40 74.18
C ILE M 3103 71.44 -28.19 73.27
N GLN M 3104 70.63 -28.19 72.21
CA GLN M 3104 70.55 -26.98 71.38
C GLN M 3104 69.77 -25.88 72.08
N ASN M 3105 68.78 -26.26 72.91
CA ASN M 3105 68.17 -25.26 73.78
C ASN M 3105 69.20 -24.64 74.70
N GLY M 3106 70.09 -25.48 75.26
CA GLY M 3106 71.18 -24.96 76.06
C GLY M 3106 72.10 -24.05 75.27
N ILE M 3107 72.38 -24.42 74.02
CA ILE M 3107 73.20 -23.58 73.16
C ILE M 3107 72.58 -22.20 73.03
N GLN M 3108 71.29 -22.16 72.71
CA GLN M 3108 70.60 -20.88 72.52
C GLN M 3108 70.59 -20.08 73.81
N SER M 3109 70.27 -20.73 74.93
CA SER M 3109 70.20 -20.02 76.20
C SER M 3109 71.56 -19.45 76.61
N PHE M 3110 72.62 -20.25 76.48
CA PHE M 3110 73.94 -19.80 76.89
C PHE M 3110 74.46 -18.70 75.98
N MET M 3111 74.21 -18.79 74.67
CA MET M 3111 74.66 -17.72 73.79
C MET M 3111 73.88 -16.43 74.05
N GLN M 3112 72.58 -16.55 74.33
CA GLN M 3112 71.80 -15.37 74.68
C GLN M 3112 72.30 -14.75 75.98
N ASN M 3113 72.62 -15.59 76.97
CA ASN M 3113 73.15 -15.09 78.23
C ASN M 3113 74.49 -14.39 78.02
N TYR M 3114 75.37 -14.98 77.20
CA TYR M 3114 76.64 -14.33 76.90
C TYR M 3114 76.43 -13.01 76.20
N SER M 3115 75.41 -12.93 75.35
CA SER M 3115 75.05 -11.66 74.74
C SER M 3115 74.62 -10.65 75.79
N SER M 3116 73.85 -11.11 76.79
CA SER M 3116 73.33 -10.20 77.80
C SER M 3116 74.41 -9.73 78.77
N ILE M 3117 75.41 -10.59 79.06
CA ILE M 3117 76.40 -10.25 80.06
C ILE M 3117 77.28 -9.10 79.57
N ASP M 3118 77.82 -8.34 80.53
CA ASP M 3118 78.66 -7.20 80.23
C ASP M 3118 80.12 -7.63 80.09
N VAL M 3119 80.89 -6.81 79.37
CA VAL M 3119 82.31 -7.07 79.18
C VAL M 3119 83.06 -6.97 80.51
N LEU M 3120 82.63 -6.07 81.39
CA LEU M 3120 83.34 -5.86 82.65
C LEU M 3120 83.34 -7.09 83.54
N LEU M 3121 82.40 -8.01 83.33
CA LEU M 3121 82.38 -9.28 84.06
C LEU M 3121 83.12 -10.34 83.26
N HIS M 3122 84.45 -10.17 83.21
CA HIS M 3122 85.28 -11.03 82.40
C HIS M 3122 85.25 -12.47 82.90
N GLN M 3123 85.30 -12.65 84.22
CA GLN M 3123 85.29 -14.00 84.79
C GLN M 3123 83.98 -14.72 84.51
N SER M 3124 82.86 -13.99 84.57
CA SER M 3124 81.58 -14.58 84.19
C SER M 3124 81.60 -15.01 82.73
N ARG M 3125 82.23 -14.20 81.87
CA ARG M 3125 82.37 -14.58 80.47
C ARG M 3125 83.22 -15.84 80.33
N LEU M 3126 84.27 -15.96 81.13
CA LEU M 3126 85.07 -17.18 81.10
C LEU M 3126 84.24 -18.40 81.49
N THR M 3127 83.44 -18.26 82.55
CA THR M 3127 82.56 -19.36 82.95
C THR M 3127 81.58 -19.71 81.84
N LYS M 3128 81.05 -18.70 81.16
CA LYS M 3128 80.19 -18.95 80.00
C LYS M 3128 80.94 -19.71 78.92
N LEU M 3129 82.22 -19.38 78.73
CA LEU M 3129 83.04 -20.09 77.76
C LEU M 3129 83.20 -21.55 78.13
N GLN M 3130 83.41 -21.84 79.41
CA GLN M 3130 83.47 -23.24 79.82
C GLN M 3130 82.14 -23.95 79.58
N SER M 3131 81.04 -23.27 79.89
CA SER M 3131 79.72 -23.85 79.65
C SER M 3131 79.53 -24.21 78.19
N VAL M 3132 79.83 -23.26 77.30
CA VAL M 3132 79.67 -23.53 75.88
C VAL M 3132 80.71 -24.53 75.38
N GLN M 3133 81.85 -24.65 76.06
CA GLN M 3133 82.80 -25.71 75.74
C GLN M 3133 82.19 -27.08 75.99
N ALA M 3134 81.55 -27.25 77.15
CA ALA M 3134 80.88 -28.52 77.43
C ALA M 3134 79.74 -28.77 76.44
N LEU M 3135 78.95 -27.72 76.16
CA LEU M 3135 77.87 -27.84 75.18
C LEU M 3135 78.41 -28.27 73.83
N THR M 3136 79.50 -27.67 73.40
CA THR M 3136 80.18 -28.08 72.18
C THR M 3136 80.52 -29.56 72.24
N GLU M 3137 81.30 -29.96 73.25
CA GLU M 3137 81.80 -31.33 73.32
C GLU M 3137 80.66 -32.34 73.17
N ILE M 3138 79.57 -32.15 73.92
CA ILE M 3138 78.44 -33.07 73.78
C ILE M 3138 77.85 -32.96 72.38
N GLN M 3139 77.82 -31.75 71.81
CA GLN M 3139 77.25 -31.58 70.47
C GLN M 3139 78.02 -32.38 69.44
N GLU M 3140 79.35 -32.24 69.41
CA GLU M 3140 80.10 -32.98 68.40
C GLU M 3140 80.07 -34.47 68.70
N PHE M 3141 79.94 -34.87 69.96
CA PHE M 3141 79.71 -36.28 70.23
C PHE M 3141 78.45 -36.77 69.54
N ILE M 3142 77.36 -35.99 69.63
CA ILE M 3142 76.16 -36.32 68.88
C ILE M 3142 76.41 -36.24 67.38
N SER M 3143 77.40 -35.48 66.96
CA SER M 3143 77.60 -35.18 65.55
C SER M 3143 78.36 -36.27 64.79
N PHE M 3144 78.78 -37.34 65.45
CA PHE M 3144 79.37 -38.46 64.71
C PHE M 3144 78.82 -39.79 65.22
N ILE M 3145 77.62 -39.78 65.79
CA ILE M 3145 77.06 -41.01 66.37
C ILE M 3145 76.88 -42.08 65.30
N SER M 3146 76.24 -41.72 64.20
CA SER M 3146 76.03 -42.67 63.11
C SER M 3146 76.21 -42.06 61.72
N LYS M 3147 76.67 -40.81 61.62
CA LYS M 3147 76.79 -40.16 60.33
C LYS M 3147 77.84 -40.84 59.46
N GLN M 3148 78.88 -41.39 60.07
CA GLN M 3148 79.90 -42.13 59.34
C GLN M 3148 79.81 -43.64 59.55
N GLY M 3149 79.27 -44.08 60.67
CA GLY M 3149 79.14 -45.50 60.95
C GLY M 3149 80.40 -46.07 61.56
N ASN M 3150 80.28 -46.70 62.74
CA ASN M 3150 81.43 -47.32 63.37
C ASN M 3150 80.93 -48.50 64.22
N LEU M 3151 80.91 -49.66 63.61
CA LEU M 3151 80.65 -50.93 64.28
C LEU M 3151 81.77 -51.93 64.05
N SER M 3152 82.37 -51.93 62.87
CA SER M 3152 83.65 -52.59 62.63
C SER M 3152 84.63 -51.75 61.84
N SER M 3153 84.20 -50.66 61.21
CA SER M 3153 85.09 -49.72 60.54
C SER M 3153 85.77 -48.84 61.57
N GLN M 3154 86.95 -48.33 61.19
CA GLN M 3154 87.77 -47.51 62.07
C GLN M 3154 88.06 -46.19 61.35
N VAL M 3155 87.36 -45.14 61.74
CA VAL M 3155 87.60 -43.79 61.23
C VAL M 3155 88.52 -43.07 62.21
N PRO M 3156 89.72 -42.68 61.81
CA PRO M 3156 90.68 -42.09 62.77
C PRO M 3156 90.34 -40.66 63.17
N LEU M 3157 89.23 -40.10 62.68
CA LEU M 3157 88.88 -38.73 63.04
C LEU M 3157 88.68 -38.58 64.54
N LYS M 3158 88.05 -39.57 65.17
CA LYS M 3158 87.96 -39.58 66.63
C LYS M 3158 89.35 -39.67 67.24
N ARG M 3159 90.23 -40.47 66.64
CA ARG M 3159 91.60 -40.59 67.12
C ARG M 3159 92.41 -39.33 66.87
N LEU M 3160 91.91 -38.39 66.07
CA LEU M 3160 92.57 -37.11 65.88
C LEU M 3160 92.02 -36.06 66.84
N LEU M 3161 90.69 -35.97 66.96
CA LEU M 3161 90.09 -34.96 67.82
C LEU M 3161 90.36 -35.22 69.30
N ASN M 3162 90.41 -36.50 69.70
CA ASN M 3162 90.65 -36.82 71.10
C ASN M 3162 92.06 -36.46 71.53
N THR M 3163 93.00 -36.45 70.59
CA THR M 3163 94.39 -36.09 70.90
C THR M 3163 94.49 -34.58 71.04
N TRP M 3164 95.74 -34.06 71.10
CA TRP M 3164 95.98 -32.64 71.35
C TRP M 3164 95.34 -32.21 72.67
N THR M 3165 95.51 -33.04 73.69
CA THR M 3165 94.85 -32.87 74.99
C THR M 3165 93.35 -32.67 74.83
N ASN M 3166 92.81 -33.23 73.75
CA ASN M 3166 91.42 -33.03 73.33
C ASN M 3166 91.06 -31.54 73.33
N ARG M 3167 91.86 -30.77 72.60
CA ARG M 3167 91.58 -29.37 72.28
C ARG M 3167 91.47 -28.52 73.56
N TYR M 3168 92.61 -28.40 74.23
CA TYR M 3168 92.78 -27.44 75.31
C TYR M 3168 91.82 -27.64 76.47
N PRO M 3169 92.08 -28.61 77.32
CA PRO M 3169 91.19 -28.92 78.44
C PRO M 3169 91.24 -27.88 79.56
N ASP M 3170 91.67 -26.65 79.22
CA ASP M 3170 91.77 -25.52 80.14
C ASP M 3170 92.91 -25.63 81.14
N ALA M 3171 94.13 -25.84 80.64
CA ALA M 3171 95.29 -25.93 81.51
C ALA M 3171 95.49 -24.64 82.31
N LYS M 3172 95.72 -24.80 83.61
CA LYS M 3172 96.13 -23.75 84.54
C LYS M 3172 95.00 -22.76 84.84
N MET M 3173 93.91 -22.83 84.09
CA MET M 3173 92.73 -21.98 84.26
C MET M 3173 91.51 -22.85 84.50
N ASP M 3174 90.36 -22.19 84.68
CA ASP M 3174 89.06 -22.86 84.56
C ASP M 3174 88.98 -24.10 85.44
N PRO M 3175 88.76 -23.94 86.75
CA PRO M 3175 89.07 -24.99 87.72
C PRO M 3175 88.36 -26.33 87.49
N MET M 3176 88.69 -27.30 88.35
CA MET M 3176 88.49 -28.71 88.07
C MET M 3176 87.03 -29.12 87.93
N ASN M 3177 86.07 -28.30 88.32
CA ASN M 3177 84.68 -28.62 87.98
C ASN M 3177 84.52 -28.72 86.46
N ILE M 3178 85.00 -27.71 85.75
CA ILE M 3178 85.00 -27.75 84.29
C ILE M 3178 85.83 -28.91 83.79
N TRP M 3179 86.99 -29.13 84.41
CA TRP M 3179 87.91 -30.18 83.96
C TRP M 3179 87.23 -31.54 84.00
N ASP M 3180 86.79 -31.97 85.18
CA ASP M 3180 86.23 -33.30 85.31
C ASP M 3180 84.85 -33.42 84.65
N ASP M 3181 84.13 -32.30 84.47
CA ASP M 3181 82.94 -32.36 83.63
C ASP M 3181 83.31 -32.75 82.20
N ILE M 3182 84.27 -32.04 81.62
CA ILE M 3182 84.76 -32.39 80.29
C ILE M 3182 85.25 -33.84 80.27
N ILE M 3183 85.88 -34.27 81.35
CA ILE M 3183 86.52 -35.58 81.37
C ILE M 3183 85.49 -36.70 81.42
N THR M 3184 84.47 -36.54 82.27
CA THR M 3184 83.41 -37.53 82.27
C THR M 3184 82.67 -37.52 80.94
N ASN M 3185 82.53 -36.33 80.32
CA ASN M 3185 81.98 -36.29 78.97
C ASN M 3185 82.78 -37.18 78.03
N ARG M 3186 84.09 -36.98 77.99
CA ARG M 3186 84.91 -37.70 77.02
C ARG M 3186 84.99 -39.19 77.33
N CYS M 3187 85.07 -39.56 78.60
CA CYS M 3187 85.11 -40.97 78.95
C CYS M 3187 83.80 -41.66 78.59
N PHE M 3188 82.67 -41.00 78.85
CA PHE M 3188 81.40 -41.54 78.41
C PHE M 3188 81.33 -41.64 76.89
N PHE M 3189 81.88 -40.66 76.19
CA PHE M 3189 81.88 -40.69 74.74
C PHE M 3189 82.64 -41.90 74.23
N LEU M 3190 83.84 -42.14 74.78
CA LEU M 3190 84.64 -43.27 74.35
C LEU M 3190 83.98 -44.59 74.75
N SER M 3191 83.32 -44.63 75.90
CA SER M 3191 82.59 -45.83 76.30
C SER M 3191 81.48 -46.13 75.32
N LYS M 3192 80.71 -45.12 74.93
CA LYS M 3192 79.65 -45.32 73.95
C LYS M 3192 80.20 -45.74 72.60
N ILE M 3193 81.34 -45.16 72.21
CA ILE M 3193 81.97 -45.54 70.95
C ILE M 3193 82.38 -47.00 70.97
N GLU M 3194 82.99 -47.44 72.07
CA GLU M 3194 83.35 -48.85 72.20
C GLU M 3194 82.10 -49.73 72.22
N GLU M 3195 81.00 -49.22 72.76
CA GLU M 3195 79.75 -49.98 72.75
C GLU M 3195 79.26 -50.18 71.32
N LYS M 3196 79.26 -49.10 70.52
CA LYS M 3196 78.79 -49.22 69.15
C LYS M 3196 79.81 -49.95 68.27
N LEU M 3197 81.09 -49.88 68.62
CA LEU M 3197 82.12 -50.60 67.89
C LEU M 3197 82.15 -52.06 68.34
N ASP M 3226 94.17 -52.73 70.07
CA ASP M 3226 94.37 -51.77 68.99
C ASP M 3226 93.58 -50.49 69.24
N ILE M 3227 92.34 -50.47 68.74
CA ILE M 3227 91.48 -49.30 68.92
C ILE M 3227 91.18 -49.08 70.39
N SER M 3228 90.87 -50.16 71.12
CA SER M 3228 90.68 -50.05 72.56
C SER M 3228 91.96 -49.56 73.24
N SER M 3229 93.11 -50.01 72.75
CA SER M 3229 94.38 -49.48 73.26
C SER M 3229 94.48 -47.98 72.99
N LEU M 3230 94.07 -47.54 71.81
CA LEU M 3230 94.14 -46.12 71.49
C LEU M 3230 93.24 -45.30 72.42
N ILE M 3231 92.02 -45.76 72.65
CA ILE M 3231 91.10 -45.00 73.49
C ILE M 3231 91.56 -45.01 74.95
N ARG M 3232 92.07 -46.15 75.43
CA ARG M 3232 92.57 -46.20 76.80
C ARG M 3232 93.80 -45.32 76.97
N SER M 3233 94.68 -45.28 75.97
CA SER M 3233 95.84 -44.40 76.03
C SER M 3233 95.42 -42.94 76.01
N CYS M 3234 94.38 -42.60 75.24
CA CYS M 3234 93.90 -41.23 75.24
C CYS M 3234 93.32 -40.85 76.60
N LYS M 3235 92.55 -41.76 77.20
CA LYS M 3235 92.04 -41.50 78.55
C LYS M 3235 93.18 -41.33 79.54
N PHE M 3236 94.23 -42.15 79.39
CA PHE M 3236 95.39 -42.03 80.26
C PHE M 3236 96.07 -40.68 80.11
N SER M 3237 96.22 -40.20 78.86
CA SER M 3237 96.78 -38.89 78.63
C SER M 3237 95.90 -37.81 79.25
N MET M 3238 94.59 -37.97 79.15
CA MET M 3238 93.68 -37.03 79.79
C MET M 3238 93.92 -36.98 81.29
N LYS M 3239 94.02 -38.16 81.92
CA LYS M 3239 94.19 -38.22 83.36
C LYS M 3239 95.52 -37.58 83.78
N MET M 3240 96.58 -37.85 83.02
CA MET M 3240 97.83 -37.13 83.24
C MET M 3240 97.63 -35.63 83.11
N LYS M 3241 96.79 -35.19 82.17
CA LYS M 3241 96.57 -33.76 81.99
C LYS M 3241 95.91 -33.15 83.22
N MET M 3242 94.89 -33.81 83.77
CA MET M 3242 94.31 -33.29 85.02
C MET M 3242 95.33 -33.29 86.15
N ILE M 3243 96.15 -34.34 86.24
CA ILE M 3243 97.11 -34.40 87.33
C ILE M 3243 98.10 -33.24 87.23
N ASP M 3244 98.60 -32.98 86.02
CA ASP M 3244 99.54 -31.88 85.82
C ASP M 3244 98.87 -30.53 86.07
N SER M 3245 97.62 -30.37 85.64
CA SER M 3245 96.92 -29.11 85.86
C SER M 3245 96.67 -28.86 87.33
N ALA M 3246 96.34 -29.91 88.08
CA ALA M 3246 96.18 -29.78 89.53
C ALA M 3246 97.49 -29.42 90.19
N ARG M 3247 98.58 -30.08 89.77
CA ARG M 3247 99.89 -29.74 90.32
C ARG M 3247 100.30 -28.32 89.96
N LYS M 3248 99.79 -27.80 88.85
CA LYS M 3248 100.04 -26.41 88.48
C LYS M 3248 99.48 -25.47 89.53
N GLN M 3249 98.21 -25.64 89.88
CA GLN M 3249 97.63 -24.90 90.99
C GLN M 3249 98.12 -25.42 92.34
N ASN M 3250 98.73 -26.60 92.35
CA ASN M 3250 99.21 -27.24 93.58
C ASN M 3250 98.09 -27.34 94.61
N ASN M 3251 96.99 -27.97 94.19
CA ASN M 3251 95.89 -28.24 95.10
C ASN M 3251 96.36 -29.17 96.21
N PHE M 3252 95.58 -29.24 97.28
CA PHE M 3252 95.90 -30.11 98.40
C PHE M 3252 94.89 -31.23 98.61
N SER M 3253 93.64 -31.05 98.20
CA SER M 3253 92.63 -32.10 98.26
C SER M 3253 92.53 -32.68 96.85
N LEU M 3254 93.36 -33.68 96.57
CA LEU M 3254 93.47 -34.27 95.25
C LEU M 3254 92.62 -35.52 95.13
N ALA M 3255 92.51 -36.00 93.89
CA ALA M 3255 92.05 -37.35 93.62
C ALA M 3255 93.22 -38.33 93.74
N MET M 3256 93.79 -38.37 94.95
CA MET M 3256 94.94 -39.22 95.20
C MET M 3256 94.60 -40.69 94.96
N LYS M 3257 93.35 -41.07 95.22
CA LYS M 3257 92.94 -42.44 94.90
C LYS M 3257 92.88 -42.67 93.40
N LEU M 3258 92.53 -41.64 92.62
CA LEU M 3258 92.66 -41.74 91.17
C LEU M 3258 94.11 -41.94 90.76
N LEU M 3259 95.02 -41.24 91.43
CA LEU M 3259 96.45 -41.44 91.19
C LEU M 3259 96.84 -42.88 91.49
N LYS M 3260 96.38 -43.42 92.62
CA LYS M 3260 96.74 -44.78 92.99
C LYS M 3260 96.16 -45.80 92.01
N GLU M 3261 94.91 -45.62 91.59
CA GLU M 3261 94.33 -46.55 90.62
C GLU M 3261 95.02 -46.44 89.27
N LEU M 3262 95.51 -45.26 88.91
CA LEU M 3262 96.34 -45.15 87.72
C LEU M 3262 97.66 -45.89 87.90
N HIS M 3263 98.21 -45.86 89.12
CA HIS M 3263 99.38 -46.67 89.42
C HIS M 3263 99.08 -48.15 89.21
N LYS M 3264 97.88 -48.59 89.59
CA LYS M 3264 97.44 -49.94 89.26
C LYS M 3264 97.38 -50.13 87.75
N GLU M 3265 96.85 -49.15 87.03
CA GLU M 3265 96.84 -49.19 85.57
C GLU M 3265 98.19 -48.83 84.95
N SER M 3266 99.14 -48.35 85.76
CA SER M 3266 100.43 -47.96 85.21
C SER M 3266 101.20 -49.16 84.69
N LYS M 3267 101.06 -50.30 85.33
CA LYS M 3267 101.80 -51.50 84.94
C LYS M 3267 101.26 -52.15 83.66
N THR M 3268 100.32 -51.54 82.92
CA THR M 3268 99.94 -52.11 81.64
C THR M 3268 101.11 -52.12 80.67
N ARG M 3269 101.90 -51.04 80.65
CA ARG M 3269 103.15 -51.01 79.92
C ARG M 3269 104.15 -50.18 80.71
N ASP M 3270 105.44 -50.45 80.49
CA ASP M 3270 106.49 -49.82 81.29
C ASP M 3270 106.54 -48.31 81.08
N ASP M 3271 106.34 -47.86 79.84
CA ASP M 3271 106.38 -46.43 79.56
C ASP M 3271 105.26 -45.69 80.29
N TRP M 3272 104.06 -46.25 80.27
CA TRP M 3272 102.95 -45.66 81.03
C TRP M 3272 103.23 -45.70 82.54
N LEU M 3273 103.84 -46.78 83.02
CA LEU M 3273 104.22 -46.87 84.42
C LEU M 3273 105.16 -45.74 84.81
N VAL M 3274 106.22 -45.53 84.03
CA VAL M 3274 107.19 -44.49 84.36
C VAL M 3274 106.56 -43.10 84.21
N SER M 3275 105.68 -42.92 83.23
CA SER M 3275 105.00 -41.65 83.08
C SER M 3275 104.20 -41.31 84.33
N TRP M 3276 103.42 -42.28 84.83
CA TRP M 3276 102.70 -42.03 86.07
C TRP M 3276 103.68 -41.85 87.22
N VAL M 3277 104.85 -42.48 87.15
CA VAL M 3277 105.86 -42.29 88.19
C VAL M 3277 106.27 -40.82 88.28
N GLN M 3278 106.61 -40.22 87.14
CA GLN M 3278 106.99 -38.80 87.22
C GLN M 3278 105.80 -37.92 87.56
N SER M 3279 104.60 -38.28 87.11
CA SER M 3279 103.42 -37.51 87.50
C SER M 3279 103.26 -37.48 89.02
N TYR M 3280 103.29 -38.67 89.63
CA TYR M 3280 103.14 -38.77 91.08
C TYR M 3280 104.27 -38.07 91.81
N CYS M 3281 105.51 -38.24 91.34
CA CYS M 3281 106.65 -37.63 92.03
C CYS M 3281 106.59 -36.11 91.94
N ARG M 3282 106.18 -35.58 90.78
CA ARG M 3282 106.01 -34.13 90.66
C ARG M 3282 104.90 -33.63 91.57
N LEU M 3283 103.79 -34.38 91.64
CA LEU M 3283 102.71 -34.01 92.54
C LEU M 3283 103.21 -33.92 93.97
N SER M 3284 103.92 -34.96 94.43
CA SER M 3284 104.43 -34.96 95.79
C SER M 3284 105.48 -33.88 96.02
N HIS M 3285 106.31 -33.59 95.02
CA HIS M 3285 107.29 -32.51 95.15
C HIS M 3285 106.61 -31.17 95.33
N CYS M 3286 105.54 -30.92 94.56
CA CYS M 3286 104.78 -29.69 94.77
C CYS M 3286 103.97 -29.73 96.06
N ARG M 3287 103.74 -30.91 96.63
CA ARG M 3287 103.14 -30.99 97.95
C ARG M 3287 104.04 -30.44 99.04
N SER M 3288 105.31 -30.19 98.75
CA SER M 3288 106.22 -29.53 99.68
C SER M 3288 105.82 -28.07 99.77
N ARG M 3289 105.05 -27.73 100.81
CA ARG M 3289 104.39 -26.43 100.90
C ARG M 3289 104.98 -25.54 101.97
N SER M 3290 104.95 -25.96 103.23
CA SER M 3290 105.57 -25.22 104.31
C SER M 3290 106.49 -26.08 105.16
N GLN M 3291 106.14 -27.35 105.38
CA GLN M 3291 106.99 -28.32 106.05
C GLN M 3291 107.57 -29.31 105.04
N GLY M 3292 107.73 -28.88 103.80
CA GLY M 3292 108.18 -29.77 102.75
C GLY M 3292 109.51 -30.43 103.04
N CYS M 3293 110.34 -29.80 103.86
CA CYS M 3293 111.58 -30.43 104.30
C CYS M 3293 111.29 -31.72 105.05
N SER M 3294 110.63 -31.61 106.21
CA SER M 3294 110.29 -32.80 106.98
C SER M 3294 109.24 -33.66 106.27
N GLU M 3295 108.37 -33.03 105.48
CA GLU M 3295 107.39 -33.80 104.72
C GLU M 3295 108.07 -34.75 103.73
N GLN M 3296 109.09 -34.26 103.03
CA GLN M 3296 109.84 -35.11 102.12
C GLN M 3296 110.73 -36.08 102.89
N VAL M 3297 111.24 -35.68 104.05
CA VAL M 3297 112.04 -36.59 104.86
C VAL M 3297 111.22 -37.80 105.29
N LEU M 3298 109.97 -37.56 105.70
CA LEU M 3298 109.11 -38.67 106.13
C LEU M 3298 108.81 -39.63 104.98
N THR M 3299 108.51 -39.10 103.80
CA THR M 3299 108.21 -39.92 102.62
C THR M 3299 108.90 -39.31 101.39
N VAL M 3300 110.11 -39.80 101.12
CA VAL M 3300 110.92 -39.24 100.02
C VAL M 3300 110.64 -40.09 98.79
N LEU M 3301 109.50 -39.81 98.15
CA LEU M 3301 109.12 -40.53 96.91
C LEU M 3301 109.37 -42.04 97.11
N LYS M 3302 108.54 -42.70 97.92
CA LYS M 3302 108.72 -44.15 98.19
C LYS M 3302 110.18 -44.41 98.59
N THR M 3303 110.76 -43.50 99.38
CA THR M 3303 112.17 -43.68 99.85
C THR M 3303 113.15 -43.56 98.68
N VAL M 3304 112.65 -43.59 97.44
CA VAL M 3304 113.55 -43.54 96.24
C VAL M 3304 112.70 -43.41 94.97
N SER M 3305 112.27 -42.18 94.64
CA SER M 3305 111.47 -41.94 93.40
C SER M 3305 110.65 -43.17 93.05
N LEU M 3306 109.67 -43.53 93.88
CA LEU M 3306 108.80 -44.70 93.62
C LEU M 3306 109.62 -45.82 92.97
N LEU M 3307 110.74 -46.19 93.59
CA LEU M 3307 111.62 -47.28 93.06
C LEU M 3307 111.46 -47.37 91.53
N ASP M 3308 111.81 -46.29 90.82
CA ASP M 3308 111.71 -46.29 89.34
C ASP M 3308 113.11 -46.47 88.74
N GLU M 3309 114.15 -46.41 89.59
CA GLU M 3309 115.52 -46.55 89.10
C GLU M 3309 115.82 -47.94 88.56
N ASN M 3310 114.94 -48.91 88.81
CA ASN M 3310 115.12 -50.24 88.23
C ASN M 3310 115.18 -50.17 86.71
N ASN M 3311 114.38 -49.28 86.12
CA ASN M 3311 114.40 -48.99 84.69
C ASN M 3311 114.59 -47.48 84.52
N VAL M 3312 115.84 -47.04 84.56
CA VAL M 3312 116.15 -45.63 84.33
C VAL M 3312 115.85 -45.33 82.86
N SER M 3313 114.92 -44.41 82.61
CA SER M 3313 114.43 -44.13 81.27
C SER M 3313 114.01 -45.42 80.58
N SER M 3314 113.28 -46.26 81.32
CA SER M 3314 112.92 -47.62 80.92
C SER M 3314 114.17 -48.37 80.43
N TYR M 3315 115.14 -48.47 81.34
CA TYR M 3315 116.46 -49.03 81.01
C TYR M 3315 117.11 -48.25 79.89
N LEU M 3316 116.92 -46.93 79.89
CA LEU M 3316 117.45 -46.02 78.88
C LEU M 3316 116.88 -46.28 77.50
N SER M 3317 115.77 -47.02 77.40
CA SER M 3317 115.14 -47.25 76.11
C SER M 3317 114.41 -46.03 75.59
N LYS M 3318 114.02 -45.10 76.46
CA LYS M 3318 113.40 -43.87 76.03
C LYS M 3318 114.47 -42.88 75.58
N ASN M 3319 114.07 -41.64 75.36
CA ASN M 3319 115.03 -40.61 74.98
C ASN M 3319 115.93 -40.26 76.17
N ILE M 3320 117.03 -39.58 75.86
CA ILE M 3320 117.88 -39.03 76.92
C ILE M 3320 117.17 -37.95 77.72
N LEU M 3321 116.04 -37.43 77.22
CA LEU M 3321 115.26 -36.46 77.97
C LEU M 3321 114.61 -37.11 79.18
N ALA M 3322 114.21 -38.38 79.09
CA ALA M 3322 113.71 -39.09 80.26
C ALA M 3322 114.79 -39.23 81.32
N PHE M 3323 116.02 -39.53 80.90
CA PHE M 3323 117.15 -39.55 81.82
C PHE M 3323 117.37 -38.16 82.43
N ARG M 3324 117.23 -37.12 81.62
CA ARG M 3324 117.34 -35.75 82.12
C ARG M 3324 116.32 -35.50 83.23
N ASP M 3325 115.06 -35.85 82.98
CA ASP M 3325 114.01 -35.62 83.97
C ASP M 3325 114.24 -36.44 85.23
N GLN M 3326 114.68 -37.69 85.07
CA GLN M 3326 114.98 -38.52 86.24
C GLN M 3326 116.08 -37.89 87.07
N ASN M 3327 117.11 -37.35 86.42
CA ASN M 3327 118.19 -36.69 87.15
C ASN M 3327 117.72 -35.40 87.80
N ILE M 3328 116.83 -34.66 87.14
CA ILE M 3328 116.21 -33.48 87.76
C ILE M 3328 115.51 -33.87 89.05
N LEU M 3329 114.69 -34.93 89.00
CA LEU M 3329 113.92 -35.31 90.18
C LEU M 3329 114.85 -35.81 91.28
N LEU M 3330 115.85 -36.61 90.93
CA LEU M 3330 116.80 -37.12 91.92
C LEU M 3330 117.55 -35.98 92.60
N GLY M 3331 118.08 -35.05 91.80
CA GLY M 3331 118.79 -33.92 92.37
C GLY M 3331 117.89 -33.02 93.20
N THR M 3332 116.67 -32.80 92.75
CA THR M 3332 115.74 -31.96 93.49
C THR M 3332 115.39 -32.56 94.84
N THR M 3333 115.08 -33.86 94.87
CA THR M 3333 114.74 -34.48 96.14
C THR M 3333 115.96 -34.60 97.05
N TYR M 3334 117.16 -34.81 96.48
CA TYR M 3334 118.37 -34.82 97.28
C TYR M 3334 118.63 -33.45 97.89
N ARG M 3335 118.41 -32.38 97.11
CA ARG M 3335 118.56 -31.03 97.63
C ARG M 3335 117.54 -30.76 98.73
N ILE M 3336 116.30 -31.22 98.54
CA ILE M 3336 115.27 -31.04 99.57
C ILE M 3336 115.68 -31.72 100.87
N ILE M 3337 116.16 -32.96 100.77
CA ILE M 3337 116.57 -33.69 101.97
C ILE M 3337 117.78 -33.03 102.63
N ALA M 3338 118.76 -32.60 101.83
CA ALA M 3338 119.95 -31.96 102.37
C ALA M 3338 119.60 -30.65 103.07
N ASN M 3339 118.70 -29.86 102.47
CA ASN M 3339 118.26 -28.63 103.11
C ASN M 3339 117.45 -28.90 104.37
N ALA M 3340 116.66 -29.98 104.37
CA ALA M 3340 115.96 -30.38 105.58
C ALA M 3340 116.94 -30.71 106.70
N LEU M 3341 118.00 -31.44 106.38
CA LEU M 3341 118.99 -31.79 107.40
C LEU M 3341 119.78 -30.57 107.87
N SER M 3342 120.20 -29.71 106.94
CA SER M 3342 121.03 -28.58 107.32
C SER M 3342 120.23 -27.52 108.08
N SER M 3343 119.05 -27.16 107.57
CA SER M 3343 118.25 -26.12 108.22
C SER M 3343 117.69 -26.62 109.55
N GLU M 3344 117.35 -27.90 109.63
CA GLU M 3344 116.77 -28.48 110.84
C GLU M 3344 117.59 -29.72 111.20
N PRO M 3345 118.78 -29.53 111.77
CA PRO M 3345 119.57 -30.71 112.21
C PRO M 3345 118.88 -31.52 113.29
N ALA M 3346 118.01 -30.89 114.08
CA ALA M 3346 117.28 -31.58 115.15
C ALA M 3346 115.89 -32.01 114.71
N CYS M 3347 115.72 -32.33 113.43
CA CYS M 3347 114.43 -32.76 112.92
C CYS M 3347 114.07 -34.11 113.51
N LEU M 3348 112.90 -34.19 114.16
CA LEU M 3348 112.47 -35.45 114.76
C LEU M 3348 112.25 -36.52 113.70
N ALA M 3349 111.87 -36.13 112.48
CA ALA M 3349 111.76 -37.08 111.39
C ALA M 3349 113.13 -37.70 111.09
N GLU M 3350 114.19 -36.89 111.12
CA GLU M 3350 115.53 -37.44 111.03
C GLU M 3350 115.83 -38.33 112.24
N ILE M 3351 115.40 -37.90 113.43
CA ILE M 3351 115.57 -38.74 114.62
C ILE M 3351 114.76 -40.02 114.48
N GLU M 3352 113.57 -39.93 113.86
CA GLU M 3352 112.78 -41.12 113.59
C GLU M 3352 113.51 -42.01 112.60
N GLU M 3353 114.02 -43.14 113.09
CA GLU M 3353 114.83 -44.02 112.25
C GLU M 3353 113.95 -44.94 111.43
N ASP M 3354 114.23 -45.01 110.14
CA ASP M 3354 113.47 -45.85 109.21
C ASP M 3354 114.36 -46.13 108.01
N LYS M 3355 113.80 -46.83 107.03
CA LYS M 3355 114.57 -47.14 105.82
C LYS M 3355 114.97 -45.86 105.09
N ALA M 3356 114.06 -44.88 105.02
CA ALA M 3356 114.39 -43.61 104.38
C ALA M 3356 115.56 -42.92 105.08
N ARG M 3357 115.71 -43.14 106.39
CA ARG M 3357 116.89 -42.63 107.08
C ARG M 3357 118.16 -43.35 106.62
N ARG M 3358 118.09 -44.67 106.46
CA ARG M 3358 119.28 -45.44 106.07
C ARG M 3358 119.78 -45.01 104.70
N ILE M 3359 118.89 -44.99 103.71
CA ILE M 3359 119.27 -44.50 102.39
C ILE M 3359 119.70 -43.03 102.48
N LEU M 3360 119.17 -42.31 103.48
CA LEU M 3360 119.62 -40.95 103.73
C LEU M 3360 121.12 -40.91 103.96
N GLU M 3361 121.65 -41.85 104.74
CA GLU M 3361 123.09 -41.93 104.92
C GLU M 3361 123.79 -42.65 103.77
N LEU M 3362 123.04 -43.37 102.93
CA LEU M 3362 123.67 -44.09 101.83
C LEU M 3362 124.14 -43.13 100.75
N SER M 3363 123.29 -42.17 100.37
CA SER M 3363 123.71 -41.17 99.40
C SER M 3363 124.68 -40.16 99.99
N GLY M 3364 124.75 -40.08 101.32
CA GLY M 3364 125.69 -39.17 101.97
C GLY M 3364 127.07 -39.76 102.11
N GLU M 3368 126.28 -42.33 109.81
CA GLU M 3368 127.52 -41.63 110.10
C GLU M 3368 127.22 -40.20 110.57
N ASP M 3369 128.25 -39.35 110.52
CA ASP M 3369 128.09 -37.96 110.91
C ASP M 3369 127.14 -37.24 109.98
N SER M 3370 126.36 -36.32 110.54
CA SER M 3370 125.37 -35.59 109.75
C SER M 3370 126.04 -34.73 108.68
N GLU M 3371 127.19 -34.14 109.00
CA GLU M 3371 127.91 -33.32 108.02
C GLU M 3371 128.35 -34.15 106.83
N LYS M 3372 128.85 -35.37 107.08
CA LYS M 3372 129.21 -36.25 105.97
C LYS M 3372 127.99 -36.60 105.13
N VAL M 3373 126.85 -36.86 105.79
CA VAL M 3373 125.64 -37.22 105.07
C VAL M 3373 125.19 -36.08 104.17
N ILE M 3374 125.17 -34.85 104.70
CA ILE M 3374 124.71 -33.72 103.91
C ILE M 3374 125.71 -33.41 102.79
N ALA M 3375 127.01 -33.57 103.05
CA ALA M 3375 127.99 -33.35 102.00
C ALA M 3375 127.82 -34.36 100.87
N GLY M 3376 127.61 -35.63 101.21
CA GLY M 3376 127.38 -36.63 100.18
C GLY M 3376 126.08 -36.40 99.42
N LEU M 3377 125.03 -35.97 100.14
CA LEU M 3377 123.76 -35.66 99.49
C LEU M 3377 123.93 -34.52 98.50
N TYR M 3378 124.64 -33.46 98.89
CA TYR M 3378 124.88 -32.34 97.98
C TYR M 3378 125.74 -32.77 96.80
N GLN M 3379 126.75 -33.61 97.04
CA GLN M 3379 127.57 -34.08 95.94
C GLN M 3379 126.76 -34.90 94.93
N ARG M 3380 125.92 -35.80 95.43
CA ARG M 3380 125.10 -36.61 94.53
C ARG M 3380 124.07 -35.75 93.80
N ALA M 3381 123.50 -34.76 94.48
CA ALA M 3381 122.57 -33.84 93.83
C ALA M 3381 123.26 -33.06 92.73
N PHE M 3382 124.48 -32.60 92.98
CA PHE M 3382 125.25 -31.90 91.95
C PHE M 3382 125.57 -32.82 90.78
N GLN M 3383 125.92 -34.07 91.07
CA GLN M 3383 126.22 -35.02 90.00
C GLN M 3383 124.99 -35.26 89.13
N HIS M 3384 123.82 -35.46 89.75
CA HIS M 3384 122.60 -35.65 88.99
C HIS M 3384 122.23 -34.40 88.21
N LEU M 3385 122.47 -33.23 88.80
CA LEU M 3385 122.21 -31.98 88.09
C LEU M 3385 123.11 -31.86 86.87
N SER M 3386 124.38 -32.25 86.99
CA SER M 3386 125.28 -32.22 85.85
C SER M 3386 124.84 -33.20 84.77
N GLU M 3387 124.42 -34.40 85.18
CA GLU M 3387 123.90 -35.37 84.21
C GLU M 3387 122.69 -34.81 83.48
N ALA M 3388 121.78 -34.17 84.21
CA ALA M 3388 120.61 -33.57 83.59
C ALA M 3388 120.98 -32.41 82.68
N VAL M 3389 122.02 -31.65 83.05
CA VAL M 3389 122.48 -30.56 82.21
C VAL M 3389 123.00 -31.11 80.88
N GLN M 3390 123.86 -32.12 80.95
CA GLN M 3390 124.43 -32.66 79.72
C GLN M 3390 123.38 -33.37 78.87
N ALA M 3391 122.39 -34.01 79.50
CA ALA M 3391 121.31 -34.63 78.74
C ALA M 3391 120.42 -33.57 78.08
N ALA M 3392 120.13 -32.49 78.81
CA ALA M 3392 119.32 -31.42 78.25
C ALA M 3392 120.03 -30.71 77.11
N GLU M 3393 121.35 -30.51 77.24
CA GLU M 3393 122.11 -29.84 76.20
C GLU M 3393 121.99 -30.54 74.86
N GLU M 3394 121.74 -31.85 74.87
CA GLU M 3394 121.56 -32.63 73.65
C GLU M 3394 120.06 -32.77 73.41
N GLU M 3395 119.54 -31.97 72.50
CA GLU M 3395 118.12 -32.00 72.15
C GLU M 3395 117.92 -31.85 70.65
N ALA M 3407 113.58 -23.42 76.85
CA ALA M 3407 114.48 -24.53 76.51
C ALA M 3407 114.95 -25.24 77.77
N GLY M 3408 114.96 -26.58 77.72
CA GLY M 3408 115.40 -27.35 78.87
C GLY M 3408 116.86 -27.14 79.20
N VAL M 3409 117.67 -26.76 78.20
CA VAL M 3409 119.08 -26.47 78.45
C VAL M 3409 119.21 -25.30 79.41
N ILE M 3410 118.45 -24.24 79.16
CA ILE M 3410 118.51 -23.06 80.02
C ILE M 3410 117.97 -23.39 81.41
N ASP M 3411 116.94 -24.23 81.48
CA ASP M 3411 116.38 -24.61 82.78
C ASP M 3411 117.39 -25.41 83.59
N ALA M 3412 118.09 -26.35 82.95
CA ALA M 3412 119.12 -27.11 83.64
C ALA M 3412 120.26 -26.20 84.09
N TYR M 3413 120.63 -25.22 83.25
CA TYR M 3413 121.62 -24.25 83.65
C TYR M 3413 121.17 -23.46 84.88
N MET M 3414 119.90 -23.01 84.89
CA MET M 3414 119.37 -22.31 86.04
C MET M 3414 119.48 -23.16 87.29
N THR M 3415 119.07 -24.43 87.21
CA THR M 3415 119.07 -25.30 88.37
C THR M 3415 120.49 -25.51 88.91
N LEU M 3416 121.43 -25.85 88.02
CA LEU M 3416 122.80 -26.12 88.46
C LEU M 3416 123.45 -24.87 89.04
N ALA M 3417 123.23 -23.72 88.40
CA ALA M 3417 123.83 -22.48 88.89
C ALA M 3417 123.23 -22.06 90.23
N ASP M 3418 121.92 -22.25 90.41
CA ASP M 3418 121.31 -21.95 91.69
C ASP M 3418 121.82 -22.87 92.78
N PHE M 3419 122.00 -24.15 92.46
CA PHE M 3419 122.58 -25.08 93.43
C PHE M 3419 123.99 -24.66 93.83
N CYS M 3420 124.81 -24.27 92.85
CA CYS M 3420 126.16 -23.84 93.17
C CYS M 3420 126.16 -22.52 93.93
N ASP M 3421 125.22 -21.63 93.63
CA ASP M 3421 125.11 -20.39 94.37
C ASP M 3421 124.75 -20.66 95.83
N GLN M 3422 123.85 -21.62 96.07
CA GLN M 3422 123.54 -22.02 97.45
C GLN M 3422 124.77 -22.62 98.12
N GLN M 3423 125.52 -23.45 97.40
CA GLN M 3423 126.74 -24.03 97.97
C GLN M 3423 127.73 -22.94 98.36
N LEU M 3424 127.91 -21.94 97.49
CA LEU M 3424 128.87 -20.88 97.76
C LEU M 3424 128.40 -19.97 98.89
N ARG M 3425 127.08 -19.71 98.96
CA ARG M 3425 126.54 -18.93 100.06
C ARG M 3425 126.72 -19.65 101.39
N LYS M 3426 126.54 -20.97 101.40
CA LYS M 3426 126.84 -21.75 102.60
C LYS M 3426 128.32 -21.68 102.93
N GLU M 3427 129.19 -21.78 101.92
CA GLU M 3427 130.62 -21.71 102.16
C GLU M 3427 131.03 -20.33 102.66
N GLU M 3428 130.52 -19.28 102.05
CA GLU M 3428 130.85 -17.93 102.47
C GLU M 3428 130.14 -17.59 103.77
N GLU M 3429 130.71 -16.62 104.49
CA GLU M 3429 130.16 -16.20 105.77
C GLU M 3429 129.29 -14.95 105.62
N ALA M 3441 136.76 -23.34 89.53
CA ALA M 3441 136.51 -24.67 89.02
C ALA M 3441 135.01 -24.97 89.00
N TYR M 3442 134.49 -25.43 90.13
CA TYR M 3442 133.05 -25.70 90.23
C TYR M 3442 132.23 -24.42 90.05
N PRO M 3443 132.50 -23.31 90.75
CA PRO M 3443 131.85 -22.05 90.37
C PRO M 3443 132.19 -21.64 88.95
N ALA M 3444 133.41 -21.94 88.49
CA ALA M 3444 133.76 -21.64 87.11
C ALA M 3444 132.89 -22.40 86.12
N LEU M 3445 132.68 -23.70 86.36
CA LEU M 3445 131.87 -24.46 85.41
C LEU M 3445 130.41 -24.02 85.47
N VAL M 3446 129.89 -23.68 86.65
CA VAL M 3446 128.50 -23.23 86.71
C VAL M 3446 128.33 -21.87 86.04
N VAL M 3447 129.32 -20.98 86.15
CA VAL M 3447 129.18 -19.69 85.47
C VAL M 3447 129.41 -19.85 83.98
N GLU M 3448 130.18 -20.85 83.55
CA GLU M 3448 130.24 -21.18 82.13
C GLU M 3448 128.89 -21.64 81.62
N LYS M 3449 128.19 -22.46 82.41
CA LYS M 3449 126.85 -22.88 82.03
C LYS M 3449 125.89 -21.69 82.00
N MET M 3450 126.05 -20.76 82.94
CA MET M 3450 125.28 -19.52 82.90
C MET M 3450 125.55 -18.74 81.63
N LEU M 3451 126.82 -18.66 81.22
CA LEU M 3451 127.16 -17.97 79.97
C LEU M 3451 126.51 -18.64 78.77
N LYS M 3452 126.53 -19.98 78.74
CA LYS M 3452 125.87 -20.71 77.66
C LYS M 3452 124.37 -20.44 77.67
N ALA M 3453 123.77 -20.32 78.85
CA ALA M 3453 122.36 -19.95 78.95
C ALA M 3453 122.13 -18.56 78.38
N LEU M 3454 122.99 -17.61 78.73
CA LEU M 3454 122.86 -16.25 78.23
C LEU M 3454 123.09 -16.16 76.73
N LYS M 3455 123.77 -17.14 76.14
CA LYS M 3455 123.82 -17.20 74.68
C LYS M 3455 122.41 -17.31 74.10
N LEU M 3456 121.59 -18.18 74.68
CA LEU M 3456 120.17 -18.26 74.36
C LEU M 3456 119.46 -17.21 75.20
N ASN M 3457 119.41 -15.99 74.67
CA ASN M 3457 118.93 -14.82 75.42
C ASN M 3457 117.61 -15.10 76.11
N SER M 3458 117.62 -15.06 77.44
CA SER M 3458 116.45 -15.33 78.26
C SER M 3458 116.51 -14.45 79.49
N ASN M 3459 115.34 -13.93 79.90
CA ASN M 3459 115.29 -12.99 81.01
C ASN M 3459 115.63 -13.65 82.34
N GLU M 3460 115.22 -14.92 82.52
CA GLU M 3460 115.51 -15.60 83.77
C GLU M 3460 117.03 -15.78 83.95
N ALA M 3461 117.74 -16.05 82.86
CA ALA M 3461 119.19 -16.09 82.91
C ALA M 3461 119.81 -14.70 82.96
N ARG M 3462 119.16 -13.72 82.32
CA ARG M 3462 119.68 -12.36 82.30
C ARG M 3462 119.66 -11.73 83.70
N LEU M 3463 118.65 -12.06 84.51
CA LEU M 3463 118.58 -11.51 85.86
C LEU M 3463 119.67 -12.05 86.78
N LYS M 3464 120.36 -13.12 86.37
CA LYS M 3464 121.46 -13.68 87.15
C LYS M 3464 122.76 -12.90 86.93
N PHE M 3465 122.75 -11.92 86.03
CA PHE M 3465 123.97 -11.20 85.67
C PHE M 3465 124.64 -10.52 86.86
N PRO M 3466 123.96 -9.82 87.77
CA PRO M 3466 124.66 -9.27 88.93
C PRO M 3466 125.32 -10.33 89.80
N ARG M 3467 124.68 -11.49 89.95
CA ARG M 3467 125.33 -12.59 90.66
C ARG M 3467 126.58 -13.06 89.92
N LEU M 3468 126.52 -13.08 88.59
CA LEU M 3468 127.70 -13.40 87.81
C LEU M 3468 128.83 -12.40 88.07
N LEU M 3469 128.50 -11.12 88.12
CA LEU M 3469 129.52 -10.10 88.40
C LEU M 3469 130.12 -10.29 89.79
N GLN M 3470 129.27 -10.54 90.78
CA GLN M 3470 129.77 -10.71 92.14
C GLN M 3470 130.64 -11.96 92.26
N ILE M 3471 130.27 -13.05 91.58
CA ILE M 3471 131.07 -14.27 91.67
C ILE M 3471 132.35 -14.12 90.85
N ILE M 3472 132.34 -13.29 89.81
CA ILE M 3472 133.57 -13.00 89.09
C ILE M 3472 134.52 -12.22 89.99
N GLU M 3473 134.00 -11.23 90.72
CA GLU M 3473 134.85 -10.46 91.64
C GLU M 3473 135.36 -11.35 92.77
N ARG M 3474 134.52 -12.24 93.29
CA ARG M 3474 134.94 -13.12 94.37
C ARG M 3474 135.96 -14.15 93.89
N TYR M 3475 135.79 -14.65 92.67
CA TYR M 3475 136.67 -15.68 92.10
C TYR M 3475 137.16 -15.23 90.73
N PRO M 3476 138.05 -14.24 90.70
CA PRO M 3476 138.61 -13.81 89.40
C PRO M 3476 139.55 -14.83 88.80
N GLU M 3477 140.17 -15.70 89.61
CA GLU M 3477 141.20 -16.60 89.11
C GLU M 3477 140.67 -17.54 88.03
N GLU M 3478 139.40 -17.90 88.09
CA GLU M 3478 138.79 -18.79 87.11
C GLU M 3478 137.79 -18.09 86.20
N THR M 3479 137.06 -17.12 86.73
CA THR M 3479 136.13 -16.35 85.89
C THR M 3479 136.89 -15.54 84.86
N LEU M 3480 138.01 -14.92 85.25
CA LEU M 3480 138.81 -14.16 84.28
C LEU M 3480 139.52 -15.05 83.28
N SER M 3481 139.60 -16.35 83.53
CA SER M 3481 140.12 -17.29 82.54
C SER M 3481 139.04 -17.75 81.58
N LEU M 3482 137.84 -18.05 82.10
CA LEU M 3482 136.70 -18.31 81.25
C LEU M 3482 136.29 -17.06 80.46
N MET M 3483 136.78 -15.90 80.89
CA MET M 3483 136.50 -14.62 80.26
C MET M 3483 136.86 -14.61 78.78
N THR M 3484 137.84 -15.40 78.37
CA THR M 3484 138.29 -15.37 76.98
C THR M 3484 137.16 -15.70 76.01
N LYS M 3485 136.31 -16.66 76.36
CA LYS M 3485 135.20 -17.07 75.50
C LYS M 3485 133.92 -16.36 75.94
N GLU M 3486 133.90 -15.04 75.73
CA GLU M 3486 132.73 -14.23 76.05
C GLU M 3486 132.12 -13.59 74.80
N ILE M 3487 132.94 -12.99 73.95
CA ILE M 3487 132.43 -12.42 72.70
C ILE M 3487 131.93 -13.52 71.79
N SER M 3488 132.72 -14.59 71.64
CA SER M 3488 132.33 -15.69 70.75
C SER M 3488 131.15 -16.46 71.33
N SER M 3489 131.11 -16.64 72.64
CA SER M 3489 130.05 -17.46 73.23
C SER M 3489 128.71 -16.75 73.22
N VAL M 3490 128.70 -15.43 73.27
CA VAL M 3490 127.45 -14.68 73.23
C VAL M 3490 127.65 -13.30 72.60
N PRO M 3491 127.13 -13.06 71.40
CA PRO M 3491 127.13 -11.70 70.82
C PRO M 3491 125.82 -10.94 71.01
N CYS M 3492 124.87 -11.48 71.77
CA CYS M 3492 123.55 -10.86 71.89
C CYS M 3492 123.64 -9.50 72.57
N TRP M 3493 122.85 -8.55 72.06
CA TRP M 3493 122.81 -7.19 72.60
C TRP M 3493 121.83 -7.14 73.78
N GLN M 3494 122.26 -7.76 74.88
CA GLN M 3494 121.49 -7.84 76.10
C GLN M 3494 122.24 -7.14 77.23
N PHE M 3495 121.73 -7.29 78.46
CA PHE M 3495 122.25 -6.70 79.68
C PHE M 3495 122.09 -5.17 79.71
N ILE M 3496 121.36 -4.60 78.76
CA ILE M 3496 121.19 -3.16 78.70
C ILE M 3496 120.44 -2.62 79.91
N SER M 3497 119.61 -3.45 80.54
CA SER M 3497 118.91 -3.01 81.74
C SER M 3497 119.87 -2.63 82.86
N TRP M 3498 121.09 -3.19 82.86
CA TRP M 3498 122.11 -2.82 83.82
C TRP M 3498 123.17 -1.92 83.21
N ILE M 3499 122.81 -1.12 82.21
CA ILE M 3499 123.81 -0.38 81.44
C ILE M 3499 124.66 0.49 82.35
N SER M 3500 124.02 1.28 83.20
CA SER M 3500 124.73 2.21 84.08
C SER M 3500 125.75 1.50 84.94
N HIS M 3501 125.64 0.19 85.11
CA HIS M 3501 126.67 -0.57 85.80
C HIS M 3501 127.91 -0.70 84.93
N MET M 3502 127.83 -1.40 83.78
CA MET M 3502 129.09 -1.77 83.16
C MET M 3502 129.72 -0.64 82.38
N VAL M 3503 128.95 0.42 82.07
CA VAL M 3503 129.56 1.61 81.51
C VAL M 3503 130.57 2.22 82.48
N ALA M 3504 130.40 1.96 83.78
CA ALA M 3504 131.40 2.31 84.78
C ALA M 3504 132.36 1.18 85.10
N LEU M 3505 132.05 -0.06 84.69
CA LEU M 3505 132.95 -1.17 84.93
C LEU M 3505 134.25 -1.04 84.14
N LEU M 3506 134.23 -0.29 83.03
CA LEU M 3506 135.39 -0.22 82.16
C LEU M 3506 136.58 0.43 82.86
N ASP M 3507 136.31 1.45 83.70
CA ASP M 3507 137.41 2.17 84.34
C ASP M 3507 138.27 1.24 85.19
N LYS M 3508 137.65 0.35 85.95
CA LYS M 3508 138.41 -0.66 86.67
C LYS M 3508 139.04 -1.65 85.70
N ASP M 3509 140.24 -2.10 86.02
CA ASP M 3509 140.95 -3.02 85.13
C ASP M 3509 140.31 -4.39 85.20
N GLN M 3510 139.10 -4.50 84.68
CA GLN M 3510 138.31 -5.72 84.72
C GLN M 3510 138.39 -6.42 83.36
N ALA M 3511 137.49 -7.39 83.16
CA ALA M 3511 137.35 -8.10 81.90
C ALA M 3511 137.44 -7.17 80.70
N VAL M 3512 138.15 -7.61 79.66
CA VAL M 3512 138.21 -6.85 78.42
C VAL M 3512 137.14 -7.30 77.44
N ALA M 3513 136.66 -8.53 77.53
CA ALA M 3513 135.60 -8.95 76.62
C ALA M 3513 134.28 -8.26 76.94
N VAL M 3514 134.05 -7.91 78.20
CA VAL M 3514 132.88 -7.07 78.51
C VAL M 3514 133.06 -5.68 77.91
N GLN M 3515 134.31 -5.19 77.87
CA GLN M 3515 134.58 -3.93 77.19
C GLN M 3515 134.30 -4.04 75.70
N HIS M 3516 134.68 -5.17 75.09
CA HIS M 3516 134.37 -5.39 73.68
C HIS M 3516 132.87 -5.47 73.46
N SER M 3517 132.15 -6.13 74.38
CA SER M 3517 130.70 -6.22 74.28
C SER M 3517 130.05 -4.84 74.34
N VAL M 3518 130.50 -3.99 75.27
CA VAL M 3518 129.89 -2.67 75.37
C VAL M 3518 130.30 -1.80 74.18
N GLU M 3519 131.50 -2.00 73.64
CA GLU M 3519 131.88 -1.32 72.41
C GLU M 3519 130.98 -1.73 71.26
N GLU M 3520 130.69 -3.02 71.14
CA GLU M 3520 129.77 -3.49 70.11
C GLU M 3520 128.38 -2.92 70.33
N ILE M 3521 127.94 -2.82 71.58
CA ILE M 3521 126.62 -2.29 71.89
C ILE M 3521 126.53 -0.82 71.47
N THR M 3522 127.52 -0.02 71.87
CA THR M 3522 127.49 1.40 71.54
C THR M 3522 127.75 1.64 70.05
N ASP M 3523 128.40 0.71 69.35
CA ASP M 3523 128.51 0.82 67.90
C ASP M 3523 127.18 0.49 67.23
N ASN M 3524 126.49 -0.55 67.71
CA ASN M 3524 125.16 -0.84 67.20
C ASN M 3524 124.19 0.27 67.54
N TYR M 3525 124.24 0.77 68.77
CA TYR M 3525 123.37 1.86 69.22
C TYR M 3525 124.22 3.02 69.71
N PRO M 3526 124.49 4.02 68.87
CA PRO M 3526 125.26 5.18 69.35
C PRO M 3526 124.61 5.87 70.53
N GLN M 3527 123.28 5.97 70.53
CA GLN M 3527 122.56 6.57 71.65
C GLN M 3527 122.24 5.49 72.68
N ALA M 3528 121.55 5.89 73.75
CA ALA M 3528 121.20 5.11 74.93
C ALA M 3528 122.42 4.75 75.77
N ILE M 3529 123.62 5.07 75.32
CA ILE M 3529 124.83 4.92 76.13
C ILE M 3529 125.61 6.21 76.26
N VAL M 3530 125.34 7.23 75.43
CA VAL M 3530 126.06 8.49 75.52
C VAL M 3530 125.86 9.13 76.89
N TYR M 3531 124.65 9.04 77.44
CA TYR M 3531 124.41 9.61 78.76
C TYR M 3531 125.01 8.71 79.85
N PRO M 3532 124.86 7.38 79.78
CA PRO M 3532 125.66 6.53 80.68
C PRO M 3532 127.15 6.75 80.54
N PHE M 3533 127.65 6.98 79.31
CA PHE M 3533 129.07 7.25 79.14
C PHE M 3533 129.47 8.57 79.79
N ILE M 3534 128.66 9.61 79.63
CA ILE M 3534 128.96 10.89 80.27
C ILE M 3534 128.95 10.76 81.77
N ILE M 3535 127.95 10.08 82.33
CA ILE M 3535 127.88 9.91 83.78
C ILE M 3535 128.97 8.98 84.29
N SER M 3536 129.55 8.15 83.41
CA SER M 3536 130.65 7.28 83.81
C SER M 3536 132.01 7.92 83.55
N SER M 3537 132.14 8.72 82.49
CA SER M 3537 133.40 9.41 82.24
C SER M 3537 133.73 10.40 83.35
N GLU M 3538 132.70 10.90 84.05
CA GLU M 3538 132.95 11.75 85.20
C GLU M 3538 133.63 11.01 86.33
N SER M 3539 133.55 9.68 86.35
CA SER M 3539 134.17 8.84 87.37
C SER M 3539 133.72 9.23 88.77
N THR M 3545 148.12 2.68 83.89
CA THR M 3545 148.98 1.77 84.64
C THR M 3545 149.36 0.55 83.79
N SER M 3546 149.72 -0.54 84.45
CA SER M 3546 150.06 -1.77 83.73
C SER M 3546 148.83 -2.32 83.01
N THR M 3547 147.65 -2.21 83.62
CA THR M 3547 146.41 -2.60 82.99
C THR M 3547 145.40 -1.46 82.91
N GLY M 3548 145.52 -0.45 83.76
CA GLY M 3548 144.63 0.70 83.67
C GLY M 3548 144.76 1.45 82.35
N HIS M 3549 145.93 1.37 81.72
CA HIS M 3549 146.09 1.95 80.39
C HIS M 3549 145.14 1.31 79.38
N LYS M 3550 144.81 0.03 79.59
CA LYS M 3550 143.79 -0.60 78.75
C LYS M 3550 142.45 0.07 78.94
N ASN M 3551 142.09 0.40 80.19
CA ASN M 3551 140.86 1.14 80.43
C ASN M 3551 140.91 2.52 79.78
N LYS M 3552 142.07 3.17 79.84
CA LYS M 3552 142.21 4.48 79.21
C LYS M 3552 142.02 4.40 77.71
N GLU M 3553 142.61 3.40 77.06
CA GLU M 3553 142.42 3.27 75.61
C GLU M 3553 141.00 2.86 75.28
N PHE M 3554 140.34 2.10 76.15
CA PHE M 3554 138.95 1.73 75.91
C PHE M 3554 138.04 2.96 75.98
N VAL M 3555 138.22 3.81 77.00
CA VAL M 3555 137.39 5.01 77.06
C VAL M 3555 137.73 5.94 75.90
N ALA M 3556 139.00 5.99 75.49
CA ALA M 3556 139.36 6.79 74.32
C ALA M 3556 138.64 6.31 73.07
N ARG M 3557 138.61 4.99 72.86
CA ARG M 3557 137.92 4.44 71.70
C ARG M 3557 136.42 4.70 71.78
N ILE M 3558 135.84 4.56 72.97
CA ILE M 3558 134.40 4.77 73.12
C ILE M 3558 134.03 6.22 72.84
N LYS M 3559 134.81 7.16 73.39
CA LYS M 3559 134.53 8.57 73.15
C LYS M 3559 134.82 8.97 71.71
N SER M 3560 135.74 8.27 71.05
CA SER M 3560 135.91 8.47 69.61
C SER M 3560 134.69 7.98 68.84
N LYS M 3561 134.08 6.89 69.31
CA LYS M 3561 132.90 6.34 68.66
C LYS M 3561 131.66 7.20 68.87
N LEU M 3562 131.73 8.22 69.74
CA LEU M 3562 130.58 9.08 69.98
C LEU M 3562 130.22 9.86 68.73
N ASP M 3563 128.91 10.03 68.51
CA ASP M 3563 128.38 10.71 67.34
C ASP M 3563 127.86 12.07 67.75
N GLN M 3564 128.35 13.13 67.10
CA GLN M 3564 127.96 14.53 67.32
C GLN M 3564 127.69 14.81 68.80
N GLY M 3565 128.67 14.48 69.64
CA GLY M 3565 128.57 14.80 71.05
C GLY M 3565 128.56 16.29 71.34
N GLY M 3566 129.06 17.10 70.41
CA GLY M 3566 129.07 18.54 70.62
C GLY M 3566 127.67 19.13 70.68
N VAL M 3567 126.76 18.66 69.82
CA VAL M 3567 125.40 19.17 69.84
C VAL M 3567 124.71 18.82 71.16
N ILE M 3568 124.89 17.58 71.63
CA ILE M 3568 124.30 17.18 72.90
C ILE M 3568 124.90 17.99 74.05
N GLN M 3569 126.21 18.25 73.99
CA GLN M 3569 126.85 19.05 75.02
C GLN M 3569 126.32 20.48 75.02
N ASP M 3570 126.10 21.05 73.84
CA ASP M 3570 125.52 22.38 73.74
C ASP M 3570 124.09 22.39 74.28
N PHE M 3571 123.34 21.31 74.04
CA PHE M 3571 122.01 21.20 74.62
C PHE M 3571 122.07 21.17 76.15
N ILE M 3572 123.03 20.42 76.68
CA ILE M 3572 123.21 20.38 78.14
C ILE M 3572 123.57 21.76 78.67
N ASN M 3573 124.43 22.49 77.94
CA ASN M 3573 124.76 23.85 78.31
C ASN M 3573 123.52 24.74 78.31
N ALA M 3574 122.62 24.52 77.35
CA ALA M 3574 121.37 25.29 77.32
C ALA M 3574 120.50 24.98 78.53
N LEU M 3575 120.37 23.70 78.88
CA LEU M 3575 119.61 23.36 80.09
C LEU M 3575 120.24 23.99 81.34
N ASP M 3576 121.57 24.00 81.42
CA ASP M 3576 122.23 24.67 82.54
C ASP M 3576 121.97 26.17 82.51
N GLN M 3577 121.91 26.76 81.32
CA GLN M 3577 121.56 28.17 81.20
C GLN M 3577 120.15 28.44 81.68
N LEU M 3578 119.25 27.46 81.52
CA LEU M 3578 117.92 27.58 82.11
C LEU M 3578 117.97 27.59 83.62
N SER M 3579 119.08 27.18 84.22
CA SER M 3579 119.24 27.18 85.67
C SER M 3579 119.91 28.49 86.10
N ASN M 3580 119.33 29.13 87.10
CA ASN M 3580 119.83 30.42 87.57
C ASN M 3580 121.16 30.25 88.29
N PRO M 3581 121.98 31.32 88.33
CA PRO M 3581 123.30 31.20 88.94
C PRO M 3581 123.29 30.91 90.43
N GLU M 3582 122.17 31.12 91.12
CA GLU M 3582 122.15 31.00 92.58
C GLU M 3582 122.37 29.57 93.02
N LEU M 3583 121.79 28.60 92.31
CA LEU M 3583 122.01 27.20 92.66
C LEU M 3583 123.47 26.82 92.52
N LEU M 3584 124.11 27.23 91.41
CA LEU M 3584 125.53 26.96 91.23
C LEU M 3584 126.37 27.68 92.28
N PHE M 3585 125.94 28.86 92.70
CA PHE M 3585 126.66 29.59 93.74
C PHE M 3585 126.59 28.85 95.07
N LYS M 3586 125.41 28.34 95.42
CA LYS M 3586 125.27 27.55 96.64
C LYS M 3586 126.08 26.27 96.56
N ASP M 3587 126.11 25.64 95.39
CA ASP M 3587 126.94 24.45 95.21
C ASP M 3587 128.41 24.79 95.37
N TRP M 3588 128.85 25.94 94.86
CA TRP M 3588 130.22 26.36 95.05
C TRP M 3588 130.54 26.62 96.52
N SER M 3589 129.61 27.23 97.25
CA SER M 3589 129.84 27.45 98.67
C SER M 3589 129.97 26.13 99.41
N ASN M 3590 129.10 25.17 99.10
CA ASN M 3590 129.22 23.84 99.70
C ASN M 3590 130.56 23.19 99.35
N ASP M 3591 130.97 23.31 98.08
CA ASP M 3591 132.21 22.70 97.65
C ASP M 3591 133.42 23.32 98.33
N VAL M 3592 133.42 24.65 98.49
CA VAL M 3592 134.55 25.30 99.15
C VAL M 3592 134.59 24.96 100.62
N ARG M 3593 133.42 24.88 101.28
CA ARG M 3593 133.40 24.47 102.68
C ARG M 3593 133.83 23.01 102.83
N ALA M 3594 133.61 22.19 101.81
CA ALA M 3594 134.01 20.79 101.88
C ALA M 3594 135.51 20.62 101.64
N GLU M 3595 136.02 21.15 100.53
CA GLU M 3595 137.43 20.98 100.20
C GLU M 3595 138.33 21.76 101.15
N LEU M 3596 137.84 22.87 101.71
CA LEU M 3596 138.64 23.62 102.68
C LEU M 3596 138.93 22.78 103.91
N ALA M 3597 137.94 22.03 104.38
CA ALA M 3597 138.13 21.14 105.53
C ALA M 3597 138.81 19.85 105.09
N VAL M 3601 142.03 21.54 102.72
CA VAL M 3601 143.07 21.83 101.74
C VAL M 3601 142.68 23.03 100.90
N ASN M 3602 143.66 23.64 100.23
CA ASN M 3602 143.41 24.80 99.39
C ASN M 3602 144.26 24.72 98.14
N LYS M 3603 143.69 25.14 97.02
CA LYS M 3603 144.35 25.26 95.72
C LYS M 3603 144.83 23.92 95.17
N LYS M 3604 144.41 22.80 95.76
CA LYS M 3604 144.60 21.48 95.17
C LYS M 3604 143.28 20.79 94.88
N ASN M 3605 142.34 20.81 95.83
CA ASN M 3605 140.95 20.49 95.57
C ASN M 3605 140.09 21.73 95.43
N ILE M 3606 140.47 22.83 96.10
CA ILE M 3606 139.83 24.11 95.85
C ILE M 3606 140.15 24.60 94.44
N GLU M 3607 141.29 24.21 93.90
CA GLU M 3607 141.68 24.66 92.56
C GLU M 3607 140.69 24.18 91.50
N LYS M 3608 140.38 22.88 91.51
CA LYS M 3608 139.51 22.33 90.47
C LYS M 3608 138.10 22.89 90.57
N MET M 3609 137.55 22.95 91.78
CA MET M 3609 136.21 23.48 91.96
C MET M 3609 136.15 24.97 91.63
N TYR M 3610 137.19 25.72 91.98
CA TYR M 3610 137.23 27.14 91.63
C TYR M 3610 137.30 27.32 90.12
N GLU M 3611 138.08 26.48 89.43
CA GLU M 3611 138.14 26.56 87.98
C GLU M 3611 136.78 26.24 87.36
N ARG M 3612 136.10 25.21 87.88
CA ARG M 3612 134.77 24.87 87.39
C ARG M 3612 133.80 26.02 87.60
N MET M 3613 133.85 26.65 88.78
CA MET M 3613 132.93 27.73 89.08
C MET M 3613 133.22 28.96 88.22
N TYR M 3614 134.50 29.25 88.01
CA TYR M 3614 134.88 30.37 87.14
C TYR M 3614 134.42 30.12 85.71
N ALA M 3615 134.56 28.88 85.23
CA ALA M 3615 133.99 28.54 83.92
C ALA M 3615 132.47 28.59 83.93
N ALA M 3616 131.84 28.46 85.10
CA ALA M 3616 130.39 28.53 85.19
C ALA M 3616 129.90 29.97 85.22
N LEU M 3617 130.30 30.74 86.24
CA LEU M 3617 129.91 32.13 86.36
C LEU M 3617 131.08 33.11 86.24
N GLY M 3618 132.26 32.73 86.72
CA GLY M 3618 133.36 33.68 86.74
C GLY M 3618 133.75 34.18 85.37
N ASP M 3619 133.78 33.29 84.38
CA ASP M 3619 134.07 33.71 83.02
C ASP M 3619 132.90 34.51 82.46
N PRO M 3620 133.16 35.55 81.66
CA PRO M 3620 132.07 36.34 81.09
C PRO M 3620 131.41 35.70 79.88
N LYS M 3621 131.89 34.54 79.44
CA LYS M 3621 131.35 33.85 78.29
C LYS M 3621 130.66 32.56 78.73
N ALA M 3622 129.57 32.21 78.05
CA ALA M 3622 128.83 30.99 78.33
C ALA M 3622 128.66 30.22 77.03
N PRO M 3623 129.00 28.93 77.01
CA PRO M 3623 128.73 28.12 75.81
C PRO M 3623 127.25 28.09 75.51
N GLY M 3624 126.92 28.15 74.22
CA GLY M 3624 125.54 28.20 73.78
C GLY M 3624 125.09 29.61 73.47
N LEU M 3625 123.79 29.73 73.20
CA LEU M 3625 123.17 30.98 72.79
C LEU M 3625 122.34 31.59 73.93
N GLY M 3626 122.83 31.47 75.16
CA GLY M 3626 122.07 31.95 76.30
C GLY M 3626 121.91 33.46 76.31
N ALA M 3627 120.92 33.91 77.08
CA ALA M 3627 120.65 35.33 77.24
C ALA M 3627 120.57 35.76 78.69
N PHE M 3628 120.00 34.92 79.56
CA PHE M 3628 119.86 35.28 80.98
C PHE M 3628 121.16 35.02 81.74
N ARG M 3629 121.59 33.77 81.78
CA ARG M 3629 122.86 33.46 82.44
C ARG M 3629 124.04 34.04 81.67
N ARG M 3630 123.88 34.19 80.35
CA ARG M 3630 124.94 34.79 79.54
C ARG M 3630 125.29 36.20 80.00
N LYS M 3631 124.30 36.95 80.49
CA LYS M 3631 124.57 38.27 81.05
C LYS M 3631 124.81 38.21 82.55
N PHE M 3632 124.21 37.25 83.25
CA PHE M 3632 124.43 37.15 84.69
C PHE M 3632 125.88 36.81 85.01
N ILE M 3633 126.51 35.96 84.19
CA ILE M 3633 127.91 35.64 84.40
C ILE M 3633 128.77 36.88 84.27
N GLN M 3634 128.61 37.63 83.17
CA GLN M 3634 129.43 38.80 82.95
C GLN M 3634 129.08 39.94 83.90
N THR M 3635 127.96 39.88 84.60
CA THR M 3635 127.65 40.90 85.60
C THR M 3635 128.09 40.52 87.01
N PHE M 3636 128.22 39.23 87.32
CA PHE M 3636 128.47 38.87 88.72
C PHE M 3636 129.72 38.00 88.93
N GLY M 3637 130.06 37.14 87.97
CA GLY M 3637 131.16 36.22 88.18
C GLY M 3637 132.52 36.89 88.24
N LYS M 3638 132.67 38.05 87.58
CA LYS M 3638 133.92 38.79 87.69
C LYS M 3638 134.13 39.30 89.11
N GLU M 3639 133.09 39.89 89.70
CA GLU M 3639 133.17 40.30 91.10
C GLU M 3639 133.34 39.10 92.02
N PHE M 3640 132.75 37.96 91.65
CA PHE M 3640 132.97 36.73 92.40
C PHE M 3640 134.44 36.32 92.40
N ASP M 3641 135.07 36.31 91.23
CA ASP M 3641 136.48 35.94 91.14
C ASP M 3641 137.34 36.93 91.92
N LYS M 3642 137.02 38.23 91.82
CA LYS M 3642 137.75 39.23 92.59
C LYS M 3642 137.55 39.04 94.09
N HIS M 3643 136.39 38.53 94.49
CA HIS M 3643 136.11 38.30 95.91
C HIS M 3643 136.98 37.19 96.47
N PHE M 3644 137.08 36.07 95.76
CA PHE M 3644 137.79 34.89 96.23
C PHE M 3644 138.98 34.61 95.32
N GLY M 3645 140.18 34.96 95.79
CA GLY M 3645 141.39 34.57 95.09
C GLY M 3645 141.84 33.16 95.36
N LYS M 3646 141.25 32.50 96.36
CA LYS M 3646 141.62 31.13 96.68
C LYS M 3646 141.20 30.19 95.56
N GLY M 3647 142.07 29.23 95.26
CA GLY M 3647 141.79 28.27 94.21
C GLY M 3647 141.87 28.88 92.82
N SER M 3657 134.95 31.30 105.46
CA SER M 3657 133.62 30.77 105.18
C SER M 3657 132.57 31.87 105.33
N ASP M 3658 132.83 32.82 106.23
CA ASP M 3658 131.88 33.91 106.46
C ASP M 3658 131.73 34.78 105.21
N PHE M 3659 132.85 35.08 104.54
CA PHE M 3659 132.77 35.86 103.31
C PHE M 3659 132.01 35.10 102.22
N ASN M 3660 132.17 33.77 102.18
CA ASN M 3660 131.38 32.96 101.26
C ASN M 3660 129.90 33.08 101.57
N ASP M 3661 129.54 33.06 102.85
CA ASP M 3661 128.13 33.24 103.23
C ASP M 3661 127.62 34.61 102.82
N ILE M 3662 128.43 35.66 103.01
CA ILE M 3662 128.02 37.00 102.63
C ILE M 3662 127.79 37.09 101.14
N THR M 3663 128.71 36.52 100.35
CA THR M 3663 128.54 36.53 98.89
C THR M 3663 127.31 35.75 98.46
N ASN M 3664 127.05 34.61 99.12
CA ASN M 3664 125.86 33.84 98.80
C ASN M 3664 124.60 34.63 99.11
N MET M 3665 124.57 35.32 100.25
CA MET M 3665 123.43 36.17 100.59
C MET M 3665 123.25 37.27 99.54
N LEU M 3666 124.35 37.89 99.12
CA LEU M 3666 124.27 38.97 98.13
C LEU M 3666 123.75 38.46 96.79
N LEU M 3667 124.20 37.28 96.37
CA LEU M 3667 123.77 36.76 95.08
C LEU M 3667 122.39 36.12 95.13
N LEU M 3668 121.88 35.80 96.32
CA LEU M 3668 120.51 35.31 96.38
C LEU M 3668 119.49 36.42 96.60
N LYS M 3669 119.92 37.55 97.20
CA LYS M 3669 118.99 38.65 97.40
C LYS M 3669 118.61 39.35 96.11
N MET M 3670 119.34 39.10 95.02
CA MET M 3670 118.96 39.64 93.71
C MET M 3670 117.86 38.81 93.08
N ASN M 3671 117.65 38.99 91.78
CA ASN M 3671 116.48 38.47 91.08
C ASN M 3671 116.26 36.98 91.37
N LYS M 3672 117.31 36.17 91.22
CA LYS M 3672 117.22 34.73 91.43
C LYS M 3672 116.14 34.09 90.54
N ASP M 3673 115.89 34.69 89.38
CA ASP M 3673 114.85 34.23 88.47
C ASP M 3673 115.46 33.95 87.12
N SER M 3674 115.38 32.70 86.67
CA SER M 3674 115.84 32.35 85.33
C SER M 3674 114.94 33.00 84.30
N LYS M 3675 115.56 33.68 83.33
CA LYS M 3675 114.81 34.37 82.29
C LYS M 3675 114.92 33.58 81.00
N PRO M 3676 113.90 32.83 80.60
CA PRO M 3676 113.97 32.09 79.35
C PRO M 3676 113.99 33.03 78.16
N PRO M 3677 114.89 32.83 77.20
CA PRO M 3677 114.91 33.69 76.02
C PRO M 3677 113.70 33.42 75.13
N GLY M 3678 112.52 33.82 75.61
CA GLY M 3678 111.27 33.47 74.97
C GLY M 3678 110.78 32.11 75.42
N ASN M 3679 109.53 31.81 75.05
CA ASN M 3679 108.97 30.49 75.34
C ASN M 3679 109.77 29.40 74.63
N LEU M 3680 110.20 29.66 73.40
CA LEU M 3680 111.13 28.78 72.72
C LEU M 3680 112.54 29.06 73.20
N LYS M 3681 113.30 28.00 73.46
CA LYS M 3681 114.65 28.13 74.00
C LYS M 3681 115.56 28.70 72.94
N GLU M 3682 115.81 30.01 73.00
CA GLU M 3682 116.84 30.62 72.17
C GLU M 3682 118.24 30.38 72.71
N CYS M 3683 118.35 29.84 73.92
CA CYS M 3683 119.64 29.48 74.50
C CYS M 3683 120.15 28.14 74.00
N SER M 3684 119.33 27.39 73.27
CA SER M 3684 119.72 26.08 72.78
C SER M 3684 120.01 26.11 71.28
N PRO M 3685 120.98 25.34 70.82
CA PRO M 3685 121.25 25.28 69.39
C PRO M 3685 120.12 24.64 68.62
N TRP M 3686 119.64 23.49 69.11
CA TRP M 3686 118.58 22.78 68.39
C TRP M 3686 117.23 23.46 68.57
N MET M 3687 116.92 23.92 69.79
CA MET M 3687 115.62 24.52 70.03
C MET M 3687 115.43 25.80 69.21
N SER M 3688 116.53 26.46 68.85
CA SER M 3688 116.44 27.65 68.01
C SER M 3688 116.33 27.29 66.53
N ASP M 3689 117.29 26.53 66.03
CA ASP M 3689 117.35 26.16 64.63
C ASP M 3689 118.03 24.79 64.53
N PHE M 3690 118.48 24.43 63.33
CA PHE M 3690 119.21 23.18 63.10
C PHE M 3690 118.36 21.97 63.47
N LYS M 3691 117.27 21.80 62.71
CA LYS M 3691 116.36 20.69 62.89
C LYS M 3691 117.11 19.36 62.72
N VAL M 3692 116.43 18.28 63.10
CA VAL M 3692 116.99 16.95 62.87
C VAL M 3692 117.13 16.73 61.37
N GLU M 3693 118.36 16.56 60.93
CA GLU M 3693 118.68 16.36 59.51
C GLU M 3693 119.47 15.07 59.37
N PHE M 3694 119.62 14.62 58.12
CA PHE M 3694 120.34 13.38 57.87
C PHE M 3694 121.81 13.50 58.24
N LEU M 3695 122.33 14.72 58.40
CA LEU M 3695 123.69 14.92 58.89
C LEU M 3695 123.77 15.01 60.40
N ARG M 3696 122.65 15.27 61.08
CA ARG M 3696 122.60 15.41 62.53
C ARG M 3696 122.02 14.14 63.11
N ASN M 3697 122.83 13.39 63.85
CA ASN M 3697 122.36 12.17 64.49
C ASN M 3697 121.22 12.48 65.46
N GLU M 3698 120.02 12.00 65.13
CA GLU M 3698 118.84 12.34 65.90
C GLU M 3698 118.90 11.77 67.31
N LEU M 3699 118.51 12.59 68.28
CA LEU M 3699 118.37 12.12 69.65
C LEU M 3699 117.02 11.45 69.84
N GLU M 3700 116.96 10.51 70.77
CA GLU M 3700 115.78 9.71 71.01
C GLU M 3700 115.18 10.03 72.37
N ILE M 3701 114.03 9.43 72.66
CA ILE M 3701 113.42 9.57 73.98
C ILE M 3701 114.36 9.00 75.03
N PRO M 3702 114.61 9.69 76.15
CA PRO M 3702 115.60 9.22 77.12
C PRO M 3702 115.33 7.80 77.63
N GLY M 3703 116.21 6.88 77.27
CA GLY M 3703 116.10 5.51 77.74
C GLY M 3703 114.85 4.79 77.31
N GLN M 3704 114.38 5.04 76.09
CA GLN M 3704 113.17 4.37 75.61
C GLN M 3704 113.43 2.93 75.18
N TYR M 3705 114.68 2.57 74.93
CA TYR M 3705 115.02 1.23 74.48
C TYR M 3705 115.38 0.33 75.67
N ASP M 3706 114.99 -0.94 75.55
CA ASP M 3706 115.30 -1.94 76.58
C ASP M 3706 115.54 -3.26 75.86
N GLY M 3707 116.81 -3.63 75.69
CA GLY M 3707 117.15 -4.79 74.91
C GLY M 3707 117.13 -6.08 75.71
N ARG M 3708 116.95 -7.19 74.97
CA ARG M 3708 116.93 -8.53 75.53
C ARG M 3708 117.73 -9.47 74.64
N GLY M 3709 118.86 -8.99 74.12
CA GLY M 3709 119.59 -9.71 73.10
C GLY M 3709 119.03 -9.57 71.71
N LYS M 3710 117.97 -8.76 71.54
CA LYS M 3710 117.17 -8.48 70.36
C LYS M 3710 117.54 -7.12 69.78
N PRO M 3711 117.37 -6.94 68.47
CA PRO M 3711 117.55 -5.62 67.88
C PRO M 3711 116.46 -4.67 68.34
N LEU M 3712 116.83 -3.39 68.42
CA LEU M 3712 115.86 -2.33 68.70
C LEU M 3712 115.76 -1.46 67.45
N PRO M 3713 114.77 -1.66 66.60
CA PRO M 3713 114.69 -0.90 65.35
C PRO M 3713 114.63 0.59 65.60
N GLU M 3714 115.34 1.34 64.77
CA GLU M 3714 115.55 2.77 64.98
C GLU M 3714 114.54 3.63 64.22
N TYR M 3715 113.59 3.02 63.52
CA TYR M 3715 112.51 3.79 62.90
C TYR M 3715 111.36 4.06 63.87
N HIS M 3716 111.52 3.69 65.13
CA HIS M 3716 110.50 3.89 66.14
C HIS M 3716 110.44 5.37 66.52
N VAL M 3717 109.66 5.67 67.57
CA VAL M 3717 109.53 7.05 68.01
C VAL M 3717 110.87 7.56 68.53
N ARG M 3718 111.26 8.73 68.08
CA ARG M 3718 112.49 9.40 68.51
C ARG M 3718 112.14 10.85 68.79
N ILE M 3719 113.16 11.69 68.95
CA ILE M 3719 112.96 13.10 69.26
C ILE M 3719 113.47 13.91 68.08
N ALA M 3720 112.56 14.56 67.36
CA ALA M 3720 112.91 15.43 66.25
C ALA M 3720 112.09 16.70 66.31
N GLY M 3721 112.64 17.78 65.76
CA GLY M 3721 111.96 19.06 65.79
C GLY M 3721 111.90 19.63 67.19
N PHE M 3722 111.14 20.72 67.33
CA PHE M 3722 110.95 21.32 68.63
C PHE M 3722 109.65 22.09 68.67
N ASP M 3723 108.97 22.02 69.81
CA ASP M 3723 107.86 22.90 70.18
C ASP M 3723 108.04 23.38 71.62
N GLU M 3724 109.26 23.83 71.94
CA GLU M 3724 109.60 24.14 73.32
C GLU M 3724 108.73 25.26 73.88
N ARG M 3725 108.21 25.04 75.09
CA ARG M 3725 107.46 26.06 75.83
C ARG M 3725 107.88 25.97 77.28
N VAL M 3726 108.50 27.04 77.79
CA VAL M 3726 109.09 26.99 79.12
C VAL M 3726 108.00 26.95 80.18
N THR M 3727 108.11 26.00 81.10
CA THR M 3727 107.19 25.87 82.22
C THR M 3727 107.99 25.40 83.42
N VAL M 3728 108.04 26.21 84.47
CA VAL M 3728 108.91 25.98 85.62
C VAL M 3728 108.06 25.89 86.87
N MET M 3729 108.29 24.84 87.65
CA MET M 3729 107.74 24.70 89.00
C MET M 3729 108.90 24.50 89.96
N ALA M 3730 108.92 25.28 91.04
CA ALA M 3730 110.07 25.34 91.93
C ALA M 3730 109.72 24.71 93.28
N SER M 3731 110.33 23.56 93.57
CA SER M 3731 110.21 22.94 94.89
C SER M 3731 111.55 22.88 95.61
N LEU M 3732 112.53 22.16 95.07
CA LEU M 3732 113.88 22.14 95.61
C LEU M 3732 114.94 22.38 94.55
N ARG M 3733 114.76 21.84 93.35
CA ARG M 3733 115.67 22.07 92.23
C ARG M 3733 115.00 22.82 91.10
N ARG M 3734 113.73 23.22 91.26
CA ARG M 3734 112.91 23.87 90.25
C ARG M 3734 112.91 23.08 88.95
N PRO M 3735 112.23 21.94 88.90
CA PRO M 3735 112.12 21.20 87.63
C PRO M 3735 111.46 22.05 86.55
N LYS M 3736 111.95 21.91 85.33
CA LYS M 3736 111.46 22.67 84.18
C LYS M 3736 110.68 21.71 83.28
N ARG M 3737 109.36 21.80 83.33
CA ARG M 3737 108.52 21.00 82.43
C ARG M 3737 108.64 21.58 81.02
N ILE M 3738 109.42 20.92 80.17
CA ILE M 3738 109.73 21.43 78.84
C ILE M 3738 109.10 20.50 77.81
N ILE M 3739 108.35 21.08 76.88
CA ILE M 3739 107.73 20.32 75.80
C ILE M 3739 108.79 19.94 74.79
N ILE M 3740 108.98 18.65 74.57
CA ILE M 3740 110.01 18.12 73.70
C ILE M 3740 109.32 17.37 72.57
N ARG M 3741 109.30 17.97 71.39
CA ARG M 3741 108.64 17.37 70.22
C ARG M 3741 109.43 16.16 69.74
N GLY M 3742 108.71 15.10 69.36
CA GLY M 3742 109.30 13.84 68.97
C GLY M 3742 109.45 13.65 67.47
N HIS M 3743 110.03 12.51 67.10
CA HIS M 3743 110.26 12.20 65.69
C HIS M 3743 108.96 12.06 64.93
N ASP M 3744 107.97 11.39 65.52
CA ASP M 3744 106.65 11.26 64.91
C ASP M 3744 105.85 12.54 65.03
N GLU M 3745 106.51 13.65 65.36
CA GLU M 3745 105.86 14.94 65.65
C GLU M 3745 104.88 14.84 66.81
N ARG M 3746 105.17 13.95 67.76
CA ARG M 3746 104.42 13.82 68.99
C ARG M 3746 105.31 14.30 70.14
N GLU M 3747 104.93 15.40 70.77
CA GLU M 3747 105.77 16.02 71.78
C GLU M 3747 105.76 15.23 73.08
N HIS M 3748 106.90 15.20 73.75
CA HIS M 3748 107.07 14.48 75.01
C HIS M 3748 107.60 15.43 76.07
N PRO M 3749 106.73 15.97 76.94
CA PRO M 3749 107.22 16.88 77.98
C PRO M 3749 108.19 16.17 78.91
N PHE M 3750 109.21 16.91 79.34
CA PHE M 3750 110.25 16.39 80.21
C PHE M 3750 110.58 17.42 81.27
N LEU M 3751 111.16 16.96 82.37
CA LEU M 3751 111.53 17.81 83.49
C LEU M 3751 113.01 17.64 83.79
N VAL M 3752 113.70 18.74 84.06
CA VAL M 3752 115.13 18.76 84.28
C VAL M 3752 115.43 19.23 85.70
N LYS M 3753 116.38 18.58 86.35
CA LYS M 3753 116.80 18.90 87.72
C LYS M 3753 118.28 19.27 87.73
N GLY M 3754 118.76 19.63 88.92
CA GLY M 3754 120.15 20.00 89.10
C GLY M 3754 120.98 18.90 89.72
N GLY M 3755 121.50 19.13 90.92
CA GLY M 3755 122.35 18.16 91.58
C GLY M 3755 121.62 16.92 92.04
N GLU M 3756 122.20 16.20 93.01
CA GLU M 3756 121.65 14.94 93.51
C GLU M 3756 121.50 13.93 92.36
N ASP M 3757 122.67 13.52 91.85
CA ASP M 3757 122.77 12.71 90.64
C ASP M 3757 121.76 11.57 90.63
N LEU M 3758 121.22 11.29 89.45
CA LEU M 3758 120.11 10.35 89.27
C LEU M 3758 120.58 8.97 88.81
N ARG M 3759 121.72 8.51 89.31
CA ARG M 3759 122.10 7.11 89.12
C ARG M 3759 121.30 6.21 90.06
N GLN M 3760 121.09 6.65 91.30
CA GLN M 3760 120.41 5.83 92.29
C GLN M 3760 118.97 5.54 91.89
N ASP M 3761 118.25 6.55 91.42
CA ASP M 3761 116.86 6.31 91.03
C ASP M 3761 116.78 5.54 89.72
N GLN M 3762 117.80 5.65 88.88
CA GLN M 3762 117.88 4.79 87.69
C GLN M 3762 117.99 3.33 88.10
N ARG M 3763 118.86 3.04 89.07
CA ARG M 3763 118.96 1.68 89.60
C ARG M 3763 117.64 1.25 90.24
N VAL M 3764 116.99 2.18 90.93
CA VAL M 3764 115.70 1.89 91.56
C VAL M 3764 114.68 1.46 90.50
N GLU M 3765 114.60 2.22 89.41
CA GLU M 3765 113.67 1.86 88.34
C GLU M 3765 114.03 0.52 87.72
N GLN M 3766 115.32 0.28 87.49
CA GLN M 3766 115.76 -0.99 86.92
C GLN M 3766 115.32 -2.16 87.80
N LEU M 3767 115.55 -2.04 89.11
CA LEU M 3767 115.05 -3.06 90.03
C LEU M 3767 113.54 -3.14 89.99
N PHE M 3768 112.85 -2.04 89.72
CA PHE M 3768 111.40 -2.10 89.58
C PHE M 3768 110.99 -3.00 88.41
N GLN M 3769 111.63 -2.82 87.24
CA GLN M 3769 111.26 -3.70 86.13
C GLN M 3769 111.67 -5.15 86.40
N VAL M 3770 112.85 -5.37 87.00
CA VAL M 3770 113.24 -6.76 87.22
C VAL M 3770 112.34 -7.43 88.25
N MET M 3771 111.88 -6.70 89.27
CA MET M 3771 110.95 -7.30 90.22
C MET M 3771 109.57 -7.49 89.61
N ASN M 3772 109.16 -6.61 88.70
CA ASN M 3772 107.92 -6.85 87.97
C ASN M 3772 108.01 -8.13 87.17
N GLY M 3773 109.17 -8.36 86.53
CA GLY M 3773 109.39 -9.63 85.85
C GLY M 3773 109.36 -10.81 86.80
N ILE M 3774 109.92 -10.64 88.00
CA ILE M 3774 109.87 -11.69 89.01
C ILE M 3774 108.42 -12.01 89.38
N LEU M 3775 107.60 -10.96 89.52
CA LEU M 3775 106.17 -11.16 89.72
C LEU M 3775 105.57 -11.96 88.57
N ALA M 3776 105.96 -11.62 87.34
CA ALA M 3776 105.56 -12.44 86.20
C ALA M 3776 106.13 -13.84 86.32
N GLN M 3777 107.38 -13.97 86.77
CA GLN M 3777 107.97 -15.30 86.98
C GLN M 3777 107.19 -16.08 88.02
N ASP M 3778 106.64 -15.41 89.04
CA ASP M 3778 105.87 -16.07 90.06
C ASP M 3778 104.53 -16.51 89.48
N SER M 3779 104.24 -17.81 89.58
CA SER M 3779 102.98 -18.33 89.04
C SER M 3779 101.78 -17.80 89.80
N ALA M 3780 101.89 -17.70 91.13
CA ALA M 3780 100.77 -17.20 91.93
C ALA M 3780 100.55 -15.71 91.72
N CYS M 3781 101.63 -14.93 91.62
CA CYS M 3781 101.50 -13.51 91.34
C CYS M 3781 100.88 -13.28 89.97
N SER M 3782 101.27 -14.09 88.98
CA SER M 3782 100.63 -14.03 87.67
C SER M 3782 99.17 -14.45 87.76
N GLN M 3783 98.85 -15.40 88.65
CA GLN M 3783 97.45 -15.74 88.90
C GLN M 3783 96.68 -14.54 89.40
N ARG M 3784 97.28 -13.76 90.30
CA ARG M 3784 96.69 -12.49 90.72
C ARG M 3784 97.00 -11.35 89.75
N ALA M 3785 97.87 -11.58 88.75
CA ALA M 3785 98.21 -10.58 87.74
C ALA M 3785 98.77 -9.31 88.40
N LEU M 3786 99.91 -9.49 89.06
CA LEU M 3786 100.55 -8.39 89.79
C LEU M 3786 101.62 -7.74 88.92
N GLN M 3787 101.51 -6.42 88.75
CA GLN M 3787 102.42 -5.69 87.88
C GLN M 3787 102.45 -4.24 88.32
N LEU M 3788 103.62 -3.61 88.19
CA LEU M 3788 103.83 -2.22 88.58
C LEU M 3788 104.32 -1.41 87.40
N ARG M 3789 103.80 -0.20 87.26
CA ARG M 3789 104.19 0.73 86.22
C ARG M 3789 105.23 1.71 86.76
N THR M 3790 106.20 2.06 85.92
CA THR M 3790 107.28 2.96 86.31
C THR M 3790 107.54 3.94 85.17
N TYR M 3791 108.63 4.70 85.30
CA TYR M 3791 109.00 5.69 84.31
C TYR M 3791 110.51 5.70 84.15
N SER M 3792 110.97 6.37 83.09
CA SER M 3792 112.39 6.41 82.73
C SER M 3792 113.02 7.69 83.24
N VAL M 3793 114.18 7.55 83.88
CA VAL M 3793 114.96 8.67 84.39
C VAL M 3793 116.39 8.54 83.88
N VAL M 3794 116.95 9.63 83.37
CA VAL M 3794 118.31 9.63 82.85
C VAL M 3794 119.09 10.78 83.46
N PRO M 3795 120.13 10.50 84.25
CA PRO M 3795 120.95 11.60 84.80
C PRO M 3795 121.84 12.21 83.74
N MET M 3796 121.57 13.48 83.39
CA MET M 3796 122.39 14.17 82.39
C MET M 3796 123.82 14.30 82.87
N THR M 3797 124.01 14.86 84.07
CA THR M 3797 125.30 14.92 84.74
C THR M 3797 125.07 14.65 86.22
N SER M 3798 126.11 14.84 87.03
CA SER M 3798 125.92 14.83 88.47
C SER M 3798 125.26 16.10 88.97
N ARG M 3799 125.35 17.19 88.21
CA ARG M 3799 124.71 18.46 88.55
C ARG M 3799 123.56 18.80 87.62
N LEU M 3800 123.12 17.86 86.79
CA LEU M 3800 121.99 18.07 85.89
C LEU M 3800 121.42 16.72 85.50
N GLY M 3801 120.10 16.64 85.44
CA GLY M 3801 119.44 15.40 85.09
C GLY M 3801 118.04 15.66 84.59
N LEU M 3802 117.54 14.75 83.75
CA LEU M 3802 116.23 14.86 83.14
C LEU M 3802 115.44 13.59 83.36
N ILE M 3803 114.12 13.75 83.50
CA ILE M 3803 113.21 12.63 83.73
C ILE M 3803 112.09 12.69 82.69
N GLU M 3804 111.37 11.59 82.58
CA GLU M 3804 110.23 11.49 81.67
C GLU M 3804 108.95 11.85 82.39
N TRP M 3805 108.05 12.53 81.69
CA TRP M 3805 106.77 12.95 82.24
C TRP M 3805 105.65 12.07 81.69
N LEU M 3806 104.69 11.73 82.54
CA LEU M 3806 103.59 10.85 82.13
C LEU M 3806 102.70 11.51 81.09
N GLU M 3807 102.63 12.84 81.08
CA GLU M 3807 101.92 13.66 80.10
C GLU M 3807 100.41 13.57 80.27
N ASN M 3808 99.93 12.65 81.10
CA ASN M 3808 98.52 12.63 81.51
C ASN M 3808 98.46 12.05 82.91
N THR M 3809 98.48 12.93 83.90
CA THR M 3809 98.59 12.51 85.29
C THR M 3809 98.49 13.74 86.19
N VAL M 3810 98.28 13.49 87.48
CA VAL M 3810 98.31 14.54 88.50
C VAL M 3810 98.47 13.87 89.85
N THR M 3811 99.07 14.58 90.79
CA THR M 3811 99.19 14.07 92.14
C THR M 3811 97.81 14.02 92.81
N LEU M 3812 97.73 13.23 93.88
CA LEU M 3812 96.47 13.09 94.59
C LEU M 3812 96.09 14.33 95.39
N LYS M 3813 97.03 15.25 95.61
CA LYS M 3813 96.79 16.39 96.47
C LYS M 3813 95.66 17.26 95.93
N ASP M 3814 95.87 17.86 94.76
CA ASP M 3814 94.82 18.69 94.17
C ASP M 3814 93.65 17.84 93.67
N LEU M 3815 93.92 16.59 93.29
CA LEU M 3815 92.84 15.72 92.83
C LEU M 3815 91.86 15.40 93.94
N LEU M 3816 92.31 15.48 95.20
CA LEU M 3816 91.41 15.34 96.34
C LEU M 3816 90.99 16.67 96.94
N LEU M 3817 91.75 17.74 96.69
CA LEU M 3817 91.36 19.05 97.17
C LEU M 3817 90.18 19.61 96.40
N ASN M 3818 90.01 19.19 95.14
CA ASN M 3818 88.84 19.56 94.36
C ASN M 3818 87.66 18.62 94.61
N THR M 3819 87.84 17.59 95.42
CA THR M 3819 86.76 16.66 95.69
C THR M 3819 85.61 17.33 96.44
N MET M 3820 85.92 18.07 97.51
CA MET M 3820 84.90 18.76 98.26
C MET M 3820 84.63 20.13 97.63
N SER M 3821 83.76 20.90 98.29
CA SER M 3821 83.37 22.20 97.78
C SER M 3821 84.55 23.17 97.81
N GLN M 3822 84.51 24.15 96.91
CA GLN M 3822 85.59 25.13 96.82
C GLN M 3822 85.71 25.95 98.10
N GLU M 3823 84.58 26.36 98.66
CA GLU M 3823 84.62 27.11 99.91
C GLU M 3823 85.22 26.27 101.03
N GLU M 3824 84.87 24.99 101.08
CA GLU M 3824 85.50 24.10 102.07
C GLU M 3824 86.99 23.98 101.80
N LYS M 3825 87.36 23.63 100.56
CA LYS M 3825 88.76 23.41 100.22
C LYS M 3825 89.61 24.65 100.45
N ALA M 3826 89.01 25.83 100.48
CA ALA M 3826 89.77 27.05 100.75
C ALA M 3826 89.78 27.36 102.25
N ALA M 3827 88.61 27.59 102.84
CA ALA M 3827 88.56 28.02 104.23
C ALA M 3827 89.00 26.92 105.18
N TYR M 3828 88.34 25.75 105.10
CA TYR M 3828 88.58 24.69 106.07
C TYR M 3828 89.97 24.10 105.96
N LEU M 3829 90.66 24.33 104.84
CA LEU M 3829 92.04 23.89 104.68
C LEU M 3829 93.06 25.01 104.90
N SER M 3830 92.63 26.27 104.89
CA SER M 3830 93.57 27.36 105.13
C SER M 3830 93.78 27.59 106.62
N ASP M 3831 92.73 27.99 107.32
CA ASP M 3831 92.86 28.32 108.75
C ASP M 3831 92.94 27.09 109.63
N PRO M 3832 91.92 26.17 109.64
CA PRO M 3832 91.92 25.06 110.59
C PRO M 3832 92.58 23.80 110.04
N ARG M 3833 93.81 23.94 109.54
CA ARG M 3833 94.56 22.78 109.07
C ARG M 3833 95.80 22.53 109.90
N ALA M 3834 96.70 23.50 110.01
CA ALA M 3834 97.91 23.35 110.81
C ALA M 3834 97.68 23.72 112.28
N PRO M 3835 97.05 24.86 112.60
CA PRO M 3835 96.89 25.24 114.02
C PRO M 3835 96.15 24.19 114.83
N PRO M 3836 94.91 23.81 114.46
CA PRO M 3836 94.10 23.00 115.38
C PRO M 3836 94.68 21.62 115.66
N CYS M 3837 95.52 21.08 114.77
CA CYS M 3837 96.03 19.73 114.92
C CYS M 3837 97.54 19.66 115.09
N GLU M 3838 98.29 20.62 114.58
CA GLU M 3838 99.75 20.58 114.63
C GLU M 3838 100.34 21.71 115.48
N TYR M 3839 100.01 22.96 115.17
CA TYR M 3839 100.74 24.08 115.77
C TYR M 3839 100.55 24.12 117.28
N LYS M 3840 99.30 24.06 117.75
CA LYS M 3840 99.06 24.10 119.19
C LYS M 3840 99.52 22.81 119.86
N ASP M 3841 99.27 21.67 119.22
CA ASP M 3841 99.70 20.39 119.79
C ASP M 3841 101.21 20.31 119.88
N TRP M 3842 101.91 20.82 118.87
CA TRP M 3842 103.37 20.85 118.84
C TRP M 3842 103.94 22.08 119.53
N LEU M 3843 103.12 22.78 120.33
CA LEU M 3843 103.57 23.96 121.05
C LEU M 3843 103.88 23.61 122.50
N ASP M 3851 105.39 25.94 118.31
CA ASP M 3851 106.19 26.68 117.35
C ASP M 3851 107.58 26.07 117.21
N VAL M 3852 108.49 26.80 116.56
CA VAL M 3852 109.85 26.33 116.41
C VAL M 3852 110.50 26.19 117.78
N GLY M 3853 111.24 25.11 117.96
CA GLY M 3853 111.83 24.77 119.24
C GLY M 3853 110.92 23.93 120.12
N ALA M 3854 109.63 24.27 120.16
CA ALA M 3854 108.68 23.48 120.92
C ALA M 3854 108.54 22.08 120.35
N TYR M 3855 108.77 21.93 119.04
CA TYR M 3855 108.75 20.60 118.43
C TYR M 3855 109.80 19.70 119.06
N MET M 3856 111.02 20.22 119.23
CA MET M 3856 112.10 19.43 119.81
C MET M 3856 111.71 18.88 121.16
N LEU M 3857 111.16 19.73 122.03
CA LEU M 3857 110.83 19.30 123.39
C LEU M 3857 109.61 18.40 123.41
N MET M 3858 108.62 18.64 122.55
CA MET M 3858 107.45 17.77 122.59
C MET M 3858 107.74 16.41 121.99
N TYR M 3859 108.82 16.27 121.21
CA TYR M 3859 109.28 14.94 120.84
C TYR M 3859 109.66 14.14 122.09
N LYS M 3860 110.35 14.79 123.03
CA LYS M 3860 110.56 14.17 124.33
C LYS M 3860 109.24 13.95 125.05
N GLY M 3861 108.34 14.93 124.97
CA GLY M 3861 107.05 14.87 125.62
C GLY M 3861 106.00 14.04 124.93
N ALA M 3862 106.33 13.46 123.77
CA ALA M 3862 105.37 12.61 123.06
C ALA M 3862 105.11 11.35 123.87
N ASN M 3863 103.83 10.97 123.98
CA ASN M 3863 103.42 9.79 124.72
C ASN M 3863 102.12 9.28 124.13
N ARG M 3864 101.60 8.20 124.74
CA ARG M 3864 100.37 7.59 124.24
C ARG M 3864 99.19 8.54 124.35
N THR M 3865 99.13 9.32 125.43
CA THR M 3865 98.02 10.24 125.61
C THR M 3865 97.96 11.27 124.48
N GLU M 3866 99.08 11.95 124.23
CA GLU M 3866 99.13 12.86 123.09
C GLU M 3866 99.07 12.12 121.77
N THR M 3867 99.49 10.85 121.74
CA THR M 3867 99.35 10.06 120.52
C THR M 3867 97.90 9.95 120.11
N VAL M 3868 97.05 9.48 121.02
CA VAL M 3868 95.63 9.33 120.70
C VAL M 3868 94.97 10.70 120.57
N THR M 3869 95.45 11.71 121.31
CA THR M 3869 94.90 13.05 121.18
C THR M 3869 95.12 13.60 119.78
N SER M 3870 96.34 13.49 119.27
CA SER M 3870 96.63 13.95 117.92
C SER M 3870 95.95 13.09 116.87
N PHE M 3871 95.79 11.79 117.13
CA PHE M 3871 95.05 10.95 116.21
C PHE M 3871 93.60 11.40 116.08
N ARG M 3872 92.91 11.58 117.20
CA ARG M 3872 91.52 12.03 117.14
C ARG M 3872 91.43 13.46 116.65
N LYS M 3873 92.46 14.27 116.86
CA LYS M 3873 92.49 15.60 116.26
C LYS M 3873 92.53 15.51 114.74
N ARG M 3874 93.39 14.63 114.21
CA ARG M 3874 93.44 14.41 112.77
C ARG M 3874 92.09 13.90 112.26
N GLU M 3875 91.43 13.04 113.04
CA GLU M 3875 90.10 12.58 112.67
C GLU M 3875 89.13 13.76 112.59
N SER M 3876 89.16 14.65 113.58
CA SER M 3876 88.30 15.82 113.59
C SER M 3876 88.82 16.93 112.69
N LYS M 3877 90.11 16.92 112.39
CA LYS M 3877 90.70 17.96 111.56
C LYS M 3877 90.13 17.93 110.14
N VAL M 3878 90.00 16.74 109.57
CA VAL M 3878 89.68 16.61 108.15
C VAL M 3878 88.55 15.58 108.02
N PRO M 3879 87.61 15.79 107.11
CA PRO M 3879 86.59 14.76 106.85
C PRO M 3879 87.13 13.58 106.04
N ALA M 3880 86.24 12.69 105.63
CA ALA M 3880 86.61 11.53 104.84
C ALA M 3880 85.75 11.46 103.59
N ASP M 3881 85.81 10.33 102.90
CA ASP M 3881 84.94 9.98 101.77
C ASP M 3881 85.28 10.79 100.52
N LEU M 3882 86.21 11.74 100.63
CA LEU M 3882 86.63 12.48 99.44
C LEU M 3882 87.34 11.57 98.45
N LEU M 3883 88.05 10.55 98.93
CA LEU M 3883 88.61 9.55 98.02
C LEU M 3883 87.49 8.80 97.30
N LYS M 3884 86.46 8.39 98.04
CA LYS M 3884 85.33 7.72 97.41
C LYS M 3884 84.54 8.67 96.51
N ARG M 3885 84.47 9.95 96.87
CA ARG M 3885 83.84 10.93 95.99
C ARG M 3885 84.60 11.05 94.67
N ALA M 3886 85.93 11.11 94.73
CA ALA M 3886 86.73 11.14 93.51
C ALA M 3886 86.54 9.85 92.72
N PHE M 3887 86.47 8.71 93.42
CA PHE M 3887 86.25 7.44 92.74
C PHE M 3887 84.93 7.44 91.97
N VAL M 3888 83.84 7.85 92.63
CA VAL M 3888 82.53 7.77 91.99
C VAL M 3888 82.40 8.81 90.88
N ARG M 3889 82.94 10.02 91.08
CA ARG M 3889 82.73 11.07 90.10
C ARG M 3889 83.50 10.81 88.80
N MET M 3890 84.46 9.89 88.81
CA MET M 3890 85.08 9.44 87.58
C MET M 3890 84.71 8.02 87.20
N SER M 3891 84.03 7.28 88.08
CA SER M 3891 83.46 6.00 87.71
C SER M 3891 82.17 6.20 86.93
N THR M 3892 81.89 5.28 86.02
CA THR M 3892 80.70 5.35 85.18
C THR M 3892 79.75 4.19 85.38
N SER M 3893 80.10 3.22 86.22
CA SER M 3893 79.28 2.04 86.44
C SER M 3893 79.65 1.44 87.79
N PRO M 3894 78.75 0.71 88.43
CA PRO M 3894 79.14 -0.02 89.64
C PRO M 3894 80.31 -0.97 89.39
N GLU M 3895 80.30 -1.64 88.24
CA GLU M 3895 81.45 -2.46 87.86
C GLU M 3895 82.67 -1.59 87.58
N ALA M 3896 82.45 -0.41 86.98
CA ALA M 3896 83.56 0.52 86.78
C ALA M 3896 84.19 0.92 88.10
N PHE M 3897 83.37 1.29 89.07
CA PHE M 3897 83.88 1.64 90.39
C PHE M 3897 84.61 0.47 91.04
N LEU M 3898 84.02 -0.73 90.95
CA LEU M 3898 84.65 -1.89 91.58
C LEU M 3898 86.02 -2.17 90.98
N ALA M 3899 86.09 -2.22 89.65
CA ALA M 3899 87.37 -2.49 88.99
C ALA M 3899 88.39 -1.39 89.29
N LEU M 3900 87.95 -0.13 89.23
CA LEU M 3900 88.87 0.98 89.50
C LEU M 3900 89.42 0.89 90.91
N ARG M 3901 88.54 0.70 91.91
CA ARG M 3901 88.99 0.66 93.29
C ARG M 3901 89.90 -0.54 93.54
N SER M 3902 89.55 -1.71 92.99
CA SER M 3902 90.37 -2.89 93.19
C SER M 3902 91.76 -2.72 92.58
N HIS M 3903 91.82 -2.24 91.34
CA HIS M 3903 93.10 -2.05 90.67
C HIS M 3903 93.93 -0.99 91.39
N PHE M 3904 93.30 0.11 91.79
CA PHE M 3904 94.02 1.16 92.50
C PHE M 3904 94.56 0.67 93.82
N ALA M 3905 93.77 -0.08 94.58
CA ALA M 3905 94.23 -0.61 95.85
C ALA M 3905 95.37 -1.60 95.68
N SER M 3906 95.28 -2.48 94.67
CA SER M 3906 96.36 -3.42 94.43
C SER M 3906 97.64 -2.70 94.04
N SER M 3907 97.54 -1.70 93.16
CA SER M 3907 98.73 -0.95 92.76
C SER M 3907 99.33 -0.20 93.94
N HIS M 3908 98.48 0.39 94.79
CA HIS M 3908 98.98 1.08 95.97
C HIS M 3908 99.69 0.12 96.92
N ALA M 3909 99.13 -1.08 97.10
CA ALA M 3909 99.78 -2.07 97.95
C ALA M 3909 101.14 -2.46 97.40
N LEU M 3910 101.21 -2.72 96.09
CA LEU M 3910 102.48 -3.08 95.47
C LEU M 3910 103.51 -1.96 95.64
N ILE M 3911 103.09 -0.72 95.41
CA ILE M 3911 104.01 0.41 95.57
C ILE M 3911 104.48 0.52 97.02
N CYS M 3912 103.55 0.37 97.97
CA CYS M 3912 103.90 0.50 99.38
C CYS M 3912 104.94 -0.54 99.78
N ILE M 3913 104.69 -1.80 99.41
CA ILE M 3913 105.63 -2.86 99.80
C ILE M 3913 106.97 -2.68 99.09
N SER M 3914 106.94 -2.27 97.81
CA SER M 3914 108.19 -2.09 97.08
C SER M 3914 109.02 -0.97 97.67
N HIS M 3915 108.40 0.16 98.01
CA HIS M 3915 109.21 1.27 98.52
C HIS M 3915 109.54 1.12 100.00
N TRP M 3916 108.81 0.27 100.74
CA TRP M 3916 109.26 -0.05 102.09
C TRP M 3916 110.44 -1.01 102.07
N ILE M 3917 110.42 -1.99 101.16
CA ILE M 3917 111.58 -2.88 101.02
C ILE M 3917 112.81 -2.06 100.67
N LEU M 3918 112.66 -1.10 99.76
CA LEU M 3918 113.71 -0.14 99.45
C LEU M 3918 113.85 0.93 100.53
N GLY M 3919 112.89 1.05 101.44
CA GLY M 3919 112.94 2.07 102.47
C GLY M 3919 112.79 3.49 101.96
N ILE M 3920 111.88 3.70 101.01
CA ILE M 3920 111.64 5.03 100.47
C ILE M 3920 110.77 5.82 101.45
N GLY M 3921 111.24 7.02 101.81
CA GLY M 3921 110.48 7.87 102.70
C GLY M 3921 109.61 8.88 101.96
N ASP M 3922 108.33 8.57 101.81
CA ASP M 3922 107.38 9.44 101.11
C ASP M 3922 106.62 10.24 102.15
N ARG M 3923 107.28 11.30 102.64
CA ARG M 3923 106.85 11.97 103.86
C ARG M 3923 105.42 12.49 103.75
N HIS M 3924 105.12 13.20 102.67
CA HIS M 3924 103.79 13.77 102.48
C HIS M 3924 103.09 13.11 101.30
N LEU M 3925 101.84 13.55 101.07
CA LEU M 3925 101.01 12.91 100.06
C LEU M 3925 101.49 13.22 98.64
N ASN M 3926 102.10 14.39 98.43
CA ASN M 3926 102.59 14.75 97.11
C ASN M 3926 103.71 13.85 96.63
N ASN M 3927 104.31 13.05 97.52
CA ASN M 3927 105.26 12.02 97.12
C ASN M 3927 104.58 10.84 96.43
N PHE M 3928 103.27 10.91 96.21
CA PHE M 3928 102.56 9.94 95.38
C PHE M 3928 101.77 10.69 94.33
N MET M 3929 101.47 9.99 93.24
CA MET M 3929 100.90 10.61 92.06
C MET M 3929 100.21 9.56 91.21
N VAL M 3930 99.07 9.92 90.63
CA VAL M 3930 98.22 8.98 89.92
C VAL M 3930 97.98 9.50 88.50
N ALA M 3931 97.71 8.57 87.59
CA ALA M 3931 97.36 8.89 86.21
C ALA M 3931 95.93 8.42 85.95
N MET M 3932 95.11 9.32 85.41
CA MET M 3932 93.68 9.07 85.27
C MET M 3932 93.33 8.42 83.93
N GLU M 3933 93.99 7.31 83.62
CA GLU M 3933 93.62 6.49 82.47
C GLU M 3933 93.34 5.04 82.83
N THR M 3934 93.95 4.54 83.92
CA THR M 3934 93.67 3.18 84.38
C THR M 3934 93.57 3.11 85.89
N GLY M 3935 93.49 4.24 86.58
CA GLY M 3935 93.55 4.24 88.03
C GLY M 3935 94.90 3.82 88.57
N GLY M 3936 95.97 4.18 87.88
CA GLY M 3936 97.31 3.77 88.27
C GLY M 3936 98.10 4.84 88.97
N VAL M 3937 98.28 4.69 90.28
CA VAL M 3937 99.11 5.61 91.06
C VAL M 3937 100.57 5.24 90.89
N ILE M 3938 101.45 6.24 90.94
CA ILE M 3938 102.89 6.05 90.87
C ILE M 3938 103.55 6.84 91.98
N GLY M 3939 104.40 6.18 92.75
CA GLY M 3939 105.10 6.87 93.83
C GLY M 3939 106.15 7.82 93.31
N ILE M 3940 106.38 8.88 94.08
CA ILE M 3940 107.39 9.88 93.76
C ILE M 3940 108.34 9.95 94.94
N ASP M 3941 109.34 10.83 94.87
CA ASP M 3941 110.26 11.11 95.98
C ASP M 3941 111.00 9.84 96.43
N PHE M 3942 111.82 9.33 95.51
CA PHE M 3942 112.68 8.19 95.76
C PHE M 3942 114.07 8.59 96.25
N GLY M 3943 114.30 9.89 96.49
CA GLY M 3943 115.61 10.31 96.95
C GLY M 3943 115.99 9.76 98.30
N HIS M 3944 115.05 9.79 99.24
CA HIS M 3944 115.29 9.26 100.58
C HIS M 3944 115.13 7.74 100.56
N ALA M 3945 116.22 7.02 100.81
CA ALA M 3945 116.21 5.57 100.74
C ALA M 3945 117.06 4.99 101.85
N PHE M 3946 116.76 3.75 102.22
CA PHE M 3946 117.49 2.99 103.23
C PHE M 3946 117.56 3.74 104.56
N GLY M 3947 116.43 4.34 104.95
CA GLY M 3947 116.35 5.04 106.21
C GLY M 3947 117.03 6.39 106.26
N SER M 3948 117.44 6.93 105.12
CA SER M 3948 118.09 8.24 105.12
C SER M 3948 117.16 9.34 105.59
N ALA M 3949 115.86 9.09 105.64
CA ALA M 3949 114.92 10.06 106.20
C ALA M 3949 115.25 10.37 107.66
N THR M 3950 115.13 9.38 108.53
CA THR M 3950 115.53 9.53 109.93
C THR M 3950 116.98 9.10 110.12
N GLN M 3951 117.85 9.70 109.31
CA GLN M 3951 119.29 9.54 109.44
C GLN M 3951 120.06 10.83 109.25
N PHE M 3952 119.51 11.80 108.51
CA PHE M 3952 120.11 13.12 108.37
C PHE M 3952 119.20 14.23 108.86
N LEU M 3953 117.92 13.96 109.10
CA LEU M 3953 116.98 14.97 109.54
C LEU M 3953 116.60 14.74 110.99
N PRO M 3954 117.00 15.60 111.93
CA PRO M 3954 116.54 15.46 113.32
C PRO M 3954 115.04 15.63 113.45
N VAL M 3955 114.39 16.28 112.48
CA VAL M 3955 112.93 16.41 112.47
C VAL M 3955 112.34 15.03 112.27
N PRO M 3956 111.12 14.77 112.74
CA PRO M 3956 110.57 13.41 112.67
C PRO M 3956 110.32 12.98 111.23
N GLU M 3957 110.91 11.85 110.86
CA GLU M 3957 110.67 11.27 109.54
C GLU M 3957 110.43 9.77 109.63
N LEU M 3958 110.02 9.27 110.79
CA LEU M 3958 109.82 7.84 111.01
C LEU M 3958 108.48 7.43 110.44
N MET M 3959 108.50 6.48 109.49
CA MET M 3959 107.32 6.01 108.78
C MET M 3959 107.69 4.82 107.90
N PRO M 3960 106.87 3.76 107.88
CA PRO M 3960 107.15 2.64 106.98
C PRO M 3960 106.59 2.83 105.57
N PHE M 3961 105.45 3.53 105.46
CA PHE M 3961 104.84 3.82 104.18
C PHE M 3961 103.79 4.90 104.40
N ARG M 3962 103.68 5.82 103.45
CA ARG M 3962 102.76 6.94 103.58
C ARG M 3962 101.33 6.44 103.70
N LEU M 3963 100.60 6.97 104.67
CA LEU M 3963 99.27 6.49 104.97
C LEU M 3963 98.42 7.63 105.49
N THR M 3964 97.11 7.52 105.31
CA THR M 3964 96.16 8.47 105.86
C THR M 3964 94.83 7.77 106.06
N ARG M 3965 93.84 8.53 106.50
CA ARG M 3965 92.51 7.98 106.75
C ARG M 3965 91.88 7.45 105.46
N GLN M 3966 92.11 8.14 104.34
CA GLN M 3966 91.42 7.81 103.11
C GLN M 3966 91.80 6.44 102.57
N PHE M 3967 93.03 5.99 102.85
CA PHE M 3967 93.42 4.65 102.42
C PHE M 3967 92.56 3.59 103.10
N ILE M 3968 92.11 3.84 104.33
CA ILE M 3968 91.09 3.00 104.94
C ILE M 3968 89.73 3.30 104.33
N ASN M 3969 89.44 4.58 104.08
CA ASN M 3969 88.16 5.06 103.58
C ASN M 3969 87.93 4.76 102.11
N LEU M 3970 88.77 3.97 101.44
CA LEU M 3970 88.48 3.63 100.05
C LEU M 3970 87.12 2.94 99.92
N MET M 3971 86.75 2.16 100.93
CA MET M 3971 85.42 1.55 101.05
C MET M 3971 85.33 0.95 102.45
N LEU M 3972 84.18 1.14 103.08
CA LEU M 3972 84.07 0.92 104.53
C LEU M 3972 84.40 -0.50 104.96
N PRO M 3973 83.83 -1.56 104.37
CA PRO M 3973 84.07 -2.91 104.90
C PRO M 3973 85.50 -3.41 104.77
N MET M 3974 86.43 -2.64 104.21
CA MET M 3974 87.82 -3.05 104.13
C MET M 3974 88.54 -2.56 105.39
N LYS M 3975 88.98 -3.50 106.21
CA LYS M 3975 89.85 -3.20 107.33
C LYS M 3975 91.32 -3.27 106.95
N GLU M 3976 91.62 -3.45 105.66
CA GLU M 3976 92.95 -3.64 105.08
C GLU M 3976 93.60 -4.94 105.53
N THR M 3977 92.93 -5.77 106.31
CA THR M 3977 93.40 -7.10 106.63
C THR M 3977 92.97 -8.12 105.59
N GLY M 3978 92.28 -7.69 104.54
CA GLY M 3978 91.82 -8.58 103.51
C GLY M 3978 92.70 -8.57 102.27
N LEU M 3979 92.29 -7.80 101.26
CA LEU M 3979 93.07 -7.75 100.02
C LEU M 3979 94.47 -7.23 100.26
N MET M 3980 94.61 -6.16 101.05
CA MET M 3980 95.93 -5.58 101.29
C MET M 3980 96.85 -6.57 101.97
N TYR M 3981 96.34 -7.25 103.01
CA TYR M 3981 97.16 -8.22 103.72
C TYR M 3981 97.56 -9.37 102.80
N SER M 3982 96.64 -9.83 101.96
CA SER M 3982 96.95 -10.92 101.04
C SER M 3982 98.02 -10.50 100.04
N ILE M 3983 97.90 -9.27 99.50
CA ILE M 3983 98.91 -8.78 98.57
C ILE M 3983 100.27 -8.70 99.25
N MET M 3984 100.28 -8.23 100.50
CA MET M 3984 101.54 -8.18 101.24
C MET M 3984 102.13 -9.57 101.42
N VAL M 3985 101.29 -10.55 101.78
CA VAL M 3985 101.77 -11.91 102.00
C VAL M 3985 102.34 -12.48 100.71
N HIS M 3986 101.62 -12.32 99.61
CA HIS M 3986 102.08 -12.87 98.33
C HIS M 3986 103.37 -12.21 97.88
N ALA M 3987 103.46 -10.88 98.02
CA ALA M 3987 104.68 -10.18 97.61
C ALA M 3987 105.87 -10.61 98.46
N LEU M 3988 105.68 -10.75 99.77
CA LEU M 3988 106.78 -11.13 100.63
C LEU M 3988 107.19 -12.59 100.41
N ARG M 3989 106.23 -13.45 100.05
CA ARG M 3989 106.58 -14.79 99.63
C ARG M 3989 107.39 -14.77 98.34
N ALA M 3990 107.02 -13.89 97.40
CA ALA M 3990 107.77 -13.77 96.17
C ALA M 3990 109.16 -13.20 96.40
N PHE M 3991 109.32 -12.36 97.43
CA PHE M 3991 110.62 -11.80 97.75
C PHE M 3991 111.59 -12.89 98.18
N GLY M 3996 119.29 -13.89 96.49
CA GLY M 3996 120.60 -14.15 95.89
C GLY M 3996 120.82 -13.37 94.61
N LEU M 3997 119.92 -12.45 94.32
CA LEU M 3997 120.01 -11.63 93.12
C LEU M 3997 119.95 -10.14 93.41
N LEU M 3998 119.14 -9.72 94.39
CA LEU M 3998 119.05 -8.31 94.72
C LEU M 3998 120.35 -7.82 95.36
N THR M 3999 120.86 -8.57 96.35
CA THR M 3999 122.09 -8.18 97.01
C THR M 3999 123.26 -8.10 96.03
N ASN M 4000 123.21 -8.89 94.97
CA ASN M 4000 124.24 -8.82 93.94
C ASN M 4000 124.08 -7.61 93.03
N THR M 4001 122.90 -6.97 93.04
CA THR M 4001 122.68 -5.77 92.25
C THR M 4001 122.40 -4.53 93.09
N MET M 4002 122.17 -4.68 94.40
CA MET M 4002 122.11 -3.50 95.27
C MET M 4002 123.40 -2.71 95.21
N ASP M 4003 124.54 -3.39 95.13
CA ASP M 4003 125.85 -2.75 95.11
C ASP M 4003 126.72 -3.49 94.11
N VAL M 4004 126.78 -2.99 92.88
CA VAL M 4004 127.71 -3.53 91.91
C VAL M 4004 129.10 -2.91 92.07
N PHE M 4005 129.20 -1.59 92.18
CA PHE M 4005 130.45 -0.97 92.63
C PHE M 4005 130.30 -0.19 93.92
N VAL M 4006 129.50 0.88 93.93
CA VAL M 4006 129.32 1.67 95.14
C VAL M 4006 127.87 2.12 95.31
N LYS M 4007 127.10 2.06 94.22
CA LYS M 4007 125.72 2.55 94.19
C LYS M 4007 125.66 4.04 94.55
N GLU M 4008 126.16 4.87 93.62
CA GLU M 4008 126.07 6.33 93.76
C GLU M 4008 126.85 6.78 94.99
N PRO M 4009 128.18 6.84 94.90
CA PRO M 4009 128.99 7.13 96.09
C PRO M 4009 128.65 8.47 96.69
N SER M 4010 128.78 8.55 98.02
CA SER M 4010 128.47 9.76 98.79
C SER M 4010 127.02 10.18 98.60
N PHE M 4011 126.12 9.20 98.53
CA PHE M 4011 124.69 9.51 98.51
C PHE M 4011 124.09 9.45 99.90
N ASP M 4012 124.43 8.44 100.69
CA ASP M 4012 124.06 8.38 102.10
C ASP M 4012 124.99 9.20 102.98
N TRP M 4013 125.75 10.11 102.38
CA TRP M 4013 126.58 11.04 103.13
C TRP M 4013 126.41 12.50 102.70
N LYS M 4014 125.69 12.77 101.62
CA LYS M 4014 125.41 14.13 101.18
C LYS M 4014 123.94 14.51 101.27
N ASN M 4015 123.04 13.54 101.35
CA ASN M 4015 121.61 13.83 101.49
C ASN M 4015 121.02 13.07 102.67
N TRP M 4038 129.45 7.62 104.79
CA TRP M 4038 128.52 6.50 104.79
C TRP M 4038 129.24 5.19 104.52
N TYR M 4039 128.49 4.10 104.48
CA TYR M 4039 129.07 2.79 104.20
C TYR M 4039 128.03 1.91 103.52
N PRO M 4040 128.22 1.60 102.24
CA PRO M 4040 127.19 0.83 101.51
C PRO M 4040 126.96 -0.56 102.06
N ARG M 4041 127.97 -1.18 102.67
CA ARG M 4041 127.80 -2.53 103.19
C ARG M 4041 126.78 -2.56 104.33
N GLN M 4042 126.70 -1.47 105.11
CA GLN M 4042 125.65 -1.39 106.12
C GLN M 4042 124.26 -1.41 105.48
N LYS M 4043 124.09 -0.68 104.39
CA LYS M 4043 122.80 -0.66 103.70
C LYS M 4043 122.47 -2.04 103.13
N ILE M 4044 123.46 -2.71 102.51
CA ILE M 4044 123.17 -4.02 101.92
C ILE M 4044 122.92 -5.05 103.01
N CYS M 4045 123.59 -4.95 104.16
CA CYS M 4045 123.34 -5.90 105.24
C CYS M 4045 121.97 -5.67 105.85
N TYR M 4046 121.55 -4.41 105.97
CA TYR M 4046 120.18 -4.13 106.40
C TYR M 4046 119.18 -4.73 105.42
N ALA M 4047 119.44 -4.57 104.12
CA ALA M 4047 118.53 -5.09 103.11
C ALA M 4047 118.43 -6.62 103.18
N LYS M 4048 119.57 -7.29 103.32
CA LYS M 4048 119.55 -8.75 103.37
C LYS M 4048 118.95 -9.25 104.67
N ARG M 4049 119.13 -8.51 105.78
CA ARG M 4049 118.46 -8.87 107.03
C ARG M 4049 116.96 -8.75 106.89
N LYS M 4050 116.48 -7.69 106.23
CA LYS M 4050 115.04 -7.57 105.99
C LYS M 4050 114.53 -8.69 105.08
N LEU M 4051 115.29 -9.02 104.04
CA LEU M 4051 114.86 -10.07 103.12
C LEU M 4051 114.80 -11.43 103.81
N ALA M 4052 115.79 -11.73 104.66
CA ALA M 4052 115.81 -13.00 105.36
C ALA M 4052 114.70 -13.12 106.39
N GLY M 4053 113.99 -12.04 106.69
CA GLY M 4053 112.94 -12.06 107.69
C GLY M 4053 113.36 -11.37 108.96
N ALA M 4054 112.96 -10.12 109.14
CA ALA M 4054 113.33 -9.33 110.30
C ALA M 4054 112.12 -8.56 110.79
N ASN M 4055 112.12 -8.26 112.07
CA ASN M 4055 111.03 -7.49 112.68
C ASN M 4055 111.10 -6.05 112.18
N PRO M 4056 110.03 -5.52 111.58
CA PRO M 4056 110.04 -4.10 111.20
C PRO M 4056 110.27 -3.17 112.36
N ALA M 4057 109.82 -3.54 113.56
CA ALA M 4057 110.16 -2.76 114.74
C ALA M 4057 111.66 -2.73 114.98
N VAL M 4058 112.32 -3.89 114.83
CA VAL M 4058 113.76 -3.94 114.99
C VAL M 4058 114.46 -3.16 113.88
N ILE M 4059 113.92 -3.22 112.66
CA ILE M 4059 114.50 -2.47 111.55
C ILE M 4059 114.43 -0.97 111.84
N THR M 4060 113.28 -0.50 112.32
CA THR M 4060 113.15 0.91 112.68
C THR M 4060 114.10 1.27 113.82
N CYS M 4061 114.22 0.39 114.82
CA CYS M 4061 115.09 0.68 115.95
C CYS M 4061 116.56 0.77 115.52
N ASP M 4062 117.01 -0.14 114.65
CA ASP M 4062 118.40 -0.09 114.21
C ASP M 4062 118.64 1.05 113.22
N GLU M 4063 117.62 1.43 112.45
CA GLU M 4063 117.76 2.61 111.61
C GLU M 4063 117.91 3.87 112.47
N LEU M 4064 117.13 3.96 113.56
CA LEU M 4064 117.33 5.04 114.52
C LEU M 4064 118.72 4.94 115.14
N LEU M 4065 119.21 3.72 115.35
CA LEU M 4065 120.59 3.53 115.78
C LEU M 4065 121.58 3.93 114.70
N LEU M 4066 121.13 4.05 113.45
CA LEU M 4066 122.00 4.42 112.34
C LEU M 4066 121.89 5.93 112.14
N GLY M 4067 122.82 6.67 112.74
CA GLY M 4067 122.89 8.10 112.55
C GLY M 4067 121.85 8.92 113.28
N HIS M 4068 121.17 8.34 114.26
CA HIS M 4068 120.17 9.10 115.02
C HIS M 4068 120.23 8.80 116.52
N GLU M 4069 121.30 8.16 116.99
CA GLU M 4069 121.40 7.85 118.42
C GLU M 4069 121.49 9.11 119.26
N LYS M 4070 122.22 10.11 118.78
CA LYS M 4070 122.49 11.31 119.57
C LYS M 4070 121.30 12.25 119.65
N ALA M 4071 120.23 12.00 118.90
CA ALA M 4071 119.06 12.85 118.99
C ALA M 4071 118.41 12.71 120.36
N PRO M 4072 117.88 13.79 120.93
CA PRO M 4072 117.20 13.69 122.22
C PRO M 4072 115.99 12.78 122.13
N ALA M 4073 115.72 12.05 123.21
CA ALA M 4073 114.65 11.06 123.27
C ALA M 4073 114.81 10.00 122.18
N PHE M 4074 116.07 9.66 121.88
CA PHE M 4074 116.33 8.61 120.90
C PHE M 4074 115.81 7.27 121.39
N ARG M 4075 115.92 7.00 122.69
CA ARG M 4075 115.31 5.82 123.27
C ARG M 4075 113.78 5.88 123.12
N ASP M 4076 113.20 7.06 123.31
CA ASP M 4076 111.79 7.23 123.07
C ASP M 4076 111.45 6.98 121.60
N TYR M 4077 112.34 7.39 120.69
CA TYR M 4077 112.10 7.15 119.27
C TYR M 4077 112.11 5.66 118.95
N VAL M 4078 113.04 4.91 119.53
CA VAL M 4078 113.06 3.47 119.25
C VAL M 4078 111.92 2.77 119.97
N ALA M 4079 111.43 3.34 121.08
CA ALA M 4079 110.29 2.76 121.77
C ALA M 4079 109.01 2.93 120.96
N VAL M 4080 108.77 4.15 120.45
CA VAL M 4080 107.61 4.37 119.59
C VAL M 4080 107.78 3.69 118.24
N ALA M 4081 109.02 3.39 117.84
CA ALA M 4081 109.24 2.60 116.64
C ALA M 4081 108.66 1.21 116.80
N ARG M 4082 108.84 0.60 117.98
CA ARG M 4082 108.16 -0.64 118.30
C ARG M 4082 106.68 -0.45 118.56
N GLY M 4083 106.21 0.78 118.68
CA GLY M 4083 104.82 1.07 118.93
C GLY M 4083 104.58 1.51 120.36
N SER M 4084 103.40 2.10 120.58
CA SER M 4084 103.03 2.60 121.89
C SER M 4084 102.22 1.60 122.71
N LYS M 4085 101.17 1.03 122.10
CA LYS M 4085 100.28 0.13 122.81
C LYS M 4085 100.99 -1.18 123.14
N ASP M 4086 100.42 -1.91 124.10
CA ASP M 4086 100.89 -3.28 124.34
C ASP M 4086 100.70 -4.14 123.10
N HIS M 4087 99.54 -4.02 122.45
CA HIS M 4087 99.34 -4.63 121.15
C HIS M 4087 100.07 -3.91 120.04
N ASN M 4088 101.01 -3.03 120.39
CA ASN M 4088 102.02 -2.52 119.49
C ASN M 4088 103.42 -3.01 119.86
N ILE M 4089 103.77 -2.93 121.14
CA ILE M 4089 105.08 -3.39 121.61
C ILE M 4089 105.14 -4.91 121.61
N ARG M 4090 104.05 -5.57 121.20
CA ARG M 4090 104.00 -7.02 121.15
C ARG M 4090 104.95 -7.59 120.10
N ALA M 4091 105.76 -6.74 119.48
CA ALA M 4091 106.66 -7.09 118.38
C ALA M 4091 107.77 -8.08 118.78
N GLN M 4092 107.74 -8.58 120.01
CA GLN M 4092 108.81 -9.44 120.50
C GLN M 4092 108.74 -10.85 119.91
N GLU M 4093 107.55 -11.45 119.83
CA GLU M 4093 107.49 -12.81 119.29
C GLU M 4093 107.75 -12.90 117.78
N PRO M 4094 107.48 -11.89 116.96
CA PRO M 4094 107.99 -11.92 115.59
C PRO M 4094 109.37 -11.28 115.41
N GLU M 4095 110.07 -10.99 116.49
CA GLU M 4095 111.37 -10.33 116.40
C GLU M 4095 112.46 -11.32 116.00
N SER M 4096 113.29 -10.91 115.03
CA SER M 4096 114.48 -11.64 114.61
C SER M 4096 114.14 -13.08 114.20
N GLY M 4097 113.36 -13.17 113.13
CA GLY M 4097 112.92 -14.46 112.63
C GLY M 4097 111.42 -14.60 112.74
N LEU M 4098 110.73 -14.58 111.60
CA LEU M 4098 109.28 -14.49 111.61
C LEU M 4098 108.74 -14.83 110.23
N SER M 4099 107.45 -15.14 110.17
CA SER M 4099 106.79 -15.45 108.92
C SER M 4099 106.45 -14.19 108.15
N GLU M 4100 106.08 -14.37 106.88
CA GLU M 4100 105.74 -13.23 106.03
C GLU M 4100 104.51 -12.51 106.55
N GLU M 4101 103.45 -13.26 106.87
CA GLU M 4101 102.23 -12.63 107.38
C GLU M 4101 102.49 -11.93 108.70
N THR M 4102 103.34 -12.53 109.55
CA THR M 4102 103.71 -11.87 110.80
C THR M 4102 104.43 -10.56 110.52
N GLN M 4103 105.33 -10.57 109.53
CA GLN M 4103 106.08 -9.36 109.20
C GLN M 4103 105.14 -8.26 108.71
N VAL M 4104 104.21 -8.61 107.83
CA VAL M 4104 103.34 -7.58 107.26
C VAL M 4104 102.36 -7.07 108.31
N LYS M 4105 101.84 -7.95 109.17
CA LYS M 4105 100.94 -7.48 110.21
C LYS M 4105 101.67 -6.62 111.22
N CYS M 4106 102.91 -6.97 111.56
CA CYS M 4106 103.70 -6.15 112.47
C CYS M 4106 103.97 -4.78 111.87
N LEU M 4107 104.35 -4.76 110.58
CA LEU M 4107 104.62 -3.50 109.90
C LEU M 4107 103.39 -2.61 109.86
N MET M 4108 102.22 -3.20 109.58
CA MET M 4108 101.00 -2.41 109.55
C MET M 4108 100.59 -1.95 110.94
N ASP M 4109 100.76 -2.81 111.95
CA ASP M 4109 100.19 -2.55 113.26
C ASP M 4109 101.05 -1.59 114.08
N GLN M 4110 102.28 -2.00 114.38
CA GLN M 4110 103.07 -1.25 115.35
C GLN M 4110 104.10 -0.32 114.71
N ALA M 4111 104.43 -0.52 113.44
CA ALA M 4111 105.38 0.34 112.78
C ALA M 4111 104.71 1.49 112.03
N THR M 4112 103.43 1.39 111.71
CA THR M 4112 102.75 2.38 110.89
C THR M 4112 101.90 3.34 111.72
N ASP M 4113 100.90 2.82 112.43
CA ASP M 4113 99.92 3.70 113.04
C ASP M 4113 100.46 4.46 114.26
N PRO M 4114 100.74 3.79 115.38
CA PRO M 4114 100.84 4.53 116.66
C PRO M 4114 101.95 5.57 116.69
N ASN M 4115 103.09 5.27 116.07
CA ASN M 4115 104.20 6.21 116.10
C ASN M 4115 103.88 7.49 115.34
N ILE M 4116 103.26 7.36 114.16
CA ILE M 4116 102.85 8.54 113.41
C ILE M 4116 101.71 9.26 114.13
N LEU M 4117 100.81 8.50 114.75
CA LEU M 4117 99.75 9.12 115.55
C LEU M 4117 100.33 9.96 116.67
N GLY M 4118 101.44 9.53 117.25
CA GLY M 4118 102.08 10.28 118.31
C GLY M 4118 103.03 11.36 117.82
N ARG M 4119 104.04 10.96 117.06
CA ARG M 4119 105.06 11.87 116.56
C ARG M 4119 104.93 12.00 115.05
N THR M 4120 104.81 13.24 114.58
CA THR M 4120 104.76 13.55 113.15
C THR M 4120 105.15 15.01 112.98
N TRP M 4121 105.03 15.52 111.75
CA TRP M 4121 105.57 16.82 111.41
C TRP M 4121 104.52 17.63 110.66
N GLU M 4122 104.68 18.97 110.71
CA GLU M 4122 103.78 19.84 109.99
C GLU M 4122 103.87 19.62 108.48
N GLY M 4123 105.08 19.43 107.96
CA GLY M 4123 105.27 19.05 106.58
C GLY M 4123 105.03 17.59 106.29
N TRP M 4124 105.00 16.76 107.33
CA TRP M 4124 104.63 15.36 107.15
C TRP M 4124 103.21 15.23 106.64
N GLU M 4125 102.34 16.20 106.98
CA GLU M 4125 100.92 16.15 106.65
C GLU M 4125 100.36 14.86 107.21
N PRO M 4126 100.19 14.75 108.52
CA PRO M 4126 99.74 13.48 109.10
C PRO M 4126 98.25 13.22 108.89
N TRP M 4127 97.46 14.29 108.79
CA TRP M 4127 96.03 14.13 108.56
C TRP M 4127 95.73 13.59 107.17
N MET M 4128 96.30 14.19 106.13
CA MET M 4128 96.31 13.56 104.82
C MET M 4128 97.69 12.99 104.58
N TYR N 32 15.30 -50.09 58.27
CA TYR N 32 15.62 -49.75 59.65
C TYR N 32 15.03 -48.41 60.03
N SER N 33 14.59 -48.28 61.28
CA SER N 33 14.01 -47.05 61.78
C SER N 33 14.62 -46.78 63.15
N GLY N 34 14.02 -45.82 63.87
CA GLY N 34 14.54 -45.43 65.16
C GLY N 34 14.30 -46.49 66.23
N ARG N 35 14.86 -46.23 67.40
CA ARG N 35 14.73 -47.11 68.55
C ARG N 35 13.81 -46.47 69.59
N ASP N 36 13.68 -47.14 70.73
CA ASP N 36 12.83 -46.70 71.82
C ASP N 36 13.68 -46.31 73.02
N SER N 37 13.40 -45.14 73.59
CA SER N 37 14.08 -44.66 74.78
C SER N 37 13.08 -44.61 75.93
N LEU N 38 13.45 -45.21 77.06
CA LEU N 38 12.60 -45.25 78.23
C LEU N 38 13.27 -44.57 79.41
N ILE N 39 12.51 -43.75 80.11
CA ILE N 39 12.98 -43.04 81.30
C ILE N 39 12.06 -43.38 82.45
N PHE N 40 12.65 -43.68 83.61
CA PHE N 40 11.90 -43.98 84.82
C PHE N 40 12.25 -42.95 85.88
N LEU N 41 11.24 -42.30 86.44
CA LEU N 41 11.46 -41.23 87.42
C LEU N 41 10.54 -41.44 88.61
N VAL N 42 11.10 -41.91 89.72
CA VAL N 42 10.34 -42.18 90.93
C VAL N 42 10.55 -41.02 91.90
N ASP N 43 9.50 -40.65 92.63
CA ASP N 43 9.64 -39.67 93.69
C ASP N 43 10.34 -40.30 94.90
N ALA N 44 11.33 -39.59 95.42
CA ALA N 44 12.00 -39.99 96.66
C ALA N 44 11.35 -39.20 97.79
N SER N 45 10.34 -39.81 98.42
CA SER N 45 9.53 -39.14 99.42
C SER N 45 9.11 -40.18 100.44
N LYS N 46 8.08 -39.85 101.23
CA LYS N 46 7.55 -40.79 102.20
C LYS N 46 6.35 -41.57 101.68
N ALA N 47 5.70 -41.08 100.63
CA ALA N 47 4.45 -41.70 100.16
C ALA N 47 4.69 -43.11 99.64
N MET N 48 5.73 -43.32 98.84
CA MET N 48 5.95 -44.61 98.20
C MET N 48 6.59 -45.64 99.12
N PHE N 49 7.14 -45.24 100.26
CA PHE N 49 7.69 -46.19 101.22
C PHE N 49 6.66 -46.63 102.25
N GLU N 50 5.42 -46.18 102.13
CA GLU N 50 4.38 -46.50 103.10
C GLU N 50 3.11 -46.86 102.38
N SER N 51 2.25 -47.62 103.06
CA SER N 51 0.96 -48.00 102.53
C SER N 51 -0.04 -48.09 103.66
N GLN N 52 -1.32 -47.87 103.34
CA GLN N 52 -2.37 -48.01 104.34
C GLN N 52 -2.51 -49.46 104.81
N SER N 53 -2.25 -50.42 103.92
CA SER N 53 -2.25 -51.84 104.26
C SER N 53 -0.86 -52.37 103.98
N GLU N 54 -0.06 -52.55 105.04
CA GLU N 54 1.31 -53.03 104.87
C GLU N 54 1.36 -54.45 104.35
N ASP N 55 0.26 -55.20 104.42
CA ASP N 55 0.20 -56.51 103.78
C ASP N 55 0.38 -56.39 102.28
N GLU N 56 -0.11 -55.30 101.69
CA GLU N 56 0.13 -55.03 100.27
C GLU N 56 1.49 -54.36 100.09
N LEU N 57 1.89 -54.23 98.84
CA LEU N 57 3.23 -53.75 98.51
C LEU N 57 3.29 -52.23 98.58
N THR N 58 4.39 -51.72 99.13
CA THR N 58 4.59 -50.28 99.15
C THR N 58 4.82 -49.76 97.73
N PRO N 59 4.37 -48.53 97.43
CA PRO N 59 4.52 -48.02 96.06
C PRO N 59 5.94 -48.04 95.57
N PHE N 60 6.91 -47.71 96.44
CA PHE N 60 8.31 -47.82 96.07
C PHE N 60 8.67 -49.25 95.67
N ASP N 61 8.35 -50.21 96.53
CA ASP N 61 8.76 -51.59 96.29
C ASP N 61 8.03 -52.17 95.09
N MET N 62 6.73 -51.88 94.96
CA MET N 62 6.00 -52.42 93.81
C MET N 62 6.51 -51.82 92.51
N SER N 63 6.87 -50.53 92.52
CA SER N 63 7.58 -49.96 91.38
C SER N 63 8.89 -50.67 91.15
N ILE N 64 9.54 -51.15 92.22
CA ILE N 64 10.80 -51.87 92.07
C ILE N 64 10.58 -53.19 91.32
N GLN N 65 9.60 -54.00 91.73
CA GLN N 65 9.33 -55.21 90.95
C GLN N 65 8.86 -54.86 89.54
N CYS N 66 8.15 -53.74 89.39
CA CYS N 66 7.71 -53.33 88.06
C CYS N 66 8.89 -53.08 87.14
N ILE N 67 9.89 -52.34 87.62
CA ILE N 67 11.05 -52.07 86.78
C ILE N 67 11.88 -53.33 86.58
N GLN N 68 11.93 -54.23 87.57
CA GLN N 68 12.62 -55.51 87.34
C GLN N 68 11.95 -56.28 86.20
N SER N 69 10.62 -56.37 86.23
CA SER N 69 9.91 -57.12 85.21
C SER N 69 10.09 -56.49 83.84
N VAL N 70 9.98 -55.16 83.75
CA VAL N 70 10.13 -54.53 82.45
C VAL N 70 11.55 -54.66 81.94
N TYR N 71 12.55 -54.63 82.83
CA TYR N 71 13.92 -54.80 82.39
C TYR N 71 14.19 -56.22 81.93
N ILE N 72 13.60 -57.21 82.60
CA ILE N 72 13.74 -58.59 82.14
C ILE N 72 13.11 -58.75 80.75
N SER N 73 11.92 -58.18 80.57
CA SER N 73 11.26 -58.25 79.28
C SER N 73 12.08 -57.56 78.20
N LYS N 74 12.67 -56.41 78.53
CA LYS N 74 13.52 -55.69 77.59
C LYS N 74 14.75 -56.50 77.24
N ILE N 75 15.37 -57.14 78.24
CA ILE N 75 16.51 -58.01 77.98
C ILE N 75 16.12 -59.10 77.00
N ILE N 76 14.96 -59.72 77.22
CA ILE N 76 14.51 -60.80 76.34
C ILE N 76 14.25 -60.27 74.93
N SER N 77 13.64 -59.09 74.83
CA SER N 77 13.05 -58.63 73.57
C SER N 77 13.94 -57.66 72.80
N SER N 78 14.27 -56.52 73.39
CA SER N 78 14.90 -55.42 72.66
C SER N 78 16.04 -54.82 73.45
N ASP N 79 16.95 -55.68 73.94
CA ASP N 79 18.09 -55.22 74.72
C ASP N 79 18.97 -54.21 73.98
N ARG N 80 18.70 -53.96 72.70
CA ARG N 80 19.47 -53.01 71.89
C ARG N 80 19.04 -51.56 72.08
N ASP N 81 18.21 -51.27 73.09
CA ASP N 81 17.72 -49.92 73.33
C ASP N 81 18.28 -49.39 74.65
N LEU N 82 17.79 -48.22 75.06
CA LEU N 82 18.39 -47.47 76.15
C LEU N 82 17.40 -47.38 77.31
N LEU N 83 17.88 -47.66 78.53
CA LEU N 83 17.07 -47.57 79.73
C LEU N 83 17.85 -46.85 80.82
N ALA N 84 17.14 -46.05 81.63
CA ALA N 84 17.78 -45.25 82.66
C ALA N 84 16.92 -45.22 83.92
N VAL N 85 17.56 -44.92 85.05
CA VAL N 85 16.90 -44.80 86.34
C VAL N 85 17.32 -43.47 86.97
N VAL N 86 16.35 -42.73 87.50
CA VAL N 86 16.62 -41.45 88.12
C VAL N 86 15.50 -41.16 89.12
N PHE N 87 15.86 -40.51 90.23
CA PHE N 87 14.94 -40.20 91.31
C PHE N 87 14.94 -38.71 91.58
N TYR N 88 13.81 -38.23 92.10
CA TYR N 88 13.65 -36.83 92.48
C TYR N 88 12.98 -36.76 93.85
N GLY N 89 13.20 -35.64 94.53
CA GLY N 89 12.72 -35.45 95.88
C GLY N 89 13.66 -35.96 96.95
N THR N 90 14.76 -36.61 96.57
CA THR N 90 15.73 -37.10 97.53
C THR N 90 16.44 -35.95 98.24
N GLU N 91 16.88 -36.23 99.47
CA GLU N 91 17.60 -35.20 100.22
C GLU N 91 18.91 -34.83 99.55
N LYS N 92 19.67 -35.82 99.08
CA LYS N 92 20.91 -35.58 98.37
C LYS N 92 20.61 -35.40 96.88
N ASP N 93 21.64 -35.41 96.05
CA ASP N 93 21.46 -35.34 94.61
C ASP N 93 22.74 -35.77 93.92
N LYS N 94 22.60 -36.27 92.69
CA LYS N 94 23.75 -36.56 91.83
C LYS N 94 23.27 -36.54 90.40
N ASN N 95 23.73 -35.55 89.63
CA ASN N 95 23.42 -35.47 88.22
C ASN N 95 24.40 -34.50 87.59
N SER N 96 24.74 -34.77 86.32
CA SER N 96 25.63 -33.87 85.59
C SER N 96 25.04 -32.47 85.50
N VAL N 97 23.71 -32.37 85.47
CA VAL N 97 23.06 -31.07 85.49
C VAL N 97 23.21 -30.40 86.85
N ASN N 98 23.51 -31.18 87.89
CA ASN N 98 23.75 -30.66 89.23
C ASN N 98 22.54 -29.92 89.79
N PHE N 99 21.36 -30.51 89.61
CA PHE N 99 20.15 -30.02 90.25
C PHE N 99 19.94 -30.73 91.57
N LYS N 100 19.63 -29.95 92.61
CA LYS N 100 19.42 -30.51 93.94
C LYS N 100 18.17 -31.38 93.97
N ASN N 101 18.21 -32.40 94.82
CA ASN N 101 17.16 -33.42 94.96
C ASN N 101 16.97 -34.26 93.71
N ILE N 102 17.83 -34.10 92.70
CA ILE N 102 17.75 -34.86 91.47
C ILE N 102 18.97 -35.77 91.41
N TYR N 103 18.73 -37.08 91.42
CA TYR N 103 19.80 -38.07 91.52
C TYR N 103 19.59 -39.13 90.45
N VAL N 104 20.46 -39.16 89.45
CA VAL N 104 20.38 -40.23 88.46
C VAL N 104 20.92 -41.51 89.08
N LEU N 105 20.13 -42.57 89.02
CA LEU N 105 20.56 -43.85 89.55
C LEU N 105 21.25 -44.68 88.48
N GLN N 106 20.65 -44.75 87.28
CA GLN N 106 21.28 -45.42 86.15
C GLN N 106 21.12 -44.55 84.92
N GLU N 107 22.20 -44.42 84.15
CA GLU N 107 22.16 -43.70 82.89
C GLU N 107 21.45 -44.52 81.83
N LEU N 108 21.12 -43.86 80.72
CA LEU N 108 20.50 -44.55 79.60
C LEU N 108 21.46 -45.59 79.05
N ASP N 109 21.11 -46.87 79.18
CA ASP N 109 22.00 -47.94 78.77
C ASP N 109 21.17 -49.19 78.49
N ASN N 110 21.78 -50.11 77.76
CA ASN N 110 21.19 -51.42 77.59
C ASN N 110 21.10 -52.13 78.94
N PRO N 111 20.02 -52.85 79.22
CA PRO N 111 19.88 -53.50 80.53
C PRO N 111 20.90 -54.60 80.72
N GLY N 112 21.29 -54.79 81.97
CA GLY N 112 22.23 -55.84 82.32
C GLY N 112 21.94 -56.36 83.71
N ALA N 113 22.45 -57.57 83.97
CA ALA N 113 22.22 -58.18 85.28
C ALA N 113 22.79 -57.34 86.41
N LYS N 114 23.84 -56.58 86.14
CA LYS N 114 24.36 -55.67 87.15
C LYS N 114 23.33 -54.63 87.54
N ARG N 115 22.61 -54.09 86.55
CA ARG N 115 21.52 -53.17 86.85
C ARG N 115 20.43 -53.86 87.65
N ILE N 116 20.11 -55.10 87.29
CA ILE N 116 19.04 -55.82 87.98
C ILE N 116 19.39 -56.02 89.45
N LEU N 117 20.63 -56.42 89.74
CA LEU N 117 21.02 -56.61 91.13
C LEU N 117 21.16 -55.28 91.86
N GLU N 118 21.63 -54.25 91.17
CA GLU N 118 21.72 -52.91 91.75
C GLU N 118 20.35 -52.39 92.14
N LEU N 119 19.31 -52.83 91.42
CA LEU N 119 17.95 -52.45 91.80
C LEU N 119 17.38 -53.38 92.87
N ASP N 120 17.73 -54.66 92.82
CA ASP N 120 17.16 -55.63 93.77
C ASP N 120 17.72 -55.44 95.17
N GLN N 121 18.94 -54.92 95.30
CA GLN N 121 19.47 -54.69 96.64
C GLN N 121 18.64 -53.67 97.41
N PHE N 122 17.94 -52.78 96.72
CA PHE N 122 16.98 -51.88 97.36
C PHE N 122 15.57 -52.44 97.40
N LYS N 123 15.34 -53.60 96.80
CA LYS N 123 14.02 -54.22 96.85
C LYS N 123 13.72 -54.74 98.25
N GLY N 124 12.43 -54.80 98.57
CA GLY N 124 11.99 -55.34 99.84
C GLY N 124 11.84 -54.27 100.90
N GLN N 125 11.13 -54.65 101.97
CA GLN N 125 10.91 -53.76 103.10
C GLN N 125 12.16 -53.56 103.94
N GLN N 126 13.28 -54.18 103.56
CA GLN N 126 14.59 -53.88 104.12
C GLN N 126 15.50 -53.16 103.13
N GLY N 127 15.37 -53.49 101.84
CA GLY N 127 16.09 -52.72 100.84
C GLY N 127 15.64 -51.27 100.79
N GLN N 128 14.34 -51.03 101.02
CA GLN N 128 13.87 -49.66 101.08
C GLN N 128 14.46 -48.91 102.28
N LYS N 129 14.59 -49.59 103.42
CA LYS N 129 15.25 -48.97 104.57
C LYS N 129 16.70 -48.66 104.27
N ARG N 130 17.40 -49.60 103.62
CA ARG N 130 18.76 -49.32 103.17
C ARG N 130 18.79 -48.07 102.30
N PHE N 131 17.94 -48.04 101.27
CA PHE N 131 17.87 -46.90 100.37
C PHE N 131 17.72 -45.61 101.16
N GLN N 132 16.74 -45.58 102.08
CA GLN N 132 16.57 -44.40 102.92
C GLN N 132 17.80 -44.14 103.79
N ASP N 133 18.63 -45.17 104.04
CA ASP N 133 19.82 -44.98 104.86
C ASP N 133 20.92 -44.24 104.09
N MET N 134 21.42 -44.84 103.00
CA MET N 134 22.49 -44.14 102.27
C MET N 134 21.97 -43.32 101.10
N MET N 135 20.68 -43.02 101.06
CA MET N 135 20.10 -42.22 99.99
C MET N 135 18.93 -41.44 100.56
N GLY N 136 18.91 -40.13 100.30
CA GLY N 136 17.88 -39.28 100.85
C GLY N 136 16.54 -39.49 100.18
N HIS N 137 15.51 -38.90 100.78
CA HIS N 137 14.15 -38.96 100.27
C HIS N 137 13.28 -38.00 101.09
N GLY N 138 12.28 -37.42 100.43
CA GLY N 138 11.32 -36.56 101.09
C GLY N 138 11.49 -35.08 100.86
N SER N 139 12.63 -34.66 100.31
CA SER N 139 12.84 -33.23 100.07
C SER N 139 11.99 -32.76 98.89
N ASP N 140 11.87 -31.45 98.76
CA ASP N 140 11.12 -30.86 97.66
C ASP N 140 11.85 -31.09 96.34
N TYR N 141 11.26 -30.62 95.26
CA TYR N 141 11.81 -30.83 93.93
C TYR N 141 11.17 -29.83 92.97
N SER N 142 11.63 -29.86 91.73
CA SER N 142 11.06 -29.04 90.67
C SER N 142 10.87 -29.93 89.44
N LEU N 143 9.63 -29.98 88.93
CA LEU N 143 9.37 -30.73 87.71
C LEU N 143 10.08 -30.11 86.52
N SER N 144 10.29 -28.80 86.55
CA SER N 144 11.13 -28.18 85.52
C SER N 144 12.54 -28.75 85.58
N GLU N 145 13.06 -28.97 86.79
CA GLU N 145 14.40 -29.52 86.95
C GLU N 145 14.48 -30.94 86.39
N VAL N 146 13.48 -31.78 86.72
CA VAL N 146 13.52 -33.16 86.25
C VAL N 146 13.32 -33.22 84.74
N LEU N 147 12.49 -32.33 84.20
CA LEU N 147 12.35 -32.26 82.75
C LEU N 147 13.67 -31.84 82.10
N TRP N 148 14.37 -30.88 82.72
CA TRP N 148 15.67 -30.47 82.21
C TRP N 148 16.65 -31.65 82.19
N VAL N 149 16.73 -32.38 83.30
CA VAL N 149 17.73 -33.45 83.37
C VAL N 149 17.36 -34.60 82.43
N CYS N 150 16.07 -34.91 82.29
CA CYS N 150 15.68 -35.99 81.40
C CYS N 150 15.88 -35.58 79.94
N ALA N 151 15.61 -34.31 79.61
CA ALA N 151 15.89 -33.83 78.27
C ALA N 151 17.38 -33.90 77.97
N ASN N 152 18.22 -33.54 78.94
CA ASN N 152 19.66 -33.66 78.74
C ASN N 152 20.05 -35.11 78.52
N LEU N 153 19.51 -36.03 79.32
CA LEU N 153 19.86 -37.44 79.18
C LEU N 153 19.44 -37.97 77.82
N PHE N 154 18.24 -37.61 77.36
CA PHE N 154 17.81 -38.01 76.02
C PHE N 154 18.71 -37.40 74.96
N SER N 155 19.13 -36.15 75.16
CA SER N 155 20.03 -35.48 74.23
C SER N 155 21.40 -36.12 74.18
N ASP N 156 21.80 -36.82 75.25
CA ASP N 156 23.08 -37.50 75.25
C ASP N 156 23.11 -38.64 74.24
N VAL N 157 21.96 -39.22 73.93
CA VAL N 157 21.88 -40.34 73.02
C VAL N 157 22.05 -39.84 71.59
N GLN N 158 23.07 -40.33 70.91
CA GLN N 158 23.36 -39.93 69.53
C GLN N 158 22.88 -40.95 68.52
N PHE N 159 22.10 -41.94 68.93
CA PHE N 159 21.66 -42.99 68.04
C PHE N 159 20.27 -42.68 67.48
N LYS N 160 19.86 -43.50 66.51
CA LYS N 160 18.59 -43.31 65.82
C LYS N 160 17.45 -43.75 66.74
N MET N 161 16.75 -42.77 67.31
CA MET N 161 15.65 -43.03 68.22
C MET N 161 14.32 -42.79 67.52
N SER N 162 13.26 -43.42 68.04
CA SER N 162 11.93 -43.22 67.50
C SER N 162 10.92 -42.94 68.60
N HIS N 163 11.17 -43.50 69.79
CA HIS N 163 10.25 -43.36 70.92
C HIS N 163 10.98 -42.78 72.11
N LYS N 164 10.36 -41.79 72.76
CA LYS N 164 10.90 -41.15 73.95
C LYS N 164 9.80 -41.18 75.01
N ARG N 165 9.73 -42.26 75.77
CA ARG N 165 8.68 -42.46 76.77
C ARG N 165 9.26 -42.24 78.15
N ILE N 166 8.58 -41.42 78.94
CA ILE N 166 8.96 -41.11 80.31
C ILE N 166 7.84 -41.52 81.24
N MET N 167 8.19 -42.30 82.25
CA MET N 167 7.25 -42.86 83.22
C MET N 167 7.54 -42.25 84.59
N LEU N 168 6.57 -41.53 85.13
CA LEU N 168 6.69 -40.95 86.46
C LEU N 168 6.06 -41.87 87.50
N PHE N 169 6.54 -41.78 88.73
CA PHE N 169 6.10 -42.65 89.82
C PHE N 169 5.89 -41.79 91.06
N THR N 170 4.66 -41.31 91.22
CA THR N 170 4.19 -40.55 92.37
C THR N 170 2.67 -40.67 92.39
N ASN N 171 2.07 -40.38 93.55
CA ASN N 171 0.63 -40.47 93.71
C ASN N 171 0.01 -39.16 94.19
N GLU N 172 0.61 -38.03 93.81
CA GLU N 172 0.13 -36.73 94.26
C GLU N 172 0.25 -35.72 93.13
N ASP N 173 -0.87 -35.10 92.78
CA ASP N 173 -0.89 -34.01 91.81
C ASP N 173 -0.72 -32.64 92.47
N ASN N 174 -0.67 -32.58 93.79
CA ASN N 174 -0.58 -31.35 94.56
C ASN N 174 0.79 -30.69 94.58
N PRO N 175 1.91 -31.43 94.67
CA PRO N 175 3.17 -30.79 95.11
C PRO N 175 3.57 -29.58 94.29
N HIS N 176 3.17 -29.51 93.03
CA HIS N 176 3.37 -28.30 92.25
C HIS N 176 2.15 -27.39 92.22
N GLY N 177 0.95 -27.92 92.51
CA GLY N 177 -0.18 -27.05 92.75
C GLY N 177 0.00 -26.19 93.98
N ASN N 178 0.88 -26.59 94.89
CA ASN N 178 1.18 -25.79 96.06
C ASN N 178 1.79 -24.44 95.67
N ASP N 179 2.73 -24.45 94.75
CA ASP N 179 3.39 -23.23 94.27
C ASP N 179 2.92 -22.96 92.85
N SER N 180 2.13 -21.89 92.67
CA SER N 180 1.52 -21.62 91.38
C SER N 180 2.58 -21.39 90.31
N ALA N 181 3.63 -20.64 90.63
CA ALA N 181 4.71 -20.42 89.68
C ALA N 181 5.41 -21.73 89.32
N LYS N 182 5.60 -22.60 90.32
CA LYS N 182 6.21 -23.90 90.06
C LYS N 182 5.37 -24.72 89.11
N ALA N 183 4.05 -24.76 89.33
CA ALA N 183 3.17 -25.49 88.42
C ALA N 183 3.20 -24.88 87.02
N SER N 184 3.23 -23.55 86.94
CA SER N 184 3.23 -22.89 85.64
C SER N 184 4.48 -23.23 84.85
N ARG N 185 5.65 -23.11 85.47
CA ARG N 185 6.87 -23.44 84.75
C ARG N 185 6.96 -24.93 84.46
N ALA N 186 6.47 -25.77 85.37
CA ALA N 186 6.48 -27.20 85.14
C ALA N 186 5.64 -27.57 83.92
N ARG N 187 4.43 -27.00 83.82
CA ARG N 187 3.58 -27.32 82.68
C ARG N 187 4.09 -26.69 81.39
N THR N 188 4.73 -25.52 81.48
CA THR N 188 5.36 -24.94 80.29
C THR N 188 6.46 -25.85 79.76
N LYS N 189 7.33 -26.32 80.66
CA LYS N 189 8.40 -27.21 80.24
C LYS N 189 7.84 -28.55 79.76
N ALA N 190 6.77 -29.03 80.38
CA ALA N 190 6.16 -30.27 79.93
C ALA N 190 5.59 -30.13 78.53
N GLY N 191 4.93 -29.00 78.24
CA GLY N 191 4.45 -28.75 76.91
C GLY N 191 5.58 -28.67 75.89
N ASP N 192 6.66 -27.98 76.26
CA ASP N 192 7.81 -27.90 75.36
C ASP N 192 8.39 -29.29 75.09
N LEU N 193 8.53 -30.10 76.14
CA LEU N 193 9.10 -31.44 75.98
C LEU N 193 8.20 -32.30 75.09
N ARG N 194 6.88 -32.26 75.33
CA ARG N 194 5.97 -33.05 74.51
C ARG N 194 5.93 -32.55 73.08
N ASP N 195 6.21 -31.26 72.87
CA ASP N 195 6.32 -30.75 71.51
C ASP N 195 7.62 -31.17 70.85
N THR N 196 8.65 -31.45 71.64
CA THR N 196 9.92 -31.91 71.11
C THR N 196 9.93 -33.42 70.85
N GLY N 197 8.77 -34.06 70.73
CA GLY N 197 8.70 -35.48 70.47
C GLY N 197 8.80 -36.35 71.70
N ILE N 198 8.91 -35.76 72.89
CA ILE N 198 8.98 -36.55 74.12
C ILE N 198 7.58 -36.96 74.52
N PHE N 199 7.39 -38.24 74.81
CA PHE N 199 6.09 -38.77 75.21
C PHE N 199 6.12 -39.10 76.69
N LEU N 200 5.32 -38.38 77.47
CA LEU N 200 5.16 -38.64 78.89
C LEU N 200 3.90 -39.48 79.10
N ASP N 201 4.05 -40.61 79.79
CA ASP N 201 2.90 -41.42 80.15
C ASP N 201 2.81 -41.56 81.67
N LEU N 202 1.58 -41.66 82.16
CA LEU N 202 1.30 -41.57 83.58
C LEU N 202 1.14 -42.96 84.19
N MET N 203 1.88 -43.21 85.26
CA MET N 203 1.75 -44.45 86.03
C MET N 203 0.94 -44.15 87.28
N HIS N 204 -0.29 -44.64 87.32
CA HIS N 204 -1.12 -44.44 88.51
C HIS N 204 -0.48 -45.12 89.72
N LEU N 205 -0.42 -44.40 90.82
CA LEU N 205 0.13 -44.91 92.06
C LEU N 205 -0.95 -44.87 93.14
N LYS N 206 -0.87 -45.83 94.06
CA LYS N 206 -1.96 -46.05 95.02
C LYS N 206 -1.97 -44.92 96.03
N LYS N 207 -2.85 -43.95 95.82
CA LYS N 207 -3.06 -42.86 96.77
C LYS N 207 -4.35 -43.11 97.52
N PRO N 208 -4.32 -43.28 98.85
CA PRO N 208 -5.58 -43.46 99.58
C PRO N 208 -6.54 -42.31 99.39
N GLY N 209 -6.03 -41.08 99.27
CA GLY N 209 -6.89 -39.95 98.97
C GLY N 209 -7.25 -39.80 97.51
N GLY N 210 -6.68 -40.63 96.64
CA GLY N 210 -6.99 -40.59 95.22
C GLY N 210 -5.85 -39.99 94.42
N PHE N 211 -5.56 -40.63 93.28
CA PHE N 211 -4.53 -40.09 92.39
C PHE N 211 -4.93 -38.72 91.85
N ASP N 212 -6.23 -38.47 91.73
CA ASP N 212 -6.77 -37.16 91.38
C ASP N 212 -6.28 -36.70 90.01
N ILE N 213 -6.65 -37.48 89.00
CA ILE N 213 -6.40 -37.11 87.61
C ILE N 213 -7.36 -36.01 87.22
N SER N 214 -7.08 -35.34 86.09
CA SER N 214 -7.89 -34.24 85.54
C SER N 214 -7.76 -32.98 86.37
N LEU N 215 -7.04 -33.04 87.49
CA LEU N 215 -6.80 -31.87 88.31
C LEU N 215 -5.50 -31.17 87.95
N PHE N 216 -4.43 -31.94 87.75
CA PHE N 216 -3.12 -31.39 87.47
C PHE N 216 -2.37 -32.15 86.38
N TYR N 217 -2.91 -33.25 85.86
CA TYR N 217 -2.13 -34.18 85.05
C TYR N 217 -2.54 -34.19 83.59
N ARG N 218 -3.81 -34.45 83.27
CA ARG N 218 -4.20 -34.54 81.87
C ARG N 218 -3.95 -33.25 81.11
N ASP N 219 -3.93 -32.11 81.80
CA ASP N 219 -3.51 -30.86 81.19
C ASP N 219 -2.00 -30.72 81.12
N ILE N 220 -1.25 -31.58 81.79
CA ILE N 220 0.21 -31.49 81.81
C ILE N 220 0.88 -32.69 81.15
N ILE N 221 0.19 -33.82 80.99
CA ILE N 221 0.79 -35.02 80.43
C ILE N 221 0.44 -35.11 78.95
N SER N 222 1.28 -35.83 78.20
CA SER N 222 1.06 -36.06 76.79
C SER N 222 0.21 -37.32 76.63
N ILE N 223 -0.99 -37.16 76.08
CA ILE N 223 -1.92 -38.26 75.91
C ILE N 223 -2.46 -38.26 74.49
N LEU N 229 -12.17 -41.12 84.28
CA LEU N 229 -12.36 -40.01 85.19
C LEU N 229 -12.27 -40.44 86.65
N ARG N 230 -12.01 -41.71 86.91
CA ARG N 230 -11.92 -42.20 88.28
C ARG N 230 -10.67 -41.64 88.95
N VAL N 231 -10.85 -41.14 90.18
CA VAL N 231 -9.76 -40.47 90.90
C VAL N 231 -8.62 -41.40 91.27
N HIS N 232 -8.81 -42.71 91.09
CA HIS N 232 -7.74 -43.71 91.23
C HIS N 232 -7.15 -43.71 92.65
N PHE N 233 -8.01 -44.10 93.60
CA PHE N 233 -7.48 -44.54 94.89
C PHE N 233 -6.49 -45.70 94.72
N GLU N 234 -6.70 -46.51 93.68
CA GLU N 234 -5.82 -47.63 93.38
C GLU N 234 -4.64 -47.15 92.53
N GLU N 235 -3.89 -48.08 91.96
CA GLU N 235 -2.72 -47.76 91.17
C GLU N 235 -2.73 -48.47 89.83
N SER N 236 -3.46 -49.58 89.75
CA SER N 236 -3.38 -50.47 88.60
C SER N 236 -4.11 -49.86 87.41
N SER N 237 -3.36 -49.21 86.52
CA SER N 237 -3.89 -48.80 85.22
C SER N 237 -3.59 -49.87 84.17
N LYS N 238 -2.30 -50.16 83.96
CA LYS N 238 -1.88 -51.34 83.22
C LYS N 238 -0.63 -51.94 83.86
N LEU N 239 -0.46 -51.75 85.17
CA LEU N 239 0.69 -52.30 85.87
C LEU N 239 0.70 -53.82 85.81
N GLU N 240 -0.45 -54.45 85.55
CA GLU N 240 -0.50 -55.90 85.44
C GLU N 240 0.35 -56.39 84.27
N ASP N 241 0.28 -55.72 83.13
CA ASP N 241 1.13 -56.09 82.00
C ASP N 241 2.57 -55.64 82.21
N LEU N 242 2.77 -54.53 82.93
CA LEU N 242 4.12 -54.07 83.23
C LEU N 242 4.86 -55.10 84.08
N LEU N 243 4.18 -55.67 85.08
CA LEU N 243 4.76 -56.73 85.88
C LEU N 243 4.81 -58.05 85.14
N ARG N 244 4.05 -58.19 84.07
CA ARG N 244 3.99 -59.45 83.35
C ARG N 244 5.27 -59.67 82.54
N LYS N 245 5.99 -60.73 82.86
CA LYS N 245 7.19 -61.06 82.12
C LYS N 245 6.83 -61.61 80.75
N VAL N 246 7.49 -61.09 79.71
CA VAL N 246 7.21 -61.46 78.33
C VAL N 246 8.46 -62.06 77.74
N ARG N 247 8.32 -63.22 77.11
CA ARG N 247 9.43 -63.92 76.48
C ARG N 247 9.18 -63.94 74.98
N ALA N 248 9.75 -62.97 74.27
CA ALA N 248 9.60 -62.88 72.82
C ALA N 248 10.74 -62.05 72.26
N LYS N 249 11.30 -62.50 71.13
CA LYS N 249 12.37 -61.76 70.49
C LYS N 249 11.84 -60.48 69.85
N GLU N 250 10.65 -60.54 69.25
CA GLU N 250 9.98 -59.42 68.58
C GLU N 250 10.96 -58.67 67.67
N THR N 251 11.42 -59.37 66.66
CA THR N 251 12.30 -58.76 65.65
C THR N 251 11.56 -57.62 64.95
N ARG N 252 12.26 -56.52 64.74
CA ARG N 252 11.67 -55.37 64.08
C ARG N 252 11.36 -55.68 62.62
N LYS N 253 10.61 -54.78 61.99
CA LYS N 253 10.23 -54.97 60.59
C LYS N 253 11.46 -54.97 59.70
N ARG N 254 11.54 -55.96 58.81
CA ARG N 254 12.64 -56.06 57.87
C ARG N 254 12.14 -56.74 56.61
N ALA N 255 12.89 -56.56 55.53
CA ALA N 255 12.59 -57.16 54.25
C ALA N 255 13.52 -58.34 54.02
N LEU N 256 12.94 -59.53 53.80
CA LEU N 256 13.74 -60.70 53.48
C LEU N 256 14.49 -60.49 52.17
N SER N 257 13.78 -60.05 51.14
CA SER N 257 14.36 -59.71 49.84
C SER N 257 13.29 -59.05 49.00
N ARG N 258 13.70 -58.04 48.23
CA ARG N 258 12.78 -57.34 47.32
C ARG N 258 12.97 -57.94 45.93
N LEU N 259 12.33 -59.08 45.71
CA LEU N 259 12.39 -59.69 44.38
C LEU N 259 11.55 -58.88 43.40
N LYS N 260 11.74 -59.18 42.12
CA LYS N 260 11.17 -58.37 41.04
C LYS N 260 10.54 -59.34 40.04
N LEU N 261 9.25 -59.58 40.21
CA LEU N 261 8.52 -60.60 39.47
C LEU N 261 8.36 -60.18 38.00
N LYS N 262 8.84 -61.00 37.08
CA LYS N 262 8.66 -60.75 35.66
C LYS N 262 7.38 -61.41 35.19
N LEU N 263 6.56 -60.66 34.44
CA LEU N 263 5.32 -61.22 33.92
C LEU N 263 5.61 -62.22 32.81
N ASN N 264 6.19 -61.75 31.71
CA ASN N 264 6.66 -62.64 30.66
C ASN N 264 8.17 -62.59 30.48
N LYS N 265 8.71 -61.44 30.08
CA LYS N 265 10.15 -61.20 30.16
C LYS N 265 10.54 -59.77 30.49
N ASP N 266 9.65 -58.78 30.30
CA ASP N 266 10.06 -57.39 30.39
C ASP N 266 9.12 -56.58 31.28
N ILE N 267 7.85 -56.95 31.34
CA ILE N 267 6.90 -56.26 32.21
C ILE N 267 7.10 -56.80 33.61
N VAL N 268 7.95 -56.14 34.39
CA VAL N 268 8.46 -56.70 35.63
C VAL N 268 8.14 -55.74 36.77
N ILE N 269 7.71 -56.28 37.91
CA ILE N 269 7.11 -55.54 39.00
C ILE N 269 7.86 -55.84 40.29
N SER N 270 8.25 -54.79 41.02
CA SER N 270 8.94 -54.96 42.29
C SER N 270 7.95 -55.32 43.40
N VAL N 271 8.31 -56.32 44.20
CA VAL N 271 7.47 -56.78 45.30
C VAL N 271 8.34 -57.02 46.53
N GLY N 272 7.71 -56.95 47.70
CA GLY N 272 8.37 -57.20 48.97
C GLY N 272 7.89 -58.51 49.56
N ILE N 273 8.82 -59.29 50.10
CA ILE N 273 8.56 -60.61 50.64
C ILE N 273 8.91 -60.62 52.12
N TYR N 274 7.95 -61.03 52.95
CA TYR N 274 8.12 -61.08 54.39
C TYR N 274 7.65 -62.44 54.90
N ASN N 275 7.97 -62.70 56.17
CA ASN N 275 7.50 -63.91 56.87
C ASN N 275 6.85 -63.48 58.18
N LEU N 276 5.53 -63.26 58.14
CA LEU N 276 4.79 -62.88 59.33
C LEU N 276 4.87 -63.95 60.41
N VAL N 277 5.19 -65.18 60.03
CA VAL N 277 5.51 -66.24 60.98
C VAL N 277 6.88 -66.80 60.59
N GLN N 278 7.75 -66.94 61.58
CA GLN N 278 9.11 -67.41 61.33
C GLN N 278 9.63 -68.07 62.60
N LYS N 279 10.15 -69.28 62.46
CA LYS N 279 10.56 -70.08 63.61
C LYS N 279 11.58 -69.33 64.45
N ALA N 280 11.26 -69.16 65.74
CA ALA N 280 12.18 -68.53 66.68
C ALA N 280 13.09 -69.61 67.24
N LEU N 281 14.40 -69.42 67.09
CA LEU N 281 15.39 -70.40 67.50
C LEU N 281 16.26 -69.86 68.62
N LYS N 282 16.82 -70.76 69.39
CA LYS N 282 17.69 -70.38 70.49
C LYS N 282 18.95 -69.71 69.94
N PRO N 283 19.37 -68.59 70.50
CA PRO N 283 20.61 -67.97 70.03
C PRO N 283 21.78 -68.90 70.24
N PRO N 284 22.78 -68.84 69.34
CA PRO N 284 23.90 -69.78 69.46
C PRO N 284 24.73 -69.48 70.69
N PRO N 285 25.45 -70.48 71.21
CA PRO N 285 26.30 -70.24 72.38
C PRO N 285 27.52 -69.41 72.06
N ILE N 286 28.35 -69.13 73.07
CA ILE N 286 29.51 -68.27 72.92
C ILE N 286 30.71 -69.00 73.50
N LYS N 287 31.63 -69.41 72.61
CA LYS N 287 32.84 -70.09 73.06
C LYS N 287 33.70 -69.15 73.89
N LEU N 288 33.96 -69.51 75.15
CA LEU N 288 34.77 -68.71 76.03
C LEU N 288 35.66 -69.61 76.89
N TYR N 289 36.59 -68.97 77.60
CA TYR N 289 37.61 -69.66 78.37
C TYR N 289 37.07 -70.04 79.75
N ARG N 290 37.43 -71.23 80.21
CA ARG N 290 36.97 -71.71 81.52
C ARG N 290 37.87 -71.25 82.66
N GLU N 291 38.79 -70.33 82.40
CA GLU N 291 39.62 -69.75 83.45
C GLU N 291 39.61 -68.23 83.48
N THR N 292 39.09 -67.57 82.44
CA THR N 292 38.95 -66.13 82.43
C THR N 292 37.57 -65.67 81.97
N ASN N 293 36.73 -66.57 81.48
CA ASN N 293 35.36 -66.32 81.02
C ASN N 293 35.29 -65.46 79.77
N GLU N 294 36.41 -65.00 79.24
CA GLU N 294 36.38 -64.18 78.04
C GLU N 294 36.22 -65.05 76.79
N PRO N 295 35.50 -64.56 75.79
CA PRO N 295 35.28 -65.36 74.57
C PRO N 295 36.57 -65.54 73.79
N VAL N 296 36.95 -66.80 73.56
CA VAL N 296 38.14 -67.13 72.80
C VAL N 296 37.72 -67.42 71.37
N LYS N 297 38.34 -66.72 70.42
CA LYS N 297 38.01 -66.93 69.03
C LYS N 297 38.63 -68.22 68.51
N THR N 298 38.08 -68.73 67.42
CA THR N 298 38.53 -69.96 66.80
C THR N 298 38.89 -69.70 65.34
N LYS N 299 40.03 -70.23 64.91
CA LYS N 299 40.43 -70.15 63.51
C LYS N 299 40.60 -71.56 62.96
N THR N 300 40.15 -71.76 61.73
CA THR N 300 40.01 -73.07 61.13
C THR N 300 40.88 -73.14 59.86
N ARG N 301 41.63 -74.23 59.73
CA ARG N 301 42.64 -74.34 58.68
C ARG N 301 42.54 -75.67 57.95
N THR N 302 42.67 -75.62 56.62
CA THR N 302 42.76 -76.80 55.78
C THR N 302 44.21 -76.96 55.33
N PHE N 303 44.73 -78.18 55.44
CA PHE N 303 46.17 -78.37 55.29
C PHE N 303 46.45 -79.82 54.92
N ASN N 304 47.74 -80.12 54.77
CA ASN N 304 48.23 -81.41 54.31
C ASN N 304 48.19 -82.44 55.43
N THR N 305 48.42 -83.70 55.05
CA THR N 305 48.55 -84.80 56.00
C THR N 305 49.96 -85.39 55.99
N SER N 306 50.48 -85.73 54.81
CA SER N 306 51.83 -86.27 54.73
C SER N 306 52.86 -85.25 55.23
N THR N 307 52.66 -83.98 54.88
CA THR N 307 53.52 -82.91 55.35
C THR N 307 52.90 -82.11 56.48
N GLY N 308 51.58 -81.92 56.46
CA GLY N 308 50.92 -81.09 57.45
C GLY N 308 51.00 -79.61 57.19
N GLY N 309 51.65 -79.20 56.10
CA GLY N 309 51.75 -77.79 55.79
C GLY N 309 50.40 -77.20 55.42
N LEU N 310 50.21 -75.94 55.79
CA LEU N 310 48.94 -75.27 55.54
C LEU N 310 48.71 -75.12 54.05
N LEU N 311 47.50 -75.43 53.61
CA LEU N 311 47.17 -75.47 52.20
C LEU N 311 46.12 -74.41 51.87
N LEU N 312 45.82 -74.30 50.58
CA LEU N 312 44.99 -73.25 50.04
C LEU N 312 43.72 -73.83 49.41
N PRO N 313 42.68 -73.02 49.24
CA PRO N 313 41.48 -73.52 48.55
C PRO N 313 41.76 -74.02 47.14
N SER N 314 42.77 -73.47 46.47
CA SER N 314 43.16 -74.01 45.17
C SER N 314 43.62 -75.45 45.29
N ASP N 315 44.14 -75.84 46.46
CA ASP N 315 44.57 -77.21 46.69
C ASP N 315 43.40 -78.14 46.99
N THR N 316 42.19 -77.61 47.14
CA THR N 316 41.02 -78.39 47.51
C THR N 316 40.26 -78.79 46.26
N LYS N 317 39.96 -80.09 46.13
CA LYS N 317 39.27 -80.63 44.98
C LYS N 317 38.02 -81.36 45.43
N ARG N 318 36.87 -80.98 44.87
CA ARG N 318 35.63 -81.67 45.16
C ARG N 318 35.67 -83.07 44.55
N SER N 319 35.28 -84.07 45.33
CA SER N 319 35.28 -85.44 44.87
C SER N 319 33.98 -86.13 45.27
N GLN N 320 33.53 -87.06 44.44
CA GLN N 320 32.37 -87.87 44.77
C GLN N 320 32.56 -89.25 44.18
N ILE N 321 32.53 -90.28 45.02
CA ILE N 321 32.78 -91.64 44.61
C ILE N 321 31.45 -92.37 44.45
N TYR N 322 31.15 -92.78 43.22
CA TYR N 322 29.95 -93.55 42.92
C TYR N 322 30.38 -94.93 42.46
N GLY N 323 29.79 -95.96 43.05
CA GLY N 323 30.23 -97.32 42.80
C GLY N 323 31.69 -97.49 43.19
N SER N 324 32.56 -97.59 42.20
CA SER N 324 33.99 -97.62 42.44
C SER N 324 34.74 -96.49 41.75
N ARG N 325 34.04 -95.63 41.01
CA ARG N 325 34.68 -94.56 40.24
C ARG N 325 34.48 -93.22 40.94
N GLN N 326 35.55 -92.45 41.04
CA GLN N 326 35.52 -91.15 41.68
C GLN N 326 35.48 -90.06 40.62
N ILE N 327 34.48 -89.19 40.70
CA ILE N 327 34.33 -88.05 39.81
C ILE N 327 34.85 -86.82 40.54
N ILE N 328 35.71 -86.05 39.87
CA ILE N 328 36.37 -84.88 40.44
C ILE N 328 35.75 -83.64 39.80
N LEU N 329 35.33 -82.70 40.64
CA LEU N 329 34.75 -81.44 40.20
C LEU N 329 35.08 -80.39 41.25
N GLU N 330 34.80 -79.13 40.92
CA GLU N 330 35.05 -78.04 41.85
C GLU N 330 33.73 -77.41 42.29
N LYS N 331 33.84 -76.44 43.19
CA LYS N 331 32.64 -75.81 43.75
C LYS N 331 31.89 -75.02 42.69
N GLU N 332 32.60 -74.26 41.86
CA GLU N 332 31.94 -73.33 40.94
C GLU N 332 30.93 -74.05 40.06
N GLU N 333 31.30 -75.21 39.53
CA GLU N 333 30.34 -76.02 38.80
C GLU N 333 29.20 -76.45 39.71
N THR N 334 29.47 -76.69 40.99
CA THR N 334 28.42 -77.13 41.90
C THR N 334 27.33 -76.07 42.04
N GLU N 335 27.71 -74.79 42.21
CA GLU N 335 26.63 -73.80 42.29
C GLU N 335 26.08 -73.45 40.92
N GLU N 336 26.89 -73.55 39.85
CA GLU N 336 26.36 -73.25 38.53
C GLU N 336 25.32 -74.27 38.10
N LEU N 337 25.46 -75.52 38.55
CA LEU N 337 24.42 -76.51 38.32
C LEU N 337 23.15 -76.21 39.12
N LYS N 338 23.23 -75.29 40.07
CA LYS N 338 22.05 -74.79 40.77
C LYS N 338 21.58 -73.45 40.25
N ARG N 339 22.25 -72.90 39.24
CA ARG N 339 21.93 -71.60 38.68
C ARG N 339 21.23 -71.80 37.34
N PHE N 340 19.92 -71.53 37.30
CA PHE N 340 19.14 -71.65 36.09
C PHE N 340 18.50 -70.33 35.68
N ASP N 341 17.84 -69.64 36.61
CA ASP N 341 17.13 -68.41 36.33
C ASP N 341 17.60 -67.31 37.27
N ASP N 342 17.40 -66.06 36.84
CA ASP N 342 17.76 -64.93 37.66
C ASP N 342 16.85 -64.85 38.89
N PRO N 343 17.34 -64.30 40.00
CA PRO N 343 16.50 -64.12 41.19
C PRO N 343 15.22 -63.35 40.88
N GLY N 344 14.08 -64.00 41.01
CA GLY N 344 12.82 -63.37 40.69
C GLY N 344 11.71 -64.39 40.65
N LEU N 345 10.59 -63.99 40.05
CA LEU N 345 9.41 -64.85 39.94
C LEU N 345 8.93 -64.87 38.50
N MET N 346 8.59 -66.07 38.02
CA MET N 346 8.15 -66.29 36.65
C MET N 346 6.77 -66.94 36.70
N LEU N 347 5.76 -66.20 36.24
CA LEU N 347 4.38 -66.68 36.31
C LEU N 347 4.20 -67.96 35.50
N MET N 348 3.58 -68.96 36.13
CA MET N 348 3.20 -70.18 35.43
C MET N 348 1.75 -70.14 34.96
N GLY N 349 0.86 -69.53 35.73
CA GLY N 349 -0.52 -69.40 35.30
C GLY N 349 -1.44 -69.08 36.46
N PHE N 350 -2.72 -69.36 36.24
CA PHE N 350 -3.78 -69.07 37.20
C PHE N 350 -4.58 -70.33 37.46
N LYS N 351 -4.95 -70.55 38.72
CA LYS N 351 -5.66 -71.78 39.07
C LYS N 351 -6.61 -71.55 40.23
N PRO N 352 -7.85 -72.01 40.15
CA PRO N 352 -8.78 -71.81 41.27
C PRO N 352 -8.26 -72.46 42.54
N LEU N 353 -8.61 -71.85 43.68
CA LEU N 353 -8.10 -72.29 44.97
C LEU N 353 -8.54 -73.71 45.30
N VAL N 354 -9.57 -74.23 44.64
CA VAL N 354 -10.03 -75.57 44.93
C VAL N 354 -9.09 -76.64 44.39
N LEU N 355 -8.26 -76.31 43.40
CA LEU N 355 -7.42 -77.29 42.74
C LEU N 355 -6.13 -77.58 43.49
N LEU N 356 -6.02 -77.20 44.75
CA LEU N 356 -4.86 -77.48 45.57
C LEU N 356 -5.27 -78.42 46.70
N LYS N 357 -4.46 -79.45 46.94
CA LYS N 357 -4.75 -80.39 48.00
C LYS N 357 -4.39 -79.78 49.35
N LYS N 358 -5.28 -79.96 50.32
CA LYS N 358 -5.07 -79.36 51.64
C LYS N 358 -3.85 -79.98 52.32
N HIS N 359 -3.67 -81.29 52.20
CA HIS N 359 -2.49 -81.94 52.77
C HIS N 359 -1.22 -81.63 51.99
N HIS N 360 -1.34 -81.03 50.81
CA HIS N 360 -0.17 -80.69 50.00
C HIS N 360 0.48 -79.46 50.60
N TYR N 361 1.39 -79.68 51.56
CA TYR N 361 2.16 -78.62 52.19
C TYR N 361 3.61 -79.04 52.24
N LEU N 362 4.50 -78.11 51.93
CA LEU N 362 5.93 -78.39 51.89
C LEU N 362 6.72 -77.60 52.92
N ARG N 363 6.55 -76.28 52.94
CA ARG N 363 7.34 -75.39 53.77
C ARG N 363 6.45 -74.23 54.17
N PRO N 364 6.69 -73.61 55.33
CA PRO N 364 5.85 -72.48 55.75
C PRO N 364 5.80 -71.38 54.71
N SER N 365 4.60 -70.82 54.54
CA SER N 365 4.33 -69.85 53.49
C SER N 365 4.95 -68.50 53.82
N LEU N 366 4.92 -67.61 52.84
CA LEU N 366 5.44 -66.25 52.94
C LEU N 366 4.31 -65.27 52.64
N PHE N 367 4.58 -63.98 52.88
CA PHE N 367 3.66 -62.91 52.55
C PHE N 367 4.29 -62.02 51.50
N VAL N 368 3.48 -61.61 50.53
CA VAL N 368 3.92 -60.79 49.41
C VAL N 368 3.11 -59.49 49.41
N TYR N 369 3.81 -58.37 49.35
CA TYR N 369 3.25 -57.03 49.37
C TYR N 369 3.75 -56.25 48.16
N PRO N 370 2.95 -55.31 47.65
CA PRO N 370 3.43 -54.47 46.55
C PRO N 370 4.60 -53.60 47.00
N GLU N 371 5.50 -53.32 46.06
CA GLU N 371 6.67 -52.51 46.31
C GLU N 371 6.83 -51.49 45.19
N GLU N 372 7.06 -50.23 45.55
CA GLU N 372 7.17 -49.15 44.60
C GLU N 372 8.55 -48.48 44.64
N SER N 373 9.56 -49.21 45.09
CA SER N 373 10.91 -48.67 45.12
C SER N 373 11.59 -48.83 43.76
N LEU N 374 11.57 -50.04 43.20
CA LEU N 374 12.18 -50.29 41.90
C LEU N 374 11.22 -49.99 40.76
N VAL N 375 9.98 -50.47 40.86
CA VAL N 375 8.96 -50.24 39.85
C VAL N 375 7.87 -49.39 40.48
N ILE N 376 7.68 -48.18 39.95
CA ILE N 376 6.70 -47.23 40.48
C ILE N 376 5.43 -47.33 39.65
N GLY N 377 4.29 -47.40 40.34
CA GLY N 377 3.03 -47.70 39.71
C GLY N 377 2.56 -49.13 39.90
N SER N 378 3.43 -50.00 40.44
CA SER N 378 3.06 -51.39 40.67
C SER N 378 1.98 -51.55 41.73
N SER N 379 1.77 -50.53 42.57
CA SER N 379 0.74 -50.62 43.59
C SER N 379 -0.65 -50.62 42.98
N THR N 380 -0.85 -49.78 41.95
CA THR N 380 -2.12 -49.76 41.24
C THR N 380 -2.42 -51.11 40.60
N LEU N 381 -1.42 -51.69 39.92
CA LEU N 381 -1.61 -52.96 39.26
C LEU N 381 -1.79 -54.08 40.28
N PHE N 382 -1.11 -53.98 41.43
CA PHE N 382 -1.31 -54.96 42.50
C PHE N 382 -2.74 -54.91 43.01
N SER N 383 -3.27 -53.71 43.22
CA SER N 383 -4.67 -53.59 43.63
C SER N 383 -5.61 -54.17 42.58
N ALA N 384 -5.35 -53.88 41.31
CA ALA N 384 -6.19 -54.39 40.23
C ALA N 384 -6.18 -55.91 40.21
N LEU N 385 -4.98 -56.51 40.28
CA LEU N 385 -4.88 -57.96 40.19
C LEU N 385 -5.46 -58.62 41.44
N LEU N 386 -5.28 -58.00 42.61
CA LEU N 386 -5.89 -58.55 43.83
C LEU N 386 -7.40 -58.55 43.72
N ILE N 387 -7.98 -57.45 43.24
CA ILE N 387 -9.43 -57.39 43.06
C ILE N 387 -9.89 -58.46 42.08
N LYS N 388 -9.21 -58.55 40.93
CA LYS N 388 -9.63 -59.48 39.89
C LYS N 388 -9.52 -60.93 40.34
N CYS N 389 -8.44 -61.28 41.03
CA CYS N 389 -8.27 -62.66 41.48
C CYS N 389 -9.21 -62.99 42.64
N LEU N 390 -9.50 -62.01 43.50
CA LEU N 390 -10.50 -62.24 44.55
C LEU N 390 -11.87 -62.48 43.94
N GLU N 391 -12.23 -61.73 42.90
CA GLU N 391 -13.49 -61.96 42.21
C GLU N 391 -13.49 -63.31 41.51
N LYS N 392 -12.36 -63.70 40.93
CA LYS N 392 -12.25 -64.94 40.16
C LYS N 392 -11.78 -66.12 40.99
N GLU N 393 -11.54 -65.93 42.29
CA GLU N 393 -11.06 -66.94 43.23
C GLU N 393 -9.97 -67.84 42.63
N VAL N 394 -9.04 -67.24 41.88
CA VAL N 394 -7.94 -67.96 41.27
C VAL N 394 -6.64 -67.43 41.85
N ALA N 395 -5.79 -68.34 42.30
CA ALA N 395 -4.45 -68.01 42.77
C ALA N 395 -3.47 -68.02 41.60
N ALA N 396 -2.36 -67.31 41.79
CA ALA N 396 -1.35 -67.16 40.75
C ALA N 396 -0.17 -68.08 41.03
N LEU N 397 0.06 -69.05 40.15
CA LEU N 397 1.17 -69.97 40.27
C LEU N 397 2.35 -69.44 39.46
N CYS N 398 3.53 -69.42 40.09
CA CYS N 398 4.71 -68.81 39.51
C CYS N 398 5.93 -69.69 39.76
N ARG N 399 6.95 -69.48 38.92
CA ARG N 399 8.26 -70.08 39.11
C ARG N 399 9.12 -69.11 39.91
N TYR N 400 9.56 -69.52 41.09
CA TYR N 400 10.22 -68.65 42.05
C TYR N 400 11.72 -68.94 42.08
N THR N 401 12.52 -67.89 41.96
CA THR N 401 13.97 -67.97 42.11
C THR N 401 14.40 -67.04 43.24
N PRO N 402 14.74 -67.57 44.43
CA PRO N 402 15.08 -66.68 45.54
C PRO N 402 16.31 -65.82 45.28
N ARG N 403 17.43 -66.43 44.91
CA ARG N 403 18.66 -65.69 44.71
C ARG N 403 19.45 -66.37 43.59
N ARG N 404 20.70 -65.94 43.43
CA ARG N 404 21.58 -66.54 42.43
C ARG N 404 21.95 -67.97 42.82
N ASN N 405 22.11 -68.82 41.81
CA ASN N 405 22.45 -70.22 42.01
C ASN N 405 21.47 -70.90 42.95
N ILE N 406 20.18 -70.60 42.76
CA ILE N 406 19.14 -71.12 43.64
C ILE N 406 18.09 -71.85 42.79
N PRO N 407 17.43 -72.87 43.32
CA PRO N 407 16.44 -73.61 42.53
C PRO N 407 15.14 -72.85 42.43
N PRO N 408 14.57 -72.73 41.24
CA PRO N 408 13.25 -72.11 41.09
C PRO N 408 12.15 -73.12 41.39
N TYR N 409 11.42 -72.87 42.47
CA TYR N 409 10.33 -73.76 42.87
C TYR N 409 9.02 -73.26 42.27
N PHE N 410 7.92 -73.90 42.66
CA PHE N 410 6.58 -73.50 42.23
C PHE N 410 5.85 -72.91 43.43
N VAL N 411 5.32 -71.71 43.26
CA VAL N 411 4.72 -70.97 44.36
C VAL N 411 3.31 -70.55 43.96
N ALA N 412 2.35 -70.77 44.84
CA ALA N 412 0.98 -70.33 44.63
C ALA N 412 0.72 -69.09 45.47
N LEU N 413 0.24 -68.04 44.81
CA LEU N 413 -0.01 -66.75 45.43
C LEU N 413 -1.52 -66.64 45.56
N VAL N 414 -2.01 -66.93 46.75
CA VAL N 414 -3.44 -66.80 47.09
C VAL N 414 -3.72 -65.36 47.48
N PRO N 415 -4.80 -64.75 47.01
CA PRO N 415 -5.18 -63.42 47.51
C PRO N 415 -5.41 -63.47 49.01
N GLN N 416 -5.06 -62.37 49.68
CA GLN N 416 -5.22 -62.25 51.13
C GLN N 416 -5.80 -60.86 51.41
N GLU N 417 -7.13 -60.80 51.50
CA GLU N 417 -7.82 -59.54 51.71
C GLU N 417 -7.54 -59.02 53.12
N GLU N 418 -7.42 -57.71 53.24
CA GLU N 418 -7.21 -57.09 54.55
C GLU N 418 -8.44 -57.26 55.42
N GLU N 419 -8.21 -57.59 56.69
CA GLU N 419 -9.28 -57.74 57.67
C GLU N 419 -8.99 -56.83 58.86
N LEU N 420 -10.02 -56.13 59.31
CA LEU N 420 -9.92 -55.23 60.46
C LEU N 420 -10.76 -55.77 61.60
N ASP N 421 -10.25 -55.66 62.81
CA ASP N 421 -10.95 -56.12 64.00
C ASP N 421 -11.98 -55.08 64.42
N ASP N 422 -12.51 -55.23 65.63
CA ASP N 422 -13.51 -54.28 66.13
C ASP N 422 -12.95 -52.86 66.18
N GLN N 423 -11.71 -52.71 66.65
CA GLN N 423 -11.06 -51.41 66.68
C GLN N 423 -10.42 -51.03 65.34
N LYS N 424 -10.79 -51.73 64.27
CA LYS N 424 -10.39 -51.39 62.90
C LYS N 424 -8.88 -51.50 62.68
N ILE N 425 -8.17 -52.20 63.54
CA ILE N 425 -6.75 -52.45 63.37
C ILE N 425 -6.56 -53.69 62.52
N GLN N 426 -5.56 -53.65 61.64
CA GLN N 426 -5.33 -54.74 60.69
C GLN N 426 -4.94 -56.03 61.39
N VAL N 427 -5.83 -57.01 61.37
CA VAL N 427 -5.52 -58.35 61.85
C VAL N 427 -5.10 -59.28 60.72
N THR N 428 -5.45 -58.96 59.48
CA THR N 428 -5.00 -59.71 58.31
C THR N 428 -4.46 -58.71 57.31
N PRO N 429 -3.16 -58.76 56.98
CA PRO N 429 -2.62 -57.80 56.03
C PRO N 429 -3.21 -58.00 54.64
N PRO N 430 -3.35 -56.93 53.86
CA PRO N 430 -3.74 -57.10 52.45
C PRO N 430 -2.52 -57.46 51.61
N GLY N 431 -2.68 -58.44 50.73
CA GLY N 431 -1.58 -58.85 49.89
C GLY N 431 -1.74 -60.26 49.36
N PHE N 432 -0.66 -61.04 49.37
CA PHE N 432 -0.75 -62.41 48.87
C PHE N 432 -0.02 -63.37 49.79
N GLN N 433 -0.57 -64.58 49.87
CA GLN N 433 0.02 -65.69 50.60
C GLN N 433 0.76 -66.58 49.60
N LEU N 434 2.07 -66.69 49.76
CA LEU N 434 2.93 -67.43 48.85
C LEU N 434 3.22 -68.79 49.48
N VAL N 435 2.54 -69.82 48.99
CA VAL N 435 2.73 -71.17 49.47
C VAL N 435 3.55 -71.94 48.45
N PHE N 436 4.14 -73.04 48.90
CA PHE N 436 5.08 -73.82 48.10
C PHE N 436 4.42 -75.10 47.60
N LEU N 437 4.74 -75.48 46.37
CA LEU N 437 4.16 -76.67 45.76
C LEU N 437 5.22 -77.77 45.73
N PRO N 438 5.08 -78.82 46.53
CA PRO N 438 6.08 -79.90 46.50
C PRO N 438 6.09 -80.61 45.16
N PHE N 439 7.28 -81.07 44.77
CA PHE N 439 7.46 -81.74 43.50
C PHE N 439 7.03 -83.21 43.61
N ALA N 440 7.06 -83.92 42.49
CA ALA N 440 6.67 -85.33 42.50
C ALA N 440 7.60 -86.15 43.37
N ASP N 441 8.90 -85.87 43.31
CA ASP N 441 9.88 -86.55 44.16
C ASP N 441 9.94 -85.97 45.56
N ASP N 442 9.13 -84.95 45.86
CA ASP N 442 9.01 -84.41 47.21
C ASP N 442 7.92 -85.11 48.01
N LYS N 443 7.30 -86.14 47.45
CA LYS N 443 6.24 -86.89 48.12
C LYS N 443 6.65 -88.36 48.23
N ARG N 444 6.34 -88.96 49.37
CA ARG N 444 6.75 -90.33 49.65
C ARG N 444 5.57 -91.29 49.53
N LYS N 445 5.88 -92.53 49.17
CA LYS N 445 4.87 -93.57 48.97
C LYS N 445 4.67 -94.35 50.26
N MET N 446 3.44 -94.79 50.47
CA MET N 446 3.02 -95.47 51.68
C MET N 446 2.46 -96.84 51.32
N PRO N 447 2.52 -97.79 52.26
CA PRO N 447 1.77 -99.03 52.08
C PRO N 447 0.28 -98.75 51.97
N PHE N 448 -0.41 -99.53 51.14
CA PHE N 448 -1.83 -99.30 50.90
C PHE N 448 -2.65 -99.58 52.16
N THR N 449 -3.61 -98.70 52.42
CA THR N 449 -4.51 -98.82 53.56
C THR N 449 -5.94 -98.97 53.05
N GLU N 450 -6.65 -99.96 53.57
CA GLU N 450 -8.03 -100.20 53.18
C GLU N 450 -8.97 -99.25 53.93
N LYS N 451 -10.26 -99.33 53.60
CA LYS N 451 -11.29 -98.51 54.23
C LYS N 451 -12.14 -99.40 55.12
N ILE N 452 -12.22 -99.05 56.40
CA ILE N 452 -13.06 -99.75 57.37
C ILE N 452 -13.96 -98.71 58.02
N MET N 453 -15.27 -98.96 57.97
CA MET N 453 -16.25 -97.98 58.40
C MET N 453 -16.53 -98.10 59.91
N ALA N 454 -17.45 -97.27 60.38
CA ALA N 454 -17.88 -97.27 61.78
C ALA N 454 -19.38 -97.03 61.82
N THR N 455 -20.02 -97.52 62.88
CA THR N 455 -21.44 -97.33 63.03
C THR N 455 -21.75 -95.86 63.31
N PRO N 456 -22.87 -95.35 62.81
CA PRO N 456 -23.22 -93.94 63.05
C PRO N 456 -23.37 -93.61 64.53
N GLU N 457 -23.74 -94.58 65.37
CA GLU N 457 -23.82 -94.32 66.80
C GLU N 457 -22.44 -94.10 67.41
N GLN N 458 -21.41 -94.78 66.89
CA GLN N 458 -20.05 -94.46 67.30
C GLN N 458 -19.67 -93.05 66.88
N VAL N 459 -20.15 -92.62 65.71
CA VAL N 459 -19.93 -91.24 65.27
C VAL N 459 -20.61 -90.26 66.21
N GLY N 460 -21.82 -90.59 66.66
CA GLY N 460 -22.48 -89.76 67.66
C GLY N 460 -21.73 -89.71 68.98
N LYS N 461 -21.16 -90.85 69.38
CA LYS N 461 -20.33 -90.89 70.58
C LYS N 461 -19.12 -89.97 70.43
N MET N 462 -18.47 -90.02 69.27
CA MET N 462 -17.34 -89.12 69.00
C MET N 462 -17.78 -87.66 69.02
N LYS N 463 -18.94 -87.36 68.45
CA LYS N 463 -19.42 -85.98 68.45
C LYS N 463 -19.71 -85.49 69.86
N ALA N 464 -20.34 -86.34 70.69
CA ALA N 464 -20.61 -85.96 72.07
C ALA N 464 -19.30 -85.76 72.84
N ILE N 465 -18.32 -86.64 72.63
CA ILE N 465 -17.04 -86.50 73.30
C ILE N 465 -16.36 -85.20 72.88
N VAL N 466 -16.39 -84.89 71.58
CA VAL N 466 -15.79 -83.65 71.09
C VAL N 466 -16.49 -82.44 71.70
N GLU N 467 -17.82 -82.46 71.74
CA GLU N 467 -18.56 -81.34 72.32
C GLU N 467 -18.22 -81.17 73.80
N LYS N 468 -18.07 -82.28 74.52
CA LYS N 468 -17.62 -82.20 75.91
C LYS N 468 -16.18 -81.68 76.03
N LEU N 469 -15.43 -81.70 74.93
CA LEU N 469 -14.04 -81.25 74.92
C LEU N 469 -13.81 -80.05 74.01
N ARG N 470 -14.87 -79.43 73.50
CA ARG N 470 -14.74 -78.35 72.53
C ARG N 470 -14.30 -77.05 73.19
N PHE N 471 -13.62 -76.23 72.41
CA PHE N 471 -13.29 -74.86 72.78
C PHE N 471 -12.91 -74.11 71.51
N THR N 472 -12.54 -72.84 71.66
CA THR N 472 -12.11 -72.01 70.56
C THR N 472 -10.61 -71.78 70.65
N TYR N 473 -9.90 -72.06 69.57
CA TYR N 473 -8.45 -71.92 69.51
C TYR N 473 -8.07 -70.58 68.91
N ARG N 474 -6.99 -70.00 69.41
CA ARG N 474 -6.40 -68.79 68.86
C ARG N 474 -4.89 -68.99 68.75
N SER N 475 -4.29 -68.32 67.76
CA SER N 475 -2.87 -68.50 67.50
C SER N 475 -2.00 -68.03 68.66
N ASP N 476 -2.53 -67.19 69.55
CA ASP N 476 -1.78 -66.67 70.69
C ASP N 476 -2.09 -67.44 71.97
N SER N 477 -2.28 -68.76 71.88
CA SER N 477 -2.68 -69.56 73.02
C SER N 477 -1.63 -70.54 73.50
N PHE N 478 -0.67 -70.94 72.66
CA PHE N 478 0.29 -71.97 73.00
C PHE N 478 1.69 -71.55 72.59
N GLU N 479 2.64 -71.70 73.51
CA GLU N 479 4.04 -71.33 73.32
C GLU N 479 4.91 -72.58 73.32
N ASN N 480 6.23 -72.37 73.21
CA ASN N 480 7.18 -73.47 73.30
C ASN N 480 7.69 -73.59 74.73
N PRO N 481 7.19 -74.56 75.50
CA PRO N 481 7.63 -74.68 76.90
C PRO N 481 9.11 -74.94 77.05
N VAL N 482 9.73 -75.64 76.08
CA VAL N 482 11.15 -75.93 76.16
C VAL N 482 11.94 -74.63 76.18
N LEU N 483 11.65 -73.74 75.23
CA LEU N 483 12.33 -72.45 75.18
C LEU N 483 12.05 -71.62 76.43
N GLN N 484 10.81 -71.65 76.92
CA GLN N 484 10.47 -70.87 78.10
C GLN N 484 11.26 -71.34 79.31
N GLN N 485 11.38 -72.66 79.48
CA GLN N 485 12.19 -73.19 80.57
C GLN N 485 13.66 -72.83 80.40
N HIS N 486 14.16 -72.91 79.17
CA HIS N 486 15.55 -72.51 78.92
C HIS N 486 15.77 -71.06 79.35
N PHE N 487 14.84 -70.18 78.97
CA PHE N 487 14.91 -68.80 79.39
C PHE N 487 14.95 -68.71 80.91
N ARG N 488 13.89 -69.19 81.56
CA ARG N 488 13.77 -69.06 83.02
C ARG N 488 15.05 -69.52 83.70
N ASN N 489 15.63 -70.63 83.25
CA ASN N 489 16.91 -71.06 83.78
C ASN N 489 18.00 -70.03 83.51
N LEU N 490 18.00 -69.43 82.31
CA LEU N 490 19.04 -68.47 81.96
C LEU N 490 18.99 -67.25 82.86
N GLU N 491 17.81 -66.66 83.04
CA GLU N 491 17.70 -65.53 83.97
C GLU N 491 17.99 -65.95 85.41
N ALA N 492 17.58 -67.16 85.81
CA ALA N 492 17.84 -67.60 87.17
C ALA N 492 19.33 -67.70 87.45
N LEU N 493 20.10 -68.28 86.53
CA LEU N 493 21.54 -68.36 86.72
C LEU N 493 22.19 -66.99 86.58
N ALA N 494 21.65 -66.14 85.71
CA ALA N 494 22.15 -64.78 85.62
C ALA N 494 21.92 -64.02 86.92
N LEU N 495 20.74 -64.21 87.52
CA LEU N 495 20.41 -63.60 88.80
C LEU N 495 20.92 -64.41 89.98
N ASP N 496 21.58 -65.54 89.72
CA ASP N 496 22.16 -66.38 90.78
C ASP N 496 21.10 -66.84 91.78
N LEU N 497 19.91 -67.11 91.28
CA LEU N 497 18.84 -67.61 92.13
C LEU N 497 19.13 -69.03 92.59
N MET N 498 18.67 -69.34 93.80
CA MET N 498 18.79 -70.71 94.31
C MET N 498 17.93 -71.68 93.52
N GLU N 499 16.91 -71.19 92.81
CA GLU N 499 16.00 -72.03 92.07
C GLU N 499 15.45 -71.27 90.86
N PRO N 500 15.23 -71.96 89.75
CA PRO N 500 14.66 -71.30 88.57
C PRO N 500 13.14 -71.39 88.52
N GLU N 501 12.55 -70.45 87.79
CA GLU N 501 11.11 -70.48 87.58
C GLU N 501 10.73 -71.64 86.68
N GLN N 502 9.65 -72.33 87.02
CA GLN N 502 9.16 -73.46 86.24
C GLN N 502 8.23 -72.96 85.14
N ALA N 503 8.54 -73.34 83.90
CA ALA N 503 7.70 -72.94 82.78
C ALA N 503 6.38 -73.69 82.81
N VAL N 504 5.29 -72.95 82.60
CA VAL N 504 3.95 -73.54 82.57
C VAL N 504 3.70 -74.06 81.15
N ASP N 505 3.56 -75.37 81.02
CA ASP N 505 3.34 -76.00 79.73
C ASP N 505 1.84 -76.16 79.50
N LEU N 506 1.32 -75.51 78.47
CA LEU N 506 -0.08 -75.63 78.10
C LEU N 506 -0.34 -76.79 77.16
N THR N 507 0.70 -77.49 76.72
CA THR N 507 0.55 -78.64 75.85
C THR N 507 0.37 -79.95 76.63
N LEU N 508 0.25 -79.88 77.95
CA LEU N 508 -0.04 -81.05 78.76
C LEU N 508 -1.53 -81.15 78.98
N PRO N 509 -2.21 -82.16 78.43
CA PRO N 509 -3.66 -82.26 78.63
C PRO N 509 -4.00 -82.60 80.07
N LYS N 510 -5.02 -81.92 80.59
CA LYS N 510 -5.51 -82.17 81.95
C LYS N 510 -6.35 -83.44 81.91
N VAL N 511 -5.71 -84.57 82.22
CA VAL N 511 -6.35 -85.87 82.05
C VAL N 511 -7.52 -86.02 83.02
N GLU N 512 -7.40 -85.50 84.24
CA GLU N 512 -8.46 -85.66 85.22
C GLU N 512 -9.73 -84.93 84.80
N ALA N 513 -9.59 -83.71 84.28
CA ALA N 513 -10.78 -82.96 83.84
C ALA N 513 -11.41 -83.60 82.61
N MET N 514 -10.59 -84.06 81.68
CA MET N 514 -11.12 -84.70 80.47
C MET N 514 -11.87 -85.97 80.85
N ASN N 515 -11.30 -86.77 81.75
CA ASN N 515 -11.97 -87.98 82.21
C ASN N 515 -13.25 -87.65 82.97
N LYS N 516 -13.23 -86.58 83.78
CA LYS N 516 -14.44 -86.18 84.49
C LYS N 516 -15.55 -85.82 83.52
N ARG N 517 -15.23 -85.08 82.46
CA ARG N 517 -16.26 -84.66 81.52
C ARG N 517 -16.71 -85.81 80.63
N LEU N 518 -15.84 -86.79 80.37
CA LEU N 518 -16.25 -87.91 79.52
C LEU N 518 -17.00 -88.97 80.32
N GLY N 519 -16.33 -89.58 81.30
CA GLY N 519 -16.96 -90.59 82.13
C GLY N 519 -17.35 -91.85 81.38
N SER N 520 -18.65 -92.03 81.18
CA SER N 520 -19.14 -93.24 80.52
C SER N 520 -18.64 -93.32 79.08
N LEU N 521 -18.63 -92.19 78.38
CA LEU N 521 -18.44 -92.19 76.92
C LEU N 521 -17.21 -92.98 76.50
N VAL N 522 -16.11 -92.87 77.24
CA VAL N 522 -14.87 -93.52 76.85
C VAL N 522 -15.06 -95.03 76.74
N ASP N 523 -15.39 -95.68 77.85
CA ASP N 523 -15.52 -97.13 77.81
C ASP N 523 -16.78 -97.58 77.07
N GLU N 524 -17.79 -96.70 76.95
CA GLU N 524 -18.93 -97.01 76.10
C GLU N 524 -18.49 -97.20 74.67
N PHE N 525 -17.73 -96.23 74.13
CA PHE N 525 -17.23 -96.37 72.77
C PHE N 525 -16.21 -97.48 72.66
N LYS N 526 -15.42 -97.72 73.71
CA LYS N 526 -14.51 -98.85 73.72
C LYS N 526 -15.25 -100.16 73.50
N GLU N 527 -16.30 -100.40 74.31
CA GLU N 527 -17.13 -101.59 74.13
C GLU N 527 -17.83 -101.58 72.78
N LEU N 528 -18.14 -100.38 72.27
CA LEU N 528 -18.75 -100.28 70.95
C LEU N 528 -17.81 -100.82 69.87
N VAL N 529 -16.52 -100.53 69.99
CA VAL N 529 -15.54 -100.88 68.96
C VAL N 529 -14.60 -101.97 69.45
N TYR N 530 -13.83 -101.69 70.50
CA TYR N 530 -12.82 -102.65 70.96
C TYR N 530 -13.48 -103.79 71.71
N PRO N 531 -13.12 -105.04 71.42
CA PRO N 531 -13.65 -106.14 72.21
C PRO N 531 -13.21 -106.02 73.67
N PRO N 532 -14.04 -106.49 74.60
CA PRO N 532 -13.69 -106.34 76.02
C PRO N 532 -12.35 -106.96 76.37
N ASP N 533 -12.02 -108.12 75.80
CA ASP N 533 -10.72 -108.72 76.03
C ASP N 533 -9.62 -108.05 75.23
N TYR N 534 -9.94 -107.55 74.04
CA TYR N 534 -8.94 -106.93 73.17
C TYR N 534 -8.83 -105.45 73.51
N ASN N 535 -7.96 -105.15 74.46
CA ASN N 535 -7.63 -103.76 74.74
C ASN N 535 -6.77 -103.20 73.60
N PRO N 536 -6.70 -101.87 73.47
CA PRO N 536 -5.82 -101.30 72.45
C PRO N 536 -4.37 -101.75 72.57
N GLU N 537 -3.88 -101.96 73.79
CA GLU N 537 -2.57 -102.54 74.01
C GLU N 537 -2.69 -104.05 74.04
N GLY N 538 -1.88 -104.73 73.25
CA GLY N 538 -1.91 -106.18 73.16
C GLY N 538 -1.58 -106.88 74.46
#